data_9J48
#
_entry.id   9J48
#
_cell.length_a   1.00
_cell.length_b   1.00
_cell.length_c   1.00
_cell.angle_alpha   90.00
_cell.angle_beta   90.00
_cell.angle_gamma   90.00
#
_symmetry.space_group_name_H-M   'P 1'
#
loop_
_entity.id
_entity.type
_entity.pdbx_description
1 polymer 'Designed ankyrin repeat proteins,Ferritin heavy chain, N-terminally processed'
2 polymer 'Green fluorescent protein'
#
loop_
_entity_poly.entity_id
_entity_poly.type
_entity_poly.pdbx_seq_one_letter_code
_entity_poly.pdbx_strand_id
1 'polypeptide(L)'
;MGHHHHHHGPGSRMKQLEDKVEELLSKNYHLENEVARLKKLVGGSGGSGGSELGKELLEAARAGQDDEVAVLMARGAEVN
AADDVGVTPLHLAAQRGHLAIVSVLLAFGASVNAADLWGQTPLHLAATAGHLEIVEVLLRSGASVNARDNIGHTPLHLAA
WAGHLEIVEVLLAYGADVFAQDKFGKTPFDLAIDNGNEDIAEVLQRLLECRRDAEAAINYQINLELYASYVYLSMSYYFD
RDDVALKNFAKYFLHQSHEEREHAEKLMKLQNQRGGEISLQSISSPDSDDWESGLNAMESALHLEKAVNASLLRLHKLAT
DCNDPHLCDFIETHYLNEQVKAIKELGDHVTNLRKMGAPESGLAEYLFDKHTLGSGSGAEIEQAKKEIAYLIKK
;
A,B,C,D,E,F,G,H,I,J,K,L,M,N,O,P,Q,R,S,T,V,W,X,Y
2 'polypeptide(L)'
;MSKGEELFTGVVPILVELDGDVNGHKFSVRGEGEGDATNGKLTLKFICTTGKLPVPWPTLVTTL(CRO)VQCFSRYPDHM
KRHDFFKSAMPEGYVQERTISFKDDGTYKTRAEVKFEGDTLVNRIELKGIDFKEDGNILGHKLEYNFNSHNVYITADKQK
NGIKANFKIRHNVEDGSVQLADHYQQNTPIGDGPVLLPDNHYLSTQSALSKDPNEKRDHMVLLEFVTAAGITHHHHHH
;
a,b,c,d,e,f,g,h,i,j,k,l,m,n,o,p,q,r,s,t,v,w,x,y
#
# COMPACT_ATOMS: atom_id res chain seq x y z
N GLY A 54 -29.62 78.34 9.12
CA GLY A 54 -29.85 77.53 10.31
C GLY A 54 -31.30 77.18 10.53
N LYS A 55 -32.18 78.17 10.33
CA LYS A 55 -33.61 78.00 10.47
C LYS A 55 -34.41 78.76 9.42
N GLU A 56 -33.81 79.75 8.76
CA GLU A 56 -34.52 80.61 7.83
C GLU A 56 -34.87 79.92 6.51
N LEU A 57 -34.46 78.66 6.32
CA LEU A 57 -34.78 77.97 5.06
C LEU A 57 -36.18 77.38 5.09
N LEU A 58 -36.67 77.03 6.27
CA LEU A 58 -37.91 76.27 6.35
C LEU A 58 -39.12 77.09 5.91
N GLU A 59 -39.15 78.38 6.25
CA GLU A 59 -40.28 79.20 5.86
C GLU A 59 -40.29 79.43 4.35
N ALA A 60 -39.10 79.45 3.75
CA ALA A 60 -39.02 79.57 2.30
C ALA A 60 -39.44 78.29 1.61
N ALA A 61 -39.14 77.13 2.23
CA ALA A 61 -39.68 75.87 1.72
C ALA A 61 -41.19 75.84 1.83
N ARG A 62 -41.73 76.34 2.94
CA ARG A 62 -43.16 76.33 3.15
C ARG A 62 -43.88 77.26 2.18
N ALA A 63 -43.32 78.45 1.93
CA ALA A 63 -43.91 79.38 0.98
C ALA A 63 -43.69 78.95 -0.47
N GLY A 64 -42.94 77.88 -0.71
CA GLY A 64 -42.64 77.47 -2.06
C GLY A 64 -41.58 78.30 -2.74
N GLN A 65 -40.75 79.01 -1.99
CA GLN A 65 -39.69 79.84 -2.56
C GLN A 65 -38.53 78.95 -2.99
N ASP A 66 -38.71 78.29 -4.12
CA ASP A 66 -37.69 77.37 -4.61
C ASP A 66 -36.37 78.07 -4.87
N ASP A 67 -36.41 79.29 -5.42
CA ASP A 67 -35.19 80.01 -5.70
C ASP A 67 -34.51 80.48 -4.41
N GLU A 68 -35.31 80.84 -3.40
CA GLU A 68 -34.69 81.27 -2.15
C GLU A 68 -33.99 80.12 -1.45
N VAL A 69 -34.66 78.96 -1.32
CA VAL A 69 -34.00 77.81 -0.72
C VAL A 69 -32.83 77.36 -1.57
N ALA A 70 -32.91 77.56 -2.88
CA ALA A 70 -31.76 77.27 -3.74
C ALA A 70 -30.55 78.12 -3.35
N VAL A 71 -30.72 79.44 -3.35
CA VAL A 71 -29.57 80.32 -3.12
C VAL A 71 -29.10 80.22 -1.67
N LEU A 72 -29.99 79.85 -0.75
CA LEU A 72 -29.61 79.77 0.65
C LEU A 72 -29.02 78.41 1.01
N MET A 73 -29.31 77.37 0.23
CA MET A 73 -28.66 76.08 0.41
C MET A 73 -27.34 76.01 -0.33
N ALA A 74 -27.19 76.77 -1.42
CA ALA A 74 -25.88 76.93 -2.04
C ALA A 74 -24.87 77.40 -1.01
N ARG A 75 -25.21 78.46 -0.29
CA ARG A 75 -24.47 78.82 0.92
C ARG A 75 -24.72 77.77 2.00
N GLY A 76 -23.67 77.45 2.75
CA GLY A 76 -23.75 76.43 3.78
C GLY A 76 -24.90 76.61 4.75
N ALA A 77 -25.88 75.70 4.68
CA ALA A 77 -27.08 75.81 5.50
C ALA A 77 -27.44 74.44 6.04
N GLU A 78 -28.27 74.41 7.07
CA GLU A 78 -28.70 73.15 7.67
C GLU A 78 -29.71 72.45 6.77
N VAL A 79 -29.34 71.28 6.24
CA VAL A 79 -30.27 70.54 5.42
C VAL A 79 -31.18 69.62 6.25
N ASN A 80 -30.63 68.91 7.23
CA ASN A 80 -31.41 68.02 8.08
C ASN A 80 -31.89 68.73 9.34
N ALA A 81 -32.56 69.85 9.16
CA ALA A 81 -33.01 70.67 10.28
C ALA A 81 -34.18 70.00 11.00
N ALA A 82 -34.01 69.84 12.30
CA ALA A 82 -35.09 69.42 13.19
C ALA A 82 -35.66 70.67 13.84
N ASP A 83 -36.98 70.83 13.76
CA ASP A 83 -37.61 72.08 14.12
C ASP A 83 -38.42 71.93 15.41
N ASP A 84 -39.17 72.99 15.71
CA ASP A 84 -39.91 73.13 16.97
C ASP A 84 -40.90 72.00 17.23
N VAL A 85 -41.30 71.24 16.21
CA VAL A 85 -42.14 70.08 16.44
C VAL A 85 -41.56 68.89 15.67
N GLY A 86 -40.41 69.11 15.04
CA GLY A 86 -39.71 68.02 14.39
C GLY A 86 -40.00 67.91 12.91
N VAL A 87 -40.39 69.03 12.30
CA VAL A 87 -40.80 69.08 10.90
C VAL A 87 -39.59 69.56 10.12
N THR A 88 -39.00 68.65 9.34
CA THR A 88 -37.87 69.01 8.50
C THR A 88 -38.38 69.70 7.24
N PRO A 89 -37.58 70.59 6.64
CA PRO A 89 -37.98 71.19 5.35
C PRO A 89 -38.50 70.20 4.32
N LEU A 90 -38.05 68.94 4.37
CA LEU A 90 -38.58 67.95 3.43
C LEU A 90 -40.04 67.64 3.71
N HIS A 91 -40.42 67.58 4.99
CA HIS A 91 -41.82 67.32 5.33
C HIS A 91 -42.73 68.41 4.78
N LEU A 92 -42.39 69.68 5.02
CA LEU A 92 -43.17 70.80 4.52
C LEU A 92 -43.09 70.95 3.01
N ALA A 93 -41.99 70.50 2.40
CA ALA A 93 -41.88 70.49 0.95
C ALA A 93 -42.70 69.39 0.32
N ALA A 94 -43.02 68.35 1.07
CA ALA A 94 -43.90 67.29 0.60
C ALA A 94 -45.37 67.57 0.84
N GLN A 95 -45.71 68.19 1.98
CA GLN A 95 -47.10 68.56 2.24
C GLN A 95 -47.67 69.39 1.10
N ARG A 96 -47.05 70.54 0.83
CA ARG A 96 -47.34 71.28 -0.38
C ARG A 96 -46.68 70.59 -1.56
N GLY A 97 -47.25 70.80 -2.74
CA GLY A 97 -46.68 70.15 -3.91
C GLY A 97 -45.57 70.96 -4.54
N HIS A 98 -44.33 70.62 -4.19
CA HIS A 98 -43.17 71.38 -4.65
C HIS A 98 -42.06 70.37 -4.97
N LEU A 99 -42.00 69.96 -6.23
CA LEU A 99 -41.03 68.96 -6.66
C LEU A 99 -39.61 69.50 -6.69
N ALA A 100 -39.43 70.75 -7.13
CA ALA A 100 -38.10 71.32 -7.23
C ALA A 100 -37.42 71.40 -5.87
N ILE A 101 -38.19 71.74 -4.84
CA ILE A 101 -37.60 71.89 -3.52
C ILE A 101 -37.16 70.53 -2.97
N VAL A 102 -37.98 69.49 -3.15
CA VAL A 102 -37.58 68.18 -2.64
C VAL A 102 -36.41 67.63 -3.45
N SER A 103 -36.33 67.98 -4.73
CA SER A 103 -35.18 67.53 -5.52
C SER A 103 -33.89 68.19 -5.03
N VAL A 104 -33.91 69.51 -4.86
CA VAL A 104 -32.70 70.20 -4.42
C VAL A 104 -32.39 69.91 -2.96
N LEU A 105 -33.37 69.40 -2.21
CA LEU A 105 -33.08 68.99 -0.84
C LEU A 105 -32.50 67.59 -0.79
N LEU A 106 -33.03 66.66 -1.59
CA LEU A 106 -32.43 65.33 -1.68
C LEU A 106 -31.00 65.39 -2.18
N ALA A 107 -30.75 66.20 -3.22
CA ALA A 107 -29.39 66.30 -3.75
C ALA A 107 -28.41 66.80 -2.69
N PHE A 108 -28.86 67.65 -1.78
CA PHE A 108 -28.00 68.19 -0.75
C PHE A 108 -27.94 67.33 0.50
N GLY A 109 -28.51 66.13 0.49
CA GLY A 109 -28.32 65.21 1.59
C GLY A 109 -29.39 65.24 2.66
N ALA A 110 -30.65 65.20 2.24
CA ALA A 110 -31.74 65.08 3.20
C ALA A 110 -32.04 63.61 3.47
N SER A 111 -32.72 63.37 4.59
CA SER A 111 -33.11 62.01 4.95
C SER A 111 -34.56 61.79 4.57
N VAL A 112 -34.82 60.77 3.75
CA VAL A 112 -36.19 60.45 3.35
C VAL A 112 -36.99 59.85 4.50
N ASN A 113 -36.34 59.16 5.43
CA ASN A 113 -37.00 58.61 6.61
C ASN A 113 -36.67 59.50 7.80
N ALA A 114 -37.56 60.43 8.11
CA ALA A 114 -37.32 61.41 9.16
C ALA A 114 -38.45 61.36 10.17
N ALA A 115 -38.17 60.74 11.32
CA ALA A 115 -39.20 60.39 12.29
C ALA A 115 -39.74 61.67 12.93
N ASP A 116 -40.85 62.16 12.39
CA ASP A 116 -41.54 63.30 12.96
C ASP A 116 -41.98 63.02 14.39
N LEU A 117 -42.26 64.09 15.13
CA LEU A 117 -42.71 63.94 16.51
C LEU A 117 -44.04 63.20 16.59
N TRP A 118 -44.81 63.19 15.50
CA TRP A 118 -46.06 62.45 15.44
C TRP A 118 -45.91 61.08 14.80
N GLY A 119 -44.74 60.76 14.25
CA GLY A 119 -44.53 59.49 13.60
C GLY A 119 -44.64 59.54 12.09
N GLN A 120 -44.76 60.73 11.50
CA GLN A 120 -44.90 60.82 10.06
C GLN A 120 -43.54 60.92 9.39
N THR A 121 -43.57 60.78 8.06
CA THR A 121 -42.44 60.71 7.17
C THR A 121 -42.89 61.44 5.91
N PRO A 122 -42.00 62.07 5.13
CA PRO A 122 -42.46 62.76 3.92
C PRO A 122 -43.31 61.90 3.00
N LEU A 123 -43.08 60.58 2.99
CA LEU A 123 -43.92 59.70 2.19
C LEU A 123 -45.36 59.67 2.70
N HIS A 124 -45.54 59.71 4.03
CA HIS A 124 -46.89 59.74 4.59
C HIS A 124 -47.65 60.96 4.11
N LEU A 125 -47.10 62.15 4.35
CA LEU A 125 -47.75 63.38 3.95
C LEU A 125 -47.91 63.51 2.45
N ALA A 126 -46.94 63.04 1.67
CA ALA A 126 -47.04 63.10 0.21
C ALA A 126 -48.11 62.17 -0.32
N ALA A 127 -48.22 60.96 0.22
CA ALA A 127 -49.29 60.05 -0.19
C ALA A 127 -50.64 60.58 0.24
N THR A 128 -50.73 61.23 1.40
CA THR A 128 -51.99 61.80 1.82
C THR A 128 -52.40 62.98 0.95
N ALA A 129 -51.44 63.83 0.57
CA ALA A 129 -51.77 65.01 -0.22
C ALA A 129 -52.32 64.64 -1.60
N GLY A 130 -51.52 63.95 -2.41
CA GLY A 130 -51.99 63.51 -3.71
C GLY A 130 -51.04 63.80 -4.85
N HIS A 131 -49.81 64.20 -4.52
CA HIS A 131 -48.84 64.54 -5.56
C HIS A 131 -48.03 63.30 -5.94
N LEU A 132 -48.17 62.88 -7.19
CA LEU A 132 -47.59 61.61 -7.62
C LEU A 132 -46.09 61.73 -7.85
N GLU A 133 -45.64 62.83 -8.46
CA GLU A 133 -44.23 62.99 -8.78
C GLU A 133 -43.35 62.96 -7.53
N ILE A 134 -43.81 63.59 -6.45
CA ILE A 134 -43.05 63.54 -5.21
C ILE A 134 -43.00 62.12 -4.67
N VAL A 135 -44.11 61.38 -4.75
CA VAL A 135 -44.11 60.00 -4.31
C VAL A 135 -43.10 59.18 -5.10
N GLU A 136 -43.04 59.37 -6.42
CA GLU A 136 -42.08 58.62 -7.23
C GLU A 136 -40.64 58.97 -6.85
N VAL A 137 -40.32 60.26 -6.76
CA VAL A 137 -38.94 60.64 -6.50
C VAL A 137 -38.53 60.26 -5.08
N LEU A 138 -39.50 60.10 -4.18
CA LEU A 138 -39.17 59.64 -2.84
C LEU A 138 -38.98 58.13 -2.81
N LEU A 139 -39.81 57.39 -3.54
CA LEU A 139 -39.67 55.95 -3.58
C LEU A 139 -38.37 55.53 -4.25
N ARG A 140 -37.94 56.29 -5.26
CA ARG A 140 -36.67 55.98 -5.91
C ARG A 140 -35.47 56.35 -5.04
N SER A 141 -35.65 57.20 -4.04
CA SER A 141 -34.55 57.65 -3.20
C SER A 141 -34.38 56.81 -1.94
N GLY A 142 -35.28 55.86 -1.68
CA GLY A 142 -35.16 55.00 -0.53
C GLY A 142 -36.20 55.17 0.55
N ALA A 143 -37.37 55.71 0.24
CA ALA A 143 -38.42 55.81 1.24
C ALA A 143 -38.99 54.42 1.53
N SER A 144 -39.31 54.19 2.80
CA SER A 144 -39.80 52.90 3.25
C SER A 144 -41.32 52.85 3.18
N VAL A 145 -41.83 51.99 2.30
CA VAL A 145 -43.27 51.88 2.07
C VAL A 145 -44.03 51.32 3.25
N ASN A 146 -43.35 50.74 4.24
CA ASN A 146 -44.02 50.11 5.36
C ASN A 146 -43.59 50.72 6.68
N ALA A 147 -43.53 52.04 6.73
CA ALA A 147 -43.31 52.75 7.98
C ALA A 147 -44.64 53.08 8.63
N ARG A 148 -44.66 53.11 9.95
CA ARG A 148 -45.90 53.23 10.71
C ARG A 148 -46.00 54.59 11.38
N ASP A 149 -47.25 55.03 11.59
CA ASP A 149 -47.58 56.15 12.45
C ASP A 149 -47.66 55.69 13.90
N ASN A 150 -48.24 56.55 14.75
CA ASN A 150 -48.64 56.09 16.07
C ASN A 150 -49.93 55.30 16.00
N ILE A 151 -50.90 55.76 15.21
CA ILE A 151 -52.07 54.93 14.93
C ILE A 151 -51.68 53.63 14.26
N GLY A 152 -50.55 53.59 13.55
CA GLY A 152 -50.12 52.41 12.83
C GLY A 152 -50.33 52.48 11.34
N HIS A 153 -50.76 53.62 10.80
CA HIS A 153 -51.04 53.71 9.38
C HIS A 153 -49.76 53.60 8.56
N THR A 154 -49.86 52.92 7.43
CA THR A 154 -48.81 52.88 6.43
C THR A 154 -49.19 53.76 5.26
N PRO A 155 -48.23 54.18 4.43
CA PRO A 155 -48.59 55.08 3.32
C PRO A 155 -49.72 54.58 2.45
N LEU A 156 -49.95 53.26 2.40
CA LEU A 156 -51.05 52.74 1.59
C LEU A 156 -52.39 52.96 2.30
N HIS A 157 -52.41 52.89 3.64
CA HIS A 157 -53.61 53.28 4.38
C HIS A 157 -54.07 54.67 3.97
N LEU A 158 -53.15 55.63 3.94
CA LEU A 158 -53.49 57.00 3.60
C LEU A 158 -53.83 57.14 2.13
N ALA A 159 -53.10 56.43 1.26
CA ALA A 159 -53.42 56.47 -0.16
C ALA A 159 -54.82 55.95 -0.43
N ALA A 160 -55.28 54.95 0.34
CA ALA A 160 -56.62 54.41 0.17
C ALA A 160 -57.68 55.30 0.81
N TRP A 161 -57.40 55.89 1.96
CA TRP A 161 -58.34 56.82 2.57
C TRP A 161 -58.57 58.03 1.67
N ALA A 162 -57.48 58.67 1.20
CA ALA A 162 -57.62 59.90 0.44
C ALA A 162 -58.30 59.66 -0.90
N GLY A 163 -58.11 58.48 -1.48
CA GLY A 163 -58.70 58.17 -2.76
C GLY A 163 -57.82 58.40 -3.97
N HIS A 164 -56.53 58.14 -3.87
CA HIS A 164 -55.58 58.41 -4.95
C HIS A 164 -55.21 57.10 -5.64
N LEU A 165 -55.76 56.88 -6.83
CA LEU A 165 -55.61 55.59 -7.50
C LEU A 165 -54.18 55.38 -7.98
N GLU A 166 -53.62 56.36 -8.69
CA GLU A 166 -52.28 56.21 -9.26
C GLU A 166 -51.23 56.05 -8.17
N ILE A 167 -51.41 56.76 -7.05
CA ILE A 167 -50.48 56.60 -5.92
C ILE A 167 -50.63 55.20 -5.33
N VAL A 168 -51.85 54.69 -5.27
CA VAL A 168 -52.03 53.31 -4.81
C VAL A 168 -51.30 52.34 -5.71
N GLU A 169 -51.36 52.55 -7.01
CA GLU A 169 -50.63 51.69 -7.94
C GLU A 169 -49.14 51.75 -7.72
N VAL A 170 -48.56 52.94 -7.66
CA VAL A 170 -47.11 53.03 -7.51
C VAL A 170 -46.67 52.49 -6.16
N LEU A 171 -47.51 52.61 -5.13
CA LEU A 171 -47.16 52.04 -3.84
C LEU A 171 -47.26 50.53 -3.84
N LEU A 172 -48.19 49.96 -4.61
CA LEU A 172 -48.28 48.51 -4.71
C LEU A 172 -47.14 47.92 -5.52
N ALA A 173 -46.64 48.65 -6.51
CA ALA A 173 -45.48 48.21 -7.28
C ALA A 173 -44.20 48.15 -6.45
N TYR A 174 -44.09 48.95 -5.39
CA TYR A 174 -42.85 49.06 -4.62
C TYR A 174 -42.85 48.21 -3.36
N GLY A 175 -43.88 47.40 -3.15
CA GLY A 175 -43.86 46.43 -2.08
C GLY A 175 -44.76 46.72 -0.90
N ALA A 176 -45.71 47.64 -1.03
CA ALA A 176 -46.71 47.81 0.01
C ALA A 176 -47.62 46.60 0.05
N ASP A 177 -47.88 46.10 1.25
CA ASP A 177 -48.70 44.91 1.45
C ASP A 177 -50.16 45.30 1.64
N VAL A 178 -51.06 44.47 1.13
CA VAL A 178 -52.47 44.87 1.11
C VAL A 178 -53.16 44.56 2.43
N PHE A 179 -52.83 43.44 3.08
CA PHE A 179 -53.44 43.16 4.38
C PHE A 179 -52.50 43.51 5.53
N ALA A 180 -52.24 44.79 5.72
CA ALA A 180 -51.57 45.28 6.91
C ALA A 180 -52.59 46.04 7.74
N GLN A 181 -52.44 45.99 9.06
CA GLN A 181 -53.42 46.58 9.94
C GLN A 181 -52.82 47.76 10.71
N ASP A 182 -53.70 48.60 11.24
CA ASP A 182 -53.34 49.65 12.18
C ASP A 182 -53.70 49.17 13.59
N LYS A 183 -53.47 50.02 14.58
CA LYS A 183 -53.78 49.65 15.95
C LYS A 183 -55.25 49.28 16.11
N PHE A 184 -56.15 49.95 15.39
CA PHE A 184 -57.56 49.69 15.53
C PHE A 184 -58.05 48.52 14.68
N GLY A 185 -57.17 47.89 13.93
CA GLY A 185 -57.49 46.63 13.27
C GLY A 185 -57.90 46.70 11.81
N LYS A 186 -57.80 47.86 11.17
CA LYS A 186 -58.28 48.01 9.81
C LYS A 186 -57.16 47.88 8.79
N THR A 187 -57.51 47.33 7.64
CA THR A 187 -56.67 47.20 6.47
C THR A 187 -57.05 48.26 5.44
N PRO A 188 -56.15 48.60 4.52
CA PRO A 188 -56.48 49.62 3.52
C PRO A 188 -57.80 49.40 2.82
N PHE A 189 -58.21 48.15 2.63
CA PHE A 189 -59.51 47.90 2.02
C PHE A 189 -60.65 48.41 2.88
N ASP A 190 -60.49 48.37 4.20
CA ASP A 190 -61.54 48.89 5.08
C ASP A 190 -61.63 50.40 5.01
N LEU A 191 -60.49 51.09 5.10
CA LEU A 191 -60.50 52.54 4.93
C LEU A 191 -61.00 52.93 3.55
N ALA A 192 -60.89 52.02 2.57
CA ALA A 192 -61.39 52.32 1.24
C ALA A 192 -62.90 52.13 1.16
N ILE A 193 -63.45 51.13 1.85
CA ILE A 193 -64.87 50.85 1.71
C ILE A 193 -65.70 51.69 2.66
N ASP A 194 -65.11 52.21 3.73
CA ASP A 194 -65.88 53.08 4.64
C ASP A 194 -65.83 54.55 4.25
N ASN A 195 -65.29 54.88 3.08
CA ASN A 195 -65.16 56.26 2.64
C ASN A 195 -65.68 56.48 1.23
N GLY A 196 -66.35 55.50 0.65
CA GLY A 196 -66.87 55.64 -0.68
C GLY A 196 -65.85 55.61 -1.80
N ASN A 197 -64.56 55.55 -1.48
CA ASN A 197 -63.53 55.35 -2.49
C ASN A 197 -63.71 53.98 -3.11
N GLU A 198 -64.20 53.94 -4.36
CA GLU A 198 -64.72 52.72 -4.95
C GLU A 198 -63.68 51.86 -5.62
N ASP A 199 -62.76 52.44 -6.40
CA ASP A 199 -61.91 51.61 -7.24
C ASP A 199 -60.67 51.14 -6.49
N ILE A 200 -60.22 51.92 -5.51
CA ILE A 200 -59.21 51.43 -4.59
C ILE A 200 -59.66 50.11 -4.01
N ALA A 201 -60.92 50.05 -3.56
CA ALA A 201 -61.48 48.82 -3.03
C ALA A 201 -61.45 47.69 -4.05
N GLU A 202 -61.75 47.98 -5.32
CA GLU A 202 -61.78 46.91 -6.31
C GLU A 202 -60.39 46.36 -6.59
N VAL A 203 -59.42 47.24 -6.81
CA VAL A 203 -58.07 46.77 -7.11
C VAL A 203 -57.37 46.19 -5.90
N LEU A 204 -57.87 46.43 -4.69
CA LEU A 204 -57.32 45.73 -3.54
C LEU A 204 -58.03 44.41 -3.29
N GLN A 205 -59.33 44.34 -3.60
CA GLN A 205 -60.06 43.09 -3.50
C GLN A 205 -59.53 42.06 -4.48
N ARG A 206 -59.16 42.49 -5.68
CA ARG A 206 -58.59 41.55 -6.64
C ARG A 206 -57.33 40.88 -6.09
N LEU A 207 -56.49 41.65 -5.38
CA LEU A 207 -55.24 41.09 -4.85
C LEU A 207 -55.51 40.18 -3.66
N LEU A 208 -56.38 40.61 -2.75
CA LEU A 208 -56.78 39.74 -1.65
C LEU A 208 -57.30 38.40 -2.17
N GLU A 209 -58.11 38.45 -3.23
CA GLU A 209 -58.68 37.23 -3.77
C GLU A 209 -57.63 36.37 -4.46
N CYS A 210 -56.69 36.97 -5.18
CA CYS A 210 -55.62 36.19 -5.79
C CYS A 210 -54.83 35.43 -4.73
N ARG A 211 -54.47 36.10 -3.64
CA ARG A 211 -53.71 35.40 -2.61
C ARG A 211 -54.52 34.28 -1.96
N ARG A 212 -55.79 34.53 -1.65
CA ARG A 212 -56.64 33.50 -1.06
C ARG A 212 -56.77 32.29 -1.97
N ASP A 213 -56.98 32.52 -3.27
CA ASP A 213 -57.19 31.41 -4.20
C ASP A 213 -55.93 30.60 -4.43
N ALA A 214 -54.76 31.25 -4.49
CA ALA A 214 -53.54 30.48 -4.61
C ALA A 214 -53.31 29.61 -3.38
N GLU A 215 -53.56 30.15 -2.18
CA GLU A 215 -53.45 29.34 -0.98
C GLU A 215 -54.35 28.11 -1.04
N ALA A 216 -55.62 28.31 -1.41
CA ALA A 216 -56.55 27.20 -1.51
C ALA A 216 -56.13 26.15 -2.52
N ALA A 217 -55.66 26.56 -3.70
CA ALA A 217 -55.23 25.59 -4.70
C ALA A 217 -54.01 24.80 -4.27
N ILE A 218 -53.08 25.42 -3.54
CA ILE A 218 -51.93 24.64 -3.07
C ILE A 218 -52.36 23.62 -2.03
N ASN A 219 -53.31 23.98 -1.16
CA ASN A 219 -53.84 22.98 -0.23
C ASN A 219 -54.49 21.81 -0.95
N TYR A 220 -55.27 22.10 -1.99
CA TYR A 220 -55.93 21.02 -2.73
C TYR A 220 -54.91 20.12 -3.43
N GLN A 221 -53.81 20.69 -3.92
CA GLN A 221 -52.79 19.86 -4.54
C GLN A 221 -52.09 18.97 -3.53
N ILE A 222 -51.86 19.47 -2.32
CA ILE A 222 -51.30 18.62 -1.27
C ILE A 222 -52.20 17.42 -1.01
N ASN A 223 -53.51 17.67 -0.88
CA ASN A 223 -54.43 16.55 -0.64
C ASN A 223 -54.45 15.57 -1.81
N LEU A 224 -54.38 16.07 -3.04
CA LEU A 224 -54.42 15.18 -4.19
C LEU A 224 -53.19 14.27 -4.26
N GLU A 225 -52.01 14.81 -3.94
CA GLU A 225 -50.84 13.94 -3.97
C GLU A 225 -50.85 12.93 -2.83
N LEU A 226 -51.37 13.31 -1.66
CA LEU A 226 -51.50 12.31 -0.59
C LEU A 226 -52.46 11.20 -0.97
N TYR A 227 -53.56 11.53 -1.65
CA TYR A 227 -54.48 10.51 -2.13
C TYR A 227 -53.83 9.60 -3.16
N ALA A 228 -53.07 10.16 -4.09
CA ALA A 228 -52.37 9.31 -5.06
C ALA A 228 -51.39 8.36 -4.39
N SER A 229 -50.67 8.84 -3.38
CA SER A 229 -49.77 7.96 -2.63
C SER A 229 -50.51 6.80 -1.99
N TYR A 230 -51.67 7.07 -1.41
CA TYR A 230 -52.48 6.01 -0.81
C TYR A 230 -52.98 5.01 -1.86
N VAL A 231 -53.39 5.49 -3.03
CA VAL A 231 -53.84 4.58 -4.09
C VAL A 231 -52.72 3.67 -4.53
N TYR A 232 -51.50 4.19 -4.67
CA TYR A 232 -50.38 3.34 -5.06
C TYR A 232 -50.04 2.32 -4.00
N LEU A 233 -50.17 2.68 -2.72
CA LEU A 233 -49.93 1.70 -1.66
C LEU A 233 -50.91 0.54 -1.75
N SER A 234 -52.19 0.85 -1.97
CA SER A 234 -53.19 -0.19 -2.18
C SER A 234 -52.81 -1.09 -3.37
N MET A 235 -52.53 -0.47 -4.53
CA MET A 235 -52.11 -1.23 -5.70
C MET A 235 -50.94 -2.17 -5.40
N SER A 236 -49.93 -1.66 -4.71
CA SER A 236 -48.75 -2.46 -4.41
C SER A 236 -49.05 -3.66 -3.55
N TYR A 237 -49.85 -3.50 -2.50
CA TYR A 237 -50.15 -4.66 -1.67
C TYR A 237 -51.23 -5.54 -2.24
N TYR A 238 -51.81 -5.19 -3.38
CA TYR A 238 -52.65 -6.16 -4.10
C TYR A 238 -51.81 -7.25 -4.75
N PHE A 239 -50.70 -6.88 -5.39
CA PHE A 239 -49.86 -7.84 -6.09
C PHE A 239 -49.02 -8.68 -5.15
N ASP A 240 -49.23 -8.58 -3.84
CA ASP A 240 -48.47 -9.33 -2.86
C ASP A 240 -49.27 -10.50 -2.31
N ARG A 241 -50.56 -10.57 -2.61
CA ARG A 241 -51.37 -11.72 -2.22
C ARG A 241 -50.79 -12.98 -2.82
N ASP A 242 -51.17 -14.16 -2.32
CA ASP A 242 -50.63 -15.38 -2.88
C ASP A 242 -51.48 -15.96 -3.98
N ASP A 243 -52.66 -15.38 -4.26
CA ASP A 243 -53.32 -15.68 -5.51
C ASP A 243 -53.01 -14.65 -6.58
N VAL A 244 -52.16 -13.68 -6.26
CA VAL A 244 -51.59 -12.75 -7.23
C VAL A 244 -50.10 -12.68 -6.92
N ALA A 245 -49.29 -13.55 -7.52
CA ALA A 245 -47.92 -13.71 -7.08
C ALA A 245 -46.94 -12.98 -8.01
N LEU A 246 -47.05 -11.66 -8.05
CA LEU A 246 -46.18 -10.84 -8.89
C LEU A 246 -45.41 -9.85 -8.01
N LYS A 247 -44.10 -10.06 -7.90
CA LYS A 247 -43.28 -9.33 -6.94
C LYS A 247 -42.76 -8.00 -7.46
N ASN A 248 -42.48 -7.92 -8.76
CA ASN A 248 -41.90 -6.70 -9.28
C ASN A 248 -42.95 -5.65 -9.59
N PHE A 249 -44.17 -6.07 -9.90
CA PHE A 249 -45.30 -5.15 -9.87
C PHE A 249 -45.45 -4.50 -8.49
N ALA A 250 -45.28 -5.30 -7.44
CA ALA A 250 -45.37 -4.80 -6.07
C ALA A 250 -44.26 -3.80 -5.77
N LYS A 251 -43.01 -4.11 -6.12
CA LYS A 251 -41.93 -3.16 -5.89
C LYS A 251 -42.15 -1.87 -6.68
N TYR A 252 -42.57 -2.00 -7.94
CA TYR A 252 -42.89 -0.82 -8.75
C TYR A 252 -43.86 0.10 -8.04
N PHE A 253 -45.02 -0.42 -7.65
CA PHE A 253 -46.01 0.46 -7.08
C PHE A 253 -45.64 0.96 -5.68
N LEU A 254 -44.82 0.23 -4.92
CA LEU A 254 -44.34 0.81 -3.67
C LEU A 254 -43.40 1.99 -3.91
N HIS A 255 -42.52 1.89 -4.90
CA HIS A 255 -41.67 3.02 -5.24
C HIS A 255 -42.48 4.24 -5.63
N GLN A 256 -43.51 4.05 -6.45
CA GLN A 256 -44.36 5.19 -6.80
C GLN A 256 -45.08 5.76 -5.59
N SER A 257 -45.53 4.90 -4.68
CA SER A 257 -46.16 5.35 -3.45
C SER A 257 -45.26 6.28 -2.64
N HIS A 258 -43.96 6.00 -2.58
CA HIS A 258 -43.09 6.88 -1.80
C HIS A 258 -42.73 8.16 -2.52
N GLU A 259 -42.54 8.09 -3.84
CA GLU A 259 -42.28 9.30 -4.61
C GLU A 259 -43.43 10.30 -4.48
N GLU A 260 -44.66 9.80 -4.49
CA GLU A 260 -45.80 10.72 -4.39
C GLU A 260 -45.92 11.38 -3.03
N ARG A 261 -45.30 10.86 -1.99
CA ARG A 261 -45.30 11.57 -0.72
C ARG A 261 -44.20 12.61 -0.67
N GLU A 262 -43.05 12.32 -1.27
CA GLU A 262 -42.07 13.39 -1.46
C GLU A 262 -42.66 14.56 -2.22
N HIS A 263 -43.46 14.29 -3.25
CA HIS A 263 -44.10 15.37 -4.01
C HIS A 263 -44.95 16.27 -3.13
N ALA A 264 -45.70 15.71 -2.19
CA ALA A 264 -46.58 16.53 -1.36
C ALA A 264 -45.83 17.28 -0.29
N GLU A 265 -44.77 16.68 0.27
CA GLU A 265 -43.96 17.42 1.23
C GLU A 265 -43.28 18.61 0.58
N LYS A 266 -42.91 18.52 -0.70
CA LYS A 266 -42.37 19.68 -1.39
C LYS A 266 -43.36 20.84 -1.41
N LEU A 267 -44.64 20.54 -1.64
CA LEU A 267 -45.63 21.61 -1.69
C LEU A 267 -45.92 22.17 -0.30
N MET A 268 -45.85 21.34 0.74
CA MET A 268 -45.97 21.86 2.10
C MET A 268 -44.86 22.84 2.42
N LYS A 269 -43.62 22.45 2.11
CA LYS A 269 -42.50 23.35 2.31
C LYS A 269 -42.69 24.65 1.53
N LEU A 270 -43.12 24.55 0.27
CA LEU A 270 -43.41 25.75 -0.51
C LEU A 270 -44.39 26.66 0.20
N GLN A 271 -45.51 26.12 0.67
CA GLN A 271 -46.52 26.97 1.27
C GLN A 271 -46.05 27.57 2.58
N ASN A 272 -45.10 26.93 3.26
CA ASN A 272 -44.52 27.58 4.42
C ASN A 272 -43.56 28.70 4.03
N GLN A 273 -42.88 28.56 2.88
CA GLN A 273 -41.99 29.62 2.42
C GLN A 273 -42.76 30.86 1.98
N ARG A 274 -44.00 30.70 1.55
CA ARG A 274 -44.78 31.83 1.07
C ARG A 274 -45.49 32.59 2.18
N GLY A 275 -45.55 32.04 3.38
CA GLY A 275 -46.27 32.65 4.47
C GLY A 275 -47.72 32.26 4.57
N GLY A 276 -48.16 31.22 3.87
CA GLY A 276 -49.53 30.78 3.91
C GLY A 276 -49.75 29.76 5.00
N GLU A 277 -51.00 29.27 5.08
CA GLU A 277 -51.41 28.35 6.12
C GLU A 277 -51.76 27.00 5.52
N ILE A 278 -51.04 25.97 5.92
CA ILE A 278 -51.38 24.61 5.54
C ILE A 278 -52.62 24.18 6.32
N SER A 279 -53.60 23.62 5.62
CA SER A 279 -54.79 23.08 6.25
C SER A 279 -55.03 21.69 5.69
N LEU A 280 -54.61 20.68 6.44
CA LEU A 280 -54.69 19.29 6.00
C LEU A 280 -56.12 18.80 6.16
N GLN A 281 -56.48 17.81 5.36
CA GLN A 281 -57.85 17.30 5.32
C GLN A 281 -57.87 15.79 5.26
N SER A 282 -59.06 15.24 5.10
CA SER A 282 -59.28 13.80 5.13
C SER A 282 -58.85 13.20 3.80
N ILE A 283 -58.27 12.00 3.85
CA ILE A 283 -57.82 11.33 2.63
C ILE A 283 -58.78 10.21 2.31
N SER A 284 -59.43 10.29 1.14
CA SER A 284 -60.36 9.25 0.75
C SER A 284 -59.64 7.92 0.54
N SER A 285 -60.41 6.85 0.62
CA SER A 285 -59.81 5.55 0.35
C SER A 285 -59.91 5.25 -1.14
N PRO A 286 -58.97 4.47 -1.67
CA PRO A 286 -59.02 4.16 -3.11
C PRO A 286 -60.32 3.48 -3.48
N ASP A 287 -60.68 3.59 -4.76
CA ASP A 287 -61.99 3.14 -5.17
C ASP A 287 -62.10 1.62 -5.19
N SER A 288 -60.97 0.94 -5.38
CA SER A 288 -60.98 -0.52 -5.47
C SER A 288 -60.04 -1.08 -4.42
N ASP A 289 -60.33 -2.30 -3.99
CA ASP A 289 -59.38 -3.14 -3.28
C ASP A 289 -58.85 -4.26 -4.16
N ASP A 290 -59.56 -4.57 -5.25
CA ASP A 290 -59.24 -5.64 -6.18
C ASP A 290 -58.98 -5.00 -7.54
N TRP A 291 -57.71 -4.85 -7.88
CA TRP A 291 -57.32 -4.38 -9.20
C TRP A 291 -57.08 -5.58 -10.09
N GLU A 292 -58.04 -5.85 -10.99
CA GLU A 292 -58.23 -7.20 -11.52
C GLU A 292 -56.94 -7.84 -12.04
N SER A 293 -56.05 -7.06 -12.65
CA SER A 293 -54.85 -7.63 -13.24
C SER A 293 -53.77 -6.56 -13.30
N GLY A 294 -52.62 -6.94 -13.85
CA GLY A 294 -51.54 -5.98 -14.03
C GLY A 294 -51.83 -4.94 -15.09
N LEU A 295 -52.48 -5.34 -16.18
CA LEU A 295 -52.90 -4.40 -17.20
C LEU A 295 -53.87 -3.35 -16.66
N ASN A 296 -54.92 -3.80 -15.97
CA ASN A 296 -55.91 -2.89 -15.42
C ASN A 296 -55.33 -1.94 -14.38
N ALA A 297 -54.43 -2.42 -13.53
CA ALA A 297 -53.72 -1.56 -12.60
C ALA A 297 -52.85 -0.53 -13.30
N MET A 298 -52.12 -0.92 -14.35
CA MET A 298 -51.34 0.07 -15.09
C MET A 298 -52.23 1.12 -15.74
N GLU A 299 -53.40 0.73 -16.26
CA GLU A 299 -54.29 1.72 -16.86
C GLU A 299 -54.88 2.66 -15.82
N SER A 300 -55.19 2.14 -14.65
CA SER A 300 -55.68 3.01 -13.58
C SER A 300 -54.62 3.99 -13.12
N ALA A 301 -53.37 3.54 -13.00
CA ALA A 301 -52.28 4.47 -12.69
C ALA A 301 -52.15 5.53 -13.76
N LEU A 302 -52.34 5.17 -15.02
CA LEU A 302 -52.25 6.16 -16.10
C LEU A 302 -53.33 7.23 -15.98
N HIS A 303 -54.57 6.83 -15.73
CA HIS A 303 -55.62 7.83 -15.55
C HIS A 303 -55.37 8.70 -14.33
N LEU A 304 -54.84 8.13 -13.25
CA LEU A 304 -54.55 8.93 -12.06
C LEU A 304 -53.47 9.96 -12.34
N GLU A 305 -52.41 9.58 -13.03
CA GLU A 305 -51.36 10.53 -13.37
C GLU A 305 -51.90 11.65 -14.27
N LYS A 306 -52.80 11.31 -15.18
CA LYS A 306 -53.38 12.35 -16.03
C LYS A 306 -54.24 13.33 -15.24
N ALA A 307 -55.00 12.84 -14.26
CA ALA A 307 -55.79 13.74 -13.43
C ALA A 307 -54.89 14.68 -12.62
N VAL A 308 -53.82 14.15 -12.05
CA VAL A 308 -52.88 14.99 -11.31
C VAL A 308 -52.29 16.06 -12.21
N ASN A 309 -51.93 15.70 -13.44
CA ASN A 309 -51.36 16.68 -14.36
C ASN A 309 -52.36 17.76 -14.72
N ALA A 310 -53.63 17.40 -14.90
CA ALA A 310 -54.65 18.41 -15.16
C ALA A 310 -54.75 19.40 -14.01
N SER A 311 -54.72 18.93 -12.77
CA SER A 311 -54.76 19.87 -11.64
C SER A 311 -53.56 20.79 -11.64
N LEU A 312 -52.37 20.26 -11.94
CA LEU A 312 -51.20 21.12 -12.03
C LEU A 312 -51.36 22.20 -13.09
N LEU A 313 -51.92 21.86 -14.24
CA LEU A 313 -52.12 22.87 -15.29
C LEU A 313 -53.11 23.94 -14.85
N ARG A 314 -54.17 23.55 -14.14
CA ARG A 314 -55.12 24.56 -13.65
C ARG A 314 -54.45 25.51 -12.66
N LEU A 315 -53.65 24.97 -11.75
CA LEU A 315 -52.95 25.81 -10.80
C LEU A 315 -51.95 26.72 -11.48
N HIS A 316 -51.31 26.25 -12.54
CA HIS A 316 -50.36 27.11 -13.26
C HIS A 316 -51.08 28.25 -13.95
N LYS A 317 -52.23 27.98 -14.57
CA LYS A 317 -52.97 29.07 -15.18
C LYS A 317 -53.44 30.08 -14.14
N LEU A 318 -53.83 29.60 -12.97
CA LEU A 318 -54.21 30.51 -11.88
C LEU A 318 -53.03 31.39 -11.47
N ALA A 319 -51.86 30.80 -11.26
CA ALA A 319 -50.69 31.58 -10.87
C ALA A 319 -50.25 32.52 -11.98
N THR A 320 -50.61 32.24 -13.22
CA THR A 320 -50.28 33.15 -14.32
C THR A 320 -51.24 34.34 -14.34
N ASP A 321 -52.51 34.11 -14.04
CA ASP A 321 -53.46 35.22 -14.03
C ASP A 321 -53.10 36.25 -12.97
N CYS A 322 -52.67 35.80 -11.80
CA CYS A 322 -52.41 36.70 -10.69
C CYS A 322 -50.97 37.17 -10.61
N ASN A 323 -50.22 37.13 -11.70
CA ASN A 323 -48.89 37.72 -11.78
C ASN A 323 -47.98 37.23 -10.65
N ASP A 324 -47.65 35.95 -10.67
CA ASP A 324 -46.88 35.31 -9.62
C ASP A 324 -45.72 34.53 -10.22
N PRO A 325 -44.67 35.19 -10.71
CA PRO A 325 -43.61 34.47 -11.43
C PRO A 325 -42.97 33.33 -10.68
N HIS A 326 -42.77 33.43 -9.37
CA HIS A 326 -42.07 32.38 -8.63
C HIS A 326 -42.90 31.11 -8.54
N LEU A 327 -44.22 31.23 -8.38
CA LEU A 327 -45.07 30.05 -8.35
C LEU A 327 -45.08 29.33 -9.68
N CYS A 328 -45.17 30.08 -10.78
CA CYS A 328 -45.12 29.47 -12.10
C CYS A 328 -43.80 28.77 -12.34
N ASP A 329 -42.69 29.43 -12.00
CA ASP A 329 -41.38 28.81 -12.16
C ASP A 329 -41.26 27.54 -11.34
N PHE A 330 -41.76 27.57 -10.09
CA PHE A 330 -41.73 26.39 -9.25
C PHE A 330 -42.51 25.23 -9.86
N ILE A 331 -43.72 25.52 -10.34
CA ILE A 331 -44.57 24.47 -10.89
C ILE A 331 -43.94 23.85 -12.12
N GLU A 332 -43.46 24.68 -13.05
CA GLU A 332 -42.90 24.06 -14.24
C GLU A 332 -41.49 23.51 -14.05
N THR A 333 -40.79 23.89 -12.99
CA THR A 333 -39.48 23.31 -12.76
C THR A 333 -39.56 21.96 -12.08
N HIS A 334 -40.47 21.79 -11.12
CA HIS A 334 -40.45 20.56 -10.34
C HIS A 334 -41.57 19.59 -10.70
N TYR A 335 -42.58 20.02 -11.44
CA TYR A 335 -43.78 19.21 -11.55
C TYR A 335 -44.22 18.92 -12.97
N LEU A 336 -43.92 19.79 -13.94
CA LEU A 336 -44.48 19.57 -15.26
C LEU A 336 -43.64 18.64 -16.11
N ASN A 337 -42.36 18.44 -15.81
CA ASN A 337 -41.58 17.52 -16.62
C ASN A 337 -41.61 16.11 -16.06
N GLU A 338 -41.94 15.94 -14.79
CA GLU A 338 -42.08 14.60 -14.23
C GLU A 338 -43.39 13.95 -14.66
N GLN A 339 -44.45 14.73 -14.77
CA GLN A 339 -45.73 14.18 -15.21
C GLN A 339 -45.66 13.70 -16.64
N VAL A 340 -44.96 14.44 -17.52
CA VAL A 340 -44.82 14.04 -18.90
C VAL A 340 -44.08 12.71 -19.02
N LYS A 341 -43.01 12.54 -18.25
CA LYS A 341 -42.25 11.31 -18.27
C LYS A 341 -43.03 10.15 -17.67
N ALA A 342 -43.77 10.38 -16.58
CA ALA A 342 -44.63 9.35 -16.02
C ALA A 342 -45.69 8.89 -17.00
N ILE A 343 -46.36 9.81 -17.70
CA ILE A 343 -47.39 9.43 -18.64
C ILE A 343 -46.80 8.67 -19.81
N LYS A 344 -45.64 9.11 -20.32
CA LYS A 344 -45.00 8.39 -21.41
C LYS A 344 -44.64 6.96 -21.00
N GLU A 345 -44.06 6.80 -19.82
CA GLU A 345 -43.65 5.48 -19.37
C GLU A 345 -44.83 4.57 -19.12
N LEU A 346 -45.89 5.06 -18.50
CA LEU A 346 -47.04 4.21 -18.23
C LEU A 346 -47.80 3.83 -19.49
N GLY A 347 -47.85 4.71 -20.49
CA GLY A 347 -48.41 4.31 -21.76
C GLY A 347 -47.57 3.29 -22.50
N ASP A 348 -46.23 3.38 -22.36
CA ASP A 348 -45.37 2.33 -22.89
C ASP A 348 -45.67 0.99 -22.26
N HIS A 349 -45.76 0.95 -20.93
CA HIS A 349 -46.10 -0.30 -20.24
C HIS A 349 -47.42 -0.86 -20.72
N VAL A 350 -48.43 -0.01 -20.89
CA VAL A 350 -49.73 -0.52 -21.31
C VAL A 350 -49.68 -1.09 -22.72
N THR A 351 -49.01 -0.43 -23.66
CA THR A 351 -48.98 -1.04 -24.99
C THR A 351 -48.13 -2.29 -25.05
N ASN A 352 -47.02 -2.36 -24.29
CA ASN A 352 -46.27 -3.60 -24.24
C ASN A 352 -47.12 -4.74 -23.71
N LEU A 353 -47.79 -4.53 -22.58
CA LEU A 353 -48.63 -5.58 -22.02
C LEU A 353 -49.75 -5.98 -22.98
N ARG A 354 -50.36 -5.02 -23.66
CA ARG A 354 -51.44 -5.37 -24.57
C ARG A 354 -50.94 -6.16 -25.78
N LYS A 355 -49.76 -5.83 -26.29
CA LYS A 355 -49.23 -6.56 -27.43
C LYS A 355 -48.80 -7.97 -27.05
N MET A 356 -48.11 -8.13 -25.92
CA MET A 356 -47.72 -9.47 -25.47
C MET A 356 -48.90 -10.41 -25.30
N GLY A 357 -50.11 -9.90 -25.12
CA GLY A 357 -51.30 -10.74 -25.05
C GLY A 357 -52.05 -10.72 -23.74
N ALA A 358 -51.68 -9.87 -22.79
CA ALA A 358 -52.40 -9.81 -21.53
C ALA A 358 -53.77 -9.19 -21.74
N PRO A 359 -54.71 -9.39 -20.80
CA PRO A 359 -54.68 -10.12 -19.54
C PRO A 359 -55.08 -11.57 -19.70
N GLU A 360 -55.62 -11.91 -20.87
CA GLU A 360 -56.05 -13.26 -21.16
C GLU A 360 -54.90 -14.24 -21.34
N SER A 361 -53.68 -13.81 -21.05
CA SER A 361 -52.51 -14.67 -21.17
C SER A 361 -51.67 -14.58 -19.91
N GLY A 362 -51.66 -15.65 -19.12
CA GLY A 362 -50.52 -15.92 -18.29
C GLY A 362 -49.33 -16.28 -19.14
N LEU A 363 -48.13 -16.01 -18.61
CA LEU A 363 -46.87 -16.01 -19.33
C LEU A 363 -46.69 -14.71 -20.11
N ALA A 364 -47.67 -13.82 -20.07
CA ALA A 364 -47.45 -12.47 -20.57
C ALA A 364 -47.09 -11.55 -19.41
N GLU A 365 -47.90 -11.59 -18.35
CA GLU A 365 -47.59 -10.80 -17.17
C GLU A 365 -46.44 -11.40 -16.38
N TYR A 366 -46.27 -12.72 -16.40
CA TYR A 366 -45.11 -13.32 -15.77
C TYR A 366 -43.82 -12.81 -16.41
N LEU A 367 -43.75 -12.83 -17.74
CA LEU A 367 -42.52 -12.42 -18.41
C LEU A 367 -42.35 -10.91 -18.44
N PHE A 368 -43.42 -10.15 -18.48
CA PHE A 368 -43.31 -8.71 -18.27
C PHE A 368 -42.72 -8.39 -16.91
N ASP A 369 -43.28 -9.01 -15.86
CA ASP A 369 -42.78 -8.84 -14.50
C ASP A 369 -41.32 -9.22 -14.39
N LYS A 370 -40.90 -10.25 -15.11
CA LYS A 370 -39.50 -10.68 -15.03
C LYS A 370 -38.56 -9.76 -15.78
N HIS A 371 -38.91 -9.35 -16.99
CA HIS A 371 -37.98 -8.72 -17.91
C HIS A 371 -38.02 -7.19 -17.88
N THR A 372 -39.18 -6.60 -17.68
CA THR A 372 -39.29 -5.14 -17.76
C THR A 372 -39.26 -4.50 -16.39
N LEU A 373 -39.91 -5.12 -15.41
CA LEU A 373 -40.02 -4.54 -14.09
C LEU A 373 -38.93 -5.02 -13.14
N GLY A 374 -38.11 -5.96 -13.57
CA GLY A 374 -37.05 -6.48 -12.72
C GLY A 374 -35.79 -6.84 -13.46
N SER B 2 -71.85 78.47 -0.74
CA SER B 2 -70.67 78.71 -1.56
C SER B 2 -69.47 79.14 -0.70
N LYS B 3 -69.70 80.09 0.21
CA LYS B 3 -68.60 80.64 0.99
C LYS B 3 -68.22 79.75 2.16
N GLY B 4 -69.22 79.17 2.85
CA GLY B 4 -68.94 78.43 4.06
C GLY B 4 -68.00 77.25 3.87
N GLU B 5 -67.97 76.70 2.66
CA GLU B 5 -67.10 75.56 2.39
C GLU B 5 -65.70 75.96 1.95
N GLU B 6 -65.52 77.20 1.51
CA GLU B 6 -64.23 77.63 0.97
C GLU B 6 -63.19 77.80 2.07
N LEU B 7 -63.61 78.20 3.26
CA LEU B 7 -62.69 78.64 4.31
C LEU B 7 -61.75 77.55 4.80
N PHE B 8 -61.83 76.33 4.27
CA PHE B 8 -60.96 75.23 4.68
C PHE B 8 -60.16 74.67 3.51
N THR B 9 -59.76 75.52 2.57
CA THR B 9 -59.07 75.06 1.37
C THR B 9 -57.71 74.45 1.68
N GLY B 10 -57.09 74.85 2.77
CA GLY B 10 -55.74 74.38 3.07
C GLY B 10 -55.51 74.09 4.53
N VAL B 11 -54.26 74.17 4.96
CA VAL B 11 -53.91 73.97 6.36
C VAL B 11 -54.49 75.12 7.17
N VAL B 12 -54.73 74.86 8.47
CA VAL B 12 -55.25 75.86 9.39
C VAL B 12 -54.49 75.72 10.70
N PRO B 13 -53.74 76.74 11.14
CA PRO B 13 -53.17 76.71 12.48
C PRO B 13 -54.25 76.92 13.54
N ILE B 14 -54.03 76.31 14.70
CA ILE B 14 -55.03 76.28 15.75
C ILE B 14 -54.41 76.79 17.05
N LEU B 15 -55.24 77.43 17.88
CA LEU B 15 -54.86 77.90 19.20
C LEU B 15 -56.06 77.66 20.12
N VAL B 16 -55.92 76.70 21.03
CA VAL B 16 -57.06 76.26 21.83
C VAL B 16 -56.81 76.60 23.29
N GLU B 17 -57.68 77.44 23.86
CA GLU B 17 -57.58 77.82 25.25
C GLU B 17 -58.81 77.31 25.99
N LEU B 18 -58.57 76.68 27.14
CA LEU B 18 -59.63 76.12 27.96
C LEU B 18 -59.38 76.50 29.42
N ASP B 19 -60.37 77.13 30.04
CA ASP B 19 -60.27 77.54 31.44
C ASP B 19 -61.37 76.84 32.23
N GLY B 20 -60.97 76.00 33.16
CA GLY B 20 -61.91 75.13 33.86
C GLY B 20 -61.79 75.24 35.37
N ASP B 21 -62.93 75.06 36.03
CA ASP B 21 -63.03 74.98 37.49
C ASP B 21 -63.68 73.66 37.87
N VAL B 22 -62.92 72.79 38.55
CA VAL B 22 -63.40 71.48 38.98
C VAL B 22 -63.06 71.28 40.44
N ASN B 23 -64.04 71.49 41.32
CA ASN B 23 -63.93 71.18 42.75
C ASN B 23 -62.70 71.87 43.37
N GLY B 24 -62.64 73.19 43.24
CA GLY B 24 -61.54 73.97 43.76
C GLY B 24 -60.30 73.94 42.89
N HIS B 25 -60.30 73.13 41.84
CA HIS B 25 -59.15 73.04 40.95
C HIS B 25 -59.37 73.97 39.75
N LYS B 26 -58.64 75.07 39.71
CA LYS B 26 -58.63 75.94 38.54
C LYS B 26 -57.53 75.49 37.60
N PHE B 27 -57.81 75.54 36.30
CA PHE B 27 -56.79 75.15 35.33
C PHE B 27 -57.00 75.90 34.03
N SER B 28 -55.87 76.24 33.40
CA SER B 28 -55.83 76.76 32.04
C SER B 28 -55.06 75.77 31.18
N VAL B 29 -55.55 75.56 29.96
CA VAL B 29 -54.94 74.64 29.02
C VAL B 29 -54.77 75.37 27.69
N ARG B 30 -53.57 75.30 27.14
CA ARG B 30 -53.30 75.81 25.80
C ARG B 30 -52.84 74.66 24.90
N GLY B 31 -53.42 74.59 23.72
CA GLY B 31 -53.07 73.59 22.74
C GLY B 31 -52.71 74.20 21.40
N GLU B 32 -51.63 73.68 20.81
CA GLU B 32 -51.05 74.22 19.59
C GLU B 32 -50.92 73.11 18.56
N GLY B 33 -51.31 73.40 17.33
CA GLY B 33 -51.19 72.44 16.26
C GLY B 33 -51.83 72.96 14.98
N GLU B 34 -52.11 72.03 14.06
CA GLU B 34 -52.70 72.39 12.78
C GLU B 34 -53.68 71.33 12.31
N GLY B 35 -54.57 71.76 11.41
CA GLY B 35 -55.57 70.84 10.87
C GLY B 35 -55.91 71.06 9.40
N ASP B 36 -56.45 70.02 8.78
CA ASP B 36 -56.94 70.09 7.40
C ASP B 36 -58.28 69.38 7.34
N ALA B 37 -59.26 70.04 6.73
CA ALA B 37 -60.58 69.46 6.54
C ALA B 37 -60.65 68.55 5.34
N THR B 38 -59.80 68.75 4.33
CA THR B 38 -59.85 67.93 3.13
C THR B 38 -59.67 66.45 3.44
N ASN B 39 -58.87 66.12 4.45
CA ASN B 39 -58.66 64.74 4.85
C ASN B 39 -59.15 64.47 6.27
N GLY B 40 -59.87 65.42 6.87
CA GLY B 40 -60.34 65.26 8.24
C GLY B 40 -59.25 64.99 9.23
N LYS B 41 -58.08 65.60 9.04
CA LYS B 41 -56.91 65.30 9.85
C LYS B 41 -56.61 66.46 10.79
N LEU B 42 -56.32 66.15 12.05
CA LEU B 42 -55.95 67.15 13.03
C LEU B 42 -54.73 66.66 13.79
N THR B 43 -53.81 67.56 14.12
CA THR B 43 -52.56 67.18 14.76
C THR B 43 -52.18 68.27 15.76
N LEU B 44 -52.27 67.97 17.05
CA LEU B 44 -52.18 68.97 18.11
C LEU B 44 -51.28 68.50 19.23
N LYS B 45 -50.91 69.45 20.09
CA LYS B 45 -50.13 69.19 21.30
C LYS B 45 -50.61 70.15 22.38
N PHE B 46 -51.09 69.58 23.48
CA PHE B 46 -51.67 70.34 24.58
C PHE B 46 -50.71 70.36 25.75
N ILE B 47 -50.65 71.50 26.46
CA ILE B 47 -49.78 71.67 27.61
C ILE B 47 -50.49 72.53 28.64
N CYS B 48 -50.33 72.18 29.92
CA CYS B 48 -50.94 72.93 31.01
C CYS B 48 -49.88 73.73 31.76
N THR B 49 -49.97 75.04 31.68
CA THR B 49 -49.06 75.92 32.40
C THR B 49 -49.48 76.12 33.86
N THR B 50 -50.36 75.25 34.38
CA THR B 50 -50.88 75.35 35.73
C THR B 50 -50.43 74.16 36.58
N GLY B 51 -49.20 73.69 36.37
CA GLY B 51 -48.65 72.63 37.20
C GLY B 51 -49.36 71.30 37.01
N LYS B 52 -49.16 70.40 37.97
CA LYS B 52 -49.75 69.07 37.90
C LYS B 52 -51.26 69.18 38.01
N LEU B 53 -51.98 68.39 37.23
CA LEU B 53 -53.43 68.48 37.21
C LEU B 53 -54.02 67.23 37.84
N PRO B 54 -55.12 67.34 38.60
CA PRO B 54 -55.67 66.16 39.28
C PRO B 54 -56.41 65.18 38.37
N VAL B 55 -57.02 65.64 37.29
CA VAL B 55 -57.81 64.78 36.40
C VAL B 55 -56.87 64.19 35.36
N PRO B 56 -57.03 62.92 34.98
CA PRO B 56 -56.11 62.33 34.01
C PRO B 56 -56.24 63.01 32.65
N TRP B 57 -55.16 62.93 31.87
CA TRP B 57 -55.20 63.47 30.51
C TRP B 57 -56.30 62.86 29.66
N PRO B 58 -56.58 61.55 29.67
CA PRO B 58 -57.67 61.01 28.84
C PRO B 58 -58.99 61.72 29.03
N THR B 59 -59.25 62.30 30.20
CA THR B 59 -60.48 63.05 30.40
C THR B 59 -60.52 64.29 29.53
N LEU B 60 -59.43 65.06 29.51
CA LEU B 60 -59.38 66.32 28.77
C LEU B 60 -59.41 66.14 27.26
N VAL B 61 -59.28 64.90 26.77
CA VAL B 61 -59.17 64.67 25.34
C VAL B 61 -60.51 64.94 24.65
N THR B 62 -61.59 64.38 25.19
CA THR B 62 -62.90 64.55 24.57
C THR B 62 -63.34 66.00 24.54
N THR B 63 -62.89 66.77 25.53
CA THR B 63 -63.34 68.17 25.67
C THR B 63 -62.26 69.11 25.25
N LEU B 64 -61.80 69.01 24.00
CA LEU B 64 -60.81 69.97 23.47
C LEU B 64 -60.95 70.00 21.94
N VAL B 66 -63.25 70.45 17.46
CA VAL B 66 -63.18 71.27 16.29
C VAL B 66 -63.70 70.47 15.10
N GLN B 67 -64.92 69.96 15.25
CA GLN B 67 -65.48 69.07 14.20
C GLN B 67 -65.51 69.84 12.89
N CYS B 68 -65.32 71.15 12.96
CA CYS B 68 -65.24 71.94 11.71
C CYS B 68 -64.09 71.38 10.85
N PHE B 69 -63.36 70.37 11.34
CA PHE B 69 -62.26 69.91 10.51
C PHE B 69 -62.48 68.52 9.93
N SER B 70 -63.67 67.95 10.14
CA SER B 70 -63.92 66.58 9.76
C SER B 70 -64.01 66.43 8.24
N ARG B 71 -63.57 65.30 7.73
CA ARG B 71 -63.56 65.05 6.30
C ARG B 71 -64.97 64.84 5.79
N TYR B 72 -65.40 65.69 4.87
CA TYR B 72 -66.76 65.65 4.36
C TYR B 72 -66.76 65.35 2.87
N PRO B 73 -67.47 64.33 2.43
CA PRO B 73 -67.44 63.97 1.00
C PRO B 73 -68.30 64.87 0.14
N ASP B 74 -68.19 64.73 -1.18
CA ASP B 74 -68.94 65.59 -2.08
C ASP B 74 -70.42 65.22 -2.09
N HIS B 75 -70.75 64.01 -1.64
CA HIS B 75 -72.18 63.73 -1.57
C HIS B 75 -72.84 64.33 -0.33
N MET B 76 -72.13 64.55 0.77
CA MET B 76 -72.67 65.31 1.90
C MET B 76 -72.25 66.77 1.86
N LYS B 77 -72.11 67.36 0.67
CA LYS B 77 -71.90 68.80 0.58
C LYS B 77 -73.11 69.59 1.04
N ARG B 78 -74.28 68.94 1.13
CA ARG B 78 -75.50 69.61 1.53
C ARG B 78 -75.87 69.35 2.99
N HIS B 79 -75.07 68.57 3.72
CA HIS B 79 -75.36 68.24 5.11
C HIS B 79 -74.17 68.57 6.01
N ASP B 80 -73.47 69.65 5.70
CA ASP B 80 -72.32 70.12 6.49
C ASP B 80 -72.75 71.40 7.20
N PHE B 81 -73.33 71.23 8.41
CA PHE B 81 -73.79 72.39 9.17
C PHE B 81 -72.63 73.27 9.63
N PHE B 82 -71.51 72.66 10.02
CA PHE B 82 -70.40 73.43 10.55
C PHE B 82 -69.75 74.28 9.47
N LYS B 83 -69.91 73.90 8.20
CA LYS B 83 -69.22 74.59 7.13
C LYS B 83 -69.90 75.90 6.74
N SER B 84 -71.20 75.86 6.41
CA SER B 84 -71.89 77.04 5.86
C SER B 84 -71.69 78.29 6.71
N ALA B 85 -71.30 78.14 7.98
CA ALA B 85 -71.13 79.27 8.89
C ALA B 85 -69.70 79.76 9.00
N MET B 86 -68.93 79.78 7.91
CA MET B 86 -67.57 80.30 8.01
C MET B 86 -67.39 81.48 7.07
N PRO B 87 -66.79 82.59 7.55
CA PRO B 87 -66.24 82.80 8.89
C PRO B 87 -67.26 83.23 9.93
N GLU B 88 -68.54 83.00 9.63
CA GLU B 88 -69.61 83.28 10.58
C GLU B 88 -69.31 82.69 11.95
N GLY B 89 -68.80 81.47 11.99
CA GLY B 89 -68.50 80.79 13.23
C GLY B 89 -69.75 80.30 13.91
N TYR B 90 -69.58 79.82 15.14
CA TYR B 90 -70.70 79.31 15.91
C TYR B 90 -70.27 79.09 17.36
N VAL B 91 -71.24 78.70 18.19
CA VAL B 91 -71.00 78.38 19.58
C VAL B 91 -71.62 77.03 19.86
N GLN B 92 -71.13 76.36 20.90
CA GLN B 92 -71.67 75.08 21.34
C GLN B 92 -71.61 74.96 22.86
N GLU B 93 -72.73 74.49 23.41
CA GLU B 93 -72.82 74.20 24.83
C GLU B 93 -72.88 72.70 25.03
N ARG B 94 -71.90 72.16 25.75
CA ARG B 94 -71.73 70.72 25.92
C ARG B 94 -71.90 70.34 27.38
N THR B 95 -72.58 69.22 27.62
CA THR B 95 -72.64 68.60 28.93
C THR B 95 -72.10 67.19 28.80
N ILE B 96 -71.12 66.85 29.62
CA ILE B 96 -70.58 65.48 29.65
C ILE B 96 -70.92 64.89 31.01
N SER B 97 -71.44 63.67 31.00
CA SER B 97 -71.97 63.01 32.18
C SER B 97 -71.23 61.70 32.38
N PHE B 98 -70.44 61.64 33.45
CA PHE B 98 -69.78 60.41 33.84
C PHE B 98 -70.77 59.51 34.56
N LYS B 99 -70.68 58.21 34.31
CA LYS B 99 -71.39 57.25 35.16
C LYS B 99 -70.52 56.90 36.35
N ASP B 100 -71.13 56.81 37.52
CA ASP B 100 -70.45 56.52 38.79
C ASP B 100 -69.57 57.69 39.23
N ASP B 101 -69.88 58.90 38.75
CA ASP B 101 -69.30 60.15 39.22
C ASP B 101 -70.09 61.31 38.62
N GLY B 102 -69.62 62.53 38.88
CA GLY B 102 -70.34 63.76 38.57
C GLY B 102 -70.33 64.18 37.11
N THR B 103 -70.33 65.49 36.84
CA THR B 103 -70.56 65.98 35.49
C THR B 103 -69.71 67.20 35.19
N TYR B 104 -69.71 67.58 33.89
CA TYR B 104 -69.06 68.77 33.38
C TYR B 104 -70.03 69.56 32.49
N LYS B 105 -70.07 70.88 32.73
CA LYS B 105 -70.80 71.84 31.90
C LYS B 105 -69.78 72.73 31.22
N THR B 106 -69.78 72.77 29.89
CA THR B 106 -68.68 73.40 29.16
C THR B 106 -69.20 74.18 27.97
N ARG B 107 -68.94 75.49 27.99
CA ARG B 107 -69.30 76.40 26.91
C ARG B 107 -68.09 76.60 26.00
N ALA B 108 -68.32 76.68 24.69
CA ALA B 108 -67.23 76.87 23.75
C ALA B 108 -67.68 77.76 22.60
N GLU B 109 -66.81 78.69 22.20
CA GLU B 109 -67.08 79.55 21.07
C GLU B 109 -66.00 79.32 20.02
N VAL B 110 -66.41 78.90 18.82
CA VAL B 110 -65.48 78.53 17.75
C VAL B 110 -65.68 79.47 16.56
N LYS B 111 -64.58 79.94 16.00
CA LYS B 111 -64.59 80.91 14.91
C LYS B 111 -63.23 80.91 14.23
N PHE B 112 -63.12 81.75 13.20
CA PHE B 112 -61.83 82.15 12.65
C PHE B 112 -61.44 83.52 13.18
N GLU B 113 -60.17 83.68 13.51
CA GLU B 113 -59.59 84.95 13.94
C GLU B 113 -58.48 85.23 12.95
N GLY B 114 -58.72 86.17 12.03
CA GLY B 114 -57.85 86.31 10.89
C GLY B 114 -57.98 85.09 10.00
N ASP B 115 -56.96 84.23 10.04
CA ASP B 115 -57.04 82.89 9.45
C ASP B 115 -56.62 81.82 10.45
N THR B 116 -56.38 82.18 11.70
CA THR B 116 -56.03 81.24 12.76
C THR B 116 -57.32 80.78 13.44
N LEU B 117 -57.47 79.48 13.66
CA LEU B 117 -58.64 79.00 14.38
C LEU B 117 -58.35 79.02 15.87
N VAL B 118 -58.94 79.98 16.57
CA VAL B 118 -58.79 80.11 18.02
C VAL B 118 -60.08 79.65 18.68
N ASN B 119 -59.93 78.83 19.71
CA ASN B 119 -61.07 78.17 20.35
C ASN B 119 -61.05 78.46 21.84
N ARG B 120 -61.98 79.30 22.28
CA ARG B 120 -62.11 79.69 23.68
C ARG B 120 -63.19 78.86 24.35
N ILE B 121 -62.82 78.14 25.40
CA ILE B 121 -63.71 77.21 26.09
C ILE B 121 -63.64 77.47 27.58
N GLU B 122 -64.81 77.47 28.23
CA GLU B 122 -64.94 77.65 29.68
C GLU B 122 -65.65 76.44 30.24
N LEU B 123 -65.13 75.92 31.35
CA LEU B 123 -65.55 74.63 31.87
C LEU B 123 -65.85 74.71 33.36
N LYS B 124 -66.92 74.04 33.78
CA LYS B 124 -67.31 73.92 35.17
C LYS B 124 -67.62 72.46 35.45
N GLY B 125 -66.73 71.77 36.15
CA GLY B 125 -66.96 70.37 36.45
C GLY B 125 -67.14 70.10 37.92
N ILE B 126 -68.26 69.50 38.33
CA ILE B 126 -68.54 69.35 39.75
C ILE B 126 -69.17 67.98 39.99
N ASP B 127 -69.48 67.72 41.26
CA ASP B 127 -70.29 66.59 41.74
C ASP B 127 -69.51 65.27 41.76
N PHE B 128 -68.19 65.35 41.99
CA PHE B 128 -67.34 64.18 41.97
C PHE B 128 -66.90 63.80 43.38
N LYS B 129 -66.57 62.53 43.57
CA LYS B 129 -65.86 62.09 44.75
C LYS B 129 -64.36 62.15 44.47
N GLU B 130 -63.62 62.83 45.34
CA GLU B 130 -62.23 63.19 45.04
C GLU B 130 -61.24 62.10 45.43
N ASP B 131 -61.71 60.96 45.94
CA ASP B 131 -60.88 59.77 46.10
C ASP B 131 -61.36 58.64 45.21
N GLY B 132 -61.88 58.96 44.02
CA GLY B 132 -62.43 57.97 43.13
C GLY B 132 -61.42 57.47 42.12
N ASN B 133 -61.95 56.88 41.05
CA ASN B 133 -61.13 56.30 39.99
C ASN B 133 -61.14 57.12 38.71
N ILE B 134 -62.32 57.57 38.27
CA ILE B 134 -62.42 58.36 37.05
C ILE B 134 -61.49 59.57 37.12
N LEU B 135 -61.40 60.20 38.28
CA LEU B 135 -60.50 61.34 38.46
C LEU B 135 -59.24 60.99 39.21
N GLY B 136 -59.26 59.97 40.07
CA GLY B 136 -58.15 59.67 40.93
C GLY B 136 -57.02 58.92 40.28
N HIS B 137 -56.91 59.01 38.95
CA HIS B 137 -55.82 58.41 38.17
C HIS B 137 -55.77 56.89 38.40
N LYS B 138 -56.87 56.23 38.06
CA LYS B 138 -56.94 54.79 37.99
C LYS B 138 -57.18 54.29 36.58
N LEU B 139 -57.65 55.15 35.69
CA LEU B 139 -58.03 54.78 34.34
C LEU B 139 -56.79 54.70 33.45
N GLU B 140 -56.92 53.99 32.33
CA GLU B 140 -55.77 53.65 31.51
C GLU B 140 -55.51 54.74 30.46
N TYR B 141 -54.22 55.00 30.22
CA TYR B 141 -53.77 55.99 29.24
C TYR B 141 -53.86 55.35 27.86
N ASN B 142 -55.04 55.47 27.24
CA ASN B 142 -55.30 54.93 25.92
C ASN B 142 -56.45 55.71 25.29
N PHE B 143 -56.99 55.13 24.22
CA PHE B 143 -58.16 55.70 23.57
C PHE B 143 -58.73 54.64 22.63
N ASN B 144 -59.93 54.89 22.11
CA ASN B 144 -60.63 53.96 21.24
C ASN B 144 -61.40 54.73 20.16
N SER B 145 -61.85 54.00 19.14
CA SER B 145 -62.59 54.59 18.04
C SER B 145 -64.03 54.86 18.45
N HIS B 146 -64.54 56.04 18.08
CA HIS B 146 -65.85 56.45 18.56
C HIS B 146 -66.66 57.05 17.43
N ASN B 147 -67.94 57.32 17.73
CA ASN B 147 -68.88 57.88 16.79
C ASN B 147 -69.70 58.98 17.46
N VAL B 148 -70.14 59.94 16.66
CA VAL B 148 -70.97 61.05 17.11
C VAL B 148 -72.23 61.05 16.26
N TYR B 149 -73.40 61.23 16.91
CA TYR B 149 -74.64 61.38 16.19
C TYR B 149 -75.03 62.85 16.14
N ILE B 150 -75.15 63.40 14.94
CA ILE B 150 -75.58 64.78 14.77
C ILE B 150 -77.01 64.78 14.22
N THR B 151 -77.85 65.61 14.81
CA THR B 151 -79.26 65.71 14.49
C THR B 151 -79.62 67.16 14.22
N ALA B 152 -80.42 67.38 13.18
CA ALA B 152 -80.90 68.72 12.89
C ALA B 152 -81.78 69.23 14.03
N ASP B 153 -81.76 70.54 14.24
CA ASP B 153 -82.52 71.17 15.33
C ASP B 153 -83.04 72.49 14.80
N LYS B 154 -84.25 72.47 14.23
CA LYS B 154 -84.83 73.68 13.67
C LYS B 154 -85.21 74.69 14.75
N GLN B 155 -85.40 74.23 15.99
CA GLN B 155 -85.70 75.15 17.09
C GLN B 155 -84.57 76.14 17.29
N LYS B 156 -83.32 75.68 17.22
CA LYS B 156 -82.17 76.56 17.24
C LYS B 156 -81.56 76.72 15.87
N ASN B 157 -82.29 76.35 14.81
CA ASN B 157 -81.86 76.35 13.41
C ASN B 157 -80.39 75.91 13.26
N GLY B 158 -79.98 75.00 14.14
CA GLY B 158 -78.64 74.47 14.18
C GLY B 158 -78.70 72.96 14.36
N ILE B 159 -77.90 72.41 15.27
CA ILE B 159 -77.92 70.97 15.48
C ILE B 159 -77.73 70.62 16.95
N LYS B 160 -78.05 69.39 17.28
CA LYS B 160 -77.66 68.76 18.52
C LYS B 160 -76.69 67.62 18.19
N ALA B 161 -75.73 67.40 19.09
CA ALA B 161 -74.78 66.31 18.93
C ALA B 161 -74.77 65.48 20.19
N ASN B 162 -75.04 64.18 20.04
CA ASN B 162 -75.07 63.26 21.16
C ASN B 162 -74.14 62.09 20.86
N PHE B 163 -73.43 61.64 21.89
CA PHE B 163 -72.55 60.49 21.70
C PHE B 163 -72.17 59.92 23.06
N LYS B 164 -71.53 58.76 23.02
CA LYS B 164 -71.17 58.04 24.24
C LYS B 164 -69.74 57.56 24.09
N ILE B 165 -68.92 57.82 25.11
CA ILE B 165 -67.52 57.45 25.11
C ILE B 165 -67.29 56.40 26.19
N ARG B 166 -66.45 55.43 25.89
CA ARG B 166 -66.11 54.35 26.82
C ARG B 166 -64.60 54.41 27.07
N HIS B 167 -64.23 54.75 28.29
CA HIS B 167 -62.83 54.79 28.69
C HIS B 167 -62.53 53.58 29.55
N ASN B 168 -61.65 52.70 29.05
CA ASN B 168 -61.31 51.49 29.79
C ASN B 168 -60.38 51.82 30.94
N VAL B 169 -60.58 51.13 32.06
CA VAL B 169 -59.77 51.32 33.25
C VAL B 169 -58.68 50.23 33.25
N GLU B 170 -57.62 50.47 34.02
CA GLU B 170 -56.47 49.58 34.00
C GLU B 170 -56.83 48.18 34.49
N ASP B 171 -58.06 47.98 34.96
CA ASP B 171 -58.52 46.67 35.42
C ASP B 171 -59.74 46.19 34.65
N GLY B 172 -59.77 46.43 33.34
CA GLY B 172 -60.81 45.90 32.47
C GLY B 172 -62.11 46.67 32.48
N SER B 173 -62.47 47.29 33.60
CA SER B 173 -63.74 48.00 33.68
C SER B 173 -63.70 49.25 32.78
N VAL B 174 -64.88 49.75 32.46
CA VAL B 174 -65.05 50.86 31.53
C VAL B 174 -65.92 51.92 32.18
N GLN B 175 -65.73 53.16 31.76
CA GLN B 175 -66.55 54.28 32.18
C GLN B 175 -67.24 54.84 30.94
N LEU B 176 -68.56 54.95 30.99
CA LEU B 176 -69.35 55.41 29.85
C LEU B 176 -69.85 56.83 30.10
N ALA B 177 -69.16 57.80 29.51
CA ALA B 177 -69.53 59.21 29.61
C ALA B 177 -70.45 59.55 28.44
N ASP B 178 -71.64 60.05 28.75
CA ASP B 178 -72.60 60.47 27.75
C ASP B 178 -72.47 61.98 27.52
N HIS B 179 -72.36 62.37 26.26
CA HIS B 179 -72.11 63.76 25.89
C HIS B 179 -73.27 64.29 25.07
N TYR B 180 -73.81 65.43 25.50
CA TYR B 180 -74.76 66.23 24.74
C TYR B 180 -74.10 67.55 24.39
N GLN B 181 -74.52 68.15 23.27
CA GLN B 181 -74.12 69.53 23.00
C GLN B 181 -75.05 70.16 21.99
N GLN B 182 -75.32 71.45 22.18
CA GLN B 182 -76.12 72.26 21.29
C GLN B 182 -75.18 73.13 20.46
N ASN B 183 -75.31 73.06 19.13
CA ASN B 183 -74.50 73.82 18.20
C ASN B 183 -75.38 74.84 17.49
N THR B 184 -75.02 76.13 17.64
CA THR B 184 -75.82 77.22 17.07
C THR B 184 -74.92 78.27 16.45
N PRO B 185 -75.25 78.75 15.26
CA PRO B 185 -74.41 79.77 14.62
C PRO B 185 -74.75 81.17 15.11
N ILE B 186 -73.74 82.03 15.08
CA ILE B 186 -73.91 83.39 15.59
C ILE B 186 -74.75 84.25 14.64
N GLY B 187 -74.68 84.01 13.34
CA GLY B 187 -75.39 84.84 12.39
C GLY B 187 -76.73 84.25 11.99
N ASP B 188 -77.61 85.13 11.52
CA ASP B 188 -78.95 84.77 11.08
C ASP B 188 -78.99 84.24 9.66
N GLY B 189 -77.84 84.09 9.01
CA GLY B 189 -77.78 83.66 7.63
C GLY B 189 -78.29 82.24 7.43
N PRO B 190 -78.38 81.83 6.16
CA PRO B 190 -78.82 80.46 5.87
C PRO B 190 -77.69 79.46 6.04
N VAL B 191 -77.89 78.53 6.98
CA VAL B 191 -76.92 77.47 7.26
C VAL B 191 -77.50 76.16 6.78
N LEU B 192 -76.66 75.37 6.13
CA LEU B 192 -77.06 74.12 5.49
C LEU B 192 -77.52 73.15 6.56
N LEU B 193 -78.65 72.49 6.32
CA LEU B 193 -79.30 71.70 7.35
C LEU B 193 -78.99 70.21 7.16
N PRO B 194 -78.22 69.59 8.04
CA PRO B 194 -77.95 68.16 7.92
C PRO B 194 -78.99 67.32 8.66
N ASP B 195 -79.46 66.29 7.96
CA ASP B 195 -80.27 65.29 8.63
C ASP B 195 -79.39 64.49 9.59
N ASN B 196 -80.05 63.75 10.49
CA ASN B 196 -79.33 63.00 11.52
C ASN B 196 -78.45 61.94 10.85
N HIS B 197 -77.15 61.99 11.14
CA HIS B 197 -76.25 60.94 10.68
C HIS B 197 -75.08 60.86 11.67
N TYR B 198 -74.05 60.11 11.31
CA TYR B 198 -73.00 59.78 12.27
C TYR B 198 -71.66 60.28 11.78
N LEU B 199 -70.68 60.18 12.66
CA LEU B 199 -69.34 60.68 12.42
C LEU B 199 -68.33 59.85 13.19
N SER B 200 -67.45 59.17 12.46
CA SER B 200 -66.45 58.29 13.05
C SER B 200 -65.19 59.09 13.34
N THR B 201 -64.50 58.69 14.41
CA THR B 201 -63.35 59.42 14.93
C THR B 201 -62.34 58.45 15.50
N GLN B 202 -61.06 58.65 15.15
CA GLN B 202 -59.95 57.90 15.71
C GLN B 202 -58.88 58.88 16.14
N SER B 203 -58.10 58.50 17.15
CA SER B 203 -57.03 59.37 17.61
C SER B 203 -55.97 58.55 18.33
N ALA B 204 -54.82 59.18 18.55
CA ALA B 204 -53.68 58.55 19.18
C ALA B 204 -52.94 59.58 20.03
N LEU B 205 -52.52 59.13 21.21
CA LEU B 205 -51.92 59.94 22.25
C LEU B 205 -50.49 59.51 22.47
N SER B 206 -49.61 60.49 22.71
CA SER B 206 -48.19 60.22 22.89
C SER B 206 -47.54 61.38 23.63
N LYS B 207 -46.23 61.26 23.83
CA LYS B 207 -45.43 62.22 24.59
C LYS B 207 -44.30 62.75 23.73
N ASP B 208 -43.87 63.97 24.03
CA ASP B 208 -42.58 64.44 23.54
C ASP B 208 -41.49 63.89 24.47
N PRO B 209 -40.35 63.45 23.94
CA PRO B 209 -39.35 62.81 24.80
C PRO B 209 -38.55 63.79 25.63
N ASN B 210 -38.48 65.06 25.24
CA ASN B 210 -37.58 66.02 25.86
C ASN B 210 -38.29 67.30 26.33
N GLU B 211 -39.51 67.17 26.84
CA GLU B 211 -40.22 68.31 27.44
C GLU B 211 -40.52 68.02 28.90
N LYS B 212 -40.13 68.94 29.78
CA LYS B 212 -40.20 68.70 31.21
C LYS B 212 -41.52 69.13 31.83
N ARG B 213 -42.37 69.82 31.08
CA ARG B 213 -43.69 70.17 31.59
C ARG B 213 -44.64 68.98 31.48
N ASP B 214 -45.91 69.24 31.76
CA ASP B 214 -46.94 68.25 31.45
C ASP B 214 -47.45 68.45 30.02
N HIS B 215 -47.22 67.45 29.18
CA HIS B 215 -47.55 67.57 27.76
C HIS B 215 -48.43 66.40 27.37
N MET B 216 -49.16 66.59 26.27
CA MET B 216 -49.97 65.52 25.71
C MET B 216 -50.10 65.77 24.22
N VAL B 217 -49.44 64.94 23.41
CA VAL B 217 -49.43 65.07 21.96
C VAL B 217 -50.51 64.14 21.42
N LEU B 218 -51.27 64.61 20.42
CA LEU B 218 -52.39 63.82 19.93
C LEU B 218 -52.64 64.11 18.45
N LEU B 219 -52.74 63.04 17.66
CA LEU B 219 -53.10 63.16 16.26
C LEU B 219 -54.36 62.35 16.00
N GLU B 220 -55.21 62.80 15.08
CA GLU B 220 -56.55 62.27 14.99
C GLU B 220 -57.15 62.45 13.61
N PHE B 221 -57.99 61.49 13.22
CA PHE B 221 -58.68 61.47 11.94
C PHE B 221 -60.16 61.38 12.21
N VAL B 222 -60.92 62.30 11.60
CA VAL B 222 -62.35 62.44 11.87
C VAL B 222 -63.08 62.59 10.55
N THR B 223 -64.13 61.80 10.35
CA THR B 223 -64.89 61.92 9.11
C THR B 223 -66.28 61.36 9.33
N ALA B 224 -67.24 61.94 8.61
CA ALA B 224 -68.66 61.69 8.83
C ALA B 224 -69.26 60.86 7.70
N ALA B 225 -70.46 60.34 7.98
CA ALA B 225 -71.25 59.59 7.00
C ALA B 225 -72.65 59.43 7.55
N GLY B 226 -73.45 58.61 6.88
CA GLY B 226 -74.80 58.29 7.31
C GLY B 226 -75.81 58.19 6.19
N ILE B 227 -75.50 58.72 5.03
CA ILE B 227 -76.38 58.65 3.88
C ILE B 227 -75.88 57.57 2.95
N THR B 228 -76.78 56.68 2.52
CA THR B 228 -76.42 55.66 1.55
C THR B 228 -76.72 56.19 0.16
N HIS B 229 -75.83 57.04 -0.35
CA HIS B 229 -76.03 57.72 -1.62
C HIS B 229 -75.53 56.86 -2.78
N HIS B 230 -75.90 57.28 -3.99
CA HIS B 230 -75.60 56.53 -5.20
C HIS B 230 -74.11 56.40 -5.46
N GLY C 54 1.52 51.25 66.84
CA GLY C 54 0.16 50.91 66.45
C GLY C 54 -0.60 52.07 65.85
N LYS C 55 -0.46 53.24 66.46
CA LYS C 55 -1.09 54.46 66.00
C LYS C 55 -0.21 55.69 66.13
N GLU C 56 0.83 55.63 66.97
CA GLU C 56 1.67 56.79 67.25
C GLU C 56 2.58 57.18 66.09
N LEU C 57 2.58 56.43 64.99
CA LEU C 57 3.45 56.79 63.86
C LEU C 57 2.82 57.85 62.98
N LEU C 58 1.49 57.91 62.95
CA LEU C 58 0.82 58.77 61.97
C LEU C 58 1.04 60.25 62.27
N GLU C 59 1.03 60.63 63.55
CA GLU C 59 1.23 62.03 63.88
C GLU C 59 2.66 62.46 63.57
N ALA C 60 3.61 61.53 63.69
CA ALA C 60 4.99 61.84 63.33
C ALA C 60 5.15 61.95 61.82
N ALA C 61 4.40 61.14 61.06
CA ALA C 61 4.37 61.33 59.61
C ALA C 61 3.77 62.67 59.24
N ARG C 62 2.71 63.07 59.93
CA ARG C 62 2.04 64.33 59.64
C ARG C 62 2.93 65.52 59.98
N ALA C 63 3.63 65.47 61.11
CA ALA C 63 4.54 66.54 61.49
C ALA C 63 5.83 66.54 60.67
N GLY C 64 6.02 65.55 59.80
CA GLY C 64 7.25 65.45 59.05
C GLY C 64 8.43 64.92 59.83
N GLN C 65 8.18 64.23 60.94
CA GLN C 65 9.26 63.68 61.77
C GLN C 65 9.81 62.42 61.11
N ASP C 66 10.63 62.63 60.08
CA ASP C 66 11.16 61.50 59.33
C ASP C 66 12.01 60.60 60.21
N ASP C 67 12.80 61.17 61.11
CA ASP C 67 13.63 60.36 61.98
C ASP C 67 12.80 59.60 63.01
N GLU C 68 11.71 60.21 63.48
CA GLU C 68 10.87 59.51 64.45
C GLU C 68 10.17 58.32 63.81
N VAL C 69 9.55 58.51 62.64
CA VAL C 69 8.93 57.38 61.96
C VAL C 69 9.98 56.35 61.55
N ALA C 70 11.20 56.80 61.27
CA ALA C 70 12.28 55.86 61.00
C ALA C 70 12.53 54.95 62.21
N VAL C 71 12.81 55.55 63.37
CA VAL C 71 13.19 54.74 64.53
C VAL C 71 12.00 53.94 65.04
N LEU C 72 10.78 54.42 64.79
CA LEU C 72 9.60 53.71 65.29
C LEU C 72 9.13 52.63 64.32
N MET C 73 9.49 52.72 63.05
CA MET C 73 9.21 51.66 62.10
C MET C 73 10.31 50.60 62.11
N ALA C 74 11.54 50.97 62.47
CA ALA C 74 12.57 49.98 62.74
C ALA C 74 12.07 48.97 63.76
N ARG C 75 11.57 49.47 64.88
CA ARG C 75 10.79 48.64 65.80
C ARG C 75 9.47 48.26 65.15
N GLY C 76 9.05 47.02 65.37
CA GLY C 76 7.83 46.51 64.77
C GLY C 76 6.62 47.39 64.98
N ALA C 77 6.13 47.99 63.89
CA ALA C 77 5.02 48.93 63.96
C ALA C 77 4.07 48.67 62.80
N GLU C 78 2.85 49.18 62.92
CA GLU C 78 1.86 49.00 61.87
C GLU C 78 2.17 49.90 60.68
N VAL C 79 2.48 49.30 59.54
CA VAL C 79 2.74 50.09 58.35
C VAL C 79 1.46 50.41 57.58
N ASN C 80 0.57 49.44 57.39
CA ASN C 80 -0.69 49.65 56.68
C ASN C 80 -1.82 50.03 57.62
N ALA C 81 -1.59 51.06 58.42
CA ALA C 81 -2.55 51.49 59.43
C ALA C 81 -3.75 52.17 58.78
N ALA C 82 -4.93 51.65 59.10
CA ALA C 82 -6.19 52.28 58.75
C ALA C 82 -6.66 53.07 59.97
N ASP C 83 -6.98 54.35 59.76
CA ASP C 83 -7.21 55.26 60.86
C ASP C 83 -8.68 55.65 60.95
N ASP C 84 -8.94 56.62 61.83
CA ASP C 84 -10.29 57.04 62.20
C ASP C 84 -11.13 57.50 61.01
N VAL C 85 -10.52 57.85 59.88
CA VAL C 85 -11.29 58.18 58.69
C VAL C 85 -10.69 57.42 57.50
N GLY C 86 -9.69 56.59 57.77
CA GLY C 86 -9.14 55.74 56.74
C GLY C 86 -7.92 56.32 56.07
N VAL C 87 -7.22 57.19 56.78
CA VAL C 87 -6.06 57.91 56.25
C VAL C 87 -4.83 57.15 56.73
N THR C 88 -4.15 56.50 55.79
CA THR C 88 -2.93 55.77 56.11
C THR C 88 -1.77 56.78 56.18
N PRO C 89 -0.74 56.48 56.99
CA PRO C 89 0.45 57.35 57.00
C PRO C 89 0.98 57.73 55.62
N LEU C 90 0.76 56.89 54.61
CA LEU C 90 1.20 57.25 53.27
C LEU C 90 0.39 58.42 52.72
N HIS C 91 -0.92 58.45 52.99
CA HIS C 91 -1.75 59.56 52.53
C HIS C 91 -1.27 60.88 53.11
N LEU C 92 -1.06 60.94 54.42
CA LEU C 92 -0.58 62.15 55.08
C LEU C 92 0.86 62.48 54.72
N ALA C 93 1.66 61.47 54.38
CA ALA C 93 3.02 61.70 53.92
C ALA C 93 3.06 62.23 52.50
N ALA C 94 2.00 62.00 51.73
CA ALA C 94 1.88 62.54 50.39
C ALA C 94 1.25 63.93 50.35
N GLN C 95 0.25 64.18 51.22
CA GLN C 95 -0.35 65.51 51.29
C GLN C 95 0.72 66.58 51.53
N ARG C 96 1.45 66.46 52.63
CA ARG C 96 2.64 67.26 52.83
C ARG C 96 3.77 66.70 51.97
N GLY C 97 4.71 67.57 51.61
CA GLY C 97 5.80 67.11 50.77
C GLY C 97 6.93 66.51 51.57
N HIS C 98 6.94 65.19 51.69
CA HIS C 98 7.92 64.49 52.52
C HIS C 98 8.32 63.22 51.77
N LEU C 99 9.39 63.32 50.98
CA LEU C 99 9.85 62.20 50.17
C LEU C 99 10.48 61.09 51.01
N ALA C 100 11.25 61.45 52.04
CA ALA C 100 11.92 60.45 52.85
C ALA C 100 10.91 59.54 53.55
N ILE C 101 9.81 60.11 54.01
CA ILE C 101 8.83 59.32 54.74
C ILE C 101 8.14 58.33 53.80
N VAL C 102 7.78 58.77 52.60
CA VAL C 102 7.11 57.84 51.68
C VAL C 102 8.10 56.78 51.20
N SER C 103 9.38 57.12 51.10
CA SER C 103 10.36 56.11 50.72
C SER C 103 10.50 55.05 51.79
N VAL C 104 10.67 55.47 53.04
CA VAL C 104 10.84 54.50 54.13
C VAL C 104 9.54 53.78 54.43
N LEU C 105 8.41 54.32 53.98
CA LEU C 105 7.15 53.60 54.13
C LEU C 105 6.94 52.58 53.03
N LEU C 106 7.27 52.93 51.78
CA LEU C 106 7.21 51.96 50.70
C LEU C 106 8.15 50.80 50.93
N ALA C 107 9.38 51.08 51.38
CA ALA C 107 10.33 50.00 51.63
C ALA C 107 9.81 49.03 52.68
N PHE C 108 9.05 49.52 53.65
CA PHE C 108 8.52 48.67 54.71
C PHE C 108 7.18 48.03 54.35
N GLY C 109 6.72 48.15 53.12
CA GLY C 109 5.55 47.41 52.71
C GLY C 109 4.23 48.15 52.83
N ALA C 110 4.19 49.38 52.33
CA ALA C 110 2.93 50.11 52.28
C ALA C 110 2.21 49.82 50.96
N SER C 111 0.91 50.11 50.95
CA SER C 111 0.12 49.91 49.74
C SER C 111 -0.07 51.25 49.05
N VAL C 112 0.35 51.34 47.78
CA VAL C 112 0.18 52.58 47.02
C VAL C 112 -1.27 52.83 46.67
N ASN C 113 -2.08 51.79 46.51
CA ASN C 113 -3.51 51.93 46.25
C ASN C 113 -4.26 51.65 47.54
N ALA C 114 -4.61 52.70 48.27
CA ALA C 114 -5.25 52.56 49.57
C ALA C 114 -6.55 53.34 49.57
N ALA C 115 -7.65 52.61 49.48
CA ALA C 115 -8.97 53.20 49.23
C ALA C 115 -9.41 53.97 50.47
N ASP C 116 -9.16 55.28 50.46
CA ASP C 116 -9.60 56.16 51.52
C ASP C 116 -11.13 56.13 51.63
N LEU C 117 -11.63 56.57 52.79
CA LEU C 117 -13.07 56.61 53.00
C LEU C 117 -13.76 57.55 52.03
N TRP C 118 -13.02 58.51 51.46
CA TRP C 118 -13.56 59.41 50.46
C TRP C 118 -13.27 58.96 49.03
N GLY C 119 -12.47 57.92 48.85
CA GLY C 119 -12.12 57.45 47.53
C GLY C 119 -10.78 57.92 47.04
N GLN C 120 -9.97 58.57 47.88
CA GLN C 120 -8.68 59.07 47.45
C GLN C 120 -7.60 58.02 47.65
N THR C 121 -6.44 58.31 47.07
CA THR C 121 -5.27 57.46 46.99
C THR C 121 -4.09 58.42 47.12
N PRO C 122 -2.93 58.00 47.65
CA PRO C 122 -1.81 58.94 47.75
C PRO C 122 -1.46 59.63 46.45
N LEU C 123 -1.70 58.99 45.30
CA LEU C 123 -1.47 59.64 44.02
C LEU C 123 -2.41 60.82 43.81
N HIS C 124 -3.67 60.69 44.25
CA HIS C 124 -4.61 61.80 44.13
C HIS C 124 -4.12 63.02 44.89
N LEU C 125 -3.86 62.86 46.18
CA LEU C 125 -3.41 63.96 47.01
C LEU C 125 -2.05 64.50 46.58
N ALA C 126 -1.14 63.64 46.13
CA ALA C 126 0.16 64.09 45.67
C ALA C 126 0.07 64.88 44.38
N ALA C 127 -0.77 64.45 43.44
CA ALA C 127 -0.96 65.21 42.21
C ALA C 127 -1.66 66.52 42.49
N THR C 128 -2.59 66.55 43.45
CA THR C 128 -3.24 67.80 43.81
C THR C 128 -2.28 68.77 44.48
N ALA C 129 -1.41 68.27 45.36
CA ALA C 129 -0.51 69.15 46.09
C ALA C 129 0.47 69.85 45.15
N GLY C 130 1.30 69.08 44.44
CA GLY C 130 2.23 69.66 43.50
C GLY C 130 3.65 69.16 43.61
N HIS C 131 3.85 68.10 44.38
CA HIS C 131 5.20 67.57 44.59
C HIS C 131 5.50 66.51 43.53
N LEU C 132 6.49 66.79 42.69
CA LEU C 132 6.76 65.93 41.54
C LEU C 132 7.49 64.66 41.94
N GLU C 133 8.46 64.76 42.85
CA GLU C 133 9.25 63.60 43.24
C GLU C 133 8.39 62.50 43.85
N ILE C 134 7.42 62.88 44.67
CA ILE C 134 6.52 61.88 45.23
C ILE C 134 5.69 61.22 44.14
N VAL C 135 5.22 62.01 43.17
CA VAL C 135 4.47 61.44 42.06
C VAL C 135 5.32 60.43 41.31
N GLU C 136 6.59 60.74 41.05
CA GLU C 136 7.45 59.81 40.33
C GLU C 136 7.66 58.53 41.13
N VAL C 137 8.01 58.65 42.42
CA VAL C 137 8.32 57.45 43.19
C VAL C 137 7.06 56.62 43.43
N LEU C 138 5.89 57.24 43.34
CA LEU C 138 4.65 56.46 43.46
C LEU C 138 4.31 55.78 42.15
N LEU C 139 4.52 56.46 41.03
CA LEU C 139 4.25 55.86 39.73
C LEU C 139 5.18 54.68 39.45
N ARG C 140 6.43 54.78 39.90
CA ARG C 140 7.36 53.68 39.72
C ARG C 140 7.05 52.50 40.65
N SER C 141 6.29 52.72 41.71
CA SER C 141 6.00 51.67 42.68
C SER C 141 4.69 50.94 42.38
N GLY C 142 3.93 51.37 41.39
CA GLY C 142 2.70 50.70 41.02
C GLY C 142 1.42 51.46 41.28
N ALA C 143 1.46 52.78 41.37
CA ALA C 143 0.23 53.54 41.54
C ALA C 143 -0.57 53.52 40.24
N SER C 144 -1.89 53.44 40.38
CA SER C 144 -2.78 53.35 39.23
C SER C 144 -3.23 54.73 38.79
N VAL C 145 -2.81 55.12 37.58
CA VAL C 145 -3.09 56.44 37.05
C VAL C 145 -4.56 56.67 36.75
N ASN C 146 -5.38 55.63 36.73
CA ASN C 146 -6.78 55.76 36.36
C ASN C 146 -7.69 55.26 37.46
N ALA C 147 -7.39 55.64 38.69
CA ALA C 147 -8.28 55.38 39.82
C ALA C 147 -9.23 56.56 40.00
N ARG C 148 -10.43 56.28 40.47
CA ARG C 148 -11.49 57.27 40.53
C ARG C 148 -11.80 57.66 41.96
N ASP C 149 -12.29 58.90 42.12
CA ASP C 149 -12.90 59.38 43.35
C ASP C 149 -14.37 58.96 43.40
N ASN C 150 -15.11 59.58 44.32
CA ASN C 150 -16.56 59.47 44.25
C ASN C 150 -17.12 60.40 43.19
N ILE C 151 -16.60 61.62 43.10
CA ILE C 151 -16.93 62.48 41.97
C ILE C 151 -16.52 61.85 40.65
N GLY C 152 -15.51 60.97 40.66
CA GLY C 152 -15.01 60.35 39.45
C GLY C 152 -13.70 60.91 38.96
N HIS C 153 -13.07 61.81 39.70
CA HIS C 153 -11.84 62.44 39.24
C HIS C 153 -10.70 61.42 39.18
N THR C 154 -9.87 61.55 38.15
CA THR C 154 -8.63 60.81 38.05
C THR C 154 -7.46 61.73 38.36
N PRO C 155 -6.29 61.19 38.69
CA PRO C 155 -5.17 62.07 39.05
C PRO C 155 -4.87 63.14 38.02
N LEU C 156 -5.23 62.92 36.75
CA LEU C 156 -4.98 63.94 35.73
C LEU C 156 -6.00 65.07 35.84
N HIS C 157 -7.25 64.75 36.22
CA HIS C 157 -8.22 65.80 36.52
C HIS C 157 -7.65 66.78 37.53
N LEU C 158 -7.09 66.28 38.63
CA LEU C 158 -6.55 67.13 39.66
C LEU C 158 -5.28 67.83 39.22
N ALA C 159 -4.43 67.13 38.46
CA ALA C 159 -3.23 67.77 37.94
C ALA C 159 -3.57 68.93 37.02
N ALA C 160 -4.67 68.83 36.27
CA ALA C 160 -5.09 69.92 35.39
C ALA C 160 -5.79 71.04 36.15
N TRP C 161 -6.61 70.70 37.14
CA TRP C 161 -7.23 71.73 37.96
C TRP C 161 -6.19 72.56 38.69
N ALA C 162 -5.25 71.89 39.39
CA ALA C 162 -4.29 72.61 40.21
C ALA C 162 -3.35 73.46 39.37
N GLY C 163 -3.05 73.03 38.15
CA GLY C 163 -2.15 73.76 37.29
C GLY C 163 -0.71 73.32 37.31
N HIS C 164 -0.44 72.03 37.43
CA HIS C 164 0.92 71.52 37.55
C HIS C 164 1.34 70.90 36.22
N LEU C 165 2.20 71.60 35.48
CA LEU C 165 2.53 71.18 34.12
C LEU C 165 3.38 69.92 34.12
N GLU C 166 4.45 69.91 34.91
CA GLU C 166 5.37 68.77 34.92
C GLU C 166 4.68 67.51 35.41
N ILE C 167 3.78 67.64 36.38
CA ILE C 167 3.02 66.48 36.84
C ILE C 167 2.08 66.00 35.74
N VAL C 168 1.50 66.93 34.99
CA VAL C 168 0.68 66.53 33.85
C VAL C 168 1.49 65.74 32.84
N GLU C 169 2.72 66.17 32.59
CA GLU C 169 3.58 65.44 31.67
C GLU C 169 3.89 64.04 32.17
N VAL C 170 4.32 63.90 33.41
CA VAL C 170 4.68 62.58 33.91
C VAL C 170 3.46 61.67 33.98
N LEU C 171 2.27 62.24 34.23
CA LEU C 171 1.07 61.43 34.23
C LEU C 171 0.66 61.01 32.84
N LEU C 172 0.92 61.85 31.83
CA LEU C 172 0.62 61.46 30.45
C LEU C 172 1.58 60.42 29.93
N ALA C 173 2.83 60.43 30.38
CA ALA C 173 3.79 59.41 30.01
C ALA C 173 3.45 58.03 30.56
N TYR C 174 2.71 57.95 31.66
CA TYR C 174 2.45 56.68 32.33
C TYR C 174 1.08 56.10 31.99
N GLY C 175 0.35 56.71 31.06
CA GLY C 175 -0.86 56.12 30.55
C GLY C 175 -2.16 56.76 30.99
N ALA C 176 -2.12 57.97 31.55
CA ALA C 176 -3.35 58.69 31.80
C ALA C 176 -3.98 59.11 30.49
N ASP C 177 -5.29 58.90 30.38
CA ASP C 177 -6.04 59.19 29.16
C ASP C 177 -6.58 60.61 29.22
N VAL C 178 -6.62 61.28 28.06
CA VAL C 178 -6.97 62.69 28.07
C VAL C 178 -8.47 62.91 28.06
N PHE C 179 -9.23 62.08 27.34
CA PHE C 179 -10.69 62.23 27.38
C PHE C 179 -11.34 61.23 28.31
N ALA C 180 -11.11 61.38 29.60
CA ALA C 180 -11.86 60.66 30.62
C ALA C 180 -12.76 61.65 31.33
N GLN C 181 -13.93 61.18 31.77
CA GLN C 181 -14.90 62.07 32.36
C GLN C 181 -15.11 61.74 33.84
N ASP C 182 -15.67 62.70 34.56
CA ASP C 182 -16.16 62.50 35.92
C ASP C 182 -17.67 62.34 35.87
N LYS C 183 -18.29 62.18 37.04
CA LYS C 183 -19.74 62.03 37.08
C LYS C 183 -20.46 63.20 36.43
N PHE C 184 -19.92 64.41 36.58
CA PHE C 184 -20.58 65.58 36.04
C PHE C 184 -20.25 65.84 34.57
N GLY C 185 -19.43 65.00 33.96
CA GLY C 185 -19.26 65.02 32.51
C GLY C 185 -18.04 65.76 31.99
N LYS C 186 -17.14 66.20 32.85
CA LYS C 186 -16.01 67.02 32.41
C LYS C 186 -14.75 66.19 32.23
N THR C 187 -13.95 66.59 31.25
CA THR C 187 -12.64 66.05 30.94
C THR C 187 -11.57 67.00 31.47
N PRO C 188 -10.34 66.51 31.69
CA PRO C 188 -9.28 67.39 32.20
C PRO C 188 -9.13 68.69 31.44
N PHE C 189 -9.40 68.69 30.13
CA PHE C 189 -9.34 69.92 29.37
C PHE C 189 -10.37 70.94 29.84
N ASP C 190 -11.52 70.47 30.30
CA ASP C 190 -12.54 71.39 30.80
C ASP C 190 -12.13 72.00 32.13
N LEU C 191 -11.67 71.17 33.07
CA LEU C 191 -11.16 71.71 34.32
C LEU C 191 -9.96 72.62 34.09
N ALA C 192 -9.27 72.44 32.96
CA ALA C 192 -8.14 73.31 32.66
C ALA C 192 -8.60 74.64 32.08
N ILE C 193 -9.66 74.64 31.28
CA ILE C 193 -10.07 75.88 30.62
C ILE C 193 -10.99 76.70 31.49
N ASP C 194 -11.65 76.09 32.48
CA ASP C 194 -12.51 76.86 33.37
C ASP C 194 -11.78 77.40 34.59
N ASN C 195 -10.45 77.30 34.64
CA ASN C 195 -9.67 77.74 35.77
C ASN C 195 -8.50 78.63 35.37
N GLY C 196 -8.43 79.04 34.11
CA GLY C 196 -7.35 79.88 33.67
C GLY C 196 -6.00 79.19 33.52
N ASN C 197 -5.89 77.92 33.89
CA ASN C 197 -4.68 77.16 33.62
C ASN C 197 -4.52 77.00 32.12
N GLU C 198 -3.55 77.73 31.55
CA GLU C 198 -3.49 77.93 30.11
C GLU C 198 -2.74 76.85 29.36
N ASP C 199 -1.59 76.39 29.85
CA ASP C 199 -0.75 75.53 29.03
C ASP C 199 -1.15 74.07 29.17
N ILE C 200 -1.70 73.69 30.32
CA ILE C 200 -2.34 72.38 30.43
C ILE C 200 -3.34 72.22 29.31
N ALA C 201 -4.17 73.24 29.10
CA ALA C 201 -5.15 73.22 28.02
C ALA C 201 -4.49 73.05 26.66
N GLU C 202 -3.36 73.72 26.42
CA GLU C 202 -2.73 73.62 25.11
C GLU C 202 -2.15 72.23 24.86
N VAL C 203 -1.42 71.69 25.82
CA VAL C 203 -0.82 70.37 25.63
C VAL C 203 -1.85 69.26 25.68
N LEU C 204 -3.05 69.51 26.19
CA LEU C 204 -4.09 68.50 26.08
C LEU C 204 -4.89 68.64 24.79
N GLN C 205 -5.04 69.87 24.30
CA GLN C 205 -5.68 70.10 23.01
C GLN C 205 -4.87 69.50 21.88
N ARG C 206 -3.54 69.59 21.96
CA ARG C 206 -2.72 68.97 20.92
C ARG C 206 -2.98 67.48 20.81
N LEU C 207 -3.16 66.80 21.96
CA LEU C 207 -3.37 65.35 21.93
C LEU C 207 -4.78 65.01 21.45
N LEU C 208 -5.78 65.74 21.93
CA LEU C 208 -7.13 65.54 21.41
C LEU C 208 -7.16 65.69 19.89
N GLU C 209 -6.45 66.69 19.37
CA GLU C 209 -6.44 66.93 17.94
C GLU C 209 -5.68 65.85 17.19
N CYS C 210 -4.57 65.36 17.73
CA CYS C 210 -3.86 64.26 17.08
C CYS C 210 -4.76 63.04 16.94
N ARG C 211 -5.47 62.68 18.01
CA ARG C 211 -6.34 61.51 17.91
C ARG C 211 -7.47 61.72 16.91
N ARG C 212 -8.10 62.89 16.93
CA ARG C 212 -9.18 63.18 15.98
C ARG C 212 -8.69 63.11 14.54
N ASP C 213 -7.52 63.68 14.25
CA ASP C 213 -7.01 63.72 12.89
C ASP C 213 -6.60 62.34 12.38
N ALA C 214 -6.00 61.51 13.25
CA ALA C 214 -5.68 60.17 12.81
C ALA C 214 -6.94 59.37 12.49
N GLU C 215 -7.98 59.51 13.32
CA GLU C 215 -9.24 58.85 13.02
C GLU C 215 -9.79 59.27 11.66
N ALA C 216 -9.82 60.58 11.40
CA ALA C 216 -10.31 61.08 10.13
C ALA C 216 -9.51 60.58 8.94
N ALA C 217 -8.18 60.57 9.03
CA ALA C 217 -7.36 60.09 7.92
C ALA C 217 -7.56 58.60 7.65
N ILE C 218 -7.76 57.79 8.68
CA ILE C 218 -8.02 56.37 8.42
C ILE C 218 -9.36 56.18 7.74
N ASN C 219 -10.37 56.97 8.13
CA ASN C 219 -11.64 56.89 7.40
C ASN C 219 -11.48 57.26 5.94
N TYR C 220 -10.72 58.31 5.65
CA TYR C 220 -10.53 58.72 4.26
C TYR C 220 -9.78 57.65 3.46
N GLN C 221 -8.84 56.96 4.08
CA GLN C 221 -8.15 55.89 3.37
C GLN C 221 -9.06 54.71 3.08
N ILE C 222 -9.97 54.39 4.00
CA ILE C 222 -10.95 53.35 3.72
C ILE C 222 -11.78 53.71 2.49
N ASN C 223 -12.27 54.95 2.44
CA ASN C 223 -13.06 55.36 1.28
C ASN C 223 -12.25 55.32 -0.01
N LEU C 224 -10.97 55.71 0.04
CA LEU C 224 -10.16 55.72 -1.17
C LEU C 224 -9.91 54.32 -1.70
N GLU C 225 -9.69 53.34 -0.82
CA GLU C 225 -9.50 51.98 -1.33
C GLU C 225 -10.80 51.39 -1.86
N LEU C 226 -11.94 51.71 -1.25
CA LEU C 226 -13.21 51.25 -1.83
C LEU C 226 -13.45 51.84 -3.21
N TYR C 227 -13.11 53.11 -3.40
CA TYR C 227 -13.22 53.72 -4.72
C TYR C 227 -12.29 53.06 -5.74
N ALA C 228 -11.06 52.77 -5.35
CA ALA C 228 -10.16 52.08 -6.28
C ALA C 228 -10.69 50.71 -6.67
N SER C 229 -11.26 49.98 -5.72
CA SER C 229 -11.86 48.68 -6.04
C SER C 229 -12.98 48.81 -7.06
N TYR C 230 -13.82 49.83 -6.91
CA TYR C 230 -14.90 50.08 -7.86
C TYR C 230 -14.35 50.43 -9.25
N VAL C 231 -13.29 51.24 -9.31
CA VAL C 231 -12.70 51.60 -10.60
C VAL C 231 -12.16 50.37 -11.31
N TYR C 232 -11.51 49.47 -10.58
CA TYR C 232 -10.99 48.26 -11.20
C TYR C 232 -12.11 47.35 -11.68
N LEU C 233 -13.22 47.29 -10.96
CA LEU C 233 -14.36 46.49 -11.44
C LEU C 233 -14.89 47.02 -12.76
N SER C 234 -15.02 48.34 -12.87
CA SER C 234 -15.42 48.95 -14.14
C SER C 234 -14.43 48.59 -15.26
N MET C 235 -13.13 48.81 -15.02
CA MET C 235 -12.12 48.44 -16.00
C MET C 235 -12.24 46.99 -16.45
N SER C 236 -12.41 46.07 -15.52
CA SER C 236 -12.50 44.67 -15.84
C SER C 236 -13.69 44.33 -16.72
N TYR C 237 -14.86 44.87 -16.42
CA TYR C 237 -16.01 44.55 -17.27
C TYR C 237 -16.06 45.38 -18.53
N TYR C 238 -15.12 46.29 -18.74
CA TYR C 238 -14.98 46.89 -20.07
C TYR C 238 -14.38 45.92 -21.07
N PHE C 239 -13.35 45.18 -20.68
CA PHE C 239 -12.68 44.25 -21.58
C PHE C 239 -13.47 42.98 -21.81
N ASP C 240 -14.70 42.90 -21.33
CA ASP C 240 -15.54 41.73 -21.50
C ASP C 240 -16.59 41.94 -22.57
N ARG C 241 -16.76 43.16 -23.06
CA ARG C 241 -17.67 43.42 -24.17
C ARG C 241 -17.24 42.60 -25.37
N ASP C 242 -18.11 42.44 -26.36
CA ASP C 242 -17.72 41.66 -27.53
C ASP C 242 -17.14 42.50 -28.64
N ASP C 243 -17.13 43.84 -28.50
CA ASP C 243 -16.29 44.64 -29.36
C ASP C 243 -14.95 44.95 -28.71
N VAL C 244 -14.72 44.42 -27.51
CA VAL C 244 -13.42 44.44 -26.85
C VAL C 244 -13.20 43.03 -26.31
N ALA C 245 -12.61 42.15 -27.10
CA ALA C 245 -12.60 40.74 -26.75
C ALA C 245 -11.25 40.31 -26.16
N LEU C 246 -10.92 40.87 -25.00
CA LEU C 246 -9.67 40.54 -24.32
C LEU C 246 -9.97 39.97 -22.94
N LYS C 247 -9.70 38.68 -22.77
CA LYS C 247 -10.12 37.95 -21.57
C LYS C 247 -9.14 38.05 -20.42
N ASN C 248 -7.85 38.13 -20.71
CA ASN C 248 -6.88 38.13 -19.63
C ASN C 248 -6.68 39.51 -19.04
N PHE C 249 -6.90 40.55 -19.83
CA PHE C 249 -7.06 41.89 -19.26
C PHE C 249 -8.21 41.92 -18.25
N ALA C 250 -9.32 41.25 -18.58
CA ALA C 250 -10.46 41.18 -17.69
C ALA C 250 -10.13 40.43 -16.40
N LYS C 251 -9.49 39.27 -16.50
CA LYS C 251 -9.10 38.56 -15.28
C LYS C 251 -8.12 39.37 -14.43
N TYR C 252 -7.14 40.01 -15.07
CA TYR C 252 -6.22 40.88 -14.36
C TYR C 252 -6.96 41.91 -13.53
N PHE C 253 -7.83 42.70 -14.16
CA PHE C 253 -8.46 43.77 -13.42
C PHE C 253 -9.48 43.28 -12.40
N LEU C 254 -10.08 42.10 -12.59
CA LEU C 254 -10.92 41.57 -11.53
C LEU C 254 -10.11 41.16 -10.30
N HIS C 255 -8.94 40.56 -10.51
CA HIS C 255 -8.07 40.24 -9.39
C HIS C 255 -7.68 41.49 -8.61
N GLN C 256 -7.31 42.55 -9.32
CA GLN C 256 -6.99 43.79 -8.62
C GLN C 256 -8.18 44.35 -7.87
N SER C 257 -9.37 44.27 -8.46
CA SER C 257 -10.59 44.70 -7.78
C SER C 257 -10.80 44.01 -6.45
N HIS C 258 -10.50 42.71 -6.36
CA HIS C 258 -10.71 42.03 -5.08
C HIS C 258 -9.62 42.31 -4.07
N GLU C 259 -8.37 42.42 -4.53
CA GLU C 259 -7.28 42.77 -3.63
C GLU C 259 -7.52 44.12 -2.96
N GLU C 260 -8.04 45.08 -3.72
CA GLU C 260 -8.27 46.40 -3.14
C GLU C 260 -9.39 46.42 -2.11
N ARG C 261 -10.27 45.43 -2.08
CA ARG C 261 -11.25 45.37 -1.00
C ARG C 261 -10.68 44.71 0.23
N GLU C 262 -9.82 43.71 0.05
CA GLU C 262 -9.07 43.21 1.20
C GLU C 262 -8.28 44.33 1.86
N HIS C 263 -7.66 45.21 1.07
CA HIS C 263 -6.91 46.33 1.63
C HIS C 263 -7.77 47.20 2.54
N ALA C 264 -9.01 47.48 2.16
CA ALA C 264 -9.85 48.37 2.96
C ALA C 264 -10.40 47.68 4.19
N GLU C 265 -10.71 46.38 4.10
CA GLU C 265 -11.13 45.67 5.30
C GLU C 265 -10.02 45.60 6.33
N LYS C 266 -8.76 45.53 5.90
CA LYS C 266 -7.66 45.59 6.87
C LYS C 266 -7.68 46.89 7.66
N LEU C 267 -7.96 48.01 7.00
CA LEU C 267 -7.98 49.29 7.71
C LEU C 267 -9.19 49.41 8.61
N MET C 268 -10.33 48.82 8.22
CA MET C 268 -11.47 48.79 9.12
C MET C 268 -11.16 48.03 10.40
N LYS C 269 -10.57 46.84 10.25
CA LYS C 269 -10.16 46.08 11.41
C LYS C 269 -9.19 46.88 12.28
N LEU C 270 -8.21 47.52 11.66
CA LEU C 270 -7.29 48.37 12.41
C LEU C 270 -8.03 49.41 13.23
N GLN C 271 -8.96 50.14 12.62
CA GLN C 271 -9.62 51.20 13.35
C GLN C 271 -10.52 50.67 14.45
N ASN C 272 -10.99 49.43 14.33
CA ASN C 272 -11.70 48.85 15.46
C ASN C 272 -10.74 48.44 16.58
N GLN C 273 -9.51 48.05 16.24
CA GLN C 273 -8.53 47.70 17.27
C GLN C 273 -8.08 48.92 18.05
N ARG C 274 -8.13 50.10 17.46
CA ARG C 274 -7.66 51.31 18.13
C ARG C 274 -8.73 51.94 19.01
N GLY C 275 -9.97 51.53 18.90
CA GLY C 275 -11.05 52.14 19.65
C GLY C 275 -11.71 53.30 18.97
N GLY C 276 -11.47 53.52 17.68
CA GLY C 276 -12.07 54.61 16.95
C GLY C 276 -13.39 54.21 16.33
N GLU C 277 -13.98 55.17 15.61
CA GLU C 277 -15.30 55.00 15.02
C GLU C 277 -15.20 55.00 13.51
N ILE C 278 -15.59 53.90 12.88
CA ILE C 278 -15.70 53.85 11.44
C ILE C 278 -16.92 54.64 11.00
N SER C 279 -16.74 55.51 10.01
CA SER C 279 -17.84 56.27 9.44
C SER C 279 -17.75 56.16 7.93
N LEU C 280 -18.55 55.25 7.37
CA LEU C 280 -18.52 54.96 5.94
C LEU C 280 -19.26 56.06 5.19
N GLN C 281 -18.89 56.25 3.93
CA GLN C 281 -19.42 57.33 3.11
C GLN C 281 -19.75 56.85 1.72
N SER C 282 -20.13 57.80 0.87
CA SER C 282 -20.59 57.50 -0.48
C SER C 282 -19.38 57.22 -1.37
N ILE C 283 -19.54 56.27 -2.30
CA ILE C 283 -18.45 55.93 -3.20
C ILE C 283 -18.75 56.50 -4.58
N SER C 284 -17.88 57.39 -5.05
CA SER C 284 -18.07 57.99 -6.36
C SER C 284 -17.98 56.93 -7.46
N SER C 285 -18.58 57.25 -8.60
CA SER C 285 -18.45 56.33 -9.72
C SER C 285 -17.21 56.67 -10.51
N PRO C 286 -16.61 55.68 -11.17
CA PRO C 286 -15.39 55.95 -11.95
C PRO C 286 -15.65 57.00 -13.01
N ASP C 287 -14.57 57.66 -13.44
CA ASP C 287 -14.73 58.80 -14.31
C ASP C 287 -15.13 58.39 -15.72
N SER C 288 -14.76 57.18 -16.13
CA SER C 288 -15.05 56.72 -17.48
C SER C 288 -15.84 55.42 -17.40
N ASP C 289 -16.63 55.18 -18.44
CA ASP C 289 -17.17 53.86 -18.72
C ASP C 289 -16.47 53.21 -19.91
N ASP C 290 -15.79 54.01 -20.73
CA ASP C 290 -15.11 53.57 -21.94
C ASP C 290 -13.62 53.87 -21.75
N TRP C 291 -12.86 52.85 -21.41
CA TRP C 291 -11.41 52.95 -21.33
C TRP C 291 -10.82 52.54 -22.66
N GLU C 292 -10.38 53.53 -23.45
CA GLU C 292 -10.29 53.38 -24.90
C GLU C 292 -9.56 52.11 -25.34
N SER C 293 -8.52 51.70 -24.61
CA SER C 293 -7.73 50.56 -25.03
C SER C 293 -7.06 49.94 -23.81
N GLY C 294 -6.27 48.89 -24.05
CA GLY C 294 -5.52 48.28 -22.97
C GLY C 294 -4.38 49.14 -22.46
N LEU C 295 -3.71 49.85 -23.35
CA LEU C 295 -2.68 50.79 -22.95
C LEU C 295 -3.23 51.90 -22.06
N ASN C 296 -4.30 52.55 -22.49
CA ASN C 296 -4.90 53.63 -21.72
C ASN C 296 -5.43 53.17 -20.37
N ALA C 297 -6.03 51.99 -20.29
CA ALA C 297 -6.42 51.42 -19.02
C ALA C 297 -5.26 51.13 -18.11
N MET C 298 -4.15 50.59 -18.63
CA MET C 298 -2.98 50.38 -17.79
C MET C 298 -2.41 51.70 -17.27
N GLU C 299 -2.42 52.75 -18.09
CA GLU C 299 -1.92 54.04 -17.63
C GLU C 299 -2.81 54.66 -16.56
N SER C 300 -4.12 54.49 -16.72
CA SER C 300 -5.04 54.97 -15.69
C SER C 300 -4.87 54.23 -14.38
N ALA C 301 -4.68 52.91 -14.44
CA ALA C 301 -4.38 52.16 -13.22
C ALA C 301 -3.10 52.64 -12.58
N LEU C 302 -2.10 53.00 -13.39
CA LEU C 302 -0.84 53.49 -12.83
C LEU C 302 -1.04 54.81 -12.08
N HIS C 303 -1.76 55.75 -12.67
CA HIS C 303 -2.03 57.00 -11.96
C HIS C 303 -2.84 56.78 -10.70
N LEU C 304 -3.80 55.85 -10.72
CA LEU C 304 -4.59 55.58 -9.53
C LEU C 304 -3.72 55.01 -8.42
N GLU C 305 -2.84 54.07 -8.73
CA GLU C 305 -1.95 53.52 -7.72
C GLU C 305 -1.03 54.59 -7.14
N LYS C 306 -0.57 55.52 -7.98
CA LYS C 306 0.28 56.59 -7.46
C LYS C 306 -0.49 57.52 -6.52
N ALA C 307 -1.75 57.83 -6.83
CA ALA C 307 -2.54 58.65 -5.92
C ALA C 307 -2.75 57.96 -4.57
N VAL C 308 -3.06 56.67 -4.60
CA VAL C 308 -3.22 55.92 -3.35
C VAL C 308 -1.93 55.96 -2.54
N ASN C 309 -0.78 55.79 -3.19
CA ASN C 309 0.48 55.82 -2.47
C ASN C 309 0.76 57.18 -1.86
N ALA C 310 0.42 58.26 -2.56
CA ALA C 310 0.57 59.59 -1.98
C ALA C 310 -0.26 59.75 -0.72
N SER C 311 -1.50 59.27 -0.72
CA SER C 311 -2.31 59.36 0.50
C SER C 311 -1.69 58.57 1.64
N LEU C 312 -1.16 57.38 1.35
CA LEU C 312 -0.48 56.62 2.40
C LEU C 312 0.70 57.38 2.97
N LEU C 313 1.49 58.04 2.14
CA LEU C 313 2.61 58.81 2.65
C LEU C 313 2.17 59.97 3.53
N ARG C 314 1.08 60.64 3.15
CA ARG C 314 0.58 61.74 3.99
C ARG C 314 0.12 61.22 5.36
N LEU C 315 -0.58 60.08 5.37
CA LEU C 315 -1.01 59.51 6.63
C LEU C 315 0.16 59.06 7.48
N HIS C 316 1.23 58.57 6.85
CA HIS C 316 2.40 58.16 7.62
C HIS C 316 3.09 59.36 8.25
N LYS C 317 3.21 60.46 7.51
CA LYS C 317 3.80 61.65 8.11
C LYS C 317 2.95 62.18 9.26
N LEU C 318 1.63 62.10 9.12
CA LEU C 318 0.74 62.49 10.22
C LEU C 318 0.96 61.62 11.45
N ALA C 319 1.01 60.30 11.28
CA ALA C 319 1.24 59.41 12.41
C ALA C 319 2.63 59.58 13.00
N THR C 320 3.57 60.11 12.23
CA THR C 320 4.90 60.37 12.77
C THR C 320 4.91 61.65 13.61
N ASP C 321 4.15 62.66 13.18
CA ASP C 321 4.12 63.90 13.96
C ASP C 321 3.52 63.67 15.34
N CYS C 322 2.48 62.85 15.43
CA CYS C 322 1.77 62.66 16.68
C CYS C 322 2.29 61.48 17.51
N ASN C 323 3.52 61.04 17.28
CA ASN C 323 4.17 60.05 18.13
C ASN C 323 3.32 58.79 18.28
N ASP C 324 3.13 58.05 17.20
CA ASP C 324 2.26 56.90 17.17
C ASP C 324 3.00 55.72 16.54
N PRO C 325 3.95 55.09 17.24
CA PRO C 325 4.77 54.05 16.61
C PRO C 325 4.01 52.91 15.97
N HIS C 326 2.91 52.45 16.56
CA HIS C 326 2.21 51.29 16.03
C HIS C 326 1.53 51.60 14.70
N LEU C 327 0.99 52.81 14.55
CA LEU C 327 0.38 53.18 13.27
C LEU C 327 1.42 53.25 12.16
N CYS C 328 2.58 53.85 12.45
CA CYS C 328 3.64 53.91 11.46
C CYS C 328 4.12 52.52 11.07
N ASP C 329 4.34 51.66 12.06
CA ASP C 329 4.75 50.29 11.78
C ASP C 329 3.73 49.56 10.93
N PHE C 330 2.44 49.73 11.24
CA PHE C 330 1.38 49.10 10.47
C PHE C 330 1.40 49.58 9.01
N ILE C 331 1.51 50.88 8.81
CA ILE C 331 1.47 51.44 7.46
C ILE C 331 2.65 50.94 6.64
N GLU C 332 3.86 51.00 7.21
CA GLU C 332 4.97 50.56 6.38
C GLU C 332 5.12 49.05 6.30
N THR C 333 4.48 48.28 7.17
CA THR C 333 4.55 46.84 7.05
C THR C 333 3.56 46.30 6.03
N HIS C 334 2.35 46.85 5.98
CA HIS C 334 1.35 46.23 5.12
C HIS C 334 1.07 47.01 3.84
N TYR C 335 1.52 48.25 3.74
CA TYR C 335 1.03 49.10 2.67
C TYR C 335 2.11 49.74 1.81
N LEU C 336 3.30 49.98 2.35
CA LEU C 336 4.27 50.73 1.56
C LEU C 336 5.09 49.85 0.64
N ASN C 337 5.19 48.55 0.88
CA ASN C 337 5.94 47.71 -0.04
C ASN C 337 5.07 47.13 -1.14
N GLU C 338 3.76 47.07 -0.94
CA GLU C 338 2.88 46.62 -2.00
C GLU C 338 2.68 47.70 -3.06
N GLN C 339 2.62 48.96 -2.65
CA GLN C 339 2.47 50.04 -3.62
C GLN C 339 3.68 50.15 -4.53
N VAL C 340 4.89 49.96 -3.97
CA VAL C 340 6.10 50.03 -4.77
C VAL C 340 6.12 48.94 -5.83
N LYS C 341 5.73 47.72 -5.45
CA LYS C 341 5.69 46.62 -6.40
C LYS C 341 4.60 46.80 -7.44
N ALA C 342 3.42 47.30 -7.05
CA ALA C 342 2.37 47.60 -8.01
C ALA C 342 2.81 48.65 -9.02
N ILE C 343 3.45 49.73 -8.59
CA ILE C 343 3.88 50.76 -9.50
C ILE C 343 4.95 50.24 -10.44
N LYS C 344 5.90 49.45 -9.93
CA LYS C 344 6.93 48.88 -10.79
C LYS C 344 6.31 47.98 -11.86
N GLU C 345 5.38 47.12 -11.46
CA GLU C 345 4.78 46.19 -12.41
C GLU C 345 3.94 46.90 -13.45
N LEU C 346 3.15 47.89 -13.05
CA LEU C 346 2.32 48.58 -14.02
C LEU C 346 3.13 49.45 -14.98
N GLY C 347 4.24 50.02 -14.53
CA GLY C 347 5.12 50.70 -15.46
C GLY C 347 5.81 49.76 -16.42
N ASP C 348 6.15 48.54 -15.96
CA ASP C 348 6.65 47.52 -16.88
C ASP C 348 5.64 47.20 -17.96
N HIS C 349 4.38 46.95 -17.58
CA HIS C 349 3.33 46.68 -18.56
C HIS C 349 3.20 47.81 -19.56
N VAL C 350 3.24 49.06 -19.10
CA VAL C 350 3.07 50.17 -20.02
C VAL C 350 4.23 50.26 -21.00
N THR C 351 5.47 50.10 -20.56
CA THR C 351 6.54 50.17 -21.54
C THR C 351 6.56 48.99 -22.49
N ASN C 352 6.22 47.78 -22.02
CA ASN C 352 6.11 46.66 -22.95
C ASN C 352 5.06 46.93 -24.01
N LEU C 353 3.86 47.35 -23.61
CA LEU C 353 2.82 47.63 -24.58
C LEU C 353 3.23 48.74 -25.54
N ARG C 354 3.89 49.78 -25.05
CA ARG C 354 4.28 50.86 -25.95
C ARG C 354 5.35 50.42 -26.95
N LYS C 355 6.28 49.57 -26.53
CA LYS C 355 7.31 49.11 -27.45
C LYS C 355 6.76 48.16 -28.49
N MET C 356 5.90 47.21 -28.08
CA MET C 356 5.29 46.30 -29.05
C MET C 356 4.52 47.01 -30.14
N GLY C 357 4.08 48.25 -29.91
CA GLY C 357 3.43 49.04 -30.95
C GLY C 357 1.99 49.42 -30.68
N ALA C 358 1.46 49.14 -29.50
CA ALA C 358 0.09 49.52 -29.19
C ALA C 358 -0.01 51.03 -29.04
N PRO C 359 -1.22 51.61 -29.14
CA PRO C 359 -2.55 51.04 -29.38
C PRO C 359 -2.89 50.95 -30.85
N GLU C 360 -2.08 51.60 -31.68
CA GLU C 360 -2.30 51.61 -33.12
C GLU C 360 -2.01 50.27 -33.78
N SER C 361 -1.77 49.23 -32.99
CA SER C 361 -1.49 47.90 -33.52
C SER C 361 -2.34 46.88 -32.80
N GLY C 362 -3.32 46.32 -33.50
CA GLY C 362 -3.78 45.00 -33.18
C GLY C 362 -2.70 43.99 -33.51
N LEU C 363 -2.73 42.86 -32.78
CA LEU C 363 -1.65 41.88 -32.71
C LEU C 363 -0.57 42.33 -31.74
N ALA C 364 -0.70 43.52 -31.17
CA ALA C 364 0.16 43.89 -30.06
C ALA C 364 -0.54 43.61 -28.74
N GLU C 365 -1.79 44.08 -28.63
CA GLU C 365 -2.56 43.79 -27.43
C GLU C 365 -3.06 42.35 -27.42
N TYR C 366 -3.31 41.76 -28.58
CA TYR C 366 -3.66 40.34 -28.63
C TYR C 366 -2.53 39.49 -28.06
N LEU C 367 -1.30 39.73 -28.51
CA LEU C 367 -0.18 38.91 -28.06
C LEU C 367 0.27 39.26 -26.66
N PHE C 368 0.15 40.51 -26.24
CA PHE C 368 0.36 40.84 -24.83
C PHE C 368 -0.63 40.09 -23.95
N ASP C 369 -1.91 40.16 -24.29
CA ASP C 369 -2.94 39.44 -23.55
C ASP C 369 -2.66 37.95 -23.50
N LYS C 370 -2.12 37.38 -24.57
CA LYS C 370 -1.85 35.95 -24.59
C LYS C 370 -0.62 35.58 -23.77
N HIS C 371 0.47 36.32 -23.89
CA HIS C 371 1.76 35.90 -23.40
C HIS C 371 2.11 36.44 -22.01
N THR C 372 1.69 37.66 -21.70
CA THR C 372 2.09 38.26 -20.43
C THR C 372 1.01 38.13 -19.38
N LEU C 373 -0.24 38.29 -19.77
CA LEU C 373 -1.35 38.27 -18.82
C LEU C 373 -1.97 36.89 -18.66
N GLY C 374 -1.55 35.92 -19.47
CA GLY C 374 -2.10 34.59 -19.38
C GLY C 374 -1.11 33.49 -19.65
N SER D 2 -3.17 92.03 53.24
CA SER D 2 -1.98 91.22 53.49
C SER D 2 -2.27 90.07 54.44
N LYS D 3 -2.93 90.38 55.55
CA LYS D 3 -3.15 89.37 56.58
C LYS D 3 -4.33 88.46 56.25
N GLY D 4 -5.41 89.02 55.72
CA GLY D 4 -6.63 88.25 55.52
C GLY D 4 -6.44 87.04 54.61
N GLU D 5 -5.46 87.10 53.71
CA GLU D 5 -5.23 86.00 52.78
C GLU D 5 -4.27 84.96 53.34
N GLU D 6 -3.50 85.30 54.38
CA GLU D 6 -2.48 84.38 54.90
C GLU D 6 -3.11 83.22 55.67
N LEU D 7 -4.23 83.46 56.34
CA LEU D 7 -4.79 82.53 57.31
C LEU D 7 -5.20 81.19 56.71
N PHE D 8 -5.05 80.99 55.40
CA PHE D 8 -5.41 79.73 54.75
C PHE D 8 -4.23 79.10 54.04
N THR D 9 -3.02 79.22 54.60
CA THR D 9 -1.82 78.72 53.93
C THR D 9 -1.82 77.20 53.82
N GLY D 10 -2.51 76.50 54.70
CA GLY D 10 -2.47 75.05 54.70
C GLY D 10 -3.81 74.41 54.98
N VAL D 11 -3.77 73.20 55.51
CA VAL D 11 -4.99 72.47 55.88
C VAL D 11 -5.64 73.19 57.05
N VAL D 12 -6.95 73.04 57.19
CA VAL D 12 -7.71 73.62 58.29
C VAL D 12 -8.70 72.57 58.79
N PRO D 13 -8.60 72.12 60.03
CA PRO D 13 -9.66 71.27 60.59
C PRO D 13 -10.91 72.09 60.88
N ILE D 14 -12.06 71.42 60.77
CA ILE D 14 -13.35 72.08 60.86
C ILE D 14 -14.20 71.38 61.92
N LEU D 15 -15.06 72.16 62.56
CA LEU D 15 -16.03 71.66 63.54
C LEU D 15 -17.32 72.45 63.33
N VAL D 16 -18.35 71.80 62.80
CA VAL D 16 -19.55 72.52 62.38
C VAL D 16 -20.72 72.06 63.24
N GLU D 17 -21.31 72.99 63.99
CA GLU D 17 -22.45 72.71 64.83
C GLU D 17 -23.65 73.49 64.32
N LEU D 18 -24.78 72.81 64.18
CA LEU D 18 -26.01 73.39 63.69
C LEU D 18 -27.16 72.95 64.59
N ASP D 19 -27.90 73.93 65.13
CA ASP D 19 -29.03 73.65 65.99
C ASP D 19 -30.29 74.23 65.36
N GLY D 20 -31.22 73.37 65.01
CA GLY D 20 -32.38 73.79 64.23
C GLY D 20 -33.69 73.37 64.86
N ASP D 21 -34.71 74.19 64.64
CA ASP D 21 -36.09 73.90 65.03
C ASP D 21 -36.98 73.99 63.80
N VAL D 22 -37.57 72.85 63.42
CA VAL D 22 -38.45 72.76 62.25
C VAL D 22 -39.72 72.03 62.65
N ASN D 23 -40.80 72.80 62.89
CA ASN D 23 -42.14 72.25 63.13
C ASN D 23 -42.14 71.21 64.25
N GLY D 24 -41.67 71.63 65.42
CA GLY D 24 -41.60 70.76 66.58
C GLY D 24 -40.40 69.82 66.56
N HIS D 25 -39.65 69.80 65.46
CA HIS D 25 -38.48 68.93 65.36
C HIS D 25 -37.23 69.71 65.75
N LYS D 26 -36.68 69.41 66.93
CA LYS D 26 -35.39 69.96 67.32
C LYS D 26 -34.29 69.02 66.87
N PHE D 27 -33.18 69.60 66.41
CA PHE D 27 -32.07 68.77 65.98
C PHE D 27 -30.76 69.51 66.18
N SER D 28 -29.74 68.73 66.54
CA SER D 28 -28.35 69.18 66.57
C SER D 28 -27.57 68.36 65.56
N VAL D 29 -26.66 69.02 64.85
CA VAL D 29 -25.84 68.37 63.83
C VAL D 29 -24.40 68.76 64.09
N ARG D 30 -23.51 67.77 64.14
CA ARG D 30 -22.08 68.01 64.22
C ARG D 30 -21.40 67.41 62.99
N GLY D 31 -20.52 68.20 62.38
CA GLY D 31 -19.76 67.77 61.23
C GLY D 31 -18.28 67.96 61.42
N GLU D 32 -17.52 66.94 61.02
CA GLU D 32 -16.08 66.87 61.23
C GLU D 32 -15.37 66.61 59.91
N GLY D 33 -14.31 67.36 59.67
CA GLY D 33 -13.54 67.19 58.45
C GLY D 33 -12.45 68.24 58.36
N GLU D 34 -11.93 68.40 57.13
CA GLU D 34 -10.85 69.36 56.89
C GLU D 34 -11.01 70.02 55.52
N GLY D 35 -10.37 71.17 55.38
CA GLY D 35 -10.43 71.92 54.15
C GLY D 35 -9.15 72.64 53.77
N ASP D 36 -9.00 72.94 52.47
CA ASP D 36 -7.89 73.73 51.96
C ASP D 36 -8.45 74.73 50.96
N ALA D 37 -8.04 76.00 51.13
CA ALA D 37 -8.44 77.06 50.22
C ALA D 37 -7.59 77.10 48.96
N THR D 38 -6.35 76.62 49.01
CA THR D 38 -5.47 76.68 47.86
C THR D 38 -6.06 75.95 46.66
N ASN D 39 -6.81 74.88 46.88
CA ASN D 39 -7.46 74.14 45.81
C ASN D 39 -8.98 74.17 45.93
N GLY D 40 -9.53 75.00 46.82
CA GLY D 40 -10.97 75.06 47.01
C GLY D 40 -11.59 73.74 47.38
N LYS D 41 -10.89 72.91 48.14
CA LYS D 41 -11.32 71.55 48.42
C LYS D 41 -11.78 71.45 49.87
N LEU D 42 -12.91 70.78 50.08
CA LEU D 42 -13.45 70.55 51.41
C LEU D 42 -13.88 69.09 51.51
N THR D 43 -13.65 68.47 52.67
CA THR D 43 -13.93 67.05 52.84
C THR D 43 -14.44 66.83 54.26
N LEU D 44 -15.73 66.52 54.40
CA LEU D 44 -16.41 66.50 55.69
C LEU D 44 -17.27 65.27 55.86
N LYS D 45 -17.69 65.05 57.09
CA LYS D 45 -18.61 63.97 57.46
C LYS D 45 -19.51 64.47 58.57
N PHE D 46 -20.82 64.47 58.31
CA PHE D 46 -21.81 65.00 59.22
C PHE D 46 -22.57 63.85 59.88
N ILE D 47 -22.92 64.01 61.15
CA ILE D 47 -23.63 62.99 61.91
C ILE D 47 -24.59 63.69 62.87
N CYS D 48 -25.79 63.12 63.02
CA CYS D 48 -26.80 63.68 63.91
C CYS D 48 -26.94 62.80 65.15
N THR D 49 -26.57 63.34 66.31
CA THR D 49 -26.71 62.63 67.57
C THR D 49 -28.13 62.75 68.14
N THR D 50 -29.10 63.13 67.30
CA THR D 50 -30.48 63.32 67.72
C THR D 50 -31.41 62.33 67.03
N GLY D 51 -30.94 61.09 66.84
CA GLY D 51 -31.78 60.06 66.28
C GLY D 51 -32.16 60.31 64.83
N LYS D 52 -33.20 59.60 64.38
CA LYS D 52 -33.67 59.73 63.01
C LYS D 52 -34.24 61.11 62.78
N LEU D 53 -33.94 61.69 61.63
CA LEU D 53 -34.38 63.05 61.35
C LEU D 53 -35.46 63.04 60.28
N PRO D 54 -36.48 63.91 60.36
CA PRO D 54 -37.57 63.86 59.39
C PRO D 54 -37.22 64.42 58.01
N VAL D 55 -36.32 65.39 57.91
CA VAL D 55 -35.98 66.03 56.65
C VAL D 55 -34.87 65.21 55.99
N PRO D 56 -34.90 65.03 54.67
CA PRO D 56 -33.85 64.22 54.02
C PRO D 56 -32.49 64.88 54.16
N TRP D 57 -31.45 64.05 54.09
CA TRP D 57 -30.08 64.58 54.10
C TRP D 57 -29.82 65.60 53.00
N PRO D 58 -30.26 65.40 51.74
CA PRO D 58 -29.98 66.41 50.71
C PRO D 58 -30.39 67.82 51.10
N THR D 59 -31.40 67.97 51.96
CA THR D 59 -31.79 69.29 52.40
C THR D 59 -30.70 69.95 53.23
N LEU D 60 -30.13 69.21 54.19
CA LEU D 60 -29.13 69.75 55.10
C LEU D 60 -27.81 70.07 54.42
N VAL D 61 -27.63 69.65 53.17
CA VAL D 61 -26.34 69.82 52.51
C VAL D 61 -26.08 71.28 52.20
N THR D 62 -27.05 71.97 51.61
CA THR D 62 -26.87 73.37 51.23
C THR D 62 -26.63 74.26 52.44
N THR D 63 -27.19 73.87 53.58
CA THR D 63 -27.11 74.71 54.79
C THR D 63 -26.14 74.12 55.77
N LEU D 64 -24.88 73.96 55.37
CA LEU D 64 -23.83 73.49 56.30
C LEU D 64 -22.48 73.99 55.77
N VAL D 66 -19.02 77.29 54.14
CA VAL D 66 -17.71 77.76 54.50
C VAL D 66 -17.00 78.25 53.26
N GLN D 67 -17.66 79.16 52.54
CA GLN D 67 -17.11 79.63 51.25
C GLN D 67 -15.73 80.23 51.50
N CYS D 68 -15.40 80.45 52.75
CA CYS D 68 -14.03 80.93 53.08
C CYS D 68 -13.02 79.90 52.55
N PHE D 69 -13.49 78.78 51.97
CA PHE D 69 -12.48 77.82 51.55
C PHE D 69 -12.39 77.70 50.04
N SER D 70 -13.10 78.55 49.30
CA SER D 70 -13.18 78.41 47.85
C SER D 70 -11.86 78.80 47.20
N ARG D 71 -11.53 78.14 46.09
CA ARG D 71 -10.28 78.39 45.40
C ARG D 71 -10.33 79.73 44.70
N TYR D 72 -9.41 80.61 45.04
CA TYR D 72 -9.39 81.97 44.52
C TYR D 72 -8.10 82.22 43.75
N PRO D 73 -8.19 82.63 42.49
CA PRO D 73 -6.97 82.82 41.69
C PRO D 73 -6.23 84.09 42.02
N ASP D 74 -5.03 84.25 41.48
CA ASP D 74 -4.24 85.43 41.77
C ASP D 74 -4.79 86.67 41.07
N HIS D 75 -5.62 86.47 40.04
CA HIS D 75 -6.21 87.66 39.45
C HIS D 75 -7.40 88.18 40.25
N MET D 76 -8.13 87.35 41.00
CA MET D 76 -9.13 87.83 41.94
C MET D 76 -8.59 87.93 43.37
N LYS D 77 -7.32 88.28 43.54
CA LYS D 77 -6.80 88.58 44.87
C LYS D 77 -7.41 89.85 45.44
N ARG D 78 -8.05 90.67 44.61
CA ARG D 78 -8.64 91.93 45.05
C ARG D 78 -10.15 91.84 45.21
N HIS D 79 -10.75 90.68 44.95
CA HIS D 79 -12.20 90.51 45.03
C HIS D 79 -12.55 89.33 45.93
N ASP D 80 -11.76 89.11 46.99
CA ASP D 80 -12.01 88.04 47.95
C ASP D 80 -12.49 88.68 49.25
N PHE D 81 -13.80 88.87 49.36
CA PHE D 81 -14.36 89.49 50.56
C PHE D 81 -14.19 88.62 51.79
N PHE D 82 -14.34 87.30 51.65
CA PHE D 82 -14.26 86.41 52.80
C PHE D 82 -12.86 86.35 53.36
N LYS D 83 -11.85 86.68 52.55
CA LYS D 83 -10.47 86.52 52.98
C LYS D 83 -10.01 87.66 53.88
N SER D 84 -10.14 88.91 53.43
CA SER D 84 -9.57 90.06 54.13
C SER D 84 -9.96 90.08 55.61
N ALA D 85 -11.02 89.39 56.00
CA ALA D 85 -11.52 89.40 57.37
C ALA D 85 -11.03 88.22 58.21
N MET D 86 -9.80 87.77 58.04
CA MET D 86 -9.32 86.68 58.88
C MET D 86 -8.10 87.12 59.68
N PRO D 87 -8.07 86.83 60.99
CA PRO D 87 -9.06 86.08 61.77
C PRO D 87 -10.23 86.92 62.26
N GLU D 88 -10.42 88.09 61.65
CA GLU D 88 -11.57 88.94 61.95
C GLU D 88 -12.87 88.14 61.96
N GLY D 89 -13.05 87.27 60.98
CA GLY D 89 -14.25 86.48 60.85
C GLY D 89 -15.41 87.32 60.33
N TYR D 90 -16.59 86.70 60.35
CA TYR D 90 -17.79 87.39 59.87
C TYR D 90 -19.02 86.58 60.26
N VAL D 91 -20.18 87.15 59.95
CA VAL D 91 -21.47 86.50 60.19
C VAL D 91 -22.27 86.55 58.90
N GLN D 92 -23.22 85.64 58.75
CA GLN D 92 -24.11 85.61 57.61
C GLN D 92 -25.50 85.17 58.02
N GLU D 93 -26.49 85.90 57.50
CA GLU D 93 -27.90 85.57 57.70
C GLU D 93 -28.47 85.07 56.38
N ARG D 94 -28.95 83.83 56.37
CA ARG D 94 -29.41 83.16 55.17
C ARG D 94 -30.89 82.85 55.27
N THR D 95 -31.61 83.05 54.17
CA THR D 95 -32.98 82.60 54.02
C THR D 95 -33.04 81.67 52.83
N ILE D 96 -33.55 80.46 53.03
CA ILE D 96 -33.75 79.53 51.93
C ILE D 96 -35.25 79.33 51.77
N SER D 97 -35.71 79.40 50.53
CA SER D 97 -37.13 79.39 50.18
C SER D 97 -37.41 78.23 49.24
N PHE D 98 -38.15 77.24 49.74
CA PHE D 98 -38.59 76.14 48.90
C PHE D 98 -39.80 76.58 48.09
N LYS D 99 -39.87 76.13 46.84
CA LYS D 99 -41.10 76.27 46.09
C LYS D 99 -42.00 75.07 46.39
N ASP D 100 -43.29 75.34 46.54
CA ASP D 100 -44.30 74.33 46.87
C ASP D 100 -44.13 73.80 48.29
N ASP D 101 -43.49 74.59 49.15
CA ASP D 101 -43.42 74.37 50.60
C ASP D 101 -42.82 75.61 51.26
N GLY D 102 -42.61 75.53 52.58
CA GLY D 102 -42.25 76.66 53.41
C GLY D 102 -40.81 77.13 53.31
N THR D 103 -40.24 77.62 54.40
CA THR D 103 -38.95 78.31 54.33
C THR D 103 -38.09 78.00 55.55
N TYR D 104 -36.82 78.43 55.46
CA TYR D 104 -35.83 78.35 56.53
C TYR D 104 -35.15 79.69 56.72
N LYS D 105 -35.05 80.11 57.99
CA LYS D 105 -34.28 81.29 58.40
C LYS D 105 -33.11 80.80 59.24
N THR D 106 -31.88 81.13 58.83
CA THR D 106 -30.71 80.50 59.42
C THR D 106 -29.59 81.51 59.62
N ARG D 107 -29.20 81.70 60.87
CA ARG D 107 -28.10 82.58 61.26
C ARG D 107 -26.83 81.75 61.43
N ALA D 108 -25.69 82.29 61.00
CA ALA D 108 -24.44 81.58 61.13
C ALA D 108 -23.31 82.55 61.44
N GLU D 109 -22.43 82.15 62.36
CA GLU D 109 -21.26 82.94 62.70
C GLU D 109 -20.01 82.13 62.40
N VAL D 110 -19.15 82.63 61.52
CA VAL D 110 -17.98 81.92 61.05
C VAL D 110 -16.73 82.69 61.45
N LYS D 111 -15.73 81.96 61.95
CA LYS D 111 -14.50 82.54 62.47
C LYS D 111 -13.44 81.46 62.58
N PHE D 112 -12.25 81.88 63.02
CA PHE D 112 -11.24 80.96 63.51
C PHE D 112 -11.25 80.93 65.03
N GLU D 113 -11.10 79.74 65.60
CA GLU D 113 -10.99 79.53 67.04
C GLU D 113 -9.65 78.84 67.22
N GLY D 114 -8.66 79.59 67.72
CA GLY D 114 -7.30 79.09 67.68
C GLY D 114 -6.85 79.02 66.24
N ASP D 115 -6.76 77.79 65.71
CA ASP D 115 -6.59 77.55 64.28
C ASP D 115 -7.63 76.58 63.73
N THR D 116 -8.61 76.20 64.54
CA THR D 116 -9.70 75.32 64.12
C THR D 116 -10.85 76.20 63.63
N LEU D 117 -11.42 75.85 62.48
CA LEU D 117 -12.57 76.59 61.99
C LEU D 117 -13.84 75.99 62.59
N VAL D 118 -14.42 76.69 63.55
CA VAL D 118 -15.67 76.26 64.19
C VAL D 118 -16.80 77.13 63.68
N ASN D 119 -17.90 76.49 63.33
CA ASN D 119 -19.02 77.16 62.66
C ASN D 119 -20.29 76.89 63.43
N ARG D 120 -20.79 77.93 64.11
CA ARG D 120 -22.02 77.84 64.91
C ARG D 120 -23.17 78.40 64.10
N ILE D 121 -24.20 77.57 63.90
CA ILE D 121 -25.34 77.93 63.07
C ILE D 121 -26.63 77.60 63.83
N GLU D 122 -27.59 78.51 63.76
CA GLU D 122 -28.91 78.35 64.38
C GLU D 122 -29.96 78.47 63.29
N LEU D 123 -30.94 77.58 63.31
CA LEU D 123 -31.86 77.41 62.21
C LEU D 123 -33.30 77.37 62.72
N LYS D 124 -34.19 78.03 61.98
CA LYS D 124 -35.63 78.02 62.25
C LYS D 124 -36.34 77.76 60.93
N GLY D 125 -36.88 76.56 60.76
CA GLY D 125 -37.57 76.24 59.52
C GLY D 125 -39.03 75.96 59.74
N ILE D 126 -39.92 76.70 59.06
CA ILE D 126 -41.34 76.58 59.33
C ILE D 126 -42.11 76.65 58.00
N ASP D 127 -43.45 76.55 58.12
CA ASP D 127 -44.41 76.81 57.06
C ASP D 127 -44.51 75.65 56.07
N PHE D 128 -44.28 74.42 56.52
CA PHE D 128 -44.29 73.26 55.67
C PHE D 128 -45.52 72.41 55.90
N LYS D 129 -45.91 71.65 54.87
CA LYS D 129 -46.86 70.57 55.05
C LYS D 129 -46.11 69.28 55.37
N GLU D 130 -46.49 68.63 56.46
CA GLU D 130 -45.69 67.54 57.02
C GLU D 130 -46.00 66.19 56.41
N ASP D 131 -46.90 66.12 55.42
CA ASP D 131 -47.07 64.94 54.61
C ASP D 131 -46.70 65.21 53.15
N GLY D 132 -45.70 66.07 52.93
CA GLY D 132 -45.32 66.45 51.58
C GLY D 132 -44.19 65.60 51.03
N ASN D 133 -43.54 66.14 50.01
CA ASN D 133 -42.45 65.44 49.32
C ASN D 133 -41.08 66.02 49.64
N ILE D 134 -40.95 67.35 49.62
CA ILE D 134 -39.67 67.99 49.90
C ILE D 134 -39.12 67.52 51.25
N LEU D 135 -40.00 67.37 52.25
CA LEU D 135 -39.58 66.89 53.55
C LEU D 135 -39.95 65.43 53.80
N GLY D 136 -40.99 64.94 53.15
CA GLY D 136 -41.50 63.60 53.43
C GLY D 136 -40.72 62.46 52.80
N HIS D 137 -39.46 62.71 52.47
CA HIS D 137 -38.56 61.71 51.92
C HIS D 137 -39.12 61.10 50.63
N LYS D 138 -39.32 61.97 49.64
CA LYS D 138 -39.66 61.57 48.29
C LYS D 138 -38.56 61.96 47.30
N LEU D 139 -37.69 62.88 47.69
CA LEU D 139 -36.66 63.41 46.80
C LEU D 139 -35.48 62.46 46.73
N GLU D 140 -34.68 62.60 45.67
CA GLU D 140 -33.63 61.64 45.38
C GLU D 140 -32.33 61.99 46.07
N TYR D 141 -31.63 60.96 46.55
CA TYR D 141 -30.34 61.11 47.22
C TYR D 141 -29.27 61.30 46.15
N ASN D 142 -29.06 62.56 45.78
CA ASN D 142 -28.07 62.93 44.77
C ASN D 142 -27.67 64.37 44.99
N PHE D 143 -27.01 64.93 43.98
CA PHE D 143 -26.64 66.35 43.98
C PHE D 143 -26.25 66.74 42.57
N ASN D 144 -26.10 68.04 42.33
CA ASN D 144 -25.76 68.57 41.02
C ASN D 144 -24.83 69.77 41.17
N SER D 145 -24.23 70.20 40.06
CA SER D 145 -23.31 71.32 40.05
C SER D 145 -24.09 72.63 40.09
N HIS D 146 -23.61 73.56 40.91
CA HIS D 146 -24.36 74.79 41.13
C HIS D 146 -23.44 76.00 41.10
N ASN D 147 -24.06 77.19 41.13
CA ASN D 147 -23.37 78.46 41.09
C ASN D 147 -23.97 79.41 42.12
N VAL D 148 -23.15 80.32 42.62
CA VAL D 148 -23.53 81.33 43.59
C VAL D 148 -23.18 82.69 42.99
N TYR D 149 -24.08 83.66 43.10
CA TYR D 149 -23.80 85.02 42.69
C TYR D 149 -23.53 85.86 43.93
N ILE D 150 -22.32 86.44 43.99
CA ILE D 150 -21.95 87.33 45.08
C ILE D 150 -21.91 88.76 44.55
N THR D 151 -22.51 89.67 45.31
CA THR D 151 -22.66 91.06 44.94
C THR D 151 -22.16 91.93 46.08
N ALA D 152 -21.41 92.97 45.74
CA ALA D 152 -20.97 93.93 46.75
C ALA D 152 -22.16 94.62 47.38
N ASP D 153 -22.03 95.00 48.65
CA ASP D 153 -23.10 95.64 49.40
C ASP D 153 -22.46 96.69 50.30
N LYS D 154 -22.34 97.91 49.79
CA LYS D 154 -21.70 98.98 50.57
C LYS D 154 -22.56 99.40 51.76
N GLN D 155 -23.86 99.14 51.71
CA GLN D 155 -24.74 99.47 52.84
C GLN D 155 -24.32 98.71 54.09
N LYS D 156 -23.95 97.43 53.95
CA LYS D 156 -23.39 96.66 55.04
C LYS D 156 -21.89 96.47 54.87
N ASN D 157 -21.27 97.26 54.00
CA ASN D 157 -19.84 97.20 53.64
C ASN D 157 -19.35 95.75 53.53
N GLY D 158 -20.24 94.86 53.11
CA GLY D 158 -19.96 93.45 52.95
C GLY D 158 -20.53 92.98 51.64
N ILE D 159 -21.24 91.84 51.63
CA ILE D 159 -21.81 91.34 50.39
C ILE D 159 -23.17 90.71 50.61
N LYS D 160 -23.88 90.52 49.51
CA LYS D 160 -25.06 89.66 49.45
C LYS D 160 -24.73 88.48 48.55
N ALA D 161 -25.29 87.32 48.88
CA ALA D 161 -25.11 86.13 48.06
C ALA D 161 -26.47 85.55 47.73
N ASN D 162 -26.74 85.41 46.44
CA ASN D 162 -28.00 84.86 45.96
C ASN D 162 -27.73 83.71 45.03
N PHE D 163 -28.55 82.66 45.13
CA PHE D 163 -28.39 81.53 44.23
C PHE D 163 -29.64 80.68 44.26
N LYS D 164 -29.70 79.73 43.35
CA LYS D 164 -30.87 78.87 43.18
C LYS D 164 -30.40 77.44 43.05
N ILE D 165 -31.00 76.53 43.83
CA ILE D 165 -30.64 75.13 43.83
C ILE D 165 -31.82 74.33 43.30
N ARG D 166 -31.51 73.31 42.50
CA ARG D 166 -32.52 72.42 41.93
C ARG D 166 -32.25 71.00 42.42
N HIS D 167 -33.15 70.49 43.24
CA HIS D 167 -33.06 69.13 43.74
C HIS D 167 -34.06 68.25 43.00
N ASN D 168 -33.53 67.28 42.25
CA ASN D 168 -34.39 66.39 41.48
C ASN D 168 -35.07 65.38 42.39
N VAL D 169 -36.32 65.07 42.09
CA VAL D 169 -37.10 64.12 42.85
C VAL D 169 -37.02 62.77 42.13
N GLU D 170 -37.32 61.70 42.87
CA GLU D 170 -37.17 60.35 42.32
C GLU D 170 -38.08 60.11 41.13
N ASP D 171 -38.96 61.06 40.80
CA ASP D 171 -39.85 60.94 39.66
C ASP D 171 -39.67 62.08 38.66
N GLY D 172 -38.42 62.50 38.44
CA GLY D 172 -38.09 63.47 37.42
C GLY D 172 -38.32 64.91 37.80
N SER D 173 -39.31 65.18 38.66
CA SER D 173 -39.60 66.56 39.03
C SER D 173 -38.47 67.13 39.86
N VAL D 174 -38.43 68.46 39.92
CA VAL D 174 -37.35 69.20 40.58
C VAL D 174 -37.96 70.20 41.55
N GLN D 175 -37.20 70.53 42.59
CA GLN D 175 -37.57 71.56 43.54
C GLN D 175 -36.52 72.66 43.47
N LEU D 176 -36.96 73.90 43.28
CA LEU D 176 -36.06 75.04 43.12
C LEU D 176 -36.10 75.90 44.37
N ALA D 177 -35.09 75.72 45.23
CA ALA D 177 -34.95 76.51 46.46
C ALA D 177 -34.09 77.73 46.16
N ASP D 178 -34.64 78.91 46.43
CA ASP D 178 -33.93 80.16 46.24
C ASP D 178 -33.31 80.59 47.56
N HIS D 179 -32.02 80.91 47.53
CA HIS D 179 -31.25 81.23 48.72
C HIS D 179 -30.73 82.66 48.65
N TYR D 180 -31.02 83.41 49.70
CA TYR D 180 -30.43 84.73 49.94
C TYR D 180 -29.56 84.64 51.18
N GLN D 181 -28.54 85.49 51.25
CA GLN D 181 -27.80 85.63 52.51
C GLN D 181 -27.03 86.93 52.53
N GLN D 182 -26.97 87.55 53.70
CA GLN D 182 -26.20 88.77 53.94
C GLN D 182 -24.93 88.39 54.68
N ASN D 183 -23.78 88.79 54.15
CA ASN D 183 -22.47 88.51 54.73
C ASN D 183 -21.85 89.81 55.21
N THR D 184 -21.55 89.89 56.51
CA THR D 184 -21.02 91.10 57.12
C THR D 184 -19.90 90.77 58.08
N PRO D 185 -18.79 91.51 58.04
CA PRO D 185 -17.68 91.23 58.96
C PRO D 185 -17.90 91.88 60.31
N ILE D 186 -17.32 91.25 61.34
CA ILE D 186 -17.50 91.73 62.70
C ILE D 186 -16.70 93.01 62.96
N GLY D 187 -15.54 93.17 62.32
CA GLY D 187 -14.70 94.31 62.58
C GLY D 187 -14.91 95.44 61.60
N ASP D 188 -14.54 96.64 62.03
CA ASP D 188 -14.68 97.85 61.22
C ASP D 188 -13.51 98.05 60.25
N GLY D 189 -12.58 97.09 60.18
CA GLY D 189 -11.42 97.22 59.33
C GLY D 189 -11.74 97.26 57.85
N PRO D 190 -10.73 97.51 57.03
CA PRO D 190 -10.94 97.52 55.58
C PRO D 190 -10.98 96.12 54.99
N VAL D 191 -12.14 95.78 54.41
CA VAL D 191 -12.35 94.48 53.80
C VAL D 191 -12.43 94.70 52.29
N LEU D 192 -11.76 93.81 51.55
CA LEU D 192 -11.62 93.91 50.11
C LEU D 192 -12.99 93.77 49.47
N LEU D 193 -13.30 94.64 48.52
CA LEU D 193 -14.65 94.73 47.98
C LEU D 193 -14.74 94.01 46.65
N PRO D 194 -15.45 92.90 46.56
CA PRO D 194 -15.62 92.20 45.28
C PRO D 194 -16.84 92.70 44.52
N ASP D 195 -16.62 92.96 43.23
CA ASP D 195 -17.75 93.21 42.35
C ASP D 195 -18.54 91.93 42.15
N ASN D 196 -19.75 92.07 41.63
CA ASN D 196 -20.65 90.93 41.46
C ASN D 196 -20.02 89.93 40.48
N HIS D 197 -19.85 88.69 40.94
CA HIS D 197 -19.41 87.62 40.04
C HIS D 197 -19.95 86.30 40.60
N TYR D 198 -19.48 85.19 40.03
CA TYR D 198 -20.10 83.90 40.30
C TYR D 198 -19.09 82.95 40.93
N LEU D 199 -19.60 81.81 41.38
CA LEU D 199 -18.82 80.81 42.08
C LEU D 199 -19.42 79.44 41.82
N SER D 200 -18.64 78.58 41.16
CA SER D 200 -19.07 77.24 40.81
C SER D 200 -18.73 76.27 41.93
N THR D 201 -19.59 75.26 42.11
CA THR D 201 -19.50 74.33 43.21
C THR D 201 -19.95 72.95 42.77
N GLN D 202 -19.16 71.93 43.14
CA GLN D 202 -19.50 70.54 42.92
C GLN D 202 -19.31 69.78 44.21
N SER D 203 -20.07 68.71 44.40
CA SER D 203 -19.93 67.89 45.60
C SER D 203 -20.45 66.49 45.35
N ALA D 204 -20.12 65.61 46.29
CA ALA D 204 -20.49 64.20 46.21
C ALA D 204 -20.77 63.67 47.60
N LEU D 205 -21.82 62.86 47.69
CA LEU D 205 -22.38 62.34 48.92
C LEU D 205 -22.22 60.83 48.95
N SER D 206 -21.90 60.30 50.13
CA SER D 206 -21.69 58.87 50.28
C SER D 206 -21.85 58.48 51.75
N LYS D 207 -21.65 57.20 52.03
CA LYS D 207 -21.85 56.61 53.35
C LYS D 207 -20.57 55.94 53.82
N ASP D 208 -20.40 55.89 55.13
CA ASP D 208 -19.42 54.97 55.71
C ASP D 208 -20.05 53.58 55.78
N PRO D 209 -19.31 52.51 55.47
CA PRO D 209 -19.93 51.19 55.43
C PRO D 209 -20.19 50.58 56.80
N ASN D 210 -19.49 51.03 57.84
CA ASN D 210 -19.52 50.39 59.14
C ASN D 210 -19.86 51.34 60.28
N GLU D 211 -20.75 52.30 60.05
CA GLU D 211 -21.24 53.18 61.10
C GLU D 211 -22.74 53.02 61.26
N LYS D 212 -23.19 52.76 62.49
CA LYS D 212 -24.58 52.42 62.73
C LYS D 212 -25.46 53.62 63.03
N ARG D 213 -24.88 54.81 63.18
CA ARG D 213 -25.67 56.00 63.36
C ARG D 213 -26.19 56.51 62.00
N ASP D 214 -26.79 57.69 62.02
CA ASP D 214 -27.09 58.38 60.78
C ASP D 214 -25.89 59.24 60.36
N HIS D 215 -25.30 58.90 59.22
CA HIS D 215 -24.09 59.57 58.78
C HIS D 215 -24.30 60.08 57.36
N MET D 216 -23.49 61.06 56.99
CA MET D 216 -23.50 61.59 55.63
C MET D 216 -22.12 62.13 55.34
N VAL D 217 -21.38 61.45 54.46
CA VAL D 217 -20.01 61.81 54.09
C VAL D 217 -20.10 62.63 52.81
N LEU D 218 -19.33 63.70 52.71
CA LEU D 218 -19.43 64.59 51.56
C LEU D 218 -18.10 65.25 51.26
N LEU D 219 -17.67 65.17 50.00
CA LEU D 219 -16.48 65.87 49.55
C LEU D 219 -16.86 66.82 48.42
N GLU D 220 -16.17 67.95 48.32
CA GLU D 220 -16.66 69.04 47.48
C GLU D 220 -15.53 69.96 47.04
N PHE D 221 -15.71 70.51 45.83
CA PHE D 221 -14.76 71.42 45.21
C PHE D 221 -15.50 72.70 44.87
N VAL D 222 -14.97 73.83 45.31
CA VAL D 222 -15.63 75.12 45.19
C VAL D 222 -14.62 76.14 44.71
N THR D 223 -14.98 76.89 43.66
CA THR D 223 -14.06 77.91 43.17
C THR D 223 -14.85 78.96 42.39
N ALA D 224 -14.35 80.19 42.45
CA ALA D 224 -15.08 81.35 41.95
C ALA D 224 -14.46 81.89 40.67
N ALA D 225 -15.22 82.75 40.00
CA ALA D 225 -14.77 83.45 38.80
C ALA D 225 -15.77 84.57 38.50
N GLY D 226 -15.62 85.18 37.33
CA GLY D 226 -16.52 86.21 36.86
C GLY D 226 -15.84 87.36 36.14
N ILE D 227 -14.56 87.52 36.31
CA ILE D 227 -13.81 88.58 35.65
C ILE D 227 -13.07 87.97 34.47
N THR D 228 -13.19 88.60 33.30
CA THR D 228 -12.46 88.16 32.14
C THR D 228 -11.14 88.93 32.08
N HIS D 229 -10.18 88.52 32.90
CA HIS D 229 -8.91 89.22 33.04
C HIS D 229 -7.91 88.75 32.00
N HIS D 230 -6.82 89.50 31.88
CA HIS D 230 -5.80 89.28 30.86
C HIS D 230 -5.12 87.92 31.02
N GLY E 54 -47.70 0.20 69.44
CA GLY E 54 -47.87 1.42 68.66
C GLY E 54 -47.28 2.64 69.32
N LYS E 55 -47.50 2.77 70.63
CA LYS E 55 -46.98 3.87 71.42
C LYS E 55 -46.51 3.44 72.80
N GLU E 56 -46.94 2.28 73.29
CA GLU E 56 -46.64 1.84 74.65
C GLU E 56 -45.19 1.41 74.84
N LEU E 57 -44.37 1.42 73.78
CA LEU E 57 -42.97 1.00 73.94
C LEU E 57 -42.11 2.15 74.45
N LEU E 58 -42.50 3.38 74.17
CA LEU E 58 -41.61 4.51 74.45
C LEU E 58 -41.44 4.74 75.95
N GLU E 59 -42.52 4.58 76.73
CA GLU E 59 -42.40 4.79 78.16
C GLU E 59 -41.55 3.71 78.80
N ALA E 60 -41.58 2.50 78.23
CA ALA E 60 -40.72 1.42 78.73
C ALA E 60 -39.27 1.67 78.37
N ALA E 61 -39.02 2.27 77.19
CA ALA E 61 -37.66 2.69 76.86
C ALA E 61 -37.19 3.78 77.81
N ARG E 62 -38.07 4.72 78.14
CA ARG E 62 -37.70 5.81 79.02
C ARG E 62 -37.43 5.32 80.44
N ALA E 63 -38.24 4.41 80.95
CA ALA E 63 -38.02 3.85 82.27
C ALA E 63 -36.86 2.87 82.31
N GLY E 64 -36.25 2.56 81.17
CA GLY E 64 -35.18 1.58 81.13
C GLY E 64 -35.65 0.15 81.21
N GLN E 65 -36.91 -0.12 80.89
CA GLN E 65 -37.45 -1.48 80.94
C GLN E 65 -36.98 -2.25 79.71
N ASP E 66 -35.73 -2.69 79.76
CA ASP E 66 -35.14 -3.38 78.62
C ASP E 66 -35.90 -4.67 78.30
N ASP E 67 -36.32 -5.40 79.33
CA ASP E 67 -37.05 -6.64 79.09
C ASP E 67 -38.44 -6.38 78.54
N GLU E 68 -39.07 -5.28 78.98
CA GLU E 68 -40.41 -4.99 78.46
C GLU E 68 -40.35 -4.60 76.99
N VAL E 69 -39.43 -3.70 76.61
CA VAL E 69 -39.30 -3.35 75.20
C VAL E 69 -38.84 -4.55 74.39
N ALA E 70 -38.08 -5.45 75.01
CA ALA E 70 -37.72 -6.69 74.33
C ALA E 70 -38.96 -7.51 73.98
N VAL E 71 -39.78 -7.83 74.98
CA VAL E 71 -40.92 -8.73 74.73
C VAL E 71 -41.97 -8.03 73.88
N LEU E 72 -42.02 -6.70 73.93
CA LEU E 72 -43.03 -5.98 73.16
C LEU E 72 -42.57 -5.69 71.74
N MET E 73 -41.27 -5.68 71.48
CA MET E 73 -40.76 -5.57 70.12
C MET E 73 -40.68 -6.92 69.44
N ALA E 74 -40.51 -8.00 70.21
CA ALA E 74 -40.67 -9.34 69.65
C ALA E 74 -42.01 -9.47 68.96
N ARG E 75 -43.07 -9.10 69.66
CA ARG E 75 -44.37 -8.89 69.02
C ARG E 75 -44.30 -7.66 68.13
N GLY E 76 -44.95 -7.75 66.98
CA GLY E 76 -44.93 -6.67 66.00
C GLY E 76 -45.30 -5.31 66.57
N ALA E 77 -44.31 -4.41 66.63
CA ALA E 77 -44.51 -3.10 67.23
C ALA E 77 -43.83 -2.05 66.37
N GLU E 78 -44.20 -0.79 66.57
CA GLU E 78 -43.62 0.30 65.81
C GLU E 78 -42.21 0.59 66.30
N VAL E 79 -41.21 0.38 65.44
CA VAL E 79 -39.85 0.69 65.83
C VAL E 79 -39.48 2.15 65.54
N ASN E 80 -39.84 2.67 64.38
CA ASN E 80 -39.55 4.06 64.01
C ASN E 80 -40.68 4.99 64.40
N ALA E 81 -41.08 4.95 65.66
CA ALA E 81 -42.20 5.73 66.14
C ALA E 81 -41.83 7.20 66.24
N ALA E 82 -42.64 8.03 65.59
CA ALA E 82 -42.58 9.48 65.73
C ALA E 82 -43.64 9.89 66.74
N ASP E 83 -43.24 10.66 67.75
CA ASP E 83 -44.09 10.91 68.89
C ASP E 83 -44.56 12.36 68.91
N ASP E 84 -45.21 12.72 70.02
CA ASP E 84 -45.88 14.01 70.20
C ASP E 84 -44.96 15.21 70.00
N VAL E 85 -43.64 15.04 70.09
CA VAL E 85 -42.72 16.13 69.80
C VAL E 85 -41.62 15.61 68.86
N GLY E 86 -41.76 14.35 68.44
CA GLY E 86 -40.84 13.81 67.46
C GLY E 86 -39.69 13.04 68.07
N VAL E 87 -39.89 12.53 69.27
CA VAL E 87 -38.86 11.84 70.03
C VAL E 87 -39.08 10.35 69.81
N THR E 88 -38.16 9.73 69.07
CA THR E 88 -38.24 8.30 68.82
C THR E 88 -37.68 7.56 70.05
N PRO E 89 -38.15 6.33 70.31
CA PRO E 89 -37.56 5.54 71.39
C PRO E 89 -36.03 5.51 71.41
N LEU E 90 -35.38 5.66 70.26
CA LEU E 90 -33.93 5.70 70.24
C LEU E 90 -33.40 6.96 70.91
N HIS E 91 -34.07 8.09 70.70
CA HIS E 91 -33.65 9.33 71.35
C HIS E 91 -33.69 9.21 72.86
N LEU E 92 -34.80 8.73 73.41
CA LEU E 92 -34.95 8.55 74.85
C LEU E 92 -34.07 7.43 75.38
N ALA E 93 -33.75 6.44 74.56
CA ALA E 93 -32.82 5.39 74.95
C ALA E 93 -31.39 5.86 74.96
N ALA E 94 -31.08 6.93 74.23
CA ALA E 94 -29.77 7.54 74.24
C ALA E 94 -29.59 8.58 75.33
N GLN E 95 -30.64 9.38 75.60
CA GLN E 95 -30.58 10.35 76.69
C GLN E 95 -30.18 9.68 78.00
N ARG E 96 -30.98 8.72 78.44
CA ARG E 96 -30.57 7.86 79.54
C ARG E 96 -29.56 6.84 79.02
N GLY E 97 -28.71 6.36 79.92
CA GLY E 97 -27.70 5.41 79.49
C GLY E 97 -28.20 3.98 79.50
N HIS E 98 -28.64 3.51 78.34
CA HIS E 98 -29.25 2.18 78.22
C HIS E 98 -28.75 1.56 76.92
N LEU E 99 -27.66 0.81 77.01
CA LEU E 99 -27.06 0.20 75.83
C LEU E 99 -27.88 -0.95 75.27
N ALA E 100 -28.48 -1.76 76.14
CA ALA E 100 -29.26 -2.91 75.67
C ALA E 100 -30.44 -2.46 74.83
N ILE E 101 -31.09 -1.37 75.23
CA ILE E 101 -32.27 -0.92 74.50
C ILE E 101 -31.88 -0.39 73.12
N VAL E 102 -30.79 0.37 73.02
CA VAL E 102 -30.40 0.87 71.71
C VAL E 102 -29.91 -0.27 70.83
N SER E 103 -29.32 -1.30 71.42
CA SER E 103 -28.90 -2.45 70.62
C SER E 103 -30.10 -3.18 70.05
N VAL E 104 -31.08 -3.49 70.90
CA VAL E 104 -32.25 -4.22 70.42
C VAL E 104 -33.13 -3.35 69.54
N LEU E 105 -32.96 -2.03 69.60
CA LEU E 105 -33.69 -1.16 68.69
C LEU E 105 -33.00 -1.05 67.34
N LEU E 106 -31.67 -0.95 67.32
CA LEU E 106 -30.94 -0.97 66.06
C LEU E 106 -31.15 -2.27 65.31
N ALA E 107 -31.08 -3.40 66.03
CA ALA E 107 -31.26 -4.69 65.37
C ALA E 107 -32.64 -4.78 64.71
N PHE E 108 -33.65 -4.16 65.30
CA PHE E 108 -34.99 -4.21 64.75
C PHE E 108 -35.27 -3.12 63.71
N GLY E 109 -34.26 -2.37 63.29
CA GLY E 109 -34.45 -1.45 62.19
C GLY E 109 -34.81 -0.03 62.57
N ALA E 110 -34.06 0.54 63.51
CA ALA E 110 -34.25 1.94 63.85
C ALA E 110 -33.35 2.81 62.97
N SER E 111 -33.69 4.09 62.90
CA SER E 111 -32.89 5.04 62.12
C SER E 111 -31.99 5.82 63.05
N VAL E 112 -30.68 5.77 62.81
CA VAL E 112 -29.73 6.51 63.63
C VAL E 112 -29.82 8.01 63.38
N ASN E 113 -30.20 8.43 62.18
CA ASN E 113 -30.39 9.84 61.86
C ASN E 113 -31.89 10.13 61.86
N ALA E 114 -32.40 10.63 62.97
CA ALA E 114 -33.83 10.86 63.12
C ALA E 114 -34.06 12.31 63.51
N ALA E 115 -34.52 13.09 62.54
CA ALA E 115 -34.57 14.55 62.67
C ALA E 115 -35.66 14.92 63.68
N ASP E 116 -35.24 15.14 64.92
CA ASP E 116 -36.14 15.59 65.97
C ASP E 116 -36.74 16.95 65.60
N LEU E 117 -37.85 17.28 66.26
CA LEU E 117 -38.50 18.56 66.01
C LEU E 117 -37.61 19.73 66.37
N TRP E 118 -36.61 19.51 67.23
CA TRP E 118 -35.65 20.54 67.58
C TRP E 118 -34.37 20.46 66.76
N GLY E 119 -34.20 19.42 65.96
CA GLY E 119 -32.99 19.26 65.17
C GLY E 119 -31.99 18.30 65.77
N GLN E 120 -32.34 17.59 66.84
CA GLN E 120 -31.40 16.68 67.46
C GLN E 120 -31.49 15.30 66.85
N THR E 121 -30.51 14.47 67.21
CA THR E 121 -30.27 13.14 66.70
C THR E 121 -29.76 12.36 67.91
N PRO E 122 -29.97 11.04 67.99
CA PRO E 122 -29.46 10.30 69.16
C PRO E 122 -27.99 10.52 69.44
N LEU E 123 -27.18 10.80 68.41
CA LEU E 123 -25.77 11.10 68.63
C LEU E 123 -25.60 12.40 69.39
N HIS E 124 -26.44 13.41 69.11
CA HIS E 124 -26.36 14.67 69.84
C HIS E 124 -26.59 14.45 71.33
N LEU E 125 -27.73 13.86 71.68
CA LEU E 125 -28.05 13.62 73.08
C LEU E 125 -27.09 12.67 73.76
N ALA E 126 -26.60 11.66 73.05
CA ALA E 126 -25.64 10.72 73.63
C ALA E 126 -24.30 11.38 73.89
N ALA E 127 -23.81 12.22 72.97
CA ALA E 127 -22.57 12.94 73.20
C ALA E 127 -22.73 13.96 74.31
N THR E 128 -23.90 14.58 74.43
CA THR E 128 -24.13 15.52 75.52
C THR E 128 -24.19 14.81 76.87
N ALA E 129 -24.82 13.64 76.93
CA ALA E 129 -24.98 12.94 78.20
C ALA E 129 -23.62 12.51 78.76
N GLY E 130 -22.90 11.65 78.03
CA GLY E 130 -21.59 11.23 78.47
C GLY E 130 -21.36 9.73 78.41
N HIS E 131 -22.26 9.01 77.75
CA HIS E 131 -22.15 7.55 77.67
C HIS E 131 -21.34 7.18 76.43
N LEU E 132 -20.19 6.56 76.65
CA LEU E 132 -19.27 6.30 75.54
C LEU E 132 -19.71 5.11 74.70
N GLU E 133 -20.19 4.05 75.35
CA GLU E 133 -20.58 2.84 74.63
C GLU E 133 -21.69 3.11 73.62
N ILE E 134 -22.66 3.94 73.99
CA ILE E 134 -23.72 4.29 73.05
C ILE E 134 -23.15 5.08 71.89
N VAL E 135 -22.23 6.00 72.15
CA VAL E 135 -21.59 6.75 71.08
C VAL E 135 -20.89 5.81 70.11
N GLU E 136 -20.16 4.82 70.63
CA GLU E 136 -19.46 3.89 69.75
C GLU E 136 -20.44 3.07 68.91
N VAL E 137 -21.47 2.50 69.54
CA VAL E 137 -22.37 1.63 68.79
C VAL E 137 -23.20 2.44 67.80
N LEU E 138 -23.35 3.74 68.04
CA LEU E 138 -24.05 4.58 67.07
C LEU E 138 -23.14 4.97 65.92
N LEU E 139 -21.88 5.27 66.21
CA LEU E 139 -20.94 5.62 65.17
C LEU E 139 -20.67 4.44 64.23
N ARG E 140 -20.65 3.23 64.79
CA ARG E 140 -20.46 2.05 63.96
C ARG E 140 -21.69 1.72 63.12
N SER E 141 -22.86 2.23 63.49
CA SER E 141 -24.10 1.93 62.79
C SER E 141 -24.44 2.94 61.70
N GLY E 142 -23.67 4.01 61.57
CA GLY E 142 -23.90 4.99 60.54
C GLY E 142 -24.37 6.35 60.99
N ALA E 143 -24.11 6.74 62.23
CA ALA E 143 -24.49 8.08 62.67
C ALA E 143 -23.55 9.11 62.01
N SER E 144 -24.13 10.26 61.66
CA SER E 144 -23.40 11.30 60.97
C SER E 144 -22.80 12.28 61.97
N VAL E 145 -21.47 12.31 62.01
CA VAL E 145 -20.74 13.14 62.97
C VAL E 145 -20.89 14.62 62.71
N ASN E 146 -21.39 15.03 61.55
CA ASN E 146 -21.49 16.43 61.19
C ASN E 146 -22.92 16.84 60.89
N ALA E 147 -23.84 16.40 61.73
CA ALA E 147 -25.23 16.86 61.65
C ALA E 147 -25.41 18.08 62.54
N ARG E 148 -26.30 18.97 62.15
CA ARG E 148 -26.45 20.26 62.80
C ARG E 148 -27.76 20.34 63.57
N ASP E 149 -27.76 21.17 64.62
CA ASP E 149 -28.96 21.60 65.32
C ASP E 149 -29.59 22.78 64.59
N ASN E 150 -30.51 23.45 65.28
CA ASN E 150 -30.95 24.75 64.80
C ASN E 150 -29.93 25.83 65.14
N ILE E 151 -29.38 25.78 66.35
CA ILE E 151 -28.24 26.64 66.67
C ILE E 151 -27.06 26.36 65.75
N GLY E 152 -26.96 25.15 65.21
CA GLY E 152 -25.85 24.76 64.36
C GLY E 152 -24.83 23.87 65.03
N HIS E 153 -25.08 23.42 66.26
CA HIS E 153 -24.10 22.62 66.97
C HIS E 153 -23.93 21.26 66.32
N THR E 154 -22.69 20.78 66.29
CA THR E 154 -22.37 19.42 65.90
C THR E 154 -22.04 18.60 67.13
N PRO E 155 -22.10 17.27 67.04
CA PRO E 155 -21.84 16.46 68.24
C PRO E 155 -20.54 16.79 68.94
N LEU E 156 -19.55 17.34 68.22
CA LEU E 156 -18.29 17.70 68.86
C LEU E 156 -18.44 18.98 69.67
N HIS E 157 -19.27 19.92 69.20
CA HIS E 157 -19.61 21.09 70.01
C HIS E 157 -20.09 20.67 71.39
N LEU E 158 -21.04 19.73 71.43
CA LEU E 158 -21.60 19.28 72.69
C LEU E 158 -20.60 18.46 73.49
N ALA E 159 -19.81 17.62 72.82
CA ALA E 159 -18.78 16.87 73.52
C ALA E 159 -17.76 17.79 74.18
N ALA E 160 -17.46 18.93 73.57
CA ALA E 160 -16.52 19.89 74.15
C ALA E 160 -17.17 20.73 75.25
N TRP E 161 -18.42 21.13 75.07
CA TRP E 161 -19.11 21.85 76.13
C TRP E 161 -19.24 21.00 77.39
N ALA E 162 -19.73 19.76 77.25
CA ALA E 162 -19.99 18.94 78.42
C ALA E 162 -18.71 18.56 79.14
N GLY E 163 -17.60 18.43 78.42
CA GLY E 163 -16.34 18.06 79.01
C GLY E 163 -16.00 16.59 78.98
N HIS E 164 -16.35 15.88 77.91
CA HIS E 164 -16.14 14.44 77.82
C HIS E 164 -14.94 14.16 76.92
N LEU E 165 -13.81 13.79 77.52
CA LEU E 165 -12.57 13.66 76.77
C LEU E 165 -12.60 12.46 75.83
N GLU E 166 -12.98 11.29 76.36
CA GLU E 166 -12.97 10.07 75.55
C GLU E 166 -13.95 10.16 74.40
N ILE E 167 -15.10 10.80 74.62
CA ILE E 167 -16.06 11.00 73.53
C ILE E 167 -15.48 11.95 72.50
N VAL E 168 -14.75 12.97 72.94
CA VAL E 168 -14.09 13.85 71.99
C VAL E 168 -13.10 13.07 71.13
N GLU E 169 -12.35 12.16 71.74
CA GLU E 169 -11.42 11.34 70.98
C GLU E 169 -12.12 10.47 69.96
N VAL E 170 -13.15 9.75 70.36
CA VAL E 170 -13.81 8.85 69.41
C VAL E 170 -14.51 9.65 68.32
N LEU E 171 -14.98 10.86 68.62
CA LEU E 171 -15.57 11.69 67.59
C LEU E 171 -14.54 12.25 66.63
N LEU E 172 -13.33 12.52 67.11
CA LEU E 172 -12.27 12.99 66.22
C LEU E 172 -11.74 11.89 65.34
N ALA E 173 -11.74 10.65 65.82
CA ALA E 173 -11.34 9.51 65.01
C ALA E 173 -12.29 9.23 63.85
N TYR E 174 -13.56 9.62 63.97
CA TYR E 174 -14.58 9.27 62.97
C TYR E 174 -14.85 10.40 61.99
N GLY E 175 -14.09 11.49 62.05
CA GLY E 175 -14.17 12.52 61.04
C GLY E 175 -14.83 13.82 61.45
N ALA E 176 -15.03 14.05 62.74
CA ALA E 176 -15.48 15.36 63.18
C ALA E 176 -14.38 16.39 62.96
N ASP E 177 -14.76 17.53 62.40
CA ASP E 177 -13.82 18.60 62.07
C ASP E 177 -13.70 19.56 63.24
N VAL E 178 -12.50 20.09 63.45
CA VAL E 178 -12.26 20.88 64.65
C VAL E 178 -12.69 22.33 64.48
N PHE E 179 -12.49 22.92 63.29
CA PHE E 179 -12.95 24.29 63.08
C PHE E 179 -14.28 24.32 62.32
N ALA E 180 -15.34 23.86 62.95
CA ALA E 180 -16.69 24.06 62.45
C ALA E 180 -17.39 25.05 63.37
N GLN E 181 -18.28 25.85 62.80
CA GLN E 181 -18.92 26.91 63.57
C GLN E 181 -20.42 26.64 63.70
N ASP E 182 -21.02 27.30 64.69
CA ASP E 182 -22.47 27.36 64.84
C ASP E 182 -22.96 28.70 64.30
N LYS E 183 -24.26 28.93 64.40
CA LYS E 183 -24.81 30.19 63.91
C LYS E 183 -24.16 31.40 64.58
N PHE E 184 -23.82 31.28 65.86
CA PHE E 184 -23.25 32.40 66.58
C PHE E 184 -21.74 32.53 66.40
N GLY E 185 -21.12 31.65 65.63
CA GLY E 185 -19.75 31.83 65.21
C GLY E 185 -18.68 31.09 66.00
N LYS E 186 -19.07 30.21 66.92
CA LYS E 186 -18.10 29.57 67.79
C LYS E 186 -17.72 28.18 67.30
N THR E 187 -16.47 27.82 67.53
CA THR E 187 -15.90 26.51 67.26
C THR E 187 -15.79 25.73 68.56
N PRO E 188 -15.72 24.40 68.50
CA PRO E 188 -15.61 23.61 69.74
C PRO E 188 -14.55 24.08 70.69
N PHE E 189 -13.45 24.64 70.19
CA PHE E 189 -12.42 25.17 71.07
C PHE E 189 -12.94 26.34 71.89
N ASP E 190 -13.85 27.13 71.33
CA ASP E 190 -14.40 28.26 72.09
C ASP E 190 -15.33 27.78 73.19
N LEU E 191 -16.25 26.85 72.87
CA LEU E 191 -17.09 26.28 73.91
C LEU E 191 -16.26 25.55 74.95
N ALA E 192 -15.05 25.11 74.58
CA ALA E 192 -14.19 24.45 75.55
C ALA E 192 -13.48 25.46 76.45
N ILE E 193 -13.09 26.61 75.92
CA ILE E 193 -12.32 27.56 76.72
C ILE E 193 -13.21 28.47 77.53
N ASP E 194 -14.48 28.63 77.14
CA ASP E 194 -15.37 29.47 77.93
C ASP E 194 -16.12 28.69 79.01
N ASN E 195 -15.75 27.44 79.26
CA ASN E 195 -16.42 26.61 80.24
C ASN E 195 -15.46 25.93 81.20
N GLY E 196 -14.18 26.30 81.17
CA GLY E 196 -13.21 25.70 82.05
C GLY E 196 -12.81 24.28 81.72
N ASN E 197 -13.43 23.66 80.71
CA ASN E 197 -12.98 22.36 80.23
C ASN E 197 -11.59 22.52 79.62
N GLU E 198 -10.57 22.01 80.33
CA GLU E 198 -9.19 22.36 80.05
C GLU E 198 -8.53 21.49 78.99
N ASP E 199 -8.72 20.17 79.03
CA ASP E 199 -7.91 19.31 78.18
C ASP E 199 -8.53 19.15 76.80
N ILE E 200 -9.85 19.26 76.71
CA ILE E 200 -10.49 19.37 75.40
C ILE E 200 -9.84 20.49 74.62
N ALA E 201 -9.66 21.64 75.27
CA ALA E 201 -9.00 22.78 74.65
C ALA E 201 -7.59 22.44 74.20
N GLU E 202 -6.84 21.69 75.01
CA GLU E 202 -5.46 21.39 74.63
C GLU E 202 -5.39 20.46 73.43
N VAL E 203 -6.16 19.38 73.45
CA VAL E 203 -6.12 18.44 72.33
C VAL E 203 -6.78 18.98 71.08
N LEU E 204 -7.57 20.04 71.19
CA LEU E 204 -8.06 20.68 69.97
C LEU E 204 -7.11 21.76 69.47
N GLN E 205 -6.41 22.43 70.38
CA GLN E 205 -5.38 23.39 70.00
C GLN E 205 -4.24 22.71 69.27
N ARG E 206 -3.86 21.51 69.70
CA ARG E 206 -2.79 20.80 69.00
C ARG E 206 -3.16 20.56 67.54
N LEU E 207 -4.43 20.22 67.27
CA LEU E 207 -4.83 19.94 65.89
C LEU E 207 -4.93 21.22 65.07
N LEU E 208 -5.52 22.27 65.64
CA LEU E 208 -5.53 23.55 64.96
C LEU E 208 -4.12 23.98 64.57
N GLU E 209 -3.17 23.80 65.49
CA GLU E 209 -1.80 24.20 65.22
C GLU E 209 -1.13 23.32 64.17
N CYS E 210 -1.39 22.02 64.19
CA CYS E 210 -0.84 21.16 63.15
C CYS E 210 -1.31 21.59 61.77
N ARG E 211 -2.60 21.87 61.62
CA ARG E 211 -3.09 22.30 60.31
C ARG E 211 -2.49 23.63 59.89
N ARG E 212 -2.42 24.60 60.80
CA ARG E 212 -1.83 25.90 60.48
C ARG E 212 -0.38 25.76 60.04
N ASP E 213 0.40 24.96 60.76
CA ASP E 213 1.82 24.83 60.46
C ASP E 213 2.07 24.10 59.14
N ALA E 214 1.28 23.08 58.83
CA ALA E 214 1.44 22.44 57.54
C ALA E 214 1.12 23.39 56.40
N GLU E 215 0.06 24.19 56.54
CA GLU E 215 -0.24 25.19 55.53
C GLU E 215 0.93 26.15 55.31
N ALA E 216 1.48 26.68 56.41
CA ALA E 216 2.61 27.59 56.32
C ALA E 216 3.83 26.97 55.66
N ALA E 217 4.18 25.74 56.01
CA ALA E 217 5.33 25.09 55.40
C ALA E 217 5.15 24.83 53.91
N ILE E 218 3.93 24.50 53.47
CA ILE E 218 3.74 24.32 52.03
C ILE E 218 3.87 25.64 51.29
N ASN E 219 3.38 26.73 51.89
CA ASN E 219 3.62 28.04 51.26
C ASN E 219 5.09 28.36 51.14
N TYR E 220 5.87 28.08 52.19
CA TYR E 220 7.30 28.38 52.13
C TYR E 220 8.00 27.52 51.08
N GLN E 221 7.57 26.28 50.90
CA GLN E 221 8.18 25.45 49.86
C GLN E 221 7.85 25.96 48.47
N ILE E 222 6.64 26.46 48.26
CA ILE E 222 6.31 27.07 46.97
C ILE E 222 7.25 28.24 46.68
N ASN E 223 7.45 29.12 47.67
CA ASN E 223 8.36 30.25 47.45
C ASN E 223 9.78 29.80 47.18
N LEU E 224 10.25 28.75 47.88
CA LEU E 224 11.62 28.30 47.68
C LEU E 224 11.84 27.73 46.28
N GLU E 225 10.86 26.99 45.75
CA GLU E 225 11.05 26.48 44.39
C GLU E 225 10.96 27.59 43.35
N LEU E 226 10.12 28.59 43.57
CA LEU E 226 10.11 29.73 42.64
C LEU E 226 11.44 30.47 42.65
N TYR E 227 12.05 30.63 43.82
CA TYR E 227 13.36 31.25 43.90
C TYR E 227 14.43 30.42 43.19
N ALA E 228 14.41 29.11 43.36
CA ALA E 228 15.37 28.27 42.65
C ALA E 228 15.22 28.38 41.14
N SER E 229 13.98 28.43 40.65
CA SER E 229 13.75 28.62 39.22
C SER E 229 14.36 29.93 38.72
N TYR E 230 14.19 31.00 39.48
CA TYR E 230 14.78 32.29 39.12
C TYR E 230 16.31 32.23 39.11
N VAL E 231 16.90 31.55 40.08
CA VAL E 231 18.37 31.44 40.13
C VAL E 231 18.88 30.70 38.90
N TYR E 232 18.20 29.63 38.49
CA TYR E 232 18.64 28.90 37.31
C TYR E 232 18.49 29.72 36.05
N LEU E 233 17.45 30.55 35.96
CA LEU E 233 17.32 31.43 34.79
C LEU E 233 18.48 32.40 34.69
N SER E 234 18.87 32.99 35.82
CA SER E 234 20.05 33.85 35.85
C SER E 234 21.30 33.10 35.39
N MET E 235 21.56 31.93 35.99
CA MET E 235 22.70 31.11 35.58
C MET E 235 22.71 30.84 34.09
N SER E 236 21.57 30.47 33.52
CA SER E 236 21.49 30.15 32.11
C SER E 236 21.81 31.33 31.22
N TYR E 237 21.29 32.50 31.51
CA TYR E 237 21.61 33.64 30.65
C TYR E 237 22.95 34.27 30.97
N TYR E 238 23.68 33.77 31.96
CA TYR E 238 25.08 34.15 32.09
C TYR E 238 25.95 33.52 31.02
N PHE E 239 25.75 32.23 30.74
CA PHE E 239 26.55 31.52 29.76
C PHE E 239 26.20 31.86 28.33
N ASP E 240 25.33 32.85 28.12
CA ASP E 240 24.92 33.26 26.79
C ASP E 240 25.60 34.54 26.35
N ARG E 241 26.30 35.22 27.25
CA ARG E 241 27.08 36.39 26.89
C ARG E 241 28.12 36.01 25.85
N ASP E 242 28.70 36.99 25.15
CA ASP E 242 29.69 36.64 24.15
C ASP E 242 31.11 36.66 24.68
N ASP E 243 31.31 37.06 25.94
CA ASP E 243 32.57 36.76 26.59
C ASP E 243 32.48 35.50 27.42
N VAL E 244 31.33 34.83 27.40
CA VAL E 244 31.17 33.49 27.97
C VAL E 244 30.39 32.69 26.93
N ALA E 245 31.09 32.04 26.01
CA ALA E 245 30.42 31.48 24.85
C ALA E 245 30.22 29.96 24.99
N LEU E 246 29.41 29.58 25.97
CA LEU E 246 29.12 28.17 26.22
C LEU E 246 27.62 27.93 26.08
N LYS E 247 27.22 27.20 25.04
CA LYS E 247 25.82 27.06 24.67
C LYS E 247 25.10 25.93 25.40
N ASN E 248 25.81 24.85 25.69
CA ASN E 248 25.14 23.72 26.29
C ASN E 248 25.02 23.86 27.80
N PHE E 249 25.93 24.59 28.43
CA PHE E 249 25.69 25.06 29.79
C PHE E 249 24.40 25.88 29.87
N ALA E 250 24.17 26.74 28.88
CA ALA E 250 22.97 27.55 28.83
C ALA E 250 21.71 26.70 28.67
N LYS E 251 21.72 25.74 27.74
CA LYS E 251 20.56 24.86 27.60
C LYS E 251 20.31 24.05 28.87
N TYR E 252 21.37 23.52 29.48
CA TYR E 252 21.24 22.80 30.74
C TYR E 252 20.50 23.63 31.76
N PHE E 253 20.98 24.83 32.06
CA PHE E 253 20.37 25.59 33.12
C PHE E 253 18.98 26.12 32.76
N LEU E 254 18.67 26.32 31.48
CA LEU E 254 17.29 26.66 31.15
C LEU E 254 16.34 25.49 31.39
N HIS E 255 16.76 24.27 31.06
CA HIS E 255 15.95 23.11 31.37
C HIS E 255 15.67 22.99 32.86
N GLN E 256 16.71 23.18 33.68
CA GLN E 256 16.49 23.14 35.13
C GLN E 256 15.55 24.24 35.59
N SER E 257 15.67 25.43 35.02
CA SER E 257 14.77 26.53 35.34
C SER E 257 13.31 26.18 35.10
N HIS E 258 13.00 25.44 34.03
CA HIS E 258 11.60 25.11 33.79
C HIS E 258 11.10 23.97 34.65
N GLU E 259 11.96 22.98 34.92
CA GLU E 259 11.58 21.89 35.80
C GLU E 259 11.23 22.41 37.20
N GLU E 260 11.99 23.38 37.68
CA GLU E 260 11.71 23.90 39.02
C GLU E 260 10.41 24.69 39.11
N ARG E 261 9.85 25.15 38.00
CA ARG E 261 8.54 25.77 38.06
C ARG E 261 7.43 24.74 38.02
N GLU E 262 7.63 23.66 37.26
CA GLU E 262 6.70 22.53 37.39
C GLU E 262 6.63 22.04 38.82
N HIS E 263 7.78 21.96 39.50
CA HIS E 263 7.79 21.52 40.90
C HIS E 263 6.90 22.38 41.78
N ALA E 264 6.91 23.69 41.60
CA ALA E 264 6.12 24.57 42.47
C ALA E 264 4.65 24.55 42.12
N GLU E 265 4.31 24.42 40.83
CA GLU E 265 2.91 24.28 40.48
C GLU E 265 2.31 23.01 41.05
N LYS E 266 3.09 21.93 41.16
CA LYS E 266 2.59 20.73 41.81
C LYS E 266 2.18 20.99 43.25
N LEU E 267 2.97 21.78 43.98
CA LEU E 267 2.64 22.06 45.37
C LEU E 267 1.45 23.00 45.48
N MET E 268 1.29 23.93 44.53
CA MET E 268 0.08 24.75 44.52
C MET E 268 -1.17 23.91 44.34
N LYS E 269 -1.14 23.01 43.36
CA LYS E 269 -2.25 22.11 43.16
C LYS E 269 -2.53 21.28 44.42
N LEU E 270 -1.48 20.75 45.04
CA LEU E 270 -1.66 20.03 46.29
C LEU E 270 -2.39 20.86 47.33
N GLN E 271 -1.95 22.10 47.55
CA GLN E 271 -2.57 22.89 48.60
C GLN E 271 -4.00 23.26 48.26
N ASN E 272 -4.35 23.30 46.98
CA ASN E 272 -5.76 23.49 46.66
C ASN E 272 -6.57 22.22 46.90
N GLN E 273 -5.95 21.04 46.74
CA GLN E 273 -6.66 19.79 47.01
C GLN E 273 -6.92 19.60 48.50
N ARG E 274 -6.10 20.19 49.36
CA ARG E 274 -6.26 20.01 50.79
C ARG E 274 -7.25 20.99 51.40
N GLY E 275 -7.66 22.01 50.68
CA GLY E 275 -8.53 23.03 51.22
C GLY E 275 -7.85 24.18 51.88
N GLY E 276 -6.54 24.34 51.70
CA GLY E 276 -5.80 25.42 52.30
C GLY E 276 -5.77 26.64 51.40
N GLU E 277 -5.06 27.67 51.88
CA GLU E 277 -4.99 28.95 51.20
C GLU E 277 -3.58 29.22 50.72
N ILE E 278 -3.42 29.34 49.41
CA ILE E 278 -2.15 29.76 48.85
C ILE E 278 -1.95 31.25 49.12
N SER E 279 -0.77 31.61 49.62
CA SER E 279 -0.42 33.00 49.84
C SER E 279 0.95 33.24 49.25
N LEU E 280 0.99 33.79 48.04
CA LEU E 280 2.22 34.00 47.30
C LEU E 280 2.94 35.22 47.86
N GLN E 281 4.26 35.24 47.70
CA GLN E 281 5.10 36.29 48.28
C GLN E 281 6.14 36.75 47.29
N SER E 282 7.03 37.62 47.77
CA SER E 282 8.03 38.25 46.93
C SER E 282 9.17 37.26 46.68
N ILE E 283 9.73 37.30 45.47
CA ILE E 283 10.83 36.40 45.12
C ILE E 283 12.12 37.19 45.10
N SER E 284 13.06 36.81 45.96
CA SER E 284 14.34 37.49 46.02
C SER E 284 15.11 37.32 44.71
N SER E 285 16.03 38.23 44.47
CA SER E 285 16.86 38.07 43.29
C SER E 285 18.08 37.24 43.63
N PRO E 286 18.63 36.51 42.66
CA PRO E 286 19.80 35.68 42.95
C PRO E 286 20.95 36.51 43.48
N ASP E 287 21.84 35.85 44.20
CA ASP E 287 22.89 36.59 44.91
C ASP E 287 23.93 37.14 43.96
N SER E 288 24.12 36.49 42.82
CA SER E 288 25.14 36.91 41.86
C SER E 288 24.50 37.18 40.52
N ASP E 289 25.13 38.06 39.76
CA ASP E 289 24.88 38.18 38.33
C ASP E 289 26.02 37.60 37.52
N ASP E 290 27.19 37.45 38.13
CA ASP E 290 28.41 36.95 37.49
C ASP E 290 28.80 35.66 38.20
N TRP E 291 28.48 34.53 37.58
CA TRP E 291 28.91 33.24 38.05
C TRP E 291 30.22 32.87 37.38
N GLU E 292 31.32 32.98 38.13
CA GLU E 292 32.63 33.19 37.52
C GLU E 292 32.96 32.20 36.41
N SER E 293 32.53 30.94 36.54
CA SER E 293 32.89 29.94 35.55
C SER E 293 31.84 28.83 35.57
N GLY E 294 32.06 27.82 34.73
CA GLY E 294 31.17 26.67 34.72
C GLY E 294 31.28 25.81 35.96
N LEU E 295 32.50 25.64 36.48
CA LEU E 295 32.70 24.92 37.73
C LEU E 295 31.98 25.59 38.90
N ASN E 296 32.18 26.89 39.07
CA ASN E 296 31.56 27.62 40.16
C ASN E 296 30.04 27.62 40.07
N ALA E 297 29.48 27.76 38.87
CA ALA E 297 28.05 27.63 38.69
C ALA E 297 27.52 26.25 39.02
N MET E 298 28.22 25.18 38.62
CA MET E 298 27.79 23.85 39.01
C MET E 298 27.83 23.65 40.53
N GLU E 299 28.84 24.21 41.20
CA GLU E 299 28.90 24.07 42.66
C GLU E 299 27.79 24.85 43.35
N SER E 300 27.46 26.02 42.82
CA SER E 300 26.35 26.79 43.38
C SER E 300 25.02 26.07 43.18
N ALA E 301 24.81 25.46 42.01
CA ALA E 301 23.61 24.65 41.82
C ALA E 301 23.56 23.49 42.79
N LEU E 302 24.71 22.89 43.09
CA LEU E 302 24.74 21.78 44.04
C LEU E 302 24.32 22.23 45.44
N HIS E 303 24.86 23.35 45.92
CA HIS E 303 24.44 23.84 47.23
C HIS E 303 22.96 24.21 47.25
N LEU E 304 22.44 24.78 46.16
CA LEU E 304 21.02 25.13 46.12
C LEU E 304 20.15 23.89 46.19
N GLU E 305 20.49 22.84 45.45
CA GLU E 305 19.72 21.61 45.51
C GLU E 305 19.77 21.00 46.91
N LYS E 306 20.91 21.09 47.58
CA LYS E 306 20.98 20.55 48.94
C LYS E 306 20.10 21.34 49.91
N ALA E 307 20.05 22.66 49.77
CA ALA E 307 19.17 23.46 50.63
C ALA E 307 17.70 23.10 50.40
N VAL E 308 17.30 22.95 49.15
CA VAL E 308 15.93 22.55 48.85
C VAL E 308 15.62 21.20 49.48
N ASN E 309 16.54 20.25 49.39
CA ASN E 309 16.31 18.93 49.97
C ASN E 309 16.18 19.00 51.49
N ALA E 310 16.97 19.84 52.14
CA ALA E 310 16.83 20.00 53.59
C ALA E 310 15.44 20.52 53.95
N SER E 311 14.92 21.49 53.20
CA SER E 311 13.57 21.97 53.49
C SER E 311 12.54 20.87 53.31
N LEU E 312 12.67 20.06 52.27
CA LEU E 312 11.75 18.94 52.10
C LEU E 312 11.80 17.98 53.28
N LEU E 313 12.99 17.68 53.79
CA LEU E 313 13.08 16.80 54.95
C LEU E 313 12.42 17.39 56.19
N ARG E 314 12.58 18.69 56.40
CA ARG E 314 11.92 19.32 57.55
C ARG E 314 10.40 19.24 57.42
N LEU E 315 9.87 19.50 56.22
CA LEU E 315 8.44 19.40 56.02
C LEU E 315 7.94 17.98 56.19
N HIS E 316 8.73 16.99 55.79
CA HIS E 316 8.31 15.61 55.98
C HIS E 316 8.26 15.24 57.45
N LYS E 317 9.25 15.67 58.23
CA LYS E 317 9.19 15.39 59.66
C LYS E 317 8.00 16.08 60.31
N LEU E 318 7.67 17.29 59.87
CA LEU E 318 6.48 17.97 60.37
C LEU E 318 5.21 17.18 60.05
N ALA E 319 5.06 16.74 58.81
CA ALA E 319 3.88 15.97 58.43
C ALA E 319 3.84 14.62 59.14
N THR E 320 4.97 14.12 59.59
CA THR E 320 4.98 12.87 60.34
C THR E 320 4.54 13.09 61.79
N ASP E 321 4.94 14.22 62.38
CA ASP E 321 4.52 14.49 63.75
C ASP E 321 3.01 14.63 63.86
N CYS E 322 2.38 15.28 62.89
CA CYS E 322 0.96 15.57 62.96
C CYS E 322 0.09 14.51 62.30
N ASN E 323 0.58 13.29 62.13
CA ASN E 323 -0.22 12.16 61.67
C ASN E 323 -0.96 12.48 60.37
N ASP E 324 -0.21 12.66 59.29
CA ASP E 324 -0.75 13.07 58.01
C ASP E 324 -0.23 12.15 56.91
N PRO E 325 -0.72 10.91 56.82
CA PRO E 325 -0.13 9.95 55.87
C PRO E 325 -0.09 10.41 54.42
N HIS E 326 -1.10 11.13 53.93
CA HIS E 326 -1.13 11.50 52.53
C HIS E 326 -0.06 12.53 52.19
N LEU E 327 0.21 13.46 53.10
CA LEU E 327 1.26 14.44 52.85
C LEU E 327 2.63 13.78 52.81
N CYS E 328 2.90 12.86 53.73
CA CYS E 328 4.16 12.14 53.72
C CYS E 328 4.33 11.33 52.45
N ASP E 329 3.27 10.61 52.05
CA ASP E 329 3.33 9.84 50.81
C ASP E 329 3.59 10.72 49.61
N PHE E 330 2.92 11.88 49.55
CA PHE E 330 3.13 12.82 48.46
C PHE E 330 4.58 13.30 48.40
N ILE E 331 5.12 13.69 49.55
CA ILE E 331 6.48 14.23 49.59
C ILE E 331 7.49 13.18 49.15
N GLU E 332 7.38 11.96 49.69
CA GLU E 332 8.39 10.99 49.30
C GLU E 332 8.14 10.37 47.93
N THR E 333 6.94 10.49 47.37
CA THR E 333 6.72 9.97 46.04
C THR E 333 7.19 10.93 44.96
N HIS E 334 6.98 12.23 45.14
CA HIS E 334 7.28 13.14 44.04
C HIS E 334 8.54 13.95 44.24
N TYR E 335 9.10 13.98 45.45
CA TYR E 335 10.13 14.97 45.74
C TYR E 335 11.41 14.40 46.30
N LEU E 336 11.37 13.26 47.00
CA LEU E 336 12.60 12.81 47.65
C LEU E 336 13.49 11.99 46.75
N ASN E 337 12.97 11.41 45.67
CA ASN E 337 13.85 10.65 44.79
C ASN E 337 14.42 11.51 43.68
N GLU E 338 13.80 12.64 43.36
CA GLU E 338 14.37 13.54 42.38
C GLU E 338 15.54 14.33 42.95
N GLN E 339 15.46 14.71 44.22
CA GLN E 339 16.56 15.44 44.83
C GLN E 339 17.81 14.59 44.93
N VAL E 340 17.66 13.29 45.25
CA VAL E 340 18.79 12.40 45.34
C VAL E 340 19.49 12.26 44.00
N LYS E 341 18.72 12.12 42.92
CA LYS E 341 19.29 12.01 41.59
C LYS E 341 19.93 13.31 41.13
N ALA E 342 19.32 14.46 41.42
CA ALA E 342 19.92 15.74 41.12
C ALA E 342 21.25 15.93 41.83
N ILE E 343 21.33 15.61 43.12
CA ILE E 343 22.57 15.78 43.86
C ILE E 343 23.64 14.85 43.33
N LYS E 344 23.29 13.59 43.03
CA LYS E 344 24.27 12.67 42.47
C LYS E 344 24.81 13.17 41.14
N GLU E 345 23.94 13.64 40.26
CA GLU E 345 24.37 14.10 38.95
C GLU E 345 25.22 15.35 39.04
N LEU E 346 24.85 16.31 39.87
CA LEU E 346 25.63 17.53 39.97
C LEU E 346 26.99 17.30 40.63
N GLY E 347 27.09 16.38 41.58
CA GLY E 347 28.39 16.02 42.11
C GLY E 347 29.26 15.31 41.09
N ASP E 348 28.65 14.48 40.23
CA ASP E 348 29.39 13.89 39.12
C ASP E 348 29.97 14.96 38.21
N HIS E 349 29.14 15.93 37.80
CA HIS E 349 29.63 17.03 36.96
C HIS E 349 30.78 17.76 37.62
N VAL E 350 30.68 18.04 38.92
CA VAL E 350 31.75 18.79 39.58
C VAL E 350 33.04 17.99 39.62
N THR E 351 33.00 16.69 39.93
CA THR E 351 34.27 15.97 39.93
C THR E 351 34.85 15.78 38.53
N ASN E 352 34.01 15.58 37.51
CA ASN E 352 34.53 15.52 36.16
C ASN E 352 35.23 16.81 35.78
N LEU E 353 34.58 17.95 36.00
CA LEU E 353 35.19 19.23 35.67
C LEU E 353 36.48 19.45 36.45
N ARG E 354 36.50 19.09 37.72
CA ARG E 354 37.72 19.30 38.50
C ARG E 354 38.87 18.42 38.03
N LYS E 355 38.58 17.18 37.64
CA LYS E 355 39.64 16.30 37.17
C LYS E 355 40.17 16.73 35.81
N MET E 356 39.29 17.09 34.87
CA MET E 356 39.74 17.57 33.57
C MET E 356 40.66 18.77 33.66
N GLY E 357 40.62 19.53 34.75
CA GLY E 357 41.55 20.64 34.95
C GLY E 357 40.92 22.01 35.03
N ALA E 358 39.61 22.13 35.05
CA ALA E 358 38.98 23.44 35.15
C ALA E 358 39.18 24.00 36.55
N PRO E 359 39.02 25.32 36.74
CA PRO E 359 38.66 26.40 35.81
C PRO E 359 39.87 27.02 35.15
N GLU E 360 41.06 26.70 35.66
CA GLU E 360 42.29 27.24 35.13
C GLU E 360 42.66 26.67 33.77
N SER E 361 41.76 25.92 33.15
CA SER E 361 42.00 25.34 31.83
C SER E 361 40.81 25.61 30.93
N GLY E 362 41.00 26.48 29.95
CA GLY E 362 40.23 26.37 28.74
C GLY E 362 40.62 25.13 27.99
N LEU E 363 39.67 24.60 27.20
CA LEU E 363 39.71 23.28 26.60
C LEU E 363 39.30 22.21 27.60
N ALA E 364 39.03 22.60 28.84
CA ALA E 364 38.38 21.68 29.77
C ALA E 364 36.89 21.91 29.78
N GLU E 365 36.49 23.18 29.93
CA GLU E 365 35.08 23.51 29.88
C GLU E 365 34.55 23.47 28.45
N TYR E 366 35.38 23.78 27.46
CA TYR E 366 34.96 23.63 26.08
C TYR E 366 34.59 22.18 25.78
N LEU E 367 35.46 21.24 26.15
CA LEU E 367 35.21 19.84 25.83
C LEU E 367 34.17 19.22 26.73
N PHE E 368 34.06 19.66 27.98
CA PHE E 368 32.94 19.25 28.81
C PHE E 368 31.61 19.68 28.18
N ASP E 369 31.52 20.95 27.81
CA ASP E 369 30.33 21.48 27.14
C ASP E 369 30.00 20.71 25.88
N LYS E 370 31.02 20.28 25.14
CA LYS E 370 30.77 19.55 23.90
C LYS E 370 30.33 18.12 24.14
N HIS E 371 30.98 17.40 25.05
CA HIS E 371 30.85 15.96 25.15
C HIS E 371 29.83 15.50 26.19
N THR E 372 29.71 16.22 27.30
CA THR E 372 28.83 15.76 28.38
C THR E 372 27.49 16.46 28.34
N LEU E 373 27.48 17.75 28.05
CA LEU E 373 26.25 18.53 28.07
C LEU E 373 25.56 18.59 26.72
N GLY E 374 26.19 18.07 25.67
CA GLY E 374 25.59 18.10 24.35
C GLY E 374 25.89 16.89 23.51
N SER F 2 -26.58 21.51 100.76
CA SER F 2 -26.61 20.10 100.40
C SER F 2 -27.87 19.74 99.61
N LYS F 3 -29.03 20.20 100.11
CA LYS F 3 -30.29 19.81 99.49
C LYS F 3 -30.60 20.65 98.26
N GLY F 4 -30.33 21.96 98.30
CA GLY F 4 -30.74 22.83 97.23
C GLY F 4 -30.16 22.46 95.88
N GLU F 5 -29.01 21.81 95.88
CA GLU F 5 -28.37 21.42 94.62
C GLU F 5 -28.83 20.07 94.10
N GLU F 6 -29.42 19.25 94.97
CA GLU F 6 -29.80 17.89 94.57
C GLU F 6 -31.00 17.88 93.64
N LEU F 7 -31.92 18.83 93.80
CA LEU F 7 -33.22 18.79 93.15
C LEU F 7 -33.15 18.85 91.62
N PHE F 8 -31.96 18.94 91.03
CA PHE F 8 -31.80 19.00 89.58
C PHE F 8 -30.93 17.87 89.05
N THR F 9 -31.02 16.69 89.66
CA THR F 9 -30.15 15.57 89.29
C THR F 9 -30.42 15.07 87.88
N GLY F 10 -31.63 15.27 87.37
CA GLY F 10 -31.99 14.73 86.07
C GLY F 10 -32.84 15.66 85.24
N VAL F 11 -33.62 15.09 84.33
CA VAL F 11 -34.54 15.87 83.51
C VAL F 11 -35.63 16.43 84.40
N VAL F 12 -36.24 17.54 83.96
CA VAL F 12 -37.34 18.18 84.68
C VAL F 12 -38.37 18.61 83.65
N PRO F 13 -39.59 18.08 83.69
CA PRO F 13 -40.66 18.61 82.86
C PRO F 13 -41.13 19.97 83.38
N ILE F 14 -41.58 20.81 82.44
CA ILE F 14 -41.90 22.19 82.74
C ILE F 14 -43.32 22.49 82.26
N LEU F 15 -44.00 23.38 82.96
CA LEU F 15 -45.32 23.87 82.60
C LEU F 15 -45.36 25.35 82.92
N VAL F 16 -45.37 26.20 81.90
CA VAL F 16 -45.22 27.63 82.10
C VAL F 16 -46.50 28.34 81.68
N GLU F 17 -47.13 29.02 82.63
CA GLU F 17 -48.34 29.78 82.38
C GLU F 17 -48.06 31.25 82.61
N LEU F 18 -48.49 32.08 81.65
CA LEU F 18 -48.30 33.51 81.70
C LEU F 18 -49.60 34.20 81.32
N ASP F 19 -50.09 35.07 82.20
CA ASP F 19 -51.32 35.82 81.95
C ASP F 19 -51.00 37.30 81.95
N GLY F 20 -51.21 37.94 80.82
CA GLY F 20 -50.77 39.32 80.63
C GLY F 20 -51.88 40.23 80.13
N ASP F 21 -51.80 41.49 80.55
CA ASP F 21 -52.68 42.56 80.08
C ASP F 21 -51.83 43.68 79.50
N VAL F 22 -51.97 43.92 78.19
CA VAL F 22 -51.22 44.95 77.49
C VAL F 22 -52.18 45.77 76.65
N ASN F 23 -52.55 46.95 77.15
CA ASN F 23 -53.34 47.94 76.41
C ASN F 23 -54.63 47.32 75.85
N GLY F 24 -55.44 46.76 76.74
CA GLY F 24 -56.68 46.13 76.37
C GLY F 24 -56.52 44.73 75.81
N HIS F 25 -55.29 44.28 75.61
CA HIS F 25 -55.03 42.95 75.08
C HIS F 25 -54.78 41.99 76.24
N LYS F 26 -55.74 41.11 76.51
CA LYS F 26 -55.54 40.04 77.47
C LYS F 26 -55.00 38.82 76.74
N PHE F 27 -54.08 38.11 77.39
CA PHE F 27 -53.53 36.91 76.77
C PHE F 27 -53.09 35.92 77.84
N SER F 28 -53.28 34.65 77.52
CA SER F 28 -52.75 33.53 78.29
C SER F 28 -51.79 32.77 77.39
N VAL F 29 -50.67 32.34 77.97
CA VAL F 29 -49.64 31.60 77.25
C VAL F 29 -49.31 30.36 78.07
N ARG F 30 -49.31 29.21 77.40
CA ARG F 30 -48.85 27.96 78.00
C ARG F 30 -47.66 27.43 77.21
N GLY F 31 -46.63 27.04 77.94
CA GLY F 31 -45.44 26.47 77.36
C GLY F 31 -45.08 25.13 77.96
N GLU F 32 -44.72 24.19 77.09
CA GLU F 32 -44.47 22.81 77.46
C GLU F 32 -43.09 22.39 76.96
N GLY F 33 -42.33 21.72 77.82
CA GLY F 33 -41.02 21.24 77.44
C GLY F 33 -40.30 20.63 78.63
N GLU F 34 -38.98 20.50 78.50
CA GLU F 34 -38.16 19.91 79.55
C GLU F 34 -36.81 20.59 79.64
N GLY F 35 -36.18 20.43 80.81
CA GLY F 35 -34.87 21.03 81.03
C GLY F 35 -33.92 20.20 81.88
N ASP F 36 -32.64 20.47 81.74
CA ASP F 36 -31.60 19.84 82.56
C ASP F 36 -30.62 20.93 82.99
N ALA F 37 -30.32 20.95 84.28
CA ALA F 37 -29.35 21.89 84.84
C ALA F 37 -27.92 21.42 84.66
N THR F 38 -27.68 20.11 84.56
CA THR F 38 -26.32 19.60 84.43
C THR F 38 -25.61 20.18 83.21
N ASN F 39 -26.34 20.44 82.13
CA ASN F 39 -25.76 21.02 80.93
C ASN F 39 -26.35 22.39 80.61
N GLY F 40 -27.14 22.96 81.53
CA GLY F 40 -27.77 24.25 81.29
C GLY F 40 -28.64 24.28 80.06
N LYS F 41 -29.31 23.18 79.76
CA LYS F 41 -30.06 23.05 78.51
C LYS F 41 -31.55 23.09 78.79
N LEU F 42 -32.29 23.85 77.98
CA LEU F 42 -33.73 23.94 78.09
C LEU F 42 -34.33 23.81 76.70
N THR F 43 -35.47 23.12 76.60
CA THR F 43 -36.07 22.85 75.30
C THR F 43 -37.59 22.91 75.46
N LEU F 44 -38.21 23.95 74.89
CA LEU F 44 -39.61 24.27 75.16
C LEU F 44 -40.36 24.58 73.87
N LYS F 45 -41.68 24.61 73.99
CA LYS F 45 -42.58 24.99 72.91
C LYS F 45 -43.77 25.72 73.52
N PHE F 46 -43.96 26.97 73.10
CA PHE F 46 -44.99 27.85 73.63
C PHE F 46 -46.11 27.99 72.63
N ILE F 47 -47.35 28.06 73.13
CA ILE F 47 -48.54 28.20 72.29
C ILE F 47 -49.54 29.08 73.00
N CYS F 48 -50.22 29.95 72.24
CA CYS F 48 -51.22 30.85 72.80
C CYS F 48 -52.62 30.39 72.39
N THR F 49 -53.40 29.97 73.36
CA THR F 49 -54.78 29.57 73.11
C THR F 49 -55.73 30.76 73.05
N THR F 50 -55.20 31.98 72.88
CA THR F 50 -55.98 33.20 72.85
C THR F 50 -55.91 33.86 71.47
N GLY F 51 -55.89 33.06 70.41
CA GLY F 51 -55.92 33.60 69.06
C GLY F 51 -54.67 34.37 68.70
N LYS F 52 -54.78 35.18 67.64
CA LYS F 52 -53.65 35.97 67.16
C LYS F 52 -53.27 37.00 68.20
N LEU F 53 -51.98 37.21 68.40
CA LEU F 53 -51.53 38.13 69.43
C LEU F 53 -50.91 39.36 68.77
N PRO F 54 -51.10 40.56 69.33
CA PRO F 54 -50.58 41.77 68.67
C PRO F 54 -49.07 41.97 68.80
N VAL F 55 -48.44 41.49 69.87
CA VAL F 55 -47.01 41.69 70.10
C VAL F 55 -46.26 40.56 69.43
N PRO F 56 -45.11 40.82 68.80
CA PRO F 56 -44.39 39.75 68.11
C PRO F 56 -43.89 38.70 69.09
N TRP F 57 -43.70 37.49 68.58
CA TRP F 57 -43.14 36.43 69.41
C TRP F 57 -41.78 36.78 70.01
N PRO F 58 -40.83 37.40 69.31
CA PRO F 58 -39.55 37.74 69.94
C PRO F 58 -39.68 38.51 71.23
N THR F 59 -40.76 39.28 71.41
CA THR F 59 -40.96 39.99 72.66
C THR F 59 -41.19 39.02 73.82
N LEU F 60 -42.05 38.04 73.62
CA LEU F 60 -42.42 37.09 74.67
C LEU F 60 -41.29 36.16 75.06
N VAL F 61 -40.19 36.14 74.30
CA VAL F 61 -39.13 35.18 74.55
C VAL F 61 -38.40 35.51 75.83
N THR F 62 -38.00 36.77 76.00
CA THR F 62 -37.25 37.17 77.18
C THR F 62 -38.03 36.98 78.47
N THR F 63 -39.35 37.09 78.36
CA THR F 63 -40.22 37.03 79.56
C THR F 63 -40.94 35.72 79.61
N LEU F 64 -40.20 34.61 79.64
CA LEU F 64 -40.83 33.28 79.81
C LEU F 64 -39.79 32.33 80.42
N VAL F 66 -36.32 30.69 83.71
CA VAL F 66 -36.11 29.58 84.60
C VAL F 66 -34.61 29.39 84.79
N GLN F 67 -33.95 30.47 85.20
CA GLN F 67 -32.47 30.43 85.32
C GLN F 67 -32.09 29.31 86.29
N CYS F 68 -33.08 28.80 87.02
CA CYS F 68 -32.80 27.65 87.91
C CYS F 68 -32.26 26.49 87.05
N PHE F 69 -32.17 26.67 85.72
CA PHE F 69 -31.69 25.52 84.96
C PHE F 69 -30.32 25.74 84.36
N SER F 70 -29.66 26.85 84.69
CA SER F 70 -28.41 27.21 84.06
C SER F 70 -27.28 26.30 84.52
N ARG F 71 -26.34 26.03 83.62
CA ARG F 71 -25.23 25.14 83.92
C ARG F 71 -24.26 25.81 84.87
N TYR F 72 -24.06 25.19 86.03
CA TYR F 72 -23.23 25.76 87.08
C TYR F 72 -22.04 24.85 87.36
N PRO F 73 -20.82 25.36 87.29
CA PRO F 73 -19.65 24.49 87.49
C PRO F 73 -19.38 24.19 88.95
N ASP F 74 -18.45 23.28 89.21
CA ASP F 74 -18.16 22.88 90.58
C ASP F 74 -17.39 23.98 91.32
N HIS F 75 -16.78 24.90 90.57
CA HIS F 75 -16.14 25.99 91.31
C HIS F 75 -17.13 27.06 91.74
N MET F 76 -18.26 27.26 91.07
CA MET F 76 -19.32 28.12 91.57
C MET F 76 -20.41 27.35 92.29
N LYS F 77 -20.06 26.26 92.98
CA LYS F 77 -21.02 25.59 93.84
C LYS F 77 -21.43 26.45 95.03
N ARG F 78 -20.66 27.49 95.33
CA ARG F 78 -20.94 28.36 96.46
C ARG F 78 -21.61 29.67 96.06
N HIS F 79 -21.85 29.88 94.76
CA HIS F 79 -22.45 31.12 94.28
C HIS F 79 -23.68 30.82 93.43
N ASP F 80 -24.44 29.80 93.78
CA ASP F 80 -25.67 29.42 93.08
C ASP F 80 -26.85 29.77 93.99
N PHE F 81 -27.33 31.02 93.87
CA PHE F 81 -28.44 31.46 94.71
C PHE F 81 -29.73 30.71 94.38
N PHE F 82 -29.98 30.44 93.10
CA PHE F 82 -31.23 29.80 92.71
C PHE F 82 -31.30 28.36 93.21
N LYS F 83 -30.15 27.75 93.47
CA LYS F 83 -30.13 26.34 93.83
C LYS F 83 -30.52 26.10 95.29
N SER F 84 -29.81 26.74 96.23
CA SER F 84 -29.99 26.46 97.65
C SER F 84 -31.45 26.48 98.09
N ALA F 85 -32.33 27.13 97.32
CA ALA F 85 -33.74 27.26 97.67
C ALA F 85 -34.63 26.23 97.02
N MET F 86 -34.19 24.98 96.87
CA MET F 86 -35.07 23.97 96.29
C MET F 86 -35.30 22.83 97.28
N PRO F 87 -36.56 22.40 97.47
CA PRO F 87 -37.78 22.86 96.80
C PRO F 87 -38.40 24.10 97.44
N GLU F 88 -37.61 24.83 98.23
CA GLU F 88 -38.05 26.08 98.82
C GLU F 88 -38.67 27.00 97.77
N GLY F 89 -38.06 27.09 96.60
CA GLY F 89 -38.54 27.94 95.54
C GLY F 89 -38.24 29.39 95.82
N TYR F 90 -38.79 30.27 94.97
CA TYR F 90 -38.58 31.70 95.13
C TYR F 90 -39.54 32.46 94.22
N VAL F 91 -39.49 33.78 94.33
CA VAL F 91 -40.29 34.67 93.50
C VAL F 91 -39.36 35.71 92.91
N GLN F 92 -39.78 36.30 91.79
CA GLN F 92 -39.03 37.37 91.15
C GLN F 92 -39.98 38.40 90.53
N GLU F 93 -39.65 39.67 90.78
CA GLU F 93 -40.37 40.78 90.18
C GLU F 93 -39.48 41.45 89.14
N ARG F 94 -39.95 41.45 87.89
CA ARG F 94 -39.17 41.92 86.76
C ARG F 94 -39.82 43.14 86.14
N THR F 95 -39.00 44.11 85.76
CA THR F 95 -39.43 45.25 84.95
C THR F 95 -38.60 45.26 83.68
N ILE F 96 -39.26 45.28 82.53
CA ILE F 96 -38.57 45.39 81.25
C ILE F 96 -38.95 46.72 80.64
N SER F 97 -37.96 47.45 80.16
CA SER F 97 -38.12 48.82 79.69
C SER F 97 -37.64 48.89 78.24
N PHE F 98 -38.58 49.10 77.33
CA PHE F 98 -38.25 49.34 75.93
C PHE F 98 -37.79 50.77 75.75
N LYS F 99 -36.80 50.97 74.89
CA LYS F 99 -36.48 52.31 74.45
C LYS F 99 -37.34 52.65 73.24
N ASP F 100 -37.84 53.89 73.21
CA ASP F 100 -38.73 54.38 72.15
C ASP F 100 -40.10 53.72 72.20
N ASP F 101 -40.47 53.20 73.39
CA ASP F 101 -41.82 52.73 73.69
C ASP F 101 -41.91 52.46 75.19
N GLY F 102 -43.06 51.93 75.62
CA GLY F 102 -43.42 51.80 77.03
C GLY F 102 -42.73 50.67 77.77
N THR F 103 -43.42 50.06 78.74
CA THR F 103 -42.77 49.14 79.67
C THR F 103 -43.67 47.98 80.03
N TYR F 104 -43.06 46.99 80.70
CA TYR F 104 -43.74 45.81 81.24
C TYR F 104 -43.35 45.60 82.70
N LYS F 105 -44.35 45.36 83.54
CA LYS F 105 -44.19 44.97 84.94
C LYS F 105 -44.68 43.54 85.09
N THR F 106 -43.83 42.64 85.56
CA THR F 106 -44.14 41.21 85.48
C THR F 106 -43.69 40.49 86.75
N ARG F 107 -44.67 39.91 87.44
CA ARG F 107 -44.43 39.12 88.65
C ARG F 107 -44.38 37.64 88.28
N ALA F 108 -43.48 36.89 88.91
CA ALA F 108 -43.36 35.47 88.62
C ALA F 108 -43.03 34.71 89.89
N GLU F 109 -43.69 33.55 90.07
CA GLU F 109 -43.41 32.69 91.21
C GLU F 109 -42.94 31.34 90.68
N VAL F 110 -41.72 30.93 91.06
CA VAL F 110 -41.09 29.73 90.54
C VAL F 110 -40.86 28.75 91.69
N LYS F 111 -41.18 27.48 91.46
CA LYS F 111 -41.09 26.45 92.48
C LYS F 111 -41.12 25.08 91.80
N PHE F 112 -41.03 24.04 92.63
CA PHE F 112 -41.37 22.69 92.22
C PHE F 112 -42.77 22.34 92.71
N GLU F 113 -43.54 21.67 91.87
CA GLU F 113 -44.86 21.16 92.21
C GLU F 113 -44.78 19.66 91.97
N GLY F 114 -44.71 18.90 93.07
CA GLY F 114 -44.35 17.50 92.96
C GLY F 114 -42.91 17.39 92.51
N ASP F 115 -42.72 17.02 91.24
CA ASP F 115 -41.42 17.11 90.58
C ASP F 115 -41.51 17.86 89.25
N THR F 116 -42.66 18.43 88.94
CA THR F 116 -42.86 19.22 87.73
C THR F 116 -42.56 20.68 88.04
N LEU F 117 -41.80 21.35 87.20
CA LEU F 117 -41.54 22.76 87.41
C LEU F 117 -42.65 23.57 86.75
N VAL F 118 -43.55 24.12 87.56
CA VAL F 118 -44.64 24.96 87.08
C VAL F 118 -44.32 26.41 87.41
N ASN F 119 -44.52 27.27 86.42
CA ASN F 119 -44.11 28.67 86.53
C ASN F 119 -45.30 29.57 86.22
N ARG F 120 -45.83 30.21 87.26
CA ARG F 120 -46.97 31.11 87.15
C ARG F 120 -46.48 32.55 87.09
N ILE F 121 -46.83 33.24 86.01
CA ILE F 121 -46.36 34.60 85.76
C ILE F 121 -47.55 35.48 85.40
N GLU F 122 -47.57 36.69 85.96
CA GLU F 122 -48.61 37.69 85.70
C GLU F 122 -47.93 38.94 85.16
N LEU F 123 -48.50 39.51 84.11
CA LEU F 123 -47.85 40.56 83.35
C LEU F 123 -48.78 41.74 83.12
N LYS F 124 -48.24 42.95 83.24
CA LYS F 124 -48.95 44.18 82.96
C LYS F 124 -48.06 45.05 82.10
N GLY F 125 -48.38 45.16 80.81
CA GLY F 125 -47.57 45.96 79.93
C GLY F 125 -48.31 47.16 79.38
N ILE F 126 -47.79 48.38 79.59
CA ILE F 126 -48.54 49.57 79.21
C ILE F 126 -47.56 50.60 78.63
N ASP F 127 -48.13 51.75 78.24
CA ASP F 127 -47.41 52.97 77.87
C ASP F 127 -46.82 52.90 76.45
N PHE F 128 -47.48 52.16 75.56
CA PHE F 128 -46.99 51.96 74.20
C PHE F 128 -47.83 52.75 73.20
N LYS F 129 -47.22 53.07 72.06
CA LYS F 129 -47.97 53.53 70.91
C LYS F 129 -48.34 52.33 70.05
N GLU F 130 -49.62 52.21 69.73
CA GLU F 130 -50.14 50.98 69.14
C GLU F 130 -50.04 50.93 67.63
N ASP F 131 -49.45 51.96 67.01
CA ASP F 131 -49.05 51.90 65.61
C ASP F 131 -47.55 51.99 65.45
N GLY F 132 -46.79 51.43 66.40
CA GLY F 132 -45.35 51.52 66.39
C GLY F 132 -44.70 50.33 65.71
N ASN F 133 -43.41 50.15 66.01
CA ASN F 133 -42.61 49.08 65.43
C ASN F 133 -42.31 47.96 66.40
N ILE F 134 -41.90 48.30 67.63
CA ILE F 134 -41.58 47.29 68.63
C ILE F 134 -42.75 46.32 68.80
N LEU F 135 -43.97 46.84 68.79
CA LEU F 135 -45.16 45.99 68.91
C LEU F 135 -45.87 45.77 67.58
N GLY F 136 -45.75 46.69 66.64
CA GLY F 136 -46.51 46.64 65.41
C GLY F 136 -45.98 45.69 64.36
N HIS F 137 -45.19 44.70 64.79
CA HIS F 137 -44.65 43.66 63.92
C HIS F 137 -43.82 44.27 62.78
N LYS F 138 -42.77 44.98 63.19
CA LYS F 138 -41.74 45.45 62.28
C LYS F 138 -40.39 44.82 62.57
N LEU F 139 -40.21 44.25 63.75
CA LEU F 139 -38.94 43.71 64.19
C LEU F 139 -38.73 42.32 63.60
N GLU F 140 -37.47 41.89 63.57
CA GLU F 140 -37.10 40.68 62.85
C GLU F 140 -37.21 39.45 63.75
N TYR F 141 -37.68 38.34 63.15
CA TYR F 141 -37.84 37.06 63.84
C TYR F 141 -36.47 36.40 63.92
N ASN F 142 -35.73 36.72 64.98
CA ASN F 142 -34.40 36.19 65.22
C ASN F 142 -34.10 36.27 66.71
N PHE F 143 -32.82 36.10 67.04
CA PHE F 143 -32.35 36.25 68.40
C PHE F 143 -30.83 36.34 68.37
N ASN F 144 -30.24 36.71 69.51
CA ASN F 144 -28.80 36.88 69.63
C ASN F 144 -28.33 36.41 71.01
N SER F 145 -27.02 36.27 71.15
CA SER F 145 -26.41 35.82 72.40
C SER F 145 -26.37 36.96 73.40
N HIS F 146 -26.73 36.67 74.65
CA HIS F 146 -26.86 37.71 75.65
C HIS F 146 -26.23 37.31 76.96
N ASN F 147 -26.17 38.27 77.88
CA ASN F 147 -25.58 38.08 79.20
C ASN F 147 -26.47 38.71 80.25
N VAL F 148 -26.42 38.15 81.47
CA VAL F 148 -27.18 38.63 82.62
C VAL F 148 -26.17 38.91 83.73
N TYR F 149 -26.31 40.05 84.41
CA TYR F 149 -25.50 40.35 85.57
C TYR F 149 -26.31 40.09 86.83
N ILE F 150 -25.84 39.18 87.67
CA ILE F 150 -26.49 38.90 88.95
C ILE F 150 -25.63 39.48 90.07
N THR F 151 -26.28 40.16 91.00
CA THR F 151 -25.65 40.85 92.10
C THR F 151 -26.30 40.44 93.41
N ALA F 152 -25.48 40.19 94.43
CA ALA F 152 -26.00 39.88 95.74
C ALA F 152 -26.80 41.06 96.29
N ASP F 153 -27.81 40.76 97.09
CA ASP F 153 -28.69 41.79 97.66
C ASP F 153 -29.03 41.35 99.08
N LYS F 154 -28.22 41.78 100.05
CA LYS F 154 -28.45 41.39 101.43
C LYS F 154 -29.70 42.03 102.01
N GLN F 155 -30.15 43.15 101.43
CA GLN F 155 -31.38 43.79 101.89
C GLN F 155 -32.57 42.86 101.74
N LYS F 156 -32.65 42.13 100.62
CA LYS F 156 -33.65 41.09 100.44
C LYS F 156 -33.06 39.71 100.59
N ASN F 157 -31.86 39.61 101.17
CA ASN F 157 -31.08 38.37 101.35
C ASN F 157 -31.20 37.44 100.13
N GLY F 158 -31.32 38.06 98.95
CA GLY F 158 -31.46 37.37 97.69
C GLY F 158 -30.56 38.02 96.66
N ILE F 159 -31.08 38.29 95.46
CA ILE F 159 -30.25 38.91 94.43
C ILE F 159 -31.06 39.89 93.60
N LYS F 160 -30.35 40.73 92.87
CA LYS F 160 -30.89 41.51 91.78
C LYS F 160 -30.26 41.02 90.48
N ALA F 161 -31.04 41.06 89.40
CA ALA F 161 -30.54 40.67 88.09
C ALA F 161 -30.84 41.79 87.11
N ASN F 162 -29.78 42.29 86.46
CA ASN F 162 -29.90 43.36 85.50
C ASN F 162 -29.24 42.93 84.19
N PHE F 163 -29.88 43.30 83.08
CA PHE F 163 -29.29 42.97 81.79
C PHE F 163 -29.95 43.81 80.71
N LYS F 164 -29.37 43.75 79.51
CA LYS F 164 -29.83 44.56 78.39
C LYS F 164 -29.91 43.67 77.17
N ILE F 165 -31.05 43.73 76.47
CA ILE F 165 -31.29 42.92 75.29
C ILE F 165 -31.39 43.84 74.08
N ARG F 166 -30.83 43.40 72.97
CA ARG F 166 -30.86 44.15 71.71
C ARG F 166 -31.58 43.31 70.67
N HIS F 167 -32.75 43.76 70.25
CA HIS F 167 -33.53 43.10 69.22
C HIS F 167 -33.40 43.87 67.92
N ASN F 168 -32.79 43.24 66.91
CA ASN F 168 -32.60 43.90 65.63
C ASN F 168 -33.91 43.95 64.86
N VAL F 169 -34.12 45.06 64.16
CA VAL F 169 -35.31 45.27 63.36
C VAL F 169 -34.97 44.90 61.91
N GLU F 170 -36.01 44.63 61.12
CA GLU F 170 -35.81 44.15 59.75
C GLU F 170 -35.08 45.18 58.89
N ASP F 171 -34.83 46.38 59.42
CA ASP F 171 -34.11 47.42 58.69
C ASP F 171 -32.85 47.87 59.43
N GLY F 172 -32.13 46.93 60.04
CA GLY F 172 -30.84 47.20 60.66
C GLY F 172 -30.91 47.82 62.04
N SER F 173 -31.94 48.61 62.33
CA SER F 173 -32.02 49.27 63.62
C SER F 173 -32.27 48.23 64.72
N VAL F 174 -31.97 48.64 65.95
CA VAL F 174 -32.04 47.76 67.11
C VAL F 174 -32.86 48.43 68.20
N GLN F 175 -33.48 47.62 69.04
CA GLN F 175 -34.21 48.08 70.20
C GLN F 175 -33.52 47.52 71.44
N LEU F 176 -33.17 48.39 72.38
CA LEU F 176 -32.44 47.99 73.58
C LEU F 176 -33.38 48.03 74.79
N ALA F 177 -33.87 46.86 75.18
CA ALA F 177 -34.74 46.71 76.34
C ALA F 177 -33.87 46.42 77.56
N ASP F 178 -34.00 47.25 78.58
CA ASP F 178 -33.28 47.08 79.83
C ASP F 178 -34.17 46.35 80.84
N HIS F 179 -33.63 45.30 81.44
CA HIS F 179 -34.39 44.43 82.33
C HIS F 179 -33.80 44.46 83.73
N TYR F 180 -34.65 44.74 84.71
CA TYR F 180 -34.35 44.60 86.13
C TYR F 180 -35.22 43.50 86.69
N GLN F 181 -34.73 42.83 87.74
CA GLN F 181 -35.60 41.93 88.49
C GLN F 181 -35.03 41.67 89.86
N GLN F 182 -35.92 41.55 90.85
CA GLN F 182 -35.58 41.21 92.22
C GLN F 182 -35.94 39.75 92.45
N ASN F 183 -34.96 38.96 92.92
CA ASN F 183 -35.14 37.55 93.20
C ASN F 183 -35.04 37.32 94.70
N THR F 184 -36.11 36.76 95.28
CA THR F 184 -36.18 36.55 96.73
C THR F 184 -36.78 35.19 97.04
N PRO F 185 -36.19 34.45 97.98
CA PRO F 185 -36.73 33.13 98.32
C PRO F 185 -37.87 33.23 99.32
N ILE F 186 -38.77 32.26 99.25
CA ILE F 186 -39.95 32.27 100.11
C ILE F 186 -39.60 31.91 101.56
N GLY F 187 -38.60 31.06 101.77
CA GLY F 187 -38.28 30.63 103.11
C GLY F 187 -37.16 31.43 103.73
N ASP F 188 -37.12 31.41 105.06
CA ASP F 188 -36.13 32.13 105.84
C ASP F 188 -34.81 31.37 105.98
N GLY F 189 -34.69 30.22 105.33
CA GLY F 189 -33.50 29.40 105.46
C GLY F 189 -32.25 30.05 104.89
N PRO F 190 -31.11 29.39 105.09
CA PRO F 190 -29.86 29.94 104.55
C PRO F 190 -29.70 29.63 103.08
N VAL F 191 -29.64 30.70 102.28
CA VAL F 191 -29.46 30.59 100.83
C VAL F 191 -28.07 31.08 100.49
N LEU F 192 -27.41 30.34 99.61
CA LEU F 192 -26.01 30.58 99.24
C LEU F 192 -25.92 31.93 98.55
N LEU F 193 -24.93 32.73 98.93
CA LEU F 193 -24.86 34.11 98.49
C LEU F 193 -23.86 34.27 97.35
N PRO F 194 -24.30 34.55 96.13
CA PRO F 194 -23.37 34.76 95.03
C PRO F 194 -22.94 36.22 94.91
N ASP F 195 -21.63 36.40 94.76
CA ASP F 195 -21.13 37.71 94.40
C ASP F 195 -21.54 38.04 92.96
N ASN F 196 -21.42 39.31 92.61
CA ASN F 196 -21.85 39.78 91.29
C ASN F 196 -21.02 39.10 90.22
N HIS F 197 -21.69 38.41 89.29
CA HIS F 197 -21.00 37.85 88.13
C HIS F 197 -22.01 37.76 86.99
N TYR F 198 -21.63 37.08 85.91
CA TYR F 198 -22.40 37.15 84.68
C TYR F 198 -22.89 35.76 84.29
N LEU F 199 -23.74 35.73 83.28
CA LEU F 199 -24.38 34.52 82.81
C LEU F 199 -24.69 34.65 81.33
N SER F 200 -24.06 33.80 80.52
CA SER F 200 -24.22 33.81 79.08
C SER F 200 -25.38 32.91 78.69
N THR F 201 -26.07 33.31 77.61
CA THR F 201 -27.29 32.65 77.17
C THR F 201 -27.37 32.68 75.66
N GLN F 202 -27.72 31.54 75.07
CA GLN F 202 -27.98 31.42 73.64
C GLN F 202 -29.30 30.68 73.45
N SER F 203 -29.98 30.97 72.35
CA SER F 203 -31.23 30.29 72.07
C SER F 203 -31.54 30.34 70.58
N ALA F 204 -32.50 29.51 70.17
CA ALA F 204 -32.89 29.39 68.78
C ALA F 204 -34.40 29.14 68.71
N LEU F 205 -35.03 29.80 67.74
CA LEU F 205 -36.47 29.84 67.55
C LEU F 205 -36.84 29.17 66.24
N SER F 206 -37.94 28.43 66.24
CA SER F 206 -38.37 27.71 65.06
C SER F 206 -39.85 27.39 65.17
N LYS F 207 -40.36 26.70 64.16
CA LYS F 207 -41.78 26.37 64.02
C LYS F 207 -41.95 24.86 63.91
N ASP F 208 -43.11 24.39 64.35
CA ASP F 208 -43.55 23.05 63.97
C ASP F 208 -44.18 23.13 62.57
N PRO F 209 -43.92 22.16 61.69
CA PRO F 209 -44.42 22.29 60.32
C PRO F 209 -45.90 21.99 60.17
N ASN F 210 -46.50 21.27 61.11
CA ASN F 210 -47.87 20.78 60.96
C ASN F 210 -48.78 21.15 62.14
N GLU F 211 -48.61 22.34 62.70
CA GLU F 211 -49.51 22.85 63.74
C GLU F 211 -50.19 24.12 63.27
N LYS F 212 -51.51 24.15 63.34
CA LYS F 212 -52.28 25.24 62.76
C LYS F 212 -52.53 26.39 63.72
N ARG F 213 -52.18 26.23 65.00
CA ARG F 213 -52.29 27.33 65.94
C ARG F 213 -51.10 28.28 65.80
N ASP F 214 -51.02 29.23 66.73
CA ASP F 214 -49.80 30.02 66.84
C ASP F 214 -48.81 29.33 67.79
N HIS F 215 -47.67 28.94 67.24
CA HIS F 215 -46.70 28.16 68.00
C HIS F 215 -45.35 28.86 67.92
N MET F 216 -44.49 28.55 68.89
CA MET F 216 -43.13 29.05 68.90
C MET F 216 -42.27 28.05 69.63
N VAL F 217 -41.41 27.35 68.90
CA VAL F 217 -40.54 26.32 69.45
C VAL F 217 -39.19 26.97 69.72
N LEU F 218 -38.57 26.65 70.87
CA LEU F 218 -37.33 27.32 71.24
C LEU F 218 -36.45 26.40 72.08
N LEU F 219 -35.19 26.28 71.68
CA LEU F 219 -34.21 25.53 72.46
C LEU F 219 -33.07 26.46 72.83
N GLU F 220 -32.47 26.25 74.00
CA GLU F 220 -31.58 27.26 74.56
C GLU F 220 -30.58 26.66 75.53
N PHE F 221 -29.39 27.27 75.56
CA PHE F 221 -28.30 26.87 76.42
C PHE F 221 -27.89 28.07 77.26
N VAL F 222 -27.83 27.86 78.58
CA VAL F 222 -27.62 28.94 79.54
C VAL F 222 -26.59 28.48 80.56
N THR F 223 -25.56 29.31 80.78
CA THR F 223 -24.55 28.94 81.77
C THR F 223 -23.83 30.19 82.25
N ALA F 224 -23.42 30.15 83.51
CA ALA F 224 -22.91 31.32 84.21
C ALA F 224 -21.40 31.23 84.42
N ALA F 225 -20.82 32.38 84.77
CA ALA F 225 -19.40 32.49 85.11
C ALA F 225 -19.17 33.85 85.75
N GLY F 226 -17.91 34.19 85.95
CA GLY F 226 -17.52 35.47 86.50
C GLY F 226 -16.35 35.42 87.45
N ILE F 227 -16.04 34.27 87.98
CA ILE F 227 -14.93 34.10 88.90
C ILE F 227 -13.77 33.49 88.14
N THR F 228 -12.58 34.09 88.27
CA THR F 228 -11.38 33.54 87.66
C THR F 228 -10.71 32.62 88.67
N HIS F 229 -11.25 31.41 88.82
CA HIS F 229 -10.78 30.47 89.83
C HIS F 229 -9.62 29.63 89.30
N HIS F 230 -8.97 28.93 90.22
CA HIS F 230 -7.77 28.16 89.91
C HIS F 230 -8.03 27.04 88.92
N GLY G 54 -31.93 29.43 -72.19
CA GLY G 54 -30.71 30.11 -71.82
C GLY G 54 -30.92 31.54 -71.39
N LYS G 55 -31.77 32.25 -72.14
CA LYS G 55 -32.12 33.63 -71.84
C LYS G 55 -33.58 33.95 -72.08
N GLU G 56 -34.29 33.13 -72.85
CA GLU G 56 -35.67 33.41 -73.23
C GLU G 56 -36.67 33.23 -72.09
N LEU G 57 -36.22 32.80 -70.91
CA LEU G 57 -37.15 32.62 -69.79
C LEU G 57 -37.42 33.93 -69.07
N LEU G 58 -36.46 34.85 -69.10
CA LEU G 58 -36.57 36.04 -68.25
C LEU G 58 -37.69 36.97 -68.72
N GLU G 59 -37.88 37.11 -70.03
CA GLU G 59 -38.94 37.98 -70.51
C GLU G 59 -40.31 37.40 -70.20
N ALA G 60 -40.40 36.07 -70.16
CA ALA G 60 -41.65 35.43 -69.77
C ALA G 60 -41.92 35.58 -68.29
N ALA G 61 -40.85 35.57 -67.47
CA ALA G 61 -41.02 35.89 -66.06
C ALA G 61 -41.47 37.33 -65.87
N ARG G 62 -40.90 38.24 -66.65
CA ARG G 62 -41.24 39.65 -66.54
C ARG G 62 -42.68 39.91 -66.97
N ALA G 63 -43.12 39.28 -68.06
CA ALA G 63 -44.49 39.44 -68.52
C ALA G 63 -45.50 38.69 -67.65
N GLY G 64 -45.03 37.92 -66.66
CA GLY G 64 -45.92 37.13 -65.85
C GLY G 64 -46.43 35.87 -66.52
N GLN G 65 -45.74 35.39 -67.55
CA GLN G 65 -46.15 34.18 -68.26
C GLN G 65 -45.76 32.96 -67.44
N ASP G 66 -46.56 32.69 -66.40
CA ASP G 66 -46.26 31.59 -65.50
C ASP G 66 -46.26 30.25 -66.24
N ASP G 67 -47.19 30.06 -67.17
CA ASP G 67 -47.25 28.81 -67.90
C ASP G 67 -46.08 28.67 -68.87
N GLU G 68 -45.64 29.79 -69.45
CA GLU G 68 -44.50 29.70 -70.36
C GLU G 68 -43.22 29.35 -69.63
N VAL G 69 -42.93 30.03 -68.51
CA VAL G 69 -41.75 29.68 -67.73
C VAL G 69 -41.88 28.27 -67.17
N ALA G 70 -43.11 27.84 -66.89
CA ALA G 70 -43.31 26.46 -66.46
C ALA G 70 -42.85 25.47 -67.55
N VAL G 71 -43.40 25.60 -68.75
CA VAL G 71 -43.11 24.62 -69.80
C VAL G 71 -41.66 24.74 -70.26
N LEU G 72 -41.07 25.93 -70.12
CA LEU G 72 -39.70 26.12 -70.59
C LEU G 72 -38.68 25.74 -69.52
N MET G 73 -39.06 25.72 -68.25
CA MET G 73 -38.19 25.22 -67.20
C MET G 73 -38.32 23.70 -67.04
N ALA G 74 -39.48 23.14 -67.39
CA ALA G 74 -39.59 21.69 -67.49
C ALA G 74 -38.51 21.15 -68.41
N ARG G 75 -38.41 21.72 -69.60
CA ARG G 75 -37.24 21.49 -70.44
C ARG G 75 -36.02 22.17 -69.82
N GLY G 76 -34.88 21.49 -69.92
CA GLY G 76 -33.65 21.98 -69.32
C GLY G 76 -33.31 23.42 -69.68
N ALA G 77 -33.39 24.31 -68.68
CA ALA G 77 -33.16 25.73 -68.91
C ALA G 77 -32.33 26.28 -67.77
N GLU G 78 -31.74 27.46 -68.00
CA GLU G 78 -30.93 28.11 -66.99
C GLU G 78 -31.81 28.70 -65.90
N VAL G 79 -31.69 28.18 -64.68
CA VAL G 79 -32.46 28.74 -63.58
C VAL G 79 -31.74 29.91 -62.90
N ASN G 80 -30.44 29.80 -62.65
CA ASN G 80 -29.66 30.86 -62.02
C ASN G 80 -29.03 31.78 -63.05
N ALA G 81 -29.84 32.31 -63.95
CA ALA G 81 -29.35 33.14 -65.04
C ALA G 81 -28.92 34.51 -64.52
N ALA G 82 -27.68 34.86 -64.84
CA ALA G 82 -27.16 36.20 -64.62
C ALA G 82 -27.28 36.95 -65.94
N ASP G 83 -27.88 38.14 -65.89
CA ASP G 83 -28.27 38.84 -67.10
C ASP G 83 -27.41 40.09 -67.30
N ASP G 84 -27.82 40.87 -68.30
CA ASP G 84 -27.06 42.04 -68.77
C ASP G 84 -26.78 43.07 -67.68
N VAL G 85 -27.52 43.06 -66.57
CA VAL G 85 -27.21 43.95 -65.47
C VAL G 85 -27.22 43.14 -64.17
N GLY G 86 -27.41 41.82 -64.30
CA GLY G 86 -27.31 40.95 -63.14
C GLY G 86 -28.64 40.65 -62.50
N VAL G 87 -29.71 40.76 -63.28
CA VAL G 87 -31.07 40.59 -62.78
C VAL G 87 -31.48 39.16 -63.11
N THR G 88 -31.59 38.34 -62.08
CA THR G 88 -32.03 36.96 -62.26
C THR G 88 -33.56 36.94 -62.40
N PRO G 89 -34.11 35.95 -63.12
CA PRO G 89 -35.57 35.81 -63.18
C PRO G 89 -36.27 35.90 -61.83
N LEU G 90 -35.61 35.54 -60.74
CA LEU G 90 -36.23 35.68 -59.43
C LEU G 90 -36.41 37.14 -59.06
N HIS G 91 -35.44 37.99 -59.39
CA HIS G 91 -35.56 39.41 -59.09
C HIS G 91 -36.77 40.02 -59.80
N LEU G 92 -36.90 39.77 -61.10
CA LEU G 92 -38.03 40.28 -61.88
C LEU G 92 -39.34 39.62 -61.49
N ALA G 93 -39.30 38.38 -61.01
CA ALA G 93 -40.50 37.72 -60.51
C ALA G 93 -40.93 38.25 -59.17
N ALA G 94 -40.02 38.86 -58.42
CA ALA G 94 -40.35 39.50 -57.16
C ALA G 94 -40.78 40.95 -57.31
N GLN G 95 -40.16 41.69 -58.24
CA GLN G 95 -40.59 43.07 -58.50
C GLN G 95 -42.08 43.13 -58.80
N ARG G 96 -42.50 42.44 -59.85
CA ARG G 96 -43.92 42.23 -60.09
C ARG G 96 -44.43 41.17 -59.12
N GLY G 97 -45.73 41.24 -58.83
CA GLY G 97 -46.28 40.28 -57.89
C GLY G 97 -46.71 38.99 -58.57
N HIS G 98 -45.83 38.00 -58.54
CA HIS G 98 -46.08 36.73 -59.23
C HIS G 98 -45.58 35.61 -58.32
N LEU G 99 -46.48 35.07 -57.50
CA LEU G 99 -46.12 34.02 -56.56
C LEU G 99 -45.83 32.69 -57.23
N ALA G 100 -46.61 32.34 -58.26
CA ALA G 100 -46.42 31.05 -58.92
C ALA G 100 -45.03 30.95 -59.54
N ILE G 101 -44.56 32.05 -60.13
CA ILE G 101 -43.26 32.03 -60.81
C ILE G 101 -42.14 31.85 -59.78
N VAL G 102 -42.20 32.55 -58.65
CA VAL G 102 -41.14 32.41 -57.67
C VAL G 102 -41.20 31.03 -57.02
N SER G 103 -42.40 30.45 -56.91
CA SER G 103 -42.49 29.09 -56.37
C SER G 103 -41.84 28.09 -57.31
N VAL G 104 -42.19 28.14 -58.59
CA VAL G 104 -41.63 27.18 -59.54
C VAL G 104 -40.17 27.47 -59.82
N LEU G 105 -39.69 28.67 -59.48
CA LEU G 105 -38.27 28.94 -59.61
C LEU G 105 -37.49 28.45 -58.40
N LEU G 106 -38.02 28.64 -57.19
CA LEU G 106 -37.39 28.08 -56.01
C LEU G 106 -37.31 26.57 -56.07
N ALA G 107 -38.41 25.92 -56.49
CA ALA G 107 -38.40 24.46 -56.57
C ALA G 107 -37.32 23.96 -57.53
N PHE G 108 -37.04 24.71 -58.58
CA PHE G 108 -36.03 24.30 -59.55
C PHE G 108 -34.62 24.75 -59.19
N GLY G 109 -34.40 25.29 -57.99
CA GLY G 109 -33.05 25.55 -57.55
C GLY G 109 -32.54 26.95 -57.81
N ALA G 110 -33.34 27.96 -57.46
CA ALA G 110 -32.88 29.33 -57.55
C ALA G 110 -32.21 29.74 -56.24
N SER G 111 -31.42 30.81 -56.32
CA SER G 111 -30.75 31.33 -55.13
C SER G 111 -31.52 32.53 -54.61
N VAL G 112 -31.94 32.47 -53.34
CA VAL G 112 -32.66 33.58 -52.74
C VAL G 112 -31.75 34.77 -52.48
N ASN G 113 -30.46 34.54 -52.24
CA ASN G 113 -29.50 35.62 -52.05
C ASN G 113 -28.69 35.75 -53.34
N ALA G 114 -29.08 36.68 -54.19
CA ALA G 114 -28.46 36.85 -55.50
C ALA G 114 -28.00 38.28 -55.65
N ALA G 115 -26.69 38.47 -55.52
CA ALA G 115 -26.10 39.81 -55.40
C ALA G 115 -26.22 40.53 -56.74
N ASP G 116 -27.27 41.34 -56.87
CA ASP G 116 -27.46 42.17 -58.04
C ASP G 116 -26.29 43.13 -58.22
N LEU G 117 -26.15 43.66 -59.43
CA LEU G 117 -25.08 44.61 -59.71
C LEU G 117 -25.23 45.88 -58.89
N TRP G 118 -26.44 46.17 -58.40
CA TRP G 118 -26.67 47.31 -57.54
C TRP G 118 -26.65 46.95 -56.06
N GLY G 119 -26.58 45.67 -55.72
CA GLY G 119 -26.59 45.24 -54.34
C GLY G 119 -27.94 44.77 -53.85
N GLN G 120 -28.93 44.62 -54.73
CA GLN G 120 -30.24 44.20 -54.30
C GLN G 120 -30.36 42.68 -54.33
N THR G 121 -31.45 42.20 -53.74
CA THR G 121 -31.77 40.81 -53.51
C THR G 121 -33.29 40.73 -53.70
N PRO G 122 -33.86 39.60 -54.12
CA PRO G 122 -35.32 39.54 -54.28
C PRO G 122 -36.09 39.98 -53.06
N LEU G 123 -35.54 39.80 -51.86
CA LEU G 123 -36.20 40.28 -50.65
C LEU G 123 -36.27 41.80 -50.62
N HIS G 124 -35.22 42.48 -51.09
CA HIS G 124 -35.25 43.93 -51.14
C HIS G 124 -36.39 44.43 -52.02
N LEU G 125 -36.42 43.99 -53.28
CA LEU G 125 -37.45 44.42 -54.20
C LEU G 125 -38.84 43.98 -53.78
N ALA G 126 -38.98 42.79 -53.19
CA ALA G 126 -40.28 42.33 -52.73
C ALA G 126 -40.79 43.11 -51.54
N ALA G 127 -39.91 43.46 -50.59
CA ALA G 127 -40.32 44.30 -49.47
C ALA G 127 -40.64 45.71 -49.94
N THR G 128 -39.92 46.22 -50.93
CA THR G 128 -40.24 47.54 -51.45
C THR G 128 -41.57 47.55 -52.20
N ALA G 129 -41.86 46.51 -52.97
CA ALA G 129 -43.09 46.48 -53.76
C ALA G 129 -44.32 46.47 -52.86
N GLY G 130 -44.47 45.43 -52.04
CA GLY G 130 -45.59 45.37 -51.12
C GLY G 130 -46.33 44.04 -51.12
N HIS G 131 -45.74 43.03 -51.75
CA HIS G 131 -46.40 41.72 -51.84
C HIS G 131 -45.98 40.86 -50.66
N LEU G 132 -46.94 40.52 -49.81
CA LEU G 132 -46.63 39.83 -48.56
C LEU G 132 -46.32 38.36 -48.78
N GLU G 133 -47.08 37.69 -49.64
CA GLU G 133 -46.90 36.26 -49.86
C GLU G 133 -45.50 35.94 -50.38
N ILE G 134 -44.98 36.77 -51.28
CA ILE G 134 -43.62 36.55 -51.76
C ILE G 134 -42.62 36.74 -50.63
N VAL G 135 -42.82 37.74 -49.79
CA VAL G 135 -41.94 37.94 -48.65
C VAL G 135 -41.94 36.71 -47.75
N GLU G 136 -43.11 36.14 -47.47
CA GLU G 136 -43.18 34.96 -46.62
C GLU G 136 -42.46 33.78 -47.26
N VAL G 137 -42.74 33.49 -48.53
CA VAL G 137 -42.16 32.31 -49.15
C VAL G 137 -40.65 32.48 -49.34
N LEU G 138 -40.18 33.73 -49.38
CA LEU G 138 -38.74 33.95 -49.45
C LEU G 138 -38.09 33.81 -48.09
N LEU G 139 -38.74 34.31 -47.05
CA LEU G 139 -38.20 34.20 -45.71
C LEU G 139 -38.14 32.74 -45.24
N ARG G 140 -39.12 31.94 -45.66
CA ARG G 140 -39.10 30.53 -45.31
C ARG G 140 -38.06 29.75 -46.10
N SER G 141 -37.58 30.28 -47.22
CA SER G 141 -36.63 29.59 -48.07
C SER G 141 -35.18 29.94 -47.75
N GLY G 142 -34.94 30.88 -46.84
CA GLY G 142 -33.59 31.23 -46.46
C GLY G 142 -33.11 32.60 -46.86
N ALA G 143 -34.00 33.55 -47.10
CA ALA G 143 -33.56 34.90 -47.41
C ALA G 143 -33.01 35.57 -46.14
N SER G 144 -31.96 36.35 -46.33
CA SER G 144 -31.28 37.01 -45.23
C SER G 144 -31.88 38.38 -44.97
N VAL G 145 -32.50 38.53 -43.79
CA VAL G 145 -33.18 39.77 -43.43
C VAL G 145 -32.24 40.94 -43.22
N ASN G 146 -30.94 40.71 -43.11
CA ASN G 146 -29.98 41.76 -42.82
C ASN G 146 -28.92 41.87 -43.91
N ALA G 147 -29.35 41.81 -45.16
CA ALA G 147 -28.46 42.07 -46.28
C ALA G 147 -28.51 43.55 -46.64
N ARG G 148 -27.40 44.08 -47.13
CA ARG G 148 -27.25 45.50 -47.34
C ARG G 148 -27.22 45.84 -48.83
N ASP G 149 -27.66 47.05 -49.15
CA ASP G 149 -27.46 47.67 -50.45
C ASP G 149 -26.07 48.32 -50.51
N ASN G 150 -25.88 49.17 -51.53
CA ASN G 150 -24.73 50.05 -51.52
C ASN G 150 -24.96 51.23 -50.59
N ILE G 151 -26.16 51.81 -50.62
CA ILE G 151 -26.52 52.80 -49.61
C ILE G 151 -26.48 52.20 -48.21
N GLY G 152 -26.66 50.89 -48.07
CA GLY G 152 -26.68 50.23 -46.78
C GLY G 152 -28.05 49.84 -46.30
N HIS G 153 -29.09 50.02 -47.12
CA HIS G 153 -30.44 49.73 -46.68
C HIS G 153 -30.64 48.23 -46.46
N THR G 154 -31.38 47.90 -45.41
CA THR G 154 -31.84 46.54 -45.17
C THR G 154 -33.31 46.43 -45.53
N PRO G 155 -33.82 45.21 -45.75
CA PRO G 155 -35.23 45.10 -46.16
C PRO G 155 -36.21 45.81 -45.25
N LEU G 156 -35.85 46.03 -43.97
CA LEU G 156 -36.74 46.75 -43.07
C LEU G 156 -36.71 48.24 -43.35
N HIS G 157 -35.55 48.78 -43.75
CA HIS G 157 -35.49 50.17 -44.21
C HIS G 157 -36.53 50.41 -45.30
N LEU G 158 -36.57 49.53 -46.31
CA LEU G 158 -37.50 49.69 -47.42
C LEU G 158 -38.92 49.43 -46.99
N ALA G 159 -39.14 48.44 -46.13
CA ALA G 159 -40.48 48.19 -45.63
C ALA G 159 -41.03 49.38 -44.87
N ALA G 160 -40.18 50.12 -44.16
CA ALA G 160 -40.61 51.31 -43.43
C ALA G 160 -40.78 52.51 -44.34
N TRP G 161 -39.91 52.69 -45.32
CA TRP G 161 -40.08 53.77 -46.28
C TRP G 161 -41.38 53.61 -47.06
N ALA G 162 -41.61 52.42 -47.63
CA ALA G 162 -42.77 52.23 -48.49
C ALA G 162 -44.07 52.34 -47.72
N GLY G 163 -44.07 51.97 -46.44
CA GLY G 163 -45.26 52.02 -45.63
C GLY G 163 -46.06 50.74 -45.54
N HIS G 164 -45.41 49.59 -45.50
CA HIS G 164 -46.08 48.30 -45.49
C HIS G 164 -46.06 47.71 -44.09
N LEU G 165 -47.19 47.76 -43.40
CA LEU G 165 -47.23 47.39 -41.99
C LEU G 165 -47.04 45.89 -41.80
N GLU G 166 -47.80 45.08 -42.54
CA GLU G 166 -47.75 43.63 -42.38
C GLU G 166 -46.37 43.08 -42.74
N ILE G 167 -45.75 43.66 -43.77
CA ILE G 167 -44.38 43.25 -44.12
C ILE G 167 -43.41 43.64 -43.01
N VAL G 168 -43.62 44.80 -42.40
CA VAL G 168 -42.78 45.17 -41.26
C VAL G 168 -42.92 44.16 -40.14
N GLU G 169 -44.14 43.71 -39.87
CA GLU G 169 -44.35 42.70 -38.84
C GLU G 169 -43.64 41.40 -39.16
N VAL G 170 -43.81 40.87 -40.36
CA VAL G 170 -43.20 39.59 -40.68
C VAL G 170 -41.68 39.71 -40.71
N LEU G 171 -41.15 40.89 -41.07
CA LEU G 171 -39.71 41.07 -41.03
C LEU G 171 -39.18 41.19 -39.61
N LEU G 172 -39.98 41.76 -38.70
CA LEU G 172 -39.55 41.83 -37.30
C LEU G 172 -39.62 40.48 -36.62
N ALA G 173 -40.55 39.62 -37.02
CA ALA G 173 -40.62 38.26 -36.49
C ALA G 173 -39.42 37.40 -36.88
N TYR G 174 -38.77 37.70 -38.01
CA TYR G 174 -37.70 36.85 -38.54
C TYR G 174 -36.31 37.35 -38.19
N GLY G 175 -36.21 38.40 -37.37
CA GLY G 175 -34.93 38.81 -36.85
C GLY G 175 -34.35 40.09 -37.41
N ALA G 176 -35.15 40.90 -38.11
CA ALA G 176 -34.69 42.22 -38.49
C ALA G 176 -34.55 43.10 -37.26
N ASP G 177 -33.43 43.81 -37.19
CA ASP G 177 -33.12 44.66 -36.04
C ASP G 177 -33.63 46.07 -36.29
N VAL G 178 -34.09 46.73 -35.23
CA VAL G 178 -34.77 48.01 -35.41
C VAL G 178 -33.78 49.16 -35.49
N PHE G 179 -32.69 49.13 -34.72
CA PHE G 179 -31.70 50.20 -34.83
C PHE G 179 -30.50 49.76 -35.67
N ALA G 180 -30.72 49.58 -36.96
CA ALA G 180 -29.64 49.42 -37.92
C ALA G 180 -29.58 50.66 -38.78
N GLN G 181 -28.38 51.03 -39.20
CA GLN G 181 -28.20 52.27 -39.95
C GLN G 181 -27.76 51.99 -41.38
N ASP G 182 -27.94 52.99 -42.24
CA ASP G 182 -27.39 53.00 -43.58
C ASP G 182 -26.14 53.88 -43.58
N LYS G 183 -25.53 54.03 -44.75
CA LYS G 183 -24.33 54.87 -44.83
C LYS G 183 -24.59 56.29 -44.36
N PHE G 184 -25.78 56.82 -44.62
CA PHE G 184 -26.08 58.19 -44.24
C PHE G 184 -26.55 58.33 -42.80
N GLY G 185 -26.65 57.24 -42.06
CA GLY G 185 -26.86 57.30 -40.63
C GLY G 185 -28.28 57.12 -40.14
N LYS G 186 -29.21 56.75 -41.01
CA LYS G 186 -30.61 56.68 -40.61
C LYS G 186 -31.03 55.25 -40.28
N THR G 187 -31.93 55.14 -39.32
CA THR G 187 -32.58 53.90 -38.90
C THR G 187 -33.99 53.84 -39.48
N PRO G 188 -34.58 52.65 -39.59
CA PRO G 188 -35.93 52.55 -40.15
C PRO G 188 -36.93 53.50 -39.54
N PHE G 189 -36.78 53.83 -38.26
CA PHE G 189 -37.68 54.80 -37.64
C PHE G 189 -37.55 56.18 -38.27
N ASP G 190 -36.34 56.54 -38.73
CA ASP G 190 -36.17 57.84 -39.37
C ASP G 190 -36.82 57.86 -40.74
N LEU G 191 -36.58 56.83 -41.56
CA LEU G 191 -37.27 56.75 -42.84
C LEU G 191 -38.78 56.67 -42.66
N ALA G 192 -39.23 56.21 -41.49
CA ALA G 192 -40.67 56.16 -41.25
C ALA G 192 -41.22 57.52 -40.84
N ILE G 193 -40.46 58.31 -40.09
CA ILE G 193 -40.99 59.56 -39.60
C ILE G 193 -40.80 60.69 -40.60
N ASP G 194 -39.85 60.55 -41.54
CA ASP G 194 -39.68 61.59 -42.55
C ASP G 194 -40.53 61.36 -43.79
N ASN G 195 -41.46 60.41 -43.77
CA ASN G 195 -42.29 60.10 -44.91
C ASN G 195 -43.77 60.03 -44.57
N GLY G 196 -44.15 60.44 -43.36
CA GLY G 196 -45.54 60.40 -42.97
C GLY G 196 -46.10 59.03 -42.68
N ASN G 197 -45.33 57.96 -42.90
CA ASN G 197 -45.76 56.63 -42.49
C ASN G 197 -45.84 56.58 -40.98
N GLU G 198 -47.07 56.55 -40.45
CA GLU G 198 -47.32 56.83 -39.04
C GLU G 198 -47.19 55.62 -38.14
N ASP G 199 -47.74 54.46 -38.53
CA ASP G 199 -47.84 53.37 -37.58
C ASP G 199 -46.57 52.53 -37.56
N ILE G 200 -45.86 52.47 -38.68
CA ILE G 200 -44.52 51.90 -38.67
C ILE G 200 -43.70 52.57 -37.59
N ALA G 201 -43.76 53.90 -37.53
CA ALA G 201 -43.05 54.65 -36.50
C ALA G 201 -43.50 54.25 -35.10
N GLU G 202 -44.80 54.03 -34.89
CA GLU G 202 -45.27 53.70 -33.55
C GLU G 202 -44.79 52.31 -33.11
N VAL G 203 -44.95 51.32 -33.98
CA VAL G 203 -44.54 49.97 -33.61
C VAL G 203 -43.04 49.80 -33.58
N LEU G 204 -42.28 50.72 -34.17
CA LEU G 204 -40.83 50.67 -33.98
C LEU G 204 -40.39 51.45 -32.75
N GLN G 205 -41.10 52.53 -32.41
CA GLN G 205 -40.83 53.26 -31.19
C GLN G 205 -41.09 52.41 -29.96
N ARG G 206 -42.13 51.59 -30.00
CA ARG G 206 -42.40 50.72 -28.86
C ARG G 206 -41.22 49.79 -28.59
N LEU G 207 -40.59 49.26 -29.66
CA LEU G 207 -39.48 48.33 -29.47
C LEU G 207 -38.22 49.06 -29.01
N LEU G 208 -37.92 50.21 -29.62
CA LEU G 208 -36.81 51.01 -29.13
C LEU G 208 -36.95 51.31 -27.65
N GLU G 209 -38.16 51.65 -27.22
CA GLU G 209 -38.39 51.99 -25.83
C GLU G 209 -38.28 50.77 -24.92
N CYS G 210 -38.77 49.61 -25.35
CA CYS G 210 -38.61 48.41 -24.55
C CYS G 210 -37.14 48.10 -24.31
N ARG G 211 -36.32 48.18 -25.36
CA ARG G 211 -34.90 47.89 -25.16
C ARG G 211 -34.23 48.91 -24.25
N ARG G 212 -34.53 50.19 -24.43
CA ARG G 212 -33.95 51.22 -23.56
C ARG G 212 -34.33 51.01 -22.10
N ASP G 213 -35.60 50.70 -21.84
CA ASP G 213 -36.07 50.56 -20.46
C ASP G 213 -35.49 49.31 -19.79
N ALA G 214 -35.36 48.21 -20.53
CA ALA G 214 -34.74 47.05 -19.92
C ALA G 214 -33.28 47.32 -19.57
N GLU G 215 -32.55 48.01 -20.45
CA GLU G 215 -31.18 48.39 -20.13
C GLU G 215 -31.10 49.21 -18.85
N ALA G 216 -31.96 50.24 -18.75
CA ALA G 216 -31.98 51.08 -17.56
C ALA G 216 -32.30 50.32 -16.29
N ALA G 217 -33.28 49.43 -16.32
CA ALA G 217 -33.63 48.66 -15.13
C ALA G 217 -32.52 47.71 -14.70
N ILE G 218 -31.79 47.12 -15.64
CA ILE G 218 -30.68 46.27 -15.23
C ILE G 218 -29.57 47.08 -14.59
N ASN G 219 -29.31 48.29 -15.11
CA ASN G 219 -28.34 49.16 -14.44
C ASN G 219 -28.76 49.49 -13.02
N TYR G 220 -30.04 49.81 -12.82
CA TYR G 220 -30.51 50.15 -11.48
C TYR G 220 -30.40 48.95 -10.53
N GLN G 221 -30.63 47.74 -11.03
CA GLN G 221 -30.48 46.57 -10.17
C GLN G 221 -29.03 46.33 -9.78
N ILE G 222 -28.10 46.58 -10.70
CA ILE G 222 -26.68 46.49 -10.35
C ILE G 222 -26.35 47.44 -9.20
N ASN G 223 -26.81 48.69 -9.31
CA ASN G 223 -26.53 49.65 -8.24
C ASN G 223 -27.17 49.24 -6.92
N LEU G 224 -28.38 48.68 -6.97
CA LEU G 224 -29.05 48.30 -5.73
C LEU G 224 -28.33 47.15 -5.02
N GLU G 225 -27.82 46.17 -5.78
CA GLU G 225 -27.10 45.10 -5.11
C GLU G 225 -25.75 45.57 -4.57
N LEU G 226 -25.08 46.49 -5.26
CA LEU G 226 -23.85 47.05 -4.69
C LEU G 226 -24.12 47.80 -3.40
N TYR G 227 -25.22 48.55 -3.34
CA TYR G 227 -25.59 49.23 -2.11
C TYR G 227 -25.90 48.25 -0.98
N ALA G 228 -26.62 47.17 -1.27
CA ALA G 228 -26.88 46.18 -0.24
C ALA G 228 -25.60 45.55 0.28
N SER G 229 -24.65 45.27 -0.60
CA SER G 229 -23.36 44.74 -0.16
C SER G 229 -22.65 45.69 0.79
N TYR G 230 -22.68 46.98 0.49
CA TYR G 230 -22.07 47.98 1.36
C TYR G 230 -22.77 48.05 2.72
N VAL G 231 -24.10 47.96 2.73
CA VAL G 231 -24.84 47.99 4.00
C VAL G 231 -24.47 46.80 4.87
N TYR G 232 -24.34 45.62 4.27
CA TYR G 232 -23.96 44.45 5.05
C TYR G 232 -22.55 44.56 5.59
N LEU G 233 -21.63 45.17 4.83
CA LEU G 233 -20.27 45.37 5.34
C LEU G 233 -20.28 46.27 6.58
N SER G 234 -21.05 47.35 6.52
CA SER G 234 -21.21 48.21 7.70
C SER G 234 -21.76 47.42 8.89
N MET G 235 -22.88 46.70 8.69
CA MET G 235 -23.44 45.88 9.75
C MET G 235 -22.41 44.94 10.36
N SER G 236 -21.64 44.26 9.52
CA SER G 236 -20.66 43.30 10.01
C SER G 236 -19.59 43.94 10.86
N TYR G 237 -19.05 45.07 10.46
CA TYR G 237 -18.01 45.69 11.28
C TYR G 237 -18.57 46.48 12.44
N TYR G 238 -19.89 46.57 12.58
CA TYR G 238 -20.45 47.08 13.83
C TYR G 238 -20.30 46.08 14.97
N PHE G 239 -20.58 44.80 14.71
CA PHE G 239 -20.51 43.78 15.73
C PHE G 239 -19.09 43.37 16.09
N ASP G 240 -18.09 44.07 15.56
CA ASP G 240 -16.70 43.77 15.83
C ASP G 240 -16.09 44.73 16.83
N ARG G 241 -16.78 45.81 17.16
CA ARG G 241 -16.32 46.74 18.19
C ARG G 241 -16.16 45.98 19.50
N ASP G 242 -15.44 46.55 20.46
CA ASP G 242 -15.27 45.85 21.72
C ASP G 242 -16.31 46.23 22.76
N ASP G 243 -17.19 47.19 22.46
CA ASP G 243 -18.38 47.33 23.26
C ASP G 243 -19.56 46.61 22.63
N VAL G 244 -19.34 45.93 21.51
CA VAL G 244 -20.31 45.01 20.91
C VAL G 244 -19.52 43.76 20.55
N ALA G 245 -19.42 42.80 21.46
CA ALA G 245 -18.48 41.71 21.28
C ALA G 245 -19.19 40.43 20.81
N LEU G 246 -19.75 40.50 19.60
CA LEU G 246 -20.45 39.35 19.02
C LEU G 246 -19.79 38.96 17.71
N LYS G 247 -19.14 37.81 17.69
CA LYS G 247 -18.29 37.40 16.57
C LYS G 247 -19.03 36.70 15.46
N ASN G 248 -20.07 35.94 15.79
CA ASN G 248 -20.75 35.18 14.77
C ASN G 248 -21.79 36.01 14.03
N PHE G 249 -22.35 37.02 14.68
CA PHE G 249 -23.07 38.06 13.97
C PHE G 249 -22.19 38.72 12.90
N ALA G 250 -20.93 38.98 13.26
CA ALA G 250 -19.98 39.58 12.34
C ALA G 250 -19.68 38.66 11.15
N LYS G 251 -19.41 37.38 11.41
CA LYS G 251 -19.18 36.45 10.31
C LYS G 251 -20.41 36.33 9.42
N TYR G 252 -21.59 36.23 10.02
CA TYR G 252 -22.83 36.19 9.25
C TYR G 252 -22.92 37.34 8.27
N PHE G 253 -22.81 38.57 8.77
CA PHE G 253 -23.02 39.69 7.88
C PHE G 253 -21.87 39.88 6.88
N LEU G 254 -20.66 39.43 7.19
CA LEU G 254 -19.63 39.46 6.15
C LEU G 254 -19.92 38.48 5.02
N HIS G 255 -20.41 37.29 5.35
CA HIS G 255 -20.81 36.35 4.31
C HIS G 255 -21.88 36.93 3.41
N GLN G 256 -22.89 37.57 4.00
CA GLN G 256 -23.93 38.20 3.18
C GLN G 256 -23.36 39.31 2.32
N SER G 257 -22.43 40.09 2.86
CA SER G 257 -21.77 41.14 2.09
C SER G 257 -21.10 40.61 0.84
N HIS G 258 -20.47 39.44 0.90
CA HIS G 258 -19.81 38.92 -0.29
C HIS G 258 -20.77 38.29 -1.28
N GLU G 259 -21.80 37.61 -0.77
CA GLU G 259 -22.81 37.05 -1.67
C GLU G 259 -23.49 38.13 -2.49
N GLU G 260 -23.76 39.28 -1.87
CA GLU G 260 -24.43 40.34 -2.62
C GLU G 260 -23.55 40.98 -3.69
N ARG G 261 -22.24 40.81 -3.64
CA ARG G 261 -21.42 41.29 -4.74
C ARG G 261 -21.36 40.28 -5.87
N GLU G 262 -21.35 38.99 -5.53
CA GLU G 262 -21.55 37.99 -6.59
C GLU G 262 -22.84 38.23 -7.34
N HIS G 263 -23.92 38.57 -6.62
CA HIS G 263 -25.20 38.85 -7.28
C HIS G 263 -25.09 39.95 -8.32
N ALA G 264 -24.35 41.02 -8.03
CA ALA G 264 -24.27 42.14 -8.97
C ALA G 264 -23.35 41.85 -10.13
N GLU G 265 -22.27 41.10 -9.90
CA GLU G 265 -21.43 40.70 -11.02
C GLU G 265 -22.18 39.80 -12.00
N LYS G 266 -23.10 38.97 -11.51
CA LYS G 266 -23.92 38.19 -12.42
C LYS G 266 -24.73 39.07 -13.36
N LEU G 267 -25.28 40.17 -12.85
CA LEU G 267 -26.08 41.04 -13.70
C LEU G 267 -25.21 41.83 -14.66
N MET G 268 -23.98 42.18 -14.26
CA MET G 268 -23.06 42.81 -15.20
C MET G 268 -22.74 41.89 -16.36
N LYS G 269 -22.40 40.64 -16.05
CA LYS G 269 -22.16 39.67 -17.10
C LYS G 269 -23.38 39.52 -18.01
N LEU G 270 -24.57 39.43 -17.42
CA LEU G 270 -25.79 39.37 -18.23
C LEU G 270 -25.88 40.54 -19.20
N GLN G 271 -25.68 41.76 -18.72
CA GLN G 271 -25.85 42.90 -19.59
C GLN G 271 -24.78 42.97 -20.66
N ASN G 272 -23.62 42.37 -20.42
CA ASN G 272 -22.65 42.27 -21.51
C ASN G 272 -23.05 41.21 -22.53
N GLN G 273 -23.73 40.15 -22.09
CA GLN G 273 -24.20 39.13 -23.03
C GLN G 273 -25.31 39.64 -23.93
N ARG G 274 -26.07 40.63 -23.48
CA ARG G 274 -27.19 41.14 -24.26
C ARG G 274 -26.77 42.21 -25.26
N GLY G 275 -25.57 42.73 -25.15
CA GLY G 275 -25.12 43.81 -26.00
C GLY G 275 -25.42 45.19 -25.50
N GLY G 276 -25.80 45.34 -24.23
CA GLY G 276 -26.10 46.63 -23.66
C GLY G 276 -24.87 47.28 -23.07
N GLU G 277 -25.08 48.46 -22.48
CA GLU G 277 -24.01 49.27 -21.93
C GLU G 277 -24.15 49.38 -20.43
N ILE G 278 -23.16 48.89 -19.70
CA ILE G 278 -23.11 49.08 -18.26
C ILE G 278 -22.73 50.53 -17.98
N SER G 279 -23.48 51.17 -17.08
CA SER G 279 -23.18 52.53 -16.65
C SER G 279 -23.23 52.56 -15.14
N LEU G 280 -22.06 52.48 -14.51
CA LEU G 280 -21.96 52.41 -13.06
C LEU G 280 -22.16 53.79 -12.47
N GLN G 281 -22.61 53.84 -11.23
CA GLN G 281 -22.96 55.09 -10.57
C GLN G 281 -22.46 55.11 -9.14
N SER G 282 -22.83 56.16 -8.42
CA SER G 282 -22.35 56.40 -7.07
C SER G 282 -23.11 55.50 -6.11
N ILE G 283 -22.41 55.00 -5.08
CA ILE G 283 -23.04 54.14 -4.09
C ILE G 283 -23.26 54.92 -2.81
N SER G 284 -24.52 55.06 -2.40
CA SER G 284 -24.81 55.79 -1.18
C SER G 284 -24.24 55.07 0.03
N SER G 285 -24.05 55.83 1.10
CA SER G 285 -23.59 55.20 2.31
C SER G 285 -24.78 54.72 3.13
N PRO G 286 -24.61 53.66 3.92
CA PRO G 286 -25.73 53.15 4.72
C PRO G 286 -26.28 54.23 5.64
N ASP G 287 -27.54 54.05 6.02
CA ASP G 287 -28.22 55.12 6.76
C ASP G 287 -27.71 55.24 8.19
N SER G 288 -27.20 54.14 8.75
CA SER G 288 -26.74 54.13 10.12
C SER G 288 -25.29 53.68 10.17
N ASP G 289 -24.59 54.14 11.19
CA ASP G 289 -23.32 53.55 11.60
C ASP G 289 -23.47 52.74 12.88
N ASP G 290 -24.54 52.99 13.63
CA ASP G 290 -24.82 52.35 14.91
C ASP G 290 -26.13 51.57 14.76
N TRP G 291 -26.02 50.27 14.57
CA TRP G 291 -27.17 49.39 14.55
C TRP G 291 -27.40 48.85 15.94
N GLU G 292 -28.42 49.39 16.62
CA GLU G 292 -28.44 49.38 18.08
C GLU G 292 -28.19 48.01 18.70
N SER G 293 -28.67 46.94 18.07
CA SER G 293 -28.53 45.61 18.65
C SER G 293 -28.58 44.57 17.54
N GLY G 294 -28.48 43.30 17.94
CA GLY G 294 -28.60 42.23 16.97
C GLY G 294 -30.00 42.06 16.41
N LEU G 295 -31.02 42.26 17.25
CA LEU G 295 -32.39 42.23 16.78
C LEU G 295 -32.67 43.31 15.74
N ASN G 296 -32.29 44.56 16.05
CA ASN G 296 -32.52 45.67 15.13
C ASN G 296 -31.77 45.51 13.82
N ALA G 297 -30.54 45.01 13.86
CA ALA G 297 -29.81 44.71 12.65
C ALA G 297 -30.46 43.61 11.82
N MET G 298 -30.95 42.54 12.45
CA MET G 298 -31.66 41.52 11.70
C MET G 298 -32.93 42.07 11.05
N GLU G 299 -33.66 42.96 11.75
CA GLU G 299 -34.87 43.53 11.16
C GLU G 299 -34.54 44.45 10.00
N SER G 300 -33.46 45.21 10.10
CA SER G 300 -33.04 46.06 8.99
C SER G 300 -32.62 45.23 7.78
N ALA G 301 -31.90 44.13 8.01
CA ALA G 301 -31.58 43.23 6.89
C ALA G 301 -32.83 42.67 6.26
N LEU G 302 -33.86 42.38 7.06
CA LEU G 302 -35.11 41.86 6.51
C LEU G 302 -35.79 42.88 5.61
N HIS G 303 -35.89 44.13 6.05
CA HIS G 303 -36.48 45.15 5.19
C HIS G 303 -35.67 45.37 3.92
N LEU G 304 -34.34 45.31 4.01
CA LEU G 304 -33.52 45.49 2.82
C LEU G 304 -33.74 44.37 1.82
N GLU G 305 -33.80 43.13 2.28
CA GLU G 305 -34.07 42.02 1.38
C GLU G 305 -35.44 42.14 0.72
N LYS G 306 -36.43 42.63 1.47
CA LYS G 306 -37.75 42.81 0.87
C LYS G 306 -37.74 43.89 -0.21
N ALA G 307 -37.01 44.99 0.01
CA ALA G 307 -36.92 46.02 -1.02
C ALA G 307 -36.24 45.49 -2.29
N VAL G 308 -35.17 44.73 -2.12
CA VAL G 308 -34.50 44.13 -3.28
C VAL G 308 -35.46 43.22 -4.04
N ASN G 309 -36.24 42.42 -3.33
CA ASN G 309 -37.18 41.52 -3.98
C ASN G 309 -38.25 42.29 -4.74
N ALA G 310 -38.74 43.39 -4.18
CA ALA G 310 -39.70 44.21 -4.90
C ALA G 310 -39.12 44.74 -6.22
N SER G 311 -37.88 45.19 -6.20
CA SER G 311 -37.28 45.65 -7.46
C SER G 311 -37.17 44.52 -8.47
N LEU G 312 -36.81 43.32 -8.03
CA LEU G 312 -36.77 42.19 -8.95
C LEU G 312 -38.13 41.91 -9.56
N LEU G 313 -39.20 41.98 -8.77
CA LEU G 313 -40.53 41.75 -9.32
C LEU G 313 -40.92 42.81 -10.35
N ARG G 314 -40.55 44.08 -10.10
CA ARG G 314 -40.86 45.12 -11.08
C ARG G 314 -40.12 44.87 -12.39
N LEU G 315 -38.84 44.49 -12.30
CA LEU G 315 -38.09 44.21 -13.52
C LEU G 315 -38.64 43.00 -14.25
N HIS G 316 -39.14 42.00 -13.52
CA HIS G 316 -39.72 40.84 -14.19
C HIS G 316 -41.00 41.21 -14.92
N LYS G 317 -41.85 42.03 -14.31
CA LYS G 317 -43.04 42.46 -15.01
C LYS G 317 -42.70 43.28 -16.25
N LEU G 318 -41.66 44.11 -16.17
CA LEU G 318 -41.21 44.85 -17.34
C LEU G 318 -40.75 43.91 -18.45
N ALA G 319 -39.92 42.92 -18.12
CA ALA G 319 -39.46 41.98 -19.13
C ALA G 319 -40.59 41.14 -19.68
N THR G 320 -41.68 40.99 -18.93
CA THR G 320 -42.83 40.25 -19.45
C THR G 320 -43.64 41.10 -20.42
N ASP G 321 -43.76 42.39 -20.15
CA ASP G 321 -44.51 43.25 -21.07
C ASP G 321 -43.85 43.31 -22.43
N CYS G 322 -42.52 43.37 -22.48
CA CYS G 322 -41.82 43.55 -23.74
C CYS G 322 -41.39 42.25 -24.39
N ASN G 323 -42.03 41.13 -24.06
CA ASN G 323 -41.84 39.86 -24.75
C ASN G 323 -40.36 39.47 -24.80
N ASP G 324 -39.78 39.17 -23.64
CA ASP G 324 -38.37 38.89 -23.52
C ASP G 324 -38.17 37.60 -22.73
N PRO G 325 -38.45 36.43 -23.31
CA PRO G 325 -38.41 35.18 -22.53
C PRO G 325 -37.12 34.90 -21.80
N HIS G 326 -35.96 35.22 -22.38
CA HIS G 326 -34.69 34.88 -21.75
C HIS G 326 -34.44 35.71 -20.49
N LEU G 327 -34.83 36.98 -20.50
CA LEU G 327 -34.68 37.81 -19.31
C LEU G 327 -35.56 37.30 -18.17
N CYS G 328 -36.81 36.96 -18.47
CA CYS G 328 -37.69 36.41 -17.45
C CYS G 328 -37.16 35.11 -16.88
N ASP G 329 -36.71 34.21 -17.76
CA ASP G 329 -36.14 32.94 -17.29
C ASP G 329 -34.92 33.18 -16.42
N PHE G 330 -34.05 34.12 -16.81
CA PHE G 330 -32.87 34.44 -16.01
C PHE G 330 -33.26 34.94 -14.62
N ILE G 331 -34.21 35.87 -14.57
CA ILE G 331 -34.61 36.46 -13.30
C ILE G 331 -35.21 35.41 -12.37
N GLU G 332 -36.12 34.59 -12.88
CA GLU G 332 -36.71 33.63 -11.97
C GLU G 332 -35.84 32.42 -11.70
N THR G 333 -34.81 32.17 -12.51
CA THR G 333 -33.92 31.06 -12.21
C THR G 333 -32.87 31.43 -11.18
N HIS G 334 -32.32 32.64 -11.25
CA HIS G 334 -31.19 32.94 -10.37
C HIS G 334 -31.54 33.85 -9.21
N TYR G 335 -32.71 34.48 -9.22
CA TYR G 335 -32.95 35.57 -8.28
C TYR G 335 -34.21 35.43 -7.46
N LEU G 336 -35.25 34.76 -7.97
CA LEU G 336 -36.50 34.77 -7.23
C LEU G 336 -36.58 33.69 -6.18
N ASN G 337 -35.79 32.63 -6.27
CA ASN G 337 -35.85 31.62 -5.23
C ASN G 337 -34.86 31.88 -4.11
N GLU G 338 -33.83 32.68 -4.35
CA GLU G 338 -32.91 33.05 -3.29
C GLU G 338 -33.52 34.10 -2.37
N GLN G 339 -34.29 35.03 -2.92
CA GLN G 339 -34.92 36.03 -2.08
C GLN G 339 -35.95 35.44 -1.15
N VAL G 340 -36.71 34.44 -1.62
CA VAL G 340 -37.70 33.79 -0.79
C VAL G 340 -37.04 33.08 0.39
N LYS G 341 -35.93 32.39 0.14
CA LYS G 341 -35.22 31.70 1.20
C LYS G 341 -34.56 32.68 2.17
N ALA G 342 -33.98 33.78 1.67
CA ALA G 342 -33.44 34.80 2.54
C ALA G 342 -34.50 35.41 3.44
N ILE G 343 -35.67 35.74 2.92
CA ILE G 343 -36.72 36.33 3.73
C ILE G 343 -37.22 35.35 4.77
N LYS G 344 -37.39 34.08 4.39
CA LYS G 344 -37.82 33.08 5.36
C LYS G 344 -36.82 32.94 6.49
N GLU G 345 -35.53 32.86 6.16
CA GLU G 345 -34.51 32.68 7.18
C GLU G 345 -34.39 33.88 8.09
N LEU G 346 -34.44 35.09 7.55
CA LEU G 346 -34.30 36.27 8.39
C LEU G 346 -35.53 36.49 9.28
N GLY G 347 -36.72 36.13 8.82
CA GLY G 347 -37.87 36.16 9.71
C GLY G 347 -37.80 35.11 10.80
N ASP G 348 -37.24 33.94 10.49
CA ASP G 348 -36.99 32.96 11.54
C ASP G 348 -36.06 33.51 12.61
N HIS G 349 -34.94 34.11 12.20
CA HIS G 349 -34.01 34.71 13.16
C HIS G 349 -34.70 35.75 14.02
N VAL G 350 -35.53 36.60 13.42
CA VAL G 350 -36.18 37.65 14.19
C VAL G 350 -37.15 37.07 15.21
N THR G 351 -37.96 36.07 14.84
CA THR G 351 -38.85 35.54 15.86
C THR G 351 -38.13 34.75 16.94
N ASN G 352 -37.06 34.03 16.60
CA ASN G 352 -36.28 33.38 17.64
C ASN G 352 -35.72 34.38 18.62
N LEU G 353 -35.08 35.44 18.12
CA LEU G 353 -34.52 36.45 19.01
C LEU G 353 -35.59 37.12 19.85
N ARG G 354 -36.75 37.40 19.27
CA ARG G 354 -37.80 38.05 20.06
C ARG G 354 -38.35 37.14 21.14
N LYS G 355 -38.48 35.84 20.86
CA LYS G 355 -38.99 34.93 21.87
C LYS G 355 -38.00 34.71 22.99
N MET G 356 -36.71 34.51 22.66
CA MET G 356 -35.70 34.35 23.70
C MET G 356 -35.63 35.51 24.67
N GLY G 357 -36.11 36.69 24.28
CA GLY G 357 -36.18 37.83 25.19
C GLY G 357 -35.33 39.03 24.81
N ALA G 358 -34.70 39.04 23.65
CA ALA G 358 -33.91 40.19 23.24
C ALA G 358 -34.82 41.36 22.92
N PRO G 359 -34.29 42.59 22.89
CA PRO G 359 -32.92 43.07 23.14
C PRO G 359 -32.68 43.40 24.59
N GLU G 360 -33.75 43.45 25.38
CA GLU G 360 -33.65 43.76 26.79
C GLU G 360 -33.02 42.65 27.61
N SER G 361 -32.49 41.62 26.97
CA SER G 361 -31.84 40.51 27.65
C SER G 361 -30.50 40.23 27.02
N GLY G 362 -29.43 40.55 27.74
CA GLY G 362 -28.20 39.82 27.55
C GLY G 362 -28.36 38.40 28.04
N LEU G 363 -27.57 37.49 27.45
CA LEU G 363 -27.72 36.05 27.54
C LEU G 363 -28.80 35.56 26.58
N ALA G 364 -29.45 36.47 25.87
CA ALA G 364 -30.30 36.04 24.75
C ALA G 364 -29.52 36.15 23.44
N GLU G 365 -28.89 37.30 23.23
CA GLU G 365 -28.06 37.46 22.04
C GLU G 365 -26.74 36.71 22.17
N TYR G 366 -26.22 36.58 23.39
CA TYR G 366 -25.03 35.75 23.58
C TYR G 366 -25.29 34.30 23.16
N LEU G 367 -26.40 33.73 23.63
CA LEU G 367 -26.67 32.33 23.33
C LEU G 367 -27.19 32.13 21.92
N PHE G 368 -27.90 33.10 21.36
CA PHE G 368 -28.22 33.05 19.94
C PHE G 368 -26.95 33.03 19.09
N ASP G 369 -26.03 33.96 19.37
CA ASP G 369 -24.75 34.02 18.68
C ASP G 369 -23.98 32.72 18.81
N LYS G 370 -24.06 32.07 19.97
CA LYS G 370 -23.32 30.82 20.16
C LYS G 370 -23.96 29.65 19.45
N HIS G 371 -25.28 29.50 19.53
CA HIS G 371 -25.95 28.27 19.14
C HIS G 371 -26.51 28.28 17.72
N THR G 372 -26.98 29.43 17.24
CA THR G 372 -27.62 29.47 15.93
C THR G 372 -26.68 29.96 14.86
N LEU G 373 -25.85 30.95 15.18
CA LEU G 373 -24.97 31.55 14.19
C LEU G 373 -23.59 30.92 14.17
N GLY G 374 -23.31 30.01 15.09
CA GLY G 374 -22.00 29.37 15.14
C GLY G 374 -22.05 27.93 15.57
N SER H 2 -55.71 64.39 -63.49
CA SER H 2 -56.06 62.97 -63.58
C SER H 2 -55.04 62.19 -64.42
N LYS H 3 -54.70 62.74 -65.59
CA LYS H 3 -53.82 62.03 -66.51
C LYS H 3 -52.35 62.16 -66.13
N GLY H 4 -51.93 63.36 -65.70
CA GLY H 4 -50.52 63.59 -65.47
C GLY H 4 -49.90 62.68 -64.43
N GLU H 5 -50.71 62.17 -63.50
CA GLU H 5 -50.21 61.30 -62.45
C GLU H 5 -50.21 59.83 -62.86
N GLU H 6 -50.98 59.46 -63.89
CA GLU H 6 -51.11 58.06 -64.27
C GLU H 6 -49.84 57.52 -64.93
N LEU H 7 -49.13 58.38 -65.67
CA LEU H 7 -48.06 57.94 -66.55
C LEU H 7 -46.89 57.28 -65.83
N PHE H 8 -46.92 57.18 -64.50
CA PHE H 8 -45.85 56.55 -63.73
C PHE H 8 -46.35 55.37 -62.90
N THR H 9 -47.31 54.61 -63.42
CA THR H 9 -47.91 53.52 -62.66
C THR H 9 -46.92 52.40 -62.37
N GLY H 10 -45.90 52.24 -63.21
CA GLY H 10 -44.97 51.13 -63.05
C GLY H 10 -43.53 51.50 -63.31
N VAL H 11 -42.74 50.51 -63.70
CA VAL H 11 -41.34 50.75 -64.03
C VAL H 11 -41.28 51.58 -65.30
N VAL H 12 -40.18 52.32 -65.48
CA VAL H 12 -39.95 53.13 -66.66
C VAL H 12 -38.48 52.95 -67.08
N PRO H 13 -38.21 52.42 -68.27
CA PRO H 13 -36.83 52.42 -68.78
C PRO H 13 -36.42 53.82 -69.21
N ILE H 14 -35.12 54.09 -69.06
CA ILE H 14 -34.58 55.42 -69.27
C ILE H 14 -33.44 55.35 -70.27
N LEU H 15 -33.28 56.43 -71.05
CA LEU H 15 -32.17 56.60 -71.99
C LEU H 15 -31.75 58.05 -71.92
N VAL H 16 -30.57 58.31 -71.37
CA VAL H 16 -30.15 59.68 -71.08
C VAL H 16 -28.94 60.02 -71.93
N GLU H 17 -29.08 61.02 -72.80
CA GLU H 17 -27.99 61.46 -73.65
C GLU H 17 -27.63 62.90 -73.27
N LEU H 18 -26.34 63.14 -73.10
CA LEU H 18 -25.82 64.45 -72.74
C LEU H 18 -24.64 64.78 -73.62
N ASP H 19 -24.70 65.92 -74.29
CA ASP H 19 -23.62 66.37 -75.17
C ASP H 19 -23.10 67.71 -74.65
N GLY H 20 -21.84 67.72 -74.24
CA GLY H 20 -21.27 68.87 -73.57
C GLY H 20 -19.99 69.36 -74.20
N ASP H 21 -19.78 70.68 -74.11
CA ASP H 21 -18.54 71.33 -74.52
C ASP H 21 -17.97 72.11 -73.34
N VAL H 22 -16.80 71.69 -72.86
CA VAL H 22 -16.13 72.32 -71.73
C VAL H 22 -14.67 72.58 -72.09
N ASN H 23 -14.37 73.83 -72.46
CA ASN H 23 -13.00 74.29 -72.68
C ASN H 23 -12.26 73.40 -73.69
N GLY H 24 -12.83 73.27 -74.88
CA GLY H 24 -12.27 72.45 -75.93
C GLY H 24 -12.53 70.97 -75.76
N HIS H 25 -13.14 70.57 -74.65
CA HIS H 25 -13.44 69.16 -74.40
C HIS H 25 -14.88 68.88 -74.83
N LYS H 26 -15.05 68.17 -75.93
CA LYS H 26 -16.36 67.68 -76.33
C LYS H 26 -16.60 66.30 -75.74
N PHE H 27 -17.83 66.06 -75.31
CA PHE H 27 -18.13 64.75 -74.73
C PHE H 27 -19.59 64.41 -74.96
N SER H 28 -19.83 63.12 -75.19
CA SER H 28 -21.17 62.54 -75.21
C SER H 28 -21.26 61.53 -74.10
N VAL H 29 -22.40 61.49 -73.43
CA VAL H 29 -22.64 60.58 -72.32
C VAL H 29 -23.97 59.89 -72.56
N ARG H 30 -23.98 58.57 -72.46
CA ARG H 30 -25.20 57.79 -72.51
C ARG H 30 -25.38 57.03 -71.20
N GLY H 31 -26.58 57.11 -70.65
CA GLY H 31 -26.92 56.41 -69.42
C GLY H 31 -28.14 55.55 -69.58
N GLU H 32 -28.07 54.34 -69.03
CA GLU H 32 -29.08 53.31 -69.18
C GLU H 32 -29.50 52.79 -67.82
N GLY H 33 -30.80 52.67 -67.61
CA GLY H 33 -31.32 52.16 -66.35
C GLY H 33 -32.84 52.24 -66.32
N GLU H 34 -33.38 52.16 -65.12
CA GLU H 34 -34.83 52.18 -64.93
C GLU H 34 -35.21 52.92 -63.66
N GLY H 35 -36.46 53.38 -63.62
CA GLY H 35 -36.97 54.10 -62.47
C GLY H 35 -38.42 53.85 -62.12
N ASP H 36 -38.77 54.11 -60.87
CA ASP H 36 -40.15 54.01 -60.39
C ASP H 36 -40.44 55.24 -59.54
N ALA H 37 -41.56 55.89 -59.82
CA ALA H 37 -42.01 57.04 -59.06
C ALA H 37 -42.72 56.65 -57.77
N THR H 38 -43.34 55.48 -57.73
CA THR H 38 -44.09 55.06 -56.55
C THR H 38 -43.21 55.04 -55.30
N ASN H 39 -41.93 54.71 -55.44
CA ASN H 39 -41.00 54.70 -54.32
C ASN H 39 -39.88 55.71 -54.51
N GLY H 40 -39.98 56.59 -55.50
CA GLY H 40 -38.93 57.57 -55.75
C GLY H 40 -37.57 56.96 -55.99
N LYS H 41 -37.52 55.80 -56.64
CA LYS H 41 -36.29 55.04 -56.78
C LYS H 41 -35.81 55.11 -58.23
N LEU H 42 -34.52 55.34 -58.42
CA LEU H 42 -33.90 55.38 -59.73
C LEU H 42 -32.62 54.57 -59.68
N THR H 43 -32.34 53.83 -60.75
CA THR H 43 -31.18 52.94 -60.79
C THR H 43 -30.59 52.96 -62.20
N LEU H 44 -29.40 53.55 -62.34
CA LEU H 44 -28.84 53.86 -63.65
C LEU H 44 -27.36 53.48 -63.71
N LYS H 45 -26.85 53.46 -64.94
CA LYS H 45 -25.44 53.22 -65.22
C LYS H 45 -25.04 54.07 -66.41
N PHE H 46 -24.07 54.96 -66.21
CA PHE H 46 -23.63 55.92 -67.21
C PHE H 46 -22.28 55.49 -67.76
N ILE H 47 -22.08 55.69 -69.06
CA ILE H 47 -20.82 55.33 -69.74
C ILE H 47 -20.53 56.37 -70.80
N CYS H 48 -19.25 56.73 -70.93
CA CYS H 48 -18.83 57.71 -71.92
C CYS H 48 -18.08 57.01 -73.06
N THR H 49 -18.67 57.04 -74.26
CA THR H 49 -18.04 56.47 -75.44
C THR H 49 -17.03 57.43 -76.06
N THR H 50 -16.59 58.45 -75.32
CA THR H 50 -15.66 59.46 -75.82
C THR H 50 -14.33 59.40 -75.05
N GLY H 51 -13.88 58.20 -74.72
CA GLY H 51 -12.59 58.04 -74.08
C GLY H 51 -12.53 58.64 -72.67
N LYS H 52 -11.30 58.85 -72.20
CA LYS H 52 -11.09 59.40 -70.87
C LYS H 52 -11.59 60.83 -70.82
N LEU H 53 -12.24 61.19 -69.71
CA LEU H 53 -12.83 62.52 -69.61
C LEU H 53 -12.05 63.33 -68.59
N PRO H 54 -11.85 64.64 -68.81
CA PRO H 54 -11.04 65.44 -67.87
C PRO H 54 -11.74 65.78 -66.56
N VAL H 55 -13.05 65.91 -66.53
CA VAL H 55 -13.79 66.29 -65.33
C VAL H 55 -14.11 65.03 -64.54
N PRO H 56 -14.03 65.06 -63.21
CA PRO H 56 -14.30 63.83 -62.44
C PRO H 56 -15.75 63.41 -62.59
N TRP H 57 -16.00 62.12 -62.38
CA TRP H 57 -17.36 61.61 -62.41
C TRP H 57 -18.28 62.31 -61.41
N PRO H 58 -17.88 62.59 -60.16
CA PRO H 58 -18.80 63.26 -59.24
C PRO H 58 -19.39 64.55 -59.80
N THR H 59 -18.70 65.23 -60.70
CA THR H 59 -19.26 66.43 -61.31
C THR H 59 -20.48 66.10 -62.16
N LEU H 60 -20.38 65.08 -63.00
CA LEU H 60 -21.45 64.73 -63.93
C LEU H 60 -22.68 64.16 -63.24
N VAL H 61 -22.59 63.87 -61.94
CA VAL H 61 -23.69 63.21 -61.24
C VAL H 61 -24.87 64.17 -61.09
N THR H 62 -24.61 65.38 -60.61
CA THR H 62 -25.68 66.34 -60.39
C THR H 62 -26.42 66.71 -61.67
N THR H 63 -25.67 66.67 -62.79
CA THR H 63 -26.24 67.11 -64.08
C THR H 63 -26.55 65.93 -64.95
N LEU H 64 -27.39 65.02 -64.48
CA LEU H 64 -27.84 63.88 -65.32
C LEU H 64 -29.21 63.41 -64.80
N VAL H 66 -34.05 63.76 -63.39
CA VAL H 66 -35.33 63.22 -63.76
C VAL H 66 -36.23 63.24 -62.54
N GLN H 67 -36.37 64.43 -61.95
CA GLN H 67 -37.14 64.56 -60.70
C GLN H 67 -38.57 64.06 -60.96
N CYS H 68 -38.91 63.88 -62.22
CA CYS H 68 -40.24 63.31 -62.54
C CYS H 68 -40.33 61.92 -61.86
N PHE H 69 -39.27 61.47 -61.18
CA PHE H 69 -39.41 60.14 -60.62
C PHE H 69 -39.47 60.15 -59.10
N SER H 70 -39.53 61.32 -58.49
CA SER H 70 -39.45 61.42 -57.04
C SER H 70 -40.72 60.92 -56.38
N ARG H 71 -40.57 60.33 -55.20
CA ARG H 71 -41.70 59.76 -54.49
C ARG H 71 -42.58 60.88 -53.93
N TYR H 72 -43.84 60.89 -54.34
CA TYR H 72 -44.77 61.94 -53.96
C TYR H 72 -45.93 61.35 -53.17
N PRO H 73 -46.19 61.86 -51.98
CA PRO H 73 -47.26 61.28 -51.16
C PRO H 73 -48.65 61.71 -51.59
N ASP H 74 -49.68 61.10 -51.01
CA ASP H 74 -51.04 61.41 -51.41
C ASP H 74 -51.46 62.78 -50.87
N HIS H 75 -50.75 63.28 -49.86
CA HIS H 75 -51.13 64.63 -49.44
C HIS H 75 -50.54 65.71 -50.33
N MET H 76 -49.42 65.49 -51.02
CA MET H 76 -48.94 66.41 -52.04
C MET H 76 -49.34 65.98 -53.44
N LYS H 77 -50.53 65.37 -53.61
CA LYS H 77 -51.06 65.12 -54.94
C LYS H 77 -51.41 66.41 -55.67
N ARG H 78 -51.52 67.52 -54.96
CA ARG H 78 -51.88 68.79 -55.55
C ARG H 78 -50.67 69.71 -55.76
N HIS H 79 -49.47 69.27 -55.40
CA HIS H 79 -48.27 70.09 -55.53
C HIS H 79 -47.19 69.35 -56.31
N ASP H 80 -47.58 68.55 -57.29
CA ASP H 80 -46.66 67.81 -58.14
C ASP H 80 -46.67 68.46 -59.53
N PHE H 81 -45.81 69.46 -59.71
CA PHE H 81 -45.74 70.16 -60.99
C PHE H 81 -45.24 69.26 -62.11
N PHE H 82 -44.27 68.40 -61.82
CA PHE H 82 -43.69 67.57 -62.87
C PHE H 82 -44.68 66.53 -63.38
N LYS H 83 -45.68 66.19 -62.56
CA LYS H 83 -46.60 65.12 -62.92
C LYS H 83 -47.66 65.57 -63.91
N SER H 84 -48.41 66.64 -63.60
CA SER H 84 -49.55 67.03 -64.41
C SER H 84 -49.22 67.15 -65.89
N ALA H 85 -47.94 67.29 -66.24
CA ALA H 85 -47.53 67.48 -67.63
C ALA H 85 -47.07 66.19 -68.30
N MET H 86 -47.72 65.07 -68.05
CA MET H 86 -47.32 63.85 -68.73
C MET H 86 -48.49 63.28 -69.53
N PRO H 87 -48.27 62.90 -70.81
CA PRO H 87 -47.00 62.91 -71.55
C PRO H 87 -46.65 64.25 -72.16
N GLU H 88 -47.30 65.32 -71.69
CA GLU H 88 -46.98 66.67 -72.14
C GLU H 88 -45.49 66.93 -72.10
N GLY H 89 -44.82 66.52 -71.04
CA GLY H 89 -43.40 66.74 -70.88
C GLY H 89 -43.09 68.17 -70.50
N TYR H 90 -41.81 68.49 -70.49
CA TYR H 90 -41.38 69.84 -70.15
C TYR H 90 -39.91 70.02 -70.48
N VAL H 91 -39.42 71.23 -70.29
CA VAL H 91 -38.02 71.58 -70.50
C VAL H 91 -37.52 72.28 -69.26
N GLN H 92 -36.20 72.24 -69.06
CA GLN H 92 -35.56 72.93 -67.95
C GLN H 92 -34.21 73.49 -68.37
N GLU H 93 -33.97 74.74 -67.98
CA GLU H 93 -32.69 75.39 -68.19
C GLU H 93 -31.99 75.55 -66.85
N ARG H 94 -30.80 74.94 -66.72
CA ARG H 94 -30.08 74.88 -65.46
C ARG H 94 -28.75 75.61 -65.60
N THR H 95 -28.39 76.35 -64.55
CA THR H 95 -27.08 76.93 -64.41
C THR H 95 -26.47 76.42 -63.12
N ILE H 96 -25.27 75.83 -63.22
CA ILE H 96 -24.55 75.38 -62.02
C ILE H 96 -23.30 76.24 -61.90
N SER H 97 -23.05 76.73 -60.69
CA SER H 97 -22.01 77.70 -60.42
C SER H 97 -21.07 77.12 -59.37
N PHE H 98 -19.84 76.81 -59.77
CA PHE H 98 -18.81 76.38 -58.85
C PHE H 98 -18.24 77.59 -58.13
N LYS H 99 -17.94 77.44 -56.84
CA LYS H 99 -17.15 78.45 -56.17
C LYS H 99 -15.67 78.11 -56.36
N ASP H 100 -14.86 79.14 -56.59
CA ASP H 100 -13.42 79.02 -56.85
C ASP H 100 -13.15 78.36 -58.21
N ASP H 101 -14.12 78.43 -59.11
CA ASP H 101 -13.95 78.06 -60.53
C ASP H 101 -15.20 78.52 -61.29
N GLY H 102 -15.24 78.18 -62.58
CA GLY H 102 -16.23 78.69 -63.52
C GLY H 102 -17.62 78.10 -63.41
N THR H 103 -18.32 77.97 -64.53
CA THR H 103 -19.74 77.64 -64.48
C THR H 103 -20.14 76.72 -65.64
N TYR H 104 -21.38 76.21 -65.53
CA TYR H 104 -22.01 75.38 -66.55
C TYR H 104 -23.41 75.91 -66.86
N LYS H 105 -23.72 76.01 -68.16
CA LYS H 105 -25.04 76.34 -68.67
C LYS H 105 -25.57 75.11 -69.41
N THR H 106 -26.72 74.60 -68.98
CA THR H 106 -27.16 73.30 -69.45
C THR H 106 -28.66 73.29 -69.72
N ARG H 107 -29.02 73.03 -70.97
CA ARG H 107 -30.41 72.92 -71.40
C ARG H 107 -30.81 71.45 -71.43
N ALA H 108 -32.05 71.16 -71.02
CA ALA H 108 -32.50 69.77 -71.02
C ALA H 108 -33.98 69.71 -71.39
N GLU H 109 -34.34 68.74 -72.22
CA GLU H 109 -35.73 68.53 -72.60
C GLU H 109 -36.15 67.13 -72.16
N VAL H 110 -37.16 67.04 -71.31
CA VAL H 110 -37.59 65.78 -70.72
C VAL H 110 -39.02 65.48 -71.16
N LYS H 111 -39.26 64.23 -71.54
CA LYS H 111 -40.55 63.79 -72.06
C LYS H 111 -40.63 62.28 -72.01
N PHE H 112 -41.78 61.76 -72.44
CA PHE H 112 -41.91 60.35 -72.78
C PHE H 112 -41.82 60.17 -74.30
N GLU H 113 -41.12 59.13 -74.73
CA GLU H 113 -41.01 58.75 -76.13
C GLU H 113 -41.55 57.33 -76.19
N GLY H 114 -42.76 57.18 -76.72
CA GLY H 114 -43.46 55.92 -76.57
C GLY H 114 -43.81 55.71 -75.12
N ASP H 115 -43.09 54.81 -74.45
CA ASP H 115 -43.13 54.67 -73.01
C ASP H 115 -41.73 54.69 -72.40
N THR H 116 -40.71 54.97 -73.19
CA THR H 116 -39.32 55.08 -72.72
C THR H 116 -39.06 56.54 -72.38
N LEU H 117 -38.45 56.78 -71.22
CA LEU H 117 -38.10 58.15 -70.86
C LEU H 117 -36.72 58.46 -71.44
N VAL H 118 -36.70 59.27 -72.50
CA VAL H 118 -35.45 59.70 -73.13
C VAL H 118 -35.20 61.15 -72.76
N ASN H 119 -33.97 61.44 -72.39
CA ASN H 119 -33.61 62.74 -71.85
C ASN H 119 -32.43 63.32 -72.62
N ARG H 120 -32.71 64.33 -73.44
CA ARG H 120 -31.70 64.98 -74.27
C ARG H 120 -31.24 66.26 -73.58
N ILE H 121 -29.93 66.34 -73.32
CA ILE H 121 -29.34 67.45 -72.59
C ILE H 121 -28.13 67.97 -73.35
N GLU H 122 -28.01 69.29 -73.43
CA GLU H 122 -26.90 69.97 -74.07
C GLU H 122 -26.22 70.87 -73.05
N LEU H 123 -24.90 70.84 -73.01
CA LEU H 123 -24.14 71.45 -71.94
C LEU H 123 -23.00 72.31 -72.49
N LYS H 124 -22.81 73.47 -71.87
CA LYS H 124 -21.72 74.38 -72.19
C LYS H 124 -21.06 74.80 -70.88
N GLY H 125 -19.88 74.28 -70.61
CA GLY H 125 -19.20 74.62 -69.37
C GLY H 125 -17.91 75.37 -69.60
N ILE H 126 -17.76 76.57 -69.04
CA ILE H 126 -16.60 77.39 -69.35
C ILE H 126 -16.12 78.10 -68.08
N ASP H 127 -15.06 78.89 -68.24
CA ASP H 127 -14.54 79.83 -67.25
C ASP H 127 -13.75 79.15 -66.14
N PHE H 128 -13.09 78.03 -66.46
CA PHE H 128 -12.36 77.26 -65.47
C PHE H 128 -10.86 77.42 -65.66
N LYS H 129 -10.11 77.21 -64.58
CA LYS H 129 -8.67 77.02 -64.68
C LYS H 129 -8.37 75.53 -64.81
N GLU H 130 -7.61 75.18 -65.85
CA GLU H 130 -7.48 73.79 -66.25
C GLU H 130 -6.37 73.05 -65.50
N ASP H 131 -5.70 73.70 -64.56
CA ASP H 131 -4.83 73.02 -63.62
C ASP H 131 -5.35 73.14 -62.19
N GLY H 132 -6.67 73.14 -62.02
CA GLY H 132 -7.27 73.31 -60.72
C GLY H 132 -7.57 72.00 -60.03
N ASN H 133 -8.47 72.07 -59.04
CA ASN H 133 -8.85 70.92 -58.25
C ASN H 133 -10.25 70.41 -58.58
N ILE H 134 -11.23 71.32 -58.69
CA ILE H 134 -12.60 70.92 -59.00
C ILE H 134 -12.64 70.07 -60.26
N LEU H 135 -11.84 70.43 -61.26
CA LEU H 135 -11.78 69.65 -62.49
C LEU H 135 -10.53 68.78 -62.59
N GLY H 136 -9.44 69.16 -61.93
CA GLY H 136 -8.18 68.49 -62.09
C GLY H 136 -8.03 67.19 -61.31
N HIS H 137 -9.16 66.58 -60.96
CA HIS H 137 -9.20 65.29 -60.26
C HIS H 137 -8.44 65.35 -58.93
N LYS H 138 -8.90 66.24 -58.07
CA LYS H 138 -8.44 66.31 -56.69
C LYS H 138 -9.56 65.99 -55.71
N LEU H 139 -10.81 66.05 -56.15
CA LEU H 139 -11.96 65.87 -55.30
C LEU H 139 -12.23 64.39 -55.07
N GLU H 140 -12.97 64.09 -54.00
CA GLU H 140 -13.13 62.71 -53.56
C GLU H 140 -14.31 62.03 -54.23
N TYR H 141 -14.14 60.75 -54.57
CA TYR H 141 -15.17 59.95 -55.20
C TYR H 141 -16.15 59.49 -54.12
N ASN H 142 -17.16 60.32 -53.88
CA ASN H 142 -18.18 60.06 -52.88
C ASN H 142 -19.43 60.85 -53.24
N PHE H 143 -20.34 60.94 -52.27
CA PHE H 143 -21.53 61.75 -52.41
C PHE H 143 -22.16 61.93 -51.03
N ASN H 144 -23.14 62.82 -50.94
CA ASN H 144 -23.80 63.14 -49.67
C ASN H 144 -25.29 63.41 -49.93
N SER H 145 -26.06 63.45 -48.84
CA SER H 145 -27.49 63.68 -48.91
C SER H 145 -27.77 65.15 -49.13
N HIS H 146 -28.71 65.45 -50.03
CA HIS H 146 -28.94 66.84 -50.42
C HIS H 146 -30.43 67.14 -50.48
N ASN H 147 -30.74 68.42 -50.66
CA ASN H 147 -32.11 68.91 -50.75
C ASN H 147 -32.24 69.91 -51.89
N VAL H 148 -33.44 69.98 -52.46
CA VAL H 148 -33.77 70.89 -53.54
C VAL H 148 -34.96 71.73 -53.08
N TYR H 149 -34.91 73.04 -53.33
CA TYR H 149 -36.04 73.91 -53.05
C TYR H 149 -36.75 74.23 -54.36
N ILE H 150 -38.03 73.85 -54.44
CA ILE H 150 -38.85 74.15 -55.61
C ILE H 150 -39.85 75.24 -55.23
N THR H 151 -39.96 76.23 -56.11
CA THR H 151 -40.79 77.42 -55.91
C THR H 151 -41.69 77.60 -57.11
N ALA H 152 -42.95 77.92 -56.87
CA ALA H 152 -43.87 78.23 -57.95
C ALA H 152 -43.40 79.46 -58.70
N ASP H 153 -43.70 79.52 -59.99
CA ASP H 153 -43.28 80.63 -60.85
C ASP H 153 -44.42 80.88 -61.84
N LYS H 154 -45.34 81.77 -61.46
CA LYS H 154 -46.48 82.06 -62.32
C LYS H 154 -46.07 82.81 -63.59
N GLN H 155 -44.92 83.48 -63.56
CA GLN H 155 -44.43 84.17 -64.76
C GLN H 155 -44.19 83.20 -65.89
N LYS H 156 -43.63 82.03 -65.61
CA LYS H 156 -43.49 80.96 -66.57
C LYS H 156 -44.50 79.85 -66.33
N ASN H 157 -45.54 80.12 -65.52
CA ASN H 157 -46.58 79.17 -65.11
C ASN H 157 -45.99 77.79 -64.83
N GLY H 158 -44.76 77.76 -64.34
CA GLY H 158 -44.04 76.55 -64.02
C GLY H 158 -43.35 76.70 -62.69
N ILE H 159 -42.07 76.33 -62.58
CA ILE H 159 -41.37 76.47 -61.30
C ILE H 159 -39.93 76.87 -61.52
N LYS H 160 -39.31 77.32 -60.43
CA LYS H 160 -37.87 77.46 -60.33
C LYS H 160 -37.37 76.47 -59.29
N ALA H 161 -36.18 75.93 -59.51
CA ALA H 161 -35.56 75.01 -58.57
C ALA H 161 -34.17 75.52 -58.23
N ASN H 162 -33.93 75.73 -56.94
CA ASN H 162 -32.64 76.21 -56.45
C ASN H 162 -32.13 75.27 -55.39
N PHE H 163 -30.83 75.03 -55.41
CA PHE H 163 -30.23 74.18 -54.39
C PHE H 163 -28.73 74.36 -54.37
N LYS H 164 -28.09 73.79 -53.36
CA LYS H 164 -26.66 73.94 -53.15
C LYS H 164 -26.07 72.58 -52.84
N ILE H 165 -25.00 72.22 -53.55
CA ILE H 165 -24.34 70.94 -53.38
C ILE H 165 -22.95 71.17 -52.81
N ARG H 166 -22.53 70.30 -51.90
CA ARG H 166 -21.22 70.37 -51.27
C ARG H 166 -20.48 69.08 -51.60
N HIS H 167 -19.42 69.21 -52.39
CA HIS H 167 -18.56 68.08 -52.74
C HIS H 167 -17.28 68.16 -51.94
N ASN H 168 -17.05 67.18 -51.07
CA ASN H 168 -15.86 67.16 -50.24
C ASN H 168 -14.65 66.75 -51.07
N VAL H 169 -13.52 67.39 -50.78
CA VAL H 169 -12.26 67.12 -51.46
C VAL H 169 -11.47 66.13 -50.60
N GLU H 170 -10.51 65.44 -51.23
CA GLU H 170 -9.76 64.41 -50.53
C GLU H 170 -8.97 64.96 -49.35
N ASP H 171 -8.94 66.28 -49.16
CA ASP H 171 -8.25 66.91 -48.05
C ASP H 171 -9.19 67.74 -47.18
N GLY H 172 -10.40 67.25 -46.95
CA GLY H 172 -11.33 67.86 -46.03
C GLY H 172 -12.09 69.05 -46.58
N SER H 173 -11.50 69.82 -47.49
CA SER H 173 -12.17 70.99 -48.03
C SER H 173 -13.36 70.59 -48.88
N VAL H 174 -14.27 71.54 -49.08
CA VAL H 174 -15.52 71.30 -49.77
C VAL H 174 -15.69 72.34 -50.87
N GLN H 175 -16.43 71.98 -51.91
CA GLN H 175 -16.79 72.88 -52.99
C GLN H 175 -18.30 73.01 -52.99
N LEU H 176 -18.80 74.25 -52.95
CA LEU H 176 -20.24 74.51 -52.88
C LEU H 176 -20.72 75.05 -54.22
N ALA H 177 -21.33 74.16 -55.02
CA ALA H 177 -21.89 74.52 -56.31
C ALA H 177 -23.36 74.90 -56.11
N ASP H 178 -23.71 76.11 -56.53
CA ASP H 178 -25.09 76.58 -56.45
C ASP H 178 -25.78 76.36 -57.78
N HIS H 179 -26.96 75.75 -57.74
CA HIS H 179 -27.69 75.35 -58.93
C HIS H 179 -29.02 76.08 -58.99
N TYR H 180 -29.27 76.72 -60.13
CA TYR H 180 -30.56 77.28 -60.50
C TYR H 180 -31.11 76.51 -61.68
N GLN H 181 -32.43 76.45 -61.81
CA GLN H 181 -33.01 75.94 -63.04
C GLN H 181 -34.46 76.40 -63.17
N GLN H 182 -34.86 76.69 -64.40
CA GLN H 182 -36.23 77.06 -64.74
C GLN H 182 -36.90 75.86 -65.38
N ASN H 183 -38.05 75.46 -64.85
CA ASN H 183 -38.82 74.33 -65.34
C ASN H 183 -40.13 74.84 -65.93
N THR H 184 -40.35 74.55 -67.22
CA THR H 184 -41.52 75.04 -67.93
C THR H 184 -42.10 73.95 -68.82
N PRO H 185 -43.43 73.78 -68.82
CA PRO H 185 -44.04 72.73 -69.65
C PRO H 185 -44.25 73.22 -71.08
N ILE H 186 -44.21 72.26 -72.00
CA ILE H 186 -44.35 72.59 -73.42
C ILE H 186 -45.79 72.98 -73.79
N GLY H 187 -46.78 72.40 -73.12
CA GLY H 187 -48.16 72.67 -73.47
C GLY H 187 -48.79 73.75 -72.62
N ASP H 188 -49.83 74.36 -73.17
CA ASP H 188 -50.56 75.43 -72.51
C ASP H 188 -51.61 74.92 -71.53
N GLY H 189 -51.67 73.61 -71.30
CA GLY H 189 -52.67 73.03 -70.43
C GLY H 189 -52.51 73.42 -68.98
N PRO H 190 -53.47 73.02 -68.14
CA PRO H 190 -53.37 73.34 -66.72
C PRO H 190 -52.45 72.38 -65.99
N VAL H 191 -51.39 72.96 -65.41
CA VAL H 191 -50.40 72.20 -64.66
C VAL H 191 -50.55 72.57 -63.19
N LEU H 192 -50.50 71.55 -62.34
CA LEU H 192 -50.73 71.70 -60.91
C LEU H 192 -49.63 72.56 -60.32
N LEU H 193 -50.02 73.51 -59.48
CA LEU H 193 -49.09 74.53 -59.02
C LEU H 193 -48.60 74.20 -57.60
N PRO H 194 -47.34 73.84 -57.43
CA PRO H 194 -46.80 73.58 -56.09
C PRO H 194 -46.26 74.84 -55.43
N ASP H 195 -46.64 75.02 -54.18
CA ASP H 195 -46.00 76.05 -53.37
C ASP H 195 -44.57 75.64 -53.07
N ASN H 196 -43.77 76.60 -52.62
CA ASN H 196 -42.35 76.36 -52.36
C ASN H 196 -42.21 75.31 -51.26
N HIS H 197 -41.50 74.23 -51.56
CA HIS H 197 -41.17 73.25 -50.54
C HIS H 197 -39.87 72.55 -50.96
N TYR H 198 -39.51 71.47 -50.27
CA TYR H 198 -38.18 70.90 -50.42
C TYR H 198 -38.29 69.45 -50.90
N LEU H 199 -37.13 68.90 -51.23
CA LEU H 199 -37.04 67.57 -51.79
C LEU H 199 -35.69 66.96 -51.41
N SER H 200 -35.73 65.88 -50.63
CA SER H 200 -34.54 65.19 -50.15
C SER H 200 -34.11 64.14 -51.15
N THR H 201 -32.80 63.94 -51.25
CA THR H 201 -32.20 63.06 -52.24
C THR H 201 -30.97 62.37 -51.65
N GLN H 202 -30.88 61.07 -51.89
CA GLN H 202 -29.72 60.27 -51.53
C GLN H 202 -29.31 59.44 -52.73
N SER H 203 -28.02 59.13 -52.83
CA SER H 203 -27.54 58.30 -53.92
C SER H 203 -26.23 57.63 -53.55
N ALA H 204 -25.86 56.65 -54.36
CA ALA H 204 -24.66 55.86 -54.14
C ALA H 204 -24.03 55.50 -55.48
N LEU H 205 -22.71 55.58 -55.51
CA LEU H 205 -21.90 55.43 -56.71
C LEU H 205 -21.02 54.19 -56.58
N SER H 206 -20.85 53.46 -57.67
CA SER H 206 -20.07 52.24 -57.67
C SER H 206 -19.62 51.90 -59.08
N LYS H 207 -18.92 50.77 -59.21
CA LYS H 207 -18.32 50.33 -60.45
C LYS H 207 -18.83 48.94 -60.81
N ASP H 208 -18.87 48.64 -62.09
CA ASP H 208 -18.97 47.25 -62.54
C ASP H 208 -17.58 46.63 -62.48
N PRO H 209 -17.44 45.37 -62.02
CA PRO H 209 -16.10 44.81 -61.86
C PRO H 209 -15.46 44.37 -63.16
N ASN H 210 -16.24 44.14 -64.22
CA ASN H 210 -15.72 43.53 -65.44
C ASN H 210 -16.05 44.35 -66.69
N GLU H 211 -16.02 45.67 -66.61
CA GLU H 211 -16.20 46.54 -67.76
C GLU H 211 -14.96 47.39 -67.96
N LYS H 212 -14.40 47.36 -69.17
CA LYS H 212 -13.12 47.99 -69.44
C LYS H 212 -13.23 49.44 -69.88
N ARG H 213 -14.44 49.92 -70.15
CA ARG H 213 -14.62 51.33 -70.49
C ARG H 213 -14.63 52.17 -69.22
N ASP H 214 -14.96 53.45 -69.40
CA ASP H 214 -15.25 54.29 -68.24
C ASP H 214 -16.73 54.19 -67.87
N HIS H 215 -17.00 53.68 -66.68
CA HIS H 215 -18.37 53.43 -66.26
C HIS H 215 -18.60 54.10 -64.92
N MET H 216 -19.88 54.33 -64.62
CA MET H 216 -20.27 54.88 -63.33
C MET H 216 -21.69 54.40 -63.05
N VAL H 217 -21.82 53.50 -62.07
CA VAL H 217 -23.10 52.92 -61.69
C VAL H 217 -23.63 53.72 -60.52
N LEU H 218 -24.92 54.01 -60.50
CA LEU H 218 -25.48 54.86 -59.46
C LEU H 218 -26.93 54.52 -59.19
N LEU H 219 -27.25 54.31 -57.90
CA LEU H 219 -28.63 54.09 -57.48
C LEU H 219 -29.01 55.17 -56.49
N GLU H 220 -30.29 55.57 -56.49
CA GLU H 220 -30.67 56.79 -55.79
C GLU H 220 -32.14 56.79 -55.40
N PHE H 221 -32.41 57.43 -54.27
CA PHE H 221 -33.76 57.55 -53.71
C PHE H 221 -34.05 59.03 -53.54
N VAL H 222 -35.19 59.48 -54.08
CA VAL H 222 -35.54 60.89 -54.13
C VAL H 222 -36.99 61.03 -53.73
N THR H 223 -37.27 61.93 -52.78
CA THR H 223 -38.64 62.15 -52.36
C THR H 223 -38.78 63.53 -51.74
N ALA H 224 -39.96 64.12 -51.91
CA ALA H 224 -40.20 65.51 -51.57
C ALA H 224 -41.09 65.64 -50.34
N ALA H 225 -41.11 66.85 -49.79
CA ALA H 225 -41.95 67.21 -48.65
C ALA H 225 -41.96 68.73 -48.53
N GLY H 226 -42.52 69.21 -47.42
CA GLY H 226 -42.53 70.63 -47.11
C GLY H 226 -43.82 71.11 -46.49
N ILE H 227 -44.90 70.37 -46.63
CA ILE H 227 -46.19 70.73 -46.06
C ILE H 227 -46.39 69.92 -44.78
N THR H 228 -46.76 70.60 -43.70
CA THR H 228 -47.08 69.91 -42.47
C THR H 228 -48.58 69.62 -42.44
N HIS H 229 -48.99 68.59 -43.18
CA HIS H 229 -50.39 68.26 -43.34
C HIS H 229 -50.88 67.36 -42.21
N HIS H 230 -52.21 67.22 -42.14
CA HIS H 230 -52.85 66.49 -41.06
C HIS H 230 -52.47 65.02 -41.04
N GLY I 54 38.76 23.48 -71.01
CA GLY I 54 38.06 24.59 -70.39
C GLY I 54 36.84 25.04 -71.16
N LYS I 55 36.98 25.13 -72.48
CA LYS I 55 35.90 25.51 -73.37
C LYS I 55 35.89 24.72 -74.67
N GLU I 56 37.00 24.09 -75.04
CA GLU I 56 37.12 23.41 -76.32
C GLU I 56 36.32 22.11 -76.40
N LEU I 57 35.66 21.70 -75.32
CA LEU I 57 34.88 20.46 -75.36
C LEU I 57 33.50 20.68 -75.97
N LEU I 58 32.97 21.89 -75.84
CA LEU I 58 31.57 22.11 -76.22
C LEU I 58 31.36 22.00 -77.72
N GLU I 59 32.31 22.49 -78.53
CA GLU I 59 32.15 22.41 -79.96
C GLU I 59 32.25 20.97 -80.44
N ALA I 60 33.04 20.15 -79.73
CA ALA I 60 33.12 18.74 -80.06
C ALA I 60 31.85 18.00 -79.67
N ALA I 61 31.22 18.42 -78.56
CA ALA I 61 29.91 17.88 -78.23
C ALA I 61 28.87 18.27 -79.27
N ARG I 62 28.93 19.51 -79.75
CA ARG I 62 27.98 19.98 -80.73
C ARG I 62 28.15 19.27 -82.07
N ALA I 63 29.39 19.07 -82.51
CA ALA I 63 29.65 18.35 -83.75
C ALA I 63 29.42 16.85 -83.63
N GLY I 64 29.11 16.35 -82.43
CA GLY I 64 28.95 14.93 -82.23
C GLY I 64 30.25 14.16 -82.16
N GLN I 65 31.36 14.82 -81.87
CA GLN I 65 32.67 14.16 -81.79
C GLN I 65 32.77 13.43 -80.46
N ASP I 66 32.11 12.27 -80.40
CA ASP I 66 32.08 11.50 -79.16
C ASP I 66 33.48 11.08 -78.73
N ASP I 67 34.33 10.69 -79.68
CA ASP I 67 35.67 10.27 -79.33
C ASP I 67 36.53 11.45 -78.88
N GLU I 68 36.30 12.63 -79.47
CA GLU I 68 37.08 13.78 -79.04
C GLU I 68 36.73 14.20 -77.63
N VAL I 69 35.43 14.32 -77.32
CA VAL I 69 35.04 14.66 -75.95
C VAL I 69 35.45 13.55 -74.99
N ALA I 70 35.49 12.31 -75.47
CA ALA I 70 36.00 11.22 -74.64
C ALA I 70 37.46 11.47 -74.24
N VAL I 71 38.33 11.65 -75.24
CA VAL I 71 39.77 11.77 -74.94
C VAL I 71 40.06 13.08 -74.22
N LEU I 72 39.23 14.10 -74.42
CA LEU I 72 39.48 15.38 -73.79
C LEU I 72 38.88 15.46 -72.39
N MET I 73 37.89 14.64 -72.08
CA MET I 73 37.37 14.55 -70.72
C MET I 73 38.17 13.56 -69.88
N ALA I 74 38.79 12.56 -70.51
CA ALA I 74 39.76 11.73 -69.81
C ALA I 74 40.82 12.60 -69.17
N ARG I 75 41.41 13.49 -69.96
CA ARG I 75 42.22 14.57 -69.39
C ARG I 75 41.32 15.55 -68.66
N GLY I 76 41.82 16.04 -67.53
CA GLY I 76 41.05 16.95 -66.69
C GLY I 76 40.46 18.13 -67.43
N ALA I 77 39.12 18.15 -67.55
CA ALA I 77 38.44 19.19 -68.30
C ALA I 77 37.20 19.61 -67.53
N GLU I 78 36.67 20.78 -67.89
CA GLU I 78 35.47 21.29 -67.24
C GLU I 78 34.24 20.53 -67.70
N VAL I 79 33.59 19.82 -66.78
CA VAL I 79 32.38 19.10 -67.14
C VAL I 79 31.13 19.98 -67.01
N ASN I 80 31.01 20.75 -65.93
CA ASN I 80 29.86 21.62 -65.71
C ASN I 80 30.12 23.02 -66.26
N ALA I 81 30.50 23.10 -67.52
CA ALA I 81 30.85 24.37 -68.14
C ALA I 81 29.60 25.22 -68.39
N ALA I 82 29.65 26.44 -67.88
CA ALA I 82 28.66 27.45 -68.18
C ALA I 82 29.23 28.34 -69.28
N ASP I 83 28.46 28.53 -70.35
CA ASP I 83 28.99 29.15 -71.55
C ASP I 83 28.38 30.54 -71.76
N ASP I 84 28.69 31.10 -72.93
CA ASP I 84 28.35 32.47 -73.28
C ASP I 84 26.86 32.79 -73.19
N VAL I 85 25.98 31.78 -73.20
CA VAL I 85 24.57 32.03 -72.99
C VAL I 85 24.05 31.04 -71.96
N GLY I 86 24.95 30.23 -71.40
CA GLY I 86 24.58 29.33 -70.32
C GLY I 86 24.24 27.93 -70.79
N VAL I 87 24.78 27.55 -71.93
CA VAL I 87 24.49 26.27 -72.56
C VAL I 87 25.62 25.33 -72.18
N THR I 88 25.31 24.36 -71.33
CA THR I 88 26.30 23.36 -70.93
C THR I 88 26.41 22.30 -72.03
N PRO I 89 27.59 21.67 -72.17
CA PRO I 89 27.71 20.56 -73.13
C PRO I 89 26.59 19.54 -73.07
N LEU I 90 25.95 19.36 -71.92
CA LEU I 90 24.83 18.43 -71.84
C LEU I 90 23.63 18.94 -72.63
N HIS I 91 23.38 20.25 -72.58
CA HIS I 91 22.27 20.82 -73.35
C HIS I 91 22.45 20.58 -74.84
N LEU I 92 23.63 20.90 -75.38
CA LEU I 92 23.92 20.69 -76.79
C LEU I 92 24.02 19.21 -77.15
N ALA I 93 24.40 18.36 -76.21
CA ALA I 93 24.41 16.92 -76.43
C ALA I 93 23.02 16.33 -76.43
N ALA I 94 22.06 17.01 -75.82
CA ALA I 94 20.66 16.60 -75.84
C ALA I 94 19.90 17.14 -77.04
N GLN I 95 20.17 18.39 -77.44
CA GLN I 95 19.53 18.94 -78.63
C GLN I 95 19.73 18.03 -79.84
N ARG I 96 20.98 17.79 -80.21
CA ARG I 96 21.29 16.75 -81.17
C ARG I 96 21.17 15.39 -80.49
N GLY I 97 20.89 14.37 -81.30
CA GLY I 97 20.74 13.05 -80.71
C GLY I 97 22.06 12.32 -80.58
N HIS I 98 22.65 12.39 -79.40
CA HIS I 98 23.97 11.81 -79.15
C HIS I 98 23.95 11.17 -77.77
N LEU I 99 23.63 9.88 -77.72
CA LEU I 99 23.52 9.17 -76.46
C LEU I 99 24.87 8.93 -75.80
N ALA I 100 25.90 8.61 -76.59
CA ALA I 100 27.21 8.32 -76.03
C ALA I 100 27.77 9.53 -75.29
N ILE I 101 27.56 10.72 -75.85
CA ILE I 101 28.12 11.93 -75.24
C ILE I 101 27.42 12.22 -73.91
N VAL I 102 26.10 12.08 -73.85
CA VAL I 102 25.42 12.35 -72.59
C VAL I 102 25.75 11.27 -71.56
N SER I 103 26.01 10.05 -72.01
CA SER I 103 26.42 9.01 -71.06
C SER I 103 27.78 9.32 -70.46
N VAL I 104 28.76 9.64 -71.31
CA VAL I 104 30.10 9.92 -70.80
C VAL I 104 30.15 11.25 -70.07
N LEU I 105 29.15 12.11 -70.27
CA LEU I 105 29.09 13.34 -69.50
C LEU I 105 28.45 13.13 -68.15
N LEU I 106 27.37 12.33 -68.08
CA LEU I 106 26.78 11.98 -66.80
C LEU I 106 27.75 11.24 -65.92
N ALA I 107 28.48 10.27 -66.49
CA ALA I 107 29.44 9.50 -65.69
C ALA I 107 30.51 10.41 -65.09
N PHE I 108 30.88 11.48 -65.79
CA PHE I 108 31.90 12.39 -65.30
C PHE I 108 31.35 13.49 -64.41
N GLY I 109 30.08 13.45 -64.03
CA GLY I 109 29.57 14.38 -63.05
C GLY I 109 28.92 15.63 -63.61
N ALA I 110 28.03 15.46 -64.58
CA ALA I 110 27.26 16.58 -65.08
C ALA I 110 25.97 16.74 -64.26
N SER I 111 25.39 17.93 -64.36
CA SER I 111 24.13 18.20 -63.66
C SER I 111 22.98 18.08 -64.64
N VAL I 112 22.02 17.20 -64.33
CA VAL I 112 20.85 17.04 -65.20
C VAL I 112 19.92 18.24 -65.12
N ASN I 113 19.88 18.95 -64.00
CA ASN I 113 19.08 20.15 -63.86
C ASN I 113 20.01 21.36 -63.95
N ALA I 114 20.12 21.94 -65.13
CA ALA I 114 21.05 23.03 -65.38
C ALA I 114 20.29 24.22 -65.94
N ALA I 115 20.08 25.21 -65.08
CA ALA I 115 19.16 26.32 -65.38
C ALA I 115 19.78 27.19 -66.47
N ASP I 116 19.38 26.93 -67.71
CA ASP I 116 19.80 27.74 -68.84
C ASP I 116 19.35 29.19 -68.66
N LEU I 117 19.99 30.09 -69.41
CA LEU I 117 19.63 31.50 -69.33
C LEU I 117 18.20 31.74 -69.79
N TRP I 118 17.63 30.82 -70.57
CA TRP I 118 16.24 30.92 -70.99
C TRP I 118 15.30 30.11 -70.12
N GLY I 119 15.82 29.32 -69.19
CA GLY I 119 14.99 28.49 -68.34
C GLY I 119 14.88 27.05 -68.78
N GLN I 120 15.66 26.63 -69.78
CA GLN I 120 15.58 25.27 -70.25
C GLN I 120 16.53 24.37 -69.48
N THR I 121 16.35 23.06 -69.70
CA THR I 121 17.03 21.97 -69.03
C THR I 121 17.21 20.92 -70.12
N PRO I 122 18.24 20.06 -70.06
CA PRO I 122 18.40 19.04 -71.11
C PRO I 122 17.15 18.21 -71.35
N LEU I 123 16.32 18.00 -70.32
CA LEU I 123 15.07 17.27 -70.51
C LEU I 123 14.12 18.04 -71.41
N HIS I 124 14.08 19.38 -71.29
CA HIS I 124 13.22 20.18 -72.15
C HIS I 124 13.60 20.00 -73.61
N LEU I 125 14.86 20.26 -73.95
CA LEU I 125 15.32 20.14 -75.32
C LEU I 125 15.26 18.72 -75.84
N ALA I 126 15.52 17.72 -75.00
CA ALA I 126 15.44 16.33 -75.43
C ALA I 126 14.01 15.89 -75.69
N ALA I 127 13.06 16.32 -74.87
CA ALA I 127 11.66 16.00 -75.12
C ALA I 127 11.16 16.74 -76.35
N THR I 128 11.63 17.96 -76.59
CA THR I 128 11.23 18.68 -77.79
C THR I 128 11.80 18.04 -79.05
N ALA I 129 13.05 17.58 -79.00
CA ALA I 129 13.68 17.02 -80.19
C ALA I 129 12.97 15.74 -80.64
N GLY I 130 12.96 14.71 -79.78
CA GLY I 130 12.27 13.48 -80.11
C GLY I 130 13.08 12.22 -79.87
N HIS I 131 14.20 12.36 -79.17
CA HIS I 131 15.06 11.20 -78.92
C HIS I 131 14.67 10.53 -77.61
N LEU I 132 14.21 9.29 -77.70
CA LEU I 132 13.64 8.62 -76.54
C LEU I 132 14.71 8.12 -75.59
N GLU I 133 15.80 7.57 -76.12
CA GLU I 133 16.86 7.01 -75.28
C GLU I 133 17.47 8.07 -74.36
N ILE I 134 17.68 9.27 -74.87
CA ILE I 134 18.20 10.34 -74.03
C ILE I 134 17.21 10.69 -72.93
N VAL I 135 15.91 10.74 -73.27
CA VAL I 135 14.90 11.00 -72.26
C VAL I 135 14.94 9.95 -71.16
N GLU I 136 15.07 8.68 -71.52
CA GLU I 136 15.12 7.62 -70.52
C GLU I 136 16.35 7.77 -69.64
N VAL I 137 17.53 7.93 -70.24
CA VAL I 137 18.74 7.97 -69.44
C VAL I 137 18.80 9.24 -68.58
N LEU I 138 18.07 10.27 -68.98
CA LEU I 138 18.00 11.47 -68.14
C LEU I 138 17.01 11.29 -67.00
N LEU I 139 15.88 10.65 -67.27
CA LEU I 139 14.89 10.42 -66.23
C LEU I 139 15.42 9.47 -65.16
N ARG I 140 16.23 8.49 -65.57
CA ARG I 140 16.82 7.58 -64.60
C ARG I 140 17.93 8.24 -63.79
N SER I 141 18.49 9.35 -64.26
CA SER I 141 19.59 10.02 -63.59
C SER I 141 19.13 11.12 -62.64
N GLY I 142 17.84 11.43 -62.60
CA GLY I 142 17.33 12.43 -61.70
C GLY I 142 16.81 13.70 -62.32
N ALA I 143 16.41 13.68 -63.59
CA ALA I 143 15.82 14.86 -64.20
C ALA I 143 14.42 15.10 -63.62
N SER I 144 14.09 16.37 -63.42
CA SER I 144 12.82 16.75 -62.84
C SER I 144 11.77 16.97 -63.91
N VAL I 145 10.75 16.10 -63.90
CA VAL I 145 9.70 16.13 -64.91
C VAL I 145 8.83 17.37 -64.84
N ASN I 146 8.89 18.14 -63.75
CA ASN I 146 8.02 19.28 -63.57
C ASN I 146 8.81 20.56 -63.38
N ALA I 147 9.83 20.75 -64.19
CA ALA I 147 10.57 22.01 -64.23
C ALA I 147 9.94 22.93 -65.27
N ARG I 148 10.01 24.23 -65.02
CA ARG I 148 9.30 25.21 -65.82
C ARG I 148 10.27 26.05 -66.64
N ASP I 149 9.78 26.53 -67.78
CA ASP I 149 10.42 27.57 -68.58
C ASP I 149 10.08 28.94 -68.02
N ASN I 150 10.37 29.98 -68.82
CA ASN I 150 9.82 31.29 -68.52
C ASN I 150 8.36 31.38 -68.94
N ILE I 151 8.03 30.84 -70.11
CA ILE I 151 6.62 30.69 -70.47
C ILE I 151 5.88 29.81 -69.48
N GLY I 152 6.58 28.90 -68.79
CA GLY I 152 5.96 27.98 -67.86
C GLY I 152 5.81 26.58 -68.37
N HIS I 153 6.35 26.27 -69.56
CA HIS I 153 6.17 24.94 -70.13
C HIS I 153 6.91 23.89 -69.31
N THR I 154 6.29 22.73 -69.18
CA THR I 154 6.92 21.55 -68.61
C THR I 154 7.27 20.58 -69.73
N PRO I 155 8.19 19.64 -69.49
CA PRO I 155 8.57 18.73 -70.58
C PRO I 155 7.41 18.03 -71.25
N LEU I 156 6.27 17.88 -70.56
CA LEU I 156 5.12 17.24 -71.18
C LEU I 156 4.42 18.20 -72.14
N HIS I 157 4.41 19.50 -71.82
CA HIS I 157 3.93 20.50 -72.77
C HIS I 157 4.63 20.34 -74.11
N LEU I 158 5.96 20.26 -74.09
CA LEU I 158 6.73 20.14 -75.32
C LEU I 158 6.55 18.79 -75.97
N ALA I 159 6.48 17.72 -75.17
CA ALA I 159 6.23 16.40 -75.73
C ALA I 159 4.89 16.34 -76.45
N ALA I 160 3.89 17.06 -75.96
CA ALA I 160 2.58 17.10 -76.60
C ALA I 160 2.56 18.01 -77.82
N TRP I 161 3.23 19.16 -77.75
CA TRP I 161 3.32 20.03 -78.91
C TRP I 161 4.03 19.34 -80.07
N ALA I 162 5.21 18.75 -79.81
CA ALA I 162 6.00 18.18 -80.88
C ALA I 162 5.31 16.97 -81.50
N GLY I 163 4.53 16.23 -80.72
CA GLY I 163 3.86 15.05 -81.21
C GLY I 163 4.56 13.74 -80.99
N HIS I 164 5.24 13.56 -79.87
CA HIS I 164 6.03 12.36 -79.60
C HIS I 164 5.28 11.47 -78.62
N LEU I 165 4.69 10.38 -79.13
CA LEU I 165 3.81 9.56 -78.31
C LEU I 165 4.59 8.79 -77.25
N GLU I 166 5.66 8.11 -77.65
CA GLU I 166 6.42 7.29 -76.71
C GLU I 166 7.05 8.13 -75.61
N ILE I 167 7.51 9.34 -75.96
CA ILE I 167 8.05 10.24 -74.95
C ILE I 167 6.94 10.69 -74.00
N VAL I 168 5.74 10.92 -74.53
CA VAL I 168 4.62 11.25 -73.66
C VAL I 168 4.35 10.12 -72.68
N GLU I 169 4.42 8.88 -73.14
CA GLU I 169 4.22 7.75 -72.25
C GLU I 169 5.27 7.68 -71.17
N VAL I 170 6.55 7.77 -71.52
CA VAL I 170 7.59 7.65 -70.51
C VAL I 170 7.54 8.82 -69.54
N LEU I 171 7.11 10.00 -70.01
CA LEU I 171 6.97 11.13 -69.10
C LEU I 171 5.78 10.97 -68.17
N LEU I 172 4.71 10.33 -68.63
CA LEU I 172 3.57 10.08 -67.76
C LEU I 172 3.85 9.01 -66.73
N ALA I 173 4.69 8.03 -67.06
CA ALA I 173 5.11 7.02 -66.11
C ALA I 173 5.95 7.57 -64.97
N TYR I 174 6.66 8.68 -65.19
CA TYR I 174 7.60 9.21 -64.20
C TYR I 174 7.03 10.34 -63.37
N GLY I 175 5.74 10.65 -63.53
CA GLY I 175 5.09 11.58 -62.64
C GLY I 175 4.75 12.93 -63.23
N ALA I 176 4.79 13.09 -64.54
CA ALA I 176 4.29 14.31 -65.15
C ALA I 176 2.78 14.38 -65.00
N ASP I 177 2.29 15.54 -64.60
CA ASP I 177 0.87 15.76 -64.35
C ASP I 177 0.19 16.26 -65.62
N VAL I 178 -1.05 15.84 -65.84
CA VAL I 178 -1.69 16.13 -67.11
C VAL I 178 -2.33 17.51 -67.12
N PHE I 179 -2.92 17.95 -66.00
CA PHE I 179 -3.48 19.30 -65.97
C PHE I 179 -2.54 20.29 -65.28
N ALA I 180 -1.41 20.57 -65.90
CA ALA I 180 -0.55 21.67 -65.49
C ALA I 180 -0.63 22.75 -66.54
N GLN I 181 -0.52 24.00 -66.10
CA GLN I 181 -0.69 25.12 -67.02
C GLN I 181 0.61 25.89 -67.19
N ASP I 182 0.67 26.67 -68.27
CA ASP I 182 1.73 27.64 -68.49
C ASP I 182 1.20 29.02 -68.13
N LYS I 183 2.03 30.04 -68.31
CA LYS I 183 1.59 31.40 -68.00
C LYS I 183 0.34 31.79 -68.77
N PHE I 184 0.21 31.34 -70.01
CA PHE I 184 -0.92 31.71 -70.83
C PHE I 184 -2.15 30.84 -70.60
N GLY I 185 -2.07 29.86 -69.71
CA GLY I 185 -3.24 29.14 -69.25
C GLY I 185 -3.52 27.80 -69.91
N LYS I 186 -2.62 27.29 -70.74
CA LYS I 186 -2.89 26.07 -71.49
C LYS I 186 -2.27 24.85 -70.81
N THR I 187 -2.97 23.73 -70.95
CA THR I 187 -2.55 22.41 -70.51
C THR I 187 -2.06 21.61 -71.71
N PRO I 188 -1.24 20.58 -71.49
CA PRO I 188 -0.75 19.78 -72.62
C PRO I 188 -1.82 19.32 -73.57
N PHE I 189 -3.03 19.07 -73.09
CA PHE I 189 -4.12 18.69 -73.98
C PHE I 189 -4.46 19.81 -74.96
N ASP I 190 -4.32 21.07 -74.53
CA ASP I 190 -4.61 22.17 -75.43
C ASP I 190 -3.55 22.30 -76.51
N LEU I 191 -2.27 22.25 -76.12
CA LEU I 191 -1.21 22.25 -77.13
C LEU I 191 -1.31 21.04 -78.05
N ALA I 192 -1.95 19.97 -77.57
CA ALA I 192 -2.12 18.80 -78.43
C ALA I 192 -3.28 18.97 -79.40
N ILE I 193 -4.35 19.64 -78.99
CA ILE I 193 -5.51 19.74 -79.85
C ILE I 193 -5.41 20.92 -80.81
N ASP I 194 -4.58 21.91 -80.49
CA ASP I 194 -4.41 23.04 -81.41
C ASP I 194 -3.30 22.82 -82.43
N ASN I 195 -2.74 21.62 -82.52
CA ASN I 195 -1.65 21.33 -83.43
C ASN I 195 -1.89 20.07 -84.26
N GLY I 196 -3.10 19.52 -84.21
CA GLY I 196 -3.39 18.33 -84.97
C GLY I 196 -2.78 17.05 -84.46
N ASN I 197 -1.95 17.11 -83.42
CA ASN I 197 -1.45 15.90 -82.77
C ASN I 197 -2.62 15.18 -82.13
N GLU I 198 -3.02 14.05 -82.72
CA GLU I 198 -4.31 13.43 -82.42
C GLU I 198 -4.28 12.48 -81.25
N ASP I 199 -3.27 11.61 -81.14
CA ASP I 199 -3.34 10.54 -80.16
C ASP I 199 -2.84 10.99 -78.80
N ILE I 200 -1.91 11.94 -78.78
CA ILE I 200 -1.56 12.60 -77.52
C ILE I 200 -2.83 13.10 -76.85
N ALA I 201 -3.69 13.76 -77.62
CA ALA I 201 -4.96 14.25 -77.10
C ALA I 201 -5.82 13.12 -76.56
N GLU I 202 -5.86 11.97 -77.24
CA GLU I 202 -6.71 10.88 -76.77
C GLU I 202 -6.20 10.28 -75.47
N VAL I 203 -4.91 9.99 -75.40
CA VAL I 203 -4.37 9.38 -74.18
C VAL I 203 -4.29 10.37 -73.03
N LEU I 204 -4.38 11.67 -73.29
CA LEU I 204 -4.49 12.61 -72.18
C LEU I 204 -5.94 12.84 -71.77
N GLN I 205 -6.87 12.77 -72.72
CA GLN I 205 -8.28 12.86 -72.41
C GLN I 205 -8.73 11.68 -71.56
N ARG I 206 -8.21 10.49 -71.83
CA ARG I 206 -8.58 9.34 -71.01
C ARG I 206 -8.21 9.57 -69.54
N LEU I 207 -7.04 10.18 -69.29
CA LEU I 207 -6.61 10.40 -67.91
C LEU I 207 -7.41 11.51 -67.24
N LEU I 208 -7.63 12.62 -67.96
CA LEU I 208 -8.50 13.66 -67.43
C LEU I 208 -9.86 13.09 -67.03
N GLU I 209 -10.41 12.22 -67.88
CA GLU I 209 -11.72 11.66 -67.60
C GLU I 209 -11.69 10.69 -66.43
N CYS I 210 -10.64 9.88 -66.31
CA CYS I 210 -10.53 9.00 -65.15
C CYS I 210 -10.53 9.79 -63.85
N ARG I 211 -9.74 10.87 -63.80
CA ARG I 211 -9.72 11.65 -62.57
C ARG I 211 -11.06 12.31 -62.27
N ARG I 212 -11.71 12.87 -63.29
CA ARG I 212 -13.02 13.49 -63.09
C ARG I 212 -14.04 12.49 -62.58
N ASP I 213 -14.07 11.29 -63.16
CA ASP I 213 -15.07 10.29 -62.79
C ASP I 213 -14.84 9.74 -61.39
N ALA I 214 -13.57 9.54 -61.00
CA ALA I 214 -13.34 9.10 -59.64
C ALA I 214 -13.77 10.16 -58.62
N GLU I 215 -13.50 11.43 -58.90
CA GLU I 215 -13.97 12.49 -58.03
C GLU I 215 -15.49 12.46 -57.88
N ALA I 216 -16.20 12.37 -59.00
CA ALA I 216 -17.66 12.31 -58.97
C ALA I 216 -18.19 11.12 -58.19
N ALA I 217 -17.63 9.94 -58.38
CA ALA I 217 -18.10 8.76 -57.65
C ALA I 217 -17.86 8.86 -56.15
N ILE I 218 -16.74 9.47 -55.73
CA ILE I 218 -16.54 9.63 -54.29
C ILE I 218 -17.54 10.61 -53.70
N ASN I 219 -17.87 11.68 -54.44
CA ASN I 219 -18.92 12.57 -53.96
C ASN I 219 -20.25 11.85 -53.81
N TYR I 220 -20.61 11.01 -54.79
CA TYR I 220 -21.88 10.30 -54.70
C TYR I 220 -21.90 9.32 -53.53
N GLN I 221 -20.76 8.70 -53.22
CA GLN I 221 -20.72 7.81 -52.07
C GLN I 221 -20.87 8.56 -50.76
N ILE I 222 -20.29 9.76 -50.67
CA ILE I 222 -20.51 10.58 -49.48
C ILE I 222 -22.00 10.86 -49.27
N ASN I 223 -22.68 11.26 -50.35
CA ASN I 223 -24.11 11.53 -50.22
C ASN I 223 -24.90 10.29 -49.84
N LEU I 224 -24.53 9.13 -50.39
CA LEU I 224 -25.27 7.92 -50.08
C LEU I 224 -25.13 7.51 -48.62
N GLU I 225 -23.93 7.66 -48.05
CA GLU I 225 -23.79 7.31 -46.64
C GLU I 225 -24.50 8.32 -45.74
N LEU I 226 -24.52 9.59 -46.10
CA LEU I 226 -25.30 10.55 -45.31
C LEU I 226 -26.78 10.23 -45.35
N TYR I 227 -27.30 9.81 -46.51
CA TYR I 227 -28.69 9.40 -46.60
C TYR I 227 -28.98 8.16 -45.75
N ALA I 228 -28.09 7.17 -45.77
CA ALA I 228 -28.30 6.01 -44.92
C ALA I 228 -28.32 6.37 -43.45
N SER I 229 -27.44 7.27 -43.02
CA SER I 229 -27.46 7.73 -41.64
C SER I 229 -28.79 8.36 -41.26
N TYR I 230 -29.35 9.18 -42.15
CA TYR I 230 -30.64 9.80 -41.91
C TYR I 230 -31.76 8.75 -41.83
N VAL I 231 -31.73 7.74 -42.69
CA VAL I 231 -32.75 6.69 -42.65
C VAL I 231 -32.70 5.94 -41.34
N TYR I 232 -31.50 5.64 -40.84
CA TYR I 232 -31.40 4.94 -39.56
C TYR I 232 -31.88 5.80 -38.41
N LEU I 233 -31.65 7.11 -38.46
CA LEU I 233 -32.18 7.99 -37.41
C LEU I 233 -33.70 7.95 -37.37
N SER I 234 -34.33 8.01 -38.55
CA SER I 234 -35.78 7.87 -38.62
C SER I 234 -36.24 6.54 -38.02
N MET I 235 -35.65 5.43 -38.47
CA MET I 235 -35.98 4.12 -37.92
C MET I 235 -35.88 4.09 -36.40
N SER I 236 -34.80 4.63 -35.85
CA SER I 236 -34.59 4.60 -34.42
C SER I 236 -35.65 5.37 -33.66
N TYR I 237 -36.02 6.55 -34.10
CA TYR I 237 -37.05 7.29 -33.37
C TYR I 237 -38.45 6.84 -33.70
N TYR I 238 -38.63 5.87 -34.59
CA TYR I 238 -39.93 5.22 -34.71
C TYR I 238 -40.21 4.30 -33.53
N PHE I 239 -39.22 3.51 -33.11
CA PHE I 239 -39.40 2.56 -32.03
C PHE I 239 -39.42 3.22 -30.66
N ASP I 240 -39.43 4.54 -30.60
CA ASP I 240 -39.45 5.27 -29.34
C ASP I 240 -40.82 5.82 -29.02
N ARG I 241 -41.75 5.77 -29.97
CA ARG I 241 -43.13 6.18 -29.72
C ARG I 241 -43.70 5.33 -28.59
N ASP I 242 -44.81 5.76 -27.99
CA ASP I 242 -45.38 4.96 -26.91
C ASP I 242 -46.43 3.98 -27.38
N ASP I 243 -46.79 4.00 -28.67
CA ASP I 243 -47.52 2.88 -29.22
C ASP I 243 -46.58 1.90 -29.90
N VAL I 244 -45.28 2.15 -29.86
CA VAL I 244 -44.25 1.21 -30.28
C VAL I 244 -43.19 1.24 -29.18
N ALA I 245 -43.32 0.40 -28.16
CA ALA I 245 -42.50 0.56 -26.97
C ALA I 245 -41.35 -0.45 -26.95
N LEU I 246 -40.44 -0.32 -27.91
CA LEU I 246 -39.28 -1.21 -28.01
C LEU I 246 -38.00 -0.39 -27.91
N LYS I 247 -37.28 -0.55 -26.81
CA LYS I 247 -36.14 0.32 -26.49
C LYS I 247 -34.83 -0.14 -27.11
N ASN I 248 -34.64 -1.44 -27.25
CA ASN I 248 -33.36 -1.92 -27.74
C ASN I 248 -33.30 -1.91 -29.26
N PHE I 249 -34.44 -2.03 -29.93
CA PHE I 249 -34.51 -1.68 -31.34
C PHE I 249 -34.07 -0.23 -31.57
N ALA I 250 -34.51 0.67 -30.70
CA ALA I 250 -34.14 2.08 -30.79
C ALA I 250 -32.64 2.28 -30.59
N LYS I 251 -32.06 1.67 -29.56
CA LYS I 251 -30.61 1.79 -29.37
C LYS I 251 -29.84 1.21 -30.54
N TYR I 252 -30.26 0.05 -31.04
CA TYR I 252 -29.64 -0.55 -32.22
C TYR I 252 -29.58 0.44 -33.36
N PHE I 253 -30.72 0.98 -33.77
CA PHE I 253 -30.70 1.82 -34.95
C PHE I 253 -30.03 3.18 -34.71
N LEU I 254 -29.99 3.68 -33.47
CA LEU I 254 -29.18 4.87 -33.24
C LEU I 254 -27.69 4.60 -33.39
N HIS I 255 -27.22 3.45 -32.91
CA HIS I 255 -25.82 3.09 -33.11
C HIS I 255 -25.48 3.01 -34.59
N GLN I 256 -26.34 2.38 -35.39
CA GLN I 256 -26.08 2.32 -36.82
C GLN I 256 -26.08 3.70 -37.45
N SER I 257 -26.99 4.58 -37.01
CA SER I 257 -27.01 5.95 -37.49
C SER I 257 -25.70 6.67 -37.28
N HIS I 258 -25.03 6.46 -36.15
CA HIS I 258 -23.77 7.16 -35.93
C HIS I 258 -22.61 6.53 -36.68
N GLU I 259 -22.59 5.20 -36.78
CA GLU I 259 -21.55 4.55 -37.57
C GLU I 259 -21.57 4.99 -39.01
N GLU I 260 -22.76 5.16 -39.58
CA GLU I 260 -22.83 5.58 -40.98
C GLU I 260 -22.36 7.01 -41.21
N ARG I 261 -22.29 7.85 -40.19
CA ARG I 261 -21.71 9.17 -40.38
C ARG I 261 -20.20 9.13 -40.27
N GLU I 262 -19.68 8.29 -39.38
CA GLU I 262 -18.23 8.04 -39.42
C GLU I 262 -17.79 7.56 -40.79
N HIS I 263 -18.57 6.66 -41.41
CA HIS I 263 -18.23 6.17 -42.74
C HIS I 263 -18.08 7.29 -43.76
N ALA I 264 -18.97 8.29 -43.72
CA ALA I 264 -18.91 9.35 -44.72
C ALA I 264 -17.81 10.35 -44.44
N GLU I 265 -17.53 10.62 -43.16
CA GLU I 265 -16.39 11.49 -42.86
C GLU I 265 -15.08 10.86 -43.30
N LYS I 266 -14.96 9.53 -43.25
CA LYS I 266 -13.76 8.90 -43.78
C LYS I 266 -13.56 9.19 -45.26
N LEU I 267 -14.65 9.18 -46.03
CA LEU I 267 -14.52 9.44 -47.46
C LEU I 267 -14.23 10.91 -47.74
N MET I 268 -14.76 11.82 -46.91
CA MET I 268 -14.40 13.22 -47.04
C MET I 268 -12.92 13.44 -46.82
N LYS I 269 -12.39 12.86 -45.74
CA LYS I 269 -10.96 12.95 -45.49
C LYS I 269 -10.16 12.37 -46.65
N LEU I 270 -10.58 11.21 -47.16
CA LEU I 270 -9.91 10.64 -48.33
C LEU I 270 -9.86 11.62 -49.49
N GLN I 271 -10.99 12.23 -49.83
CA GLN I 271 -11.00 13.11 -50.99
C GLN I 271 -10.19 14.37 -50.76
N ASN I 272 -10.01 14.78 -49.51
CA ASN I 272 -9.08 15.88 -49.27
C ASN I 272 -7.63 15.44 -49.40
N GLN I 273 -7.33 14.18 -49.07
CA GLN I 273 -5.96 13.68 -49.24
C GLN I 273 -5.58 13.54 -50.70
N ARG I 274 -6.54 13.33 -51.58
CA ARG I 274 -6.24 13.14 -52.99
C ARG I 274 -6.11 14.45 -53.75
N GLY I 275 -6.51 15.56 -53.18
CA GLY I 275 -6.49 16.84 -53.86
C GLY I 275 -7.74 17.16 -54.63
N GLY I 276 -8.84 16.44 -54.41
CA GLY I 276 -10.08 16.69 -55.09
C GLY I 276 -10.94 17.68 -54.35
N GLU I 277 -12.13 17.93 -54.90
CA GLU I 277 -13.05 18.92 -54.37
C GLU I 277 -14.31 18.24 -53.87
N ILE I 278 -14.57 18.38 -52.58
CA ILE I 278 -15.83 17.92 -52.01
C ILE I 278 -16.94 18.87 -52.45
N SER I 279 -18.05 18.30 -52.93
CA SER I 279 -19.21 19.08 -53.30
C SER I 279 -20.43 18.42 -52.68
N LEU I 280 -20.87 18.95 -51.54
CA LEU I 280 -21.97 18.38 -50.78
C LEU I 280 -23.29 18.75 -51.44
N GLN I 281 -24.30 17.92 -51.23
CA GLN I 281 -25.59 18.08 -51.89
C GLN I 281 -26.73 17.85 -50.92
N SER I 282 -27.94 17.86 -51.45
CA SER I 282 -29.15 17.77 -50.65
C SER I 282 -29.36 16.31 -50.23
N ILE I 283 -29.87 16.11 -49.01
CA ILE I 283 -30.12 14.77 -48.51
C ILE I 283 -31.61 14.50 -48.53
N SER I 284 -32.03 13.49 -49.30
CA SER I 284 -33.44 13.17 -49.38
C SER I 284 -33.95 12.68 -48.03
N SER I 285 -35.26 12.78 -47.85
CA SER I 285 -35.83 12.26 -46.64
C SER I 285 -36.18 10.79 -46.82
N PRO I 286 -36.16 10.00 -45.75
CA PRO I 286 -36.48 8.57 -45.88
C PRO I 286 -37.88 8.38 -46.46
N ASP I 287 -38.09 7.21 -47.06
CA ASP I 287 -39.31 7.00 -47.80
C ASP I 287 -40.51 6.83 -46.88
N SER I 288 -40.28 6.35 -45.66
CA SER I 288 -41.37 6.10 -44.73
C SER I 288 -41.11 6.88 -43.44
N ASP I 289 -42.20 7.22 -42.76
CA ASP I 289 -42.15 7.63 -41.37
C ASP I 289 -42.67 6.54 -40.45
N ASP I 290 -43.42 5.59 -40.99
CA ASP I 290 -44.04 4.49 -40.25
C ASP I 290 -43.45 3.19 -40.78
N TRP I 291 -42.50 2.63 -40.04
CA TRP I 291 -41.94 1.33 -40.35
C TRP I 291 -42.71 0.28 -39.58
N GLU I 292 -43.59 -0.45 -40.29
CA GLU I 292 -44.74 -1.08 -39.65
C GLU I 292 -44.38 -1.91 -38.42
N SER I 293 -43.23 -2.58 -38.42
CA SER I 293 -42.88 -3.45 -37.31
C SER I 293 -41.36 -3.59 -37.25
N GLY I 294 -40.89 -4.39 -36.29
CA GLY I 294 -39.47 -4.65 -36.19
C GLY I 294 -38.94 -5.52 -37.31
N LEU I 295 -39.71 -6.50 -37.75
CA LEU I 295 -39.34 -7.31 -38.89
C LEU I 295 -39.19 -6.48 -40.17
N ASN I 296 -40.19 -5.66 -40.48
CA ASN I 296 -40.15 -4.83 -41.68
C ASN I 296 -39.02 -3.82 -41.65
N ALA I 297 -38.74 -3.22 -40.50
CA ALA I 297 -37.59 -2.34 -40.36
C ALA I 297 -36.27 -3.07 -40.56
N MET I 298 -36.11 -4.28 -40.01
CA MET I 298 -34.89 -5.03 -40.26
C MET I 298 -34.73 -5.38 -41.74
N GLU I 299 -35.82 -5.70 -42.43
CA GLU I 299 -35.71 -6.02 -43.86
C GLU I 299 -35.36 -4.79 -44.67
N SER I 300 -35.90 -3.63 -44.31
CA SER I 300 -35.55 -2.40 -45.00
C SER I 300 -34.08 -2.04 -44.78
N ALA I 301 -33.58 -2.22 -43.55
CA ALA I 301 -32.15 -2.01 -43.32
C ALA I 301 -31.32 -2.96 -44.16
N LEU I 302 -31.77 -4.19 -44.33
CA LEU I 302 -31.02 -5.15 -45.15
C LEU I 302 -30.94 -4.70 -46.60
N HIS I 303 -32.06 -4.28 -47.18
CA HIS I 303 -32.00 -3.78 -48.56
C HIS I 303 -31.14 -2.54 -48.69
N LEU I 304 -31.17 -1.65 -47.69
CA LEU I 304 -30.33 -0.45 -47.76
C LEU I 304 -28.86 -0.81 -47.72
N GLU I 305 -28.45 -1.73 -46.86
CA GLU I 305 -27.06 -2.15 -46.81
C GLU I 305 -26.63 -2.80 -48.12
N LYS I 306 -27.52 -3.56 -48.75
CA LYS I 306 -27.17 -4.16 -50.03
C LYS I 306 -26.98 -3.11 -51.13
N ALA I 307 -27.82 -2.07 -51.14
CA ALA I 307 -27.64 -1.00 -52.12
C ALA I 307 -26.31 -0.27 -51.92
N VAL I 308 -25.97 0.02 -50.67
CA VAL I 308 -24.68 0.66 -50.39
C VAL I 308 -23.53 -0.21 -50.87
N ASN I 309 -23.60 -1.51 -50.63
CA ASN I 309 -22.54 -2.41 -51.07
C ASN I 309 -22.42 -2.45 -52.59
N ALA I 310 -23.54 -2.43 -53.30
CA ALA I 310 -23.48 -2.37 -54.76
C ALA I 310 -22.76 -1.11 -55.24
N SER I 311 -23.04 0.04 -54.63
CA SER I 311 -22.33 1.25 -55.04
C SER I 311 -20.84 1.13 -54.78
N LEU I 312 -20.45 0.55 -53.64
CA LEU I 312 -19.03 0.35 -53.38
C LEU I 312 -18.38 -0.53 -54.44
N LEU I 313 -19.06 -1.59 -54.87
CA LEU I 313 -18.48 -2.46 -55.91
C LEU I 313 -18.33 -1.72 -57.23
N ARG I 314 -19.30 -0.87 -57.59
CA ARG I 314 -19.17 -0.11 -58.82
C ARG I 314 -17.97 0.85 -58.76
N LEU I 315 -17.80 1.52 -57.62
CA LEU I 315 -16.66 2.43 -57.48
C LEU I 315 -15.35 1.67 -57.50
N HIS I 316 -15.31 0.46 -56.96
CA HIS I 316 -14.08 -0.32 -56.99
C HIS I 316 -13.73 -0.73 -58.41
N LYS I 317 -14.73 -1.15 -59.20
CA LYS I 317 -14.44 -1.48 -60.58
C LYS I 317 -13.96 -0.26 -61.36
N LEU I 318 -14.53 0.91 -61.08
CA LEU I 318 -14.06 2.14 -61.71
C LEU I 318 -12.61 2.42 -61.35
N ALA I 319 -12.25 2.33 -60.07
CA ALA I 319 -10.87 2.58 -59.67
C ALA I 319 -9.93 1.53 -60.22
N THR I 320 -10.43 0.35 -60.55
CA THR I 320 -9.58 -0.67 -61.16
C THR I 320 -9.33 -0.38 -62.63
N ASP I 321 -10.35 0.13 -63.33
CA ASP I 321 -10.15 0.44 -64.74
C ASP I 321 -9.11 1.52 -64.94
N CYS I 322 -9.10 2.54 -64.07
CA CYS I 322 -8.22 3.68 -64.25
C CYS I 322 -6.90 3.54 -63.51
N ASN I 323 -6.47 2.32 -63.16
CA ASN I 323 -5.15 2.07 -62.62
C ASN I 323 -4.86 2.94 -61.40
N ASP I 324 -5.59 2.70 -60.31
CA ASP I 324 -5.51 3.52 -59.12
C ASP I 324 -5.34 2.62 -57.90
N PRO I 325 -4.16 2.02 -57.68
CA PRO I 325 -4.02 1.04 -56.60
C PRO I 325 -4.41 1.51 -55.22
N HIS I 326 -4.15 2.77 -54.86
CA HIS I 326 -4.42 3.23 -53.51
C HIS I 326 -5.92 3.33 -53.24
N LEU I 327 -6.70 3.75 -54.24
CA LEU I 327 -8.15 3.82 -54.07
C LEU I 327 -8.74 2.43 -53.89
N CYS I 328 -8.30 1.46 -54.69
CA CYS I 328 -8.78 0.09 -54.53
C CYS I 328 -8.42 -0.47 -53.17
N ASP I 329 -7.17 -0.28 -52.74
CA ASP I 329 -6.76 -0.75 -51.41
C ASP I 329 -7.59 -0.11 -50.32
N PHE I 330 -7.86 1.19 -50.42
CA PHE I 330 -8.68 1.88 -49.44
C PHE I 330 -10.08 1.29 -49.37
N ILE I 331 -10.70 1.09 -50.53
CA ILE I 331 -12.07 0.60 -50.58
C ILE I 331 -12.16 -0.80 -49.98
N GLU I 332 -11.26 -1.70 -50.38
CA GLU I 332 -11.39 -3.04 -49.83
C GLU I 332 -10.85 -3.18 -48.42
N THR I 333 -10.06 -2.23 -47.92
CA THR I 333 -9.61 -2.32 -46.55
C THR I 333 -10.64 -1.80 -45.57
N HIS I 334 -11.33 -0.71 -45.91
CA HIS I 334 -12.20 -0.10 -44.91
C HIS I 334 -13.68 -0.35 -45.15
N TYR I 335 -14.06 -0.83 -46.32
CA TYR I 335 -15.47 -0.81 -46.68
C TYR I 335 -16.04 -2.14 -47.11
N LEU I 336 -15.23 -3.04 -47.68
CA LEU I 336 -15.83 -4.25 -48.22
C LEU I 336 -16.00 -5.35 -47.19
N ASN I 337 -15.27 -5.32 -46.08
CA ASN I 337 -15.47 -6.36 -45.08
C ASN I 337 -16.52 -5.97 -44.05
N GLU I 338 -16.80 -4.68 -43.90
CA GLU I 338 -17.87 -4.27 -43.00
C GLU I 338 -19.24 -4.52 -43.60
N GLN I 339 -19.38 -4.33 -44.91
CA GLN I 339 -20.66 -4.59 -45.55
C GLN I 339 -21.04 -6.05 -45.50
N VAL I 340 -20.05 -6.95 -45.67
CA VAL I 340 -20.32 -8.37 -45.61
C VAL I 340 -20.81 -8.78 -44.23
N LYS I 341 -20.19 -8.25 -43.18
CA LYS I 341 -20.60 -8.56 -41.83
C LYS I 341 -21.96 -7.96 -41.49
N ALA I 342 -22.23 -6.73 -41.94
CA ALA I 342 -23.55 -6.14 -41.76
C ALA I 342 -24.64 -6.95 -42.43
N ILE I 343 -24.44 -7.39 -43.67
CA ILE I 343 -25.44 -8.17 -44.36
C ILE I 343 -25.66 -9.51 -43.69
N LYS I 344 -24.58 -10.17 -43.26
CA LYS I 344 -24.74 -11.44 -42.55
C LYS I 344 -25.54 -11.27 -41.27
N GLU I 345 -25.22 -10.24 -40.49
CA GLU I 345 -25.91 -10.03 -39.22
C GLU I 345 -27.37 -9.67 -39.42
N LEU I 346 -27.68 -8.81 -40.37
CA LEU I 346 -29.07 -8.43 -40.58
C LEU I 346 -29.91 -9.56 -41.15
N GLY I 347 -29.34 -10.42 -41.98
CA GLY I 347 -30.05 -11.61 -42.39
C GLY I 347 -30.28 -12.60 -41.27
N ASP I 348 -29.32 -12.71 -40.35
CA ASP I 348 -29.54 -13.51 -39.15
C ASP I 348 -30.71 -12.99 -38.34
N HIS I 349 -30.75 -11.68 -38.09
CA HIS I 349 -31.88 -11.08 -37.36
C HIS I 349 -33.19 -11.37 -38.05
N VAL I 350 -33.25 -11.25 -39.37
CA VAL I 350 -34.51 -11.47 -40.07
C VAL I 350 -34.96 -12.92 -39.96
N THR I 351 -34.06 -13.89 -40.12
CA THR I 351 -34.54 -15.26 -39.98
C THR I 351 -34.91 -15.62 -38.55
N ASN I 352 -34.19 -15.10 -37.55
CA ASN I 352 -34.61 -15.33 -36.18
C ASN I 352 -36.00 -14.79 -35.92
N LEU I 353 -36.25 -13.54 -36.30
CA LEU I 353 -37.56 -12.95 -36.09
C LEU I 353 -38.64 -13.72 -36.84
N ARG I 354 -38.37 -14.16 -38.05
CA ARG I 354 -39.39 -14.89 -38.80
C ARG I 354 -39.69 -16.25 -38.18
N LYS I 355 -38.68 -16.93 -37.66
CA LYS I 355 -38.92 -18.23 -37.04
C LYS I 355 -39.66 -18.10 -35.73
N MET I 356 -39.27 -17.14 -34.88
CA MET I 356 -39.99 -16.94 -33.62
C MET I 356 -41.47 -16.66 -33.80
N GLY I 357 -41.89 -16.19 -34.97
CA GLY I 357 -43.30 -16.00 -35.26
C GLY I 357 -43.73 -14.57 -35.53
N ALA I 358 -42.82 -13.62 -35.61
CA ALA I 358 -43.20 -12.25 -35.90
C ALA I 358 -43.67 -12.13 -37.34
N PRO I 359 -44.40 -11.06 -37.69
CA PRO I 359 -44.88 -9.91 -36.91
C PRO I 359 -46.23 -10.16 -36.27
N GLU I 360 -46.89 -11.24 -36.69
CA GLU I 360 -48.19 -11.60 -36.18
C GLU I 360 -48.16 -12.10 -34.74
N SER I 361 -47.01 -12.00 -34.07
CA SER I 361 -46.87 -12.43 -32.69
C SER I 361 -46.19 -11.35 -31.88
N GLY I 362 -46.95 -10.71 -31.00
CA GLY I 362 -46.35 -10.14 -29.82
C GLY I 362 -45.86 -11.24 -28.91
N LEU I 363 -44.84 -10.92 -28.11
CA LEU I 363 -44.02 -11.86 -27.36
C LEU I 363 -42.96 -12.50 -28.25
N ALA I 364 -42.96 -12.18 -29.54
CA ALA I 364 -41.83 -12.55 -30.38
C ALA I 364 -40.86 -11.38 -30.49
N GLU I 365 -41.39 -10.20 -30.80
CA GLU I 365 -40.54 -9.02 -30.85
C GLU I 365 -40.18 -8.53 -29.45
N TYR I 366 -41.05 -8.73 -28.46
CA TYR I 366 -40.70 -8.41 -27.09
C TYR I 366 -39.48 -9.22 -26.64
N LEU I 367 -39.50 -10.53 -26.87
CA LEU I 367 -38.41 -11.37 -26.39
C LEU I 367 -37.17 -11.26 -27.27
N PHE I 368 -37.33 -11.00 -28.56
CA PHE I 368 -36.17 -10.66 -29.38
C PHE I 368 -35.49 -9.40 -28.87
N ASP I 369 -36.28 -8.35 -28.64
CA ASP I 369 -35.76 -7.09 -28.10
C ASP I 369 -35.06 -7.30 -26.77
N LYS I 370 -35.58 -8.21 -25.94
CA LYS I 370 -34.96 -8.44 -24.64
C LYS I 370 -33.68 -9.24 -24.73
N HIS I 371 -33.66 -10.31 -25.52
CA HIS I 371 -32.60 -11.31 -25.46
C HIS I 371 -31.49 -11.10 -26.49
N THR I 372 -31.82 -10.62 -27.68
CA THR I 372 -30.82 -10.51 -28.73
C THR I 372 -30.27 -9.10 -28.83
N LEU I 373 -31.12 -8.10 -28.68
CA LEU I 373 -30.70 -6.72 -28.86
C LEU I 373 -30.29 -6.05 -27.55
N GLY I 374 -30.46 -6.74 -26.43
CA GLY I 374 -30.10 -6.17 -25.14
C GLY I 374 -29.56 -7.17 -24.16
N SER J 2 10.23 21.84 -103.63
CA SER J 2 11.17 20.85 -103.12
C SER J 2 12.32 21.51 -102.35
N LYS J 3 12.91 22.55 -102.94
CA LYS J 3 14.09 23.16 -102.34
C LYS J 3 13.72 24.13 -101.23
N GLY J 4 12.66 24.92 -101.42
CA GLY J 4 12.34 25.97 -100.47
C GLY J 4 12.09 25.47 -99.06
N GLU J 5 11.65 24.22 -98.93
CA GLU J 5 11.37 23.66 -97.61
C GLU J 5 12.59 23.02 -96.96
N GLU J 6 13.61 22.69 -97.75
CA GLU J 6 14.77 21.97 -97.22
C GLU J 6 15.64 22.87 -96.34
N LEU J 7 15.70 24.16 -96.66
CA LEU J 7 16.69 25.06 -96.06
C LEU J 7 16.53 25.23 -94.55
N PHE J 8 15.55 24.60 -93.93
CA PHE J 8 15.33 24.70 -92.48
C PHE J 8 15.40 23.34 -91.79
N THR J 9 16.26 22.45 -92.26
CA THR J 9 16.32 21.09 -91.73
C THR J 9 16.79 21.07 -90.28
N GLY J 10 17.55 22.07 -89.85
CA GLY J 10 18.12 22.04 -88.51
C GLY J 10 18.12 23.40 -87.84
N VAL J 11 19.03 23.59 -86.90
CA VAL J 11 19.18 24.87 -86.21
C VAL J 11 19.67 25.90 -87.21
N VAL J 12 19.37 27.18 -86.93
CA VAL J 12 19.81 28.29 -87.76
C VAL J 12 20.27 29.41 -86.84
N PRO J 13 21.54 29.81 -86.88
CA PRO J 13 21.95 31.01 -86.16
C PRO J 13 21.43 32.27 -86.84
N ILE J 14 21.18 33.30 -86.03
CA ILE J 14 20.53 34.51 -86.51
C ILE J 14 21.38 35.71 -86.12
N LEU J 15 21.34 36.75 -86.95
CA LEU J 15 21.99 38.02 -86.71
C LEU J 15 21.05 39.11 -87.20
N VAL J 16 20.47 39.87 -86.28
CA VAL J 16 19.41 40.81 -86.64
C VAL J 16 19.89 42.23 -86.36
N GLU J 17 19.96 43.04 -87.42
CA GLU J 17 20.37 44.43 -87.30
C GLU J 17 19.19 45.32 -87.69
N LEU J 18 18.93 46.33 -86.85
CA LEU J 18 17.85 47.26 -87.06
C LEU J 18 18.36 48.68 -86.82
N ASP J 19 18.19 49.54 -87.82
CA ASP J 19 18.61 50.93 -87.71
C ASP J 19 17.40 51.83 -87.86
N GLY J 20 17.08 52.57 -86.82
CA GLY J 20 15.84 53.33 -86.77
C GLY J 20 16.05 54.79 -86.43
N ASP J 21 15.19 55.63 -86.99
CA ASP J 21 15.12 57.06 -86.69
C ASP J 21 13.73 57.41 -86.20
N VAL J 22 13.62 57.83 -84.94
CA VAL J 22 12.34 58.18 -84.33
C VAL J 22 12.49 59.52 -83.63
N ASN J 23 12.01 60.59 -84.28
CA ASN J 23 11.93 61.93 -83.69
C ASN J 23 13.27 62.38 -83.12
N GLY J 24 14.29 62.39 -83.98
CA GLY J 24 15.63 62.78 -83.59
C GLY J 24 16.40 61.70 -82.87
N HIS J 25 15.76 60.58 -82.57
CA HIS J 25 16.42 59.48 -81.87
C HIS J 25 16.91 58.46 -82.90
N LYS J 26 18.22 58.41 -83.11
CA LYS J 26 18.82 57.37 -83.93
C LYS J 26 19.18 56.19 -83.04
N PHE J 27 18.98 54.98 -83.57
CA PHE J 27 19.33 53.80 -82.79
C PHE J 27 19.70 52.66 -83.71
N SER J 28 20.67 51.87 -83.26
CA SER J 28 21.03 50.59 -83.87
C SER J 28 20.77 49.49 -82.85
N VAL J 29 20.25 48.38 -83.32
CA VAL J 29 19.92 47.24 -82.48
C VAL J 29 20.52 46.00 -83.13
N ARG J 30 21.25 45.22 -82.34
CA ARG J 30 21.76 43.92 -82.77
C ARG J 30 21.17 42.83 -81.87
N GLY J 31 20.68 41.78 -82.51
CA GLY J 31 20.13 40.64 -81.81
C GLY J 31 20.77 39.34 -82.24
N GLU J 32 21.08 38.50 -81.25
CA GLU J 32 21.82 37.26 -81.45
C GLU J 32 21.04 36.10 -80.84
N GLY J 33 20.95 35.01 -81.58
CA GLY J 33 20.26 33.83 -81.09
C GLY J 33 20.17 32.77 -82.18
N GLU J 34 19.26 31.82 -81.97
CA GLU J 34 19.08 30.72 -82.91
C GLU J 34 17.62 30.32 -83.02
N GLY J 35 17.30 29.66 -84.13
CA GLY J 35 15.93 29.22 -84.37
C GLY J 35 15.80 27.88 -85.07
N ASP J 36 14.64 27.25 -84.91
CA ASP J 36 14.31 26.00 -85.61
C ASP J 36 12.89 26.12 -86.11
N ALA J 37 12.69 25.78 -87.39
CA ALA J 37 11.37 25.78 -88.00
C ALA J 37 10.59 24.52 -87.71
N THR J 38 11.28 23.40 -87.45
CA THR J 38 10.58 22.14 -87.20
C THR J 38 9.62 22.24 -86.03
N ASN J 39 9.95 23.03 -85.02
CA ASN J 39 9.08 23.23 -83.87
C ASN J 39 8.61 24.67 -83.74
N GLY J 40 8.87 25.51 -84.75
CA GLY J 40 8.48 26.91 -84.69
C GLY J 40 9.06 27.64 -83.51
N LYS J 41 10.28 27.31 -83.11
CA LYS J 41 10.87 27.84 -81.88
C LYS J 41 11.98 28.83 -82.23
N LEU J 42 11.99 29.97 -81.55
CA LEU J 42 13.03 30.98 -81.73
C LEU J 42 13.51 31.43 -80.37
N THR J 43 14.81 31.68 -80.23
CA THR J 43 15.38 32.03 -78.94
C THR J 43 16.49 33.05 -79.17
N LEU J 44 16.25 34.30 -78.76
CA LEU J 44 17.11 35.42 -79.12
C LEU J 44 17.41 36.29 -77.91
N LYS J 45 18.39 37.17 -78.09
CA LYS J 45 18.77 38.17 -77.10
C LYS J 45 19.21 39.42 -77.84
N PHE J 46 18.51 40.53 -77.57
CA PHE J 46 18.73 41.80 -78.25
C PHE J 46 19.44 42.76 -77.32
N ILE J 47 20.35 43.57 -77.88
CA ILE J 47 21.11 44.55 -77.11
C ILE J 47 21.32 45.78 -77.97
N CYS J 48 21.22 46.96 -77.35
CA CYS J 48 21.41 48.23 -78.05
C CYS J 48 22.75 48.85 -77.64
N THR J 49 23.66 48.94 -78.60
CA THR J 49 24.95 49.58 -78.36
C THR J 49 24.88 51.10 -78.48
N THR J 50 23.66 51.67 -78.43
CA THR J 50 23.45 53.10 -78.57
C THR J 50 22.90 53.70 -77.28
N GLY J 51 23.37 53.22 -76.13
CA GLY J 51 22.97 53.80 -74.86
C GLY J 51 21.50 53.59 -74.53
N LYS J 52 21.01 54.39 -73.58
CA LYS J 52 19.62 54.28 -73.15
C LYS J 52 18.71 54.69 -74.28
N LEU J 53 17.61 53.97 -74.45
CA LEU J 53 16.71 54.24 -75.55
C LEU J 53 15.40 54.82 -75.02
N PRO J 54 14.78 55.78 -75.72
CA PRO J 54 13.56 56.41 -75.18
C PRO J 54 12.31 55.55 -75.27
N VAL J 55 12.19 54.66 -76.25
CA VAL J 55 10.99 53.84 -76.44
C VAL J 55 11.14 52.58 -75.60
N PRO J 56 10.08 52.10 -74.96
CA PRO J 56 10.21 50.91 -74.12
C PRO J 56 10.57 49.69 -74.96
N TRP J 57 11.20 48.72 -74.30
CA TRP J 57 11.52 47.46 -74.97
C TRP J 57 10.29 46.76 -75.55
N PRO J 58 9.13 46.68 -74.88
CA PRO J 58 7.97 46.01 -75.49
C PRO J 58 7.63 46.53 -76.87
N THR J 59 7.93 47.78 -77.18
CA THR J 59 7.67 48.30 -78.52
C THR J 59 8.53 47.60 -79.56
N LEU J 60 9.83 47.46 -79.29
CA LEU J 60 10.77 46.87 -80.24
C LEU J 60 10.55 45.39 -80.47
N VAL J 61 9.70 44.74 -79.66
CA VAL J 61 9.54 43.30 -79.75
C VAL J 61 8.82 42.91 -81.04
N THR J 62 7.70 43.58 -81.32
CA THR J 62 6.93 43.24 -82.52
C THR J 62 7.71 43.47 -83.81
N THR J 63 8.62 44.43 -83.77
CA THR J 63 9.36 44.81 -84.99
C THR J 63 10.77 44.30 -84.92
N LEU J 64 10.95 42.99 -84.79
CA LEU J 64 12.30 42.39 -84.83
C LEU J 64 12.17 40.93 -85.28
N VAL J 66 10.78 37.05 -88.20
CA VAL J 66 11.39 35.98 -88.95
C VAL J 66 10.40 34.84 -89.06
N GLN J 67 9.21 35.15 -89.56
CA GLN J 67 8.13 34.13 -89.60
C GLN J 67 8.62 32.94 -90.42
N CYS J 68 9.73 33.13 -91.13
CA CYS J 68 10.32 31.99 -91.86
C CYS J 68 10.63 30.87 -90.85
N PHE J 69 10.39 31.09 -89.56
CA PHE J 69 10.75 30.02 -88.64
C PHE J 69 9.55 29.34 -88.01
N SER J 70 8.34 29.70 -88.44
CA SER J 70 7.13 29.21 -87.79
C SER J 70 6.90 27.74 -88.10
N ARG J 71 6.33 27.03 -87.14
CA ARG J 71 6.10 25.60 -87.28
C ARG J 71 4.98 25.35 -88.27
N TYR J 72 5.28 24.62 -89.34
CA TYR J 72 4.32 24.38 -90.40
C TYR J 72 4.04 22.89 -90.53
N PRO J 73 2.78 22.48 -90.46
CA PRO J 73 2.48 21.04 -90.51
C PRO J 73 2.54 20.47 -91.91
N ASP J 74 2.45 19.14 -92.02
CA ASP J 74 2.55 18.50 -93.33
C ASP J 74 1.29 18.73 -94.15
N HIS J 75 0.19 19.10 -93.50
CA HIS J 75 -0.97 19.40 -94.32
C HIS J 75 -0.92 20.80 -94.92
N MET J 76 -0.23 21.77 -94.32
CA MET J 76 0.02 23.05 -94.96
C MET J 76 1.38 23.11 -95.64
N LYS J 77 1.86 21.99 -96.18
CA LYS J 77 3.07 22.03 -97.00
C LYS J 77 2.87 22.79 -98.29
N ARG J 78 1.61 23.03 -98.68
CA ARG J 78 1.30 23.72 -99.92
C ARG J 78 0.93 25.19 -99.70
N HIS J 79 0.91 25.66 -98.45
CA HIS J 79 0.53 27.03 -98.14
C HIS J 79 1.61 27.72 -97.31
N ASP J 80 2.87 27.41 -97.58
CA ASP J 80 4.01 28.02 -96.89
C ASP J 80 4.71 28.94 -97.89
N PHE J 81 4.25 30.21 -97.93
CA PHE J 81 4.83 31.17 -98.86
C PHE J 81 6.28 31.50 -98.51
N PHE J 82 6.59 31.60 -97.22
CA PHE J 82 7.93 32.00 -96.81
C PHE J 82 8.95 30.92 -97.14
N LYS J 83 8.50 29.67 -97.28
CA LYS J 83 9.43 28.57 -97.47
C LYS J 83 9.94 28.47 -98.90
N SER J 84 9.03 28.39 -99.89
CA SER J 84 9.41 28.12 -101.28
C SER J 84 10.51 29.05 -101.78
N ALA J 85 10.72 30.19 -101.12
CA ALA J 85 11.70 31.19 -101.55
C ALA J 85 13.03 31.08 -100.82
N MET J 86 13.51 29.88 -100.51
CA MET J 86 14.81 29.78 -99.86
C MET J 86 15.77 28.96 -100.72
N PRO J 87 17.01 29.44 -100.91
CA PRO J 87 17.60 30.67 -100.35
C PRO J 87 17.27 31.93 -101.15
N GLU J 88 16.24 31.85 -101.99
CA GLU J 88 15.77 33.01 -102.74
C GLU J 88 15.59 34.22 -101.83
N GLY J 89 15.03 34.02 -100.65
CA GLY J 89 14.77 35.10 -99.72
C GLY J 89 13.60 35.95 -100.15
N TYR J 90 13.41 37.06 -99.44
CA TYR J 90 12.32 37.96 -99.75
C TYR J 90 12.50 39.27 -98.98
N VAL J 91 11.60 40.21 -99.24
CA VAL J 91 11.58 41.49 -98.56
C VAL J 91 10.17 41.73 -98.05
N GLN J 92 10.04 42.57 -97.02
CA GLN J 92 8.75 42.95 -96.47
C GLN J 92 8.76 44.40 -96.03
N GLU J 93 7.69 45.10 -96.40
CA GLU J 93 7.48 46.48 -95.97
C GLU J 93 6.33 46.51 -94.98
N ARG J 94 6.61 46.96 -93.75
CA ARG J 94 5.67 46.93 -92.65
C ARG J 94 5.33 48.34 -92.20
N THR J 95 4.06 48.58 -91.90
CA THR J 95 3.60 49.79 -91.26
C THR J 95 2.92 49.40 -89.96
N ILE J 96 3.35 49.98 -88.85
CA ILE J 96 2.70 49.75 -87.56
C ILE J 96 2.09 51.07 -87.12
N SER J 97 0.84 51.02 -86.69
CA SER J 97 0.04 52.20 -86.38
C SER J 97 -0.43 52.11 -84.95
N PHE J 98 0.10 52.98 -84.10
CA PHE J 98 -0.36 53.10 -82.73
C PHE J 98 -1.67 53.89 -82.69
N LYS J 99 -2.58 53.48 -81.82
CA LYS J 99 -3.72 54.33 -81.52
C LYS J 99 -3.35 55.28 -80.40
N ASP J 100 -3.79 56.53 -80.53
CA ASP J 100 -3.49 57.61 -79.57
C ASP J 100 -2.01 58.00 -79.62
N ASP J 101 -1.35 57.73 -80.74
CA ASP J 101 -0.01 58.23 -81.05
C ASP J 101 0.30 57.92 -82.51
N GLY J 102 1.53 58.24 -82.92
CA GLY J 102 1.95 58.20 -84.32
C GLY J 102 2.20 56.83 -84.90
N THR J 103 3.17 56.71 -85.82
CA THR J 103 3.32 55.49 -86.60
C THR J 103 4.79 55.18 -86.87
N TYR J 104 5.01 53.96 -87.40
CA TYR J 104 6.31 53.47 -87.83
C TYR J 104 6.21 52.89 -89.24
N LYS J 105 7.18 53.27 -90.08
CA LYS J 105 7.37 52.71 -91.42
C LYS J 105 8.68 51.96 -91.42
N THR J 106 8.66 50.67 -91.74
CA THR J 106 9.82 49.82 -91.52
C THR J 106 10.01 48.85 -92.67
N ARG J 107 11.16 48.97 -93.34
CA ARG J 107 11.55 48.09 -94.43
C ARG J 107 12.47 47.00 -93.90
N ALA J 108 12.32 45.78 -94.40
CA ALA J 108 13.15 44.67 -93.94
C ALA J 108 13.46 43.75 -95.10
N GLU J 109 14.72 43.29 -95.17
CA GLU J 109 15.13 42.33 -96.18
C GLU J 109 15.64 41.08 -95.48
N VAL J 110 15.00 39.94 -95.76
CA VAL J 110 15.30 38.68 -95.08
C VAL J 110 15.82 37.67 -96.10
N LYS J 111 16.88 36.96 -95.74
CA LYS J 111 17.54 36.02 -96.62
C LYS J 111 18.43 35.10 -95.79
N PHE J 112 19.08 34.17 -96.49
CA PHE J 112 20.21 33.43 -95.94
C PHE J 112 21.51 34.03 -96.45
N GLU J 113 22.50 34.14 -95.57
CA GLU J 113 23.85 34.59 -95.90
C GLU J 113 24.76 33.45 -95.50
N GLY J 114 25.25 32.71 -96.49
CA GLY J 114 25.89 31.45 -96.20
C GLY J 114 24.87 30.46 -95.68
N ASP J 115 24.91 30.21 -94.38
CA ASP J 115 23.84 29.50 -93.68
C ASP J 115 23.36 30.26 -92.45
N THR J 116 23.84 31.49 -92.25
CA THR J 116 23.42 32.35 -91.15
C THR J 116 22.25 33.20 -91.62
N LEU J 117 21.19 33.29 -90.82
CA LEU J 117 20.08 34.15 -91.19
C LEU J 117 20.35 35.56 -90.68
N VAL J 118 20.70 36.47 -91.58
CA VAL J 118 20.96 37.86 -91.25
C VAL J 118 19.78 38.70 -91.73
N ASN J 119 19.32 39.59 -90.86
CA ASN J 119 18.09 40.34 -91.11
C ASN J 119 18.38 41.82 -90.96
N ARG J 120 18.40 42.53 -92.09
CA ARG J 120 18.66 43.97 -92.13
C ARG J 120 17.35 44.72 -92.22
N ILE J 121 17.10 45.59 -91.24
CA ILE J 121 15.85 46.33 -91.12
C ILE J 121 16.15 47.80 -90.92
N GLU J 122 15.40 48.65 -91.62
CA GLU J 122 15.51 50.11 -91.52
C GLU J 122 14.16 50.66 -91.11
N LEU J 123 14.16 51.58 -90.15
CA LEU J 123 12.95 52.02 -89.49
C LEU J 123 12.87 53.54 -89.43
N LYS J 124 11.67 54.07 -89.68
CA LYS J 124 11.38 55.49 -89.57
C LYS J 124 10.10 55.65 -88.77
N GLY J 125 10.21 56.08 -87.53
CA GLY J 125 9.03 56.25 -86.71
C GLY J 125 8.78 57.70 -86.33
N ILE J 126 7.60 58.24 -86.66
CA ILE J 126 7.36 59.66 -86.45
C ILE J 126 5.93 59.85 -85.95
N ASP J 127 5.58 61.13 -85.73
CA ASP J 127 4.22 61.61 -85.46
C ASP J 127 3.77 61.33 -84.03
N PHE J 128 4.71 61.32 -83.08
CA PHE J 128 4.41 61.01 -81.69
C PHE J 128 4.48 62.26 -80.82
N LYS J 129 3.76 62.23 -79.71
CA LYS J 129 3.97 63.20 -78.65
C LYS J 129 4.99 62.64 -77.67
N GLU J 130 6.03 63.43 -77.40
CA GLU J 130 7.21 62.92 -76.70
C GLU J 130 7.09 62.99 -75.18
N ASP J 131 5.94 63.44 -74.66
CA ASP J 131 5.63 63.30 -73.25
C ASP J 131 4.43 62.40 -73.04
N GLY J 132 4.27 61.38 -73.88
CA GLY J 132 3.13 60.49 -73.81
C GLY J 132 3.38 59.26 -72.98
N ASN J 133 2.55 58.25 -73.20
CA ASN J 133 2.62 56.99 -72.46
C ASN J 133 3.18 55.84 -73.28
N ILE J 134 2.70 55.69 -74.53
CA ILE J 134 3.17 54.62 -75.39
C ILE J 134 4.69 54.64 -75.50
N LEU J 135 5.27 55.83 -75.60
CA LEU J 135 6.72 55.96 -75.67
C LEU J 135 7.34 56.42 -74.36
N GLY J 136 6.60 57.14 -73.52
CA GLY J 136 7.16 57.74 -72.33
C GLY J 136 7.33 56.80 -71.17
N HIS J 137 7.42 55.50 -71.44
CA HIS J 137 7.66 54.47 -70.42
C HIS J 137 6.58 54.51 -69.33
N LYS J 138 5.34 54.30 -69.77
CA LYS J 138 4.22 54.08 -68.88
C LYS J 138 3.63 52.69 -69.03
N LEU J 139 3.92 52.01 -70.13
CA LEU J 139 3.33 50.72 -70.46
C LEU J 139 4.07 49.62 -69.70
N GLU J 140 3.40 48.47 -69.56
CA GLU J 140 3.89 47.41 -68.70
C GLU J 140 4.82 46.46 -69.45
N TYR J 141 5.88 46.03 -68.75
CA TYR J 141 6.87 45.09 -69.29
C TYR J 141 6.27 43.68 -69.22
N ASN J 142 5.55 43.32 -70.29
CA ASN J 142 4.92 42.02 -70.41
C ASN J 142 4.70 41.71 -71.88
N PHE J 143 3.87 40.71 -72.13
CA PHE J 143 3.48 40.35 -73.48
C PHE J 143 2.27 39.42 -73.40
N ASN J 144 1.63 39.17 -74.54
CA ASN J 144 0.44 38.34 -74.62
C ASN J 144 0.45 37.53 -75.91
N SER J 145 -0.43 36.54 -75.98
CA SER J 145 -0.53 35.66 -77.14
C SER J 145 -1.27 36.38 -78.27
N HIS J 146 -0.76 36.24 -79.49
CA HIS J 146 -1.31 37.00 -80.60
C HIS J 146 -1.46 36.12 -81.83
N ASN J 147 -2.10 36.69 -82.85
CA ASN J 147 -2.35 36.01 -84.11
C ASN J 147 -2.05 36.95 -85.27
N VAL J 148 -1.66 36.36 -86.40
CA VAL J 148 -1.37 37.08 -87.64
C VAL J 148 -2.26 36.50 -88.73
N TYR J 149 -2.87 37.36 -89.54
CA TYR J 149 -3.62 36.91 -90.69
C TYR J 149 -2.79 37.11 -91.95
N ILE J 150 -2.51 36.02 -92.66
CA ILE J 150 -1.78 36.09 -93.92
C ILE J 150 -2.76 35.82 -95.07
N THR J 151 -2.68 36.66 -96.09
CA THR J 151 -3.56 36.63 -97.24
C THR J 151 -2.74 36.60 -98.52
N ALA J 152 -3.15 35.76 -99.46
CA ALA J 152 -2.49 35.71 -100.76
C ALA J 152 -2.65 37.05 -101.47
N ASP J 153 -1.66 37.41 -102.28
CA ASP J 153 -1.65 38.68 -103.00
C ASP J 153 -1.04 38.41 -104.37
N LYS J 154 -1.89 38.09 -105.35
CA LYS J 154 -1.40 37.79 -106.68
C LYS J 154 -0.86 39.02 -107.39
N GLN J 155 -1.27 40.22 -106.96
CA GLN J 155 -0.75 41.45 -107.54
C GLN J 155 0.75 41.56 -107.33
N LYS J 156 1.24 41.20 -106.15
CA LYS J 156 2.66 41.10 -105.89
C LYS J 156 3.14 39.67 -105.86
N ASN J 157 2.33 38.73 -106.37
CA ASN J 157 2.56 37.28 -106.37
C ASN J 157 3.20 36.81 -105.05
N GLY J 158 2.84 37.49 -103.97
CA GLY J 158 3.34 37.21 -102.64
C GLY J 158 2.20 37.23 -101.65
N ILE J 159 2.36 37.90 -100.51
CA ILE J 159 1.28 37.94 -99.53
C ILE J 159 1.21 39.30 -98.85
N LYS J 160 0.09 39.54 -98.20
CA LYS J 160 -0.06 40.60 -97.22
C LYS J 160 -0.28 39.97 -95.85
N ALA J 161 0.24 40.64 -94.82
CA ALA J 161 0.06 40.17 -93.45
C ALA J 161 -0.50 41.31 -92.62
N ASN J 162 -1.65 41.07 -91.99
CA ASN J 162 -2.31 42.05 -91.16
C ASN J 162 -2.57 41.45 -89.79
N PHE J 163 -2.39 42.27 -88.76
CA PHE J 163 -2.66 41.79 -87.41
C PHE J 163 -2.77 42.98 -86.46
N LYS J 164 -3.21 42.69 -85.25
CA LYS J 164 -3.45 43.72 -84.24
C LYS J 164 -2.86 43.26 -82.93
N ILE J 165 -2.08 44.13 -82.30
CA ILE J 165 -1.41 43.82 -81.04
C ILE J 165 -1.99 44.71 -79.95
N ARG J 166 -2.17 44.14 -78.76
CA ARG J 166 -2.70 44.86 -77.61
C ARG J 166 -1.64 44.84 -76.51
N HIS J 167 -1.08 45.99 -76.20
CA HIS J 167 -0.11 46.13 -75.14
C HIS J 167 -0.77 46.77 -73.93
N ASN J 168 -0.86 46.01 -72.83
CA ASN J 168 -1.49 46.53 -71.63
C ASN J 168 -0.57 47.52 -70.92
N VAL J 169 -1.18 48.56 -70.37
CA VAL J 169 -0.45 49.59 -69.65
C VAL J 169 -0.53 49.26 -68.16
N GLU J 170 0.40 49.84 -67.38
CA GLU J 170 0.50 49.51 -65.96
C GLU J 170 -0.76 49.89 -65.20
N ASP J 171 -1.72 50.56 -65.85
CA ASP J 171 -2.97 50.94 -65.22
C ASP J 171 -4.18 50.36 -65.95
N GLY J 172 -4.08 49.12 -66.41
CA GLY J 172 -5.20 48.41 -67.00
C GLY J 172 -5.50 48.75 -68.44
N SER J 173 -5.23 49.99 -68.86
CA SER J 173 -5.54 50.38 -70.23
C SER J 173 -4.63 49.64 -71.21
N VAL J 174 -5.06 49.61 -72.47
CA VAL J 174 -4.39 48.86 -73.52
C VAL J 174 -4.16 49.77 -74.71
N GLN J 175 -3.12 49.48 -75.48
CA GLN J 175 -2.83 50.17 -76.72
C GLN J 175 -2.92 49.15 -77.85
N LEU J 176 -3.72 49.46 -78.87
CA LEU J 176 -3.95 48.55 -79.98
C LEU J 176 -3.22 49.05 -81.23
N ALA J 177 -2.06 48.46 -81.50
CA ALA J 177 -1.26 48.79 -82.68
C ALA J 177 -1.67 47.86 -83.82
N ASP J 178 -2.08 48.46 -84.94
CA ASP J 178 -2.46 47.70 -86.12
C ASP J 178 -1.26 47.63 -87.07
N HIS J 179 -0.94 46.42 -87.52
CA HIS J 179 0.24 46.17 -88.34
C HIS J 179 -0.18 45.65 -89.70
N TYR J 180 0.33 46.30 -90.75
CA TYR J 180 0.26 45.83 -92.13
C TYR J 180 1.66 45.51 -92.60
N GLN J 181 1.78 44.57 -93.54
CA GLN J 181 3.06 44.38 -94.21
C GLN J 181 2.86 43.66 -95.52
N GLN J 182 3.65 44.04 -96.52
CA GLN J 182 3.68 43.41 -97.83
C GLN J 182 4.92 42.53 -97.91
N ASN J 183 4.72 41.25 -98.24
CA ASN J 183 5.80 40.28 -98.36
C ASN J 183 5.94 39.87 -99.82
N THR J 184 7.13 40.09 -100.38
CA THR J 184 7.39 39.82 -101.80
C THR J 184 8.75 39.16 -101.98
N PRO J 185 8.84 38.12 -102.79
CA PRO J 185 10.12 37.45 -103.00
C PRO J 185 10.96 38.16 -104.05
N ILE J 186 12.27 38.04 -103.91
CA ILE J 186 13.19 38.72 -104.82
C ILE J 186 13.22 38.05 -106.20
N GLY J 187 13.04 36.74 -106.27
CA GLY J 187 13.14 36.05 -107.53
C GLY J 187 11.80 35.84 -108.20
N ASP J 188 11.84 35.65 -109.51
CA ASP J 188 10.66 35.43 -110.33
C ASP J 188 10.18 33.99 -110.32
N GLY J 189 10.81 33.12 -109.53
CA GLY J 189 10.47 31.72 -109.51
C GLY J 189 9.07 31.45 -108.97
N PRO J 190 8.65 30.19 -109.04
CA PRO J 190 7.33 29.83 -108.52
C PRO J 190 7.34 29.66 -107.01
N VAL J 191 6.56 30.51 -106.34
CA VAL J 191 6.43 30.48 -104.89
C VAL J 191 5.05 29.97 -104.54
N LEU J 192 5.00 29.09 -103.55
CA LEU J 192 3.78 28.39 -103.15
C LEU J 192 2.79 29.42 -102.62
N LEU J 193 1.53 29.32 -103.05
CA LEU J 193 0.56 30.36 -102.77
C LEU J 193 -0.35 29.94 -101.61
N PRO J 194 -0.26 30.58 -100.45
CA PRO J 194 -1.14 30.25 -99.34
C PRO J 194 -2.43 31.07 -99.37
N ASP J 195 -3.54 30.36 -99.19
CA ASP J 195 -4.80 31.05 -98.96
C ASP J 195 -4.76 31.74 -97.60
N ASN J 196 -5.71 32.65 -97.38
CA ASN J 196 -5.75 33.43 -96.15
C ASN J 196 -5.97 32.49 -94.97
N HIS J 197 -5.06 32.53 -94.00
CA HIS J 197 -5.26 31.80 -92.75
C HIS J 197 -4.49 32.53 -91.65
N TYR J 198 -4.37 31.89 -90.48
CA TYR J 198 -3.88 32.60 -89.31
C TYR J 198 -2.63 31.92 -88.78
N LEU J 199 -2.01 32.58 -87.81
CA LEU J 199 -0.76 32.16 -87.24
C LEU J 199 -0.67 32.62 -85.79
N SER J 200 -0.62 31.67 -84.87
CA SER J 200 -0.57 31.95 -83.44
C SER J 200 0.87 32.09 -83.00
N THR J 201 1.08 32.96 -82.01
CA THR J 201 2.42 33.33 -81.55
C THR J 201 2.39 33.58 -80.05
N GLN J 202 3.38 33.03 -79.35
CA GLN J 202 3.59 33.27 -77.93
C GLN J 202 5.05 33.60 -77.72
N SER J 203 5.33 34.40 -76.68
CA SER J 203 6.71 34.74 -76.38
C SER J 203 6.84 35.15 -74.92
N ALA J 204 8.09 35.22 -74.46
CA ALA J 204 8.41 35.55 -73.09
C ALA J 204 9.70 36.36 -73.05
N LEU J 205 9.70 37.38 -72.20
CA LEU J 205 10.75 38.38 -72.08
C LEU J 205 11.40 38.28 -70.72
N SER J 206 12.72 38.45 -70.68
CA SER J 206 13.47 38.33 -69.44
C SER J 206 14.80 39.06 -69.58
N LYS J 207 15.59 39.00 -68.51
CA LYS J 207 16.87 39.70 -68.41
C LYS J 207 17.99 38.71 -68.12
N ASP J 208 19.19 39.06 -68.56
CA ASP J 208 20.38 38.40 -68.04
C ASP J 208 20.75 39.03 -66.70
N PRO J 209 21.15 38.24 -65.70
CA PRO J 209 21.38 38.83 -64.37
C PRO J 209 22.68 39.60 -64.26
N ASN J 210 23.65 39.34 -65.13
CA ASN J 210 24.99 39.90 -64.99
C ASN J 210 25.48 40.64 -66.24
N GLU J 211 24.60 41.35 -66.93
CA GLU J 211 24.99 42.19 -68.06
C GLU J 211 24.64 43.64 -67.76
N LYS J 212 25.62 44.53 -67.90
CA LYS J 212 25.46 45.91 -67.48
C LYS J 212 24.92 46.82 -68.58
N ARG J 213 24.83 46.32 -69.81
CA ARG J 213 24.23 47.11 -70.88
C ARG J 213 22.71 47.05 -70.80
N ASP J 214 22.06 47.59 -71.83
CA ASP J 214 20.63 47.37 -71.98
C ASP J 214 20.38 46.09 -72.79
N HIS J 215 19.75 45.11 -72.15
CA HIS J 215 19.56 43.81 -72.78
C HIS J 215 18.08 43.45 -72.72
N MET J 216 17.69 42.54 -73.61
CA MET J 216 16.34 42.02 -73.61
C MET J 216 16.38 40.62 -74.19
N VAL J 217 16.16 39.62 -73.35
CA VAL J 217 16.21 38.22 -73.73
C VAL J 217 14.78 37.79 -74.02
N LEU J 218 14.57 37.00 -75.09
CA LEU J 218 13.22 36.65 -75.48
C LEU J 218 13.20 35.29 -76.17
N LEU J 219 12.31 34.41 -75.71
CA LEU J 219 12.09 33.12 -76.35
C LEU J 219 10.64 33.02 -76.78
N GLU J 220 10.37 32.33 -77.89
CA GLU J 220 9.07 32.44 -78.52
C GLU J 220 8.76 31.22 -79.37
N PHE J 221 7.46 30.90 -79.42
CA PHE J 221 6.93 29.77 -80.18
C PHE J 221 5.89 30.30 -81.14
N VAL J 222 6.04 29.96 -82.42
CA VAL J 222 5.20 30.51 -83.48
C VAL J 222 4.77 29.38 -84.39
N THR J 223 3.47 29.29 -84.67
CA THR J 223 3.00 28.23 -85.56
C THR J 223 1.66 28.64 -86.15
N ALA J 224 1.42 28.19 -87.38
CA ALA J 224 0.30 28.64 -88.18
C ALA J 224 -0.76 27.56 -88.32
N ALA J 225 -1.94 27.99 -88.78
CA ALA J 225 -3.07 27.10 -89.05
C ALA J 225 -4.10 27.89 -89.85
N GLY J 226 -5.27 27.29 -90.02
CA GLY J 226 -6.39 27.93 -90.70
C GLY J 226 -7.19 27.01 -91.59
N ILE J 227 -6.64 25.88 -91.97
CA ILE J 227 -7.33 24.92 -92.81
C ILE J 227 -7.83 23.79 -91.94
N THR J 228 -9.12 23.44 -92.09
CA THR J 228 -9.67 22.31 -91.37
C THR J 228 -9.53 21.07 -92.24
N HIS J 229 -8.32 20.50 -92.27
CA HIS J 229 -8.01 19.38 -93.14
C HIS J 229 -8.36 18.05 -92.46
N HIS J 230 -8.35 16.99 -93.26
CA HIS J 230 -8.76 15.68 -92.82
C HIS J 230 -7.86 15.13 -91.71
N GLY K 54 -55.21 -63.60 -2.11
CA GLY K 54 -55.34 -62.72 -3.26
C GLY K 54 -56.61 -61.91 -3.26
N LYS K 55 -57.72 -62.55 -2.90
CA LYS K 55 -59.02 -61.91 -2.81
C LYS K 55 -59.84 -62.38 -1.63
N GLU K 56 -59.52 -63.54 -1.05
CA GLU K 56 -60.32 -64.13 0.02
C GLU K 56 -60.20 -63.40 1.35
N LEU K 57 -59.37 -62.36 1.44
CA LEU K 57 -59.23 -61.64 2.72
C LEU K 57 -60.33 -60.61 2.89
N LEU K 58 -60.87 -60.09 1.79
CA LEU K 58 -61.78 -58.95 1.89
C LEU K 58 -63.10 -59.33 2.54
N GLU K 59 -63.62 -60.53 2.24
CA GLU K 59 -64.88 -60.93 2.84
C GLU K 59 -64.72 -61.18 4.33
N ALA K 60 -63.52 -61.62 4.74
CA ALA K 60 -63.26 -61.80 6.17
C ALA K 60 -63.11 -60.47 6.87
N ALA K 61 -62.55 -59.46 6.18
CA ALA K 61 -62.54 -58.11 6.73
C ALA K 61 -63.95 -57.57 6.86
N ARG K 62 -64.80 -57.83 5.87
CA ARG K 62 -66.16 -57.34 5.89
C ARG K 62 -66.98 -58.00 6.99
N ALA K 63 -66.82 -59.31 7.18
CA ALA K 63 -67.53 -60.01 8.24
C ALA K 63 -66.95 -59.73 9.62
N GLY K 64 -65.86 -58.98 9.70
CA GLY K 64 -65.22 -58.73 10.98
C GLY K 64 -64.40 -59.88 11.51
N GLN K 65 -64.00 -60.81 10.65
CA GLN K 65 -63.20 -61.97 11.07
C GLN K 65 -61.76 -61.53 11.27
N ASP K 66 -61.52 -60.89 12.42
CA ASP K 66 -60.19 -60.36 12.70
C ASP K 66 -59.15 -61.48 12.77
N ASP K 67 -59.51 -62.62 13.35
CA ASP K 67 -58.57 -63.72 13.45
C ASP K 67 -58.31 -64.35 12.09
N GLU K 68 -59.33 -64.39 11.23
CA GLU K 68 -59.11 -64.97 9.91
C GLU K 68 -58.18 -64.10 9.07
N VAL K 69 -58.43 -62.79 9.02
CA VAL K 69 -57.53 -61.91 8.28
C VAL K 69 -56.15 -61.90 8.93
N ALA K 70 -56.09 -62.09 10.24
CA ALA K 70 -54.79 -62.23 10.89
C ALA K 70 -54.01 -63.43 10.34
N VAL K 71 -54.61 -64.62 10.41
CA VAL K 71 -53.87 -65.82 10.02
C VAL K 71 -53.63 -65.84 8.51
N LEU K 72 -54.49 -65.17 7.74
CA LEU K 72 -54.33 -65.18 6.29
C LEU K 72 -53.38 -64.09 5.81
N MET K 73 -53.18 -63.04 6.59
CA MET K 73 -52.17 -62.04 6.27
C MET K 73 -50.79 -62.43 6.80
N ALA K 74 -50.74 -63.23 7.87
CA ALA K 74 -49.48 -63.84 8.27
C ALA K 74 -48.87 -64.58 7.11
N ARG K 75 -49.65 -65.45 6.48
CA ARG K 75 -49.27 -66.00 5.18
C ARG K 75 -49.33 -64.91 4.12
N GLY K 76 -48.37 -64.94 3.21
CA GLY K 76 -48.26 -63.92 2.17
C GLY K 76 -49.55 -63.68 1.40
N ALA K 77 -50.15 -62.49 1.60
CA ALA K 77 -51.42 -62.17 0.99
C ALA K 77 -51.37 -60.74 0.48
N GLU K 78 -52.31 -60.41 -0.41
CA GLU K 78 -52.38 -59.06 -0.96
C GLU K 78 -52.94 -58.09 0.07
N VAL K 79 -52.13 -57.13 0.49
CA VAL K 79 -52.61 -56.14 1.43
C VAL K 79 -53.28 -54.95 0.73
N ASN K 80 -52.69 -54.43 -0.34
CA ASN K 80 -53.24 -53.31 -1.08
C ASN K 80 -54.13 -53.78 -2.23
N ALA K 81 -55.10 -54.62 -1.92
CA ALA K 81 -55.97 -55.21 -2.92
C ALA K 81 -56.95 -54.17 -3.46
N ALA K 82 -56.95 -54.04 -4.78
CA ALA K 82 -57.95 -53.25 -5.49
C ALA K 82 -59.00 -54.22 -6.01
N ASP K 83 -60.27 -53.93 -5.72
CA ASP K 83 -61.33 -54.89 -5.94
C ASP K 83 -62.24 -54.44 -7.08
N ASP K 84 -63.34 -55.18 -7.23
CA ASP K 84 -64.27 -55.03 -8.35
C ASP K 84 -64.85 -53.62 -8.49
N VAL K 85 -64.81 -52.80 -7.44
CA VAL K 85 -65.24 -51.42 -7.56
C VAL K 85 -64.19 -50.52 -6.92
N GLY K 86 -63.07 -51.13 -6.48
CA GLY K 86 -61.96 -50.35 -5.97
C GLY K 86 -61.96 -50.19 -4.47
N VAL K 87 -62.60 -51.13 -3.79
CA VAL K 87 -62.77 -51.08 -2.34
C VAL K 87 -61.68 -51.96 -1.74
N THR K 88 -60.71 -51.33 -1.09
CA THR K 88 -59.64 -52.07 -0.44
C THR K 88 -60.15 -52.58 0.91
N PRO K 89 -59.61 -53.70 1.40
CA PRO K 89 -59.97 -54.17 2.75
C PRO K 89 -59.96 -53.09 3.82
N LEU K 90 -59.14 -52.05 3.67
CA LEU K 90 -59.14 -50.97 4.65
C LEU K 90 -60.44 -50.19 4.60
N HIS K 91 -60.98 -49.96 3.39
CA HIS K 91 -62.24 -49.24 3.27
C HIS K 91 -63.36 -49.98 3.99
N LEU K 92 -63.51 -51.28 3.74
CA LEU K 92 -64.53 -52.09 4.38
C LEU K 92 -64.27 -52.29 5.87
N ALA K 93 -63.00 -52.26 6.28
CA ALA K 93 -62.66 -52.33 7.69
C ALA K 93 -62.95 -51.04 8.42
N ALA K 94 -63.03 -49.92 7.70
CA ALA K 94 -63.40 -48.64 8.27
C ALA K 94 -64.90 -48.41 8.28
N GLN K 95 -65.61 -48.84 7.22
CA GLN K 95 -67.07 -48.72 7.20
C GLN K 95 -67.69 -49.35 8.44
N ARG K 96 -67.46 -50.64 8.63
CA ARG K 96 -67.79 -51.28 9.90
C ARG K 96 -66.75 -50.89 10.94
N GLY K 97 -67.16 -50.92 12.20
CA GLY K 97 -66.23 -50.53 13.25
C GLY K 97 -65.37 -51.68 13.71
N HIS K 98 -64.17 -51.77 13.16
CA HIS K 98 -63.26 -52.89 13.45
C HIS K 98 -61.85 -52.32 13.56
N LEU K 99 -61.45 -51.98 14.78
CA LEU K 99 -60.15 -51.38 15.02
C LEU K 99 -59.00 -52.37 14.85
N ALA K 100 -59.19 -53.62 15.29
CA ALA K 100 -58.12 -54.61 15.19
C ALA K 100 -57.73 -54.86 13.74
N ILE K 101 -58.72 -54.90 12.85
CA ILE K 101 -58.45 -55.20 11.45
C ILE K 101 -57.67 -54.05 10.81
N VAL K 102 -58.05 -52.81 11.09
CA VAL K 102 -57.32 -51.69 10.48
C VAL K 102 -55.92 -51.59 11.08
N SER K 103 -55.75 -51.98 12.34
CA SER K 103 -54.41 -51.97 12.92
C SER K 103 -53.52 -53.00 12.25
N VAL K 104 -54.00 -54.23 12.13
CA VAL K 104 -53.18 -55.28 11.52
C VAL K 104 -53.03 -55.07 10.03
N LEU K 105 -53.89 -54.24 9.43
CA LEU K 105 -53.70 -53.91 8.02
C LEU K 105 -52.70 -52.79 7.83
N LEU K 106 -52.75 -51.75 8.69
CA LEU K 106 -51.74 -50.71 8.64
C LEU K 106 -50.35 -51.26 8.90
N ALA K 107 -50.22 -52.13 9.91
CA ALA K 107 -48.90 -52.69 10.22
C ALA K 107 -48.34 -53.46 9.03
N PHE K 108 -49.19 -54.09 8.24
CA PHE K 108 -48.73 -54.86 7.09
C PHE K 108 -48.58 -54.02 5.82
N GLY K 109 -48.71 -52.71 5.90
CA GLY K 109 -48.40 -51.88 4.75
C GLY K 109 -49.58 -51.52 3.87
N ALA K 110 -50.67 -51.07 4.48
CA ALA K 110 -51.79 -50.57 3.71
C ALA K 110 -51.62 -49.07 3.44
N SER K 111 -52.35 -48.59 2.45
CA SER K 111 -52.31 -47.17 2.11
C SER K 111 -53.53 -46.48 2.71
N VAL K 112 -53.30 -45.46 3.54
CA VAL K 112 -54.40 -44.71 4.14
C VAL K 112 -55.12 -43.85 3.12
N ASN K 113 -54.43 -43.39 2.07
CA ASN K 113 -55.05 -42.62 1.00
C ASN K 113 -55.23 -43.54 -0.20
N ALA K 114 -56.42 -44.10 -0.34
CA ALA K 114 -56.69 -45.07 -1.39
C ALA K 114 -57.89 -44.61 -2.21
N ALA K 115 -57.60 -44.10 -3.40
CA ALA K 115 -58.60 -43.40 -4.20
C ALA K 115 -59.63 -44.40 -4.71
N ASP K 116 -60.74 -44.51 -3.99
CA ASP K 116 -61.85 -45.35 -4.40
C ASP K 116 -62.39 -44.88 -5.76
N LEU K 117 -63.13 -45.78 -6.42
CA LEU K 117 -63.72 -45.44 -7.71
C LEU K 117 -64.72 -44.31 -7.59
N TRP K 118 -65.25 -44.07 -6.40
CA TRP K 118 -66.16 -42.95 -6.16
C TRP K 118 -65.46 -41.73 -5.59
N GLY K 119 -64.18 -41.84 -5.24
CA GLY K 119 -63.45 -40.73 -4.67
C GLY K 119 -63.34 -40.78 -3.16
N GLN K 120 -63.75 -41.87 -2.52
CA GLN K 120 -63.68 -41.95 -1.08
C GLN K 120 -62.34 -42.52 -0.63
N THR K 121 -62.11 -42.42 0.68
CA THR K 121 -60.89 -42.76 1.37
C THR K 121 -61.36 -43.33 2.71
N PRO K 122 -60.62 -44.24 3.35
CA PRO K 122 -61.09 -44.77 4.64
C PRO K 122 -61.44 -43.70 5.66
N LEU K 123 -60.78 -42.53 5.60
CA LEU K 123 -61.14 -41.44 6.50
C LEU K 123 -62.54 -40.92 6.22
N HIS K 124 -62.94 -40.86 4.94
CA HIS K 124 -64.29 -40.42 4.61
C HIS K 124 -65.33 -41.33 5.23
N LEU K 125 -65.25 -42.63 4.94
CA LEU K 125 -66.21 -43.58 5.47
C LEU K 125 -66.16 -43.69 6.99
N ALA K 126 -64.97 -43.60 7.59
CA ALA K 126 -64.86 -43.66 9.04
C ALA K 126 -65.45 -42.44 9.72
N ALA K 127 -65.24 -41.24 9.16
CA ALA K 127 -65.86 -40.05 9.71
C ALA K 127 -67.36 -40.07 9.52
N THR K 128 -67.85 -40.63 8.41
CA THR K 128 -69.28 -40.73 8.21
C THR K 128 -69.91 -41.73 9.17
N ALA K 129 -69.25 -42.86 9.42
CA ALA K 129 -69.82 -43.89 10.28
C ALA K 129 -69.99 -43.39 11.71
N GLY K 130 -68.89 -43.03 12.37
CA GLY K 130 -68.96 -42.50 13.71
C GLY K 130 -68.00 -43.12 14.70
N HIS K 131 -67.04 -43.89 14.18
CA HIS K 131 -66.08 -44.58 15.06
C HIS K 131 -64.86 -43.68 15.27
N LEU K 132 -64.65 -43.28 16.52
CA LEU K 132 -63.62 -42.29 16.82
C LEU K 132 -62.23 -42.91 16.80
N GLU K 133 -62.08 -44.10 17.37
CA GLU K 133 -60.78 -44.74 17.46
C GLU K 133 -60.15 -44.98 16.09
N ILE K 134 -60.96 -45.38 15.11
CA ILE K 134 -60.44 -45.56 13.77
C ILE K 134 -60.00 -44.22 13.19
N VAL K 135 -60.77 -43.16 13.42
CA VAL K 135 -60.38 -41.84 12.95
C VAL K 135 -59.04 -41.44 13.55
N GLU K 136 -58.83 -41.67 14.84
CA GLU K 136 -57.57 -41.31 15.47
C GLU K 136 -56.42 -42.11 14.87
N VAL K 137 -56.56 -43.43 14.77
CA VAL K 137 -55.44 -44.24 14.31
C VAL K 137 -55.16 -43.99 12.83
N LEU K 138 -56.15 -43.48 12.09
CA LEU K 138 -55.90 -43.12 10.70
C LEU K 138 -55.23 -41.77 10.59
N LEU K 139 -55.63 -40.81 11.43
CA LEU K 139 -55.02 -39.50 11.41
C LEU K 139 -53.56 -39.55 11.85
N ARG K 140 -53.25 -40.44 12.80
CA ARG K 140 -51.87 -40.60 13.23
C ARG K 140 -51.01 -41.32 12.19
N SER K 141 -51.63 -42.04 11.26
CA SER K 141 -50.89 -42.80 10.27
C SER K 141 -50.65 -42.04 8.97
N GLY K 142 -51.21 -40.84 8.83
CA GLY K 142 -50.99 -40.03 7.65
C GLY K 142 -52.19 -39.81 6.76
N ALA K 143 -53.40 -39.94 7.27
CA ALA K 143 -54.57 -39.66 6.45
C ALA K 143 -54.69 -38.14 6.21
N SER K 144 -55.10 -37.78 5.01
CA SER K 144 -55.21 -36.39 4.61
C SER K 144 -56.59 -35.84 4.92
N VAL K 145 -56.63 -34.88 5.84
CA VAL K 145 -57.89 -34.30 6.30
C VAL K 145 -58.60 -33.49 5.24
N ASN K 146 -57.94 -33.14 4.14
CA ASN K 146 -58.52 -32.29 3.12
C ASN K 146 -58.54 -32.97 1.76
N ALA K 147 -58.93 -34.23 1.74
CA ALA K 147 -59.16 -34.95 0.49
C ALA K 147 -60.62 -34.79 0.07
N ARG K 148 -60.86 -34.78 -1.23
CA ARG K 148 -62.16 -34.45 -1.77
C ARG K 148 -62.82 -35.68 -2.38
N ASP K 149 -64.15 -35.66 -2.38
CA ASP K 149 -64.98 -36.59 -3.14
C ASP K 149 -65.14 -36.09 -4.57
N ASN K 150 -66.10 -36.68 -5.29
CA ASN K 150 -66.52 -36.08 -6.55
C ASN K 150 -67.45 -34.90 -6.30
N ILE K 151 -68.37 -35.04 -5.35
CA ILE K 151 -69.14 -33.87 -4.91
C ILE K 151 -68.24 -32.79 -4.34
N GLY K 152 -67.06 -33.15 -3.82
CA GLY K 152 -66.15 -32.21 -3.21
C GLY K 152 -66.12 -32.24 -1.71
N HIS K 153 -66.83 -33.19 -1.08
CA HIS K 153 -66.89 -33.22 0.37
C HIS K 153 -65.54 -33.57 0.97
N THR K 154 -65.22 -32.92 2.09
CA THR K 154 -64.07 -33.27 2.91
C THR K 154 -64.53 -34.00 4.15
N PRO K 155 -63.65 -34.74 4.82
CA PRO K 155 -64.10 -35.50 6.00
C PRO K 155 -64.84 -34.67 7.03
N LEU K 156 -64.61 -33.35 7.08
CA LEU K 156 -65.33 -32.52 8.03
C LEU K 156 -66.76 -32.26 7.56
N HIS K 157 -66.97 -32.15 6.24
CA HIS K 157 -68.33 -32.09 5.70
C HIS K 157 -69.16 -33.25 6.22
N LEU K 158 -68.62 -34.47 6.13
CA LEU K 158 -69.35 -35.65 6.56
C LEU K 158 -69.47 -35.72 8.07
N ALA K 159 -68.42 -35.32 8.79
CA ALA K 159 -68.50 -35.28 10.24
C ALA K 159 -69.59 -34.33 10.72
N ALA K 160 -69.80 -33.22 10.01
CA ALA K 160 -70.84 -32.27 10.37
C ALA K 160 -72.22 -32.73 9.94
N TRP K 161 -72.34 -33.35 8.76
CA TRP K 161 -73.62 -33.90 8.34
C TRP K 161 -74.10 -34.98 9.31
N ALA K 162 -73.23 -35.96 9.61
CA ALA K 162 -73.65 -37.09 10.41
C ALA K 162 -73.98 -36.68 11.84
N GLY K 163 -73.32 -35.64 12.35
CA GLY K 163 -73.56 -35.19 13.70
C GLY K 163 -72.63 -35.73 14.76
N HIS K 164 -71.35 -35.92 14.45
CA HIS K 164 -70.40 -36.52 15.37
C HIS K 164 -69.50 -35.43 15.95
N LEU K 165 -69.75 -35.07 17.21
CA LEU K 165 -69.07 -33.93 17.81
C LEU K 165 -67.59 -34.22 18.05
N GLU K 166 -67.29 -35.35 18.69
CA GLU K 166 -65.91 -35.68 19.03
C GLU K 166 -65.05 -35.85 17.78
N ILE K 167 -65.63 -36.42 16.72
CA ILE K 167 -64.90 -36.55 15.47
C ILE K 167 -64.66 -35.17 14.86
N VAL K 168 -65.63 -34.27 14.99
CA VAL K 168 -65.42 -32.91 14.52
C VAL K 168 -64.26 -32.26 15.26
N GLU K 169 -64.18 -32.48 16.57
CA GLU K 169 -63.07 -31.93 17.34
C GLU K 169 -61.73 -32.48 16.89
N VAL K 170 -61.60 -33.80 16.77
CA VAL K 170 -60.32 -34.37 16.40
C VAL K 170 -59.94 -33.97 14.98
N LEU K 171 -60.93 -33.77 14.10
CA LEU K 171 -60.62 -33.31 12.75
C LEU K 171 -60.20 -31.86 12.72
N LEU K 172 -60.75 -31.03 13.62
CA LEU K 172 -60.33 -29.64 13.69
C LEU K 172 -58.95 -29.49 14.29
N ALA K 173 -58.57 -30.37 15.21
CA ALA K 173 -57.22 -30.36 15.77
C ALA K 173 -56.14 -30.71 14.75
N TYR K 174 -56.48 -31.47 13.71
CA TYR K 174 -55.49 -31.97 12.76
C TYR K 174 -55.41 -31.14 11.49
N GLY K 175 -56.13 -30.02 11.42
CA GLY K 175 -55.95 -29.09 10.33
C GLY K 175 -57.08 -29.03 9.32
N ALA K 176 -58.24 -29.58 9.62
CA ALA K 176 -59.40 -29.38 8.77
C ALA K 176 -59.84 -27.93 8.84
N ASP K 177 -60.11 -27.34 7.68
CA ASP K 177 -60.50 -25.93 7.58
C ASP K 177 -62.02 -25.81 7.64
N VAL K 178 -62.50 -24.74 8.26
CA VAL K 178 -63.93 -24.64 8.51
C VAL K 178 -64.68 -24.08 7.32
N PHE K 179 -64.10 -23.12 6.59
CA PHE K 179 -64.79 -22.61 5.40
C PHE K 179 -64.21 -23.23 4.12
N ALA K 180 -64.43 -24.52 3.93
CA ALA K 180 -64.17 -25.17 2.66
C ALA K 180 -65.50 -25.52 2.03
N GLN K 181 -65.54 -25.48 0.70
CA GLN K 181 -66.80 -25.69 0.00
C GLN K 181 -66.76 -26.98 -0.82
N ASP K 182 -67.94 -27.47 -1.18
CA ASP K 182 -68.11 -28.55 -2.14
C ASP K 182 -68.50 -27.94 -3.48
N LYS K 183 -68.74 -28.79 -4.47
CA LYS K 183 -69.12 -28.29 -5.79
C LYS K 183 -70.39 -27.45 -5.72
N PHE K 184 -71.33 -27.80 -4.85
CA PHE K 184 -72.58 -27.07 -4.77
C PHE K 184 -72.51 -25.84 -3.89
N GLY K 185 -71.36 -25.55 -3.30
CA GLY K 185 -71.13 -24.28 -2.64
C GLY K 185 -71.30 -24.25 -1.13
N LYS K 186 -71.48 -25.40 -0.49
CA LYS K 186 -71.78 -25.41 0.94
C LYS K 186 -70.53 -25.70 1.77
N THR K 187 -70.48 -25.09 2.94
CA THR K 187 -69.47 -25.28 3.96
C THR K 187 -70.01 -26.18 5.06
N PRO K 188 -69.15 -26.83 5.84
CA PRO K 188 -69.64 -27.71 6.91
C PRO K 188 -70.68 -27.08 7.81
N PHE K 189 -70.61 -25.77 8.03
CA PHE K 189 -71.63 -25.11 8.83
C PHE K 189 -73.00 -25.19 8.17
N ASP K 190 -73.05 -25.18 6.84
CA ASP K 190 -74.34 -25.28 6.16
C ASP K 190 -74.92 -26.68 6.28
N LEU K 191 -74.10 -27.71 6.03
CA LEU K 191 -74.57 -29.07 6.24
C LEU K 191 -74.95 -29.31 7.70
N ALA K 192 -74.38 -28.52 8.61
CA ALA K 192 -74.75 -28.67 10.01
C ALA K 192 -76.06 -27.98 10.34
N ILE K 193 -76.35 -26.84 9.71
CA ILE K 193 -77.54 -26.11 10.07
C ILE K 193 -78.76 -26.59 9.29
N ASP K 194 -78.56 -27.25 8.15
CA ASP K 194 -79.70 -27.78 7.41
C ASP K 194 -80.08 -29.19 7.82
N ASN K 195 -79.51 -29.73 8.89
CA ASN K 195 -79.78 -31.08 9.34
C ASN K 195 -80.11 -31.16 10.82
N GLY K 196 -80.31 -30.02 11.48
CA GLY K 196 -80.63 -30.01 12.88
C GLY K 196 -79.49 -30.36 13.82
N ASN K 197 -78.32 -30.73 13.29
CA ASN K 197 -77.14 -30.91 14.13
C ASN K 197 -76.75 -29.57 14.73
N GLU K 198 -76.99 -29.41 16.03
CA GLU K 198 -76.98 -28.10 16.67
C GLU K 198 -75.61 -27.66 17.14
N ASP K 199 -74.83 -28.53 17.78
CA ASP K 199 -73.63 -28.06 18.45
C ASP K 199 -72.44 -28.01 17.49
N ILE K 200 -72.44 -28.87 16.48
CA ILE K 200 -71.48 -28.72 15.39
C ILE K 200 -71.55 -27.31 14.86
N ALA K 201 -72.77 -26.82 14.62
CA ALA K 201 -72.97 -25.46 14.15
C ALA K 201 -72.40 -24.44 15.12
N GLU K 202 -72.57 -24.64 16.43
CA GLU K 202 -72.08 -23.65 17.38
C GLU K 202 -70.56 -23.61 17.42
N VAL K 203 -69.92 -24.77 17.51
CA VAL K 203 -68.46 -24.78 17.58
C VAL K 203 -67.81 -24.44 16.25
N LEU K 204 -68.55 -24.47 15.15
CA LEU K 204 -67.98 -23.96 13.90
C LEU K 204 -68.24 -22.47 13.73
N GLN K 205 -69.37 -21.98 14.24
CA GLN K 205 -69.65 -20.55 14.23
C GLN K 205 -68.66 -19.79 15.08
N ARG K 206 -68.26 -20.36 16.22
CA ARG K 206 -67.27 -19.68 17.05
C ARG K 206 -65.97 -19.46 16.28
N LEU K 207 -65.55 -20.45 15.47
CA LEU K 207 -64.29 -20.32 14.74
C LEU K 207 -64.43 -19.34 13.58
N LEU K 208 -65.53 -19.43 12.83
CA LEU K 208 -65.77 -18.44 11.79
C LEU K 208 -65.72 -17.03 12.35
N GLU K 209 -66.33 -16.83 13.52
CA GLU K 209 -66.36 -15.50 14.11
C GLU K 209 -64.99 -15.06 14.60
N CYS K 210 -64.20 -15.97 15.18
CA CYS K 210 -62.85 -15.61 15.58
C CYS K 210 -62.03 -15.13 14.39
N ARG K 211 -62.09 -15.85 13.27
CA ARG K 211 -61.32 -15.41 12.12
C ARG K 211 -61.80 -14.07 11.58
N ARG K 212 -63.12 -13.87 11.49
CA ARG K 212 -63.65 -12.60 11.01
C ARG K 212 -63.22 -11.44 11.90
N ASP K 213 -63.29 -11.62 13.22
CA ASP K 213 -62.97 -10.54 14.14
C ASP K 213 -61.47 -10.20 14.13
N ALA K 214 -60.61 -11.21 14.02
CA ALA K 214 -59.20 -10.89 13.93
C ALA K 214 -58.88 -10.12 12.66
N GLU K 215 -59.49 -10.50 11.53
CA GLU K 215 -59.31 -9.75 10.30
C GLU K 215 -59.72 -8.29 10.47
N ALA K 216 -60.91 -8.06 11.04
CA ALA K 216 -61.39 -6.71 11.26
C ALA K 216 -60.48 -5.89 12.17
N ALA K 217 -60.00 -6.46 13.26
CA ALA K 217 -59.11 -5.73 14.16
C ALA K 217 -57.78 -5.37 13.51
N ILE K 218 -57.24 -6.25 12.66
CA ILE K 218 -55.99 -5.88 11.99
C ILE K 218 -56.21 -4.75 11.01
N ASN K 219 -57.36 -4.76 10.31
CA ASN K 219 -57.67 -3.61 9.45
C ASN K 219 -57.75 -2.31 10.24
N TYR K 220 -58.41 -2.35 11.40
CA TYR K 220 -58.54 -1.13 12.19
C TYR K 220 -57.18 -0.65 12.70
N GLN K 221 -56.28 -1.56 13.02
CA GLN K 221 -54.94 -1.14 13.45
C GLN K 221 -54.16 -0.51 12.32
N ILE K 222 -54.31 -1.03 11.10
CA ILE K 222 -53.68 -0.39 9.94
C ILE K 222 -54.15 1.06 9.81
N ASN K 223 -55.47 1.27 9.89
CA ASN K 223 -55.98 2.63 9.77
C ASN K 223 -55.49 3.53 10.90
N LEU K 224 -55.39 3.00 12.12
CA LEU K 224 -54.96 3.83 13.24
C LEU K 224 -53.50 4.26 13.09
N GLU K 225 -52.63 3.37 12.60
CA GLU K 225 -51.24 3.80 12.41
C GLU K 225 -51.10 4.78 11.26
N LEU K 226 -51.89 4.63 10.20
CA LEU K 226 -51.85 5.65 9.14
C LEU K 226 -52.31 7.01 9.64
N TYR K 227 -53.34 7.04 10.49
CA TYR K 227 -53.77 8.29 11.08
C TYR K 227 -52.69 8.91 11.97
N ALA K 228 -52.02 8.11 12.79
CA ALA K 228 -50.94 8.64 13.60
C ALA K 228 -49.82 9.23 12.76
N SER K 229 -49.48 8.57 11.66
CA SER K 229 -48.46 9.11 10.76
C SER K 229 -48.86 10.47 10.20
N TYR K 230 -50.13 10.62 9.83
CA TYR K 230 -50.62 11.90 9.33
C TYR K 230 -50.57 12.98 10.42
N VAL K 231 -50.92 12.63 11.65
CA VAL K 231 -50.88 13.61 12.75
C VAL K 231 -49.46 14.09 12.98
N TYR K 232 -48.48 13.18 12.93
CA TYR K 232 -47.10 13.59 13.13
C TYR K 232 -46.61 14.47 11.99
N LEU K 233 -47.05 14.21 10.76
CA LEU K 233 -46.67 15.09 9.65
C LEU K 233 -47.18 16.50 9.86
N SER K 234 -48.43 16.63 10.29
CA SER K 234 -48.97 17.95 10.63
C SER K 234 -48.14 18.63 11.72
N MET K 235 -47.90 17.92 12.84
CA MET K 235 -47.07 18.47 13.90
C MET K 235 -45.72 18.95 13.40
N SER K 236 -45.05 18.17 12.56
CA SER K 236 -43.74 18.53 12.06
C SER K 236 -43.76 19.78 11.22
N TYR K 237 -44.72 19.93 10.32
CA TYR K 237 -44.74 21.15 9.51
C TYR K 237 -45.36 22.32 10.23
N TYR K 238 -45.83 22.16 11.46
CA TYR K 238 -46.17 23.33 12.27
C TYR K 238 -44.92 24.06 12.75
N PHE K 239 -43.92 23.32 13.21
CA PHE K 239 -42.70 23.93 13.73
C PHE K 239 -41.78 24.46 12.66
N ASP K 240 -42.23 24.47 11.41
CA ASP K 240 -41.43 24.96 10.29
C ASP K 240 -41.86 26.34 9.85
N ARG K 241 -42.99 26.83 10.34
CA ARG K 241 -43.43 28.19 10.05
C ARG K 241 -42.36 29.17 10.52
N ASP K 242 -42.41 30.42 10.06
CA ASP K 242 -41.40 31.37 10.49
C ASP K 242 -41.82 32.18 11.70
N ASP K 243 -43.06 32.01 12.17
CA ASP K 243 -43.38 32.49 13.50
C ASP K 243 -43.26 31.38 14.54
N VAL K 244 -42.84 30.19 14.11
CA VAL K 244 -42.48 29.10 15.01
C VAL K 244 -41.16 28.54 14.46
N ALA K 245 -40.03 29.07 14.91
CA ALA K 245 -38.77 28.77 14.24
C ALA K 245 -37.96 27.73 15.03
N LEU K 246 -38.50 26.52 15.12
CA LEU K 246 -37.83 25.44 15.83
C LEU K 246 -37.59 24.28 14.87
N LYS K 247 -36.32 24.03 14.55
CA LYS K 247 -35.95 23.10 13.49
C LYS K 247 -35.83 21.66 13.96
N ASN K 248 -35.40 21.45 15.20
CA ASN K 248 -35.18 20.09 15.65
C ASN K 248 -36.46 19.45 16.16
N PHE K 249 -37.40 20.24 16.65
CA PHE K 249 -38.77 19.75 16.82
C PHE K 249 -39.34 19.23 15.50
N ALA K 250 -39.08 19.96 14.41
CA ALA K 250 -39.55 19.56 13.10
C ALA K 250 -38.91 18.25 12.64
N LYS K 251 -37.58 18.12 12.78
CA LYS K 251 -36.94 16.86 12.41
C LYS K 251 -37.45 15.70 13.27
N TYR K 252 -37.59 15.92 14.57
CA TYR K 252 -38.15 14.90 15.45
C TYR K 252 -39.47 14.38 14.93
N PHE K 253 -40.44 15.27 14.71
CA PHE K 253 -41.75 14.80 14.33
C PHE K 253 -41.80 14.24 12.91
N LEU K 254 -40.91 14.66 12.01
CA LEU K 254 -40.86 13.99 10.72
C LEU K 254 -40.35 12.56 10.83
N HIS K 255 -39.34 12.33 11.67
CA HIS K 255 -38.87 10.97 11.90
C HIS K 255 -39.97 10.09 12.45
N GLN K 256 -40.74 10.59 13.41
CA GLN K 256 -41.85 9.80 13.93
C GLN K 256 -42.89 9.53 12.87
N SER K 257 -43.17 10.52 12.02
CA SER K 257 -44.10 10.33 10.91
C SER K 257 -43.71 9.18 10.00
N HIS K 258 -42.42 9.00 9.72
CA HIS K 258 -42.03 7.91 8.84
C HIS K 258 -42.01 6.57 9.53
N GLU K 259 -41.60 6.54 10.80
CA GLU K 259 -41.65 5.28 11.55
C GLU K 259 -43.06 4.74 11.64
N GLU K 260 -44.04 5.61 11.83
CA GLU K 260 -45.41 5.12 11.93
C GLU K 260 -45.98 4.58 10.63
N ARG K 261 -45.38 4.90 9.48
CA ARG K 261 -45.82 4.26 8.25
C ARG K 261 -45.17 2.92 8.06
N GLU K 262 -43.90 2.79 8.46
CA GLU K 262 -43.32 1.45 8.52
C GLU K 262 -44.15 0.52 9.39
N HIS K 263 -44.63 1.02 10.54
CA HIS K 263 -45.46 0.20 11.42
C HIS K 263 -46.69 -0.35 10.71
N ALA K 264 -47.35 0.46 9.88
CA ALA K 264 -48.58 0.01 9.23
C ALA K 264 -48.30 -0.92 8.07
N GLU K 265 -47.21 -0.69 7.33
CA GLU K 265 -46.85 -1.64 6.28
C GLU K 265 -46.52 -3.01 6.85
N LYS K 266 -45.94 -3.08 8.05
CA LYS K 266 -45.72 -4.38 8.67
C LYS K 266 -47.02 -5.13 8.89
N LEU K 267 -48.08 -4.43 9.31
CA LEU K 267 -49.35 -5.11 9.54
C LEU K 267 -50.02 -5.50 8.24
N MET K 268 -49.84 -4.71 7.17
CA MET K 268 -50.35 -5.12 5.87
C MET K 268 -49.69 -6.41 5.40
N LYS K 269 -48.36 -6.47 5.49
CA LYS K 269 -47.66 -7.69 5.15
C LYS K 269 -48.15 -8.87 5.98
N LEU K 270 -48.31 -8.66 7.29
CA LEU K 270 -48.85 -9.72 8.14
C LEU K 270 -50.19 -10.22 7.62
N GLN K 271 -51.12 -9.32 7.32
CA GLN K 271 -52.44 -9.78 6.91
C GLN K 271 -52.41 -10.46 5.56
N ASN K 272 -51.42 -10.16 4.72
CA ASN K 272 -51.28 -10.93 3.50
C ASN K 272 -50.70 -12.32 3.77
N GLN K 273 -49.85 -12.45 4.79
CA GLN K 273 -49.31 -13.76 5.13
C GLN K 273 -50.36 -14.68 5.72
N ARG K 274 -51.40 -14.13 6.34
CA ARG K 274 -52.42 -14.94 6.97
C ARG K 274 -53.51 -15.38 6.00
N GLY K 275 -53.57 -14.81 4.82
CA GLY K 275 -54.62 -15.11 3.87
C GLY K 275 -55.85 -14.27 3.99
N GLY K 276 -55.80 -13.16 4.73
CA GLY K 276 -56.93 -12.28 4.89
C GLY K 276 -56.97 -11.22 3.82
N GLU K 277 -57.97 -10.34 3.94
CA GLU K 277 -58.22 -9.30 2.95
C GLU K 277 -57.99 -7.93 3.56
N ILE K 278 -57.04 -7.19 3.02
CA ILE K 278 -56.85 -5.81 3.41
C ILE K 278 -57.97 -4.97 2.82
N SER K 279 -58.58 -4.13 3.66
CA SER K 279 -59.61 -3.20 3.21
C SER K 279 -59.28 -1.83 3.76
N LEU K 280 -58.66 -1.00 2.93
CA LEU K 280 -58.21 0.32 3.33
C LEU K 280 -59.39 1.27 3.39
N GLN K 281 -59.27 2.30 4.21
CA GLN K 281 -60.36 3.24 4.46
C GLN K 281 -59.86 4.67 4.48
N SER K 282 -60.76 5.58 4.81
CA SER K 282 -60.49 7.01 4.77
C SER K 282 -59.67 7.39 6.00
N ILE K 283 -58.74 8.33 5.83
CA ILE K 283 -57.91 8.78 6.94
C ILE K 283 -58.37 10.15 7.38
N SER K 284 -58.81 10.26 8.64
CA SER K 284 -59.27 11.53 9.15
C SER K 284 -58.13 12.54 9.20
N SER K 285 -58.49 13.81 9.21
CA SER K 285 -57.47 14.82 9.35
C SER K 285 -57.21 15.10 10.82
N PRO K 286 -55.99 15.50 11.18
CA PRO K 286 -55.70 15.78 12.59
C PRO K 286 -56.63 16.84 13.15
N ASP K 287 -56.78 16.82 14.47
CA ASP K 287 -57.80 17.68 15.09
C ASP K 287 -57.38 19.14 15.07
N SER K 288 -56.07 19.40 15.06
CA SER K 288 -55.58 20.77 15.10
C SER K 288 -54.68 21.02 13.90
N ASP K 289 -54.62 22.28 13.50
CA ASP K 289 -53.56 22.76 12.62
C ASP K 289 -52.56 23.61 13.38
N ASP K 290 -52.94 24.11 14.55
CA ASP K 290 -52.13 24.99 15.38
C ASP K 290 -51.89 24.27 16.71
N TRP K 291 -50.71 23.68 16.85
CA TRP K 291 -50.29 23.08 18.09
C TRP K 291 -49.52 24.10 18.91
N GLU K 292 -50.18 24.65 19.94
CA GLU K 292 -49.82 25.97 20.45
C GLU K 292 -48.33 26.13 20.75
N SER K 293 -47.67 25.08 21.23
CA SER K 293 -46.27 25.20 21.60
C SER K 293 -45.61 23.83 21.52
N GLY K 294 -44.32 23.78 21.86
CA GLY K 294 -43.62 22.51 21.90
C GLY K 294 -44.07 21.60 23.02
N LEU K 295 -44.37 22.17 24.19
CA LEU K 295 -44.91 21.40 25.29
C LEU K 295 -46.25 20.75 24.94
N ASN K 296 -47.18 21.53 24.42
CA ASN K 296 -48.50 21.02 24.05
C ASN K 296 -48.43 19.97 22.96
N ALA K 297 -47.57 20.14 21.96
CA ALA K 297 -47.36 19.11 20.96
C ALA K 297 -46.77 17.84 21.53
N MET K 298 -45.80 17.93 22.44
CA MET K 298 -45.29 16.72 23.08
C MET K 298 -46.36 16.00 23.90
N GLU K 299 -47.24 16.75 24.58
CA GLU K 299 -48.30 16.11 25.35
C GLU K 299 -49.32 15.44 24.45
N SER K 300 -49.63 16.07 23.31
CA SER K 300 -50.55 15.45 22.36
C SER K 300 -49.96 14.18 21.77
N ALA K 301 -48.66 14.19 21.45
CA ALA K 301 -48.02 12.96 20.99
C ALA K 301 -48.08 11.88 22.04
N LEU K 302 -47.94 12.26 23.31
CA LEU K 302 -48.01 11.26 24.39
C LEU K 302 -49.39 10.62 24.47
N HIS K 303 -50.45 11.42 24.42
CA HIS K 303 -51.79 10.83 24.43
C HIS K 303 -52.04 9.96 23.21
N LEU K 304 -51.53 10.36 22.04
CA LEU K 304 -51.72 9.54 20.85
C LEU K 304 -51.02 8.20 20.98
N GLU K 305 -49.80 8.18 21.48
CA GLU K 305 -49.09 6.92 21.68
C GLU K 305 -49.82 6.03 22.68
N LYS K 306 -50.40 6.62 23.72
CA LYS K 306 -51.15 5.81 24.68
C LYS K 306 -52.40 5.20 24.06
N ALA K 307 -53.10 5.94 23.20
CA ALA K 307 -54.27 5.38 22.53
C ALA K 307 -53.88 4.22 21.61
N VAL K 308 -52.80 4.38 20.86
CA VAL K 308 -52.32 3.29 20.01
C VAL K 308 -51.99 2.06 20.84
N ASN K 309 -51.33 2.24 21.98
CA ASN K 309 -50.99 1.11 22.82
C ASN K 309 -52.23 0.42 23.37
N ALA K 310 -53.25 1.17 23.74
CA ALA K 310 -54.50 0.55 24.19
C ALA K 310 -55.11 -0.32 23.09
N SER K 311 -55.12 0.16 21.85
CA SER K 311 -55.65 -0.68 20.77
C SER K 311 -54.84 -1.96 20.60
N LEU K 312 -53.51 -1.87 20.70
CA LEU K 312 -52.70 -3.07 20.62
C LEU K 312 -53.04 -4.06 21.72
N LEU K 313 -53.26 -3.58 22.94
CA LEU K 313 -53.62 -4.49 24.02
C LEU K 313 -54.97 -5.16 23.79
N ARG K 314 -55.94 -4.42 23.24
CA ARG K 314 -57.23 -5.04 22.95
C ARG K 314 -57.09 -6.13 21.88
N LEU K 315 -56.31 -5.86 20.84
CA LEU K 315 -56.11 -6.87 19.81
C LEU K 315 -55.36 -8.08 20.35
N HIS K 316 -54.44 -7.88 21.29
CA HIS K 316 -53.73 -9.02 21.86
C HIS K 316 -54.67 -9.88 22.70
N LYS K 317 -55.55 -9.26 23.48
CA LYS K 317 -56.50 -10.05 24.23
C LYS K 317 -57.44 -10.82 23.31
N LEU K 318 -57.85 -10.20 22.20
CA LEU K 318 -58.66 -10.90 21.22
C LEU K 318 -57.93 -12.11 20.64
N ALA K 319 -56.67 -11.94 20.24
CA ALA K 319 -55.92 -13.06 19.69
C ALA K 319 -55.66 -14.13 20.74
N THR K 320 -55.69 -13.77 22.01
CA THR K 320 -55.52 -14.77 23.06
C THR K 320 -56.80 -15.57 23.28
N ASP K 321 -57.95 -14.92 23.17
CA ASP K 321 -59.20 -15.65 23.35
C ASP K 321 -59.39 -16.70 22.27
N CYS K 322 -59.02 -16.39 21.03
CA CYS K 322 -59.27 -17.29 19.91
C CYS K 322 -58.10 -18.23 19.62
N ASN K 323 -57.21 -18.46 20.58
CA ASN K 323 -56.16 -19.47 20.46
C ASN K 323 -55.33 -19.28 19.19
N ASP K 324 -54.59 -18.18 19.13
CA ASP K 324 -53.83 -17.81 17.94
C ASP K 324 -52.40 -17.48 18.34
N PRO K 325 -51.56 -18.47 18.66
CA PRO K 325 -50.22 -18.17 19.19
C PRO K 325 -49.36 -17.28 18.31
N HIS K 326 -49.42 -17.41 16.99
CA HIS K 326 -48.54 -16.64 16.13
C HIS K 326 -48.90 -15.16 16.13
N LEU K 327 -50.19 -14.84 16.19
CA LEU K 327 -50.60 -13.44 16.25
C LEU K 327 -50.14 -12.79 17.55
N CYS K 328 -50.31 -13.49 18.68
CA CYS K 328 -49.84 -12.97 19.95
C CYS K 328 -48.35 -12.76 19.96
N ASP K 329 -47.59 -13.75 19.47
CA ASP K 329 -46.13 -13.60 19.40
C ASP K 329 -45.73 -12.43 18.53
N PHE K 330 -46.40 -12.25 17.38
CA PHE K 330 -46.11 -11.12 16.51
C PHE K 330 -46.36 -9.79 17.21
N ILE K 331 -47.50 -9.67 17.88
CA ILE K 331 -47.85 -8.41 18.53
C ILE K 331 -46.86 -8.07 19.63
N GLU K 332 -46.54 -9.04 20.49
CA GLU K 332 -45.63 -8.68 21.56
C GLU K 332 -44.17 -8.63 21.13
N THR K 333 -43.81 -9.19 19.98
CA THR K 333 -42.43 -9.07 19.53
C THR K 333 -42.17 -7.75 18.83
N HIS K 334 -43.11 -7.27 18.03
CA HIS K 334 -42.80 -6.09 17.22
C HIS K 334 -43.45 -4.82 17.72
N TYR K 335 -44.41 -4.90 18.63
CA TYR K 335 -45.25 -3.75 18.91
C TYR K 335 -45.33 -3.36 20.37
N LEU K 336 -45.19 -4.31 21.30
CA LEU K 336 -45.42 -3.95 22.70
C LEU K 336 -44.20 -3.37 23.38
N ASN K 337 -42.99 -3.61 22.87
CA ASN K 337 -41.83 -3.02 23.52
C ASN K 337 -41.47 -1.67 22.93
N GLU K 338 -41.92 -1.37 21.72
CA GLU K 338 -41.70 -0.05 21.16
C GLU K 338 -42.62 0.99 21.77
N GLN K 339 -43.86 0.61 22.07
CA GLN K 339 -44.78 1.55 22.69
C GLN K 339 -44.33 1.94 24.08
N VAL K 340 -43.79 0.98 24.85
CA VAL K 340 -43.31 1.27 26.19
C VAL K 340 -42.16 2.27 26.15
N LYS K 341 -41.23 2.09 25.22
CA LYS K 341 -40.11 3.00 25.08
C LYS K 341 -40.54 4.37 24.58
N ALA K 342 -41.48 4.43 23.63
CA ALA K 342 -42.02 5.70 23.18
C ALA K 342 -42.69 6.46 24.31
N ILE K 343 -43.51 5.81 25.13
CA ILE K 343 -44.19 6.48 26.22
C ILE K 343 -43.20 6.97 27.26
N LYS K 344 -42.19 6.15 27.58
CA LYS K 344 -41.18 6.59 28.54
C LYS K 344 -40.44 7.82 28.04
N GLU K 345 -40.03 7.81 26.77
CA GLU K 345 -39.28 8.93 26.22
C GLU K 345 -40.11 10.19 26.14
N LEU K 346 -41.36 10.10 25.72
CA LEU K 346 -42.18 11.29 25.60
C LEU K 346 -42.56 11.87 26.97
N GLY K 347 -42.74 11.03 27.98
CA GLY K 347 -42.92 11.56 29.33
C GLY K 347 -41.67 12.22 29.88
N ASP K 348 -40.50 11.69 29.54
CA ASP K 348 -39.26 12.37 29.89
C ASP K 348 -39.19 13.75 29.28
N HIS K 349 -39.47 13.86 27.97
CA HIS K 349 -39.48 15.17 27.31
C HIS K 349 -40.44 16.13 27.98
N VAL K 350 -41.63 15.66 28.34
CA VAL K 350 -42.61 16.56 28.94
C VAL K 350 -42.15 17.05 30.31
N THR K 351 -41.59 16.17 31.16
CA THR K 351 -41.14 16.69 32.44
C THR K 351 -39.92 17.59 32.33
N ASN K 352 -39.00 17.31 31.41
CA ASN K 352 -37.89 18.22 31.20
C ASN K 352 -38.38 19.59 30.78
N LEU K 353 -39.26 19.66 29.78
CA LEU K 353 -39.78 20.94 29.33
C LEU K 353 -40.53 21.66 30.44
N ARG K 354 -41.30 20.95 31.24
CA ARG K 354 -42.04 21.62 32.30
C ARG K 354 -41.13 22.15 33.39
N LYS K 355 -40.06 21.44 33.71
CA LYS K 355 -39.14 21.92 34.74
C LYS K 355 -38.33 23.11 34.26
N MET K 356 -37.82 23.06 33.02
CA MET K 356 -37.08 24.20 32.48
C MET K 356 -37.88 25.49 32.48
N GLY K 357 -39.21 25.42 32.50
CA GLY K 357 -40.04 26.61 32.61
C GLY K 357 -40.95 26.88 31.43
N ALA K 358 -41.04 25.98 30.46
CA ALA K 358 -41.93 26.20 29.33
C ALA K 358 -43.38 26.07 29.77
N PRO K 359 -44.34 26.60 28.99
CA PRO K 359 -44.27 27.32 27.72
C PRO K 359 -44.12 28.81 27.91
N GLU K 360 -44.32 29.28 29.14
CA GLU K 360 -44.23 30.69 29.45
C GLU K 360 -42.80 31.22 29.42
N SER K 361 -41.85 30.42 28.95
CA SER K 361 -40.46 30.83 28.85
C SER K 361 -39.92 30.49 27.48
N GLY K 362 -39.68 31.52 26.67
CA GLY K 362 -38.67 31.41 25.66
C GLY K 362 -37.30 31.33 26.31
N LEU K 363 -36.36 30.69 25.60
CA LEU K 363 -35.07 30.25 26.11
C LEU K 363 -35.21 28.94 26.88
N ALA K 364 -36.43 28.44 27.02
CA ALA K 364 -36.60 27.07 27.51
C ALA K 364 -36.77 26.12 26.34
N GLU K 365 -37.67 26.47 25.42
CA GLU K 365 -37.83 25.64 24.24
C GLU K 365 -36.69 25.84 23.25
N TYR K 366 -36.09 27.03 23.21
CA TYR K 366 -34.90 27.22 22.39
C TYR K 366 -33.78 26.29 22.83
N LEU K 367 -33.50 26.25 24.13
CA LEU K 367 -32.38 25.44 24.61
C LEU K 367 -32.72 23.96 24.64
N PHE K 368 -33.98 23.60 24.88
CA PHE K 368 -34.39 22.21 24.70
C PHE K 368 -34.16 21.76 23.26
N ASP K 369 -34.64 22.55 22.31
CA ASP K 369 -34.45 22.26 20.89
C ASP K 369 -32.98 22.13 20.53
N LYS K 370 -32.13 22.94 21.15
CA LYS K 370 -30.70 22.88 20.84
C LYS K 370 -30.02 21.67 21.46
N HIS K 371 -30.29 21.37 22.72
CA HIS K 371 -29.49 20.44 23.49
C HIS K 371 -30.04 19.02 23.51
N THR K 372 -31.35 18.85 23.51
CA THR K 372 -31.93 17.52 23.65
C THR K 372 -32.33 16.94 22.31
N LEU K 373 -32.89 17.77 21.44
CA LEU K 373 -33.39 17.29 20.15
C LEU K 373 -32.37 17.40 19.04
N GLY K 374 -31.22 18.01 19.30
CA GLY K 374 -30.20 18.15 18.28
C GLY K 374 -28.79 18.06 18.80
N SER L 2 -92.80 -49.96 14.36
CA SER L 2 -91.65 -50.61 14.98
C SER L 2 -90.81 -51.38 13.95
N LYS L 3 -91.49 -52.16 13.11
CA LYS L 3 -90.79 -53.02 12.18
C LYS L 3 -90.33 -52.27 10.94
N GLY L 4 -91.18 -51.37 10.41
CA GLY L 4 -90.87 -50.73 9.15
C GLY L 4 -89.57 -49.94 9.15
N GLU L 5 -89.15 -49.46 10.33
CA GLU L 5 -87.93 -48.68 10.43
C GLU L 5 -86.69 -49.55 10.64
N GLU L 6 -86.86 -50.80 11.08
CA GLU L 6 -85.72 -51.64 11.40
C GLU L 6 -84.98 -52.11 10.15
N LEU L 7 -85.71 -52.32 9.05
CA LEU L 7 -85.18 -53.00 7.87
C LEU L 7 -84.01 -52.27 7.21
N PHE L 8 -83.60 -51.12 7.71
CA PHE L 8 -82.49 -50.36 7.15
C PHE L 8 -81.36 -50.13 8.15
N THR L 9 -81.13 -51.09 9.04
CA THR L 9 -80.14 -50.92 10.09
C THR L 9 -78.71 -50.80 9.55
N GLY L 10 -78.45 -51.35 8.38
CA GLY L 10 -77.09 -51.34 7.85
C GLY L 10 -77.03 -51.10 6.36
N VAL L 11 -75.96 -51.59 5.73
CA VAL L 11 -75.79 -51.47 4.29
C VAL L 11 -76.85 -52.33 3.61
N VAL L 12 -77.21 -51.96 2.38
CA VAL L 12 -78.16 -52.71 1.58
C VAL L 12 -77.63 -52.79 0.15
N PRO L 13 -77.35 -53.97 -0.38
CA PRO L 13 -77.02 -54.10 -1.80
C PRO L 13 -78.27 -53.90 -2.65
N ILE L 14 -78.05 -53.37 -3.85
CA ILE L 14 -79.15 -52.96 -4.73
C ILE L 14 -78.96 -53.62 -6.10
N LEU L 15 -80.07 -53.92 -6.76
CA LEU L 15 -80.10 -54.45 -8.11
C LEU L 15 -81.27 -53.79 -8.83
N VAL L 16 -80.97 -52.90 -9.78
CA VAL L 16 -82.02 -52.08 -10.39
C VAL L 16 -82.14 -52.44 -11.85
N GLU L 17 -83.31 -52.92 -12.25
CA GLU L 17 -83.58 -53.28 -13.64
C GLU L 17 -84.67 -52.36 -14.17
N LEU L 18 -84.43 -51.81 -15.36
CA LEU L 18 -85.36 -50.90 -16.01
C LEU L 18 -85.49 -51.29 -17.47
N ASP L 19 -86.72 -51.54 -17.90
CA ASP L 19 -86.99 -51.91 -19.29
C ASP L 19 -87.92 -50.86 -19.91
N GLY L 20 -87.41 -50.18 -20.92
CA GLY L 20 -88.11 -49.03 -21.48
C GLY L 20 -88.29 -49.12 -22.98
N ASP L 21 -89.39 -48.54 -23.45
CA ASP L 21 -89.68 -48.39 -24.88
C ASP L 21 -89.91 -46.92 -25.17
N VAL L 22 -89.04 -46.33 -25.99
CA VAL L 22 -89.11 -44.92 -26.37
C VAL L 22 -88.96 -44.81 -27.88
N ASN L 23 -90.09 -44.64 -28.57
CA ASN L 23 -90.11 -44.35 -30.01
C ASN L 23 -89.31 -45.38 -30.81
N GLY L 24 -89.67 -46.65 -30.65
CA GLY L 24 -89.00 -47.73 -31.33
C GLY L 24 -87.70 -48.15 -30.68
N HIS L 25 -87.25 -47.42 -29.66
CA HIS L 25 -86.02 -47.75 -28.97
C HIS L 25 -86.33 -48.58 -27.73
N LYS L 26 -86.02 -49.87 -27.79
CA LYS L 26 -86.10 -50.73 -26.61
C LYS L 26 -84.77 -50.71 -25.87
N PHE L 27 -84.84 -50.70 -24.54
CA PHE L 27 -83.61 -50.71 -23.76
C PHE L 27 -83.84 -51.39 -22.43
N SER L 28 -82.80 -52.09 -21.99
CA SER L 28 -82.71 -52.64 -20.64
C SER L 28 -81.53 -51.99 -19.94
N VAL L 29 -81.71 -51.67 -18.66
CA VAL L 29 -80.68 -51.03 -17.86
C VAL L 29 -80.56 -51.82 -16.56
N ARG L 30 -79.33 -52.17 -16.21
CA ARG L 30 -79.02 -52.78 -14.92
C ARG L 30 -78.06 -51.88 -14.15
N GLY L 31 -78.40 -51.66 -12.89
CA GLY L 31 -77.57 -50.86 -12.00
C GLY L 31 -77.23 -51.60 -10.73
N GLU L 32 -75.96 -51.50 -10.33
CA GLU L 32 -75.40 -52.23 -9.21
C GLU L 32 -74.72 -51.26 -8.25
N GLY L 33 -74.99 -51.45 -6.96
CA GLY L 33 -74.38 -50.61 -5.95
C GLY L 33 -74.94 -50.93 -4.58
N GLU L 34 -74.73 -49.99 -3.65
CA GLU L 34 -75.19 -50.18 -2.28
C GLU L 34 -75.68 -48.86 -1.68
N GLY L 35 -76.49 -48.99 -0.63
CA GLY L 35 -77.04 -47.83 0.04
C GLY L 35 -77.18 -47.95 1.55
N ASP L 36 -77.24 -46.82 2.23
CA ASP L 36 -77.48 -46.77 3.67
C ASP L 36 -78.48 -45.65 3.93
N ALA L 37 -79.51 -45.97 4.71
CA ALA L 37 -80.52 -44.99 5.10
C ALA L 37 -80.08 -44.13 6.28
N THR L 38 -79.19 -44.65 7.13
CA THR L 38 -78.76 -43.90 8.31
C THR L 38 -78.16 -42.55 7.94
N ASN L 39 -77.47 -42.47 6.80
CA ASN L 39 -76.89 -41.23 6.33
C ASN L 39 -77.49 -40.77 5.01
N GLY L 40 -78.56 -41.41 4.55
CA GLY L 40 -79.17 -41.05 3.28
C GLY L 40 -78.23 -41.13 2.11
N LYS L 41 -77.32 -42.10 2.12
CA LYS L 41 -76.26 -42.18 1.13
C LYS L 41 -76.52 -43.34 0.19
N LEU L 42 -76.35 -43.12 -1.11
CA LEU L 42 -76.51 -44.15 -2.13
C LEU L 42 -75.34 -44.06 -3.08
N THR L 43 -74.84 -45.22 -3.53
CA THR L 43 -73.65 -45.25 -4.38
C THR L 43 -73.83 -46.38 -5.40
N LEU L 44 -74.03 -46.01 -6.67
CA LEU L 44 -74.44 -46.97 -7.70
C LEU L 44 -73.62 -46.78 -8.97
N LYS L 45 -73.75 -47.76 -9.86
CA LYS L 45 -73.13 -47.75 -11.17
C LYS L 45 -74.07 -48.45 -12.14
N PHE L 46 -74.52 -47.73 -13.16
CA PHE L 46 -75.49 -48.21 -14.13
C PHE L 46 -74.79 -48.52 -15.45
N ILE L 47 -75.24 -49.58 -16.12
CA ILE L 47 -74.67 -50.00 -17.40
C ILE L 47 -75.78 -50.54 -18.28
N CYS L 48 -75.72 -50.23 -19.57
CA CYS L 48 -76.73 -50.69 -20.52
C CYS L 48 -76.12 -51.77 -21.42
N THR L 49 -76.64 -52.99 -21.29
CA THR L 49 -76.21 -54.10 -22.13
C THR L 49 -76.91 -54.10 -23.50
N THR L 50 -77.51 -52.97 -23.89
CA THR L 50 -78.25 -52.84 -25.14
C THR L 50 -77.57 -51.85 -26.07
N GLY L 51 -76.24 -51.83 -26.09
CA GLY L 51 -75.51 -50.98 -27.01
C GLY L 51 -75.69 -49.49 -26.73
N LYS L 52 -75.36 -48.69 -27.75
CA LYS L 52 -75.46 -47.24 -27.62
C LYS L 52 -76.92 -46.83 -27.48
N LEU L 53 -77.19 -45.88 -26.60
CA LEU L 53 -78.56 -45.48 -26.35
C LEU L 53 -78.81 -44.08 -26.91
N PRO L 54 -79.99 -43.79 -27.46
CA PRO L 54 -80.21 -42.47 -28.08
C PRO L 54 -80.42 -41.33 -27.08
N VAL L 55 -80.97 -41.59 -25.90
CA VAL L 55 -81.26 -40.56 -24.92
C VAL L 55 -80.02 -40.35 -24.06
N PRO L 56 -79.69 -39.11 -23.70
CA PRO L 56 -78.47 -38.89 -22.89
C PRO L 56 -78.61 -39.53 -21.53
N TRP L 57 -77.45 -39.84 -20.94
CA TRP L 57 -77.43 -40.37 -19.58
C TRP L 57 -78.13 -39.46 -18.55
N PRO L 58 -77.93 -38.13 -18.57
CA PRO L 58 -78.63 -37.29 -17.59
C PRO L 58 -80.13 -37.51 -17.53
N THR L 59 -80.76 -37.93 -18.63
CA THR L 59 -82.18 -38.22 -18.61
C THR L 59 -82.50 -39.41 -17.70
N LEU L 60 -81.74 -40.49 -17.84
CA LEU L 60 -81.98 -41.72 -17.10
C LEU L 60 -81.71 -41.59 -15.61
N VAL L 61 -81.09 -40.48 -15.18
CA VAL L 61 -80.68 -40.35 -13.79
C VAL L 61 -81.90 -40.18 -12.88
N THR L 62 -82.80 -39.27 -13.25
CA THR L 62 -83.98 -39.02 -12.42
C THR L 62 -84.87 -40.24 -12.29
N THR L 63 -84.87 -41.08 -13.31
CA THR L 63 -85.77 -42.24 -13.34
C THR L 63 -85.01 -43.51 -13.08
N LEU L 64 -84.35 -43.60 -11.93
CA LEU L 64 -83.66 -44.86 -11.54
C LEU L 64 -83.56 -44.88 -10.01
N VAL L 66 -85.12 -44.68 -5.20
CA VAL L 66 -85.12 -45.52 -4.03
C VAL L 66 -85.15 -44.63 -2.80
N GLN L 67 -86.13 -43.74 -2.77
CA GLN L 67 -86.19 -42.75 -1.66
C GLN L 67 -86.26 -43.50 -0.33
N CYS L 68 -86.52 -44.80 -0.41
CA CYS L 68 -86.51 -45.60 0.84
C CYS L 68 -85.12 -45.49 1.47
N PHE L 69 -84.19 -44.76 0.85
CA PHE L 69 -82.87 -44.73 1.48
C PHE L 69 -82.53 -43.36 2.04
N SER L 70 -83.47 -42.42 2.02
CA SER L 70 -83.18 -41.05 2.41
C SER L 70 -82.97 -40.94 3.91
N ARG L 71 -82.09 -40.03 4.32
CA ARG L 71 -81.76 -39.85 5.73
C ARG L 71 -82.93 -39.19 6.44
N TYR L 72 -83.46 -39.87 7.45
CA TYR L 72 -84.63 -39.40 8.17
C TYR L 72 -84.28 -39.17 9.63
N PRO L 73 -84.53 -37.98 10.17
CA PRO L 73 -84.14 -37.69 11.56
C PRO L 73 -85.10 -38.30 12.56
N ASP L 74 -84.73 -38.23 13.84
CA ASP L 74 -85.57 -38.82 14.88
C ASP L 74 -86.82 -37.98 15.12
N HIS L 75 -86.80 -36.72 14.70
CA HIS L 75 -88.04 -35.97 14.87
C HIS L 75 -89.06 -36.28 13.77
N MET L 76 -88.65 -36.69 12.56
CA MET L 76 -89.59 -37.20 11.57
C MET L 76 -89.68 -38.71 11.57
N LYS L 77 -89.55 -39.35 12.73
CA LYS L 77 -89.82 -40.78 12.83
C LYS L 77 -91.29 -41.10 12.59
N ARG L 78 -92.17 -40.10 12.68
CA ARG L 78 -93.60 -40.31 12.50
C ARG L 78 -94.09 -39.90 11.12
N HIS L 79 -93.20 -39.41 10.25
CA HIS L 79 -93.59 -38.95 8.91
C HIS L 79 -92.74 -39.64 7.84
N ASP L 80 -92.41 -40.90 8.06
CA ASP L 80 -91.63 -41.69 7.10
C ASP L 80 -92.56 -42.73 6.50
N PHE L 81 -93.24 -42.35 5.41
CA PHE L 81 -94.18 -43.25 4.76
C PHE L 81 -93.48 -44.46 4.14
N PHE L 82 -92.30 -44.24 3.55
CA PHE L 82 -91.61 -45.33 2.85
C PHE L 82 -91.11 -46.38 3.84
N LYS L 83 -90.94 -46.00 5.11
CA LYS L 83 -90.35 -46.92 6.08
C LYS L 83 -91.34 -47.94 6.60
N SER L 84 -92.49 -47.48 7.14
CA SER L 84 -93.43 -48.37 7.82
C SER L 84 -93.80 -49.60 6.98
N ALA L 85 -93.59 -49.55 5.67
CA ALA L 85 -93.97 -50.64 4.78
C ALA L 85 -92.82 -51.57 4.44
N MET L 86 -91.94 -51.88 5.38
CA MET L 86 -90.86 -52.82 5.07
C MET L 86 -90.93 -54.02 6.01
N PRO L 87 -90.84 -55.25 5.46
CA PRO L 87 -90.60 -55.59 4.06
C PRO L 87 -91.87 -55.63 3.21
N GLU L 88 -92.94 -55.00 3.71
CA GLU L 88 -94.17 -54.87 2.96
C GLU L 88 -93.92 -54.37 1.54
N GLY L 89 -93.04 -53.38 1.39
CA GLY L 89 -92.75 -52.81 0.09
C GLY L 89 -93.86 -51.91 -0.38
N TYR L 90 -93.73 -51.47 -1.64
CA TYR L 90 -94.73 -50.59 -2.23
C TYR L 90 -94.49 -50.48 -3.72
N VAL L 91 -95.40 -49.78 -4.39
CA VAL L 91 -95.30 -49.51 -5.82
C VAL L 91 -95.48 -48.01 -6.03
N GLN L 92 -94.95 -47.51 -7.14
CA GLN L 92 -95.10 -46.12 -7.52
C GLN L 92 -95.26 -45.97 -9.03
N GLU L 93 -96.23 -45.15 -9.41
CA GLU L 93 -96.46 -44.79 -10.80
C GLU L 93 -96.04 -43.35 -11.03
N ARG L 94 -95.06 -43.14 -11.91
CA ARG L 94 -94.46 -41.84 -12.14
C ARG L 94 -94.73 -41.39 -13.56
N THR L 95 -95.02 -40.10 -13.71
CA THR L 95 -95.08 -39.45 -15.01
C THR L 95 -94.09 -38.30 -15.01
N ILE L 96 -93.20 -38.28 -15.99
CA ILE L 96 -92.25 -37.17 -16.14
C ILE L 96 -92.60 -36.47 -17.44
N SER L 97 -92.67 -35.14 -17.37
CA SER L 97 -93.14 -34.30 -18.47
C SER L 97 -92.04 -33.31 -18.82
N PHE L 98 -91.46 -33.47 -20.00
CA PHE L 98 -90.49 -32.52 -20.53
C PHE L 98 -91.23 -31.32 -21.10
N LYS L 99 -90.68 -30.13 -20.90
CA LYS L 99 -91.16 -28.98 -21.65
C LYS L 99 -90.42 -28.91 -22.97
N ASP L 100 -91.16 -28.56 -24.03
CA ASP L 100 -90.63 -28.48 -25.40
C ASP L 100 -90.28 -29.87 -25.95
N ASP L 101 -90.89 -30.91 -25.39
CA ASP L 101 -90.85 -32.27 -25.92
C ASP L 101 -91.86 -33.13 -25.17
N GLY L 102 -91.89 -34.43 -25.48
CA GLY L 102 -92.92 -35.35 -25.01
C GLY L 102 -92.81 -35.78 -23.56
N THR L 103 -93.19 -37.03 -23.27
CA THR L 103 -93.34 -37.46 -21.88
C THR L 103 -92.92 -38.91 -21.69
N TYR L 104 -92.84 -39.30 -20.41
CA TYR L 104 -92.54 -40.66 -19.99
C TYR L 104 -93.57 -41.11 -18.94
N LYS L 105 -94.08 -42.33 -19.12
CA LYS L 105 -94.93 -43.01 -18.16
C LYS L 105 -94.18 -44.22 -17.63
N THR L 106 -93.98 -44.30 -16.32
CA THR L 106 -93.06 -45.27 -15.77
C THR L 106 -93.60 -45.89 -14.49
N ARG L 107 -93.80 -47.20 -14.52
CA ARG L 107 -94.25 -47.98 -13.38
C ARG L 107 -93.05 -48.59 -12.67
N ALA L 108 -93.09 -48.63 -11.34
CA ALA L 108 -91.98 -49.21 -10.59
C ALA L 108 -92.50 -49.93 -9.36
N GLU L 109 -91.94 -51.10 -9.09
CA GLU L 109 -92.29 -51.87 -7.90
C GLU L 109 -91.05 -52.05 -7.04
N VAL L 110 -91.08 -51.55 -5.81
CA VAL L 110 -89.93 -51.55 -4.92
C VAL L 110 -90.24 -52.40 -3.70
N LYS L 111 -89.26 -53.23 -3.31
CA LYS L 111 -89.42 -54.17 -2.20
C LYS L 111 -88.05 -54.65 -1.76
N PHE L 112 -88.07 -55.51 -0.73
CA PHE L 112 -86.91 -56.33 -0.39
C PHE L 112 -87.10 -57.73 -0.95
N GLU L 113 -86.02 -58.30 -1.49
CA GLU L 113 -85.98 -59.67 -1.97
C GLU L 113 -84.87 -60.35 -1.16
N GLY L 114 -85.27 -61.18 -0.20
CA GLY L 114 -84.32 -61.64 0.78
C GLY L 114 -83.88 -60.47 1.64
N ASP L 115 -82.65 -60.00 1.42
CA ASP L 115 -82.19 -58.74 1.98
C ASP L 115 -81.59 -57.83 0.91
N THR L 116 -81.71 -58.21 -0.37
CA THR L 116 -81.25 -57.40 -1.48
C THR L 116 -82.40 -56.52 -1.96
N LEU L 117 -82.13 -55.24 -2.18
CA LEU L 117 -83.18 -54.37 -2.71
C LEU L 117 -83.17 -54.45 -4.23
N VAL L 118 -84.15 -55.13 -4.80
CA VAL L 118 -84.29 -55.25 -6.25
C VAL L 118 -85.43 -54.36 -6.69
N ASN L 119 -85.20 -53.62 -7.76
CA ASN L 119 -86.14 -52.59 -8.21
C ASN L 119 -86.47 -52.83 -9.68
N ARG L 120 -87.68 -53.29 -9.94
CA ARG L 120 -88.15 -53.58 -11.29
C ARG L 120 -88.99 -52.40 -11.79
N ILE L 121 -88.57 -51.82 -12.91
CA ILE L 121 -89.21 -50.63 -13.45
C ILE L 121 -89.48 -50.85 -14.94
N GLU L 122 -90.65 -50.44 -15.39
CA GLU L 122 -91.07 -50.52 -16.79
C GLU L 122 -91.43 -49.12 -17.27
N LEU L 123 -90.95 -48.77 -18.45
CA LEU L 123 -90.99 -47.39 -18.93
C LEU L 123 -91.54 -47.33 -20.34
N LYS L 124 -92.38 -46.33 -20.59
CA LYS L 124 -92.93 -46.04 -21.91
C LYS L 124 -92.77 -44.55 -22.16
N GLY L 125 -91.84 -44.17 -23.03
CA GLY L 125 -91.63 -42.77 -23.32
C GLY L 125 -91.94 -42.41 -24.75
N ILE L 126 -92.85 -41.46 -24.98
CA ILE L 126 -93.30 -41.18 -26.34
C ILE L 126 -93.47 -39.66 -26.50
N ASP L 127 -93.89 -39.28 -27.72
CA ASP L 127 -94.33 -37.93 -28.07
C ASP L 127 -93.17 -36.96 -28.26
N PHE L 128 -92.01 -37.46 -28.70
CA PHE L 128 -90.82 -36.64 -28.86
C PHE L 128 -90.52 -36.38 -30.33
N LYS L 129 -89.82 -35.28 -30.59
CA LYS L 129 -89.20 -35.08 -31.89
C LYS L 129 -87.78 -35.64 -31.86
N GLU L 130 -87.47 -36.51 -32.82
CA GLU L 130 -86.25 -37.29 -32.75
C GLU L 130 -85.04 -36.60 -33.33
N ASP L 131 -85.18 -35.36 -33.78
CA ASP L 131 -84.03 -34.51 -34.10
C ASP L 131 -83.95 -33.30 -33.18
N GLY L 132 -84.35 -33.48 -31.92
CA GLY L 132 -84.38 -32.39 -30.97
C GLY L 132 -83.11 -32.28 -30.14
N ASN L 133 -83.23 -31.58 -29.01
CA ASN L 133 -82.10 -31.34 -28.12
C ASN L 133 -82.18 -32.15 -26.84
N ILE L 134 -83.35 -32.20 -26.20
CA ILE L 134 -83.51 -32.96 -24.96
C ILE L 134 -83.06 -34.40 -25.15
N LEU L 135 -83.38 -34.98 -26.30
CA LEU L 135 -82.96 -36.35 -26.59
C LEU L 135 -81.78 -36.42 -27.55
N GLY L 136 -81.61 -35.42 -28.41
CA GLY L 136 -80.61 -35.48 -29.46
C GLY L 136 -79.20 -35.17 -29.03
N HIS L 137 -78.92 -35.34 -27.72
CA HIS L 137 -77.58 -35.15 -27.16
C HIS L 137 -77.06 -33.74 -27.43
N LYS L 138 -77.81 -32.76 -26.92
CA LYS L 138 -77.37 -31.38 -26.88
C LYS L 138 -77.21 -30.87 -25.46
N LEU L 139 -77.79 -31.56 -24.48
CA LEU L 139 -77.79 -31.13 -23.10
C LEU L 139 -76.47 -31.50 -22.43
N GLU L 140 -76.17 -30.81 -21.33
CA GLU L 140 -74.85 -30.91 -20.71
C GLU L 140 -74.80 -32.05 -19.69
N TYR L 141 -73.66 -32.74 -19.67
CA TYR L 141 -73.41 -33.84 -18.74
C TYR L 141 -73.05 -33.26 -17.38
N ASN L 142 -74.08 -33.00 -16.58
CA ASN L 142 -73.93 -32.43 -15.25
C ASN L 142 -75.15 -32.81 -14.42
N PHE L 143 -75.29 -32.13 -13.29
CA PHE L 143 -76.46 -32.28 -12.43
C PHE L 143 -76.49 -31.12 -11.44
N ASN L 144 -77.60 -30.98 -10.73
CA ASN L 144 -77.78 -29.90 -9.77
C ASN L 144 -78.58 -30.40 -8.57
N SER L 145 -78.60 -29.60 -7.51
CA SER L 145 -79.29 -29.94 -6.27
C SER L 145 -80.79 -29.71 -6.45
N HIS L 146 -81.59 -30.66 -5.97
CA HIS L 146 -83.02 -30.59 -6.21
C HIS L 146 -83.80 -30.92 -4.94
N ASN L 147 -85.11 -30.74 -5.03
CA ASN L 147 -86.04 -30.98 -3.92
C ASN L 147 -87.26 -31.72 -4.43
N VAL L 148 -87.87 -32.50 -3.54
CA VAL L 148 -89.09 -33.26 -3.82
C VAL L 148 -90.11 -32.87 -2.78
N TYR L 149 -91.35 -32.63 -3.22
CA TYR L 149 -92.45 -32.38 -2.29
C TYR L 149 -93.29 -33.63 -2.16
N ILE L 150 -93.39 -34.16 -0.94
CA ILE L 150 -94.22 -35.31 -0.65
C ILE L 150 -95.45 -34.86 0.12
N THR L 151 -96.61 -35.34 -0.31
CA THR L 151 -97.91 -34.97 0.25
C THR L 151 -98.67 -36.23 0.60
N ALA L 152 -99.32 -36.20 1.77
CA ALA L 152 -100.18 -37.31 2.17
C ALA L 152 -101.33 -37.46 1.20
N ASP L 153 -101.79 -38.70 1.02
CA ASP L 153 -102.88 -39.00 0.09
C ASP L 153 -103.73 -40.09 0.73
N LYS L 154 -104.75 -39.69 1.49
CA LYS L 154 -105.60 -40.65 2.16
C LYS L 154 -106.46 -41.44 1.20
N GLN L 155 -106.69 -40.91 -0.01
CA GLN L 155 -107.46 -41.64 -1.02
C GLN L 155 -106.78 -42.94 -1.39
N LYS L 156 -105.45 -42.93 -1.53
CA LYS L 156 -104.68 -44.14 -1.72
C LYS L 156 -103.93 -44.54 -0.47
N ASN L 157 -104.31 -43.97 0.69
CA ASN L 157 -103.69 -44.17 2.01
C ASN L 157 -102.17 -44.24 1.90
N GLY L 158 -101.62 -43.50 0.94
CA GLY L 158 -100.20 -43.44 0.68
C GLY L 158 -99.79 -42.01 0.46
N ILE L 159 -99.01 -41.72 -0.58
CA ILE L 159 -98.57 -40.34 -0.82
C ILE L 159 -98.53 -40.04 -2.31
N LYS L 160 -98.46 -38.75 -2.61
CA LYS L 160 -98.09 -38.25 -3.93
C LYS L 160 -96.77 -37.51 -3.79
N ALA L 161 -95.95 -37.60 -4.83
CA ALA L 161 -94.67 -36.90 -4.85
C ALA L 161 -94.58 -36.07 -6.13
N ASN L 162 -94.39 -34.77 -5.96
CA ASN L 162 -94.28 -33.85 -7.09
C ASN L 162 -92.99 -33.07 -6.97
N PHE L 163 -92.34 -32.84 -8.11
CA PHE L 163 -91.11 -32.06 -8.10
C PHE L 163 -90.80 -31.61 -9.52
N LYS L 164 -89.81 -30.72 -9.62
CA LYS L 164 -89.43 -30.13 -10.89
C LYS L 164 -87.91 -30.16 -11.00
N ILE L 165 -87.42 -30.65 -12.13
CA ILE L 165 -85.98 -30.77 -12.37
C ILE L 165 -85.60 -29.82 -13.50
N ARG L 166 -84.44 -29.18 -13.36
CA ARG L 166 -83.92 -28.26 -14.37
C ARG L 166 -82.58 -28.81 -14.86
N HIS L 167 -82.55 -29.22 -16.12
CA HIS L 167 -81.33 -29.70 -16.75
C HIS L 167 -80.78 -28.63 -17.67
N ASN L 168 -79.60 -28.12 -17.35
CA ASN L 168 -78.99 -27.07 -18.15
C ASN L 168 -78.43 -27.67 -19.44
N VAL L 169 -78.56 -26.91 -20.52
CA VAL L 169 -78.07 -27.31 -21.83
C VAL L 169 -76.70 -26.66 -22.02
N GLU L 170 -75.92 -27.21 -22.95
CA GLU L 170 -74.55 -26.75 -23.16
C GLU L 170 -74.50 -25.29 -23.62
N ASP L 171 -75.65 -24.68 -23.87
CA ASP L 171 -75.72 -23.28 -24.29
C ASP L 171 -76.57 -22.44 -23.34
N GLY L 172 -76.46 -22.70 -22.04
CA GLY L 172 -77.10 -21.90 -21.03
C GLY L 172 -78.57 -22.18 -20.80
N SER L 173 -79.29 -22.61 -21.83
CA SER L 173 -80.71 -22.86 -21.68
C SER L 173 -80.94 -24.07 -20.77
N VAL L 174 -82.17 -24.15 -20.24
CA VAL L 174 -82.54 -25.17 -19.28
C VAL L 174 -83.81 -25.86 -19.74
N GLN L 175 -83.98 -27.11 -19.33
CA GLN L 175 -85.19 -27.88 -19.57
C GLN L 175 -85.80 -28.22 -18.22
N LEU L 176 -87.09 -27.88 -18.05
CA LEU L 176 -87.78 -28.09 -16.78
C LEU L 176 -88.76 -29.25 -16.92
N ALA L 177 -88.35 -30.41 -16.43
CA ALA L 177 -89.18 -31.61 -16.43
C ALA L 177 -89.95 -31.67 -15.12
N ASP L 178 -91.28 -31.73 -15.22
CA ASP L 178 -92.14 -31.84 -14.06
C ASP L 178 -92.49 -33.30 -13.82
N HIS L 179 -92.31 -33.76 -12.58
CA HIS L 179 -92.48 -35.15 -12.23
C HIS L 179 -93.59 -35.30 -11.20
N TYR L 180 -94.55 -36.18 -11.52
CA TYR L 180 -95.58 -36.64 -10.60
C TYR L 180 -95.34 -38.11 -10.31
N GLN L 181 -95.75 -38.57 -9.13
CA GLN L 181 -95.79 -40.02 -8.90
C GLN L 181 -96.71 -40.33 -7.73
N GLN L 182 -97.42 -41.45 -7.85
CA GLN L 182 -98.29 -41.98 -6.81
C GLN L 182 -97.57 -43.13 -6.13
N ASN L 183 -97.45 -43.07 -4.80
CA ASN L 183 -96.79 -44.08 -4.00
C ASN L 183 -97.83 -44.78 -3.13
N THR L 184 -97.96 -46.10 -3.29
CA THR L 184 -98.97 -46.88 -2.58
C THR L 184 -98.38 -48.19 -2.09
N PRO L 185 -98.67 -48.58 -0.85
CA PRO L 185 -98.11 -49.83 -0.32
C PRO L 185 -98.98 -51.02 -0.73
N ILE L 186 -98.33 -52.18 -0.84
CA ILE L 186 -99.01 -53.39 -1.27
C ILE L 186 -99.94 -53.94 -0.18
N GLY L 187 -99.57 -53.78 1.09
CA GLY L 187 -100.36 -54.35 2.16
C GLY L 187 -101.34 -53.37 2.76
N ASP L 188 -102.37 -53.93 3.39
CA ASP L 188 -103.41 -53.14 4.02
C ASP L 188 -103.05 -52.68 5.43
N GLY L 189 -101.83 -52.94 5.88
CA GLY L 189 -101.41 -52.60 7.21
C GLY L 189 -101.36 -51.10 7.47
N PRO L 190 -101.10 -50.72 8.72
CA PRO L 190 -101.00 -49.29 9.04
C PRO L 190 -99.65 -48.72 8.66
N VAL L 191 -99.68 -47.75 7.75
CA VAL L 191 -98.48 -47.07 7.28
C VAL L 191 -98.50 -45.65 7.83
N LEU L 192 -97.34 -45.21 8.31
CA LEU L 192 -97.20 -43.91 8.96
C LEU L 192 -97.48 -42.81 7.96
N LEU L 193 -98.26 -41.82 8.37
CA LEU L 193 -98.77 -40.82 7.44
C LEU L 193 -97.96 -39.53 7.55
N PRO L 194 -97.18 -39.18 6.53
CA PRO L 194 -96.43 -37.93 6.57
C PRO L 194 -97.23 -36.77 5.99
N ASP L 195 -97.22 -35.66 6.73
CA ASP L 195 -97.74 -34.43 6.17
C ASP L 195 -96.83 -33.93 5.07
N ASN L 196 -97.32 -33.00 4.27
CA ASN L 196 -96.58 -32.48 3.12
C ASN L 196 -95.31 -31.81 3.60
N HIS L 197 -94.16 -32.28 3.11
CA HIS L 197 -92.90 -31.59 3.37
C HIS L 197 -91.95 -31.89 2.22
N TYR L 198 -90.68 -31.54 2.38
CA TYR L 198 -89.75 -31.53 1.26
C TYR L 198 -88.59 -32.48 1.53
N LEU L 199 -87.79 -32.68 0.50
CA LEU L 199 -86.67 -33.62 0.53
C LEU L 199 -85.59 -33.13 -0.42
N SER L 200 -84.42 -32.80 0.14
CA SER L 200 -83.30 -32.30 -0.64
C SER L 200 -82.44 -33.46 -1.11
N THR L 201 -81.85 -33.29 -2.29
CA THR L 201 -81.09 -34.33 -2.96
C THR L 201 -79.93 -33.73 -3.72
N GLN L 202 -78.76 -34.37 -3.58
CA GLN L 202 -77.57 -34.01 -4.33
C GLN L 202 -76.98 -35.28 -4.91
N SER L 203 -76.29 -35.15 -6.05
CA SER L 203 -75.65 -36.31 -6.65
C SER L 203 -74.51 -35.87 -7.56
N ALA L 204 -73.71 -36.85 -7.94
CA ALA L 204 -72.53 -36.61 -8.78
C ALA L 204 -72.33 -37.79 -9.71
N LEU L 205 -71.98 -37.47 -10.95
CA LEU L 205 -71.88 -38.41 -12.06
C LEU L 205 -70.42 -38.48 -12.52
N SER L 206 -69.98 -39.68 -12.88
CA SER L 206 -68.60 -39.89 -13.30
C SER L 206 -68.50 -41.18 -14.09
N LYS L 207 -67.29 -41.50 -14.52
CA LYS L 207 -66.99 -42.64 -15.37
C LYS L 207 -65.97 -43.54 -14.71
N ASP L 208 -66.03 -44.83 -15.03
CA ASP L 208 -64.91 -45.71 -14.77
C ASP L 208 -63.86 -45.53 -15.86
N PRO L 209 -62.57 -45.50 -15.54
CA PRO L 209 -61.57 -45.21 -16.57
C PRO L 209 -61.29 -46.38 -17.49
N ASN L 210 -61.59 -47.62 -17.08
CA ASN L 210 -61.18 -48.80 -17.83
C ASN L 210 -62.34 -49.75 -18.14
N GLU L 211 -63.52 -49.21 -18.44
CA GLU L 211 -64.64 -50.02 -18.88
C GLU L 211 -65.07 -49.60 -20.28
N LYS L 212 -65.15 -50.57 -21.19
CA LYS L 212 -65.38 -50.28 -22.60
C LYS L 212 -66.84 -50.23 -22.98
N ARG L 213 -67.75 -50.61 -22.08
CA ARG L 213 -69.17 -50.49 -22.36
C ARG L 213 -69.63 -49.05 -22.13
N ASP L 214 -70.94 -48.86 -22.19
CA ASP L 214 -71.52 -47.61 -21.74
C ASP L 214 -71.82 -47.67 -20.25
N HIS L 215 -71.14 -46.83 -19.48
CA HIS L 215 -71.26 -46.88 -18.03
C HIS L 215 -71.61 -45.49 -17.52
N MET L 216 -72.18 -45.46 -16.31
CA MET L 216 -72.49 -44.20 -15.65
C MET L 216 -72.44 -44.44 -14.14
N VAL L 217 -71.43 -43.90 -13.48
CA VAL L 217 -71.22 -44.07 -12.05
C VAL L 217 -71.83 -42.86 -11.37
N LEU L 218 -72.52 -43.08 -10.24
CA LEU L 218 -73.22 -41.97 -9.59
C LEU L 218 -73.30 -42.21 -8.09
N LEU L 219 -72.92 -41.19 -7.32
CA LEU L 219 -73.06 -41.23 -5.87
C LEU L 219 -73.92 -40.05 -5.43
N GLU L 220 -74.70 -40.24 -4.37
CA GLU L 220 -75.76 -39.29 -4.08
C GLU L 220 -76.14 -39.30 -2.60
N PHE L 221 -76.54 -38.12 -2.12
CA PHE L 221 -76.96 -37.91 -0.74
C PHE L 221 -78.37 -37.33 -0.76
N VAL L 222 -79.27 -37.96 -0.02
CA VAL L 222 -80.68 -37.62 -0.05
C VAL L 222 -81.19 -37.56 1.39
N THR L 223 -81.87 -36.47 1.74
CA THR L 223 -82.41 -36.35 3.08
C THR L 223 -83.57 -35.36 3.10
N ALA L 224 -84.52 -35.61 3.97
CA ALA L 224 -85.79 -34.90 3.97
C ALA L 224 -85.89 -33.95 5.17
N ALA L 225 -86.87 -33.05 5.09
CA ALA L 225 -87.19 -32.11 6.15
C ALA L 225 -88.54 -31.48 5.84
N GLY L 226 -88.89 -30.45 6.61
CA GLY L 226 -90.11 -29.70 6.41
C GLY L 226 -90.83 -29.30 7.67
N ILE L 227 -90.53 -29.94 8.77
CA ILE L 227 -91.14 -29.61 10.06
C ILE L 227 -90.16 -28.79 10.87
N THR L 228 -90.64 -27.67 11.41
CA THR L 228 -89.80 -26.85 12.28
C THR L 228 -90.02 -27.30 13.72
N HIS L 229 -89.39 -28.42 14.09
CA HIS L 229 -89.61 -29.03 15.40
C HIS L 229 -88.66 -28.43 16.44
N HIS L 230 -88.94 -28.74 17.69
CA HIS L 230 -88.22 -28.16 18.83
C HIS L 230 -86.75 -28.55 18.84
N GLY M 54 -84.22 1.04 1.77
CA GLY M 54 -83.71 0.04 0.85
C GLY M 54 -83.95 0.38 -0.61
N LYS M 55 -85.16 0.86 -0.90
CA LYS M 55 -85.54 1.27 -2.24
C LYS M 55 -86.39 2.53 -2.26
N GLU M 56 -87.01 2.90 -1.14
CA GLU M 56 -87.94 4.02 -1.10
C GLU M 56 -87.26 5.38 -1.20
N LEU M 57 -85.93 5.43 -1.27
CA LEU M 57 -85.26 6.73 -1.37
C LEU M 57 -85.22 7.22 -2.81
N LEU M 58 -85.23 6.31 -3.77
CA LEU M 58 -84.99 6.72 -5.16
C LEU M 58 -86.13 7.56 -5.71
N GLU M 59 -87.38 7.22 -5.37
CA GLU M 59 -88.50 8.00 -5.88
C GLU M 59 -88.52 9.39 -5.27
N ALA M 60 -88.02 9.51 -4.04
CA ALA M 60 -87.92 10.84 -3.41
C ALA M 60 -86.80 11.65 -4.04
N ALA M 61 -85.71 10.98 -4.45
CA ALA M 61 -84.68 11.67 -5.21
C ALA M 61 -85.21 12.13 -6.56
N ARG M 62 -86.01 11.29 -7.21
CA ARG M 62 -86.56 11.63 -8.51
C ARG M 62 -87.55 12.78 -8.42
N ALA M 63 -88.41 12.78 -7.41
CA ALA M 63 -89.36 13.87 -7.22
C ALA M 63 -88.71 15.14 -6.69
N GLY M 64 -87.41 15.10 -6.38
CA GLY M 64 -86.75 16.25 -5.81
C GLY M 64 -87.04 16.48 -4.35
N GLN M 65 -87.49 15.46 -3.63
CA GLN M 65 -87.80 15.59 -2.21
C GLN M 65 -86.51 15.57 -1.41
N ASP M 66 -85.82 16.71 -1.41
CA ASP M 66 -84.53 16.80 -0.74
C ASP M 66 -84.66 16.54 0.76
N ASP M 67 -85.73 17.05 1.38
CA ASP M 67 -85.91 16.84 2.80
C ASP M 67 -86.26 15.39 3.11
N GLU M 68 -87.01 14.73 2.22
CA GLU M 68 -87.35 13.34 2.47
C GLU M 68 -86.12 12.45 2.39
N VAL M 69 -85.31 12.60 1.33
CA VAL M 69 -84.09 11.81 1.23
C VAL M 69 -83.13 12.18 2.36
N ALA M 70 -83.18 13.42 2.82
CA ALA M 70 -82.38 13.80 3.99
C ALA M 70 -82.78 12.98 5.21
N VAL M 71 -84.06 13.02 5.58
CA VAL M 71 -84.48 12.36 6.83
C VAL M 71 -84.39 10.84 6.68
N LEU M 72 -84.50 10.33 5.46
CA LEU M 72 -84.46 8.88 5.27
C LEU M 72 -83.04 8.36 5.13
N MET M 73 -82.09 9.21 4.75
CA MET M 73 -80.69 8.82 4.74
C MET M 73 -80.03 9.03 6.11
N ALA M 74 -80.55 9.97 6.90
CA ALA M 74 -80.14 10.06 8.30
C ALA M 74 -80.33 8.72 8.98
N ARG M 75 -81.53 8.15 8.85
CA ARG M 75 -81.73 6.75 9.21
C ARG M 75 -81.01 5.86 8.21
N GLY M 76 -80.42 4.78 8.72
CA GLY M 76 -79.64 3.87 7.91
C GLY M 76 -80.35 3.39 6.65
N ALA M 77 -79.86 3.83 5.49
CA ALA M 77 -80.50 3.51 4.22
C ALA M 77 -79.43 3.17 3.20
N GLU M 78 -79.84 2.52 2.12
CA GLU M 78 -78.92 2.15 1.06
C GLU M 78 -78.53 3.37 0.24
N VAL M 79 -77.25 3.74 0.28
CA VAL M 79 -76.80 4.86 -0.52
C VAL M 79 -76.39 4.44 -1.93
N ASN M 80 -75.66 3.34 -2.08
CA ASN M 80 -75.22 2.85 -3.38
C ASN M 80 -76.22 1.85 -3.96
N ALA M 81 -77.47 2.24 -4.04
CA ALA M 81 -78.53 1.36 -4.49
C ALA M 81 -78.44 1.14 -6.00
N ALA M 82 -78.40 -0.14 -6.37
CA ALA M 82 -78.51 -0.55 -7.76
C ALA M 82 -79.96 -0.97 -7.99
N ASP M 83 -80.57 -0.42 -9.03
CA ASP M 83 -82.01 -0.54 -9.21
C ASP M 83 -82.32 -1.43 -10.41
N ASP M 84 -83.62 -1.46 -10.74
CA ASP M 84 -84.17 -2.36 -11.76
C ASP M 84 -83.52 -2.22 -13.13
N VAL M 85 -82.84 -1.11 -13.41
CA VAL M 85 -82.11 -0.98 -14.66
C VAL M 85 -80.71 -0.47 -14.36
N GLY M 86 -80.40 -0.31 -13.07
CA GLY M 86 -79.05 0.06 -12.66
C GLY M 86 -78.88 1.55 -12.45
N VAL M 87 -79.97 2.23 -12.14
CA VAL M 87 -79.99 3.68 -11.99
C VAL M 87 -79.89 3.95 -10.49
N THR M 88 -78.75 4.48 -10.06
CA THR M 88 -78.55 4.83 -8.67
C THR M 88 -79.21 6.19 -8.40
N PRO M 89 -79.67 6.43 -7.16
CA PRO M 89 -80.20 7.76 -6.83
C PRO M 89 -79.34 8.93 -7.29
N LEU M 90 -78.03 8.74 -7.42
CA LEU M 90 -77.19 9.82 -7.93
C LEU M 90 -77.48 10.11 -9.39
N HIS M 91 -77.72 9.06 -10.19
CA HIS M 91 -78.04 9.27 -11.60
C HIS M 91 -79.30 10.09 -11.76
N LEU M 92 -80.38 9.72 -11.07
CA LEU M 92 -81.64 10.45 -11.13
C LEU M 92 -81.55 11.83 -10.48
N ALA M 93 -80.66 12.00 -9.50
CA ALA M 93 -80.42 13.30 -8.90
C ALA M 93 -79.63 14.21 -9.81
N ALA M 94 -78.88 13.65 -10.75
CA ALA M 94 -78.16 14.43 -11.74
C ALA M 94 -78.98 14.74 -12.98
N GLN M 95 -79.83 13.80 -13.43
CA GLN M 95 -80.71 14.07 -14.56
C GLN M 95 -81.54 15.32 -14.33
N ARG M 96 -82.34 15.32 -13.27
CA ARG M 96 -82.98 16.54 -12.81
C ARG M 96 -81.95 17.40 -12.09
N GLY M 97 -82.20 18.71 -12.09
CA GLY M 97 -81.24 19.60 -11.45
C GLY M 97 -81.50 19.76 -9.97
N HIS M 98 -80.79 18.98 -9.17
CA HIS M 98 -81.00 18.96 -7.72
C HIS M 98 -79.63 18.87 -7.05
N LEU M 99 -79.06 20.03 -6.72
CA LEU M 99 -77.73 20.08 -6.13
C LEU M 99 -77.71 19.58 -4.69
N ALA M 100 -78.74 19.90 -3.91
CA ALA M 100 -78.77 19.49 -2.51
C ALA M 100 -78.75 17.98 -2.38
N ILE M 101 -79.49 17.30 -3.26
CA ILE M 101 -79.59 15.84 -3.16
C ILE M 101 -78.24 15.20 -3.50
N VAL M 102 -77.55 15.69 -4.53
CA VAL M 102 -76.27 15.09 -4.88
C VAL M 102 -75.23 15.42 -3.81
N SER M 103 -75.35 16.57 -3.16
CA SER M 103 -74.43 16.89 -2.08
C SER M 103 -74.62 15.95 -0.90
N VAL M 104 -75.87 15.78 -0.45
CA VAL M 104 -76.12 14.91 0.69
C VAL M 104 -75.93 13.45 0.34
N LEU M 105 -75.91 13.12 -0.95
CA LEU M 105 -75.60 11.75 -1.35
C LEU M 105 -74.10 11.51 -1.41
N LEU M 106 -73.33 12.47 -1.93
CA LEU M 106 -71.88 12.35 -1.90
C LEU M 106 -71.35 12.29 -0.49
N ALA M 107 -71.87 13.14 0.40
CA ALA M 107 -71.40 13.13 1.79
C ALA M 107 -71.64 11.78 2.44
N PHE M 108 -72.71 11.09 2.07
CA PHE M 108 -73.02 9.80 2.66
C PHE M 108 -72.35 8.62 1.94
N GLY M 109 -71.46 8.88 1.00
CA GLY M 109 -70.69 7.80 0.43
C GLY M 109 -71.24 7.20 -0.85
N ALA M 110 -71.60 8.05 -1.80
CA ALA M 110 -72.02 7.57 -3.10
C ALA M 110 -70.81 7.45 -4.03
N SER M 111 -70.98 6.67 -5.09
CA SER M 111 -69.91 6.50 -6.07
C SER M 111 -70.18 7.39 -7.27
N VAL M 112 -69.24 8.27 -7.60
CA VAL M 112 -69.40 9.15 -8.75
C VAL M 112 -69.28 8.39 -10.06
N ASN M 113 -68.52 7.30 -10.10
CA ASN M 113 -68.40 6.46 -11.28
C ASN M 113 -69.26 5.21 -11.07
N ALA M 114 -70.48 5.23 -11.58
CA ALA M 114 -71.42 4.15 -11.36
C ALA M 114 -71.91 3.63 -12.71
N ALA M 115 -71.40 2.48 -13.09
CA ALA M 115 -71.57 1.96 -14.45
C ALA M 115 -73.03 1.54 -14.64
N ASP M 116 -73.82 2.44 -15.21
CA ASP M 116 -75.20 2.15 -15.55
C ASP M 116 -75.27 0.98 -16.54
N LEU M 117 -76.46 0.38 -16.62
CA LEU M 117 -76.66 -0.73 -17.54
C LEU M 117 -76.48 -0.30 -18.99
N TRP M 118 -76.61 1.00 -19.27
CA TRP M 118 -76.37 1.53 -20.61
C TRP M 118 -74.97 2.09 -20.79
N GLY M 119 -74.19 2.18 -19.72
CA GLY M 119 -72.85 2.73 -19.80
C GLY M 119 -72.75 4.17 -19.36
N GLN M 120 -73.81 4.74 -18.80
CA GLN M 120 -73.76 6.13 -18.38
C GLN M 120 -73.27 6.25 -16.95
N THR M 121 -72.99 7.49 -16.57
CA THR M 121 -72.39 7.91 -15.32
C THR M 121 -73.08 9.23 -14.99
N PRO M 122 -73.23 9.61 -13.71
CA PRO M 122 -73.88 10.90 -13.42
C PRO M 122 -73.28 12.08 -14.16
N LEU M 123 -71.98 12.03 -14.47
CA LEU M 123 -71.37 13.10 -15.25
C LEU M 123 -71.93 13.15 -16.66
N HIS M 124 -72.21 11.99 -17.27
CA HIS M 124 -72.80 11.97 -18.60
C HIS M 124 -74.14 12.67 -18.61
N LEU M 125 -75.07 12.23 -17.77
CA LEU M 125 -76.39 12.81 -17.71
C LEU M 125 -76.38 14.26 -17.27
N ALA M 126 -75.49 14.64 -16.35
CA ALA M 126 -75.40 16.02 -15.91
C ALA M 126 -74.85 16.94 -17.00
N ALA M 127 -73.86 16.49 -17.76
CA ALA M 127 -73.36 17.29 -18.87
C ALA M 127 -74.39 17.38 -19.98
N THR M 128 -75.17 16.32 -20.20
CA THR M 128 -76.21 16.38 -21.20
C THR M 128 -77.34 17.32 -20.79
N ALA M 129 -77.72 17.31 -19.52
CA ALA M 129 -78.83 18.14 -19.06
C ALA M 129 -78.51 19.63 -19.21
N GLY M 130 -77.48 20.10 -18.51
CA GLY M 130 -77.08 21.48 -18.62
C GLY M 130 -76.86 22.19 -17.30
N HIS M 131 -76.82 21.43 -16.22
CA HIS M 131 -76.65 22.03 -14.89
C HIS M 131 -75.16 22.10 -14.55
N LEU M 132 -74.66 23.33 -14.40
CA LEU M 132 -73.23 23.53 -14.24
C LEU M 132 -72.76 23.20 -12.84
N GLU M 133 -73.52 23.57 -11.81
CA GLU M 133 -73.12 23.35 -10.43
C GLU M 133 -72.94 21.86 -10.13
N ILE M 134 -73.82 21.02 -10.65
CA ILE M 134 -73.66 19.59 -10.46
C ILE M 134 -72.40 19.08 -11.14
N VAL M 135 -72.11 19.59 -12.35
CA VAL M 135 -70.89 19.21 -13.04
C VAL M 135 -69.67 19.58 -12.21
N GLU M 136 -69.65 20.77 -11.63
CA GLU M 136 -68.51 21.19 -10.82
C GLU M 136 -68.36 20.30 -9.59
N VAL M 137 -69.44 20.08 -8.85
CA VAL M 137 -69.32 19.32 -7.61
C VAL M 137 -69.00 17.85 -7.90
N LEU M 138 -69.32 17.38 -9.10
CA LEU M 138 -68.94 16.02 -9.46
C LEU M 138 -67.49 15.94 -9.89
N LEU M 139 -67.02 16.94 -10.63
CA LEU M 139 -65.63 16.96 -11.06
C LEU M 139 -64.68 17.11 -9.88
N ARG M 140 -65.10 17.88 -8.87
CA ARG M 140 -64.27 18.02 -7.67
C ARG M 140 -64.28 16.76 -6.81
N SER M 141 -65.26 15.88 -6.98
CA SER M 141 -65.37 14.69 -6.16
C SER M 141 -64.70 13.47 -6.78
N GLY M 142 -64.19 13.57 -7.99
CA GLY M 142 -63.49 12.48 -8.63
C GLY M 142 -64.17 11.85 -9.82
N ALA M 143 -65.05 12.57 -10.51
CA ALA M 143 -65.66 12.02 -11.72
C ALA M 143 -64.62 11.98 -12.84
N SER M 144 -64.68 10.93 -13.64
CA SER M 144 -63.73 10.72 -14.72
C SER M 144 -64.24 11.34 -16.01
N VAL M 145 -63.51 12.36 -16.48
CA VAL M 145 -63.91 13.11 -17.67
C VAL M 145 -63.82 12.30 -18.94
N ASN M 146 -63.17 11.14 -18.93
CA ASN M 146 -62.96 10.36 -20.13
C ASN M 146 -63.54 8.96 -19.99
N ALA M 147 -64.74 8.87 -19.45
CA ALA M 147 -65.48 7.61 -19.41
C ALA M 147 -66.35 7.50 -20.65
N ARG M 148 -66.55 6.28 -21.12
CA ARG M 148 -67.21 6.03 -22.39
C ARG M 148 -68.59 5.42 -22.19
N ASP M 149 -69.46 5.67 -23.15
CA ASP M 149 -70.74 4.98 -23.30
C ASP M 149 -70.53 3.67 -24.06
N ASN M 150 -71.64 3.08 -24.51
CA ASN M 150 -71.53 2.01 -25.49
C ASN M 150 -71.26 2.56 -26.88
N ILE M 151 -71.94 3.64 -27.25
CA ILE M 151 -71.57 4.35 -28.47
C ILE M 151 -70.14 4.86 -28.42
N GLY M 152 -69.60 5.10 -27.22
CA GLY M 152 -68.27 5.63 -27.05
C GLY M 152 -68.21 7.09 -26.68
N HIS M 153 -69.36 7.73 -26.43
CA HIS M 153 -69.36 9.15 -26.14
C HIS M 153 -68.69 9.44 -24.80
N THR M 154 -67.95 10.54 -24.76
CA THR M 154 -67.41 11.09 -23.53
C THR M 154 -68.21 12.30 -23.11
N PRO M 155 -68.14 12.71 -21.84
CA PRO M 155 -68.96 13.85 -21.41
C PRO M 155 -68.80 15.09 -22.27
N LEU M 156 -67.66 15.25 -22.96
CA LEU M 156 -67.48 16.41 -23.82
C LEU M 156 -68.26 16.25 -25.12
N HIS M 157 -68.38 15.01 -25.63
CA HIS M 157 -69.26 14.75 -26.76
C HIS M 157 -70.66 15.28 -26.48
N LEU M 158 -71.21 14.95 -25.31
CA LEU M 158 -72.55 15.37 -24.96
C LEU M 158 -72.62 16.86 -24.68
N ALA M 159 -71.59 17.41 -24.03
CA ALA M 159 -71.56 18.85 -23.80
C ALA M 159 -71.56 19.63 -25.10
N ALA M 160 -70.91 19.10 -26.14
CA ALA M 160 -70.88 19.76 -27.44
C ALA M 160 -72.17 19.54 -28.23
N TRP M 161 -72.75 18.35 -28.16
CA TRP M 161 -74.03 18.12 -28.81
C TRP M 161 -75.12 19.02 -28.23
N ALA M 162 -75.25 19.04 -26.89
CA ALA M 162 -76.34 19.78 -26.27
C ALA M 162 -76.19 21.28 -26.48
N GLY M 163 -74.96 21.77 -26.57
CA GLY M 163 -74.73 23.18 -26.75
C GLY M 163 -74.46 23.98 -25.49
N HIS M 164 -73.77 23.41 -24.52
CA HIS M 164 -73.53 24.06 -23.23
C HIS M 164 -72.11 24.59 -23.18
N LEU M 165 -71.95 25.90 -23.32
CA LEU M 165 -70.62 26.49 -23.46
C LEU M 165 -69.84 26.41 -22.15
N GLU M 166 -70.45 26.85 -21.05
CA GLU M 166 -69.75 26.88 -19.77
C GLU M 166 -69.36 25.49 -19.31
N ILE M 167 -70.22 24.49 -19.58
CA ILE M 167 -69.87 23.12 -19.24
C ILE M 167 -68.72 22.64 -20.10
N VAL M 168 -68.69 23.05 -21.37
CA VAL M 168 -67.56 22.71 -22.22
C VAL M 168 -66.27 23.29 -21.66
N GLU M 169 -66.33 24.52 -21.17
CA GLU M 169 -65.15 25.13 -20.56
C GLU M 169 -64.68 24.38 -19.33
N VAL M 170 -65.58 24.08 -18.40
CA VAL M 170 -65.15 23.41 -17.18
C VAL M 170 -64.67 22.00 -17.48
N LEU M 171 -65.22 21.35 -18.51
CA LEU M 171 -64.73 20.04 -18.88
C LEU M 171 -63.37 20.10 -19.55
N LEU M 172 -63.08 21.17 -20.29
CA LEU M 172 -61.76 21.32 -20.90
C LEU M 172 -60.70 21.66 -19.87
N ALA M 173 -61.07 22.38 -18.81
CA ALA M 173 -60.14 22.68 -17.73
C ALA M 173 -59.72 21.44 -16.94
N TYR M 174 -60.56 20.40 -16.91
CA TYR M 174 -60.30 19.23 -16.08
C TYR M 174 -59.68 18.07 -16.84
N GLY M 175 -59.33 18.27 -18.11
CA GLY M 175 -58.57 17.28 -18.84
C GLY M 175 -59.32 16.51 -19.91
N ALA M 176 -60.50 16.96 -20.31
CA ALA M 176 -61.15 16.37 -21.46
C ALA M 176 -60.37 16.69 -22.72
N ASP M 177 -60.16 15.68 -23.56
CA ASP M 177 -59.38 15.82 -24.79
C ASP M 177 -60.30 16.17 -25.94
N VAL M 178 -59.80 17.00 -26.86
CA VAL M 178 -60.68 17.52 -27.90
C VAL M 178 -60.81 16.56 -29.07
N PHE M 179 -59.74 15.86 -29.45
CA PHE M 179 -59.87 14.87 -30.52
C PHE M 179 -59.99 13.45 -29.99
N ALA M 180 -61.11 13.16 -29.34
CA ALA M 180 -61.47 11.80 -28.99
C ALA M 180 -62.64 11.39 -29.86
N GLN M 181 -62.70 10.11 -30.20
CA GLN M 181 -63.73 9.64 -31.12
C GLN M 181 -64.69 8.68 -30.42
N ASP M 182 -65.86 8.50 -31.03
CA ASP M 182 -66.81 7.47 -30.65
C ASP M 182 -66.68 6.31 -31.62
N LYS M 183 -67.51 5.29 -31.44
CA LYS M 183 -67.45 4.14 -32.33
C LYS M 183 -67.67 4.53 -33.79
N PHE M 184 -68.52 5.52 -34.04
CA PHE M 184 -68.81 5.92 -35.40
C PHE M 184 -67.81 6.91 -35.98
N GLY M 185 -66.81 7.30 -35.21
CA GLY M 185 -65.68 8.05 -35.74
C GLY M 185 -65.71 9.55 -35.55
N LYS M 186 -66.66 10.09 -34.80
CA LYS M 186 -66.81 11.53 -34.68
C LYS M 186 -66.15 12.07 -33.41
N THR M 187 -65.62 13.27 -33.53
CA THR M 187 -65.04 14.05 -32.45
C THR M 187 -66.03 15.13 -32.01
N PRO M 188 -65.90 15.65 -30.79
CA PRO M 188 -66.83 16.68 -30.33
C PRO M 188 -67.02 17.83 -31.30
N PHE M 189 -66.00 18.18 -32.07
CA PHE M 189 -66.16 19.22 -33.07
C PHE M 189 -67.16 18.84 -34.15
N ASP M 190 -67.24 17.55 -34.48
CA ASP M 190 -68.20 17.11 -35.48
C ASP M 190 -69.62 17.18 -34.95
N LEU M 191 -69.85 16.67 -33.74
CA LEU M 191 -71.17 16.80 -33.13
C LEU M 191 -71.54 18.27 -32.93
N ALA M 192 -70.53 19.14 -32.85
CA ALA M 192 -70.83 20.56 -32.70
C ALA M 192 -71.19 21.20 -34.03
N ILE M 193 -70.56 20.78 -35.13
CA ILE M 193 -70.79 21.44 -36.40
C ILE M 193 -72.00 20.85 -37.12
N ASP M 194 -72.40 19.62 -36.79
CA ASP M 194 -73.59 19.05 -37.42
C ASP M 194 -74.88 19.36 -36.67
N ASN M 195 -74.84 20.24 -35.68
CA ASN M 195 -76.01 20.58 -34.88
C ASN M 195 -76.23 22.08 -34.75
N GLY M 196 -75.49 22.88 -35.50
CA GLY M 196 -75.64 24.31 -35.43
C GLY M 196 -75.10 24.97 -34.18
N ASN M 197 -74.61 24.20 -33.21
CA ASN M 197 -73.92 24.77 -32.06
C ASN M 197 -72.65 25.43 -32.53
N GLU M 198 -72.63 26.77 -32.53
CA GLU M 198 -71.62 27.53 -33.24
C GLU M 198 -70.36 27.79 -32.45
N ASP M 199 -70.46 28.17 -31.17
CA ASP M 199 -69.28 28.65 -30.47
C ASP M 199 -68.49 27.50 -29.86
N ILE M 200 -69.17 26.41 -29.51
CA ILE M 200 -68.46 25.19 -29.15
C ILE M 200 -67.48 24.84 -30.25
N ALA M 201 -67.94 24.89 -31.50
CA ALA M 201 -67.08 24.63 -32.65
C ALA M 201 -65.91 25.58 -32.70
N GLU M 202 -66.12 26.87 -32.41
CA GLU M 202 -65.02 27.82 -32.50
C GLU M 202 -63.96 27.58 -31.43
N VAL M 203 -64.40 27.41 -30.18
CA VAL M 203 -63.43 27.20 -29.11
C VAL M 203 -62.79 25.82 -29.16
N LEU M 204 -63.36 24.88 -29.90
CA LEU M 204 -62.65 23.62 -30.10
C LEU M 204 -61.73 23.67 -31.31
N GLN M 205 -62.09 24.44 -32.34
CA GLN M 205 -61.22 24.65 -33.48
C GLN M 205 -59.96 25.38 -33.08
N ARG M 206 -60.06 26.35 -32.18
CA ARG M 206 -58.86 27.05 -31.73
C ARG M 206 -57.86 26.08 -31.10
N LEU M 207 -58.35 25.10 -30.33
CA LEU M 207 -57.44 24.16 -29.67
C LEU M 207 -56.86 23.16 -30.66
N LEU M 208 -57.69 22.63 -31.55
CA LEU M 208 -57.17 21.77 -32.61
C LEU M 208 -56.06 22.47 -33.39
N GLU M 209 -56.26 23.75 -33.70
CA GLU M 209 -55.28 24.49 -34.46
C GLU M 209 -54.01 24.76 -33.66
N CYS M 210 -54.14 25.07 -32.38
CA CYS M 210 -52.95 25.25 -31.55
C CYS M 210 -52.09 23.99 -31.54
N ARG M 211 -52.72 22.83 -31.35
CA ARG M 211 -51.93 21.61 -31.33
C ARG M 211 -51.27 21.33 -32.68
N ARG M 212 -52.01 21.51 -33.78
CA ARG M 212 -51.44 21.29 -35.11
C ARG M 212 -50.25 22.20 -35.37
N ASP M 213 -50.38 23.48 -35.01
CA ASP M 213 -49.32 24.45 -35.29
C ASP M 213 -48.07 24.21 -34.45
N ALA M 214 -48.25 23.82 -33.18
CA ALA M 214 -47.08 23.49 -32.39
C ALA M 214 -46.34 22.28 -32.95
N GLU M 215 -47.08 21.25 -33.38
CA GLU M 215 -46.45 20.11 -34.01
C GLU M 215 -45.63 20.52 -35.23
N ALA M 216 -46.24 21.32 -36.11
CA ALA M 216 -45.54 21.79 -37.31
C ALA M 216 -44.29 22.59 -37.00
N ALA M 217 -44.35 23.50 -36.04
CA ALA M 217 -43.17 24.29 -35.69
C ALA M 217 -42.04 23.45 -35.10
N ILE M 218 -42.37 22.42 -34.32
CA ILE M 218 -41.29 21.58 -33.81
C ILE M 218 -40.64 20.78 -34.93
N ASN M 219 -41.44 20.32 -35.90
CA ASN M 219 -40.83 19.67 -37.07
C ASN M 219 -39.89 20.60 -37.82
N TYR M 220 -40.31 21.86 -38.02
CA TYR M 220 -39.46 22.80 -38.74
C TYR M 220 -38.17 23.09 -37.97
N GLN M 221 -38.23 23.13 -36.64
CA GLN M 221 -37.01 23.34 -35.87
C GLN M 221 -36.06 22.16 -35.97
N ILE M 222 -36.60 20.94 -36.00
CA ILE M 222 -35.75 19.77 -36.22
C ILE M 222 -34.99 19.89 -37.54
N ASN M 223 -35.72 20.25 -38.61
CA ASN M 223 -35.05 20.39 -39.90
C ASN M 223 -34.01 21.49 -39.90
N LEU M 224 -34.29 22.61 -39.21
CA LEU M 224 -33.33 23.70 -39.20
C LEU M 224 -32.04 23.34 -38.47
N GLU M 225 -32.14 22.59 -37.36
CA GLU M 225 -30.91 22.20 -36.69
C GLU M 225 -30.13 21.16 -37.49
N LEU M 226 -30.81 20.26 -38.19
CA LEU M 226 -30.08 19.33 -39.06
C LEU M 226 -29.36 20.06 -40.18
N TYR M 227 -29.98 21.09 -40.75
CA TYR M 227 -29.31 21.90 -41.76
C TYR M 227 -28.10 22.63 -41.20
N ALA M 228 -28.21 23.21 -40.01
CA ALA M 228 -27.06 23.86 -39.41
C ALA M 228 -25.92 22.90 -39.17
N SER M 229 -26.22 21.68 -38.72
CA SER M 229 -25.18 20.67 -38.55
C SER M 229 -24.45 20.37 -39.86
N TYR M 230 -25.20 20.25 -40.95
CA TYR M 230 -24.61 20.01 -42.25
C TYR M 230 -23.73 21.19 -42.70
N VAL M 231 -24.17 22.42 -42.46
CA VAL M 231 -23.37 23.59 -42.82
C VAL M 231 -22.05 23.60 -42.07
N TYR M 232 -22.07 23.27 -40.78
CA TYR M 232 -20.83 23.24 -40.01
C TYR M 232 -19.90 22.15 -40.48
N LEU M 233 -20.44 21.00 -40.90
CA LEU M 233 -19.58 19.94 -41.44
C LEU M 233 -18.86 20.41 -42.70
N SER M 234 -19.59 21.08 -43.59
CA SER M 234 -18.96 21.66 -44.78
C SER M 234 -17.85 22.65 -44.39
N MET M 235 -18.17 23.61 -43.51
CA MET M 235 -17.16 24.55 -43.04
C MET M 235 -15.92 23.86 -42.50
N SER M 236 -16.10 22.84 -41.68
CA SER M 236 -14.97 22.14 -41.08
C SER M 236 -14.09 21.47 -42.11
N TYR M 237 -14.65 20.79 -43.09
CA TYR M 237 -13.80 20.14 -44.08
C TYR M 237 -13.31 21.09 -45.15
N TYR M 238 -13.70 22.36 -45.12
CA TYR M 238 -13.02 23.35 -45.95
C TYR M 238 -11.62 23.67 -45.43
N PHE M 239 -11.48 23.85 -44.12
CA PHE M 239 -10.20 24.19 -43.54
C PHE M 239 -9.23 23.03 -43.46
N ASP M 240 -9.57 21.90 -44.05
CA ASP M 240 -8.72 20.72 -44.04
C ASP M 240 -8.00 20.52 -45.36
N ARG M 241 -8.38 21.28 -46.39
CA ARG M 241 -7.67 21.23 -47.67
C ARG M 241 -6.21 21.60 -47.44
N ASP M 242 -5.33 21.30 -48.40
CA ASP M 242 -3.93 21.64 -48.21
C ASP M 242 -3.57 22.99 -48.78
N ASP M 243 -4.50 23.67 -49.46
CA ASP M 243 -4.30 25.08 -49.72
C ASP M 243 -5.00 25.94 -48.68
N VAL M 244 -5.63 25.32 -47.69
CA VAL M 244 -6.15 25.99 -46.51
C VAL M 244 -5.71 25.15 -45.31
N ALA M 245 -4.54 25.43 -44.75
CA ALA M 245 -3.95 24.51 -43.79
C ALA M 245 -4.15 25.00 -42.35
N LEU M 246 -5.40 25.06 -41.92
CA LEU M 246 -5.73 25.50 -40.57
C LEU M 246 -6.47 24.38 -39.84
N LYS M 247 -5.82 23.80 -38.84
CA LYS M 247 -6.32 22.59 -38.18
C LYS M 247 -7.28 22.86 -37.05
N ASN M 248 -7.10 23.96 -36.33
CA ASN M 248 -7.94 24.21 -35.18
C ASN M 248 -9.25 24.87 -35.56
N PHE M 249 -9.27 25.61 -36.65
CA PHE M 249 -10.54 25.99 -37.28
C PHE M 249 -11.36 24.74 -37.64
N ALA M 250 -10.70 23.72 -38.16
CA ALA M 250 -11.36 22.48 -38.52
C ALA M 250 -11.92 21.76 -37.29
N LYS M 251 -11.13 21.63 -36.23
CA LYS M 251 -11.65 21.01 -35.01
C LYS M 251 -12.82 21.80 -34.42
N TYR M 252 -12.70 23.13 -34.39
CA TYR M 252 -13.79 23.98 -33.93
C TYR M 252 -15.08 23.65 -34.66
N PHE M 253 -15.07 23.73 -35.98
CA PHE M 253 -16.32 23.54 -36.70
C PHE M 253 -16.82 22.11 -36.67
N LEU M 254 -15.95 21.11 -36.51
CA LEU M 254 -16.47 19.76 -36.31
C LEU M 254 -17.19 19.61 -34.97
N HIS M 255 -16.64 20.21 -33.91
CA HIS M 255 -17.33 20.20 -32.63
C HIS M 255 -18.71 20.83 -32.72
N GLN M 256 -18.81 21.98 -33.39
CA GLN M 256 -20.11 22.60 -33.56
C GLN M 256 -21.05 21.73 -34.36
N SER M 257 -20.54 21.07 -35.40
CA SER M 257 -21.35 20.14 -36.18
C SER M 257 -21.98 19.05 -35.34
N HIS M 258 -21.26 18.51 -34.36
CA HIS M 258 -21.85 17.45 -33.55
C HIS M 258 -22.81 17.97 -32.50
N GLU M 259 -22.50 19.12 -31.90
CA GLU M 259 -23.43 19.72 -30.95
C GLU M 259 -24.77 20.01 -31.58
N GLU M 260 -24.77 20.48 -32.83
CA GLU M 260 -26.05 20.79 -33.48
C GLU M 260 -26.88 19.56 -33.80
N ARG M 261 -26.30 18.37 -33.83
CA ARG M 261 -27.12 17.18 -34.00
C ARG M 261 -27.69 16.71 -32.68
N GLU M 262 -26.92 16.85 -31.60
CA GLU M 262 -27.52 16.64 -30.28
C GLU M 262 -28.73 17.54 -30.08
N HIS M 263 -28.63 18.81 -30.50
CA HIS M 263 -29.76 19.73 -30.37
C HIS M 263 -31.02 19.20 -31.04
N ALA M 264 -30.90 18.62 -32.23
CA ALA M 264 -32.08 18.16 -32.96
C ALA M 264 -32.63 16.87 -32.40
N GLU M 265 -31.76 15.97 -31.92
CA GLU M 265 -32.27 14.77 -31.27
C GLU M 265 -33.04 15.10 -30.00
N LYS M 266 -32.66 16.16 -29.28
CA LYS M 266 -33.45 16.57 -28.13
C LYS M 266 -34.87 16.94 -28.52
N LEU M 267 -35.04 17.63 -29.65
CA LEU M 267 -36.38 18.02 -30.07
C LEU M 267 -37.18 16.83 -30.58
N MET M 268 -36.51 15.85 -31.20
CA MET M 268 -37.21 14.62 -31.58
C MET M 268 -37.75 13.90 -30.36
N LYS M 269 -36.90 13.73 -29.34
CA LYS M 269 -37.35 13.12 -28.11
C LYS M 269 -38.52 13.89 -27.50
N LEU M 270 -38.41 15.22 -27.47
CA LEU M 270 -39.53 16.03 -26.98
C LEU M 270 -40.82 15.72 -27.72
N GLN M 271 -40.79 15.71 -29.05
CA GLN M 271 -42.02 15.50 -29.78
C GLN M 271 -42.57 14.10 -29.60
N ASN M 272 -41.71 13.13 -29.28
CA ASN M 272 -42.25 11.82 -28.93
C ASN M 272 -42.88 11.81 -27.54
N GLN M 273 -42.36 12.64 -26.62
CA GLN M 273 -42.96 12.72 -25.29
C GLN M 273 -44.32 13.39 -25.32
N ARG M 274 -44.58 14.25 -26.29
CA ARG M 274 -45.84 14.96 -26.35
C ARG M 274 -46.94 14.17 -27.05
N GLY M 275 -46.60 13.09 -27.73
CA GLY M 275 -47.57 12.33 -28.49
C GLY M 275 -47.75 12.78 -29.91
N GLY M 276 -46.87 13.62 -30.44
CA GLY M 276 -46.96 14.09 -31.80
C GLY M 276 -46.24 13.18 -32.77
N GLU M 277 -46.26 13.58 -34.04
CA GLU M 277 -45.69 12.78 -35.12
C GLU M 277 -44.50 13.49 -35.73
N ILE M 278 -43.34 12.87 -35.65
CA ILE M 278 -42.16 13.37 -36.34
C ILE M 278 -42.32 13.11 -37.83
N SER M 279 -42.06 14.14 -38.64
CA SER M 279 -42.08 13.99 -40.09
C SER M 279 -40.82 14.63 -40.63
N LEU M 280 -39.83 13.80 -40.92
CA LEU M 280 -38.52 14.26 -41.38
C LEU M 280 -38.61 14.64 -42.84
N GLN M 281 -37.73 15.55 -43.26
CA GLN M 281 -37.75 16.10 -44.61
C GLN M 281 -36.36 16.19 -45.19
N SER M 282 -36.26 16.79 -46.37
CA SER M 282 -35.02 16.86 -47.12
C SER M 282 -34.14 17.95 -46.51
N ILE M 283 -32.83 17.72 -46.50
CA ILE M 283 -31.90 18.69 -45.96
C ILE M 283 -31.17 19.37 -47.10
N SER M 284 -31.32 20.69 -47.21
CA SER M 284 -30.67 21.43 -48.27
C SER M 284 -29.15 21.37 -48.10
N SER M 285 -28.45 21.60 -49.20
CA SER M 285 -27.01 21.65 -49.10
C SER M 285 -26.57 23.07 -48.78
N PRO M 286 -25.44 23.24 -48.10
CA PRO M 286 -24.98 24.59 -47.76
C PRO M 286 -24.79 25.43 -49.01
N ASP M 287 -24.86 26.75 -48.82
CA ASP M 287 -24.87 27.63 -49.98
C ASP M 287 -23.51 27.72 -50.65
N SER M 288 -22.44 27.49 -49.89
CA SER M 288 -21.09 27.60 -50.42
C SER M 288 -20.36 26.28 -50.20
N ASP M 289 -19.39 26.02 -51.07
CA ASP M 289 -18.37 25.02 -50.82
C ASP M 289 -17.03 25.67 -50.50
N ASP M 290 -16.87 26.94 -50.85
CA ASP M 290 -15.64 27.70 -50.66
C ASP M 290 -15.96 28.87 -49.73
N TRP M 291 -15.60 28.71 -48.46
CA TRP M 291 -15.72 29.78 -47.49
C TRP M 291 -14.41 30.55 -47.44
N GLU M 292 -14.40 31.74 -48.05
CA GLU M 292 -13.16 32.32 -48.55
C GLU M 292 -12.03 32.35 -47.52
N SER M 293 -12.35 32.57 -46.24
CA SER M 293 -11.31 32.69 -45.23
C SER M 293 -11.89 32.32 -43.88
N GLY M 294 -11.05 32.41 -42.84
CA GLY M 294 -11.52 32.17 -41.49
C GLY M 294 -12.45 33.24 -40.97
N LEU M 295 -12.18 34.50 -41.30
CA LEU M 295 -13.07 35.59 -40.94
C LEU M 295 -14.46 35.42 -41.56
N ASN M 296 -14.52 35.18 -42.86
CA ASN M 296 -15.80 35.01 -43.55
C ASN M 296 -16.58 33.82 -43.04
N ALA M 297 -15.92 32.70 -42.76
CA ALA M 297 -16.58 31.57 -42.14
C ALA M 297 -17.11 31.87 -40.76
N MET M 298 -16.36 32.59 -39.92
CA MET M 298 -16.89 32.97 -38.62
C MET M 298 -18.11 33.89 -38.74
N GLU M 299 -18.10 34.80 -39.72
CA GLU M 299 -19.26 35.68 -39.89
C GLU M 299 -20.48 34.92 -40.38
N SER M 300 -20.27 33.94 -41.26
CA SER M 300 -21.38 33.12 -41.72
C SER M 300 -21.96 32.28 -40.59
N ALA M 301 -21.09 31.72 -39.73
CA ALA M 301 -21.60 31.01 -38.55
C ALA M 301 -22.39 31.93 -37.66
N LEU M 302 -21.97 33.19 -37.53
CA LEU M 302 -22.71 34.14 -36.69
C LEU M 302 -24.10 34.40 -37.24
N HIS M 303 -24.22 34.64 -38.54
CA HIS M 303 -25.55 34.83 -39.12
C HIS M 303 -26.42 33.59 -38.99
N LEU M 304 -25.83 32.40 -39.13
CA LEU M 304 -26.62 31.18 -38.99
C LEU M 304 -27.14 31.02 -37.58
N GLU M 305 -26.31 31.28 -36.57
CA GLU M 305 -26.77 31.19 -35.19
C GLU M 305 -27.87 32.20 -34.91
N LYS M 306 -27.78 33.39 -35.49
CA LYS M 306 -28.84 34.38 -35.29
C LYS M 306 -30.16 33.94 -35.92
N ALA M 307 -30.11 33.32 -37.10
CA ALA M 307 -31.34 32.82 -37.72
C ALA M 307 -31.98 31.72 -36.87
N VAL M 308 -31.16 30.80 -36.36
CA VAL M 308 -31.69 29.75 -35.48
C VAL M 308 -32.35 30.36 -34.26
N ASN M 309 -31.73 31.37 -33.65
CA ASN M 309 -32.31 32.00 -32.48
C ASN M 309 -33.62 32.69 -32.79
N ALA M 310 -33.73 33.33 -33.95
CA ALA M 310 -35.01 33.93 -34.34
C ALA M 310 -36.11 32.87 -34.44
N SER M 311 -35.81 31.72 -35.03
CA SER M 311 -36.84 30.67 -35.09
C SER M 311 -37.25 30.21 -33.71
N LEU M 312 -36.29 30.06 -32.79
CA LEU M 312 -36.65 29.69 -31.43
C LEU M 312 -37.56 30.72 -30.78
N LEU M 313 -37.30 32.00 -30.99
CA LEU M 313 -38.17 33.02 -30.42
C LEU M 313 -39.58 32.97 -30.99
N ARG M 314 -39.71 32.71 -32.30
CA ARG M 314 -41.04 32.59 -32.89
C ARG M 314 -41.80 31.40 -32.30
N LEU M 315 -41.12 30.27 -32.13
CA LEU M 315 -41.78 29.11 -31.55
C LEU M 315 -42.15 29.36 -30.10
N HIS M 316 -41.35 30.12 -29.36
CA HIS M 316 -41.70 30.42 -27.98
C HIS M 316 -42.93 31.31 -27.90
N LYS M 317 -43.02 32.31 -28.77
CA LYS M 317 -44.22 33.13 -28.77
C LYS M 317 -45.45 32.32 -29.15
N LEU M 318 -45.31 31.38 -30.09
CA LEU M 318 -46.42 30.50 -30.42
C LEU M 318 -46.85 29.66 -29.23
N ALA M 319 -45.90 29.05 -28.52
CA ALA M 319 -46.25 28.24 -27.35
C ALA M 319 -46.83 29.09 -26.24
N THR M 320 -46.53 30.39 -26.22
CA THR M 320 -47.11 31.26 -25.21
C THR M 320 -48.56 31.62 -25.55
N ASP M 321 -48.84 31.81 -26.84
CA ASP M 321 -50.22 32.13 -27.22
C ASP M 321 -51.17 31.00 -26.89
N CYS M 322 -50.74 29.75 -27.10
CA CYS M 322 -51.63 28.61 -26.93
C CYS M 322 -51.55 27.99 -25.53
N ASN M 323 -51.09 28.73 -24.53
CA ASN M 323 -51.14 28.31 -23.13
C ASN M 323 -50.50 26.93 -22.94
N ASP M 324 -49.19 26.85 -23.14
CA ASP M 324 -48.46 25.60 -23.10
C ASP M 324 -47.24 25.75 -22.20
N PRO M 325 -47.40 25.80 -20.87
CA PRO M 325 -46.26 26.09 -19.99
C PRO M 325 -45.06 25.18 -20.15
N HIS M 326 -45.25 23.89 -20.40
CA HIS M 326 -44.13 22.97 -20.45
C HIS M 326 -43.27 23.21 -21.69
N LEU M 327 -43.89 23.55 -22.82
CA LEU M 327 -43.12 23.84 -24.03
C LEU M 327 -42.28 25.10 -23.84
N CYS M 328 -42.86 26.15 -23.25
CA CYS M 328 -42.11 27.37 -22.99
C CYS M 328 -40.95 27.12 -22.05
N ASP M 329 -41.21 26.38 -20.96
CA ASP M 329 -40.13 26.05 -20.02
C ASP M 329 -39.03 25.27 -20.70
N PHE M 330 -39.39 24.29 -21.54
CA PHE M 330 -38.39 23.52 -22.27
C PHE M 330 -37.54 24.40 -23.17
N ILE M 331 -38.18 25.28 -23.93
CA ILE M 331 -37.46 26.13 -24.87
C ILE M 331 -36.49 27.05 -24.14
N GLU M 332 -36.97 27.72 -23.08
CA GLU M 332 -36.04 28.63 -22.43
C GLU M 332 -35.05 27.95 -21.51
N THR M 333 -35.27 26.69 -21.13
CA THR M 333 -34.29 26.00 -20.32
C THR M 333 -33.16 25.43 -21.15
N HIS M 334 -33.46 24.87 -22.32
CA HIS M 334 -32.41 24.17 -23.04
C HIS M 334 -31.88 24.93 -24.25
N TYR M 335 -32.55 25.98 -24.68
CA TYR M 335 -32.23 26.54 -25.99
C TYR M 335 -31.95 28.03 -25.99
N LEU M 336 -32.51 28.80 -25.06
CA LEU M 336 -32.34 30.25 -25.16
C LEU M 336 -31.07 30.74 -24.51
N ASN M 337 -30.46 30.00 -23.60
CA ASN M 337 -29.22 30.47 -23.01
C ASN M 337 -28.00 29.99 -23.77
N GLU M 338 -28.13 28.93 -24.56
CA GLU M 338 -27.02 28.49 -25.39
C GLU M 338 -26.85 29.38 -26.61
N GLN M 339 -27.94 29.86 -27.18
CA GLN M 339 -27.83 30.75 -28.32
C GLN M 339 -27.19 32.07 -27.96
N VAL M 340 -27.50 32.61 -26.77
CA VAL M 340 -26.91 33.85 -26.33
C VAL M 340 -25.40 33.71 -26.17
N LYS M 341 -24.95 32.61 -25.58
CA LYS M 341 -23.53 32.37 -25.40
C LYS M 341 -22.82 32.12 -26.73
N ALA M 342 -23.45 31.38 -27.65
CA ALA M 342 -22.88 31.19 -28.97
C ALA M 342 -22.72 32.50 -29.72
N ILE M 343 -23.72 33.38 -29.69
CA ILE M 343 -23.63 34.64 -30.39
C ILE M 343 -22.56 35.53 -29.77
N LYS M 344 -22.48 35.56 -28.44
CA LYS M 344 -21.44 36.35 -27.79
C LYS M 344 -20.05 35.87 -28.18
N GLU M 345 -19.84 34.56 -28.16
CA GLU M 345 -18.53 34.01 -28.47
C GLU M 345 -18.15 34.23 -29.92
N LEU M 346 -19.07 34.04 -30.85
CA LEU M 346 -18.74 34.22 -32.25
C LEU M 346 -18.51 35.69 -32.61
N GLY M 347 -19.21 36.62 -31.97
CA GLY M 347 -18.88 38.02 -32.15
C GLY M 347 -17.53 38.40 -31.57
N ASP M 348 -17.16 37.79 -30.45
CA ASP M 348 -15.81 37.97 -29.93
C ASP M 348 -14.76 37.52 -30.93
N HIS M 349 -14.92 36.32 -31.48
CA HIS M 349 -13.98 35.83 -32.50
C HIS M 349 -13.88 36.77 -33.67
N VAL M 350 -15.01 37.29 -34.15
CA VAL M 350 -14.97 38.16 -35.31
C VAL M 350 -14.25 39.47 -35.00
N THR M 351 -14.49 40.09 -33.85
CA THR M 351 -13.75 41.31 -33.59
C THR M 351 -12.27 41.08 -33.33
N ASN M 352 -11.91 39.97 -32.67
CA ASN M 352 -10.49 39.67 -32.53
C ASN M 352 -9.82 39.51 -33.87
N LEU M 353 -10.40 38.71 -34.76
CA LEU M 353 -9.81 38.51 -36.08
C LEU M 353 -9.73 39.82 -36.85
N ARG M 354 -10.75 40.66 -36.77
CA ARG M 354 -10.70 41.92 -37.51
C ARG M 354 -9.64 42.87 -36.97
N LYS M 355 -9.45 42.90 -35.66
CA LYS M 355 -8.43 43.78 -35.09
C LYS M 355 -7.03 43.29 -35.40
N MET M 356 -6.77 41.99 -35.27
CA MET M 356 -5.45 41.45 -35.61
C MET M 356 -5.03 41.75 -37.03
N GLY M 357 -5.97 42.01 -37.93
CA GLY M 357 -5.64 42.41 -39.30
C GLY M 357 -6.10 41.46 -40.38
N ALA M 358 -6.86 40.43 -40.07
CA ALA M 358 -7.35 39.52 -41.10
C ALA M 358 -8.39 40.21 -41.96
N PRO M 359 -8.67 39.69 -43.17
CA PRO M 359 -8.14 38.52 -43.87
C PRO M 359 -6.93 38.85 -44.71
N GLU M 360 -6.67 40.14 -44.89
CA GLU M 360 -5.54 40.59 -45.69
C GLU M 360 -4.20 40.35 -45.02
N SER M 361 -4.18 39.62 -43.90
CA SER M 361 -2.95 39.31 -43.20
C SER M 361 -2.89 37.83 -42.88
N GLY M 362 -2.00 37.12 -43.56
CA GLY M 362 -1.44 35.93 -42.98
C GLY M 362 -0.56 36.29 -41.81
N LEU M 363 -0.44 35.35 -40.87
CA LEU M 363 0.11 35.55 -39.53
C LEU M 363 -0.92 36.18 -38.60
N ALA M 364 -2.11 36.49 -39.12
CA ALA M 364 -3.21 36.85 -38.23
C ALA M 364 -4.08 35.63 -37.98
N GLU M 365 -4.46 34.94 -39.05
CA GLU M 365 -5.23 33.72 -38.89
C GLU M 365 -4.36 32.56 -38.41
N TYR M 366 -3.08 32.55 -38.77
CA TYR M 366 -2.18 31.54 -38.22
C TYR M 366 -2.10 31.65 -36.70
N LEU M 367 -1.89 32.86 -36.19
CA LEU M 367 -1.73 33.03 -34.75
C LEU M 367 -3.05 32.96 -34.01
N PHE M 368 -4.15 33.38 -34.62
CA PHE M 368 -5.46 33.12 -34.04
C PHE M 368 -5.70 31.62 -33.90
N ASP M 369 -5.48 30.88 -34.97
CA ASP M 369 -5.62 29.42 -34.95
C ASP M 369 -4.75 28.79 -33.88
N LYS M 370 -3.56 29.32 -33.67
CA LYS M 370 -2.66 28.74 -32.67
C LYS M 370 -3.07 29.08 -31.25
N HIS M 371 -3.43 30.33 -30.97
CA HIS M 371 -3.55 30.82 -29.61
C HIS M 371 -4.97 30.78 -29.06
N THR M 372 -5.97 31.01 -29.90
CA THR M 372 -7.34 31.10 -29.41
C THR M 372 -8.10 29.80 -29.61
N LEU M 373 -7.89 29.15 -30.74
CA LEU M 373 -8.64 27.94 -31.07
C LEU M 373 -7.92 26.67 -30.65
N GLY M 374 -6.69 26.78 -30.16
CA GLY M 374 -5.94 25.61 -29.74
C GLY M 374 -5.05 25.84 -28.56
N SER N 2 -98.53 25.74 -30.65
CA SER N 2 -98.20 26.05 -29.26
C SER N 2 -98.26 24.80 -28.38
N LYS N 3 -99.33 24.03 -28.51
CA LYS N 3 -99.53 22.87 -27.65
C LYS N 3 -98.72 21.67 -28.09
N GLY N 4 -98.64 21.42 -29.40
CA GLY N 4 -98.02 20.21 -29.88
C GLY N 4 -96.56 20.06 -29.48
N GLU N 5 -95.89 21.18 -29.24
CA GLU N 5 -94.47 21.14 -28.86
C GLU N 5 -94.27 21.01 -27.36
N GLU N 6 -95.30 21.32 -26.56
CA GLU N 6 -95.14 21.34 -25.11
C GLU N 6 -95.03 19.92 -24.54
N LEU N 7 -95.73 18.96 -25.16
CA LEU N 7 -95.92 17.63 -24.57
C LEU N 7 -94.63 16.85 -24.37
N PHE N 8 -93.47 17.40 -24.74
CA PHE N 8 -92.19 16.72 -24.57
C PHE N 8 -91.23 17.52 -23.70
N THR N 9 -91.74 18.23 -22.69
CA THR N 9 -90.90 19.10 -21.87
C THR N 9 -89.88 18.31 -21.06
N GLY N 10 -90.14 17.05 -20.75
CA GLY N 10 -89.26 16.28 -19.90
C GLY N 10 -89.09 14.85 -20.33
N VAL N 11 -88.76 13.98 -19.39
CA VAL N 11 -88.62 12.56 -19.66
C VAL N 11 -89.99 11.99 -19.99
N VAL N 12 -90.01 10.89 -20.75
CA VAL N 12 -91.25 10.21 -21.12
C VAL N 12 -91.00 8.71 -20.99
N PRO N 13 -91.71 8.00 -20.12
CA PRO N 13 -91.64 6.54 -20.11
C PRO N 13 -92.37 5.97 -21.32
N ILE N 14 -91.89 4.82 -21.78
CA ILE N 14 -92.36 4.21 -23.01
C ILE N 14 -92.77 2.77 -22.74
N LEU N 15 -93.77 2.30 -23.49
CA LEU N 15 -94.23 0.92 -23.45
C LEU N 15 -94.57 0.52 -24.88
N VAL N 16 -93.75 -0.36 -25.47
CA VAL N 16 -93.87 -0.66 -26.89
C VAL N 16 -94.27 -2.11 -27.06
N GLU N 17 -95.44 -2.34 -27.66
CA GLU N 17 -95.94 -3.68 -27.92
C GLU N 17 -96.02 -3.89 -29.43
N LEU N 18 -95.50 -5.03 -29.87
CA LEU N 18 -95.47 -5.39 -31.28
C LEU N 18 -95.92 -6.82 -31.43
N ASP N 19 -96.95 -7.05 -32.25
CA ASP N 19 -97.47 -8.40 -32.49
C ASP N 19 -97.34 -8.71 -33.97
N GLY N 20 -96.53 -9.71 -34.29
CA GLY N 20 -96.18 -9.98 -35.68
C GLY N 20 -96.42 -11.43 -36.07
N ASP N 21 -96.77 -11.62 -37.34
CA ASP N 21 -96.90 -12.93 -37.96
C ASP N 21 -95.99 -13.01 -39.16
N VAL N 22 -95.00 -13.90 -39.11
CA VAL N 22 -94.03 -14.09 -40.18
C VAL N 22 -93.89 -15.58 -40.47
N ASN N 23 -94.56 -16.03 -41.54
CA ASN N 23 -94.43 -17.39 -42.06
C ASN N 23 -94.68 -18.43 -40.98
N GLY N 24 -95.85 -18.37 -40.37
CA GLY N 24 -96.23 -19.28 -39.31
C GLY N 24 -95.63 -18.94 -37.97
N HIS N 25 -94.75 -17.94 -37.91
CA HIS N 25 -94.13 -17.53 -36.65
C HIS N 25 -94.91 -16.36 -36.05
N LYS N 26 -95.65 -16.63 -34.99
CA LYS N 26 -96.28 -15.57 -34.22
C LYS N 26 -95.35 -15.09 -33.12
N PHE N 27 -95.34 -13.78 -32.89
CA PHE N 27 -94.48 -13.26 -31.84
C PHE N 27 -95.08 -11.99 -31.25
N SER N 28 -94.88 -11.84 -29.95
CA SER N 28 -95.17 -10.61 -29.24
C SER N 28 -93.87 -10.06 -28.67
N VAL N 29 -93.70 -8.75 -28.73
CA VAL N 29 -92.50 -8.08 -28.25
C VAL N 29 -92.95 -6.93 -27.36
N ARG N 30 -92.38 -6.86 -26.16
CA ARG N 30 -92.56 -5.74 -25.26
C ARG N 30 -91.23 -5.06 -25.00
N GLY N 31 -91.23 -3.73 -25.11
CA GLY N 31 -90.05 -2.94 -24.86
C GLY N 31 -90.31 -1.85 -23.84
N GLU N 32 -89.36 -1.68 -22.92
CA GLU N 32 -89.47 -0.78 -21.79
C GLU N 32 -88.27 0.15 -21.75
N GLY N 33 -88.53 1.43 -21.54
CA GLY N 33 -87.45 2.40 -21.44
C GLY N 33 -88.02 3.81 -21.32
N GLU N 34 -87.15 4.79 -21.60
CA GLU N 34 -87.54 6.18 -21.51
C GLU N 34 -86.88 7.01 -22.59
N GLY N 35 -87.47 8.17 -22.87
CA GLY N 35 -86.94 9.07 -23.89
C GLY N 35 -87.07 10.55 -23.58
N ASP N 36 -86.24 11.35 -24.23
CA ASP N 36 -86.31 12.81 -24.12
C ASP N 36 -86.15 13.39 -25.53
N ALA N 37 -87.05 14.30 -25.88
CA ALA N 37 -86.99 14.97 -27.16
C ALA N 37 -86.01 16.15 -27.16
N THR N 38 -85.75 16.76 -26.01
CA THR N 38 -84.86 17.91 -25.94
C THR N 38 -83.48 17.59 -26.48
N ASN N 39 -83.00 16.36 -26.28
CA ASN N 39 -81.70 15.94 -26.79
C ASN N 39 -81.83 14.81 -27.81
N GLY N 40 -83.04 14.50 -28.27
CA GLY N 40 -83.24 13.42 -29.21
C GLY N 40 -82.72 12.08 -28.73
N LYS N 41 -82.81 11.81 -27.44
CA LYS N 41 -82.21 10.64 -26.84
C LYS N 41 -83.29 9.63 -26.46
N LEU N 42 -83.05 8.36 -26.77
CA LEU N 42 -83.96 7.28 -26.42
C LEU N 42 -83.15 6.14 -25.85
N THR N 43 -83.68 5.47 -24.82
CA THR N 43 -82.95 4.41 -24.14
C THR N 43 -83.94 3.32 -23.73
N LEU N 44 -83.86 2.16 -24.38
CA LEU N 44 -84.88 1.13 -24.28
C LEU N 44 -84.25 -0.24 -24.09
N LYS N 45 -85.10 -1.20 -23.71
CA LYS N 45 -84.73 -2.59 -23.58
C LYS N 45 -85.91 -3.44 -23.99
N PHE N 46 -85.72 -4.28 -25.02
CA PHE N 46 -86.77 -5.09 -25.60
C PHE N 46 -86.59 -6.54 -25.18
N ILE N 47 -87.70 -7.24 -24.94
CA ILE N 47 -87.67 -8.64 -24.53
C ILE N 47 -88.87 -9.35 -25.16
N CYS N 48 -88.65 -10.59 -25.60
CA CYS N 48 -89.70 -11.39 -26.22
C CYS N 48 -90.13 -12.49 -25.27
N THR N 49 -91.38 -12.42 -24.79
CA THR N 49 -91.94 -13.45 -23.93
C THR N 49 -92.46 -14.64 -24.73
N THR N 50 -92.05 -14.78 -25.99
CA THR N 50 -92.51 -15.84 -26.88
C THR N 50 -91.36 -16.77 -27.26
N GLY N 51 -90.45 -17.04 -26.32
CA GLY N 51 -89.37 -17.97 -26.57
C GLY N 51 -88.38 -17.49 -27.62
N LYS N 52 -87.60 -18.45 -28.14
CA LYS N 52 -86.60 -18.14 -29.15
C LYS N 52 -87.27 -17.68 -30.43
N LEU N 53 -86.71 -16.66 -31.07
CA LEU N 53 -87.33 -16.11 -32.26
C LEU N 53 -86.48 -16.45 -33.48
N PRO N 54 -87.09 -16.74 -34.63
CA PRO N 54 -86.29 -17.14 -35.80
C PRO N 54 -85.55 -16.00 -36.49
N VAL N 55 -86.06 -14.78 -36.46
CA VAL N 55 -85.45 -13.64 -37.15
C VAL N 55 -84.43 -13.02 -36.21
N PRO N 56 -83.27 -12.58 -36.71
CA PRO N 56 -82.26 -12.00 -35.81
C PRO N 56 -82.76 -10.71 -35.19
N TRP N 57 -82.20 -10.39 -34.03
CA TRP N 57 -82.52 -9.13 -33.38
C TRP N 57 -82.27 -7.91 -34.26
N PRO N 58 -81.16 -7.79 -35.01
CA PRO N 58 -80.97 -6.61 -35.85
C PRO N 58 -82.14 -6.29 -36.76
N THR N 59 -82.92 -7.30 -37.16
CA THR N 59 -84.08 -7.04 -37.99
C THR N 59 -85.14 -6.25 -37.24
N LEU N 60 -85.43 -6.64 -36.00
CA LEU N 60 -86.47 -6.01 -35.21
C LEU N 60 -86.13 -4.59 -34.77
N VAL N 61 -84.88 -4.17 -34.97
CA VAL N 61 -84.45 -2.87 -34.45
C VAL N 61 -85.11 -1.74 -35.24
N THR N 62 -85.06 -1.82 -36.57
CA THR N 62 -85.62 -0.77 -37.40
C THR N 62 -87.13 -0.61 -37.21
N THR N 63 -87.79 -1.71 -36.87
CA THR N 63 -89.25 -1.70 -36.75
C THR N 63 -89.67 -1.73 -35.31
N LEU N 64 -89.24 -0.76 -34.52
CA LEU N 64 -89.69 -0.64 -33.11
C LEU N 64 -89.58 0.84 -32.69
N VAL N 66 -90.27 5.83 -32.89
CA VAL N 66 -90.85 6.88 -32.09
C VAL N 66 -90.16 8.18 -32.42
N GLN N 67 -90.15 8.51 -33.72
CA GLN N 67 -89.42 9.71 -34.18
C GLN N 67 -89.97 10.93 -33.44
N CYS N 68 -91.12 10.76 -32.78
CA CYS N 68 -91.65 11.87 -31.97
C CYS N 68 -90.60 12.25 -30.91
N PHE N 69 -89.45 11.55 -30.87
CA PHE N 69 -88.52 11.92 -29.81
C PHE N 69 -87.26 12.56 -30.35
N SER N 70 -87.19 12.83 -31.65
CA SER N 70 -85.97 13.31 -32.27
C SER N 70 -85.69 14.75 -31.86
N ARG N 71 -84.40 15.08 -31.76
CA ARG N 71 -84.00 16.42 -31.33
C ARG N 71 -84.27 17.42 -32.45
N TYR N 72 -85.09 18.43 -32.16
CA TYR N 72 -85.49 19.40 -33.14
C TYR N 72 -85.03 20.79 -32.73
N PRO N 73 -84.29 21.49 -33.59
CA PRO N 73 -83.77 22.80 -33.21
C PRO N 73 -84.81 23.90 -33.27
N ASP N 74 -84.46 25.09 -32.77
CA ASP N 74 -85.42 26.19 -32.75
C ASP N 74 -85.63 26.75 -34.15
N HIS N 75 -84.70 26.48 -35.07
CA HIS N 75 -84.97 26.96 -36.42
C HIS N 75 -85.93 26.05 -37.18
N MET N 76 -86.01 24.75 -36.88
CA MET N 76 -87.06 23.90 -37.44
C MET N 76 -88.25 23.74 -36.49
N LYS N 77 -88.58 24.78 -35.72
CA LYS N 77 -89.81 24.75 -34.95
C LYS N 77 -91.05 24.76 -35.83
N ARG N 78 -90.90 25.12 -37.11
CA ARG N 78 -92.02 25.20 -38.03
C ARG N 78 -92.11 23.99 -38.96
N HIS N 79 -91.18 23.04 -38.84
CA HIS N 79 -91.16 21.85 -39.70
C HIS N 79 -91.14 20.58 -38.88
N ASP N 80 -91.84 20.58 -37.74
CA ASP N 80 -91.94 19.40 -36.88
C ASP N 80 -93.37 18.86 -36.98
N PHE N 81 -93.59 17.98 -37.96
CA PHE N 81 -94.91 17.41 -38.17
C PHE N 81 -95.35 16.54 -36.99
N PHE N 82 -94.42 15.76 -36.42
CA PHE N 82 -94.79 14.84 -35.36
C PHE N 82 -95.20 15.59 -34.10
N LYS N 83 -94.74 16.83 -33.94
CA LYS N 83 -94.98 17.55 -32.70
C LYS N 83 -96.39 18.13 -32.63
N SER N 84 -96.79 18.93 -33.64
CA SER N 84 -98.05 19.66 -33.57
C SER N 84 -99.24 18.78 -33.20
N ALA N 85 -99.12 17.45 -33.37
CA ALA N 85 -100.22 16.54 -33.12
C ALA N 85 -100.15 15.88 -31.74
N MET N 86 -99.75 16.59 -30.70
CA MET N 86 -99.72 15.99 -29.38
C MET N 86 -100.63 16.77 -28.43
N PRO N 87 -101.49 16.08 -27.65
CA PRO N 87 -101.65 14.62 -27.56
C PRO N 87 -102.55 14.03 -28.63
N GLU N 88 -102.79 14.79 -29.70
CA GLU N 88 -103.56 14.30 -30.84
C GLU N 88 -103.08 12.93 -31.29
N GLY N 89 -101.76 12.74 -31.36
CA GLY N 89 -101.20 11.48 -31.80
C GLY N 89 -101.29 11.33 -33.30
N TYR N 90 -100.95 10.14 -33.78
CA TYR N 90 -100.99 9.85 -35.21
C TYR N 90 -100.81 8.36 -35.43
N VAL N 91 -100.93 7.96 -36.70
CA VAL N 91 -100.73 6.58 -37.11
C VAL N 91 -99.73 6.58 -38.28
N GLN N 92 -99.07 5.45 -38.47
CA GLN N 92 -98.15 5.28 -39.59
C GLN N 92 -98.21 3.86 -40.12
N GLU N 93 -98.27 3.76 -41.45
CA GLU N 93 -98.22 2.48 -42.14
C GLU N 93 -96.88 2.35 -42.85
N ARG N 94 -96.11 1.33 -42.49
CA ARG N 94 -94.75 1.14 -42.96
C ARG N 94 -94.65 -0.14 -43.77
N THR N 95 -93.90 -0.08 -44.87
CA THR N 95 -93.52 -1.25 -45.63
C THR N 95 -92.00 -1.31 -45.68
N ILE N 96 -91.44 -2.43 -45.26
CA ILE N 96 -89.99 -2.63 -45.36
C ILE N 96 -89.75 -3.75 -46.36
N SER N 97 -88.81 -3.52 -47.27
CA SER N 97 -88.56 -4.39 -48.40
C SER N 97 -87.10 -4.83 -48.35
N PHE N 98 -86.88 -6.12 -48.08
CA PHE N 98 -85.55 -6.70 -48.14
C PHE N 98 -85.19 -6.98 -49.58
N LYS N 99 -83.92 -6.75 -49.93
CA LYS N 99 -83.43 -7.24 -51.21
C LYS N 99 -82.93 -8.67 -51.01
N ASP N 100 -83.22 -9.53 -51.99
CA ASP N 100 -82.87 -10.95 -51.98
C ASP N 100 -83.67 -11.72 -50.93
N ASP N 101 -84.83 -11.18 -50.55
CA ASP N 101 -85.83 -11.87 -49.72
C ASP N 101 -87.11 -11.03 -49.72
N GLY N 102 -88.10 -11.48 -48.95
CA GLY N 102 -89.45 -10.94 -48.96
C GLY N 102 -89.64 -9.60 -48.28
N THR N 103 -90.81 -9.39 -47.66
CA THR N 103 -91.17 -8.05 -47.19
C THR N 103 -91.94 -8.12 -45.89
N TYR N 104 -92.12 -6.93 -45.29
CA TYR N 104 -92.92 -6.72 -44.08
C TYR N 104 -93.89 -5.56 -44.28
N LYS N 105 -95.15 -5.79 -43.88
CA LYS N 105 -96.19 -4.77 -43.84
C LYS N 105 -96.55 -4.54 -42.37
N THR N 106 -96.42 -3.31 -41.90
CA THR N 106 -96.48 -3.05 -40.47
C THR N 106 -97.26 -1.77 -40.17
N ARG N 107 -98.37 -1.92 -39.45
CA ARG N 107 -99.20 -0.81 -39.01
C ARG N 107 -98.82 -0.42 -37.60
N ALA N 108 -98.81 0.88 -37.30
CA ALA N 108 -98.46 1.34 -35.97
C ALA N 108 -99.30 2.55 -35.59
N GLU N 109 -99.77 2.58 -34.35
CA GLU N 109 -100.53 3.71 -33.83
C GLU N 109 -99.78 4.29 -32.64
N VAL N 110 -99.39 5.57 -32.73
CA VAL N 110 -98.57 6.21 -31.72
C VAL N 110 -99.36 7.36 -31.11
N LYS N 111 -99.30 7.46 -29.78
CA LYS N 111 -100.06 8.46 -29.02
C LYS N 111 -99.48 8.59 -27.62
N PHE N 112 -100.07 9.48 -26.85
CA PHE N 112 -99.88 9.51 -25.40
C PHE N 112 -101.06 8.84 -24.72
N GLU N 113 -100.79 8.04 -23.69
CA GLU N 113 -101.80 7.41 -22.86
C GLU N 113 -101.52 7.91 -21.44
N GLY N 114 -102.35 8.83 -20.97
CA GLY N 114 -102.02 9.56 -19.76
C GLY N 114 -100.82 10.44 -20.04
N ASP N 115 -99.66 10.05 -19.52
CA ASP N 115 -98.39 10.65 -19.90
C ASP N 115 -97.36 9.60 -20.32
N THR N 116 -97.77 8.34 -20.43
CA THR N 116 -96.91 7.25 -20.87
C THR N 116 -97.06 7.11 -22.38
N LEU N 117 -95.94 6.99 -23.09
CA LEU N 117 -96.02 6.77 -24.53
C LEU N 117 -96.13 5.28 -24.80
N VAL N 118 -97.32 4.83 -25.18
CA VAL N 118 -97.57 3.43 -25.51
C VAL N 118 -97.70 3.32 -27.01
N ASN N 119 -97.04 2.32 -27.57
CA ASN N 119 -96.93 2.17 -29.03
C ASN N 119 -97.38 0.77 -29.41
N ARG N 120 -98.56 0.69 -30.04
CA ARG N 120 -99.14 -0.58 -30.48
C ARG N 120 -98.85 -0.76 -31.96
N ILE N 121 -98.19 -1.87 -32.29
CA ILE N 121 -97.77 -2.15 -33.66
C ILE N 121 -98.17 -3.57 -34.03
N GLU N 122 -98.68 -3.74 -35.24
CA GLU N 122 -99.08 -5.03 -35.78
C GLU N 122 -98.30 -5.26 -37.07
N LEU N 123 -97.77 -6.47 -37.22
CA LEU N 123 -96.80 -6.78 -38.27
C LEU N 123 -97.19 -8.05 -39.01
N LYS N 124 -97.02 -8.01 -40.33
CA LYS N 124 -97.23 -9.15 -41.20
C LYS N 124 -96.04 -9.26 -42.15
N GLY N 125 -95.16 -10.23 -41.90
CA GLY N 125 -94.00 -10.39 -42.75
C GLY N 125 -94.00 -11.69 -43.52
N ILE N 126 -93.92 -11.63 -44.84
CA ILE N 126 -94.07 -12.84 -45.66
C ILE N 126 -93.08 -12.79 -46.82
N ASP N 127 -93.11 -13.85 -47.63
CA ASP N 127 -92.43 -13.96 -48.92
C ASP N 127 -90.94 -14.25 -48.77
N PHE N 128 -90.55 -14.95 -47.72
CA PHE N 128 -89.15 -15.24 -47.45
C PHE N 128 -88.83 -16.70 -47.72
N LYS N 129 -87.56 -16.96 -48.00
CA LYS N 129 -87.04 -18.31 -47.98
C LYS N 129 -86.50 -18.62 -46.58
N GLU N 130 -86.97 -19.72 -45.99
CA GLU N 130 -86.73 -19.96 -44.58
C GLU N 130 -85.42 -20.68 -44.30
N ASP N 131 -84.61 -20.95 -45.31
CA ASP N 131 -83.23 -21.38 -45.13
C ASP N 131 -82.25 -20.35 -45.68
N GLY N 132 -82.59 -19.06 -45.58
CA GLY N 132 -81.76 -18.00 -46.11
C GLY N 132 -80.81 -17.42 -45.10
N ASN N 133 -80.32 -16.23 -45.40
CA ASN N 133 -79.35 -15.54 -44.56
C ASN N 133 -79.94 -14.37 -43.80
N ILE N 134 -80.74 -13.54 -44.48
CA ILE N 134 -81.35 -12.38 -43.82
C ILE N 134 -82.12 -12.82 -42.57
N LEU N 135 -82.82 -13.94 -42.65
CA LEU N 135 -83.56 -14.46 -41.52
C LEU N 135 -82.86 -15.63 -40.83
N GLY N 136 -82.04 -16.38 -41.56
CA GLY N 136 -81.45 -17.60 -41.04
C GLY N 136 -80.26 -17.41 -40.14
N HIS N 137 -80.14 -16.22 -39.54
CA HIS N 137 -79.08 -15.89 -38.59
C HIS N 137 -77.70 -16.08 -39.21
N LYS N 138 -77.45 -15.33 -40.28
CA LYS N 138 -76.14 -15.23 -40.89
C LYS N 138 -75.60 -13.80 -40.80
N LEU N 139 -76.46 -12.82 -40.54
CA LEU N 139 -76.08 -11.42 -40.52
C LEU N 139 -75.43 -11.07 -39.20
N GLU N 140 -74.69 -9.96 -39.19
CA GLU N 140 -73.84 -9.62 -38.05
C GLU N 140 -74.60 -8.76 -37.04
N TYR N 141 -74.34 -9.04 -35.77
CA TYR N 141 -74.95 -8.31 -34.65
C TYR N 141 -74.23 -6.98 -34.49
N ASN N 142 -74.70 -5.97 -35.22
CA ASN N 142 -74.12 -4.64 -35.19
C ASN N 142 -75.18 -3.65 -35.64
N PHE N 143 -74.72 -2.43 -35.95
CA PHE N 143 -75.59 -1.40 -36.49
C PHE N 143 -74.71 -0.29 -37.07
N ASN N 144 -75.33 0.62 -37.81
CA ASN N 144 -74.61 1.71 -38.45
C ASN N 144 -75.46 2.98 -38.43
N SER N 145 -74.85 4.11 -38.74
CA SER N 145 -75.51 5.40 -38.76
C SER N 145 -76.36 5.55 -40.01
N HIS N 146 -77.58 6.05 -39.85
CA HIS N 146 -78.51 6.09 -40.97
C HIS N 146 -79.22 7.44 -41.03
N ASN N 147 -79.97 7.62 -42.12
CA ASN N 147 -80.73 8.85 -42.37
C ASN N 147 -82.12 8.49 -42.87
N VAL N 148 -83.06 9.38 -42.59
CA VAL N 148 -84.46 9.25 -43.01
C VAL N 148 -84.81 10.51 -43.80
N TYR N 149 -85.50 10.34 -44.92
CA TYR N 149 -86.01 11.47 -45.68
C TYR N 149 -87.49 11.61 -45.42
N ILE N 150 -87.89 12.76 -44.88
CA ILE N 150 -89.30 13.07 -44.64
C ILE N 150 -89.76 14.11 -45.66
N THR N 151 -90.92 13.85 -46.25
CA THR N 151 -91.49 14.68 -47.31
C THR N 151 -92.91 15.03 -46.95
N ALA N 152 -93.28 16.28 -47.17
CA ALA N 152 -94.65 16.70 -46.96
C ALA N 152 -95.60 15.96 -47.90
N ASP N 153 -96.82 15.72 -47.45
CA ASP N 153 -97.82 14.99 -48.24
C ASP N 153 -99.17 15.64 -47.97
N LYS N 154 -99.52 16.62 -48.81
CA LYS N 154 -100.78 17.33 -48.63
C LYS N 154 -101.98 16.44 -48.94
N GLN N 155 -101.79 15.39 -49.71
CA GLN N 155 -102.88 14.47 -50.00
C GLN N 155 -103.41 13.82 -48.72
N LYS N 156 -102.51 13.44 -47.82
CA LYS N 156 -102.89 12.95 -46.50
C LYS N 156 -102.64 14.01 -45.42
N ASN N 157 -102.44 15.27 -45.83
CA ASN N 157 -102.09 16.41 -44.96
C ASN N 157 -101.13 16.00 -43.85
N GLY N 158 -100.25 15.05 -44.15
CA GLY N 158 -99.27 14.54 -43.24
C GLY N 158 -97.94 14.42 -43.94
N ILE N 159 -97.24 13.29 -43.80
CA ILE N 159 -95.95 13.13 -44.46
C ILE N 159 -95.75 11.70 -44.94
N LYS N 160 -94.77 11.55 -45.82
CA LYS N 160 -94.20 10.26 -46.18
C LYS N 160 -92.76 10.23 -45.68
N ALA N 161 -92.32 9.05 -45.26
CA ALA N 161 -90.94 8.87 -44.83
C ALA N 161 -90.33 7.71 -45.58
N ASN N 162 -89.22 7.98 -46.27
CA ASN N 162 -88.53 6.97 -47.05
C ASN N 162 -87.07 6.94 -46.62
N PHE N 163 -86.52 5.73 -46.56
CA PHE N 163 -85.11 5.60 -46.20
C PHE N 163 -84.62 4.21 -46.58
N LYS N 164 -83.31 4.03 -46.47
CA LYS N 164 -82.66 2.79 -46.87
C LYS N 164 -81.68 2.39 -45.79
N ILE N 165 -81.75 1.13 -45.36
CA ILE N 165 -80.88 0.62 -44.31
C ILE N 165 -79.97 -0.44 -44.90
N ARG N 166 -78.72 -0.45 -44.47
CA ARG N 166 -77.73 -1.42 -44.92
C ARG N 166 -77.24 -2.22 -43.72
N HIS N 167 -77.59 -3.50 -43.69
CA HIS N 167 -77.14 -4.40 -42.63
C HIS N 167 -76.02 -5.27 -43.15
N ASN N 168 -74.83 -5.12 -42.57
CA ASN N 168 -73.69 -5.90 -43.01
C ASN N 168 -73.79 -7.33 -42.49
N VAL N 169 -73.38 -8.28 -43.33
CA VAL N 169 -73.40 -9.68 -42.99
C VAL N 169 -72.00 -10.07 -42.49
N GLU N 170 -71.92 -11.18 -41.75
CA GLU N 170 -70.66 -11.57 -41.13
C GLU N 170 -69.58 -11.87 -42.16
N ASP N 171 -69.91 -11.84 -43.45
CA ASP N 171 -68.94 -12.07 -44.51
C ASP N 171 -68.85 -10.88 -45.47
N GLY N 172 -68.92 -9.66 -44.95
CA GLY N 172 -68.71 -8.46 -45.72
C GLY N 172 -69.89 -8.00 -46.53
N SER N 173 -70.74 -8.91 -46.99
CA SER N 173 -71.88 -8.52 -47.81
C SER N 173 -72.89 -7.75 -46.97
N VAL N 174 -73.75 -7.01 -47.67
CA VAL N 174 -74.72 -6.11 -47.05
C VAL N 174 -76.11 -6.41 -47.61
N GLN N 175 -77.12 -6.12 -46.80
CA GLN N 175 -78.51 -6.22 -47.21
C GLN N 175 -79.12 -4.82 -47.14
N LEU N 176 -79.72 -4.38 -48.25
CA LEU N 176 -80.29 -3.03 -48.32
C LEU N 176 -81.81 -3.12 -48.29
N ALA N 177 -82.37 -2.86 -47.11
CA ALA N 177 -83.82 -2.84 -46.91
C ALA N 177 -84.33 -1.42 -47.14
N ASP N 178 -85.27 -1.28 -48.07
CA ASP N 178 -85.89 0.01 -48.37
C ASP N 178 -87.19 0.13 -47.59
N HIS N 179 -87.35 1.25 -46.90
CA HIS N 179 -88.49 1.47 -46.01
C HIS N 179 -89.29 2.66 -46.49
N TYR N 180 -90.61 2.43 -46.66
CA TYR N 180 -91.60 3.47 -46.89
C TYR N 180 -92.52 3.53 -45.68
N GLN N 181 -93.08 4.70 -45.41
CA GLN N 181 -94.16 4.77 -44.42
C GLN N 181 -94.97 6.05 -44.63
N GLN N 182 -96.28 5.93 -44.41
CA GLN N 182 -97.20 7.05 -44.45
C GLN N 182 -97.55 7.44 -43.04
N ASN N 183 -97.37 8.72 -42.70
CA ASN N 183 -97.65 9.27 -41.39
C ASN N 183 -98.82 10.23 -41.48
N THR N 184 -99.89 9.94 -40.73
CA THR N 184 -101.11 10.73 -40.79
C THR N 184 -101.67 10.95 -39.38
N PRO N 185 -102.09 12.17 -39.05
CA PRO N 185 -102.62 12.43 -37.72
C PRO N 185 -104.10 12.06 -37.63
N ILE N 186 -104.52 11.70 -36.42
CA ILE N 186 -105.89 11.25 -36.21
C ILE N 186 -106.88 12.43 -36.26
N GLY N 187 -106.47 13.62 -35.83
CA GLY N 187 -107.37 14.75 -35.78
C GLY N 187 -107.28 15.63 -37.01
N ASP N 188 -108.36 16.37 -37.24
CA ASP N 188 -108.46 17.28 -38.37
C ASP N 188 -107.81 18.64 -38.11
N GLY N 189 -107.16 18.81 -36.97
CA GLY N 189 -106.57 20.08 -36.60
C GLY N 189 -105.42 20.49 -37.50
N PRO N 190 -104.90 21.70 -37.31
CA PRO N 190 -103.78 22.17 -38.12
C PRO N 190 -102.46 21.62 -37.61
N VAL N 191 -101.80 20.84 -38.47
CA VAL N 191 -100.51 20.23 -38.17
C VAL N 191 -99.45 20.93 -39.01
N LEU N 192 -98.33 21.23 -38.36
CA LEU N 192 -97.26 22.00 -38.97
C LEU N 192 -96.67 21.20 -40.13
N LEU N 193 -96.45 21.86 -41.26
CA LEU N 193 -96.10 21.17 -42.48
C LEU N 193 -94.60 21.27 -42.74
N PRO N 194 -93.84 20.18 -42.63
CA PRO N 194 -92.42 20.23 -42.93
C PRO N 194 -92.12 19.95 -44.39
N ASP N 195 -91.27 20.79 -44.96
CA ASP N 195 -90.73 20.49 -46.28
C ASP N 195 -89.78 19.28 -46.18
N ASN N 196 -89.48 18.71 -47.34
CA ASN N 196 -88.64 17.52 -47.38
C ASN N 196 -87.26 17.82 -46.82
N HIS N 197 -86.85 17.08 -45.81
CA HIS N 197 -85.50 17.18 -45.29
C HIS N 197 -85.12 15.84 -44.67
N TYR N 198 -83.99 15.80 -43.96
CA TYR N 198 -83.42 14.53 -43.54
C TYR N 198 -83.33 14.47 -42.02
N LEU N 199 -82.98 13.29 -41.54
CA LEU N 199 -82.91 13.00 -40.12
C LEU N 199 -81.87 11.93 -39.86
N SER N 200 -80.82 12.29 -39.13
CA SER N 200 -79.72 11.39 -38.82
C SER N 200 -80.02 10.63 -37.55
N THR N 201 -79.54 9.38 -37.48
CA THR N 201 -79.84 8.47 -36.40
C THR N 201 -78.64 7.57 -36.13
N GLN N 202 -78.32 7.41 -34.85
CA GLN N 202 -77.28 6.51 -34.39
C GLN N 202 -77.84 5.68 -33.25
N SER N 203 -77.33 4.46 -33.09
CA SER N 203 -77.79 3.62 -31.99
C SER N 203 -76.73 2.57 -31.68
N ALA N 204 -76.92 1.93 -30.52
CA ALA N 204 -76.00 0.92 -30.02
C ALA N 204 -76.77 -0.15 -29.29
N LEU N 205 -76.35 -1.40 -29.52
CA LEU N 205 -77.01 -2.61 -29.07
C LEU N 205 -76.11 -3.34 -28.09
N SER N 206 -76.71 -3.91 -27.05
CA SER N 206 -75.96 -4.60 -26.01
C SER N 206 -76.88 -5.55 -25.26
N LYS N 207 -76.31 -6.23 -24.27
CA LYS N 207 -76.99 -7.25 -23.49
C LYS N 207 -76.95 -6.89 -22.01
N ASP N 208 -77.94 -7.35 -21.27
CA ASP N 208 -77.83 -7.40 -19.81
C ASP N 208 -77.04 -8.65 -19.43
N PRO N 209 -76.14 -8.57 -18.45
CA PRO N 209 -75.29 -9.73 -18.16
C PRO N 209 -76.01 -10.82 -17.37
N ASN N 210 -77.10 -10.51 -16.68
CA ASN N 210 -77.74 -11.45 -15.77
C ASN N 210 -79.23 -11.65 -16.03
N GLU N 211 -79.64 -11.67 -17.30
CA GLU N 211 -81.02 -11.97 -17.66
C GLU N 211 -81.04 -13.21 -18.55
N LYS N 212 -81.85 -14.19 -18.17
CA LYS N 212 -81.85 -15.49 -18.82
C LYS N 212 -82.82 -15.59 -19.99
N ARG N 213 -83.67 -14.58 -20.18
CA ARG N 213 -84.55 -14.57 -21.34
C ARG N 213 -83.79 -14.09 -22.58
N ASP N 214 -84.53 -13.88 -23.66
CA ASP N 214 -83.97 -13.19 -24.81
C ASP N 214 -84.17 -11.68 -24.65
N HIS N 215 -83.05 -10.96 -24.57
CA HIS N 215 -83.11 -9.52 -24.30
C HIS N 215 -82.30 -8.81 -25.36
N MET N 216 -82.60 -7.52 -25.53
CA MET N 216 -81.87 -6.66 -26.44
C MET N 216 -81.95 -5.23 -25.92
N VAL N 217 -80.83 -4.73 -25.41
CA VAL N 217 -80.76 -3.39 -24.83
C VAL N 217 -80.24 -2.46 -25.93
N LEU N 218 -80.82 -1.27 -26.03
CA LEU N 218 -80.45 -0.37 -27.12
C LEU N 218 -80.62 1.09 -26.71
N LEU N 219 -79.57 1.88 -26.93
CA LEU N 219 -79.64 3.32 -26.70
C LEU N 219 -79.34 4.05 -28.00
N GLU N 220 -79.95 5.20 -28.21
CA GLU N 220 -79.95 5.80 -29.54
C GLU N 220 -80.15 7.31 -29.48
N PHE N 221 -79.54 7.99 -30.44
CA PHE N 221 -79.60 9.44 -30.58
C PHE N 221 -80.13 9.75 -31.97
N VAL N 222 -81.16 10.57 -32.05
CA VAL N 222 -81.86 10.85 -33.30
C VAL N 222 -82.11 12.34 -33.39
N THR N 223 -81.73 12.95 -34.52
CA THR N 223 -81.97 14.38 -34.69
C THR N 223 -82.00 14.71 -36.17
N ALA N 224 -82.80 15.72 -36.50
CA ALA N 224 -83.12 16.05 -37.89
C ALA N 224 -82.44 17.33 -38.33
N ALA N 225 -82.44 17.54 -39.64
CA ALA N 225 -81.92 18.76 -40.26
C ALA N 225 -82.37 18.78 -41.72
N GLY N 226 -81.82 19.72 -42.48
CA GLY N 226 -82.10 19.83 -43.90
C GLY N 226 -82.23 21.24 -44.41
N ILE N 227 -82.45 22.20 -43.53
CA ILE N 227 -82.57 23.59 -43.90
C ILE N 227 -81.26 24.29 -43.57
N THR N 228 -80.73 25.04 -44.54
CA THR N 228 -79.53 25.83 -44.29
C THR N 228 -79.95 27.22 -43.84
N HIS N 229 -80.34 27.34 -42.57
CA HIS N 229 -80.88 28.58 -42.04
C HIS N 229 -79.76 29.48 -41.53
N HIS N 230 -80.12 30.73 -41.26
CA HIS N 230 -79.17 31.77 -40.88
C HIS N 230 -78.46 31.45 -39.57
N GLY O 54 -78.84 27.29 11.72
CA GLY O 54 -77.88 28.03 12.52
C GLY O 54 -77.98 27.76 14.00
N LYS O 55 -79.22 27.70 14.50
CA LYS O 55 -79.50 27.40 15.89
C LYS O 55 -80.71 26.51 16.08
N GLU O 56 -81.59 26.40 15.09
CA GLU O 56 -82.83 25.66 15.22
C GLU O 56 -82.64 24.14 15.25
N LEU O 57 -81.41 23.65 15.11
CA LEU O 57 -81.20 22.20 15.14
C LEU O 57 -81.10 21.67 16.56
N LEU O 58 -80.66 22.51 17.49
CA LEU O 58 -80.35 22.01 18.83
C LEU O 58 -81.60 21.59 19.59
N GLU O 59 -82.70 22.33 19.43
CA GLU O 59 -83.92 21.96 20.14
C GLU O 59 -84.50 20.67 19.58
N ALA O 60 -84.28 20.42 18.29
CA ALA O 60 -84.72 19.17 17.70
C ALA O 60 -83.86 18.01 18.15
N ALA O 61 -82.56 18.25 18.36
CA ALA O 61 -81.71 17.24 18.97
C ALA O 61 -82.15 16.95 20.40
N ARG O 62 -82.50 17.99 21.14
CA ARG O 62 -82.91 17.82 22.53
C ARG O 62 -84.24 17.07 22.63
N ALA O 63 -85.20 17.39 21.76
CA ALA O 63 -86.47 16.69 21.76
C ALA O 63 -86.38 15.28 21.18
N GLY O 64 -85.21 14.89 20.66
CA GLY O 64 -85.07 13.60 20.02
C GLY O 64 -85.65 13.52 18.63
N GLN O 65 -85.84 14.66 17.97
CA GLN O 65 -86.40 14.68 16.61
C GLN O 65 -85.32 14.28 15.62
N ASP O 66 -85.06 12.98 15.55
CA ASP O 66 -84.00 12.48 14.68
C ASP O 66 -84.28 12.81 13.22
N ASP O 67 -85.54 12.71 12.79
CA ASP O 67 -85.87 13.01 11.41
C ASP O 67 -85.75 14.50 11.11
N GLU O 68 -86.09 15.34 12.10
CA GLU O 68 -85.97 16.78 11.86
C GLU O 68 -84.52 17.20 11.73
N VAL O 69 -83.65 16.76 12.65
CA VAL O 69 -82.23 17.09 12.52
C VAL O 69 -81.65 16.45 11.27
N ALA O 70 -82.19 15.31 10.86
CA ALA O 70 -81.76 14.72 9.59
C ALA O 70 -82.04 15.66 8.42
N VAL O 71 -83.31 16.06 8.26
CA VAL O 71 -83.68 16.86 7.08
C VAL O 71 -83.07 18.25 7.17
N LEU O 72 -82.80 18.74 8.38
CA LEU O 72 -82.25 20.08 8.52
C LEU O 72 -80.73 20.09 8.42
N MET O 73 -80.07 18.97 8.66
CA MET O 73 -78.64 18.86 8.43
C MET O 73 -78.32 18.49 7.00
N ALA O 74 -79.23 17.79 6.31
CA ALA O 74 -79.11 17.61 4.87
C ALA O 74 -78.95 18.95 4.19
N ARG O 75 -79.85 19.88 4.50
CA ARG O 75 -79.63 21.29 4.15
C ARG O 75 -78.50 21.85 4.98
N GLY O 76 -77.68 22.69 4.35
CA GLY O 76 -76.51 23.26 5.01
C GLY O 76 -76.81 23.92 6.35
N ALA O 77 -76.32 23.30 7.43
CA ALA O 77 -76.60 23.79 8.77
C ALA O 77 -75.33 23.72 9.60
N GLU O 78 -75.32 24.44 10.72
CA GLU O 78 -74.17 24.45 11.60
C GLU O 78 -74.09 23.15 12.38
N VAL O 79 -73.03 22.37 12.15
CA VAL O 79 -72.86 21.14 12.89
C VAL O 79 -72.11 21.36 14.21
N ASN O 80 -71.04 22.15 14.21
CA ASN O 80 -70.27 22.43 15.42
C ASN O 80 -70.76 23.69 16.12
N ALA O 81 -72.05 23.74 16.40
CA ALA O 81 -72.66 24.91 17.00
C ALA O 81 -72.26 25.05 18.46
N ALA O 82 -71.73 26.22 18.78
CA ALA O 82 -71.48 26.61 20.17
C ALA O 82 -72.64 27.48 20.61
N ASP O 83 -73.24 27.14 21.75
CA ASP O 83 -74.50 27.74 22.16
C ASP O 83 -74.30 28.65 23.37
N ASP O 84 -75.44 29.09 23.90
CA ASP O 84 -75.50 30.10 24.96
C ASP O 84 -74.72 29.71 26.22
N VAL O 85 -74.41 28.43 26.42
CA VAL O 85 -73.58 28.03 27.54
C VAL O 85 -72.50 27.07 27.03
N GLY O 86 -72.47 26.87 25.71
CA GLY O 86 -71.41 26.08 25.11
C GLY O 86 -71.78 24.63 24.91
N VAL O 87 -73.07 24.36 24.80
CA VAL O 87 -73.60 23.00 24.69
C VAL O 87 -73.84 22.76 23.20
N THR O 88 -73.01 21.89 22.62
CA THR O 88 -73.18 21.53 21.22
C THR O 88 -74.29 20.48 21.10
N PRO O 89 -74.99 20.44 19.96
CA PRO O 89 -75.98 19.38 19.75
C PRO O 89 -75.51 17.98 20.10
N LEU O 90 -74.21 17.70 20.02
CA LEU O 90 -73.70 16.40 20.41
C LEU O 90 -73.83 16.18 21.90
N HIS O 91 -73.58 17.22 22.70
CA HIS O 91 -73.72 17.10 24.15
C HIS O 91 -75.14 16.74 24.53
N LEU O 92 -76.13 17.47 24.01
CA LEU O 92 -77.53 17.20 24.29
C LEU O 92 -78.01 15.90 23.67
N ALA O 93 -77.40 15.46 22.57
CA ALA O 93 -77.72 14.18 21.98
C ALA O 93 -77.14 13.02 22.77
N ALA O 94 -76.11 13.28 23.57
CA ALA O 94 -75.54 12.28 24.46
C ALA O 94 -76.21 12.22 25.81
N GLN O 95 -76.61 13.38 26.37
CA GLN O 95 -77.33 13.39 27.64
C GLN O 95 -78.56 12.50 27.57
N ARG O 96 -79.47 12.80 26.65
CA ARG O 96 -80.55 11.88 26.33
C ARG O 96 -80.00 10.73 25.49
N GLY O 97 -80.67 9.59 25.56
CA GLY O 97 -80.18 8.45 24.80
C GLY O 97 -80.71 8.43 23.39
N HIS O 98 -79.91 8.94 22.46
CA HIS O 98 -80.34 9.07 21.06
C HIS O 98 -79.14 8.72 20.19
N LEU O 99 -79.05 7.44 19.80
CA LEU O 99 -77.93 6.96 19.00
C LEU O 99 -77.97 7.47 17.57
N ALA O 100 -79.16 7.53 16.97
CA ALA O 100 -79.28 7.96 15.58
C ALA O 100 -78.78 9.40 15.41
N ILE O 101 -79.09 10.25 16.37
CA ILE O 101 -78.70 11.66 16.25
C ILE O 101 -77.18 11.80 16.35
N VAL O 102 -76.55 11.09 17.28
CA VAL O 102 -75.10 11.21 17.39
C VAL O 102 -74.41 10.58 16.18
N SER O 103 -75.02 9.55 15.59
CA SER O 103 -74.44 8.97 14.39
C SER O 103 -74.49 9.96 13.23
N VAL O 104 -75.66 10.55 12.99
CA VAL O 104 -75.80 11.48 11.87
C VAL O 104 -75.06 12.79 12.15
N LEU O 105 -74.73 13.05 13.41
CA LEU O 105 -73.92 14.23 13.71
C LEU O 105 -72.44 13.96 13.53
N LEU O 106 -71.96 12.78 13.95
CA LEU O 106 -70.58 12.40 13.69
C LEU O 106 -70.29 12.33 12.20
N ALA O 107 -71.20 11.72 11.44
CA ALA O 107 -70.98 11.61 9.99
C ALA O 107 -70.85 12.98 9.34
N PHE O 108 -71.56 13.98 9.86
CA PHE O 108 -71.51 15.31 9.29
C PHE O 108 -70.39 16.17 9.86
N GLY O 109 -69.49 15.61 10.66
CA GLY O 109 -68.32 16.35 11.07
C GLY O 109 -68.43 17.07 12.40
N ALA O 110 -68.90 16.36 13.42
CA ALA O 110 -68.92 16.92 14.76
C ALA O 110 -67.60 16.60 15.47
N SER O 111 -67.33 17.36 16.53
CA SER O 111 -66.12 17.13 17.32
C SER O 111 -66.49 16.35 18.57
N VAL O 112 -65.85 15.20 18.77
CA VAL O 112 -66.11 14.39 19.96
C VAL O 112 -65.53 15.03 21.21
N ASN O 113 -64.46 15.81 21.10
CA ASN O 113 -63.88 16.52 22.22
C ASN O 113 -64.29 17.99 22.11
N ALA O 114 -65.35 18.37 22.82
CA ALA O 114 -65.90 19.71 22.72
C ALA O 114 -65.97 20.32 24.11
N ALA O 115 -65.04 21.23 24.38
CA ALA O 115 -64.81 21.74 25.73
C ALA O 115 -65.99 22.61 26.14
N ASP O 116 -66.94 22.02 26.85
CA ASP O 116 -68.06 22.74 27.40
C ASP O 116 -67.59 23.84 28.35
N LEU O 117 -68.47 24.80 28.60
CA LEU O 117 -68.14 25.89 29.52
C LEU O 117 -67.89 25.38 30.93
N TRP O 118 -68.40 24.20 31.27
CA TRP O 118 -68.14 23.58 32.56
C TRP O 118 -67.00 22.58 32.53
N GLY O 119 -66.47 22.26 31.36
CA GLY O 119 -65.40 21.30 31.24
C GLY O 119 -65.86 19.92 30.83
N GLN O 120 -67.13 19.75 30.45
CA GLN O 120 -67.62 18.44 30.07
C GLN O 120 -67.43 18.20 28.59
N THR O 121 -67.64 16.94 28.20
CA THR O 121 -67.43 16.39 26.88
C THR O 121 -68.56 15.38 26.70
N PRO O 122 -69.04 15.11 25.48
CA PRO O 122 -70.12 14.12 25.33
C PRO O 122 -69.83 12.79 25.99
N LEU O 123 -68.56 12.39 26.09
CA LEU O 123 -68.23 11.15 26.79
C LEU O 123 -68.54 11.25 28.28
N HIS O 124 -68.31 12.43 28.89
CA HIS O 124 -68.64 12.61 30.29
C HIS O 124 -70.12 12.40 30.54
N LEU O 125 -70.97 13.16 29.84
CA LEU O 125 -72.40 13.04 30.02
C LEU O 125 -72.95 11.68 29.62
N ALA O 126 -72.39 11.06 28.58
CA ALA O 126 -72.84 9.73 28.17
C ALA O 126 -72.48 8.67 29.19
N ALA O 127 -71.27 8.73 29.76
CA ALA O 127 -70.90 7.78 30.80
C ALA O 127 -71.71 8.01 32.06
N THR O 128 -72.04 9.26 32.38
CA THR O 128 -72.87 9.52 33.53
C THR O 128 -74.30 9.02 33.33
N ALA O 129 -74.85 9.20 32.13
CA ALA O 129 -76.24 8.80 31.89
C ALA O 129 -76.42 7.29 32.02
N GLY O 130 -75.73 6.52 31.18
CA GLY O 130 -75.81 5.08 31.27
C GLY O 130 -76.05 4.37 29.95
N HIS O 131 -75.92 5.11 28.85
CA HIS O 131 -76.18 4.53 27.52
C HIS O 131 -74.88 3.96 26.95
N LEU O 132 -74.85 2.65 26.76
CA LEU O 132 -73.61 1.98 26.38
C LEU O 132 -73.29 2.19 24.91
N GLU O 133 -74.29 2.11 24.04
CA GLU O 133 -74.06 2.23 22.61
C GLU O 133 -73.44 3.57 22.24
N ILE O 134 -73.89 4.65 22.87
CA ILE O 134 -73.29 5.95 22.61
C ILE O 134 -71.84 5.97 23.08
N VAL O 135 -71.56 5.38 24.23
CA VAL O 135 -70.18 5.30 24.71
C VAL O 135 -69.31 4.57 23.70
N GLU O 136 -69.78 3.45 23.16
CA GLU O 136 -68.99 2.70 22.19
C GLU O 136 -68.75 3.52 20.93
N VAL O 137 -69.80 4.12 20.36
CA VAL O 137 -69.63 4.82 19.10
C VAL O 137 -68.80 6.09 19.29
N LEU O 138 -68.74 6.61 20.52
CA LEU O 138 -67.87 7.75 20.78
C LEU O 138 -66.43 7.33 20.97
N LEU O 139 -66.21 6.21 21.65
CA LEU O 139 -64.86 5.71 21.85
C LEU O 139 -64.22 5.29 20.54
N ARG O 140 -65.02 4.73 19.63
CA ARG O 140 -64.49 4.35 18.32
C ARG O 140 -64.22 5.56 17.43
N SER O 141 -64.80 6.72 17.73
CA SER O 141 -64.64 7.90 16.91
C SER O 141 -63.51 8.81 17.38
N GLY O 142 -62.87 8.50 18.50
CA GLY O 142 -61.76 9.29 18.99
C GLY O 142 -61.99 10.07 20.26
N ALA O 143 -62.94 9.67 21.09
CA ALA O 143 -63.13 10.36 22.36
C ALA O 143 -61.97 10.01 23.31
N SER O 144 -61.55 11.01 24.09
CA SER O 144 -60.42 10.86 24.99
C SER O 144 -60.89 10.40 26.36
N VAL O 145 -60.49 9.18 26.73
CA VAL O 145 -60.92 8.57 27.99
C VAL O 145 -60.36 9.27 29.21
N ASN O 146 -59.37 10.14 29.07
CA ASN O 146 -58.72 10.78 30.20
C ASN O 146 -58.81 12.29 30.11
N ALA O 147 -59.99 12.80 29.76
CA ALA O 147 -60.25 14.23 29.81
C ALA O 147 -60.83 14.60 31.17
N ARG O 148 -60.53 15.80 31.63
CA ARG O 148 -60.85 16.22 32.98
C ARG O 148 -61.96 17.26 32.99
N ASP O 149 -62.72 17.29 34.09
CA ASP O 149 -63.64 18.37 34.42
C ASP O 149 -62.88 19.51 35.09
N ASN O 150 -63.64 20.42 35.70
CA ASN O 150 -63.03 21.37 36.61
C ASN O 150 -62.74 20.72 37.96
N ILE O 151 -63.68 19.92 38.47
CA ILE O 151 -63.38 19.10 39.64
C ILE O 151 -62.23 18.14 39.36
N GLY O 152 -62.00 17.76 38.10
CA GLY O 152 -60.96 16.82 37.74
C GLY O 152 -61.46 15.44 37.41
N HIS O 153 -62.77 15.23 37.36
CA HIS O 153 -63.31 13.90 37.11
C HIS O 153 -62.99 13.44 35.69
N THR O 154 -62.68 12.15 35.56
CA THR O 154 -62.56 11.49 34.28
C THR O 154 -63.78 10.63 34.02
N PRO O 155 -64.05 10.26 32.77
CA PRO O 155 -65.26 9.46 32.51
C PRO O 155 -65.39 8.22 33.36
N LEU O 156 -64.27 7.68 33.87
CA LEU O 156 -64.36 6.50 34.72
C LEU O 156 -64.82 6.88 36.13
N HIS O 157 -64.43 8.06 36.62
CA HIS O 157 -64.99 8.57 37.87
C HIS O 157 -66.51 8.55 37.82
N LEU O 158 -67.10 9.08 36.75
CA LEU O 158 -68.54 9.14 36.63
C LEU O 158 -69.15 7.77 36.40
N ALA O 159 -68.48 6.93 35.61
CA ALA O 159 -68.97 5.57 35.42
C ALA O 159 -69.02 4.80 36.73
N ALA O 160 -68.07 5.05 37.64
CA ALA O 160 -68.06 4.38 38.93
C ALA O 160 -69.06 4.99 39.91
N TRP O 161 -69.21 6.31 39.90
CA TRP O 161 -70.22 6.94 40.74
C TRP O 161 -71.62 6.47 40.37
N ALA O 162 -71.96 6.54 39.07
CA ALA O 162 -73.32 6.23 38.65
C ALA O 162 -73.66 4.76 38.87
N GLY O 163 -72.67 3.88 38.78
CA GLY O 163 -72.89 2.47 38.96
C GLY O 163 -73.11 1.66 37.70
N HIS O 164 -72.43 1.99 36.61
CA HIS O 164 -72.64 1.33 35.32
C HIS O 164 -71.50 0.36 35.06
N LEU O 165 -71.77 -0.93 35.21
CA LEU O 165 -70.71 -1.93 35.15
C LEU O 165 -70.17 -2.09 33.73
N GLU O 166 -71.05 -2.26 32.75
CA GLU O 166 -70.63 -2.49 31.38
C GLU O 166 -69.87 -1.30 30.82
N ILE O 167 -70.29 -0.09 31.19
CA ILE O 167 -69.56 1.11 30.77
C ILE O 167 -68.19 1.15 31.43
N VAL O 168 -68.10 0.72 32.68
CA VAL O 168 -66.80 0.63 33.33
C VAL O 168 -65.89 -0.32 32.58
N GLU O 169 -66.43 -1.46 32.15
CA GLU O 169 -65.63 -2.40 31.38
C GLU O 169 -65.14 -1.82 30.07
N VAL O 170 -66.03 -1.21 29.29
CA VAL O 170 -65.60 -0.69 27.99
C VAL O 170 -64.63 0.46 28.17
N LEU O 171 -64.76 1.23 29.26
CA LEU O 171 -63.81 2.29 29.51
C LEU O 171 -62.46 1.77 29.96
N LEU O 172 -62.43 0.64 30.67
CA LEU O 172 -61.16 0.04 31.06
C LEU O 172 -60.46 -0.61 29.89
N ALA O 173 -61.20 -1.14 28.93
CA ALA O 173 -60.62 -1.69 27.72
C ALA O 173 -59.94 -0.65 26.84
N TYR O 174 -60.37 0.61 26.91
CA TYR O 174 -59.87 1.65 26.01
C TYR O 174 -58.79 2.51 26.64
N GLY O 175 -58.33 2.17 27.84
CA GLY O 175 -57.17 2.83 28.41
C GLY O 175 -57.44 3.77 29.56
N ALA O 176 -58.62 3.73 30.16
CA ALA O 176 -58.84 4.48 31.39
C ALA O 176 -58.03 3.88 32.52
N ASP O 177 -57.36 4.74 33.27
CA ASP O 177 -56.49 4.32 34.37
C ASP O 177 -57.27 4.26 35.67
N VAL O 178 -56.94 3.29 36.52
CA VAL O 178 -57.76 3.06 37.70
C VAL O 178 -57.38 3.97 38.85
N PHE O 179 -56.09 4.27 39.03
CA PHE O 179 -55.71 5.20 40.09
C PHE O 179 -55.43 6.60 39.53
N ALA O 180 -56.47 7.27 39.06
CA ALA O 180 -56.41 8.69 38.74
C ALA O 180 -57.22 9.44 39.77
N GLN O 181 -56.80 10.66 40.09
CA GLN O 181 -57.44 11.42 41.14
C GLN O 181 -58.12 12.66 40.58
N ASP O 182 -59.05 13.20 41.36
CA ASP O 182 -59.65 14.50 41.10
C ASP O 182 -58.98 15.53 42.01
N LYS O 183 -59.44 16.77 41.94
CA LYS O 183 -58.86 17.81 42.78
C LYS O 183 -58.96 17.47 44.26
N PHE O 184 -60.04 16.82 44.68
CA PHE O 184 -60.23 16.51 46.08
C PHE O 184 -59.54 15.22 46.51
N GLY O 185 -58.86 14.54 45.60
CA GLY O 185 -57.98 13.44 45.96
C GLY O 185 -58.55 12.04 45.83
N LYS O 186 -59.72 11.88 45.24
CA LYS O 186 -60.37 10.57 45.20
C LYS O 186 -60.14 9.88 43.86
N THR O 187 -60.03 8.56 43.92
CA THR O 187 -59.93 7.66 42.78
C THR O 187 -61.27 6.99 42.54
N PRO O 188 -61.52 6.49 41.33
CA PRO O 188 -62.81 5.84 41.05
C PRO O 188 -63.22 4.80 42.07
N PHE O 189 -62.26 4.11 42.68
CA PHE O 189 -62.60 3.15 43.72
C PHE O 189 -63.22 3.82 44.93
N ASP O 190 -62.80 5.05 45.23
CA ASP O 190 -63.40 5.75 46.37
C ASP O 190 -64.83 6.18 46.07
N LEU O 191 -65.06 6.78 44.90
CA LEU O 191 -66.43 7.11 44.51
C LEU O 191 -67.30 5.86 44.41
N ALA O 192 -66.67 4.70 44.19
CA ALA O 192 -67.44 3.46 44.13
C ALA O 192 -67.78 2.94 45.53
N ILE O 193 -66.88 3.10 46.49
CA ILE O 193 -67.12 2.53 47.81
C ILE O 193 -67.92 3.46 48.69
N ASP O 194 -67.94 4.76 48.39
CA ASP O 194 -68.75 5.67 49.20
C ASP O 194 -70.17 5.84 48.67
N ASN O 195 -70.59 5.02 47.70
CA ASN O 195 -71.91 5.12 47.12
C ASN O 195 -72.64 3.79 47.06
N GLY O 196 -72.10 2.76 47.71
CA GLY O 196 -72.73 1.47 47.70
C GLY O 196 -72.65 0.70 46.40
N ASN O 197 -72.09 1.30 45.34
CA ASN O 197 -71.83 0.56 44.11
C ASN O 197 -70.79 -0.51 44.39
N GLU O 198 -71.22 -1.78 44.42
CA GLU O 198 -70.43 -2.85 44.99
C GLU O 198 -69.47 -3.50 44.01
N ASP O 199 -69.89 -3.78 42.78
CA ASP O 199 -69.07 -4.61 41.91
C ASP O 199 -68.05 -3.77 41.15
N ILE O 200 -68.37 -2.51 40.88
CA ILE O 200 -67.36 -1.59 40.39
C ILE O 200 -66.16 -1.62 41.31
N ALA O 201 -66.41 -1.55 42.61
CA ALA O 201 -65.34 -1.62 43.60
C ALA O 201 -64.56 -2.91 43.49
N GLU O 202 -65.23 -4.05 43.27
CA GLU O 202 -64.51 -5.32 43.21
C GLU O 202 -63.62 -5.41 41.98
N VAL O 203 -64.17 -5.07 40.81
CA VAL O 203 -63.37 -5.17 39.59
C VAL O 203 -62.31 -4.09 39.50
N LEU O 204 -62.40 -3.03 40.30
CA LEU O 204 -61.29 -2.09 40.35
C LEU O 204 -60.25 -2.48 41.39
N GLN O 205 -60.69 -3.11 42.49
CA GLN O 205 -59.77 -3.62 43.48
C GLN O 205 -58.90 -4.73 42.91
N ARG O 206 -59.47 -5.57 42.06
CA ARG O 206 -58.66 -6.63 41.45
C ARG O 206 -57.51 -6.03 40.64
N LEU O 207 -57.75 -4.92 39.93
CA LEU O 207 -56.70 -4.33 39.11
C LEU O 207 -55.66 -3.61 39.97
N LEU O 208 -56.12 -2.85 40.97
CA LEU O 208 -55.18 -2.25 41.90
C LEU O 208 -54.26 -3.31 42.51
N GLU O 209 -54.83 -4.45 42.89
CA GLU O 209 -54.04 -5.50 43.50
C GLU O 209 -53.08 -6.16 42.52
N CYS O 210 -53.51 -6.37 41.28
CA CYS O 210 -52.59 -6.91 40.28
C CYS O 210 -51.38 -6.02 40.09
N ARG O 211 -51.60 -4.71 39.98
CA ARG O 211 -50.46 -3.82 39.80
C ARG O 211 -49.54 -3.81 41.02
N ARG O 212 -50.11 -3.76 42.22
CA ARG O 212 -49.30 -3.78 43.44
C ARG O 212 -48.46 -5.05 43.53
N ASP O 213 -49.06 -6.21 43.23
CA ASP O 213 -48.36 -7.48 43.37
C ASP O 213 -47.25 -7.64 42.33
N ALA O 214 -47.49 -7.19 41.09
CA ALA O 214 -46.42 -7.25 40.12
C ALA O 214 -45.24 -6.37 40.53
N GLU O 215 -45.51 -5.17 41.03
CA GLU O 215 -44.45 -4.31 41.53
C GLU O 215 -43.63 -5.01 42.61
N ALA O 216 -44.32 -5.59 43.60
CA ALA O 216 -43.64 -6.29 44.68
C ALA O 216 -42.79 -7.46 44.20
N ALA O 217 -43.30 -8.27 43.28
CA ALA O 217 -42.53 -9.40 42.77
C ALA O 217 -41.30 -8.97 41.99
N ILE O 218 -41.38 -7.87 41.24
CA ILE O 218 -40.18 -7.42 40.54
C ILE O 218 -39.13 -6.92 41.53
N ASN O 219 -39.56 -6.25 42.60
CA ASN O 219 -38.59 -5.87 43.63
C ASN O 219 -37.91 -7.08 44.25
N TYR O 220 -38.69 -8.13 44.55
CA TYR O 220 -38.10 -9.32 45.15
C TYR O 220 -37.12 -10.01 44.19
N GLN O 221 -37.40 -9.99 42.90
CA GLN O 221 -36.46 -10.58 41.95
C GLN O 221 -35.17 -9.78 41.86
N ILE O 222 -35.26 -8.46 41.94
CA ILE O 222 -34.04 -7.65 41.98
C ILE O 222 -33.17 -8.05 43.18
N ASN O 223 -33.79 -8.17 44.35
CA ASN O 223 -33.01 -8.56 45.53
C ASN O 223 -32.42 -9.95 45.39
N LEU O 224 -33.16 -10.89 44.79
CA LEU O 224 -32.64 -12.25 44.66
C LEU O 224 -31.43 -12.31 43.72
N GLU O 225 -31.45 -11.54 42.62
CA GLU O 225 -30.29 -11.57 41.75
C GLU O 225 -29.09 -10.87 42.38
N LEU O 226 -29.31 -9.81 43.16
CA LEU O 226 -28.18 -9.21 43.87
C LEU O 226 -27.57 -10.17 44.88
N TYR O 227 -28.41 -10.95 45.58
CA TYR O 227 -27.89 -11.96 46.49
C TYR O 227 -27.11 -13.04 45.76
N ALA O 228 -27.60 -13.51 44.62
CA ALA O 228 -26.84 -14.50 43.86
C ALA O 228 -25.49 -13.96 43.42
N SER O 229 -25.43 -12.71 42.99
CA SER O 229 -24.16 -12.10 42.63
C SER O 229 -23.18 -12.09 43.79
N TYR O 230 -23.66 -11.76 44.98
CA TYR O 230 -22.81 -11.77 46.17
C TYR O 230 -22.32 -13.19 46.50
N VAL O 231 -23.18 -14.19 46.36
CA VAL O 231 -22.76 -15.57 46.64
C VAL O 231 -21.67 -16.00 45.68
N TYR O 232 -21.79 -15.65 44.40
CA TYR O 232 -20.75 -16.02 43.45
C TYR O 232 -19.44 -15.31 43.73
N LEU O 233 -19.49 -14.06 44.20
CA LEU O 233 -18.25 -13.37 44.57
C LEU O 233 -17.54 -14.08 45.71
N SER O 234 -18.30 -14.50 46.72
CA SER O 234 -17.72 -15.29 47.81
C SER O 234 -17.08 -16.58 47.27
N MET O 235 -17.84 -17.35 46.48
CA MET O 235 -17.30 -18.57 45.88
C MET O 235 -15.99 -18.31 45.14
N SER O 236 -15.95 -17.27 44.33
CA SER O 236 -14.77 -16.97 43.54
C SER O 236 -13.56 -16.66 44.39
N TYR O 237 -13.70 -15.86 45.43
CA TYR O 237 -12.53 -15.57 46.25
C TYR O 237 -12.22 -16.65 47.26
N TYR O 238 -13.01 -17.72 47.32
CA TYR O 238 -12.58 -18.90 48.07
C TYR O 238 -11.48 -19.65 47.34
N PHE O 239 -11.61 -19.83 46.03
CA PHE O 239 -10.64 -20.58 45.25
C PHE O 239 -9.36 -19.80 44.99
N ASP O 240 -9.20 -18.64 45.60
CA ASP O 240 -8.02 -17.81 45.42
C ASP O 240 -7.08 -17.90 46.61
N ARG O 241 -7.50 -18.52 47.70
CA ARG O 241 -6.63 -18.75 48.84
C ARG O 241 -5.43 -19.58 48.40
N ASP O 242 -4.37 -19.61 49.20
CA ASP O 242 -3.21 -20.40 48.79
C ASP O 242 -3.23 -21.81 49.34
N ASP O 243 -4.22 -22.16 50.18
CA ASP O 243 -4.47 -23.56 50.44
C ASP O 243 -5.57 -24.10 49.55
N VAL O 244 -6.10 -23.27 48.65
CA VAL O 244 -7.00 -23.70 47.59
C VAL O 244 -6.50 -23.02 46.32
N ALA O 245 -5.60 -23.66 45.59
CA ALA O 245 -4.90 -22.97 44.52
C ALA O 245 -5.47 -23.33 43.14
N LEU O 246 -6.72 -22.95 42.92
CA LEU O 246 -7.40 -23.22 41.65
C LEU O 246 -7.82 -21.90 41.01
N LYS O 247 -7.18 -21.54 39.91
CA LYS O 247 -7.34 -20.22 39.31
C LYS O 247 -8.51 -20.11 38.35
N ASN O 248 -8.82 -21.20 37.64
CA ASN O 248 -9.87 -21.11 36.65
C ASN O 248 -11.25 -21.30 37.26
N PHE O 249 -11.34 -22.03 38.36
CA PHE O 249 -12.54 -21.97 39.19
C PHE O 249 -12.84 -20.54 39.63
N ALA O 250 -11.79 -19.81 40.02
CA ALA O 250 -11.93 -18.43 40.44
C ALA O 250 -12.41 -17.53 39.30
N LYS O 251 -11.80 -17.65 38.12
CA LYS O 251 -12.27 -16.85 36.99
C LYS O 251 -13.71 -17.19 36.62
N TYR O 252 -14.05 -18.48 36.61
CA TYR O 252 -15.42 -18.90 36.35
C TYR O 252 -16.40 -18.19 37.26
N PHE O 253 -16.21 -18.29 38.57
CA PHE O 253 -17.19 -17.73 39.46
C PHE O 253 -17.18 -16.20 39.48
N LEU O 254 -16.06 -15.55 39.15
CA LEU O 254 -16.13 -14.10 39.00
C LEU O 254 -16.95 -13.68 37.79
N HIS O 255 -16.82 -14.40 36.68
CA HIS O 255 -17.66 -14.12 35.52
C HIS O 255 -19.13 -14.26 35.85
N GLN O 256 -19.49 -15.33 36.55
CA GLN O 256 -20.90 -15.48 36.94
C GLN O 256 -21.35 -14.36 37.87
N SER O 257 -20.49 -13.94 38.79
CA SER O 257 -20.80 -12.82 39.67
C SER O 257 -21.15 -11.55 38.91
N HIS O 258 -20.46 -11.27 37.80
CA HIS O 258 -20.78 -10.04 37.07
C HIS O 258 -22.01 -10.18 36.20
N GLU O 259 -22.22 -11.36 35.61
CA GLU O 259 -23.42 -11.58 34.82
C GLU O 259 -24.68 -11.42 35.68
N GLU O 260 -24.63 -11.90 36.91
CA GLU O 260 -25.81 -11.77 37.76
C GLU O 260 -26.12 -10.35 38.18
N ARG O 261 -25.18 -9.42 38.09
CA ARG O 261 -25.51 -8.03 38.35
C ARG O 261 -26.09 -7.36 37.12
N GLU O 262 -25.60 -7.73 35.94
CA GLU O 262 -26.30 -7.29 34.73
C GLU O 262 -27.75 -7.73 34.74
N HIS O 263 -28.02 -8.96 35.19
CA HIS O 263 -29.40 -9.45 35.26
C HIS O 263 -30.28 -8.55 36.11
N ALA O 264 -29.78 -8.07 37.25
CA ALA O 264 -30.61 -7.27 38.14
C ALA O 264 -30.78 -5.85 37.64
N GLU O 265 -29.75 -5.28 37.01
CA GLU O 265 -29.92 -3.96 36.41
C GLU O 265 -30.96 -3.98 35.30
N LYS O 266 -31.07 -5.09 34.55
CA LYS O 266 -32.12 -5.18 33.55
C LYS O 266 -33.50 -5.06 34.18
N LEU O 267 -33.71 -5.68 35.34
CA LEU O 267 -35.02 -5.61 35.97
C LEU O 267 -35.28 -4.24 36.57
N MET O 268 -34.24 -3.56 37.05
CA MET O 268 -34.41 -2.18 37.50
C MET O 268 -34.86 -1.28 36.36
N LYS O 269 -34.18 -1.38 35.22
CA LYS O 269 -34.59 -0.62 34.06
C LYS O 269 -36.03 -0.94 33.66
N LEU O 270 -36.39 -2.22 33.65
CA LEU O 270 -37.77 -2.60 33.37
C LEU O 270 -38.75 -1.90 34.29
N GLN O 271 -38.50 -1.93 35.60
CA GLN O 271 -39.46 -1.34 36.52
C GLN O 271 -39.53 0.17 36.39
N ASN O 272 -38.46 0.80 35.91
CA ASN O 272 -38.58 2.22 35.62
C ASN O 272 -39.38 2.48 34.35
N GLN O 273 -39.32 1.56 33.38
CA GLN O 273 -40.12 1.71 32.16
C GLN O 273 -41.60 1.54 32.42
N ARG O 274 -41.97 0.79 33.45
CA ARG O 274 -43.38 0.54 33.73
C ARG O 274 -44.02 1.63 34.57
N GLY O 275 -43.24 2.52 35.16
CA GLY O 275 -43.76 3.53 36.05
C GLY O 275 -43.85 3.14 37.49
N GLY O 276 -43.23 2.04 37.89
CA GLY O 276 -43.26 1.59 39.26
C GLY O 276 -42.13 2.18 40.07
N GLU O 277 -42.07 1.77 41.35
CA GLU O 277 -41.11 2.30 42.30
C GLU O 277 -40.15 1.22 42.73
N ILE O 278 -38.87 1.41 42.44
CA ILE O 278 -37.83 0.53 42.95
C ILE O 278 -37.65 0.79 44.44
N SER O 279 -37.63 -0.29 45.23
CA SER O 279 -37.37 -0.19 46.65
C SER O 279 -36.33 -1.22 47.01
N LEU O 280 -35.07 -0.78 47.11
CA LEU O 280 -33.95 -1.67 47.37
C LEU O 280 -33.92 -2.04 48.84
N GLN O 281 -33.34 -3.20 49.13
CA GLN O 281 -33.33 -3.75 50.49
C GLN O 281 -31.97 -4.31 50.83
N SER O 282 -31.90 -4.94 52.00
CA SER O 282 -30.65 -5.45 52.55
C SER O 282 -30.30 -6.76 51.84
N ILE O 283 -29.00 -6.97 51.61
CA ILE O 283 -28.55 -8.19 50.95
C ILE O 283 -27.92 -9.10 51.99
N SER O 284 -28.49 -10.29 52.16
CA SER O 284 -27.95 -11.24 53.12
C SER O 284 -26.56 -11.69 52.71
N SER O 285 -25.80 -12.17 53.69
CA SER O 285 -24.50 -12.71 53.35
C SER O 285 -24.62 -14.18 53.01
N PRO O 286 -23.74 -14.69 52.16
CA PRO O 286 -23.82 -16.11 51.79
C PRO O 286 -23.72 -17.00 53.02
N ASP O 287 -24.25 -18.21 52.88
CA ASP O 287 -24.38 -19.08 54.05
C ASP O 287 -23.03 -19.63 54.49
N SER O 288 -22.09 -19.75 53.56
CA SER O 288 -20.78 -20.31 53.88
C SER O 288 -19.70 -19.32 53.51
N ASP O 289 -18.58 -19.42 54.21
CA ASP O 289 -17.33 -18.82 53.77
C ASP O 289 -16.36 -19.87 53.26
N ASP O 290 -16.58 -21.13 53.61
CA ASP O 290 -15.72 -22.25 53.25
C ASP O 290 -16.56 -23.21 52.41
N TRP O 291 -16.37 -23.16 51.10
CA TRP O 291 -16.99 -24.09 50.19
C TRP O 291 -16.05 -25.25 49.95
N GLU O 292 -16.34 -26.40 50.59
CA GLU O 292 -15.30 -27.38 50.90
C GLU O 292 -14.43 -27.75 49.70
N SER O 293 -15.00 -27.82 48.50
CA SER O 293 -14.24 -28.25 47.34
C SER O 293 -14.87 -27.67 46.08
N GLY O 294 -14.29 -28.01 44.94
CA GLY O 294 -14.86 -27.58 43.67
C GLY O 294 -16.16 -28.27 43.33
N LEU O 295 -16.28 -29.56 43.66
CA LEU O 295 -17.53 -30.28 43.47
C LEU O 295 -18.67 -29.67 44.30
N ASN O 296 -18.43 -29.45 45.59
CA ASN O 296 -19.45 -28.89 46.46
C ASN O 296 -19.86 -27.49 46.06
N ALA O 297 -18.92 -26.65 45.63
CA ALA O 297 -19.24 -25.34 45.10
C ALA O 297 -20.07 -25.41 43.83
N MET O 298 -19.74 -26.31 42.90
CA MET O 298 -20.57 -26.46 41.71
C MET O 298 -21.98 -26.91 42.06
N GLU O 299 -22.13 -27.81 43.04
CA GLU O 299 -23.48 -28.25 43.42
C GLU O 299 -24.27 -27.14 44.09
N SER O 300 -23.61 -26.32 44.89
CA SER O 300 -24.29 -25.18 45.49
C SER O 300 -24.73 -24.16 44.44
N ALA O 301 -23.88 -23.90 43.45
CA ALA O 301 -24.29 -23.03 42.35
C ALA O 301 -25.48 -23.61 41.61
N LEU O 302 -25.53 -24.93 41.45
CA LEU O 302 -26.67 -25.56 40.77
C LEU O 302 -27.97 -25.35 41.55
N HIS O 303 -27.95 -25.57 42.86
CA HIS O 303 -29.16 -25.33 43.64
C HIS O 303 -29.57 -23.86 43.62
N LEU O 304 -28.60 -22.94 43.63
CA LEU O 304 -28.94 -21.52 43.58
C LEU O 304 -29.60 -21.16 42.26
N GLU O 305 -29.08 -21.65 41.15
CA GLU O 305 -29.69 -21.38 39.86
C GLU O 305 -31.11 -21.96 39.78
N LYS O 306 -31.32 -23.13 40.38
CA LYS O 306 -32.67 -23.69 40.37
C LYS O 306 -33.65 -22.85 41.19
N ALA O 307 -33.21 -22.32 42.34
CA ALA O 307 -34.08 -21.45 43.13
C ALA O 307 -34.44 -20.18 42.36
N VAL O 308 -33.46 -19.57 41.70
CA VAL O 308 -33.74 -18.39 40.89
C VAL O 308 -34.75 -18.70 39.80
N ASN O 309 -34.60 -19.84 39.14
CA ASN O 309 -35.54 -20.21 38.09
C ASN O 309 -36.94 -20.43 38.62
N ALA O 310 -37.07 -21.02 39.80
CA ALA O 310 -38.39 -21.17 40.41
C ALA O 310 -39.05 -19.82 40.65
N SER O 311 -38.30 -18.84 41.16
CA SER O 311 -38.88 -17.52 41.35
C SER O 311 -39.33 -16.90 40.04
N LEU O 312 -38.54 -17.06 38.98
CA LEU O 312 -38.96 -16.56 37.68
C LEU O 312 -40.26 -17.20 37.21
N LEU O 313 -40.42 -18.50 37.41
CA LEU O 313 -41.67 -19.16 37.01
C LEU O 313 -42.86 -18.64 37.81
N ARG O 314 -42.67 -18.40 39.11
CA ARG O 314 -43.78 -17.85 39.90
C ARG O 314 -44.18 -16.46 39.41
N LEU O 315 -43.20 -15.62 39.10
CA LEU O 315 -43.51 -14.29 38.59
C LEU O 315 -44.18 -14.36 37.24
N HIS O 316 -43.80 -15.32 36.40
CA HIS O 316 -44.45 -15.45 35.10
C HIS O 316 -45.90 -15.87 35.25
N LYS O 317 -46.18 -16.81 36.15
CA LYS O 317 -47.57 -17.18 36.36
C LYS O 317 -48.39 -16.02 36.91
N LEU O 318 -47.79 -15.21 37.78
CA LEU O 318 -48.47 -14.01 38.27
C LEU O 318 -48.78 -13.05 37.13
N ALA O 319 -47.81 -12.76 36.27
CA ALA O 319 -48.05 -11.86 35.15
C ALA O 319 -49.04 -12.44 34.16
N THR O 320 -49.20 -13.75 34.13
CA THR O 320 -50.20 -14.35 33.25
C THR O 320 -51.61 -14.22 33.84
N ASP O 321 -51.73 -14.34 35.16
CA ASP O 321 -53.05 -14.19 35.76
C ASP O 321 -53.61 -12.79 35.55
N CYS O 322 -52.77 -11.77 35.66
CA CYS O 322 -53.23 -10.40 35.59
C CYS O 322 -53.17 -9.80 34.19
N ASN O 323 -53.16 -10.62 33.15
CA ASN O 323 -53.28 -10.16 31.77
C ASN O 323 -52.26 -9.08 31.44
N ASP O 324 -50.98 -9.45 31.42
CA ASP O 324 -49.89 -8.51 31.23
C ASP O 324 -48.95 -9.04 30.15
N PRO O 325 -49.33 -8.99 28.87
CA PRO O 325 -48.51 -9.62 27.83
C PRO O 325 -47.07 -9.18 27.77
N HIS O 326 -46.77 -7.90 28.00
CA HIS O 326 -45.41 -7.41 27.86
C HIS O 326 -44.49 -7.96 28.95
N LEU O 327 -45.00 -8.10 30.18
CA LEU O 327 -44.19 -8.68 31.24
C LEU O 327 -43.87 -10.14 30.96
N CYS O 328 -44.85 -10.91 30.51
CA CYS O 328 -44.61 -12.30 30.16
C CYS O 328 -43.60 -12.42 29.04
N ASP O 329 -43.76 -11.62 27.98
CA ASP O 329 -42.80 -11.64 26.88
C ASP O 329 -41.40 -11.29 27.35
N PHE O 330 -41.28 -10.28 28.21
CA PHE O 330 -39.98 -9.90 28.75
C PHE O 330 -39.34 -11.04 29.53
N ILE O 331 -40.11 -11.68 30.40
CA ILE O 331 -39.57 -12.74 31.24
C ILE O 331 -39.10 -13.92 30.39
N GLU O 332 -39.93 -14.35 29.44
CA GLU O 332 -39.48 -15.51 28.68
C GLU O 332 -38.48 -15.17 27.59
N THR O 333 -38.32 -13.90 27.21
CA THR O 333 -37.31 -13.56 26.24
C THR O 333 -35.94 -13.42 26.86
N HIS O 334 -35.84 -12.83 28.05
CA HIS O 334 -34.52 -12.54 28.58
C HIS O 334 -34.09 -13.46 29.70
N TYR O 335 -35.00 -14.24 30.27
CA TYR O 335 -34.68 -14.92 31.52
C TYR O 335 -34.91 -16.41 31.51
N LEU O 336 -35.85 -16.92 30.71
CA LEU O 336 -36.15 -18.34 30.82
C LEU O 336 -35.24 -19.22 30.00
N ASN O 337 -34.58 -18.70 28.97
CA ASN O 337 -33.68 -19.54 28.21
C ASN O 337 -32.26 -19.52 28.75
N GLU O 338 -31.90 -18.50 29.52
CA GLU O 338 -30.59 -18.48 30.15
C GLU O 338 -30.53 -19.41 31.35
N GLN O 339 -31.61 -19.52 32.10
CA GLN O 339 -31.63 -20.42 33.24
C GLN O 339 -31.53 -21.87 32.81
N VAL O 340 -32.19 -22.24 31.71
CA VAL O 340 -32.13 -23.59 31.21
C VAL O 340 -30.71 -23.96 30.81
N LYS O 341 -30.01 -23.05 30.12
CA LYS O 341 -28.65 -23.30 29.71
C LYS O 341 -27.69 -23.34 30.90
N ALA O 342 -27.87 -22.46 31.89
CA ALA O 342 -27.08 -22.51 33.10
C ALA O 342 -27.25 -23.82 33.85
N ILE O 343 -28.47 -24.31 34.01
CA ILE O 343 -28.70 -25.55 34.72
C ILE O 343 -28.10 -26.72 33.96
N LYS O 344 -28.25 -26.75 32.63
CA LYS O 344 -27.66 -27.82 31.85
C LYS O 344 -26.14 -27.84 31.99
N GLU O 345 -25.51 -26.68 31.90
CA GLU O 345 -24.06 -26.61 31.99
C GLU O 345 -23.55 -26.98 33.36
N LEU O 346 -24.19 -26.52 34.42
CA LEU O 346 -23.72 -26.84 35.76
C LEU O 346 -23.94 -28.31 36.12
N GLY O 347 -25.00 -28.93 35.62
CA GLY O 347 -25.14 -30.37 35.80
C GLY O 347 -24.11 -31.16 35.02
N ASP O 348 -23.73 -30.68 33.83
CA ASP O 348 -22.63 -31.29 33.10
C ASP O 348 -21.34 -31.25 33.91
N HIS O 349 -21.00 -30.08 34.45
CA HIS O 349 -19.80 -29.96 35.29
C HIS O 349 -19.84 -30.91 36.46
N VAL O 350 -20.99 -31.03 37.12
CA VAL O 350 -21.06 -31.90 38.29
C VAL O 350 -20.87 -33.36 37.90
N THR O 351 -21.49 -33.84 36.82
CA THR O 351 -21.25 -35.23 36.48
C THR O 351 -19.84 -35.50 35.98
N ASN O 352 -19.24 -34.56 35.24
CA ASN O 352 -17.84 -34.74 34.86
C ASN O 352 -16.95 -34.86 36.08
N LEU O 353 -17.08 -33.93 37.03
CA LEU O 353 -16.26 -33.98 38.23
C LEU O 353 -16.50 -35.26 39.02
N ARG O 354 -17.74 -35.71 39.12
CA ARG O 354 -18.00 -36.93 39.88
C ARG O 354 -17.42 -38.16 39.20
N LYS O 355 -17.46 -38.22 37.88
CA LYS O 355 -16.90 -39.38 37.18
C LYS O 355 -15.39 -39.40 37.25
N MET O 356 -14.73 -38.25 37.04
CA MET O 356 -13.27 -38.20 37.15
C MET O 356 -12.75 -38.65 38.50
N GLY O 357 -13.57 -38.61 39.55
CA GLY O 357 -13.18 -39.14 40.85
C GLY O 357 -13.11 -38.12 41.97
N ALA O 358 -13.53 -36.88 41.75
CA ALA O 358 -13.51 -35.90 42.82
C ALA O 358 -14.57 -36.22 43.85
N PRO O 359 -14.47 -35.67 45.08
CA PRO O 359 -13.47 -34.76 45.65
C PRO O 359 -12.32 -35.50 46.29
N GLU O 360 -12.48 -36.81 46.47
CA GLU O 360 -11.46 -37.64 47.09
C GLU O 360 -10.24 -37.84 46.21
N SER O 361 -10.15 -37.13 45.09
CA SER O 361 -9.02 -37.23 44.18
C SER O 361 -8.52 -35.85 43.82
N GLY O 362 -7.34 -35.49 44.33
CA GLY O 362 -6.52 -34.54 43.64
C GLY O 362 -6.01 -35.15 42.35
N LEU O 363 -5.73 -34.27 41.37
CA LEU O 363 -5.50 -34.61 39.97
C LEU O 363 -6.82 -34.83 39.24
N ALA O 364 -7.94 -34.75 39.95
CA ALA O 364 -9.23 -34.69 39.26
C ALA O 364 -9.66 -33.24 39.10
N GLU O 365 -9.62 -32.49 40.21
CA GLU O 365 -9.95 -31.08 40.14
C GLU O 365 -8.83 -30.27 39.49
N TYR O 366 -7.58 -30.70 39.65
CA TYR O 366 -6.49 -30.04 38.93
C TYR O 366 -6.70 -30.12 37.42
N LEU O 367 -6.99 -31.32 36.92
CA LEU O 367 -7.13 -31.49 35.47
C LEU O 367 -8.45 -30.96 34.95
N PHE O 368 -9.51 -31.01 35.75
CA PHE O 368 -10.74 -30.31 35.38
C PHE O 368 -10.49 -28.81 35.23
N ASP O 369 -9.86 -28.21 36.23
CA ASP O 369 -9.51 -26.80 36.19
C ASP O 369 -8.65 -26.46 34.99
N LYS O 370 -7.75 -27.35 34.60
CA LYS O 370 -6.89 -27.08 33.46
C LYS O 370 -7.60 -27.22 32.13
N HIS O 371 -8.40 -28.26 31.95
CA HIS O 371 -8.90 -28.65 30.64
C HIS O 371 -10.29 -28.13 30.32
N THR O 372 -11.17 -28.03 31.32
CA THR O 372 -12.55 -27.64 31.05
C THR O 372 -12.78 -26.17 31.33
N LEU O 373 -12.18 -25.66 32.40
CA LEU O 373 -12.42 -24.28 32.81
C LEU O 373 -11.39 -23.31 32.25
N GLY O 374 -10.37 -23.82 31.57
CA GLY O 374 -9.35 -22.95 31.01
C GLY O 374 -8.79 -23.44 29.70
N SER P 2 -95.20 7.86 46.87
CA SER P 2 -95.23 7.50 45.46
C SER P 2 -95.02 8.72 44.56
N LYS P 3 -95.73 9.80 44.85
CA LYS P 3 -95.68 10.97 43.98
C LYS P 3 -94.45 11.82 44.25
N GLY P 4 -94.08 12.01 45.52
CA GLY P 4 -93.01 12.93 45.85
C GLY P 4 -91.68 12.60 45.20
N GLU P 5 -91.47 11.32 44.89
CA GLU P 5 -90.21 10.90 44.28
C GLU P 5 -90.23 10.99 42.76
N GLU P 6 -91.41 11.05 42.16
CA GLU P 6 -91.51 11.03 40.70
C GLU P 6 -91.06 12.34 40.08
N LEU P 7 -91.26 13.46 40.77
CA LEU P 7 -91.10 14.79 40.19
C LEU P 7 -89.68 15.10 39.74
N PHE P 8 -88.72 14.19 39.93
CA PHE P 8 -87.34 14.40 39.52
C PHE P 8 -86.85 13.35 38.54
N THR P 9 -87.73 12.89 37.65
CA THR P 9 -87.39 11.81 36.73
C THR P 9 -86.31 12.22 35.74
N GLY P 10 -86.20 13.51 35.44
CA GLY P 10 -85.26 13.95 34.42
C GLY P 10 -84.55 15.24 34.78
N VAL P 11 -84.11 15.97 33.76
CA VAL P 11 -83.47 17.26 33.96
C VAL P 11 -84.50 18.24 34.50
N VAL P 12 -84.03 19.27 35.21
CA VAL P 12 -84.88 20.32 35.75
C VAL P 12 -84.17 21.65 35.54
N PRO P 13 -84.75 22.57 34.77
CA PRO P 13 -84.20 23.93 34.71
C PRO P 13 -84.48 24.69 36.00
N ILE P 14 -83.57 25.60 36.33
CA ILE P 14 -83.60 26.29 37.60
C ILE P 14 -83.55 27.79 37.36
N LEU P 15 -84.19 28.56 38.24
CA LEU P 15 -84.17 30.01 38.24
C LEU P 15 -84.11 30.47 39.68
N VAL P 16 -82.96 31.00 40.10
CA VAL P 16 -82.74 31.30 41.51
C VAL P 16 -82.60 32.80 41.70
N GLU P 17 -83.51 33.38 42.48
CA GLU P 17 -83.48 34.80 42.77
C GLU P 17 -83.23 34.99 44.26
N LEU P 18 -82.29 35.88 44.58
CA LEU P 18 -81.92 36.18 45.95
C LEU P 18 -81.83 37.69 46.13
N ASP P 19 -82.57 38.22 47.09
CA ASP P 19 -82.56 39.65 47.38
C ASP P 19 -82.09 39.86 48.80
N GLY P 20 -80.96 40.53 48.95
CA GLY P 20 -80.30 40.64 50.25
C GLY P 20 -79.98 42.07 50.63
N ASP P 21 -80.03 42.33 51.93
CA ASP P 21 -79.62 43.60 52.53
C ASP P 21 -78.53 43.34 53.56
N VAL P 22 -77.33 43.85 53.30
CA VAL P 22 -76.18 43.68 54.19
C VAL P 22 -75.53 45.03 54.41
N ASN P 23 -75.81 45.65 55.56
CA ASN P 23 -75.15 46.88 56.01
C ASN P 23 -75.22 47.98 54.95
N GLY P 24 -76.43 48.32 54.53
CA GLY P 24 -76.65 49.32 53.53
C GLY P 24 -76.44 48.83 52.11
N HIS P 25 -75.97 47.61 51.94
CA HIS P 25 -75.73 47.05 50.61
C HIS P 25 -76.94 46.22 50.19
N LYS P 26 -77.72 46.74 49.25
CA LYS P 26 -78.80 45.97 48.65
C LYS P 26 -78.27 45.24 47.43
N PHE P 27 -78.73 44.01 47.24
CA PHE P 27 -78.28 43.25 46.08
C PHE P 27 -79.36 42.27 45.65
N SER P 28 -79.45 42.09 44.33
CA SER P 28 -80.25 41.04 43.71
C SER P 28 -79.32 40.12 42.95
N VAL P 29 -79.58 38.82 43.03
CA VAL P 29 -78.78 37.81 42.38
C VAL P 29 -79.72 36.89 41.61
N ARG P 30 -79.41 36.66 40.34
CA ARG P 30 -80.11 35.68 39.52
C ARG P 30 -79.13 34.60 39.07
N GLY P 31 -79.56 33.36 39.22
CA GLY P 31 -78.78 32.22 38.80
C GLY P 31 -79.55 31.30 37.88
N GLU P 32 -78.87 30.85 36.82
CA GLU P 32 -79.48 30.07 35.75
C GLU P 32 -78.67 28.79 35.55
N GLY P 33 -79.37 27.68 35.42
CA GLY P 33 -78.72 26.41 35.17
C GLY P 33 -79.72 25.27 35.21
N GLU P 34 -79.20 24.05 35.37
CA GLU P 34 -80.04 22.86 35.39
C GLU P 34 -79.51 21.83 36.37
N GLY P 35 -80.41 20.94 36.78
CA GLY P 35 -80.04 19.89 37.73
C GLY P 35 -80.71 18.55 37.50
N ASP P 36 -80.09 17.50 38.02
CA ASP P 36 -80.66 16.14 37.98
C ASP P 36 -80.46 15.52 39.35
N ALA P 37 -81.54 14.95 39.88
CA ALA P 37 -81.49 14.25 41.16
C ALA P 37 -80.98 12.83 41.04
N THR P 38 -81.14 12.20 39.87
CA THR P 38 -80.70 10.81 39.70
C THR P 38 -79.22 10.64 39.99
N ASN P 39 -78.41 11.65 39.68
CA ASN P 39 -76.97 11.60 39.95
C ASN P 39 -76.54 12.68 40.94
N GLY P 40 -77.49 13.37 41.57
CA GLY P 40 -77.16 14.43 42.50
C GLY P 40 -76.31 15.52 41.90
N LYS P 41 -76.53 15.84 40.63
CA LYS P 41 -75.67 16.77 39.91
C LYS P 41 -76.40 18.08 39.67
N LEU P 42 -75.71 19.20 39.91
CA LEU P 42 -76.25 20.52 39.67
C LEU P 42 -75.22 21.35 38.93
N THR P 43 -75.67 22.18 37.99
CA THR P 43 -74.75 22.94 37.16
C THR P 43 -75.37 24.31 36.88
N LEU P 44 -74.80 25.36 37.48
CA LEU P 44 -75.43 26.68 37.51
C LEU P 44 -74.42 27.76 37.18
N LYS P 45 -74.95 28.95 36.91
CA LYS P 45 -74.16 30.16 36.67
C LYS P 45 -74.92 31.34 37.24
N PHE P 46 -74.29 32.03 38.18
CA PHE P 46 -74.89 33.14 38.91
C PHE P 46 -74.31 34.45 38.42
N ILE P 47 -75.15 35.49 38.34
CA ILE P 47 -74.74 36.81 37.89
C ILE P 47 -75.50 37.86 38.68
N CYS P 48 -74.81 38.94 39.05
CA CYS P 48 -75.42 40.04 39.80
C CYS P 48 -75.62 41.25 38.90
N THR P 49 -76.87 41.60 38.65
CA THR P 49 -77.19 42.78 37.86
C THR P 49 -77.15 44.06 38.68
N THR P 50 -76.51 44.02 39.87
CA THR P 50 -76.43 45.16 40.77
C THR P 50 -74.99 45.63 40.92
N GLY P 51 -74.21 45.60 39.84
CA GLY P 51 -72.86 46.12 39.87
C GLY P 51 -71.92 45.32 40.77
N LYS P 52 -70.80 45.95 41.11
CA LYS P 52 -69.79 45.29 41.95
C LYS P 52 -70.36 45.05 43.33
N LEU P 53 -70.08 43.90 43.91
CA LEU P 53 -70.63 43.55 45.20
C LEU P 53 -69.53 43.55 46.25
N PRO P 54 -69.80 44.01 47.49
CA PRO P 54 -68.73 44.09 48.49
C PRO P 54 -68.31 42.75 49.09
N VAL P 55 -69.20 41.77 49.18
CA VAL P 55 -68.89 40.48 49.79
C VAL P 55 -68.31 39.57 48.72
N PRO P 56 -67.29 38.75 49.04
CA PRO P 56 -66.70 37.90 48.01
C PRO P 56 -67.70 36.86 47.51
N TRP P 57 -67.47 36.40 46.29
CA TRP P 57 -68.30 35.34 45.74
C TRP P 57 -68.32 34.08 46.60
N PRO P 58 -67.21 33.59 47.16
CA PRO P 58 -67.29 32.38 48.00
C PRO P 58 -68.31 32.46 49.10
N THR P 59 -68.64 33.66 49.60
CA THR P 59 -69.67 33.78 50.61
C THR P 59 -71.04 33.40 50.07
N LEU P 60 -71.39 33.90 48.89
CA LEU P 60 -72.70 33.67 48.29
C LEU P 60 -72.92 32.24 47.86
N VAL P 61 -71.87 31.41 47.86
CA VAL P 61 -71.99 30.06 47.34
C VAL P 61 -72.84 29.20 48.25
N THR P 62 -72.54 29.22 49.56
CA THR P 62 -73.28 28.39 50.50
C THR P 62 -74.76 28.74 50.56
N THR P 63 -75.06 30.01 50.30
CA THR P 63 -76.45 30.49 50.43
C THR P 63 -77.06 30.70 49.08
N LEU P 64 -77.13 29.65 48.26
CA LEU P 64 -77.82 29.73 46.95
C LEU P 64 -78.27 28.32 46.56
N VAL P 66 -80.55 23.84 47.04
CA VAL P 66 -81.56 23.06 46.39
C VAL P 66 -81.29 21.58 46.65
N GLN P 67 -81.19 21.24 47.93
CA GLN P 67 -80.82 19.85 48.30
C GLN P 67 -81.87 18.91 47.71
N CYS P 68 -82.97 19.47 47.25
CA CYS P 68 -83.98 18.62 46.57
C CYS P 68 -83.31 17.94 45.37
N PHE P 69 -82.03 18.22 45.10
CA PHE P 69 -81.46 17.58 43.92
C PHE P 69 -80.41 16.54 44.26
N SER P 70 -80.22 16.23 45.54
CA SER P 70 -79.15 15.36 45.97
C SER P 70 -79.42 13.92 45.57
N ARG P 71 -78.37 13.18 45.26
CA ARG P 71 -78.50 11.80 44.83
C ARG P 71 -78.90 10.92 45.99
N TYR P 72 -80.04 10.25 45.88
CA TYR P 72 -80.57 9.44 46.96
C TYR P 72 -80.67 7.99 46.52
N PRO P 73 -80.08 7.07 47.26
CA PRO P 73 -80.09 5.65 46.84
C PRO P 73 -81.41 4.97 47.12
N ASP P 74 -81.57 3.75 46.61
CA ASP P 74 -82.83 3.03 46.78
C ASP P 74 -82.98 2.53 48.22
N HIS P 75 -81.87 2.45 48.96
CA HIS P 75 -82.06 2.06 50.35
C HIS P 75 -82.51 3.22 51.22
N MET P 76 -82.21 4.48 50.90
CA MET P 76 -82.80 5.62 51.59
C MET P 76 -84.01 6.19 50.86
N LYS P 77 -84.80 5.34 50.19
CA LYS P 77 -86.06 5.79 49.63
C LYS P 77 -87.06 6.18 50.70
N ARG P 78 -86.83 5.75 51.95
CA ARG P 78 -87.74 6.03 53.05
C ARG P 78 -87.26 7.18 53.93
N HIS P 79 -86.10 7.78 53.63
CA HIS P 79 -85.55 8.85 54.44
C HIS P 79 -85.25 10.08 53.59
N ASP P 80 -86.08 10.34 52.58
CA ASP P 80 -85.93 11.50 51.70
C ASP P 80 -87.06 12.47 52.03
N PHE P 81 -86.80 13.36 53.00
CA PHE P 81 -87.81 14.33 53.41
C PHE P 81 -88.12 15.33 52.30
N PHE P 82 -87.11 15.76 51.55
CA PHE P 82 -87.32 16.78 50.53
C PHE P 82 -88.15 16.24 49.38
N LYS P 83 -88.17 14.93 49.19
CA LYS P 83 -88.84 14.36 48.04
C LYS P 83 -90.35 14.28 48.22
N SER P 84 -90.82 13.64 49.30
CA SER P 84 -92.25 13.37 49.47
C SER P 84 -93.12 14.60 49.28
N ALA P 85 -92.54 15.80 49.38
CA ALA P 85 -93.29 17.05 49.28
C ALA P 85 -93.24 17.68 47.89
N MET P 86 -93.28 16.89 46.82
CA MET P 86 -93.29 17.48 45.49
C MET P 86 -94.54 17.07 44.73
N PRO P 87 -95.24 18.03 44.09
CA PRO P 87 -94.91 19.46 43.99
C PRO P 87 -95.38 20.29 45.17
N GLU P 88 -95.67 19.63 46.29
CA GLU P 88 -96.03 20.32 47.52
C GLU P 88 -95.05 21.44 47.84
N GLY P 89 -93.77 21.18 47.68
CA GLY P 89 -92.74 22.16 47.98
C GLY P 89 -92.54 22.31 49.47
N TYR P 90 -91.73 23.30 49.84
CA TYR P 90 -91.44 23.56 51.24
C TYR P 90 -90.74 24.90 51.39
N VAL P 91 -90.50 25.28 52.64
CA VAL P 91 -89.78 26.50 52.97
C VAL P 91 -88.68 26.14 53.95
N GLN P 92 -87.65 26.98 54.00
CA GLN P 92 -86.55 26.81 54.94
C GLN P 92 -86.04 28.16 55.43
N GLU P 93 -85.84 28.24 56.75
CA GLU P 93 -85.25 29.41 57.38
C GLU P 93 -83.86 29.07 57.85
N ARG P 94 -82.86 29.78 57.32
CA ARG P 94 -81.46 29.50 57.56
C ARG P 94 -80.80 30.65 58.30
N THR P 95 -79.94 30.32 59.26
CA THR P 95 -79.07 31.28 59.90
C THR P 95 -77.64 30.83 59.70
N ILE P 96 -76.80 31.71 59.16
CA ILE P 96 -75.38 31.41 59.00
C ILE P 96 -74.61 32.35 59.91
N SER P 97 -73.67 31.80 60.66
CA SER P 97 -72.95 32.52 61.70
C SER P 97 -71.46 32.45 61.40
N PHE P 98 -70.88 33.59 61.05
CA PHE P 98 -69.44 33.70 60.88
C PHE P 98 -68.77 33.80 62.23
N LYS P 99 -67.61 33.16 62.37
CA LYS P 99 -66.77 33.43 63.52
C LYS P 99 -65.87 34.61 63.21
N ASP P 100 -65.69 35.49 64.19
CA ASP P 100 -64.89 36.72 64.06
C ASP P 100 -65.56 37.73 63.13
N ASP P 101 -66.88 37.62 62.97
CA ASP P 101 -67.71 38.62 62.31
C ASP P 101 -69.18 38.26 62.55
N GLY P 102 -70.08 39.03 61.93
CA GLY P 102 -71.51 38.98 62.19
C GLY P 102 -72.25 37.80 61.59
N THR P 103 -73.51 37.99 61.19
CA THR P 103 -74.37 36.88 60.83
C THR P 103 -75.28 37.22 59.67
N TYR P 104 -75.95 36.18 59.15
CA TYR P 104 -76.95 36.27 58.10
C TYR P 104 -78.21 35.50 58.50
N LYS P 105 -79.36 36.13 58.31
CA LYS P 105 -80.68 35.53 58.46
C LYS P 105 -81.33 35.46 57.09
N THR P 106 -81.71 34.27 56.64
CA THR P 106 -82.10 34.09 55.25
C THR P 106 -83.28 33.15 55.14
N ARG P 107 -84.38 33.67 54.60
CA ARG P 107 -85.60 32.91 54.35
C ARG P 107 -85.62 32.45 52.89
N ALA P 108 -86.08 31.24 52.65
CA ALA P 108 -86.14 30.72 51.29
C ALA P 108 -87.37 29.86 51.10
N GLU P 109 -88.04 30.03 49.95
CA GLU P 109 -89.20 29.22 49.62
C GLU P 109 -88.90 28.46 48.33
N VAL P 110 -88.94 27.12 48.40
CA VAL P 110 -88.57 26.26 47.28
C VAL P 110 -89.79 25.45 46.85
N LYS P 111 -90.00 25.37 45.53
CA LYS P 111 -91.15 24.70 44.96
C LYS P 111 -90.88 24.43 43.48
N PHE P 112 -91.87 23.80 42.85
CA PHE P 112 -91.95 23.75 41.39
C PHE P 112 -92.94 24.79 40.89
N GLU P 113 -92.59 25.47 39.80
CA GLU P 113 -93.45 26.43 39.13
C GLU P 113 -93.59 25.90 37.71
N GLY P 114 -94.75 25.32 37.40
CA GLY P 114 -94.88 24.55 36.19
C GLY P 114 -94.03 23.30 36.29
N ASP P 115 -92.91 23.30 35.57
CA ASP P 115 -91.86 22.30 35.76
C ASP P 115 -90.49 22.94 35.97
N THR P 116 -90.44 24.26 36.09
CA THR P 116 -89.20 25.00 36.35
C THR P 116 -89.03 25.14 37.86
N LEU P 117 -87.84 24.87 38.37
CA LEU P 117 -87.60 25.06 39.79
C LEU P 117 -87.16 26.50 40.03
N VAL P 118 -88.05 27.31 40.58
CA VAL P 118 -87.76 28.70 40.91
C VAL P 118 -87.60 28.82 42.41
N ASN P 119 -86.55 29.52 42.81
CA ASN P 119 -86.16 29.60 44.22
C ASN P 119 -86.04 31.05 44.64
N ARG P 120 -87.01 31.51 45.44
CA ARG P 120 -87.05 32.88 45.94
C ARG P 120 -86.48 32.93 47.34
N ILE P 121 -85.44 33.74 47.52
CA ILE P 121 -84.72 33.83 48.79
C ILE P 121 -84.56 35.29 49.17
N GLU P 122 -84.78 35.59 50.45
CA GLU P 122 -84.63 36.93 51.01
C GLU P 122 -83.61 36.86 52.13
N LEU P 123 -82.69 37.82 52.16
CA LEU P 123 -81.52 37.76 53.01
C LEU P 123 -81.32 39.06 53.77
N LYS P 124 -80.96 38.94 55.05
CA LYS P 124 -80.63 40.07 55.90
C LYS P 124 -79.33 39.75 56.62
N GLY P 125 -78.24 40.38 56.21
CA GLY P 125 -76.96 40.12 56.84
C GLY P 125 -76.41 41.33 57.56
N ILE P 126 -76.12 41.22 58.86
CA ILE P 126 -75.73 42.39 59.63
C ILE P 126 -74.62 41.98 60.61
N ASP P 127 -74.17 42.98 61.39
CA ASP P 127 -73.29 42.82 62.55
C ASP P 127 -71.83 42.59 62.15
N PHE P 128 -71.41 43.15 61.02
CA PHE P 128 -70.06 42.96 60.50
C PHE P 128 -69.22 44.22 60.67
N LYS P 129 -67.91 44.04 60.73
CA LYS P 129 -66.99 45.15 60.58
C LYS P 129 -66.62 45.28 59.10
N GLU P 130 -66.79 46.49 58.56
CA GLU P 130 -66.73 46.68 57.12
C GLU P 130 -65.32 46.93 56.59
N ASP P 131 -64.30 46.88 57.46
CA ASP P 131 -62.91 46.83 57.03
C ASP P 131 -62.26 45.52 57.44
N GLY P 132 -63.02 44.43 57.44
CA GLY P 132 -62.51 43.15 57.87
C GLY P 132 -61.98 42.30 56.73
N ASN P 133 -61.88 41.00 56.99
CA ASN P 133 -61.35 40.05 56.02
C ASN P 133 -62.42 39.17 55.40
N ILE P 134 -63.32 38.62 56.23
CA ILE P 134 -64.38 37.76 55.72
C ILE P 134 -65.16 38.46 54.61
N LEU P 135 -65.42 39.75 54.77
CA LEU P 135 -66.12 40.51 53.75
C LEU P 135 -65.20 41.40 52.93
N GLY P 136 -64.06 41.82 53.48
CA GLY P 136 -63.21 42.78 52.83
C GLY P 136 -62.32 42.23 51.74
N HIS P 137 -62.70 41.07 51.18
CA HIS P 137 -61.99 40.44 50.07
C HIS P 137 -60.53 40.15 50.45
N LYS P 138 -60.38 39.34 51.50
CA LYS P 138 -59.10 38.78 51.88
C LYS P 138 -59.07 37.26 51.74
N LEU P 139 -60.24 36.63 51.66
CA LEU P 139 -60.36 35.19 51.64
C LEU P 139 -60.10 34.66 50.23
N GLU P 140 -59.77 33.37 50.14
CA GLU P 140 -59.29 32.79 48.89
C GLU P 140 -60.46 32.27 48.05
N TYR P 141 -60.34 32.47 46.73
CA TYR P 141 -61.34 32.02 45.76
C TYR P 141 -61.12 30.53 45.53
N ASN P 142 -61.77 29.72 46.36
CA ASN P 142 -61.69 28.27 46.28
C ASN P 142 -62.93 27.67 46.93
N PHE P 143 -62.85 26.37 47.21
CA PHE P 143 -63.91 25.67 47.92
C PHE P 143 -63.36 24.33 48.37
N ASN P 144 -64.11 23.64 49.23
CA ASN P 144 -63.71 22.36 49.79
C ASN P 144 -64.93 21.45 49.95
N SER P 145 -64.67 20.17 50.19
CA SER P 145 -65.72 19.18 50.35
C SER P 145 -66.34 19.29 51.74
N HIS P 146 -67.67 19.22 51.80
CA HIS P 146 -68.35 19.47 53.06
C HIS P 146 -69.45 18.44 53.28
N ASN P 147 -70.03 18.50 54.48
CA ASN P 147 -71.09 17.59 54.90
C ASN P 147 -72.18 18.36 55.61
N VAL P 148 -73.41 17.84 55.53
CA VAL P 148 -74.58 18.43 56.17
C VAL P 148 -75.20 17.34 57.04
N TYR P 149 -75.59 17.70 58.27
CA TYR P 149 -76.31 16.78 59.13
C TYR P 149 -77.79 17.14 59.12
N ILE P 150 -78.62 16.21 58.70
CA ILE P 150 -80.07 16.41 58.71
C ILE P 150 -80.67 15.55 59.82
N THR P 151 -81.56 16.16 60.60
CA THR P 151 -82.19 15.55 61.75
C THR P 151 -83.70 15.70 61.65
N ALA P 152 -84.42 14.64 61.98
CA ALA P 152 -85.86 14.70 62.00
C ALA P 152 -86.33 15.70 63.06
N ASP P 153 -87.47 16.33 62.81
CA ASP P 153 -88.01 17.34 63.73
C ASP P 153 -89.53 17.17 63.71
N LYS P 154 -90.04 16.35 64.63
CA LYS P 154 -91.48 16.11 64.69
C LYS P 154 -92.25 17.32 65.16
N GLN P 155 -91.59 18.25 65.86
CA GLN P 155 -92.25 19.48 66.29
C GLN P 155 -92.73 20.29 65.10
N LYS P 156 -91.92 20.38 64.04
CA LYS P 156 -92.34 20.98 62.79
C LYS P 156 -92.63 19.94 61.73
N ASN P 157 -92.80 18.67 62.13
CA ASN P 157 -93.01 17.51 61.27
C ASN P 157 -92.16 17.59 59.98
N GLY P 158 -90.98 18.19 60.12
CA GLY P 158 -90.05 18.37 59.03
C GLY P 158 -88.65 18.02 59.50
N ILE P 159 -87.66 18.86 59.20
CA ILE P 159 -86.30 18.56 59.63
C ILE P 159 -85.56 19.82 60.03
N LYS P 160 -84.45 19.62 60.73
CA LYS P 160 -83.44 20.64 60.94
C LYS P 160 -82.17 20.20 60.21
N ALA P 161 -81.43 21.17 59.69
CA ALA P 161 -80.17 20.90 59.02
C ALA P 161 -79.09 21.77 59.63
N ASN P 162 -78.03 21.13 60.13
CA ASN P 162 -76.92 21.82 60.75
C ASN P 162 -75.63 21.39 60.08
N PHE P 163 -74.73 22.35 59.89
CA PHE P 163 -73.44 22.01 59.29
C PHE P 163 -72.46 23.15 59.53
N LYS P 164 -71.20 22.88 59.21
CA LYS P 164 -70.12 23.83 59.46
C LYS P 164 -69.26 23.89 58.22
N ILE P 165 -68.98 25.11 57.76
CA ILE P 165 -68.18 25.33 56.56
C ILE P 165 -66.88 26.02 56.96
N ARG P 166 -65.79 25.62 56.33
CA ARG P 166 -64.47 26.20 56.58
C ARG P 166 -63.97 26.82 55.28
N HIS P 167 -63.85 28.14 55.26
CA HIS P 167 -63.33 28.86 54.12
C HIS P 167 -61.91 29.31 54.41
N ASN P 168 -60.95 28.77 53.65
CA ASN P 168 -59.56 29.13 53.87
C ASN P 168 -59.26 30.52 53.33
N VAL P 169 -58.42 31.25 54.05
CA VAL P 169 -58.03 32.59 53.67
C VAL P 169 -56.69 32.50 52.94
N GLU P 170 -56.37 33.54 52.17
CA GLU P 170 -55.18 33.51 51.32
C GLU P 170 -53.90 33.40 52.15
N ASP P 171 -54.01 33.45 53.48
CA ASP P 171 -52.85 33.31 54.35
C ASP P 171 -53.00 32.14 55.32
N GLY P 172 -53.56 31.03 54.86
CA GLY P 172 -53.62 29.81 55.63
C GLY P 172 -54.75 29.75 56.64
N SER P 173 -55.15 30.89 57.20
CA SER P 173 -56.20 30.88 58.21
C SER P 173 -57.54 30.49 57.58
N VAL P 174 -58.47 30.07 58.44
CA VAL P 174 -59.76 29.56 58.01
C VAL P 174 -60.86 30.29 58.78
N GLN P 175 -62.03 30.38 58.18
CA GLN P 175 -63.21 30.93 58.80
C GLN P 175 -64.25 29.82 58.88
N LEU P 176 -64.78 29.57 60.08
CA LEU P 176 -65.74 28.49 60.30
C LEU P 176 -67.14 29.08 60.51
N ALA P 177 -67.94 29.05 59.46
CA ALA P 177 -69.33 29.52 59.50
C ALA P 177 -70.23 28.34 59.86
N ASP P 178 -70.99 28.50 60.93
CA ASP P 178 -71.94 27.49 61.38
C ASP P 178 -73.33 27.82 60.83
N HIS P 179 -73.96 26.83 60.21
CA HIS P 179 -75.24 27.03 59.54
C HIS P 179 -76.30 26.17 60.19
N TYR P 180 -77.41 26.81 60.55
CA TYR P 180 -78.64 26.16 60.98
C TYR P 180 -79.72 26.44 59.95
N GLN P 181 -80.68 25.53 59.82
CA GLN P 181 -81.87 25.84 59.03
C GLN P 181 -83.00 24.91 59.40
N GLN P 182 -84.22 25.45 59.40
CA GLN P 182 -85.44 24.71 59.65
C GLN P 182 -86.14 24.49 58.30
N ASN P 183 -86.44 23.22 57.99
CA ASN P 183 -87.11 22.84 56.76
C ASN P 183 -88.50 22.32 57.08
N THR P 184 -89.52 22.97 56.51
CA THR P 184 -90.92 22.63 56.79
C THR P 184 -91.73 22.64 55.51
N PRO P 185 -92.58 21.64 55.30
CA PRO P 185 -93.39 21.61 54.08
C PRO P 185 -94.65 22.45 54.22
N ILE P 186 -95.13 22.96 53.09
CA ILE P 186 -96.29 23.84 53.10
C ILE P 186 -97.59 23.05 53.35
N GLY P 187 -97.67 21.81 52.90
CA GLY P 187 -98.89 21.05 53.04
C GLY P 187 -98.89 20.15 54.26
N ASP P 188 -100.10 19.80 54.69
CA ASP P 188 -100.31 18.95 55.85
C ASP P 188 -100.20 17.47 55.54
N GLY P 189 -99.85 17.12 54.30
CA GLY P 189 -99.78 15.73 53.90
C GLY P 189 -98.70 14.94 54.61
N PRO P 190 -98.66 13.64 54.36
CA PRO P 190 -97.63 12.80 54.99
C PRO P 190 -96.31 12.90 54.25
N VAL P 191 -95.29 13.39 54.97
CA VAL P 191 -93.95 13.53 54.43
C VAL P 191 -93.06 12.51 55.10
N LEU P 192 -92.22 11.86 54.30
CA LEU P 192 -91.37 10.76 54.74
C LEU P 192 -90.37 11.29 55.76
N LEU P 193 -90.20 10.57 56.86
CA LEU P 193 -89.43 11.07 57.98
C LEU P 193 -88.03 10.48 57.98
N PRO P 194 -86.99 11.26 57.72
CA PRO P 194 -85.63 10.74 57.77
C PRO P 194 -85.02 10.86 59.16
N ASP P 195 -84.41 9.77 59.60
CA ASP P 195 -83.59 9.84 60.80
C ASP P 195 -82.33 10.66 60.51
N ASN P 196 -81.65 11.07 61.58
CA ASN P 196 -80.47 11.92 61.45
C ASN P 196 -79.39 11.18 60.67
N HIS P 197 -78.94 11.78 59.57
CA HIS P 197 -77.80 11.24 58.85
C HIS P 197 -77.10 12.40 58.13
N TYR P 198 -76.17 12.07 57.24
CA TYR P 198 -75.29 13.09 56.70
C TYR P 198 -75.43 13.15 55.18
N LEU P 199 -74.80 14.16 54.60
CA LEU P 199 -74.88 14.45 53.19
C LEU P 199 -73.60 15.12 52.73
N SER P 200 -72.87 14.45 51.84
CA SER P 200 -71.60 14.93 51.33
C SER P 200 -71.84 15.78 50.09
N THR P 201 -70.99 16.79 49.91
CA THR P 201 -71.15 17.79 48.86
C THR P 201 -69.79 18.23 48.36
N GLN P 202 -69.65 18.30 47.04
CA GLN P 202 -68.46 18.83 46.39
C GLN P 202 -68.90 19.83 45.32
N SER P 203 -68.05 20.81 45.04
CA SER P 203 -68.37 21.79 44.02
C SER P 203 -67.10 22.43 43.49
N ALA P 204 -67.25 23.12 42.36
CA ALA P 204 -66.14 23.77 41.68
C ALA P 204 -66.63 25.07 41.05
N LEU P 205 -65.78 26.10 41.17
CA LEU P 205 -66.07 27.47 40.79
C LEU P 205 -65.16 27.89 39.65
N SER P 206 -65.70 28.64 38.71
CA SER P 206 -64.95 29.07 37.54
C SER P 206 -65.62 30.29 36.92
N LYS P 207 -65.03 30.76 35.83
CA LYS P 207 -65.45 31.97 35.13
C LYS P 207 -65.78 31.65 33.68
N ASP P 208 -66.67 32.44 33.11
CA ASP P 208 -66.80 32.48 31.65
C ASP P 208 -65.72 33.41 31.10
N PRO P 209 -65.08 33.06 29.98
CA PRO P 209 -63.95 33.87 29.52
C PRO P 209 -64.37 35.16 28.83
N ASN P 210 -65.61 35.24 28.34
CA ASN P 210 -66.04 36.36 27.51
C ASN P 210 -67.32 37.04 28.02
N GLU P 211 -67.48 37.16 29.33
CA GLU P 211 -68.60 37.90 29.91
C GLU P 211 -68.07 39.06 30.74
N LYS P 212 -68.56 40.26 30.47
CA LYS P 212 -68.00 41.47 31.07
C LYS P 212 -68.68 41.85 32.38
N ARG P 213 -69.77 41.18 32.74
CA ARG P 213 -70.39 41.44 34.03
C ARG P 213 -69.64 40.70 35.14
N ASP P 214 -70.22 40.73 36.34
CA ASP P 214 -69.73 39.86 37.40
C ASP P 214 -70.44 38.50 37.33
N HIS P 215 -69.67 37.45 37.08
CA HIS P 215 -70.24 36.13 36.87
C HIS P 215 -69.55 35.15 37.82
N MET P 216 -70.23 34.04 38.07
CA MET P 216 -69.67 32.97 38.87
C MET P 216 -70.31 31.67 38.42
N VAL P 217 -69.54 30.82 37.75
CA VAL P 217 -70.00 29.55 37.22
C VAL P 217 -69.65 28.48 38.24
N LEU P 218 -70.57 27.53 38.48
CA LEU P 218 -70.34 26.55 39.53
C LEU P 218 -71.05 25.24 39.19
N LEU P 219 -70.31 24.14 39.27
CA LEU P 219 -70.88 22.81 39.09
C LEU P 219 -70.62 21.99 40.34
N GLU P 220 -71.54 21.10 40.69
CA GLU P 220 -71.51 20.50 42.02
C GLU P 220 -72.22 19.16 42.05
N PHE P 221 -71.71 18.28 42.92
CA PHE P 221 -72.23 16.94 43.12
C PHE P 221 -72.57 16.77 44.59
N VAL P 222 -73.81 16.34 44.85
CA VAL P 222 -74.34 16.29 46.21
C VAL P 222 -75.04 14.96 46.40
N THR P 223 -74.71 14.25 47.47
CA THR P 223 -75.37 12.97 47.72
C THR P 223 -75.27 12.62 49.20
N ALA P 224 -76.29 11.93 49.69
CA ALA P 224 -76.46 11.70 51.12
C ALA P 224 -76.19 10.24 51.48
N ALA P 225 -76.03 10.02 52.79
CA ALA P 225 -75.85 8.69 53.36
C ALA P 225 -76.03 8.78 54.86
N GLY P 226 -75.70 7.70 55.56
CA GLY P 226 -75.75 7.65 57.01
C GLY P 226 -76.26 6.34 57.57
N ILE P 227 -76.94 5.54 56.77
CA ILE P 227 -77.45 4.26 57.21
C ILE P 227 -76.53 3.17 56.69
N THR P 228 -76.11 2.26 57.57
CA THR P 228 -75.31 1.12 57.16
C THR P 228 -76.24 -0.03 56.84
N HIS P 229 -76.85 0.01 55.65
CA HIS P 229 -77.85 -0.97 55.25
C HIS P 229 -77.19 -2.19 54.60
N HIS P 230 -78.00 -3.23 54.43
CA HIS P 230 -77.51 -4.51 53.94
C HIS P 230 -76.97 -4.41 52.51
N GLY Q 54 39.46 -37.07 64.54
CA GLY Q 54 38.33 -37.86 64.06
C GLY Q 54 37.17 -37.90 65.03
N LYS Q 55 37.49 -38.07 66.31
CA LYS Q 55 36.50 -38.09 67.38
C LYS Q 55 36.96 -37.38 68.64
N GLU Q 56 38.26 -37.16 68.81
CA GLU Q 56 38.81 -36.60 70.04
C GLU Q 56 38.51 -35.11 70.20
N LEU Q 57 37.86 -34.47 69.23
CA LEU Q 57 37.56 -33.04 69.37
C LEU Q 57 36.30 -32.81 70.19
N LEU Q 58 35.38 -33.76 70.19
CA LEU Q 58 34.07 -33.51 70.78
C LEU Q 58 34.15 -33.38 72.30
N GLU Q 59 35.00 -34.18 72.95
CA GLU Q 59 35.10 -34.09 74.40
C GLU Q 59 35.75 -32.78 74.81
N ALA Q 60 36.65 -32.26 73.96
CA ALA Q 60 37.25 -30.96 74.24
C ALA Q 60 36.26 -29.83 74.03
N ALA Q 61 35.35 -29.98 73.05
CA ALA Q 61 34.26 -29.03 72.91
C ALA Q 61 33.34 -29.07 74.12
N ARG Q 62 33.05 -30.28 74.61
CA ARG Q 62 32.16 -30.43 75.75
C ARG Q 62 32.78 -29.86 77.02
N ALA Q 63 34.07 -30.09 77.25
CA ALA Q 63 34.74 -29.54 78.41
C ALA Q 63 35.01 -28.05 78.29
N GLY Q 64 34.71 -27.44 77.14
CA GLY Q 64 35.00 -26.04 76.93
C GLY Q 64 36.46 -25.75 76.64
N GLN Q 65 37.22 -26.74 76.19
CA GLN Q 65 38.64 -26.55 75.88
C GLN Q 65 38.76 -25.85 74.53
N ASP Q 66 38.54 -24.54 74.55
CA ASP Q 66 38.56 -23.77 73.31
C ASP Q 66 39.94 -23.83 72.65
N ASP Q 67 41.01 -23.78 73.44
CA ASP Q 67 42.34 -23.82 72.88
C ASP Q 67 42.67 -25.21 72.32
N GLU Q 68 42.16 -26.26 72.97
CA GLU Q 68 42.43 -27.60 72.46
C GLU Q 68 41.73 -27.84 71.13
N VAL Q 69 40.43 -27.50 71.04
CA VAL Q 69 39.74 -27.65 69.76
C VAL Q 69 40.34 -26.72 68.72
N ALA Q 70 40.87 -25.57 69.15
CA ALA Q 70 41.58 -24.70 68.21
C ALA Q 70 42.79 -25.41 67.60
N VAL Q 71 43.69 -25.90 68.45
CA VAL Q 71 44.94 -26.48 67.93
C VAL Q 71 44.66 -27.79 67.20
N LEU Q 72 43.58 -28.48 67.57
CA LEU Q 72 43.28 -29.76 66.94
C LEU Q 72 42.48 -29.60 65.65
N MET Q 73 41.78 -28.48 65.48
CA MET Q 73 41.11 -28.19 64.22
C MET Q 73 42.05 -27.50 63.24
N ALA Q 74 43.06 -26.78 63.74
CA ALA Q 74 44.13 -26.31 62.87
C ALA Q 74 44.72 -27.46 62.09
N ARG Q 75 45.10 -28.52 62.80
CA ARG Q 75 45.40 -29.80 62.15
C ARG Q 75 44.12 -30.39 61.58
N GLY Q 76 44.23 -30.99 60.40
CA GLY Q 76 43.08 -31.56 59.72
C GLY Q 76 42.25 -32.50 60.58
N ALA Q 77 41.03 -32.07 60.91
CA ALA Q 77 40.16 -32.84 61.79
C ALA Q 77 38.75 -32.81 61.25
N GLU Q 78 37.92 -33.73 61.72
CA GLU Q 78 36.53 -33.80 61.28
C GLU Q 78 35.72 -32.68 61.91
N VAL Q 79 35.21 -31.77 61.09
CA VAL Q 79 34.38 -30.70 61.61
C VAL Q 79 32.91 -31.10 61.70
N ASN Q 80 32.37 -31.75 60.68
CA ASN Q 80 30.97 -32.19 60.68
C ASN Q 80 30.83 -33.61 61.21
N ALA Q 81 31.35 -33.85 62.40
CA ALA Q 81 31.36 -35.18 62.99
C ALA Q 81 29.96 -35.56 63.46
N ALA Q 82 29.51 -36.71 62.98
CA ALA Q 82 28.29 -37.35 63.47
C ALA Q 82 28.70 -38.40 64.48
N ASP Q 83 28.09 -38.36 65.66
CA ASP Q 83 28.57 -39.15 66.78
C ASP Q 83 27.58 -40.26 67.12
N ASP Q 84 27.86 -40.92 68.25
CA ASP Q 84 27.14 -42.11 68.69
C ASP Q 84 25.63 -41.91 68.84
N VAL Q 85 25.16 -40.67 68.96
CA VAL Q 85 23.73 -40.42 68.99
C VAL Q 85 23.41 -39.27 68.03
N GLY Q 86 24.43 -38.80 67.31
CA GLY Q 86 24.21 -37.80 66.28
C GLY Q 86 24.44 -36.39 66.76
N VAL Q 87 25.26 -36.24 67.79
CA VAL Q 87 25.52 -34.95 68.42
C VAL Q 87 26.82 -34.44 67.83
N THR Q 88 26.73 -33.39 67.02
CA THR Q 88 27.91 -32.78 66.44
C THR Q 88 28.55 -31.85 67.48
N PRO Q 89 29.87 -31.65 67.41
CA PRO Q 89 30.51 -30.68 68.31
C PRO Q 89 29.80 -29.33 68.40
N LEU Q 90 29.08 -28.91 67.36
CA LEU Q 90 28.34 -27.67 67.44
C LEU Q 90 27.19 -27.77 68.42
N HIS Q 91 26.51 -28.92 68.45
CA HIS Q 91 25.41 -29.10 69.40
C HIS Q 91 25.90 -28.98 70.84
N LEU Q 92 26.97 -29.69 71.19
CA LEU Q 92 27.54 -29.62 72.53
C LEU Q 92 28.18 -28.28 72.83
N ALA Q 93 28.66 -27.58 71.81
CA ALA Q 93 29.19 -26.24 71.99
C ALA Q 93 28.10 -25.21 72.20
N ALA Q 94 26.88 -25.51 71.76
CA ALA Q 94 25.73 -24.66 72.00
C ALA Q 94 25.02 -24.94 73.31
N GLN Q 95 24.93 -26.22 73.71
CA GLN Q 95 24.33 -26.56 75.00
C GLN Q 95 25.01 -25.80 76.13
N ARG Q 96 26.32 -26.00 76.29
CA ARG Q 96 27.11 -25.16 77.16
C ARG Q 96 27.35 -23.82 76.48
N GLY Q 97 27.56 -22.78 77.29
CA GLY Q 97 27.76 -21.47 76.70
C GLY Q 97 29.21 -21.22 76.34
N HIS Q 98 29.55 -21.45 75.07
CA HIS Q 98 30.93 -21.35 74.61
C HIS Q 98 30.90 -20.70 73.22
N LEU Q 99 31.03 -19.38 73.20
CA LEU Q 99 30.97 -18.63 71.95
C LEU Q 99 32.20 -18.84 71.07
N ALA Q 100 33.38 -18.91 71.68
CA ALA Q 100 34.61 -19.06 70.91
C ALA Q 100 34.61 -20.37 70.13
N ILE Q 101 34.10 -21.43 70.74
CA ILE Q 101 34.12 -22.73 70.08
C ILE Q 101 33.16 -22.74 68.89
N VAL Q 102 31.97 -22.17 69.04
CA VAL Q 102 31.04 -22.16 67.91
C VAL Q 102 31.55 -21.23 66.81
N SER Q 103 32.28 -20.17 67.18
CA SER Q 103 32.85 -19.31 66.15
C SER Q 103 33.91 -20.04 65.35
N VAL Q 104 34.85 -20.69 66.04
CA VAL Q 104 35.93 -21.39 65.33
C VAL Q 104 35.41 -22.64 64.64
N LEU Q 105 34.22 -23.12 65.03
CA LEU Q 105 33.63 -24.24 64.30
C LEU Q 105 32.89 -23.78 63.07
N LEU Q 106 32.15 -22.67 63.15
CA LEU Q 106 31.51 -22.11 61.97
C LEU Q 106 32.53 -21.71 60.92
N ALA Q 107 33.62 -21.06 61.35
CA ALA Q 107 34.64 -20.64 60.39
C ALA Q 107 35.23 -21.83 59.65
N PHE Q 108 35.33 -22.98 60.30
CA PHE Q 108 35.89 -24.16 59.68
C PHE Q 108 34.86 -25.00 58.92
N GLY Q 109 33.64 -24.52 58.76
CA GLY Q 109 32.70 -25.20 57.89
C GLY Q 109 31.77 -26.17 58.59
N ALA Q 110 31.15 -25.74 59.68
CA ALA Q 110 30.14 -26.55 60.32
C ALA Q 110 28.76 -26.25 59.73
N SER Q 111 27.84 -27.17 59.95
CA SER Q 111 26.47 -26.99 59.47
C SER Q 111 25.59 -26.51 60.62
N VAL Q 112 24.94 -25.36 60.44
CA VAL Q 112 24.06 -24.84 61.48
C VAL Q 112 22.78 -25.66 61.59
N ASN Q 113 22.32 -26.28 60.50
CA ASN Q 113 21.15 -27.14 60.52
C ASN Q 113 21.63 -28.59 60.50
N ALA Q 114 21.72 -29.21 61.67
CA ALA Q 114 22.26 -30.55 61.79
C ALA Q 114 21.24 -31.44 62.50
N ALA Q 115 20.58 -32.28 61.72
CA ALA Q 115 19.41 -33.02 62.19
C ALA Q 115 19.86 -34.08 63.19
N ASP Q 116 19.78 -33.74 64.47
CA ASP Q 116 20.08 -34.66 65.54
C ASP Q 116 19.14 -35.88 65.47
N LEU Q 117 19.56 -36.96 66.13
CA LEU Q 117 18.74 -38.17 66.15
C LEU Q 117 17.40 -37.93 66.84
N TRP Q 118 17.30 -36.89 67.67
CA TRP Q 118 16.05 -36.53 68.32
C TRP Q 118 15.30 -35.43 67.58
N GLY Q 119 15.91 -34.83 66.56
CA GLY Q 119 15.28 -33.75 65.83
C GLY Q 119 15.73 -32.37 66.24
N GLN Q 120 16.76 -32.26 67.09
CA GLN Q 120 17.21 -30.96 67.53
C GLN Q 120 18.28 -30.41 66.60
N THR Q 121 18.58 -29.13 66.81
CA THR Q 121 19.46 -28.31 66.01
C THR Q 121 20.16 -27.41 67.02
N PRO Q 122 21.40 -26.94 66.77
CA PRO Q 122 22.05 -26.07 67.76
C PRO Q 122 21.21 -24.87 68.17
N LEU Q 123 20.35 -24.37 67.28
CA LEU Q 123 19.46 -23.27 67.65
C LEU Q 123 18.46 -23.70 68.71
N HIS Q 124 17.95 -24.94 68.63
CA HIS Q 124 17.03 -25.43 69.64
C HIS Q 124 17.68 -25.43 71.02
N LEU Q 125 18.82 -26.11 71.15
CA LEU Q 125 19.50 -26.19 72.43
C LEU Q 125 20.00 -24.84 72.92
N ALA Q 126 20.44 -23.97 72.02
CA ALA Q 126 20.90 -22.64 72.42
C ALA Q 126 19.76 -21.77 72.90
N ALA Q 127 18.60 -21.81 72.24
CA ALA Q 127 17.45 -21.06 72.71
C ALA Q 127 16.93 -21.62 74.02
N THR Q 128 17.00 -22.94 74.22
CA THR Q 128 16.58 -23.51 75.48
C THR Q 128 17.53 -23.13 76.62
N ALA Q 129 18.83 -23.12 76.36
CA ALA Q 129 19.80 -22.83 77.41
C ALA Q 129 19.64 -21.40 77.93
N GLY Q 130 19.84 -20.41 77.06
CA GLY Q 130 19.66 -19.03 77.46
C GLY Q 130 20.79 -18.10 77.06
N HIS Q 131 21.68 -18.59 76.20
CA HIS Q 131 22.83 -17.79 75.78
C HIS Q 131 22.47 -16.99 74.53
N LEU Q 132 22.48 -15.67 74.66
CA LEU Q 132 21.99 -14.81 73.58
C LEU Q 132 23.01 -14.68 72.46
N GLU Q 133 24.28 -14.54 72.80
CA GLU Q 133 25.31 -14.34 71.79
C GLU Q 133 25.39 -15.51 70.81
N ILE Q 134 25.26 -16.73 71.32
CA ILE Q 134 25.25 -17.88 70.43
C ILE Q 134 24.03 -17.85 69.52
N VAL Q 135 22.87 -17.47 70.05
CA VAL Q 135 21.68 -17.36 69.23
C VAL Q 135 21.90 -16.35 68.11
N GLU Q 136 22.49 -15.20 68.41
CA GLU Q 136 22.74 -14.20 67.38
C GLU Q 136 23.69 -14.71 66.31
N VAL Q 137 24.82 -15.29 66.73
CA VAL Q 137 25.81 -15.71 65.74
C VAL Q 137 25.30 -16.90 64.93
N LEU Q 138 24.34 -17.64 65.46
CA LEU Q 138 23.74 -18.72 64.68
C LEU Q 138 22.70 -18.19 63.71
N LEU Q 139 21.91 -17.21 64.14
CA LEU Q 139 20.91 -16.63 63.27
C LEU Q 139 21.54 -15.89 62.10
N ARG Q 140 22.69 -15.25 62.35
CA ARG Q 140 23.39 -14.57 61.27
C ARG Q 140 24.07 -15.54 60.31
N SER Q 141 24.29 -16.78 60.72
CA SER Q 141 24.98 -17.76 59.89
C SER Q 141 24.04 -18.62 59.06
N GLY Q 142 22.73 -18.48 59.24
CA GLY Q 142 21.77 -19.22 58.46
C GLY Q 142 20.96 -20.26 59.19
N ALA Q 143 20.80 -20.14 60.50
CA ALA Q 143 19.96 -21.08 61.22
C ALA Q 143 18.48 -20.82 60.90
N SER Q 144 17.72 -21.90 60.79
CA SER Q 144 16.32 -21.81 60.42
C SER Q 144 15.44 -21.69 61.66
N VAL Q 145 14.78 -20.54 61.78
CA VAL Q 145 13.96 -20.24 62.95
C VAL Q 145 12.72 -21.11 63.05
N ASN Q 146 12.34 -21.82 61.99
CA ASN Q 146 11.13 -22.61 61.98
C ASN Q 146 11.40 -24.08 61.70
N ALA Q 147 12.42 -24.62 62.35
CA ALA Q 147 12.69 -26.05 62.30
C ALA Q 147 11.96 -26.74 63.45
N ARG Q 148 11.55 -27.98 63.23
CA ARG Q 148 10.69 -28.69 64.16
C ARG Q 148 11.44 -29.82 64.84
N ASP Q 149 11.00 -30.15 66.06
CA ASP Q 149 11.39 -31.35 66.77
C ASP Q 149 10.52 -32.52 66.31
N ASN Q 150 10.57 -33.61 67.08
CA ASN Q 150 9.57 -34.66 66.91
C ASN Q 150 8.25 -34.26 67.56
N ILE Q 151 8.31 -33.68 68.75
CA ILE Q 151 7.11 -33.08 69.33
C ILE Q 151 6.56 -31.97 68.44
N GLY Q 152 7.40 -31.33 67.63
CA GLY Q 152 6.99 -30.23 66.78
C GLY Q 152 7.40 -28.87 67.28
N HIS Q 153 8.19 -28.79 68.35
CA HIS Q 153 8.56 -27.50 68.91
C HIS Q 153 9.47 -26.74 67.95
N THR Q 154 9.26 -25.43 67.88
CA THR Q 154 10.15 -24.51 67.20
C THR Q 154 10.98 -23.75 68.21
N PRO Q 155 12.11 -23.16 67.80
CA PRO Q 155 12.95 -22.46 68.79
C PRO Q 155 12.21 -21.44 69.62
N LEU Q 156 11.09 -20.89 69.12
CA LEU Q 156 10.33 -19.92 69.90
C LEU Q 156 9.52 -20.62 70.98
N HIS Q 157 9.02 -21.83 70.70
CA HIS Q 157 8.39 -22.64 71.75
C HIS Q 157 9.31 -22.76 72.95
N LEU Q 158 10.57 -23.13 72.72
CA LEU Q 158 11.51 -23.32 73.80
C LEU Q 158 11.91 -21.99 74.43
N ALA Q 159 12.07 -20.94 73.63
CA ALA Q 159 12.37 -19.63 74.18
C ALA Q 159 11.27 -19.15 75.11
N ALA Q 160 10.01 -19.48 74.80
CA ALA Q 160 8.89 -19.09 75.65
C ALA Q 160 8.75 -19.98 76.88
N TRP Q 161 8.99 -21.28 76.73
CA TRP Q 161 8.96 -22.17 77.89
C TRP Q 161 10.04 -21.78 78.90
N ALA Q 162 11.29 -21.62 78.44
CA ALA Q 162 12.38 -21.37 79.36
C ALA Q 162 12.25 -20.02 80.05
N GLY Q 163 11.65 -19.04 79.37
CA GLY Q 163 11.50 -17.72 79.93
C GLY Q 163 12.56 -16.71 79.57
N HIS Q 164 13.07 -16.74 78.35
CA HIS Q 164 14.16 -15.87 77.93
C HIS Q 164 13.60 -14.75 77.06
N LEU Q 165 13.51 -13.54 77.62
CA LEU Q 165 12.83 -12.45 76.93
C LEU Q 165 13.64 -11.96 75.73
N GLU Q 166 14.93 -11.69 75.94
CA GLU Q 166 15.76 -11.14 74.87
C GLU Q 166 15.89 -12.12 73.71
N ILE Q 167 15.96 -13.42 74.01
CA ILE Q 167 16.00 -14.42 72.95
C ILE Q 167 14.67 -14.45 72.21
N VAL Q 168 13.57 -14.27 72.93
CA VAL Q 168 12.27 -14.18 72.25
C VAL Q 168 12.25 -13.01 71.29
N GLU Q 169 12.80 -11.87 71.71
CA GLU Q 169 12.85 -10.71 70.84
C GLU Q 169 13.68 -10.97 69.59
N VAL Q 170 14.89 -11.49 69.74
CA VAL Q 170 15.74 -11.70 68.58
C VAL Q 170 15.14 -12.76 67.66
N LEU Q 171 14.42 -13.74 68.22
CA LEU Q 171 13.77 -14.73 67.38
C LEU Q 171 12.57 -14.16 66.65
N LEU Q 172 11.87 -13.21 67.26
CA LEU Q 172 10.75 -12.57 66.57
C LEU Q 172 11.21 -11.63 65.48
N ALA Q 173 12.37 -11.00 65.65
CA ALA Q 173 12.94 -10.15 64.61
C ALA Q 173 13.36 -10.93 63.36
N TYR Q 174 13.68 -12.21 63.50
CA TYR Q 174 14.22 -13.00 62.39
C TYR Q 174 13.17 -13.85 61.69
N GLY Q 175 11.90 -13.71 62.06
CA GLY Q 175 10.84 -14.34 61.32
C GLY Q 175 10.16 -15.52 61.99
N ALA Q 176 10.36 -15.72 63.28
CA ALA Q 176 9.59 -16.72 64.00
C ALA Q 176 8.14 -16.27 64.09
N ASP Q 177 7.23 -17.20 63.81
CA ASP Q 177 5.79 -16.91 63.80
C ASP Q 177 5.20 -17.20 65.17
N VAL Q 178 4.22 -16.39 65.57
CA VAL Q 178 3.73 -16.48 66.94
C VAL Q 178 2.68 -17.57 67.09
N PHE Q 179 1.80 -17.76 66.09
CA PHE Q 179 0.83 -18.84 66.19
C PHE Q 179 1.26 -20.06 65.38
N ALA Q 180 2.31 -20.73 65.82
CA ALA Q 180 2.68 -22.04 65.31
C ALA Q 180 2.40 -23.06 66.39
N GLN Q 181 2.02 -24.27 65.98
CA GLN Q 181 1.63 -25.28 66.94
C GLN Q 181 2.62 -26.45 66.92
N ASP Q 182 2.58 -27.23 67.99
CA ASP Q 182 3.28 -28.51 68.07
C ASP Q 182 2.26 -29.62 67.84
N LYS Q 183 2.72 -30.87 67.92
CA LYS Q 183 1.81 -31.99 67.71
C LYS Q 183 0.64 -31.96 68.69
N PHE Q 184 0.87 -31.52 69.92
CA PHE Q 184 -0.18 -31.52 70.92
C PHE Q 184 -1.06 -30.28 70.86
N GLY Q 185 -0.80 -29.36 69.95
CA GLY Q 185 -1.72 -28.28 69.66
C GLY Q 185 -1.43 -26.94 70.32
N LYS Q 186 -0.28 -26.79 70.97
CA LYS Q 186 -0.01 -25.57 71.72
C LYS Q 186 0.86 -24.61 70.93
N THR Q 187 0.61 -23.32 71.14
CA THR Q 187 1.38 -22.21 70.60
C THR Q 187 2.29 -21.65 71.68
N PRO Q 188 3.36 -20.94 71.31
CA PRO Q 188 4.27 -20.39 72.32
C PRO Q 188 3.58 -19.62 73.42
N PHE Q 189 2.46 -18.97 73.13
CA PHE Q 189 1.72 -18.27 74.18
C PHE Q 189 1.18 -19.23 75.22
N ASP Q 190 0.83 -20.45 74.81
CA ASP Q 190 0.33 -21.43 75.78
C ASP Q 190 1.44 -21.93 76.68
N LEU Q 191 2.59 -22.30 76.10
CA LEU Q 191 3.73 -22.69 76.91
C LEU Q 191 4.19 -21.54 77.80
N ALA Q 192 3.88 -20.30 77.41
CA ALA Q 192 4.25 -19.16 78.24
C ALA Q 192 3.27 -18.97 79.40
N ILE Q 193 1.98 -19.23 79.18
CA ILE Q 193 1.01 -18.96 80.22
C ILE Q 193 0.86 -20.13 81.18
N ASP Q 194 1.24 -21.33 80.76
CA ASP Q 194 1.17 -22.47 81.68
C ASP Q 194 2.44 -22.67 82.50
N ASN Q 195 3.38 -21.73 82.46
CA ASN Q 195 4.63 -21.84 83.17
C ASN Q 195 4.96 -20.61 83.99
N GLY Q 196 4.02 -19.68 84.13
CA GLY Q 196 4.26 -18.48 84.90
C GLY Q 196 5.19 -17.47 84.26
N ASN Q 197 5.77 -17.78 83.09
CA ASN Q 197 6.53 -16.78 82.34
C ASN Q 197 5.59 -15.69 81.88
N GLU Q 198 5.68 -14.51 82.50
CA GLU Q 198 4.65 -13.49 82.39
C GLU Q 198 4.81 -12.57 81.20
N ASP Q 199 6.02 -12.09 80.91
CA ASP Q 199 6.16 -11.03 79.93
C ASP Q 199 6.26 -11.58 78.52
N ILE Q 200 6.79 -12.79 78.37
CA ILE Q 200 6.70 -13.49 77.10
C ILE Q 200 5.25 -13.52 76.65
N ALA Q 201 4.35 -13.87 77.56
CA ALA Q 201 2.93 -13.89 77.27
C ALA Q 201 2.42 -12.53 76.84
N GLU Q 202 2.88 -11.45 77.48
CA GLU Q 202 2.37 -10.13 77.13
C GLU Q 202 2.84 -9.69 75.74
N VAL Q 203 4.13 -9.85 75.46
CA VAL Q 203 4.63 -9.43 74.16
C VAL Q 203 4.20 -10.35 73.04
N LEU Q 204 3.71 -11.55 73.34
CA LEU Q 204 3.12 -12.37 72.29
C LEU Q 204 1.64 -12.09 72.12
N GLN Q 205 0.95 -11.74 73.21
CA GLN Q 205 -0.45 -11.34 73.12
C GLN Q 205 -0.61 -10.06 72.32
N ARG Q 206 0.33 -9.12 72.48
CA ARG Q 206 0.24 -7.89 71.69
C ARG Q 206 0.27 -8.19 70.20
N LEU Q 207 1.11 -9.15 69.77
CA LEU Q 207 1.21 -9.46 68.35
C LEU Q 207 -0.01 -10.22 67.85
N LEU Q 208 -0.47 -11.21 68.63
CA LEU Q 208 -1.71 -11.88 68.27
C LEU Q 208 -2.85 -10.88 68.08
N GLU Q 209 -2.94 -9.90 68.98
CA GLU Q 209 -4.00 -8.93 68.90
C GLU Q 209 -3.84 -7.99 67.71
N CYS Q 210 -2.61 -7.58 67.40
CA CYS Q 210 -2.40 -6.75 66.21
C CYS Q 210 -2.87 -7.46 64.95
N ARG Q 211 -2.51 -8.74 64.81
CA ARG Q 211 -2.94 -9.45 63.61
C ARG Q 211 -4.46 -9.61 63.55
N ARG Q 212 -5.09 -9.95 64.67
CA ARG Q 212 -6.54 -10.09 64.71
C ARG Q 212 -7.24 -8.79 64.34
N ASP Q 213 -6.77 -7.67 64.88
CA ASP Q 213 -7.42 -6.38 64.65
C ASP Q 213 -7.24 -5.90 63.21
N ALA Q 214 -6.07 -6.12 62.62
CA ALA Q 214 -5.92 -5.76 61.23
C ALA Q 214 -6.84 -6.57 60.33
N GLU Q 215 -6.96 -7.87 60.59
CA GLU Q 215 -7.90 -8.69 59.84
C GLU Q 215 -9.32 -8.15 59.92
N ALA Q 216 -9.77 -7.85 61.15
CA ALA Q 216 -11.11 -7.31 61.34
C ALA Q 216 -11.34 -5.99 60.62
N ALA Q 217 -10.39 -5.07 60.69
CA ALA Q 217 -10.54 -3.79 60.01
C ALA Q 217 -10.59 -3.92 58.50
N ILE Q 218 -9.83 -4.85 57.92
CA ILE Q 218 -9.92 -5.03 56.47
C ILE Q 218 -11.27 -5.60 56.08
N ASN Q 219 -11.82 -6.52 56.89
CA ASN Q 219 -13.17 -6.99 56.61
C ASN Q 219 -14.19 -5.86 56.65
N TYR Q 220 -14.09 -4.98 57.65
CA TYR Q 220 -15.04 -3.88 57.75
C TYR Q 220 -14.91 -2.92 56.57
N GLN Q 221 -13.70 -2.71 56.07
CA GLN Q 221 -13.55 -1.85 54.90
C GLN Q 221 -14.15 -2.47 53.65
N ILE Q 222 -14.03 -3.79 53.50
CA ILE Q 222 -14.69 -4.46 52.38
C ILE Q 222 -16.20 -4.22 52.43
N ASN Q 223 -16.80 -4.40 53.61
CA ASN Q 223 -18.24 -4.17 53.72
C ASN Q 223 -18.62 -2.73 53.44
N LEU Q 224 -17.80 -1.77 53.89
CA LEU Q 224 -18.14 -0.37 53.67
C LEU Q 224 -18.09 0.01 52.19
N GLU Q 225 -17.12 -0.53 51.44
CA GLU Q 225 -17.10 -0.21 50.01
C GLU Q 225 -18.24 -0.89 49.27
N LEU Q 226 -18.62 -2.10 49.66
CA LEU Q 226 -19.80 -2.71 49.04
C LEU Q 226 -21.06 -1.91 49.30
N TYR Q 227 -21.22 -1.38 50.52
CA TYR Q 227 -22.35 -0.53 50.82
C TYR Q 227 -22.34 0.75 49.99
N ALA Q 228 -21.19 1.38 49.85
CA ALA Q 228 -21.12 2.58 49.01
C ALA Q 228 -21.50 2.29 47.57
N SER Q 229 -21.06 1.16 47.03
CA SER Q 229 -21.44 0.77 45.68
C SER Q 229 -22.96 0.63 45.54
N TYR Q 230 -23.60 0.02 46.53
CA TYR Q 230 -25.05 -0.12 46.51
C TYR Q 230 -25.75 1.24 46.58
N VAL Q 231 -25.24 2.16 47.40
CA VAL Q 231 -25.84 3.50 47.50
C VAL Q 231 -25.76 4.22 46.17
N TYR Q 232 -24.62 4.11 45.47
CA TYR Q 232 -24.50 4.77 44.18
C TYR Q 232 -25.42 4.16 43.15
N LEU Q 233 -25.64 2.85 43.19
CA LEU Q 233 -26.59 2.22 42.26
C LEU Q 233 -27.99 2.77 42.47
N SER Q 234 -28.41 2.89 43.73
CA SER Q 234 -29.70 3.51 44.03
C SER Q 234 -29.78 4.93 43.48
N MET Q 235 -28.78 5.77 43.80
CA MET Q 235 -28.74 7.13 43.27
C MET Q 235 -28.87 7.17 41.76
N SER Q 236 -28.14 6.31 41.06
CA SER Q 236 -28.17 6.30 39.61
C SER Q 236 -29.53 5.96 39.04
N TYR Q 237 -30.20 4.95 39.58
CA TYR Q 237 -31.52 4.63 39.04
C TYR Q 237 -32.62 5.51 39.57
N TYR Q 238 -32.32 6.46 40.46
CA TYR Q 238 -33.29 7.50 40.76
C TYR Q 238 -33.43 8.49 39.62
N PHE Q 239 -32.32 8.92 39.03
CA PHE Q 239 -32.34 9.90 37.95
C PHE Q 239 -32.80 9.33 36.63
N ASP Q 240 -33.26 8.09 36.61
CA ASP Q 240 -33.72 7.44 35.39
C ASP Q 240 -35.23 7.39 35.32
N ARG Q 241 -35.92 7.73 36.40
CA ARG Q 241 -37.38 7.81 36.38
C ARG Q 241 -37.81 8.83 35.33
N ASP Q 242 -39.07 8.82 34.92
CA ASP Q 242 -39.51 9.79 33.93
C ASP Q 242 -40.08 11.05 34.53
N ASP Q 243 -40.22 11.11 35.86
CA ASP Q 243 -40.42 12.40 36.49
C ASP Q 243 -39.12 13.00 36.99
N VAL Q 244 -38.00 12.31 36.74
CA VAL Q 244 -36.66 12.85 36.97
C VAL Q 244 -35.86 12.50 35.72
N ALA Q 245 -35.87 13.36 34.71
CA ALA Q 245 -35.35 12.97 33.41
C ALA Q 245 -33.94 13.54 33.17
N LEU Q 246 -32.99 13.08 33.98
CA LEU Q 246 -31.60 13.53 33.87
C LEU Q 246 -30.70 12.32 33.59
N LYS Q 247 -30.15 12.26 32.39
CA LYS Q 247 -29.44 11.08 31.91
C LYS Q 247 -27.97 11.05 32.30
N ASN Q 248 -27.33 12.21 32.37
CA ASN Q 248 -25.91 12.22 32.64
C ASN Q 248 -25.62 12.14 34.13
N PHE Q 249 -26.52 12.62 34.97
CA PHE Q 249 -26.48 12.28 36.39
C PHE Q 249 -26.52 10.76 36.58
N ALA Q 250 -27.37 10.08 35.81
CA ALA Q 250 -27.48 8.63 35.89
C ALA Q 250 -26.19 7.94 35.46
N LYS Q 251 -25.61 8.35 34.33
CA LYS Q 251 -24.34 7.75 33.91
C LYS Q 251 -23.23 8.01 34.93
N TYR Q 252 -23.16 9.23 35.46
CA TYR Q 252 -22.20 9.55 36.50
C TYR Q 252 -22.29 8.57 37.65
N PHE Q 253 -23.46 8.43 38.25
CA PHE Q 253 -23.55 7.60 39.43
C PHE Q 253 -23.41 6.11 39.12
N LEU Q 254 -23.74 5.66 37.91
CA LEU Q 254 -23.43 4.27 37.59
C LEU Q 254 -21.92 4.02 37.49
N HIS Q 255 -21.18 4.96 36.91
CA HIS Q 255 -19.73 4.83 36.88
C HIS Q 255 -19.15 4.75 38.28
N GLN Q 256 -19.61 5.61 39.18
CA GLN Q 256 -19.13 5.53 40.55
C GLN Q 256 -19.49 4.22 41.21
N SER Q 257 -20.69 3.71 40.95
CA SER Q 257 -21.10 2.41 41.47
C SER Q 257 -20.15 1.29 41.07
N HIS Q 258 -19.64 1.31 39.84
CA HIS Q 258 -18.73 0.23 39.45
C HIS Q 258 -17.33 0.41 39.98
N GLU Q 259 -16.85 1.65 40.05
CA GLU Q 259 -15.54 1.90 40.62
C GLU Q 259 -15.48 1.44 42.08
N GLU Q 260 -16.55 1.67 42.83
CA GLU Q 260 -16.53 1.25 44.23
C GLU Q 260 -16.54 -0.25 44.43
N ARG Q 261 -16.92 -1.04 43.43
CA ARG Q 261 -16.79 -2.48 43.56
C ARG Q 261 -15.39 -2.94 43.21
N GLU Q 262 -14.77 -2.30 42.23
CA GLU Q 262 -13.34 -2.56 42.03
C GLU Q 262 -12.54 -2.28 43.29
N HIS Q 263 -12.87 -1.20 44.00
CA HIS Q 263 -12.17 -0.88 45.25
C HIS Q 263 -12.25 -2.02 46.26
N ALA Q 264 -13.41 -2.66 46.40
CA ALA Q 264 -13.56 -3.71 47.40
C ALA Q 264 -12.91 -5.01 46.98
N GLU Q 265 -12.95 -5.33 45.68
CA GLU Q 265 -12.23 -6.51 45.22
C GLU Q 265 -10.73 -6.38 45.43
N LYS Q 266 -10.18 -5.16 45.32
CA LYS Q 266 -8.77 -4.98 45.64
C LYS Q 266 -8.45 -5.36 47.07
N LEU Q 267 -9.33 -5.01 48.01
CA LEU Q 267 -9.07 -5.34 49.41
C LEU Q 267 -9.26 -6.83 49.67
N MET Q 268 -10.18 -7.48 48.97
CA MET Q 268 -10.30 -8.93 49.08
C MET Q 268 -9.03 -9.63 48.63
N LYS Q 269 -8.52 -9.23 47.46
CA LYS Q 269 -7.26 -9.78 46.99
C LYS Q 269 -6.14 -9.54 48.00
N LEU Q 270 -6.05 -8.32 48.53
CA LEU Q 270 -5.06 -8.04 49.56
C LEU Q 270 -5.16 -9.01 50.73
N GLN Q 271 -6.36 -9.22 51.26
CA GLN Q 271 -6.47 -10.07 52.43
C GLN Q 271 -6.18 -11.52 52.11
N ASN Q 272 -6.34 -11.93 50.86
CA ASN Q 272 -5.89 -13.27 50.50
C ASN Q 272 -4.38 -13.35 50.39
N GLN Q 273 -3.72 -12.25 49.99
CA GLN Q 273 -2.26 -12.25 49.91
C GLN Q 273 -1.62 -12.28 51.29
N ARG Q 274 -2.31 -11.79 52.31
CA ARG Q 274 -1.75 -11.75 53.65
C ARG Q 274 -1.94 -13.05 54.42
N GLY Q 275 -2.77 -13.95 53.94
CA GLY Q 275 -3.08 -15.17 54.65
C GLY Q 275 -4.22 -15.08 55.61
N GLY Q 276 -5.03 -14.03 55.55
CA GLY Q 276 -6.16 -13.87 56.43
C GLY Q 276 -7.41 -14.49 55.86
N GLU Q 277 -8.51 -14.34 56.61
CA GLU Q 277 -9.78 -14.95 56.26
C GLU Q 277 -10.80 -13.88 55.94
N ILE Q 278 -11.30 -13.88 54.71
CA ILE Q 278 -12.41 -13.01 54.34
C ILE Q 278 -13.69 -13.54 54.98
N SER Q 279 -14.44 -12.65 55.61
CA SER Q 279 -15.73 -13.01 56.18
C SER Q 279 -16.74 -11.96 55.75
N LEU Q 280 -17.51 -12.28 54.71
CA LEU Q 280 -18.46 -11.36 54.12
C LEU Q 280 -19.70 -11.28 55.00
N GLN Q 281 -20.40 -10.15 54.93
CA GLN Q 281 -21.55 -9.89 55.78
C GLN Q 281 -22.68 -9.27 55.00
N SER Q 282 -23.72 -8.88 55.72
CA SER Q 282 -24.94 -8.37 55.12
C SER Q 282 -24.72 -6.92 54.70
N ILE Q 283 -25.31 -6.53 53.57
CA ILE Q 283 -25.17 -5.16 53.08
C ILE Q 283 -26.47 -4.41 53.33
N SER Q 284 -26.40 -3.35 54.13
CA SER Q 284 -27.58 -2.56 54.43
C SER Q 284 -28.11 -1.89 53.16
N SER Q 285 -29.39 -1.55 53.20
CA SER Q 285 -29.94 -0.82 52.07
C SER Q 285 -29.74 0.67 52.27
N PRO Q 286 -29.63 1.43 51.19
CA PRO Q 286 -29.43 2.88 51.33
C PRO Q 286 -30.57 3.51 52.12
N ASP Q 287 -30.27 4.66 52.71
CA ASP Q 287 -31.23 5.26 53.64
C ASP Q 287 -32.43 5.85 52.91
N SER Q 288 -32.25 6.25 51.66
CA SER Q 288 -33.32 6.87 50.89
C SER Q 288 -33.55 6.09 49.62
N ASP Q 289 -34.78 6.16 49.13
CA ASP Q 289 -35.10 5.79 47.76
C ASP Q 289 -35.36 7.02 46.90
N ASP Q 290 -35.65 8.15 47.52
CA ASP Q 290 -35.98 9.41 46.86
C ASP Q 290 -34.91 10.43 47.25
N TRP Q 291 -33.96 10.65 46.36
CA TRP Q 291 -32.96 11.68 46.54
C TRP Q 291 -33.44 12.96 45.88
N GLU Q 292 -33.90 13.91 46.69
CA GLU Q 292 -34.85 14.91 46.23
C GLU Q 292 -34.44 15.61 44.93
N SER Q 293 -33.14 15.85 44.74
CA SER Q 293 -32.70 16.58 43.56
C SER Q 293 -31.26 16.21 43.25
N GLY Q 294 -30.71 16.83 42.21
CA GLY Q 294 -29.32 16.61 41.87
C GLY Q 294 -28.35 17.21 42.87
N LEU Q 295 -28.68 18.39 43.41
CA LEU Q 295 -27.88 18.99 44.45
C LEU Q 295 -27.81 18.12 45.71
N ASN Q 296 -28.96 17.68 46.20
CA ASN Q 296 -29.01 16.85 47.39
C ASN Q 296 -28.30 15.52 47.22
N ALA Q 297 -28.43 14.89 46.05
CA ALA Q 297 -27.67 13.68 45.76
C ALA Q 297 -26.18 13.92 45.72
N MET Q 298 -25.71 15.02 45.12
CA MET Q 298 -24.29 15.31 45.15
C MET Q 298 -23.78 15.55 46.58
N GLU Q 299 -24.58 16.20 47.42
CA GLU Q 299 -24.15 16.42 48.80
C GLU Q 299 -24.10 15.12 49.60
N SER Q 300 -25.05 14.23 49.35
CA SER Q 300 -25.02 12.93 50.00
C SER Q 300 -23.82 12.10 49.57
N ALA Q 301 -23.49 12.13 48.27
CA ALA Q 301 -22.27 11.47 47.82
C ALA Q 301 -21.04 12.05 48.48
N LEU Q 302 -21.02 13.36 48.70
CA LEU Q 302 -19.87 13.99 49.36
C LEU Q 302 -19.72 13.50 50.79
N HIS Q 303 -20.81 13.46 51.55
CA HIS Q 303 -20.70 12.94 52.92
C HIS Q 303 -20.29 11.47 52.94
N LEU Q 304 -20.78 10.68 51.99
CA LEU Q 304 -20.39 9.27 51.95
C LEU Q 304 -18.91 9.11 51.67
N GLU Q 305 -18.37 9.87 50.72
CA GLU Q 305 -16.94 9.79 50.44
C GLU Q 305 -16.12 10.22 51.65
N LYS Q 306 -16.59 11.22 52.39
CA LYS Q 306 -15.85 11.63 53.59
C LYS Q 306 -15.85 10.55 54.66
N ALA Q 307 -16.98 9.85 54.84
CA ALA Q 307 -17.01 8.76 55.81
C ALA Q 307 -16.05 7.63 55.42
N VAL Q 308 -16.03 7.28 54.14
CA VAL Q 308 -15.10 6.25 53.68
C VAL Q 308 -13.66 6.67 53.94
N ASN Q 309 -13.33 7.93 53.69
CA ASN Q 309 -11.97 8.41 53.93
C ASN Q 309 -11.61 8.36 55.40
N ALA Q 310 -12.54 8.70 56.28
CA ALA Q 310 -12.27 8.58 57.71
C ALA Q 310 -11.95 7.15 58.10
N SER Q 311 -12.69 6.17 57.59
CA SER Q 311 -12.37 4.78 57.90
C SER Q 311 -10.99 4.40 57.41
N LEU Q 312 -10.61 4.85 56.21
CA LEU Q 312 -9.27 4.57 55.72
C LEU Q 312 -8.20 5.15 56.63
N LEU Q 313 -8.41 6.37 57.13
CA LEU Q 313 -7.43 6.95 58.04
C LEU Q 313 -7.31 6.18 59.35
N ARG Q 314 -8.44 5.70 59.87
CA ARG Q 314 -8.38 4.89 61.10
C ARG Q 314 -7.60 3.60 60.87
N LEU Q 315 -7.84 2.94 59.74
CA LEU Q 315 -7.12 1.71 59.44
C LEU Q 315 -5.64 1.98 59.23
N HIS Q 316 -5.29 3.12 58.66
CA HIS Q 316 -3.87 3.44 58.47
C HIS Q 316 -3.19 3.67 59.81
N LYS Q 317 -3.84 4.38 60.73
CA LYS Q 317 -3.24 4.56 62.04
C LYS Q 317 -3.08 3.23 62.77
N LEU Q 318 -4.05 2.33 62.61
CA LEU Q 318 -3.93 0.99 63.19
C LEU Q 318 -2.73 0.25 62.62
N ALA Q 319 -2.57 0.24 61.30
CA ALA Q 319 -1.44 -0.44 60.68
C ALA Q 319 -0.12 0.22 61.04
N THR Q 320 -0.14 1.49 61.42
CA THR Q 320 1.09 2.15 61.85
C THR Q 320 1.45 1.75 63.28
N ASP Q 321 0.45 1.59 64.15
CA ASP Q 321 0.76 1.19 65.52
C ASP Q 321 1.39 -0.18 65.57
N CYS Q 322 0.92 -1.11 64.74
CA CYS Q 322 1.38 -2.49 64.80
C CYS Q 322 2.54 -2.78 63.85
N ASN Q 323 3.29 -1.77 63.42
CA ASN Q 323 4.52 -1.95 62.67
C ASN Q 323 4.30 -2.84 61.44
N ASP Q 324 3.53 -2.34 60.48
CA ASP Q 324 3.14 -3.11 59.31
C ASP Q 324 3.40 -2.28 58.05
N PRO Q 325 4.66 -2.11 57.63
CA PRO Q 325 4.95 -1.20 56.52
C PRO Q 325 4.20 -1.48 55.23
N HIS Q 326 3.97 -2.74 54.87
CA HIS Q 326 3.35 -3.04 53.59
C HIS Q 326 1.88 -2.63 53.57
N LEU Q 327 1.18 -2.79 54.70
CA LEU Q 327 -0.22 -2.36 54.75
C LEU Q 327 -0.33 -0.85 54.63
N CYS Q 328 0.53 -0.11 55.33
CA CYS Q 328 0.52 1.34 55.21
C CYS Q 328 0.82 1.80 53.80
N ASP Q 329 1.85 1.20 53.18
CA ASP Q 329 2.17 1.54 51.80
C ASP Q 329 1.02 1.26 50.86
N PHE Q 330 0.35 0.11 51.04
CA PHE Q 330 -0.80 -0.23 50.22
C PHE Q 330 -1.92 0.79 50.36
N ILE Q 331 -2.24 1.16 51.60
CA ILE Q 331 -3.34 2.08 51.85
C ILE Q 331 -3.05 3.44 51.23
N GLU Q 332 -1.85 3.97 51.46
CA GLU Q 332 -1.61 5.30 50.90
C GLU Q 332 -1.29 5.29 49.42
N THR Q 333 -0.95 4.15 48.83
CA THR Q 333 -0.72 4.12 47.40
C THR Q 333 -2.01 3.99 46.61
N HIS Q 334 -2.96 3.19 47.08
CA HIS Q 334 -4.13 2.94 46.25
C HIS Q 334 -5.37 3.65 46.72
N TYR Q 335 -5.39 4.21 47.93
CA TYR Q 335 -6.65 4.65 48.51
C TYR Q 335 -6.66 6.08 48.99
N LEU Q 336 -5.52 6.65 49.39
CA LEU Q 336 -5.58 7.97 49.99
C LEU Q 336 -5.53 9.09 48.97
N ASN Q 337 -5.05 8.85 47.75
CA ASN Q 337 -5.04 9.92 46.77
C ASN Q 337 -6.31 9.94 45.93
N GLU Q 338 -7.03 8.83 45.86
CA GLU Q 338 -8.30 8.82 45.16
C GLU Q 338 -9.40 9.49 45.97
N GLN Q 339 -9.38 9.33 47.28
CA GLN Q 339 -10.38 9.98 48.12
C GLN Q 339 -10.24 11.49 48.09
N VAL Q 340 -9.01 12.00 48.07
CA VAL Q 340 -8.78 13.43 48.02
C VAL Q 340 -9.33 14.01 46.72
N LYS Q 341 -9.08 13.34 45.60
CA LYS Q 341 -9.59 13.80 44.32
C LYS Q 341 -11.10 13.70 44.22
N ALA Q 342 -11.70 12.63 44.74
CA ALA Q 342 -13.15 12.51 44.79
C ALA Q 342 -13.78 13.62 45.61
N ILE Q 343 -13.25 13.94 46.78
CA ILE Q 343 -13.81 14.99 47.61
C ILE Q 343 -13.67 16.34 46.94
N LYS Q 344 -12.52 16.62 46.32
CA LYS Q 344 -12.35 17.88 45.62
C LYS Q 344 -13.35 18.03 44.48
N GLU Q 345 -13.53 16.98 43.69
CA GLU Q 345 -14.44 17.04 42.56
C GLU Q 345 -15.88 17.19 42.99
N LEU Q 346 -16.31 16.46 44.01
CA LEU Q 346 -17.70 16.55 44.44
C LEU Q 346 -18.01 17.89 45.11
N GLY Q 347 -17.05 18.48 45.81
CA GLY Q 347 -17.26 19.83 46.31
C GLY Q 347 -17.31 20.87 45.21
N ASP Q 348 -16.53 20.68 44.14
CA ASP Q 348 -16.66 21.53 42.96
C ASP Q 348 -18.05 21.46 42.37
N HIS Q 349 -18.57 20.25 42.17
CA HIS Q 349 -19.93 20.08 41.64
C HIS Q 349 -20.94 20.77 42.52
N VAL Q 350 -20.82 20.64 43.84
CA VAL Q 350 -21.81 21.25 44.72
C VAL Q 350 -21.76 22.77 44.65
N THR Q 351 -20.58 23.39 44.63
CA THR Q 351 -20.58 24.84 44.53
C THR Q 351 -21.03 25.34 43.17
N ASN Q 352 -20.70 24.64 42.09
CA ASN Q 352 -21.23 25.04 40.79
C ASN Q 352 -22.74 24.99 40.77
N LEU Q 353 -23.33 23.89 41.22
CA LEU Q 353 -24.78 23.79 41.24
C LEU Q 353 -25.41 24.85 42.13
N ARG Q 354 -24.81 25.14 43.28
CA ARG Q 354 -25.40 26.15 44.15
C ARG Q 354 -25.32 27.54 43.56
N LYS Q 355 -24.24 27.86 42.86
CA LYS Q 355 -24.12 29.18 42.25
C LYS Q 355 -25.06 29.35 41.08
N MET Q 356 -25.16 28.34 40.20
CA MET Q 356 -26.09 28.42 39.08
C MET Q 356 -27.53 28.65 39.50
N GLY Q 357 -27.89 28.31 40.74
CA GLY Q 357 -29.22 28.60 41.26
C GLY Q 357 -30.06 27.40 41.63
N ALA Q 358 -29.51 26.19 41.59
CA ALA Q 358 -30.28 25.02 41.97
C ALA Q 358 -30.53 25.02 43.48
N PRO Q 359 -31.51 24.25 43.96
CA PRO Q 359 -32.46 23.35 43.30
C PRO Q 359 -33.73 24.06 42.88
N GLU Q 360 -33.92 25.28 43.37
CA GLU Q 360 -35.09 26.07 43.06
C GLU Q 360 -35.12 26.57 41.62
N SER Q 361 -34.20 26.11 40.79
CA SER Q 361 -34.14 26.51 39.39
C SER Q 361 -34.00 25.29 38.51
N GLY Q 362 -35.06 24.96 37.78
CA GLY Q 362 -34.88 24.25 36.54
C GLY Q 362 -34.21 25.15 35.53
N LEU Q 363 -33.49 24.53 34.58
CA LEU Q 363 -32.53 25.16 33.69
C LEU Q 363 -31.20 25.39 34.38
N ALA Q 364 -31.10 25.05 35.66
CA ALA Q 364 -29.79 24.99 36.30
C ALA Q 364 -29.26 23.57 36.28
N GLU Q 365 -30.11 22.62 36.71
CA GLU Q 365 -29.70 21.22 36.65
C GLU Q 365 -29.76 20.69 35.23
N TYR Q 366 -30.66 21.20 34.39
CA TYR Q 366 -30.65 20.81 32.99
C TYR Q 366 -29.32 21.17 32.33
N LEU Q 367 -28.87 22.41 32.52
CA LEU Q 367 -27.64 22.85 31.85
C LEU Q 367 -26.40 22.30 32.52
N PHE Q 368 -26.42 22.08 33.83
CA PHE Q 368 -25.33 21.35 34.47
C PHE Q 368 -25.21 19.94 33.88
N ASP Q 369 -26.32 19.22 33.82
CA ASP Q 369 -26.35 17.89 33.23
C ASP Q 369 -25.84 17.89 31.80
N LYS Q 370 -26.15 18.93 31.04
CA LYS Q 370 -25.70 18.98 29.65
C LYS Q 370 -24.23 19.31 29.52
N HIS Q 371 -23.72 20.29 30.27
CA HIS Q 371 -22.42 20.87 30.01
C HIS Q 371 -21.30 20.28 30.85
N THR Q 372 -21.58 19.90 32.09
CA THR Q 372 -20.51 19.43 32.97
C THR Q 372 -20.46 17.91 33.03
N LEU Q 373 -21.60 17.26 33.05
CA LEU Q 373 -21.66 15.81 33.19
C LEU Q 373 -21.70 15.09 31.85
N GLY Q 374 -21.81 15.82 30.75
CA GLY Q 374 -21.86 15.20 29.44
C GLY Q 374 -21.19 15.99 28.35
N SER R 2 18.72 -26.87 101.23
CA SER R 2 19.84 -26.23 100.55
C SER R 2 20.56 -27.22 99.62
N LYS R 3 20.86 -28.41 100.15
CA LYS R 3 21.65 -29.37 99.38
C LYS R 3 20.80 -30.12 98.38
N GLY R 4 19.58 -30.52 98.74
CA GLY R 4 18.79 -31.38 97.89
C GLY R 4 18.50 -30.78 96.52
N GLU R 5 18.49 -29.46 96.43
CA GLU R 5 18.21 -28.80 95.16
C GLU R 5 19.45 -28.58 94.31
N GLU R 6 20.63 -28.64 94.91
CA GLU R 6 21.86 -28.34 94.18
C GLU R 6 22.23 -29.44 93.21
N LEU R 7 21.91 -30.69 93.54
CA LEU R 7 22.43 -31.86 92.81
C LEU R 7 21.98 -31.93 91.36
N PHE R 8 21.18 -30.97 90.88
CA PHE R 8 20.72 -30.96 89.49
C PHE R 8 21.12 -29.68 88.76
N THR R 9 22.30 -29.15 89.07
CA THR R 9 22.72 -27.88 88.49
C THR R 9 22.94 -27.97 86.99
N GLY R 10 23.24 -29.15 86.47
CA GLY R 10 23.56 -29.29 85.06
C GLY R 10 23.00 -30.54 84.43
N VAL R 11 23.64 -31.00 83.36
CA VAL R 11 23.23 -32.23 82.70
C VAL R 11 23.50 -33.40 83.63
N VAL R 12 22.75 -34.50 83.44
CA VAL R 12 22.92 -35.71 84.22
C VAL R 12 22.82 -36.89 83.27
N PRO R 13 23.87 -37.70 83.11
CA PRO R 13 23.74 -38.95 82.37
C PRO R 13 22.95 -39.98 83.17
N ILE R 14 22.24 -40.84 82.44
CA ILE R 14 21.31 -41.77 83.03
C ILE R 14 21.63 -43.18 82.55
N LEU R 15 21.37 -44.17 83.41
CA LEU R 15 21.51 -45.58 83.10
C LEU R 15 20.36 -46.31 83.77
N VAL R 16 19.41 -46.80 82.97
CA VAL R 16 18.18 -47.34 83.52
C VAL R 16 18.10 -48.83 83.21
N GLU R 17 18.06 -49.64 84.27
CA GLU R 17 17.96 -51.09 84.12
C GLU R 17 16.63 -51.54 84.72
N LEU R 18 15.92 -52.38 83.96
CA LEU R 18 14.63 -52.90 84.37
C LEU R 18 14.59 -54.40 84.09
N ASP R 19 14.30 -55.18 85.12
CA ASP R 19 14.21 -56.63 84.99
C ASP R 19 12.81 -57.08 85.36
N GLY R 20 12.10 -57.64 84.40
CA GLY R 20 10.68 -57.94 84.57
C GLY R 20 10.34 -59.38 84.24
N ASP R 21 9.34 -59.89 84.95
CA ASP R 21 8.76 -61.21 84.71
C ASP R 21 7.27 -61.05 84.46
N VAL R 22 6.82 -61.38 83.24
CA VAL R 22 5.42 -61.26 82.85
C VAL R 22 4.99 -62.56 82.18
N ASN R 23 4.30 -63.42 82.93
CA ASN R 23 3.68 -64.64 82.40
C ASN R 23 4.69 -65.50 81.64
N GLY R 24 5.77 -65.88 82.31
CA GLY R 24 6.81 -66.68 81.73
C GLY R 24 7.78 -65.90 80.87
N HIS R 25 7.51 -64.62 80.64
CA HIS R 25 8.38 -63.79 79.81
C HIS R 25 9.34 -63.02 80.72
N LYS R 26 10.61 -63.42 80.72
CA LYS R 26 11.64 -62.66 81.40
C LYS R 26 12.24 -61.65 80.44
N PHE R 27 12.54 -60.45 80.96
CA PHE R 27 13.13 -59.44 80.10
C PHE R 27 14.01 -58.51 80.92
N SER R 28 15.10 -58.08 80.29
CA SER R 28 15.96 -57.02 80.80
C SER R 28 15.93 -55.87 79.81
N VAL R 29 15.88 -54.65 80.33
CA VAL R 29 15.83 -53.45 79.52
C VAL R 29 16.91 -52.50 80.03
N ARG R 30 17.72 -51.99 79.11
CA ARG R 30 18.69 -50.95 79.42
C ARG R 30 18.37 -49.70 78.60
N GLY R 31 18.37 -48.56 79.27
CA GLY R 31 18.13 -47.29 78.64
C GLY R 31 19.23 -46.29 78.93
N GLU R 32 19.64 -45.57 77.88
CA GLU R 32 20.77 -44.66 77.92
C GLU R 32 20.34 -43.29 77.42
N GLY R 33 20.74 -42.25 78.13
CA GLY R 33 20.42 -40.90 77.72
C GLY R 33 20.86 -39.90 78.78
N GLU R 34 20.30 -38.69 78.69
CA GLU R 34 20.65 -37.62 79.62
C GLU R 34 19.44 -36.76 79.95
N GLY R 35 19.55 -36.06 81.08
CA GLY R 35 18.46 -35.19 81.52
C GLY R 35 18.90 -33.90 82.19
N ASP R 36 18.01 -32.92 82.20
CA ASP R 36 18.24 -31.66 82.91
C ASP R 36 16.95 -31.30 83.64
N ALA R 37 17.10 -30.96 84.92
CA ALA R 37 15.96 -30.53 85.73
C ALA R 37 15.62 -29.07 85.53
N THR R 38 16.59 -28.24 85.14
CA THR R 38 16.32 -26.81 84.97
C THR R 38 15.21 -26.55 83.97
N ASN R 39 15.09 -27.38 82.94
CA ASN R 39 14.03 -27.24 81.95
C ASN R 39 13.09 -28.44 81.94
N GLY R 40 13.21 -29.34 82.92
CA GLY R 40 12.37 -30.53 82.96
C GLY R 40 12.47 -31.38 81.72
N LYS R 41 13.66 -31.46 81.12
CA LYS R 41 13.83 -32.13 79.84
C LYS R 41 14.58 -33.44 80.03
N LEU R 42 14.11 -34.50 79.39
CA LEU R 42 14.76 -35.80 79.43
C LEU R 42 14.83 -36.35 78.02
N THR R 43 15.94 -37.02 77.68
CA THR R 43 16.15 -37.50 76.33
C THR R 43 16.87 -38.85 76.40
N LEU R 44 16.17 -39.93 76.07
CA LEU R 44 16.64 -41.29 76.33
C LEU R 44 16.43 -42.17 75.11
N LYS R 45 17.08 -43.33 75.15
CA LYS R 45 16.94 -44.38 74.14
C LYS R 45 17.05 -45.72 74.83
N PHE R 46 15.99 -46.52 74.71
CA PHE R 46 15.87 -47.81 75.39
C PHE R 46 16.06 -48.92 74.38
N ILE R 47 16.72 -50.01 74.81
CA ILE R 47 16.98 -51.17 73.96
C ILE R 47 16.89 -52.42 74.80
N CYS R 48 16.31 -53.48 74.24
CA CYS R 48 16.18 -54.76 74.93
C CYS R 48 17.14 -55.78 74.34
N THR R 49 18.11 -56.20 75.14
CA THR R 49 19.06 -57.22 74.72
C THR R 49 18.50 -58.63 74.89
N THR R 50 17.17 -58.77 75.04
CA THR R 50 16.52 -60.04 75.26
C THR R 50 15.60 -60.39 74.09
N GLY R 51 16.01 -60.06 72.87
CA GLY R 51 15.25 -60.44 71.69
C GLY R 51 13.91 -59.74 71.60
N LYS R 52 13.03 -60.30 70.76
CA LYS R 52 11.70 -59.73 70.55
C LYS R 52 10.90 -59.83 71.83
N LEU R 53 10.15 -58.79 72.15
CA LEU R 53 9.40 -58.77 73.39
C LEU R 53 7.90 -58.87 73.09
N PRO R 54 7.12 -59.58 73.90
CA PRO R 54 5.69 -59.75 73.59
C PRO R 54 4.82 -58.53 73.85
N VAL R 55 5.17 -57.68 74.81
CA VAL R 55 4.37 -56.51 75.16
C VAL R 55 4.79 -55.35 74.28
N PRO R 56 3.86 -54.52 73.80
CA PRO R 56 4.25 -53.42 72.92
C PRO R 56 5.13 -52.41 73.65
N TRP R 57 5.93 -51.69 72.88
CA TRP R 57 6.75 -50.63 73.46
C TRP R 57 5.94 -49.58 74.20
N PRO R 58 4.79 -49.10 73.73
CA PRO R 58 4.03 -48.10 74.50
C PRO R 58 3.76 -48.50 75.92
N THR R 59 3.67 -49.80 76.22
CA THR R 59 3.46 -50.24 77.59
C THR R 59 4.67 -49.89 78.47
N LEU R 60 5.87 -50.18 77.99
CA LEU R 60 7.10 -49.98 78.75
C LEU R 60 7.43 -48.51 78.98
N VAL R 61 6.72 -47.60 78.30
CA VAL R 61 7.08 -46.19 78.37
C VAL R 61 6.75 -45.62 79.74
N THR R 62 5.53 -45.87 80.23
CA THR R 62 5.12 -45.33 81.52
C THR R 62 5.97 -45.84 82.67
N THR R 63 6.48 -47.05 82.51
CA THR R 63 7.24 -47.69 83.61
C THR R 63 8.71 -47.68 83.30
N LEU R 64 9.29 -46.51 83.11
CA LEU R 64 10.76 -46.40 82.91
C LEU R 64 11.20 -44.99 83.35
N VAL R 66 11.67 -40.95 86.34
CA VAL R 66 12.71 -40.17 86.95
C VAL R 66 12.19 -38.75 87.17
N GLN R 67 11.06 -38.67 87.88
CA GLN R 67 10.41 -37.35 88.07
C GLN R 67 11.40 -36.42 88.76
N CYS R 68 12.48 -36.98 89.29
CA CYS R 68 13.52 -36.13 89.89
C CYS R 68 14.03 -35.15 88.81
N PHE R 69 13.52 -35.24 87.57
CA PHE R 69 14.07 -34.33 86.58
C PHE R 69 13.08 -33.27 86.13
N SER R 70 11.90 -33.21 86.76
CA SER R 70 10.84 -32.34 86.31
C SER R 70 11.17 -30.88 86.60
N ARG R 71 10.73 -29.99 85.73
CA ARG R 71 11.02 -28.57 85.86
C ARG R 71 10.21 -27.99 87.00
N TYR R 72 10.91 -27.43 88.00
CA TYR R 72 10.27 -26.91 89.19
C TYR R 72 10.53 -25.42 89.32
N PRO R 73 9.49 -24.61 89.44
CA PRO R 73 9.69 -23.15 89.50
C PRO R 73 10.17 -22.68 90.85
N ASP R 74 10.54 -21.40 90.95
CA ASP R 74 11.06 -20.86 92.20
C ASP R 74 9.94 -20.68 93.22
N HIS R 75 8.69 -20.64 92.76
CA HIS R 75 7.65 -20.56 93.76
C HIS R 75 7.33 -21.91 94.39
N MET R 76 7.54 -23.04 93.71
CA MET R 76 7.45 -24.35 94.35
C MET R 76 8.80 -24.88 94.79
N LYS R 77 9.71 -24.00 95.22
CA LYS R 77 10.95 -24.46 95.83
C LYS R 77 10.71 -25.15 97.17
N ARG R 78 9.52 -24.96 97.75
CA ARG R 78 9.20 -25.55 99.04
C ARG R 78 8.33 -26.79 98.93
N HIS R 79 7.96 -27.20 97.71
CA HIS R 79 7.10 -28.35 97.50
C HIS R 79 7.74 -29.34 96.54
N ASP R 80 9.05 -29.48 96.59
CA ASP R 80 9.80 -30.42 95.75
C ASP R 80 10.30 -31.55 96.64
N PHE R 81 9.45 -32.58 96.80
CA PHE R 81 9.81 -33.72 97.65
C PHE R 81 10.99 -34.50 97.07
N PHE R 82 11.04 -34.67 95.76
CA PHE R 82 12.09 -35.48 95.15
C PHE R 82 13.45 -34.81 95.28
N LYS R 83 13.48 -33.49 95.46
CA LYS R 83 14.74 -32.77 95.46
C LYS R 83 15.47 -32.89 96.80
N SER R 84 14.81 -32.53 97.91
CA SER R 84 15.47 -32.45 99.21
C SER R 84 16.27 -33.70 99.56
N ALA R 85 15.97 -34.83 98.91
CA ALA R 85 16.62 -36.11 99.20
C ALA R 85 17.77 -36.43 98.27
N MET R 86 18.57 -35.45 97.85
CA MET R 86 19.71 -35.77 97.00
C MET R 86 21.01 -35.35 97.67
N PRO R 87 22.03 -36.23 97.67
CA PRO R 87 22.08 -37.56 97.07
C PRO R 87 21.48 -38.66 97.94
N GLU R 88 20.68 -38.26 98.93
CA GLU R 88 19.97 -39.22 99.77
C GLU R 88 19.26 -40.28 98.94
N GLY R 89 18.61 -39.86 97.87
CA GLY R 89 17.87 -40.77 97.02
C GLY R 89 16.57 -41.19 97.65
N TYR R 90 15.90 -42.15 97.01
CA TYR R 90 14.63 -42.65 97.51
C TYR R 90 14.24 -43.91 96.76
N VAL R 91 13.13 -44.51 97.19
CA VAL R 91 12.58 -45.69 96.55
C VAL R 91 11.10 -45.42 96.28
N GLN R 92 10.55 -46.14 95.32
CA GLN R 92 9.13 -46.05 94.99
C GLN R 92 8.58 -47.42 94.59
N GLU R 93 7.41 -47.73 95.14
CA GLU R 93 6.68 -48.93 94.79
C GLU R 93 5.45 -48.55 94.00
N ARG R 94 5.36 -49.04 92.76
CA ARG R 94 4.32 -48.67 91.82
C ARG R 94 3.47 -49.87 91.47
N THR R 95 2.16 -49.65 91.39
CA THR R 95 1.22 -50.62 90.85
C THR R 95 0.51 -50.00 89.67
N ILE R 96 0.54 -50.66 88.52
CA ILE R 96 -0.19 -50.19 87.35
C ILE R 96 -1.27 -51.21 87.05
N SER R 97 -2.48 -50.73 86.82
CA SER R 97 -3.67 -51.56 86.68
C SER R 97 -4.30 -51.28 85.33
N PHE R 98 -4.24 -52.26 84.44
CA PHE R 98 -4.93 -52.18 83.16
C PHE R 98 -6.41 -52.48 83.35
N LYS R 99 -7.26 -51.77 82.63
CA LYS R 99 -8.65 -52.17 82.54
C LYS R 99 -8.81 -53.17 81.40
N ASP R 100 -9.61 -54.21 81.63
CA ASP R 100 -9.85 -55.29 80.67
C ASP R 100 -8.61 -56.16 80.49
N ASP R 101 -7.71 -56.16 81.49
CA ASP R 101 -6.59 -57.08 81.59
C ASP R 101 -5.96 -56.94 82.97
N GLY R 102 -4.86 -57.66 83.19
CA GLY R 102 -4.24 -57.80 84.51
C GLY R 102 -3.45 -56.61 85.00
N THR R 103 -2.37 -56.85 85.75
CA THR R 103 -1.69 -55.78 86.46
C THR R 103 -0.19 -55.97 86.49
N TYR R 104 0.51 -54.92 86.94
CA TYR R 104 1.96 -54.91 87.14
C TYR R 104 2.29 -54.37 88.52
N LYS R 105 3.18 -55.07 89.22
CA LYS R 105 3.77 -54.64 90.49
C LYS R 105 5.24 -54.37 90.26
N THR R 106 5.70 -53.16 90.55
CA THR R 106 7.03 -52.75 90.12
C THR R 106 7.72 -51.92 91.20
N ARG R 107 8.85 -52.44 91.68
CA ARG R 107 9.68 -51.78 92.67
C ARG R 107 10.81 -51.04 91.97
N ALA R 108 11.16 -49.85 92.45
CA ALA R 108 12.23 -49.08 91.84
C ALA R 108 13.02 -48.34 92.90
N GLU R 109 14.34 -48.34 92.76
CA GLU R 109 15.21 -47.60 93.67
C GLU R 109 15.99 -46.58 92.86
N VAL R 110 15.83 -45.29 93.21
CA VAL R 110 16.42 -44.19 92.45
C VAL R 110 17.40 -43.44 93.35
N LYS R 111 18.57 -43.12 92.80
CA LYS R 111 19.64 -42.47 93.54
C LYS R 111 20.64 -41.88 92.55
N PHE R 112 21.67 -41.25 93.12
CA PHE R 112 22.87 -40.92 92.37
C PHE R 112 23.96 -41.93 92.68
N GLU R 113 24.70 -42.33 91.66
CA GLU R 113 25.85 -43.22 91.79
C GLU R 113 27.02 -42.44 91.21
N GLY R 114 27.89 -41.94 92.09
CA GLY R 114 28.87 -40.95 91.67
C GLY R 114 28.15 -39.67 91.29
N ASP R 115 28.07 -39.41 89.99
CA ASP R 115 27.20 -38.37 89.45
C ASP R 115 26.31 -38.89 88.33
N THR R 116 26.31 -40.20 88.10
CA THR R 116 25.45 -40.84 87.10
C THR R 116 24.16 -41.26 87.78
N LEU R 117 23.02 -40.97 87.16
CA LEU R 117 21.75 -41.42 87.73
C LEU R 117 21.45 -42.82 87.21
N VAL R 118 21.62 -43.82 88.08
CA VAL R 118 21.33 -45.21 87.75
C VAL R 118 20.03 -45.61 88.43
N ASN R 119 19.17 -46.27 87.67
CA ASN R 119 17.82 -46.58 88.13
C ASN R 119 17.57 -48.07 87.98
N ARG R 120 17.53 -48.77 89.11
CA ARG R 120 17.30 -50.21 89.15
C ARG R 120 15.84 -50.49 89.47
N ILE R 121 15.17 -51.21 88.56
CA ILE R 121 13.74 -51.47 88.67
C ILE R 121 13.49 -52.95 88.47
N GLU R 122 12.62 -53.52 89.30
CA GLU R 122 12.22 -54.93 89.22
C GLU R 122 10.71 -54.97 89.05
N LEU R 123 10.25 -55.82 88.13
CA LEU R 123 8.87 -55.81 87.68
C LEU R 123 8.28 -57.21 87.68
N LYS R 124 7.03 -57.32 88.13
CA LYS R 124 6.27 -58.55 88.11
C LYS R 124 4.90 -58.25 87.53
N GLY R 125 4.65 -58.67 86.29
CA GLY R 125 3.37 -58.41 85.67
C GLY R 125 2.59 -59.67 85.39
N ILE R 126 1.37 -59.79 85.91
CA ILE R 126 0.64 -61.05 85.79
C ILE R 126 -0.84 -60.73 85.52
N ASP R 127 -1.62 -61.81 85.40
CA ASP R 127 -3.09 -61.80 85.37
C ASP R 127 -3.65 -61.35 84.01
N PHE R 128 -2.92 -61.62 82.93
CA PHE R 128 -3.31 -61.19 81.60
C PHE R 128 -3.80 -62.37 80.76
N LYS R 129 -4.64 -62.07 79.78
CA LYS R 129 -4.94 -63.03 78.73
C LYS R 129 -3.96 -62.82 77.58
N GLU R 130 -3.30 -63.91 77.17
CA GLU R 130 -2.16 -63.80 76.28
C GLU R 130 -2.53 -63.79 74.80
N ASP R 131 -3.83 -63.81 74.48
CA ASP R 131 -4.30 -63.53 73.13
C ASP R 131 -5.14 -62.27 73.09
N GLY R 132 -4.81 -61.28 73.92
CA GLY R 132 -5.59 -60.07 74.02
C GLY R 132 -5.07 -58.96 73.11
N ASN R 133 -5.47 -57.74 73.44
CA ASN R 133 -5.10 -56.56 72.66
C ASN R 133 -4.07 -55.69 73.35
N ILE R 134 -4.26 -55.42 74.65
CA ILE R 134 -3.33 -54.58 75.39
C ILE R 134 -1.91 -55.12 75.26
N LEU R 135 -1.75 -56.44 75.30
CA LEU R 135 -0.44 -57.05 75.14
C LEU R 135 -0.22 -57.66 73.77
N GLY R 136 -1.28 -58.06 73.08
CA GLY R 136 -1.16 -58.78 71.83
C GLY R 136 -0.86 -57.93 70.62
N HIS R 137 -0.31 -56.73 70.84
CA HIS R 137 0.10 -55.81 69.78
C HIS R 137 -1.09 -55.46 68.87
N LYS R 138 -2.11 -54.86 69.50
CA LYS R 138 -3.21 -54.26 68.79
C LYS R 138 -3.27 -52.75 69.00
N LEU R 139 -2.60 -52.24 70.02
CA LEU R 139 -2.65 -50.85 70.39
C LEU R 139 -1.73 -50.03 69.50
N GLU R 140 -1.98 -48.72 69.44
CA GLU R 140 -1.31 -47.85 68.48
C GLU R 140 -0.01 -47.30 69.05
N TYR R 141 1.01 -47.21 68.17
CA TYR R 141 2.32 -46.69 68.53
C TYR R 141 2.23 -45.17 68.52
N ASN R 142 1.86 -44.60 69.67
CA ASN R 142 1.72 -43.17 69.85
C ASN R 142 1.86 -42.85 71.33
N PHE R 143 1.46 -41.63 71.69
CA PHE R 143 1.43 -41.20 73.07
C PHE R 143 0.61 -39.92 73.16
N ASN R 144 0.28 -39.50 74.38
CA ASN R 144 -0.53 -38.32 74.62
C ASN R 144 -0.04 -37.60 75.87
N SER R 145 -0.52 -36.37 76.06
CA SER R 145 -0.14 -35.55 77.19
C SER R 145 -0.88 -35.99 78.44
N HIS R 146 -0.16 -36.08 79.56
CA HIS R 146 -0.74 -36.63 80.77
C HIS R 146 -0.40 -35.80 81.98
N ASN R 147 -1.01 -36.15 83.10
CA ASN R 147 -0.82 -35.46 84.37
C ASN R 147 -0.68 -36.47 85.49
N VAL R 148 0.05 -36.07 86.54
CA VAL R 148 0.29 -36.89 87.73
C VAL R 148 -0.17 -36.07 88.92
N TYR R 149 -0.90 -36.70 89.85
CA TYR R 149 -1.26 -36.06 91.10
C TYR R 149 -0.35 -36.56 92.21
N ILE R 150 0.38 -35.65 92.83
CA ILE R 150 1.24 -36.00 93.97
C ILE R 150 0.60 -35.45 95.24
N THR R 151 0.56 -36.29 96.26
CA THR R 151 -0.07 -35.99 97.54
C THR R 151 0.91 -36.28 98.67
N ALA R 152 0.96 -35.38 99.64
CA ALA R 152 1.79 -35.59 100.81
C ALA R 152 1.32 -36.82 101.58
N ASP R 153 2.25 -37.51 102.22
CA ASP R 153 1.94 -38.73 102.97
C ASP R 153 2.81 -38.72 104.22
N LYS R 154 2.29 -38.16 105.31
CA LYS R 154 3.06 -38.08 106.54
C LYS R 154 3.26 -39.44 107.18
N GLN R 155 2.40 -40.41 106.86
CA GLN R 155 2.57 -41.77 107.39
C GLN R 155 3.90 -42.36 106.95
N LYS R 156 4.28 -42.16 105.69
CA LYS R 156 5.60 -42.54 105.21
C LYS R 156 6.51 -41.35 105.05
N ASN R 157 6.15 -40.21 105.66
CA ASN R 157 6.85 -38.92 105.58
C ASN R 157 7.40 -38.65 104.17
N GLY R 158 6.67 -39.14 103.17
CA GLY R 158 7.01 -39.00 101.78
C GLY R 158 5.78 -38.61 100.98
N ILE R 159 5.53 -39.27 99.85
CA ILE R 159 4.35 -38.92 99.06
C ILE R 159 3.73 -40.15 98.44
N LYS R 160 2.50 -39.99 97.98
CA LYS R 160 1.85 -40.91 97.07
C LYS R 160 1.64 -40.21 95.74
N ALA R 161 1.74 -40.98 94.65
CA ALA R 161 1.50 -40.44 93.32
C ALA R 161 0.48 -41.31 92.62
N ASN R 162 -0.61 -40.67 92.17
CA ASN R 162 -1.69 -41.36 91.49
C ASN R 162 -1.95 -40.67 90.16
N PHE R 163 -2.22 -41.47 89.13
CA PHE R 163 -2.53 -40.89 87.83
C PHE R 163 -3.18 -41.94 86.95
N LYS R 164 -3.68 -41.49 85.81
CA LYS R 164 -4.41 -42.36 84.89
C LYS R 164 -3.91 -42.08 83.49
N ILE R 165 -3.58 -43.14 82.76
CA ILE R 165 -3.06 -43.04 81.41
C ILE R 165 -4.07 -43.66 80.45
N ARG R 166 -4.24 -43.03 79.30
CA ARG R 166 -5.15 -43.50 78.26
C ARG R 166 -4.34 -43.79 77.01
N HIS R 167 -4.26 -45.06 76.64
CA HIS R 167 -3.57 -45.49 75.44
C HIS R 167 -4.59 -45.84 74.37
N ASN R 168 -4.59 -45.06 73.28
CA ASN R 168 -5.54 -45.30 72.20
C ASN R 168 -5.14 -46.52 71.39
N VAL R 169 -6.13 -47.29 70.97
CA VAL R 169 -5.92 -48.49 70.18
C VAL R 169 -6.12 -48.11 68.70
N GLU R 170 -5.57 -48.94 67.81
CA GLU R 170 -5.60 -48.62 66.38
C GLU R 170 -7.02 -48.54 65.83
N ASP R 171 -8.03 -48.86 66.65
CA ASP R 171 -9.42 -48.79 66.24
C ASP R 171 -10.24 -47.85 67.14
N GLY R 172 -9.65 -46.74 67.55
CA GLY R 172 -10.36 -45.71 68.28
C GLY R 172 -10.52 -45.97 69.76
N SER R 173 -10.61 -47.23 70.17
CA SER R 173 -10.82 -47.53 71.58
C SER R 173 -9.57 -47.17 72.38
N VAL R 174 -9.76 -47.03 73.69
CA VAL R 174 -8.71 -46.58 74.60
C VAL R 174 -8.62 -47.55 75.76
N GLN R 175 -7.44 -47.64 76.35
CA GLN R 175 -7.19 -48.43 77.54
C GLN R 175 -6.76 -47.47 78.65
N LEU R 176 -7.44 -47.52 79.79
CA LEU R 176 -7.18 -46.61 80.90
C LEU R 176 -6.47 -47.37 82.03
N ALA R 177 -5.15 -47.21 82.09
CA ALA R 177 -4.33 -47.82 83.14
C ALA R 177 -4.21 -46.84 84.30
N ASP R 178 -4.61 -47.29 85.48
CA ASP R 178 -4.52 -46.49 86.69
C ASP R 178 -3.23 -46.84 87.44
N HIS R 179 -2.47 -45.83 87.80
CA HIS R 179 -1.16 -46.01 88.41
C HIS R 179 -1.14 -45.41 89.81
N TYR R 180 -0.73 -46.23 90.77
CA TYR R 180 -0.42 -45.81 92.13
C TYR R 180 1.07 -45.99 92.36
N GLN R 181 1.64 -45.17 93.25
CA GLN R 181 3.00 -45.44 93.71
C GLN R 181 3.27 -44.72 95.01
N GLN R 182 4.04 -45.38 95.88
CA GLN R 182 4.48 -44.83 97.15
C GLN R 182 5.94 -44.42 97.00
N ASN R 183 6.24 -43.16 97.33
CA ASN R 183 7.58 -42.60 97.25
C ASN R 183 8.08 -42.31 98.65
N THR R 184 9.21 -42.93 99.03
CA THR R 184 9.77 -42.80 100.37
C THR R 184 11.27 -42.64 100.31
N PRO R 185 11.84 -41.71 101.08
CA PRO R 185 13.29 -41.52 101.06
C PRO R 185 13.99 -42.49 101.99
N ILE R 186 15.23 -42.81 101.63
CA ILE R 186 16.00 -43.79 102.40
C ILE R 186 16.47 -43.21 103.74
N GLY R 187 16.76 -41.91 103.80
CA GLY R 187 17.28 -41.33 105.01
C GLY R 187 16.21 -40.70 105.87
N ASP R 188 16.53 -40.57 107.16
CA ASP R 188 15.62 -40.00 108.14
C ASP R 188 15.66 -38.48 108.18
N GLY R 189 16.41 -37.85 107.27
CA GLY R 189 16.56 -36.41 107.27
C GLY R 189 15.27 -35.68 106.96
N PRO R 190 15.31 -34.35 107.05
CA PRO R 190 14.12 -33.56 106.74
C PRO R 190 13.95 -33.36 105.24
N VAL R 191 12.83 -33.88 104.73
CA VAL R 191 12.49 -33.77 103.32
C VAL R 191 11.33 -32.82 103.18
N LEU R 192 11.42 -31.94 102.19
CA LEU R 192 10.45 -30.87 101.97
C LEU R 192 9.11 -31.49 101.63
N LEU R 193 8.04 -30.98 102.25
CA LEU R 193 6.74 -31.62 102.16
C LEU R 193 5.86 -30.90 101.15
N PRO R 194 5.54 -31.50 100.01
CA PRO R 194 4.65 -30.86 99.05
C PRO R 194 3.19 -31.20 99.31
N ASP R 195 2.37 -30.15 99.28
CA ASP R 195 0.93 -30.38 99.28
C ASP R 195 0.52 -30.99 97.94
N ASN R 196 -0.70 -31.53 97.91
CA ASN R 196 -1.20 -32.22 96.72
C ASN R 196 -1.28 -31.23 95.56
N HIS R 197 -0.60 -31.55 94.46
CA HIS R 197 -0.74 -30.75 93.24
C HIS R 197 -0.44 -31.67 92.06
N TYR R 198 -0.31 -31.08 90.87
CA TYR R 198 -0.28 -31.87 89.65
C TYR R 198 1.03 -31.64 88.91
N LEU R 199 1.23 -32.45 87.87
CA LEU R 199 2.44 -32.45 87.09
C LEU R 199 2.14 -32.88 85.67
N SER R 200 2.35 -31.97 84.72
CA SER R 200 2.07 -32.21 83.32
C SER R 200 3.30 -32.81 82.65
N THR R 201 3.05 -33.68 81.66
CA THR R 201 4.09 -34.46 81.00
C THR R 201 3.74 -34.65 79.54
N GLN R 202 4.74 -34.44 78.67
CA GLN R 202 4.62 -34.70 77.25
C GLN R 202 5.84 -35.50 76.81
N SER R 203 5.66 -36.31 75.77
CA SER R 203 6.78 -37.09 75.26
C SER R 203 6.53 -37.48 73.82
N ALA R 204 7.59 -37.95 73.16
CA ALA R 204 7.56 -38.33 71.76
C ALA R 204 8.48 -39.52 71.54
N LEU R 205 8.00 -40.45 70.73
CA LEU R 205 8.62 -41.74 70.47
C LEU R 205 9.05 -41.83 69.02
N SER R 206 10.20 -42.43 68.78
CA SER R 206 10.74 -42.54 67.43
C SER R 206 11.76 -43.67 67.38
N LYS R 207 12.34 -43.85 66.20
CA LYS R 207 13.28 -44.93 65.91
C LYS R 207 14.60 -44.37 65.42
N ASP R 208 15.67 -45.12 65.67
CA ASP R 208 16.92 -44.87 64.95
C ASP R 208 16.83 -45.56 63.59
N PRO R 209 17.31 -44.93 62.51
CA PRO R 209 17.11 -45.51 61.18
C PRO R 209 18.05 -46.67 60.88
N ASN R 210 19.17 -46.78 61.59
CA ASN R 210 20.21 -47.75 61.24
C ASN R 210 20.62 -48.64 62.42
N GLU R 211 19.67 -49.04 63.26
CA GLU R 211 19.93 -50.00 64.34
C GLU R 211 19.07 -51.23 64.14
N LYS R 212 19.70 -52.40 64.14
CA LYS R 212 19.02 -53.64 63.79
C LYS R 212 18.40 -54.34 64.99
N ARG R 213 18.67 -53.88 66.21
CA ARG R 213 18.02 -54.45 67.38
C ARG R 213 16.62 -53.88 67.54
N ASP R 214 16.00 -54.20 68.67
CA ASP R 214 14.77 -53.51 69.04
C ASP R 214 15.10 -52.25 69.85
N HIS R 215 14.74 -51.10 69.29
CA HIS R 215 15.10 -49.83 69.90
C HIS R 215 13.84 -49.00 70.07
N MET R 216 13.92 -48.03 70.99
CA MET R 216 12.84 -47.09 71.19
C MET R 216 13.43 -45.80 71.72
N VAL R 217 13.44 -44.76 70.89
CA VAL R 217 14.01 -43.47 71.22
C VAL R 217 12.87 -42.59 71.73
N LEU R 218 13.11 -41.81 72.79
CA LEU R 218 12.04 -41.04 73.39
C LEU R 218 12.59 -39.76 74.03
N LEU R 219 11.98 -38.63 73.70
CA LEU R 219 12.31 -37.36 74.33
C LEU R 219 11.07 -36.79 74.98
N GLU R 220 11.23 -36.09 76.09
CA GLU R 220 10.08 -35.77 76.93
C GLU R 220 10.33 -34.53 77.79
N PHE R 221 9.25 -33.80 78.03
CA PHE R 221 9.26 -32.59 78.84
C PHE R 221 8.26 -32.76 79.96
N VAL R 222 8.72 -32.52 81.19
CA VAL R 222 7.93 -32.79 82.39
C VAL R 222 8.06 -31.60 83.33
N THR R 223 6.92 -31.09 83.80
CA THR R 223 6.98 -29.96 84.73
C THR R 223 5.69 -29.91 85.54
N ALA R 224 5.82 -29.45 86.78
CA ALA R 224 4.75 -29.52 87.76
C ALA R 224 4.15 -28.15 88.03
N ALA R 225 2.98 -28.17 88.69
CA ALA R 225 2.28 -26.97 89.12
C ALA R 225 1.18 -27.38 90.09
N GLY R 226 0.32 -26.43 90.43
CA GLY R 226 -0.81 -26.67 91.29
C GLY R 226 -1.11 -25.57 92.28
N ILE R 227 -0.16 -24.70 92.53
CA ILE R 227 -0.35 -23.59 93.44
C ILE R 227 -0.58 -22.33 92.63
N THR R 228 -1.62 -21.58 92.97
CA THR R 228 -1.88 -20.31 92.32
C THR R 228 -1.19 -19.21 93.12
N HIS R 229 0.12 -19.08 92.94
CA HIS R 229 0.93 -18.15 93.72
C HIS R 229 0.94 -16.76 93.07
N HIS R 230 1.44 -15.80 93.83
CA HIS R 230 1.42 -14.40 93.42
C HIS R 230 2.26 -14.15 92.17
N GLY S 54 62.73 55.95 -5.55
CA GLY S 54 62.97 54.97 -4.50
C GLY S 54 62.86 55.55 -3.11
N LYS S 55 63.44 56.74 -2.92
CA LYS S 55 63.40 57.45 -1.65
C LYS S 55 63.22 58.95 -1.81
N GLU S 56 63.49 59.50 -3.00
CA GLU S 56 63.45 60.94 -3.21
C GLU S 56 62.04 61.52 -3.24
N LEU S 57 61.01 60.69 -3.12
CA LEU S 57 59.63 61.22 -3.13
C LEU S 57 59.22 61.74 -1.77
N LEU S 58 59.79 61.18 -0.70
CA LEU S 58 59.28 61.48 0.63
C LEU S 58 59.56 62.92 1.04
N GLU S 59 60.73 63.45 0.68
CA GLU S 59 61.05 64.82 1.05
C GLU S 59 60.17 65.80 0.29
N ALA S 60 59.77 65.43 -0.94
CA ALA S 60 58.85 66.27 -1.69
C ALA S 60 57.45 66.21 -1.13
N ALA S 61 57.05 65.05 -0.60
CA ALA S 61 55.78 64.97 0.13
C ALA S 61 55.83 65.82 1.39
N ARG S 62 56.95 65.79 2.09
CA ARG S 62 57.09 66.55 3.32
C ARG S 62 57.08 68.06 3.06
N ALA S 63 57.77 68.50 2.01
CA ALA S 63 57.78 69.91 1.66
C ALA S 63 56.47 70.37 1.02
N GLY S 64 55.54 69.46 0.77
CA GLY S 64 54.30 69.81 0.10
C GLY S 64 54.44 70.01 -1.39
N GLN S 65 55.48 69.46 -2.00
CA GLN S 65 55.69 69.59 -3.44
C GLN S 65 54.76 68.63 -4.18
N ASP S 66 53.50 69.03 -4.27
CA ASP S 66 52.50 68.17 -4.89
C ASP S 66 52.83 67.90 -6.36
N ASP S 67 53.33 68.90 -7.08
CA ASP S 67 53.67 68.70 -8.47
C ASP S 67 54.90 67.81 -8.63
N GLU S 68 55.85 67.92 -7.70
CA GLU S 68 57.03 67.08 -7.81
C GLU S 68 56.69 65.62 -7.56
N VAL S 69 55.94 65.32 -6.49
CA VAL S 69 55.53 63.94 -6.26
C VAL S 69 54.62 63.45 -7.37
N ALA S 70 53.85 64.36 -7.98
CA ALA S 70 53.06 63.98 -9.14
C ALA S 70 53.95 63.49 -10.29
N VAL S 71 54.90 64.32 -10.71
CA VAL S 71 55.71 63.96 -11.89
C VAL S 71 56.63 62.79 -11.57
N LEU S 72 57.00 62.62 -10.30
CA LEU S 72 57.91 61.54 -9.94
C LEU S 72 57.18 60.23 -9.68
N MET S 73 55.89 60.28 -9.36
CA MET S 73 55.09 59.07 -9.25
C MET S 73 54.53 58.64 -10.59
N ALA S 74 54.32 59.59 -11.51
CA ALA S 74 54.02 59.22 -12.89
C ALA S 74 55.07 58.27 -13.43
N ARG S 75 56.34 58.65 -13.28
CA ARG S 75 57.44 57.71 -13.48
C ARG S 75 57.43 56.68 -12.36
N GLY S 76 57.72 55.43 -12.72
CA GLY S 76 57.70 54.34 -11.77
C GLY S 76 58.49 54.59 -10.50
N ALA S 77 57.78 54.73 -9.37
CA ALA S 77 58.42 55.06 -8.11
C ALA S 77 57.80 54.22 -7.01
N GLU S 78 58.49 54.13 -5.88
CA GLU S 78 57.99 53.37 -4.74
C GLU S 78 56.86 54.11 -4.05
N VAL S 79 55.65 53.55 -4.08
CA VAL S 79 54.54 54.18 -3.40
C VAL S 79 54.45 53.76 -1.93
N ASN S 80 54.61 52.48 -1.63
CA ASN S 80 54.55 51.98 -0.25
C ASN S 80 55.93 51.95 0.39
N ALA S 81 56.62 53.08 0.37
CA ALA S 81 57.98 53.17 0.87
C ALA S 81 57.99 53.11 2.40
N ALA S 82 58.77 52.18 2.92
CA ALA S 82 59.07 52.11 4.34
C ALA S 82 60.42 52.77 4.55
N ASP S 83 60.48 53.71 5.49
CA ASP S 83 61.63 54.58 5.63
C ASP S 83 62.40 54.27 6.91
N ASP S 84 63.38 55.14 7.18
CA ASP S 84 64.34 54.95 8.27
C ASP S 84 63.70 54.79 9.64
N VAL S 85 62.45 55.20 9.83
CA VAL S 85 61.76 54.95 11.08
C VAL S 85 60.37 54.39 10.78
N GLY S 86 60.10 54.15 9.50
CA GLY S 86 58.86 53.49 9.12
C GLY S 86 57.76 54.46 8.73
N VAL S 87 58.15 55.65 8.30
CA VAL S 87 57.22 56.72 7.98
C VAL S 87 57.03 56.69 6.47
N THR S 88 55.84 56.27 6.04
CA THR S 88 55.52 56.25 4.62
C THR S 88 55.14 57.66 4.17
N PRO S 89 55.38 58.00 2.89
CA PRO S 89 54.92 59.30 2.38
C PRO S 89 53.48 59.66 2.74
N LEU S 90 52.61 58.68 2.95
CA LEU S 90 51.25 58.98 3.36
C LEU S 90 51.21 59.55 4.77
N HIS S 91 52.05 59.03 5.67
CA HIS S 91 52.09 59.55 7.03
C HIS S 91 52.49 61.02 7.04
N LEU S 92 53.58 61.37 6.35
CA LEU S 92 54.04 62.75 6.27
C LEU S 92 53.10 63.63 5.47
N ALA S 93 52.36 63.06 4.52
CA ALA S 93 51.35 63.81 3.79
C ALA S 93 50.11 64.07 4.61
N ALA S 94 49.88 63.27 5.65
CA ALA S 94 48.79 63.49 6.58
C ALA S 94 49.14 64.41 7.73
N GLN S 95 50.38 64.31 8.25
CA GLN S 95 50.82 65.22 9.31
C GLN S 95 50.62 66.68 8.89
N ARG S 96 51.27 67.08 7.80
CA ARG S 96 50.98 68.35 7.18
C ARG S 96 49.66 68.24 6.41
N GLY S 97 48.99 69.37 6.25
CA GLY S 97 47.71 69.33 5.56
C GLY S 97 47.87 69.45 4.06
N HIS S 98 47.88 68.31 3.38
CA HIS S 98 48.12 68.27 1.93
C HIS S 98 47.17 67.22 1.34
N LEU S 99 46.00 67.67 0.91
CA LEU S 99 44.99 66.77 0.37
C LEU S 99 45.36 66.22 -1.00
N ALA S 100 45.96 67.05 -1.86
CA ALA S 100 46.31 66.60 -3.20
C ALA S 100 47.31 65.45 -3.15
N ILE S 101 48.27 65.52 -2.24
CA ILE S 101 49.29 64.49 -2.17
C ILE S 101 48.69 63.16 -1.70
N VAL S 102 47.82 63.19 -0.70
CA VAL S 102 47.23 61.94 -0.23
C VAL S 102 46.27 61.38 -1.29
N SER S 103 45.64 62.25 -2.07
CA SER S 103 44.78 61.75 -3.14
C SER S 103 45.60 61.04 -4.21
N VAL S 104 46.66 61.69 -4.68
CA VAL S 104 47.48 61.08 -5.74
C VAL S 104 48.27 59.90 -5.20
N LEU S 105 48.42 59.79 -3.88
CA LEU S 105 49.07 58.61 -3.32
C LEU S 105 48.10 57.45 -3.17
N LEU S 106 46.87 57.72 -2.72
CA LEU S 106 45.86 56.68 -2.67
C LEU S 106 45.57 56.11 -4.05
N ALA S 107 45.43 56.99 -5.05
CA ALA S 107 45.14 56.52 -6.41
C ALA S 107 46.24 55.59 -6.91
N PHE S 108 47.48 55.82 -6.51
CA PHE S 108 48.59 55.00 -6.96
C PHE S 108 48.83 53.78 -6.08
N GLY S 109 47.95 53.48 -5.14
CA GLY S 109 48.05 52.23 -4.41
C GLY S 109 48.81 52.30 -3.10
N ALA S 110 48.48 53.29 -2.27
CA ALA S 110 49.05 53.35 -0.94
C ALA S 110 48.18 52.57 0.05
N SER S 111 48.77 52.23 1.18
CA SER S 111 48.04 51.51 2.22
C SER S 111 47.60 52.49 3.30
N VAL S 112 46.30 52.56 3.56
CA VAL S 112 45.79 53.46 4.60
C VAL S 112 46.14 52.96 5.99
N ASN S 113 46.29 51.65 6.19
CA ASN S 113 46.70 51.09 7.47
C ASN S 113 48.18 50.70 7.36
N ALA S 114 49.06 51.58 7.81
CA ALA S 114 50.49 51.37 7.68
C ALA S 114 51.14 51.47 9.04
N ALA S 115 51.50 50.30 9.59
CA ALA S 115 51.91 50.19 10.99
C ALA S 115 53.27 50.86 11.16
N ASP S 116 53.25 52.11 11.59
CA ASP S 116 54.46 52.84 11.90
C ASP S 116 55.25 52.14 13.01
N LEU S 117 56.53 52.48 13.11
CA LEU S 117 57.37 51.89 14.15
C LEU S 117 56.89 52.26 15.54
N TRP S 118 56.12 53.34 15.67
CA TRP S 118 55.54 53.74 16.94
C TRP S 118 54.11 53.26 17.12
N GLY S 119 53.51 52.68 16.08
CA GLY S 119 52.14 52.22 16.16
C GLY S 119 51.13 53.17 15.56
N GLN S 120 51.57 54.23 14.88
CA GLN S 120 50.65 55.19 14.31
C GLN S 120 50.26 54.79 12.90
N THR S 121 49.24 55.49 12.39
CA THR S 121 48.58 55.26 11.12
C THR S 121 48.24 56.66 10.62
N PRO S 122 48.16 56.89 9.30
CA PRO S 122 47.82 58.25 8.83
C PRO S 122 46.55 58.81 9.45
N LEU S 123 45.60 57.96 9.83
CA LEU S 123 44.40 58.45 10.50
C LEU S 123 44.72 59.02 11.87
N HIS S 124 45.67 58.40 12.60
CA HIS S 124 46.07 58.92 13.89
C HIS S 124 46.62 60.33 13.77
N LEU S 125 47.65 60.51 12.93
CA LEU S 125 48.26 61.82 12.76
C LEU S 125 47.31 62.83 12.15
N ALA S 126 46.44 62.42 11.24
CA ALA S 126 45.48 63.34 10.65
C ALA S 126 44.43 63.80 11.64
N ALA S 127 43.93 62.89 12.49
CA ALA S 127 42.98 63.28 13.52
C ALA S 127 43.65 64.16 14.57
N THR S 128 44.92 63.91 14.88
CA THR S 128 45.62 64.76 15.82
C THR S 128 45.87 66.15 15.26
N ALA S 129 46.22 66.25 13.97
CA ALA S 129 46.53 67.54 13.38
C ALA S 129 45.31 68.46 13.36
N GLY S 130 44.25 68.05 12.66
CA GLY S 130 43.04 68.83 12.63
C GLY S 130 42.46 69.06 11.25
N HIS S 131 42.98 68.34 10.26
CA HIS S 131 42.52 68.51 8.88
C HIS S 131 41.36 67.56 8.60
N LEU S 132 40.19 68.13 8.33
CA LEU S 132 38.98 67.31 8.21
C LEU S 132 38.91 66.59 6.87
N GLU S 133 39.29 67.26 5.79
CA GLU S 133 39.19 66.67 4.46
C GLU S 133 40.04 65.41 4.34
N ILE S 134 41.24 65.42 4.92
CA ILE S 134 42.06 64.22 4.90
C ILE S 134 41.41 63.10 5.70
N VAL S 135 40.82 63.43 6.84
CA VAL S 135 40.12 62.42 7.63
C VAL S 135 38.99 61.80 6.81
N GLU S 136 38.22 62.61 6.10
CA GLU S 136 37.12 62.07 5.30
C GLU S 136 37.64 61.17 4.18
N VAL S 137 38.64 61.63 3.43
CA VAL S 137 39.10 60.84 2.29
C VAL S 137 39.81 59.57 2.76
N LEU S 138 40.31 59.57 3.99
CA LEU S 138 40.90 58.35 4.53
C LEU S 138 39.84 57.39 5.03
N LEU S 139 38.80 57.91 5.67
CA LEU S 139 37.72 57.06 6.15
C LEU S 139 36.96 56.41 5.00
N ARG S 140 36.82 57.13 3.89
CA ARG S 140 36.15 56.56 2.73
C ARG S 140 37.02 55.53 2.01
N SER S 141 38.33 55.54 2.24
CA SER S 141 39.24 54.63 1.56
C SER S 141 39.51 53.35 2.34
N GLY S 142 39.00 53.23 3.56
CA GLY S 142 39.17 52.03 4.35
C GLY S 142 40.04 52.15 5.58
N ALA S 143 40.20 53.34 6.14
CA ALA S 143 40.97 53.47 7.36
C ALA S 143 40.16 52.90 8.54
N SER S 144 40.87 52.25 9.46
CA SER S 144 40.24 51.59 10.59
C SER S 144 40.15 52.53 11.77
N VAL S 145 38.92 52.87 12.15
CA VAL S 145 38.67 53.83 13.22
C VAL S 145 39.08 53.31 14.59
N ASN S 146 39.35 52.02 14.74
CA ASN S 146 39.66 51.44 16.03
C ASN S 146 41.02 50.76 16.03
N ALA S 147 42.01 51.42 15.45
CA ALA S 147 43.39 50.96 15.53
C ALA S 147 44.07 51.60 16.73
N ARG S 148 45.01 50.88 17.33
CA ARG S 148 45.60 51.27 18.59
C ARG S 148 47.05 51.70 18.40
N ASP S 149 47.51 52.59 19.29
CA ASP S 149 48.91 52.91 19.46
C ASP S 149 49.58 51.89 20.37
N ASN S 150 50.78 52.23 20.84
CA ASN S 150 51.37 51.47 21.94
C ASN S 150 50.74 51.87 23.27
N ILE S 151 50.52 53.17 23.48
CA ILE S 151 49.73 53.59 24.63
C ILE S 151 48.32 53.02 24.57
N GLY S 152 47.81 52.71 23.38
CA GLY S 152 46.46 52.21 23.21
C GLY S 152 45.47 53.22 22.68
N HIS S 153 45.93 54.41 22.31
CA HIS S 153 45.01 55.45 21.86
C HIS S 153 44.37 55.07 20.52
N THR S 154 43.09 55.39 20.39
CA THR S 154 42.38 55.30 19.13
C THR S 154 42.21 56.68 18.53
N PRO S 155 41.94 56.79 17.23
CA PRO S 155 41.82 58.13 16.64
C PRO S 155 40.85 59.05 17.35
N LEU S 156 39.86 58.49 18.07
CA LEU S 156 38.92 59.34 18.80
C LEU S 156 39.56 59.89 20.07
N HIS S 157 40.44 59.10 20.72
CA HIS S 157 41.22 59.62 21.83
C HIS S 157 41.94 60.90 21.43
N LEU S 158 42.63 60.88 20.28
CA LEU S 158 43.37 62.04 19.82
C LEU S 158 42.46 63.16 19.37
N ALA S 159 41.35 62.82 18.71
CA ALA S 159 40.39 63.84 18.31
C ALA S 159 39.82 64.56 19.52
N ALA S 160 39.63 63.86 20.64
CA ALA S 160 39.12 64.49 21.86
C ALA S 160 40.19 65.27 22.60
N TRP S 161 41.42 64.75 22.65
CA TRP S 161 42.51 65.50 23.26
C TRP S 161 42.76 66.82 22.54
N ALA S 162 42.90 66.76 21.20
CA ALA S 162 43.26 67.95 20.45
C ALA S 162 42.16 69.00 20.49
N GLY S 163 40.90 68.57 20.58
CA GLY S 163 39.79 69.49 20.60
C GLY S 163 39.12 69.76 19.28
N HIS S 164 39.02 68.77 18.40
CA HIS S 164 38.47 68.95 17.06
C HIS S 164 37.05 68.40 17.01
N LEU S 165 36.06 69.29 17.01
CA LEU S 165 34.67 68.86 17.13
C LEU S 165 34.19 68.15 15.88
N GLU S 166 34.41 68.74 14.71
CA GLU S 166 33.92 68.16 13.46
C GLU S 166 34.57 66.81 13.19
N ILE S 167 35.85 66.68 13.52
CA ILE S 167 36.51 65.38 13.37
C ILE S 167 35.92 64.36 14.33
N VAL S 168 35.58 64.80 15.54
CA VAL S 168 34.91 63.90 16.47
C VAL S 168 33.59 63.41 15.90
N GLU S 169 32.83 64.32 15.27
CA GLU S 169 31.58 63.92 14.65
C GLU S 169 31.77 62.91 13.54
N VAL S 170 32.68 63.17 12.61
CA VAL S 170 32.86 62.26 11.50
C VAL S 170 33.41 60.92 11.98
N LEU S 171 34.20 60.92 13.05
CA LEU S 171 34.68 59.66 13.60
C LEU S 171 33.59 58.89 14.31
N LEU S 172 32.64 59.59 14.94
CA LEU S 172 31.52 58.90 15.58
C LEU S 172 30.54 58.34 14.57
N ALA S 173 30.39 58.99 13.42
CA ALA S 173 29.55 58.48 12.35
C ALA S 173 30.08 57.19 11.73
N TYR S 174 31.39 56.96 11.78
CA TYR S 174 32.01 55.82 11.10
C TYR S 174 32.27 54.64 12.02
N GLY S 175 31.82 54.71 13.27
CA GLY S 175 31.86 53.55 14.14
C GLY S 175 32.89 53.60 15.26
N ALA S 176 33.46 54.76 15.55
CA ALA S 176 34.29 54.88 16.74
C ALA S 176 33.44 54.75 17.98
N ASP S 177 33.91 53.95 18.94
CA ASP S 177 33.18 53.69 20.18
C ASP S 177 33.59 54.69 21.24
N VAL S 178 32.63 55.08 22.08
CA VAL S 178 32.89 56.17 23.01
C VAL S 178 33.58 55.67 24.28
N PHE S 179 33.22 54.49 24.78
CA PHE S 179 33.91 53.97 25.96
C PHE S 179 34.96 52.93 25.58
N ALA S 180 36.02 53.37 24.93
CA ALA S 180 37.21 52.55 24.72
C ALA S 180 38.32 53.12 25.58
N GLN S 181 39.20 52.25 26.07
CA GLN S 181 40.24 52.68 26.99
C GLN S 181 41.62 52.51 26.36
N ASP S 182 42.59 53.22 26.93
CA ASP S 182 44.00 53.04 26.63
C ASP S 182 44.62 52.19 27.74
N LYS S 183 45.93 51.96 27.64
CA LYS S 183 46.60 51.17 28.66
C LYS S 183 46.44 51.77 30.05
N PHE S 184 46.42 53.10 30.15
CA PHE S 184 46.32 53.75 31.44
C PHE S 184 44.89 53.89 31.94
N GLY S 185 43.91 53.43 31.18
CA GLY S 185 42.55 53.31 31.67
C GLY S 185 41.59 54.43 31.31
N LYS S 186 41.99 55.36 30.45
CA LYS S 186 41.15 56.52 30.17
C LYS S 186 40.36 56.34 28.88
N THR S 187 39.16 56.90 28.87
CA THR S 187 38.26 56.98 27.74
C THR S 187 38.31 58.38 27.14
N PRO S 188 37.93 58.54 25.87
CA PRO S 188 37.97 59.87 25.25
C PRO S 188 37.32 60.96 26.08
N PHE S 189 36.29 60.64 26.84
CA PHE S 189 35.67 61.64 27.71
C PHE S 189 36.63 62.13 28.78
N ASP S 190 37.52 61.25 29.25
CA ASP S 190 38.49 61.69 30.26
C ASP S 190 39.54 62.61 29.66
N LEU S 191 40.11 62.23 28.51
CA LEU S 191 41.04 63.14 27.83
C LEU S 191 40.36 64.44 27.44
N ALA S 192 39.03 64.43 27.30
CA ALA S 192 38.32 65.66 26.98
C ALA S 192 38.11 66.53 28.22
N ILE S 193 37.87 65.92 29.38
CA ILE S 193 37.57 66.72 30.55
C ILE S 193 38.82 67.16 31.28
N ASP S 194 39.95 66.47 31.08
CA ASP S 194 41.18 66.90 31.72
C ASP S 194 41.98 67.89 30.89
N ASN S 195 41.42 68.41 29.80
CA ASN S 195 42.12 69.33 28.92
C ASN S 195 41.30 70.57 28.60
N GLY S 196 40.18 70.78 29.29
CA GLY S 196 39.36 71.94 29.05
C GLY S 196 38.57 71.92 27.75
N ASN S 197 38.76 70.91 26.90
CA ASN S 197 37.91 70.75 25.72
C ASN S 197 36.50 70.46 26.17
N GLU S 198 35.60 71.45 26.01
CA GLU S 198 34.31 71.43 26.68
C GLU S 198 33.23 70.70 25.92
N ASP S 199 33.11 70.90 24.60
CA ASP S 199 31.94 70.40 23.90
C ASP S 199 32.13 68.96 23.46
N ILE S 200 33.37 68.56 23.21
CA ILE S 200 33.66 67.14 23.03
C ILE S 200 33.10 66.36 24.20
N ALA S 201 33.36 66.85 25.42
CA ALA S 201 32.84 66.22 26.62
C ALA S 201 31.32 66.16 26.62
N GLU S 202 30.65 67.23 26.16
CA GLU S 202 29.19 67.22 26.20
C GLU S 202 28.60 66.22 25.20
N VAL S 203 29.09 66.24 23.97
CA VAL S 203 28.55 65.32 22.97
C VAL S 203 28.97 63.89 23.21
N LEU S 204 29.99 63.64 24.03
CA LEU S 204 30.27 62.26 24.40
C LEU S 204 29.49 61.83 25.64
N GLN S 205 29.22 62.76 26.55
CA GLN S 205 28.38 62.48 27.70
C GLN S 205 26.96 62.14 27.28
N ARG S 206 26.45 62.83 26.26
CA ARG S 206 25.10 62.51 25.79
C ARG S 206 25.01 61.06 25.32
N LEU S 207 26.06 60.56 24.65
CA LEU S 207 26.02 59.19 24.14
C LEU S 207 26.19 58.17 25.27
N LEU S 208 27.13 58.43 26.18
CA LEU S 208 27.25 57.57 27.35
C LEU S 208 25.93 57.45 28.09
N GLU S 209 25.23 58.57 28.24
CA GLU S 209 23.97 58.56 28.96
C GLU S 209 22.87 57.84 28.18
N CYS S 210 22.82 58.01 26.87
CA CYS S 210 21.84 57.26 26.08
C CYS S 210 22.02 55.76 26.25
N ARG S 211 23.27 55.28 26.17
CA ARG S 211 23.48 53.85 26.33
C ARG S 211 23.11 53.37 27.73
N ARG S 212 23.50 54.11 28.76
CA ARG S 212 23.16 53.73 30.13
C ARG S 212 21.65 53.66 30.34
N ASP S 213 20.92 54.66 29.83
CA ASP S 213 19.48 54.71 30.04
C ASP S 213 18.74 53.61 29.28
N ALA S 214 19.17 53.29 28.06
CA ALA S 214 18.54 52.19 27.37
C ALA S 214 18.76 50.87 28.10
N GLU S 215 19.98 50.64 28.61
CA GLU S 215 20.23 49.45 29.40
C GLU S 215 19.29 49.35 30.60
N ALA S 216 19.18 50.45 31.35
CA ALA S 216 18.30 50.48 32.51
C ALA S 216 16.84 50.21 32.17
N ALA S 217 16.33 50.82 31.11
CA ALA S 217 14.94 50.60 30.72
C ALA S 217 14.67 49.16 30.28
N ILE S 218 15.62 48.52 29.61
CA ILE S 218 15.39 47.12 29.25
C ILE S 218 15.38 46.24 30.48
N ASN S 219 16.24 46.53 31.47
CA ASN S 219 16.15 45.77 32.72
C ASN S 219 14.80 45.94 33.40
N TYR S 220 14.29 47.17 33.44
CA TYR S 220 13.00 47.39 34.08
C TYR S 220 11.87 46.68 33.34
N GLN S 221 11.94 46.60 32.02
CA GLN S 221 10.92 45.86 31.28
C GLN S 221 10.98 44.37 31.55
N ILE S 222 12.18 43.82 31.71
CA ILE S 222 12.30 42.41 32.09
C ILE S 222 11.60 42.16 33.42
N ASN S 223 11.87 43.02 34.41
CA ASN S 223 11.22 42.84 35.71
C ASN S 223 9.71 42.98 35.62
N LEU S 224 9.21 43.91 34.80
CA LEU S 224 7.77 44.10 34.71
C LEU S 224 7.07 42.89 34.08
N GLU S 225 7.69 42.27 33.06
CA GLU S 225 7.05 41.09 32.49
C GLU S 225 7.11 39.90 33.44
N LEU S 226 8.19 39.76 34.21
CA LEU S 226 8.21 38.69 35.21
C LEU S 226 7.13 38.88 36.26
N TYR S 227 6.90 40.13 36.69
CA TYR S 227 5.82 40.41 37.63
C TYR S 227 4.45 40.09 37.04
N ALA S 228 4.22 40.46 35.79
CA ALA S 228 2.94 40.12 35.16
C ALA S 228 2.73 38.61 35.09
N SER S 229 3.77 37.86 34.77
CA SER S 229 3.66 36.40 34.76
C SER S 229 3.26 35.86 36.12
N TYR S 230 3.85 36.38 37.19
CA TYR S 230 3.50 35.96 38.54
C TYR S 230 2.05 36.31 38.88
N VAL S 231 1.59 37.49 38.48
CA VAL S 231 0.19 37.87 38.75
C VAL S 231 -0.77 36.93 38.05
N TYR S 232 -0.48 36.55 36.81
CA TYR S 232 -1.36 35.63 36.11
C TYR S 232 -1.36 34.25 36.74
N LEU S 233 -0.22 33.80 37.26
CA LEU S 233 -0.19 32.51 37.96
C LEU S 233 -1.10 32.53 39.19
N SER S 234 -1.03 33.61 39.96
CA SER S 234 -1.94 33.77 41.10
C SER S 234 -3.40 33.73 40.65
N MET S 235 -3.76 34.55 39.65
CA MET S 235 -5.12 34.54 39.11
C MET S 235 -5.57 33.14 38.72
N SER S 236 -4.73 32.40 38.01
CA SER S 236 -5.09 31.08 37.55
C SER S 236 -5.36 30.11 38.68
N TYR S 237 -4.53 30.09 39.71
CA TYR S 237 -4.79 29.16 40.81
C TYR S 237 -5.83 29.67 41.78
N TYR S 238 -6.37 30.87 41.58
CA TYR S 238 -7.57 31.25 42.33
C TYR S 238 -8.80 30.51 41.84
N PHE S 239 -8.97 30.40 40.52
CA PHE S 239 -10.14 29.76 39.95
C PHE S 239 -10.10 28.24 40.06
N ASP S 240 -9.12 27.69 40.76
CA ASP S 240 -8.99 26.25 40.92
C ASP S 240 -9.45 25.79 42.29
N ARG S 241 -9.72 26.71 43.21
CA ARG S 241 -10.28 26.36 44.51
C ARG S 241 -11.60 25.65 44.31
N ASP S 242 -12.11 24.96 45.33
CA ASP S 242 -13.38 24.27 45.16
C ASP S 242 -14.57 25.10 45.59
N ASP S 243 -14.34 26.30 46.15
CA ASP S 243 -15.43 27.25 46.25
C ASP S 243 -15.42 28.23 45.09
N VAL S 244 -14.49 28.05 44.14
CA VAL S 244 -14.49 28.77 42.87
C VAL S 244 -14.22 27.71 41.81
N ALA S 245 -15.26 27.09 41.27
CA ALA S 245 -15.05 25.91 40.44
C ALA S 245 -15.17 26.23 38.95
N LEU S 246 -14.24 27.05 38.46
CA LEU S 246 -14.23 27.44 37.06
C LEU S 246 -12.90 27.01 36.43
N LYS S 247 -12.97 26.04 35.53
CA LYS S 247 -11.77 25.38 35.00
C LYS S 247 -11.17 26.09 33.80
N ASN S 248 -12.01 26.71 32.97
CA ASN S 248 -11.48 27.31 31.76
C ASN S 248 -10.95 28.71 32.01
N PHE S 249 -11.47 29.40 33.00
CA PHE S 249 -10.79 30.58 33.53
C PHE S 249 -9.37 30.24 33.99
N ALA S 250 -9.22 29.10 34.66
CA ALA S 250 -7.92 28.65 35.13
C ALA S 250 -6.97 28.35 33.97
N LYS S 251 -7.44 27.61 32.96
CA LYS S 251 -6.58 27.35 31.80
C LYS S 251 -6.20 28.63 31.08
N TYR S 252 -7.16 29.54 30.90
CA TYR S 252 -6.88 30.84 30.30
C TYR S 252 -5.73 31.53 31.00
N PHE S 253 -5.84 31.74 32.30
CA PHE S 253 -4.81 32.51 32.97
C PHE S 253 -3.48 31.76 33.10
N LEU S 254 -3.48 30.43 33.09
CA LEU S 254 -2.19 29.74 33.02
C LEU S 254 -1.50 29.95 31.68
N HIS S 255 -2.26 29.91 30.59
CA HIS S 255 -1.67 30.20 29.28
C HIS S 255 -1.06 31.59 29.24
N GLN S 256 -1.77 32.58 29.77
CA GLN S 256 -1.20 33.94 29.80
C GLN S 256 0.04 33.99 30.66
N SER S 257 0.05 33.28 31.79
CA SER S 257 1.23 33.22 32.64
C SER S 257 2.46 32.72 31.91
N HIS S 258 2.31 31.73 31.02
CA HIS S 258 3.49 31.23 30.32
C HIS S 258 3.92 32.13 29.17
N GLU S 259 2.96 32.73 28.47
CA GLU S 259 3.30 33.66 27.41
C GLU S 259 4.10 34.84 27.95
N GLU S 260 3.73 35.33 29.13
CA GLU S 260 4.46 36.47 29.67
C GLU S 260 5.88 36.14 30.11
N ARG S 261 6.22 34.88 30.30
CA ARG S 261 7.61 34.55 30.57
C ARG S 261 8.41 34.42 29.29
N GLU S 262 7.78 33.90 28.23
CA GLU S 262 8.43 33.99 26.92
C GLU S 262 8.75 35.42 26.56
N HIS S 263 7.84 36.35 26.84
CA HIS S 263 8.09 37.77 26.55
C HIS S 263 9.35 38.28 27.23
N ALA S 264 9.59 37.90 28.48
CA ALA S 264 10.75 38.42 29.20
C ALA S 264 12.03 37.76 28.78
N GLU S 265 11.99 36.47 28.44
CA GLU S 265 13.19 35.83 27.92
C GLU S 265 13.61 36.44 26.58
N LYS S 266 12.66 36.89 25.76
CA LYS S 266 13.03 37.58 24.54
C LYS S 266 13.84 38.84 24.82
N LEU S 267 13.46 39.59 25.86
CA LEU S 267 14.20 40.81 26.17
C LEU S 267 15.56 40.51 26.77
N MET S 268 15.68 39.41 27.54
CA MET S 268 16.99 39.00 28.02
C MET S 268 17.93 38.67 26.87
N LYS S 269 17.44 37.88 25.92
CA LYS S 269 18.24 37.57 24.75
C LYS S 269 18.63 38.85 24.00
N LEU S 270 17.68 39.77 23.82
CA LEU S 270 18.01 41.04 23.19
C LEU S 270 19.15 41.75 23.90
N GLN S 271 19.08 41.87 25.23
CA GLN S 271 20.11 42.61 25.93
C GLN S 271 21.45 41.91 25.89
N ASN S 272 21.46 40.59 25.72
CA ASN S 272 22.74 39.93 25.50
C ASN S 272 23.28 40.17 24.09
N GLN S 273 22.39 40.33 23.11
CA GLN S 273 22.84 40.64 21.75
C GLN S 273 23.43 42.04 21.64
N ARG S 274 23.01 42.96 22.49
CA ARG S 274 23.49 44.33 22.42
C ARG S 274 24.80 44.54 23.16
N GLY S 275 25.23 43.60 23.97
CA GLY S 275 26.42 43.76 24.77
C GLY S 275 26.21 44.37 26.12
N GLY S 276 24.97 44.47 26.59
CA GLY S 276 24.67 45.04 27.88
C GLY S 276 24.69 44.00 28.97
N GLU S 277 24.38 44.46 30.19
CA GLU S 277 24.43 43.62 31.38
C GLU S 277 23.04 43.44 31.95
N ILE S 278 22.58 42.20 31.99
CA ILE S 278 21.33 41.88 32.67
C ILE S 278 21.56 41.96 34.17
N SER S 279 20.65 42.65 34.87
CA SER S 279 20.70 42.72 36.32
C SER S 279 19.31 42.43 36.85
N LEU S 280 19.09 41.19 37.27
CA LEU S 280 17.79 40.73 37.73
C LEU S 280 17.54 41.24 39.14
N GLN S 281 16.26 41.38 39.48
CA GLN S 281 15.86 41.96 40.76
C GLN S 281 14.73 41.18 41.38
N SER S 282 14.21 41.70 42.48
CA SER S 282 13.20 41.03 43.28
C SER S 282 11.84 41.19 42.59
N ILE S 283 11.01 40.15 42.66
CA ILE S 283 9.69 40.20 42.05
C ILE S 283 8.65 40.36 43.14
N SER S 284 7.90 41.46 43.09
CA SER S 284 6.87 41.69 44.09
C SER S 284 5.77 40.64 43.99
N SER S 285 5.05 40.47 45.08
CA SER S 285 3.93 39.55 45.04
C SER S 285 2.68 40.29 44.58
N PRO S 286 1.75 39.59 43.93
CA PRO S 286 0.53 40.26 43.45
C PRO S 286 -0.22 40.90 44.61
N ASP S 287 -1.02 41.90 44.26
CA ASP S 287 -1.65 42.71 45.32
C ASP S 287 -2.75 41.95 46.03
N SER S 288 -3.37 40.99 45.34
CA SER S 288 -4.48 40.24 45.92
C SER S 288 -4.16 38.76 45.88
N ASP S 289 -4.75 38.03 46.82
CA ASP S 289 -4.86 36.58 46.73
C ASP S 289 -6.27 36.15 46.40
N ASP S 290 -7.25 37.03 46.61
CA ASP S 290 -8.67 36.77 46.39
C ASP S 290 -9.15 37.73 45.31
N TRP S 291 -9.26 37.24 44.09
CA TRP S 291 -9.83 37.99 42.99
C TRP S 291 -11.32 37.70 42.91
N GLU S 292 -12.14 38.65 43.38
CA GLU S 292 -13.48 38.33 43.86
C GLU S 292 -14.30 37.49 42.88
N SER S 293 -14.15 37.71 41.58
CA SER S 293 -14.96 37.00 40.61
C SER S 293 -14.22 36.96 39.28
N GLY S 294 -14.87 36.35 38.28
CA GLY S 294 -14.30 36.32 36.95
C GLY S 294 -14.28 37.67 36.26
N LEU S 295 -15.33 38.47 36.47
CA LEU S 295 -15.36 39.83 35.94
C LEU S 295 -14.23 40.68 36.51
N ASN S 296 -14.08 40.69 37.84
CA ASN S 296 -13.05 41.49 38.47
C ASN S 296 -11.65 41.06 38.08
N ALA S 297 -11.40 39.76 37.95
CA ALA S 297 -10.13 39.27 37.45
C ALA S 297 -9.86 39.69 36.01
N MET S 298 -10.86 39.63 35.13
CA MET S 298 -10.66 40.11 33.77
C MET S 298 -10.35 41.61 33.74
N GLU S 299 -11.00 42.40 34.59
CA GLU S 299 -10.71 43.84 34.61
C GLU S 299 -9.32 44.13 35.15
N SER S 300 -8.88 43.37 36.13
CA SER S 300 -7.52 43.53 36.63
C SER S 300 -6.48 43.16 35.58
N ALA S 301 -6.72 42.08 34.84
CA ALA S 301 -5.83 41.74 33.73
C ALA S 301 -5.80 42.85 32.69
N LEU S 302 -6.94 43.49 32.44
CA LEU S 302 -6.97 44.59 31.47
C LEU S 302 -6.12 45.76 31.92
N HIS S 303 -6.24 46.17 33.18
CA HIS S 303 -5.40 47.26 33.67
C HIS S 303 -3.92 46.89 33.65
N LEU S 304 -3.59 45.63 33.96
CA LEU S 304 -2.19 45.22 33.92
C LEU S 304 -1.63 45.28 32.51
N GLU S 305 -2.38 44.81 31.52
CA GLU S 305 -1.92 44.89 30.15
C GLU S 305 -1.74 46.34 29.70
N LYS S 306 -2.62 47.23 30.15
CA LYS S 306 -2.45 48.64 29.78
C LYS S 306 -1.20 49.25 30.40
N ALA S 307 -0.89 48.90 31.65
CA ALA S 307 0.34 49.40 32.27
C ALA S 307 1.58 48.90 31.52
N VAL S 308 1.60 47.63 31.16
CA VAL S 308 2.72 47.09 30.39
C VAL S 308 2.87 47.83 29.07
N ASN S 309 1.77 48.11 28.38
CA ASN S 309 1.84 48.82 27.12
C ASN S 309 2.36 50.23 27.29
N ALA S 310 1.97 50.91 28.36
CA ALA S 310 2.52 52.24 28.62
C ALA S 310 4.03 52.20 28.79
N SER S 311 4.55 51.21 29.53
CA SER S 311 6.00 51.11 29.67
C SER S 311 6.68 50.88 28.33
N LEU S 312 6.10 50.03 27.48
CA LEU S 312 6.66 49.83 26.15
C LEU S 312 6.71 51.12 25.35
N LEU S 313 5.66 51.94 25.42
CA LEU S 313 5.67 53.21 24.69
C LEU S 313 6.74 54.15 25.21
N ARG S 314 6.94 54.19 26.53
CA ARG S 314 8.00 55.05 27.08
C ARG S 314 9.38 54.60 26.59
N LEU S 315 9.62 53.29 26.59
CA LEU S 315 10.90 52.78 26.11
C LEU S 315 11.09 53.05 24.63
N HIS S 316 10.01 53.00 23.85
CA HIS S 316 10.14 53.30 22.42
C HIS S 316 10.48 54.76 22.19
N LYS S 317 9.85 55.67 22.94
CA LYS S 317 10.21 57.07 22.79
C LYS S 317 11.66 57.32 23.20
N LEU S 318 12.12 56.63 24.24
CA LEU S 318 13.53 56.74 24.64
C LEU S 318 14.46 56.27 23.53
N ALA S 319 14.18 55.11 22.94
CA ALA S 319 15.02 54.60 21.86
C ALA S 319 14.93 55.48 20.62
N THR S 320 13.87 56.25 20.47
CA THR S 320 13.78 57.17 19.34
C THR S 320 14.61 58.42 19.58
N ASP S 321 14.65 58.90 20.82
CA ASP S 321 15.45 60.09 21.10
C ASP S 321 16.93 59.83 20.86
N CYS S 322 17.42 58.65 21.24
CA CYS S 322 18.83 58.36 21.15
C CYS S 322 19.24 57.69 19.84
N ASN S 323 18.46 57.82 18.78
CA ASN S 323 18.84 57.38 17.45
C ASN S 323 19.27 55.91 17.44
N ASP S 324 18.33 55.01 17.71
CA ASP S 324 18.61 53.60 17.84
C ASP S 324 17.63 52.80 16.99
N PRO S 325 17.77 52.79 15.66
CA PRO S 325 16.76 52.15 14.80
C PRO S 325 16.45 50.71 15.11
N HIS S 326 17.44 49.90 15.50
CA HIS S 326 17.19 48.48 15.71
C HIS S 326 16.33 48.24 16.95
N LEU S 327 16.53 49.02 18.01
CA LEU S 327 15.69 48.88 19.20
C LEU S 327 14.25 49.25 18.91
N CYS S 328 14.03 50.34 18.18
CA CYS S 328 12.67 50.72 17.81
C CYS S 328 12.01 49.66 16.95
N ASP S 329 12.73 49.16 15.95
CA ASP S 329 12.18 48.10 15.10
C ASP S 329 11.83 46.86 15.91
N PHE S 330 12.71 46.48 16.85
CA PHE S 330 12.44 45.33 17.70
C PHE S 330 11.18 45.53 18.53
N ILE S 331 11.05 46.69 19.15
CA ILE S 331 9.91 46.95 20.02
C ILE S 331 8.60 46.93 19.23
N GLU S 332 8.57 47.61 18.09
CA GLU S 332 7.30 47.61 17.38
C GLU S 332 7.04 46.34 16.58
N THR S 333 8.05 45.51 16.34
CA THR S 333 7.80 44.25 15.66
C THR S 333 7.29 43.18 16.60
N HIS S 334 7.83 43.10 17.81
CA HIS S 334 7.48 41.97 18.66
C HIS S 334 6.53 42.32 19.78
N TYR S 335 6.32 43.60 20.07
CA TYR S 335 5.65 43.96 21.31
C TYR S 335 4.46 44.88 21.15
N LEU S 336 4.42 45.72 20.11
CA LEU S 336 3.34 46.69 20.06
C LEU S 336 2.08 46.15 19.41
N ASN S 337 2.16 45.09 18.62
CA ASN S 337 0.94 44.56 18.03
C ASN S 337 0.30 43.49 18.90
N GLU S 338 1.06 42.87 19.79
CA GLU S 338 0.48 41.91 20.72
C GLU S 338 -0.29 42.60 21.83
N GLN S 339 0.19 43.75 22.30
CA GLN S 339 -0.52 44.47 23.34
C GLN S 339 -1.86 44.99 22.85
N VAL S 340 -1.93 45.45 21.59
CA VAL S 340 -3.17 45.94 21.04
C VAL S 340 -4.21 44.83 20.96
N LYS S 341 -3.79 43.63 20.52
CA LYS S 341 -4.69 42.51 20.44
C LYS S 341 -5.12 42.01 21.81
N ALA S 342 -4.21 41.97 22.78
CA ALA S 342 -4.56 41.61 24.14
C ALA S 342 -5.58 42.57 24.74
N ILE S 343 -5.40 43.88 24.57
CA ILE S 343 -6.34 44.84 25.12
C ILE S 343 -7.69 44.73 24.45
N LYS S 344 -7.72 44.55 23.12
CA LYS S 344 -8.99 44.37 22.44
C LYS S 344 -9.73 43.14 22.94
N GLU S 345 -9.03 42.03 23.08
CA GLU S 345 -9.67 40.79 23.51
C GLU S 345 -10.17 40.87 24.94
N LEU S 346 -9.39 41.45 25.84
CA LEU S 346 -9.82 41.53 27.23
C LEU S 346 -10.97 42.51 27.42
N GLY S 347 -11.03 43.58 26.65
CA GLY S 347 -12.20 44.44 26.69
C GLY S 347 -13.44 43.77 26.13
N ASP S 348 -13.27 42.93 25.10
CA ASP S 348 -14.39 42.12 24.62
C ASP S 348 -14.93 41.21 25.70
N HIS S 349 -14.04 40.49 26.39
CA HIS S 349 -14.46 39.62 27.49
C HIS S 349 -15.21 40.39 28.55
N VAL S 350 -14.72 41.58 28.92
CA VAL S 350 -15.38 42.34 29.97
C VAL S 350 -16.77 42.79 29.55
N THR S 351 -16.94 43.28 28.32
CA THR S 351 -18.29 43.68 27.95
C THR S 351 -19.24 42.50 27.78
N ASN S 352 -18.76 41.36 27.28
CA ASN S 352 -19.61 40.19 27.23
C ASN S 352 -20.07 39.78 28.61
N LEU S 353 -19.15 39.67 29.56
CA LEU S 353 -19.52 39.30 30.92
C LEU S 353 -20.48 40.30 31.54
N ARG S 354 -20.26 41.59 31.31
CA ARG S 354 -21.15 42.58 31.91
C ARG S 354 -22.55 42.53 31.31
N LYS S 355 -22.66 42.27 30.01
CA LYS S 355 -23.98 42.19 29.39
C LYS S 355 -24.73 40.95 29.81
N MET S 356 -24.05 39.79 29.84
CA MET S 356 -24.71 38.56 30.30
C MET S 356 -25.28 38.67 31.70
N GLY S 357 -24.79 39.59 32.52
CA GLY S 357 -25.36 39.83 33.84
C GLY S 357 -24.44 39.55 35.01
N ALA S 358 -23.17 39.24 34.79
CA ALA S 358 -22.26 39.00 35.89
C ALA S 358 -21.96 40.30 36.62
N PRO S 359 -21.46 40.24 37.86
CA PRO S 359 -21.12 39.10 38.72
C PRO S 359 -22.28 38.65 39.57
N GLU S 360 -23.34 39.45 39.61
CA GLU S 360 -24.52 39.15 40.40
C GLU S 360 -25.34 38.00 39.82
N SER S 361 -24.82 37.32 38.80
CA SER S 361 -25.52 36.20 38.19
C SER S 361 -24.58 35.02 38.05
N GLY S 362 -24.81 33.98 38.85
CA GLY S 362 -24.42 32.66 38.43
C GLY S 362 -25.27 32.22 37.26
N LEU S 363 -24.70 31.33 36.44
CA LEU S 363 -25.19 30.96 35.12
C LEU S 363 -24.78 32.00 34.08
N ALA S 364 -24.12 33.07 34.50
CA ALA S 364 -23.49 33.96 33.54
C ALA S 364 -22.02 33.59 33.38
N GLU S 365 -21.33 33.46 34.51
CA GLU S 365 -19.93 33.04 34.46
C GLU S 365 -19.82 31.55 34.15
N TYR S 366 -20.78 30.74 34.57
CA TYR S 366 -20.77 29.33 34.18
C TYR S 366 -20.84 29.19 32.66
N LEU S 367 -21.77 29.89 32.03
CA LEU S 367 -21.94 29.74 30.58
C LEU S 367 -20.87 30.48 29.80
N PHE S 368 -20.34 31.58 30.31
CA PHE S 368 -19.16 32.19 29.71
C PHE S 368 -17.99 31.22 29.72
N ASP S 369 -17.71 30.63 30.89
CA ASP S 369 -16.65 29.64 31.03
C ASP S 369 -16.83 28.47 30.08
N LYS S 370 -18.08 28.06 29.86
CA LYS S 370 -18.33 26.92 28.98
C LYS S 370 -18.18 27.27 27.51
N HIS S 371 -18.71 28.40 27.08
CA HIS S 371 -18.89 28.70 25.66
C HIS S 371 -17.77 29.54 25.06
N THR S 372 -17.21 30.47 25.82
CA THR S 372 -16.21 31.38 25.26
C THR S 372 -14.80 30.93 25.58
N LEU S 373 -14.58 30.44 26.79
CA LEU S 373 -13.24 30.07 27.22
C LEU S 373 -12.92 28.60 26.99
N GLY S 374 -13.90 27.82 26.54
CA GLY S 374 -13.68 26.41 26.30
C GLY S 374 -14.44 25.86 25.13
N SER T 2 55.78 87.54 23.34
CA SER T 2 55.40 87.41 21.94
C SER T 2 56.31 86.43 21.20
N LYS T 3 57.62 86.57 21.38
CA LYS T 3 58.56 85.75 20.62
C LYS T 3 58.72 84.37 21.24
N GLY T 4 58.78 84.27 22.56
CA GLY T 4 59.09 83.00 23.20
C GLY T 4 58.11 81.90 22.87
N GLU T 5 56.88 82.26 22.53
CA GLU T 5 55.87 81.25 22.21
C GLU T 5 55.86 80.86 20.74
N GLU T 6 56.45 81.68 19.88
CA GLU T 6 56.40 81.43 18.44
C GLU T 6 57.29 80.26 18.03
N LEU T 7 58.40 80.06 18.73
CA LEU T 7 59.45 79.14 18.29
C LEU T 7 59.01 77.69 18.22
N PHE T 8 57.76 77.37 18.56
CA PHE T 8 57.25 76.00 18.52
C PHE T 8 56.03 75.87 17.61
N THR T 9 56.01 76.62 16.51
CA THR T 9 54.84 76.63 15.63
C THR T 9 54.62 75.29 14.95
N GLY T 10 55.68 74.50 14.77
CA GLY T 10 55.55 73.25 14.04
C GLY T 10 56.35 72.11 14.63
N VAL T 11 56.71 71.15 13.80
CA VAL T 11 57.54 70.03 14.23
C VAL T 11 58.93 70.55 14.58
N VAL T 12 59.64 69.83 15.45
CA VAL T 12 61.00 70.17 15.84
C VAL T 12 61.80 68.88 15.89
N PRO T 13 62.84 68.73 15.07
CA PRO T 13 63.75 67.60 15.23
C PRO T 13 64.63 67.78 16.47
N ILE T 14 65.00 66.65 17.07
CA ILE T 14 65.70 66.65 18.34
C ILE T 14 66.97 65.81 18.22
N LEU T 15 68.00 66.20 18.96
CA LEU T 15 69.25 65.48 19.06
C LEU T 15 69.71 65.55 20.51
N VAL T 16 69.65 64.43 21.22
CA VAL T 16 69.87 64.43 22.66
C VAL T 16 71.13 63.63 22.98
N GLU T 17 72.12 64.30 23.56
CA GLU T 17 73.37 63.66 23.94
C GLU T 17 73.50 63.72 25.46
N LEU T 18 73.84 62.57 26.05
CA LEU T 18 74.00 62.45 27.48
C LEU T 18 75.28 61.68 27.78
N ASP T 19 76.16 62.28 28.57
CA ASP T 19 77.42 61.65 28.95
C ASP T 19 77.46 61.49 30.45
N GLY T 20 77.51 60.25 30.91
CA GLY T 20 77.36 59.95 32.33
C GLY T 20 78.47 59.08 32.87
N ASP T 21 78.80 59.31 34.14
CA ASP T 21 79.74 58.49 34.90
C ASP T 21 79.05 57.95 36.14
N VAL T 22 78.90 56.63 36.21
CA VAL T 22 78.24 55.96 37.33
C VAL T 22 79.12 54.81 37.80
N ASN T 23 79.86 55.03 38.88
CA ASN T 23 80.64 53.98 39.56
C ASN T 23 81.57 53.25 38.58
N GLY T 24 82.43 54.01 37.92
CA GLY T 24 83.36 53.47 36.96
C GLY T 24 82.74 53.18 35.60
N HIS T 25 81.43 53.34 35.47
CA HIS T 25 80.75 53.09 34.20
C HIS T 25 80.60 54.41 33.45
N LYS T 26 81.37 54.59 32.39
CA LYS T 26 81.19 55.72 31.50
C LYS T 26 80.22 55.34 30.39
N PHE T 27 79.36 56.28 30.01
CA PHE T 27 78.41 55.99 28.94
C PHE T 27 78.05 57.27 28.21
N SER T 28 77.86 57.12 26.90
CA SER T 28 77.30 58.15 26.03
C SER T 28 75.99 57.63 25.46
N VAL T 29 75.00 58.50 25.39
CA VAL T 29 73.68 58.16 24.88
C VAL T 29 73.30 59.21 23.85
N ARG T 30 72.87 58.75 22.68
CA ARG T 30 72.31 59.62 21.65
C ARG T 30 70.86 59.22 21.37
N GLY T 31 70.00 60.21 21.34
CA GLY T 31 68.60 60.01 21.04
C GLY T 31 68.11 60.88 19.90
N GLU T 32 67.34 60.27 19.01
CA GLU T 32 66.88 60.90 17.77
C GLU T 32 65.37 60.79 17.68
N GLY T 33 64.73 61.89 17.32
CA GLY T 33 63.29 61.90 17.15
C GLY T 33 62.78 63.30 16.87
N GLU T 34 61.48 63.49 17.07
CA GLU T 34 60.84 64.78 16.81
C GLU T 34 59.75 65.07 17.82
N GLY T 35 59.43 66.35 17.94
CA GLY T 35 58.39 66.77 18.88
C GLY T 35 57.53 67.93 18.40
N ASP T 36 56.34 68.05 18.98
CA ASP T 36 55.44 69.17 18.72
C ASP T 36 54.88 69.63 20.06
N ALA T 37 54.93 70.95 20.28
CA ALA T 37 54.37 71.55 21.48
C ALA T 37 52.88 71.78 21.39
N THR T 38 52.34 71.94 20.18
CA THR T 38 50.91 72.20 20.03
C THR T 38 50.06 71.10 20.65
N ASN T 39 50.52 69.86 20.61
CA ASN T 39 49.80 68.74 21.21
C ASN T 39 50.59 68.09 22.34
N GLY T 40 51.69 68.71 22.77
CA GLY T 40 52.51 68.13 23.82
C GLY T 40 53.01 66.75 23.52
N LYS T 41 53.32 66.47 22.25
CA LYS T 41 53.67 65.13 21.82
C LYS T 41 55.16 65.05 21.50
N LEU T 42 55.81 63.99 21.97
CA LEU T 42 57.22 63.75 21.70
C LEU T 42 57.39 62.30 21.28
N THR T 43 58.28 62.05 20.32
CA THR T 43 58.45 60.71 19.78
C THR T 43 59.93 60.50 19.46
N LEU T 44 60.61 59.66 20.25
CA LEU T 44 62.06 59.56 20.21
C LEU T 44 62.50 58.10 20.21
N LYS T 45 63.78 57.91 19.90
CA LYS T 45 64.44 56.61 19.93
C LYS T 45 65.87 56.81 20.39
N PHE T 46 66.22 56.17 21.50
CA PHE T 46 67.53 56.31 22.13
C PHE T 46 68.36 55.07 21.88
N ILE T 47 69.67 55.26 21.68
CA ILE T 47 70.59 54.16 21.43
C ILE T 47 71.92 54.48 22.08
N CYS T 48 72.56 53.47 22.67
CA CYS T 48 73.85 53.64 23.33
C CYS T 48 74.95 53.00 22.49
N THR T 49 75.84 53.82 21.97
CA THR T 49 76.98 53.33 21.21
C THR T 49 78.13 52.87 22.10
N THR T 50 77.86 52.64 23.40
CA THR T 50 78.86 52.24 24.37
C THR T 50 78.59 50.83 24.89
N GLY T 51 78.12 49.94 24.03
CA GLY T 51 77.92 48.55 24.41
C GLY T 51 76.82 48.36 25.45
N LYS T 52 76.84 47.20 26.09
CA LYS T 52 75.83 46.87 27.10
C LYS T 52 75.98 47.79 28.29
N LEU T 53 74.87 48.25 28.84
CA LEU T 53 74.91 49.20 29.93
C LEU T 53 74.44 48.52 31.21
N PRO T 54 75.04 48.82 32.38
CA PRO T 54 74.65 48.12 33.61
C PRO T 54 73.31 48.56 34.20
N VAL T 55 72.89 49.80 34.01
CA VAL T 55 71.65 50.31 34.59
C VAL T 55 70.51 50.01 33.63
N PRO T 56 69.33 49.63 34.12
CA PRO T 56 68.24 49.29 33.21
C PRO T 56 67.79 50.51 32.42
N TRP T 57 67.20 50.25 31.26
CA TRP T 57 66.65 51.34 30.46
C TRP T 57 65.61 52.17 31.20
N PRO T 58 64.67 51.61 31.98
CA PRO T 58 63.71 52.46 32.70
C PRO T 58 64.34 53.55 33.52
N THR T 59 65.57 53.37 34.01
CA THR T 59 66.24 54.42 34.75
C THR T 59 66.53 55.62 33.87
N LEU T 60 67.07 55.39 32.69
CA LEU T 60 67.48 56.46 31.78
C LEU T 60 66.31 57.23 31.21
N VAL T 61 65.07 56.75 31.40
CA VAL T 61 63.92 57.38 30.78
C VAL T 61 63.64 58.73 31.41
N THR T 62 63.59 58.78 32.74
CA THR T 62 63.28 60.04 33.42
C THR T 62 64.31 61.12 33.16
N THR T 63 65.54 60.70 32.92
CA THR T 63 66.65 61.67 32.75
C THR T 63 67.04 61.76 31.30
N LEU T 64 66.11 62.13 30.43
CA LEU T 64 66.44 62.35 29.00
C LEU T 64 65.40 63.32 28.42
N VAL T 66 62.63 67.53 28.05
CA VAL T 66 62.40 68.60 27.12
C VAL T 66 61.00 69.15 27.34
N GLN T 67 60.73 69.53 28.58
CA GLN T 67 59.36 69.99 28.94
C GLN T 67 59.01 71.18 28.05
N CYS T 68 60.00 71.73 27.38
CA CYS T 68 59.71 72.83 26.42
C CYS T 68 58.72 72.30 25.37
N PHE T 69 58.33 71.03 25.44
CA PHE T 69 57.43 70.57 24.39
C PHE T 69 56.03 70.27 24.89
N SER T 70 55.75 70.57 26.16
CA SER T 70 54.49 70.19 26.77
C SER T 70 53.34 71.03 26.23
N ARG T 71 52.17 70.42 26.13
CA ARG T 71 51.00 71.10 25.58
C ARG T 71 50.49 72.14 26.56
N TYR T 72 50.46 73.39 26.13
CA TYR T 72 50.07 74.49 26.99
C TYR T 72 48.83 75.17 26.45
N PRO T 73 47.78 75.30 27.25
CA PRO T 73 46.53 75.89 26.74
C PRO T 73 46.59 77.40 26.65
N ASP T 74 45.57 78.01 26.04
CA ASP T 74 45.57 79.45 25.86
C ASP T 74 45.29 80.16 27.19
N HIS T 75 44.72 79.45 28.16
CA HIS T 75 44.56 80.13 29.44
C HIS T 75 45.84 80.16 30.25
N MET T 76 46.78 79.22 30.10
CA MET T 76 48.10 79.33 30.70
C MET T 76 49.13 79.90 29.74
N LYS T 77 48.73 80.81 28.85
CA LYS T 77 49.71 81.52 28.04
C LYS T 77 50.59 82.43 28.87
N ARG T 78 50.18 82.74 30.10
CA ARG T 78 50.93 83.63 30.97
C ARG T 78 51.76 82.89 32.02
N HIS T 79 51.70 81.55 32.04
CA HIS T 79 52.42 80.76 33.02
C HIS T 79 53.29 79.71 32.35
N ASP T 80 53.86 80.04 31.20
CA ASP T 80 54.75 79.15 30.45
C ASP T 80 56.17 79.70 30.57
N PHE T 81 56.87 79.28 31.63
CA PHE T 81 58.23 79.77 31.85
C PHE T 81 59.19 79.27 30.77
N PHE T 82 59.03 78.03 30.32
CA PHE T 82 59.96 77.47 29.35
C PHE T 82 59.82 78.16 28.00
N LYS T 83 58.68 78.77 27.72
CA LYS T 83 58.43 79.33 26.41
C LYS T 83 59.12 80.69 26.22
N SER T 84 58.85 81.65 27.11
CA SER T 84 59.31 83.03 26.92
C SER T 84 60.80 83.11 26.61
N ALA T 85 61.58 82.07 26.93
CA ALA T 85 63.02 82.07 26.73
C ALA T 85 63.46 81.39 25.44
N MET T 86 62.73 81.55 24.34
CA MET T 86 63.17 80.95 23.09
C MET T 86 63.38 82.02 22.03
N PRO T 87 64.52 81.99 21.31
CA PRO T 87 65.60 81.00 21.38
C PRO T 87 66.62 81.28 22.47
N GLU T 88 66.25 82.11 23.44
CA GLU T 88 67.10 82.37 24.60
C GLU T 88 67.62 81.08 25.21
N GLY T 89 66.76 80.09 25.35
CA GLY T 89 67.14 78.82 25.95
C GLY T 89 67.25 78.94 27.45
N TYR T 90 67.75 77.86 28.06
CA TYR T 90 67.92 77.84 29.51
C TYR T 90 68.75 76.63 29.91
N VAL T 91 69.04 76.54 31.20
CA VAL T 91 69.78 75.43 31.77
C VAL T 91 68.99 74.91 32.96
N GLN T 92 69.22 73.65 33.31
CA GLN T 92 68.60 73.03 34.47
C GLN T 92 69.56 72.06 35.16
N GLU T 93 69.60 72.18 36.49
CA GLU T 93 70.38 71.27 37.31
C GLU T 93 69.43 70.37 38.09
N ARG T 94 69.54 69.06 37.86
CA ARG T 94 68.63 68.07 38.40
C ARG T 94 69.36 67.14 39.35
N THR T 95 68.71 66.80 40.46
CA THR T 95 69.16 65.76 41.36
C THR T 95 68.06 64.72 41.47
N ILE T 96 68.39 63.47 41.20
CA ILE T 96 67.43 62.37 41.37
C ILE T 96 67.94 61.49 42.49
N SER T 97 67.04 61.15 43.41
CA SER T 97 67.38 60.44 44.64
C SER T 97 66.58 59.15 44.69
N PHE T 98 67.27 58.02 44.57
CA PHE T 98 66.66 56.72 44.75
C PHE T 98 66.50 56.43 46.23
N LYS T 99 65.39 55.80 46.59
CA LYS T 99 65.28 55.23 47.93
C LYS T 99 65.86 53.83 47.92
N ASP T 100 66.60 53.49 48.97
CA ASP T 100 67.27 52.19 49.12
C ASP T 100 68.42 52.05 48.13
N ASP T 101 68.96 53.17 47.65
CA ASP T 101 70.20 53.23 46.88
C ASP T 101 70.61 54.69 46.74
N GLY T 102 71.68 54.93 45.97
CA GLY T 102 72.35 56.22 45.88
C GLY T 102 71.64 57.27 45.05
N THR T 103 72.40 58.14 44.38
CA THR T 103 71.82 59.32 43.75
C THR T 103 72.49 59.64 42.43
N TYR T 104 71.87 60.58 41.70
CA TYR T 104 72.38 61.13 40.44
C TYR T 104 72.34 62.65 40.48
N LYS T 105 73.45 63.28 40.07
CA LYS T 105 73.56 64.72 39.86
C LYS T 105 73.74 64.97 38.38
N THR T 106 72.86 65.75 37.77
CA THR T 106 72.81 65.83 36.32
C THR T 106 72.55 67.26 35.86
N ARG T 107 73.51 67.80 35.11
CA ARG T 107 73.42 69.13 34.53
C ARG T 107 72.95 69.02 33.09
N ALA T 108 72.10 69.95 32.66
CA ALA T 108 71.59 69.92 31.29
C ALA T 108 71.43 71.33 30.76
N GLU T 109 71.83 71.53 29.50
CA GLU T 109 71.67 72.82 28.85
C GLU T 109 70.79 72.62 27.62
N VAL T 110 69.64 73.33 27.59
CA VAL T 110 68.65 73.16 26.53
C VAL T 110 68.51 74.47 25.77
N LYS T 111 68.46 74.38 24.44
CA LYS T 111 68.41 75.53 23.56
C LYS T 111 67.95 75.09 22.18
N PHE T 112 67.84 76.06 21.29
CA PHE T 112 67.75 75.80 19.85
C PHE T 112 69.11 76.02 19.20
N GLU T 113 69.46 75.13 18.28
CA GLU T 113 70.68 75.24 17.48
C GLU T 113 70.21 75.27 16.04
N GLY T 114 70.25 76.45 15.43
CA GLY T 114 69.56 76.64 14.17
C GLY T 114 68.07 76.55 14.39
N ASP T 115 67.48 75.44 13.96
CA ASP T 115 66.11 75.08 14.32
C ASP T 115 66.02 73.67 14.89
N THR T 116 67.15 73.02 15.11
CA THR T 116 67.21 71.68 15.71
C THR T 116 67.34 71.83 17.22
N LEU T 117 66.55 71.09 17.98
CA LEU T 117 66.69 71.13 19.43
C LEU T 117 67.74 70.12 19.86
N VAL T 118 68.92 70.61 20.23
CA VAL T 118 70.01 69.78 20.71
C VAL T 118 70.12 69.93 22.22
N ASN T 119 70.25 68.81 22.90
CA ASN T 119 70.21 68.78 24.36
C ASN T 119 71.45 68.08 24.89
N ARG T 120 72.36 68.87 25.47
CA ARG T 120 73.61 68.36 26.03
C ARG T 120 73.46 68.19 27.53
N ILE T 121 73.67 66.96 28.01
CA ILE T 121 73.47 66.61 29.41
C ILE T 121 74.69 65.87 29.92
N GLU T 122 75.13 66.21 31.12
CA GLU T 122 76.26 65.57 31.79
C GLU T 122 75.77 65.02 33.12
N LEU T 123 76.17 63.79 33.43
CA LEU T 123 75.60 63.04 34.53
C LEU T 123 76.68 62.42 35.40
N LYS T 124 76.48 62.48 36.72
CA LYS T 124 77.35 61.86 37.70
C LYS T 124 76.49 61.09 38.68
N GLY T 125 76.48 59.77 38.58
CA GLY T 125 75.67 58.97 39.48
C GLY T 125 76.50 58.10 40.39
N ILE T 126 76.34 58.22 41.71
CA ILE T 126 77.21 57.51 42.63
C ILE T 126 76.38 57.01 43.81
N ASP T 127 77.08 56.33 44.74
CA ASP T 127 76.58 55.94 46.07
C ASP T 127 75.65 54.73 46.01
N PHE T 128 75.87 53.84 45.05
CA PHE T 128 75.02 52.67 44.86
C PHE T 128 75.72 51.39 45.30
N LYS T 129 74.93 50.39 45.66
CA LYS T 129 75.44 49.04 45.81
C LYS T 129 75.29 48.31 44.47
N GLU T 130 76.39 47.74 43.99
CA GLU T 130 76.45 47.25 42.62
C GLU T 130 75.95 45.82 42.46
N ASP T 131 75.47 45.20 43.54
CA ASP T 131 74.72 43.95 43.45
C ASP T 131 73.29 44.13 43.91
N GLY T 132 72.70 45.30 43.66
CA GLY T 132 71.36 45.60 44.11
C GLY T 132 70.30 45.28 43.08
N ASN T 133 69.13 45.89 43.26
CA ASN T 133 67.99 45.67 42.39
C ASN T 133 67.70 46.85 41.48
N ILE T 134 67.71 48.07 42.03
CA ILE T 134 67.44 49.26 41.23
C ILE T 134 68.37 49.31 40.02
N LEU T 135 69.63 48.94 40.20
CA LEU T 135 70.58 48.92 39.09
C LEU T 135 70.85 47.52 38.57
N GLY T 136 70.70 46.49 39.40
CA GLY T 136 71.09 45.15 39.04
C GLY T 136 70.11 44.41 38.16
N HIS T 137 69.25 45.15 37.45
CA HIS T 137 68.29 44.60 36.50
C HIS T 137 67.35 43.60 37.20
N LYS T 138 66.63 44.12 38.20
CA LYS T 138 65.54 43.40 38.82
C LYS T 138 64.20 44.08 38.60
N LEU T 139 64.21 45.35 38.20
CA LEU T 139 63.01 46.14 38.05
C LEU T 139 62.34 45.84 36.72
N GLU T 140 61.05 46.16 36.62
CA GLU T 140 60.24 45.75 35.48
C GLU T 140 60.30 46.78 34.36
N TYR T 141 60.34 46.26 33.12
CA TYR T 141 60.37 47.09 31.91
C TYR T 141 58.96 47.57 31.64
N ASN T 142 58.61 48.72 32.24
CA ASN T 142 57.31 49.33 32.08
C ASN T 142 57.42 50.82 32.38
N PHE T 143 56.27 51.45 32.58
CA PHE T 143 56.21 52.84 32.97
C PHE T 143 54.80 53.14 33.45
N ASN T 144 54.61 54.31 34.06
CA ASN T 144 53.33 54.73 34.61
C ASN T 144 53.14 56.23 34.41
N SER T 145 51.91 56.69 34.62
CA SER T 145 51.57 58.10 34.46
C SER T 145 52.04 58.89 35.67
N HIS T 146 52.64 60.06 35.41
CA HIS T 146 53.25 60.82 36.48
C HIS T 146 52.90 62.29 36.37
N ASN T 147 53.30 63.04 37.40
CA ASN T 147 53.05 64.47 37.49
C ASN T 147 54.30 65.19 37.97
N VAL T 148 54.43 66.45 37.56
CA VAL T 148 55.55 67.31 37.94
C VAL T 148 54.96 68.56 38.57
N TYR T 149 55.52 69.01 39.69
CA TYR T 149 55.12 70.27 40.30
C TYR T 149 56.16 71.34 39.96
N ILE T 150 55.72 72.39 39.29
CA ILE T 150 56.60 73.52 38.97
C ILE T 150 56.21 74.70 39.85
N THR T 151 57.22 75.34 40.43
CA THR T 151 57.06 76.44 41.36
C THR T 151 57.92 77.61 40.91
N ALA T 152 57.35 78.81 40.98
CA ALA T 152 58.11 80.01 40.67
C ALA T 152 59.27 80.17 41.65
N ASP T 153 60.36 80.76 41.18
CA ASP T 153 61.56 80.95 42.01
C ASP T 153 62.15 82.30 41.62
N LYS T 154 61.73 83.35 42.34
CA LYS T 154 62.22 84.69 42.03
C LYS T 154 63.69 84.87 42.39
N GLN T 155 64.21 84.03 43.29
CA GLN T 155 65.63 84.09 43.63
C GLN T 155 66.50 83.82 42.41
N LYS T 156 66.13 82.85 41.59
CA LYS T 156 66.78 82.61 40.31
C LYS T 156 65.96 83.10 39.15
N ASN T 157 64.95 83.95 39.41
CA ASN T 157 63.98 84.48 38.45
C ASN T 157 63.57 83.42 37.41
N GLY T 158 63.53 82.17 37.86
CA GLY T 158 63.17 81.04 37.04
C GLY T 158 62.21 80.14 37.80
N ILE T 159 62.45 78.83 37.81
CA ILE T 159 61.55 77.94 38.53
C ILE T 159 62.31 76.80 39.18
N LYS T 160 61.65 76.13 40.10
CA LYS T 160 62.06 74.84 40.61
C LYS T 160 61.01 73.81 40.18
N ALA T 161 61.48 72.59 39.91
CA ALA T 161 60.58 71.50 39.55
C ALA T 161 60.86 70.32 40.45
N ASN T 162 59.82 69.86 41.14
CA ASN T 162 59.92 68.74 42.06
C ASN T 162 58.87 67.70 41.69
N PHE T 163 59.26 66.43 41.77
CA PHE T 163 58.31 65.36 41.48
C PHE T 163 58.84 64.05 42.02
N LYS T 164 57.97 63.04 41.99
CA LYS T 164 58.30 61.73 42.55
C LYS T 164 57.86 60.67 41.56
N ILE T 165 58.76 59.74 41.26
CA ILE T 165 58.49 58.67 40.31
C ILE T 165 58.49 57.34 41.05
N ARG T 166 57.57 56.47 40.67
CA ARG T 166 57.45 55.14 41.26
C ARG T 166 57.67 54.10 40.17
N HIS T 167 58.76 53.36 40.26
CA HIS T 167 59.08 52.30 39.33
C HIS T 167 58.80 50.96 39.98
N ASN T 168 57.82 50.23 39.44
CA ASN T 168 57.46 48.93 40.00
C ASN T 168 58.50 47.89 39.64
N VAL T 169 58.77 47.00 40.59
CA VAL T 169 59.74 45.93 40.40
C VAL T 169 58.96 44.67 40.00
N GLU T 170 59.67 43.71 39.41
CA GLU T 170 59.02 42.52 38.87
C GLU T 170 58.35 41.69 39.96
N ASP T 171 58.52 42.08 41.23
CA ASP T 171 57.89 41.38 42.34
C ASP T 171 57.00 42.31 43.17
N GLY T 172 56.27 43.20 42.51
CA GLY T 172 55.28 44.04 43.16
C GLY T 172 55.84 45.26 43.87
N SER T 173 57.06 45.17 44.39
CA SER T 173 57.62 46.30 45.12
C SER T 173 57.90 47.47 44.17
N VAL T 174 58.03 48.65 44.75
CA VAL T 174 58.19 49.89 44.00
C VAL T 174 59.39 50.64 44.53
N GLN T 175 60.01 51.44 43.67
CA GLN T 175 61.10 52.32 44.03
C GLN T 175 60.64 53.75 43.79
N LEU T 176 60.75 54.60 44.81
CA LEU T 176 60.29 55.98 44.73
C LEU T 176 61.49 56.93 44.63
N ALA T 177 61.79 57.37 43.42
CA ALA T 177 62.87 58.32 43.17
C ALA T 177 62.30 59.73 43.22
N ASP T 178 62.88 60.55 44.09
CA ASP T 178 62.48 61.95 44.23
C ASP T 178 63.41 62.83 43.39
N HIS T 179 62.82 63.69 42.57
CA HIS T 179 63.57 64.50 41.63
C HIS T 179 63.38 65.97 41.95
N TYR T 180 64.50 66.69 42.08
CA TYR T 180 64.55 68.14 42.16
C TYR T 180 65.26 68.66 40.93
N GLN T 181 64.92 69.88 40.51
CA GLN T 181 65.72 70.54 39.49
C GLN T 181 65.48 72.03 39.51
N GLN T 182 66.54 72.80 39.26
CA GLN T 182 66.51 74.24 39.15
C GLN T 182 66.57 74.62 37.67
N ASN T 183 65.60 75.41 37.22
CA ASN T 183 65.51 75.86 35.84
C ASN T 183 65.75 77.36 35.79
N THR T 184 66.78 77.76 35.03
CA THR T 184 67.18 79.17 34.94
C THR T 184 67.51 79.55 33.51
N PRO T 185 67.03 80.69 33.04
CA PRO T 185 67.33 81.10 31.67
C PRO T 185 68.68 81.79 31.56
N ILE T 186 69.29 81.67 30.39
CA ILE T 186 70.62 82.23 30.18
C ILE T 186 70.58 83.76 30.06
N GLY T 187 69.50 84.32 29.52
CA GLY T 187 69.45 85.75 29.31
C GLY T 187 68.74 86.48 30.43
N ASP T 188 69.04 87.77 30.55
CA ASP T 188 68.47 88.63 31.56
C ASP T 188 67.10 89.18 31.18
N GLY T 189 66.55 88.76 30.05
CA GLY T 189 65.29 89.28 29.58
C GLY T 189 64.12 88.92 30.47
N PRO T 190 62.95 89.46 30.16
CA PRO T 190 61.76 89.15 30.95
C PRO T 190 61.15 87.81 30.56
N VAL T 191 61.13 86.89 31.52
CA VAL T 191 60.57 85.56 31.33
C VAL T 191 59.28 85.47 32.13
N LEU T 192 58.27 84.89 31.50
CA LEU T 192 56.92 84.81 32.06
C LEU T 192 56.96 83.95 33.32
N LEU T 193 56.31 84.42 34.38
CA LEU T 193 56.44 83.80 35.68
C LEU T 193 55.24 82.91 35.98
N PRO T 194 55.40 81.60 36.02
CA PRO T 194 54.29 80.71 36.36
C PRO T 194 54.19 80.47 37.86
N ASP T 195 52.96 80.59 38.36
CA ASP T 195 52.70 80.16 39.72
C ASP T 195 52.79 78.63 39.79
N ASN T 196 52.87 78.12 41.02
CA ASN T 196 53.04 76.68 41.23
C ASN T 196 51.83 75.94 40.69
N HIS T 197 52.06 75.01 39.77
CA HIS T 197 51.00 74.14 39.30
C HIS T 197 51.63 72.82 38.84
N TYR T 198 50.84 71.98 38.18
CA TYR T 198 51.26 70.61 37.93
C TYR T 198 51.30 70.34 36.43
N LEU T 199 51.84 69.18 36.09
CA LEU T 199 52.05 68.77 34.72
C LEU T 199 51.98 67.26 34.62
N SER T 200 50.99 66.76 33.89
CA SER T 200 50.77 65.33 33.73
C SER T 200 51.55 64.83 32.53
N THR T 201 52.02 63.58 32.63
CA THR T 201 52.90 62.98 31.64
C THR T 201 52.60 61.50 31.51
N GLN T 202 52.51 61.03 30.26
CA GLN T 202 52.36 59.62 29.95
C GLN T 202 53.38 59.25 28.88
N SER T 203 53.80 57.99 28.88
CA SER T 203 54.76 57.54 27.87
C SER T 203 54.67 56.04 27.70
N ALA T 204 55.28 55.55 26.62
CA ALA T 204 55.27 54.15 26.27
C ALA T 204 56.60 53.78 25.63
N LEU T 205 57.09 52.60 26.01
CA LEU T 205 58.41 52.09 25.67
C LEU T 205 58.26 50.84 24.81
N SER T 206 59.13 50.71 23.81
CA SER T 206 59.07 49.59 22.89
C SER T 206 60.42 49.41 22.21
N LYS T 207 60.48 48.43 21.32
CA LYS T 207 61.70 48.03 20.63
C LYS T 207 61.50 48.11 19.13
N ASP T 208 62.59 48.35 18.41
CA ASP T 208 62.60 48.09 16.98
C ASP T 208 62.85 46.59 16.76
N PRO T 209 62.16 45.95 15.81
CA PRO T 209 62.30 44.50 15.68
C PRO T 209 63.59 44.07 15.00
N ASN T 210 64.24 44.95 14.23
CA ASN T 210 65.37 44.57 13.40
C ASN T 210 66.61 45.44 13.63
N GLU T 211 66.87 45.83 14.87
CA GLU T 211 68.10 46.55 15.22
C GLU T 211 68.90 45.75 16.23
N LYS T 212 70.17 45.51 15.93
CA LYS T 212 70.99 44.61 16.72
C LYS T 212 71.73 45.30 17.86
N ARG T 213 71.69 46.63 17.91
CA ARG T 213 72.29 47.34 19.03
C ARG T 213 71.35 47.33 20.23
N ASP T 214 71.73 48.10 21.25
CA ASP T 214 70.79 48.36 22.34
C ASP T 214 69.95 49.60 22.02
N HIS T 215 68.64 49.39 21.88
CA HIS T 215 67.76 50.46 21.46
C HIS T 215 66.62 50.58 22.48
N MET T 216 66.00 51.76 22.48
CA MET T 216 64.84 51.99 23.32
C MET T 216 63.99 53.05 22.65
N VAL T 217 62.84 52.65 22.12
CA VAL T 217 61.92 53.53 21.41
C VAL T 217 60.88 54.00 22.41
N LEU T 218 60.51 55.29 22.37
CA LEU T 218 59.60 55.82 23.37
C LEU T 218 58.78 56.97 22.79
N LEU T 219 57.46 56.90 22.96
CA LEU T 219 56.58 57.98 22.57
C LEU T 219 55.81 58.46 23.79
N GLU T 220 55.50 59.74 23.85
CA GLU T 220 55.04 60.33 25.11
C GLU T 220 54.21 61.58 24.88
N PHE T 221 53.25 61.79 25.78
CA PHE T 221 52.35 62.92 25.76
C PHE T 221 52.45 63.64 27.09
N VAL T 222 52.69 64.95 27.03
CA VAL T 222 52.98 65.75 28.21
C VAL T 222 52.17 67.04 28.14
N THR T 223 51.45 67.36 29.21
CA THR T 223 50.67 68.59 29.21
C THR T 223 50.41 69.03 30.65
N ALA T 224 50.33 70.34 30.83
CA ALA T 224 50.30 70.94 32.16
C ALA T 224 48.91 71.50 32.48
N ALA T 225 48.72 71.79 33.77
CA ALA T 225 47.50 72.42 34.27
C ALA T 225 47.76 72.88 35.69
N GLY T 226 46.70 73.30 36.37
CA GLY T 226 46.76 73.71 37.76
C GLY T 226 45.90 74.91 38.09
N ILE T 227 45.49 75.67 37.11
CA ILE T 227 44.64 76.83 37.33
C ILE T 227 43.21 76.46 36.97
N THR T 228 42.27 76.76 37.86
CA THR T 228 40.86 76.54 37.58
C THR T 228 40.28 77.80 36.97
N HIS T 229 40.55 78.01 35.67
CA HIS T 229 40.16 79.22 34.99
C HIS T 229 38.74 79.11 34.43
N HIS T 230 38.21 80.25 34.01
CA HIS T 230 36.83 80.34 33.55
C HIS T 230 36.57 79.50 32.31
N GLY U 54 18.06 -81.21 13.26
CA GLY U 54 17.15 -80.68 14.27
C GLY U 54 17.79 -80.54 15.63
N LYS U 55 18.56 -81.55 16.03
CA LYS U 55 19.27 -81.56 17.30
C LYS U 55 20.66 -82.17 17.20
N GLU U 56 20.94 -82.95 16.15
CA GLU U 56 22.20 -83.67 16.03
C GLU U 56 23.39 -82.77 15.71
N LEU U 57 23.17 -81.47 15.53
CA LEU U 57 24.30 -80.57 15.22
C LEU U 57 25.03 -80.14 16.48
N LEU U 58 24.33 -80.10 17.61
CA LEU U 58 24.92 -79.49 18.80
C LEU U 58 26.06 -80.34 19.36
N GLU U 59 25.94 -81.66 19.32
CA GLU U 59 27.00 -82.50 19.85
C GLU U 59 28.24 -82.42 18.97
N ALA U 60 28.03 -82.20 17.66
CA ALA U 60 29.17 -82.01 16.76
C ALA U 60 29.83 -80.67 16.98
N ALA U 61 29.04 -79.64 17.32
CA ALA U 61 29.63 -78.36 17.71
C ALA U 61 30.43 -78.51 19.00
N ARG U 62 29.90 -79.27 19.95
CA ARG U 62 30.57 -79.46 21.23
C ARG U 62 31.87 -80.25 21.07
N ALA U 63 31.86 -81.29 20.25
CA ALA U 63 33.07 -82.07 20.01
C ALA U 63 34.06 -81.34 19.11
N GLY U 64 33.70 -80.17 18.58
CA GLY U 64 34.57 -79.47 17.66
C GLY U 64 34.59 -80.03 16.26
N GLN U 65 33.57 -80.79 15.88
CA GLN U 65 33.50 -81.38 14.54
C GLN U 65 33.07 -80.31 13.54
N ASP U 66 34.02 -79.46 13.18
CA ASP U 66 33.72 -78.35 12.28
C ASP U 66 33.24 -78.85 10.93
N ASP U 67 33.83 -79.93 10.41
CA ASP U 67 33.41 -80.45 9.13
C ASP U 67 32.03 -81.09 9.20
N GLU U 68 31.72 -81.73 10.34
CA GLU U 68 30.40 -82.34 10.46
C GLU U 68 29.30 -81.28 10.52
N VAL U 69 29.47 -80.25 11.36
CA VAL U 69 28.48 -79.18 11.40
C VAL U 69 28.43 -78.45 10.07
N ALA U 70 29.56 -78.39 9.36
CA ALA U 70 29.55 -77.81 8.02
C ALA U 70 28.61 -78.60 7.09
N VAL U 71 28.85 -79.90 6.96
CA VAL U 71 28.08 -80.69 5.98
C VAL U 71 26.63 -80.83 6.44
N LEU U 72 26.38 -80.74 7.74
CA LEU U 72 25.02 -80.91 8.23
C LEU U 72 24.24 -79.59 8.23
N MET U 73 24.93 -78.46 8.23
CA MET U 73 24.27 -77.17 8.07
C MET U 73 24.09 -76.82 6.61
N ALA U 74 24.96 -77.32 5.73
CA ALA U 74 24.70 -77.22 4.29
C ALA U 74 23.34 -77.77 3.96
N ARG U 75 23.06 -78.99 4.43
CA ARG U 75 21.69 -79.51 4.44
C ARG U 75 20.87 -78.73 5.45
N GLY U 76 19.62 -78.46 5.09
CA GLY U 76 18.73 -77.68 5.93
C GLY U 76 18.64 -78.17 7.37
N ALA U 77 19.17 -77.37 8.30
CA ALA U 77 19.22 -77.76 9.70
C ALA U 77 18.86 -76.56 10.56
N GLU U 78 18.51 -76.83 11.81
CA GLU U 78 18.15 -75.77 12.74
C GLU U 78 19.39 -75.01 13.19
N VAL U 79 19.48 -73.73 12.84
CA VAL U 79 20.61 -72.94 13.28
C VAL U 79 20.37 -72.31 14.66
N ASN U 80 19.19 -71.75 14.90
CA ASN U 80 18.87 -71.13 16.18
C ASN U 80 18.21 -72.12 17.14
N ALA U 81 18.86 -73.25 17.35
CA ALA U 81 18.31 -74.32 18.17
C ALA U 81 18.35 -73.93 19.65
N ALA U 82 17.19 -74.01 20.27
CA ALA U 82 17.06 -73.90 21.72
C ALA U 82 17.00 -75.31 22.29
N ASP U 83 17.85 -75.58 23.28
CA ASP U 83 18.05 -76.94 23.74
C ASP U 83 17.48 -77.13 25.14
N ASP U 84 17.78 -78.30 25.70
CA ASP U 84 17.22 -78.77 26.97
C ASP U 84 17.46 -77.82 28.14
N VAL U 85 18.44 -76.92 28.04
CA VAL U 85 18.64 -75.92 29.08
C VAL U 85 18.80 -74.55 28.42
N GLY U 86 18.64 -74.51 27.10
CA GLY U 86 18.65 -73.24 26.39
C GLY U 86 20.00 -72.88 25.82
N VAL U 87 20.83 -73.89 25.57
CA VAL U 87 22.20 -73.70 25.11
C VAL U 87 22.17 -73.88 23.60
N THR U 88 22.36 -72.78 22.88
CA THR U 88 22.41 -72.85 21.42
C THR U 88 23.80 -73.32 20.99
N PRO U 89 23.91 -73.98 19.83
CA PRO U 89 25.24 -74.35 19.31
C PRO U 89 26.27 -73.23 19.35
N LEU U 90 25.85 -71.97 19.28
CA LEU U 90 26.79 -70.88 19.37
C LEU U 90 27.39 -70.78 20.77
N HIS U 91 26.58 -71.01 21.80
CA HIS U 91 27.10 -70.98 23.17
C HIS U 91 28.19 -72.02 23.37
N LEU U 92 27.92 -73.27 22.98
CA LEU U 92 28.90 -74.35 23.10
C LEU U 92 30.08 -74.18 22.17
N ALA U 93 29.89 -73.51 21.03
CA ALA U 93 30.98 -73.20 20.13
C ALA U 93 31.86 -72.08 20.65
N ALA U 94 31.34 -71.25 21.55
CA ALA U 94 32.11 -70.21 22.20
C ALA U 94 32.81 -70.68 23.46
N GLN U 95 32.16 -71.55 24.26
CA GLN U 95 32.80 -72.11 25.45
C GLN U 95 34.14 -72.75 25.09
N ARG U 96 34.11 -73.75 24.22
CA ARG U 96 35.33 -74.27 23.63
C ARG U 96 35.82 -73.29 22.57
N GLY U 97 37.13 -73.31 22.33
CA GLY U 97 37.67 -72.38 21.35
C GLY U 97 37.61 -72.93 19.94
N HIS U 98 36.57 -72.55 19.21
CA HIS U 98 36.33 -73.07 17.86
C HIS U 98 35.84 -71.91 17.00
N LEU U 99 36.78 -71.25 16.33
CA LEU U 99 36.45 -70.10 15.50
C LEU U 99 35.71 -70.47 14.23
N ALA U 100 36.09 -71.58 13.60
CA ALA U 100 35.45 -71.98 12.35
C ALA U 100 33.96 -72.25 12.56
N ILE U 101 33.62 -72.87 13.68
CA ILE U 101 32.22 -73.22 13.91
C ILE U 101 31.39 -71.96 14.14
N VAL U 102 31.90 -71.00 14.90
CA VAL U 102 31.12 -69.78 15.13
C VAL U 102 31.03 -68.96 13.84
N SER U 103 32.05 -69.04 12.99
CA SER U 103 31.97 -68.33 11.72
C SER U 103 30.89 -68.93 10.83
N VAL U 104 30.91 -70.25 10.67
CA VAL U 104 29.92 -70.89 9.80
C VAL U 104 28.53 -70.87 10.43
N LEU U 105 28.45 -70.62 11.73
CA LEU U 105 27.14 -70.46 12.35
C LEU U 105 26.60 -69.05 12.19
N LEU U 106 27.46 -68.04 12.35
CA LEU U 106 27.05 -66.67 12.09
C LEU U 106 26.61 -66.48 10.65
N ALA U 107 27.39 -67.03 9.70
CA ALA U 107 27.03 -66.88 8.29
C ALA U 107 25.66 -67.48 8.00
N PHE U 108 25.29 -68.54 8.70
CA PHE U 108 24.01 -69.18 8.47
C PHE U 108 22.87 -68.58 9.30
N GLY U 109 23.10 -67.47 9.99
CA GLY U 109 22.00 -66.78 10.63
C GLY U 109 21.77 -67.13 12.08
N ALA U 110 22.84 -67.13 12.88
CA ALA U 110 22.69 -67.33 14.30
C ALA U 110 22.50 -65.98 15.00
N SER U 111 21.97 -66.04 16.22
CA SER U 111 21.77 -64.83 17.01
C SER U 111 22.90 -64.68 18.01
N VAL U 112 23.61 -63.55 17.96
CA VAL U 112 24.69 -63.31 18.91
C VAL U 112 24.17 -63.03 20.31
N ASN U 113 22.97 -62.48 20.44
CA ASN U 113 22.36 -62.25 21.74
C ASN U 113 21.29 -63.32 21.96
N ALA U 114 21.66 -64.38 22.67
CA ALA U 114 20.77 -65.52 22.87
C ALA U 114 20.62 -65.78 24.35
N ALA U 115 19.47 -65.39 24.89
CA ALA U 115 19.25 -65.35 26.33
C ALA U 115 19.18 -66.77 26.87
N ASP U 116 20.31 -67.26 27.37
CA ASP U 116 20.38 -68.56 28.00
C ASP U 116 19.45 -68.61 29.22
N LEU U 117 19.13 -69.83 29.64
CA LEU U 117 18.27 -70.01 30.80
C LEU U 117 18.91 -69.45 32.06
N TRP U 118 20.24 -69.30 32.08
CA TRP U 118 20.94 -68.69 33.20
C TRP U 118 21.22 -67.21 33.00
N GLY U 119 20.95 -66.67 31.81
CA GLY U 119 21.22 -65.28 31.53
C GLY U 119 22.50 -65.04 30.78
N GLN U 120 23.17 -66.09 30.30
CA GLN U 120 24.42 -65.91 29.59
C GLN U 120 24.18 -65.73 28.10
N THR U 121 25.25 -65.33 27.41
CA THR U 121 25.30 -64.97 26.01
C THR U 121 26.65 -65.48 25.53
N PRO U 122 26.82 -65.84 24.25
CA PRO U 122 28.14 -66.32 23.81
C PRO U 122 29.28 -65.38 24.15
N LEU U 123 29.03 -64.07 24.22
CA LEU U 123 30.07 -63.14 24.63
C LEU U 123 30.49 -63.36 26.07
N HIS U 124 29.54 -63.68 26.96
CA HIS U 124 29.88 -63.96 28.34
C HIS U 124 30.83 -65.14 28.45
N LEU U 125 30.44 -66.29 27.90
CA LEU U 125 31.27 -67.48 27.96
C LEU U 125 32.58 -67.32 27.21
N ALA U 126 32.59 -66.60 26.09
CA ALA U 126 33.83 -66.38 25.35
C ALA U 126 34.79 -65.48 26.10
N ALA U 127 34.29 -64.42 26.74
CA ALA U 127 35.16 -63.56 27.54
C ALA U 127 35.66 -64.30 28.77
N THR U 128 34.84 -65.17 29.36
CA THR U 128 35.30 -65.95 30.50
C THR U 128 36.36 -66.97 30.10
N ALA U 129 36.20 -67.61 28.95
CA ALA U 129 37.14 -68.65 28.53
C ALA U 129 38.53 -68.06 28.28
N GLY U 130 38.65 -67.14 27.32
CA GLY U 130 39.92 -66.51 27.06
C GLY U 130 40.32 -66.46 25.60
N HIS U 131 39.38 -66.79 24.72
CA HIS U 131 39.67 -66.82 23.28
C HIS U 131 39.39 -65.45 22.67
N LEU U 132 40.43 -64.80 22.17
CA LEU U 132 40.30 -63.42 21.71
C LEU U 132 39.62 -63.33 20.35
N GLU U 133 39.97 -64.23 19.44
CA GLU U 133 39.42 -64.18 18.09
C GLU U 133 37.89 -64.32 18.09
N ILE U 134 37.36 -65.19 18.93
CA ILE U 134 35.91 -65.31 19.03
C ILE U 134 35.30 -64.03 19.57
N VAL U 135 35.94 -63.41 20.56
CA VAL U 135 35.45 -62.15 21.09
C VAL U 135 35.40 -61.09 19.99
N GLU U 136 36.44 -61.01 19.17
CA GLU U 136 36.46 -60.02 18.10
C GLU U 136 35.35 -60.28 17.08
N VAL U 137 35.23 -61.53 16.62
CA VAL U 137 34.25 -61.81 15.57
C VAL U 137 32.83 -61.68 16.11
N LEU U 138 32.65 -61.80 17.43
CA LEU U 138 31.33 -61.58 18.00
C LEU U 138 31.04 -60.10 18.17
N LEU U 139 32.03 -59.32 18.58
CA LEU U 139 31.84 -57.89 18.73
C LEU U 139 31.58 -57.21 17.39
N ARG U 140 32.22 -57.71 16.33
CA ARG U 140 31.97 -57.15 15.01
C ARG U 140 30.60 -57.55 14.45
N SER U 141 29.99 -58.60 14.99
CA SER U 141 28.72 -59.09 14.48
C SER U 141 27.52 -58.51 15.22
N GLY U 142 27.73 -57.73 16.27
CA GLY U 142 26.65 -57.11 16.99
C GLY U 142 26.41 -57.60 18.40
N ALA U 143 27.40 -58.18 19.06
CA ALA U 143 27.21 -58.59 20.44
C ALA U 143 27.17 -57.35 21.35
N SER U 144 26.31 -57.42 22.36
CA SER U 144 26.11 -56.30 23.26
C SER U 144 27.04 -56.40 24.46
N VAL U 145 27.96 -55.43 24.55
CA VAL U 145 28.98 -55.43 25.60
C VAL U 145 28.41 -55.20 26.98
N ASN U 146 27.17 -54.76 27.11
CA ASN U 146 26.58 -54.44 28.40
C ASN U 146 25.33 -55.25 28.67
N ALA U 147 25.39 -56.54 28.38
CA ALA U 147 24.33 -57.46 28.76
C ALA U 147 24.62 -58.05 30.13
N ARG U 148 23.57 -58.35 30.88
CA ARG U 148 23.70 -58.74 32.27
C ARG U 148 23.36 -60.21 32.46
N ASP U 149 23.96 -60.82 33.49
CA ASP U 149 23.58 -62.11 34.01
C ASP U 149 22.41 -61.96 34.99
N ASN U 150 22.16 -63.03 35.75
CA ASN U 150 21.28 -62.89 36.90
C ASN U 150 22.01 -62.23 38.06
N ILE U 151 23.26 -62.63 38.31
CA ILE U 151 24.08 -61.89 39.26
C ILE U 151 24.26 -60.44 38.83
N GLY U 152 24.17 -60.14 37.54
CA GLY U 152 24.38 -58.81 37.02
C GLY U 152 25.70 -58.59 36.34
N HIS U 153 26.51 -59.64 36.16
CA HIS U 153 27.83 -59.48 35.57
C HIS U 153 27.72 -59.08 34.11
N THR U 154 28.62 -58.19 33.69
CA THR U 154 28.81 -57.85 32.30
C THR U 154 30.07 -58.51 31.77
N PRO U 155 30.22 -58.65 30.45
CA PRO U 155 31.41 -59.34 29.94
C PRO U 155 32.72 -58.80 30.46
N LEU U 156 32.76 -57.53 30.88
CA LEU U 156 33.99 -56.97 31.42
C LEU U 156 34.23 -57.47 32.85
N HIS U 157 33.16 -57.67 33.63
CA HIS U 157 33.30 -58.32 34.93
C HIS U 157 34.05 -59.64 34.79
N LEU U 158 33.63 -60.48 33.85
CA LEU U 158 34.25 -61.78 33.66
C LEU U 158 35.64 -61.66 33.08
N ALA U 159 35.85 -60.72 32.15
CA ALA U 159 37.18 -60.50 31.61
C ALA U 159 38.16 -60.08 32.69
N ALA U 160 37.71 -59.32 33.68
CA ALA U 160 38.57 -58.90 34.78
C ALA U 160 38.77 -60.00 35.81
N TRP U 161 37.73 -60.77 36.11
CA TRP U 161 37.89 -61.90 37.02
C TRP U 161 38.88 -62.92 36.46
N ALA U 162 38.68 -63.34 35.20
CA ALA U 162 39.50 -64.40 34.64
C ALA U 162 40.95 -63.97 34.48
N GLY U 163 41.19 -62.68 34.24
CA GLY U 163 42.53 -62.18 34.06
C GLY U 163 43.02 -62.07 32.63
N HIS U 164 42.15 -61.71 31.70
CA HIS U 164 42.50 -61.66 30.28
C HIS U 164 42.70 -60.21 29.86
N LEU U 165 43.96 -59.81 29.68
CA LEU U 165 44.27 -58.41 29.44
C LEU U 165 43.80 -57.95 28.06
N GLU U 166 44.14 -58.71 27.02
CA GLU U 166 43.81 -58.32 25.66
C GLU U 166 42.30 -58.27 25.45
N ILE U 167 41.58 -59.20 26.07
CA ILE U 167 40.11 -59.17 26.00
C ILE U 167 39.57 -57.95 26.72
N VAL U 168 40.19 -57.58 27.84
CA VAL U 168 39.78 -56.36 28.52
C VAL U 168 39.97 -55.15 27.62
N GLU U 169 41.08 -55.10 26.90
CA GLU U 169 41.31 -54.00 25.97
C GLU U 169 40.27 -53.94 24.87
N VAL U 170 40.00 -55.06 24.21
CA VAL U 170 39.05 -55.03 23.10
C VAL U 170 37.65 -54.73 23.61
N LEU U 171 37.33 -55.14 24.84
CA LEU U 171 36.03 -54.81 25.40
C LEU U 171 35.92 -53.34 25.78
N LEU U 172 37.03 -52.73 26.21
CA LEU U 172 37.01 -51.30 26.52
C LEU U 172 36.94 -50.45 25.27
N ALA U 173 37.51 -50.91 24.16
CA ALA U 173 37.41 -50.21 22.89
C ALA U 173 35.99 -50.18 22.33
N TYR U 174 35.16 -51.16 22.68
CA TYR U 174 33.83 -51.30 22.09
C TYR U 174 32.72 -50.72 22.96
N GLY U 175 33.07 -50.08 24.07
CA GLY U 175 32.10 -49.35 24.85
C GLY U 175 31.70 -49.96 26.18
N ALA U 176 32.46 -50.93 26.68
CA ALA U 176 32.23 -51.41 28.03
C ALA U 176 32.60 -50.33 29.03
N ASP U 177 31.74 -50.11 30.01
CA ASP U 177 31.93 -49.07 31.02
C ASP U 177 32.67 -49.65 32.22
N VAL U 178 33.52 -48.83 32.83
CA VAL U 178 34.40 -49.35 33.87
C VAL U 178 33.71 -49.39 35.22
N PHE U 179 32.88 -48.39 35.55
CA PHE U 179 32.17 -48.44 36.82
C PHE U 179 30.72 -48.91 36.63
N ALA U 180 30.55 -50.18 36.28
CA ALA U 180 29.25 -50.83 36.31
C ALA U 180 29.26 -51.84 37.44
N GLN U 181 28.10 -52.03 38.07
CA GLN U 181 28.03 -52.89 39.23
C GLN U 181 27.18 -54.13 38.94
N ASP U 182 27.36 -55.15 39.77
CA ASP U 182 26.49 -56.32 39.80
C ASP U 182 25.52 -56.17 40.97
N LYS U 183 24.68 -57.18 41.17
CA LYS U 183 23.72 -57.12 42.26
C LYS U 183 24.41 -56.94 43.61
N PHE U 184 25.58 -57.54 43.80
CA PHE U 184 26.27 -57.46 45.07
C PHE U 184 27.12 -56.21 45.22
N GLY U 185 27.15 -55.35 44.21
CA GLY U 185 27.73 -54.02 44.36
C GLY U 185 29.15 -53.84 43.86
N LYS U 186 29.72 -54.83 43.18
CA LYS U 186 31.12 -54.76 42.78
C LYS U 186 31.27 -54.32 41.33
N THR U 187 32.35 -53.58 41.08
CA THR U 187 32.78 -53.13 39.77
C THR U 187 33.94 -54.00 39.30
N PRO U 188 34.20 -54.06 37.99
CA PRO U 188 35.30 -54.88 37.49
C PRO U 188 36.61 -54.67 38.21
N PHE U 189 36.88 -53.45 38.68
CA PHE U 189 38.10 -53.22 39.44
C PHE U 189 38.13 -54.01 40.74
N ASP U 190 36.96 -54.22 41.35
CA ASP U 190 36.92 -55.00 42.59
C ASP U 190 37.19 -56.47 42.32
N LEU U 191 36.51 -57.04 41.31
CA LEU U 191 36.81 -58.42 40.93
C LEU U 191 38.26 -58.58 40.48
N ALA U 192 38.88 -57.48 40.03
CA ALA U 192 40.28 -57.57 39.63
C ALA U 192 41.21 -57.51 40.84
N ILE U 193 40.87 -56.74 41.87
CA ILE U 193 41.78 -56.59 42.99
C ILE U 193 41.60 -57.68 44.02
N ASP U 194 40.44 -58.34 44.04
CA ASP U 194 40.26 -59.44 44.99
C ASP U 194 40.68 -60.79 44.44
N ASN U 195 41.34 -60.83 43.28
CA ASN U 195 41.76 -62.07 42.66
C ASN U 195 43.22 -62.06 42.24
N GLY U 196 43.98 -61.05 42.66
CA GLY U 196 45.37 -60.98 42.30
C GLY U 196 45.67 -60.63 40.86
N ASN U 197 44.64 -60.49 40.01
CA ASN U 197 44.85 -59.99 38.66
C ASN U 197 45.31 -58.55 38.74
N GLU U 198 46.59 -58.31 38.44
CA GLU U 198 47.25 -57.06 38.78
C GLU U 198 47.09 -55.97 37.73
N ASP U 199 47.25 -56.29 36.44
CA ASP U 199 47.33 -55.23 35.45
C ASP U 199 45.96 -54.80 34.97
N ILE U 200 44.99 -55.71 35.00
CA ILE U 200 43.60 -55.30 34.80
C ILE U 200 43.26 -54.18 35.75
N ALA U 201 43.64 -54.34 37.02
CA ALA U 201 43.41 -53.31 38.02
C ALA U 201 44.09 -52.01 37.65
N GLU U 202 45.32 -52.06 37.13
CA GLU U 202 46.03 -50.82 36.81
C GLU U 202 45.38 -50.09 35.64
N VAL U 203 45.08 -50.80 34.56
CA VAL U 203 44.49 -50.14 33.40
C VAL U 203 43.05 -49.74 33.64
N LEU U 204 42.39 -50.28 34.66
CA LEU U 204 41.07 -49.76 35.00
C LEU U 204 41.14 -48.60 35.98
N GLN U 205 42.14 -48.61 36.86
CA GLN U 205 42.37 -47.49 37.76
C GLN U 205 42.74 -46.23 36.99
N ARG U 206 43.52 -46.38 35.93
CA ARG U 206 43.87 -45.20 35.13
C ARG U 206 42.62 -44.54 34.56
N LEU U 207 41.64 -45.34 34.12
CA LEU U 207 40.43 -44.76 33.53
C LEU U 207 39.53 -44.15 34.59
N LEU U 208 39.35 -44.84 35.72
CA LEU U 208 38.61 -44.25 36.82
C LEU U 208 39.20 -42.90 37.21
N GLU U 209 40.52 -42.81 37.27
CA GLU U 209 41.17 -41.58 37.67
C GLU U 209 41.03 -40.49 36.61
N CYS U 210 41.12 -40.84 35.33
CA CYS U 210 40.89 -39.84 34.29
C CYS U 210 39.50 -39.23 34.39
N ARG U 211 38.48 -40.07 34.58
CA ARG U 211 37.14 -39.51 34.69
C ARG U 211 36.98 -38.64 35.93
N ARG U 212 37.50 -39.08 37.07
CA ARG U 212 37.41 -38.28 38.29
C ARG U 212 38.10 -36.93 38.13
N ASP U 213 39.29 -36.91 37.53
CA ASP U 213 40.05 -35.67 37.40
C ASP U 213 39.40 -34.70 36.41
N ALA U 214 38.84 -35.21 35.31
CA ALA U 214 38.14 -34.31 34.42
C ALA U 214 36.93 -33.68 35.09
N GLU U 215 36.17 -34.47 35.85
CA GLU U 215 35.05 -33.91 36.60
C GLU U 215 35.50 -32.79 37.53
N ALA U 216 36.55 -33.04 38.31
CA ALA U 216 37.07 -32.04 39.22
C ALA U 216 37.53 -30.77 38.53
N ALA U 217 38.25 -30.88 37.42
CA ALA U 217 38.70 -29.70 36.70
C ALA U 217 37.56 -28.88 36.12
N ILE U 218 36.49 -29.53 35.65
CA ILE U 218 35.36 -28.75 35.15
C ILE U 218 34.67 -28.01 36.28
N ASN U 219 34.56 -28.64 37.46
CA ASN U 219 34.02 -27.91 38.61
C ASN U 219 34.86 -26.69 38.95
N TYR U 220 36.19 -26.84 38.95
CA TYR U 220 37.05 -25.71 39.28
C TYR U 220 36.92 -24.59 38.25
N GLN U 221 36.74 -24.93 36.98
CA GLN U 221 36.55 -23.89 35.97
C GLN U 221 35.24 -23.15 36.15
N ILE U 222 34.18 -23.87 36.55
CA ILE U 222 32.92 -23.19 36.85
C ILE U 222 33.12 -22.16 37.96
N ASN U 223 33.80 -22.56 39.04
CA ASN U 223 34.03 -21.62 40.13
C ASN U 223 34.88 -20.43 39.69
N LEU U 224 35.88 -20.66 38.85
CA LEU U 224 36.75 -19.56 38.42
C LEU U 224 35.99 -18.54 37.57
N GLU U 225 35.09 -19.01 36.69
CA GLU U 225 34.34 -18.03 35.90
C GLU U 225 33.32 -17.28 36.76
N LEU U 226 32.72 -17.94 37.75
CA LEU U 226 31.84 -17.20 38.65
C LEU U 226 32.59 -16.13 39.43
N TYR U 227 33.82 -16.44 39.87
CA TYR U 227 34.64 -15.44 40.55
C TYR U 227 34.99 -14.28 39.63
N ALA U 228 35.35 -14.56 38.39
CA ALA U 228 35.64 -13.47 37.46
C ALA U 228 34.43 -12.57 37.23
N SER U 229 33.24 -13.16 37.12
CA SER U 229 32.02 -12.37 36.99
C SER U 229 31.82 -11.44 38.17
N TYR U 230 32.06 -11.94 39.38
CA TYR U 230 31.94 -11.12 40.58
C TYR U 230 32.97 -9.98 40.59
N VAL U 231 34.19 -10.26 40.17
CA VAL U 231 35.22 -9.21 40.13
C VAL U 231 34.83 -8.11 39.16
N TYR U 232 34.28 -8.47 38.00
CA TYR U 232 33.86 -7.45 37.05
C TYR U 232 32.70 -6.63 37.57
N LEU U 233 31.78 -7.24 38.32
CA LEU U 233 30.69 -6.48 38.91
C LEU U 233 31.21 -5.43 39.89
N SER U 234 32.17 -5.83 40.72
CA SER U 234 32.82 -4.86 41.62
C SER U 234 33.46 -3.72 40.84
N MET U 235 34.29 -4.06 39.84
CA MET U 235 34.91 -3.04 39.00
C MET U 235 33.89 -2.07 38.42
N SER U 236 32.79 -2.59 37.88
CA SER U 236 31.79 -1.76 37.26
C SER U 236 31.14 -0.79 38.23
N TYR U 237 30.78 -1.24 39.42
CA TYR U 237 30.16 -0.30 40.36
C TYR U 237 31.17 0.56 41.09
N TYR U 238 32.46 0.39 40.85
CA TYR U 238 33.42 1.39 41.31
C TYR U 238 33.35 2.66 40.49
N PHE U 239 33.25 2.55 39.17
CA PHE U 239 33.22 3.71 38.29
C PHE U 239 31.89 4.43 38.31
N ASP U 240 30.97 4.05 39.19
CA ASP U 240 29.66 4.66 39.28
C ASP U 240 29.56 5.61 40.46
N ARG U 241 30.55 5.61 41.35
CA ARG U 241 30.59 6.56 42.45
C ARG U 241 30.61 7.97 41.89
N ASP U 242 30.31 8.97 42.72
CA ASP U 242 30.31 10.33 42.21
C ASP U 242 31.64 11.04 42.40
N ASP U 243 32.61 10.40 43.07
CA ASP U 243 33.97 10.88 42.97
C ASP U 243 34.75 10.12 41.92
N VAL U 244 34.10 9.20 41.21
CA VAL U 244 34.65 8.55 40.03
C VAL U 244 33.53 8.57 38.99
N ALA U 245 33.46 9.62 38.18
CA ALA U 245 32.28 9.82 37.35
C ALA U 245 32.53 9.41 35.90
N LEU U 246 32.77 8.11 35.70
CA LEU U 246 33.02 7.57 34.36
C LEU U 246 31.96 6.52 34.04
N LYS U 247 31.09 6.83 33.09
CA LYS U 247 29.91 6.01 32.82
C LYS U 247 30.16 4.87 31.84
N ASN U 248 31.06 5.08 30.88
CA ASN U 248 31.26 4.06 29.87
C ASN U 248 32.23 2.99 30.34
N PHE U 249 33.15 3.33 31.22
CA PHE U 249 33.88 2.32 31.97
C PHE U 249 32.92 1.39 32.73
N ALA U 250 31.89 1.98 33.34
CA ALA U 250 30.90 1.21 34.07
C ALA U 250 30.11 0.28 33.15
N LYS U 251 29.63 0.79 32.02
CA LYS U 251 28.92 -0.07 31.08
C LYS U 251 29.81 -1.19 30.56
N TYR U 252 31.06 -0.86 30.22
CA TYR U 252 32.02 -1.88 29.79
C TYR U 252 32.11 -3.01 30.78
N PHE U 253 32.41 -2.71 32.04
CA PHE U 253 32.63 -3.78 32.98
C PHE U 253 31.34 -4.51 33.37
N LEU U 254 30.17 -3.87 33.27
CA LEU U 254 28.95 -4.64 33.47
C LEU U 254 28.71 -5.64 32.34
N HIS U 255 28.99 -5.25 31.10
CA HIS U 255 28.88 -6.20 30.00
C HIS U 255 29.79 -7.39 30.19
N GLN U 256 31.03 -7.15 30.60
CA GLN U 256 31.94 -8.27 30.86
C GLN U 256 31.44 -9.14 32.00
N SER U 257 30.88 -8.53 33.05
CA SER U 257 30.30 -9.29 34.15
C SER U 257 29.22 -10.26 33.69
N HIS U 258 28.38 -9.87 32.73
CA HIS U 258 27.34 -10.79 32.30
C HIS U 258 27.84 -11.86 31.35
N GLU U 259 28.79 -11.50 30.48
CA GLU U 259 29.38 -12.50 29.59
C GLU U 259 30.05 -13.62 30.39
N GLU U 260 30.73 -13.26 31.47
CA GLU U 260 31.40 -14.30 32.25
C GLU U 260 30.45 -15.23 32.99
N ARG U 261 29.19 -14.86 33.17
CA ARG U 261 28.24 -15.80 33.74
C ARG U 261 27.67 -16.72 32.68
N GLU U 262 27.45 -16.19 31.47
CA GLU U 262 27.14 -17.09 30.36
C GLU U 262 28.22 -18.15 30.18
N HIS U 263 29.49 -17.76 30.30
CA HIS U 263 30.59 -18.72 30.18
C HIS U 263 30.46 -19.87 31.17
N ALA U 264 30.09 -19.59 32.41
CA ALA U 264 30.02 -20.64 33.42
C ALA U 264 28.79 -21.51 33.27
N GLU U 265 27.67 -20.93 32.85
CA GLU U 265 26.50 -21.75 32.58
C GLU U 265 26.75 -22.72 31.43
N LYS U 266 27.55 -22.33 30.44
CA LYS U 266 27.91 -23.27 29.39
C LYS U 266 28.63 -24.50 29.94
N LEU U 267 29.53 -24.30 30.90
CA LEU U 267 30.25 -25.43 31.46
C LEU U 267 29.37 -26.28 32.35
N MET U 268 28.40 -25.67 33.04
CA MET U 268 27.43 -26.46 33.79
C MET U 268 26.62 -27.37 32.88
N LYS U 269 26.10 -26.80 31.79
CA LYS U 269 25.39 -27.60 30.82
C LYS U 269 26.26 -28.73 30.28
N LEU U 270 27.51 -28.42 29.94
CA LEU U 270 28.43 -29.47 29.50
C LEU U 270 28.54 -30.60 30.50
N GLN U 271 28.75 -30.28 31.78
CA GLN U 271 28.95 -31.34 32.75
C GLN U 271 27.67 -32.13 32.98
N ASN U 272 26.51 -31.54 32.73
CA ASN U 272 25.30 -32.35 32.78
C ASN U 272 25.17 -33.26 31.56
N GLN U 273 25.68 -32.83 30.41
CA GLN U 273 25.65 -33.68 29.22
C GLN U 273 26.58 -34.88 29.34
N ARG U 274 27.64 -34.77 30.13
CA ARG U 274 28.60 -35.85 30.27
C ARG U 274 28.19 -36.88 31.31
N GLY U 275 27.20 -36.59 32.14
CA GLY U 275 26.81 -37.48 33.21
C GLY U 275 27.53 -37.27 34.50
N GLY U 276 28.25 -36.17 34.67
CA GLY U 276 28.97 -35.88 35.89
C GLY U 276 28.12 -35.13 36.88
N GLU U 277 28.74 -34.80 38.02
CA GLU U 277 28.05 -34.15 39.12
C GLU U 277 28.60 -32.76 39.34
N ILE U 278 27.74 -31.76 39.19
CA ILE U 278 28.11 -30.39 39.53
C ILE U 278 28.16 -30.26 41.04
N SER U 279 29.24 -29.67 41.55
CA SER U 279 29.37 -29.40 42.97
C SER U 279 29.82 -27.96 43.13
N LEU U 280 28.86 -27.07 43.41
CA LEU U 280 29.12 -25.65 43.51
C LEU U 280 29.77 -25.34 44.85
N GLN U 281 30.53 -24.26 44.89
CA GLN U 281 31.31 -23.89 46.07
C GLN U 281 31.21 -22.41 46.35
N SER U 282 31.98 -21.96 47.33
CA SER U 282 31.94 -20.60 47.81
C SER U 282 32.69 -19.70 46.84
N ILE U 283 32.19 -18.48 46.64
CA ILE U 283 32.84 -17.54 45.73
C ILE U 283 33.55 -16.47 46.56
N SER U 284 34.87 -16.39 46.41
CA SER U 284 35.63 -15.39 47.14
C SER U 284 35.24 -13.99 46.71
N SER U 285 35.51 -13.03 47.59
CA SER U 285 35.25 -11.66 47.22
C SER U 285 36.46 -11.08 46.53
N PRO U 286 36.27 -10.11 45.63
CA PRO U 286 37.42 -9.52 44.93
C PRO U 286 38.41 -8.92 45.91
N ASP U 287 39.65 -8.81 45.45
CA ASP U 287 40.72 -8.42 46.38
C ASP U 287 40.63 -6.95 46.75
N SER U 288 40.06 -6.13 45.88
CA SER U 288 39.97 -4.70 46.12
C SER U 288 38.53 -4.26 46.06
N ASP U 289 38.23 -3.19 46.79
CA ASP U 289 37.02 -2.42 46.58
C ASP U 289 37.30 -1.10 45.89
N ASP U 290 38.56 -0.65 45.92
CA ASP U 290 39.00 0.61 45.35
C ASP U 290 40.02 0.29 44.25
N TRP U 291 39.57 0.34 43.01
CA TRP U 291 40.44 0.19 41.86
C TRP U 291 40.90 1.56 41.41
N GLU U 292 42.15 1.90 41.74
CA GLU U 292 42.55 3.30 41.86
C GLU U 292 42.16 4.16 40.66
N SER U 293 42.21 3.62 39.45
CA SER U 293 41.92 4.42 38.27
C SER U 293 41.45 3.50 37.15
N GLY U 294 41.17 4.10 35.99
CA GLY U 294 40.79 3.31 34.84
C GLY U 294 41.92 2.48 34.27
N LEU U 295 43.14 3.02 34.27
CA LEU U 295 44.31 2.27 33.84
C LEU U 295 44.54 1.03 34.72
N ASN U 296 44.55 1.23 36.04
CA ASN U 296 44.78 0.12 36.95
C ASN U 296 43.70 -0.95 36.88
N ALA U 297 42.44 -0.55 36.72
CA ALA U 297 41.37 -1.51 36.51
C ALA U 297 41.53 -2.28 35.20
N MET U 298 41.90 -1.62 34.11
CA MET U 298 42.15 -2.35 32.87
C MET U 298 43.30 -3.34 33.01
N GLU U 299 44.36 -2.97 33.74
CA GLU U 299 45.47 -3.90 33.93
C GLU U 299 45.08 -5.09 34.80
N SER U 300 44.26 -4.86 35.80
CA SER U 300 43.78 -5.96 36.62
C SER U 300 42.89 -6.91 35.82
N ALA U 301 42.02 -6.36 34.97
CA ALA U 301 41.23 -7.21 34.09
C ALA U 301 42.11 -8.02 33.17
N LEU U 302 43.21 -7.44 32.70
CA LEU U 302 44.13 -8.17 31.82
C LEU U 302 44.77 -9.35 32.54
N HIS U 303 45.26 -9.14 33.76
CA HIS U 303 45.82 -10.26 34.51
C HIS U 303 44.78 -11.33 34.81
N LEU U 304 43.54 -10.93 35.10
CA LEU U 304 42.50 -11.92 35.38
C LEU U 304 42.21 -12.75 34.15
N GLU U 305 42.10 -12.14 32.98
CA GLU U 305 41.86 -12.89 31.76
C GLU U 305 43.02 -13.85 31.46
N LYS U 306 44.24 -13.43 31.75
CA LYS U 306 45.37 -14.34 31.52
C LYS U 306 45.33 -15.54 32.46
N ALA U 307 44.95 -15.34 33.72
CA ALA U 307 44.83 -16.46 34.65
C ALA U 307 43.75 -17.45 34.19
N VAL U 308 42.61 -16.93 33.75
CA VAL U 308 41.55 -17.80 33.24
C VAL U 308 42.05 -18.60 32.05
N ASN U 309 42.78 -17.97 31.14
CA ASN U 309 43.29 -18.68 29.98
C ASN U 309 44.28 -19.76 30.36
N ALA U 310 45.13 -19.51 31.35
CA ALA U 310 46.04 -20.55 31.82
C ALA U 310 45.27 -21.76 32.35
N SER U 311 44.21 -21.54 33.12
CA SER U 311 43.42 -22.68 33.59
C SER U 311 42.81 -23.46 32.44
N LEU U 312 42.31 -22.76 31.42
CA LEU U 312 41.78 -23.46 30.25
C LEU U 312 42.84 -24.31 29.58
N LEU U 313 44.06 -23.81 29.45
CA LEU U 313 45.12 -24.61 28.83
C LEU U 313 45.46 -25.84 29.65
N ARG U 314 45.47 -25.71 30.98
CA ARG U 314 45.74 -26.89 31.82
C ARG U 314 44.64 -27.95 31.65
N LEU U 315 43.38 -27.51 31.61
CA LEU U 315 42.30 -28.46 31.42
C LEU U 315 42.35 -29.10 30.05
N HIS U 316 42.79 -28.37 29.03
CA HIS U 316 42.90 -28.96 27.70
C HIS U 316 43.99 -30.01 27.66
N LYS U 317 45.14 -29.74 28.29
CA LYS U 317 46.17 -30.75 28.33
C LYS U 317 45.72 -32.00 29.08
N LEU U 318 44.95 -31.80 30.16
CA LEU U 318 44.39 -32.95 30.88
C LEU U 318 43.46 -33.76 29.99
N ALA U 319 42.54 -33.11 29.28
CA ALA U 319 41.63 -33.83 28.40
C ALA U 319 42.37 -34.48 27.24
N THR U 320 43.55 -33.99 26.89
CA THR U 320 44.33 -34.63 25.83
C THR U 320 45.03 -35.88 26.35
N ASP U 321 45.51 -35.85 27.59
CA ASP U 321 46.17 -37.03 28.13
C ASP U 321 45.21 -38.21 28.24
N CYS U 322 43.97 -37.96 28.63
CA CYS U 322 43.02 -39.03 28.86
C CYS U 322 42.16 -39.36 27.66
N ASN U 323 42.59 -39.02 26.45
CA ASN U 323 41.94 -39.44 25.22
C ASN U 323 40.45 -39.10 25.22
N ASP U 324 40.14 -37.81 25.19
CA ASP U 324 38.78 -37.32 25.29
C ASP U 324 38.51 -36.32 24.18
N PRO U 325 38.35 -36.76 22.93
CA PRO U 325 38.24 -35.80 21.81
C PRO U 325 37.15 -34.77 21.94
N HIS U 326 35.98 -35.11 22.50
CA HIS U 326 34.88 -34.17 22.55
C HIS U 326 35.15 -33.03 23.53
N LEU U 327 35.81 -33.32 24.66
CA LEU U 327 36.16 -32.27 25.60
C LEU U 327 37.16 -31.30 25.00
N CYS U 328 38.18 -31.81 24.31
CA CYS U 328 39.15 -30.95 23.66
C CYS U 328 38.50 -30.08 22.60
N ASP U 329 37.65 -30.69 21.76
CA ASP U 329 36.94 -29.91 20.74
C ASP U 329 36.08 -28.83 21.36
N PHE U 330 35.37 -29.15 22.45
CA PHE U 330 34.55 -28.17 23.14
C PHE U 330 35.38 -27.00 23.65
N ILE U 331 36.50 -27.31 24.30
CA ILE U 331 37.34 -26.26 24.89
C ILE U 331 37.90 -25.35 23.82
N GLU U 332 38.44 -25.92 22.74
CA GLU U 332 39.01 -25.02 21.75
C GLU U 332 37.98 -24.38 20.84
N THR U 333 36.75 -24.89 20.79
CA THR U 333 35.74 -24.23 19.98
C THR U 333 35.10 -23.06 20.70
N HIS U 334 34.84 -23.19 22.00
CA HIS U 334 34.08 -22.14 22.66
C HIS U 334 34.91 -21.24 23.55
N TYR U 335 36.15 -21.62 23.87
CA TYR U 335 36.86 -20.93 24.93
C TYR U 335 38.23 -20.41 24.55
N LEU U 336 38.92 -21.03 23.60
CA LEU U 336 40.29 -20.60 23.35
C LEU U 336 40.40 -19.44 22.39
N ASN U 337 39.39 -19.18 21.57
CA ASN U 337 39.48 -18.04 20.67
C ASN U 337 38.90 -16.77 21.29
N GLU U 338 38.05 -16.90 22.30
CA GLU U 338 37.55 -15.73 22.99
C GLU U 338 38.59 -15.14 23.93
N GLN U 339 39.38 -15.99 24.58
CA GLN U 339 40.42 -15.49 25.46
C GLN U 339 41.49 -14.73 24.70
N VAL U 340 41.86 -15.20 23.50
CA VAL U 340 42.85 -14.53 22.70
C VAL U 340 42.38 -13.13 22.31
N LYS U 341 41.11 -13.01 21.90
CA LYS U 341 40.56 -11.73 21.53
C LYS U 341 40.41 -10.80 22.72
N ALA U 342 39.99 -11.32 23.88
CA ALA U 342 39.94 -10.51 25.09
C ALA U 342 41.30 -9.98 25.49
N ILE U 343 42.34 -10.80 25.46
CA ILE U 343 43.67 -10.35 25.83
C ILE U 343 44.19 -9.31 24.85
N LYS U 344 43.96 -9.52 23.55
CA LYS U 344 44.39 -8.53 22.57
C LYS U 344 43.71 -7.19 22.80
N GLU U 345 42.40 -7.21 23.02
CA GLU U 345 41.66 -5.97 23.21
C GLU U 345 42.05 -5.25 24.48
N LEU U 346 42.23 -5.97 25.58
CA LEU U 346 42.59 -5.31 26.83
C LEU U 346 44.02 -4.77 26.81
N GLY U 347 44.94 -5.43 26.12
CA GLY U 347 46.26 -4.84 25.94
C GLY U 347 46.24 -3.61 25.05
N ASP U 348 45.37 -3.59 24.03
CA ASP U 348 45.17 -2.38 23.25
C ASP U 348 44.70 -1.23 24.12
N HIS U 349 43.68 -1.46 24.94
CA HIS U 349 43.19 -0.42 25.85
C HIS U 349 44.29 0.09 26.76
N VAL U 350 45.11 -0.81 27.30
CA VAL U 350 46.16 -0.37 28.22
C VAL U 350 47.20 0.48 27.51
N THR U 351 47.64 0.09 26.31
CA THR U 351 48.62 0.95 25.66
C THR U 351 48.04 2.28 25.19
N ASN U 352 46.79 2.30 24.74
CA ASN U 352 46.17 3.58 24.41
C ASN U 352 46.12 4.50 25.62
N LEU U 353 45.63 4.00 26.75
CA LEU U 353 45.57 4.82 27.95
C LEU U 353 46.94 5.28 28.39
N ARG U 354 47.95 4.42 28.31
CA ARG U 354 49.28 4.84 28.74
C ARG U 354 49.88 5.90 27.82
N LYS U 355 49.63 5.80 26.52
CA LYS U 355 50.17 6.80 25.60
C LYS U 355 49.47 8.14 25.75
N MET U 356 48.13 8.14 25.86
CA MET U 356 47.41 9.39 26.07
C MET U 356 47.86 10.16 27.29
N GLY U 357 48.47 9.49 28.27
CA GLY U 357 49.03 10.18 29.43
C GLY U 357 48.41 9.82 30.76
N ALA U 358 47.52 8.84 30.83
CA ALA U 358 46.93 8.46 32.10
C ALA U 358 47.97 7.75 32.96
N PRO U 359 47.74 7.66 34.28
CA PRO U 359 46.63 8.13 35.12
C PRO U 359 46.85 9.53 35.63
N GLU U 360 48.07 10.04 35.48
CA GLU U 360 48.42 11.37 35.94
C GLU U 360 47.78 12.47 35.11
N SER U 361 46.88 12.13 34.20
CA SER U 361 46.20 13.11 33.36
C SER U 361 44.71 12.85 33.38
N GLY U 362 43.96 13.74 34.02
CA GLY U 362 42.60 13.95 33.63
C GLY U 362 42.55 14.60 32.26
N LEU U 363 41.45 14.36 31.54
CA LEU U 363 41.29 14.63 30.12
C LEU U 363 41.94 13.53 29.28
N ALA U 364 42.58 12.56 29.92
CA ALA U 364 42.99 11.37 29.19
C ALA U 364 41.95 10.27 29.36
N GLU U 365 41.56 10.02 30.61
CA GLU U 365 40.51 9.04 30.86
C GLU U 365 39.14 9.59 30.50
N TYR U 366 38.93 10.90 30.62
CA TYR U 366 37.67 11.48 30.15
C TYR U 366 37.49 11.24 28.65
N LEU U 367 38.52 11.53 27.86
CA LEU U 367 38.38 11.40 26.41
C LEU U 367 38.46 9.95 25.95
N PHE U 368 39.20 9.10 26.65
CA PHE U 368 39.12 7.67 26.39
C PHE U 368 37.70 7.15 26.61
N ASP U 369 37.13 7.48 27.77
CA ASP U 369 35.76 7.10 28.09
C ASP U 369 34.77 7.60 27.06
N LYS U 370 35.00 8.79 26.52
CA LYS U 370 34.08 9.34 25.53
C LYS U 370 34.23 8.69 24.17
N HIS U 371 35.45 8.49 23.69
CA HIS U 371 35.71 8.16 22.30
C HIS U 371 35.86 6.66 22.04
N THR U 372 36.45 5.92 22.97
CA THR U 372 36.72 4.51 22.72
C THR U 372 35.66 3.61 23.34
N LEU U 373 35.20 3.95 24.53
CA LEU U 373 34.25 3.11 25.24
C LEU U 373 32.80 3.50 24.99
N GLY U 374 32.57 4.59 24.28
CA GLY U 374 31.21 5.03 24.00
C GLY U 374 31.04 5.66 22.65
N SER V 2 50.69 -83.73 41.71
CA SER V 2 50.68 -83.68 40.26
C SER V 2 49.34 -84.14 39.69
N LYS V 3 48.84 -85.27 40.19
CA LYS V 3 47.62 -85.85 39.62
C LYS V 3 46.37 -85.17 40.16
N GLY V 4 46.33 -84.85 41.46
CA GLY V 4 45.12 -84.34 42.07
C GLY V 4 44.61 -83.07 41.44
N GLU V 5 45.50 -82.28 40.84
CA GLU V 5 45.10 -81.02 40.22
C GLU V 5 44.67 -81.18 38.77
N GLU V 6 45.05 -82.28 38.13
CA GLU V 6 44.77 -82.46 36.71
C GLU V 6 43.30 -82.74 36.45
N LEU V 7 42.62 -83.42 37.37
CA LEU V 7 41.29 -83.96 37.13
C LEU V 7 40.23 -82.90 36.86
N PHE V 8 40.58 -81.61 36.88
CA PHE V 8 39.63 -80.53 36.62
C PHE V 8 40.05 -79.66 35.44
N THR V 9 40.65 -80.27 34.42
CA THR V 9 41.17 -79.50 33.29
C THR V 9 40.06 -78.83 32.49
N GLY V 10 38.86 -79.37 32.52
CA GLY V 10 37.79 -78.84 31.69
C GLY V 10 36.44 -78.82 32.38
N VAL V 11 35.38 -78.86 31.60
CA VAL V 11 34.02 -78.91 32.14
C VAL V 11 33.83 -80.25 32.84
N VAL V 12 32.90 -80.28 33.80
CA VAL V 12 32.56 -81.50 34.53
C VAL V 12 31.05 -81.54 34.68
N PRO V 13 30.37 -82.54 34.12
CA PRO V 13 28.95 -82.72 34.42
C PRO V 13 28.75 -83.25 35.84
N ILE V 14 27.62 -82.87 36.43
CA ILE V 14 27.36 -83.15 37.83
C ILE V 14 26.01 -83.85 37.96
N LEU V 15 25.89 -84.72 38.95
CA LEU V 15 24.65 -85.41 39.30
C LEU V 15 24.58 -85.48 40.81
N VAL V 16 23.67 -84.71 41.41
CA VAL V 16 23.65 -84.56 42.86
C VAL V 16 22.36 -85.16 43.41
N GLU V 17 22.50 -86.18 44.26
CA GLU V 17 21.36 -86.82 44.88
C GLU V 17 21.44 -86.59 46.39
N LEU V 18 20.30 -86.19 46.97
CA LEU V 18 20.20 -85.91 48.38
C LEU V 18 18.93 -86.56 48.92
N ASP V 19 19.07 -87.39 49.94
CA ASP V 19 17.93 -88.06 50.56
C ASP V 19 17.86 -87.65 52.02
N GLY V 20 16.78 -86.98 52.39
CA GLY V 20 16.68 -86.37 53.72
C GLY V 20 15.41 -86.76 54.44
N ASP V 21 15.53 -86.84 55.76
CA ASP V 21 14.40 -87.06 56.67
C ASP V 21 14.34 -85.92 57.67
N VAL V 22 13.26 -85.13 57.62
CA VAL V 22 13.06 -83.99 58.50
C VAL V 22 11.66 -84.06 59.08
N ASN V 23 11.55 -84.53 60.33
CA ASN V 23 10.30 -84.51 61.10
C ASN V 23 9.16 -85.17 60.32
N GLY V 24 9.36 -86.43 59.93
CA GLY V 24 8.38 -87.18 59.19
C GLY V 24 8.35 -86.85 57.71
N HIS V 25 9.12 -85.85 57.28
CA HIS V 25 9.16 -85.46 55.87
C HIS V 25 10.34 -86.15 55.19
N LYS V 26 10.06 -87.14 54.36
CA LYS V 26 11.08 -87.75 53.53
C LYS V 26 11.15 -87.01 52.20
N PHE V 27 12.37 -86.84 51.70
CA PHE V 27 12.52 -86.16 50.41
C PHE V 27 13.76 -86.65 49.70
N SER V 28 13.64 -86.73 48.38
CA SER V 28 14.77 -86.96 47.48
C SER V 28 14.91 -85.75 46.58
N VAL V 29 16.15 -85.35 46.33
CA VAL V 29 16.46 -84.20 45.50
C VAL V 29 17.50 -84.63 44.48
N ARG V 30 17.24 -84.33 43.21
CA ARG V 30 18.21 -84.53 42.14
C ARG V 30 18.55 -83.18 41.50
N GLY V 31 19.83 -82.94 41.32
CA GLY V 31 20.31 -81.73 40.70
C GLY V 31 21.24 -82.02 39.53
N GLU V 32 21.03 -81.28 38.44
CA GLU V 32 21.73 -81.51 37.18
C GLU V 32 22.37 -80.20 36.72
N GLY V 33 23.62 -80.28 36.29
CA GLY V 33 24.31 -79.11 35.79
C GLY V 33 25.76 -79.43 35.49
N GLU V 34 26.57 -78.38 35.39
CA GLU V 34 27.99 -78.53 35.07
C GLU V 34 28.83 -77.51 35.81
N GLY V 35 30.12 -77.83 35.93
CA GLY V 35 31.04 -76.94 36.62
C GLY V 35 32.44 -76.89 36.04
N ASP V 36 33.15 -75.80 36.33
CA ASP V 36 34.56 -75.65 35.93
C ASP V 36 35.31 -75.08 37.12
N ALA V 37 36.44 -75.71 37.44
CA ALA V 37 37.31 -75.24 38.51
C ALA V 37 38.23 -74.12 38.08
N THR V 38 38.56 -74.03 36.79
CA THR V 38 39.47 -72.99 36.32
C THR V 38 38.97 -71.59 36.65
N ASN V 39 37.65 -71.39 36.64
CA ASN V 39 37.06 -70.10 36.97
C ASN V 39 36.18 -70.18 38.21
N GLY V 40 36.21 -71.30 38.93
CA GLY V 40 35.37 -71.46 40.11
C GLY V 40 33.90 -71.29 39.84
N LYS V 41 33.44 -71.72 38.67
CA LYS V 41 32.07 -71.47 38.25
C LYS V 41 31.26 -72.75 38.29
N LEU V 42 30.04 -72.68 38.82
CA LEU V 42 29.14 -73.81 38.87
C LEU V 42 27.77 -73.36 38.42
N THR V 43 27.06 -74.21 37.68
CA THR V 43 25.77 -73.84 37.11
C THR V 43 24.86 -75.06 37.14
N LEU V 44 23.84 -75.03 38.00
CA LEU V 44 23.04 -76.21 38.31
C LEU V 44 21.56 -75.88 38.31
N LYS V 45 20.75 -76.94 38.30
CA LYS V 45 19.30 -76.85 38.40
C LYS V 45 18.81 -78.05 39.20
N PHE V 46 18.14 -77.77 40.31
CA PHE V 46 17.68 -78.78 41.25
C PHE V 46 16.18 -78.94 41.12
N ILE V 47 15.69 -80.18 41.25
CA ILE V 47 14.27 -80.49 41.15
C ILE V 47 13.94 -81.61 42.12
N CYS V 48 12.78 -81.51 42.78
CA CYS V 48 12.34 -82.52 43.73
C CYS V 48 11.20 -83.34 43.14
N THR V 49 11.46 -84.61 42.90
CA THR V 49 10.43 -85.52 42.40
C THR V 49 9.53 -86.05 43.51
N THR V 50 9.53 -85.40 44.69
CA THR V 50 8.75 -85.82 45.84
C THR V 50 7.69 -84.78 46.18
N GLY V 51 7.09 -84.16 45.18
CA GLY V 51 5.99 -83.23 45.41
C GLY V 51 6.42 -81.97 46.14
N LYS V 52 5.44 -81.26 46.69
CA LYS V 52 5.70 -80.01 47.40
C LYS V 52 6.50 -80.30 48.65
N LEU V 53 7.47 -79.45 48.95
CA LEU V 53 8.34 -79.69 50.09
C LEU V 53 8.06 -78.65 51.17
N PRO V 54 8.10 -79.02 52.46
CA PRO V 54 7.75 -78.06 53.52
C PRO V 54 8.81 -77.01 53.80
N VAL V 55 10.09 -77.30 53.60
CA VAL V 55 11.17 -76.37 53.90
C VAL V 55 11.40 -75.49 52.68
N PRO V 56 11.67 -74.19 52.85
CA PRO V 56 11.85 -73.33 51.69
C PRO V 56 13.09 -73.73 50.90
N TRP V 57 13.08 -73.39 49.61
CA TRP V 57 14.25 -73.64 48.78
C TRP V 57 15.53 -72.99 49.31
N PRO V 58 15.54 -71.75 49.80
CA PRO V 58 16.79 -71.17 50.32
C PRO V 58 17.48 -72.03 51.35
N THR V 59 16.75 -72.86 52.10
CA THR V 59 17.39 -73.76 53.05
C THR V 59 18.24 -74.80 52.34
N LEU V 60 17.71 -75.42 51.31
CA LEU V 60 18.39 -76.50 50.59
C LEU V 60 19.60 -76.03 49.82
N VAL V 61 19.79 -74.71 49.68
CA VAL V 61 20.87 -74.19 48.84
C VAL V 61 22.22 -74.46 49.48
N THR V 62 22.36 -74.12 50.76
CA THR V 62 23.65 -74.31 51.43
C THR V 62 24.08 -75.76 51.49
N THR V 63 23.10 -76.66 51.52
CA THR V 63 23.40 -78.09 51.68
C THR V 63 23.20 -78.81 50.38
N LEU V 64 23.92 -78.42 49.34
CA LEU V 64 23.87 -79.15 48.05
C LEU V 64 25.19 -78.88 47.31
N VAL V 66 30.18 -78.67 46.57
CA VAL V 66 31.17 -79.22 45.69
C VAL V 66 32.35 -78.26 45.60
N GLN V 67 32.89 -77.92 46.77
CA GLN V 67 33.97 -76.90 46.82
C GLN V 67 35.13 -77.39 45.95
N CYS V 68 35.09 -78.66 45.58
CA CYS V 68 36.13 -79.17 44.66
C CYS V 68 36.09 -78.33 43.36
N PHE V 69 35.17 -77.37 43.25
CA PHE V 69 35.14 -76.65 41.99
C PHE V 69 35.59 -75.20 42.13
N SER V 70 36.06 -74.80 43.31
CA SER V 70 36.38 -73.42 43.58
C SER V 70 37.64 -72.99 42.83
N ARG V 71 37.67 -71.73 42.42
CA ARG V 71 38.79 -71.21 41.65
C ARG V 71 40.00 -71.05 42.55
N TYR V 72 41.09 -71.73 42.21
CA TYR V 72 42.29 -71.73 43.03
C TYR V 72 43.45 -71.14 42.25
N PRO V 73 44.12 -70.13 42.79
CA PRO V 73 45.21 -69.49 42.03
C PRO V 73 46.50 -70.29 42.07
N ASP V 74 47.48 -69.87 41.27
CA ASP V 74 48.74 -70.61 41.20
C ASP V 74 49.57 -70.40 42.46
N HIS V 75 49.28 -69.35 43.22
CA HIS V 75 50.02 -69.23 44.46
C HIS V 75 49.48 -70.13 45.56
N MET V 76 48.20 -70.50 45.57
CA MET V 76 47.68 -71.52 46.48
C MET V 76 47.62 -72.89 45.83
N LYS V 77 48.56 -73.21 44.93
CA LYS V 77 48.65 -74.57 44.42
C LYS V 77 49.07 -75.56 45.50
N ARG V 78 49.61 -75.07 46.62
CA ARG V 78 50.08 -75.92 47.69
C ARG V 78 49.10 -76.01 48.86
N HIS V 79 47.96 -75.30 48.78
CA HIS V 79 46.98 -75.29 49.85
C HIS V 79 45.59 -75.67 49.33
N ASP V 80 45.54 -76.59 48.37
CA ASP V 80 44.28 -77.09 47.80
C ASP V 80 44.09 -78.52 48.29
N PHE V 81 43.44 -78.66 49.46
CA PHE V 81 43.22 -79.98 50.03
C PHE V 81 42.26 -80.81 49.17
N PHE V 82 41.23 -80.18 48.62
CA PHE V 82 40.23 -80.93 47.86
C PHE V 82 40.81 -81.47 46.56
N LYS V 83 41.89 -80.86 46.07
CA LYS V 83 42.42 -81.25 44.77
C LYS V 83 43.26 -82.52 44.84
N SER V 84 44.28 -82.55 45.70
CA SER V 84 45.25 -83.65 45.72
C SER V 84 44.58 -85.02 45.78
N ALA V 85 43.32 -85.09 46.20
CA ALA V 85 42.60 -86.36 46.36
C ALA V 85 41.73 -86.71 45.17
N MET V 86 42.15 -86.43 43.94
CA MET V 86 41.34 -86.81 42.79
C MET V 86 42.11 -87.76 41.89
N PRO V 87 41.49 -88.87 41.45
CA PRO V 87 40.11 -89.29 41.71
C PRO V 87 39.91 -90.02 43.03
N GLU V 88 40.88 -89.88 43.94
CA GLU V 88 40.77 -90.44 45.28
C GLU V 88 39.42 -90.11 45.91
N GLY V 89 38.98 -88.87 45.77
CA GLY V 89 37.73 -88.44 46.36
C GLY V 89 37.86 -88.23 47.85
N TYR V 90 36.72 -87.98 48.49
CA TYR V 90 36.70 -87.76 49.93
C TYR V 90 35.26 -87.79 50.43
N VAL V 91 35.12 -87.67 51.75
CA VAL V 91 33.83 -87.62 52.40
C VAL V 91 33.82 -86.42 53.33
N GLN V 92 32.63 -85.92 53.65
CA GLN V 92 32.46 -84.82 54.58
C GLN V 92 31.20 -85.00 55.41
N GLU V 93 31.35 -84.77 56.71
CA GLU V 93 30.23 -84.78 57.64
C GLU V 93 29.95 -83.37 58.10
N ARG V 94 28.74 -82.88 57.82
CA ARG V 94 28.36 -81.50 58.06
C ARG V 94 27.25 -81.44 59.09
N THR V 95 27.33 -80.47 59.99
CA THR V 95 26.26 -80.12 60.90
C THR V 95 25.89 -78.67 60.68
N ILE V 96 24.62 -78.40 60.41
CA ILE V 96 24.14 -77.02 60.27
C ILE V 96 23.19 -76.75 61.42
N SER V 97 23.38 -75.62 62.08
CA SER V 97 22.67 -75.27 63.30
C SER V 97 21.93 -73.95 63.07
N PHE V 98 20.61 -74.02 63.05
CA PHE V 98 19.78 -72.83 62.99
C PHE V 98 19.69 -72.20 64.37
N LYS V 99 19.70 -70.88 64.41
CA LYS V 99 19.34 -70.19 65.64
C LYS V 99 17.83 -70.00 65.68
N ASP V 100 17.24 -70.20 66.85
CA ASP V 100 15.79 -70.11 67.07
C ASP V 100 15.04 -71.24 66.37
N ASP V 101 15.74 -72.35 66.11
CA ASP V 101 15.14 -73.61 65.66
C ASP V 101 16.21 -74.70 65.72
N GLY V 102 15.85 -75.90 65.25
CA GLY V 102 16.65 -77.11 65.41
C GLY V 102 17.86 -77.22 64.50
N THR V 103 18.21 -78.44 64.09
CA THR V 103 19.49 -78.67 63.42
C THR V 103 19.37 -79.71 62.32
N TYR V 104 20.44 -79.82 61.53
CA TYR V 104 20.60 -80.81 60.47
C TYR V 104 21.95 -81.51 60.60
N LYS V 105 21.93 -82.84 60.50
CA LYS V 105 23.12 -83.68 60.43
C LYS V 105 23.16 -84.31 59.05
N THR V 106 24.24 -84.09 58.30
CA THR V 106 24.25 -84.44 56.89
C THR V 106 25.59 -85.02 56.48
N ARG V 107 25.55 -86.27 56.02
CA ARG V 107 26.73 -86.98 55.52
C ARG V 107 26.78 -86.87 54.00
N ALA V 108 27.97 -86.71 53.45
CA ALA V 108 28.11 -86.59 52.00
C ALA V 108 29.39 -87.27 51.54
N GLU V 109 29.30 -88.01 50.43
CA GLU V 109 30.46 -88.65 49.84
C GLU V 109 30.65 -88.11 48.43
N VAL V 110 31.81 -87.49 48.18
CA VAL V 110 32.09 -86.83 46.91
C VAL V 110 33.26 -87.53 46.22
N LYS V 111 33.12 -87.76 44.92
CA LYS V 111 34.10 -88.48 44.13
C LYS V 111 33.85 -88.21 42.65
N PHE V 112 34.70 -88.81 41.83
CA PHE V 112 34.44 -88.95 40.40
C PHE V 112 33.93 -90.35 40.10
N GLU V 113 32.93 -90.44 39.23
CA GLU V 113 32.38 -91.71 38.76
C GLU V 113 32.55 -91.67 37.25
N GLY V 114 33.53 -92.43 36.74
CA GLY V 114 33.95 -92.24 35.38
C GLY V 114 34.62 -90.89 35.23
N ASP V 115 33.91 -89.96 34.59
CA ASP V 115 34.28 -88.55 34.60
C ASP V 115 33.13 -87.65 35.03
N THR V 116 32.02 -88.24 35.47
CA THR V 116 30.86 -87.50 35.97
C THR V 116 31.02 -87.31 37.48
N LEU V 117 30.79 -86.11 37.98
CA LEU V 117 30.85 -85.90 39.42
C LEU V 117 29.49 -86.19 40.02
N VAL V 118 29.37 -87.33 40.69
CA VAL V 118 28.13 -87.73 41.36
C VAL V 118 28.31 -87.54 42.86
N ASN V 119 27.30 -86.94 43.47
CA ASN V 119 27.39 -86.54 44.88
C ASN V 119 26.20 -87.12 45.64
N ARG V 120 26.48 -88.13 46.47
CA ARG V 120 25.46 -88.80 47.28
C ARG V 120 25.48 -88.23 48.69
N ILE V 121 24.33 -87.70 49.12
CA ILE V 121 24.21 -87.03 50.40
C ILE V 121 22.99 -87.57 51.13
N GLU V 122 23.15 -87.82 52.43
CA GLU V 122 22.08 -88.30 53.31
C GLU V 122 21.92 -87.30 54.44
N LEU V 123 20.67 -86.97 54.75
CA LEU V 123 20.36 -85.86 55.63
C LEU V 123 19.35 -86.26 56.69
N LYS V 124 19.57 -85.81 57.92
CA LYS V 124 18.66 -86.01 59.04
C LYS V 124 18.47 -84.67 59.73
N GLY V 125 17.32 -84.05 59.55
CA GLY V 125 17.06 -82.77 60.17
C GLY V 125 15.95 -82.82 61.19
N ILE V 126 16.22 -82.43 62.45
CA ILE V 126 15.22 -82.60 63.50
C ILE V 126 15.26 -81.38 64.41
N ASP V 127 14.39 -81.41 65.43
CA ASP V 127 14.37 -80.49 66.57
C ASP V 127 13.75 -79.13 66.21
N PHE V 128 12.82 -79.11 65.27
CA PHE V 128 12.20 -77.88 64.81
C PHE V 128 10.77 -77.75 65.32
N LYS V 129 10.30 -76.51 65.41
CA LYS V 129 8.88 -76.25 65.59
C LYS V 129 8.24 -76.09 64.21
N GLU V 130 7.18 -76.86 63.97
CA GLU V 130 6.65 -77.00 62.62
C GLU V 130 5.63 -75.92 62.25
N ASP V 131 5.38 -74.96 63.14
CA ASP V 131 4.65 -73.75 62.79
C ASP V 131 5.53 -72.52 62.91
N GLY V 132 6.82 -72.65 62.61
CA GLY V 132 7.76 -71.56 62.75
C GLY V 132 7.93 -70.76 61.47
N ASN V 133 9.04 -70.03 61.42
CA ASN V 133 9.36 -69.16 60.28
C ASN V 133 10.47 -69.71 59.41
N ILE V 134 11.56 -70.18 60.02
CA ILE V 134 12.68 -70.72 59.26
C ILE V 134 12.21 -71.82 58.31
N LEU V 135 11.29 -72.66 58.76
CA LEU V 135 10.74 -73.71 57.91
C LEU V 135 9.36 -73.38 57.38
N GLY V 136 8.58 -72.56 58.09
CA GLY V 136 7.20 -72.33 57.73
C GLY V 136 6.98 -71.36 56.60
N HIS V 137 8.00 -71.16 55.76
CA HIS V 137 7.93 -70.31 54.57
C HIS V 137 7.56 -68.87 54.96
N LYS V 138 8.41 -68.27 55.79
CA LYS V 138 8.35 -66.86 56.09
C LYS V 138 9.59 -66.12 55.60
N LEU V 139 10.66 -66.83 55.30
CA LEU V 139 11.93 -66.24 54.92
C LEU V 139 11.91 -65.85 53.45
N GLU V 140 12.81 -64.95 53.07
CA GLU V 140 12.77 -64.34 51.75
C GLU V 140 13.58 -65.15 50.74
N TYR V 141 13.04 -65.23 49.52
CA TYR V 141 13.67 -65.96 48.41
C TYR V 141 14.76 -65.07 47.84
N ASN V 142 15.97 -65.18 48.42
CA ASN V 142 17.12 -64.42 48.00
C ASN V 142 18.38 -65.16 48.41
N PHE V 143 19.50 -64.45 48.37
CA PHE V 143 20.77 -64.98 48.83
C PHE V 143 21.75 -63.83 48.98
N ASN V 144 22.89 -64.09 49.61
CA ASN V 144 23.91 -63.08 49.86
C ASN V 144 25.30 -63.69 49.73
N SER V 145 26.31 -62.83 49.67
CA SER V 145 27.70 -63.26 49.53
C SER V 145 28.23 -63.76 50.86
N HIS V 146 28.95 -64.88 50.83
CA HIS V 146 29.37 -65.51 52.07
C HIS V 146 30.82 -65.95 51.97
N ASN V 147 31.34 -66.41 53.11
CA ASN V 147 32.72 -66.87 53.24
C ASN V 147 32.77 -68.15 54.05
N VAL V 148 33.78 -68.98 53.77
CA VAL V 148 34.01 -70.24 54.46
C VAL V 148 35.43 -70.20 55.01
N TYR V 149 35.61 -70.62 56.27
CA TYR V 149 36.94 -70.75 56.84
C TYR V 149 37.34 -72.21 56.83
N ILE V 150 38.44 -72.52 56.14
CA ILE V 150 38.98 -73.88 56.12
C ILE V 150 40.25 -73.91 56.96
N THR V 151 40.35 -74.93 57.80
CA THR V 151 41.44 -75.11 58.74
C THR V 151 42.02 -76.50 58.59
N ALA V 152 43.35 -76.59 58.61
CA ALA V 152 44.01 -77.89 58.56
C ALA V 152 43.64 -78.71 59.80
N ASP V 153 43.60 -80.02 59.64
CA ASP V 153 43.23 -80.93 60.74
C ASP V 153 44.11 -82.17 60.60
N LYS V 154 45.27 -82.15 61.26
CA LYS V 154 46.18 -83.29 61.17
C LYS V 154 45.64 -84.52 61.87
N GLN V 155 44.71 -84.34 62.82
CA GLN V 155 44.09 -85.48 63.49
C GLN V 155 43.37 -86.38 62.49
N LYS V 156 42.65 -85.79 61.54
CA LYS V 156 42.05 -86.52 60.45
C LYS V 156 42.81 -86.35 59.16
N ASN V 157 44.05 -85.85 59.23
CA ASN V 157 44.93 -85.53 58.10
C ASN V 157 44.15 -84.92 56.92
N GLY V 158 43.10 -84.17 57.27
CA GLY V 158 42.24 -83.51 56.31
C GLY V 158 41.97 -82.09 56.76
N ILE V 159 40.71 -81.65 56.74
CA ILE V 159 40.40 -80.29 57.16
C ILE V 159 39.08 -80.23 57.90
N LYS V 160 38.88 -79.12 58.59
CA LYS V 160 37.58 -78.72 59.09
C LYS V 160 37.16 -77.44 58.36
N ALA V 161 35.85 -77.31 58.13
CA ALA V 161 35.32 -76.11 57.49
C ALA V 161 34.20 -75.56 58.36
N ASN V 162 34.35 -74.29 58.75
CA ASN V 162 33.37 -73.62 59.58
C ASN V 162 32.95 -72.32 58.90
N PHE V 163 31.66 -72.02 59.00
CA PHE V 163 31.18 -70.77 58.41
C PHE V 163 29.81 -70.45 58.98
N LYS V 164 29.34 -69.24 58.68
CA LYS V 164 28.08 -68.74 59.21
C LYS V 164 27.31 -68.10 58.07
N ILE V 165 26.04 -68.48 57.93
CA ILE V 165 25.18 -67.97 56.88
C ILE V 165 24.07 -67.14 57.50
N ARG V 166 23.73 -66.04 56.86
CA ARG V 166 22.66 -65.15 57.32
C ARG V 166 21.59 -65.09 56.24
N HIS V 167 20.42 -65.64 56.54
CA HIS V 167 19.28 -65.61 55.64
C HIS V 167 18.29 -64.57 56.12
N ASN V 168 18.09 -63.52 55.31
CA ASN V 168 17.17 -62.46 55.68
C ASN V 168 15.73 -62.91 55.51
N VAL V 169 14.88 -62.48 56.43
CA VAL V 169 13.47 -62.82 56.41
C VAL V 169 12.72 -61.65 55.75
N GLU V 170 11.50 -61.93 55.28
CA GLU V 170 10.75 -60.93 54.52
C GLU V 170 10.42 -59.71 55.37
N ASP V 171 10.75 -59.73 56.66
CA ASP V 171 10.51 -58.60 57.55
C ASP V 171 11.80 -58.10 58.20
N GLY V 172 12.89 -58.08 57.45
CA GLY V 172 14.14 -57.49 57.90
C GLY V 172 14.97 -58.38 58.80
N SER V 173 14.34 -59.24 59.59
CA SER V 173 15.10 -60.09 60.51
C SER V 173 15.92 -61.12 59.73
N VAL V 174 16.93 -61.66 60.40
CA VAL V 174 17.89 -62.57 59.79
C VAL V 174 17.99 -63.83 60.65
N GLN V 175 18.34 -64.93 60.01
CA GLN V 175 18.60 -66.19 60.68
C GLN V 175 20.05 -66.56 60.43
N LEU V 176 20.80 -66.82 61.50
CA LEU V 176 22.23 -67.12 61.40
C LEU V 176 22.46 -68.61 61.66
N ALA V 177 22.63 -69.36 60.59
CA ALA V 177 22.92 -70.80 60.66
C ALA V 177 24.43 -70.99 60.68
N ASP V 178 24.92 -71.66 61.71
CA ASP V 178 26.34 -71.97 61.84
C ASP V 178 26.60 -73.38 61.31
N HIS V 179 27.59 -73.49 60.43
CA HIS V 179 27.89 -74.75 59.75
C HIS V 179 29.28 -75.22 60.11
N TYR V 180 29.37 -76.47 60.56
CA TYR V 180 30.62 -77.20 60.74
C TYR V 180 30.65 -78.34 59.75
N GLN V 181 31.86 -78.75 59.34
CA GLN V 181 31.98 -79.99 58.59
C GLN V 181 33.41 -80.51 58.66
N GLN V 182 33.54 -81.83 58.72
CA GLN V 182 34.82 -82.52 58.70
C GLN V 182 35.02 -83.11 57.31
N ASN V 183 36.16 -82.79 56.69
CA ASN V 183 36.51 -83.26 55.36
C ASN V 183 37.70 -84.20 55.46
N THR V 184 37.51 -85.45 55.01
CA THR V 184 38.54 -86.48 55.11
C THR V 184 38.63 -87.29 53.83
N PRO V 185 39.83 -87.55 53.33
CA PRO V 185 39.96 -88.33 52.10
C PRO V 185 39.90 -89.82 52.36
N ILE V 186 39.43 -90.56 51.36
CA ILE V 186 39.26 -92.00 51.51
C ILE V 186 40.60 -92.74 51.49
N GLY V 187 41.59 -92.23 50.75
CA GLY V 187 42.85 -92.92 50.63
C GLY V 187 43.89 -92.41 51.59
N ASP V 188 44.88 -93.27 51.86
CA ASP V 188 45.97 -92.96 52.77
C ASP V 188 47.09 -92.17 52.12
N GLY V 189 46.92 -91.77 50.85
CA GLY V 189 47.96 -91.07 50.13
C GLY V 189 48.27 -89.70 50.70
N PRO V 190 49.29 -89.05 50.15
CA PRO V 190 49.64 -87.71 50.62
C PRO V 190 48.75 -86.65 50.00
N VAL V 191 48.01 -85.95 50.87
CA VAL V 191 47.11 -84.88 50.47
C VAL V 191 47.70 -83.56 50.92
N LEU V 192 47.65 -82.58 50.04
CA LEU V 192 48.27 -81.27 50.25
C LEU V 192 47.58 -80.59 51.43
N LEU V 193 48.36 -80.01 52.33
CA LEU V 193 47.83 -79.51 53.59
C LEU V 193 47.65 -78.00 53.53
N PRO V 194 46.43 -77.49 53.52
CA PRO V 194 46.22 -76.05 53.53
C PRO V 194 46.15 -75.48 54.94
N ASP V 195 46.88 -74.39 55.14
CA ASP V 195 46.71 -73.63 56.36
C ASP V 195 45.34 -72.95 56.35
N ASN V 196 44.92 -72.48 57.53
CA ASN V 196 43.59 -71.88 57.68
C ASN V 196 43.51 -70.63 56.81
N HIS V 197 42.53 -70.59 55.92
CA HIS V 197 42.25 -69.38 55.15
C HIS V 197 40.77 -69.39 54.77
N TYR V 198 40.38 -68.47 53.89
CA TYR V 198 38.97 -68.23 53.65
C TYR V 198 38.62 -68.49 52.19
N LEU V 199 37.33 -68.46 51.91
CA LEU V 199 36.79 -68.77 50.60
C LEU V 199 35.50 -68.01 50.39
N SER V 200 35.50 -67.11 49.41
CA SER V 200 34.36 -66.27 49.11
C SER V 200 33.46 -66.97 48.10
N THR V 201 32.16 -66.73 48.22
CA THR V 201 31.14 -67.42 47.43
C THR V 201 29.99 -66.48 47.14
N GLN V 202 29.55 -66.48 45.87
CA GLN V 202 28.37 -65.74 45.44
C GLN V 202 27.50 -66.68 44.62
N SER V 203 26.19 -66.43 44.64
CA SER V 203 25.28 -67.26 43.86
C SER V 203 24.00 -66.49 43.58
N ALA V 204 23.22 -67.03 42.64
CA ALA V 204 21.98 -66.42 42.20
C ALA V 204 20.97 -67.52 41.88
N LEU V 205 19.72 -67.27 42.29
CA LEU V 205 18.62 -68.22 42.23
C LEU V 205 17.55 -67.70 41.28
N SER V 206 16.96 -68.60 40.51
CA SER V 206 15.95 -68.23 39.53
C SER V 206 15.10 -69.44 39.18
N LYS V 207 14.16 -69.23 38.27
CA LYS V 207 13.19 -70.23 37.86
C LYS V 207 13.27 -70.46 36.36
N ASP V 208 12.90 -71.66 35.94
CA ASP V 208 12.59 -71.89 34.53
C ASP V 208 11.15 -71.43 34.28
N PRO V 209 10.87 -70.77 33.15
CA PRO V 209 9.52 -70.22 32.96
C PRO V 209 8.48 -71.25 32.58
N ASN V 210 8.89 -72.41 32.05
CA ASN V 210 7.96 -73.38 31.49
C ASN V 210 8.13 -74.79 32.07
N GLU V 211 8.42 -74.90 33.36
CA GLU V 211 8.48 -76.19 34.04
C GLU V 211 7.45 -76.24 35.15
N LYS V 212 6.60 -77.27 35.14
CA LYS V 212 5.47 -77.33 36.05
C LYS V 212 5.78 -78.01 37.37
N ARG V 213 6.96 -78.62 37.50
CA ARG V 213 7.35 -79.20 38.77
C ARG V 213 7.87 -78.11 39.72
N ASP V 214 8.41 -78.55 40.85
CA ASP V 214 9.16 -77.63 41.70
C ASP V 214 10.63 -77.60 41.26
N HIS V 215 11.08 -76.43 40.81
CA HIS V 215 12.42 -76.30 40.26
C HIS V 215 13.13 -75.17 40.99
N MET V 216 14.46 -75.21 40.92
CA MET V 216 15.28 -74.14 41.47
C MET V 216 16.58 -74.10 40.69
N VAL V 217 16.76 -73.07 39.88
CA VAL V 217 17.93 -72.89 39.03
C VAL V 217 18.90 -72.00 39.79
N LEU V 218 20.20 -72.33 39.74
CA LEU V 218 21.16 -71.58 40.53
C LEU V 218 22.53 -71.59 39.85
N LEU V 219 23.12 -70.40 39.70
CA LEU V 219 24.47 -70.27 39.19
C LEU V 219 25.33 -69.56 40.22
N GLU V 220 26.60 -69.91 40.29
CA GLU V 220 27.41 -69.51 41.43
C GLU V 220 28.89 -69.47 41.10
N PHE V 221 29.59 -68.54 41.76
CA PHE V 221 31.02 -68.34 41.60
C PHE V 221 31.67 -68.46 42.96
N VAL V 222 32.70 -69.31 43.04
CA VAL V 222 33.33 -69.65 44.32
C VAL V 222 34.83 -69.61 44.14
N THR V 223 35.52 -68.91 45.03
CA THR V 223 36.98 -68.85 44.92
C THR V 223 37.57 -68.49 46.28
N ALA V 224 38.76 -69.02 46.53
CA ALA V 224 39.38 -68.96 47.85
C ALA V 224 40.56 -67.99 47.87
N ALA V 225 40.99 -67.66 49.09
CA ALA V 225 42.15 -66.82 49.33
C ALA V 225 42.52 -66.92 50.80
N GLY V 226 43.44 -66.06 51.23
CA GLY V 226 43.85 -65.98 52.62
C GLY V 226 45.33 -65.76 52.82
N ILE V 227 46.14 -66.01 51.82
CA ILE V 227 47.57 -65.81 51.91
C ILE V 227 47.92 -64.51 51.20
N THR V 228 48.69 -63.66 51.86
CA THR V 228 49.16 -62.43 51.23
C THR V 228 50.51 -62.70 50.59
N HIS V 229 50.49 -63.34 49.41
CA HIS V 229 51.70 -63.76 48.74
C HIS V 229 52.25 -62.64 47.85
N HIS V 230 53.48 -62.85 47.39
CA HIS V 230 54.20 -61.84 46.63
C HIS V 230 53.52 -61.51 45.31
N GLY W 54 83.25 -10.80 7.03
CA GLY W 54 82.72 -9.93 8.07
C GLY W 54 83.14 -8.49 7.92
N LYS W 55 84.42 -8.28 7.59
CA LYS W 55 84.97 -6.96 7.37
C LYS W 55 85.95 -6.91 6.21
N GLU W 56 86.50 -8.05 5.79
CA GLU W 56 87.53 -8.09 4.77
C GLU W 56 87.02 -7.78 3.36
N LEU W 57 85.72 -7.56 3.19
CA LEU W 57 85.19 -7.25 1.85
C LEU W 57 85.35 -5.79 1.51
N LEU W 58 85.36 -4.92 2.51
CA LEU W 58 85.30 -3.48 2.24
C LEU W 58 86.58 -2.98 1.58
N GLU W 59 87.74 -3.49 2.00
CA GLU W 59 88.98 -3.03 1.40
C GLU W 59 89.09 -3.49 -0.05
N ALA W 60 88.50 -4.65 -0.35
CA ALA W 60 88.48 -5.13 -1.73
C ALA W 60 87.52 -4.31 -2.58
N ALA W 61 86.41 -3.86 -1.99
CA ALA W 61 85.54 -2.92 -2.69
C ALA W 61 86.25 -1.60 -2.95
N ARG W 62 87.01 -1.13 -1.96
CA ARG W 62 87.72 0.14 -2.10
C ARG W 62 88.82 0.05 -3.15
N ALA W 63 89.57 -1.05 -3.18
CA ALA W 63 90.61 -1.23 -4.18
C ALA W 63 90.05 -1.56 -5.56
N GLY W 64 88.73 -1.73 -5.69
CA GLY W 64 88.14 -2.11 -6.95
C GLY W 64 88.32 -3.57 -7.31
N GLN W 65 88.58 -4.42 -6.33
CA GLN W 65 88.76 -5.85 -6.58
C GLN W 65 87.39 -6.50 -6.77
N ASP W 66 86.84 -6.31 -7.96
CA ASP W 66 85.51 -6.83 -8.25
C ASP W 66 85.47 -8.35 -8.15
N ASP W 67 86.52 -9.03 -8.61
CA ASP W 67 86.54 -10.48 -8.54
C ASP W 67 86.69 -10.97 -7.10
N GLU W 68 87.45 -10.23 -6.29
CA GLU W 68 87.61 -10.65 -4.90
C GLU W 68 86.30 -10.52 -4.13
N VAL W 69 85.62 -9.37 -4.24
CA VAL W 69 84.34 -9.22 -3.57
C VAL W 69 83.32 -10.19 -4.15
N ALA W 70 83.46 -10.53 -5.43
CA ALA W 70 82.60 -11.56 -6.01
C ALA W 70 82.78 -12.90 -5.28
N VAL W 71 84.01 -13.40 -5.24
CA VAL W 71 84.24 -14.74 -4.68
C VAL W 71 84.00 -14.74 -3.17
N LEU W 72 84.17 -13.59 -2.52
CA LEU W 72 84.00 -13.53 -1.08
C LEU W 72 82.54 -13.29 -0.68
N MET W 73 81.73 -12.73 -1.57
CA MET W 73 80.30 -12.61 -1.33
C MET W 73 79.56 -13.86 -1.74
N ALA W 74 80.08 -14.62 -2.71
CA ALA W 74 79.55 -15.95 -2.98
C ALA W 74 79.53 -16.77 -1.72
N ARG W 75 80.66 -16.83 -1.03
CA ARG W 75 80.69 -17.34 0.35
C ARG W 75 79.96 -16.36 1.26
N GLY W 76 79.22 -16.91 2.21
CA GLY W 76 78.42 -16.10 3.13
C GLY W 76 79.20 -14.99 3.81
N ALA W 77 78.88 -13.74 3.45
CA ALA W 77 79.59 -12.59 3.96
C ALA W 77 78.60 -11.49 4.31
N GLU W 78 79.04 -10.53 5.11
CA GLU W 78 78.19 -9.42 5.50
C GLU W 78 78.02 -8.45 4.34
N VAL W 79 76.79 -8.31 3.84
CA VAL W 79 76.54 -7.37 2.77
C VAL W 79 76.23 -5.96 3.30
N ASN W 80 75.40 -5.84 4.33
CA ASN W 80 75.05 -4.55 4.92
C ASN W 80 75.98 -4.19 6.07
N ALA W 81 77.27 -4.21 5.81
CA ALA W 81 78.27 -3.96 6.84
C ALA W 81 78.30 -2.48 7.21
N ALA W 82 78.15 -2.23 8.50
CA ALA W 82 78.36 -0.91 9.08
C ALA W 82 79.77 -0.88 9.66
N ASP W 83 80.54 0.14 9.28
CA ASP W 83 81.96 0.15 9.57
C ASP W 83 82.30 1.21 10.61
N ASP W 84 83.60 1.40 10.79
CA ASP W 84 84.16 2.25 11.85
C ASP W 84 83.66 3.70 11.79
N VAL W 85 83.14 4.16 10.66
CA VAL W 85 82.55 5.49 10.60
C VAL W 85 81.18 5.38 9.91
N GLY W 86 80.77 4.16 9.59
CA GLY W 86 79.44 3.94 9.05
C GLY W 86 79.41 3.89 7.54
N VAL W 87 80.54 3.53 6.94
CA VAL W 87 80.70 3.52 5.49
C VAL W 87 80.48 2.08 5.05
N THR W 88 79.36 1.84 4.37
CA THR W 88 79.07 0.50 3.85
C THR W 88 79.85 0.30 2.55
N PRO W 89 80.20 -0.95 2.22
CA PRO W 89 80.84 -1.21 0.92
C PRO W 89 80.17 -0.54 -0.27
N LEU W 90 78.86 -0.30 -0.20
CA LEU W 90 78.20 0.40 -1.30
C LEU W 90 78.66 1.85 -1.40
N HIS W 91 78.86 2.51 -0.25
CA HIS W 91 79.33 3.89 -0.27
C HIS W 91 80.69 3.99 -0.95
N LEU W 92 81.64 3.15 -0.55
CA LEU W 92 82.98 3.14 -1.14
C LEU W 92 82.97 2.65 -2.58
N ALA W 93 82.02 1.79 -2.94
CA ALA W 93 81.87 1.35 -4.32
C ALA W 93 81.27 2.42 -5.20
N ALA W 94 80.56 3.38 -4.62
CA ALA W 94 80.03 4.52 -5.35
C ALA W 94 81.00 5.68 -5.45
N GLN W 95 81.78 5.94 -4.38
CA GLN W 95 82.79 7.00 -4.44
C GLN W 95 83.72 6.79 -5.63
N ARG W 96 84.41 5.66 -5.66
CA ARG W 96 85.13 5.25 -6.85
C ARG W 96 84.14 4.74 -7.89
N GLY W 97 84.52 4.84 -9.15
CA GLY W 97 83.61 4.40 -10.19
C GLY W 97 83.74 2.92 -10.49
N HIS W 98 82.87 2.12 -9.88
CA HIS W 98 82.94 0.67 -9.99
C HIS W 98 81.51 0.15 -10.11
N LEU W 99 81.04 0.00 -11.34
CA LEU W 99 79.67 -0.44 -11.59
C LEU W 99 79.45 -1.91 -11.25
N ALA W 100 80.43 -2.77 -11.55
CA ALA W 100 80.28 -4.19 -11.30
C ALA W 100 80.10 -4.47 -9.81
N ILE W 101 80.82 -3.74 -8.97
CA ILE W 101 80.75 -4.00 -7.54
C ILE W 101 79.38 -3.57 -6.99
N VAL W 102 78.86 -2.43 -7.43
CA VAL W 102 77.56 -2.01 -6.93
C VAL W 102 76.46 -2.92 -7.47
N SER W 103 76.65 -3.47 -8.67
CA SER W 103 75.66 -4.40 -9.19
C SER W 103 75.63 -5.68 -8.37
N VAL W 104 76.80 -6.27 -8.13
CA VAL W 104 76.85 -7.52 -7.37
C VAL W 104 76.53 -7.29 -5.90
N LEU W 105 76.61 -6.04 -5.44
CA LEU W 105 76.19 -5.75 -4.07
C LEU W 105 74.69 -5.55 -3.97
N LEU W 106 74.08 -4.85 -4.94
CA LEU W 106 72.63 -4.73 -4.97
C LEU W 106 71.96 -6.08 -5.11
N ALA W 107 72.48 -6.93 -6.00
CA ALA W 107 71.87 -8.26 -6.19
C ALA W 107 71.90 -9.06 -4.89
N PHE W 108 72.92 -8.88 -4.07
CA PHE W 108 73.03 -9.62 -2.82
C PHE W 108 72.32 -8.95 -1.65
N GLY W 109 71.55 -7.90 -1.89
CA GLY W 109 70.72 -7.35 -0.83
C GLY W 109 71.33 -6.21 -0.05
N ALA W 110 71.88 -5.22 -0.76
CA ALA W 110 72.36 -4.03 -0.10
C ALA W 110 71.24 -2.99 0.00
N SER W 111 71.43 -2.03 0.90
CA SER W 111 70.45 -0.96 1.07
C SER W 111 70.94 0.28 0.35
N VAL W 112 70.13 0.79 -0.58
CA VAL W 112 70.49 2.00 -1.31
C VAL W 112 70.42 3.24 -0.43
N ASN W 113 69.56 3.25 0.58
CA ASN W 113 69.47 4.35 1.53
C ASN W 113 70.16 3.93 2.82
N ALA W 114 71.42 4.31 2.98
CA ALA W 114 72.21 3.88 4.12
C ALA W 114 72.78 5.10 4.81
N ALA W 115 72.17 5.43 5.95
CA ALA W 115 72.42 6.71 6.63
C ALA W 115 73.84 6.70 7.21
N ASP W 116 74.77 7.26 6.46
CA ASP W 116 76.14 7.42 6.92
C ASP W 116 76.19 8.27 8.18
N LEU W 117 77.30 8.17 8.90
CA LEU W 117 77.47 8.95 10.12
C LEU W 117 77.48 10.45 9.83
N TRP W 118 77.77 10.84 8.60
CA TRP W 118 77.73 12.23 8.19
C TRP W 118 76.43 12.62 7.52
N GLY W 119 75.55 11.66 7.24
CA GLY W 119 74.30 11.94 6.57
C GLY W 119 74.31 11.65 5.09
N GLN W 120 75.37 11.03 4.56
CA GLN W 120 75.43 10.76 3.15
C GLN W 120 74.82 9.41 2.82
N THR W 121 74.63 9.19 1.52
CA THR W 121 73.97 8.05 0.92
C THR W 121 74.76 7.78 -0.36
N PRO W 122 74.83 6.53 -0.86
CA PRO W 122 75.58 6.30 -2.10
C PRO W 122 75.19 7.21 -3.24
N LEU W 123 73.93 7.65 -3.29
CA LEU W 123 73.51 8.60 -4.33
C LEU W 123 74.21 9.94 -4.17
N HIS W 124 74.42 10.39 -2.93
CA HIS W 124 75.13 11.64 -2.70
C HIS W 124 76.54 11.58 -3.26
N LEU W 125 77.32 10.60 -2.83
CA LEU W 125 78.69 10.46 -3.28
C LEU W 125 78.79 10.16 -4.77
N ALA W 126 77.86 9.39 -5.32
CA ALA W 126 77.88 9.10 -6.75
C ALA W 126 77.56 10.32 -7.59
N ALA W 127 76.59 11.13 -7.17
CA ALA W 127 76.29 12.37 -7.88
C ALA W 127 77.43 13.36 -7.75
N THR W 128 78.11 13.39 -6.60
CA THR W 128 79.24 14.28 -6.46
C THR W 128 80.42 13.84 -7.32
N ALA W 129 80.67 12.53 -7.41
CA ALA W 129 81.82 12.05 -8.17
C ALA W 129 81.68 12.36 -9.66
N GLY W 130 80.64 11.83 -10.30
CA GLY W 130 80.41 12.12 -11.70
C GLY W 130 80.13 10.91 -12.56
N HIS W 131 79.90 9.77 -11.93
CA HIS W 131 79.67 8.53 -12.68
C HIS W 131 78.18 8.36 -12.94
N LEU W 132 77.80 8.38 -14.21
CA LEU W 132 76.38 8.40 -14.57
C LEU W 132 75.75 7.03 -14.44
N GLU W 133 76.45 5.98 -14.84
CA GLU W 133 75.89 4.63 -14.81
C GLU W 133 75.52 4.21 -13.39
N ILE W 134 76.35 4.55 -12.41
CA ILE W 134 76.01 4.23 -11.03
C ILE W 134 74.78 5.00 -10.59
N VAL W 135 74.67 6.27 -10.98
CA VAL W 135 73.49 7.05 -10.65
C VAL W 135 72.24 6.40 -11.23
N GLU W 136 72.29 5.95 -12.48
CA GLU W 136 71.13 5.31 -13.09
C GLU W 136 70.76 4.02 -12.35
N VAL W 137 71.74 3.15 -12.10
CA VAL W 137 71.41 1.86 -11.50
C VAL W 137 70.97 2.04 -10.05
N LEU W 138 71.35 3.15 -9.42
CA LEU W 138 70.86 3.42 -8.07
C LEU W 138 69.46 3.99 -8.10
N LEU W 139 69.17 4.87 -9.05
CA LEU W 139 67.84 5.45 -9.16
C LEU W 139 66.80 4.40 -9.53
N ARG W 140 67.20 3.42 -10.35
CA ARG W 140 66.28 2.35 -10.70
C ARG W 140 66.07 1.37 -9.55
N SER W 141 66.96 1.35 -8.56
CA SER W 141 66.86 0.41 -7.46
C SER W 141 66.13 0.97 -6.25
N GLY W 142 65.75 2.25 -6.28
CA GLY W 142 65.00 2.84 -5.19
C GLY W 142 65.72 3.89 -4.38
N ALA W 143 66.74 4.54 -4.93
CA ALA W 143 67.40 5.62 -4.20
C ALA W 143 66.48 6.84 -4.14
N SER W 144 66.51 7.53 -3.00
CA SER W 144 65.65 8.67 -2.77
C SER W 144 66.34 9.96 -3.20
N VAL W 145 65.78 10.59 -4.24
CA VAL W 145 66.37 11.80 -4.81
C VAL W 145 66.32 12.99 -3.88
N ASN W 146 65.55 12.94 -2.80
CA ASN W 146 65.38 14.08 -1.92
C ASN W 146 65.78 13.74 -0.49
N ALA W 147 66.91 13.06 -0.34
CA ALA W 147 67.49 12.83 0.97
C ALA W 147 68.47 13.95 1.30
N ARG W 148 68.58 14.27 2.58
CA ARG W 148 69.33 15.43 3.03
C ARG W 148 70.60 15.02 3.75
N ASP W 149 71.61 15.90 3.68
CA ASP W 149 72.80 15.85 4.51
C ASP W 149 72.52 16.49 5.87
N ASN W 150 73.60 16.76 6.61
CA ASN W 150 73.47 17.63 7.77
C ASN W 150 73.40 19.09 7.34
N ILE W 151 74.23 19.49 6.38
CA ILE W 151 74.06 20.81 5.77
C ILE W 151 72.69 20.96 5.12
N GLY W 152 72.07 19.86 4.70
CA GLY W 152 70.79 19.89 4.03
C GLY W 152 70.86 19.67 2.54
N HIS W 153 72.03 19.36 1.99
CA HIS W 153 72.17 19.21 0.55
C HIS W 153 71.40 17.99 0.06
N THR W 154 70.79 18.13 -1.11
CA THR W 154 70.19 17.02 -1.83
C THR W 154 71.08 16.64 -3.00
N PRO W 155 70.92 15.43 -3.55
CA PRO W 155 71.81 15.03 -4.65
C PRO W 155 71.87 16.01 -5.79
N LEU W 156 70.83 16.83 -5.99
CA LEU W 156 70.87 17.82 -7.06
C LEU W 156 71.75 19.00 -6.68
N HIS W 157 71.78 19.38 -5.39
CA HIS W 157 72.74 20.38 -4.93
C HIS W 157 74.15 20.00 -5.35
N LEU W 158 74.55 18.75 -5.09
CA LEU W 158 75.89 18.29 -5.42
C LEU W 158 76.09 18.15 -6.91
N ALA W 159 75.06 17.68 -7.63
CA ALA W 159 75.17 17.59 -9.07
C ALA W 159 75.37 18.96 -9.70
N ALA W 160 74.78 20.00 -9.13
CA ALA W 160 74.95 21.36 -9.65
C ALA W 160 76.28 21.97 -9.23
N TRP W 161 76.72 21.73 -8.00
CA TRP W 161 78.02 22.21 -7.57
C TRP W 161 79.14 21.60 -8.42
N ALA W 162 79.14 20.27 -8.57
CA ALA W 162 80.23 19.61 -9.26
C ALA W 162 80.28 19.97 -10.74
N GLY W 163 79.12 20.25 -11.34
CA GLY W 163 79.06 20.58 -12.74
C GLY W 163 78.76 19.45 -13.68
N HIS W 164 77.91 18.50 -13.30
CA HIS W 164 77.63 17.32 -14.10
C HIS W 164 76.27 17.47 -14.77
N LEU W 165 76.27 17.76 -16.07
CA LEU W 165 75.03 18.09 -16.76
C LEU W 165 74.12 16.88 -16.90
N GLU W 166 74.67 15.77 -17.39
CA GLU W 166 73.86 14.57 -17.63
C GLU W 166 73.27 14.03 -16.34
N ILE W 167 74.04 14.10 -15.25
CA ILE W 167 73.51 13.67 -13.95
C ILE W 167 72.40 14.61 -13.50
N VAL W 168 72.55 15.90 -13.77
CA VAL W 168 71.47 16.84 -13.46
C VAL W 168 70.21 16.47 -14.22
N GLU W 169 70.35 16.10 -15.49
CA GLU W 169 69.19 15.69 -16.27
C GLU W 169 68.52 14.46 -15.70
N VAL W 170 69.29 13.41 -15.42
CA VAL W 170 68.67 12.18 -14.93
C VAL W 170 68.07 12.39 -13.55
N LEU W 171 68.64 13.29 -12.75
CA LEU W 171 68.05 13.58 -11.45
C LEU W 171 66.78 14.40 -11.57
N LEU W 172 66.69 15.27 -12.58
CA LEU W 172 65.46 16.02 -12.79
C LEU W 172 64.35 15.16 -13.35
N ALA W 173 64.68 14.14 -14.14
CA ALA W 173 63.69 13.20 -14.63
C ALA W 173 63.06 12.34 -13.54
N TYR W 174 63.77 12.12 -12.43
CA TYR W 174 63.31 11.21 -11.38
C TYR W 174 62.65 11.92 -10.22
N GLY W 175 62.45 13.23 -10.31
CA GLY W 175 61.66 13.94 -9.33
C GLY W 175 62.42 14.84 -8.38
N ALA W 176 63.68 15.16 -8.67
CA ALA W 176 64.37 16.17 -7.89
C ALA W 176 63.76 17.53 -8.16
N ASP W 177 63.52 18.28 -7.08
CA ASP W 177 62.89 19.60 -7.16
C ASP W 177 63.95 20.68 -7.30
N VAL W 178 63.63 21.72 -8.07
CA VAL W 178 64.66 22.70 -8.39
C VAL W 178 64.80 23.75 -7.30
N PHE W 179 63.70 24.18 -6.67
CA PHE W 179 63.83 25.13 -5.57
C PHE W 179 63.74 24.45 -4.21
N ALA W 180 64.75 23.66 -3.88
CA ALA W 180 64.93 23.14 -2.53
C ALA W 180 66.13 23.83 -1.92
N GLN W 181 66.09 24.05 -0.61
CA GLN W 181 67.14 24.80 0.06
C GLN W 181 67.91 23.90 1.02
N ASP W 182 69.11 24.36 1.38
CA ASP W 182 69.90 23.78 2.45
C ASP W 182 69.74 24.65 3.69
N LYS W 183 70.43 24.28 4.77
CA LYS W 183 70.34 25.06 6.00
C LYS W 183 70.74 26.51 5.78
N PHE W 184 71.71 26.77 4.91
CA PHE W 184 72.18 28.12 4.70
C PHE W 184 71.35 28.89 3.68
N GLY W 185 70.33 28.28 3.11
CA GLY W 185 69.34 29.00 2.32
C GLY W 185 69.52 28.96 0.81
N LYS W 186 70.44 28.16 0.29
CA LYS W 186 70.73 28.16 -1.13
C LYS W 186 70.02 27.04 -1.86
N THR W 187 69.63 27.32 -3.10
CA THR W 187 69.04 26.39 -4.04
C THR W 187 70.09 25.96 -5.05
N PRO W 188 69.90 24.81 -5.71
CA PRO W 188 70.89 24.36 -6.69
C PRO W 188 71.30 25.41 -7.70
N PHE W 189 70.40 26.31 -8.07
CA PHE W 189 70.77 27.39 -8.98
C PHE W 189 71.82 28.31 -8.38
N ASP W 190 71.79 28.50 -7.06
CA ASP W 190 72.80 29.35 -6.43
C ASP W 190 74.16 28.67 -6.42
N LEU W 191 74.21 27.40 -6.01
CA LEU W 191 75.47 26.67 -6.08
C LEU W 191 75.98 26.57 -7.52
N ALA W 192 75.07 26.68 -8.50
CA ALA W 192 75.50 26.64 -9.89
C ALA W 192 76.05 27.98 -10.34
N ILE W 193 75.49 29.09 -9.86
CA ILE W 193 75.93 30.39 -10.35
C ILE W 193 77.12 30.91 -9.58
N ASP W 194 77.35 30.42 -8.36
CA ASP W 194 78.53 30.86 -7.61
C ASP W 194 79.77 30.02 -7.88
N ASN W 195 79.73 29.12 -8.86
CA ASN W 195 80.84 28.24 -9.16
C ASN W 195 81.21 28.23 -10.64
N GLY W 196 80.64 29.13 -11.42
CA GLY W 196 80.94 29.18 -12.83
C GLY W 196 80.35 28.07 -13.67
N ASN W 197 79.69 27.09 -13.06
CA ASN W 197 78.96 26.08 -13.81
C ASN W 197 77.81 26.75 -14.54
N GLU W 198 77.94 26.87 -15.87
CA GLU W 198 77.09 27.77 -16.65
C GLU W 198 75.79 27.14 -17.11
N ASP W 199 75.81 25.90 -17.61
CA ASP W 199 74.63 25.38 -18.27
C ASP W 199 73.67 24.75 -17.28
N ILE W 200 74.18 24.23 -16.18
CA ILE W 200 73.32 23.84 -15.07
C ILE W 200 72.42 25.00 -14.71
N ALA W 201 73.00 26.19 -14.58
CA ALA W 201 72.23 27.39 -14.28
C ALA W 201 71.18 27.66 -15.33
N GLU W 202 71.50 27.47 -16.62
CA GLU W 202 70.52 27.78 -17.66
C GLU W 202 69.35 26.81 -17.64
N VAL W 203 69.63 25.51 -17.56
CA VAL W 203 68.55 24.53 -17.57
C VAL W 203 67.78 24.52 -16.26
N LEU W 204 68.31 25.11 -15.19
CA LEU W 204 67.49 25.25 -13.99
C LEU W 204 66.70 26.55 -14.00
N GLN W 205 67.25 27.61 -14.62
CA GLN W 205 66.52 28.85 -14.78
C GLN W 205 65.31 28.67 -15.68
N ARG W 206 65.43 27.86 -16.72
CA ARG W 206 64.27 27.61 -17.58
C ARG W 206 63.12 27.00 -16.79
N LEU W 207 63.42 26.09 -15.85
CA LEU W 207 62.35 25.44 -15.08
C LEU W 207 61.76 26.39 -14.05
N LEU W 208 62.62 27.13 -13.34
CA LEU W 208 62.11 28.15 -12.43
C LEU W 208 61.16 29.11 -13.15
N GLU W 209 61.54 29.52 -14.36
CA GLU W 209 60.72 30.46 -15.11
C GLU W 209 59.42 29.83 -15.59
N CYS W 210 59.45 28.57 -16.02
CA CYS W 210 58.21 27.90 -16.40
C CYS W 210 57.22 27.86 -15.24
N ARG W 211 57.70 27.50 -14.05
CA ARG W 211 56.78 27.45 -12.92
C ARG W 211 56.24 28.82 -12.56
N ARG W 212 57.09 29.84 -12.55
CA ARG W 212 56.64 31.20 -12.25
C ARG W 212 55.59 31.68 -13.24
N ASP W 213 55.81 31.43 -14.53
CA ASP W 213 54.90 31.92 -15.56
C ASP W 213 53.56 31.20 -15.54
N ALA W 214 53.56 29.88 -15.27
CA ALA W 214 52.29 29.20 -15.15
C ALA W 214 51.49 29.72 -13.96
N GLU W 215 52.15 29.96 -12.83
CA GLU W 215 51.47 30.54 -11.69
C GLU W 215 50.82 31.88 -12.04
N ALA W 216 51.59 32.77 -12.68
CA ALA W 216 51.07 34.07 -13.08
C ALA W 216 49.89 33.97 -14.03
N ALA W 217 49.95 33.10 -15.03
CA ALA W 217 48.84 32.97 -15.97
C ALA W 217 47.58 32.43 -15.31
N ILE W 218 47.71 31.52 -14.34
CA ILE W 218 46.50 31.05 -13.67
C ILE W 218 45.88 32.15 -12.83
N ASN W 219 46.71 32.98 -12.19
CA ASN W 219 46.15 34.13 -11.48
C ASN W 219 45.40 35.07 -12.41
N TYR W 220 45.97 35.34 -13.59
CA TYR W 220 45.30 36.24 -14.52
C TYR W 220 43.98 35.65 -15.02
N GLN W 221 43.92 34.33 -15.20
CA GLN W 221 42.66 33.72 -15.61
C GLN W 221 41.60 33.81 -14.53
N ILE W 222 42.01 33.67 -13.26
CA ILE W 222 41.05 33.85 -12.17
C ILE W 222 40.45 35.26 -12.22
N ASN W 223 41.31 36.27 -12.38
CA ASN W 223 40.80 37.64 -12.45
C ASN W 223 39.89 37.85 -13.64
N LEU W 224 40.21 37.26 -14.79
CA LEU W 224 39.39 37.45 -15.97
C LEU W 224 38.00 36.84 -15.81
N GLU W 225 37.91 35.66 -15.19
CA GLU W 225 36.58 35.09 -14.99
C GLU W 225 35.78 35.86 -13.95
N LEU W 226 36.42 36.39 -12.92
CA LEU W 226 35.68 37.24 -11.98
C LEU W 226 35.15 38.50 -12.66
N TYR W 227 35.94 39.10 -13.55
CA TYR W 227 35.47 40.25 -14.31
C TYR W 227 34.29 39.90 -15.21
N ALA W 228 34.36 38.76 -15.89
CA ALA W 228 33.22 38.36 -16.72
C ALA W 228 31.96 38.15 -15.90
N SER W 229 32.08 37.56 -14.72
CA SER W 229 30.93 37.40 -13.84
C SER W 229 30.31 38.74 -13.48
N TYR W 230 31.14 39.73 -13.17
CA TYR W 230 30.65 41.07 -12.85
C TYR W 230 29.95 41.71 -14.05
N VAL W 231 30.50 41.55 -15.25
CA VAL W 231 29.87 42.11 -16.44
C VAL W 231 28.50 41.51 -16.67
N TYR W 232 28.36 40.19 -16.48
CA TYR W 232 27.05 39.57 -16.65
C TYR W 232 26.06 40.03 -15.61
N LEU W 233 26.51 40.27 -14.38
CA LEU W 233 25.60 40.80 -13.36
C LEU W 233 25.06 42.17 -13.75
N SER W 234 25.94 43.03 -14.25
CA SER W 234 25.50 44.33 -14.76
C SER W 234 24.47 44.17 -15.89
N MET W 235 24.80 43.35 -16.90
CA MET W 235 23.86 43.09 -17.99
C MET W 235 22.50 42.63 -17.48
N SER W 236 22.49 41.69 -16.54
CA SER W 236 21.24 41.16 -16.02
C SER W 236 20.39 42.20 -15.33
N TYR W 237 20.97 43.05 -14.50
CA TYR W 237 20.15 44.06 -13.84
C TYR W 237 19.88 45.26 -14.71
N TYR W 238 20.40 45.31 -15.93
CA TYR W 238 19.92 46.31 -16.89
C TYR W 238 18.52 45.97 -17.39
N PHE W 239 18.27 44.71 -17.73
CA PHE W 239 16.98 44.30 -18.27
C PHE W 239 15.89 44.22 -17.21
N ASP W 240 16.16 44.66 -15.99
CA ASP W 240 15.19 44.63 -14.91
C ASP W 240 14.60 45.99 -14.64
N ARG W 241 15.14 47.04 -15.25
CA ARG W 241 14.56 48.38 -15.13
C ARG W 241 13.14 48.35 -15.66
N ASP W 242 12.33 49.36 -15.35
CA ASP W 242 10.96 49.36 -15.85
C ASP W 242 10.80 50.10 -17.16
N ASP W 243 11.87 50.74 -17.66
CA ASP W 243 11.85 51.15 -19.05
C ASP W 243 12.54 50.13 -19.94
N VAL W 244 12.99 49.02 -19.37
CA VAL W 244 13.47 47.86 -20.11
C VAL W 244 12.82 46.64 -19.45
N ALA W 245 11.64 46.24 -19.90
CA ALA W 245 10.86 45.26 -19.16
C ALA W 245 10.97 43.87 -19.78
N LEU W 246 12.17 43.31 -19.75
CA LEU W 246 12.42 41.98 -20.31
C LEU W 246 12.95 41.07 -19.21
N LYS W 247 12.15 40.09 -18.80
CA LYS W 247 12.44 39.27 -17.63
C LYS W 247 13.32 38.07 -17.92
N ASN W 248 13.18 37.49 -19.11
CA ASN W 248 13.93 36.28 -19.39
C ASN W 248 15.34 36.58 -19.87
N PHE W 249 15.54 37.73 -20.49
CA PHE W 249 16.89 38.25 -20.67
C PHE W 249 17.61 38.39 -19.32
N ALA W 250 16.90 38.89 -18.32
CA ALA W 250 17.45 39.05 -16.98
C ALA W 250 17.81 37.70 -16.35
N LYS W 251 16.91 36.72 -16.42
CA LYS W 251 17.23 35.41 -15.88
C LYS W 251 18.41 34.78 -16.61
N TYR W 252 18.44 34.89 -17.94
CA TYR W 252 19.57 34.39 -18.72
C TYR W 252 20.88 34.94 -18.20
N PHE W 253 21.01 36.26 -18.13
CA PHE W 253 22.30 36.80 -17.76
C PHE W 253 22.63 36.59 -16.28
N LEU W 254 21.65 36.43 -15.40
CA LEU W 254 22.00 36.04 -14.04
C LEU W 254 22.56 34.62 -13.96
N HIS W 255 21.98 33.70 -14.72
CA HIS W 255 22.53 32.35 -14.78
C HIS W 255 23.97 32.35 -15.26
N GLN W 256 24.25 33.12 -16.32
CA GLN W 256 25.64 33.19 -16.78
C GLN W 256 26.55 33.81 -15.74
N SER W 257 26.08 34.83 -15.03
CA SER W 257 26.85 35.43 -13.95
C SER W 257 27.27 34.42 -12.89
N HIS W 258 26.40 33.47 -12.54
CA HIS W 258 26.79 32.51 -11.52
C HIS W 258 27.69 31.41 -12.05
N GLU W 259 27.47 30.97 -13.28
CA GLU W 259 28.34 29.98 -13.89
C GLU W 259 29.78 30.49 -13.97
N GLU W 260 29.95 31.77 -14.31
CA GLU W 260 31.30 32.30 -14.42
C GLU W 260 32.02 32.41 -13.08
N ARG W 261 31.32 32.39 -11.96
CA ARG W 261 32.02 32.35 -10.68
C ARG W 261 32.40 30.94 -10.31
N GLU W 262 31.55 29.97 -10.64
CA GLU W 262 31.99 28.57 -10.51
C GLU W 262 33.26 28.33 -11.31
N HIS W 263 33.35 28.88 -12.52
CA HIS W 263 34.56 28.72 -13.34
C HIS W 263 35.81 29.20 -12.62
N ALA W 264 35.74 30.33 -11.93
CA ALA W 264 36.93 30.88 -11.28
C ALA W 264 37.28 30.14 -10.01
N GLU W 265 36.28 29.67 -9.26
CA GLU W 265 36.59 28.86 -8.09
C GLU W 265 37.26 27.55 -8.48
N LYS W 266 36.93 26.99 -9.64
CA LYS W 266 37.64 25.80 -10.09
C LYS W 266 39.13 26.07 -10.28
N LEU W 267 39.48 27.23 -10.82
CA LEU W 267 40.89 27.54 -11.03
C LEU W 267 41.60 27.84 -9.72
N MET W 268 40.89 28.43 -8.75
CA MET W 268 41.49 28.61 -7.43
C MET W 268 41.82 27.28 -6.79
N LYS W 269 40.86 26.35 -6.81
CA LYS W 269 41.12 25.02 -6.30
C LYS W 269 42.30 24.36 -7.01
N LEU W 270 42.34 24.47 -8.34
CA LEU W 270 43.49 23.95 -9.08
C LEU W 270 44.80 24.50 -8.58
N GLN W 271 44.90 25.82 -8.42
CA GLN W 271 46.17 26.40 -8.02
C GLN W 271 46.54 26.03 -6.59
N ASN W 272 45.56 25.70 -5.76
CA ASN W 272 45.91 25.18 -4.45
C ASN W 272 46.40 23.73 -4.53
N GLN W 273 45.88 22.96 -5.48
CA GLN W 273 46.35 21.58 -5.66
C GLN W 273 47.78 21.52 -6.18
N ARG W 274 48.22 22.54 -6.90
CA ARG W 274 49.55 22.54 -7.48
C ARG W 274 50.62 23.03 -6.51
N GLY W 275 50.24 23.64 -5.41
CA GLY W 275 51.19 24.21 -4.47
C GLY W 275 51.56 25.64 -4.75
N GLY W 276 50.82 26.34 -5.61
CA GLY W 276 51.10 27.72 -5.92
C GLY W 276 50.38 28.67 -4.98
N GLU W 277 50.57 29.97 -5.24
CA GLU W 277 50.03 31.02 -4.39
C GLU W 277 48.99 31.82 -5.15
N ILE W 278 47.76 31.80 -4.65
CA ILE W 278 46.72 32.66 -5.19
C ILE W 278 46.99 34.09 -4.76
N SER W 279 46.93 35.02 -5.71
CA SER W 279 47.08 36.44 -5.41
C SER W 279 45.95 37.18 -6.11
N LEU W 280 44.90 37.49 -5.35
CA LEU W 280 43.71 38.13 -5.88
C LEU W 280 43.98 39.61 -6.10
N GLN W 281 43.25 40.20 -7.03
CA GLN W 281 43.46 41.59 -7.43
C GLN W 281 42.15 42.32 -7.59
N SER W 282 42.24 43.55 -8.07
CA SER W 282 41.09 44.44 -8.19
C SER W 282 40.28 44.04 -9.42
N ILE W 283 38.96 44.15 -9.31
CA ILE W 283 38.08 43.81 -10.43
C ILE W 283 37.55 45.09 -11.05
N SER W 284 37.86 45.31 -12.32
CA SER W 284 37.39 46.50 -13.00
C SER W 284 35.87 46.49 -13.12
N SER W 285 35.31 47.67 -13.29
CA SER W 285 33.87 47.73 -13.50
C SER W 285 33.57 47.60 -14.98
N PRO W 286 32.40 47.07 -15.33
CA PRO W 286 32.07 46.91 -16.75
C PRO W 286 32.09 48.25 -17.47
N ASP W 287 32.28 48.19 -18.78
CA ASP W 287 32.50 49.41 -19.53
C ASP W 287 31.23 50.23 -19.67
N SER W 288 30.07 49.57 -19.63
CA SER W 288 28.80 50.26 -19.82
C SER W 288 27.91 49.99 -18.61
N ASP W 289 27.02 50.94 -18.35
CA ASP W 289 25.86 50.70 -17.50
C ASP W 289 24.58 50.59 -18.30
N ASP W 290 24.60 51.08 -19.54
CA ASP W 290 23.44 51.10 -20.43
C ASP W 290 23.79 50.25 -21.65
N TRP W 291 23.30 49.03 -21.67
CA TRP W 291 23.43 48.15 -22.82
C TRP W 291 22.22 48.32 -23.71
N GLU W 292 22.40 49.04 -24.83
CA GLU W 292 21.28 49.73 -25.47
C GLU W 292 20.07 48.83 -25.72
N SER W 293 20.28 47.56 -26.04
CA SER W 293 19.17 46.68 -26.37
C SER W 293 19.57 45.24 -26.10
N GLY W 294 18.65 44.32 -26.38
CA GLY W 294 18.96 42.91 -26.24
C GLY W 294 19.94 42.39 -27.27
N LEU W 295 19.84 42.87 -28.50
CA LEU W 295 20.81 42.52 -29.53
C LEU W 295 22.22 42.97 -29.16
N ASN W 296 22.38 44.24 -28.77
CA ASN W 296 23.69 44.75 -28.42
C ASN W 296 24.29 44.05 -27.21
N ALA W 297 23.49 43.73 -26.20
CA ALA W 297 23.95 42.95 -25.08
C ALA W 297 24.38 41.55 -25.47
N MET W 298 23.63 40.87 -26.35
CA MET W 298 24.07 39.56 -26.81
C MET W 298 25.38 39.64 -27.58
N GLU W 299 25.58 40.69 -28.39
CA GLU W 299 26.84 40.82 -29.12
C GLU W 299 28.01 41.11 -28.19
N SER W 300 27.78 41.90 -27.16
CA SER W 300 28.83 42.15 -26.19
C SER W 300 29.20 40.89 -25.42
N ALA W 301 28.21 40.08 -25.04
CA ALA W 301 28.51 38.79 -24.42
C ALA W 301 29.31 37.91 -25.35
N LEU W 302 29.01 37.95 -26.65
CA LEU W 302 29.76 37.13 -27.60
C LEU W 302 31.23 37.55 -27.67
N HIS W 303 31.50 38.85 -27.75
CA HIS W 303 32.89 39.29 -27.75
C HIS W 303 33.60 38.95 -26.45
N LEU W 304 32.91 39.04 -25.32
CA LEU W 304 33.53 38.70 -24.05
C LEU W 304 33.89 37.23 -23.99
N GLU W 305 33.01 36.35 -24.44
CA GLU W 305 33.31 34.92 -24.45
C GLU W 305 34.49 34.62 -25.38
N LYS W 306 34.58 35.33 -26.50
CA LYS W 306 35.72 35.10 -27.39
C LYS W 306 37.04 35.54 -26.76
N ALA W 307 37.04 36.66 -26.03
CA ALA W 307 38.26 37.08 -25.35
C ALA W 307 38.69 36.07 -24.29
N VAL W 308 37.74 35.56 -23.51
CA VAL W 308 38.06 34.54 -22.52
C VAL W 308 38.65 33.31 -23.19
N ASN W 309 38.09 32.88 -24.31
CA ASN W 309 38.61 31.71 -25.00
C ASN W 309 40.02 31.95 -25.52
N ALA W 310 40.31 33.14 -26.02
CA ALA W 310 41.68 33.45 -26.44
C ALA W 310 42.66 33.33 -25.29
N SER W 311 42.30 33.83 -24.11
CA SER W 311 43.21 33.68 -22.97
C SER W 311 43.43 32.22 -22.61
N LEU W 312 42.38 31.40 -22.66
CA LEU W 312 42.55 29.98 -22.41
C LEU W 312 43.50 29.34 -23.40
N LEU W 313 43.41 29.70 -24.68
CA LEU W 313 44.33 29.13 -25.67
C LEU W 313 45.77 29.55 -25.41
N ARG W 314 45.99 30.80 -25.00
CA ARG W 314 47.36 31.23 -24.69
C ARG W 314 47.92 30.45 -23.50
N LEU W 315 47.11 30.25 -22.46
CA LEU W 315 47.57 29.48 -21.32
C LEU W 315 47.83 28.04 -21.68
N HIS W 316 47.05 27.47 -22.59
CA HIS W 316 47.29 26.09 -23.00
C HIS W 316 48.60 25.97 -23.77
N LYS W 317 48.88 26.92 -24.66
CA LYS W 317 50.16 26.87 -25.35
C LYS W 317 51.33 27.02 -24.39
N LEU W 318 51.17 27.87 -23.38
CA LEU W 318 52.21 28.00 -22.35
C LEU W 318 52.43 26.69 -21.61
N ALA W 319 51.36 26.04 -21.17
CA ALA W 319 51.50 24.77 -20.47
C ALA W 319 52.04 23.68 -21.38
N THR W 320 51.89 23.82 -22.68
CA THR W 320 52.47 22.84 -23.60
C THR W 320 53.97 23.06 -23.78
N ASP W 321 54.40 24.32 -23.80
CA ASP W 321 55.83 24.58 -23.94
C ASP W 321 56.62 24.04 -22.76
N CYS W 322 56.08 24.17 -21.55
CA CYS W 322 56.81 23.78 -20.36
C CYS W 322 56.53 22.36 -19.90
N ASN W 323 56.06 21.49 -20.78
CA ASN W 323 55.93 20.07 -20.51
C ASN W 323 55.13 19.81 -19.23
N ASP W 324 53.84 20.14 -19.26
CA ASP W 324 52.98 20.06 -18.10
C ASP W 324 51.70 19.32 -18.46
N PRO W 325 51.74 18.00 -18.64
CA PRO W 325 50.55 17.27 -19.13
C PRO W 325 49.29 17.47 -18.33
N HIS W 326 49.36 17.57 -17.00
CA HIS W 326 48.15 17.66 -16.20
C HIS W 326 47.44 19.00 -16.39
N LEU W 327 48.20 20.09 -16.54
CA LEU W 327 47.59 21.39 -16.79
C LEU W 327 46.88 21.42 -18.13
N CYS W 328 47.52 20.88 -19.17
CA CYS W 328 46.88 20.81 -20.48
C CYS W 328 45.62 19.98 -20.44
N ASP W 329 45.68 18.81 -19.81
CA ASP W 329 44.49 17.97 -19.69
C ASP W 329 43.37 18.68 -18.95
N PHE W 330 43.71 19.38 -17.86
CA PHE W 330 42.71 20.13 -17.11
C PHE W 330 42.05 21.20 -17.97
N ILE W 331 42.86 21.97 -18.70
CA ILE W 331 42.33 23.06 -19.51
C ILE W 331 41.40 22.53 -20.59
N GLU W 332 41.84 21.50 -21.32
CA GLU W 332 40.96 21.04 -22.38
C GLU W 332 39.81 20.17 -21.90
N THR W 333 39.86 19.65 -20.68
CA THR W 333 38.73 18.89 -20.18
C THR W 333 37.63 19.78 -19.63
N HIS W 334 37.99 20.85 -18.93
CA HIS W 334 36.94 21.61 -18.26
C HIS W 334 36.62 22.94 -18.93
N TYR W 335 37.44 23.40 -19.86
CA TYR W 335 37.31 24.77 -20.31
C TYR W 335 37.19 24.95 -21.81
N LEU W 336 37.75 24.04 -22.62
CA LEU W 336 37.74 24.30 -24.05
C LEU W 336 36.48 23.85 -24.74
N ASN W 337 35.70 22.94 -24.16
CA ASN W 337 34.47 22.53 -24.81
C ASN W 337 33.29 23.37 -24.37
N GLU W 338 33.37 24.03 -23.23
CA GLU W 338 32.31 24.93 -22.81
C GLU W 338 32.35 26.25 -23.58
N GLN W 339 33.54 26.74 -23.89
CA GLN W 339 33.65 27.97 -24.65
C GLN W 339 33.12 27.81 -26.06
N VAL W 340 33.37 26.65 -26.69
CA VAL W 340 32.88 26.40 -28.02
C VAL W 340 31.35 26.39 -28.05
N LYS W 341 30.73 25.75 -27.06
CA LYS W 341 29.28 25.70 -26.99
C LYS W 341 28.68 27.07 -26.67
N ALA W 342 29.31 27.84 -25.77
CA ALA W 342 28.86 29.19 -25.50
C ALA W 342 28.92 30.07 -26.74
N ILE W 343 30.00 30.03 -27.51
CA ILE W 343 30.12 30.85 -28.69
C ILE W 343 29.09 30.44 -29.74
N LYS W 344 28.89 29.13 -29.93
CA LYS W 344 27.88 28.68 -30.88
C LYS W 344 26.49 29.17 -30.49
N GLU W 345 26.14 29.04 -29.22
CA GLU W 345 24.81 29.44 -28.77
C GLU W 345 24.60 30.94 -28.87
N LEU W 346 25.58 31.74 -28.49
CA LEU W 346 25.41 33.18 -28.56
C LEU W 346 25.38 33.70 -29.99
N GLY W 347 26.11 33.08 -30.91
CA GLY W 347 25.96 33.43 -32.30
C GLY W 347 24.61 33.05 -32.88
N ASP W 348 24.06 31.91 -32.43
CA ASP W 348 22.69 31.56 -32.80
C ASP W 348 21.70 32.62 -32.35
N HIS W 349 21.79 33.04 -31.09
CA HIS W 349 20.90 34.09 -30.58
C HIS W 349 21.03 35.36 -31.40
N VAL W 350 22.25 35.76 -31.75
CA VAL W 350 22.42 37.00 -32.50
C VAL W 350 21.81 36.90 -33.89
N THR W 351 22.00 35.79 -34.60
CA THR W 351 21.38 35.73 -35.92
C THR W 351 19.87 35.61 -35.86
N ASN W 352 19.32 34.89 -34.87
CA ASN W 352 17.87 34.87 -34.72
C ASN W 352 17.32 36.26 -34.49
N LEU W 353 17.89 37.00 -33.54
CA LEU W 353 17.42 38.35 -33.27
C LEU W 353 17.56 39.25 -34.48
N ARG W 354 18.65 39.14 -35.22
CA ARG W 354 18.81 40.00 -36.39
C ARG W 354 17.82 39.67 -37.49
N LYS W 355 17.50 38.40 -37.68
CA LYS W 355 16.54 38.04 -38.72
C LYS W 355 15.13 38.44 -38.34
N MET W 356 14.71 38.21 -37.09
CA MET W 356 13.38 38.64 -36.65
C MET W 356 13.14 40.13 -36.83
N GLY W 357 14.19 40.94 -36.90
CA GLY W 357 14.04 42.37 -37.18
C GLY W 357 14.49 43.30 -36.08
N ALA W 358 15.11 42.81 -35.02
CA ALA W 358 15.59 43.69 -33.96
C ALA W 358 16.78 44.49 -34.45
N PRO W 359 17.12 45.60 -33.78
CA PRO W 359 16.54 46.24 -32.60
C PRO W 359 15.46 47.23 -32.95
N GLU W 360 15.35 47.57 -34.23
CA GLU W 360 14.37 48.52 -34.71
C GLU W 360 12.95 47.98 -34.67
N SER W 361 12.74 46.82 -34.07
CA SER W 361 11.42 46.22 -33.97
C SER W 361 11.17 45.77 -32.54
N GLY W 362 10.28 46.47 -31.85
CA GLY W 362 9.54 45.84 -30.79
C GLY W 362 8.59 44.81 -31.36
N LEU W 363 8.28 43.80 -30.54
CA LEU W 363 7.63 42.56 -30.94
C LEU W 363 8.62 41.59 -31.56
N ALA W 364 9.88 42.00 -31.70
CA ALA W 364 10.92 41.04 -32.03
C ALA W 364 11.62 40.57 -30.77
N GLU W 365 12.04 41.52 -29.94
CA GLU W 365 12.65 41.16 -28.67
C GLU W 365 11.61 40.67 -27.67
N TYR W 366 10.38 41.17 -27.73
CA TYR W 366 9.32 40.63 -26.89
C TYR W 366 9.11 39.14 -27.17
N LEU W 367 8.98 38.78 -28.44
CA LEU W 367 8.70 37.38 -28.77
C LEU W 367 9.93 36.50 -28.66
N PHE W 368 11.12 37.03 -28.90
CA PHE W 368 12.33 36.28 -28.58
C PHE W 368 12.40 35.97 -27.09
N ASP W 369 12.20 36.98 -26.26
CA ASP W 369 12.18 36.81 -24.81
C ASP W 369 11.15 35.79 -24.37
N LYS W 370 10.00 35.76 -25.04
CA LYS W 370 8.95 34.81 -24.66
C LYS W 370 9.25 33.40 -25.11
N HIS W 371 9.71 33.20 -26.33
CA HIS W 371 9.76 31.89 -26.96
C HIS W 371 11.11 31.19 -26.84
N THR W 372 12.21 31.93 -26.88
CA THR W 372 13.52 31.30 -26.89
C THR W 372 14.15 31.29 -25.51
N LEU W 373 13.98 32.38 -24.76
CA LEU W 373 14.62 32.50 -23.46
C LEU W 373 13.73 32.04 -22.31
N GLY W 374 12.48 31.71 -22.60
CA GLY W 374 11.57 31.26 -21.56
C GLY W 374 10.60 30.20 -22.00
N SER X 2 103.27 22.31 -12.55
CA SER X 2 102.86 21.00 -13.04
C SER X 2 102.70 20.00 -11.90
N LYS X 3 103.69 19.95 -11.01
CA LYS X 3 103.69 18.94 -9.96
C LYS X 3 102.79 19.34 -8.79
N GLY X 4 102.81 20.62 -8.40
CA GLY X 4 102.10 21.04 -7.20
C GLY X 4 100.61 20.77 -7.25
N GLU X 5 100.04 20.72 -8.44
CA GLU X 5 98.61 20.48 -8.58
C GLU X 5 98.25 19.00 -8.64
N GLU X 6 99.22 18.14 -8.95
CA GLU X 6 98.94 16.72 -9.13
C GLU X 6 98.65 16.02 -7.81
N LEU X 7 99.27 16.47 -6.73
CA LEU X 7 99.27 15.73 -5.46
C LEU X 7 97.89 15.58 -4.84
N PHE X 8 96.83 16.12 -5.45
CA PHE X 8 95.48 16.01 -4.93
C PHE X 8 94.53 15.33 -5.90
N THR X 9 95.02 14.35 -6.66
CA THR X 9 94.22 13.71 -7.70
C THR X 9 93.04 12.94 -7.11
N GLY X 10 93.15 12.48 -5.87
CA GLY X 10 92.11 11.64 -5.30
C GLY X 10 91.83 11.94 -3.85
N VAL X 11 91.32 10.95 -3.13
CA VAL X 11 91.06 11.09 -1.70
C VAL X 11 92.39 11.22 -0.98
N VAL X 12 92.36 11.86 0.20
CA VAL X 12 93.54 12.02 1.04
C VAL X 12 93.11 11.77 2.48
N PRO X 13 93.67 10.75 3.15
CA PRO X 13 93.45 10.61 4.59
C PRO X 13 94.21 11.67 5.37
N ILE X 14 93.65 12.06 6.51
CA ILE X 14 94.17 13.17 7.29
C ILE X 14 94.39 12.71 8.72
N LEU X 15 95.40 13.29 9.37
CA LEU X 15 95.70 13.07 10.78
C LEU X 15 96.12 14.41 11.37
N VAL X 16 95.28 14.98 12.22
CA VAL X 16 95.50 16.34 12.69
C VAL X 16 95.75 16.32 14.19
N GLU X 17 96.94 16.78 14.59
CA GLU X 17 97.31 16.85 15.99
C GLU X 17 97.50 18.31 16.37
N LEU X 18 96.91 18.69 17.51
CA LEU X 18 96.97 20.04 18.01
C LEU X 18 97.28 20.00 19.51
N ASP X 19 98.34 20.67 19.92
CA ASP X 19 98.73 20.73 21.32
C ASP X 19 98.70 22.17 21.78
N GLY X 20 97.83 22.47 22.73
CA GLY X 20 97.57 23.85 23.13
C GLY X 20 97.69 24.07 24.62
N ASP X 21 98.13 25.27 24.98
CA ASP X 21 98.19 25.74 26.36
C ASP X 21 97.38 27.01 26.49
N VAL X 22 96.29 26.96 27.27
CA VAL X 22 95.41 28.10 27.48
C VAL X 22 95.15 28.26 28.97
N ASN X 23 95.86 29.20 29.60
CA ASN X 23 95.62 29.59 31.00
C ASN X 23 95.67 28.38 31.94
N GLY X 24 96.78 27.65 31.91
CA GLY X 24 96.96 26.48 32.73
C GLY X 24 96.28 25.24 32.18
N HIS X 25 95.51 25.38 31.10
CA HIS X 25 94.82 24.24 30.51
C HIS X 25 95.67 23.69 29.36
N LYS X 26 96.27 22.53 29.56
CA LYS X 26 96.96 21.83 28.49
C LYS X 26 95.97 20.89 27.81
N PHE X 27 96.08 20.79 26.49
CA PHE X 27 95.19 19.89 25.76
C PHE X 27 95.87 19.39 24.51
N SER X 28 95.57 18.13 24.18
CA SER X 28 95.93 17.51 22.91
C SER X 28 94.65 17.14 22.19
N VAL X 29 94.63 17.35 20.89
CA VAL X 29 93.47 17.07 20.05
C VAL X 29 93.95 16.25 18.86
N ARG X 30 93.28 15.14 18.60
CA ARG X 30 93.51 14.35 17.40
C ARG X 30 92.23 14.30 16.57
N GLY X 31 92.39 14.54 15.28
CA GLY X 31 91.29 14.50 14.34
C GLY X 31 91.56 13.58 13.17
N GLU X 32 90.55 12.78 12.82
CA GLU X 32 90.67 11.73 11.81
C GLU X 32 89.57 11.92 10.77
N GLY X 33 89.94 11.81 9.51
CA GLY X 33 88.98 11.92 8.43
C GLY X 33 89.67 11.90 7.08
N GLU X 34 88.95 12.36 6.06
CA GLU X 34 89.47 12.38 4.70
C GLU X 34 88.99 13.60 3.94
N GLY X 35 89.74 13.93 2.88
CA GLY X 35 89.40 15.08 2.06
C GLY X 35 89.67 14.92 0.58
N ASP X 36 88.98 15.72 -0.23
CA ASP X 36 89.20 15.77 -1.68
C ASP X 36 89.23 17.23 -2.09
N ALA X 37 90.25 17.59 -2.88
CA ALA X 37 90.37 18.93 -3.41
C ALA X 37 89.54 19.15 -4.66
N THR X 38 89.24 18.09 -5.42
CA THR X 38 88.48 18.24 -6.65
C THR X 38 87.12 18.88 -6.41
N ASN X 39 86.50 18.61 -5.26
CA ASN X 39 85.22 19.20 -4.91
C ASN X 39 85.31 20.08 -3.67
N GLY X 40 86.52 20.36 -3.19
CA GLY X 40 86.69 21.17 -1.99
C GLY X 40 85.99 20.62 -0.78
N LYS X 41 85.93 19.30 -0.65
CA LYS X 41 85.15 18.66 0.39
C LYS X 41 86.07 18.06 1.45
N LEU X 42 85.74 18.27 2.72
CA LEU X 42 86.49 17.71 3.83
C LEU X 42 85.51 17.10 4.82
N THR X 43 85.88 15.97 5.41
CA THR X 43 84.98 15.26 6.31
C THR X 43 85.80 14.64 7.44
N LEU X 44 85.66 15.18 8.65
CA LEU X 44 86.55 14.87 9.76
C LEU X 44 85.76 14.61 11.03
N LYS X 45 86.46 14.04 12.01
CA LYS X 45 85.93 13.81 13.35
C LYS X 45 87.06 14.00 14.35
N PHE X 46 86.87 14.94 15.27
CA PHE X 46 87.87 15.33 16.24
C PHE X 46 87.49 14.79 17.60
N ILE X 47 88.50 14.36 18.38
CA ILE X 47 88.29 13.82 19.72
C ILE X 47 89.45 14.25 20.60
N CYS X 48 89.14 14.59 21.86
CA CYS X 48 90.16 15.00 22.82
C CYS X 48 90.38 13.90 23.85
N THR X 49 91.57 13.32 23.84
CA THR X 49 91.94 12.31 24.82
C THR X 49 92.40 12.91 26.14
N THR X 50 92.10 14.20 26.38
CA THR X 50 92.52 14.91 27.57
C THR X 50 91.31 15.31 28.42
N GLY X 51 90.30 14.45 28.48
CA GLY X 51 89.15 14.71 29.34
C GLY X 51 88.32 15.90 28.90
N LYS X 52 87.50 16.39 29.82
CA LYS X 52 86.62 17.53 29.52
C LYS X 52 87.45 18.76 29.28
N LEU X 53 87.07 19.56 28.30
CA LEU X 53 87.85 20.73 27.95
C LEU X 53 87.08 21.99 28.33
N PRO X 54 87.75 23.05 28.81
CA PRO X 54 87.03 24.24 29.26
C PRO X 54 86.48 25.12 28.14
N VAL X 55 87.12 25.16 26.97
CA VAL X 55 86.69 26.02 25.87
C VAL X 55 85.67 25.26 25.05
N PRO X 56 84.61 25.92 24.55
CA PRO X 56 83.59 25.20 23.79
C PRO X 56 84.17 24.66 22.49
N TRP X 57 83.53 23.60 21.99
CA TRP X 57 83.94 23.05 20.70
C TRP X 57 83.89 24.07 19.56
N PRO X 58 82.88 24.94 19.43
CA PRO X 58 82.90 25.92 18.33
C PRO X 58 84.16 26.73 18.24
N THR X 59 84.87 26.95 19.36
CA THR X 59 86.13 27.67 19.30
C THR X 59 87.18 26.89 18.53
N LEU X 60 87.32 25.60 18.82
CA LEU X 60 88.35 24.77 18.20
C LEU X 60 88.12 24.52 16.72
N VAL X 61 86.94 24.89 16.20
CA VAL X 61 86.62 24.57 14.82
C VAL X 61 87.46 25.40 13.85
N THR X 62 87.52 26.71 14.08
CA THR X 62 88.27 27.58 13.18
C THR X 62 89.75 27.25 13.14
N THR X 63 90.26 26.73 14.26
CA THR X 63 91.71 26.47 14.38
C THR X 63 91.98 25.00 14.29
N LEU X 64 91.59 24.36 13.19
CA LEU X 64 91.92 22.93 12.97
C LEU X 64 91.92 22.67 11.46
N VAL X 66 93.17 23.32 6.60
CA VAL X 66 93.78 22.58 5.53
C VAL X 66 93.26 23.12 4.21
N GLN X 67 93.42 24.43 4.03
CA GLN X 67 92.86 25.08 2.82
C GLN X 67 93.47 24.42 1.59
N CYS X 68 94.52 23.64 1.80
CA CYS X 68 95.10 22.89 0.66
C CYS X 68 94.00 21.99 0.06
N PHE X 69 92.79 21.98 0.64
CA PHE X 69 91.81 21.07 0.06
C PHE X 69 90.67 21.80 -0.64
N SER X 70 90.76 23.12 -0.76
CA SER X 70 89.66 23.91 -1.28
C SER X 70 89.49 23.69 -2.78
N ARG X 71 88.25 23.75 -3.25
CA ARG X 71 87.95 23.51 -4.65
C ARG X 71 88.43 24.68 -5.49
N TYR X 72 89.32 24.41 -6.43
CA TYR X 72 89.91 25.46 -7.25
C TYR X 72 89.57 25.24 -8.72
N PRO X 73 88.99 26.23 -9.38
CA PRO X 73 88.58 26.04 -10.78
C PRO X 73 89.73 26.11 -11.75
N ASP X 74 89.48 25.78 -13.02
CA ASP X 74 90.54 25.77 -14.02
C ASP X 74 90.93 27.20 -14.40
N HIS X 75 90.07 28.17 -14.12
CA HIS X 75 90.52 29.52 -14.41
C HIS X 75 91.43 30.08 -13.33
N MET X 76 91.35 29.64 -12.07
CA MET X 76 92.34 30.00 -11.06
C MET X 76 93.41 28.93 -10.90
N LYS X 77 93.79 28.24 -11.98
CA LYS X 77 94.93 27.35 -11.92
C LYS X 77 96.24 28.10 -11.71
N ARG X 78 96.24 29.41 -11.94
CA ARG X 78 97.44 30.22 -11.80
C ARG X 78 97.48 31.00 -10.49
N HIS X 79 96.45 30.88 -9.65
CA HIS X 79 96.39 31.61 -8.39
C HIS X 79 96.16 30.67 -7.22
N ASP X 80 96.74 29.48 -7.28
CA ASP X 80 96.64 28.48 -6.21
C ASP X 80 98.00 28.39 -5.53
N PHE X 81 98.21 29.25 -4.52
CA PHE X 81 99.49 29.26 -3.81
C PHE X 81 99.71 27.97 -3.03
N PHE X 82 98.67 27.42 -2.42
CA PHE X 82 98.83 26.23 -1.59
C PHE X 82 99.19 25.02 -2.44
N LYS X 83 98.87 25.04 -3.72
CA LYS X 83 99.07 23.86 -4.55
C LYS X 83 100.52 23.71 -5.00
N SER X 84 101.10 24.74 -5.64
CA SER X 84 102.42 24.62 -6.25
C SER X 84 103.47 24.05 -5.30
N ALA X 85 103.22 24.09 -3.99
CA ALA X 85 104.18 23.63 -2.99
C ALA X 85 103.92 22.21 -2.51
N MET X 86 103.50 21.29 -3.38
CA MET X 86 103.30 19.92 -2.93
C MET X 86 104.19 18.97 -3.72
N PRO X 87 104.90 18.05 -3.04
CA PRO X 87 104.89 17.80 -1.59
C PRO X 87 105.82 18.71 -0.80
N GLU X 88 106.23 19.82 -1.41
CA GLU X 88 107.04 20.81 -0.72
C GLU X 88 106.46 21.17 0.64
N GLY X 89 105.15 21.34 0.71
CA GLY X 89 104.49 21.72 1.94
C GLY X 89 104.71 23.17 2.28
N TYR X 90 104.27 23.55 3.48
CA TYR X 90 104.43 24.93 3.92
C TYR X 90 104.11 25.02 5.41
N VAL X 91 104.29 26.22 5.96
CA VAL X 91 103.98 26.51 7.35
C VAL X 91 103.11 27.76 7.38
N GLN X 92 102.35 27.91 8.45
CA GLN X 92 101.52 29.09 8.67
C GLN X 92 101.47 29.47 10.14
N GLU X 93 101.64 30.77 10.39
CA GLU X 93 101.52 31.32 11.72
C GLU X 93 100.25 32.15 11.80
N ARG X 94 99.34 31.75 12.70
CA ARG X 94 98.02 32.35 12.80
C ARG X 94 97.85 33.02 14.15
N THR X 95 97.22 34.19 14.15
CA THR X 95 96.78 34.87 15.36
C THR X 95 95.28 35.06 15.27
N ILE X 96 94.56 34.60 16.28
CA ILE X 96 93.11 34.81 16.34
C ILE X 96 92.84 35.71 17.54
N SER X 97 92.03 36.73 17.32
CA SER X 97 91.78 37.79 18.30
C SER X 97 90.28 37.84 18.58
N PHE X 98 89.91 37.46 19.80
CA PHE X 98 88.54 37.60 20.25
C PHE X 98 88.27 39.04 20.66
N LYS X 99 87.08 39.54 20.35
CA LYS X 99 86.64 40.79 20.93
C LYS X 99 85.98 40.51 22.27
N ASP X 100 86.27 41.36 23.26
CA ASP X 100 85.76 41.23 24.63
C ASP X 100 86.38 40.03 25.34
N ASP X 101 87.56 39.59 24.88
CA ASP X 101 88.40 38.61 25.57
C ASP X 101 89.76 38.56 24.87
N GLY X 102 90.61 37.65 25.32
CA GLY X 102 92.02 37.58 24.92
C GLY X 102 92.29 37.02 23.54
N THR X 103 93.41 36.32 23.37
CA THR X 103 93.87 35.95 22.03
C THR X 103 94.51 34.57 22.03
N TYR X 104 94.76 34.09 20.80
CA TYR X 104 95.46 32.83 20.53
C TYR X 104 96.56 33.06 19.50
N LYS X 105 97.75 32.50 19.80
CA LYS X 105 98.89 32.46 18.89
C LYS X 105 99.13 31.00 18.53
N THR X 106 99.10 30.67 17.25
CA THR X 106 99.06 29.27 16.84
C THR X 106 99.93 29.04 15.62
N ARG X 107 100.94 28.19 15.79
CA ARG X 107 101.85 27.79 14.72
C ARG X 107 101.39 26.46 14.13
N ALA X 108 101.49 26.31 12.82
CA ALA X 108 101.07 25.07 12.18
C ALA X 108 101.99 24.74 11.02
N GLU X 109 102.36 23.46 10.90
CA GLU X 109 103.18 23.00 9.79
C GLU X 109 102.39 21.95 9.02
N VAL X 110 102.15 22.21 7.73
CA VAL X 110 101.32 21.35 6.89
C VAL X 110 102.17 20.78 5.76
N LYS X 111 102.01 19.49 5.50
CA LYS X 111 102.79 18.77 4.51
C LYS X 111 102.10 17.46 4.17
N PHE X 112 102.72 16.72 3.26
CA PHE X 112 102.40 15.31 3.05
C PHE X 112 103.44 14.45 3.75
N GLU X 113 102.98 13.38 4.39
CA GLU X 113 103.84 12.37 5.03
C GLU X 113 103.49 11.07 4.35
N GLY X 114 104.37 10.60 3.46
CA GLY X 114 104.00 9.52 2.58
C GLY X 114 102.95 10.01 1.60
N ASP X 115 101.71 9.57 1.82
CA ASP X 115 100.54 10.14 1.15
C ASP X 115 99.46 10.55 2.14
N THR X 116 99.74 10.48 3.44
CA THR X 116 98.81 10.89 4.48
C THR X 116 99.07 12.36 4.81
N LEU X 117 98.02 13.17 4.90
CA LEU X 117 98.21 14.56 5.28
C LEU X 117 98.18 14.66 6.80
N VAL X 118 99.34 14.86 7.40
CA VAL X 118 99.47 15.02 8.85
C VAL X 118 99.73 16.49 9.15
N ASN X 119 99.01 17.00 10.13
CA ASN X 119 99.02 18.44 10.43
C ASN X 119 99.35 18.64 11.90
N ARG X 120 100.56 19.12 12.17
CA ARG X 120 101.04 19.38 13.52
C ARG X 120 100.88 20.85 13.85
N ILE X 121 100.13 21.14 14.91
CA ILE X 121 99.80 22.50 15.30
C ILE X 121 100.08 22.67 16.78
N GLU X 122 100.68 23.81 17.14
CA GLU X 122 100.99 24.18 18.52
C GLU X 122 100.31 25.50 18.82
N LEU X 123 99.67 25.59 19.98
CA LEU X 123 98.78 26.68 20.30
C LEU X 123 99.08 27.25 21.68
N LYS X 124 99.04 28.58 21.78
CA LYS X 124 99.21 29.30 23.03
C LYS X 124 98.10 30.33 23.13
N GLY X 125 97.11 30.09 23.97
CA GLY X 125 96.02 31.02 24.11
C GLY X 125 95.95 31.66 25.48
N ILE X 126 96.00 32.99 25.57
CA ILE X 126 96.09 33.64 26.87
C ILE X 126 95.21 34.89 26.86
N ASP X 127 95.21 35.59 28.01
CA ASP X 127 94.64 36.92 28.20
C ASP X 127 93.12 36.91 28.31
N PHE X 128 92.56 35.82 28.85
CA PHE X 128 91.12 35.67 28.96
C PHE X 128 90.66 35.82 30.41
N LYS X 129 89.40 36.20 30.58
CA LYS X 129 88.75 36.10 31.87
C LYS X 129 88.05 34.74 31.95
N GLU X 130 88.34 34.00 33.02
CA GLU X 130 87.96 32.59 33.09
C GLU X 130 86.55 32.37 33.63
N ASP X 131 85.81 33.44 33.93
CA ASP X 131 84.39 33.35 34.20
C ASP X 131 83.58 34.09 33.15
N GLY X 132 84.05 34.09 31.90
CA GLY X 132 83.39 34.82 30.84
C GLY X 132 82.40 33.97 30.06
N ASN X 133 82.08 34.45 28.86
CA ASN X 133 81.12 33.78 27.99
C ASN X 133 81.76 33.08 26.80
N ILE X 134 82.70 33.76 26.13
CA ILE X 134 83.37 33.17 24.98
C ILE X 134 83.98 31.81 25.34
N LEU X 135 84.56 31.71 26.53
CA LEU X 135 85.12 30.45 26.99
C LEU X 135 84.25 29.73 28.00
N GLY X 136 83.42 30.45 28.76
CA GLY X 136 82.67 29.87 29.84
C GLY X 136 81.43 29.12 29.42
N HIS X 137 81.38 28.67 28.17
CA HIS X 137 80.28 27.86 27.63
C HIS X 137 78.94 28.60 27.77
N LYS X 138 78.88 29.77 27.13
CA LYS X 138 77.65 30.50 26.95
C LYS X 138 77.25 30.61 25.49
N LEU X 139 78.18 30.37 24.57
CA LEU X 139 77.96 30.55 23.15
C LEU X 139 77.23 29.33 22.58
N GLU X 140 76.61 29.52 21.42
CA GLU X 140 75.71 28.52 20.87
C GLU X 140 76.47 27.52 19.98
N TYR X 141 76.06 26.25 20.08
CA TYR X 141 76.65 25.16 19.30
C TYR X 141 76.05 25.21 17.90
N ASN X 142 76.69 26.00 17.03
CA ASN X 142 76.27 26.16 15.65
C ASN X 142 77.46 26.60 14.82
N PHE X 143 77.17 27.08 13.62
CA PHE X 143 78.18 27.64 12.74
C PHE X 143 77.48 28.40 11.63
N ASN X 144 78.25 29.17 10.86
CA ASN X 144 77.73 30.00 9.78
C ASN X 144 78.71 30.01 8.61
N SER X 145 78.24 30.50 7.47
CA SER X 145 79.04 30.57 6.26
C SER X 145 80.00 31.75 6.33
N HIS X 146 81.26 31.52 5.93
CA HIS X 146 82.28 32.54 6.11
C HIS X 146 83.13 32.67 4.86
N ASN X 147 84.00 33.68 4.87
CA ASN X 147 84.90 33.98 3.77
C ASN X 147 86.28 34.29 4.30
N VAL X 148 87.30 34.01 3.49
CA VAL X 148 88.69 34.28 3.80
C VAL X 148 89.26 35.14 2.68
N TYR X 149 90.01 36.18 3.04
CA TYR X 149 90.71 36.99 2.06
C TYR X 149 92.17 36.59 2.02
N ILE X 150 92.64 36.14 0.86
CA ILE X 150 94.05 35.79 0.68
C ILE X 150 94.70 36.86 -0.19
N THR X 151 95.88 37.31 0.24
CA THR X 151 96.63 38.37 -0.40
C THR X 151 98.05 37.91 -0.65
N ALA X 152 98.57 38.22 -1.83
CA ALA X 152 99.95 37.91 -2.14
C ALA X 152 100.89 38.68 -1.21
N ASP X 153 102.03 38.08 -0.91
CA ASP X 153 103.01 38.67 0.01
C ASP X 153 104.39 38.35 -0.55
N LYS X 154 104.93 39.24 -1.38
CA LYS X 154 106.23 39.01 -1.98
C LYS X 154 107.36 39.09 -0.96
N GLN X 155 107.13 39.77 0.17
CA GLN X 155 108.14 39.85 1.22
C GLN X 155 108.46 38.47 1.75
N LYS X 156 107.46 37.62 1.95
CA LYS X 156 107.66 36.23 2.30
C LYS X 156 107.43 35.31 1.13
N ASN X 157 107.40 35.85 -0.09
CA ASN X 157 107.11 35.15 -1.35
C ASN X 157 106.00 34.10 -1.18
N GLY X 158 105.06 34.40 -0.28
CA GLY X 158 103.94 33.54 0.03
C GLY X 158 102.67 34.36 0.10
N ILE X 159 101.86 34.17 1.13
CA ILE X 159 100.62 34.94 1.23
C ILE X 159 100.31 35.30 2.67
N LYS X 160 99.41 36.25 2.84
CA LYS X 160 98.74 36.52 4.09
C LYS X 160 97.27 36.18 3.93
N ALA X 161 96.66 35.69 5.01
CA ALA X 161 95.24 35.38 5.00
C ALA X 161 94.58 36.07 6.18
N ASN X 162 93.57 36.89 5.88
CA ASN X 162 92.85 37.63 6.89
C ASN X 162 91.36 37.35 6.75
N PHE X 163 90.68 37.21 7.89
CA PHE X 163 89.24 36.98 7.83
C PHE X 163 88.64 37.26 9.20
N LYS X 164 87.31 37.28 9.24
CA LYS X 164 86.58 37.61 10.46
C LYS X 164 85.46 36.61 10.62
N ILE X 165 85.35 36.04 11.82
CA ILE X 165 84.35 35.04 12.13
C ILE X 165 83.38 35.61 13.16
N ARG X 166 82.11 35.30 13.00
CA ARG X 166 81.06 35.76 13.91
C ARG X 166 80.39 34.52 14.52
N HIS X 167 80.58 34.33 15.81
CA HIS X 167 79.96 33.24 16.54
C HIS X 167 78.81 33.77 17.36
N ASN X 168 77.59 33.34 17.02
CA ASN X 168 76.41 33.81 17.74
C ASN X 168 76.31 33.15 19.10
N VAL X 169 75.87 33.92 20.09
CA VAL X 169 75.71 33.43 21.45
C VAL X 169 74.24 33.04 21.63
N GLU X 170 73.98 32.21 22.65
CA GLU X 170 72.64 31.67 22.85
C GLU X 170 71.62 32.77 23.15
N ASP X 171 72.07 34.02 23.29
CA ASP X 171 71.18 35.15 23.54
C ASP X 171 71.31 36.23 22.47
N GLY X 172 71.46 35.82 21.21
CA GLY X 172 71.45 36.74 20.09
C GLY X 172 72.75 37.47 19.84
N SER X 173 73.53 37.74 20.88
CA SER X 173 74.77 38.48 20.70
C SER X 173 75.78 37.63 19.93
N VAL X 174 76.78 38.30 19.37
CA VAL X 174 77.77 37.68 18.50
C VAL X 174 79.16 38.06 18.99
N GLN X 175 80.12 37.20 18.72
CA GLN X 175 81.52 37.45 19.00
C GLN X 175 82.27 37.46 17.67
N LEU X 176 83.02 38.53 17.41
CA LEU X 176 83.73 38.70 16.15
C LEU X 176 85.23 38.49 16.37
N ALA X 177 85.71 37.30 16.03
CA ALA X 177 87.13 36.96 16.13
C ALA X 177 87.80 37.28 14.80
N ASP X 178 88.83 38.12 14.86
CA ASP X 178 89.60 38.48 13.68
C ASP X 178 90.84 37.59 13.59
N HIS X 179 91.06 37.00 12.43
CA HIS X 179 92.12 36.04 12.22
C HIS X 179 93.10 36.56 11.18
N TYR X 180 94.38 36.56 11.55
CA TYR X 180 95.50 36.79 10.64
C TYR X 180 96.31 35.51 10.54
N GLN X 181 96.97 35.31 9.40
CA GLN X 181 97.96 34.24 9.32
C GLN X 181 98.91 34.48 8.17
N GLN X 182 100.17 34.12 8.38
CA GLN X 182 101.22 34.19 7.37
C GLN X 182 101.47 32.78 6.85
N ASN X 183 101.39 32.61 5.53
CA ASN X 183 101.61 31.33 4.87
C ASN X 183 102.88 31.40 4.05
N THR X 184 103.84 30.52 4.36
CA THR X 184 105.15 30.52 3.69
C THR X 184 105.59 29.11 3.37
N PRO X 185 106.10 28.87 2.17
CA PRO X 185 106.55 27.52 1.82
C PRO X 185 107.96 27.24 2.31
N ILE X 186 108.23 25.97 2.57
CA ILE X 186 109.52 25.58 3.12
C ILE X 186 110.63 25.64 2.06
N GLY X 187 110.30 25.38 0.79
CA GLY X 187 111.32 25.36 -0.23
C GLY X 187 111.43 26.67 -0.98
N ASP X 188 112.60 26.87 -1.59
CA ASP X 188 112.90 28.07 -2.35
C ASP X 188 112.38 28.02 -3.78
N GLY X 189 111.65 26.97 -4.15
CA GLY X 189 111.17 26.80 -5.49
C GLY X 189 110.16 27.86 -5.91
N PRO X 190 109.77 27.83 -7.18
CA PRO X 190 108.77 28.80 -7.66
C PRO X 190 107.36 28.37 -7.30
N VAL X 191 106.70 29.21 -6.49
CA VAL X 191 105.33 28.98 -6.06
C VAL X 191 104.44 29.99 -6.76
N LEU X 192 103.30 29.50 -7.24
CA LEU X 192 102.36 30.29 -8.04
C LEU X 192 101.81 31.41 -7.17
N LEU X 193 101.76 32.62 -7.72
CA LEU X 193 101.45 33.80 -6.93
C LEU X 193 99.99 34.21 -7.14
N PRO X 194 99.13 34.07 -6.14
CA PRO X 194 97.74 34.51 -6.29
C PRO X 194 97.56 35.97 -5.88
N ASP X 195 96.85 36.70 -6.74
CA ASP X 195 96.41 38.02 -6.35
C ASP X 195 95.34 37.90 -5.26
N ASN X 196 95.06 39.03 -4.59
CA ASN X 196 94.12 39.03 -3.47
C ASN X 196 92.73 38.65 -3.98
N HIS X 197 92.16 37.60 -3.39
CA HIS X 197 90.78 37.24 -3.69
C HIS X 197 90.20 36.53 -2.46
N TYR X 198 89.02 35.93 -2.62
CA TYR X 198 88.28 35.45 -1.46
C TYR X 198 88.04 33.95 -1.58
N LEU X 199 87.53 33.39 -0.50
CA LEU X 199 87.30 31.96 -0.39
C LEU X 199 86.13 31.70 0.55
N SER X 200 85.07 31.12 0.00
CA SER X 200 83.86 30.84 0.76
C SER X 200 83.96 29.46 1.39
N THR X 201 83.34 29.33 2.56
CA THR X 201 83.44 28.13 3.38
C THR X 201 82.14 27.89 4.11
N GLN X 202 81.68 26.63 4.09
CA GLN X 202 80.51 26.20 4.84
C GLN X 202 80.88 24.92 5.58
N SER X 203 80.23 24.69 6.72
CA SER X 203 80.49 23.48 7.49
C SER X 203 79.31 23.16 8.38
N ALA X 204 79.31 21.93 8.91
CA ALA X 204 78.24 21.43 9.75
C ALA X 204 78.83 20.52 10.82
N LEU X 205 78.30 20.66 12.03
CA LEU X 205 78.79 20.02 13.24
C LEU X 205 77.73 19.07 13.76
N SER X 206 78.17 17.91 14.26
CA SER X 206 77.26 16.90 14.76
C SER X 206 78.00 15.96 15.70
N LYS X 207 77.27 14.97 16.20
CA LYS X 207 77.76 14.02 17.19
C LYS X 207 77.62 12.60 16.66
N ASP X 208 78.50 11.72 17.14
CA ASP X 208 78.25 10.29 17.01
C ASP X 208 77.31 9.85 18.13
N PRO X 209 76.33 8.98 17.85
CA PRO X 209 75.34 8.66 18.88
C PRO X 209 75.85 7.71 19.94
N ASN X 210 76.90 6.94 19.66
CA ASN X 210 77.35 5.87 20.54
C ASN X 210 78.83 5.97 20.92
N GLU X 211 79.35 7.17 21.11
CA GLU X 211 80.72 7.37 21.59
C GLU X 211 80.70 8.10 22.92
N LYS X 212 81.36 7.54 23.93
CA LYS X 212 81.26 8.06 25.28
C LYS X 212 82.32 9.11 25.60
N ARG X 213 83.29 9.32 24.71
CA ARG X 213 84.27 10.38 24.92
C ARG X 213 83.68 11.73 24.51
N ASP X 214 84.54 12.74 24.50
CA ASP X 214 84.16 14.01 23.89
C ASP X 214 84.50 13.99 22.39
N HIS X 215 83.47 14.09 21.56
CA HIS X 215 83.65 13.97 20.12
C HIS X 215 83.03 15.18 19.45
N MET X 216 83.48 15.44 18.23
CA MET X 216 82.92 16.50 17.42
C MET X 216 83.11 16.13 15.96
N VAL X 217 82.02 15.79 15.28
CA VAL X 217 82.03 15.37 13.89
C VAL X 217 81.72 16.60 13.05
N LEU X 218 82.44 16.77 11.92
CA LEU X 218 82.26 17.98 11.13
C LEU X 218 82.55 17.70 9.66
N LEU X 219 81.62 18.11 8.80
CA LEU X 219 81.81 18.02 7.36
C LEU X 219 81.70 19.41 6.76
N GLU X 220 82.45 19.68 5.69
CA GLU X 220 82.64 21.05 5.25
C GLU X 220 83.00 21.13 3.78
N PHE X 221 82.55 22.21 3.15
CA PHE X 221 82.79 22.50 1.74
C PHE X 221 83.45 23.85 1.64
N VAL X 222 84.58 23.90 0.93
CA VAL X 222 85.42 25.09 0.87
C VAL X 222 85.83 25.32 -0.58
N THR X 223 85.63 26.54 -1.07
CA THR X 223 86.03 26.82 -2.45
C THR X 223 86.23 28.32 -2.61
N ALA X 224 87.16 28.67 -3.49
CA ALA X 224 87.64 30.04 -3.63
C ALA X 224 87.15 30.68 -4.93
N ALA X 225 87.29 32.01 -4.98
CA ALA X 225 86.96 32.80 -6.16
C ALA X 225 87.53 34.19 -5.97
N GLY X 226 87.16 35.10 -6.86
CA GLY X 226 87.57 36.49 -6.79
C GLY X 226 87.90 37.12 -8.12
N ILE X 227 88.14 36.32 -9.14
CA ILE X 227 88.45 36.83 -10.47
C ILE X 227 87.20 36.70 -11.32
N THR X 228 86.84 37.79 -12.01
CA THR X 228 85.72 37.75 -12.93
C THR X 228 86.24 37.41 -14.32
N HIS X 229 86.52 36.12 -14.54
CA HIS X 229 87.14 35.66 -15.78
C HIS X 229 86.08 35.37 -16.84
N HIS X 230 86.55 35.19 -18.07
CA HIS X 230 85.68 35.02 -19.22
C HIS X 230 84.83 33.76 -19.13
N GLY Y 54 -28.84 76.74 -19.40
CA GLY Y 54 -28.08 76.15 -20.50
C GLY Y 54 -26.75 76.82 -20.74
N LYS Y 55 -26.75 78.16 -20.70
CA LYS Y 55 -25.56 78.96 -20.88
C LYS Y 55 -25.50 80.16 -19.96
N GLU Y 56 -26.63 80.59 -19.40
CA GLU Y 56 -26.70 81.81 -18.59
C GLU Y 56 -26.04 81.67 -17.22
N LEU Y 57 -25.54 80.49 -16.87
CA LEU Y 57 -24.90 80.33 -15.55
C LEU Y 57 -23.45 80.80 -15.58
N LEU Y 58 -22.80 80.74 -16.74
CA LEU Y 58 -21.36 80.97 -16.78
C LEU Y 58 -21.02 82.43 -16.49
N GLU Y 59 -21.82 83.38 -16.98
CA GLU Y 59 -21.53 84.77 -16.73
C GLU Y 59 -21.74 85.12 -15.26
N ALA Y 60 -22.68 84.42 -14.61
CA ALA Y 60 -22.88 84.63 -13.18
C ALA Y 60 -21.75 84.03 -12.37
N ALA Y 61 -21.18 82.90 -12.84
CA ALA Y 61 -19.98 82.37 -12.21
C ALA Y 61 -18.81 83.33 -12.39
N ARG Y 62 -18.69 83.93 -13.57
CA ARG Y 62 -17.59 84.85 -13.84
C ARG Y 62 -17.71 86.12 -13.01
N ALA Y 63 -18.92 86.67 -12.88
CA ALA Y 63 -19.13 87.85 -12.07
C ALA Y 63 -19.08 87.56 -10.57
N GLY Y 64 -18.95 86.30 -10.18
CA GLY Y 64 -18.96 85.94 -8.77
C GLY Y 64 -20.34 85.94 -8.15
N GLN Y 65 -21.39 85.84 -8.94
CA GLN Y 65 -22.76 85.84 -8.43
C GLN Y 65 -23.07 84.46 -7.86
N ASP Y 66 -22.56 84.22 -6.65
CA ASP Y 66 -22.73 82.91 -6.02
C ASP Y 66 -24.20 82.60 -5.78
N ASP Y 67 -24.99 83.60 -5.38
CA ASP Y 67 -26.40 83.36 -5.14
C ASP Y 67 -27.16 83.12 -6.43
N GLU Y 68 -26.75 83.79 -7.51
CA GLU Y 68 -27.44 83.57 -8.78
C GLU Y 68 -27.18 82.17 -9.31
N VAL Y 69 -25.91 81.73 -9.33
CA VAL Y 69 -25.62 80.37 -9.77
C VAL Y 69 -26.25 79.36 -8.82
N ALA Y 70 -26.38 79.71 -7.55
CA ALA Y 70 -27.08 78.84 -6.61
C ALA Y 70 -28.54 78.63 -7.05
N VAL Y 71 -29.28 79.73 -7.20
CA VAL Y 71 -30.72 79.60 -7.49
C VAL Y 71 -30.94 79.05 -8.89
N LEU Y 72 -29.98 79.26 -9.79
CA LEU Y 72 -30.16 78.78 -11.16
C LEU Y 72 -29.69 77.34 -11.33
N MET Y 73 -28.83 76.85 -10.45
CA MET Y 73 -28.46 75.44 -10.46
C MET Y 73 -29.44 74.59 -9.65
N ALA Y 74 -30.10 75.19 -8.65
CA ALA Y 74 -31.22 74.52 -8.00
C ALA Y 74 -32.24 74.09 -9.03
N ARG Y 75 -32.65 75.02 -9.89
CA ARG Y 75 -33.39 74.65 -11.09
C ARG Y 75 -32.46 73.92 -12.06
N GLY Y 76 -33.01 72.91 -12.72
CA GLY Y 76 -32.24 72.08 -13.63
C GLY Y 76 -31.45 72.86 -14.66
N ALA Y 77 -30.11 72.83 -14.53
CA ALA Y 77 -29.25 73.60 -15.41
C ALA Y 77 -28.05 72.75 -15.79
N GLU Y 78 -27.36 73.17 -16.86
CA GLU Y 78 -26.19 72.44 -17.32
C GLU Y 78 -25.01 72.69 -16.39
N VAL Y 79 -24.54 71.64 -15.72
CA VAL Y 79 -23.38 71.79 -14.86
C VAL Y 79 -22.06 71.61 -15.62
N ASN Y 80 -21.96 70.61 -16.48
CA ASN Y 80 -20.75 70.35 -17.26
C ASN Y 80 -20.80 71.05 -18.61
N ALA Y 81 -21.04 72.35 -18.59
CA ALA Y 81 -21.20 73.13 -19.81
C ALA Y 81 -19.85 73.32 -20.50
N ALA Y 82 -19.81 72.94 -21.77
CA ALA Y 82 -18.68 73.23 -22.64
C ALA Y 82 -19.05 74.46 -23.46
N ASP Y 83 -18.16 75.45 -23.46
CA ASP Y 83 -18.50 76.76 -23.99
C ASP Y 83 -17.73 77.03 -25.28
N ASP Y 84 -17.85 78.28 -25.74
CA ASP Y 84 -17.34 78.72 -27.03
C ASP Y 84 -15.84 78.50 -27.21
N VAL Y 85 -15.08 78.32 -26.13
CA VAL Y 85 -13.67 77.98 -26.25
C VAL Y 85 -13.36 76.81 -25.33
N GLY Y 86 -14.40 76.28 -24.68
CA GLY Y 86 -14.23 75.08 -23.87
C GLY Y 86 -14.01 75.37 -22.41
N VAL Y 87 -14.48 76.53 -21.95
CA VAL Y 87 -14.26 76.99 -20.59
C VAL Y 87 -15.52 76.64 -19.81
N THR Y 88 -15.41 75.68 -18.91
CA THR Y 88 -16.53 75.29 -18.07
C THR Y 88 -16.65 76.29 -16.92
N PRO Y 89 -17.87 76.50 -16.39
CA PRO Y 89 -18.01 77.35 -15.20
C PRO Y 89 -17.02 77.07 -14.08
N LEU Y 90 -16.52 75.85 -13.97
CA LEU Y 90 -15.52 75.56 -12.95
C LEU Y 90 -14.21 76.26 -13.26
N HIS Y 91 -13.82 76.31 -14.53
CA HIS Y 91 -12.59 77.00 -14.90
C HIS Y 91 -12.64 78.47 -14.52
N LEU Y 92 -13.72 79.16 -14.89
CA LEU Y 92 -13.89 80.57 -14.56
C LEU Y 92 -14.11 80.80 -13.07
N ALA Y 93 -14.67 79.82 -12.37
CA ALA Y 93 -14.82 79.91 -10.93
C ALA Y 93 -13.51 79.70 -10.20
N ALA Y 94 -12.54 79.05 -10.84
CA ALA Y 94 -11.21 78.89 -10.30
C ALA Y 94 -10.27 80.03 -10.63
N GLN Y 95 -10.37 80.59 -11.85
CA GLN Y 95 -9.56 81.75 -12.21
C GLN Y 95 -9.73 82.87 -11.19
N ARG Y 96 -10.96 83.35 -11.04
CA ARG Y 96 -11.28 84.24 -9.94
C ARG Y 96 -11.38 83.43 -8.65
N GLY Y 97 -11.14 84.09 -7.53
CA GLY Y 97 -11.19 83.37 -6.27
C GLY Y 97 -12.58 83.31 -5.69
N HIS Y 98 -13.28 82.22 -5.95
CA HIS Y 98 -14.68 82.06 -5.53
C HIS Y 98 -14.86 80.62 -5.05
N LEU Y 99 -14.68 80.42 -3.74
CA LEU Y 99 -14.78 79.09 -3.16
C LEU Y 99 -16.21 78.56 -3.12
N ALA Y 100 -17.18 79.43 -2.83
CA ALA Y 100 -18.56 78.98 -2.73
C ALA Y 100 -19.06 78.43 -4.06
N ILE Y 101 -18.66 79.07 -5.16
CA ILE Y 101 -19.15 78.65 -6.47
C ILE Y 101 -18.56 77.28 -6.83
N VAL Y 102 -17.27 77.07 -6.57
CA VAL Y 102 -16.69 75.77 -6.91
C VAL Y 102 -17.24 74.69 -5.99
N SER Y 103 -17.59 75.04 -4.75
CA SER Y 103 -18.19 74.04 -3.87
C SER Y 103 -19.57 73.63 -4.38
N VAL Y 104 -20.42 74.61 -4.69
CA VAL Y 104 -21.76 74.28 -5.16
C VAL Y 104 -21.74 73.69 -6.56
N LEU Y 105 -20.64 73.87 -7.29
CA LEU Y 105 -20.52 73.21 -8.58
C LEU Y 105 -20.04 71.78 -8.45
N LEU Y 106 -19.07 71.52 -7.57
CA LEU Y 106 -18.65 70.15 -7.31
C LEU Y 106 -19.79 69.32 -6.76
N ALA Y 107 -20.55 69.87 -5.81
CA ALA Y 107 -21.66 69.11 -5.23
C ALA Y 107 -22.67 68.72 -6.30
N PHE Y 108 -22.86 69.55 -7.31
CA PHE Y 108 -23.82 69.26 -8.37
C PHE Y 108 -23.23 68.43 -9.51
N GLY Y 109 -22.02 67.92 -9.37
CA GLY Y 109 -21.52 66.99 -10.36
C GLY Y 109 -20.68 67.59 -11.46
N ALA Y 110 -19.72 68.43 -11.10
CA ALA Y 110 -18.79 68.95 -12.08
C ALA Y 110 -17.58 68.02 -12.20
N SER Y 111 -16.86 68.17 -13.31
CA SER Y 111 -15.66 67.36 -13.53
C SER Y 111 -14.43 68.20 -13.19
N VAL Y 112 -13.61 67.71 -12.27
CA VAL Y 112 -12.39 68.42 -11.90
C VAL Y 112 -11.34 68.36 -13.00
N ASN Y 113 -11.34 67.31 -13.82
CA ASN Y 113 -10.43 67.20 -14.95
C ASN Y 113 -11.21 67.51 -16.22
N ALA Y 114 -11.13 68.75 -16.68
CA ALA Y 114 -11.92 69.19 -17.83
C ALA Y 114 -10.98 69.78 -18.87
N ALA Y 115 -10.74 69.01 -19.92
CA ALA Y 115 -9.69 69.31 -20.89
C ALA Y 115 -10.10 70.55 -21.70
N ASP Y 116 -9.61 71.70 -21.27
CA ASP Y 116 -9.83 72.95 -21.99
C ASP Y 116 -9.24 72.85 -23.40
N LEU Y 117 -9.71 73.75 -24.27
CA LEU Y 117 -9.20 73.77 -25.64
C LEU Y 117 -7.72 74.09 -25.69
N TRP Y 118 -7.18 74.71 -24.64
CA TRP Y 118 -5.75 74.99 -24.55
C TRP Y 118 -4.99 73.95 -23.76
N GLY Y 119 -5.69 73.01 -23.12
CA GLY Y 119 -5.04 72.00 -22.32
C GLY Y 119 -5.05 72.28 -20.84
N GLN Y 120 -5.77 73.31 -20.39
CA GLN Y 120 -5.79 73.64 -18.98
C GLN Y 120 -6.90 72.89 -18.26
N THR Y 121 -6.84 72.97 -16.93
CA THR Y 121 -7.69 72.27 -15.99
C THR Y 121 -7.89 73.26 -14.85
N PRO Y 122 -9.00 73.23 -14.11
CA PRO Y 122 -9.16 74.19 -13.00
C PRO Y 122 -8.00 74.21 -12.03
N LEU Y 123 -7.30 73.08 -11.85
CA LEU Y 123 -6.13 73.07 -10.99
C LEU Y 123 -5.01 73.93 -11.56
N HIS Y 124 -4.84 73.93 -12.89
CA HIS Y 124 -3.82 74.77 -13.51
C HIS Y 124 -4.07 76.24 -13.21
N LEU Y 125 -5.26 76.73 -13.56
CA LEU Y 125 -5.59 78.13 -13.33
C LEU Y 125 -5.63 78.50 -11.86
N ALA Y 126 -6.08 77.60 -10.99
CA ALA Y 126 -6.11 77.88 -9.56
C ALA Y 126 -4.71 77.95 -8.96
N ALA Y 127 -3.81 77.07 -9.38
CA ALA Y 127 -2.43 77.14 -8.91
C ALA Y 127 -1.74 78.37 -9.45
N THR Y 128 -2.05 78.78 -10.68
CA THR Y 128 -1.46 79.99 -11.23
C THR Y 128 -1.97 81.23 -10.51
N ALA Y 129 -3.26 81.28 -10.19
CA ALA Y 129 -3.83 82.47 -9.56
C ALA Y 129 -3.22 82.71 -8.18
N GLY Y 130 -3.41 81.76 -7.25
CA GLY Y 130 -2.83 81.89 -5.94
C GLY Y 130 -3.78 81.62 -4.79
N HIS Y 131 -4.95 81.07 -5.11
CA HIS Y 131 -5.96 80.80 -4.08
C HIS Y 131 -5.76 79.39 -3.52
N LEU Y 132 -5.43 79.32 -2.24
CA LEU Y 132 -5.06 78.04 -1.64
C LEU Y 132 -6.27 77.17 -1.36
N GLU Y 133 -7.35 77.75 -0.86
CA GLU Y 133 -8.54 76.99 -0.50
C GLU Y 133 -9.12 76.25 -1.70
N ILE Y 134 -9.15 76.89 -2.86
CA ILE Y 134 -9.63 76.22 -4.06
C ILE Y 134 -8.71 75.06 -4.43
N VAL Y 135 -7.40 75.25 -4.31
CA VAL Y 135 -6.46 74.17 -4.58
C VAL Y 135 -6.73 72.99 -3.66
N GLU Y 136 -6.95 73.24 -2.38
CA GLU Y 136 -7.22 72.15 -1.44
C GLU Y 136 -8.51 71.43 -1.80
N VAL Y 137 -9.60 72.16 -2.02
CA VAL Y 137 -10.87 71.50 -2.26
C VAL Y 137 -10.87 70.79 -3.61
N LEU Y 138 -10.00 71.20 -4.52
CA LEU Y 138 -9.88 70.48 -5.79
C LEU Y 138 -9.04 69.23 -5.64
N LEU Y 139 -7.96 69.31 -4.87
CA LEU Y 139 -7.11 68.15 -4.65
C LEU Y 139 -7.84 67.06 -3.88
N ARG Y 140 -8.71 67.46 -2.95
CA ARG Y 140 -9.49 66.47 -2.21
C ARG Y 140 -10.60 65.85 -3.06
N SER Y 141 -10.98 66.49 -4.16
CA SER Y 141 -12.06 66.01 -5.00
C SER Y 141 -11.58 65.13 -6.15
N GLY Y 142 -10.28 64.98 -6.33
CA GLY Y 142 -9.75 64.12 -7.37
C GLY Y 142 -9.03 64.81 -8.51
N ALA Y 143 -8.52 66.02 -8.31
CA ALA Y 143 -7.76 66.67 -9.36
C ALA Y 143 -6.39 65.97 -9.52
N SER Y 144 -5.95 65.86 -10.76
CA SER Y 144 -4.71 65.18 -11.08
C SER Y 144 -3.54 66.15 -11.07
N VAL Y 145 -2.63 65.95 -10.12
CA VAL Y 145 -1.48 66.83 -9.94
C VAL Y 145 -0.49 66.78 -11.08
N ASN Y 146 -0.57 65.79 -11.96
CA ASN Y 146 0.39 65.62 -13.04
C ASN Y 146 -0.27 65.65 -14.40
N ALA Y 147 -1.19 66.59 -14.60
CA ALA Y 147 -1.77 66.82 -15.91
C ALA Y 147 -0.95 67.87 -16.65
N ARG Y 148 -0.90 67.76 -17.97
CA ARG Y 148 -0.01 68.57 -18.79
C ARG Y 148 -0.80 69.57 -19.62
N ASP Y 149 -0.14 70.68 -19.93
CA ASP Y 149 -0.60 71.65 -20.93
C ASP Y 149 -0.17 71.19 -22.32
N ASN Y 150 -0.26 72.11 -23.28
CA ASN Y 150 0.39 71.88 -24.56
C ASN Y 150 1.89 72.15 -24.46
N ILE Y 151 2.28 73.22 -23.77
CA ILE Y 151 3.69 73.41 -23.44
C ILE Y 151 4.23 72.26 -22.61
N GLY Y 152 3.37 71.57 -21.85
CA GLY Y 152 3.79 70.49 -20.98
C GLY Y 152 3.84 70.85 -19.52
N HIS Y 153 3.39 72.05 -19.14
CA HIS Y 153 3.48 72.47 -17.75
C HIS Y 153 2.55 71.64 -16.87
N THR Y 154 3.03 71.32 -15.67
CA THR Y 154 2.22 70.72 -14.63
C THR Y 154 1.87 71.77 -13.58
N PRO Y 155 0.84 71.54 -12.76
CA PRO Y 155 0.47 72.57 -11.78
C PRO Y 155 1.61 73.04 -10.91
N LEU Y 156 2.65 72.22 -10.72
CA LEU Y 156 3.78 72.65 -9.91
C LEU Y 156 4.67 73.61 -10.69
N HIS Y 157 4.80 73.42 -12.01
CA HIS Y 157 5.47 74.41 -12.85
C HIS Y 157 4.89 75.79 -12.62
N LEU Y 158 3.56 75.91 -12.67
CA LEU Y 158 2.91 77.19 -12.50
C LEU Y 158 3.00 77.69 -11.07
N ALA Y 159 2.88 76.78 -10.09
CA ALA Y 159 3.04 77.18 -8.70
C ALA Y 159 4.43 77.75 -8.43
N ALA Y 160 5.45 77.22 -9.10
CA ALA Y 160 6.81 77.72 -8.94
C ALA Y 160 7.05 79.01 -9.71
N TRP Y 161 6.50 79.12 -10.92
CA TRP Y 161 6.62 80.37 -11.67
C TRP Y 161 5.96 81.52 -10.92
N ALA Y 162 4.71 81.34 -10.49
CA ALA Y 162 3.97 82.43 -9.88
C ALA Y 162 4.58 82.85 -8.55
N GLY Y 163 5.19 81.92 -7.83
CA GLY Y 163 5.78 82.22 -6.55
C GLY Y 163 4.92 81.95 -5.34
N HIS Y 164 4.11 80.90 -5.35
CA HIS Y 164 3.18 80.60 -4.27
C HIS Y 164 3.73 79.47 -3.42
N LEU Y 165 4.24 79.80 -2.23
CA LEU Y 165 4.94 78.82 -1.42
C LEU Y 165 3.98 77.77 -0.85
N GLU Y 166 2.89 78.22 -0.24
CA GLU Y 166 1.95 77.30 0.40
C GLU Y 166 1.32 76.36 -0.61
N ILE Y 167 1.03 76.87 -1.82
CA ILE Y 167 0.49 76.01 -2.87
C ILE Y 167 1.54 75.00 -3.31
N VAL Y 168 2.81 75.41 -3.36
CA VAL Y 168 3.87 74.46 -3.67
C VAL Y 168 3.91 73.35 -2.63
N GLU Y 169 3.76 73.70 -1.36
CA GLU Y 169 3.74 72.69 -0.31
C GLU Y 169 2.59 71.72 -0.46
N VAL Y 170 1.37 72.22 -0.64
CA VAL Y 170 0.23 71.32 -0.73
C VAL Y 170 0.31 70.48 -1.99
N LEU Y 171 0.91 71.00 -3.07
CA LEU Y 171 1.08 70.20 -4.27
C LEU Y 171 2.15 69.14 -4.10
N LEU Y 172 3.19 69.41 -3.30
CA LEU Y 172 4.20 68.40 -3.04
C LEU Y 172 3.70 67.31 -2.12
N ALA Y 173 2.80 67.63 -1.20
CA ALA Y 173 2.19 66.64 -0.34
C ALA Y 173 1.30 65.65 -1.09
N TYR Y 174 0.74 66.06 -2.23
CA TYR Y 174 -0.23 65.23 -2.96
C TYR Y 174 0.38 64.46 -4.11
N GLY Y 175 1.70 64.50 -4.27
CA GLY Y 175 2.36 63.65 -5.22
C GLY Y 175 2.90 64.32 -6.47
N ALA Y 176 3.00 65.64 -6.49
CA ALA Y 176 3.69 66.31 -7.58
C ALA Y 176 5.18 66.00 -7.51
N ASP Y 177 5.75 65.66 -8.66
CA ASP Y 177 7.16 65.29 -8.76
C ASP Y 177 8.00 66.52 -9.05
N VAL Y 178 9.21 66.55 -8.49
CA VAL Y 178 10.00 67.77 -8.58
C VAL Y 178 10.79 67.84 -9.88
N PHE Y 179 11.31 66.72 -10.38
CA PHE Y 179 12.01 66.76 -11.67
C PHE Y 179 11.11 66.27 -12.81
N ALA Y 180 10.09 67.03 -13.13
CA ALA Y 180 9.31 66.83 -14.35
C ALA Y 180 9.62 67.96 -15.30
N GLN Y 181 9.60 67.66 -16.59
CA GLN Y 181 9.98 68.66 -17.59
C GLN Y 181 8.79 69.04 -18.46
N ASP Y 182 8.92 70.19 -19.11
CA ASP Y 182 8.00 70.63 -20.16
C ASP Y 182 8.65 70.34 -21.51
N LYS Y 183 7.95 70.71 -22.58
CA LYS Y 183 8.50 70.48 -23.92
C LYS Y 183 9.85 71.15 -24.10
N PHE Y 184 10.06 72.32 -23.50
CA PHE Y 184 11.30 73.04 -23.67
C PHE Y 184 12.39 72.60 -22.71
N GLY Y 185 12.12 71.63 -21.85
CA GLY Y 185 13.16 70.98 -21.07
C GLY Y 185 13.35 71.47 -19.65
N LYS Y 186 12.48 72.33 -19.15
CA LYS Y 186 12.69 72.93 -17.83
C LYS Y 186 11.89 72.22 -16.75
N THR Y 187 12.46 72.17 -15.57
CA THR Y 187 11.86 71.65 -14.35
C THR Y 187 11.41 72.81 -13.47
N PRO Y 188 10.47 72.58 -12.55
CA PRO Y 188 10.00 73.67 -11.69
C PRO Y 188 11.11 74.46 -11.03
N PHE Y 189 12.23 73.82 -10.71
CA PHE Y 189 13.35 74.56 -10.14
C PHE Y 189 13.91 75.59 -11.10
N ASP Y 190 13.86 75.31 -12.41
CA ASP Y 190 14.36 76.27 -13.38
C ASP Y 190 13.43 77.47 -13.49
N LEU Y 191 12.11 77.22 -13.61
CA LEU Y 191 11.17 78.33 -13.61
C LEU Y 191 11.23 79.11 -12.30
N ALA Y 192 11.70 78.46 -11.23
CA ALA Y 192 11.82 79.18 -9.97
C ALA Y 192 13.08 80.03 -9.92
N ILE Y 193 14.18 79.57 -10.52
CA ILE Y 193 15.42 80.31 -10.41
C ILE Y 193 15.54 81.38 -11.48
N ASP Y 194 14.80 81.25 -12.58
CA ASP Y 194 14.85 82.30 -13.61
C ASP Y 194 13.82 83.40 -13.40
N ASN Y 195 13.15 83.43 -12.25
CA ASN Y 195 12.13 84.42 -11.97
C ASN Y 195 12.30 85.09 -10.63
N GLY Y 196 13.44 84.87 -9.96
CA GLY Y 196 13.68 85.47 -8.67
C GLY Y 196 12.87 84.91 -7.52
N ASN Y 197 11.95 83.97 -7.78
CA ASN Y 197 11.27 83.27 -6.70
C ASN Y 197 12.29 82.44 -5.94
N GLU Y 198 12.62 82.87 -4.71
CA GLU Y 198 13.80 82.38 -4.01
C GLU Y 198 13.55 81.12 -3.20
N ASP Y 199 12.44 81.05 -2.45
CA ASP Y 199 12.31 79.97 -1.49
C ASP Y 199 11.72 78.72 -2.13
N ILE Y 200 10.91 78.89 -3.16
CA ILE Y 200 10.51 77.75 -3.98
C ILE Y 200 11.75 77.00 -4.42
N ALA Y 201 12.75 77.73 -4.91
CA ALA Y 201 14.01 77.12 -5.32
C ALA Y 201 14.68 76.38 -4.18
N GLU Y 202 14.66 76.94 -2.97
CA GLU Y 202 15.34 76.28 -1.86
C GLU Y 202 14.65 74.98 -1.45
N VAL Y 203 13.33 75.03 -1.30
CA VAL Y 203 12.61 73.82 -0.88
C VAL Y 203 12.52 72.79 -1.99
N LEU Y 204 12.79 73.16 -3.24
CA LEU Y 204 12.88 72.14 -4.28
C LEU Y 204 14.30 71.60 -4.41
N GLN Y 205 15.31 72.43 -4.15
CA GLN Y 205 16.68 71.98 -4.13
C GLN Y 205 16.92 70.97 -3.01
N ARG Y 206 16.29 71.19 -1.86
CA ARG Y 206 16.45 70.22 -0.77
C ARG Y 206 15.97 68.84 -1.19
N LEU Y 207 14.86 68.77 -1.94
CA LEU Y 207 14.32 67.47 -2.35
C LEU Y 207 15.17 66.83 -3.44
N LEU Y 208 15.58 67.63 -4.43
CA LEU Y 208 16.50 67.10 -5.43
C LEU Y 208 17.75 66.51 -4.79
N GLU Y 209 18.28 67.20 -3.78
CA GLU Y 209 19.48 66.73 -3.12
C GLU Y 209 19.24 65.48 -2.29
N CYS Y 210 18.10 65.40 -1.61
CA CYS Y 210 17.78 64.18 -0.87
C CYS Y 210 17.73 62.97 -1.80
N ARG Y 211 17.07 63.11 -2.94
CA ARG Y 211 17.01 61.97 -3.85
C ARG Y 211 18.38 61.60 -4.40
N ARG Y 212 19.18 62.59 -4.79
CA ARG Y 212 20.52 62.31 -5.29
C ARG Y 212 21.38 61.59 -4.25
N ASP Y 213 21.33 62.05 -3.00
CA ASP Y 213 22.17 61.48 -1.96
C ASP Y 213 21.74 60.06 -1.59
N ALA Y 214 20.44 59.80 -1.56
CA ALA Y 214 20.02 58.43 -1.29
C ALA Y 214 20.47 57.48 -2.40
N GLU Y 215 20.36 57.91 -3.66
CA GLU Y 215 20.86 57.10 -4.75
C GLU Y 215 22.34 56.78 -4.59
N ALA Y 216 23.15 57.81 -4.31
CA ALA Y 216 24.58 57.61 -4.11
C ALA Y 216 24.91 56.66 -2.97
N ALA Y 217 24.24 56.80 -1.83
CA ALA Y 217 24.50 55.91 -0.70
C ALA Y 217 24.13 54.47 -0.99
N ILE Y 218 23.05 54.23 -1.74
CA ILE Y 218 22.72 52.84 -2.07
C ILE Y 218 23.76 52.25 -3.01
N ASN Y 219 24.27 53.05 -3.95
CA ASN Y 219 25.37 52.55 -4.79
C ASN Y 219 26.59 52.18 -3.96
N TYR Y 220 26.95 53.03 -2.99
CA TYR Y 220 28.12 52.74 -2.17
C TYR Y 220 27.91 51.48 -1.32
N GLN Y 221 26.69 51.24 -0.85
CA GLN Y 221 26.44 50.01 -0.10
C GLN Y 221 26.55 48.78 -0.96
N ILE Y 222 26.10 48.87 -2.22
CA ILE Y 222 26.28 47.75 -3.14
C ILE Y 222 27.76 47.41 -3.29
N ASN Y 223 28.59 48.44 -3.51
CA ASN Y 223 30.02 48.18 -3.65
C ASN Y 223 30.63 47.60 -2.39
N LEU Y 224 30.20 48.07 -1.21
CA LEU Y 224 30.77 47.57 0.03
C LEU Y 224 30.43 46.10 0.26
N GLU Y 225 29.21 45.67 -0.07
CA GLU Y 225 28.90 44.26 0.11
C GLU Y 225 29.62 43.39 -0.91
N LEU Y 226 29.81 43.87 -2.14
CA LEU Y 226 30.61 43.10 -3.09
C LEU Y 226 32.05 42.94 -2.62
N TYR Y 227 32.62 43.99 -2.04
CA TYR Y 227 33.96 43.89 -1.48
C TYR Y 227 34.03 42.90 -0.32
N ALA Y 228 33.05 42.92 0.58
CA ALA Y 228 33.04 41.95 1.66
C ALA Y 228 32.96 40.52 1.15
N SER Y 229 32.15 40.29 0.12
CA SER Y 229 32.08 38.96 -0.48
C SER Y 229 33.43 38.50 -1.02
N TYR Y 230 34.15 39.40 -1.68
CA TYR Y 230 35.48 39.08 -2.18
C TYR Y 230 36.47 38.78 -1.05
N VAL Y 231 36.40 39.54 0.04
CA VAL Y 231 37.29 39.29 1.18
C VAL Y 231 37.04 37.92 1.77
N TYR Y 232 35.77 37.52 1.90
CA TYR Y 232 35.47 36.20 2.44
C TYR Y 232 35.93 35.10 1.52
N LEU Y 233 35.85 35.30 0.20
CA LEU Y 233 36.36 34.28 -0.73
C LEU Y 233 37.86 34.08 -0.55
N SER Y 234 38.60 35.18 -0.42
CA SER Y 234 40.03 35.08 -0.13
C SER Y 234 40.29 34.31 1.17
N MET Y 235 39.62 34.71 2.26
CA MET Y 235 39.75 34.00 3.53
C MET Y 235 39.50 32.51 3.39
N SER Y 236 38.44 32.14 2.69
CA SER Y 236 38.09 30.74 2.54
C SER Y 236 39.14 29.94 1.80
N TYR Y 237 39.68 30.46 0.71
CA TYR Y 237 40.71 29.69 0.01
C TYR Y 237 42.08 29.82 0.62
N TYR Y 238 42.23 30.59 1.69
CA TYR Y 238 43.46 30.50 2.48
C TYR Y 238 43.52 29.22 3.29
N PHE Y 239 42.42 28.84 3.93
CA PHE Y 239 42.39 27.65 4.76
C PHE Y 239 42.35 26.36 3.97
N ASP Y 240 42.50 26.43 2.66
CA ASP Y 240 42.47 25.25 1.80
C ASP Y 240 43.86 24.84 1.36
N ARG Y 241 44.86 25.67 1.60
CA ARG Y 241 46.25 25.31 1.31
C ARG Y 241 46.61 24.05 2.08
N ASP Y 242 47.69 23.38 1.70
CA ASP Y 242 48.06 22.17 2.43
C ASP Y 242 49.04 22.43 3.55
N ASP Y 243 49.53 23.66 3.71
CA ASP Y 243 50.18 24.02 4.95
C ASP Y 243 49.21 24.71 5.90
N VAL Y 244 47.94 24.83 5.51
CA VAL Y 244 46.87 25.26 6.40
C VAL Y 244 45.71 24.30 6.14
N ALA Y 245 45.65 23.19 6.88
CA ALA Y 245 44.74 22.12 6.51
C ALA Y 245 43.49 22.12 7.40
N LEU Y 246 42.70 23.19 7.28
CA LEU Y 246 41.47 23.32 8.06
C LEU Y 246 40.28 23.45 7.11
N LYS Y 247 39.44 22.42 7.08
CA LYS Y 247 38.38 22.31 6.07
C LYS Y 247 37.09 23.02 6.46
N ASN Y 248 36.77 23.05 7.75
CA ASN Y 248 35.51 23.63 8.15
C ASN Y 248 35.60 25.15 8.29
N PHE Y 249 36.77 25.67 8.60
CA PHE Y 249 37.02 27.10 8.41
C PHE Y 249 36.77 27.51 6.96
N ALA Y 250 37.21 26.68 6.02
CA ALA Y 250 37.01 26.95 4.60
C ALA Y 250 35.53 26.94 4.23
N LYS Y 251 34.78 25.92 4.67
CA LYS Y 251 33.35 25.90 4.38
C LYS Y 251 32.63 27.10 5.01
N TYR Y 252 32.97 27.43 6.26
CA TYR Y 252 32.41 28.60 6.91
C TYR Y 252 32.57 29.84 6.05
N PHE Y 253 33.80 30.17 5.67
CA PHE Y 253 34.00 31.41 4.96
C PHE Y 253 33.45 31.38 3.53
N LEU Y 254 33.34 30.21 2.90
CA LEU Y 254 32.65 30.19 1.61
C LEU Y 254 31.16 30.47 1.75
N HIS Y 255 30.52 29.93 2.79
CA HIS Y 255 29.12 30.25 3.04
C HIS Y 255 28.92 31.74 3.24
N GLN Y 256 29.78 32.38 4.02
CA GLN Y 256 29.67 33.81 4.21
C GLN Y 256 29.87 34.57 2.92
N SER Y 257 30.82 34.12 2.09
CA SER Y 257 31.04 34.73 0.79
C SER Y 257 29.80 34.74 -0.08
N HIS Y 258 29.00 33.67 -0.06
CA HIS Y 258 27.81 33.66 -0.89
C HIS Y 258 26.66 34.46 -0.31
N GLU Y 259 26.52 34.44 1.02
CA GLU Y 259 25.49 35.26 1.65
C GLU Y 259 25.70 36.73 1.37
N GLU Y 260 26.95 37.18 1.38
CA GLU Y 260 27.20 38.60 1.12
C GLU Y 260 26.92 39.02 -0.32
N ARG Y 261 26.84 38.09 -1.26
CA ARG Y 261 26.43 38.48 -2.60
C ARG Y 261 24.92 38.53 -2.72
N GLU Y 262 24.22 37.62 -2.04
CA GLU Y 262 22.77 37.80 -1.94
C GLU Y 262 22.41 39.15 -1.35
N HIS Y 263 23.15 39.59 -0.32
CA HIS Y 263 22.89 40.90 0.28
C HIS Y 263 22.96 42.03 -0.74
N ALA Y 264 23.94 42.00 -1.64
CA ALA Y 264 24.10 43.09 -2.59
C ALA Y 264 23.09 43.03 -3.72
N GLU Y 265 22.72 41.82 -4.15
CA GLU Y 265 21.66 41.73 -5.15
C GLU Y 265 20.33 42.25 -4.62
N LYS Y 266 20.07 42.08 -3.32
CA LYS Y 266 18.86 42.67 -2.75
C LYS Y 266 18.85 44.19 -2.90
N LEU Y 267 19.99 44.84 -2.70
CA LEU Y 267 20.03 46.29 -2.82
C LEU Y 267 19.94 46.73 -4.27
N MET Y 268 20.48 45.95 -5.20
CA MET Y 268 20.29 46.26 -6.62
C MET Y 268 18.82 46.22 -7.00
N LYS Y 269 18.13 45.15 -6.60
CA LYS Y 269 16.71 45.07 -6.85
C LYS Y 269 15.96 46.25 -6.23
N LEU Y 270 16.30 46.59 -4.99
CA LEU Y 270 15.69 47.77 -4.37
C LEU Y 270 15.87 49.01 -5.21
N GLN Y 271 17.09 49.29 -5.67
CA GLN Y 271 17.30 50.52 -6.41
C GLN Y 271 16.61 50.50 -7.76
N ASN Y 272 16.35 49.32 -8.32
CA ASN Y 272 15.54 49.29 -9.52
C ASN Y 272 14.06 49.54 -9.22
N GLN Y 273 13.59 49.13 -8.03
CA GLN Y 273 12.21 49.39 -7.66
C GLN Y 273 11.95 50.86 -7.40
N ARG Y 274 12.97 51.61 -7.01
CA ARG Y 274 12.80 53.02 -6.69
C ARG Y 274 12.88 53.92 -7.92
N GLY Y 275 13.34 53.41 -9.05
CA GLY Y 275 13.53 54.21 -10.23
C GLY Y 275 14.87 54.86 -10.35
N GLY Y 276 15.86 54.46 -9.55
CA GLY Y 276 17.18 55.02 -9.60
C GLY Y 276 18.07 54.29 -10.58
N GLU Y 277 19.33 54.73 -10.65
CA GLU Y 277 20.29 54.20 -11.59
C GLU Y 277 21.41 53.50 -10.86
N ILE Y 278 21.56 52.21 -11.11
CA ILE Y 278 22.70 51.47 -10.59
C ILE Y 278 23.95 51.87 -11.37
N SER Y 279 25.02 52.17 -10.65
CA SER Y 279 26.30 52.48 -11.27
C SER Y 279 27.37 51.68 -10.56
N LEU Y 280 27.75 50.55 -11.17
CA LEU Y 280 28.71 49.63 -10.58
C LEU Y 280 30.11 50.18 -10.74
N GLN Y 281 31.00 49.78 -9.84
CA GLN Y 281 32.37 50.30 -9.80
C GLN Y 281 33.37 49.19 -9.57
N SER Y 282 34.62 49.59 -9.40
CA SER Y 282 35.73 48.66 -9.28
C SER Y 282 35.74 48.08 -7.86
N ILE Y 283 36.10 46.80 -7.75
CA ILE Y 283 36.15 46.15 -6.44
C ILE Y 283 37.60 45.98 -6.04
N SER Y 284 37.98 46.59 -4.91
CA SER Y 284 39.34 46.50 -4.44
C SER Y 284 39.67 45.05 -4.05
N SER Y 285 40.96 44.75 -4.05
CA SER Y 285 41.35 43.43 -3.60
C SER Y 285 41.55 43.43 -2.10
N PRO Y 286 41.34 42.30 -1.43
CA PRO Y 286 41.52 42.26 0.03
C PRO Y 286 42.93 42.66 0.41
N ASP Y 287 43.06 43.11 1.65
CA ASP Y 287 44.34 43.70 2.07
C ASP Y 287 45.41 42.64 2.25
N SER Y 288 45.01 41.41 2.57
CA SER Y 288 45.96 40.34 2.82
C SER Y 288 45.67 39.18 1.89
N ASP Y 289 46.72 38.42 1.59
CA ASP Y 289 46.58 37.08 1.03
C ASP Y 289 46.88 36.01 2.06
N ASP Y 290 47.57 36.37 3.13
CA ASP Y 290 47.99 35.47 4.19
C ASP Y 290 47.32 35.93 5.49
N TRP Y 291 46.25 35.25 5.86
CA TRP Y 291 45.59 35.49 7.13
C TRP Y 291 46.16 34.55 8.17
N GLU Y 292 47.01 35.08 9.05
CA GLU Y 292 48.02 34.26 9.72
C GLU Y 292 47.45 33.00 10.37
N SER Y 293 46.24 33.06 10.92
CA SER Y 293 45.69 31.92 11.63
C SER Y 293 44.17 32.01 11.61
N GLY Y 294 43.53 31.03 12.25
CA GLY Y 294 42.08 31.06 12.36
C GLY Y 294 41.57 32.15 13.29
N LEU Y 295 42.28 32.41 14.38
CA LEU Y 295 41.93 33.50 15.27
C LEU Y 295 41.99 34.85 14.56
N ASN Y 296 43.10 35.14 13.89
CA ASN Y 296 43.27 36.40 13.19
C ASN Y 296 42.26 36.60 12.08
N ALA Y 297 41.93 35.55 11.33
CA ALA Y 297 40.87 35.63 10.34
C ALA Y 297 39.51 35.89 10.95
N MET Y 298 39.17 35.24 12.07
CA MET Y 298 37.91 35.55 12.72
C MET Y 298 37.85 37.00 13.21
N GLU Y 299 38.97 37.53 13.71
CA GLU Y 299 38.97 38.93 14.17
C GLU Y 299 38.83 39.90 13.01
N SER Y 300 39.46 39.58 11.88
CA SER Y 300 39.31 40.42 10.70
C SER Y 300 37.88 40.40 10.17
N ALA Y 301 37.24 39.22 10.17
CA ALA Y 301 35.83 39.17 9.80
C ALA Y 301 34.97 39.99 10.73
N LEU Y 302 35.31 40.00 12.02
CA LEU Y 302 34.54 40.80 12.99
C LEU Y 302 34.66 42.29 12.69
N HIS Y 303 35.87 42.78 12.44
CA HIS Y 303 36.00 44.20 12.09
C HIS Y 303 35.29 44.54 10.79
N LEU Y 304 35.32 43.64 9.81
CA LEU Y 304 34.63 43.91 8.55
C LEU Y 304 33.13 44.00 8.76
N GLU Y 305 32.55 43.10 9.54
CA GLU Y 305 31.12 43.16 9.81
C GLU Y 305 30.75 44.44 10.54
N LYS Y 306 31.61 44.89 11.45
CA LYS Y 306 31.32 46.15 12.15
C LYS Y 306 31.36 47.35 11.21
N ALA Y 307 32.30 47.38 10.27
CA ALA Y 307 32.34 48.47 9.30
C ALA Y 307 31.08 48.48 8.43
N VAL Y 308 30.65 47.31 7.97
CA VAL Y 308 29.42 47.24 7.18
C VAL Y 308 28.24 47.75 7.98
N ASN Y 309 28.14 47.38 9.25
CA ASN Y 309 27.04 47.85 10.08
C ASN Y 309 27.06 49.35 10.27
N ALA Y 310 28.24 49.94 10.43
CA ALA Y 310 28.33 51.39 10.53
C ALA Y 310 27.81 52.07 9.26
N SER Y 311 28.15 51.55 8.09
CA SER Y 311 27.61 52.14 6.87
C SER Y 311 26.10 52.04 6.81
N LEU Y 312 25.54 50.90 7.22
CA LEU Y 312 24.09 50.78 7.26
C LEU Y 312 23.46 51.81 8.18
N LEU Y 313 24.05 52.06 9.34
CA LEU Y 313 23.50 53.06 10.24
C LEU Y 313 23.55 54.46 9.65
N ARG Y 314 24.64 54.79 8.94
CA ARG Y 314 24.71 56.10 8.30
C ARG Y 314 23.63 56.26 7.24
N LEU Y 315 23.42 55.22 6.43
CA LEU Y 315 22.38 55.29 5.41
C LEU Y 315 21.00 55.38 6.03
N HIS Y 316 20.78 54.73 7.17
CA HIS Y 316 19.47 54.83 7.82
C HIS Y 316 19.23 56.23 8.35
N LYS Y 317 20.24 56.86 8.94
CA LYS Y 317 20.06 58.22 9.39
C LYS Y 317 19.79 59.17 8.22
N LEU Y 318 20.46 58.94 7.09
CA LEU Y 318 20.19 59.73 5.90
C LEU Y 318 18.75 59.56 5.44
N ALA Y 319 18.26 58.32 5.35
CA ALA Y 319 16.88 58.10 4.92
C ALA Y 319 15.88 58.65 5.93
N THR Y 320 16.29 58.81 7.19
CA THR Y 320 15.39 59.40 8.18
C THR Y 320 15.33 60.92 8.03
N ASP Y 321 16.45 61.55 7.69
CA ASP Y 321 16.43 62.99 7.52
C ASP Y 321 15.54 63.40 6.36
N CYS Y 322 15.56 62.64 5.27
CA CYS Y 322 14.83 63.02 4.06
C CYS Y 322 13.43 62.42 3.99
N ASN Y 323 12.84 62.01 5.12
CA ASN Y 323 11.45 61.59 5.19
C ASN Y 323 11.14 60.50 4.17
N ASP Y 324 11.73 59.32 4.35
CA ASP Y 324 11.62 58.23 3.41
C ASP Y 324 11.24 56.95 4.15
N PRO Y 325 9.99 56.81 4.61
CA PRO Y 325 9.63 55.66 5.45
C PRO Y 325 9.94 54.29 4.87
N HIS Y 326 9.78 54.09 3.56
CA HIS Y 326 9.97 52.77 2.99
C HIS Y 326 11.44 52.36 3.00
N LEU Y 327 12.35 53.30 2.78
CA LEU Y 327 13.77 52.98 2.83
C LEU Y 327 14.19 52.60 4.25
N CYS Y 328 13.72 53.34 5.25
CA CYS Y 328 14.03 53.01 6.63
C CYS Y 328 13.49 51.64 7.01
N ASP Y 329 12.23 51.37 6.64
CA ASP Y 329 11.64 50.06 6.93
C ASP Y 329 12.43 48.95 6.26
N PHE Y 330 12.84 49.15 5.01
CA PHE Y 330 13.63 48.15 4.30
C PHE Y 330 14.95 47.88 5.01
N ILE Y 331 15.65 48.94 5.40
CA ILE Y 331 16.96 48.78 6.03
C ILE Y 331 16.84 48.05 7.35
N GLU Y 332 15.88 48.45 8.20
CA GLU Y 332 15.82 47.77 9.48
C GLU Y 332 15.13 46.41 9.41
N THR Y 333 14.40 46.10 8.35
CA THR Y 333 13.81 44.78 8.24
C THR Y 333 14.79 43.76 7.72
N HIS Y 334 15.62 44.12 6.74
CA HIS Y 334 16.45 43.09 6.12
C HIS Y 334 17.91 43.15 6.53
N TYR Y 335 18.35 44.22 7.18
CA TYR Y 335 19.79 44.42 7.33
C TYR Y 335 20.25 44.66 8.75
N LEU Y 336 19.41 45.22 9.62
CA LEU Y 336 19.92 45.58 10.94
C LEU Y 336 19.87 44.43 11.93
N ASN Y 337 19.04 43.41 11.71
CA ASN Y 337 19.03 42.30 12.65
C ASN Y 337 20.00 41.21 12.26
N GLU Y 338 20.41 41.15 11.00
CA GLU Y 338 21.42 40.18 10.59
C GLU Y 338 22.81 40.61 11.04
N GLN Y 339 23.10 41.91 11.01
CA GLN Y 339 24.40 42.37 11.46
C GLN Y 339 24.61 42.15 12.94
N VAL Y 340 23.55 42.33 13.75
CA VAL Y 340 23.65 42.11 15.17
C VAL Y 340 23.97 40.65 15.48
N LYS Y 341 23.30 39.73 14.79
CA LYS Y 341 23.54 38.31 14.98
C LYS Y 341 24.92 37.89 14.48
N ALA Y 342 25.37 38.42 13.34
CA ALA Y 342 26.72 38.16 12.87
C ALA Y 342 27.77 38.63 13.85
N ILE Y 343 27.64 39.83 14.40
CA ILE Y 343 28.62 40.34 15.34
C ILE Y 343 28.63 39.52 16.62
N LYS Y 344 27.45 39.14 17.12
CA LYS Y 344 27.39 38.31 18.31
C LYS Y 344 28.08 36.97 18.09
N GLU Y 345 27.80 36.33 16.96
CA GLU Y 345 28.38 35.02 16.68
C GLU Y 345 29.88 35.09 16.49
N LEU Y 346 30.38 36.08 15.77
CA LEU Y 346 31.81 36.17 15.55
C LEU Y 346 32.58 36.53 16.81
N GLY Y 347 32.00 37.34 17.70
CA GLY Y 347 32.63 37.55 19.00
C GLY Y 347 32.63 36.32 19.87
N ASP Y 348 31.57 35.50 19.78
CA ASP Y 348 31.58 34.21 20.47
C ASP Y 348 32.72 33.34 19.98
N HIS Y 349 32.88 33.21 18.66
CA HIS Y 349 33.99 32.43 18.10
C HIS Y 349 35.33 32.93 18.59
N VAL Y 350 35.52 34.25 18.62
CA VAL Y 350 36.81 34.78 19.03
C VAL Y 350 37.09 34.48 20.50
N THR Y 351 36.11 34.64 21.39
CA THR Y 351 36.42 34.32 22.78
C THR Y 351 36.61 32.83 23.02
N ASN Y 352 35.86 31.97 22.33
CA ASN Y 352 36.11 30.55 22.45
C ASN Y 352 37.52 30.19 22.02
N LEU Y 353 37.94 30.66 20.85
CA LEU Y 353 39.28 30.37 20.38
C LEU Y 353 40.34 30.92 21.32
N ARG Y 354 40.14 32.11 21.86
CA ARG Y 354 41.15 32.66 22.76
C ARG Y 354 41.24 31.89 24.07
N LYS Y 355 40.11 31.42 24.59
CA LYS Y 355 40.14 30.66 25.83
C LYS Y 355 40.76 29.29 25.64
N MET Y 356 40.40 28.58 24.56
CA MET Y 356 41.01 27.27 24.29
C MET Y 356 42.52 27.32 24.18
N GLY Y 357 43.10 28.48 23.88
CA GLY Y 357 44.55 28.64 23.86
C GLY Y 357 45.15 28.99 22.52
N ALA Y 358 44.36 29.26 21.50
CA ALA Y 358 44.92 29.64 20.21
C ALA Y 358 45.53 31.03 20.29
N PRO Y 359 46.41 31.39 19.34
CA PRO Y 359 46.93 30.68 18.17
C PRO Y 359 48.17 29.88 18.49
N GLU Y 360 48.75 30.11 19.66
CA GLU Y 360 49.96 29.43 20.09
C GLU Y 360 49.72 27.96 20.43
N SER Y 361 48.53 27.44 20.14
CA SER Y 361 48.21 26.05 20.41
C SER Y 361 47.58 25.42 19.19
N GLY Y 362 48.31 24.53 18.53
CA GLY Y 362 47.67 23.49 17.78
C GLY Y 362 46.97 22.53 18.73
N LEU Y 363 45.92 21.88 18.22
CA LEU Y 363 44.93 21.13 18.99
C LEU Y 363 43.91 22.07 19.61
N ALA Y 364 44.07 23.37 19.43
CA ALA Y 364 42.99 24.29 19.78
C ALA Y 364 42.17 24.62 18.54
N GLU Y 365 42.85 24.98 17.46
CA GLU Y 365 42.14 25.24 16.21
C GLU Y 365 41.71 23.95 15.54
N TYR Y 366 42.45 22.85 15.73
CA TYR Y 366 41.99 21.56 15.22
C TYR Y 366 40.66 21.17 15.85
N LEU Y 367 40.56 21.27 17.18
CA LEU Y 367 39.34 20.84 17.85
C LEU Y 367 38.22 21.84 17.71
N PHE Y 368 38.53 23.13 17.61
CA PHE Y 368 37.51 24.11 17.25
C PHE Y 368 36.92 23.79 15.87
N ASP Y 369 37.78 23.59 14.89
CA ASP Y 369 37.35 23.23 13.54
C ASP Y 369 36.51 21.97 13.54
N LYS Y 370 36.84 21.00 14.39
CA LYS Y 370 36.08 19.76 14.43
C LYS Y 370 34.73 19.92 15.11
N HIS Y 371 34.67 20.60 16.25
CA HIS Y 371 33.51 20.55 17.12
C HIS Y 371 32.54 21.71 16.92
N THR Y 372 33.04 22.90 16.60
CA THR Y 372 32.16 24.06 16.50
C THR Y 372 31.77 24.36 15.07
N LEU Y 373 32.71 24.22 14.15
CA LEU Y 373 32.47 24.56 12.75
C LEU Y 373 32.00 23.39 11.92
N GLY Y 374 31.99 22.19 12.49
CA GLY Y 374 31.56 21.01 11.76
C GLY Y 374 30.82 20.00 12.59
N SER Z 2 2.19 105.68 -11.48
CA SER Z 2 1.09 105.18 -10.66
C SER Z 2 -0.03 104.60 -11.51
N LYS Z 3 -0.44 105.35 -12.53
CA LYS Z 3 -1.59 104.94 -13.34
C LYS Z 3 -1.21 103.89 -14.38
N GLY Z 4 -0.05 104.05 -15.02
CA GLY Z 4 0.29 103.18 -16.13
C GLY Z 4 0.36 101.71 -15.76
N GLU Z 5 0.63 101.41 -14.49
CA GLU Z 5 0.73 100.02 -14.06
C GLU Z 5 -0.61 99.45 -13.62
N GLU Z 6 -1.59 100.29 -13.32
CA GLU Z 6 -2.87 99.82 -12.80
C GLU Z 6 -3.69 99.12 -13.86
N LEU Z 7 -3.60 99.57 -15.11
CA LEU Z 7 -4.51 99.17 -16.18
C LEU Z 7 -4.47 97.68 -16.49
N PHE Z 8 -3.63 96.89 -15.83
CA PHE Z 8 -3.54 95.46 -16.07
C PHE Z 8 -3.82 94.64 -14.81
N THR Z 9 -4.74 95.11 -13.97
CA THR Z 9 -5.00 94.45 -12.69
C THR Z 9 -5.60 93.06 -12.87
N GLY Z 10 -6.28 92.82 -13.98
CA GLY Z 10 -6.96 91.54 -14.17
C GLY Z 10 -6.87 91.01 -15.58
N VAL Z 11 -7.84 90.20 -15.96
CA VAL Z 11 -7.89 89.66 -17.32
C VAL Z 11 -8.17 90.79 -18.29
N VAL Z 12 -7.75 90.62 -19.54
CA VAL Z 12 -7.99 91.59 -20.60
C VAL Z 12 -8.39 90.83 -21.86
N PRO Z 13 -9.59 91.04 -22.39
CA PRO Z 13 -9.93 90.49 -23.70
C PRO Z 13 -9.21 91.25 -24.80
N ILE Z 14 -8.91 90.51 -25.88
CA ILE Z 14 -8.08 91.03 -26.97
C ILE Z 14 -8.82 90.86 -28.29
N LEU Z 15 -8.58 91.78 -29.22
CA LEU Z 15 -9.10 91.73 -30.57
C LEU Z 15 -8.01 92.23 -31.50
N VAL Z 16 -7.42 91.33 -32.28
CA VAL Z 16 -6.23 91.67 -33.06
C VAL Z 16 -6.56 91.59 -34.54
N GLU Z 17 -6.45 92.72 -35.23
CA GLU Z 17 -6.70 92.78 -36.67
C GLU Z 17 -5.40 93.13 -37.37
N LEU Z 18 -5.11 92.37 -38.43
CA LEU Z 18 -3.90 92.56 -39.23
C LEU Z 18 -4.26 92.52 -40.69
N ASP Z 19 -3.89 93.57 -41.43
CA ASP Z 19 -4.17 93.64 -42.85
C ASP Z 19 -2.85 93.77 -43.60
N GLY Z 20 -2.55 92.77 -44.42
CA GLY Z 20 -1.24 92.68 -45.04
C GLY Z 20 -1.31 92.51 -46.55
N ASP Z 21 -0.30 93.05 -47.23
CA ASP Z 21 -0.10 92.88 -48.66
C ASP Z 21 1.27 92.30 -48.91
N VAL Z 22 1.32 91.08 -49.45
CA VAL Z 22 2.57 90.38 -49.73
C VAL Z 22 2.52 89.83 -51.15
N ASN Z 23 3.17 90.53 -52.08
CA ASN Z 23 3.35 90.07 -53.45
C ASN Z 23 2.02 89.69 -54.11
N GLY Z 24 1.09 90.65 -54.14
CA GLY Z 24 -0.21 90.44 -54.71
C GLY Z 24 -1.17 89.69 -53.80
N HIS Z 25 -0.69 89.21 -52.66
CA HIS Z 25 -1.54 88.49 -51.71
C HIS Z 25 -2.05 89.46 -50.65
N LYS Z 26 -3.33 89.80 -50.72
CA LYS Z 26 -3.97 90.56 -49.66
C LYS Z 26 -4.55 89.61 -48.62
N PHE Z 27 -4.44 89.98 -47.36
CA PHE Z 27 -4.99 89.13 -46.31
C PHE Z 27 -5.41 89.97 -45.11
N SER Z 28 -6.50 89.53 -44.49
CA SER Z 28 -6.95 90.06 -43.20
C SER Z 28 -6.91 88.92 -42.20
N VAL Z 29 -6.48 89.22 -40.99
CA VAL Z 29 -6.36 88.24 -39.92
C VAL Z 29 -7.05 88.82 -38.69
N ARG Z 30 -7.93 88.05 -38.07
CA ARG Z 30 -8.54 88.39 -36.80
C ARG Z 30 -8.17 87.34 -35.76
N GLY Z 31 -7.75 87.81 -34.59
CA GLY Z 31 -7.41 86.94 -33.49
C GLY Z 31 -8.15 87.31 -32.24
N GLU Z 32 -8.65 86.29 -31.54
CA GLU Z 32 -9.50 86.43 -30.37
C GLU Z 32 -8.92 85.63 -29.21
N GLY Z 33 -8.88 86.26 -28.04
CA GLY Z 33 -8.38 85.58 -26.86
C GLY Z 33 -8.33 86.55 -25.68
N GLU Z 34 -7.55 86.14 -24.67
CA GLU Z 34 -7.42 86.95 -23.45
C GLU Z 34 -6.01 86.87 -22.90
N GLY Z 35 -5.66 87.87 -22.08
CA GLY Z 35 -4.35 87.93 -21.48
C GLY Z 35 -4.31 88.48 -20.07
N ASP Z 36 -3.25 88.13 -19.34
CA ASP Z 36 -3.00 88.67 -18.00
C ASP Z 36 -1.53 89.04 -17.90
N ALA Z 37 -1.27 90.24 -17.41
CA ALA Z 37 0.09 90.72 -17.21
C ALA Z 37 0.70 90.22 -15.90
N THR Z 38 -0.14 89.92 -14.90
CA THR Z 38 0.38 89.49 -13.60
C THR Z 38 1.24 88.24 -13.72
N ASN Z 39 0.92 87.35 -14.66
CA ASN Z 39 1.70 86.14 -14.89
C ASN Z 39 2.31 86.11 -16.29
N GLY Z 40 2.25 87.21 -17.03
CA GLY Z 40 2.79 87.25 -18.37
C GLY Z 40 2.19 86.22 -19.29
N LYS Z 41 0.91 85.91 -19.14
CA LYS Z 41 0.27 84.82 -19.85
C LYS Z 41 -0.67 85.38 -20.90
N LEU Z 42 -0.61 84.81 -22.11
CA LEU Z 42 -1.50 85.20 -23.19
C LEU Z 42 -2.05 83.93 -23.85
N THR Z 43 -3.31 83.96 -24.24
CA THR Z 43 -3.96 82.78 -24.80
C THR Z 43 -4.93 83.22 -25.90
N LEU Z 44 -4.58 82.90 -27.15
CA LEU Z 44 -5.27 83.47 -28.31
C LEU Z 44 -5.57 82.38 -29.34
N LYS Z 45 -6.42 82.75 -30.29
CA LYS Z 45 -6.78 81.90 -31.42
C LYS Z 45 -6.99 82.80 -32.63
N PHE Z 46 -6.20 82.58 -33.68
CA PHE Z 46 -6.20 83.40 -34.88
C PHE Z 46 -6.88 82.65 -36.01
N ILE Z 47 -7.63 83.36 -36.84
CA ILE Z 47 -8.35 82.78 -37.97
C ILE Z 47 -8.32 83.77 -39.13
N CYS Z 48 -8.15 83.26 -40.35
CA CYS Z 48 -8.13 84.10 -41.54
C CYS Z 48 -9.41 83.90 -42.34
N THR Z 49 -10.23 84.95 -42.42
CA THR Z 49 -11.44 84.91 -43.22
C THR Z 49 -11.18 85.18 -44.69
N THR Z 50 -9.93 85.05 -45.14
CA THR Z 50 -9.53 85.31 -46.52
C THR Z 50 -9.04 84.03 -47.19
N GLY Z 51 -9.66 82.90 -46.89
CA GLY Z 51 -9.32 81.66 -47.57
C GLY Z 51 -7.92 81.16 -47.23
N LYS Z 52 -7.42 80.25 -48.07
CA LYS Z 52 -6.11 79.67 -47.87
C LYS Z 52 -5.04 80.74 -48.06
N LEU Z 53 -4.03 80.72 -47.20
CA LEU Z 53 -3.00 81.75 -47.25
C LEU Z 53 -1.69 81.14 -47.75
N PRO Z 54 -0.91 81.87 -48.55
CA PRO Z 54 0.33 81.27 -49.10
C PRO Z 54 1.47 81.14 -48.12
N VAL Z 55 1.57 82.02 -47.13
CA VAL Z 55 2.68 81.99 -46.16
C VAL Z 55 2.31 81.06 -45.02
N PRO Z 56 3.25 80.26 -44.50
CA PRO Z 56 2.90 79.34 -43.43
C PRO Z 56 2.48 80.08 -42.17
N TRP Z 57 1.69 79.40 -41.35
CA TRP Z 57 1.29 79.96 -40.07
C TRP Z 57 2.47 80.36 -39.18
N PRO Z 58 3.55 79.56 -39.05
CA PRO Z 58 4.68 79.98 -38.21
C PRO Z 58 5.20 81.36 -38.52
N THR Z 59 5.07 81.83 -39.77
CA THR Z 59 5.51 83.17 -40.11
C THR Z 59 4.68 84.22 -39.39
N LEU Z 60 3.36 84.07 -39.41
CA LEU Z 60 2.44 85.05 -38.84
C LEU Z 60 2.51 85.11 -37.32
N VAL Z 61 3.20 84.16 -36.68
CA VAL Z 61 3.19 84.09 -35.22
C VAL Z 61 3.97 85.25 -34.63
N THR Z 62 5.19 85.49 -35.13
CA THR Z 62 6.02 86.55 -34.59
C THR Z 62 5.39 87.93 -34.75
N THR Z 63 4.60 88.09 -35.81
CA THR Z 63 4.02 89.39 -36.14
C THR Z 63 2.56 89.43 -35.78
N LEU Z 64 2.22 89.19 -34.52
CA LEU Z 64 0.81 89.31 -34.07
C LEU Z 64 0.82 89.60 -32.56
N VAL Z 66 2.01 91.98 -28.26
CA VAL Z 66 1.35 92.66 -27.18
C VAL Z 66 2.20 92.55 -25.94
N GLN Z 67 3.46 92.96 -26.07
CA GLN Z 67 4.42 92.79 -24.94
C GLN Z 67 3.87 93.54 -23.72
N CYS Z 68 2.86 94.37 -23.95
CA CYS Z 68 2.22 95.04 -22.80
C CYS Z 68 1.68 93.97 -21.84
N PHE Z 69 1.83 92.68 -22.18
CA PHE Z 69 1.26 91.71 -21.25
C PHE Z 69 2.32 90.89 -20.53
N SER Z 70 3.59 91.23 -20.70
CA SER Z 70 4.68 90.42 -20.17
C SER Z 70 4.75 90.55 -18.65
N ARG Z 71 5.15 89.47 -18.00
CA ARG Z 71 5.22 89.45 -16.54
C ARG Z 71 6.40 90.29 -16.07
N TYR Z 72 6.12 91.31 -15.26
CA TYR Z 72 7.12 92.23 -14.80
C TYR Z 72 7.24 92.18 -13.29
N PRO Z 73 8.44 91.95 -12.76
CA PRO Z 73 8.57 91.83 -11.30
C PRO Z 73 8.57 93.17 -10.59
N ASP Z 74 8.51 93.13 -9.26
CA ASP Z 74 8.46 94.37 -8.49
C ASP Z 74 9.81 95.08 -8.49
N HIS Z 75 10.89 94.35 -8.82
CA HIS Z 75 12.14 95.08 -8.90
C HIS Z 75 12.31 95.82 -10.22
N MET Z 76 11.68 95.39 -11.32
CA MET Z 76 11.64 96.18 -12.54
C MET Z 76 10.36 96.99 -12.67
N LYS Z 77 9.80 97.47 -11.55
CA LYS Z 77 8.69 98.40 -11.63
C LYS Z 77 9.09 99.74 -12.22
N ARG Z 78 10.40 100.02 -12.28
CA ARG Z 78 10.90 101.28 -12.80
C ARG Z 78 11.43 101.17 -14.22
N HIS Z 79 11.37 99.98 -14.83
CA HIS Z 79 11.88 99.76 -16.18
C HIS Z 79 10.82 99.12 -17.06
N ASP Z 80 9.57 99.49 -16.86
CA ASP Z 80 8.45 98.99 -17.67
C ASP Z 80 7.95 100.14 -18.54
N PHE Z 81 8.55 100.26 -19.73
CA PHE Z 81 8.18 101.33 -20.65
C PHE Z 81 6.75 101.16 -21.16
N PHE Z 82 6.34 99.92 -21.44
CA PHE Z 82 5.02 99.70 -22.03
C PHE Z 82 3.92 100.03 -21.02
N LYS Z 83 4.24 99.99 -19.73
CA LYS Z 83 3.20 100.17 -18.72
C LYS Z 83 2.82 101.63 -18.52
N SER Z 84 3.80 102.50 -18.23
CA SER Z 84 3.51 103.89 -17.86
C SER Z 84 2.57 104.59 -18.84
N ALA Z 85 2.44 104.08 -20.06
CA ALA Z 85 1.63 104.70 -21.09
C ALA Z 85 0.23 104.10 -21.21
N MET Z 86 -0.40 103.73 -20.12
CA MET Z 86 -1.76 103.20 -20.23
C MET Z 86 -2.74 104.06 -19.42
N PRO Z 87 -3.88 104.43 -20.01
CA PRO Z 87 -4.38 104.07 -21.34
C PRO Z 87 -3.83 104.95 -22.47
N GLU Z 88 -2.74 105.66 -22.19
CA GLU Z 88 -2.07 106.47 -23.21
C GLU Z 88 -1.84 105.67 -24.48
N GLY Z 89 -1.41 104.42 -24.36
CA GLY Z 89 -1.12 103.59 -25.50
C GLY Z 89 0.18 103.98 -26.16
N TYR Z 90 0.43 103.37 -27.31
CA TYR Z 90 1.65 103.64 -28.06
C TYR Z 90 1.55 103.02 -29.45
N VAL Z 91 2.57 103.29 -30.26
CA VAL Z 91 2.68 102.74 -31.60
C VAL Z 91 4.05 102.11 -31.74
N GLN Z 92 4.18 101.16 -32.67
CA GLN Z 92 5.45 100.52 -32.97
C GLN Z 92 5.58 100.24 -34.45
N GLU Z 93 6.74 100.55 -35.00
CA GLU Z 93 7.08 100.25 -36.37
C GLU Z 93 8.13 99.14 -36.39
N ARG Z 94 7.79 98.01 -37.01
CA ARG Z 94 8.62 96.82 -37.00
C ARG Z 94 9.07 96.48 -38.40
N THR Z 95 10.33 96.08 -38.53
CA THR Z 95 10.87 95.51 -39.76
C THR Z 95 11.39 94.12 -39.43
N ILE Z 96 10.91 93.12 -40.17
CA ILE Z 96 11.42 91.76 -40.02
C ILE Z 96 12.13 91.39 -41.31
N SER Z 97 13.33 90.83 -41.17
CA SER Z 97 14.23 90.56 -42.28
C SER Z 97 14.55 89.07 -42.30
N PHE Z 98 14.06 88.38 -43.31
CA PHE Z 98 14.40 86.98 -43.53
C PHE Z 98 15.77 86.89 -44.18
N LYS Z 99 16.56 85.90 -43.77
CA LYS Z 99 17.76 85.57 -44.52
C LYS Z 99 17.39 84.59 -45.64
N ASP Z 100 17.99 84.80 -46.81
CA ASP Z 100 17.73 83.99 -48.00
C ASP Z 100 16.32 84.21 -48.55
N ASP Z 101 15.73 85.37 -48.23
CA ASP Z 101 14.49 85.87 -48.84
C ASP Z 101 14.27 87.31 -48.39
N GLY Z 102 13.14 87.89 -48.79
CA GLY Z 102 12.85 89.30 -48.65
C GLY Z 102 12.49 89.78 -47.25
N THR Z 103 11.61 90.77 -47.15
CA THR Z 103 11.38 91.43 -45.87
C THR Z 103 9.92 91.81 -45.68
N TYR Z 104 9.61 92.24 -44.45
CA TYR Z 104 8.31 92.75 -44.05
C TYR Z 104 8.47 94.08 -43.31
N LYS Z 105 7.63 95.05 -43.70
CA LYS Z 105 7.49 96.34 -43.02
C LYS Z 105 6.11 96.41 -42.42
N THR Z 106 6.02 96.59 -41.10
CA THR Z 106 4.75 96.41 -40.42
C THR Z 106 4.54 97.48 -39.35
N ARG Z 107 3.49 98.27 -39.52
CA ARG Z 107 3.09 99.30 -38.56
C ARG Z 107 2.01 98.75 -37.64
N ALA Z 108 2.07 99.11 -36.37
CA ALA Z 108 1.08 98.64 -35.42
C ALA Z 108 0.76 99.72 -34.40
N GLU Z 109 -0.52 99.88 -34.08
CA GLU Z 109 -0.95 100.83 -33.06
C GLU Z 109 -1.66 100.07 -31.95
N VAL Z 110 -1.15 100.16 -30.73
CA VAL Z 110 -1.65 99.40 -29.59
C VAL Z 110 -2.18 100.36 -28.54
N LYS Z 111 -3.35 100.03 -28.00
CA LYS Z 111 -4.04 100.89 -27.03
C LYS Z 111 -5.10 100.07 -26.31
N PHE Z 112 -5.78 100.73 -25.38
CA PHE Z 112 -7.04 100.23 -24.83
C PHE Z 112 -8.21 100.93 -25.51
N GLU Z 113 -9.25 100.17 -25.82
CA GLU Z 113 -10.50 100.68 -26.37
C GLU Z 113 -11.57 100.27 -25.38
N GLY Z 114 -12.06 101.22 -24.59
CA GLY Z 114 -12.87 100.88 -23.44
C GLY Z 114 -12.01 100.16 -22.43
N ASP Z 115 -12.20 98.85 -22.32
CA ASP Z 115 -11.29 97.98 -21.58
C ASP Z 115 -10.84 96.78 -22.42
N THR Z 116 -11.19 96.77 -23.71
CA THR Z 116 -10.77 95.71 -24.63
C THR Z 116 -9.48 96.15 -25.30
N LEU Z 117 -8.49 95.25 -25.36
CA LEU Z 117 -7.25 95.60 -26.05
C LEU Z 117 -7.41 95.25 -27.53
N VAL Z 118 -7.56 96.27 -28.36
CA VAL Z 118 -7.68 96.10 -29.80
C VAL Z 118 -6.38 96.54 -30.45
N ASN Z 119 -5.90 95.72 -31.38
CA ASN Z 119 -4.57 95.91 -31.96
C ASN Z 119 -4.70 95.95 -33.48
N ARG Z 120 -4.53 97.14 -34.06
CA ARG Z 120 -4.63 97.34 -35.50
C ARG Z 120 -3.23 97.36 -36.09
N ILE Z 121 -2.98 96.46 -37.05
CA ILE Z 121 -1.67 96.30 -37.64
C ILE Z 121 -1.80 96.27 -39.16
N GLU Z 122 -0.90 96.96 -39.84
CA GLU Z 122 -0.85 97.02 -41.30
C GLU Z 122 0.52 96.52 -41.75
N LEU Z 123 0.53 95.67 -42.76
CA LEU Z 123 1.72 94.93 -43.14
C LEU Z 123 1.97 95.02 -44.64
N LYS Z 124 3.24 95.19 -45.00
CA LYS Z 124 3.68 95.21 -46.39
C LYS Z 124 4.90 94.29 -46.49
N GLY Z 125 4.73 93.11 -47.08
CA GLY Z 125 5.84 92.20 -47.21
C GLY Z 125 6.21 91.94 -48.65
N ILE Z 126 7.47 92.20 -49.03
CA ILE Z 126 7.87 92.11 -50.43
C ILE Z 126 9.26 91.49 -50.53
N ASP Z 127 9.74 91.36 -51.77
CA ASP Z 127 11.11 91.00 -52.13
C ASP Z 127 11.39 89.51 -51.97
N PHE Z 128 10.37 88.66 -52.16
CA PHE Z 128 10.50 87.23 -51.97
C PHE Z 128 10.50 86.50 -53.31
N LYS Z 129 11.11 85.32 -53.32
CA LYS Z 129 10.91 84.39 -54.41
C LYS Z 129 9.75 83.46 -54.09
N GLU Z 130 8.78 83.39 -55.01
CA GLU Z 130 7.50 82.76 -54.71
C GLU Z 130 7.50 81.25 -54.93
N ASP Z 131 8.63 80.67 -55.32
CA ASP Z 131 8.79 79.22 -55.30
C ASP Z 131 9.86 78.79 -54.29
N GLY Z 132 9.98 79.52 -53.17
CA GLY Z 132 11.00 79.25 -52.19
C GLY Z 132 10.52 78.33 -51.09
N ASN Z 133 11.25 78.37 -49.97
CA ASN Z 133 10.97 77.51 -48.83
C ASN Z 133 10.36 78.28 -47.66
N ILE Z 134 10.92 79.44 -47.32
CA ILE Z 134 10.41 80.23 -46.20
C ILE Z 134 8.92 80.50 -46.38
N LEU Z 135 8.49 80.78 -47.62
CA LEU Z 135 7.09 81.01 -47.89
C LEU Z 135 6.40 79.82 -48.55
N GLY Z 136 7.15 78.99 -49.27
CA GLY Z 136 6.56 77.92 -50.06
C GLY Z 136 6.17 76.69 -49.28
N HIS Z 137 5.96 76.84 -47.97
CA HIS Z 137 5.51 75.76 -47.09
C HIS Z 137 6.48 74.58 -47.12
N LYS Z 138 7.72 74.87 -46.74
CA LYS Z 138 8.72 73.84 -46.50
C LYS Z 138 9.16 73.79 -45.05
N LEU Z 139 8.88 74.86 -44.29
CA LEU Z 139 9.34 74.98 -42.92
C LEU Z 139 8.43 74.20 -41.98
N GLU Z 140 8.94 73.88 -40.80
CA GLU Z 140 8.25 72.97 -39.90
C GLU Z 140 7.29 73.72 -38.97
N TYR Z 141 6.13 73.08 -38.73
CA TYR Z 141 5.10 73.64 -37.86
C TYR Z 141 5.52 73.38 -36.40
N ASN Z 142 6.28 74.32 -35.86
CA ASN Z 142 6.77 74.24 -34.49
C ASN Z 142 7.08 75.64 -34.01
N PHE Z 143 7.81 75.71 -32.89
CA PHE Z 143 8.28 76.97 -32.34
C PHE Z 143 9.36 76.68 -31.31
N ASN Z 144 10.07 77.71 -30.88
CA ASN Z 144 11.15 77.59 -29.92
C ASN Z 144 11.17 78.79 -28.98
N SER Z 145 11.93 78.67 -27.90
CA SER Z 145 12.04 79.72 -26.89
C SER Z 145 12.96 80.83 -27.40
N HIS Z 146 12.53 82.08 -27.18
CA HIS Z 146 13.26 83.20 -27.75
C HIS Z 146 13.42 84.31 -26.73
N ASN Z 147 14.21 85.32 -27.11
CA ASN Z 147 14.50 86.47 -26.28
C ASN Z 147 14.42 87.74 -27.11
N VAL Z 148 14.08 88.85 -26.45
CA VAL Z 148 13.98 90.17 -27.06
C VAL Z 148 14.89 91.09 -26.26
N TYR Z 149 15.66 91.92 -26.97
CA TYR Z 149 16.47 92.94 -26.31
C TYR Z 149 15.78 94.29 -26.48
N ILE Z 150 15.44 94.91 -25.35
CA ILE Z 150 14.85 96.24 -25.35
C ILE Z 150 15.88 97.25 -24.86
N THR Z 151 15.99 98.36 -25.58
CA THR Z 151 16.97 99.40 -25.33
C THR Z 151 16.27 100.74 -25.25
N ALA Z 152 16.66 101.56 -24.28
CA ALA Z 152 16.12 102.90 -24.16
C ALA Z 152 16.49 103.72 -25.38
N ASP Z 153 15.63 104.66 -25.75
CA ASP Z 153 15.85 105.50 -26.94
C ASP Z 153 15.34 106.89 -26.59
N LYS Z 154 16.22 107.74 -26.07
CA LYS Z 154 15.82 109.09 -25.69
C LYS Z 154 15.49 109.96 -26.88
N GLN Z 155 16.01 109.61 -28.07
CA GLN Z 155 15.68 110.37 -29.27
C GLN Z 155 14.20 110.32 -29.56
N LYS Z 156 13.57 109.17 -29.38
CA LYS Z 156 12.11 109.05 -29.48
C LYS Z 156 11.47 108.92 -28.11
N ASN Z 157 12.22 109.25 -27.03
CA ASN Z 157 11.82 109.12 -25.63
C ASN Z 157 11.01 107.85 -25.38
N GLY Z 158 11.35 106.80 -26.13
CA GLY Z 158 10.69 105.51 -26.04
C GLY Z 158 11.74 104.41 -26.05
N ILE Z 159 11.56 103.37 -26.86
CA ILE Z 159 12.54 102.29 -26.89
C ILE Z 159 12.70 101.75 -28.30
N LYS Z 160 13.78 101.00 -28.48
CA LYS Z 160 13.97 100.13 -29.64
C LYS Z 160 13.98 98.70 -29.14
N ALA Z 161 13.45 97.79 -29.96
CA ALA Z 161 13.45 96.37 -29.64
C ALA Z 161 14.06 95.60 -30.79
N ASN Z 162 15.11 94.84 -30.50
CA ASN Z 162 15.80 94.05 -31.50
C ASN Z 162 15.87 92.60 -31.02
N PHE Z 163 15.69 91.68 -31.96
CA PHE Z 163 15.79 90.28 -31.60
C PHE Z 163 15.95 89.44 -32.87
N LYS Z 164 16.23 88.16 -32.67
CA LYS Z 164 16.50 87.25 -33.77
C LYS Z 164 15.74 85.96 -33.52
N ILE Z 165 15.01 85.50 -34.54
CA ILE Z 165 14.21 84.30 -34.44
C ILE Z 165 14.78 83.25 -35.37
N ARG Z 166 14.79 82.00 -34.92
CA ARG Z 166 15.28 80.87 -35.71
C ARG Z 166 14.15 79.89 -35.91
N HIS Z 167 13.70 79.76 -37.15
CA HIS Z 167 12.64 78.81 -37.51
C HIS Z 167 13.26 77.60 -38.19
N ASN Z 168 13.17 76.44 -37.56
CA ASN Z 168 13.74 75.23 -38.13
C ASN Z 168 12.88 74.73 -39.28
N VAL Z 169 13.55 74.22 -40.31
CA VAL Z 169 12.89 73.69 -41.49
C VAL Z 169 12.79 72.17 -41.31
N GLU Z 170 11.87 71.56 -42.07
CA GLU Z 170 11.62 70.12 -41.90
C GLU Z 170 12.83 69.27 -42.24
N ASP Z 171 13.90 69.89 -42.72
CA ASP Z 171 15.14 69.18 -43.04
C ASP Z 171 16.34 69.72 -42.26
N GLY Z 172 16.13 70.07 -40.99
CA GLY Z 172 17.20 70.46 -40.11
C GLY Z 172 17.67 71.89 -40.26
N SER Z 173 17.60 72.46 -41.46
CA SER Z 173 18.07 73.81 -41.66
C SER Z 173 17.18 74.80 -40.92
N VAL Z 174 17.72 76.00 -40.71
CA VAL Z 174 17.05 77.04 -39.92
C VAL Z 174 17.04 78.33 -40.72
N GLN Z 175 16.05 79.17 -40.45
CA GLN Z 175 15.95 80.50 -41.03
C GLN Z 175 16.02 81.51 -39.89
N LEU Z 176 16.95 82.47 -40.01
CA LEU Z 176 17.16 83.46 -38.95
C LEU Z 176 16.62 84.81 -39.40
N ALA Z 177 15.43 85.15 -38.90
CA ALA Z 177 14.78 86.42 -39.18
C ALA Z 177 15.18 87.41 -38.11
N ASP Z 178 15.76 88.53 -38.52
CA ASP Z 178 16.15 89.61 -37.61
C ASP Z 178 15.05 90.65 -37.55
N HIS Z 179 14.62 91.02 -36.35
CA HIS Z 179 13.51 91.92 -36.14
C HIS Z 179 13.98 93.17 -35.42
N TYR Z 180 13.65 94.33 -36.02
CA TYR Z 180 13.80 95.63 -35.40
C TYR Z 180 12.41 96.21 -35.17
N GLN Z 181 12.26 97.06 -34.16
CA GLN Z 181 11.04 97.84 -34.04
C GLN Z 181 11.28 99.06 -33.14
N GLN Z 182 10.62 100.16 -33.51
CA GLN Z 182 10.64 101.39 -32.74
C GLN Z 182 9.32 101.51 -31.99
N ASN Z 183 9.40 101.70 -30.68
CA ASN Z 183 8.23 101.83 -29.81
C ASN Z 183 8.18 103.24 -29.27
N THR Z 184 7.07 103.95 -29.54
CA THR Z 184 6.92 105.35 -29.15
C THR Z 184 5.51 105.60 -28.62
N PRO Z 185 5.38 106.32 -27.51
CA PRO Z 185 4.05 106.59 -26.97
C PRO Z 185 3.40 107.79 -27.64
N ILE Z 186 2.08 107.77 -27.68
CA ILE Z 186 1.33 108.82 -28.35
C ILE Z 186 1.34 110.13 -27.54
N GLY Z 187 1.37 110.05 -26.21
CA GLY Z 187 1.32 111.24 -25.41
C GLY Z 187 2.68 111.75 -24.98
N ASP Z 188 2.73 113.03 -24.66
CA ASP Z 188 3.96 113.70 -24.23
C ASP Z 188 4.26 113.50 -22.75
N GLY Z 189 3.46 112.69 -22.05
CA GLY Z 189 3.64 112.50 -20.63
C GLY Z 189 4.93 111.80 -20.27
N PRO Z 190 5.22 111.70 -18.97
CA PRO Z 190 6.44 111.01 -18.53
C PRO Z 190 6.26 109.50 -18.54
N VAL Z 191 7.07 108.84 -19.36
CA VAL Z 191 7.06 107.39 -19.49
C VAL Z 191 8.34 106.85 -18.87
N LEU Z 192 8.19 105.78 -18.10
CA LEU Z 192 9.29 105.20 -17.33
C LEU Z 192 10.33 104.66 -18.30
N LEU Z 193 11.61 104.95 -18.02
CA LEU Z 193 12.66 104.68 -18.96
C LEU Z 193 13.41 103.40 -18.59
N PRO Z 194 13.29 102.33 -19.36
CA PRO Z 194 14.03 101.10 -19.06
C PRO Z 194 15.39 101.08 -19.72
N ASP Z 195 16.40 100.72 -18.93
CA ASP Z 195 17.70 100.43 -19.51
C ASP Z 195 17.63 99.15 -20.33
N ASN Z 196 18.64 98.93 -21.16
CA ASN Z 196 18.66 97.78 -22.05
C ASN Z 196 18.67 96.49 -21.24
N HIS Z 197 17.68 95.64 -21.48
CA HIS Z 197 17.68 94.31 -20.87
C HIS Z 197 16.90 93.38 -21.79
N TYR Z 198 16.61 92.16 -21.31
CA TYR Z 198 16.10 91.12 -22.18
C TYR Z 198 14.73 90.65 -21.71
N LEU Z 199 14.11 89.84 -22.53
CA LEU Z 199 12.76 89.34 -22.30
C LEU Z 199 12.60 87.97 -22.93
N SER Z 200 12.36 86.96 -22.09
CA SER Z 200 12.21 85.59 -22.53
C SER Z 200 10.76 85.31 -22.87
N THR Z 201 10.56 84.44 -23.86
CA THR Z 201 9.24 84.15 -24.41
C THR Z 201 9.16 82.69 -24.82
N GLN Z 202 8.06 82.05 -24.46
CA GLN Z 202 7.75 80.69 -24.88
C GLN Z 202 6.32 80.66 -25.40
N SER Z 203 6.04 79.75 -26.33
CA SER Z 203 4.69 79.62 -26.84
C SER Z 203 4.48 78.24 -27.42
N ALA Z 204 3.21 77.91 -27.66
CA ALA Z 204 2.80 76.62 -28.18
C ALA Z 204 1.63 76.80 -29.12
N LEU Z 205 1.67 76.05 -30.21
CA LEU Z 205 0.74 76.13 -31.33
C LEU Z 205 -0.05 74.84 -31.45
N SER Z 206 -1.34 74.95 -31.76
CA SER Z 206 -2.21 73.79 -31.86
C SER Z 206 -3.43 74.14 -32.70
N LYS Z 207 -4.32 73.17 -32.84
CA LYS Z 207 -5.49 73.25 -33.68
C LYS Z 207 -6.75 72.99 -32.85
N ASP Z 208 -7.86 73.58 -33.28
CA ASP Z 208 -9.16 73.12 -32.81
C ASP Z 208 -9.57 71.89 -33.62
N PRO Z 209 -10.15 70.87 -32.99
CA PRO Z 209 -10.43 69.64 -33.74
C PRO Z 209 -11.64 69.74 -34.65
N ASN Z 210 -12.55 70.68 -34.41
CA ASN Z 210 -13.83 70.73 -35.11
C ASN Z 210 -14.11 72.09 -35.76
N GLU Z 211 -13.09 72.75 -36.30
CA GLU Z 211 -13.27 73.99 -37.04
C GLU Z 211 -12.79 73.80 -38.47
N LYS Z 212 -13.64 74.12 -39.44
CA LYS Z 212 -13.36 73.83 -40.83
C LYS Z 212 -12.63 74.95 -41.56
N ARG Z 213 -12.48 76.11 -40.92
CA ARG Z 213 -11.69 77.19 -41.52
C ARG Z 213 -10.21 76.94 -41.31
N ASP Z 214 -9.41 77.95 -41.65
CA ASP Z 214 -8.01 77.93 -41.27
C ASP Z 214 -7.83 78.58 -39.90
N HIS Z 215 -7.39 77.79 -38.93
CA HIS Z 215 -7.29 78.26 -37.55
C HIS Z 215 -5.88 78.01 -37.05
N MET Z 216 -5.51 78.77 -36.01
CA MET Z 216 -4.23 78.58 -35.36
C MET Z 216 -4.39 79.02 -33.90
N VAL Z 217 -4.36 78.06 -32.99
CA VAL Z 217 -4.53 78.31 -31.56
C VAL Z 217 -3.15 78.41 -30.95
N LEU Z 218 -2.94 79.37 -30.05
CA LEU Z 218 -1.61 79.59 -29.51
C LEU Z 218 -1.68 80.13 -28.08
N LEU Z 219 -0.94 79.49 -27.18
CA LEU Z 219 -0.82 79.99 -25.81
C LEU Z 219 0.65 80.25 -25.51
N GLU Z 220 0.92 81.25 -24.68
CA GLU Z 220 2.28 81.76 -24.58
C GLU Z 220 2.53 82.44 -23.24
N PHE Z 221 3.77 82.33 -22.78
CA PHE Z 221 4.24 82.91 -21.53
C PHE Z 221 5.42 83.81 -21.84
N VAL Z 222 5.35 85.06 -21.38
CA VAL Z 222 6.34 86.07 -21.72
C VAL Z 222 6.71 86.83 -20.45
N THR Z 223 8.01 86.95 -20.19
CA THR Z 223 8.44 87.69 -19.01
C THR Z 223 9.86 88.18 -19.20
N ALA Z 224 10.15 89.33 -18.59
CA ALA Z 224 11.40 90.05 -18.84
C ALA Z 224 12.34 89.96 -17.65
N ALA Z 225 13.59 90.34 -17.90
CA ALA Z 225 14.63 90.41 -16.86
C ALA Z 225 15.82 91.17 -17.45
N GLY Z 226 16.92 91.16 -16.71
CA GLY Z 226 18.16 91.78 -17.15
C GLY Z 226 18.92 92.50 -16.06
N ILE Z 227 18.28 92.81 -14.96
CA ILE Z 227 18.92 93.48 -13.84
C ILE Z 227 19.22 92.45 -12.77
N THR Z 228 20.46 92.44 -12.27
CA THR Z 228 20.81 91.56 -11.18
C THR Z 228 20.61 92.31 -9.87
N HIS Z 229 19.35 92.41 -9.43
CA HIS Z 229 18.99 93.18 -8.27
C HIS Z 229 19.11 92.35 -6.99
N HIS Z 230 19.06 93.04 -5.86
CA HIS Z 230 19.27 92.43 -4.56
C HIS Z 230 18.22 91.37 -4.22
N GLY AA 54 41.86 70.80 -18.22
CA GLY AA 54 40.68 70.63 -19.06
C GLY AA 54 41.01 70.32 -20.50
N LYS AA 55 42.00 71.03 -21.05
CA LYS AA 55 42.47 70.84 -22.41
C LYS AA 55 43.97 70.94 -22.55
N GLU AA 56 44.66 71.55 -21.58
CA GLU AA 56 46.09 71.81 -21.68
C GLU AA 56 46.94 70.55 -21.53
N LEU AA 57 46.34 69.39 -21.28
CA LEU AA 57 47.14 68.17 -21.13
C LEU AA 57 47.47 67.55 -22.48
N LEU AA 58 46.62 67.77 -23.48
CA LEU AA 58 46.78 67.04 -24.74
C LEU AA 58 48.03 67.46 -25.49
N GLU AA 59 48.37 68.76 -25.48
CA GLU AA 59 49.55 69.20 -26.18
C GLU AA 59 50.81 68.68 -25.51
N ALA AA 60 50.76 68.51 -24.19
CA ALA AA 60 51.90 67.93 -23.47
C ALA AA 60 52.03 66.45 -23.75
N ALA AA 61 50.89 65.75 -23.93
CA ALA AA 61 50.95 64.37 -24.39
C ALA AA 61 51.53 64.27 -25.79
N ARG AA 62 51.14 65.20 -26.66
CA ARG AA 62 51.62 65.18 -28.03
C ARG AA 62 53.12 65.48 -28.10
N ALA AA 63 53.59 66.45 -27.33
CA ALA AA 63 55.01 66.76 -27.30
C ALA AA 63 55.84 65.72 -26.55
N GLY AA 64 55.20 64.73 -25.94
CA GLY AA 64 55.91 63.75 -25.15
C GLY AA 64 56.34 64.23 -23.79
N GLN AA 65 55.71 65.28 -23.27
CA GLN AA 65 56.05 65.82 -21.95
C GLN AA 65 55.46 64.93 -20.88
N ASP AA 66 56.12 63.80 -20.64
CA ASP AA 66 55.61 62.83 -19.68
C ASP AA 66 55.54 63.43 -18.27
N ASP AA 67 56.53 64.23 -17.89
CA ASP AA 67 56.52 64.83 -16.57
C ASP AA 67 55.44 65.90 -16.45
N GLU AA 68 55.18 66.63 -17.53
CA GLU AA 68 54.14 67.65 -17.46
C GLU AA 68 52.77 67.03 -17.31
N VAL AA 69 52.44 66.02 -18.14
CA VAL AA 69 51.16 65.35 -17.99
C VAL AA 69 51.08 64.63 -16.65
N ALA AA 70 52.22 64.18 -16.13
CA ALA AA 70 52.23 63.61 -14.79
C ALA AA 70 51.77 64.63 -13.74
N VAL AA 71 52.45 65.78 -13.69
CA VAL AA 71 52.16 66.75 -12.63
C VAL AA 71 50.78 67.38 -12.85
N LEU AA 72 50.31 67.42 -14.09
CA LEU AA 72 49.03 68.04 -14.37
C LEU AA 72 47.87 67.07 -14.20
N MET AA 73 48.12 65.77 -14.28
CA MET AA 73 47.11 64.77 -13.98
C MET AA 73 47.05 64.45 -12.49
N ALA AA 74 48.17 64.61 -11.78
CA ALA AA 74 48.13 64.57 -10.32
C ALA AA 74 47.10 65.54 -9.80
N ARG AA 75 47.17 66.79 -10.24
CA ARG AA 75 46.07 67.73 -10.04
C ARG AA 75 44.88 67.30 -10.90
N GLY AA 76 43.69 67.46 -10.33
CA GLY AA 76 42.47 67.05 -11.00
C GLY AA 76 42.32 67.58 -12.42
N ALA AA 77 42.40 66.67 -13.40
CA ALA AA 77 42.35 67.06 -14.80
C ALA AA 77 41.48 66.08 -15.55
N GLU AA 78 41.05 66.48 -16.75
CA GLU AA 78 40.21 65.63 -17.58
C GLU AA 78 41.04 64.52 -18.20
N VAL AA 79 40.74 63.27 -17.83
CA VAL AA 79 41.46 62.15 -18.42
C VAL AA 79 40.81 61.68 -19.72
N ASN AA 80 39.49 61.56 -19.76
CA ASN AA 80 38.77 61.12 -20.96
C ASN AA 80 38.34 62.30 -21.82
N ALA AA 81 39.29 63.15 -22.17
CA ALA AA 81 39.01 64.36 -22.92
C ALA AA 81 38.69 64.03 -24.37
N ALA AA 82 37.52 64.52 -24.81
CA ALA AA 82 37.14 64.48 -26.21
C ALA AA 82 37.46 65.84 -26.80
N ASP AA 83 38.18 65.85 -27.92
CA ASP AA 83 38.76 67.07 -28.44
C ASP AA 83 38.06 67.48 -29.74
N ASP AA 84 38.65 68.50 -30.37
CA ASP AA 84 38.08 69.16 -31.54
C ASP AA 84 37.80 68.22 -32.71
N VAL AA 85 38.42 67.04 -32.75
CA VAL AA 85 38.10 66.06 -33.78
C VAL AA 85 37.89 64.71 -33.12
N GLY AA 86 37.96 64.68 -31.78
CA GLY AA 86 37.65 63.47 -31.05
C GLY AA 86 38.87 62.65 -30.70
N VAL AA 87 40.02 63.32 -30.61
CA VAL AA 87 41.30 62.66 -30.37
C VAL AA 87 41.58 62.81 -28.88
N THR AA 88 41.51 61.69 -28.16
CA THR AA 88 41.80 61.69 -26.74
C THR AA 88 43.32 61.66 -26.55
N PRO AA 89 43.83 62.22 -25.44
CA PRO AA 89 45.26 62.10 -25.15
C PRO AA 89 45.84 60.71 -25.32
N LEU AA 90 45.04 59.66 -25.14
CA LEU AA 90 45.54 58.31 -25.36
C LEU AA 90 45.84 58.06 -26.83
N HIS AA 91 45.00 58.58 -27.73
CA HIS AA 91 45.25 58.41 -29.16
C HIS AA 91 46.58 59.04 -29.56
N LEU AA 92 46.81 60.29 -29.17
CA LEU AA 92 48.06 60.98 -29.48
C LEU AA 92 49.25 60.39 -28.74
N ALA AA 93 49.03 59.80 -27.57
CA ALA AA 93 50.09 59.11 -26.84
C ALA AA 93 50.44 57.78 -27.47
N ALA AA 94 49.54 57.20 -28.24
CA ALA AA 94 49.80 55.98 -28.98
C ALA AA 94 50.41 56.23 -30.35
N GLN AA 95 49.97 57.28 -31.06
CA GLN AA 95 50.56 57.63 -32.35
C GLN AA 95 52.07 57.77 -32.23
N ARG AA 96 52.52 58.70 -31.39
CA ARG AA 96 53.92 58.76 -31.02
C ARG AA 96 54.22 57.65 -30.02
N GLY AA 97 55.48 57.22 -30.00
CA GLY AA 97 55.83 56.14 -29.09
C GLY AA 97 56.18 56.64 -27.71
N HIS AA 98 55.20 56.61 -26.81
CA HIS AA 98 55.37 57.14 -25.45
C HIS AA 98 54.67 56.19 -24.49
N LEU AA 99 55.42 55.23 -23.96
CA LEU AA 99 54.86 54.23 -23.06
C LEU AA 99 54.50 54.80 -21.70
N ALA AA 100 55.33 55.70 -21.16
CA ALA AA 100 55.06 56.25 -19.84
C ALA AA 100 53.74 57.01 -19.81
N ILE AA 101 53.45 57.74 -20.88
CA ILE AA 101 52.24 58.55 -20.91
C ILE AA 101 51.00 57.65 -20.96
N VAL AA 102 51.03 56.59 -21.77
CA VAL AA 102 49.87 55.71 -21.83
C VAL AA 102 49.72 54.93 -20.53
N SER AA 103 50.82 54.64 -19.85
CA SER AA 103 50.71 53.96 -18.56
C SER AA 103 50.05 54.87 -17.53
N VAL AA 104 50.54 56.10 -17.41
CA VAL AA 104 49.97 57.01 -16.41
C VAL AA 104 48.58 57.47 -16.81
N LEU AA 105 48.21 57.31 -18.08
CA LEU AA 105 46.84 57.61 -18.48
C LEU AA 105 45.90 56.46 -18.20
N LEU AA 106 46.33 55.22 -18.46
CA LEU AA 106 45.52 54.06 -18.10
C LEU AA 106 45.29 53.98 -16.61
N ALA AA 107 46.35 54.22 -15.81
CA ALA AA 107 46.19 54.16 -14.35
C ALA AA 107 45.16 55.17 -13.86
N PHE AA 108 45.06 56.32 -14.52
CA PHE AA 108 44.12 57.35 -14.11
C PHE AA 108 42.73 57.18 -14.73
N GLY AA 109 42.46 56.08 -15.41
CA GLY AA 109 41.11 55.82 -15.86
C GLY AA 109 40.78 56.27 -17.26
N ALA AA 110 41.65 55.93 -18.22
CA ALA AA 110 41.35 56.20 -19.61
C ALA AA 110 40.60 55.02 -20.23
N SER AA 111 39.94 55.29 -21.35
CA SER AA 111 39.22 54.23 -22.06
C SER AA 111 40.06 53.74 -23.22
N VAL AA 112 40.35 52.44 -23.26
CA VAL AA 112 41.13 51.87 -24.36
C VAL AA 112 40.33 51.83 -25.65
N ASN AA 113 39.00 51.71 -25.58
CA ASN AA 113 38.15 51.74 -26.75
C ASN AA 113 37.49 53.11 -26.83
N ALA AA 114 38.07 54.00 -27.62
CA ALA AA 114 37.59 55.38 -27.70
C ALA AA 114 37.30 55.72 -29.15
N ALA AA 115 36.02 55.75 -29.48
CA ALA AA 115 35.57 55.82 -30.87
C ALA AA 115 35.90 57.20 -31.43
N ASP AA 116 37.03 57.30 -32.12
CA ASP AA 116 37.44 58.52 -32.79
C ASP AA 116 36.39 58.91 -33.84
N LEU AA 117 36.44 60.18 -34.24
CA LEU AA 117 35.51 60.66 -35.26
C LEU AA 117 35.71 59.96 -36.59
N TRP AA 118 36.89 59.37 -36.81
CA TRP AA 118 37.16 58.60 -38.01
C TRP AA 118 36.96 57.10 -37.82
N GLY AA 119 36.72 56.66 -36.59
CA GLY AA 119 36.55 55.25 -36.32
C GLY AA 119 37.78 54.57 -35.77
N GLN AA 120 38.83 55.32 -35.43
CA GLN AA 120 40.04 54.71 -34.93
C GLN AA 120 39.99 54.58 -33.41
N THR AA 121 40.96 53.83 -32.90
CA THR AA 121 41.11 53.43 -31.51
C THR AA 121 42.61 53.45 -31.27
N PRO AA 122 43.10 53.69 -30.04
CA PRO AA 122 44.55 53.69 -29.83
C PRO AA 122 45.25 52.43 -30.32
N LEU AA 123 44.56 51.29 -30.32
CA LEU AA 123 45.15 50.07 -30.86
C LEU AA 123 45.38 50.18 -32.36
N HIS AA 124 44.46 50.83 -33.08
CA HIS AA 124 44.65 51.02 -34.52
C HIS AA 124 45.92 51.81 -34.80
N LEU AA 125 46.03 53.00 -34.23
CA LEU AA 125 47.19 53.85 -34.45
C LEU AA 125 48.47 53.24 -33.92
N ALA AA 126 48.42 52.53 -32.80
CA ALA AA 126 49.61 51.88 -32.26
C ALA AA 126 50.08 50.72 -33.12
N ALA AA 127 49.16 49.92 -33.65
CA ALA AA 127 49.55 48.85 -34.56
C ALA AA 127 50.06 49.41 -35.87
N THR AA 128 49.51 50.52 -36.34
CA THR AA 128 50.01 51.13 -37.56
C THR AA 128 51.40 51.72 -37.36
N ALA AA 129 51.65 52.35 -36.22
CA ALA AA 129 52.94 53.00 -35.99
C ALA AA 129 54.07 51.97 -35.95
N GLY AA 130 54.03 51.04 -35.00
CA GLY AA 130 55.04 50.01 -34.92
C GLY AA 130 55.62 49.80 -33.54
N HIS AA 131 55.00 50.39 -32.53
CA HIS AA 131 55.51 50.28 -31.16
C HIS AA 131 54.88 49.07 -30.48
N LEU AA 132 55.72 48.10 -30.13
CA LEU AA 132 55.21 46.83 -29.62
C LEU AA 132 54.77 46.93 -28.17
N GLU AA 133 55.53 47.64 -27.34
CA GLU AA 133 55.22 47.74 -25.92
C GLU AA 133 53.85 48.38 -25.68
N ILE AA 134 53.51 49.40 -26.46
CA ILE AA 134 52.20 50.00 -26.32
C ILE AA 134 51.11 49.02 -26.72
N VAL AA 135 51.34 48.25 -27.79
CA VAL AA 135 50.37 47.24 -28.19
C VAL AA 135 50.15 46.23 -27.08
N GLU AA 136 51.22 45.78 -26.43
CA GLU AA 136 51.08 44.81 -25.35
C GLU AA 136 50.30 45.41 -24.18
N VAL AA 137 50.67 46.60 -23.73
CA VAL AA 137 50.03 47.17 -22.55
C VAL AA 137 48.58 47.54 -22.85
N LEU AA 138 48.25 47.75 -24.12
CA LEU AA 138 46.85 48.00 -24.48
C LEU AA 138 46.06 46.71 -24.55
N LEU AA 139 46.66 45.65 -25.09
CA LEU AA 139 45.98 44.37 -25.18
C LEU AA 139 45.72 43.78 -23.79
N ARG AA 140 46.64 44.01 -22.86
CA ARG AA 140 46.44 43.53 -21.50
C ARG AA 140 45.40 44.35 -20.75
N SER AA 141 45.09 45.56 -21.20
CA SER AA 141 44.16 46.43 -20.52
C SER AA 141 42.73 46.31 -21.04
N GLY AA 142 42.50 45.53 -22.09
CA GLY AA 142 41.17 45.33 -22.61
C GLY AA 142 40.89 45.91 -23.97
N ALA AA 143 41.89 46.15 -24.80
CA ALA AA 143 41.64 46.63 -26.15
C ALA AA 143 41.04 45.50 -27.00
N SER AA 144 40.10 45.87 -27.86
CA SER AA 144 39.39 44.92 -28.69
C SER AA 144 40.11 44.73 -30.02
N VAL AA 145 40.62 43.52 -30.23
CA VAL AA 145 41.40 43.20 -31.42
C VAL AA 145 40.57 43.22 -32.70
N ASN AA 146 39.24 43.23 -32.60
CA ASN AA 146 38.39 43.15 -33.78
C ASN AA 146 37.46 44.34 -33.87
N ALA AA 147 38.00 45.53 -33.63
CA ALA AA 147 37.26 46.77 -33.86
C ALA AA 147 37.51 47.26 -35.28
N ARG AA 148 36.51 47.91 -35.86
CA ARG AA 148 36.54 48.28 -37.26
C ARG AA 148 36.69 49.78 -37.43
N ASP AA 149 37.28 50.16 -38.56
CA ASP AA 149 37.28 51.54 -39.05
C ASP AA 149 35.99 51.81 -39.82
N ASN AA 150 35.99 52.92 -40.57
CA ASN AA 150 34.94 53.12 -41.56
C ASN AA 150 35.22 52.29 -42.80
N ILE AA 151 36.47 52.25 -43.25
CA ILE AA 151 36.84 51.30 -44.31
C ILE AA 151 36.59 49.87 -43.87
N GLY AA 152 36.61 49.59 -42.57
CA GLY AA 152 36.43 48.24 -42.06
C GLY AA 152 37.70 47.58 -41.59
N HIS AA 153 38.83 48.29 -41.57
CA HIS AA 153 40.09 47.68 -41.20
C HIS AA 153 40.10 47.30 -39.72
N THR AA 154 40.70 46.15 -39.43
CA THR AA 154 40.98 45.72 -38.07
C THR AA 154 42.46 45.92 -37.78
N PRO AA 155 42.85 45.96 -36.50
CA PRO AA 155 44.27 46.20 -36.20
C PRO AA 155 45.22 45.26 -36.91
N LEU AA 156 44.77 44.06 -37.30
CA LEU AA 156 45.64 43.14 -38.02
C LEU AA 156 45.81 43.57 -39.47
N HIS AA 157 44.75 44.14 -40.08
CA HIS AA 157 44.89 44.74 -41.41
C HIS AA 157 46.05 45.72 -41.43
N LEU AA 158 46.09 46.63 -40.45
CA LEU AA 158 47.13 47.64 -40.40
C LEU AA 158 48.48 47.04 -40.04
N ALA AA 159 48.50 46.07 -39.13
CA ALA AA 159 49.75 45.40 -38.80
C ALA AA 159 50.35 44.71 -40.02
N ALA AA 160 49.51 44.17 -40.90
CA ALA AA 160 50.00 43.51 -42.11
C ALA AA 160 50.39 44.51 -43.19
N TRP AA 161 49.64 45.60 -43.34
CA TRP AA 161 50.02 46.63 -44.30
C TRP AA 161 51.37 47.25 -43.93
N ALA AA 162 51.53 47.67 -42.67
CA ALA AA 162 52.73 48.38 -42.27
C ALA AA 162 53.96 47.48 -42.34
N GLY AA 163 53.79 46.18 -42.10
CA GLY AA 163 54.90 45.26 -42.12
C GLY AA 163 55.54 44.95 -40.79
N HIS AA 164 54.76 44.87 -39.72
CA HIS AA 164 55.29 44.67 -38.37
C HIS AA 164 55.06 43.23 -37.95
N LEU AA 165 56.12 42.42 -37.96
CA LEU AA 165 55.98 40.99 -37.74
C LEU AA 165 55.61 40.68 -36.29
N GLU AA 166 56.35 41.25 -35.34
CA GLU AA 166 56.12 40.96 -33.93
C GLU AA 166 54.74 41.41 -33.49
N ILE AA 167 54.28 42.55 -34.01
CA ILE AA 167 52.93 43.01 -33.70
C ILE AA 167 51.90 42.06 -34.29
N VAL AA 168 52.17 41.54 -35.49
CA VAL AA 168 51.27 40.54 -36.06
C VAL AA 168 51.19 39.31 -35.17
N GLU AA 169 52.32 38.88 -34.63
CA GLU AA 169 52.31 37.74 -33.72
C GLU AA 169 51.50 38.00 -32.47
N VAL AA 170 51.73 39.12 -31.80
CA VAL AA 170 51.02 39.38 -30.56
C VAL AA 170 49.53 39.58 -30.83
N LEU AA 171 49.17 40.11 -32.00
CA LEU AA 171 47.76 40.25 -32.34
C LEU AA 171 47.12 38.92 -32.66
N LEU AA 172 47.87 37.98 -33.24
CA LEU AA 172 47.32 36.65 -33.50
C LEU AA 172 47.17 35.84 -32.23
N ALA AA 173 48.04 36.05 -31.24
CA ALA AA 173 47.91 35.39 -29.95
C ALA AA 173 46.67 35.82 -29.17
N TYR AA 174 46.17 37.03 -29.41
CA TYR AA 174 45.08 37.59 -28.62
C TYR AA 174 43.72 37.44 -29.29
N GLY AA 175 43.65 36.75 -30.42
CA GLY AA 175 42.38 36.41 -31.01
C GLY AA 175 42.00 37.16 -32.28
N ALA AA 176 42.95 37.84 -32.92
CA ALA AA 176 42.68 38.40 -34.23
C ALA AA 176 42.51 37.28 -35.25
N ASP AA 177 41.47 37.40 -36.07
CA ASP AA 177 41.14 36.38 -37.07
C ASP AA 177 41.83 36.70 -38.39
N VAL AA 178 42.25 35.66 -39.10
CA VAL AA 178 43.07 35.90 -40.28
C VAL AA 178 42.23 36.19 -41.51
N PHE AA 179 41.08 35.54 -41.67
CA PHE AA 179 40.22 35.87 -42.81
C PHE AA 179 39.07 36.79 -42.41
N ALA AA 180 39.39 38.02 -42.07
CA ALA AA 180 38.40 39.08 -41.91
C ALA AA 180 38.56 40.05 -43.06
N GLN AA 181 37.45 40.64 -43.49
CA GLN AA 181 37.49 41.51 -44.66
C GLN AA 181 37.16 42.95 -44.27
N ASP AA 182 37.53 43.87 -45.15
CA ASP AA 182 37.12 45.27 -45.07
C ASP AA 182 35.98 45.48 -46.06
N LYS AA 183 35.50 46.72 -46.15
CA LYS AA 183 34.42 47.02 -47.08
C LYS AA 183 34.79 46.66 -48.51
N PHE AA 184 36.05 46.83 -48.90
CA PHE AA 184 36.45 46.56 -50.26
C PHE AA 184 36.80 45.10 -50.51
N GLY AA 185 36.70 44.25 -49.50
CA GLY AA 185 36.77 42.81 -49.70
C GLY AA 185 38.11 42.16 -49.42
N LYS AA 186 39.08 42.88 -48.88
CA LYS AA 186 40.42 42.33 -48.71
C LYS AA 186 40.64 41.82 -47.29
N THR AA 187 41.43 40.76 -47.19
CA THR AA 187 41.90 40.16 -45.96
C THR AA 187 43.34 40.57 -45.70
N PRO AA 188 43.80 40.51 -44.45
CA PRO AA 188 45.19 40.90 -44.16
C PRO AA 188 46.22 40.28 -45.06
N PHE AA 189 45.98 39.06 -45.54
CA PHE AA 189 46.91 38.45 -46.48
C PHE AA 189 47.00 39.22 -47.79
N ASP AA 190 45.90 39.83 -48.21
CA ASP AA 190 45.92 40.61 -49.44
C ASP AA 190 46.70 41.90 -49.26
N LEU AA 191 46.44 42.64 -48.17
CA LEU AA 191 47.23 43.82 -47.89
C LEU AA 191 48.70 43.48 -47.68
N ALA AA 192 48.98 42.22 -47.31
CA ALA AA 192 50.37 41.83 -47.14
C ALA AA 192 51.02 41.49 -48.48
N ILE AA 193 50.28 40.91 -49.41
CA ILE AA 193 50.90 40.48 -50.66
C ILE AA 193 50.93 41.61 -51.68
N ASP AA 194 50.07 42.62 -51.54
CA ASP AA 194 50.11 43.75 -52.47
C ASP AA 194 51.05 44.86 -52.03
N ASN AA 195 51.86 44.64 -51.00
CA ASN AA 195 52.77 45.65 -50.49
C ASN AA 195 54.19 45.14 -50.31
N GLY AA 196 54.49 43.95 -50.81
CA GLY AA 196 55.82 43.40 -50.68
C GLY AA 196 56.20 42.93 -49.29
N ASN AA 197 55.35 43.12 -48.29
CA ASN AA 197 55.58 42.54 -46.97
C ASN AA 197 55.51 41.03 -47.08
N GLU AA 198 56.67 40.37 -46.99
CA GLU AA 198 56.80 38.98 -47.39
C GLU AA 198 56.46 37.98 -46.30
N ASP AA 199 56.92 38.19 -45.06
CA ASP AA 199 56.80 37.14 -44.07
C ASP AA 199 55.46 37.18 -43.37
N ILE AA 200 54.86 38.36 -43.26
CA ILE AA 200 53.47 38.44 -42.83
C ILE AA 200 52.62 37.52 -43.69
N ALA AA 201 52.82 37.58 -45.01
CA ALA AA 201 52.10 36.71 -45.93
C ALA AA 201 52.36 35.25 -45.64
N GLU AA 202 53.61 34.88 -45.32
CA GLU AA 202 53.90 33.46 -45.08
C GLU AA 202 53.24 32.95 -43.81
N VAL AA 203 53.37 33.70 -42.71
CA VAL AA 203 52.78 33.24 -41.46
C VAL AA 203 51.27 33.36 -41.45
N LEU AA 204 50.68 34.11 -42.37
CA LEU AA 204 49.22 34.08 -42.47
C LEU AA 204 48.75 32.99 -43.42
N GLN AA 205 49.54 32.68 -44.45
CA GLN AA 205 49.23 31.57 -45.34
C GLN AA 205 49.27 30.25 -44.61
N ARG AA 206 50.23 30.08 -43.69
CA ARG AA 206 50.28 28.84 -42.92
C ARG AA 206 48.99 28.62 -42.14
N LEU AA 207 48.41 29.69 -41.57
CA LEU AA 207 47.19 29.54 -40.78
C LEU AA 207 45.98 29.29 -41.67
N LEU AA 208 45.87 30.04 -42.77
CA LEU AA 208 44.80 29.76 -43.73
C LEU AA 208 44.83 28.30 -44.17
N GLU AA 209 46.03 27.78 -44.44
CA GLU AA 209 46.15 26.41 -44.89
C GLU AA 209 45.82 25.40 -43.80
N CYS AA 210 46.23 25.67 -42.56
CA CYS AA 210 45.85 24.77 -41.47
C CYS AA 210 44.34 24.67 -41.33
N ARG AA 211 43.64 25.80 -41.38
CA ARG AA 211 42.19 25.73 -41.26
C ARG AA 211 41.55 25.00 -42.43
N ARG AA 212 42.00 25.27 -43.65
CA ARG AA 212 41.46 24.58 -44.82
C ARG AA 212 41.67 23.07 -44.73
N ASP AA 213 42.86 22.64 -44.33
CA ASP AA 213 43.17 21.21 -44.29
C ASP AA 213 42.41 20.48 -43.19
N ALA AA 214 42.23 21.13 -42.03
CA ALA AA 214 41.42 20.48 -41.01
C ALA AA 214 39.98 20.32 -41.45
N GLU AA 215 39.41 21.33 -42.11
CA GLU AA 215 38.07 21.21 -42.65
C GLU AA 215 37.96 20.03 -43.61
N ALA AA 216 38.90 19.94 -44.56
CA ALA AA 216 38.90 18.84 -45.51
C ALA AA 216 39.01 17.47 -44.86
N ALA AA 217 39.89 17.31 -43.89
CA ALA AA 217 40.03 16.02 -43.22
C ALA AA 217 38.79 15.62 -42.44
N ILE AA 218 38.09 16.58 -41.83
CA ILE AA 218 36.86 16.21 -41.13
C ILE AA 218 35.79 15.77 -42.12
N ASN AA 219 35.71 16.43 -43.28
CA ASN AA 219 34.78 15.96 -44.31
C ASN AA 219 35.10 14.54 -44.75
N TYR AA 220 36.38 14.23 -44.96
CA TYR AA 220 36.75 12.89 -45.39
C TYR AA 220 36.42 11.85 -44.32
N GLN AA 221 36.57 12.20 -43.05
CA GLN AA 221 36.20 11.25 -42.00
C GLN AA 221 34.71 11.00 -41.94
N ILE AA 222 33.90 12.04 -42.18
CA ILE AA 222 32.46 11.84 -42.27
C ILE AA 222 32.12 10.82 -43.36
N ASN AA 223 32.72 11.01 -44.55
CA ASN AA 223 32.44 10.07 -45.63
C ASN AA 223 32.90 8.66 -45.31
N LEU AA 224 34.05 8.51 -44.64
CA LEU AA 224 34.54 7.18 -44.32
C LEU AA 224 33.64 6.45 -43.33
N GLU AA 225 33.10 7.16 -42.33
CA GLU AA 225 32.20 6.47 -41.41
C GLU AA 225 30.87 6.13 -42.07
N LEU AA 226 30.37 6.98 -42.97
CA LEU AA 226 29.16 6.60 -43.70
C LEU AA 226 29.38 5.37 -44.57
N TYR AA 227 30.55 5.26 -45.20
CA TYR AA 227 30.87 4.06 -45.97
C TYR AA 227 30.95 2.82 -45.09
N ALA AA 228 31.58 2.92 -43.92
CA ALA AA 228 31.63 1.78 -43.03
C ALA AA 228 30.24 1.34 -42.59
N SER AA 229 29.36 2.29 -42.31
CA SER AA 229 27.98 1.95 -41.96
C SER AA 229 27.28 1.17 -43.07
N TYR AA 230 27.48 1.60 -44.32
CA TYR AA 230 26.91 0.89 -45.46
C TYR AA 230 27.48 -0.52 -45.60
N VAL AA 231 28.79 -0.69 -45.39
CA VAL AA 231 29.40 -2.02 -45.47
C VAL AA 231 28.81 -2.95 -44.43
N TYR AA 232 28.61 -2.46 -43.21
CA TYR AA 232 28.03 -3.31 -42.17
C TYR AA 232 26.59 -3.67 -42.48
N LEU AA 233 25.83 -2.76 -43.09
CA LEU AA 233 24.46 -3.10 -43.48
C LEU AA 233 24.44 -4.24 -44.50
N SER AA 234 25.33 -4.16 -45.49
CA SER AA 234 25.46 -5.26 -46.45
C SER AA 234 25.80 -6.58 -45.74
N MET AA 235 26.85 -6.57 -44.90
CA MET AA 235 27.21 -7.75 -44.14
C MET AA 235 26.04 -8.34 -43.37
N SER AA 236 25.28 -7.50 -42.69
CA SER AA 236 24.16 -7.96 -41.89
C SER AA 236 23.08 -8.63 -42.72
N TYR AA 237 22.71 -8.06 -43.85
CA TYR AA 237 21.67 -8.70 -44.65
C TYR AA 237 22.20 -9.83 -45.51
N TYR AA 238 23.50 -10.11 -45.48
CA TYR AA 238 23.98 -11.36 -46.06
C TYR AA 238 23.61 -12.56 -45.21
N PHE AA 239 23.77 -12.46 -43.89
CA PHE AA 239 23.49 -13.56 -43.00
C PHE AA 239 22.02 -13.80 -42.77
N ASP AA 240 21.15 -13.10 -43.50
CA ASP AA 240 19.71 -13.24 -43.37
C ASP AA 240 19.12 -14.07 -44.49
N ARG AA 241 19.89 -14.37 -45.52
CA ARG AA 241 19.44 -15.25 -46.59
C ARG AA 241 19.06 -16.60 -46.01
N ASP AA 242 18.32 -17.42 -46.75
CA ASP AA 242 17.95 -18.72 -46.21
C ASP AA 242 18.92 -19.82 -46.58
N ASP AA 243 19.92 -19.53 -47.42
CA ASP AA 243 21.04 -20.44 -47.53
C ASP AA 243 22.19 -20.01 -46.63
N VAL AA 244 22.01 -18.95 -45.86
CA VAL AA 244 22.92 -18.55 -44.79
C VAL AA 244 22.04 -18.22 -43.59
N ALA AA 245 21.75 -19.21 -42.75
CA ALA AA 245 20.72 -19.03 -41.74
C ALA AA 245 21.33 -18.76 -40.36
N LEU AA 246 22.01 -17.63 -40.24
CA LEU AA 246 22.64 -17.24 -38.97
C LEU AA 246 22.07 -15.90 -38.51
N LYS AA 247 21.30 -15.93 -37.43
CA LYS AA 247 20.52 -14.77 -36.99
C LYS AA 247 21.30 -13.81 -36.10
N ASN AA 248 22.21 -14.33 -35.29
CA ASN AA 248 22.90 -13.47 -34.36
C ASN AA 248 24.09 -12.77 -35.00
N PHE AA 249 24.68 -13.38 -36.01
CA PHE AA 249 25.59 -12.64 -36.89
C PHE AA 249 24.88 -11.44 -37.52
N ALA AA 250 23.63 -11.62 -37.94
CA ALA AA 250 22.85 -10.55 -38.53
C ALA AA 250 22.57 -9.44 -37.52
N LYS AA 251 22.14 -9.79 -36.31
CA LYS AA 251 21.92 -8.76 -35.29
C LYS AA 251 23.21 -8.02 -34.95
N TYR AA 252 24.31 -8.75 -34.80
CA TYR AA 252 25.61 -8.13 -34.56
C TYR AA 252 25.91 -7.07 -35.59
N PHE AA 253 25.89 -7.42 -36.87
CA PHE AA 253 26.30 -6.46 -37.87
C PHE AA 253 25.29 -5.33 -38.06
N LEU AA 254 24.01 -5.54 -37.76
CA LEU AA 254 23.09 -4.40 -37.78
C LEU AA 254 23.39 -3.41 -36.66
N HIS AA 255 23.71 -3.90 -35.47
CA HIS AA 255 24.11 -3.01 -34.39
C HIS AA 255 25.32 -2.18 -34.76
N GLN AA 256 26.33 -2.81 -35.36
CA GLN AA 256 27.49 -2.05 -35.79
C GLN AA 256 27.15 -1.03 -36.85
N SER AA 257 26.26 -1.39 -37.78
CA SER AA 257 25.80 -0.45 -38.79
C SER AA 257 25.20 0.81 -38.20
N HIS AA 258 24.44 0.70 -37.11
CA HIS AA 258 23.85 1.90 -36.54
C HIS AA 258 24.83 2.71 -35.71
N GLU AA 259 25.72 2.03 -34.98
CA GLU AA 259 26.75 2.76 -34.25
C GLU AA 259 27.62 3.59 -35.16
N GLU AA 260 27.95 3.07 -36.33
CA GLU AA 260 28.80 3.83 -37.24
C GLU AA 260 28.11 5.05 -37.84
N ARG AA 261 26.79 5.13 -37.81
CA ARG AA 261 26.14 6.36 -38.24
C ARG AA 261 26.08 7.38 -37.13
N GLU AA 262 25.90 6.92 -35.89
CA GLU AA 262 26.08 7.85 -34.77
C GLU AA 262 27.47 8.48 -34.80
N HIS AA 263 28.50 7.68 -35.11
CA HIS AA 263 29.86 8.22 -35.18
C HIS AA 263 29.97 9.37 -36.17
N ALA AA 264 29.33 9.26 -37.33
CA ALA AA 264 29.46 10.31 -38.35
C ALA AA 264 28.64 11.53 -38.02
N GLU AA 265 27.46 11.35 -37.41
CA GLU AA 265 26.70 12.51 -36.99
C GLU AA 265 27.44 13.31 -35.92
N LYS AA 266 28.21 12.64 -35.06
CA LYS AA 266 29.02 13.38 -34.10
C LYS AA 266 30.01 14.31 -34.79
N LEU AA 267 30.63 13.85 -35.88
CA LEU AA 267 31.59 14.69 -36.58
C LEU AA 267 30.91 15.81 -37.34
N MET AA 268 29.70 15.58 -37.85
CA MET AA 268 28.95 16.67 -38.46
C MET AA 268 28.64 17.76 -37.46
N LYS AA 269 28.15 17.38 -36.29
CA LYS AA 269 27.91 18.35 -35.24
C LYS AA 269 29.18 19.10 -34.87
N LEU AA 270 30.29 18.38 -34.73
CA LEU AA 270 31.57 19.04 -34.46
C LEU AA 270 31.88 20.10 -35.50
N GLN AA 271 31.78 19.76 -36.79
CA GLN AA 271 32.15 20.72 -37.81
C GLN AA 271 31.20 21.91 -37.86
N ASN AA 272 29.96 21.73 -37.41
CA ASN AA 272 29.10 22.90 -37.28
C ASN AA 272 29.48 23.77 -36.09
N GLN AA 273 30.01 23.16 -35.02
CA GLN AA 273 30.45 23.94 -33.86
C GLN AA 273 31.69 24.76 -34.17
N ARG AA 274 32.50 24.32 -35.12
CA ARG AA 274 33.74 25.02 -35.43
C ARG AA 274 33.54 26.16 -36.42
N GLY AA 275 32.39 26.24 -37.07
CA GLY AA 275 32.15 27.24 -38.09
C GLY AA 275 32.55 26.83 -39.48
N GLY AA 276 32.82 25.56 -39.73
CA GLY AA 276 33.20 25.08 -41.03
C GLY AA 276 32.00 24.69 -41.86
N GLU AA 277 32.28 24.20 -43.07
CA GLU AA 277 31.25 23.85 -44.03
C GLU AA 277 31.25 22.36 -44.29
N ILE AA 278 30.15 21.70 -43.98
CA ILE AA 278 29.98 20.30 -44.34
C ILE AA 278 29.74 20.20 -45.84
N SER AA 279 30.46 19.30 -46.49
CA SER AA 279 30.26 19.04 -47.91
C SER AA 279 30.17 17.54 -48.10
N LEU AA 280 28.95 17.03 -48.20
CA LEU AA 280 28.69 15.60 -48.30
C LEU AA 280 28.98 15.13 -49.71
N GLN AA 281 29.32 13.86 -49.85
CA GLN AA 281 29.73 13.29 -51.12
C GLN AA 281 29.10 11.94 -51.34
N SER AA 282 29.51 11.28 -52.43
CA SER AA 282 28.93 10.02 -52.85
C SER AA 282 29.49 8.90 -51.99
N ILE AA 283 28.64 7.91 -51.68
CA ILE AA 283 29.08 6.78 -50.86
C ILE AA 283 29.24 5.57 -51.76
N SER AA 284 30.46 5.03 -51.81
CA SER AA 284 30.73 3.87 -52.63
C SER AA 284 29.96 2.66 -52.11
N SER AA 285 29.74 1.70 -53.00
CA SER AA 285 29.10 0.49 -52.55
C SER AA 285 30.15 -0.50 -52.04
N PRO AA 286 29.79 -1.36 -51.10
CA PRO AA 286 30.77 -2.32 -50.57
C PRO AA 286 31.33 -3.19 -51.68
N ASP AA 287 32.52 -3.73 -51.43
CA ASP AA 287 33.23 -4.42 -52.49
C ASP AA 287 32.60 -5.77 -52.81
N SER AA 288 31.93 -6.37 -51.84
CA SER AA 288 31.34 -7.69 -52.03
C SER AA 288 29.85 -7.62 -51.73
N ASP AA 289 29.10 -8.51 -52.36
CA ASP AA 289 27.75 -8.83 -51.94
C ASP AA 289 27.68 -10.19 -51.27
N ASP AA 290 28.69 -11.03 -51.49
CA ASP AA 290 28.78 -12.39 -50.96
C ASP AA 290 30.00 -12.46 -50.05
N TRP AA 291 29.77 -12.38 -48.75
CA TRP AA 291 30.81 -12.57 -47.76
C TRP AA 291 30.85 -14.03 -47.35
N GLU AA 292 31.85 -14.76 -47.86
CA GLU AA 292 31.73 -16.21 -48.01
C GLU AA 292 31.26 -16.92 -46.74
N SER AA 293 31.68 -16.45 -45.57
CA SER AA 293 31.34 -17.14 -44.34
C SER AA 293 31.39 -16.15 -43.18
N GLY AA 294 31.12 -16.66 -41.98
CA GLY AA 294 31.21 -15.82 -40.80
C GLY AA 294 32.63 -15.43 -40.44
N LEU AA 295 33.57 -16.34 -40.61
CA LEU AA 295 34.98 -16.04 -40.40
C LEU AA 295 35.47 -14.94 -41.34
N ASN AA 296 35.22 -15.08 -42.64
CA ASN AA 296 35.65 -14.09 -43.62
C ASN AA 296 35.02 -12.73 -43.39
N ALA AA 297 33.74 -12.68 -43.03
CA ALA AA 297 33.11 -11.42 -42.67
C ALA AA 297 33.71 -10.79 -41.43
N MET AA 298 34.02 -11.57 -40.40
CA MET AA 298 34.68 -11.00 -39.24
C MET AA 298 36.07 -10.44 -39.58
N GLU AA 299 36.80 -11.13 -40.46
CA GLU AA 299 38.12 -10.62 -40.85
C GLU AA 299 38.02 -9.35 -41.66
N SER AA 300 37.02 -9.26 -42.53
CA SER AA 300 36.81 -8.04 -43.29
C SER AA 300 36.42 -6.87 -42.39
N ALA AA 301 35.57 -7.13 -41.39
CA ALA AA 301 35.26 -6.07 -40.42
C ALA AA 301 36.51 -5.64 -39.68
N LEU AA 302 37.40 -6.57 -39.37
CA LEU AA 302 38.64 -6.21 -38.67
C LEU AA 302 39.51 -5.29 -39.52
N HIS AA 303 39.70 -5.62 -40.79
CA HIS AA 303 40.48 -4.73 -41.65
C HIS AA 303 39.83 -3.37 -41.82
N LEU AA 304 38.50 -3.32 -41.90
CA LEU AA 304 37.82 -2.04 -42.03
C LEU AA 304 38.02 -1.18 -40.79
N GLU AA 305 37.90 -1.76 -39.60
CA GLU AA 305 38.12 -1.00 -38.38
C GLU AA 305 39.56 -0.50 -38.30
N LYS AA 306 40.52 -1.29 -38.77
CA LYS AA 306 41.91 -0.82 -38.75
C LYS AA 306 42.12 0.35 -39.70
N ALA AA 307 41.50 0.32 -40.88
CA ALA AA 307 41.61 1.45 -41.80
C ALA AA 307 41.01 2.72 -41.21
N VAL AA 308 39.85 2.60 -40.58
CA VAL AA 308 39.24 3.77 -39.93
C VAL AA 308 40.16 4.32 -38.85
N ASN AA 309 40.78 3.45 -38.06
CA ASN AA 309 41.68 3.92 -37.01
C ASN AA 309 42.90 4.62 -37.58
N ALA AA 310 43.44 4.12 -38.69
CA ALA AA 310 44.56 4.81 -39.32
C ALA AA 310 44.17 6.23 -39.76
N SER AA 311 42.98 6.39 -40.33
CA SER AA 311 42.56 7.74 -40.71
C SER AA 311 42.44 8.65 -39.49
N LEU AA 312 41.90 8.13 -38.39
CA LEU AA 312 41.83 8.94 -37.18
C LEU AA 312 43.20 9.37 -36.70
N LEU AA 313 44.19 8.48 -36.75
CA LEU AA 313 45.54 8.85 -36.34
C LEU AA 313 46.14 9.93 -37.24
N ARG AA 314 45.89 9.85 -38.55
CA ARG AA 314 46.40 10.88 -39.44
C ARG AA 314 45.77 12.24 -39.13
N LEU AA 315 44.46 12.25 -38.88
CA LEU AA 315 43.80 13.51 -38.55
C LEU AA 315 44.28 14.05 -37.22
N HIS AA 316 44.60 13.18 -36.26
CA HIS AA 316 45.12 13.67 -34.98
C HIS AA 316 46.49 14.29 -35.15
N LYS AA 317 47.36 13.67 -35.95
CA LYS AA 317 48.66 14.28 -36.18
C LYS AA 317 48.53 15.62 -36.89
N LEU AA 318 47.59 15.74 -37.82
CA LEU AA 318 47.33 17.01 -38.47
C LEU AA 318 46.88 18.07 -37.47
N ALA AA 319 45.93 17.73 -36.60
CA ALA AA 319 45.46 18.70 -35.61
C ALA AA 319 46.55 19.04 -34.60
N THR AA 320 47.53 18.17 -34.43
CA THR AA 320 48.64 18.48 -33.53
C THR AA 320 49.63 19.44 -34.19
N ASP AA 321 49.87 19.28 -35.49
CA ASP AA 321 50.79 20.19 -36.16
C ASP AA 321 50.28 21.62 -36.14
N CYS AA 322 48.98 21.81 -36.33
CA CYS AA 322 48.41 23.15 -36.45
C CYS AA 322 47.92 23.72 -35.12
N ASN AA 323 48.40 23.21 -33.98
CA ASN AA 323 48.14 23.80 -32.68
C ASN AA 323 46.64 23.97 -32.43
N ASP AA 324 45.93 22.86 -32.31
CA ASP AA 324 44.48 22.86 -32.19
C ASP AA 324 44.07 21.97 -31.01
N PRO AA 325 44.27 22.40 -29.77
CA PRO AA 325 44.02 21.51 -28.62
C PRO AA 325 42.64 20.90 -28.55
N HIS AA 326 41.59 21.64 -28.92
CA HIS AA 326 40.24 21.12 -28.77
C HIS AA 326 39.96 19.98 -29.75
N LEU AA 327 40.49 20.07 -30.97
CA LEU AA 327 40.30 18.99 -31.93
C LEU AA 327 41.01 17.72 -31.47
N CYS AA 328 42.23 17.84 -30.97
CA CYS AA 328 42.95 16.69 -30.45
C CYS AA 328 42.22 16.06 -29.28
N ASP AA 329 41.77 16.89 -28.34
CA ASP AA 329 41.02 16.36 -27.19
C ASP AA 329 39.75 15.65 -27.64
N PHE AA 330 39.03 16.23 -28.61
CA PHE AA 330 37.83 15.59 -29.13
C PHE AA 330 38.13 14.23 -29.74
N ILE AA 331 39.17 14.16 -30.57
CA ILE AA 331 39.50 12.92 -31.25
C ILE AA 331 39.88 11.83 -30.26
N GLU AA 332 40.75 12.16 -29.30
CA GLU AA 332 41.14 11.10 -28.39
C GLU AA 332 40.11 10.81 -27.30
N THR AA 333 39.15 11.70 -27.07
CA THR AA 333 38.12 11.40 -26.10
C THR AA 333 37.02 10.53 -26.67
N HIS AA 334 36.61 10.77 -27.92
CA HIS AA 334 35.45 10.06 -28.42
C HIS AA 334 35.79 8.95 -29.41
N TYR AA 335 37.00 8.90 -29.92
CA TYR AA 335 37.26 8.05 -31.07
C TYR AA 335 38.42 7.09 -30.90
N LEU AA 336 39.42 7.42 -30.08
CA LEU AA 336 40.59 6.55 -30.05
C LEU AA 336 40.45 5.40 -29.08
N ASN AA 337 39.56 5.46 -28.10
CA ASN AA 337 39.41 4.33 -27.20
C ASN AA 337 38.35 3.35 -27.68
N GLU AA 338 37.44 3.79 -28.55
CA GLU AA 338 36.47 2.87 -29.12
C GLU AA 338 37.09 1.99 -30.20
N GLN AA 339 38.01 2.55 -30.98
CA GLN AA 339 38.66 1.75 -32.01
C GLN AA 339 39.52 0.66 -31.41
N VAL AA 340 40.21 0.95 -30.30
CA VAL AA 340 41.04 -0.05 -29.65
C VAL AA 340 40.19 -1.21 -29.14
N LYS AA 341 39.05 -0.91 -28.53
CA LYS AA 341 38.16 -1.95 -28.05
C LYS AA 341 37.52 -2.74 -29.18
N ALA AA 342 37.12 -2.08 -30.27
CA ALA AA 342 36.60 -2.78 -31.43
C ALA AA 342 37.63 -3.73 -32.02
N ILE AA 343 38.88 -3.31 -32.18
CA ILE AA 343 39.90 -4.16 -32.75
C ILE AA 343 40.19 -5.34 -31.84
N LYS AA 344 40.26 -5.11 -30.52
CA LYS AA 344 40.48 -6.21 -29.60
C LYS AA 344 39.36 -7.24 -29.67
N GLU AA 345 38.11 -6.78 -29.69
CA GLU AA 345 36.98 -7.69 -29.72
C GLU AA 345 36.90 -8.46 -31.02
N LEU AA 346 37.13 -7.82 -32.15
CA LEU AA 346 37.05 -8.52 -33.42
C LEU AA 346 38.19 -9.51 -33.61
N GLY AA 347 39.38 -9.22 -33.10
CA GLY AA 347 40.43 -10.22 -33.10
C GLY AA 347 40.15 -11.40 -32.20
N ASP AA 348 39.49 -11.15 -31.06
CA ASP AA 348 39.03 -12.25 -30.22
C ASP AA 348 38.07 -13.15 -30.97
N HIS AA 349 37.07 -12.57 -31.63
CA HIS AA 349 36.12 -13.36 -32.42
C HIS AA 349 36.83 -14.18 -33.47
N VAL AA 350 37.80 -13.60 -34.17
CA VAL AA 350 38.48 -14.33 -35.23
C VAL AA 350 39.28 -15.50 -34.67
N THR AA 351 40.01 -15.32 -33.56
CA THR AA 351 40.74 -16.47 -33.06
C THR AA 351 39.83 -17.54 -32.47
N ASN AA 352 38.73 -17.16 -31.82
CA ASN AA 352 37.78 -18.17 -31.36
C ASN AA 352 37.24 -18.98 -32.52
N LEU AA 353 36.77 -18.32 -33.57
CA LEU AA 353 36.24 -19.03 -34.72
C LEU AA 353 37.29 -19.92 -35.37
N ARG AA 354 38.52 -19.45 -35.47
CA ARG AA 354 39.55 -20.27 -36.09
C ARG AA 354 39.90 -21.49 -35.25
N LYS AA 355 39.91 -21.36 -33.93
CA LYS AA 355 40.22 -22.50 -33.09
C LYS AA 355 39.10 -23.52 -33.08
N MET AA 356 37.84 -23.07 -32.98
CA MET AA 356 36.72 -24.01 -33.03
C MET AA 356 36.68 -24.85 -34.29
N GLY AA 357 37.32 -24.40 -35.37
CA GLY AA 357 37.42 -25.20 -36.59
C GLY AA 357 36.75 -24.61 -37.81
N ALA AA 358 36.24 -23.39 -37.76
CA ALA AA 358 35.62 -22.80 -38.93
C ALA AA 358 36.68 -22.46 -39.97
N PRO AA 359 36.30 -22.26 -41.24
CA PRO AA 359 34.98 -22.30 -41.87
C PRO AA 359 34.62 -23.68 -42.38
N GLU AA 360 35.61 -24.58 -42.41
CA GLU AA 360 35.42 -25.93 -42.88
C GLU AA 360 34.59 -26.78 -41.93
N SER AA 361 34.01 -26.19 -40.89
CA SER AA 361 33.19 -26.90 -39.93
C SER AA 361 31.89 -26.16 -39.72
N GLY AA 362 30.79 -26.73 -40.21
CA GLY AA 362 29.51 -26.48 -39.60
C GLY AA 362 29.47 -27.11 -38.23
N LEU AA 363 28.65 -26.53 -37.34
CA LEU AA 363 28.64 -26.77 -35.91
C LEU AA 363 29.74 -25.99 -35.21
N ALA AA 364 30.56 -25.27 -35.97
CA ALA AA 364 31.45 -24.30 -35.35
C ALA AA 364 30.83 -22.91 -35.39
N GLU AA 365 30.34 -22.52 -36.57
CA GLU AA 365 29.67 -21.24 -36.68
C GLU AA 365 28.26 -21.29 -36.09
N TYR AA 366 27.61 -22.45 -36.13
CA TYR AA 366 26.33 -22.60 -35.45
C TYR AA 366 26.47 -22.35 -33.95
N LEU AA 367 27.46 -22.99 -33.32
CA LEU AA 367 27.61 -22.86 -31.88
C LEU AA 367 28.23 -21.54 -31.48
N PHE AA 368 29.10 -20.96 -32.31
CA PHE AA 368 29.54 -19.59 -32.07
C PHE AA 368 28.36 -18.63 -32.09
N ASP AA 369 27.54 -18.71 -33.12
CA ASP AA 369 26.34 -17.88 -33.24
C ASP AA 369 25.43 -18.05 -32.04
N LYS AA 370 25.32 -19.27 -31.51
CA LYS AA 370 24.44 -19.50 -30.37
C LYS AA 370 25.02 -18.98 -29.07
N HIS AA 371 26.30 -19.21 -28.80
CA HIS AA 371 26.86 -19.03 -27.48
C HIS AA 371 27.55 -17.68 -27.29
N THR AA 372 28.19 -17.15 -28.33
CA THR AA 372 28.96 -15.92 -28.16
C THR AA 372 28.18 -14.70 -28.63
N LEU AA 373 27.45 -14.83 -29.72
CA LEU AA 373 26.74 -13.70 -30.29
C LEU AA 373 25.31 -13.59 -29.80
N GLY AA 374 24.83 -14.56 -29.03
CA GLY AA 374 23.48 -14.53 -28.53
C GLY AA 374 23.31 -15.10 -27.15
N SER BA 2 68.46 63.06 -51.41
CA SER BA 2 68.67 62.97 -49.97
C SER BA 2 67.65 63.84 -49.21
N LYS BA 3 67.49 65.08 -49.66
CA LYS BA 3 66.64 66.02 -48.94
C LYS BA 3 65.16 65.81 -49.26
N GLY BA 4 64.84 65.56 -50.52
CA GLY BA 4 63.44 65.50 -50.93
C GLY BA 4 62.63 64.45 -50.19
N GLU BA 5 63.28 63.40 -49.72
CA GLU BA 5 62.59 62.33 -49.02
C GLU BA 5 62.46 62.58 -47.52
N GLU BA 6 63.29 63.48 -46.96
CA GLU BA 6 63.30 63.69 -45.52
C GLU BA 6 62.06 64.44 -45.05
N LEU BA 7 61.52 65.34 -45.87
CA LEU BA 7 60.50 66.28 -45.45
C LEU BA 7 59.20 65.63 -44.99
N PHE BA 8 59.10 64.30 -45.02
CA PHE BA 8 57.89 63.59 -44.60
C PHE BA 8 58.17 62.61 -43.48
N THR BA 9 59.10 62.94 -42.57
CA THR BA 9 59.49 62.01 -41.52
C THR BA 9 58.36 61.73 -40.53
N GLY BA 10 57.41 62.64 -40.39
CA GLY BA 10 56.37 62.48 -39.40
C GLY BA 10 55.01 62.94 -39.88
N VAL BA 11 54.15 63.30 -38.94
CA VAL BA 11 52.83 63.81 -39.27
C VAL BA 11 52.98 65.16 -39.96
N VAL BA 12 51.98 65.52 -40.77
CA VAL BA 12 51.97 66.81 -41.46
C VAL BA 12 50.55 67.36 -41.39
N PRO BA 13 50.34 68.51 -40.76
CA PRO BA 13 49.02 69.16 -40.83
C PRO BA 13 48.81 69.77 -42.21
N ILE BA 14 47.53 69.80 -42.62
CA ILE BA 14 47.16 70.20 -43.98
C ILE BA 14 46.13 71.31 -43.91
N LEU BA 15 46.16 72.19 -44.90
CA LEU BA 15 45.18 73.26 -45.07
C LEU BA 15 44.91 73.39 -46.55
N VAL BA 16 43.72 73.00 -46.99
CA VAL BA 16 43.42 72.89 -48.41
C VAL BA 16 42.34 73.90 -48.77
N GLU BA 17 42.68 74.85 -49.65
CA GLU BA 17 41.73 75.84 -50.11
C GLU BA 17 41.50 75.65 -51.60
N LEU BA 18 40.22 75.66 -51.98
CA LEU BA 18 39.82 75.47 -53.37
C LEU BA 18 38.77 76.51 -53.72
N ASP BA 19 39.02 77.28 -54.77
CA ASP BA 19 38.08 78.31 -55.22
C ASP BA 19 37.66 78.00 -56.65
N GLY BA 20 36.38 77.73 -56.83
CA GLY BA 20 35.88 77.22 -58.10
C GLY BA 20 34.72 78.04 -58.64
N ASP BA 21 34.64 78.11 -59.97
CA ASP BA 21 33.52 78.72 -60.69
C ASP BA 21 32.94 77.69 -61.64
N VAL BA 22 31.69 77.31 -61.40
CA VAL BA 22 30.99 76.32 -62.22
C VAL BA 22 29.60 76.87 -62.57
N ASN BA 23 29.47 77.38 -63.80
CA ASN BA 23 28.19 77.80 -64.35
C ASN BA 23 27.46 78.78 -63.44
N GLY BA 24 28.13 79.89 -63.12
CA GLY BA 24 27.59 80.91 -62.25
C GLY BA 24 27.67 80.57 -60.78
N HIS BA 25 28.12 79.36 -60.45
CA HIS BA 25 28.25 78.94 -59.06
C HIS BA 25 29.68 79.17 -58.58
N LYS BA 26 29.87 80.18 -57.75
CA LYS BA 26 31.16 80.39 -57.09
C LYS BA 26 31.18 79.63 -55.77
N PHE BA 27 32.33 79.05 -55.45
CA PHE BA 27 32.44 78.32 -54.19
C PHE BA 27 33.87 78.35 -53.69
N SER BA 28 33.99 78.42 -52.37
CA SER BA 28 35.25 78.25 -51.66
C SER BA 28 35.12 77.03 -50.76
N VAL BA 29 36.18 76.24 -50.70
CA VAL BA 29 36.21 75.02 -49.91
C VAL BA 29 37.48 75.05 -49.06
N ARG BA 30 37.33 74.82 -47.76
CA ARG BA 30 38.46 74.66 -46.86
C ARG BA 30 38.42 73.26 -46.24
N GLY BA 31 39.57 72.59 -46.26
CA GLY BA 31 39.70 71.28 -45.68
C GLY BA 31 40.83 71.21 -44.68
N GLU BA 32 40.57 70.57 -43.56
CA GLU BA 32 41.48 70.50 -42.43
C GLU BA 32 41.71 69.05 -42.03
N GLY BA 33 42.97 68.70 -41.81
CA GLY BA 33 43.30 67.34 -41.39
C GLY BA 33 44.81 67.16 -41.32
N GLU BA 34 45.22 65.89 -41.32
CA GLU BA 34 46.64 65.55 -41.22
C GLU BA 34 46.96 64.33 -42.05
N GLY BA 35 48.24 64.20 -42.38
CA GLY BA 35 48.71 63.08 -43.18
C GLY BA 35 50.08 62.54 -42.82
N ASP BA 36 50.34 61.29 -43.19
CA ASP BA 36 51.65 60.67 -43.00
C ASP BA 36 51.98 59.91 -44.29
N ALA BA 37 53.19 60.13 -44.79
CA ALA BA 37 53.68 59.44 -45.97
C ALA BA 37 54.22 58.06 -45.66
N THR BA 38 54.70 57.82 -44.44
CA THR BA 38 55.27 56.54 -44.09
C THR BA 38 54.29 55.39 -44.29
N ASN BA 39 53.00 55.64 -44.07
CA ASN BA 39 51.96 54.64 -44.28
C ASN BA 39 50.99 55.03 -45.37
N GLY BA 40 51.27 56.10 -46.11
CA GLY BA 40 50.37 56.56 -47.15
C GLY BA 40 48.98 56.89 -46.66
N LYS BA 41 48.87 57.42 -45.44
CA LYS BA 41 47.58 57.62 -44.79
C LYS BA 41 47.26 59.10 -44.75
N LEU BA 42 46.02 59.45 -45.09
CA LEU BA 42 45.55 60.83 -45.04
C LEU BA 42 44.18 60.84 -44.37
N THR BA 43 43.93 61.86 -43.55
CA THR BA 43 42.69 61.93 -42.77
C THR BA 43 42.25 63.39 -42.70
N LEU BA 44 41.16 63.72 -43.39
CA LEU BA 44 40.76 65.11 -43.60
C LEU BA 44 39.27 65.29 -43.37
N LYS BA 45 38.88 66.56 -43.26
CA LYS BA 45 37.49 66.97 -43.13
C LYS BA 45 37.30 68.27 -43.88
N PHE BA 46 36.41 68.26 -44.88
CA PHE BA 46 36.18 69.41 -45.75
C PHE BA 46 34.85 70.05 -45.39
N ILE BA 47 34.80 71.38 -45.48
CA ILE BA 47 33.60 72.15 -45.16
C ILE BA 47 33.51 73.34 -46.12
N CYS BA 48 32.31 73.65 -46.57
CA CYS BA 48 32.08 74.77 -47.48
C CYS BA 48 31.39 75.91 -46.73
N THR BA 49 32.09 77.02 -46.57
CA THR BA 49 31.52 78.20 -45.94
C THR BA 49 30.68 79.03 -46.93
N THR BA 50 30.30 78.44 -48.05
CA THR BA 50 29.52 79.14 -49.09
C THR BA 50 28.14 78.52 -49.24
N GLY BA 51 27.52 78.11 -48.14
CA GLY BA 51 26.16 77.61 -48.18
C GLY BA 51 26.03 76.29 -48.92
N LYS BA 52 24.79 75.97 -49.30
CA LYS BA 52 24.51 74.73 -50.02
C LYS BA 52 25.16 74.77 -51.39
N LEU BA 53 25.73 73.65 -51.80
CA LEU BA 53 26.45 73.61 -53.07
C LEU BA 53 25.66 72.77 -54.06
N PRO BA 54 25.64 73.13 -55.35
CA PRO BA 54 24.83 72.37 -56.32
C PRO BA 54 25.42 71.03 -56.73
N VAL BA 55 26.74 70.88 -56.74
CA VAL BA 55 27.38 69.65 -57.18
C VAL BA 55 27.49 68.71 -55.98
N PRO BA 56 27.27 67.40 -56.16
CA PRO BA 56 27.34 66.49 -55.01
C PRO BA 56 28.75 66.44 -54.44
N TRP BA 57 28.83 66.08 -53.16
CA TRP BA 57 30.11 65.90 -52.52
C TRP BA 57 31.01 64.89 -53.23
N PRO BA 58 30.52 63.72 -53.68
CA PRO BA 58 31.41 62.78 -54.37
C PRO BA 58 32.19 63.38 -55.52
N THR BA 59 31.67 64.43 -56.16
CA THR BA 59 32.41 65.08 -57.23
C THR BA 59 33.66 65.76 -56.69
N LEU BA 60 33.54 66.50 -55.59
CA LEU BA 60 34.65 67.27 -55.04
C LEU BA 60 35.74 66.39 -54.44
N VAL BA 61 35.50 65.09 -54.29
CA VAL BA 61 36.45 64.22 -53.61
C VAL BA 61 37.69 64.03 -54.46
N THR BA 62 37.52 63.70 -55.74
CA THR BA 62 38.67 63.46 -56.62
C THR BA 62 39.56 64.69 -56.77
N THR BA 63 38.94 65.87 -56.67
CA THR BA 63 39.66 67.13 -56.92
C THR BA 63 39.92 67.84 -55.62
N LEU BA 64 40.62 67.19 -54.69
CA LEU BA 64 41.02 67.86 -53.43
C LEU BA 64 42.27 67.15 -52.89
N VAL BA 66 46.96 65.26 -52.91
CA VAL BA 66 48.20 65.43 -52.22
C VAL BA 66 48.98 64.13 -52.29
N GLN BA 67 49.18 63.65 -53.51
CA GLN BA 67 49.84 62.35 -53.71
C GLN BA 67 51.22 62.39 -53.04
N CYS BA 68 51.67 63.59 -52.69
CA CYS BA 68 52.95 63.69 -51.96
C CYS BA 68 52.83 62.90 -50.66
N PHE BA 69 51.67 62.29 -50.38
CA PHE BA 69 51.59 61.58 -49.11
C PHE BA 69 51.51 60.07 -49.28
N SER BA 70 51.63 59.57 -50.51
CA SER BA 70 51.42 58.16 -50.78
C SER BA 70 52.56 57.33 -50.23
N ARG BA 71 52.24 56.11 -49.78
CA ARG BA 71 53.22 55.23 -49.19
C ARG BA 71 54.15 54.69 -50.27
N TYR BA 72 55.45 54.97 -50.12
CA TYR BA 72 56.44 54.59 -51.10
C TYR BA 72 57.45 53.62 -50.51
N PRO BA 73 57.65 52.46 -51.11
CA PRO BA 73 58.56 51.47 -50.52
C PRO BA 73 60.03 51.80 -50.77
N ASP BA 74 60.92 51.05 -50.12
CA ASP BA 74 62.35 51.32 -50.26
C ASP BA 74 62.86 50.88 -51.63
N HIS BA 75 62.10 50.01 -52.31
CA HIS BA 75 62.57 49.68 -53.65
C HIS BA 75 62.20 50.74 -54.68
N MET BA 76 61.13 51.52 -54.50
CA MET BA 76 60.86 52.68 -55.34
C MET BA 76 61.35 53.98 -54.72
N LYS BA 77 62.47 53.94 -53.99
CA LYS BA 77 63.10 55.18 -53.53
C LYS BA 77 63.66 55.99 -54.69
N ARG BA 78 63.82 55.38 -55.86
CA ARG BA 78 64.37 56.06 -57.02
C ARG BA 78 63.30 56.50 -58.02
N HIS BA 79 62.02 56.22 -57.75
CA HIS BA 79 60.94 56.56 -58.66
C HIS BA 79 59.86 57.37 -57.94
N ASP BA 80 60.27 58.23 -57.01
CA ASP BA 80 59.36 59.10 -56.27
C ASP BA 80 59.58 60.53 -56.76
N PHE BA 81 58.84 60.91 -57.81
CA PHE BA 81 58.98 62.24 -58.37
C PHE BA 81 58.51 63.32 -57.41
N PHE BA 82 57.42 63.06 -56.68
CA PHE BA 82 56.85 64.08 -55.81
C PHE BA 82 57.78 64.35 -54.62
N LYS BA 83 58.65 63.41 -54.28
CA LYS BA 83 59.47 63.56 -53.09
C LYS BA 83 60.67 64.48 -53.33
N SER BA 84 61.50 64.19 -54.33
CA SER BA 84 62.76 64.91 -54.53
C SER BA 84 62.59 66.42 -54.52
N ALA BA 85 61.37 66.92 -54.74
CA ALA BA 85 61.11 68.35 -54.82
C ALA BA 85 60.59 68.95 -53.52
N MET BA 86 61.08 68.50 -52.37
CA MET BA 86 60.63 69.11 -51.13
C MET BA 86 61.80 69.72 -50.36
N PRO BA 87 61.67 70.96 -49.88
CA PRO BA 87 60.48 71.82 -49.92
C PRO BA 87 60.34 72.61 -51.22
N GLU BA 88 61.05 72.18 -52.26
CA GLU BA 88 60.94 72.79 -53.57
C GLU BA 88 59.47 72.94 -53.99
N GLY BA 89 58.67 71.92 -53.75
CA GLY BA 89 57.27 71.95 -54.13
C GLY BA 89 57.09 71.74 -55.62
N TYR BA 90 55.85 71.91 -56.07
CA TYR BA 90 55.53 71.74 -57.48
C TYR BA 90 54.13 72.26 -57.76
N VAL BA 91 53.76 72.25 -59.04
CA VAL BA 91 52.44 72.65 -59.49
C VAL BA 91 51.89 71.53 -60.36
N GLN BA 92 50.56 71.47 -60.48
CA GLN BA 92 49.90 70.52 -61.34
C GLN BA 92 48.66 71.13 -61.98
N GLU BA 93 48.52 70.90 -63.28
CA GLU BA 93 47.34 71.31 -64.03
C GLU BA 93 46.54 70.08 -64.40
N ARG BA 94 45.29 70.01 -63.92
CA ARG BA 94 44.44 68.84 -64.07
C ARG BA 94 43.22 69.19 -64.91
N THR BA 95 42.84 68.28 -65.79
CA THR BA 95 41.59 68.34 -66.51
C THR BA 95 40.80 67.08 -66.20
N ILE BA 96 39.57 67.25 -65.73
CA ILE BA 96 38.69 66.11 -65.49
C ILE BA 96 37.53 66.20 -66.47
N SER BA 97 37.23 65.08 -67.12
CA SER BA 97 36.27 65.02 -68.20
C SER BA 97 35.18 64.03 -67.84
N PHE BA 98 33.97 64.53 -67.61
CA PHE BA 98 32.81 63.69 -67.38
C PHE BA 98 32.29 63.16 -68.72
N LYS BA 99 31.87 61.90 -68.73
CA LYS BA 99 31.11 61.42 -69.87
C LYS BA 99 29.64 61.74 -69.66
N ASP BA 100 28.97 62.16 -70.75
CA ASP BA 100 27.56 62.56 -70.73
C ASP BA 100 27.35 63.87 -69.95
N ASP BA 101 28.40 64.67 -69.84
CA ASP BA 101 28.34 66.04 -69.34
C ASP BA 101 29.69 66.71 -69.58
N GLY BA 102 29.83 67.95 -69.09
CA GLY BA 102 30.96 68.82 -69.40
C GLY BA 102 32.26 68.50 -68.70
N THR BA 103 33.05 69.52 -68.37
CA THR BA 103 34.42 69.29 -67.91
C THR BA 103 34.83 70.28 -66.84
N TYR BA 104 35.98 70.00 -66.23
CA TYR BA 104 36.62 70.86 -65.24
C TYR BA 104 38.10 71.07 -65.59
N LYS BA 105 38.53 72.33 -65.51
CA LYS BA 105 39.93 72.72 -65.65
C LYS BA 105 40.39 73.27 -64.31
N THR BA 106 41.44 72.67 -63.74
CA THR BA 106 41.78 72.96 -62.35
C THR BA 106 43.28 73.05 -62.16
N ARG BA 107 43.74 74.23 -61.74
CA ARG BA 107 45.14 74.49 -61.45
C ARG BA 107 45.39 74.33 -59.95
N ALA BA 108 46.54 73.76 -59.59
CA ALA BA 108 46.84 73.57 -58.18
C ALA BA 108 48.32 73.77 -57.94
N GLU BA 109 48.66 74.46 -56.84
CA GLU BA 109 50.04 74.66 -56.45
C GLU BA 109 50.26 74.04 -55.08
N VAL BA 110 51.18 73.08 -54.99
CA VAL BA 110 51.40 72.32 -53.76
C VAL BA 110 52.82 72.57 -53.28
N LYS BA 111 52.98 72.80 -51.97
CA LYS BA 111 54.25 73.13 -51.37
C LYS BA 111 54.16 72.92 -49.86
N PHE BA 112 55.28 73.17 -49.19
CA PHE BA 112 55.30 73.35 -47.74
C PHE BA 112 55.33 74.85 -47.42
N GLU BA 113 54.57 75.24 -46.40
CA GLU BA 113 54.55 76.61 -45.88
C GLU BA 113 54.94 76.47 -44.41
N GLY BA 114 56.18 76.84 -44.10
CA GLY BA 114 56.72 76.50 -42.80
C GLY BA 114 56.90 74.99 -42.73
N ASP BA 115 56.02 74.33 -41.97
CA ASP BA 115 55.90 72.88 -41.99
C ASP BA 115 54.47 72.43 -42.21
N THR BA 116 53.56 73.36 -42.49
CA THR BA 116 52.16 73.07 -42.79
C THR BA 116 52.01 72.89 -44.30
N LEU BA 117 51.33 71.84 -44.73
CA LEU BA 117 51.10 71.66 -46.15
C LEU BA 117 49.82 72.41 -46.54
N VAL BA 118 50.00 73.53 -47.22
CA VAL BA 118 48.87 74.34 -47.70
C VAL BA 118 48.75 74.15 -49.20
N ASN BA 119 47.51 73.94 -49.64
CA ASN BA 119 47.25 73.57 -51.03
C ASN BA 119 46.23 74.53 -51.61
N ARG BA 120 46.68 75.41 -52.51
CA ARG BA 120 45.84 76.40 -53.16
C ARG BA 120 45.45 75.90 -54.54
N ILE BA 121 44.14 75.79 -54.77
CA ILE BA 121 43.60 75.24 -56.01
C ILE BA 121 42.54 76.17 -56.56
N GLU BA 122 42.57 76.39 -57.87
CA GLU BA 122 41.60 77.22 -58.58
C GLU BA 122 40.94 76.37 -59.66
N LEU BA 123 39.62 76.48 -59.76
CA LEU BA 123 38.83 75.56 -60.55
C LEU BA 123 37.86 76.32 -61.45
N LYS BA 124 37.73 75.84 -62.68
CA LYS BA 124 36.78 76.36 -63.66
C LYS BA 124 36.05 75.18 -64.28
N GLY BA 125 34.79 74.98 -63.91
CA GLY BA 125 34.03 73.88 -64.46
C GLY BA 125 32.86 74.33 -65.28
N ILE BA 126 32.79 73.91 -66.55
CA ILE BA 126 31.76 74.42 -67.45
C ILE BA 126 31.24 73.29 -68.32
N ASP BA 127 30.29 73.63 -69.19
CA ASP BA 127 29.79 72.80 -70.29
C ASP BA 127 28.81 71.73 -69.81
N PHE BA 128 28.08 72.00 -68.74
CA PHE BA 128 27.17 71.02 -68.15
C PHE BA 128 25.72 71.39 -68.43
N LYS BA 129 24.85 70.38 -68.42
CA LYS BA 129 23.42 70.62 -68.36
C LYS BA 129 22.97 70.64 -66.91
N GLU BA 130 22.28 71.72 -66.52
CA GLU BA 130 22.04 71.99 -65.11
C GLU BA 130 20.79 71.30 -64.56
N ASP BA 131 20.11 70.50 -65.38
CA ASP BA 131 19.08 69.60 -64.89
C ASP BA 131 19.47 68.14 -65.11
N GLY BA 132 20.75 67.83 -65.01
CA GLY BA 132 21.24 66.49 -65.26
C GLY BA 132 21.34 65.65 -64.01
N ASN BA 133 22.13 64.58 -64.11
CA ASN BA 133 22.30 63.64 -63.02
C ASN BA 133 23.66 63.75 -62.34
N ILE BA 134 24.73 63.86 -63.13
CA ILE BA 134 26.08 63.97 -62.57
C ILE BA 134 26.15 65.13 -61.58
N LEU BA 135 25.50 66.25 -61.90
CA LEU BA 135 25.48 67.39 -61.02
C LEU BA 135 24.17 67.54 -60.26
N GLY BA 136 23.06 67.04 -60.81
CA GLY BA 136 21.74 67.27 -60.25
C GLY BA 136 21.40 66.39 -59.07
N HIS BA 137 22.41 65.86 -58.39
CA HIS BA 137 22.23 65.03 -57.19
C HIS BA 137 21.36 63.81 -57.47
N LYS BA 138 21.82 62.99 -58.41
CA LYS BA 138 21.25 61.68 -58.66
C LYS BA 138 22.22 60.56 -58.35
N LEU BA 139 23.51 60.86 -58.24
CA LEU BA 139 24.54 59.87 -58.04
C LEU BA 139 24.62 59.48 -56.57
N GLU BA 140 25.22 58.32 -56.32
CA GLU BA 140 25.19 57.72 -54.99
C GLU BA 140 26.35 58.20 -54.14
N TYR BA 141 26.07 58.41 -52.85
CA TYR BA 141 27.07 58.85 -51.88
C TYR BA 141 27.89 57.63 -51.45
N ASN BA 142 28.94 57.35 -52.21
CA ASN BA 142 29.83 56.23 -51.95
C ASN BA 142 31.18 56.53 -52.58
N PHE BA 143 32.00 55.48 -52.69
CA PHE BA 143 33.28 55.57 -53.35
C PHE BA 143 33.79 54.16 -53.62
N ASN BA 144 34.84 54.05 -54.42
CA ASN BA 144 35.41 52.77 -54.80
C ASN BA 144 36.93 52.86 -54.90
N SER BA 145 37.59 51.71 -54.98
CA SER BA 145 39.04 51.66 -55.07
C SER BA 145 39.50 51.99 -56.48
N HIS BA 146 40.55 52.80 -56.58
CA HIS BA 146 40.97 53.29 -57.89
C HIS BA 146 42.48 53.22 -58.03
N ASN BA 147 42.94 53.50 -59.24
CA ASN BA 147 44.35 53.47 -59.59
C ASN BA 147 44.70 54.69 -60.43
N VAL BA 148 45.94 55.13 -60.34
CA VAL BA 148 46.49 56.25 -61.08
C VAL BA 148 47.71 55.75 -61.85
N TYR BA 149 47.83 56.13 -63.12
CA TYR BA 149 49.00 55.83 -63.90
C TYR BA 149 49.88 57.07 -63.99
N ILE BA 150 51.11 56.97 -63.49
CA ILE BA 150 52.07 58.07 -63.59
C ILE BA 150 53.13 57.70 -64.60
N THR BA 151 53.44 58.66 -65.48
CA THR BA 151 54.37 58.47 -66.59
C THR BA 151 55.39 59.60 -66.56
N ALA BA 152 56.65 59.24 -66.77
CA ALA BA 152 57.70 60.24 -66.88
C ALA BA 152 57.45 61.16 -68.06
N ASP BA 153 57.88 62.42 -67.94
CA ASP BA 153 57.67 63.41 -68.98
C ASP BA 153 58.92 64.30 -69.02
N LYS BA 154 59.89 63.91 -69.85
CA LYS BA 154 61.13 64.67 -69.93
C LYS BA 154 60.93 66.03 -70.57
N GLN BA 155 59.86 66.20 -71.35
CA GLN BA 155 59.58 67.50 -71.95
C GLN BA 155 59.34 68.56 -70.88
N LYS BA 156 58.63 68.21 -69.82
CA LYS BA 156 58.48 69.08 -68.67
C LYS BA 156 59.33 68.63 -67.50
N ASN BA 157 60.30 67.74 -67.75
CA ASN BA 157 61.19 67.11 -66.75
C ASN BA 157 60.43 66.77 -65.47
N GLY BA 158 59.16 66.42 -65.62
CA GLY BA 158 58.29 66.06 -64.52
C GLY BA 158 57.49 64.84 -64.89
N ILE BA 159 56.18 64.83 -64.67
CA ILE BA 159 55.37 63.67 -65.00
C ILE BA 159 54.01 64.08 -65.52
N LYS BA 160 53.35 63.11 -66.14
CA LYS BA 160 51.92 63.17 -66.44
C LYS BA 160 51.22 62.11 -65.62
N ALA BA 161 50.00 62.40 -65.18
CA ALA BA 161 49.19 61.44 -64.43
C ALA BA 161 47.84 61.31 -65.10
N ASN BA 162 47.50 60.09 -65.48
CA ASN BA 162 46.23 59.80 -66.13
C ASN BA 162 45.52 58.69 -65.37
N PHE BA 163 44.21 58.84 -65.25
CA PHE BA 163 43.43 57.81 -64.57
C PHE BA 163 41.95 57.98 -64.92
N LYS BA 164 41.17 56.99 -64.52
CA LYS BA 164 39.74 56.96 -64.83
C LYS BA 164 38.99 56.58 -63.57
N ILE BA 165 37.95 57.35 -63.26
CA ILE BA 165 37.14 57.13 -62.06
C ILE BA 165 35.74 56.75 -62.48
N ARG BA 166 35.16 55.80 -61.77
CA ARG BA 166 33.79 55.33 -62.03
C ARG BA 166 32.94 55.61 -60.80
N HIS BA 167 31.99 56.51 -60.93
CA HIS BA 167 31.07 56.84 -59.86
C HIS BA 167 29.71 56.20 -60.15
N ASN BA 168 29.31 55.27 -59.30
CA ASN BA 168 28.04 54.58 -59.49
C ASN BA 168 26.87 55.49 -59.12
N VAL BA 169 25.80 55.39 -59.89
CA VAL BA 169 24.60 56.18 -59.66
C VAL BA 169 23.62 55.32 -58.87
N GLU BA 170 22.66 55.97 -58.22
CA GLU BA 170 21.73 55.26 -57.33
C GLU BA 170 20.90 54.23 -58.08
N ASP BA 171 21.00 54.19 -59.41
CA ASP BA 171 20.27 53.23 -60.22
C ASP BA 171 21.20 52.34 -61.06
N GLY BA 172 22.33 51.94 -60.47
CA GLY BA 172 23.23 50.98 -61.10
C GLY BA 172 24.16 51.56 -62.14
N SER BA 173 23.75 52.61 -62.85
CA SER BA 173 24.58 53.17 -63.88
C SER BA 173 25.81 53.85 -63.26
N VAL BA 174 26.82 54.03 -64.10
CA VAL BA 174 28.10 54.57 -63.67
C VAL BA 174 28.49 55.74 -64.56
N GLN BA 175 29.29 56.64 -64.02
CA GLN BA 175 29.86 57.76 -64.76
C GLN BA 175 31.36 57.61 -64.74
N LEU BA 176 31.99 57.64 -65.92
CA LEU BA 176 33.42 57.44 -66.05
C LEU BA 176 34.09 58.76 -66.38
N ALA BA 177 34.68 59.41 -65.36
CA ALA BA 177 35.40 60.65 -65.52
C ALA BA 177 36.87 60.34 -65.77
N ASP BA 178 37.39 60.83 -66.89
CA ASP BA 178 38.80 60.66 -67.24
C ASP BA 178 39.60 61.87 -66.79
N HIS BA 179 40.69 61.63 -66.08
CA HIS BA 179 41.49 62.69 -65.49
C HIS BA 179 42.89 62.68 -66.07
N TYR BA 180 43.32 63.85 -66.56
CA TYR BA 180 44.69 64.13 -66.95
C TYR BA 180 45.26 65.16 -66.00
N GLN BA 181 46.57 65.13 -65.80
CA GLN BA 181 47.22 66.24 -65.10
C GLN BA 181 48.71 66.25 -65.40
N GLN BA 182 49.26 67.45 -65.52
CA GLN BA 182 50.69 67.68 -65.71
C GLN BA 182 51.29 68.13 -64.38
N ASN BA 183 52.33 67.43 -63.94
CA ASN BA 183 53.03 67.71 -62.69
C ASN BA 183 54.42 68.21 -63.00
N THR BA 184 54.73 69.43 -62.56
CA THR BA 184 56.02 70.06 -62.85
C THR BA 184 56.57 70.76 -61.61
N PRO BA 185 57.86 70.60 -61.32
CA PRO BA 185 58.43 71.25 -60.14
C PRO BA 185 58.82 72.69 -60.43
N ILE BA 186 58.79 73.51 -59.39
CA ILE BA 186 59.09 74.93 -59.54
C ILE BA 186 60.59 75.18 -59.75
N GLY BA 187 61.45 74.35 -59.16
CA GLY BA 187 62.88 74.58 -59.25
C GLY BA 187 63.53 73.77 -60.36
N ASP BA 188 64.68 74.26 -60.80
CA ASP BA 188 65.45 73.62 -61.85
C ASP BA 188 66.33 72.49 -61.35
N GLY BA 189 66.24 72.14 -60.07
CA GLY BA 189 67.07 71.11 -59.50
C GLY BA 189 66.82 69.72 -60.07
N PRO BA 190 67.64 68.76 -59.67
CA PRO BA 190 67.45 67.39 -60.15
C PRO BA 190 66.36 66.67 -59.37
N VAL BA 191 65.31 66.28 -60.10
CA VAL BA 191 64.17 65.57 -59.54
C VAL BA 191 64.21 64.14 -60.05
N LEU BA 192 63.97 63.21 -59.13
CA LEU BA 192 64.07 61.78 -59.42
C LEU BA 192 63.02 61.40 -60.45
N LEU BA 193 63.43 60.62 -61.43
CA LEU BA 193 62.57 60.36 -62.59
C LEU BA 193 61.91 58.99 -62.47
N PRO BA 194 60.60 58.91 -62.26
CA PRO BA 194 59.93 57.62 -62.19
C PRO BA 194 59.45 57.15 -63.55
N ASP BA 195 59.74 55.89 -63.84
CA ASP BA 195 59.13 55.26 -65.01
C ASP BA 195 57.63 55.08 -64.78
N ASN BA 196 56.91 54.82 -65.86
CA ASN BA 196 55.46 54.69 -65.78
C ASN BA 196 55.09 53.51 -64.88
N HIS BA 197 54.30 53.79 -63.85
CA HIS BA 197 53.77 52.72 -63.01
C HIS BA 197 52.45 53.21 -62.41
N TYR BA 198 51.90 52.45 -61.46
CA TYR BA 198 50.55 52.69 -61.00
C TYR BA 198 50.54 53.01 -59.52
N LEU BA 199 49.38 53.41 -59.03
CA LEU BA 199 49.18 53.84 -57.66
C LEU BA 199 47.76 53.55 -57.23
N SER BA 200 47.60 52.67 -56.25
CA SER BA 200 46.30 52.25 -55.75
C SER BA 200 45.86 53.18 -54.63
N THR BA 201 44.55 53.40 -54.54
CA THR BA 201 43.96 54.36 -53.63
C THR BA 201 42.62 53.85 -53.14
N GLN BA 202 42.39 53.98 -51.82
CA GLN BA 202 41.12 53.66 -51.19
C GLN BA 202 40.75 54.82 -50.28
N SER BA 203 39.46 55.01 -50.08
CA SER BA 203 39.00 56.07 -49.19
C SER BA 203 37.59 55.77 -48.70
N ALA BA 204 37.20 56.53 -47.67
CA ALA BA 204 35.90 56.35 -47.03
C ALA BA 204 35.39 57.71 -46.58
N LEU BA 205 34.08 57.90 -46.79
CA LEU BA 205 33.37 59.16 -46.59
C LEU BA 205 32.36 59.00 -45.47
N SER BA 206 32.22 60.03 -44.65
CA SER BA 206 31.32 59.98 -43.51
C SER BA 206 30.99 61.40 -43.07
N LYS BA 207 30.18 61.49 -42.01
CA LYS BA 207 29.67 62.74 -41.48
C LYS BA 207 30.04 62.90 -40.03
N ASP BA 208 30.18 64.14 -39.58
CA ASP BA 208 30.18 64.42 -38.15
C ASP BA 208 28.72 64.46 -37.67
N PRO BA 209 28.41 63.90 -36.50
CA PRO BA 209 27.01 63.83 -36.09
C PRO BA 209 26.45 65.14 -35.57
N ASN BA 210 27.30 66.08 -35.14
CA ASN BA 210 26.85 67.29 -34.48
C ASN BA 210 27.38 68.57 -35.11
N GLU BA 211 27.49 68.62 -36.42
CA GLU BA 211 27.87 69.84 -37.14
C GLU BA 211 26.75 70.25 -38.08
N LYS BA 212 26.32 71.50 -37.97
CA LYS BA 212 25.14 71.97 -38.69
C LYS BA 212 25.45 72.55 -40.06
N ARG BA 213 26.74 72.72 -40.39
CA ARG BA 213 27.10 73.17 -41.72
C ARG BA 213 27.07 72.00 -42.70
N ASP BA 214 27.55 72.26 -43.92
CA ASP BA 214 27.81 71.18 -44.85
C ASP BA 214 29.23 70.64 -44.65
N HIS BA 215 29.32 69.38 -44.24
CA HIS BA 215 30.61 68.80 -43.90
C HIS BA 215 30.79 67.50 -44.69
N MET BA 216 32.04 67.10 -44.83
CA MET BA 216 32.37 65.84 -45.48
C MET BA 216 33.69 65.34 -44.90
N VAL BA 217 33.63 64.28 -44.10
CA VAL BA 217 34.78 63.71 -43.44
C VAL BA 217 35.28 62.57 -44.31
N LEU BA 218 36.60 62.44 -44.47
CA LEU BA 218 37.13 61.43 -45.39
C LEU BA 218 38.50 60.96 -44.93
N LEU BA 219 38.67 59.65 -44.84
CA LEU BA 219 39.97 59.06 -44.53
C LEU BA 219 40.37 58.13 -45.67
N GLU BA 220 41.67 58.03 -45.94
CA GLU BA 220 42.12 57.42 -47.19
C GLU BA 220 43.53 56.88 -47.08
N PHE BA 221 43.76 55.80 -47.82
CA PHE BA 221 45.04 55.11 -47.87
C PHE BA 221 45.49 55.05 -49.32
N VAL BA 222 46.70 55.51 -49.60
CA VAL BA 222 47.22 55.66 -50.95
C VAL BA 222 48.63 55.12 -51.00
N THR BA 223 48.90 54.23 -51.96
CA THR BA 223 50.24 53.69 -52.09
C THR BA 223 50.47 53.20 -53.50
N ALA BA 224 51.72 53.30 -53.96
CA ALA BA 224 52.07 53.08 -55.34
C ALA BA 224 52.84 51.78 -55.52
N ALA BA 225 52.94 51.35 -56.79
CA ALA BA 225 53.70 50.17 -57.18
C ALA BA 225 53.85 50.19 -58.70
N GLY BA 226 54.36 49.08 -59.24
CA GLY BA 226 54.50 48.91 -60.67
C GLY BA 226 55.77 48.21 -61.10
N ILE BA 227 56.76 48.15 -60.24
CA ILE BA 227 58.01 47.48 -60.54
C ILE BA 227 58.00 46.12 -59.85
N THR BA 228 58.34 45.08 -60.61
CA THR BA 228 58.46 43.76 -60.03
C THR BA 228 59.91 43.54 -59.60
N HIS BA 229 60.27 44.11 -58.46
CA HIS BA 229 61.65 44.09 -57.99
C HIS BA 229 61.92 42.84 -57.17
N HIS BA 230 63.21 42.60 -56.91
CA HIS BA 230 63.67 41.39 -56.24
C HIS BA 230 63.12 41.26 -54.82
N GLY CA 54 -49.40 -63.15 25.87
CA GLY CA 54 -48.32 -62.88 26.81
C GLY CA 54 -47.27 -63.96 26.86
N LYS CA 55 -47.73 -65.22 26.86
CA LYS CA 55 -46.86 -66.38 26.86
C LYS CA 55 -47.36 -67.50 25.98
N GLU CA 56 -48.64 -67.51 25.62
CA GLU CA 56 -49.24 -68.61 24.87
C GLU CA 56 -48.80 -68.67 23.41
N LEU CA 57 -47.99 -67.72 22.95
CA LEU CA 57 -47.55 -67.74 21.55
C LEU CA 57 -46.37 -68.67 21.35
N LEU CA 58 -45.56 -68.86 22.39
CA LEU CA 58 -44.29 -69.57 22.20
C LEU CA 58 -44.51 -71.05 21.90
N GLU CA 59 -45.49 -71.68 22.55
CA GLU CA 59 -45.73 -73.09 22.29
C GLU CA 59 -46.27 -73.30 20.89
N ALA CA 60 -47.01 -72.31 20.37
CA ALA CA 60 -47.50 -72.40 19.00
C ALA CA 60 -46.38 -72.19 18.00
N ALA CA 61 -45.40 -71.33 18.35
CA ALA CA 61 -44.20 -71.22 17.52
C ALA CA 61 -43.41 -72.52 17.53
N ARG CA 62 -43.31 -73.16 18.69
CA ARG CA 62 -42.56 -74.39 18.81
C ARG CA 62 -43.23 -75.53 18.05
N ALA CA 63 -44.55 -75.64 18.13
CA ALA CA 63 -45.27 -76.66 17.39
C ALA CA 63 -45.37 -76.36 15.90
N GLY CA 64 -44.89 -75.21 15.45
CA GLY CA 64 -45.01 -74.83 14.06
C GLY CA 64 -46.38 -74.35 13.66
N GLN CA 65 -47.20 -73.92 14.62
CA GLN CA 65 -48.55 -73.45 14.32
C GLN CA 65 -48.47 -72.03 13.76
N ASP CA 66 -48.10 -71.94 12.49
CA ASP CA 66 -47.92 -70.64 11.86
C ASP CA 66 -49.23 -69.84 11.85
N ASP CA 67 -50.36 -70.50 11.61
CA ASP CA 67 -51.63 -69.80 11.59
C ASP CA 67 -52.04 -69.35 12.98
N GLU CA 68 -51.72 -70.15 14.00
CA GLU CA 68 -52.08 -69.75 15.35
C GLU CA 68 -51.29 -68.53 15.80
N VAL CA 69 -49.96 -68.54 15.60
CA VAL CA 69 -49.16 -67.37 15.96
C VAL CA 69 -49.56 -66.19 15.09
N ALA CA 70 -50.00 -66.44 13.86
CA ALA CA 70 -50.51 -65.36 13.03
C ALA CA 70 -51.72 -64.69 13.68
N VAL CA 71 -52.76 -65.47 13.98
CA VAL CA 71 -54.00 -64.88 14.49
C VAL CA 71 -53.80 -64.32 15.89
N LEU CA 72 -52.83 -64.87 16.64
CA LEU CA 72 -52.62 -64.40 18.01
C LEU CA 72 -51.68 -63.20 18.06
N MET CA 73 -50.85 -63.00 17.04
CA MET CA 73 -50.04 -61.80 16.95
C MET CA 73 -50.79 -60.66 16.29
N ALA CA 74 -51.76 -60.97 15.42
CA ALA CA 74 -52.68 -59.95 14.94
C ALA CA 74 -53.32 -59.22 16.11
N ARG CA 75 -53.88 -59.98 17.04
CA ARG CA 75 -54.25 -59.43 18.35
C ARG CA 75 -52.99 -59.07 19.12
N GLY CA 76 -53.05 -57.95 19.83
CA GLY CA 76 -51.91 -57.46 20.58
C GLY CA 76 -51.27 -58.49 21.50
N ALA CA 77 -50.05 -58.91 21.16
CA ALA CA 77 -49.36 -59.94 21.91
C ALA CA 77 -47.91 -59.56 22.08
N GLU CA 78 -47.23 -60.20 23.02
CA GLU CA 78 -45.83 -59.93 23.27
C GLU CA 78 -44.96 -60.53 22.18
N VAL CA 79 -44.28 -59.68 21.41
CA VAL CA 79 -43.40 -60.19 20.38
C VAL CA 79 -41.99 -60.48 20.91
N ASN CA 80 -41.42 -59.59 21.72
CA ASN CA 80 -40.09 -59.78 22.29
C ASN CA 80 -40.16 -60.46 23.65
N ALA CA 81 -40.82 -61.60 23.71
CA ALA CA 81 -41.02 -62.32 24.96
C ALA CA 81 -39.72 -62.97 25.42
N ALA CA 82 -39.36 -62.65 26.66
CA ALA CA 82 -38.27 -63.33 27.35
C ALA CA 82 -38.89 -64.39 28.25
N ASP CA 83 -38.41 -65.62 28.14
CA ASP CA 83 -39.07 -66.76 28.75
C ASP CA 83 -38.24 -67.31 29.91
N ASP CA 84 -38.70 -68.45 30.41
CA ASP CA 84 -38.16 -69.08 31.62
C ASP CA 84 -36.66 -69.37 31.55
N VAL CA 85 -36.07 -69.43 30.36
CA VAL CA 85 -34.64 -69.59 30.25
C VAL CA 85 -34.11 -68.55 29.25
N GLY CA 86 -34.99 -67.69 28.76
CA GLY CA 86 -34.57 -66.60 27.91
C GLY CA 86 -34.69 -66.91 26.43
N VAL CA 87 -35.58 -67.83 26.09
CA VAL CA 87 -35.75 -68.30 24.72
C VAL CA 87 -36.93 -67.53 24.15
N THR CA 88 -36.64 -66.63 23.21
CA THR CA 88 -37.69 -65.87 22.55
C THR CA 88 -38.32 -66.74 21.46
N PRO CA 89 -39.61 -66.51 21.14
CA PRO CA 89 -40.22 -67.23 20.02
C PRO CA 89 -39.38 -67.27 18.75
N LEU CA 90 -38.53 -66.28 18.52
CA LEU CA 90 -37.66 -66.31 17.35
C LEU CA 90 -36.63 -67.42 17.46
N HIS CA 91 -36.08 -67.64 18.65
CA HIS CA 91 -35.11 -68.71 18.84
C HIS CA 91 -35.72 -70.07 18.52
N LEU CA 92 -36.89 -70.37 19.07
CA LEU CA 92 -37.58 -71.63 18.81
C LEU CA 92 -38.09 -71.73 17.39
N ALA CA 93 -38.40 -70.60 16.75
CA ALA CA 93 -38.79 -70.59 15.36
C ALA CA 93 -37.62 -70.82 14.43
N ALA CA 94 -36.40 -70.55 14.89
CA ALA CA 94 -35.20 -70.82 14.13
C ALA CA 94 -34.66 -72.23 14.34
N GLN CA 95 -34.74 -72.75 15.58
CA GLN CA 95 -34.32 -74.13 15.83
C GLN CA 95 -35.02 -75.10 14.89
N ARG CA 96 -36.35 -75.13 14.95
CA ARG CA 96 -37.12 -75.83 13.94
C ARG CA 96 -37.14 -74.99 12.66
N GLY CA 97 -37.32 -75.67 11.53
CA GLY CA 97 -37.33 -74.94 10.28
C GLY CA 97 -38.69 -74.40 9.93
N HIS CA 98 -38.93 -73.14 10.26
CA HIS CA 98 -40.24 -72.52 10.07
C HIS CA 98 -40.00 -71.09 9.58
N LEU CA 99 -39.98 -70.92 8.26
CA LEU CA 99 -39.72 -69.62 7.67
C LEU CA 99 -40.88 -68.64 7.84
N ALA CA 100 -42.11 -69.12 7.73
CA ALA CA 100 -43.27 -68.24 7.84
C ALA CA 100 -43.33 -67.60 9.22
N ILE CA 101 -43.00 -68.36 10.26
CA ILE CA 101 -43.10 -67.83 11.61
C ILE CA 101 -42.04 -66.75 11.84
N VAL CA 102 -40.81 -66.97 11.37
CA VAL CA 102 -39.78 -65.96 11.58
C VAL CA 102 -40.08 -64.73 10.73
N SER CA 103 -40.72 -64.91 9.57
CA SER CA 103 -41.09 -63.74 8.77
C SER CA 103 -42.14 -62.91 9.48
N VAL CA 104 -43.21 -63.55 9.95
CA VAL CA 104 -44.28 -62.80 10.62
C VAL CA 104 -43.83 -62.30 11.98
N LEU CA 105 -42.75 -62.85 12.53
CA LEU CA 105 -42.22 -62.31 13.77
C LEU CA 105 -41.31 -61.12 13.53
N LEU CA 106 -40.46 -61.18 12.49
CA LEU CA 106 -39.66 -60.02 12.12
C LEU CA 106 -40.51 -58.84 11.74
N ALA CA 107 -41.56 -59.08 10.94
CA ALA CA 107 -42.44 -57.97 10.53
C ALA CA 107 -43.08 -57.29 11.74
N PHE CA 108 -43.36 -58.05 12.79
CA PHE CA 108 -43.99 -57.48 13.97
C PHE CA 108 -43.00 -56.93 14.98
N GLY CA 109 -41.71 -56.85 14.64
CA GLY CA 109 -40.77 -56.16 15.50
C GLY CA 109 -40.02 -57.04 16.48
N ALA CA 110 -39.47 -58.15 15.99
CA ALA CA 110 -38.62 -58.97 16.83
C ALA CA 110 -37.17 -58.51 16.73
N SER CA 111 -36.37 -58.92 17.71
CA SER CA 111 -34.95 -58.57 17.71
C SER CA 111 -34.15 -59.75 17.21
N VAL CA 112 -33.37 -59.54 16.15
CA VAL CA 112 -32.53 -60.61 15.61
C VAL CA 112 -31.37 -60.94 16.53
N ASN CA 113 -30.87 -59.97 17.31
CA ASN CA 113 -29.81 -60.21 18.27
C ASN CA 113 -30.44 -60.27 19.66
N ALA CA 114 -30.71 -61.47 20.14
CA ALA CA 114 -31.41 -61.67 21.40
C ALA CA 114 -30.57 -62.57 22.30
N ALA CA 115 -29.92 -61.94 23.28
CA ALA CA 115 -28.89 -62.61 24.08
C ALA CA 115 -29.55 -63.65 24.97
N ASP CA 116 -29.56 -64.90 24.51
CA ASP CA 116 -30.05 -66.01 25.29
C ASP CA 116 -29.26 -66.16 26.58
N LEU CA 117 -29.85 -66.87 27.54
CA LEU CA 117 -29.17 -67.10 28.81
C LEU CA 117 -27.89 -67.90 28.63
N TRP CA 118 -27.77 -68.64 27.53
CA TRP CA 118 -26.55 -69.38 27.22
C TRP CA 118 -25.62 -68.63 26.28
N GLY CA 119 -26.05 -67.49 25.74
CA GLY CA 119 -25.24 -66.73 24.82
C GLY CA 119 -25.58 -66.96 23.36
N GLN CA 120 -26.67 -67.67 23.06
CA GLN CA 120 -27.02 -67.94 21.69
C GLN CA 120 -27.92 -66.84 21.14
N THR CA 121 -28.10 -66.89 19.82
CA THR CA 121 -28.81 -65.93 19.00
C THR CA 121 -29.50 -66.77 17.94
N PRO CA 122 -30.65 -66.34 17.38
CA PRO CA 122 -31.30 -67.16 16.34
C PRO CA 122 -30.38 -67.54 15.20
N LEU CA 123 -29.38 -66.71 14.88
CA LEU CA 123 -28.42 -67.07 13.84
C LEU CA 123 -27.58 -68.27 14.25
N HIS CA 124 -27.21 -68.36 15.54
CA HIS CA 124 -26.45 -69.51 16.01
C HIS CA 124 -27.22 -70.80 15.79
N LEU CA 125 -28.43 -70.88 16.34
CA LEU CA 125 -29.24 -72.08 16.21
C LEU CA 125 -29.64 -72.37 14.78
N ALA CA 126 -29.89 -71.35 13.97
CA ALA CA 126 -30.24 -71.57 12.57
C ALA CA 126 -29.07 -72.08 11.76
N ALA CA 127 -27.86 -71.56 11.99
CA ALA CA 127 -26.68 -72.08 11.31
C ALA CA 127 -26.36 -73.49 11.77
N THR CA 128 -26.59 -73.80 13.05
CA THR CA 128 -26.36 -75.15 13.52
C THR CA 128 -27.37 -76.14 12.93
N ALA CA 129 -28.63 -75.73 12.82
CA ALA CA 129 -29.66 -76.65 12.33
C ALA CA 129 -29.40 -77.04 10.87
N GLY CA 130 -29.40 -76.06 9.96
CA GLY CA 130 -29.12 -76.34 8.57
C GLY CA 130 -30.10 -75.73 7.59
N HIS CA 131 -30.94 -74.83 8.08
CA HIS CA 131 -31.95 -74.22 7.21
C HIS CA 131 -31.39 -72.94 6.59
N LEU CA 132 -31.26 -72.94 5.27
CA LEU CA 132 -30.58 -71.84 4.58
C LEU CA 132 -31.46 -70.61 4.47
N GLU CA 133 -32.75 -70.79 4.18
CA GLU CA 133 -33.64 -69.66 3.99
C GLU CA 133 -33.75 -68.80 5.25
N ILE CA 134 -33.80 -69.43 6.41
CA ILE CA 134 -33.83 -68.66 7.65
C ILE CA 134 -32.54 -67.89 7.84
N VAL CA 135 -31.40 -68.51 7.52
CA VAL CA 135 -30.12 -67.81 7.61
C VAL CA 135 -30.12 -66.59 6.71
N GLU CA 136 -30.62 -66.71 5.48
CA GLU CA 136 -30.65 -65.57 4.57
C GLU CA 136 -31.55 -64.46 5.11
N VAL CA 137 -32.77 -64.80 5.52
CA VAL CA 137 -33.70 -63.76 5.94
C VAL CA 137 -33.24 -63.12 7.26
N LEU CA 138 -32.42 -63.83 8.03
CA LEU CA 138 -31.87 -63.22 9.24
C LEU CA 138 -30.69 -62.33 8.92
N LEU CA 139 -29.84 -62.74 7.99
CA LEU CA 139 -28.70 -61.93 7.61
C LEU CA 139 -29.13 -60.63 6.93
N ARG CA 140 -30.22 -60.69 6.16
CA ARG CA 140 -30.73 -59.48 5.53
C ARG CA 140 -31.42 -58.55 6.53
N SER CA 141 -31.81 -59.06 7.70
CA SER CA 141 -32.52 -58.26 8.68
C SER CA 141 -31.60 -57.62 9.71
N GLY CA 142 -30.31 -57.93 9.68
CA GLY CA 142 -29.36 -57.33 10.60
C GLY CA 142 -28.75 -58.25 11.63
N ALA CA 143 -28.71 -59.55 11.38
CA ALA CA 143 -28.04 -60.45 12.32
C ALA CA 143 -26.52 -60.25 12.24
N SER CA 144 -25.88 -60.34 13.39
CA SER CA 144 -24.45 -60.11 13.49
C SER CA 144 -23.69 -61.42 13.32
N VAL CA 145 -22.92 -61.51 12.23
CA VAL CA 145 -22.19 -62.72 11.89
C VAL CA 145 -21.07 -63.04 12.86
N ASN CA 146 -20.67 -62.10 13.72
CA ASN CA 146 -19.55 -62.30 14.62
C ASN CA 146 -19.95 -62.13 16.07
N ALA CA 147 -21.08 -62.72 16.44
CA ALA CA 147 -21.50 -62.78 17.83
C ALA CA 147 -20.97 -64.06 18.46
N ARG CA 148 -20.67 -64.01 19.75
CA ARG CA 148 -19.99 -65.09 20.44
C ARG CA 148 -20.92 -65.79 21.41
N ASP CA 149 -20.65 -67.08 21.64
CA ASP CA 149 -21.22 -67.86 22.73
C ASP CA 149 -20.45 -67.61 24.02
N ASN CA 150 -20.69 -68.47 25.01
CA ASN CA 150 -19.80 -68.51 26.16
C ASN CA 150 -18.52 -69.26 25.83
N ILE CA 151 -18.63 -70.38 25.11
CA ILE CA 151 -17.43 -71.02 24.58
C ILE CA 151 -16.68 -70.10 23.63
N GLY CA 152 -17.36 -69.14 23.00
CA GLY CA 152 -16.75 -68.24 22.05
C GLY CA 152 -17.06 -68.55 20.61
N HIS CA 153 -17.94 -69.52 20.33
CA HIS CA 153 -18.22 -69.90 18.96
C HIS CA 153 -18.94 -68.79 18.22
N THR CA 154 -18.59 -68.62 16.95
CA THR CA 154 -19.30 -67.75 16.03
C THR CA 154 -20.14 -68.59 15.09
N PRO CA 155 -21.15 -68.01 14.44
CA PRO CA 155 -22.00 -68.82 13.56
C PRO CA 155 -21.24 -69.63 12.53
N LEU CA 156 -20.03 -69.20 12.15
CA LEU CA 156 -19.25 -69.96 11.18
C LEU CA 156 -18.62 -71.19 11.84
N HIS CA 157 -18.23 -71.08 13.12
CA HIS CA 157 -17.80 -72.26 13.86
C HIS CA 157 -18.84 -73.37 13.77
N LEU CA 158 -20.11 -73.03 14.03
CA LEU CA 158 -21.17 -74.02 14.00
C LEU CA 158 -21.48 -74.48 12.59
N ALA CA 159 -21.44 -73.56 11.62
CA ALA CA 159 -21.65 -73.95 10.24
C ALA CA 159 -20.60 -74.94 9.77
N ALA CA 160 -19.36 -74.80 10.25
CA ALA CA 160 -18.29 -75.73 9.88
C ALA CA 160 -18.38 -77.04 10.64
N TRP CA 161 -18.73 -77.00 11.92
CA TRP CA 161 -18.92 -78.23 12.68
C TRP CA 161 -20.04 -79.08 12.08
N ALA CA 162 -21.21 -78.47 11.85
CA ALA CA 162 -22.36 -79.23 11.40
C ALA CA 162 -22.15 -79.80 10.00
N GLY CA 163 -21.38 -79.11 9.16
CA GLY CA 163 -21.14 -79.55 7.81
C GLY CA 163 -22.04 -78.98 6.75
N HIS CA 164 -22.44 -77.72 6.86
CA HIS CA 164 -23.38 -77.09 5.93
C HIS CA 164 -22.62 -76.18 4.97
N LEU CA 165 -22.45 -76.63 3.73
CA LEU CA 165 -21.60 -75.92 2.79
C LEU CA 165 -22.22 -74.60 2.35
N GLU CA 166 -23.49 -74.64 1.94
CA GLU CA 166 -24.15 -73.44 1.43
C GLU CA 166 -24.27 -72.37 2.51
N ILE CA 167 -24.52 -72.79 3.75
CA ILE CA 167 -24.55 -71.83 4.86
C ILE CA 167 -23.17 -71.24 5.09
N VAL CA 168 -22.13 -72.06 4.95
CA VAL CA 168 -20.77 -71.52 5.06
C VAL CA 168 -20.52 -70.47 4.00
N GLU CA 169 -20.99 -70.71 2.78
CA GLU CA 169 -20.83 -69.72 1.72
C GLU CA 169 -21.55 -68.43 2.03
N VAL CA 170 -22.82 -68.49 2.41
CA VAL CA 170 -23.57 -67.27 2.66
C VAL CA 170 -23.01 -66.53 3.87
N LEU CA 171 -22.46 -67.26 4.84
CA LEU CA 171 -21.84 -66.59 5.98
C LEU CA 171 -20.52 -65.94 5.61
N LEU CA 172 -19.77 -66.53 4.67
CA LEU CA 172 -18.53 -65.91 4.22
C LEU CA 172 -18.78 -64.69 3.36
N ALA CA 173 -19.87 -64.67 2.61
CA ALA CA 173 -20.24 -63.50 1.83
C ALA CA 173 -20.62 -62.29 2.69
N TYR CA 174 -21.09 -62.52 3.91
CA TYR CA 174 -21.60 -61.44 4.76
C TYR CA 174 -20.59 -60.94 5.78
N GLY CA 175 -19.36 -61.43 5.73
CA GLY CA 175 -18.30 -60.88 6.54
C GLY CA 175 -17.82 -61.73 7.70
N ALA CA 176 -18.17 -63.01 7.74
CA ALA CA 176 -17.58 -63.89 8.72
C ALA CA 176 -16.11 -64.10 8.41
N ASP CA 177 -15.28 -64.01 9.45
CA ASP CA 177 -13.83 -64.13 9.31
C ASP CA 177 -13.41 -65.58 9.50
N VAL CA 178 -12.39 -66.00 8.75
CA VAL CA 178 -12.05 -67.41 8.75
C VAL CA 178 -11.14 -67.78 9.91
N PHE CA 179 -10.20 -66.91 10.29
CA PHE CA 179 -9.37 -67.22 11.45
C PHE CA 179 -9.84 -66.49 12.70
N ALA CA 180 -11.00 -66.87 13.20
CA ALA CA 180 -11.46 -66.45 14.52
C ALA CA 180 -11.40 -67.65 15.44
N GLN CA 181 -11.12 -67.40 16.72
CA GLN CA 181 -10.93 -68.49 17.66
C GLN CA 181 -12.03 -68.48 18.72
N ASP CA 182 -12.19 -69.62 19.38
CA ASP CA 182 -13.02 -69.75 20.57
C ASP CA 182 -12.11 -69.74 21.79
N LYS CA 183 -12.71 -69.88 22.97
CA LYS CA 183 -11.91 -69.89 24.19
C LYS CA 183 -10.85 -70.98 24.18
N PHE CA 184 -11.15 -72.13 23.59
CA PHE CA 184 -10.21 -73.23 23.58
C PHE CA 184 -9.19 -73.15 22.44
N GLY CA 185 -9.26 -72.13 21.61
CA GLY CA 185 -8.20 -71.84 20.66
C GLY CA 185 -8.41 -72.33 19.24
N LYS CA 186 -9.59 -72.84 18.90
CA LYS CA 186 -9.81 -73.43 17.59
C LYS CA 186 -10.49 -72.46 16.63
N THR CA 187 -10.12 -72.57 15.37
CA THR CA 187 -10.70 -71.85 14.25
C THR CA 187 -11.65 -72.76 13.49
N PRO CA 188 -12.60 -72.21 12.73
CA PRO CA 188 -13.53 -73.06 11.98
C PRO CA 188 -12.88 -74.15 11.17
N PHE CA 189 -11.67 -73.92 10.66
CA PHE CA 189 -10.97 -74.97 9.94
C PHE CA 189 -10.64 -76.16 10.83
N ASP CA 190 -10.37 -75.90 12.11
CA ASP CA 190 -10.09 -77.01 13.02
C ASP CA 190 -11.34 -77.83 13.31
N LEU CA 191 -12.45 -77.16 13.63
CA LEU CA 191 -13.70 -77.88 13.81
C LEU CA 191 -14.12 -78.60 12.54
N ALA CA 192 -13.64 -78.13 11.38
CA ALA CA 192 -13.96 -78.80 10.13
C ALA CA 192 -13.09 -80.03 9.92
N ILE CA 193 -11.82 -79.98 10.32
CA ILE CA 193 -10.93 -81.09 10.04
C ILE CA 193 -11.01 -82.17 11.10
N ASP CA 194 -11.47 -81.83 12.30
CA ASP CA 194 -11.62 -82.85 13.34
C ASP CA 194 -12.97 -83.55 13.32
N ASN CA 195 -13.79 -83.32 12.30
CA ASN CA 195 -15.12 -83.90 12.22
C ASN CA 195 -15.39 -84.56 10.87
N GLY CA 196 -14.37 -84.70 10.03
CA GLY CA 196 -14.56 -85.32 8.74
C GLY CA 196 -15.30 -84.48 7.71
N ASN CA 197 -15.79 -83.31 8.08
CA ASN CA 197 -16.36 -82.38 7.11
C ASN CA 197 -15.27 -81.92 6.18
N GLU CA 198 -15.29 -82.41 4.93
CA GLU CA 198 -14.15 -82.31 4.04
C GLU CA 198 -14.09 -81.03 3.24
N ASP CA 199 -15.21 -80.56 2.67
CA ASP CA 199 -15.13 -79.47 1.72
C ASP CA 199 -15.16 -78.12 2.40
N ILE CA 200 -15.80 -78.04 3.56
CA ILE CA 200 -15.66 -76.85 4.40
C ILE CA 200 -14.18 -76.57 4.62
N ALA CA 201 -13.42 -77.61 4.96
CA ALA CA 201 -11.99 -77.47 5.15
C ALA CA 201 -11.30 -76.97 3.90
N GLU CA 202 -11.69 -77.45 2.72
CA GLU CA 202 -11.02 -77.03 1.49
C GLU CA 202 -11.29 -75.57 1.17
N VAL CA 203 -12.56 -75.16 1.23
CA VAL CA 203 -12.88 -73.78 0.90
C VAL CA 203 -12.45 -72.80 1.98
N LEU CA 204 -12.13 -73.28 3.18
CA LEU CA 204 -11.53 -72.37 4.16
C LEU CA 204 -10.01 -72.34 4.05
N GLN CA 205 -9.40 -73.46 3.65
CA GLN CA 205 -7.97 -73.49 3.40
C GLN CA 205 -7.59 -72.59 2.24
N ARG CA 206 -8.42 -72.56 1.20
CA ARG CA 206 -8.13 -71.67 0.08
C ARG CA 206 -8.05 -70.21 0.53
N LEU CA 207 -8.94 -69.80 1.45
CA LEU CA 207 -8.94 -68.41 1.90
C LEU CA 207 -7.76 -68.12 2.82
N LEU CA 208 -7.49 -69.03 3.76
CA LEU CA 208 -6.30 -68.88 4.58
C LEU CA 208 -5.04 -68.72 3.73
N GLU CA 209 -4.94 -69.52 2.67
CA GLU CA 209 -3.77 -69.46 1.82
C GLU CA 209 -3.71 -68.18 1.00
N CYS CA 210 -4.85 -67.70 0.51
CA CYS CA 210 -4.86 -66.42 -0.20
C CYS CA 210 -4.35 -65.30 0.68
N ARG CA 211 -4.83 -65.23 1.93
CA ARG CA 211 -4.36 -64.17 2.80
C ARG CA 211 -2.87 -64.29 3.11
N ARG CA 212 -2.40 -65.50 3.40
CA ARG CA 212 -0.98 -65.70 3.67
C ARG CA 212 -0.11 -65.29 2.49
N ASP CA 213 -0.51 -65.67 1.27
CA ASP CA 213 0.30 -65.38 0.09
C ASP CA 213 0.32 -63.90 -0.25
N ALA CA 214 -0.81 -63.20 -0.08
CA ALA CA 214 -0.78 -61.78 -0.31
C ALA CA 214 0.13 -61.06 0.69
N GLU CA 215 0.09 -61.46 1.96
CA GLU CA 215 0.99 -60.90 2.94
C GLU CA 215 2.45 -61.09 2.53
N ALA CA 216 2.81 -62.32 2.15
CA ALA CA 216 4.18 -62.60 1.73
C ALA CA 216 4.61 -61.79 0.52
N ALA CA 217 3.77 -61.66 -0.49
CA ALA CA 217 4.13 -60.89 -1.67
C ALA CA 217 4.31 -59.40 -1.37
N ILE CA 218 3.51 -58.84 -0.46
CA ILE CA 218 3.73 -57.44 -0.12
C ILE CA 218 5.04 -57.25 0.62
N ASN CA 219 5.40 -58.20 1.49
CA ASN CA 219 6.72 -58.11 2.12
C ASN CA 219 7.84 -58.16 1.10
N TYR CA 220 7.73 -59.05 0.11
CA TYR CA 220 8.79 -59.15 -0.89
C TYR CA 220 8.88 -57.87 -1.73
N GLN CA 221 7.75 -57.22 -2.00
CA GLN CA 221 7.81 -55.97 -2.74
C GLN CA 221 8.46 -54.86 -1.94
N ILE CA 222 8.21 -54.83 -0.63
CA ILE CA 222 8.91 -53.85 0.22
C ILE CA 222 10.42 -54.04 0.13
N ASN CA 223 10.87 -55.29 0.24
CA ASN CA 223 12.32 -55.54 0.14
C ASN CA 223 12.87 -55.16 -1.22
N LEU CA 224 12.13 -55.42 -2.29
CA LEU CA 224 12.63 -55.10 -3.62
C LEU CA 224 12.78 -53.60 -3.84
N GLU CA 225 11.83 -52.80 -3.33
CA GLU CA 225 11.98 -51.36 -3.50
C GLU CA 225 13.11 -50.81 -2.63
N LEU CA 226 13.32 -51.36 -1.44
CA LEU CA 226 14.48 -50.93 -0.65
C LEU CA 226 15.79 -51.25 -1.34
N TYR CA 227 15.88 -52.42 -1.98
CA TYR CA 227 17.07 -52.76 -2.75
C TYR CA 227 17.28 -51.82 -3.93
N ALA CA 228 16.22 -51.49 -4.65
CA ALA CA 228 16.36 -50.53 -5.75
C ALA CA 228 16.85 -49.18 -5.27
N SER CA 229 16.34 -48.71 -4.14
CA SER CA 229 16.81 -47.45 -3.57
C SER CA 229 18.30 -47.49 -3.27
N TYR CA 230 18.78 -48.60 -2.71
CA TYR CA 230 20.20 -48.75 -2.43
C TYR CA 230 21.04 -48.77 -3.71
N VAL CA 231 20.55 -49.43 -4.76
CA VAL CA 231 21.29 -49.46 -6.03
C VAL CA 231 21.41 -48.07 -6.61
N TYR CA 232 20.34 -47.27 -6.55
CA TYR CA 232 20.42 -45.91 -7.07
C TYR CA 232 21.36 -45.05 -6.26
N LEU CA 233 21.43 -45.25 -4.95
CA LEU CA 233 22.39 -44.49 -4.14
C LEU CA 233 23.82 -44.80 -4.56
N SER CA 234 24.12 -46.08 -4.78
CA SER CA 234 25.44 -46.45 -5.29
C SER CA 234 25.73 -45.77 -6.63
N MET CA 235 24.80 -45.90 -7.59
CA MET CA 235 24.96 -45.25 -8.88
C MET CA 235 25.25 -43.76 -8.74
N SER CA 236 24.49 -43.07 -7.90
CA SER CA 236 24.66 -41.64 -7.73
C SER CA 236 26.03 -41.26 -7.20
N TYR CA 237 26.53 -41.96 -6.19
CA TYR CA 237 27.85 -41.60 -5.68
C TYR CA 237 28.98 -42.16 -6.51
N TYR CA 238 28.70 -42.92 -7.57
CA TYR CA 238 29.74 -43.22 -8.54
C TYR CA 238 30.10 -42.01 -9.39
N PHE CA 239 29.10 -41.26 -9.85
CA PHE CA 239 29.33 -40.11 -10.71
C PHE CA 239 29.86 -38.90 -9.95
N ASP CA 240 30.18 -39.05 -8.68
CA ASP CA 240 30.69 -37.96 -7.86
C ASP CA 240 32.18 -38.06 -7.65
N ARG CA 241 32.80 -39.17 -8.03
CA ARG CA 241 34.25 -39.30 -7.98
C ARG CA 241 34.89 -38.21 -8.83
N ASP CA 242 36.18 -37.95 -8.65
CA ASP CA 242 36.81 -36.92 -9.46
C ASP CA 242 37.46 -37.45 -10.71
N ASP CA 243 37.47 -38.78 -10.91
CA ASP CA 243 37.75 -39.30 -12.23
C ASP CA 243 36.48 -39.59 -13.00
N VAL CA 244 35.33 -39.30 -12.41
CA VAL CA 244 34.03 -39.32 -13.10
C VAL CA 244 33.33 -38.03 -12.69
N ALA CA 245 33.53 -36.95 -13.43
CA ALA CA 245 33.09 -35.64 -12.96
C ALA CA 245 31.79 -35.20 -13.63
N LEU CA 246 30.72 -35.94 -13.36
CA LEU CA 246 29.41 -35.63 -13.92
C LEU CA 246 28.41 -35.38 -12.79
N LYS CA 247 27.98 -34.14 -12.66
CA LYS CA 247 27.19 -33.70 -11.50
C LYS CA 247 25.70 -33.93 -11.66
N ASN CA 248 25.19 -33.82 -12.88
CA ASN CA 248 23.75 -33.93 -13.06
C ASN CA 248 23.31 -35.38 -13.17
N PHE CA 249 24.17 -36.26 -13.65
CA PHE CA 249 23.96 -37.69 -13.46
C PHE CA 249 23.81 -38.04 -11.98
N ALA CA 250 24.65 -37.43 -11.14
CA ALA CA 250 24.60 -37.66 -9.70
C ALA CA 250 23.29 -37.16 -9.10
N LYS CA 251 22.87 -35.94 -9.44
CA LYS CA 251 21.59 -35.45 -8.93
C LYS CA 251 20.43 -36.31 -9.40
N TYR CA 252 20.44 -36.70 -10.67
CA TYR CA 252 19.41 -37.60 -11.20
C TYR CA 252 19.28 -38.84 -10.35
N PHE CA 253 20.37 -39.58 -10.16
CA PHE CA 253 20.25 -40.84 -9.45
C PHE CA 253 19.98 -40.66 -7.96
N LEU CA 254 20.37 -39.54 -7.35
CA LEU CA 254 19.95 -39.32 -5.97
C LEU CA 254 18.44 -39.09 -5.86
N HIS CA 255 17.87 -38.34 -6.80
CA HIS CA 255 16.42 -38.16 -6.81
C HIS CA 255 15.70 -39.49 -6.94
N GLN CA 256 16.17 -40.35 -7.84
CA GLN CA 256 15.53 -41.67 -7.96
C GLN CA 256 15.69 -42.48 -6.69
N SER CA 257 16.85 -42.40 -6.04
CA SER CA 257 17.06 -43.09 -4.77
C SER CA 257 16.04 -42.70 -3.72
N HIS CA 258 15.66 -41.42 -3.65
CA HIS CA 258 14.68 -41.04 -2.63
C HIS CA 258 13.26 -41.40 -3.00
N GLU CA 259 12.91 -41.29 -4.28
CA GLU CA 259 11.59 -41.70 -4.73
C GLU CA 259 11.33 -43.17 -4.43
N GLU CA 260 12.35 -44.01 -4.63
CA GLU CA 260 12.15 -45.44 -4.38
C GLU CA 260 11.97 -45.78 -2.91
N ARG CA 261 12.36 -44.90 -1.99
CA ARG CA 261 12.06 -45.16 -0.59
C ARG CA 261 10.67 -44.71 -0.22
N GLU CA 262 10.21 -43.61 -0.81
CA GLU CA 262 8.79 -43.28 -0.68
C GLU CA 262 7.91 -44.41 -1.17
N HIS CA 263 8.28 -45.05 -2.28
CA HIS CA 263 7.50 -46.18 -2.80
C HIS CA 263 7.36 -47.30 -1.77
N ALA CA 264 8.42 -47.62 -1.04
CA ALA CA 264 8.36 -48.73 -0.10
C ALA CA 264 7.62 -48.37 1.17
N GLU CA 265 7.74 -47.11 1.63
CA GLU CA 265 6.95 -46.70 2.78
C GLU CA 265 5.46 -46.73 2.48
N LYS CA 266 5.06 -46.45 1.23
CA LYS CA 266 3.66 -46.59 0.88
C LYS CA 266 3.16 -48.01 1.08
N LEU CA 267 3.97 -49.00 0.71
CA LEU CA 267 3.54 -50.39 0.86
C LEU CA 267 3.54 -50.81 2.32
N MET CA 268 4.45 -50.28 3.14
CA MET CA 268 4.40 -50.54 4.57
C MET CA 268 3.11 -50.03 5.18
N LYS CA 269 2.76 -48.78 4.86
CA LYS CA 269 1.51 -48.23 5.34
C LYS CA 269 0.32 -49.08 4.88
N LEU CA 270 0.32 -49.48 3.61
CA LEU CA 270 -0.74 -50.36 3.13
C LEU CA 270 -0.86 -51.62 3.97
N GLN CA 271 0.25 -52.30 4.23
CA GLN CA 271 0.16 -53.55 4.96
C GLN CA 271 -0.26 -53.34 6.40
N ASN CA 272 -0.01 -52.16 6.96
CA ASN CA 272 -0.57 -51.89 8.28
C ASN CA 272 -2.07 -51.62 8.22
N GLN CA 273 -2.55 -51.04 7.12
CA GLN CA 273 -3.99 -50.81 6.97
C GLN CA 273 -4.76 -52.11 6.80
N ARG CA 274 -4.13 -53.15 6.27
CA ARG CA 274 -4.82 -54.40 6.03
C ARG CA 274 -4.84 -55.31 7.25
N GLY CA 275 -4.07 -55.02 8.28
CA GLY CA 275 -3.97 -55.87 9.44
C GLY CA 275 -2.92 -56.94 9.36
N GLY CA 276 -2.00 -56.87 8.40
CA GLY CA 276 -0.95 -57.84 8.26
C GLY CA 276 0.27 -57.47 9.06
N GLU CA 277 1.30 -58.32 8.94
CA GLU CA 277 2.53 -58.17 9.70
C GLU CA 277 3.69 -57.86 8.78
N ILE CA 278 4.30 -56.70 8.96
CA ILE CA 278 5.52 -56.37 8.25
C ILE CA 278 6.67 -57.19 8.83
N SER CA 279 7.45 -57.81 7.95
CA SER CA 279 8.63 -58.55 8.37
C SER CA 279 9.79 -58.13 7.48
N LEU CA 280 10.61 -57.22 7.99
CA LEU CA 280 11.71 -56.65 7.23
C LEU CA 280 12.86 -57.64 7.18
N GLN CA 281 13.68 -57.54 6.14
CA GLN CA 281 14.76 -58.49 5.90
C GLN CA 281 16.03 -57.78 5.48
N SER CA 282 17.03 -58.56 5.12
CA SER CA 282 18.35 -58.06 4.80
C SER CA 282 18.33 -57.48 3.39
N ILE CA 283 19.07 -56.39 3.18
CA ILE CA 283 19.13 -55.75 1.86
C ILE CA 283 20.47 -56.07 1.23
N SER CA 284 20.44 -56.75 0.08
CA SER CA 284 21.67 -57.09 -0.61
C SER CA 284 22.39 -55.84 -1.09
N SER CA 285 23.68 -55.97 -1.31
CA SER CA 285 24.42 -54.85 -1.85
C SER CA 285 24.37 -54.88 -3.36
N PRO CA 286 24.44 -53.73 -4.02
CA PRO CA 286 24.39 -53.71 -5.48
C PRO CA 286 25.50 -54.55 -6.08
N ASP CA 287 25.28 -54.99 -7.32
CA ASP CA 287 26.20 -55.95 -7.91
C ASP CA 287 27.52 -55.31 -8.29
N SER CA 288 27.51 -54.01 -8.57
CA SER CA 288 28.71 -53.32 -9.01
C SER CA 288 28.98 -52.15 -8.07
N ASP CA 289 30.25 -51.79 -7.97
CA ASP CA 289 30.66 -50.50 -7.42
C ASP CA 289 31.14 -49.56 -8.52
N ASP CA 290 31.49 -50.11 -9.68
CA ASP CA 290 32.01 -49.36 -10.82
C ASP CA 290 31.03 -49.54 -11.97
N TRP CA 291 30.20 -48.53 -12.19
CA TRP CA 291 29.30 -48.50 -13.33
C TRP CA 291 29.98 -47.77 -14.47
N GLU CA 292 30.46 -48.54 -15.46
CA GLU CA 292 31.56 -48.09 -16.31
C GLU CA 292 31.35 -46.69 -16.89
N SER CA 293 30.12 -46.33 -17.24
CA SER CA 293 29.88 -45.05 -17.88
C SER CA 293 28.44 -44.63 -17.62
N GLY CA 294 28.07 -43.47 -18.18
CA GLY CA 294 26.70 -43.01 -18.06
C GLY CA 294 25.71 -43.84 -18.86
N LEU CA 295 26.10 -44.28 -20.04
CA LEU CA 295 25.27 -45.17 -20.83
C LEU CA 295 24.99 -46.49 -20.11
N ASN CA 296 26.04 -47.14 -19.61
CA ASN CA 296 25.88 -48.41 -18.92
C ASN CA 296 25.05 -48.29 -17.65
N ALA CA 297 25.22 -47.21 -16.89
CA ALA CA 297 24.37 -46.96 -15.74
C ALA CA 297 22.92 -46.74 -16.12
N MET CA 298 22.64 -45.99 -17.19
CA MET CA 298 21.26 -45.83 -17.62
C MET CA 298 20.65 -47.16 -18.05
N GLU CA 299 21.42 -48.03 -18.72
CA GLU CA 299 20.88 -49.32 -19.12
C GLU CA 299 20.62 -50.23 -17.92
N SER CA 300 21.48 -50.17 -16.92
CA SER CA 300 21.25 -50.94 -15.71
C SER CA 300 20.01 -50.46 -14.97
N ALA CA 301 19.82 -49.14 -14.89
CA ALA CA 301 18.58 -48.62 -14.30
C ALA CA 301 17.37 -49.09 -15.07
N LEU CA 302 17.47 -49.17 -16.40
CA LEU CA 302 16.33 -49.64 -17.20
C LEU CA 302 15.99 -51.09 -16.89
N HIS CA 303 16.98 -51.96 -16.82
CA HIS CA 303 16.69 -53.35 -16.46
C HIS CA 303 16.13 -53.47 -15.05
N LEU CA 304 16.61 -52.66 -14.11
CA LEU CA 304 16.08 -52.72 -12.75
C LEU CA 304 14.62 -52.29 -12.71
N GLU CA 305 14.26 -51.23 -13.41
CA GLU CA 305 12.87 -50.80 -13.45
C GLU CA 305 11.98 -51.87 -14.09
N LYS CA 306 12.49 -52.55 -15.11
CA LYS CA 306 11.68 -53.62 -15.72
C LYS CA 306 11.46 -54.79 -14.76
N ALA CA 307 12.48 -55.15 -13.98
CA ALA CA 307 12.30 -56.22 -13.00
C ALA CA 307 11.27 -55.84 -11.94
N VAL CA 308 11.34 -54.61 -11.45
CA VAL CA 308 10.35 -54.14 -10.47
C VAL CA 308 8.95 -54.21 -11.06
N ASN CA 309 8.78 -53.80 -12.31
CA ASN CA 309 7.47 -53.84 -12.94
C ASN CA 309 6.95 -55.26 -13.09
N ALA CA 310 7.83 -56.20 -13.42
CA ALA CA 310 7.41 -57.60 -13.49
C ALA CA 310 6.89 -58.09 -12.15
N SER CA 311 7.58 -57.76 -11.05
CA SER CA 311 7.07 -58.17 -9.74
C SER CA 311 5.71 -57.56 -9.45
N LEU CA 312 5.51 -56.29 -9.80
CA LEU CA 312 4.19 -55.69 -9.60
C LEU CA 312 3.12 -56.42 -10.38
N LEU CA 313 3.40 -56.82 -11.62
CA LEU CA 313 2.40 -57.56 -12.40
C LEU CA 313 2.08 -58.91 -11.77
N ARG CA 314 3.09 -59.60 -11.24
CA ARG CA 314 2.82 -60.89 -10.59
C ARG CA 314 1.93 -60.70 -9.36
N LEU CA 315 2.21 -59.67 -8.56
CA LEU CA 315 1.39 -59.41 -7.39
C LEU CA 315 -0.02 -59.02 -7.77
N HIS CA 316 -0.19 -58.30 -8.88
CA HIS CA 316 -1.54 -57.94 -9.31
C HIS CA 316 -2.32 -59.17 -9.75
N LYS CA 317 -1.68 -60.08 -10.49
CA LYS CA 317 -2.38 -61.29 -10.86
C LYS CA 317 -2.76 -62.12 -9.64
N LEU CA 318 -1.88 -62.16 -8.64
CA LEU CA 318 -2.21 -62.85 -7.39
C LEU CA 318 -3.42 -62.23 -6.71
N ALA CA 319 -3.44 -60.90 -6.58
CA ALA CA 319 -4.58 -60.24 -5.95
C ALA CA 319 -5.85 -60.38 -6.77
N THR CA 320 -5.73 -60.64 -8.06
CA THR CA 320 -6.91 -60.87 -8.88
C THR CA 320 -7.46 -62.28 -8.68
N ASP CA 321 -6.57 -63.26 -8.52
CA ASP CA 321 -7.05 -64.62 -8.30
C ASP CA 321 -7.83 -64.74 -7.00
N CYS CA 322 -7.38 -64.06 -5.95
CA CYS CA 322 -8.01 -64.20 -4.64
C CYS CA 322 -9.09 -63.17 -4.36
N ASN CA 323 -9.67 -62.56 -5.39
CA ASN CA 323 -10.83 -61.70 -5.25
C ASN CA 323 -10.59 -60.59 -4.22
N ASP CA 324 -9.68 -59.68 -4.53
CA ASP CA 324 -9.26 -58.64 -3.61
C ASP CA 324 -9.31 -57.28 -4.32
N PRO CA 325 -10.49 -56.72 -4.57
CA PRO CA 325 -10.58 -55.49 -5.38
C PRO CA 325 -9.75 -54.33 -4.89
N HIS CA 326 -9.62 -54.12 -3.58
CA HIS CA 326 -8.90 -52.95 -3.08
C HIS CA 326 -7.40 -53.06 -3.34
N LEU CA 327 -6.83 -54.26 -3.23
CA LEU CA 327 -5.42 -54.42 -3.53
C LEU CA 327 -5.13 -54.17 -5.00
N CYS CA 328 -5.97 -54.69 -5.90
CA CYS CA 328 -5.79 -54.44 -7.32
C CYS CA 328 -5.90 -52.96 -7.64
N ASP CA 329 -6.92 -52.30 -7.09
CA ASP CA 329 -7.07 -50.86 -7.31
C ASP CA 329 -5.86 -50.09 -6.81
N PHE CA 330 -5.35 -50.45 -5.63
CA PHE CA 330 -4.16 -49.79 -5.09
C PHE CA 330 -2.96 -49.96 -6.01
N ILE CA 331 -2.73 -51.18 -6.47
CA ILE CA 331 -1.56 -51.46 -7.31
C ILE CA 331 -1.64 -50.69 -8.62
N GLU CA 332 -2.79 -50.73 -9.28
CA GLU CA 332 -2.83 -50.02 -10.56
C GLU CA 332 -3.00 -48.52 -10.42
N THR CA 333 -3.41 -48.01 -9.26
CA THR CA 333 -3.50 -46.57 -9.10
C THR CA 333 -2.16 -45.95 -8.77
N HIS CA 334 -1.35 -46.60 -7.93
CA HIS CA 334 -0.14 -45.93 -7.47
C HIS CA 334 1.13 -46.46 -8.12
N TYR CA 335 1.08 -47.60 -8.79
CA TYR CA 335 2.32 -48.26 -9.16
C TYR CA 335 2.44 -48.60 -10.63
N LEU CA 336 1.33 -48.82 -11.34
CA LEU CA 336 1.48 -49.29 -12.72
C LEU CA 336 1.65 -48.17 -13.71
N ASN CA 337 1.27 -46.94 -13.40
CA ASN CA 337 1.48 -45.87 -14.35
C ASN CA 337 2.81 -45.17 -14.15
N GLU CA 338 3.41 -45.29 -12.97
CA GLU CA 338 4.74 -44.73 -12.76
C GLU CA 338 5.82 -45.58 -13.41
N GLN CA 339 5.65 -46.90 -13.39
CA GLN CA 339 6.63 -47.77 -14.02
C GLN CA 339 6.66 -47.58 -15.53
N VAL CA 340 5.49 -47.38 -16.16
CA VAL CA 340 5.43 -47.16 -17.58
C VAL CA 340 6.16 -45.88 -17.97
N LYS CA 341 5.97 -44.81 -17.21
CA LYS CA 341 6.63 -43.55 -17.48
C LYS CA 341 8.13 -43.63 -17.22
N ALA CA 342 8.55 -44.32 -16.15
CA ALA CA 342 9.97 -44.53 -15.91
C ALA CA 342 10.63 -45.30 -17.03
N ILE CA 343 10.03 -46.37 -17.52
CA ILE CA 343 10.62 -47.15 -18.59
C ILE CA 343 10.69 -46.35 -19.87
N LYS CA 344 9.64 -45.58 -20.19
CA LYS CA 344 9.68 -44.75 -21.39
C LYS CA 344 10.80 -43.72 -21.31
N GLU CA 345 10.94 -43.06 -20.17
CA GLU CA 345 11.96 -42.03 -20.02
C GLU CA 345 13.36 -42.60 -20.07
N LEU CA 346 13.60 -43.72 -19.41
CA LEU CA 346 14.94 -44.29 -19.42
C LEU CA 346 15.33 -44.86 -20.78
N GLY CA 347 14.38 -45.39 -21.54
CA GLY CA 347 14.68 -45.77 -22.90
C GLY CA 347 14.96 -44.59 -23.81
N ASP CA 348 14.26 -43.47 -23.58
CA ASP CA 348 14.60 -42.24 -24.29
C ASP CA 348 16.03 -41.81 -24.02
N HIS CA 349 16.43 -41.78 -22.74
CA HIS CA 349 17.81 -41.42 -22.39
C HIS CA 349 18.80 -42.34 -23.07
N VAL CA 350 18.54 -43.64 -23.09
CA VAL CA 350 19.49 -44.56 -23.70
C VAL CA 350 19.62 -44.33 -25.20
N THR CA 351 18.51 -44.13 -25.92
CA THR CA 351 18.69 -43.90 -27.34
C THR CA 351 19.32 -42.55 -27.65
N ASN CA 352 19.02 -41.51 -26.87
CA ASN CA 352 19.71 -40.24 -27.07
C ASN CA 352 21.21 -40.39 -26.88
N LEU CA 353 21.63 -41.01 -25.78
CA LEU CA 353 23.05 -41.20 -25.54
C LEU CA 353 23.70 -42.04 -26.62
N ARG CA 354 23.03 -43.08 -27.09
CA ARG CA 354 23.63 -43.92 -28.12
C ARG CA 354 23.76 -43.18 -29.45
N LYS CA 355 22.79 -42.34 -29.80
CA LYS CA 355 22.88 -41.61 -31.05
C LYS CA 355 23.95 -40.53 -30.99
N MET CA 356 24.02 -39.77 -29.89
CA MET CA 356 25.06 -38.75 -29.76
C MET CA 356 26.47 -39.31 -29.89
N GLY CA 357 26.67 -40.60 -29.66
CA GLY CA 357 27.96 -41.23 -29.87
C GLY CA 357 28.62 -41.80 -28.63
N ALA CA 358 27.96 -41.83 -27.49
CA ALA CA 358 28.55 -42.40 -26.29
C ALA CA 358 28.65 -43.91 -26.43
N PRO CA 359 29.49 -44.58 -25.62
CA PRO CA 359 30.40 -44.11 -24.57
C PRO CA 359 31.77 -43.77 -25.10
N GLU CA 360 32.04 -44.15 -26.35
CA GLU CA 360 33.32 -43.90 -26.98
C GLU CA 360 33.54 -42.43 -27.32
N SER CA 361 32.66 -41.55 -26.86
CA SER CA 361 32.79 -40.12 -27.12
C SER CA 361 32.60 -39.35 -25.82
N GLY CA 362 33.69 -38.77 -25.32
CA GLY CA 362 33.56 -37.60 -24.50
C GLY CA 362 33.08 -36.44 -25.35
N LEU CA 363 32.40 -35.49 -24.70
CA LEU CA 363 31.61 -34.43 -25.33
C LEU CA 363 30.25 -34.95 -25.75
N ALA CA 364 29.99 -36.24 -25.56
CA ALA CA 364 28.62 -36.73 -25.71
C ALA CA 364 27.95 -36.79 -24.35
N GLU CA 365 28.63 -37.40 -23.38
CA GLU CA 365 28.09 -37.44 -22.03
C GLU CA 365 28.23 -36.09 -21.34
N TYR CA 366 29.25 -35.31 -21.66
CA TYR CA 366 29.34 -33.96 -21.13
C TYR CA 366 28.13 -33.12 -21.55
N LEU CA 367 27.80 -33.14 -22.84
CA LEU CA 367 26.70 -32.31 -23.32
C LEU CA 367 25.34 -32.89 -22.98
N PHE CA 368 25.21 -34.21 -22.89
CA PHE CA 368 23.99 -34.79 -22.34
C PHE CA 368 23.77 -34.34 -20.91
N ASP CA 369 24.80 -34.46 -20.08
CA ASP CA 369 24.74 -34.01 -18.69
C ASP CA 369 24.38 -32.55 -18.58
N LYS CA 370 24.87 -31.72 -19.50
CA LYS CA 370 24.58 -30.30 -19.45
C LYS CA 370 23.17 -29.97 -19.90
N HIS CA 371 22.70 -30.56 -20.99
CA HIS CA 371 21.50 -30.11 -21.68
C HIS CA 371 20.24 -30.88 -21.29
N THR CA 372 20.36 -32.17 -21.02
CA THR CA 372 19.17 -32.97 -20.75
C THR CA 372 18.94 -33.17 -19.27
N LEU CA 373 20.01 -33.37 -18.51
CA LEU CA 373 19.88 -33.66 -17.09
C LEU CA 373 19.98 -32.41 -16.22
N GLY CA 374 20.28 -31.26 -16.82
CA GLY CA 374 20.40 -30.03 -16.06
C GLY CA 374 19.91 -28.81 -16.79
N SER DA 2 -31.37 -100.72 13.86
CA SER DA 2 -32.34 -99.86 13.20
C SER DA 2 -33.07 -98.96 14.20
N LYS DA 3 -33.55 -99.56 15.30
CA LYS DA 3 -34.36 -98.81 16.25
C LYS DA 3 -33.51 -97.98 17.20
N GLY DA 4 -32.38 -98.52 17.66
CA GLY DA 4 -31.60 -97.84 18.68
C GLY DA 4 -31.11 -96.46 18.27
N GLU DA 5 -30.95 -96.25 16.97
CA GLU DA 5 -30.48 -94.96 16.48
C GLU DA 5 -31.60 -93.96 16.23
N GLU DA 6 -32.83 -94.43 16.11
CA GLU DA 6 -33.95 -93.55 15.77
C GLU DA 6 -34.34 -92.65 16.93
N LEU DA 7 -34.19 -93.13 18.16
CA LEU DA 7 -34.75 -92.47 19.34
C LEU DA 7 -34.18 -91.09 19.61
N PHE DA 8 -33.24 -90.60 18.80
CA PHE DA 8 -32.64 -89.28 18.98
C PHE DA 8 -32.83 -88.39 17.76
N THR DA 9 -33.97 -88.52 17.08
CA THR DA 9 -34.19 -87.78 15.84
C THR DA 9 -34.26 -86.27 16.07
N GLY DA 10 -34.64 -85.84 17.27
CA GLY DA 10 -34.84 -84.42 17.52
C GLY DA 10 -34.35 -83.99 18.88
N VAL DA 11 -34.93 -82.90 19.39
CA VAL DA 11 -34.60 -82.41 20.72
C VAL DA 11 -35.08 -83.42 21.75
N VAL DA 12 -34.45 -83.42 22.93
CA VAL DA 12 -34.82 -84.29 24.03
C VAL DA 12 -34.75 -83.47 25.31
N PRO DA 13 -35.87 -83.28 26.02
CA PRO DA 13 -35.80 -82.68 27.35
C PRO DA 13 -35.20 -83.65 28.36
N ILE DA 14 -34.53 -83.09 29.36
CA ILE DA 14 -33.76 -83.88 30.31
C ILE DA 14 -34.19 -83.50 31.73
N LEU DA 15 -34.13 -84.47 32.63
CA LEU DA 15 -34.39 -84.29 34.05
C LEU DA 15 -33.39 -85.15 34.81
N VAL DA 16 -32.43 -84.51 35.48
CA VAL DA 16 -31.32 -85.24 36.08
C VAL DA 16 -31.38 -85.08 37.59
N GLU DA 17 -31.53 -86.21 38.29
CA GLU DA 17 -31.57 -86.22 39.74
C GLU DA 17 -30.36 -86.99 40.25
N LEU DA 18 -29.68 -86.40 41.24
CA LEU DA 18 -28.50 -87.00 41.83
C LEU DA 18 -28.60 -86.87 43.35
N ASP DA 19 -28.50 -88.00 44.04
CA ASP DA 19 -28.55 -88.01 45.50
C ASP DA 19 -27.25 -88.58 46.04
N GLY DA 20 -26.52 -87.76 46.77
CA GLY DA 20 -25.16 -88.12 47.18
C GLY DA 20 -24.95 -87.97 48.68
N ASP DA 21 -24.09 -88.83 49.21
CA ASP DA 21 -23.63 -88.77 50.59
C ASP DA 21 -22.11 -88.68 50.61
N VAL DA 22 -21.59 -87.55 51.11
CA VAL DA 22 -20.15 -87.31 51.17
C VAL DA 22 -19.80 -86.81 52.57
N ASN DA 23 -19.28 -87.71 53.41
CA ASN DA 23 -18.75 -87.37 54.73
C ASN DA 23 -19.77 -86.59 55.57
N GLY DA 24 -20.94 -87.18 55.76
CA GLY DA 24 -22.00 -86.57 56.52
C GLY DA 24 -22.79 -85.53 55.74
N HIS DA 25 -22.36 -85.21 54.53
CA HIS DA 25 -23.05 -84.22 53.71
C HIS DA 25 -24.01 -84.94 52.76
N LYS DA 26 -25.31 -84.85 53.02
CA LYS DA 26 -26.32 -85.33 52.10
C LYS DA 26 -26.70 -84.22 51.14
N PHE DA 27 -26.92 -84.58 49.88
CA PHE DA 27 -27.31 -83.56 48.91
C PHE DA 27 -28.15 -84.20 47.82
N SER DA 28 -29.13 -83.41 47.35
CA SER DA 28 -29.91 -83.72 46.16
C SER DA 28 -29.66 -82.63 45.13
N VAL DA 29 -29.54 -83.03 43.88
CA VAL DA 29 -29.27 -82.12 42.78
C VAL DA 29 -30.29 -82.42 41.68
N ARG DA 30 -30.95 -81.37 41.20
CA ARG DA 30 -31.82 -81.47 40.03
C ARG DA 30 -31.29 -80.57 38.92
N GLY DA 31 -31.23 -81.13 37.72
CA GLY DA 31 -30.79 -80.40 36.55
C GLY DA 31 -31.80 -80.47 35.42
N GLU DA 32 -32.03 -79.32 34.79
CA GLU DA 32 -33.05 -79.15 33.77
C GLU DA 32 -32.42 -78.57 32.51
N GLY DA 33 -32.77 -79.13 31.37
CA GLY DA 33 -32.27 -78.63 30.10
C GLY DA 33 -32.70 -79.53 28.96
N GLU DA 34 -32.01 -79.39 27.83
CA GLU DA 34 -32.33 -80.16 26.64
C GLU DA 34 -31.07 -80.54 25.87
N GLY DA 35 -31.21 -81.58 25.04
CA GLY DA 35 -30.09 -82.04 24.24
C GLY DA 35 -30.45 -82.55 22.86
N ASP DA 36 -29.46 -82.55 21.97
CA ASP DA 36 -29.61 -83.11 20.62
C ASP DA 36 -28.38 -83.93 20.32
N ALA DA 37 -28.60 -85.16 19.82
CA ALA DA 37 -27.52 -86.04 19.42
C ALA DA 37 -27.00 -85.74 18.03
N THR DA 38 -27.83 -85.16 17.16
CA THR DA 38 -27.40 -84.89 15.79
C THR DA 38 -26.17 -83.99 15.75
N ASN DA 39 -26.04 -83.07 16.70
CA ASN DA 39 -24.88 -82.19 16.77
C ASN DA 39 -24.08 -82.39 18.05
N GLY DA 40 -24.39 -83.44 18.82
CA GLY DA 40 -23.70 -83.68 20.08
C GLY DA 40 -23.77 -82.53 21.04
N LYS DA 41 -24.89 -81.82 21.07
CA LYS DA 41 -25.01 -80.60 21.85
C LYS DA 41 -25.91 -80.83 23.05
N LEU DA 42 -25.50 -80.35 24.22
CA LEU DA 42 -26.28 -80.44 25.44
C LEU DA 42 -26.28 -79.09 26.12
N THR DA 43 -27.41 -78.71 26.71
CA THR DA 43 -27.54 -77.39 27.32
C THR DA 43 -28.41 -77.51 28.57
N LEU DA 44 -27.80 -77.36 29.74
CA LEU DA 44 -28.44 -77.70 31.01
C LEU DA 44 -28.21 -76.60 32.04
N LYS DA 45 -28.98 -76.69 33.12
CA LYS DA 45 -28.86 -75.81 34.27
C LYS DA 45 -29.18 -76.61 35.52
N PHE DA 46 -28.21 -76.68 36.43
CA PHE DA 46 -28.30 -77.48 37.64
C PHE DA 46 -28.51 -76.57 38.83
N ILE DA 47 -29.32 -77.03 39.80
CA ILE DA 47 -29.61 -76.27 41.01
C ILE DA 47 -29.75 -77.24 42.17
N CYS DA 48 -29.23 -76.85 43.33
CA CYS DA 48 -29.31 -77.67 44.54
C CYS DA 48 -30.32 -77.08 45.51
N THR DA 49 -31.40 -77.80 45.75
CA THR DA 49 -32.40 -77.38 46.71
C THR DA 49 -32.02 -77.75 48.14
N THR DA 50 -30.74 -78.06 48.39
CA THR DA 50 -30.25 -78.47 49.70
C THR DA 50 -29.27 -77.45 50.25
N GLY DA 51 -29.52 -76.16 50.02
CA GLY DA 51 -28.69 -75.12 50.59
C GLY DA 51 -27.27 -75.10 50.05
N LYS DA 52 -26.39 -74.42 50.77
CA LYS DA 52 -24.99 -74.30 50.36
C LYS DA 52 -24.33 -75.66 50.40
N LEU DA 53 -23.51 -75.97 49.41
CA LEU DA 53 -22.88 -77.27 49.34
C LEU DA 53 -21.39 -77.15 49.61
N PRO DA 54 -20.77 -78.11 50.31
CA PRO DA 54 -19.35 -77.96 50.65
C PRO DA 54 -18.38 -78.20 49.49
N VAL DA 55 -18.73 -79.03 48.52
CA VAL DA 55 -17.83 -79.36 47.40
C VAL DA 55 -18.05 -78.32 46.31
N PRO DA 56 -16.99 -77.87 45.62
CA PRO DA 56 -17.17 -76.85 44.60
C PRO DA 56 -18.00 -77.38 43.43
N TRP DA 57 -18.64 -76.46 42.73
CA TRP DA 57 -19.39 -76.84 41.53
C TRP DA 57 -18.55 -77.56 40.49
N PRO DA 58 -17.31 -77.17 40.18
CA PRO DA 58 -16.53 -77.92 39.18
C PRO DA 58 -16.44 -79.40 39.46
N THR DA 59 -16.52 -79.83 40.72
CA THR DA 59 -16.51 -81.25 41.02
C THR DA 59 -17.74 -81.95 40.47
N LEU DA 60 -18.92 -81.37 40.69
CA LEU DA 60 -20.18 -81.98 40.28
C LEU DA 60 -20.37 -82.02 38.78
N VAL DA 61 -19.51 -81.34 38.01
CA VAL DA 61 -19.71 -81.24 36.58
C VAL DA 61 -19.45 -82.58 35.90
N THR DA 62 -18.32 -83.21 36.22
CA THR DA 62 -17.99 -84.48 35.59
C THR DA 62 -18.99 -85.57 35.88
N THR DA 63 -19.62 -85.48 37.05
CA THR DA 63 -20.55 -86.54 37.49
C THR DA 63 -21.97 -86.08 37.37
N LEU DA 64 -22.40 -85.72 36.17
CA LEU DA 64 -23.82 -85.35 35.94
C LEU DA 64 -24.13 -85.59 34.46
N VAL DA 66 -24.47 -88.12 30.09
CA VAL DA 66 -25.47 -88.53 29.15
C VAL DA 66 -24.83 -88.67 27.78
N GLN DA 67 -23.77 -89.48 27.73
CA GLN DA 67 -23.00 -89.61 26.47
C GLN DA 67 -23.94 -90.10 25.37
N CYS DA 68 -25.12 -90.56 25.77
CA CYS DA 68 -26.12 -90.96 24.76
C CYS DA 68 -26.41 -89.74 23.86
N PHE DA 69 -25.80 -88.58 24.13
CA PHE DA 69 -26.15 -87.45 23.28
C PHE DA 69 -25.01 -87.01 22.38
N SER DA 70 -23.90 -87.76 22.37
CA SER DA 70 -22.71 -87.34 21.65
C SER DA 70 -22.91 -87.45 20.14
N ARG DA 71 -22.28 -86.55 19.40
CA ARG DA 71 -22.43 -86.52 17.96
C ARG DA 71 -21.69 -87.68 17.33
N TYR DA 72 -22.41 -88.53 16.61
CA TYR DA 72 -21.83 -89.73 16.03
C TYR DA 72 -21.94 -89.68 14.52
N PRO DA 73 -20.84 -89.84 13.80
CA PRO DA 73 -20.89 -89.73 12.33
C PRO DA 73 -21.44 -90.97 11.67
N ASP DA 74 -21.68 -90.90 10.36
CA ASP DA 74 -22.26 -92.03 9.65
C ASP DA 74 -21.23 -93.15 9.47
N HIS DA 75 -19.94 -92.82 9.60
CA HIS DA 75 -19.00 -93.92 9.51
C HIS DA 75 -18.89 -94.70 10.81
N MET DA 76 -19.16 -94.12 11.98
CA MET DA 76 -19.27 -94.88 13.22
C MET DA 76 -20.71 -95.23 13.56
N LYS DA 77 -21.56 -95.47 12.56
CA LYS DA 77 -22.89 -95.99 12.83
C LYS DA 77 -22.86 -97.40 13.39
N ARG DA 78 -21.72 -98.09 13.25
CA ARG DA 78 -21.60 -99.46 13.73
C ARG DA 78 -20.86 -99.56 15.06
N HIS DA 79 -20.41 -98.44 15.63
CA HIS DA 79 -19.67 -98.44 16.87
C HIS DA 79 -20.31 -97.50 17.90
N ASP DA 80 -21.63 -97.43 17.90
CA ASP DA 80 -22.39 -96.61 18.84
C ASP DA 80 -23.10 -97.55 19.82
N PHE DA 81 -22.39 -97.89 20.91
CA PHE DA 81 -22.95 -98.80 21.90
C PHE DA 81 -24.15 -98.18 22.62
N PHE DA 82 -24.09 -96.89 22.92
CA PHE DA 82 -25.15 -96.26 23.69
C PHE DA 82 -26.43 -96.17 22.87
N LYS DA 83 -26.34 -96.22 21.55
CA LYS DA 83 -27.51 -96.02 20.71
C LYS DA 83 -28.37 -97.27 20.62
N SER DA 84 -27.79 -98.41 20.20
CA SER DA 84 -28.57 -99.61 19.92
C SER DA 84 -29.52 -99.99 21.05
N ALA DA 85 -29.29 -99.49 22.27
CA ALA DA 85 -30.10 -99.84 23.43
C ALA DA 85 -31.18 -98.81 23.74
N MET DA 86 -31.83 -98.22 22.73
CA MET DA 86 -32.90 -97.28 23.03
C MET DA 86 -34.21 -97.76 22.41
N PRO DA 87 -35.32 -97.74 23.18
CA PRO DA 87 -35.44 -97.27 24.56
C PRO DA 87 -35.06 -98.30 25.61
N GLU DA 88 -34.32 -99.33 25.20
CA GLU DA 88 -33.81 -100.34 26.12
C GLU DA 88 -33.14 -99.69 27.32
N GLY DA 89 -32.35 -98.65 27.10
CA GLY DA 89 -31.63 -97.98 28.16
C GLY DA 89 -30.45 -98.80 28.63
N TYR DA 90 -29.83 -98.32 29.71
CA TYR DA 90 -28.68 -99.01 30.28
C TYR DA 90 -28.35 -98.43 31.65
N VAL DA 91 -27.36 -99.03 32.30
CA VAL DA 91 -26.88 -98.58 33.59
C VAL DA 91 -25.37 -98.44 33.50
N GLN DA 92 -24.80 -97.62 34.37
CA GLN DA 92 -23.36 -97.44 34.46
C GLN DA 92 -22.92 -97.23 35.90
N GLU DA 93 -21.85 -97.94 36.27
CA GLU DA 93 -21.23 -97.79 37.57
C GLU DA 93 -19.89 -97.10 37.40
N ARG DA 94 -19.74 -95.93 38.02
CA ARG DA 94 -18.57 -95.08 37.85
C ARG DA 94 -17.82 -94.94 39.16
N THR DA 95 -16.50 -94.98 39.09
CA THR DA 95 -15.63 -94.65 40.20
C THR DA 95 -14.74 -93.50 39.78
N ILE DA 96 -14.73 -92.42 40.55
CA ILE DA 96 -13.83 -91.29 40.28
C ILE DA 96 -12.85 -91.21 41.44
N SER DA 97 -11.58 -91.08 41.10
CA SER DA 97 -10.48 -91.14 42.06
C SER DA 97 -9.69 -89.84 41.98
N PHE DA 98 -9.77 -89.05 43.05
CA PHE DA 98 -8.95 -87.86 43.17
C PHE DA 98 -7.54 -88.24 43.59
N LYS DA 99 -6.55 -87.55 43.05
CA LYS DA 99 -5.21 -87.65 43.59
C LYS DA 99 -5.05 -86.64 44.72
N ASP DA 100 -4.40 -87.05 45.80
CA ASP DA 100 -4.18 -86.23 47.00
C ASP DA 100 -5.49 -86.00 47.75
N ASP DA 101 -6.47 -86.89 47.56
CA ASP DA 101 -7.69 -86.96 48.35
C ASP DA 101 -8.43 -88.25 48.00
N GLY DA 102 -9.62 -88.41 48.58
CA GLY DA 102 -10.38 -89.66 48.52
C GLY DA 102 -11.08 -89.95 47.21
N THR DA 103 -12.25 -90.60 47.26
CA THR DA 103 -12.87 -91.12 46.05
C THR DA 103 -14.39 -90.99 46.11
N TYR DA 104 -15.01 -91.27 44.94
CA TYR DA 104 -16.45 -91.31 44.77
C TYR DA 104 -16.85 -92.60 44.04
N LYS DA 105 -17.89 -93.25 44.58
CA LYS DA 105 -18.54 -94.41 43.96
C LYS DA 105 -19.95 -93.99 43.58
N THR DA 106 -20.30 -94.11 42.30
CA THR DA 106 -21.53 -93.50 41.81
C THR DA 106 -22.22 -94.41 40.81
N ARG DA 107 -23.45 -94.81 41.16
CA ARG DA 107 -24.29 -95.64 40.32
C ARG DA 107 -25.27 -94.75 39.55
N ALA DA 108 -25.53 -95.08 38.29
CA ALA DA 108 -26.44 -94.28 37.49
C ALA DA 108 -27.24 -95.17 36.56
N GLU DA 109 -28.54 -94.89 36.45
CA GLU DA 109 -29.41 -95.62 35.54
C GLU DA 109 -29.99 -94.64 34.53
N VAL DA 110 -29.72 -94.87 33.24
CA VAL DA 110 -30.12 -93.96 32.17
C VAL DA 110 -31.09 -94.66 31.24
N LYS DA 111 -32.16 -93.96 30.86
CA LYS DA 111 -33.22 -94.52 30.04
C LYS DA 111 -34.05 -93.38 29.47
N PHE DA 112 -35.05 -93.76 28.68
CA PHE DA 112 -36.14 -92.86 28.31
C PHE DA 112 -37.36 -93.15 29.17
N GLU DA 113 -38.03 -92.09 29.61
CA GLU DA 113 -39.28 -92.18 30.37
C GLU DA 113 -40.29 -91.41 29.54
N GLY DA 114 -41.18 -92.14 28.86
CA GLY DA 114 -41.99 -91.52 27.84
C GLY DA 114 -41.12 -91.10 26.68
N ASP DA 115 -40.88 -89.79 26.57
CA ASP DA 115 -39.86 -89.25 25.68
C ASP DA 115 -38.92 -88.30 26.40
N THR DA 116 -39.04 -88.19 27.72
CA THR DA 116 -38.17 -87.36 28.55
C THR DA 116 -36.99 -88.21 29.02
N LEU DA 117 -35.77 -87.69 28.91
CA LEU DA 117 -34.63 -88.43 29.42
C LEU DA 117 -34.43 -88.10 30.89
N VAL DA 118 -34.79 -89.03 31.76
CA VAL DA 118 -34.63 -88.86 33.21
C VAL DA 118 -33.45 -89.72 33.66
N ASN DA 119 -32.60 -89.13 34.47
CA ASN DA 119 -31.33 -89.76 34.86
C ASN DA 119 -31.23 -89.78 36.38
N ARG DA 120 -31.39 -90.97 36.96
CA ARG DA 120 -31.32 -91.18 38.40
C ARG DA 120 -29.93 -91.68 38.78
N ILE DA 121 -29.26 -90.93 39.65
CA ILE DA 121 -27.88 -91.21 40.04
C ILE DA 121 -27.78 -91.18 41.55
N GLU DA 122 -27.06 -92.15 42.11
CA GLU DA 122 -26.81 -92.26 43.55
C GLU DA 122 -25.31 -92.25 43.77
N LEU DA 123 -24.85 -91.48 44.75
CA LEU DA 123 -23.45 -91.18 44.92
C LEU DA 123 -23.01 -91.38 46.36
N LYS DA 124 -21.83 -91.97 46.54
CA LYS DA 124 -21.21 -92.15 47.84
C LYS DA 124 -19.76 -91.70 47.74
N GLY DA 125 -19.45 -90.54 48.31
CA GLY DA 125 -18.09 -90.05 48.25
C GLY DA 125 -17.43 -89.97 49.60
N ILE DA 126 -16.28 -90.63 49.79
CA ILE DA 126 -15.68 -90.71 51.11
C ILE DA 126 -14.17 -90.58 50.98
N ASP DA 127 -13.49 -90.64 52.13
CA ASP DA 127 -12.04 -90.77 52.27
C ASP DA 127 -11.30 -89.45 52.02
N PHE DA 128 -11.95 -88.32 52.34
CA PHE DA 128 -11.38 -87.01 52.10
C PHE DA 128 -10.94 -86.35 53.40
N LYS DA 129 -9.98 -85.44 53.29
CA LYS DA 129 -9.68 -84.52 54.38
C LYS DA 129 -10.52 -83.26 54.20
N GLU DA 130 -11.25 -82.89 55.25
CA GLU DA 130 -12.29 -81.87 55.14
C GLU DA 130 -11.77 -80.45 55.31
N ASP DA 131 -10.46 -80.27 55.50
CA ASP DA 131 -9.83 -78.97 55.42
C ASP DA 131 -8.85 -78.90 54.26
N GLY DA 132 -9.15 -79.59 53.16
CA GLY DA 132 -8.26 -79.65 52.02
C GLY DA 132 -8.57 -78.59 50.98
N ASN DA 133 -8.07 -78.84 49.77
CA ASN DA 133 -8.23 -77.91 48.65
C ASN DA 133 -9.22 -78.40 47.61
N ILE DA 134 -9.13 -79.68 47.22
CA ILE DA 134 -10.04 -80.23 46.23
C ILE DA 134 -11.49 -80.00 46.63
N LEU DA 135 -11.79 -80.15 47.92
CA LEU DA 135 -13.14 -79.91 48.41
C LEU DA 135 -13.28 -78.58 49.13
N GLY DA 136 -12.21 -78.05 49.72
CA GLY DA 136 -12.29 -76.88 50.55
C GLY DA 136 -12.37 -75.57 49.80
N HIS DA 137 -12.81 -75.61 48.54
CA HIS DA 137 -13.01 -74.42 47.71
C HIS DA 137 -11.71 -73.62 47.57
N LYS DA 138 -10.70 -74.29 47.01
CA LYS DA 138 -9.47 -73.65 46.60
C LYS DA 138 -9.27 -73.72 45.10
N LEU DA 139 -9.98 -74.61 44.41
CA LEU DA 139 -9.80 -74.85 42.99
C LEU DA 139 -10.55 -73.79 42.19
N GLU DA 140 -10.15 -73.63 40.93
CA GLU DA 140 -10.62 -72.52 40.11
C GLU DA 140 -11.91 -72.89 39.37
N TYR DA 141 -12.82 -71.90 39.28
CA TYR DA 141 -14.10 -72.06 38.59
C TYR DA 141 -13.84 -71.92 37.10
N ASN DA 142 -13.52 -73.05 36.46
CA ASN DA 142 -13.25 -73.10 35.04
C ASN DA 142 -13.50 -74.52 34.54
N PHE DA 143 -13.00 -74.79 33.34
CA PHE DA 143 -13.07 -76.12 32.77
C PHE DA 143 -12.12 -76.17 31.57
N ASN DA 144 -11.87 -77.38 31.06
CA ASN DA 144 -10.96 -77.59 29.95
C ASN DA 144 -11.49 -78.71 29.04
N SER DA 145 -10.90 -78.82 27.86
CA SER DA 145 -11.30 -79.82 26.88
C SER DA 145 -10.74 -81.18 27.27
N HIS DA 146 -11.57 -82.22 27.16
CA HIS DA 146 -11.16 -83.53 27.64
C HIS DA 146 -11.54 -84.61 26.64
N ASN DA 147 -11.07 -85.83 26.93
CA ASN DA 147 -11.32 -86.99 26.09
C ASN DA 147 -11.68 -88.18 26.96
N VAL DA 148 -12.47 -89.09 26.39
CA VAL DA 148 -12.90 -90.33 27.04
C VAL DA 148 -12.48 -91.48 26.15
N TYR DA 149 -11.92 -92.54 26.74
CA TYR DA 149 -11.61 -93.75 26.01
C TYR DA 149 -12.67 -94.80 26.30
N ILE DA 150 -13.36 -95.25 25.26
CA ILE DA 150 -14.35 -96.31 25.39
C ILE DA 150 -13.79 -97.59 24.78
N THR DA 151 -13.94 -98.69 25.50
CA THR DA 151 -13.42 -99.99 25.13
C THR DA 151 -14.53 -101.03 25.20
N ALA DA 152 -14.57 -101.90 24.19
CA ALA DA 152 -15.53 -102.99 24.20
C ALA DA 152 -15.27 -103.92 25.38
N ASP DA 153 -16.33 -104.52 25.90
CA ASP DA 153 -16.23 -105.41 27.06
C ASP DA 153 -17.22 -106.55 26.83
N LYS DA 154 -16.74 -107.63 26.21
CA LYS DA 154 -17.62 -108.76 25.92
C LYS DA 154 -18.03 -109.50 27.18
N GLN DA 155 -17.26 -109.37 28.27
CA GLN DA 155 -17.62 -110.00 29.53
C GLN DA 155 -18.95 -109.48 30.04
N LYS DA 156 -19.19 -108.18 29.93
CA LYS DA 156 -20.48 -107.59 30.23
C LYS DA 156 -21.24 -107.23 28.98
N ASN DA 157 -20.82 -107.76 27.82
CA ASN DA 157 -21.37 -107.48 26.48
C ASN DA 157 -21.74 -106.00 26.32
N GLY DA 158 -20.97 -105.14 26.98
CA GLY DA 158 -21.16 -103.70 26.96
C GLY DA 158 -19.83 -103.02 26.78
N ILE DA 159 -19.53 -101.99 27.57
CA ILE DA 159 -18.26 -101.30 27.43
C ILE DA 159 -17.71 -100.87 28.78
N LYS DA 160 -16.43 -100.53 28.78
CA LYS DA 160 -15.80 -99.80 29.86
C LYS DA 160 -15.39 -98.43 29.33
N ALA DA 161 -15.46 -97.42 30.20
CA ALA DA 161 -15.04 -96.07 29.84
C ALA DA 161 -14.05 -95.58 30.87
N ASN DA 162 -12.86 -95.19 30.39
CA ASN DA 162 -11.80 -94.70 31.25
C ASN DA 162 -11.34 -93.35 30.74
N PHE DA 163 -11.06 -92.44 31.67
CA PHE DA 163 -10.56 -91.13 31.26
C PHE DA 163 -9.95 -90.43 32.46
N LYS DA 164 -9.29 -89.31 32.18
CA LYS DA 164 -8.57 -88.56 33.21
C LYS DA 164 -8.89 -87.09 33.04
N ILE DA 165 -9.27 -86.44 34.14
CA ILE DA 165 -9.63 -85.04 34.13
C ILE DA 165 -8.61 -84.26 34.94
N ARG DA 166 -8.27 -83.08 34.47
CA ARG DA 166 -7.31 -82.19 35.13
C ARG DA 166 -8.02 -80.89 35.48
N HIS DA 167 -8.21 -80.64 36.76
CA HIS DA 167 -8.82 -79.42 37.24
C HIS DA 167 -7.74 -78.51 37.80
N ASN DA 168 -7.55 -77.36 37.16
CA ASN DA 168 -6.53 -76.42 37.60
C ASN DA 168 -6.98 -75.69 38.86
N VAL DA 169 -6.04 -75.46 39.76
CA VAL DA 169 -6.30 -74.76 41.01
C VAL DA 169 -5.92 -73.29 40.81
N GLU DA 170 -6.45 -72.43 41.68
CA GLU DA 170 -6.26 -70.99 41.51
C GLU DA 170 -4.79 -70.59 41.63
N ASP DA 171 -3.91 -71.54 41.96
CA ASP DA 171 -2.48 -71.28 42.07
C ASP DA 171 -1.66 -72.16 41.13
N GLY DA 172 -2.16 -72.40 39.92
CA GLY DA 172 -1.42 -73.10 38.89
C GLY DA 172 -1.44 -74.61 39.01
N SER DA 173 -1.51 -75.14 40.23
CA SER DA 173 -1.49 -76.59 40.39
C SER DA 173 -2.76 -77.22 39.83
N VAL DA 174 -2.69 -78.51 39.56
CA VAL DA 174 -3.76 -79.26 38.92
C VAL DA 174 -4.07 -80.49 39.75
N GLN DA 175 -5.31 -80.95 39.66
CA GLN DA 175 -5.76 -82.18 40.28
C GLN DA 175 -6.19 -83.14 39.17
N LEU DA 176 -5.63 -84.35 39.17
CA LEU DA 176 -5.91 -85.33 38.13
C LEU DA 176 -6.80 -86.44 38.68
N ALA DA 177 -8.09 -86.35 38.39
CA ALA DA 177 -9.07 -87.35 38.80
C ALA DA 177 -9.20 -88.39 37.69
N ASP DA 178 -8.96 -89.65 38.04
CA ASP DA 178 -9.09 -90.76 37.12
C ASP DA 178 -10.47 -91.39 37.26
N HIS DA 179 -11.16 -91.56 36.14
CA HIS DA 179 -12.53 -92.04 36.13
C HIS DA 179 -12.61 -93.37 35.39
N TYR DA 180 -13.21 -94.36 36.05
CA TYR DA 180 -13.60 -95.63 35.46
C TYR DA 180 -15.12 -95.71 35.47
N GLN DA 181 -15.68 -96.45 34.50
CA GLN DA 181 -17.10 -96.78 34.59
C GLN DA 181 -17.42 -97.97 33.72
N GLN DA 182 -18.33 -98.81 34.19
CA GLN DA 182 -18.84 -99.97 33.47
C GLN DA 182 -20.23 -99.62 32.93
N ASN DA 183 -20.41 -99.79 31.62
CA ASN DA 183 -21.67 -99.51 30.95
C ASN DA 183 -22.27 -100.82 30.46
N THR DA 184 -23.49 -101.12 30.93
CA THR DA 184 -24.16 -102.38 30.60
C THR DA 184 -25.63 -102.15 30.29
N PRO DA 185 -26.16 -102.75 29.24
CA PRO DA 185 -27.57 -102.55 28.91
C PRO DA 185 -28.47 -103.49 29.71
N ILE DA 186 -29.69 -103.04 29.94
CA ILE DA 186 -30.63 -103.80 30.75
C ILE DA 186 -31.17 -105.02 29.99
N GLY DA 187 -31.31 -104.93 28.67
CA GLY DA 187 -31.89 -106.01 27.91
C GLY DA 187 -30.85 -106.92 27.30
N ASP DA 188 -31.27 -108.15 27.00
CA ASP DA 188 -30.42 -109.17 26.42
C ASP DA 188 -30.29 -109.05 24.90
N GLY DA 189 -30.88 -108.01 24.31
CA GLY DA 189 -30.87 -107.85 22.88
C GLY DA 189 -29.48 -107.61 22.30
N PRO DA 190 -29.39 -107.57 20.98
CA PRO DA 190 -28.09 -107.32 20.34
C PRO DA 190 -27.75 -105.83 20.33
N VAL DA 191 -26.65 -105.50 21.00
CA VAL DA 191 -26.16 -104.13 21.08
C VAL DA 191 -24.90 -104.03 20.27
N LEU DA 192 -24.79 -102.95 19.50
CA LEU DA 192 -23.70 -102.73 18.55
C LEU DA 192 -22.40 -102.60 19.33
N LEU DA 193 -21.35 -103.28 18.87
CA LEU DA 193 -20.13 -103.40 19.64
C LEU DA 193 -19.07 -102.42 19.12
N PRO DA 194 -18.72 -101.39 19.87
CA PRO DA 194 -17.67 -100.47 19.43
C PRO DA 194 -16.29 -100.92 19.88
N ASP DA 195 -15.36 -100.88 18.93
CA ASP DA 195 -13.96 -101.06 19.29
C ASP DA 195 -13.49 -99.84 20.08
N ASN DA 196 -12.33 -99.99 20.74
CA ASN DA 196 -11.80 -98.94 21.60
C ASN DA 196 -11.50 -97.70 20.75
N HIS DA 197 -12.10 -96.57 21.12
CA HIS DA 197 -11.76 -95.31 20.48
C HIS DA 197 -12.03 -94.18 21.48
N TYR DA 198 -11.99 -92.94 21.01
CA TYR DA 198 -11.99 -91.80 21.92
C TYR DA 198 -13.18 -90.91 21.65
N LEU DA 199 -13.36 -89.94 22.53
CA LEU DA 199 -14.49 -89.04 22.50
C LEU DA 199 -14.09 -87.70 23.11
N SER DA 200 -14.12 -86.66 22.29
CA SER DA 200 -13.73 -85.32 22.71
C SER DA 200 -14.94 -84.59 23.25
N THR DA 201 -14.69 -83.72 24.24
CA THR DA 201 -15.74 -83.03 24.98
C THR DA 201 -15.27 -81.64 25.36
N GLN DA 202 -16.15 -80.65 25.15
CA GLN DA 202 -15.92 -79.28 25.57
C GLN DA 202 -17.16 -78.79 26.29
N SER DA 203 -16.98 -77.86 27.22
CA SER DA 203 -18.12 -77.31 27.94
C SER DA 203 -17.77 -75.95 28.51
N ALA DA 204 -18.82 -75.23 28.94
CA ALA DA 204 -18.68 -73.89 29.46
C ALA DA 204 -19.71 -73.68 30.58
N LEU DA 205 -19.25 -73.02 31.64
CA LEU DA 205 -19.98 -72.82 32.88
C LEU DA 205 -20.26 -71.35 33.08
N SER DA 206 -21.45 -71.04 33.59
CA SER DA 206 -21.87 -69.66 33.78
C SER DA 206 -22.99 -69.61 34.81
N LYS DA 207 -23.47 -68.39 35.06
CA LYS DA 207 -24.49 -68.11 36.07
C LYS DA 207 -25.69 -67.43 35.43
N ASP DA 208 -26.85 -67.63 36.04
CA ASP DA 208 -27.99 -66.76 35.76
C ASP DA 208 -27.84 -65.49 36.59
N PRO DA 209 -28.14 -64.31 36.03
CA PRO DA 209 -27.88 -63.07 36.77
C PRO DA 209 -28.90 -62.79 37.86
N ASN DA 210 -30.09 -63.37 37.79
CA ASN DA 210 -31.19 -63.01 38.68
C ASN DA 210 -31.81 -64.22 39.39
N GLU DA 211 -30.99 -65.19 39.79
CA GLU DA 211 -31.46 -66.32 40.59
C GLU DA 211 -30.73 -66.34 41.92
N LYS DA 212 -31.48 -66.39 43.02
CA LYS DA 212 -30.91 -66.23 44.34
C LYS DA 212 -30.49 -67.56 44.98
N ARG DA 213 -30.83 -68.69 44.36
CA ARG DA 213 -30.36 -69.97 44.86
C ARG DA 213 -28.92 -70.23 44.41
N ASP DA 214 -28.46 -71.44 44.68
CA ASP DA 214 -27.20 -71.88 44.07
C ASP DA 214 -27.47 -72.52 42.71
N HIS DA 215 -26.93 -71.90 41.66
CA HIS DA 215 -27.21 -72.34 40.30
C HIS DA 215 -25.89 -72.56 39.59
N MET DA 216 -25.96 -73.36 38.53
CA MET DA 216 -24.80 -73.60 37.68
C MET DA 216 -25.30 -73.92 36.29
N VAL DA 217 -25.11 -73.01 35.35
CA VAL DA 217 -25.57 -73.15 33.97
C VAL DA 217 -24.40 -73.68 33.16
N LEU DA 218 -24.66 -74.64 32.26
CA LEU DA 218 -23.57 -75.27 31.53
C LEU DA 218 -24.04 -75.72 30.15
N LEU DA 219 -23.28 -75.35 29.12
CA LEU DA 219 -23.54 -75.81 27.77
C LEU DA 219 -22.31 -76.54 27.25
N GLU DA 220 -22.50 -77.56 26.42
CA GLU DA 220 -21.41 -78.48 26.13
C GLU DA 220 -21.61 -79.18 24.79
N PHE DA 221 -20.48 -79.47 24.14
CA PHE DA 221 -20.43 -80.15 22.86
C PHE DA 221 -19.58 -81.38 23.00
N VAL DA 222 -20.13 -82.53 22.59
CA VAL DA 222 -19.49 -83.82 22.81
C VAL DA 222 -19.58 -84.62 21.52
N THR DA 223 -18.45 -85.17 21.07
CA THR DA 223 -18.47 -85.97 19.85
C THR DA 223 -17.28 -86.90 19.85
N ALA DA 224 -17.47 -88.07 19.24
CA ALA DA 224 -16.52 -89.17 19.31
C ALA DA 224 -15.80 -89.37 17.98
N ALA DA 225 -14.71 -90.14 18.05
CA ALA DA 225 -13.93 -90.53 16.88
C ALA DA 225 -12.98 -91.65 17.29
N GLY DA 226 -12.06 -91.99 16.40
CA GLY DA 226 -11.04 -92.99 16.66
C GLY DA 226 -10.73 -93.89 15.49
N ILE DA 227 -11.61 -93.95 14.51
CA ILE DA 227 -11.39 -94.77 13.33
C ILE DA 227 -10.95 -93.87 12.19
N THR DA 228 -9.86 -94.25 11.51
CA THR DA 228 -9.41 -93.51 10.35
C THR DA 228 -10.04 -94.12 9.11
N HIS DA 229 -11.32 -93.79 8.87
CA HIS DA 229 -12.08 -94.38 7.79
C HIS DA 229 -11.88 -93.60 6.49
N HIS DA 230 -12.34 -94.21 5.40
CA HIS DA 230 -12.14 -93.67 4.07
C HIS DA 230 -12.82 -92.32 3.87
N GLY EA 54 27.39 56.68 55.98
CA GLY EA 54 28.49 56.05 55.26
C GLY EA 54 29.31 55.12 56.12
N LYS EA 55 29.60 55.57 57.34
CA LYS EA 55 30.35 54.79 58.31
C LYS EA 55 29.83 54.93 59.73
N GLU EA 56 29.06 55.97 60.02
CA GLU EA 56 28.61 56.25 61.38
C GLU EA 56 27.54 55.29 61.88
N LEU EA 57 27.09 54.34 61.06
CA LEU EA 57 26.06 53.40 61.52
C LEU EA 57 26.67 52.24 62.29
N LEU EA 58 27.92 51.90 62.00
CA LEU EA 58 28.49 50.68 62.56
C LEU EA 58 28.70 50.79 64.07
N GLU EA 59 29.12 51.96 64.56
CA GLU EA 59 29.34 52.10 65.99
C GLU EA 59 28.02 52.06 66.74
N ALA EA 60 26.94 52.53 66.10
CA ALA EA 60 25.62 52.45 66.72
C ALA EA 60 25.10 51.02 66.73
N ALA EA 61 25.44 50.24 65.68
CA ALA EA 61 25.13 48.82 65.72
C ALA EA 61 25.90 48.11 66.82
N ARG EA 62 27.17 48.48 66.99
CA ARG EA 62 28.00 47.86 68.01
C ARG EA 62 27.52 48.20 69.41
N ALA EA 63 27.15 49.45 69.65
CA ALA EA 63 26.63 49.85 70.95
C ALA EA 63 25.21 49.36 71.21
N GLY EA 64 24.58 48.72 70.22
CA GLY EA 64 23.21 48.29 70.37
C GLY EA 64 22.19 49.39 70.24
N GLN EA 65 22.55 50.51 69.62
CA GLN EA 65 21.63 51.64 69.45
C GLN EA 65 20.66 51.32 68.31
N ASP EA 66 19.67 50.49 68.63
CA ASP EA 66 18.72 50.05 67.61
C ASP EA 66 17.94 51.24 67.04
N ASP EA 67 17.56 52.20 67.88
CA ASP EA 67 16.82 53.35 67.40
C ASP EA 67 17.70 54.26 66.55
N GLU EA 68 18.98 54.37 66.90
CA GLU EA 68 19.86 55.22 66.10
C GLU EA 68 20.08 54.64 64.71
N VAL EA 69 20.40 53.34 64.63
CA VAL EA 69 20.56 52.72 63.31
C VAL EA 69 19.24 52.72 62.56
N ALA EA 70 18.12 52.66 63.28
CA ALA EA 70 16.82 52.79 62.63
C ALA EA 70 16.69 54.15 61.93
N VAL EA 71 16.86 55.24 62.69
CA VAL EA 71 16.62 56.57 62.12
C VAL EA 71 17.69 56.91 61.09
N LEU EA 72 18.88 56.32 61.21
CA LEU EA 72 19.95 56.64 60.28
C LEU EA 72 19.90 55.78 59.02
N MET EA 73 19.26 54.61 59.09
CA MET EA 73 19.03 53.81 57.90
C MET EA 73 17.77 54.23 57.17
N ALA EA 74 16.79 54.79 57.88
CA ALA EA 74 15.67 55.44 57.21
C ALA EA 74 16.16 56.46 56.21
N ARG EA 75 17.04 57.35 56.67
CA ARG EA 75 17.82 58.19 55.75
C ARG EA 75 18.80 57.32 54.99
N GLY EA 76 18.98 57.63 53.71
CA GLY EA 76 19.85 56.86 52.84
C GLY EA 76 21.25 56.65 53.40
N ALA EA 77 21.56 55.39 53.75
CA ALA EA 77 22.83 55.07 54.37
C ALA EA 77 23.37 53.78 53.77
N GLU EA 78 24.66 53.54 53.95
CA GLU EA 78 25.28 52.33 53.43
C GLU EA 78 24.88 51.12 54.26
N VAL EA 79 24.16 50.18 53.65
CA VAL EA 79 23.79 48.98 54.37
C VAL EA 79 24.87 47.89 54.28
N ASN EA 80 25.44 47.67 53.10
CA ASN EA 80 26.48 46.66 52.91
C ASN EA 80 27.87 47.26 53.08
N ALA EA 81 28.10 47.91 54.20
CA ALA EA 81 29.36 48.60 54.46
C ALA EA 81 30.47 47.59 54.74
N ALA EA 82 31.54 47.72 53.97
CA ALA EA 82 32.78 47.00 54.22
C ALA EA 82 33.71 47.94 54.97
N ASP EA 83 34.25 47.47 56.09
CA ASP EA 83 34.95 48.34 57.02
C ASP EA 83 36.45 48.03 57.02
N ASP EA 84 37.13 48.67 57.97
CA ASP EA 84 38.59 48.65 58.06
C ASP EA 84 39.19 47.25 58.17
N VAL EA 85 38.40 46.24 58.56
CA VAL EA 85 38.89 44.88 58.57
C VAL EA 85 37.85 43.98 57.89
N GLY EA 86 36.79 44.60 57.37
CA GLY EA 86 35.82 43.85 56.60
C GLY EA 86 34.62 43.40 57.41
N VAL EA 87 34.35 44.11 58.49
CA VAL EA 87 33.29 43.75 59.43
C VAL EA 87 32.08 44.61 59.06
N THR EA 88 31.06 43.96 58.52
CA THR EA 88 29.83 44.66 58.17
C THR EA 88 28.99 44.83 59.44
N PRO EA 89 28.16 45.89 59.50
CA PRO EA 89 27.24 46.04 60.64
C PRO EA 89 26.48 44.77 61.01
N LEU EA 90 26.23 43.87 60.06
CA LEU EA 90 25.56 42.63 60.39
C LEU EA 90 26.44 41.74 61.25
N HIS EA 91 27.74 41.70 60.96
CA HIS EA 91 28.65 40.90 61.77
C HIS EA 91 28.65 41.36 63.22
N LEU EA 92 28.81 42.66 63.46
CA LEU EA 92 28.80 43.21 64.80
C LEU EA 92 27.43 43.14 65.46
N ALA EA 93 26.36 43.15 64.67
CA ALA EA 93 25.02 42.98 65.19
C ALA EA 93 24.74 41.54 65.58
N ALA EA 94 25.48 40.60 65.01
CA ALA EA 94 25.37 39.19 65.38
C ALA EA 94 26.26 38.81 66.54
N GLN EA 95 27.48 39.37 66.61
CA GLN EA 95 28.37 39.10 67.74
C GLN EA 95 27.66 39.40 69.06
N ARG EA 96 27.24 40.65 69.24
CA ARG EA 96 26.35 40.98 70.34
C ARG EA 96 24.94 40.50 70.01
N GLY EA 97 24.16 40.24 71.05
CA GLY EA 97 22.82 39.74 70.81
C GLY EA 97 21.82 40.86 70.61
N HIS EA 98 21.55 41.18 69.35
CA HIS EA 98 20.68 42.31 69.00
C HIS EA 98 19.83 41.88 67.82
N LEU EA 99 18.64 41.34 68.11
CA LEU EA 99 17.75 40.85 67.08
C LEU EA 99 17.12 41.96 66.25
N ALA EA 100 16.74 43.07 66.90
CA ALA EA 100 16.10 44.16 66.18
C ALA EA 100 17.02 44.74 65.12
N ILE EA 101 18.30 44.85 65.42
CA ILE EA 101 19.23 45.46 64.47
C ILE EA 101 19.42 44.55 63.26
N VAL EA 102 19.54 43.24 63.47
CA VAL EA 102 19.72 42.35 62.33
C VAL EA 102 18.43 42.27 61.51
N SER EA 103 17.28 42.42 62.16
CA SER EA 103 16.03 42.43 61.41
C SER EA 103 15.94 43.66 60.52
N VAL EA 104 16.19 44.84 61.09
CA VAL EA 104 16.09 46.07 60.30
C VAL EA 104 17.23 46.17 59.30
N LEU EA 105 18.30 45.40 59.49
CA LEU EA 105 19.36 45.37 58.48
C LEU EA 105 19.04 44.42 57.35
N LEU EA 106 18.49 43.24 57.66
CA LEU EA 106 18.04 42.34 56.61
C LEU EA 106 16.96 42.97 55.74
N ALA EA 107 15.99 43.62 56.38
CA ALA EA 107 14.91 44.25 55.61
C ALA EA 107 15.45 45.29 54.64
N PHE EA 108 16.53 45.98 55.01
CA PHE EA 108 17.10 47.00 54.15
C PHE EA 108 18.13 46.46 53.16
N GLY EA 109 18.27 45.15 53.04
CA GLY EA 109 19.10 44.60 51.99
C GLY EA 109 20.53 44.31 52.37
N ALA EA 110 20.72 43.63 53.49
CA ALA EA 110 22.05 43.18 53.87
C ALA EA 110 22.32 41.79 53.28
N SER EA 111 23.61 41.45 53.22
CA SER EA 111 24.00 40.13 52.72
C SER EA 111 24.30 39.22 53.89
N VAL EA 112 23.60 38.08 53.96
CA VAL EA 112 23.84 37.12 55.04
C VAL EA 112 25.17 36.41 54.87
N ASN EA 113 25.66 36.24 53.64
CA ASN EA 113 26.96 35.64 53.39
C ASN EA 113 27.94 36.76 53.05
N ALA EA 114 28.69 37.21 54.04
CA ALA EA 114 29.59 38.34 53.86
C ALA EA 114 30.99 37.93 54.28
N ALA EA 115 31.84 37.70 53.28
CA ALA EA 115 33.14 37.07 53.49
C ALA EA 115 34.05 38.05 54.24
N ASP EA 116 34.11 37.89 55.55
CA ASP EA 116 35.00 38.68 56.39
C ASP EA 116 36.46 38.44 55.97
N LEU EA 117 37.32 39.37 56.38
CA LEU EA 117 38.74 39.24 56.06
C LEU EA 117 39.35 38.01 56.70
N TRP EA 118 38.73 37.48 57.76
CA TRP EA 118 39.18 36.25 58.39
C TRP EA 118 38.44 35.02 57.90
N GLY EA 119 37.40 35.19 57.09
CA GLY EA 119 36.63 34.07 56.60
C GLY EA 119 35.35 33.82 57.36
N GLN EA 120 34.96 34.72 58.27
CA GLN EA 120 33.75 34.52 59.03
C GLN EA 120 32.55 35.12 58.32
N THR EA 121 31.37 34.78 58.85
CA THR EA 121 30.06 35.10 58.32
C THR EA 121 29.20 35.34 59.56
N PRO EA 122 28.16 36.18 59.51
CA PRO EA 122 27.33 36.38 60.71
C PRO EA 122 26.83 35.10 61.35
N LEU EA 123 26.62 34.05 60.55
CA LEU EA 123 26.21 32.76 61.13
C LEU EA 123 27.31 32.17 61.99
N HIS EA 124 28.58 32.32 61.59
CA HIS EA 124 29.68 31.82 62.40
C HIS EA 124 29.70 32.48 63.77
N LEU EA 125 29.75 33.81 63.80
CA LEU EA 125 29.78 34.53 65.06
C LEU EA 125 28.52 34.34 65.89
N ALA EA 126 27.36 34.25 65.25
CA ALA EA 126 26.12 34.03 65.98
C ALA EA 126 26.05 32.65 66.59
N ALA EA 127 26.49 31.62 65.87
CA ALA EA 127 26.53 30.28 66.44
C ALA EA 127 27.56 30.19 67.55
N THR EA 128 28.69 30.90 67.42
CA THR EA 128 29.67 30.89 68.49
C THR EA 128 29.17 31.61 69.73
N ALA EA 129 28.46 32.72 69.56
CA ALA EA 129 28.00 33.50 70.71
C ALA EA 129 26.99 32.70 71.55
N GLY EA 130 25.86 32.34 70.96
CA GLY EA 130 24.88 31.54 71.66
C GLY EA 130 23.45 32.05 71.56
N HIS EA 131 23.23 33.01 70.66
CA HIS EA 131 21.89 33.60 70.51
C HIS EA 131 21.10 32.81 69.47
N LEU EA 132 20.01 32.18 69.92
CA LEU EA 132 19.27 31.27 69.05
C LEU EA 132 18.41 32.02 68.05
N GLU EA 133 17.75 33.09 68.49
CA GLU EA 133 16.84 33.83 67.62
C GLU EA 133 17.56 34.39 66.40
N ILE EA 134 18.77 34.90 66.58
CA ILE EA 134 19.53 35.39 65.45
C ILE EA 134 19.88 34.25 64.50
N VAL EA 135 20.25 33.09 65.04
CA VAL EA 135 20.54 31.94 64.20
C VAL EA 135 19.32 31.57 63.37
N GLU EA 136 18.13 31.56 63.97
CA GLU EA 136 16.92 31.21 63.23
C GLU EA 136 16.64 32.23 62.13
N VAL EA 137 16.68 33.52 62.46
CA VAL EA 137 16.32 34.52 61.46
C VAL EA 137 17.37 34.60 60.36
N LEU EA 138 18.59 34.15 60.64
CA LEU EA 138 19.60 34.10 59.59
C LEU EA 138 19.43 32.87 58.72
N LEU EA 139 19.10 31.73 59.32
CA LEU EA 139 18.89 30.52 58.55
C LEU EA 139 17.67 30.64 57.64
N ARG EA 140 16.64 31.35 58.10
CA ARG EA 140 15.47 31.55 57.26
C ARG EA 140 15.73 32.55 56.13
N SER EA 141 16.76 33.38 56.25
CA SER EA 141 17.05 34.40 55.25
C SER EA 141 18.04 33.93 54.19
N GLY EA 142 18.60 32.73 54.31
CA GLY EA 142 19.50 32.21 53.32
C GLY EA 142 20.94 32.05 53.74
N ALA EA 143 21.23 31.94 55.03
CA ALA EA 143 22.60 31.72 55.45
C ALA EA 143 23.02 30.27 55.11
N SER EA 144 24.27 30.12 54.71
CA SER EA 144 24.79 28.84 54.28
C SER EA 144 25.41 28.10 55.46
N VAL EA 145 24.79 26.97 55.82
CA VAL EA 145 25.22 26.18 56.97
C VAL EA 145 26.57 25.53 56.79
N ASN EA 146 27.10 25.48 55.57
CA ASN EA 146 28.35 24.79 55.30
C ASN EA 146 29.38 25.73 54.69
N ALA EA 147 29.50 26.92 55.25
CA ALA EA 147 30.57 27.84 54.88
C ALA EA 147 31.77 27.62 55.78
N ARG EA 148 32.96 27.85 55.25
CA ARG EA 148 34.19 27.50 55.93
C ARG EA 148 34.94 28.75 56.36
N ASP EA 149 35.73 28.60 57.44
CA ASP EA 149 36.72 29.57 57.86
C ASP EA 149 38.02 29.35 57.08
N ASN EA 150 39.10 29.97 57.57
CA ASN EA 150 40.42 29.60 57.10
C ASN EA 150 40.88 28.30 57.74
N ILE EA 151 40.64 28.15 59.04
CA ILE EA 151 40.86 26.85 59.68
C ILE EA 151 39.99 25.77 59.05
N GLY EA 152 38.84 26.14 58.47
CA GLY EA 152 37.92 25.19 57.88
C GLY EA 152 36.69 24.93 58.71
N HIS EA 153 36.49 25.65 59.82
CA HIS EA 153 35.36 25.39 60.69
C HIS EA 153 34.05 25.75 60.00
N THR EA 154 33.03 24.92 60.24
CA THR EA 154 31.67 25.22 59.84
C THR EA 154 30.86 25.64 61.06
N PRO EA 155 29.72 26.31 60.87
CA PRO EA 155 28.96 26.77 62.04
C PRO EA 155 28.66 25.68 63.05
N LEU EA 156 28.62 24.41 62.62
CA LEU EA 156 28.36 23.33 63.57
C LEU EA 156 29.60 23.03 64.40
N HIS EA 157 30.80 23.16 63.81
CA HIS EA 157 32.03 23.07 64.60
C HIS EA 157 31.97 24.02 65.79
N LEU EA 158 31.61 25.28 65.55
CA LEU EA 158 31.56 26.26 66.60
C LEU EA 158 30.41 26.01 67.56
N ALA EA 159 29.26 25.59 67.04
CA ALA EA 159 28.14 25.26 67.91
C ALA EA 159 28.49 24.12 68.86
N ALA EA 160 29.30 23.16 68.41
CA ALA EA 160 29.72 22.05 69.26
C ALA EA 160 30.83 22.45 70.23
N TRP EA 161 31.78 23.27 69.79
CA TRP EA 161 32.81 23.75 70.69
C TRP EA 161 32.20 24.57 71.83
N ALA EA 162 31.35 25.55 71.49
CA ALA EA 162 30.83 26.45 72.51
C ALA EA 162 29.92 25.73 73.49
N GLY EA 163 29.22 24.69 73.04
CA GLY EA 163 28.32 23.95 73.89
C GLY EA 163 26.87 24.36 73.84
N HIS EA 164 26.36 24.74 72.68
CA HIS EA 164 25.00 25.24 72.55
C HIS EA 164 24.12 24.16 71.94
N LEU EA 165 23.28 23.53 72.76
CA LEU EA 165 22.53 22.36 72.32
C LEU EA 165 21.44 22.75 71.33
N GLU EA 166 20.63 23.76 71.67
CA GLU EA 166 19.51 24.15 70.81
C GLU EA 166 20.00 24.65 69.46
N ILE EA 167 21.13 25.37 69.45
CA ILE EA 167 21.70 25.82 68.18
C ILE EA 167 22.19 24.62 67.38
N VAL EA 168 22.75 23.62 68.05
CA VAL EA 168 23.14 22.40 67.34
C VAL EA 168 21.94 21.75 66.69
N GLU EA 169 20.82 21.70 67.40
CA GLU EA 169 19.60 21.13 66.83
C GLU EA 169 19.12 21.89 65.62
N VAL EA 170 19.02 23.21 65.71
CA VAL EA 170 18.50 23.98 64.58
C VAL EA 170 19.46 23.91 63.40
N LEU EA 171 20.77 23.79 63.67
CA LEU EA 171 21.72 23.65 62.58
C LEU EA 171 21.65 22.28 61.93
N LEU EA 172 21.33 21.24 62.71
CA LEU EA 172 21.18 19.91 62.13
C LEU EA 172 19.90 19.78 61.33
N ALA EA 173 18.85 20.50 61.71
CA ALA EA 173 17.61 20.52 60.94
C ALA EA 173 17.76 21.18 59.57
N TYR EA 174 18.72 22.09 59.41
CA TYR EA 174 18.86 22.87 58.18
C TYR EA 174 19.92 22.32 57.24
N GLY EA 175 20.51 21.17 57.56
CA GLY EA 175 21.38 20.50 56.62
C GLY EA 175 22.86 20.52 56.95
N ALA EA 176 23.24 20.88 58.17
CA ALA EA 176 24.62 20.74 58.57
C ALA EA 176 24.97 19.26 58.69
N ASP EA 177 26.12 18.90 58.14
CA ASP EA 177 26.58 17.51 58.11
C ASP EA 177 27.43 17.22 59.34
N VAL EA 178 27.32 16.00 59.86
CA VAL EA 178 27.96 15.71 61.14
C VAL EA 178 29.42 15.32 60.96
N PHE EA 179 29.77 14.59 59.90
CA PHE EA 179 31.18 14.26 59.68
C PHE EA 179 31.80 15.18 58.62
N ALA EA 180 31.96 16.45 58.95
CA ALA EA 180 32.76 17.37 58.16
C ALA EA 180 34.01 17.70 58.95
N GLN EA 181 35.11 17.92 58.24
CA GLN EA 181 36.39 18.14 58.90
C GLN EA 181 36.89 19.56 58.66
N ASP EA 182 37.82 19.98 59.52
CA ASP EA 182 38.57 21.21 59.33
C ASP EA 182 39.95 20.84 58.77
N LYS EA 183 40.79 21.85 58.58
CA LYS EA 183 42.13 21.58 58.06
C LYS EA 183 42.90 20.62 58.94
N PHE EA 184 42.72 20.69 60.25
CA PHE EA 184 43.46 19.84 61.16
C PHE EA 184 42.83 18.46 61.35
N GLY EA 185 41.71 18.19 60.70
CA GLY EA 185 41.18 16.84 60.62
C GLY EA 185 40.07 16.49 61.60
N LYS EA 186 39.54 17.46 62.33
CA LYS EA 186 38.56 17.16 63.38
C LYS EA 186 37.13 17.40 62.89
N THR EA 187 36.23 16.58 63.39
CA THR EA 187 34.79 16.67 63.18
C THR EA 187 34.13 17.27 64.41
N PRO EA 188 32.93 17.83 64.28
CA PRO EA 188 32.27 18.43 65.45
C PRO EA 188 32.22 17.53 66.66
N PHE EA 189 32.14 16.21 66.47
CA PHE EA 189 32.16 15.30 67.60
C PHE EA 189 33.48 15.37 68.36
N ASP EA 190 34.58 15.62 67.65
CA ASP EA 190 35.87 15.72 68.32
C ASP EA 190 35.97 17.00 69.14
N LEU EA 191 35.59 18.14 68.55
CA LEU EA 191 35.55 19.38 69.32
C LEU EA 191 34.58 19.28 70.48
N ALA EA 192 33.59 18.38 70.38
CA ALA EA 192 32.65 18.21 71.48
C ALA EA 192 33.24 17.34 72.59
N ILE EA 193 34.03 16.33 72.24
CA ILE EA 193 34.52 15.42 73.26
C ILE EA 193 35.80 15.92 73.89
N ASP EA 194 36.53 16.81 73.22
CA ASP EA 194 37.74 17.35 73.84
C ASP EA 194 37.49 18.61 74.66
N ASN EA 195 36.23 18.97 74.90
CA ASN EA 195 35.89 20.17 75.64
C ASN EA 195 34.89 19.92 76.75
N GLY EA 196 34.59 18.66 77.05
CA GLY EA 196 33.65 18.34 78.09
C GLY EA 196 32.20 18.61 77.77
N ASN EA 197 31.90 19.19 76.60
CA ASN EA 197 30.52 19.32 76.16
C ASN EA 197 29.95 17.94 75.91
N GLU EA 198 29.05 17.50 76.80
CA GLU EA 198 28.67 16.09 76.88
C GLU EA 198 27.53 15.71 75.96
N ASP EA 199 26.47 16.51 75.86
CA ASP EA 199 25.28 16.05 75.17
C ASP EA 199 25.36 16.31 73.68
N ILE EA 200 26.08 17.36 73.28
CA ILE EA 200 26.41 17.52 71.87
C ILE EA 200 27.03 16.25 71.35
N ALA EA 201 27.99 15.69 72.10
CA ALA EA 201 28.62 14.44 71.72
C ALA EA 201 27.62 13.31 71.60
N GLU EA 202 26.64 13.23 72.51
CA GLU EA 202 25.69 12.13 72.46
C GLU EA 202 24.77 12.23 71.24
N VAL EA 203 24.21 13.41 71.01
CA VAL EA 203 23.30 13.56 69.88
C VAL EA 203 24.02 13.56 68.54
N LEU EA 204 25.34 13.73 68.53
CA LEU EA 204 26.06 13.54 67.27
C LEU EA 204 26.51 12.10 67.08
N GLN EA 205 26.81 11.40 68.18
CA GLN EA 205 27.13 9.99 68.12
C GLN EA 205 25.94 9.17 67.64
N ARG EA 206 24.73 9.54 68.07
CA ARG EA 206 23.55 8.82 67.60
C ARG EA 206 23.43 8.89 66.08
N LEU EA 207 23.74 10.06 65.49
CA LEU EA 207 23.61 10.21 64.04
C LEU EA 207 24.72 9.47 63.30
N LEU EA 208 25.96 9.60 63.79
CA LEU EA 208 27.04 8.82 63.21
C LEU EA 208 26.71 7.33 63.20
N GLU EA 209 26.14 6.84 64.30
CA GLU EA 209 25.82 5.43 64.39
C GLU EA 209 24.67 5.04 63.47
N CYS EA 210 23.65 5.89 63.35
CA CYS EA 210 22.57 5.60 62.41
C CYS EA 210 23.10 5.45 60.99
N ARG EA 211 23.97 6.37 60.56
CA ARG EA 211 24.49 6.26 59.20
C ARG EA 211 25.34 5.01 59.02
N ARG EA 212 26.21 4.70 59.99
CA ARG EA 212 27.03 3.50 59.90
C ARG EA 212 26.19 2.24 59.81
N ASP EA 213 25.15 2.14 60.64
CA ASP EA 213 24.33 0.94 60.68
C ASP EA 213 23.49 0.77 59.41
N ALA EA 214 22.97 1.85 58.86
CA ALA EA 214 22.26 1.72 57.61
C ALA EA 214 23.18 1.25 56.48
N GLU EA 215 24.40 1.79 56.42
CA GLU EA 215 25.36 1.32 55.44
C GLU EA 215 25.61 -0.18 55.57
N ALA EA 216 25.87 -0.64 56.80
CA ALA EA 216 26.11 -2.05 57.04
C ALA EA 216 24.94 -2.94 56.65
N ALA EA 217 23.72 -2.55 56.99
CA ALA EA 217 22.56 -3.35 56.63
C ALA EA 217 22.33 -3.43 55.12
N ILE EA 218 22.61 -2.35 54.39
CA ILE EA 218 22.46 -2.45 52.94
C ILE EA 218 23.50 -3.37 52.34
N ASN EA 219 24.73 -3.35 52.87
CA ASN EA 219 25.72 -4.33 52.41
C ASN EA 219 25.27 -5.76 52.66
N TYR EA 220 24.72 -6.02 53.85
CA TYR EA 220 24.28 -7.38 54.15
C TYR EA 220 23.13 -7.81 53.24
N GLN EA 221 22.24 -6.89 52.88
CA GLN EA 221 21.17 -7.25 51.96
C GLN EA 221 21.68 -7.56 50.57
N ILE EA 222 22.70 -6.83 50.11
CA ILE EA 222 23.32 -7.16 48.83
C ILE EA 222 23.86 -8.59 48.85
N ASN EA 223 24.59 -8.94 49.91
CA ASN EA 223 25.12 -10.30 49.99
C ASN EA 223 24.02 -11.35 50.04
N LEU EA 224 22.92 -11.07 50.75
CA LEU EA 224 21.85 -12.06 50.86
C LEU EA 224 21.16 -12.29 49.52
N GLU EA 225 20.96 -11.24 48.71
CA GLU EA 225 20.35 -11.48 47.41
C GLU EA 225 21.29 -12.19 46.46
N LEU EA 226 22.59 -11.91 46.53
CA LEU EA 226 23.53 -12.68 45.71
C LEU EA 226 23.54 -14.15 46.08
N TYR EA 227 23.45 -14.46 47.38
CA TYR EA 227 23.36 -15.85 47.80
C TYR EA 227 22.08 -16.52 47.31
N ALA EA 228 20.95 -15.82 47.39
CA ALA EA 228 19.71 -16.40 46.87
C ALA EA 228 19.80 -16.69 45.38
N SER EA 229 20.41 -15.79 44.62
CA SER EA 229 20.60 -16.03 43.19
C SER EA 229 21.42 -17.29 42.93
N TYR EA 230 22.48 -17.49 43.71
CA TYR EA 230 23.30 -18.69 43.57
C TYR EA 230 22.51 -19.95 43.93
N VAL EA 231 21.68 -19.89 44.96
CA VAL EA 231 20.87 -21.06 45.35
C VAL EA 231 19.91 -21.43 44.24
N TYR EA 232 19.28 -20.44 43.61
CA TYR EA 232 18.36 -20.73 42.52
C TYR EA 232 19.08 -21.31 41.31
N LEU EA 233 20.30 -20.86 41.03
CA LEU EA 233 21.06 -21.45 39.93
C LEU EA 233 21.34 -22.92 40.18
N SER EA 234 21.73 -23.26 41.40
CA SER EA 234 21.91 -24.67 41.76
C SER EA 234 20.62 -25.46 41.56
N MET EA 235 19.51 -24.98 42.13
CA MET EA 235 18.22 -25.63 41.95
C MET EA 235 17.89 -25.87 40.49
N SER EA 236 18.09 -24.86 39.64
CA SER EA 236 17.77 -24.98 38.24
C SER EA 236 18.58 -26.04 37.53
N TYR EA 237 19.88 -26.10 37.77
CA TYR EA 237 20.67 -27.13 37.09
C TYR EA 237 20.58 -28.48 37.75
N TYR EA 238 19.85 -28.61 38.85
CA TYR EA 238 19.51 -29.95 39.34
C TYR EA 238 18.47 -30.63 38.46
N PHE EA 239 17.44 -29.90 38.06
CA PHE EA 239 16.37 -30.47 37.25
C PHE EA 239 16.75 -30.68 35.81
N ASP EA 240 18.02 -30.48 35.46
CA ASP EA 240 18.50 -30.65 34.10
C ASP EA 240 19.26 -31.95 33.92
N ARG EA 241 19.57 -32.65 35.01
CA ARG EA 241 20.19 -33.96 34.93
C ARG EA 241 19.30 -34.90 34.13
N ASP EA 242 19.83 -36.02 33.66
CA ASP EA 242 18.98 -36.94 32.90
C ASP EA 242 18.34 -38.01 33.76
N ASP EA 243 18.67 -38.07 35.05
CA ASP EA 243 17.83 -38.83 35.96
C ASP EA 243 16.82 -37.95 36.66
N VAL EA 244 16.80 -36.66 36.33
CA VAL EA 244 15.75 -35.74 36.75
C VAL EA 244 15.36 -34.95 35.50
N ALA EA 245 14.40 -35.44 34.73
CA ALA EA 245 14.16 -34.88 33.41
C ALA EA 245 12.95 -33.95 33.40
N LEU EA 246 13.06 -32.84 34.13
CA LEU EA 246 11.99 -31.86 34.20
C LEU EA 246 12.50 -30.51 33.70
N LYS EA 247 12.00 -30.08 32.55
CA LYS EA 247 12.54 -28.91 31.85
C LYS EA 247 11.94 -27.59 32.31
N ASN EA 248 10.67 -27.59 32.69
CA ASN EA 248 10.04 -26.34 33.04
C ASN EA 248 10.31 -25.94 34.48
N PHE EA 249 10.55 -26.91 35.35
CA PHE EA 249 11.15 -26.61 36.65
C PHE EA 249 12.50 -25.90 36.47
N ALA EA 250 13.30 -26.36 35.51
CA ALA EA 250 14.59 -25.76 35.23
C ALA EA 250 14.44 -24.32 34.72
N LYS EA 251 13.55 -24.09 33.76
CA LYS EA 251 13.33 -22.72 33.29
C LYS EA 251 12.82 -21.81 34.41
N TYR EA 252 11.88 -22.30 35.21
CA TYR EA 252 11.39 -21.55 36.36
C TYR EA 252 12.54 -21.08 37.23
N PHE EA 253 13.37 -22.00 37.71
CA PHE EA 253 14.39 -21.59 38.64
C PHE EA 253 15.50 -20.77 38.00
N LEU EA 254 15.75 -20.91 36.70
CA LEU EA 254 16.70 -19.99 36.07
C LEU EA 254 16.15 -18.57 36.01
N HIS EA 255 14.87 -18.41 35.71
CA HIS EA 255 14.26 -17.09 35.74
C HIS EA 255 14.38 -16.44 37.10
N GLN EA 256 14.10 -17.21 38.16
CA GLN EA 256 14.25 -16.66 39.50
C GLN EA 256 15.69 -16.29 39.80
N SER EA 257 16.64 -17.11 39.35
CA SER EA 257 18.06 -16.80 39.52
C SER EA 257 18.44 -15.46 38.93
N HIS EA 258 17.89 -15.10 37.77
CA HIS EA 258 18.26 -13.82 37.18
C HIS EA 258 17.56 -12.64 37.82
N GLU EA 259 16.30 -12.82 38.21
CA GLU EA 259 15.58 -11.76 38.91
C GLU EA 259 16.29 -11.39 40.21
N GLU EA 260 16.79 -12.38 40.93
CA GLU EA 260 17.46 -12.07 42.19
C GLU EA 260 18.79 -11.34 42.02
N ARG EA 261 19.39 -11.36 40.84
CA ARG EA 261 20.57 -10.54 40.64
C ARG EA 261 20.21 -9.12 40.27
N GLU EA 262 19.13 -8.95 39.50
CA GLU EA 262 18.60 -7.59 39.33
C GLU EA 262 18.28 -6.95 40.67
N HIS EA 263 17.70 -7.71 41.60
CA HIS EA 263 17.40 -7.17 42.93
C HIS EA 263 18.63 -6.62 43.63
N ALA EA 264 19.76 -7.31 43.54
CA ALA EA 264 20.96 -6.87 44.25
C ALA EA 264 21.64 -5.70 43.57
N GLU EA 265 21.61 -5.66 42.23
CA GLU EA 265 22.15 -4.50 41.54
C GLU EA 265 21.36 -3.24 41.87
N LYS EA 266 20.05 -3.36 42.09
CA LYS EA 266 19.29 -2.19 42.51
C LYS EA 266 19.79 -1.63 43.83
N LEU EA 267 20.15 -2.50 44.78
CA LEU EA 267 20.63 -2.02 46.07
C LEU EA 267 22.03 -1.45 45.96
N MET EA 268 22.86 -1.99 45.06
CA MET EA 268 24.17 -1.38 44.82
C MET EA 268 24.03 0.03 44.29
N LYS EA 269 23.17 0.21 43.28
CA LYS EA 269 22.91 1.54 42.77
C LYS EA 269 22.40 2.47 43.87
N LEU EA 270 21.47 1.99 44.68
CA LEU EA 270 20.99 2.80 45.81
C LEU EA 270 22.13 3.26 46.69
N GLN EA 271 23.02 2.34 47.10
CA GLN EA 271 24.07 2.73 48.02
C GLN EA 271 25.07 3.67 47.37
N ASN EA 272 25.20 3.64 46.05
CA ASN EA 272 26.02 4.66 45.41
C ASN EA 272 25.33 6.01 45.37
N GLN EA 273 23.99 6.03 45.28
CA GLN EA 273 23.26 7.29 45.30
C GLN EA 273 23.31 7.96 46.66
N ARG EA 274 23.47 7.19 47.73
CA ARG EA 274 23.48 7.75 49.07
C ARG EA 274 24.85 8.26 49.49
N GLY EA 275 25.90 7.94 48.77
CA GLY EA 275 27.24 8.31 49.15
C GLY EA 275 27.95 7.33 50.03
N GLY EA 276 27.44 6.12 50.18
CA GLY EA 276 28.06 5.11 51.00
C GLY EA 276 29.05 4.28 50.22
N GLU EA 277 29.64 3.30 50.92
CA GLU EA 277 30.69 2.46 50.36
C GLU EA 277 30.21 1.03 50.25
N ILE EA 278 30.16 0.51 49.03
CA ILE EA 278 29.88 -0.89 48.81
C ILE EA 278 31.09 -1.71 49.22
N SER EA 279 30.86 -2.76 50.01
CA SER EA 279 31.92 -3.67 50.40
C SER EA 279 31.43 -5.09 50.17
N LEU EA 280 31.82 -5.67 49.05
CA LEU EA 280 31.37 -6.99 48.64
C LEU EA 280 32.11 -8.05 49.43
N GLN EA 281 31.48 -9.21 49.59
CA GLN EA 281 32.02 -10.28 50.42
C GLN EA 281 31.86 -11.62 49.74
N SER EA 282 32.21 -12.67 50.47
CA SER EA 282 32.23 -14.03 49.95
C SER EA 282 30.80 -14.56 49.90
N ILE EA 283 30.49 -15.35 48.86
CA ILE EA 283 29.16 -15.92 48.73
C ILE EA 283 29.22 -17.39 49.07
N SER EA 284 28.48 -17.79 50.10
CA SER EA 284 28.46 -19.18 50.51
C SER EA 284 27.86 -20.06 49.41
N SER EA 285 28.19 -21.34 49.45
CA SER EA 285 27.58 -22.24 48.50
C SER EA 285 26.28 -22.78 49.07
N PRO EA 286 25.32 -23.12 48.21
CA PRO EA 286 24.04 -23.64 48.71
C PRO EA 286 24.25 -24.88 49.55
N ASP EA 287 23.27 -25.14 50.42
CA ASP EA 287 23.46 -26.21 51.41
C ASP EA 287 23.38 -27.59 50.77
N SER EA 288 22.65 -27.70 49.66
CA SER EA 288 22.47 -28.99 49.01
C SER EA 288 22.93 -28.90 47.57
N ASP EA 289 23.35 -30.04 47.04
CA ASP EA 289 23.49 -30.23 45.60
C ASP EA 289 22.38 -31.11 45.05
N ASP EA 290 21.72 -31.87 45.91
CA ASP EA 290 20.66 -32.81 45.55
C ASP EA 290 19.38 -32.34 46.24
N TRP EA 291 18.52 -31.68 45.49
CA TRP EA 291 17.21 -31.30 45.96
C TRP EA 291 16.21 -32.38 45.60
N GLU EA 292 15.82 -33.19 46.59
CA GLU EA 292 15.33 -34.54 46.33
C GLU EA 292 14.24 -34.60 45.26
N SER EA 293 13.36 -33.60 45.20
CA SER EA 293 12.25 -33.65 44.26
C SER EA 293 11.80 -32.23 43.96
N GLY EA 294 10.76 -32.12 43.13
CA GLY EA 294 10.19 -30.82 42.84
C GLY EA 294 9.45 -30.20 44.01
N LEU EA 295 8.75 -31.02 44.79
CA LEU EA 295 8.09 -30.54 45.99
C LEU EA 295 9.10 -29.98 47.00
N ASN EA 296 10.14 -30.74 47.31
CA ASN EA 296 11.15 -30.30 48.26
C ASN EA 296 11.88 -29.05 47.81
N ALA EA 297 12.20 -28.93 46.53
CA ALA EA 297 12.77 -27.70 46.00
C ALA EA 297 11.84 -26.52 46.11
N MET EA 298 10.55 -26.68 45.81
CA MET EA 298 9.62 -25.58 46.00
C MET EA 298 9.51 -25.16 47.46
N GLU EA 299 9.55 -26.12 48.39
CA GLU EA 299 9.49 -25.75 49.81
C GLU EA 299 10.75 -25.03 50.27
N SER EA 300 11.90 -25.45 49.76
CA SER EA 300 13.13 -24.75 50.08
C SER EA 300 13.14 -23.33 49.53
N ALA EA 301 12.65 -23.14 48.31
CA ALA EA 301 12.51 -21.78 47.78
C ALA EA 301 11.58 -20.95 48.63
N LEU EA 302 10.52 -21.55 49.16
CA LEU EA 302 9.59 -20.81 50.01
C LEU EA 302 10.26 -20.34 51.30
N HIS EA 303 11.01 -21.22 51.96
CA HIS EA 303 11.72 -20.79 53.16
C HIS EA 303 12.76 -19.72 52.86
N LEU EA 304 13.44 -19.82 51.72
CA LEU EA 304 14.43 -18.80 51.36
C LEU EA 304 13.78 -17.45 51.14
N GLU EA 305 12.65 -17.41 50.44
CA GLU EA 305 11.95 -16.15 50.23
C GLU EA 305 11.48 -15.56 51.56
N LYS EA 306 11.05 -16.40 52.49
CA LYS EA 306 10.63 -15.88 53.79
C LYS EA 306 11.79 -15.28 54.57
N ALA EA 307 12.97 -15.91 54.51
CA ALA EA 307 14.14 -15.35 55.19
C ALA EA 307 14.53 -14.00 54.59
N VAL EA 308 14.51 -13.89 53.27
CA VAL EA 308 14.81 -12.61 52.63
C VAL EA 308 13.82 -11.54 53.07
N ASN EA 309 12.54 -11.88 53.14
CA ASN EA 309 11.54 -10.91 53.57
C ASN EA 309 11.75 -10.47 55.01
N ALA EA 310 12.13 -11.39 55.89
CA ALA EA 310 12.44 -11.00 57.26
C ALA EA 310 13.58 -10.00 57.32
N SER EA 311 14.64 -10.21 56.54
CA SER EA 311 15.73 -9.24 56.53
C SER EA 311 15.26 -7.88 56.04
N LEU EA 312 14.42 -7.85 55.01
CA LEU EA 312 13.88 -6.57 54.55
C LEU EA 312 13.09 -5.87 55.63
N LEU EA 313 12.29 -6.60 56.40
CA LEU EA 313 11.54 -5.97 57.48
C LEU EA 313 12.44 -5.40 58.56
N ARG EA 314 13.52 -6.12 58.89
CA ARG EA 314 14.46 -5.59 59.89
C ARG EA 314 15.12 -4.30 59.40
N LEU EA 315 15.52 -4.27 58.13
CA LEU EA 315 16.13 -3.06 57.59
C LEU EA 315 15.14 -1.92 57.54
N HIS EA 316 13.87 -2.20 57.28
CA HIS EA 316 12.87 -1.13 57.26
C HIS EA 316 12.66 -0.56 58.65
N LYS EA 317 12.60 -1.41 59.68
CA LYS EA 317 12.47 -0.89 61.02
C LYS EA 317 13.69 -0.06 61.42
N LEU EA 318 14.88 -0.48 60.99
CA LEU EA 318 16.08 0.32 61.24
C LEU EA 318 15.99 1.69 60.58
N ALA EA 319 15.60 1.74 59.31
CA ALA EA 319 15.48 3.01 58.61
C ALA EA 319 14.37 3.87 59.20
N THR EA 320 13.40 3.26 59.87
CA THR EA 320 12.35 4.04 60.52
C THR EA 320 12.85 4.65 61.83
N ASP EA 321 13.67 3.91 62.57
CA ASP EA 321 14.19 4.46 63.82
C ASP EA 321 15.05 5.69 63.58
N CYS EA 322 15.87 5.67 62.53
CA CYS EA 322 16.81 6.74 62.28
C CYS EA 322 16.27 7.83 61.36
N ASN EA 323 14.96 7.97 61.23
CA ASN EA 323 14.34 9.08 60.52
C ASN EA 323 14.89 9.23 59.11
N ASP EA 324 14.63 8.26 58.25
CA ASP EA 324 15.18 8.21 56.91
C ASP EA 324 14.06 7.95 55.91
N PRO EA 325 13.20 8.94 55.62
CA PRO EA 325 12.03 8.68 54.77
C PRO EA 325 12.32 8.07 53.41
N HIS EA 326 13.41 8.46 52.75
CA HIS EA 326 13.66 7.98 51.40
C HIS EA 326 14.03 6.49 51.40
N LEU EA 327 14.76 6.04 52.41
CA LEU EA 327 15.09 4.61 52.48
C LEU EA 327 13.85 3.77 52.72
N CYS EA 328 12.97 4.21 53.62
CA CYS EA 328 11.73 3.50 53.86
C CYS EA 328 10.87 3.44 52.61
N ASP EA 329 10.72 4.59 51.93
CA ASP EA 329 9.95 4.61 50.69
C ASP EA 329 10.53 3.68 49.65
N PHE EA 330 11.86 3.67 49.51
CA PHE EA 330 12.51 2.77 48.56
C PHE EA 330 12.23 1.31 48.88
N ILE EA 331 12.37 0.94 50.15
CA ILE EA 331 12.18 -0.45 50.55
C ILE EA 331 10.75 -0.90 50.29
N GLU EA 332 9.77 -0.09 50.71
CA GLU EA 332 8.41 -0.57 50.50
C GLU EA 332 7.91 -0.38 49.08
N THR EA 333 8.57 0.43 48.26
CA THR EA 333 8.14 0.55 46.88
C THR EA 333 8.68 -0.57 46.01
N HIS EA 334 9.93 -0.97 46.22
CA HIS EA 334 10.52 -1.93 45.28
C HIS EA 334 10.63 -3.33 45.83
N TYR EA 335 10.46 -3.53 47.14
CA TYR EA 335 10.83 -4.81 47.73
C TYR EA 335 9.74 -5.48 48.54
N LEU EA 336 8.81 -4.73 49.13
CA LEU EA 336 7.87 -5.38 50.03
C LEU EA 336 6.66 -5.95 49.31
N ASN EA 337 6.34 -5.50 48.10
CA ASN EA 337 5.20 -6.08 47.41
C ASN EA 337 5.61 -7.24 46.52
N GLU EA 338 6.87 -7.34 46.15
CA GLU EA 338 7.33 -8.49 45.39
C GLU EA 338 7.49 -9.72 46.27
N GLN EA 339 7.93 -9.54 47.51
CA GLN EA 339 8.07 -10.67 48.41
C GLN EA 339 6.72 -11.28 48.75
N VAL EA 340 5.69 -10.45 48.93
CA VAL EA 340 4.36 -10.95 49.23
C VAL EA 340 3.83 -11.80 48.09
N LYS EA 341 4.01 -11.33 46.85
CA LYS EA 341 3.56 -12.08 45.69
C LYS EA 341 4.36 -13.36 45.48
N ALA EA 342 5.67 -13.33 45.70
CA ALA EA 342 6.48 -14.53 45.63
C ALA EA 342 6.05 -15.57 46.65
N ILE EA 343 5.80 -15.18 47.89
CA ILE EA 343 5.39 -16.12 48.92
C ILE EA 343 4.03 -16.70 48.60
N LYS EA 344 3.09 -15.87 48.14
CA LYS EA 344 1.77 -16.38 47.77
C LYS EA 344 1.87 -17.40 46.64
N GLU EA 345 2.65 -17.10 45.61
CA GLU EA 345 2.77 -18.00 44.48
C GLU EA 345 3.45 -19.30 44.85
N LEU EA 346 4.51 -19.25 45.63
CA LEU EA 346 5.21 -20.48 45.99
C LEU EA 346 4.39 -21.35 46.94
N GLY EA 347 3.59 -20.76 47.82
CA GLY EA 347 2.68 -21.56 48.62
C GLY EA 347 1.57 -22.18 47.79
N ASP EA 348 1.10 -21.48 46.76
CA ASP EA 348 0.16 -22.08 45.82
C ASP EA 348 0.76 -23.30 45.14
N HIS EA 349 1.98 -23.18 44.62
CA HIS EA 349 2.65 -24.32 44.00
C HIS EA 349 2.77 -25.49 44.95
N VAL EA 350 3.14 -25.23 46.21
CA VAL EA 350 3.31 -26.32 47.15
C VAL EA 350 1.99 -27.02 47.44
N THR EA 351 0.90 -26.29 47.65
CA THR EA 351 -0.34 -27.00 47.90
C THR EA 351 -0.87 -27.73 46.67
N ASN EA 352 -0.70 -27.17 45.47
CA ASN EA 352 -1.09 -27.91 44.28
C ASN EA 352 -0.32 -29.21 44.17
N LEU EA 353 1.00 -29.16 44.30
CA LEU EA 353 1.80 -30.38 44.21
C LEU EA 353 1.42 -31.38 45.29
N ARG EA 354 1.16 -30.92 46.50
CA ARG EA 354 0.80 -31.86 47.56
C ARG EA 354 -0.56 -32.51 47.32
N LYS EA 355 -1.51 -31.77 46.79
CA LYS EA 355 -2.82 -32.34 46.52
C LYS EA 355 -2.79 -33.32 45.37
N MET EA 356 -2.10 -32.98 44.27
CA MET EA 356 -1.98 -33.91 43.15
C MET EA 356 -1.37 -35.24 43.53
N GLY EA 357 -0.62 -35.31 44.63
CA GLY EA 357 -0.10 -36.58 45.12
C GLY EA 357 1.41 -36.70 45.14
N ALA EA 358 2.15 -35.64 44.85
CA ALA EA 358 3.60 -35.72 44.89
C ALA EA 358 4.08 -35.84 46.33
N PRO EA 359 5.32 -36.29 46.56
CA PRO EA 359 6.38 -36.73 45.65
C PRO EA 359 6.30 -38.21 45.34
N GLU EA 360 5.47 -38.93 46.09
CA GLU EA 360 5.31 -40.36 45.91
C GLU EA 360 4.56 -40.72 44.64
N SER EA 361 4.30 -39.74 43.78
CA SER EA 361 3.60 -39.98 42.52
C SER EA 361 4.36 -39.33 41.38
N GLY EA 362 4.97 -40.14 40.53
CA GLY EA 362 5.18 -39.73 39.17
C GLY EA 362 3.86 -39.64 38.45
N LEU EA 363 3.82 -38.78 37.42
CA LEU EA 363 2.60 -38.31 36.76
C LEU EA 363 1.93 -37.21 37.57
N ALA EA 364 2.48 -36.87 38.73
CA ALA EA 364 2.04 -35.66 39.41
C ALA EA 364 2.97 -34.51 39.08
N GLU EA 365 4.28 -34.76 39.22
CA GLU EA 365 5.25 -33.74 38.86
C GLU EA 365 5.39 -33.62 37.35
N TYR EA 366 5.20 -34.71 36.61
CA TYR EA 366 5.19 -34.61 35.15
C TYR EA 366 4.08 -33.67 34.68
N LEU EA 367 2.87 -33.86 35.19
CA LEU EA 367 1.74 -33.05 34.72
C LEU EA 367 1.76 -31.65 35.31
N PHE EA 368 2.27 -31.47 36.52
CA PHE EA 368 2.51 -30.13 37.03
C PHE EA 368 3.49 -29.38 36.13
N ASP EA 369 4.62 -30.01 35.83
CA ASP EA 369 5.62 -29.42 34.94
C ASP EA 369 5.03 -29.07 33.59
N LYS EA 370 4.12 -29.90 33.08
CA LYS EA 370 3.53 -29.63 31.77
C LYS EA 370 2.51 -28.51 31.81
N HIS EA 371 1.62 -28.49 32.80
CA HIS EA 371 0.44 -27.66 32.77
C HIS EA 371 0.59 -26.33 33.51
N THR EA 372 1.34 -26.31 34.60
CA THR EA 372 1.43 -25.09 35.40
C THR EA 372 2.69 -24.31 35.10
N LEU EA 373 3.80 -24.99 34.89
CA LEU EA 373 5.08 -24.33 34.68
C LEU EA 373 5.39 -24.10 33.21
N GLY EA 374 4.57 -24.63 32.31
CA GLY EA 374 4.80 -24.46 30.89
C GLY EA 374 3.56 -24.33 30.06
N SER FA 2 37.58 36.10 92.76
CA SER FA 2 36.34 36.72 92.32
C SER FA 2 36.60 37.77 91.23
N LYS FA 3 37.58 38.64 91.47
CA LYS FA 3 37.82 39.75 90.54
C LYS FA 3 38.63 39.31 89.34
N GLY FA 4 39.64 38.46 89.53
CA GLY FA 4 40.54 38.12 88.44
C GLY FA 4 39.86 37.49 87.25
N GLU FA 5 38.73 36.84 87.48
CA GLU FA 5 38.01 36.18 86.39
C GLU FA 5 37.02 37.10 85.68
N GLU FA 6 36.64 38.21 86.33
CA GLU FA 6 35.62 39.08 85.77
C GLU FA 6 36.14 39.88 84.57
N LEU FA 7 37.42 40.22 84.58
CA LEU FA 7 37.98 41.19 83.63
C LEU FA 7 37.91 40.73 82.17
N PHE FA 8 37.38 39.54 81.89
CA PHE FA 8 37.26 39.04 80.52
C PHE FA 8 35.82 38.72 80.15
N THR FA 9 34.87 39.52 80.64
CA THR FA 9 33.46 39.23 80.41
C THR FA 9 33.07 39.37 78.95
N GLY FA 10 33.80 40.17 78.18
CA GLY FA 10 33.42 40.42 76.79
C GLY FA 10 34.60 40.49 75.85
N VAL FA 11 34.42 41.20 74.74
CA VAL FA 11 35.50 41.40 73.78
C VAL FA 11 36.58 42.26 74.42
N VAL FA 12 37.82 42.13 73.93
CA VAL FA 12 38.94 42.92 74.41
C VAL FA 12 39.76 43.33 73.19
N PRO FA 13 39.89 44.63 72.91
CA PRO FA 13 40.83 45.07 71.89
C PRO FA 13 42.27 44.93 72.36
N ILE FA 14 43.16 44.68 71.41
CA ILE FA 14 44.54 44.36 71.71
C ILE FA 14 45.46 45.29 70.92
N LEU FA 15 46.61 45.60 71.50
CA LEU FA 15 47.66 46.39 70.87
C LEU FA 15 48.99 45.78 71.27
N VAL FA 16 49.68 45.13 70.33
CA VAL FA 16 50.86 44.35 70.66
C VAL FA 16 52.08 44.99 70.00
N GLU FA 17 53.04 45.42 70.82
CA GLU FA 17 54.26 46.01 70.33
C GLU FA 17 55.43 45.12 70.72
N LEU FA 18 56.30 44.85 69.75
CA LEU FA 18 57.46 44.01 69.94
C LEU FA 18 58.68 44.68 69.31
N ASP FA 19 59.72 44.88 70.11
CA ASP FA 19 60.96 45.49 69.62
C ASP FA 19 62.10 44.51 69.79
N GLY FA 20 62.69 44.10 68.69
CA GLY FA 20 63.67 43.02 68.70
C GLY FA 20 64.97 43.39 68.02
N ASP FA 21 66.05 42.82 68.52
CA ASP FA 21 67.38 42.93 67.93
C ASP FA 21 67.92 41.53 67.64
N VAL FA 22 68.12 41.22 66.36
CA VAL FA 22 68.61 39.92 65.93
C VAL FA 22 69.75 40.13 64.94
N ASN FA 23 70.99 39.99 65.42
CA ASN FA 23 72.19 40.00 64.57
C ASN FA 23 72.24 41.25 63.69
N GLY FA 24 72.20 42.42 64.32
CA GLY FA 24 72.23 43.68 63.63
C GLY FA 24 70.90 44.08 63.03
N HIS FA 25 69.89 43.22 63.10
CA HIS FA 25 68.58 43.52 62.55
C HIS FA 25 67.68 44.05 63.67
N LYS FA 26 67.40 45.34 63.65
CA LYS FA 26 66.42 45.93 64.55
C LYS FA 26 65.05 45.89 63.90
N PHE FA 27 64.03 45.61 64.70
CA PHE FA 27 62.68 45.58 64.15
C PHE FA 27 61.67 45.95 65.22
N SER FA 28 60.63 46.65 64.78
CA SER FA 28 59.44 46.92 65.57
C SER FA 28 58.25 46.27 64.89
N VAL FA 29 57.37 45.68 65.68
CA VAL FA 29 56.19 45.00 65.18
C VAL FA 29 54.99 45.51 65.97
N ARG FA 30 53.95 45.91 65.25
CA ARG FA 30 52.67 46.28 65.85
C ARG FA 30 51.58 45.34 65.34
N GLY FA 31 50.79 44.83 66.26
CA GLY FA 31 49.68 43.96 65.94
C GLY FA 31 48.37 44.46 66.52
N GLU FA 32 47.32 44.40 65.70
CA GLU FA 32 46.02 44.95 66.03
C GLU FA 32 44.95 43.87 65.84
N GLY FA 33 44.06 43.77 66.81
CA GLY FA 33 42.97 42.81 66.72
C GLY FA 33 42.17 42.78 68.01
N GLU FA 34 41.40 41.70 68.18
CA GLU FA 34 40.55 41.55 69.35
C GLU FA 34 40.49 40.10 69.81
N GLY FA 35 40.12 39.93 71.08
CA GLY FA 35 40.02 38.59 71.65
C GLY FA 35 38.89 38.40 72.64
N ASP FA 36 38.49 37.15 72.83
CA ASP FA 36 37.49 36.77 73.83
C ASP FA 36 37.99 35.53 74.54
N ALA FA 37 37.93 35.58 75.88
CA ALA FA 37 38.31 34.44 76.70
C ALA FA 37 37.20 33.41 76.84
N THR FA 38 35.94 33.83 76.71
CA THR FA 38 34.83 32.90 76.88
C THR FA 38 34.91 31.73 75.90
N ASN FA 39 35.43 31.96 74.70
CA ASN FA 39 35.59 30.90 73.71
C ASN FA 39 37.05 30.66 73.36
N GLY FA 40 37.98 31.27 74.10
CA GLY FA 40 39.40 31.12 73.80
C GLY FA 40 39.77 31.54 72.41
N LYS FA 41 39.12 32.57 71.87
CA LYS FA 41 39.30 32.96 70.49
C LYS FA 41 40.08 34.26 70.40
N LEU FA 42 41.05 34.32 69.49
CA LEU FA 42 41.84 35.51 69.26
C LEU FA 42 41.93 35.75 67.76
N THR FA 43 41.88 37.01 67.35
CA THR FA 43 41.86 37.34 65.93
C THR FA 43 42.66 38.63 65.72
N LEU FA 44 43.83 38.52 65.10
CA LEU FA 44 44.80 39.61 65.05
C LEU FA 44 45.36 39.77 63.65
N LYS FA 45 46.03 40.90 63.45
CA LYS FA 45 46.74 41.22 62.21
C LYS FA 45 47.99 42.00 62.56
N PHE FA 46 49.14 41.46 62.19
CA PHE FA 46 50.44 42.03 62.53
C PHE FA 46 51.05 42.67 61.30
N ILE FA 47 51.74 43.80 61.49
CA ILE FA 47 52.39 44.52 60.40
C ILE FA 47 53.69 45.11 60.92
N CYS FA 48 54.73 45.08 60.08
CA CYS FA 48 56.04 45.63 60.44
C CYS FA 48 56.29 46.93 59.68
N THR FA 49 56.36 48.02 60.41
CA THR FA 49 56.66 49.32 59.81
C THR FA 49 58.16 49.53 59.61
N THR FA 50 58.95 48.44 59.65
CA THR FA 50 60.40 48.50 59.51
C THR FA 50 60.85 47.80 58.24
N GLY FA 51 60.09 47.91 57.16
CA GLY FA 51 60.50 47.35 55.88
C GLY FA 51 60.54 45.84 55.89
N LYS FA 52 61.24 45.29 54.89
CA LYS FA 52 61.35 43.83 54.74
C LYS FA 52 62.13 43.27 55.91
N LEU FA 53 61.69 42.13 56.43
CA LEU FA 53 62.34 41.55 57.59
C LEU FA 53 63.07 40.27 57.18
N PRO FA 54 64.25 39.99 57.76
CA PRO FA 54 65.01 38.81 57.32
C PRO FA 54 64.46 37.47 57.82
N VAL FA 55 63.80 37.43 58.98
CA VAL FA 55 63.29 36.19 59.55
C VAL FA 55 61.90 35.94 59.00
N PRO FA 56 61.54 34.69 58.68
CA PRO FA 56 60.21 34.44 58.11
C PRO FA 56 59.12 34.77 59.12
N TRP FA 57 57.94 35.07 58.59
CA TRP FA 57 56.78 35.31 59.45
C TRP FA 57 56.47 34.14 60.38
N PRO FA 58 56.51 32.87 59.96
CA PRO FA 58 56.22 31.78 60.90
C PRO FA 58 57.03 31.83 62.17
N THR FA 59 58.24 32.40 62.15
CA THR FA 59 59.03 32.52 63.36
C THR FA 59 58.36 33.47 64.36
N LEU FA 60 57.91 34.62 63.90
CA LEU FA 60 57.32 35.65 64.76
C LEU FA 60 55.98 35.24 65.34
N VAL FA 61 55.39 34.14 64.87
CA VAL FA 61 54.05 33.77 65.30
C VAL FA 61 54.06 33.30 66.74
N THR FA 62 54.98 32.39 67.08
CA THR FA 62 55.03 31.85 68.43
C THR FA 62 55.32 32.92 69.48
N THR FA 63 56.05 33.95 69.07
CA THR FA 63 56.49 34.99 70.02
C THR FA 63 55.69 36.24 69.81
N LEU FA 64 54.37 36.17 69.94
CA LEU FA 64 53.53 37.38 69.86
C LEU FA 64 52.23 37.11 70.64
N VAL FA 66 49.31 35.77 74.54
CA VAL FA 66 48.29 36.35 75.38
C VAL FA 66 47.41 35.22 75.91
N GLN FA 67 48.05 34.24 76.54
CA GLN FA 67 47.31 33.05 77.00
C GLN FA 67 46.21 33.50 77.96
N CYS FA 68 46.28 34.76 78.40
CA CYS FA 68 45.20 35.29 79.24
C CYS FA 68 43.88 35.19 78.46
N PHE FA 69 43.90 34.71 77.21
CA PHE FA 69 42.63 34.68 76.50
C PHE FA 69 42.12 33.27 76.27
N SER FA 70 42.78 32.26 76.82
CA SER FA 70 42.46 30.88 76.53
C SER FA 70 41.14 30.48 77.18
N ARG FA 71 40.40 29.61 76.52
CA ARG FA 71 39.10 29.18 77.01
C ARG FA 71 39.27 28.27 78.21
N TYR FA 72 38.70 28.68 79.34
CA TYR FA 72 38.85 27.95 80.59
C TYR FA 72 37.50 27.46 81.08
N PRO FA 73 37.35 26.17 81.34
CA PRO FA 73 36.04 25.64 81.75
C PRO FA 73 35.73 25.92 83.21
N ASP FA 74 34.50 25.64 83.62
CA ASP FA 74 34.09 25.91 84.99
C ASP FA 74 34.73 24.91 85.96
N HIS FA 75 35.18 23.77 85.45
CA HIS FA 75 35.86 22.89 86.39
C HIS FA 75 37.30 23.30 86.65
N MET FA 76 37.99 23.99 85.74
CA MET FA 76 39.28 24.59 86.03
C MET FA 76 39.18 26.06 86.42
N LYS FA 77 38.10 26.45 87.09
CA LYS FA 77 38.04 27.80 87.65
C LYS FA 77 39.05 28.01 88.76
N ARG FA 78 39.61 26.92 89.31
CA ARG FA 78 40.56 27.01 90.40
C ARG FA 78 42.01 26.85 89.94
N HIS FA 79 42.24 26.64 88.64
CA HIS FA 79 43.58 26.43 88.11
C HIS FA 79 43.87 27.41 86.97
N ASP FA 80 43.36 28.62 87.07
CA ASP FA 80 43.59 29.67 86.07
C ASP FA 80 44.51 30.71 86.70
N PHE FA 81 45.83 30.49 86.55
CA PHE FA 81 46.81 31.41 87.12
C PHE FA 81 46.76 32.78 86.45
N PHE FA 82 46.56 32.81 85.13
CA PHE FA 82 46.59 34.08 84.42
C PHE FA 82 45.40 34.95 84.78
N LYS FA 83 44.32 34.35 85.27
CA LYS FA 83 43.11 35.10 85.53
C LYS FA 83 43.17 35.89 86.84
N SER FA 84 43.45 35.21 87.96
CA SER FA 84 43.37 35.83 89.27
C SER FA 84 44.12 37.16 89.36
N ALA FA 85 45.06 37.40 88.44
CA ALA FA 85 45.89 38.61 88.46
C ALA FA 85 45.38 39.70 87.54
N MET FA 86 44.07 39.90 87.42
CA MET FA 86 43.58 40.99 86.58
C MET FA 86 42.76 41.97 87.41
N PRO FA 87 43.00 43.29 87.27
CA PRO FA 87 43.96 43.93 86.36
C PRO FA 87 45.38 44.00 86.91
N GLU FA 88 45.67 43.18 87.92
CA GLU FA 88 47.02 43.08 88.46
C GLU FA 88 48.06 42.91 87.36
N GLY FA 89 47.76 42.07 86.38
CA GLY FA 89 48.69 41.81 85.30
C GLY FA 89 49.82 40.92 85.73
N TYR FA 90 50.80 40.76 84.84
CA TYR FA 90 51.95 39.92 85.14
C TYR FA 90 53.03 40.15 84.08
N VAL FA 91 54.17 39.49 84.29
CA VAL FA 91 55.28 39.54 83.36
C VAL FA 91 55.71 38.11 83.07
N GLN FA 92 56.36 37.90 81.93
CA GLN FA 92 56.89 36.60 81.55
C GLN FA 92 58.21 36.76 80.80
N GLU FA 93 59.17 35.93 81.20
CA GLU FA 93 60.46 35.85 80.52
C GLU FA 93 60.55 34.53 79.78
N ARG FA 94 60.70 34.62 78.45
CA ARG FA 94 60.67 33.46 77.57
C ARG FA 94 62.01 33.27 76.90
N THR FA 95 62.44 32.03 76.79
CA THR FA 95 63.59 31.64 75.98
C THR FA 95 63.13 30.64 74.95
N ILE FA 96 63.40 30.91 73.68
CA ILE FA 96 63.08 29.96 72.61
C ILE FA 96 64.39 29.49 72.01
N SER FA 97 64.52 28.19 71.83
CA SER FA 97 65.76 27.55 71.43
C SER FA 97 65.51 26.77 70.14
N PHE FA 98 66.10 27.24 69.05
CA PHE FA 98 66.06 26.51 67.79
C PHE FA 98 67.08 25.38 67.82
N LYS FA 99 66.72 24.25 67.24
CA LYS FA 99 67.71 23.22 66.98
C LYS FA 99 68.35 23.49 65.63
N ASP FA 100 69.67 23.31 65.55
CA ASP FA 100 70.47 23.56 64.35
C ASP FA 100 70.56 25.05 64.03
N ASP FA 101 70.36 25.90 65.06
CA ASP FA 101 70.62 27.33 65.00
C ASP FA 101 70.52 27.90 66.41
N GLY FA 102 70.64 29.23 66.52
CA GLY FA 102 70.77 29.93 67.79
C GLY FA 102 69.51 30.07 68.60
N THR FA 103 69.36 31.18 69.34
CA THR FA 103 68.30 31.30 70.32
C THR FA 103 67.74 32.71 70.39
N TYR FA 104 66.62 32.84 71.11
CA TYR FA 104 65.96 34.11 71.40
C TYR FA 104 65.67 34.23 72.89
N LYS FA 105 65.99 35.39 73.46
CA LYS FA 105 65.65 35.78 74.82
C LYS FA 105 64.66 36.92 74.75
N THR FA 106 63.48 36.75 75.35
CA THR FA 106 62.39 37.69 75.11
C THR FA 106 61.62 37.96 76.39
N ARG FA 107 61.62 39.23 76.79
CA ARG FA 107 60.89 39.70 77.97
C ARG FA 107 59.55 40.29 77.53
N ALA FA 108 58.50 40.05 78.30
CA ALA FA 108 57.19 40.57 77.95
C ALA FA 108 56.43 40.96 79.21
N GLU FA 109 55.76 42.11 79.15
CA GLU FA 109 54.93 42.57 80.26
C GLU FA 109 53.50 42.70 79.76
N VAL FA 110 52.57 41.96 80.40
CA VAL FA 110 51.18 41.90 79.96
C VAL FA 110 50.29 42.44 81.07
N LYS FA 111 49.32 43.27 80.69
CA LYS FA 111 48.44 43.95 81.62
C LYS FA 111 47.22 44.47 80.87
N PHE FA 112 46.32 45.09 81.63
CA PHE FA 112 45.28 45.94 81.05
C PHE FA 112 45.68 47.40 81.18
N GLU FA 113 45.42 48.17 80.13
CA GLU FA 113 45.64 49.61 80.11
C GLU FA 113 44.28 50.22 79.80
N GLY FA 114 43.64 50.78 80.83
CA GLY FA 114 42.24 51.13 80.72
C GLY FA 114 41.42 49.86 80.61
N ASP FA 115 40.92 49.58 79.41
CA ASP FA 115 40.34 48.28 79.09
C ASP FA 115 40.95 47.68 77.83
N THR FA 116 41.99 48.30 77.28
CA THR FA 116 42.71 47.80 76.11
C THR FA 116 43.86 46.91 76.59
N LEU FA 117 44.02 45.74 76.00
CA LEU FA 117 45.14 44.89 76.36
C LEU FA 117 46.35 45.27 75.51
N VAL FA 118 47.31 45.96 76.12
CA VAL FA 118 48.54 46.35 75.45
C VAL FA 118 49.67 45.47 75.94
N ASN FA 119 50.46 44.98 75.00
CA ASN FA 119 51.49 43.98 75.29
C ASN FA 119 52.83 44.47 74.77
N ARG FA 120 53.71 44.86 75.70
CA ARG FA 120 55.04 45.36 75.38
C ARG FA 120 56.06 44.23 75.53
N ILE FA 121 56.77 43.94 74.44
CA ILE FA 121 57.71 42.82 74.40
C ILE FA 121 59.03 43.31 73.83
N GLU FA 122 60.13 42.88 74.45
CA GLU FA 122 61.49 43.21 74.02
C GLU FA 122 62.22 41.90 73.75
N LEU FA 123 62.94 41.85 72.63
CA LEU FA 123 63.49 40.62 72.11
C LEU FA 123 64.96 40.77 71.74
N LYS FA 124 65.76 39.76 72.08
CA LYS FA 124 67.17 39.70 71.72
C LYS FA 124 67.44 38.32 71.15
N GLY FA 125 67.62 38.22 69.83
CA GLY FA 125 67.87 36.94 69.22
C GLY FA 125 69.24 36.85 68.60
N ILE FA 126 70.06 35.88 69.00
CA ILE FA 126 71.44 35.84 68.54
C ILE FA 126 71.83 34.38 68.28
N ASP FA 127 73.09 34.21 67.85
CA ASP FA 127 73.79 32.92 67.74
C ASP FA 127 73.35 32.13 66.50
N PHE FA 128 72.98 32.82 65.43
CA PHE FA 128 72.49 32.18 64.21
C PHE FA 128 73.52 32.27 63.09
N LYS FA 129 73.44 31.33 62.16
CA LYS FA 129 74.14 31.45 60.90
C LYS FA 129 73.22 32.14 59.89
N GLU FA 130 73.71 33.21 59.28
CA GLU FA 130 72.86 34.09 58.50
C GLU FA 130 72.67 33.67 57.05
N ASP FA 131 73.25 32.53 56.66
CA ASP FA 131 72.93 31.89 55.39
C ASP FA 131 72.26 30.54 55.61
N GLY FA 132 71.47 30.40 56.67
CA GLY FA 132 70.85 29.14 57.00
C GLY FA 132 69.45 29.00 56.42
N ASN FA 133 68.69 28.08 57.01
CA ASN FA 133 67.33 27.78 56.56
C ASN FA 133 66.26 28.31 57.50
N ILE FA 134 66.44 28.09 58.81
CA ILE FA 134 65.46 28.56 59.78
C ILE FA 134 65.19 30.05 59.61
N LEU FA 135 66.23 30.82 59.35
CA LEU FA 135 66.08 32.26 59.12
C LEU FA 135 66.15 32.64 57.65
N GLY FA 136 66.84 31.87 56.83
CA GLY FA 136 67.09 32.24 55.45
C GLY FA 136 65.95 32.01 54.50
N HIS FA 137 64.72 31.92 55.04
CA HIS FA 137 63.50 31.77 54.25
C HIS FA 137 63.56 30.50 53.39
N LYS FA 138 63.70 29.36 54.08
CA LYS FA 138 63.56 28.06 53.47
C LYS FA 138 62.37 27.29 54.03
N LEU FA 139 61.85 27.70 55.18
CA LEU FA 139 60.80 27.00 55.87
C LEU FA 139 59.45 27.35 55.26
N GLU FA 140 58.45 26.49 55.50
CA GLU FA 140 57.17 26.59 54.81
C GLU FA 140 56.21 27.50 55.58
N TYR FA 141 55.44 28.29 54.81
CA TYR FA 141 54.44 29.20 55.35
C TYR FA 141 53.20 28.39 55.71
N ASN FA 142 53.19 27.87 56.94
CA ASN FA 142 52.09 27.07 57.45
C ASN FA 142 52.10 27.13 58.97
N PHE FA 143 51.35 26.22 59.58
CA PHE FA 143 51.33 26.08 61.02
C PHE FA 143 50.68 24.75 61.36
N ASN FA 144 50.78 24.34 62.63
CA ASN FA 144 50.24 23.07 63.10
C ASN FA 144 49.68 23.23 64.51
N SER FA 145 48.93 22.23 64.96
CA SER FA 145 48.32 22.24 66.28
C SER FA 145 49.35 21.89 67.34
N HIS FA 146 49.34 22.64 68.44
CA HIS FA 146 50.38 22.48 69.45
C HIS FA 146 49.79 22.46 70.84
N ASN FA 147 50.65 22.17 71.81
CA ASN FA 147 50.28 22.08 73.21
C ASN FA 147 51.33 22.78 74.07
N VAL FA 148 50.89 23.29 75.22
CA VAL FA 148 51.74 23.97 76.19
C VAL FA 148 51.56 23.26 77.52
N TYR FA 149 52.67 22.99 78.22
CA TYR FA 149 52.60 22.44 79.56
C TYR FA 149 52.84 23.55 80.57
N ILE FA 150 51.87 23.79 81.44
CA ILE FA 150 52.02 24.78 82.51
C ILE FA 150 52.16 24.05 83.83
N THR FA 151 53.13 24.49 84.62
CA THR FA 151 53.49 23.88 85.89
C THR FA 151 53.52 24.95 86.97
N ALA FA 152 52.97 24.62 88.14
CA ALA FA 152 53.03 25.53 89.27
C ALA FA 152 54.48 25.76 89.69
N ASP FA 153 54.76 26.95 90.21
CA ASP FA 153 56.12 27.32 90.62
C ASP FA 153 55.98 28.16 91.88
N LYS FA 154 56.02 27.50 93.04
CA LYS FA 154 55.87 28.22 94.30
C LYS FA 154 57.07 29.09 94.61
N GLN FA 155 58.23 28.80 94.01
CA GLN FA 155 59.41 29.63 94.20
C GLN FA 155 59.17 31.05 93.71
N LYS FA 156 58.51 31.20 92.57
CA LYS FA 156 58.07 32.50 92.09
C LYS FA 156 56.59 32.71 92.28
N ASN FA 157 55.96 31.88 93.12
CA ASN FA 157 54.51 31.87 93.39
C ASN FA 157 53.68 32.13 92.12
N GLY FA 158 54.21 31.65 90.99
CA GLY FA 158 53.60 31.80 89.69
C GLY FA 158 53.68 30.48 88.95
N ILE FA 159 54.08 30.50 87.68
CA ILE FA 159 54.17 29.26 86.93
C ILE FA 159 55.36 29.27 85.99
N LYS FA 160 55.71 28.09 85.51
CA LYS FA 160 56.59 27.90 84.37
C LYS FA 160 55.78 27.29 83.23
N ALA FA 161 56.13 27.68 82.00
CA ALA FA 161 55.47 27.12 80.83
C ALA FA 161 56.54 26.60 79.88
N ASN FA 162 56.42 25.31 79.54
CA ASN FA 162 57.36 24.66 78.65
C ASN FA 162 56.59 24.01 77.51
N PHE FA 163 57.15 24.10 76.31
CA PHE FA 163 56.50 23.46 75.17
C PHE FA 163 57.49 23.34 74.02
N LYS FA 164 57.09 22.60 73.00
CA LYS FA 164 57.95 22.32 71.85
C LYS FA 164 57.14 22.53 70.59
N ILE FA 165 57.71 23.29 69.65
CA ILE FA 165 57.04 23.60 68.39
C ILE FA 165 57.82 22.95 67.26
N ARG FA 166 57.10 22.42 66.29
CA ARG FA 166 57.70 21.79 65.11
C ARG FA 166 57.25 22.55 63.87
N HIS FA 167 58.19 23.22 63.22
CA HIS FA 167 57.93 23.95 61.99
C HIS FA 167 58.46 23.15 60.81
N ASN FA 168 57.56 22.70 59.94
CA ASN FA 168 57.97 21.92 58.79
C ASN FA 168 58.60 22.81 57.73
N VAL FA 169 59.63 22.28 57.08
CA VAL FA 169 60.34 22.99 56.04
C VAL FA 169 59.77 22.54 54.69
N GLU FA 170 59.99 23.36 53.66
CA GLU FA 170 59.40 23.08 52.35
C GLU FA 170 59.89 21.77 51.75
N ASP FA 171 60.85 21.10 52.41
CA ASP FA 171 61.36 19.82 51.94
C ASP FA 171 61.19 18.72 52.99
N GLY FA 172 60.06 18.72 53.69
CA GLY FA 172 59.71 17.65 54.61
C GLY FA 172 60.36 17.73 55.97
N SER FA 173 61.56 18.29 56.06
CA SER FA 173 62.25 18.35 57.34
C SER FA 173 61.53 19.32 58.28
N VAL FA 174 61.82 19.17 59.57
CA VAL FA 174 61.15 19.93 60.62
C VAL FA 174 62.20 20.56 61.52
N GLN FA 175 61.84 21.67 62.13
CA GLN FA 175 62.66 22.35 63.12
C GLN FA 175 61.91 22.33 64.44
N LEU FA 176 62.55 21.84 65.50
CA LEU FA 176 61.93 21.71 66.80
C LEU FA 176 62.48 22.77 67.76
N ALA FA 177 61.73 23.84 67.94
CA ALA FA 177 62.09 24.93 68.85
C ALA FA 177 61.49 24.63 70.22
N ASP FA 178 62.34 24.58 71.23
CA ASP FA 178 61.91 24.35 72.60
C ASP FA 178 61.76 25.70 73.32
N HIS FA 179 60.62 25.90 73.96
CA HIS FA 179 60.29 27.17 74.58
C HIS FA 179 60.10 26.99 76.08
N TYR FA 180 60.82 27.81 76.84
CA TYR FA 180 60.64 27.96 78.28
C TYR FA 180 60.12 29.36 78.55
N GLN FA 181 59.36 29.53 79.64
CA GLN FA 181 59.05 30.88 80.09
C GLN FA 181 58.62 30.85 81.54
N GLN FA 182 59.01 31.89 82.28
CA GLN FA 182 58.63 32.10 83.67
C GLN FA 182 57.55 33.16 83.71
N ASN FA 183 56.41 32.84 84.34
CA ASN FA 183 55.28 33.74 84.48
C ASN FA 183 55.12 34.12 85.94
N THR FA 184 55.19 35.43 86.21
CA THR FA 184 55.12 35.94 87.59
C THR FA 184 54.24 37.18 87.66
N PRO FA 185 53.37 37.27 88.65
CA PRO FA 185 52.50 38.44 88.76
C PRO FA 185 53.20 39.59 89.47
N ILE FA 186 52.78 40.80 89.12
CA ILE FA 186 53.42 42.00 89.68
C ILE FA 186 53.02 42.22 91.14
N GLY FA 187 51.80 41.84 91.53
CA GLY FA 187 51.35 42.10 92.87
C GLY FA 187 51.54 40.92 93.80
N ASP FA 188 51.58 41.22 95.09
CA ASP FA 188 51.78 40.21 96.13
C ASP FA 188 50.48 39.52 96.53
N GLY FA 189 49.38 39.81 95.85
CA GLY FA 189 48.09 39.24 96.20
C GLY FA 189 48.02 37.74 96.00
N PRO FA 190 46.91 37.14 96.41
CA PRO FA 190 46.74 35.70 96.23
C PRO FA 190 46.31 35.36 94.81
N VAL FA 191 47.16 34.60 94.12
CA VAL FA 191 46.90 34.15 92.76
C VAL FA 191 46.63 32.66 92.79
N LEU FA 192 45.61 32.25 92.04
CA LEU FA 192 45.13 30.87 92.03
C LEU FA 192 46.22 29.98 91.47
N LEU FA 193 46.46 28.85 92.13
CA LEU FA 193 47.61 28.02 91.82
C LEU FA 193 47.19 26.82 90.96
N PRO FA 194 47.58 26.76 89.69
CA PRO FA 194 47.24 25.61 88.86
C PRO FA 194 48.30 24.52 88.95
N ASP FA 195 47.81 23.29 89.12
CA ASP FA 195 48.70 22.15 88.98
C ASP FA 195 49.09 22.00 87.51
N ASN FA 196 50.13 21.19 87.29
CA ASN FA 196 50.67 21.01 85.93
C ASN FA 196 49.60 20.38 85.05
N HIS FA 197 49.28 21.06 83.95
CA HIS FA 197 48.39 20.48 82.95
C HIS FA 197 48.73 21.10 81.59
N TYR FA 198 47.89 20.84 80.59
CA TYR FA 198 48.25 21.17 79.23
C TYR FA 198 47.25 22.15 78.63
N LEU FA 199 47.58 22.65 77.45
CA LEU FA 199 46.81 23.66 76.77
C LEU FA 199 46.98 23.50 75.27
N SER FA 200 45.89 23.19 74.57
CA SER FA 200 45.89 22.97 73.14
C SER FA 200 45.64 24.29 72.42
N THR FA 201 46.26 24.42 71.25
CA THR FA 201 46.25 25.66 70.48
C THR FA 201 46.24 25.35 69.00
N GLN FA 202 45.37 26.06 68.27
CA GLN FA 202 45.31 25.98 66.81
C GLN FA 202 45.29 27.41 66.27
N SER FA 203 45.81 27.58 65.06
CA SER FA 203 45.81 28.90 64.44
C SER FA 203 45.91 28.77 62.93
N ALA FA 204 45.63 29.88 62.25
CA ALA FA 204 45.64 29.94 60.80
C ALA FA 204 46.14 31.31 60.36
N LEU FA 205 46.96 31.29 59.32
CA LEU FA 205 47.69 32.44 58.80
C LEU FA 205 47.21 32.75 57.39
N SER FA 206 47.10 34.04 57.08
CA SER FA 206 46.61 34.47 55.78
C SER FA 206 47.06 35.90 55.52
N LYS FA 207 46.64 36.42 54.37
CA LYS FA 207 47.03 37.74 53.88
C LYS FA 207 45.80 38.59 53.63
N ASP FA 208 45.97 39.90 53.75
CA ASP FA 208 44.99 40.82 53.18
C ASP FA 208 45.28 40.98 51.69
N PRO FA 209 44.26 41.03 50.83
CA PRO FA 209 44.53 41.05 49.39
C PRO FA 209 44.99 42.40 48.88
N ASN FA 210 44.70 43.49 49.60
CA ASN FA 210 44.93 44.84 49.09
C ASN FA 210 45.76 45.71 50.05
N GLU FA 211 46.75 45.12 50.71
CA GLU FA 211 47.69 45.89 51.54
C GLU FA 211 49.10 45.72 51.00
N LYS FA 212 49.78 46.84 50.76
CA LYS FA 212 51.07 46.82 50.08
C LYS FA 212 52.25 46.70 51.04
N ARG FA 213 52.01 46.80 52.35
CA ARG FA 213 53.08 46.58 53.31
C ARG FA 213 53.33 45.09 53.52
N ASP FA 214 54.17 44.78 54.50
CA ASP FA 214 54.27 43.40 54.95
C ASP FA 214 53.24 43.13 56.05
N HIS FA 215 52.32 42.22 55.77
CA HIS FA 215 51.22 41.97 56.68
C HIS FA 215 51.17 40.47 56.98
N MET FA 216 50.53 40.14 58.10
CA MET FA 216 50.31 38.75 58.46
C MET FA 216 49.06 38.68 59.31
N VAL FA 217 47.99 38.13 58.76
CA VAL FA 217 46.70 38.02 59.43
C VAL FA 217 46.64 36.64 60.06
N LEU FA 218 46.12 36.55 61.29
CA LEU FA 218 46.13 35.27 61.99
C LEU FA 218 44.94 35.18 62.95
N LEU FA 219 44.21 34.07 62.86
CA LEU FA 219 43.13 33.80 63.80
C LEU FA 219 43.40 32.48 64.49
N GLU FA 220 42.99 32.35 65.75
CA GLU FA 220 43.48 31.25 66.57
C GLU FA 220 42.53 30.93 67.71
N PHE FA 221 42.49 29.65 68.06
CA PHE FA 221 41.66 29.12 69.13
C PHE FA 221 42.55 28.41 70.12
N VAL FA 222 42.42 28.77 71.40
CA VAL FA 222 43.32 28.29 72.45
C VAL FA 222 42.48 27.90 73.66
N THR FA 223 42.71 26.69 74.17
CA THR FA 223 41.96 26.25 75.34
C THR FA 223 42.73 25.16 76.06
N ALA FA 224 42.57 25.13 77.38
CA ALA FA 224 43.38 24.30 78.25
C ALA FA 224 42.59 23.13 78.81
N ALA FA 225 43.33 22.16 79.37
CA ALA FA 225 42.76 21.00 80.04
C ALA FA 225 43.87 20.30 80.81
N GLY FA 226 43.57 19.12 81.32
CA GLY FA 226 44.53 18.30 82.03
C GLY FA 226 43.97 17.57 83.23
N ILE FA 227 42.85 18.00 83.74
CA ILE FA 227 42.22 17.36 84.88
C ILE FA 227 41.07 16.50 84.38
N THR FA 228 41.03 15.25 84.83
CA THR FA 228 39.93 14.35 84.49
C THR FA 228 38.86 14.48 85.57
N HIS FA 229 38.08 15.55 85.50
CA HIS FA 229 37.09 15.85 86.52
C HIS FA 229 35.76 15.15 86.23
N HIS FA 230 34.89 15.17 87.23
CA HIS FA 230 33.62 14.45 87.16
C HIS FA 230 32.71 14.98 86.06
N GLY GA 54 47.90 -10.07 68.56
CA GLY GA 54 48.24 -8.85 67.83
C GLY GA 54 49.59 -8.91 67.15
N LYS GA 55 50.58 -9.45 67.86
CA LYS GA 55 51.93 -9.62 67.34
C LYS GA 55 52.57 -10.93 67.76
N GLU GA 56 52.07 -11.58 68.81
CA GLU GA 56 52.69 -12.77 69.36
C GLU GA 56 52.52 -14.01 68.48
N LEU GA 57 51.80 -13.91 67.36
CA LEU GA 57 51.62 -15.09 66.50
C LEU GA 57 52.81 -15.28 65.57
N LEU GA 58 53.50 -14.20 65.22
CA LEU GA 58 54.51 -14.29 64.17
C LEU GA 58 55.71 -15.11 64.61
N GLU GA 59 56.13 -14.99 65.88
CA GLU GA 59 57.27 -15.75 66.34
C GLU GA 59 56.94 -17.24 66.41
N ALA GA 60 55.67 -17.55 66.68
CA ALA GA 60 55.25 -18.95 66.68
C ALA GA 60 55.18 -19.50 65.27
N ALA GA 61 54.80 -18.66 64.30
CA ALA GA 61 54.88 -19.08 62.90
C ALA GA 61 56.33 -19.31 62.49
N ARG GA 62 57.23 -18.44 62.94
CA ARG GA 62 58.63 -18.56 62.58
C ARG GA 62 59.26 -19.81 63.20
N ALA GA 63 58.95 -20.10 64.46
CA ALA GA 63 59.46 -21.29 65.11
C ALA GA 63 58.79 -22.57 64.62
N GLY GA 64 57.78 -22.46 63.76
CA GLY GA 64 57.05 -23.63 63.31
C GLY GA 64 56.07 -24.18 64.32
N GLN GA 65 55.65 -23.37 65.29
CA GLN GA 65 54.70 -23.81 66.31
C GLN GA 65 53.29 -23.82 65.71
N ASP GA 66 53.02 -24.86 64.93
CA ASP GA 66 51.73 -24.95 64.25
C ASP GA 66 50.58 -25.01 65.25
N ASP GA 67 50.75 -25.74 66.35
CA ASP GA 67 49.69 -25.84 67.34
C ASP GA 67 49.49 -24.52 68.08
N GLU GA 68 50.58 -23.78 68.32
CA GLU GA 68 50.43 -22.51 69.01
C GLU GA 68 49.69 -21.50 68.15
N VAL GA 69 50.09 -21.35 66.88
CA VAL GA 69 49.37 -20.44 66.00
C VAL GA 69 47.94 -20.92 65.78
N ALA GA 70 47.72 -22.23 65.83
CA ALA GA 70 46.36 -22.75 65.77
C ALA GA 70 45.52 -22.23 66.93
N VAL GA 71 45.97 -22.48 68.16
CA VAL GA 71 45.15 -22.13 69.33
C VAL GA 71 45.06 -20.62 69.48
N LEU GA 72 46.05 -19.88 68.99
CA LEU GA 72 46.04 -18.43 69.14
C LEU GA 72 45.26 -17.75 68.02
N MET GA 73 45.10 -18.40 66.87
CA MET GA 73 44.25 -17.87 65.82
C MET GA 73 42.80 -18.28 66.02
N ALA GA 74 42.55 -19.41 66.68
CA ALA GA 74 41.19 -19.73 67.12
C ALA GA 74 40.62 -18.59 67.92
N ARG GA 75 41.36 -18.13 68.93
CA ARG GA 75 41.06 -16.86 69.58
C ARG GA 75 41.34 -15.72 68.61
N GLY GA 76 40.47 -14.71 68.64
CA GLY GA 76 40.58 -13.58 67.74
C GLY GA 76 41.96 -12.93 67.71
N ALA GA 77 42.65 -13.08 66.57
CA ALA GA 77 44.01 -12.58 66.44
C ALA GA 77 44.17 -11.93 65.08
N GLU GA 78 45.22 -11.12 64.94
CA GLU GA 78 45.49 -10.45 63.67
C GLU GA 78 46.05 -11.44 62.66
N VAL GA 79 45.30 -11.68 61.58
CA VAL GA 79 45.80 -12.57 60.54
C VAL GA 79 46.65 -11.83 59.51
N ASN GA 80 46.23 -10.65 59.06
CA ASN GA 80 46.98 -9.87 58.08
C ASN GA 80 47.92 -8.88 58.75
N ALA GA 81 48.75 -9.38 59.64
CA ALA GA 81 49.65 -8.53 60.42
C ALA GA 81 50.78 -8.01 59.55
N ALA GA 82 50.92 -6.69 59.55
CA ALA GA 82 52.07 -6.01 58.96
C ALA GA 82 53.06 -5.71 60.08
N ASP GA 83 54.31 -6.11 59.88
CA ASP GA 83 55.28 -6.09 60.96
C ASP GA 83 56.34 -5.02 60.72
N ASP GA 84 57.36 -5.06 61.58
CA ASP GA 84 58.41 -4.04 61.64
C ASP GA 84 59.15 -3.84 60.32
N VAL GA 85 59.09 -4.79 59.39
CA VAL GA 85 59.68 -4.59 58.08
C VAL GA 85 58.66 -5.01 57.02
N GLY GA 86 57.47 -5.39 57.46
CA GLY GA 86 56.40 -5.69 56.53
C GLY GA 86 56.27 -7.16 56.22
N VAL GA 87 56.73 -8.00 57.13
CA VAL GA 87 56.77 -9.45 56.94
C VAL GA 87 55.54 -10.00 57.64
N THR GA 88 54.58 -10.48 56.85
CA THR GA 88 53.38 -11.08 57.41
C THR GA 88 53.69 -12.53 57.82
N PRO GA 89 52.99 -13.06 58.82
CA PRO GA 89 53.17 -14.47 59.18
C PRO GA 89 53.16 -15.43 57.99
N LEU GA 90 52.47 -15.09 56.91
CA LEU GA 90 52.50 -15.95 55.73
C LEU GA 90 53.88 -15.97 55.08
N HIS GA 91 54.55 -14.82 55.04
CA HIS GA 91 55.89 -14.77 54.47
C HIS GA 91 56.85 -15.67 55.23
N LEU GA 92 56.88 -15.56 56.56
CA LEU GA 92 57.74 -16.39 57.39
C LEU GA 92 57.31 -17.85 57.41
N ALA GA 93 56.02 -18.12 57.20
CA ALA GA 93 55.54 -19.48 57.09
C ALA GA 93 55.89 -20.11 55.76
N ALA GA 94 56.16 -19.30 54.74
CA ALA GA 94 56.62 -19.78 53.45
C ALA GA 94 58.12 -19.93 53.36
N GLN GA 95 58.88 -19.00 53.98
CA GLN GA 95 60.34 -19.12 54.00
C GLN GA 95 60.76 -20.48 54.55
N ARG GA 96 60.37 -20.77 55.79
CA ARG GA 96 60.51 -22.12 56.31
C ARG GA 96 59.42 -23.00 55.71
N GLY GA 97 59.70 -24.30 55.65
CA GLY GA 97 58.72 -25.19 55.06
C GLY GA 97 57.70 -25.67 56.06
N HIS GA 98 56.55 -25.00 56.09
CA HIS GA 98 55.51 -25.29 57.08
C HIS GA 98 54.16 -25.20 56.37
N LEU GA 99 53.68 -26.33 55.86
CA LEU GA 99 52.43 -26.37 55.12
C LEU GA 99 51.21 -26.17 56.00
N ALA GA 100 51.22 -26.74 57.20
CA ALA GA 100 50.06 -26.63 58.09
C ALA GA 100 49.80 -25.17 58.46
N ILE GA 101 50.86 -24.41 58.69
CA ILE GA 101 50.68 -23.02 59.11
C ILE GA 101 50.10 -22.19 57.97
N VAL GA 102 50.59 -22.38 56.74
CA VAL GA 102 50.05 -21.60 55.64
C VAL GA 102 48.62 -22.03 55.33
N SER GA 103 48.29 -23.30 55.56
CA SER GA 103 46.91 -23.73 55.36
C SER GA 103 45.97 -23.07 56.36
N VAL GA 104 46.33 -23.12 57.64
CA VAL GA 104 45.47 -22.53 58.67
C VAL GA 104 45.49 -21.01 58.60
N LEU GA 105 46.48 -20.43 57.93
CA LEU GA 105 46.47 -18.99 57.74
C LEU GA 105 45.62 -18.58 56.55
N LEU GA 106 45.70 -19.33 55.44
CA LEU GA 106 44.81 -19.07 54.31
C LEU GA 106 43.36 -19.24 54.69
N ALA GA 107 43.04 -20.31 55.43
CA ALA GA 107 41.64 -20.52 55.83
C ALA GA 107 41.11 -19.36 56.66
N PHE GA 108 41.97 -18.73 57.45
CA PHE GA 108 41.54 -17.62 58.29
C PHE GA 108 41.61 -16.26 57.59
N GLY GA 109 41.87 -16.23 56.29
CA GLY GA 109 41.77 -14.98 55.56
C GLY GA 109 43.06 -14.20 55.42
N ALA GA 110 44.12 -14.88 55.01
CA ALA GA 110 45.36 -14.19 54.71
C ALA GA 110 45.39 -13.76 53.24
N SER GA 111 46.26 -12.81 52.94
CA SER GA 111 46.41 -12.34 51.57
C SER GA 111 47.63 -13.00 50.94
N VAL GA 112 47.43 -13.69 49.82
CA VAL GA 112 48.54 -14.33 49.13
C VAL GA 112 49.45 -13.32 48.45
N ASN GA 113 48.92 -12.16 48.04
CA ASN GA 113 49.72 -11.10 47.45
C ASN GA 113 49.92 -10.02 48.51
N ALA GA 114 51.05 -10.06 49.20
CA ALA GA 114 51.31 -9.14 50.30
C ALA GA 114 52.63 -8.42 50.05
N ALA GA 115 52.52 -7.17 49.65
CA ALA GA 115 53.66 -6.41 49.13
C ALA GA 115 54.62 -6.11 50.28
N ASP GA 116 55.63 -6.95 50.42
CA ASP GA 116 56.68 -6.75 51.40
C ASP GA 116 57.40 -5.42 51.14
N LEU GA 117 58.09 -4.94 52.17
CA LEU GA 117 58.84 -3.69 52.04
C LEU GA 117 59.94 -3.81 51.00
N TRP GA 118 60.38 -5.03 50.68
CA TRP GA 118 61.37 -5.25 49.64
C TRP GA 118 60.76 -5.62 48.30
N GLY GA 119 59.45 -5.83 48.25
CA GLY GA 119 58.79 -6.22 47.02
C GLY GA 119 58.53 -7.70 46.89
N GLN GA 120 58.75 -8.48 47.95
CA GLN GA 120 58.53 -9.91 47.87
C GLN GA 120 57.10 -10.26 48.25
N THR GA 121 56.76 -11.52 47.98
CA THR GA 121 55.45 -12.11 48.12
C THR GA 121 55.72 -13.54 48.59
N PRO GA 122 54.82 -14.18 49.35
CA PRO GA 122 55.10 -15.56 49.78
C PRO GA 122 55.46 -16.50 48.65
N LEU GA 123 54.95 -16.26 47.44
CA LEU GA 123 55.33 -17.09 46.30
C LEU GA 123 56.80 -16.91 45.95
N HIS GA 124 57.33 -15.68 46.06
CA HIS GA 124 58.74 -15.45 45.80
C HIS GA 124 59.61 -16.28 46.74
N LEU GA 125 59.43 -16.11 48.04
CA LEU GA 125 60.22 -16.83 49.02
C LEU GA 125 60.00 -18.33 48.96
N ALA GA 126 58.79 -18.78 48.69
CA ALA GA 126 58.52 -20.21 48.58
C ALA GA 126 59.18 -20.83 47.36
N ALA GA 127 59.15 -20.14 46.22
CA ALA GA 127 59.84 -20.64 45.03
C ALA GA 127 61.34 -20.62 45.23
N THR GA 128 61.87 -19.62 45.94
CA THR GA 128 63.29 -19.59 46.21
C THR GA 128 63.72 -20.70 47.16
N ALA GA 129 62.91 -20.99 48.18
CA ALA GA 129 63.29 -22.00 49.16
C ALA GA 129 63.37 -23.39 48.53
N GLY GA 130 62.25 -23.88 47.99
CA GLY GA 130 62.25 -25.17 47.33
C GLY GA 130 61.13 -26.10 47.75
N HIS GA 131 60.15 -25.57 48.47
CA HIS GA 131 59.05 -26.40 48.96
C HIS GA 131 57.91 -26.38 47.93
N LEU GA 132 57.63 -27.56 47.38
CA LEU GA 132 56.68 -27.64 46.27
C LEU GA 132 55.24 -27.55 46.74
N GLU GA 133 54.91 -28.19 47.86
CA GLU GA 133 53.54 -28.21 48.35
C GLU GA 133 53.03 -26.80 48.67
N ILE GA 134 53.88 -25.97 49.25
CA ILE GA 134 53.48 -24.60 49.52
C ILE GA 134 53.25 -23.84 48.22
N VAL GA 135 54.10 -24.06 47.22
CA VAL GA 135 53.91 -23.43 45.92
C VAL GA 135 52.56 -23.83 45.33
N GLU GA 136 52.21 -25.11 45.40
CA GLU GA 136 50.93 -25.56 44.85
C GLU GA 136 49.76 -24.92 45.59
N VAL GA 137 49.78 -24.96 46.92
CA VAL GA 137 48.63 -24.46 47.67
C VAL GA 137 48.52 -22.94 47.55
N LEU GA 138 49.63 -22.27 47.22
CA LEU GA 138 49.56 -20.83 46.99
C LEU GA 138 49.05 -20.52 45.60
N LEU GA 139 49.47 -21.30 44.60
CA LEU GA 139 49.01 -21.09 43.24
C LEU GA 139 47.51 -21.37 43.11
N ARG GA 140 47.02 -22.36 43.86
CA ARG GA 140 45.59 -22.65 43.83
C ARG GA 140 44.77 -21.61 44.57
N SER GA 141 45.39 -20.81 45.44
CA SER GA 141 44.68 -19.83 46.23
C SER GA 141 44.65 -18.45 45.59
N GLY GA 142 45.34 -18.25 44.47
CA GLY GA 142 45.33 -16.99 43.78
C GLY GA 142 46.63 -16.21 43.78
N ALA GA 143 47.77 -16.86 43.97
CA ALA GA 143 49.04 -16.15 43.89
C ALA GA 143 49.34 -15.78 42.43
N SER GA 144 49.91 -14.60 42.25
CA SER GA 144 50.20 -14.08 40.92
C SER GA 144 51.60 -14.48 40.48
N VAL GA 145 51.65 -15.31 39.43
CA VAL GA 145 52.92 -15.84 38.94
C VAL GA 145 53.81 -14.79 38.32
N ASN GA 146 53.30 -13.59 38.03
CA ASN GA 146 54.07 -12.57 37.35
C ASN GA 146 54.15 -11.30 38.17
N ALA GA 147 54.40 -11.44 39.46
CA ALA GA 147 54.67 -10.30 40.32
C ALA GA 147 56.17 -10.02 40.35
N ARG GA 148 56.54 -8.76 40.50
CA ARG GA 148 57.92 -8.33 40.37
C ARG GA 148 58.50 -7.92 41.71
N ASP GA 149 59.82 -8.07 41.83
CA ASP GA 149 60.61 -7.49 42.91
C ASP GA 149 60.95 -6.04 42.58
N ASN GA 150 61.91 -5.50 43.34
CA ASN GA 150 62.52 -4.24 42.92
C ASN GA 150 63.54 -4.48 41.82
N ILE GA 151 64.35 -5.53 41.94
CA ILE GA 151 65.19 -5.93 40.82
C ILE GA 151 64.36 -6.29 39.60
N GLY GA 152 63.11 -6.71 39.79
CA GLY GA 152 62.25 -7.12 38.70
C GLY GA 152 62.07 -8.62 38.57
N HIS GA 153 62.60 -9.41 39.50
CA HIS GA 153 62.52 -10.85 39.38
C HIS GA 153 61.08 -11.33 39.53
N THR GA 154 60.72 -12.34 38.74
CA THR GA 154 59.47 -13.06 38.88
C THR GA 154 59.73 -14.41 39.52
N PRO GA 155 58.71 -15.05 40.09
CA PRO GA 155 58.96 -16.34 40.76
C PRO GA 155 59.68 -17.35 39.90
N LEU GA 156 59.59 -17.25 38.57
CA LEU GA 156 60.30 -18.19 37.71
C LEU GA 156 61.79 -17.85 37.65
N HIS GA 157 62.14 -16.56 37.70
CA HIS GA 157 63.54 -16.17 37.83
C HIS GA 157 64.18 -16.89 39.01
N LEU GA 158 63.53 -16.85 40.18
CA LEU GA 158 64.07 -17.47 41.36
C LEU GA 158 64.04 -18.99 41.28
N ALA GA 159 62.98 -19.55 40.71
CA ALA GA 159 62.92 -20.99 40.52
C ALA GA 159 64.05 -21.49 39.63
N ALA GA 160 64.45 -20.70 38.64
CA ALA GA 160 65.55 -21.08 37.75
C ALA GA 160 66.91 -20.85 38.40
N TRP GA 161 67.07 -19.76 39.14
CA TRP GA 161 68.32 -19.54 39.86
C TRP GA 161 68.58 -20.64 40.87
N ALA GA 162 67.58 -20.94 41.72
CA ALA GA 162 67.80 -21.89 42.80
C ALA GA 162 68.03 -23.30 42.27
N GLY GA 163 67.44 -23.64 41.13
CA GLY GA 163 67.59 -24.95 40.55
C GLY GA 163 66.51 -25.95 40.88
N HIS GA 164 65.26 -25.52 40.98
CA HIS GA 164 64.15 -26.39 41.38
C HIS GA 164 63.33 -26.77 40.16
N LEU GA 165 63.49 -28.00 39.69
CA LEU GA 165 62.88 -28.41 38.42
C LEU GA 165 61.37 -28.51 38.54
N GLU GA 166 60.88 -29.22 39.56
CA GLU GA 166 59.45 -29.44 39.71
C GLU GA 166 58.71 -28.13 39.93
N ILE GA 167 59.32 -27.20 40.67
CA ILE GA 167 58.70 -25.89 40.86
C ILE GA 167 58.68 -25.13 39.54
N VAL GA 168 59.72 -25.28 38.73
CA VAL GA 168 59.71 -24.66 37.41
C VAL GA 168 58.56 -25.20 36.57
N GLU GA 169 58.33 -26.51 36.64
CA GLU GA 169 57.21 -27.10 35.91
C GLU GA 169 55.88 -26.56 36.37
N VAL GA 170 55.62 -26.55 37.67
CA VAL GA 170 54.32 -26.10 38.15
C VAL GA 170 54.13 -24.62 37.87
N LEU GA 171 55.21 -23.84 37.87
CA LEU GA 171 55.09 -22.43 37.53
C LEU GA 171 54.84 -22.21 36.05
N LEU GA 172 55.38 -23.08 35.19
CA LEU GA 172 55.11 -22.97 33.76
C LEU GA 172 53.70 -23.40 33.41
N ALA GA 173 53.14 -24.35 34.15
CA ALA GA 173 51.76 -24.76 33.96
C ALA GA 173 50.75 -23.67 34.31
N TYR GA 174 51.11 -22.75 35.20
CA TYR GA 174 50.16 -21.74 35.70
C TYR GA 174 50.29 -20.40 35.00
N GLY GA 175 51.13 -20.30 33.97
CA GLY GA 175 51.17 -19.12 33.15
C GLY GA 175 52.39 -18.23 33.31
N ALA GA 176 53.45 -18.71 33.94
CA ALA GA 176 54.70 -17.97 33.94
C ALA GA 176 55.29 -17.95 32.55
N ASP GA 177 55.73 -16.78 32.12
CA ASP GA 177 56.28 -16.58 30.77
C ASP GA 177 57.79 -16.79 30.80
N VAL GA 178 58.32 -17.36 29.72
CA VAL GA 178 59.72 -17.76 29.73
C VAL GA 178 60.64 -16.60 29.38
N PHE GA 179 60.25 -15.73 28.45
CA PHE GA 179 61.09 -14.57 28.15
C PHE GA 179 60.58 -13.31 28.83
N ALA GA 180 60.68 -13.26 30.15
CA ALA GA 180 60.47 -12.04 30.91
C ALA GA 180 61.81 -11.59 31.45
N GLN GA 181 62.00 -10.28 31.56
CA GLN GA 181 63.29 -9.75 31.97
C GLN GA 181 63.18 -9.05 33.32
N ASP GA 182 64.34 -8.88 33.96
CA ASP GA 182 64.48 -8.05 35.15
C ASP GA 182 65.07 -6.70 34.73
N LYS GA 183 65.30 -5.83 35.70
CA LYS GA 183 65.87 -4.53 35.39
C LYS GA 183 67.20 -4.64 34.67
N PHE GA 184 68.01 -5.64 35.01
CA PHE GA 184 69.32 -5.79 34.41
C PHE GA 184 69.29 -6.54 33.09
N GLY GA 185 68.13 -6.97 32.63
CA GLY GA 185 67.97 -7.47 31.28
C GLY GA 185 68.00 -8.98 31.10
N LYS GA 186 68.00 -9.75 32.18
CA LYS GA 186 68.14 -11.19 32.08
C LYS GA 186 66.79 -11.90 32.15
N THR GA 187 66.70 -13.00 31.42
CA THR GA 187 65.57 -13.92 31.40
C THR GA 187 65.91 -15.15 32.22
N PRO GA 188 64.91 -15.89 32.70
CA PRO GA 188 65.19 -17.09 33.50
C PRO GA 188 66.20 -18.03 32.88
N PHE GA 189 66.26 -18.11 31.56
CA PHE GA 189 67.26 -18.95 30.92
C PHE GA 189 68.67 -18.46 31.20
N ASP GA 190 68.85 -17.15 31.33
CA ASP GA 190 70.18 -16.62 31.63
C ASP GA 190 70.59 -16.94 33.06
N LEU GA 191 69.69 -16.70 34.03
CA LEU GA 191 69.99 -17.09 35.40
C LEU GA 191 70.19 -18.60 35.52
N ALA GA 192 69.63 -19.36 34.58
CA ALA GA 192 69.83 -20.81 34.62
C ALA GA 192 71.18 -21.20 34.03
N ILE GA 193 71.65 -20.50 33.00
CA ILE GA 193 72.88 -20.91 32.35
C ILE GA 193 74.10 -20.32 33.03
N ASP GA 194 73.94 -19.24 33.79
CA ASP GA 194 75.09 -18.67 34.50
C ASP GA 194 75.27 -19.26 35.89
N ASN GA 195 74.54 -20.32 36.25
CA ASN GA 195 74.62 -20.92 37.56
C ASN GA 195 74.80 -22.43 37.51
N GLY GA 196 75.05 -22.99 36.33
CA GLY GA 196 75.23 -24.41 36.21
C GLY GA 196 73.97 -25.25 36.35
N ASN GA 197 72.83 -24.64 36.64
CA ASN GA 197 71.56 -25.35 36.62
C ASN GA 197 71.26 -25.77 35.20
N GLU GA 198 71.39 -27.08 34.92
CA GLU GA 198 71.45 -27.57 33.55
C GLU GA 198 70.10 -27.85 32.93
N ASP GA 199 69.17 -28.49 33.65
CA ASP GA 199 67.97 -28.97 33.00
C ASP GA 199 66.90 -27.89 32.94
N ILE GA 200 66.90 -26.97 33.90
CA ILE GA 200 66.07 -25.78 33.77
C ILE GA 200 66.35 -25.12 32.43
N ALA GA 201 67.63 -24.97 32.10
CA ALA GA 201 68.02 -24.39 30.82
C ALA GA 201 67.48 -25.19 29.65
N GLU GA 202 67.49 -26.52 29.73
CA GLU GA 202 67.03 -27.32 28.60
C GLU GA 202 65.52 -27.19 28.40
N VAL GA 203 64.75 -27.32 29.48
CA VAL GA 203 63.30 -27.23 29.34
C VAL GA 203 62.83 -25.81 29.08
N LEU GA 204 63.66 -24.80 29.30
CA LEU GA 204 63.28 -23.46 28.87
C LEU GA 204 63.71 -23.17 27.45
N GLN GA 205 64.83 -23.75 27.01
CA GLN GA 205 65.27 -23.64 25.63
C GLN GA 205 64.28 -24.30 24.69
N ARG GA 206 63.72 -25.44 25.08
CA ARG GA 206 62.72 -26.08 24.23
C ARG GA 206 61.54 -25.16 23.97
N LEU GA 207 61.10 -24.41 24.99
CA LEU GA 207 59.94 -23.53 24.82
C LEU GA 207 60.29 -22.30 23.99
N LEU GA 208 61.44 -21.69 24.27
CA LEU GA 208 61.90 -20.59 23.43
C LEU GA 208 61.95 -21.00 21.96
N GLU GA 209 62.45 -22.21 21.70
CA GLU GA 209 62.57 -22.67 20.33
C GLU GA 209 61.21 -22.97 19.70
N CYS GA 210 60.28 -23.54 20.46
CA CYS GA 210 58.94 -23.76 19.93
C CYS GA 210 58.30 -22.45 19.50
N ARG GA 211 58.40 -21.41 20.34
CA ARG GA 211 57.79 -20.15 19.96
C ARG GA 211 58.47 -19.53 18.73
N ARG GA 212 59.80 -19.57 18.68
CA ARG GA 212 60.51 -19.03 17.52
C ARG GA 212 60.12 -19.75 16.24
N ASP GA 213 60.04 -21.08 16.28
CA ASP GA 213 59.75 -21.85 15.08
C ASP GA 213 58.32 -21.66 14.59
N ALA GA 214 57.35 -21.55 15.52
CA ALA GA 214 56.01 -21.27 15.08
C ALA GA 214 55.90 -19.90 14.42
N GLU GA 215 56.57 -18.89 14.98
CA GLU GA 215 56.59 -17.58 14.36
C GLU GA 215 57.14 -17.65 12.93
N ALA GA 216 58.28 -18.32 12.76
CA ALA GA 216 58.88 -18.47 11.44
C ALA GA 216 57.99 -19.18 10.45
N ALA GA 217 57.34 -20.27 10.85
CA ALA GA 217 56.46 -20.99 9.94
C ALA GA 217 55.24 -20.17 9.53
N ILE GA 218 54.69 -19.36 10.43
CA ILE GA 218 53.57 -18.52 10.02
C ILE GA 218 54.01 -17.46 9.03
N ASN GA 219 55.21 -16.90 9.22
CA ASN GA 219 55.72 -15.97 8.21
C ASN GA 219 55.87 -16.63 6.85
N TYR GA 220 56.41 -17.85 6.82
CA TYR GA 220 56.58 -18.53 5.55
C TYR GA 220 55.24 -18.84 4.88
N GLN GA 221 54.22 -19.15 5.66
CA GLN GA 221 52.90 -19.39 5.07
C GLN GA 221 52.31 -18.12 4.49
N ILE GA 222 52.52 -16.98 5.15
CA ILE GA 222 52.07 -15.71 4.57
C ILE GA 222 52.72 -15.48 3.20
N ASN GA 223 54.03 -15.69 3.12
CA ASN GA 223 54.70 -15.50 1.83
C ASN GA 223 54.20 -16.47 0.78
N LEU GA 224 53.93 -17.72 1.16
CA LEU GA 224 53.47 -18.69 0.18
C LEU GA 224 52.09 -18.36 -0.38
N GLU GA 225 51.18 -17.86 0.47
CA GLU GA 225 49.88 -17.48 -0.07
C GLU GA 225 49.96 -16.23 -0.93
N LEU GA 226 50.83 -15.28 -0.59
CA LEU GA 226 51.01 -14.13 -1.49
C LEU GA 226 51.56 -14.54 -2.84
N TYR GA 227 52.49 -15.49 -2.86
CA TYR GA 227 53.00 -16.01 -4.13
C TYR GA 227 51.92 -16.71 -4.94
N ALA GA 228 51.09 -17.52 -4.29
CA ALA GA 228 49.99 -18.16 -5.02
C ALA GA 228 49.03 -17.15 -5.62
N SER GA 229 48.72 -16.09 -4.88
CA SER GA 229 47.87 -15.03 -5.42
C SER GA 229 48.47 -14.39 -6.67
N TYR GA 230 49.77 -14.14 -6.65
CA TYR GA 230 50.45 -13.59 -7.82
C TYR GA 230 50.41 -14.55 -9.01
N VAL GA 231 50.60 -15.85 -8.76
CA VAL GA 231 50.55 -16.83 -9.84
C VAL GA 231 49.18 -16.85 -10.49
N TYR GA 232 48.12 -16.79 -9.68
CA TYR GA 232 46.77 -16.79 -10.24
C TYR GA 232 46.50 -15.53 -11.04
N LEU GA 233 47.03 -14.39 -10.61
CA LEU GA 233 46.85 -13.16 -11.39
C LEU GA 233 47.49 -13.29 -12.76
N SER GA 234 48.70 -13.84 -12.81
CA SER GA 234 49.35 -14.11 -14.10
C SER GA 234 48.49 -15.03 -14.97
N MET GA 235 48.06 -16.17 -14.42
CA MET GA 235 47.20 -17.09 -15.15
C MET GA 235 45.97 -16.39 -15.71
N SER GA 236 45.30 -15.57 -14.91
CA SER GA 236 44.10 -14.90 -15.34
C SER GA 236 44.33 -13.95 -16.49
N TYR GA 237 45.38 -13.15 -16.45
CA TYR GA 237 45.61 -12.23 -17.56
C TYR GA 237 46.29 -12.89 -18.74
N TYR GA 238 46.62 -14.17 -18.66
CA TYR GA 238 47.00 -14.90 -19.87
C TYR GA 238 45.80 -15.17 -20.77
N PHE GA 239 44.68 -15.59 -20.19
CA PHE GA 239 43.49 -15.92 -20.97
C PHE GA 239 42.75 -14.70 -21.47
N ASP GA 240 43.31 -13.51 -21.30
CA ASP GA 240 42.68 -12.28 -21.74
C ASP GA 240 43.30 -11.74 -23.01
N ARG GA 241 44.42 -12.31 -23.44
CA ARG GA 241 45.03 -11.94 -24.71
C ARG GA 241 44.04 -12.19 -25.84
N ASP GA 242 44.26 -11.62 -27.02
CA ASP GA 242 43.33 -11.85 -28.11
C ASP GA 242 43.71 -13.01 -28.99
N ASP GA 243 44.88 -13.63 -28.76
CA ASP GA 243 45.11 -14.93 -29.34
C ASP GA 243 44.78 -16.05 -28.37
N VAL GA 244 44.28 -15.70 -27.19
CA VAL GA 244 43.70 -16.65 -26.24
C VAL GA 244 42.40 -16.02 -25.76
N ALA GA 245 41.30 -16.29 -26.44
CA ALA GA 245 40.08 -15.53 -26.19
C ALA GA 245 39.09 -16.31 -25.33
N LEU GA 246 39.48 -16.58 -24.09
CA LEU GA 246 38.63 -17.32 -23.16
C LEU GA 246 38.36 -16.45 -21.93
N LYS GA 247 37.11 -16.02 -21.78
CA LYS GA 247 36.75 -15.02 -20.78
C LYS GA 247 36.43 -15.61 -19.42
N ASN GA 248 35.85 -16.81 -19.38
CA ASN GA 248 35.45 -17.37 -18.11
C ASN GA 248 36.59 -18.07 -17.40
N PHE GA 249 37.56 -18.58 -18.15
CA PHE GA 249 38.84 -18.95 -17.55
C PHE GA 249 39.48 -17.75 -16.84
N ALA GA 250 39.41 -16.58 -17.46
CA ALA GA 250 39.96 -15.36 -16.88
C ALA GA 250 39.22 -14.97 -15.60
N LYS GA 251 37.89 -14.98 -15.62
CA LYS GA 251 37.15 -14.67 -14.40
C LYS GA 251 37.44 -15.68 -13.29
N TYR GA 252 37.48 -16.97 -13.63
CA TYR GA 252 37.84 -17.99 -12.66
C TYR GA 252 39.14 -17.67 -11.97
N PHE GA 253 40.21 -17.47 -12.73
CA PHE GA 253 41.50 -17.28 -12.09
C PHE GA 253 41.62 -15.94 -11.38
N LEU GA 254 40.88 -14.91 -11.79
CA LEU GA 254 40.89 -13.69 -10.99
C LEU GA 254 40.21 -13.89 -9.63
N HIS GA 255 39.10 -14.63 -9.60
CA HIS GA 255 38.47 -14.94 -8.33
C HIS GA 255 39.41 -15.68 -7.40
N GLN GA 256 40.12 -16.68 -7.93
CA GLN GA 256 41.09 -17.38 -7.09
C GLN GA 256 42.20 -16.47 -6.61
N SER GA 257 42.67 -15.57 -7.47
CA SER GA 257 43.68 -14.59 -7.07
C SER GA 257 43.25 -13.76 -5.88
N HIS GA 258 41.98 -13.36 -5.80
CA HIS GA 258 41.57 -12.55 -4.66
C HIS GA 258 41.33 -13.36 -3.40
N GLU GA 259 40.80 -14.57 -3.54
CA GLU GA 259 40.63 -15.44 -2.39
C GLU GA 259 41.97 -15.74 -1.71
N GLU GA 260 43.01 -15.95 -2.51
CA GLU GA 260 44.31 -16.25 -1.91
C GLU GA 260 44.93 -15.07 -1.17
N ARG GA 261 44.49 -13.84 -1.42
CA ARG GA 261 44.98 -12.73 -0.61
C ARG GA 261 44.20 -12.60 0.68
N GLU GA 262 42.90 -12.88 0.63
CA GLU GA 262 42.17 -13.00 1.90
C GLU GA 262 42.79 -14.04 2.80
N HIS GA 263 43.22 -15.18 2.23
CA HIS GA 263 43.87 -16.22 3.03
C HIS GA 263 45.09 -15.70 3.77
N ALA GA 264 45.92 -14.88 3.13
CA ALA GA 264 47.14 -14.41 3.76
C ALA GA 264 46.88 -13.32 4.78
N GLU GA 265 45.90 -12.45 4.53
CA GLU GA 265 45.55 -11.47 5.54
C GLU GA 265 45.01 -12.12 6.80
N LYS GA 266 44.32 -13.26 6.68
CA LYS GA 266 43.90 -13.97 7.88
C LYS GA 266 45.08 -14.40 8.73
N LEU GA 267 46.16 -14.86 8.10
CA LEU GA 267 47.32 -15.30 8.87
C LEU GA 267 48.07 -14.12 9.46
N MET GA 268 48.08 -12.97 8.78
CA MET GA 268 48.66 -11.77 9.37
C MET GA 268 47.93 -11.36 10.63
N LYS GA 269 46.59 -11.32 10.55
CA LYS GA 269 45.80 -11.02 11.72
C LYS GA 269 46.07 -12.01 12.85
N LEU GA 270 46.12 -13.30 12.52
CA LEU GA 270 46.47 -14.30 13.53
C LEU GA 270 47.78 -13.99 14.22
N GLN GA 271 48.83 -13.70 13.45
CA GLN GA 271 50.12 -13.48 14.07
C GLN GA 271 50.15 -12.21 14.89
N ASN GA 272 49.30 -11.24 14.58
CA ASN GA 272 49.19 -10.09 15.47
C ASN GA 272 48.44 -10.43 16.75
N GLN GA 273 47.48 -11.36 16.69
CA GLN GA 273 46.77 -11.77 17.90
C GLN GA 273 47.66 -12.55 18.84
N ARG GA 274 48.68 -13.23 18.33
CA ARG GA 274 49.54 -14.04 19.17
C ARG GA 274 50.66 -13.24 19.82
N GLY GA 275 50.90 -12.02 19.39
CA GLY GA 275 52.00 -11.23 19.90
C GLY GA 275 53.30 -11.40 19.16
N GLY GA 276 53.30 -12.02 17.98
CA GLY GA 276 54.49 -12.21 17.20
C GLY GA 276 54.75 -11.06 16.27
N GLU GA 277 55.83 -11.19 15.49
CA GLU GA 277 56.28 -10.14 14.59
C GLU GA 277 56.15 -10.59 13.15
N ILE GA 278 55.34 -9.88 12.38
CA ILE GA 278 55.26 -10.11 10.95
C ILE GA 278 56.53 -9.57 10.29
N SER GA 279 57.13 -10.39 9.43
CA SER GA 279 58.30 -9.96 8.67
C SER GA 279 58.07 -10.34 7.22
N LEU GA 280 57.63 -9.37 6.42
CA LEU GA 280 57.28 -9.59 5.03
C LEU GA 280 58.55 -9.68 4.20
N GLN GA 281 58.47 -10.39 3.08
CA GLN GA 281 59.62 -10.66 2.23
C GLN GA 281 59.28 -10.48 0.77
N SER GA 282 60.24 -10.82 -0.08
CA SER GA 282 60.13 -10.62 -1.52
C SER GA 282 59.24 -11.71 -2.11
N ILE GA 283 58.44 -11.35 -3.11
CA ILE GA 283 57.55 -12.31 -3.75
C ILE GA 283 58.12 -12.67 -5.11
N SER GA 284 58.44 -13.94 -5.31
CA SER GA 284 58.98 -14.38 -6.58
C SER GA 284 57.95 -14.21 -7.70
N SER GA 285 58.45 -14.13 -8.92
CA SER GA 285 57.53 -14.06 -10.04
C SER GA 285 57.17 -15.46 -10.49
N PRO GA 286 55.97 -15.65 -11.05
CA PRO GA 286 55.57 -16.99 -11.50
C PRO GA 286 56.55 -17.53 -12.52
N ASP GA 287 56.58 -18.86 -12.63
CA ASP GA 287 57.61 -19.49 -13.44
C ASP GA 287 57.36 -19.30 -14.93
N SER GA 288 56.10 -19.12 -15.32
CA SER GA 288 55.75 -18.98 -16.73
C SER GA 288 55.01 -17.67 -16.93
N ASP GA 289 55.12 -17.14 -18.14
CA ASP GA 289 54.21 -16.11 -18.63
C ASP GA 289 53.24 -16.67 -19.65
N ASP GA 290 53.56 -17.82 -20.23
CA ASP GA 290 52.77 -18.47 -21.27
C ASP GA 290 52.32 -19.82 -20.72
N TRP GA 291 51.08 -19.89 -20.27
CA TRP GA 291 50.47 -21.14 -19.85
C TRP GA 291 49.75 -21.76 -21.02
N GLU GA 292 50.36 -22.80 -21.61
CA GLU GA 292 50.10 -23.14 -23.01
C GLU GA 292 48.61 -23.25 -23.34
N SER GA 293 47.79 -23.76 -22.42
CA SER GA 293 46.38 -23.97 -22.72
C SER GA 293 45.59 -23.94 -21.41
N GLY GA 294 44.28 -24.15 -21.53
CA GLY GA 294 43.44 -24.23 -20.35
C GLY GA 294 43.68 -25.48 -19.53
N LEU GA 295 43.92 -26.61 -20.18
CA LEU GA 295 44.26 -27.83 -19.48
C LEU GA 295 45.55 -27.69 -18.67
N ASN GA 296 46.61 -27.20 -19.30
CA ASN GA 296 47.89 -27.04 -18.63
C ASN GA 296 47.82 -26.05 -17.48
N ALA GA 297 47.09 -24.95 -17.63
CA ALA GA 297 46.86 -24.04 -16.52
C ALA GA 297 46.09 -24.66 -15.38
N MET GA 298 45.05 -25.45 -15.67
CA MET GA 298 44.35 -26.14 -14.58
C MET GA 298 45.25 -27.13 -13.85
N GLU GA 299 46.13 -27.83 -14.59
CA GLU GA 299 47.04 -28.77 -13.93
C GLU GA 299 48.08 -28.06 -13.07
N SER GA 300 48.55 -26.91 -13.54
CA SER GA 300 49.48 -26.13 -12.73
C SER GA 300 48.82 -25.59 -11.47
N ALA GA 301 47.58 -25.13 -11.57
CA ALA GA 301 46.85 -24.73 -10.37
C ALA GA 301 46.69 -25.89 -9.41
N LEU GA 302 46.47 -27.09 -9.93
CA LEU GA 302 46.32 -28.26 -9.06
C LEU GA 302 47.61 -28.55 -8.30
N HIS GA 303 48.75 -28.54 -8.98
CA HIS GA 303 50.01 -28.75 -8.27
C HIS GA 303 50.28 -27.66 -7.25
N LEU GA 304 49.93 -26.41 -7.56
CA LEU GA 304 50.15 -25.32 -6.61
C LEU GA 304 49.30 -25.51 -5.37
N GLU GA 305 48.04 -25.88 -5.52
CA GLU GA 305 47.18 -26.11 -4.37
C GLU GA 305 47.71 -27.27 -3.52
N LYS GA 306 48.24 -28.30 -4.16
CA LYS GA 306 48.80 -29.41 -3.38
C LYS GA 306 50.03 -28.99 -2.59
N ALA GA 307 50.89 -28.15 -3.17
CA ALA GA 307 52.06 -27.67 -2.43
C ALA GA 307 51.63 -26.83 -1.22
N VAL GA 308 50.65 -25.96 -1.40
CA VAL GA 308 50.15 -25.16 -0.28
C VAL GA 308 49.61 -26.07 0.82
N ASN GA 309 48.86 -27.11 0.45
CA ASN GA 309 48.32 -28.02 1.45
C ASN GA 309 49.41 -28.76 2.20
N ALA GA 310 50.47 -29.16 1.51
CA ALA GA 310 51.59 -29.80 2.20
C ALA GA 310 52.21 -28.87 3.23
N SER GA 311 52.39 -27.60 2.90
CA SER GA 311 52.93 -26.67 3.90
C SER GA 311 52.01 -26.53 5.10
N LEU GA 312 50.70 -26.48 4.87
CA LEU GA 312 49.77 -26.43 5.99
C LEU GA 312 49.89 -27.65 6.88
N LEU GA 313 50.04 -28.83 6.30
CA LEU GA 313 50.20 -30.03 7.12
C LEU GA 313 51.48 -30.01 7.94
N ARG GA 314 52.57 -29.51 7.36
CA ARG GA 314 53.81 -29.41 8.13
C ARG GA 314 53.66 -28.45 9.31
N LEU GA 315 53.01 -27.31 9.08
CA LEU GA 315 52.80 -26.36 10.16
C LEU GA 315 51.89 -26.93 11.23
N HIS GA 316 50.90 -27.74 10.84
CA HIS GA 316 50.02 -28.34 11.84
C HIS GA 316 50.77 -29.35 12.69
N LYS GA 317 51.63 -30.17 12.08
CA LYS GA 317 52.42 -31.09 12.88
C LYS GA 317 53.36 -30.35 13.83
N LEU GA 318 53.92 -29.24 13.37
CA LEU GA 318 54.76 -28.42 14.25
C LEU GA 318 53.96 -27.89 15.44
N ALA GA 319 52.78 -27.33 15.20
CA ALA GA 319 51.96 -26.82 16.29
C ALA GA 319 51.47 -27.93 17.20
N THR GA 320 51.43 -29.16 16.71
CA THR GA 320 51.05 -30.28 17.57
C THR GA 320 52.20 -30.71 18.47
N ASP GA 321 53.43 -30.67 17.95
CA ASP GA 321 54.57 -31.05 18.78
C ASP GA 321 54.74 -30.11 19.95
N CYS GA 322 54.53 -28.81 19.74
CA CYS GA 322 54.78 -27.82 20.77
C CYS GA 322 53.56 -27.49 21.62
N ASN GA 323 52.56 -28.36 21.66
CA ASN GA 323 51.43 -28.23 22.57
C ASN GA 323 50.75 -26.87 22.43
N ASP GA 324 50.14 -26.61 21.29
CA ASP GA 324 49.55 -25.33 20.97
C ASP GA 324 48.13 -25.53 20.46
N PRO GA 325 47.16 -25.86 21.32
CA PRO GA 325 45.82 -26.20 20.84
C PRO GA 325 45.15 -25.15 19.96
N HIS GA 326 45.32 -23.86 20.24
CA HIS GA 326 44.62 -22.84 19.49
C HIS GA 326 45.14 -22.74 18.05
N LEU GA 327 46.45 -22.91 17.86
CA LEU GA 327 46.99 -22.88 16.50
C LEU GA 327 46.48 -24.06 15.68
N CYS GA 328 46.46 -25.25 16.27
CA CYS GA 328 45.94 -26.41 15.57
C CYS GA 328 44.47 -26.24 15.21
N ASP GA 329 43.67 -25.76 16.17
CA ASP GA 329 42.26 -25.52 15.90
C ASP GA 329 42.07 -24.51 14.79
N PHE GA 330 42.86 -23.43 14.80
CA PHE GA 330 42.78 -22.42 13.75
C PHE GA 330 43.10 -23.01 12.38
N ILE GA 331 44.18 -23.79 12.30
CA ILE GA 331 44.60 -24.35 11.02
C ILE GA 331 43.55 -25.30 10.47
N GLU GA 332 43.04 -26.20 11.31
CA GLU GA 332 42.07 -27.13 10.74
C GLU GA 332 40.68 -26.54 10.59
N THR GA 333 40.37 -25.42 11.24
CA THR GA 333 39.07 -24.81 11.04
C THR GA 333 39.02 -23.97 9.78
N HIS GA 334 40.08 -23.22 9.48
CA HIS GA 334 39.98 -22.28 8.37
C HIS GA 334 40.72 -22.73 7.12
N TYR GA 335 41.58 -23.73 7.21
CA TYR GA 335 42.49 -23.99 6.11
C TYR GA 335 42.47 -25.41 5.58
N LEU GA 336 42.14 -26.41 6.40
CA LEU GA 336 42.27 -27.77 5.92
C LEU GA 336 41.06 -28.26 5.16
N ASN GA 337 39.89 -27.65 5.33
CA ASN GA 337 38.74 -28.11 4.56
C ASN GA 337 38.59 -27.36 3.25
N GLU GA 338 39.19 -26.18 3.13
CA GLU GA 338 39.16 -25.47 1.86
C GLU GA 338 40.13 -26.08 0.86
N GLN GA 339 41.28 -26.54 1.32
CA GLN GA 339 42.24 -27.17 0.42
C GLN GA 339 41.70 -28.46 -0.16
N VAL GA 340 40.98 -29.25 0.65
CA VAL GA 340 40.41 -30.49 0.17
C VAL GA 340 39.38 -30.23 -0.93
N LYS GA 341 38.53 -29.23 -0.73
CA LYS GA 341 37.54 -28.89 -1.73
C LYS GA 341 38.16 -28.30 -2.99
N ALA GA 342 39.19 -27.46 -2.86
CA ALA GA 342 39.91 -26.95 -4.02
C ALA GA 342 40.55 -28.07 -4.82
N ILE GA 343 41.20 -29.03 -4.18
CA ILE GA 343 41.84 -30.11 -4.90
C ILE GA 343 40.81 -30.99 -5.59
N LYS GA 344 39.69 -31.28 -4.91
CA LYS GA 344 38.65 -32.07 -5.55
C LYS GA 344 38.10 -31.38 -6.78
N GLU GA 345 37.82 -30.08 -6.68
CA GLU GA 345 37.25 -29.35 -7.80
C GLU GA 345 38.22 -29.24 -8.96
N LEU GA 346 39.48 -28.96 -8.70
CA LEU GA 346 40.44 -28.83 -9.79
C LEU GA 346 40.74 -30.16 -10.47
N GLY GA 347 40.73 -31.26 -9.73
CA GLY GA 347 40.84 -32.55 -10.38
C GLY GA 347 39.62 -32.91 -11.21
N ASP GA 348 38.43 -32.49 -10.77
CA ASP GA 348 37.24 -32.64 -11.60
C ASP GA 348 37.38 -31.89 -12.91
N HIS GA 349 37.80 -30.63 -12.85
CA HIS GA 349 38.02 -29.85 -14.08
C HIS GA 349 39.01 -30.52 -15.00
N VAL GA 350 40.10 -31.05 -14.46
CA VAL GA 350 41.11 -31.67 -15.32
C VAL GA 350 40.57 -32.92 -15.99
N THR GA 351 39.84 -33.78 -15.27
CA THR GA 351 39.33 -34.95 -15.97
C THR GA 351 38.23 -34.62 -16.97
N ASN GA 352 37.37 -33.64 -16.67
CA ASN GA 352 36.40 -33.22 -17.67
C ASN GA 352 37.07 -32.73 -18.93
N LEU GA 353 38.05 -31.83 -18.80
CA LEU GA 353 38.74 -31.32 -19.97
C LEU GA 353 39.45 -32.43 -20.73
N ARG GA 354 40.07 -33.37 -20.03
CA ARG GA 354 40.77 -34.44 -20.74
C ARG GA 354 39.81 -35.36 -21.48
N LYS GA 355 38.64 -35.64 -20.91
CA LYS GA 355 37.69 -36.50 -21.58
C LYS GA 355 37.07 -35.83 -22.79
N MET GA 356 36.67 -34.55 -22.66
CA MET GA 356 36.12 -33.83 -23.80
C MET GA 356 37.05 -33.78 -25.00
N GLY GA 357 38.35 -33.96 -24.80
CA GLY GA 357 39.30 -34.04 -25.90
C GLY GA 357 40.34 -32.95 -25.95
N ALA GA 358 40.43 -32.08 -24.96
CA ALA GA 358 41.45 -31.04 -24.96
C ALA GA 358 42.82 -31.65 -24.74
N PRO GA 359 43.90 -30.93 -25.08
CA PRO GA 359 44.04 -29.60 -25.67
C PRO GA 359 44.04 -29.62 -27.18
N GLU GA 360 44.16 -30.81 -27.75
CA GLU GA 360 44.20 -30.98 -29.19
C GLU GA 360 42.84 -30.74 -29.85
N SER GA 361 41.87 -30.25 -29.10
CA SER GA 361 40.54 -29.97 -29.63
C SER GA 361 40.10 -28.58 -29.21
N GLY GA 362 40.06 -27.65 -30.16
CA GLY GA 362 39.14 -26.55 -30.05
C GLY GA 362 37.72 -27.05 -30.17
N LEU GA 363 36.79 -26.31 -29.56
CA LEU GA 363 35.42 -26.72 -29.29
C LEU GA 363 35.34 -27.62 -28.07
N ALA GA 364 36.48 -27.95 -27.47
CA ALA GA 364 36.45 -28.58 -26.16
C ALA GA 364 36.62 -27.54 -25.07
N GLU GA 365 37.64 -26.69 -25.23
CA GLU GA 365 37.83 -25.61 -24.27
C GLU GA 365 36.81 -24.49 -24.47
N TYR GA 366 36.35 -24.27 -25.70
CA TYR GA 366 35.29 -23.31 -25.92
C TYR GA 366 34.03 -23.71 -25.15
N LEU GA 367 33.62 -24.97 -25.28
CA LEU GA 367 32.38 -25.40 -24.64
C LEU GA 367 32.55 -25.62 -23.15
N PHE GA 368 33.73 -26.02 -22.69
CA PHE GA 368 34.00 -26.02 -21.25
C PHE GA 368 33.87 -24.62 -20.68
N ASP GA 369 34.53 -23.65 -21.31
CA ASP GA 369 34.45 -22.26 -20.89
C ASP GA 369 33.01 -21.76 -20.87
N LYS GA 370 32.20 -22.20 -21.82
CA LYS GA 370 30.81 -21.74 -21.87
C LYS GA 370 29.94 -22.40 -20.81
N HIS GA 371 30.05 -23.70 -20.61
CA HIS GA 371 29.08 -24.47 -19.86
C HIS GA 371 29.47 -24.69 -18.40
N THR GA 372 30.75 -24.85 -18.11
CA THR GA 372 31.16 -25.17 -16.74
C THR GA 372 31.63 -23.95 -15.99
N LEU GA 373 32.36 -23.07 -16.66
CA LEU GA 373 32.93 -21.90 -16.00
C LEU GA 373 32.04 -20.67 -16.09
N GLY GA 374 30.95 -20.75 -16.83
CA GLY GA 374 30.05 -19.62 -16.97
C GLY GA 374 28.60 -19.98 -17.07
N SER HA 2 85.06 -29.13 56.88
CA SER HA 2 83.80 -29.69 57.34
C SER HA 2 82.99 -28.66 58.14
N LYS HA 3 83.65 -27.98 59.08
CA LYS HA 3 82.94 -27.07 59.97
C LYS HA 3 82.69 -25.72 59.31
N GLY HA 4 83.67 -25.19 58.56
CA GLY HA 4 83.56 -23.85 58.04
C GLY HA 4 82.36 -23.64 57.13
N GLU HA 5 81.89 -24.71 56.50
CA GLU HA 5 80.75 -24.60 55.59
C GLU HA 5 79.41 -24.76 56.30
N GLU HA 6 79.41 -25.34 57.50
CA GLU HA 6 78.16 -25.63 58.19
C GLU HA 6 77.50 -24.37 58.73
N LEU HA 7 78.29 -23.37 59.12
CA LEU HA 7 77.80 -22.22 59.88
C LEU HA 7 76.79 -21.37 59.12
N PHE HA 8 76.46 -21.71 57.87
CA PHE HA 8 75.49 -20.95 57.08
C PHE HA 8 74.31 -21.81 56.63
N THR HA 9 73.89 -22.75 57.47
CA THR HA 9 72.83 -23.68 57.08
C THR HA 9 71.49 -22.99 56.88
N GLY HA 10 71.28 -21.85 57.53
CA GLY HA 10 69.98 -21.19 57.46
C GLY HA 10 70.08 -19.68 57.37
N VAL HA 11 69.03 -19.00 57.81
CA VAL HA 11 69.02 -17.54 57.84
C VAL HA 11 70.04 -17.07 58.87
N VAL HA 12 70.54 -15.84 58.69
CA VAL HA 12 71.48 -15.23 59.61
C VAL HA 12 71.07 -13.77 59.78
N PRO HA 13 70.72 -13.33 60.99
CA PRO HA 13 70.52 -11.91 61.24
C PRO HA 13 71.86 -11.18 61.26
N ILE HA 14 71.81 -9.91 60.85
CA ILE HA 14 73.01 -9.12 60.66
C ILE HA 14 72.89 -7.82 61.43
N LEU HA 15 74.01 -7.31 61.91
CA LEU HA 15 74.11 -6.02 62.59
C LEU HA 15 75.41 -5.37 62.13
N VAL HA 16 75.31 -4.31 61.33
CA VAL HA 16 76.49 -3.74 60.69
C VAL HA 16 76.70 -2.33 61.22
N GLU HA 17 77.85 -2.11 61.85
CA GLU HA 17 78.21 -0.80 62.38
C GLU HA 17 79.44 -0.30 61.64
N LEU HA 18 79.37 0.96 61.21
CA LEU HA 18 80.44 1.60 60.47
C LEU HA 18 80.67 3.00 61.04
N ASP HA 19 81.91 3.27 61.45
CA ASP HA 19 82.26 4.58 62.00
C ASP HA 19 83.34 5.20 61.12
N GLY HA 20 83.01 6.32 60.51
CA GLY HA 20 83.88 6.91 59.49
C GLY HA 20 84.19 8.37 59.77
N ASP HA 21 85.38 8.78 59.36
CA ASP HA 21 85.83 10.17 59.40
C ASP HA 21 86.24 10.60 58.00
N VAL HA 22 85.51 11.55 57.42
CA VAL HA 22 85.77 12.06 56.08
C VAL HA 22 85.78 13.58 56.12
N ASN HA 23 86.98 14.17 56.14
CA ASN HA 23 87.17 15.62 56.01
C ASN HA 23 86.34 16.39 57.04
N GLY HA 24 86.54 16.07 58.32
CA GLY HA 24 85.83 16.70 59.40
C GLY HA 24 84.43 16.15 59.61
N HIS HA 25 83.97 15.26 58.74
CA HIS HA 25 82.64 14.67 58.86
C HIS HA 25 82.75 13.33 59.58
N LYS HA 26 82.30 13.28 60.83
CA LYS HA 26 82.19 12.03 61.55
C LYS HA 26 80.81 11.44 61.32
N PHE HA 27 80.75 10.12 61.17
CA PHE HA 27 79.46 9.48 60.97
C PHE HA 27 79.49 8.06 61.52
N SER HA 28 78.34 7.66 62.06
CA SER HA 28 78.07 6.28 62.45
C SER HA 28 76.90 5.78 61.62
N VAL HA 29 77.00 4.54 61.18
CA VAL HA 29 75.98 3.91 60.35
C VAL HA 29 75.64 2.56 60.98
N ARG HA 30 74.36 2.31 61.17
CA ARG HA 30 73.87 1.00 61.60
C ARG HA 30 72.95 0.42 60.53
N GLY HA 31 73.18 -0.84 60.20
CA GLY HA 31 72.37 -1.55 59.24
C GLY HA 31 71.82 -2.84 59.79
N GLU HA 32 70.54 -3.09 59.51
CA GLU HA 32 69.80 -4.21 60.06
C GLU HA 32 69.16 -5.00 58.93
N GLY HA 33 69.27 -6.32 59.00
CA GLY HA 33 68.67 -7.17 58.00
C GLY HA 33 69.06 -8.62 58.22
N GLU HA 34 68.88 -9.43 57.17
CA GLU HA 34 69.18 -10.85 57.24
C GLU HA 34 69.74 -11.37 55.93
N GLY HA 35 70.44 -12.50 56.02
CA GLY HA 35 71.03 -13.10 54.83
C GLY HA 35 71.03 -14.62 54.81
N ASP HA 36 71.13 -15.18 53.62
CA ASP HA 36 71.25 -16.63 53.43
C ASP HA 36 72.34 -16.87 52.39
N ALA HA 37 73.25 -17.79 52.72
CA ALA HA 37 74.31 -18.18 51.81
C ALA HA 37 73.86 -19.21 50.79
N THR HA 38 72.85 -20.02 51.12
CA THR HA 38 72.40 -21.06 50.20
C THR HA 38 71.98 -20.49 48.85
N ASN HA 39 71.41 -19.29 48.84
CA ASN HA 39 71.00 -18.64 47.60
C ASN HA 39 71.77 -17.35 47.35
N GLY HA 40 72.81 -17.08 48.14
CA GLY HA 40 73.58 -15.84 47.98
C GLY HA 40 72.74 -14.60 48.11
N LYS HA 41 71.73 -14.61 48.97
CA LYS HA 41 70.78 -13.52 49.06
C LYS HA 41 70.99 -12.73 50.34
N LEU HA 42 70.98 -11.41 50.24
CA LEU HA 42 71.11 -10.53 51.39
C LEU HA 42 70.05 -9.45 51.30
N THR HA 43 69.48 -9.07 52.44
CA THR HA 43 68.38 -8.11 52.46
C THR HA 43 68.52 -7.23 53.70
N LEU HA 44 68.88 -5.96 53.50
CA LEU HA 44 69.29 -5.08 54.59
C LEU HA 44 68.62 -3.72 54.47
N LYS HA 45 68.71 -2.96 55.56
CA LYS HA 45 68.24 -1.59 55.63
C LYS HA 45 69.18 -0.80 56.53
N PHE HA 46 69.79 0.24 55.96
CA PHE HA 46 70.79 1.05 56.64
C PHE HA 46 70.19 2.38 57.02
N ILE HA 47 70.58 2.90 58.20
CA ILE HA 47 70.09 4.18 58.70
C ILE HA 47 71.22 4.88 59.44
N CYS HA 48 71.32 6.20 59.27
CA CYS HA 48 72.35 6.99 59.93
C CYS HA 48 71.72 7.83 61.04
N THR HA 49 72.09 7.53 62.28
CA THR HA 49 71.62 8.30 63.42
C THR HA 49 72.43 9.57 63.65
N THR HA 50 73.19 10.01 62.63
CA THR HA 50 74.05 11.18 62.72
C THR HA 50 73.57 12.27 61.77
N GLY HA 51 72.26 12.43 61.62
CA GLY HA 51 71.72 13.51 60.81
C GLY HA 51 72.04 13.36 59.34
N LYS HA 52 71.89 14.48 58.61
CA LYS HA 52 72.13 14.49 57.17
C LYS HA 52 73.60 14.24 56.90
N LEU HA 53 73.90 13.44 55.89
CA LEU HA 53 75.27 13.09 55.60
C LEU HA 53 75.71 13.76 54.30
N PRO HA 54 76.96 14.21 54.19
CA PRO HA 54 77.38 14.93 52.98
C PRO HA 54 77.62 14.04 51.76
N VAL HA 55 78.03 12.79 51.95
CA VAL HA 55 78.34 11.88 50.83
C VAL HA 55 77.05 11.19 50.41
N PRO HA 56 76.82 10.98 49.11
CA PRO HA 56 75.57 10.35 48.69
C PRO HA 56 75.50 8.91 49.18
N TRP HA 57 74.27 8.42 49.31
CA TRP HA 57 74.07 7.02 49.69
C TRP HA 57 74.75 6.04 48.73
N PRO HA 58 74.72 6.20 47.41
CA PRO HA 58 75.41 5.23 46.53
C PRO HA 58 76.85 5.00 46.89
N THR HA 59 77.54 5.98 47.50
CA THR HA 59 78.91 5.79 47.91
C THR HA 59 79.01 4.74 49.02
N LEU HA 60 78.15 4.85 50.03
CA LEU HA 60 78.19 3.95 51.19
C LEU HA 60 77.80 2.53 50.86
N VAL HA 61 77.27 2.28 49.66
CA VAL HA 61 76.75 0.96 49.34
C VAL HA 61 77.89 -0.05 49.19
N THR HA 62 78.91 0.31 48.42
CA THR HA 62 80.02 -0.61 48.19
C THR HA 62 80.76 -0.96 49.46
N THR HA 63 80.77 -0.03 50.41
CA THR HA 63 81.54 -0.21 51.65
C THR HA 63 80.63 -0.52 52.80
N LEU HA 64 79.85 -1.60 52.70
CA LEU HA 64 79.00 -2.03 53.83
C LEU HA 64 78.75 -3.55 53.68
N VAL HA 66 79.86 -8.44 53.10
CA VAL HA 66 79.67 -9.68 53.80
C VAL HA 66 79.67 -10.81 52.78
N GLN HA 67 80.74 -10.86 51.99
CA GLN HA 67 80.80 -11.86 50.89
C GLN HA 67 80.67 -13.26 51.50
N CYS HA 68 80.80 -13.35 52.82
CA CYS HA 68 80.58 -14.65 53.48
C CYS HA 68 79.15 -15.13 53.15
N PHE HA 69 78.37 -14.34 52.41
CA PHE HA 69 77.01 -14.82 52.18
C PHE HA 69 76.76 -15.20 50.73
N SER HA 70 77.79 -15.19 49.89
CA SER HA 70 77.62 -15.40 48.47
C SER HA 70 77.29 -16.85 48.17
N ARG HA 71 76.48 -17.07 47.14
CA ARG HA 71 76.05 -18.41 46.78
C ARG HA 71 77.19 -19.17 46.16
N TYR HA 72 77.55 -20.30 46.78
CA TYR HA 72 78.69 -21.09 46.34
C TYR HA 72 78.24 -22.48 45.92
N PRO HA 73 78.57 -22.90 44.70
CA PRO HA 73 78.08 -24.21 44.23
C PRO HA 73 78.87 -25.37 44.80
N ASP HA 74 78.40 -26.59 44.56
CA ASP HA 74 79.06 -27.77 45.11
C ASP HA 74 80.37 -28.05 44.38
N HIS HA 75 80.53 -27.50 43.17
CA HIS HA 75 81.82 -27.72 42.54
C HIS HA 75 82.89 -26.77 43.06
N MET HA 76 82.56 -25.58 43.57
CA MET HA 76 83.53 -24.75 44.27
C MET HA 76 83.46 -24.91 45.77
N LYS HA 77 83.16 -26.11 46.26
CA LYS HA 77 83.26 -26.37 47.69
C LYS HA 77 84.70 -26.33 48.18
N ARG HA 78 85.67 -26.40 47.26
CA ARG HA 78 87.07 -26.40 47.63
C ARG HA 78 87.74 -25.04 47.43
N HIS HA 79 86.99 -24.04 46.95
CA HIS HA 79 87.55 -22.72 46.69
C HIS HA 79 86.74 -21.64 47.41
N ASP HA 80 86.24 -21.94 48.59
CA ASP HA 80 85.48 -20.99 49.41
C ASP HA 80 86.35 -20.60 50.60
N PHE HA 81 87.17 -19.55 50.40
CA PHE HA 81 88.06 -19.10 51.46
C PHE HA 81 87.28 -18.53 52.65
N PHE HA 82 86.20 -17.80 52.39
CA PHE HA 82 85.47 -17.16 53.47
C PHE HA 82 84.77 -18.19 54.35
N LYS HA 83 84.51 -19.38 53.82
CA LYS HA 83 83.74 -20.37 54.57
C LYS HA 83 84.58 -21.09 55.62
N SER HA 84 85.70 -21.71 55.21
CA SER HA 84 86.47 -22.56 56.10
C SER HA 84 86.78 -21.91 57.45
N ALA HA 85 86.71 -20.57 57.52
CA ALA HA 85 87.05 -19.83 58.74
C ALA HA 85 85.84 -19.48 59.59
N MET HA 86 84.84 -20.35 59.70
CA MET HA 86 83.71 -20.03 60.56
C MET HA 86 83.57 -21.08 61.66
N PRO HA 87 83.38 -20.65 62.92
CA PRO HA 87 83.25 -19.27 63.39
C PRO HA 87 84.58 -18.57 63.64
N GLU HA 88 85.65 -19.11 63.07
CA GLU HA 88 86.97 -18.48 63.14
C GLU HA 88 86.90 -17.00 62.79
N GLY HA 89 86.15 -16.67 61.75
CA GLY HA 89 86.04 -15.30 61.29
C GLY HA 89 87.28 -14.85 60.56
N TYR HA 90 87.32 -13.55 60.25
CA TYR HA 90 88.47 -12.99 59.56
C TYR HA 90 88.38 -11.46 59.59
N VAL HA 91 89.42 -10.83 59.04
CA VAL HA 91 89.48 -9.38 58.93
C VAL HA 91 89.83 -9.04 57.49
N GLN HA 92 89.48 -7.83 57.07
CA GLN HA 92 89.81 -7.33 55.74
C GLN HA 92 90.12 -5.84 55.78
N GLU HA 93 91.21 -5.49 55.10
CA GLU HA 93 91.59 -4.09 54.93
C GLU HA 93 91.37 -3.69 53.49
N ARG HA 94 90.50 -2.68 53.29
CA ARG HA 94 90.06 -2.26 51.98
C ARG HA 94 90.51 -0.84 51.70
N THR HA 95 90.96 -0.59 50.48
CA THR HA 95 91.21 0.75 49.98
C THR HA 95 90.35 0.97 48.75
N ILE HA 96 89.56 2.04 48.75
CA ILE HA 96 88.76 2.40 47.58
C ILE HA 96 89.30 3.72 47.05
N SER HA 97 89.50 3.78 45.75
CA SER HA 97 90.16 4.90 45.09
C SER HA 97 89.21 5.46 44.04
N PHE HA 98 88.73 6.67 44.28
CA PHE HA 98 87.94 7.39 43.30
C PHE HA 98 88.85 8.00 42.25
N LYS HA 99 88.41 7.98 41.00
CA LYS HA 99 89.07 8.77 39.99
C LYS HA 99 88.48 10.18 39.98
N ASP HA 100 89.34 11.18 39.84
CA ASP HA 100 88.96 12.60 39.86
C ASP HA 100 88.51 13.05 41.25
N ASP HA 101 88.96 12.32 42.29
CA ASP HA 101 88.82 12.72 43.68
C ASP HA 101 89.66 11.77 44.54
N GLY HA 102 89.57 11.95 45.86
CA GLY HA 102 90.44 11.29 46.83
C GLY HA 102 90.15 9.83 47.09
N THR HA 103 90.38 9.36 48.33
CA THR HA 103 90.35 7.94 48.61
C THR HA 103 89.75 7.65 49.98
N TYR HA 104 89.51 6.35 50.22
CA TYR HA 104 89.03 5.81 51.49
C TYR HA 104 89.90 4.62 51.91
N LYS HA 105 90.29 4.63 53.19
CA LYS HA 105 90.98 3.52 53.85
C LYS HA 105 90.04 2.96 54.90
N THR HA 106 89.72 1.67 54.82
CA THR HA 106 88.64 1.12 55.63
C THR HA 106 89.00 -0.26 56.14
N ARG HA 107 89.05 -0.38 57.47
CA ARG HA 107 89.32 -1.64 58.15
C ARG HA 107 88.00 -2.28 58.57
N ALA HA 108 87.90 -3.60 58.46
CA ALA HA 108 86.67 -4.28 58.84
C ALA HA 108 86.99 -5.63 59.47
N GLU HA 109 86.28 -5.96 60.55
CA GLU HA 109 86.45 -7.25 61.20
C GLU HA 109 85.11 -7.97 61.16
N VAL HA 110 85.08 -9.17 60.54
CA VAL HA 110 83.86 -9.92 60.32
C VAL HA 110 83.95 -11.25 61.06
N LYS HA 111 82.87 -11.62 61.74
CA LYS HA 111 82.83 -12.81 62.57
C LYS HA 111 81.37 -13.16 62.86
N PHE HA 112 81.20 -14.26 63.60
CA PHE HA 112 79.93 -14.56 64.25
C PHE HA 112 80.01 -14.17 65.72
N GLU HA 113 78.94 -13.59 66.24
CA GLU HA 113 78.79 -13.24 67.66
C GLU HA 113 77.56 -13.99 68.12
N GLY HA 114 77.76 -15.07 68.87
CA GLY HA 114 76.68 -16.00 69.13
C GLY HA 114 76.30 -16.68 67.83
N ASP HA 115 75.15 -16.29 67.27
CA ASP HA 115 74.77 -16.66 65.91
C ASP HA 115 74.39 -15.44 65.08
N THR HA 116 74.58 -14.24 65.61
CA THR HA 116 74.31 -12.99 64.89
C THR HA 116 75.59 -12.56 64.18
N LEU HA 117 75.49 -12.18 62.91
CA LEU HA 117 76.66 -11.69 62.21
C LEU HA 117 76.79 -10.18 62.45
N VAL HA 118 77.74 -9.79 63.29
CA VAL HA 118 78.00 -8.39 63.59
C VAL HA 118 79.28 -7.98 62.87
N ASN HA 119 79.22 -6.82 62.23
CA ASN HA 119 80.30 -6.36 61.36
C ASN HA 119 80.73 -4.97 61.78
N ARG HA 120 81.91 -4.89 62.39
CA ARG HA 120 82.48 -3.63 62.86
C ARG HA 120 83.48 -3.11 61.85
N ILE HA 121 83.24 -1.90 61.35
CA ILE HA 121 84.04 -1.29 60.29
C ILE HA 121 84.42 0.12 60.70
N GLU HA 122 85.68 0.48 60.46
CA GLU HA 122 86.22 1.81 60.74
C GLU HA 122 86.76 2.38 59.44
N LEU HA 123 86.44 3.65 59.18
CA LEU HA 123 86.67 4.25 57.89
C LEU HA 123 87.36 5.60 58.02
N LYS HA 124 88.32 5.87 57.14
CA LYS HA 124 89.02 7.14 57.06
C LYS HA 124 89.05 7.56 55.60
N GLY HA 125 88.24 8.55 55.23
CA GLY HA 125 88.21 8.99 53.86
C GLY HA 125 88.70 10.41 53.69
N ILE HA 126 89.72 10.64 52.86
CA ILE HA 126 90.32 11.97 52.78
C ILE HA 126 90.66 12.27 51.32
N ASP HA 127 91.22 13.46 51.11
CA ASP HA 127 91.85 13.91 49.86
C ASP HA 127 90.82 14.31 48.80
N PHE HA 128 89.66 14.82 49.24
CA PHE HA 128 88.59 15.18 48.32
C PHE HA 128 88.46 16.70 48.21
N LYS HA 129 87.91 17.14 47.08
CA LYS HA 129 87.45 18.51 46.96
C LYS HA 129 85.98 18.57 47.37
N GLU HA 130 85.66 19.46 48.30
CA GLU HA 130 84.36 19.45 48.97
C GLU HA 130 83.28 20.21 48.23
N ASP HA 131 83.60 20.77 47.05
CA ASP HA 131 82.59 21.29 46.14
C ASP HA 131 82.55 20.50 44.85
N GLY HA 132 82.81 19.20 44.91
CA GLY HA 132 82.88 18.37 43.73
C GLY HA 132 81.55 17.70 43.41
N ASN HA 133 81.64 16.64 42.60
CA ASN HA 133 80.47 15.89 42.16
C ASN HA 133 80.33 14.54 42.83
N ILE HA 134 81.43 13.78 42.91
CA ILE HA 134 81.39 12.46 43.53
C ILE HA 134 80.81 12.55 44.94
N LEU HA 135 81.16 13.59 45.68
CA LEU HA 135 80.62 13.79 47.02
C LEU HA 135 79.55 14.85 47.09
N GLY HA 136 79.56 15.82 46.18
CA GLY HA 136 78.67 16.96 46.25
C GLY HA 136 77.27 16.70 45.77
N HIS HA 137 76.85 15.43 45.76
CA HIS HA 137 75.49 15.03 45.38
C HIS HA 137 75.15 15.50 43.96
N LYS HA 138 75.95 15.02 43.01
CA LYS HA 138 75.67 15.16 41.60
C LYS HA 138 75.42 13.82 40.92
N LEU HA 139 75.83 12.73 41.55
CA LEU HA 139 75.75 11.40 40.97
C LEU HA 139 74.34 10.84 41.13
N GLU HA 140 74.01 9.85 40.30
CA GLU HA 140 72.64 9.36 40.20
C GLU HA 140 72.38 8.25 41.20
N TYR HA 141 71.16 8.27 41.77
CA TYR HA 141 70.71 7.28 42.75
C TYR HA 141 70.30 6.03 41.98
N ASN HA 142 71.27 5.15 41.73
CA ASN HA 142 71.05 3.90 41.02
C ASN HA 142 72.14 2.92 41.41
N PHE HA 143 72.25 1.85 40.62
CA PHE HA 143 73.31 0.87 40.80
C PHE HA 143 73.36 0.01 39.54
N ASN HA 144 74.41 -0.80 39.42
CA ASN HA 144 74.63 -1.66 38.27
C ASN HA 144 75.25 -2.99 38.71
N SER HA 145 75.25 -3.95 37.80
CA SER HA 145 75.79 -5.28 38.07
C SER HA 145 77.31 -5.25 38.00
N HIS HA 146 77.96 -5.90 38.97
CA HIS HA 146 79.41 -5.81 39.07
C HIS HA 146 80.02 -7.17 39.33
N ASN HA 147 81.36 -7.20 39.29
CA ASN HA 147 82.13 -8.41 39.50
C ASN HA 147 83.31 -8.12 40.40
N VAL HA 148 83.74 -9.14 41.14
CA VAL HA 148 84.89 -9.07 42.05
C VAL HA 148 85.86 -10.17 41.63
N TYR HA 149 87.16 -9.84 41.57
CA TYR HA 149 88.17 -10.84 41.32
C TYR HA 149 88.86 -11.19 42.63
N ILE HA 150 88.79 -12.46 43.02
CA ILE HA 150 89.47 -12.94 44.22
C ILE HA 150 90.66 -13.79 43.80
N THR HA 151 91.79 -13.54 44.44
CA THR HA 151 93.06 -14.18 44.14
C THR HA 151 93.66 -14.75 45.41
N ALA HA 152 94.19 -15.97 45.32
CA ALA HA 152 94.87 -16.57 46.45
C ALA HA 152 96.10 -15.74 46.83
N ASP HA 153 96.43 -15.74 48.11
CA ASP HA 153 97.57 -14.96 48.62
C ASP HA 153 98.22 -15.80 49.71
N LYS HA 154 99.21 -16.61 49.32
CA LYS HA 154 99.88 -17.47 50.29
C LYS HA 154 100.74 -16.68 51.26
N GLN HA 155 101.14 -15.45 50.89
CA GLN HA 155 101.91 -14.61 51.79
C GLN HA 155 101.13 -14.31 53.06
N LYS HA 156 99.84 -14.02 52.93
CA LYS HA 156 98.95 -13.88 54.07
C LYS HA 156 98.06 -15.08 54.26
N ASN HA 157 98.40 -16.20 53.61
CA ASN HA 157 97.63 -17.46 53.60
C ASN HA 157 96.11 -17.20 53.54
N GLY HA 158 95.75 -16.12 52.85
CA GLY HA 158 94.37 -15.70 52.69
C GLY HA 158 94.14 -15.31 51.24
N ILE HA 159 93.49 -14.16 51.00
CA ILE HA 159 93.25 -13.74 49.63
C ILE HA 159 93.36 -12.24 49.49
N LYS HA 160 93.47 -11.80 48.24
CA LYS HA 160 93.28 -10.42 47.86
C LYS HA 160 92.03 -10.34 46.98
N ALA HA 161 91.31 -9.23 47.10
CA ALA HA 161 90.13 -9.00 46.28
C ALA HA 161 90.26 -7.65 45.61
N ASN HA 162 90.17 -7.65 44.28
CA ASN HA 162 90.28 -6.45 43.49
C ASN HA 162 89.07 -6.34 42.57
N PHE HA 163 88.57 -5.12 42.42
CA PHE HA 163 87.43 -4.92 41.52
C PHE HA 163 87.29 -3.45 41.20
N LYS HA 164 86.42 -3.16 40.24
CA LYS HA 164 86.23 -1.79 39.76
C LYS HA 164 84.74 -1.54 39.65
N ILE HA 165 84.30 -0.41 40.21
CA ILE HA 165 82.89 -0.04 40.21
C ILE HA 165 82.72 1.22 39.37
N ARG HA 166 81.63 1.27 38.62
CA ARG HA 166 81.31 2.41 37.76
C ARG HA 166 79.97 2.99 38.23
N HIS HA 167 80.01 4.19 38.77
CA HIS HA 167 78.81 4.88 39.20
C HIS HA 167 78.47 5.97 38.20
N ASN HA 168 77.32 5.82 37.53
CA ASN HA 168 76.91 6.79 36.53
C ASN HA 168 76.41 8.06 37.19
N VAL HA 169 76.73 9.20 36.58
CA VAL HA 169 76.32 10.50 37.08
C VAL HA 169 75.06 10.91 36.32
N GLU HA 170 74.31 11.85 36.91
CA GLU HA 170 73.02 12.24 36.33
C GLU HA 170 73.17 12.85 34.94
N ASP HA 171 74.40 13.05 34.47
CA ASP HA 171 74.65 13.59 33.14
C ASP HA 171 75.50 12.64 32.29
N GLY HA 172 75.24 11.34 32.39
CA GLY HA 172 75.87 10.35 31.53
C GLY HA 172 77.28 9.95 31.94
N SER HA 173 78.04 10.84 32.55
CA SER HA 173 79.41 10.52 32.91
C SER HA 173 79.42 9.48 34.04
N VAL HA 174 80.56 8.82 34.18
CA VAL HA 174 80.73 7.72 35.12
C VAL HA 174 81.96 7.98 35.97
N GLN HA 175 81.95 7.43 37.18
CA GLN HA 175 83.09 7.47 38.08
C GLN HA 175 83.54 6.04 38.33
N LEU HA 176 84.82 5.77 38.10
CA LEU HA 176 85.37 4.42 38.23
C LEU HA 176 86.23 4.33 39.49
N ALA HA 177 85.65 3.77 40.55
CA ALA HA 177 86.35 3.57 41.82
C ALA HA 177 86.98 2.18 41.80
N ASP HA 178 88.29 2.13 42.00
CA ASP HA 178 89.03 0.89 42.06
C ASP HA 178 89.19 0.46 43.52
N HIS HA 179 88.85 -0.79 43.81
CA HIS HA 179 88.84 -1.30 45.17
C HIS HA 179 89.83 -2.44 45.31
N TYR HA 180 90.71 -2.32 46.31
CA TYR HA 180 91.59 -3.39 46.76
C TYR HA 180 91.17 -3.79 48.17
N GLN HA 181 91.42 -5.05 48.53
CA GLN HA 181 91.28 -5.43 49.93
C GLN HA 181 92.04 -6.71 50.20
N GLN HA 182 92.63 -6.78 51.39
CA GLN HA 182 93.34 -7.95 51.88
C GLN HA 182 92.44 -8.66 52.88
N ASN HA 183 92.21 -9.97 52.66
CA ASN HA 183 91.38 -10.80 53.51
C ASN HA 183 92.25 -11.83 54.20
N THR HA 184 92.25 -11.81 55.54
CA THR HA 184 93.09 -12.70 56.33
C THR HA 184 92.32 -13.26 57.51
N PRO HA 185 92.44 -14.56 57.78
CA PRO HA 185 91.72 -15.14 58.92
C PRO HA 185 92.48 -14.96 60.22
N ILE HA 186 91.72 -14.90 61.31
CA ILE HA 186 92.32 -14.65 62.62
C ILE HA 186 93.06 -15.89 63.14
N GLY HA 187 92.60 -17.09 62.80
CA GLY HA 187 93.21 -18.29 63.33
C GLY HA 187 94.23 -18.89 62.38
N ASP HA 188 95.14 -19.68 62.96
CA ASP HA 188 96.20 -20.33 62.21
C ASP HA 188 95.75 -21.64 61.57
N GLY HA 189 94.47 -21.98 61.65
CA GLY HA 189 93.97 -23.22 61.13
C GLY HA 189 94.06 -23.32 59.61
N PRO HA 190 93.73 -24.49 59.07
CA PRO HA 190 93.76 -24.66 57.62
C PRO HA 190 92.52 -24.09 56.96
N VAL HA 191 92.73 -23.08 56.11
CA VAL HA 191 91.66 -22.43 55.36
C VAL HA 191 91.78 -22.82 53.91
N LEU HA 192 90.64 -23.13 53.31
CA LEU HA 192 90.57 -23.64 51.94
C LEU HA 192 91.07 -22.57 50.99
N LEU HA 193 91.92 -22.95 50.04
CA LEU HA 193 92.61 -21.99 49.21
C LEU HA 193 91.94 -21.87 47.84
N PRO HA 194 91.30 -20.76 47.53
CA PRO HA 194 90.69 -20.59 46.21
C PRO HA 194 91.66 -19.98 45.20
N ASP HA 195 91.70 -20.60 44.03
CA ASP HA 195 92.40 -19.99 42.92
C ASP HA 195 91.64 -18.74 42.47
N ASN HA 196 92.32 -17.91 41.68
CA ASN HA 196 91.74 -16.64 41.23
C ASN HA 196 90.51 -16.92 40.38
N HIS HA 197 89.37 -16.36 40.78
CA HIS HA 197 88.17 -16.42 39.96
C HIS HA 197 87.31 -15.21 40.29
N TYR HA 198 86.07 -15.20 39.79
CA TYR HA 198 85.26 -13.99 39.83
C TYR HA 198 83.99 -14.23 40.62
N LEU HA 199 83.27 -13.15 40.86
CA LEU HA 199 82.07 -13.15 41.66
C LEU HA 199 81.13 -12.05 41.19
N SER HA 200 79.96 -12.44 40.69
CA SER HA 200 78.97 -11.52 40.17
C SER HA 200 78.05 -11.08 41.28
N THR HA 201 77.59 -9.83 41.18
CA THR HA 201 76.80 -9.19 42.23
C THR HA 201 75.78 -8.26 41.60
N GLN HA 202 74.54 -8.34 42.10
CA GLN HA 202 73.47 -7.44 41.71
C GLN HA 202 72.79 -6.93 42.97
N SER HA 203 72.23 -5.72 42.90
CA SER HA 203 71.54 -5.17 44.06
C SER HA 203 70.55 -4.11 43.61
N ALA HA 204 69.66 -3.74 44.54
CA ALA HA 204 68.61 -2.77 44.28
C ALA HA 204 68.37 -1.95 45.54
N LEU HA 205 68.18 -0.65 45.33
CA LEU HA 205 68.07 0.36 46.36
C LEU HA 205 66.68 0.97 46.34
N SER HA 206 66.14 1.24 47.53
CA SER HA 206 64.79 1.78 47.65
C SER HA 206 64.63 2.45 49.01
N LYS HA 207 63.43 2.96 49.24
CA LYS HA 207 63.09 3.73 50.44
C LYS HA 207 61.92 3.07 51.16
N ASP HA 208 61.88 3.27 52.47
CA ASP HA 208 60.64 3.02 53.21
C ASP HA 208 59.74 4.25 53.06
N PRO HA 209 58.43 4.06 52.87
CA PRO HA 209 57.57 5.21 52.59
C PRO HA 209 57.25 6.05 53.82
N ASN HA 210 57.37 5.48 55.02
CA ASN HA 210 56.91 6.14 56.24
C ASN HA 210 57.99 6.23 57.33
N GLU HA 211 59.23 6.46 56.95
CA GLU HA 211 60.31 6.70 57.91
C GLU HA 211 60.90 8.08 57.69
N LYS HA 212 60.97 8.87 58.76
CA LYS HA 212 61.35 10.27 58.65
C LYS HA 212 62.85 10.51 58.78
N ARG HA 213 63.61 9.48 59.15
CA ARG HA 213 65.06 9.62 59.20
C ARG HA 213 65.65 9.49 57.80
N ASP HA 214 66.98 9.43 57.75
CA ASP HA 214 67.64 9.05 56.50
C ASP HA 214 67.79 7.53 56.43
N HIS HA 215 67.14 6.92 55.45
CA HIS HA 215 67.11 5.47 55.34
C HIS HA 215 67.57 5.07 53.95
N MET HA 216 68.01 3.82 53.84
CA MET HA 216 68.39 3.26 52.56
C MET HA 216 68.18 1.76 52.62
N VAL HA 217 67.17 1.26 51.92
CA VAL HA 217 66.81 -0.14 51.91
C VAL HA 217 67.48 -0.77 50.69
N LEU HA 218 68.04 -1.98 50.85
CA LEU HA 218 68.79 -2.58 49.75
C LEU HA 218 68.71 -4.10 49.82
N LEU HA 219 68.36 -4.72 48.70
CA LEU HA 219 68.36 -6.17 48.59
C LEU HA 219 69.30 -6.57 47.46
N GLU HA 220 69.96 -7.73 47.59
CA GLU HA 220 71.08 -8.03 46.72
C GLU HA 220 71.32 -9.52 46.61
N PHE HA 221 71.79 -9.93 45.43
CA PHE HA 221 72.11 -11.32 45.12
C PHE HA 221 73.55 -11.39 44.67
N VAL HA 222 74.31 -12.28 45.30
CA VAL HA 222 75.76 -12.37 45.10
C VAL HA 222 76.14 -13.83 44.94
N THR HA 223 76.89 -14.13 43.88
CA THR HA 223 77.31 -15.52 43.68
C THR HA 223 78.55 -15.54 42.81
N ALA HA 224 79.40 -16.54 43.05
CA ALA HA 224 80.73 -16.60 42.46
C ALA HA 224 80.82 -17.70 41.41
N ALA HA 225 81.90 -17.63 40.62
CA ALA HA 225 82.21 -18.62 39.61
C ALA HA 225 83.64 -18.39 39.14
N GLY HA 226 84.03 -19.09 38.08
CA GLY HA 226 85.34 -18.94 37.48
C GLY HA 226 85.97 -20.22 37.01
N ILE HA 227 85.50 -21.35 37.49
CA ILE HA 227 86.02 -22.64 37.09
C ILE HA 227 85.06 -23.26 36.09
N THR HA 228 85.60 -23.74 34.96
CA THR HA 228 84.78 -24.42 33.97
C THR HA 228 84.82 -25.91 34.28
N HIS HA 229 84.05 -26.33 35.28
CA HIS HA 229 84.06 -27.71 35.76
C HIS HA 229 83.09 -28.58 34.96
N HIS HA 230 83.23 -29.89 35.16
CA HIS HA 230 82.47 -30.87 34.39
C HIS HA 230 80.97 -30.76 34.63
N GLY IA 54 36.96 -4.67 -75.59
CA GLY IA 54 36.97 -5.94 -74.89
C GLY IA 54 38.36 -6.36 -74.43
N LYS IA 55 39.34 -6.17 -75.31
CA LYS IA 55 40.73 -6.48 -75.01
C LYS IA 55 41.70 -5.45 -75.57
N GLU IA 56 41.28 -4.64 -76.54
CA GLU IA 56 42.18 -3.71 -77.21
C GLU IA 56 42.57 -2.51 -76.36
N LEU IA 57 42.05 -2.38 -75.13
CA LEU IA 57 42.41 -1.25 -74.29
C LEU IA 57 43.73 -1.49 -73.57
N LEU IA 58 44.06 -2.75 -73.29
CA LEU IA 58 45.20 -3.03 -72.42
C LEU IA 58 46.53 -2.64 -73.07
N GLU IA 59 46.67 -2.87 -74.38
CA GLU IA 59 47.92 -2.52 -75.05
C GLU IA 59 48.09 -1.01 -75.10
N ALA IA 60 46.98 -0.27 -75.19
CA ALA IA 60 47.05 1.18 -75.15
C ALA IA 60 47.39 1.69 -73.76
N ALA IA 61 46.92 1.00 -72.72
CA ALA IA 61 47.35 1.32 -71.36
C ALA IA 61 48.84 1.04 -71.19
N ARG IA 62 49.32 -0.07 -71.75
CA ARG IA 62 50.72 -0.43 -71.63
C ARG IA 62 51.62 0.55 -72.37
N ALA IA 63 51.22 0.96 -73.57
CA ALA IA 63 52.00 1.93 -74.34
C ALA IA 63 51.88 3.35 -73.78
N GLY IA 64 51.05 3.56 -72.77
CA GLY IA 64 50.83 4.89 -72.25
C GLY IA 64 49.94 5.77 -73.09
N GLN IA 65 49.12 5.17 -73.96
CA GLN IA 65 48.23 5.93 -74.83
C GLN IA 65 47.02 6.39 -74.02
N ASP IA 66 47.24 7.44 -73.23
CA ASP IA 66 46.18 7.94 -72.36
C ASP IA 66 44.98 8.41 -73.16
N ASP IA 67 45.21 9.07 -74.30
CA ASP IA 67 44.10 9.55 -75.11
C ASP IA 67 43.35 8.40 -75.78
N GLU IA 68 44.07 7.33 -76.16
CA GLU IA 68 43.40 6.21 -76.79
C GLU IA 68 42.51 5.48 -75.78
N VAL IA 69 43.04 5.18 -74.59
CA VAL IA 69 42.20 4.53 -73.58
C VAL IA 69 41.06 5.46 -73.16
N ALA IA 70 41.30 6.77 -73.20
CA ALA IA 70 40.21 7.71 -72.94
C ALA IA 70 39.08 7.54 -73.94
N VAL IA 71 39.38 7.66 -75.24
CA VAL IA 71 38.32 7.63 -76.24
C VAL IA 71 37.70 6.25 -76.34
N LEU IA 72 38.46 5.21 -75.99
CA LEU IA 72 37.94 3.85 -76.10
C LEU IA 72 37.17 3.43 -74.85
N MET IA 73 37.41 4.07 -73.71
CA MET IA 73 36.61 3.83 -72.53
C MET IA 73 35.37 4.71 -72.49
N ALA IA 74 35.41 5.88 -73.14
CA ALA IA 74 34.20 6.64 -73.37
C ALA IA 74 33.14 5.78 -74.05
N ARG IA 75 33.52 5.13 -75.14
CA ARG IA 75 32.72 4.05 -75.70
C ARG IA 75 32.74 2.85 -74.75
N GLY IA 76 31.60 2.19 -74.63
CA GLY IA 76 31.46 1.07 -73.71
C GLY IA 76 32.53 0.00 -73.88
N ALA IA 77 33.40 -0.12 -72.89
CA ALA IA 77 34.51 -1.06 -72.95
C ALA IA 77 34.66 -1.76 -71.61
N GLU IA 78 35.39 -2.87 -71.62
CA GLU IA 78 35.62 -3.63 -70.40
C GLU IA 78 36.62 -2.92 -69.51
N VAL IA 79 36.19 -2.48 -68.34
CA VAL IA 79 37.11 -1.83 -67.41
C VAL IA 79 37.82 -2.84 -66.51
N ASN IA 80 37.11 -3.82 -65.97
CA ASN IA 80 37.69 -4.84 -65.09
C ASN IA 80 38.12 -6.06 -65.88
N ALA IA 81 38.92 -5.86 -66.92
CA ALA IA 81 39.36 -6.93 -67.80
C ALA IA 81 40.37 -7.82 -67.10
N ALA IA 82 40.06 -9.12 -67.09
CA ALA IA 82 40.99 -10.14 -66.67
C ALA IA 82 41.63 -10.74 -67.92
N ASP IA 83 42.95 -10.79 -67.93
CA ASP IA 83 43.68 -11.10 -69.15
C ASP IA 83 44.34 -12.47 -69.07
N ASP IA 84 45.17 -12.75 -70.07
CA ASP IA 84 45.78 -14.06 -70.27
C ASP IA 84 46.61 -14.54 -69.08
N VAL IA 85 47.03 -13.65 -68.18
CA VAL IA 85 47.72 -14.07 -66.97
C VAL IA 85 47.08 -13.36 -65.77
N GLY IA 86 46.03 -12.59 -66.03
CA GLY IA 86 45.28 -11.98 -64.95
C GLY IA 86 45.70 -10.56 -64.66
N VAL IA 87 46.28 -9.89 -65.66
CA VAL IA 87 46.82 -8.55 -65.52
C VAL IA 87 45.75 -7.59 -66.03
N THR IA 88 45.15 -6.84 -65.11
CA THR IA 88 44.15 -5.85 -65.49
C THR IA 88 44.86 -4.59 -65.98
N PRO IA 89 44.22 -3.83 -66.88
CA PRO IA 89 44.80 -2.54 -67.29
C PRO IA 89 45.31 -1.67 -66.15
N LEU IA 90 44.73 -1.79 -64.96
CA LEU IA 90 45.23 -1.02 -63.82
C LEU IA 90 46.62 -1.48 -63.41
N HIS IA 91 46.86 -2.80 -63.44
CA HIS IA 91 48.19 -3.32 -63.08
C HIS IA 91 49.26 -2.76 -64.01
N LEU IA 92 49.03 -2.84 -65.32
CA LEU IA 92 49.98 -2.32 -66.31
C LEU IA 92 50.06 -0.82 -66.29
N ALA IA 93 48.99 -0.13 -65.90
CA ALA IA 93 49.02 1.32 -65.74
C ALA IA 93 49.77 1.75 -64.51
N ALA IA 94 49.91 0.86 -63.52
CA ALA IA 94 50.69 1.14 -62.33
C ALA IA 94 52.16 0.77 -62.49
N GLN IA 95 52.46 -0.34 -63.18
CA GLN IA 95 53.84 -0.71 -63.45
C GLN IA 95 54.61 0.44 -64.10
N ARG IA 96 54.15 0.88 -65.27
CA ARG IA 96 54.64 2.11 -65.84
C ARG IA 96 54.02 3.29 -65.10
N GLY IA 97 54.73 4.42 -65.12
CA GLY IA 97 54.22 5.57 -64.41
C GLY IA 97 53.27 6.39 -65.24
N HIS IA 98 51.97 6.15 -65.08
CA HIS IA 98 50.93 6.79 -65.89
C HIS IA 98 49.78 7.14 -64.96
N LEU IA 99 49.79 8.36 -64.43
CA LEU IA 99 48.76 8.79 -63.49
C LEU IA 99 47.43 9.03 -64.17
N ALA IA 100 47.43 9.61 -65.36
CA ALA IA 100 46.18 9.91 -66.05
C ALA IA 100 45.39 8.65 -66.34
N ILE IA 101 46.08 7.57 -66.72
CA ILE IA 101 45.39 6.34 -67.06
C ILE IA 101 44.75 5.71 -65.83
N VAL IA 102 45.45 5.71 -64.70
CA VAL IA 102 44.86 5.12 -63.50
C VAL IA 102 43.73 6.00 -62.98
N SER IA 103 43.81 7.31 -63.20
CA SER IA 103 42.70 8.16 -62.78
C SER IA 103 41.45 7.88 -63.61
N VAL IA 104 41.60 7.84 -64.94
CA VAL IA 104 40.44 7.61 -65.79
C VAL IA 104 39.96 6.17 -65.68
N LEU IA 105 40.79 5.28 -65.16
CA LEU IA 105 40.33 3.91 -64.93
C LEU IA 105 39.60 3.78 -63.61
N LEU IA 106 40.09 4.43 -62.56
CA LEU IA 106 39.37 4.45 -61.30
C LEU IA 106 38.01 5.11 -61.44
N ALA IA 107 37.94 6.24 -62.15
CA ALA IA 107 36.67 6.92 -62.32
C ALA IA 107 35.65 6.03 -63.02
N PHE IA 108 36.11 5.17 -63.93
CA PHE IA 108 35.21 4.29 -64.66
C PHE IA 108 34.94 2.97 -63.94
N GLY IA 109 35.36 2.82 -62.69
CA GLY IA 109 34.96 1.66 -61.93
C GLY IA 109 35.93 0.49 -61.96
N ALA IA 110 37.22 0.75 -61.75
CA ALA IA 110 38.18 -0.32 -61.63
C ALA IA 110 38.29 -0.77 -60.18
N SER IA 111 38.82 -1.98 -59.99
CA SER IA 111 39.02 -2.50 -58.65
C SER IA 111 40.48 -2.31 -58.23
N VAL IA 112 40.70 -1.62 -57.12
CA VAL IA 112 42.06 -1.41 -56.63
C VAL IA 112 42.67 -2.68 -56.07
N ASN IA 113 41.86 -3.61 -55.57
CA ASN IA 113 42.34 -4.89 -55.08
C ASN IA 113 42.00 -5.94 -56.12
N ALA IA 114 42.95 -6.27 -56.98
CA ALA IA 114 42.71 -7.18 -58.09
C ALA IA 114 43.73 -8.31 -58.03
N ALA IA 115 43.27 -9.47 -57.58
CA ALA IA 115 44.15 -10.57 -57.23
C ALA IA 115 44.76 -11.15 -58.50
N ASP IA 116 45.97 -10.69 -58.82
CA ASP IA 116 46.71 -11.21 -59.96
C ASP IA 116 46.97 -12.71 -59.78
N LEU IA 117 47.30 -13.37 -60.90
CA LEU IA 117 47.60 -14.80 -60.85
C LEU IA 117 48.82 -15.08 -60.00
N TRP IA 118 49.68 -14.10 -59.79
CA TRP IA 118 50.86 -14.25 -58.93
C TRP IA 118 50.62 -13.73 -57.52
N GLY IA 119 49.48 -13.09 -57.26
CA GLY IA 119 49.19 -12.54 -55.96
C GLY IA 119 49.46 -11.06 -55.83
N GLN IA 120 49.76 -10.37 -56.93
CA GLN IA 120 50.05 -8.96 -56.86
C GLN IA 120 48.79 -8.13 -57.01
N THR IA 121 48.93 -6.85 -56.73
CA THR IA 121 47.89 -5.84 -56.69
C THR IA 121 48.54 -4.57 -57.22
N PRO IA 122 47.81 -3.64 -57.84
CA PRO IA 122 48.46 -2.43 -58.36
C PRO IA 122 49.28 -1.70 -57.32
N LEU IA 123 48.93 -1.78 -56.03
CA LEU IA 123 49.73 -1.17 -54.99
C LEU IA 123 51.10 -1.83 -54.88
N HIS IA 124 51.15 -3.16 -55.04
CA HIS IA 124 52.44 -3.86 -55.00
C HIS IA 124 53.38 -3.35 -56.08
N LEU IA 125 52.93 -3.41 -57.34
CA LEU IA 125 53.76 -2.97 -58.45
C LEU IA 125 54.07 -1.48 -58.40
N ALA IA 126 53.13 -0.66 -57.95
CA ALA IA 126 53.39 0.76 -57.84
C ALA IA 126 54.40 1.10 -56.76
N ALA IA 127 54.32 0.42 -55.60
CA ALA IA 127 55.32 0.63 -54.57
C ALA IA 127 56.67 0.12 -54.99
N THR IA 128 56.71 -0.99 -55.75
CA THR IA 128 57.99 -1.49 -56.24
C THR IA 128 58.61 -0.55 -57.28
N ALA IA 129 57.79 0.02 -58.17
CA ALA IA 129 58.32 0.88 -59.22
C ALA IA 129 58.96 2.14 -58.64
N GLY IA 130 58.18 2.95 -57.95
CA GLY IA 130 58.71 4.15 -57.35
C GLY IA 130 57.92 5.41 -57.60
N HIS IA 131 56.71 5.27 -58.14
CA HIS IA 131 55.89 6.42 -58.46
C HIS IA 131 55.00 6.77 -57.28
N LEU IA 132 55.21 7.96 -56.71
CA LEU IA 132 54.54 8.31 -55.47
C LEU IA 132 53.09 8.71 -55.71
N GLU IA 133 52.83 9.48 -56.77
CA GLU IA 133 51.48 9.96 -57.04
C GLU IA 133 50.49 8.82 -57.24
N ILE IA 134 50.91 7.76 -57.93
CA ILE IA 134 50.03 6.61 -58.09
C ILE IA 134 49.76 5.95 -56.74
N VAL IA 135 50.79 5.83 -55.90
CA VAL IA 135 50.60 5.27 -54.57
C VAL IA 135 49.58 6.08 -53.79
N GLU IA 136 49.68 7.41 -53.83
CA GLU IA 136 48.72 8.24 -53.11
C GLU IA 136 47.31 8.06 -53.63
N VAL IA 137 47.12 8.12 -54.95
CA VAL IA 137 45.76 8.05 -55.49
C VAL IA 137 45.18 6.66 -55.30
N LEU IA 138 46.03 5.65 -55.15
CA LEU IA 138 45.52 4.32 -54.87
C LEU IA 138 45.16 4.15 -53.40
N LEU IA 139 45.97 4.73 -52.51
CA LEU IA 139 45.69 4.64 -51.08
C LEU IA 139 44.42 5.40 -50.73
N ARG IA 140 44.18 6.52 -51.41
CA ARG IA 140 42.95 7.27 -51.17
C ARG IA 140 41.73 6.59 -51.74
N SER IA 141 41.89 5.66 -52.66
CA SER IA 141 40.77 4.99 -53.30
C SER IA 141 40.39 3.68 -52.64
N GLY IA 142 41.15 3.23 -51.64
CA GLY IA 142 40.82 2.03 -50.92
C GLY IA 142 41.76 0.85 -51.10
N ALA IA 143 43.01 1.09 -51.49
CA ALA IA 143 43.96 -0.01 -51.59
C ALA IA 143 44.34 -0.49 -50.19
N SER IA 144 44.51 -1.80 -50.07
CA SER IA 144 44.81 -2.43 -48.79
C SER IA 144 46.32 -2.53 -48.58
N VAL IA 145 46.81 -1.80 -47.59
CA VAL IA 145 48.25 -1.73 -47.31
C VAL IA 145 48.82 -3.04 -46.81
N ASN IA 146 48.00 -4.00 -46.41
CA ASN IA 146 48.47 -5.25 -45.83
C ASN IA 146 47.99 -6.45 -46.62
N ALA IA 147 48.07 -6.36 -47.95
CA ALA IA 147 47.80 -7.51 -48.80
C ALA IA 147 49.09 -8.26 -49.07
N ARG IA 148 48.99 -9.57 -49.24
CA ARG IA 148 50.15 -10.44 -49.31
C ARG IA 148 50.34 -10.98 -50.72
N ASP IA 149 51.58 -11.28 -51.05
CA ASP IA 149 51.95 -12.06 -52.23
C ASP IA 149 51.85 -13.55 -51.92
N ASN IA 150 52.43 -14.37 -52.80
CA ASN IA 150 52.64 -15.76 -52.46
C ASN IA 150 53.84 -15.92 -51.53
N ILE IA 151 54.92 -15.19 -51.81
CA ILE IA 151 56.02 -15.12 -50.85
C ILE IA 151 55.57 -14.55 -49.52
N GLY IA 152 54.52 -13.72 -49.52
CA GLY IA 152 54.03 -13.08 -48.32
C GLY IA 152 54.38 -11.62 -48.21
N HIS IA 153 54.99 -11.02 -49.22
CA HIS IA 153 55.41 -9.63 -49.14
C HIS IA 153 54.22 -8.69 -49.07
N THR IA 154 54.35 -7.66 -48.27
CA THR IA 154 53.41 -6.56 -48.23
C THR IA 154 54.00 -5.36 -48.93
N PRO IA 155 53.18 -4.38 -49.35
CA PRO IA 155 53.73 -3.24 -50.09
C PRO IA 155 54.89 -2.55 -49.38
N LEU IA 156 54.97 -2.65 -48.06
CA LEU IA 156 56.08 -2.04 -47.34
C LEU IA 156 57.36 -2.85 -47.51
N HIS IA 157 57.24 -4.18 -47.58
CA HIS IA 157 58.39 -5.01 -47.92
C HIS IA 157 59.05 -4.52 -49.20
N LEU IA 158 58.24 -4.30 -50.24
CA LEU IA 158 58.77 -3.87 -51.53
C LEU IA 158 59.26 -2.42 -51.48
N ALA IA 159 58.55 -1.57 -50.75
CA ALA IA 159 59.01 -0.19 -50.60
C ALA IA 159 60.37 -0.12 -49.93
N ALA IA 160 60.64 -1.03 -48.98
CA ALA IA 160 61.92 -1.07 -48.30
C ALA IA 160 63.00 -1.72 -49.13
N TRP IA 161 62.68 -2.78 -49.87
CA TRP IA 161 63.65 -3.39 -50.77
C TRP IA 161 64.09 -2.41 -51.84
N ALA IA 162 63.14 -1.77 -52.53
CA ALA IA 162 63.48 -0.92 -53.65
C ALA IA 162 64.26 0.32 -53.21
N GLY IA 163 64.00 0.80 -52.00
CA GLY IA 163 64.67 1.97 -51.49
C GLY IA 163 63.95 3.28 -51.67
N HIS IA 164 62.62 3.30 -51.56
CA HIS IA 164 61.83 4.50 -51.80
C HIS IA 164 61.39 5.09 -50.47
N LEU IA 165 62.03 6.19 -50.06
CA LEU IA 165 61.79 6.74 -48.74
C LEU IA 165 60.40 7.35 -48.61
N GLU IA 166 60.04 8.22 -49.57
CA GLU IA 166 58.74 8.90 -49.49
C GLU IA 166 57.59 7.92 -49.56
N ILE IA 167 57.72 6.87 -50.36
CA ILE IA 167 56.69 5.85 -50.41
C ILE IA 167 56.61 5.10 -49.08
N VAL IA 168 57.76 4.86 -48.45
CA VAL IA 168 57.76 4.25 -47.12
C VAL IA 168 57.00 5.12 -46.13
N GLU IA 169 57.22 6.44 -46.20
CA GLU IA 169 56.50 7.34 -45.31
C GLU IA 169 54.99 7.30 -45.54
N VAL IA 170 54.54 7.41 -46.79
CA VAL IA 170 53.11 7.44 -47.04
C VAL IA 170 52.48 6.10 -46.70
N LEU IA 171 53.23 5.00 -46.85
CA LEU IA 171 52.70 3.70 -46.45
C LEU IA 171 52.63 3.54 -44.95
N LEU IA 172 53.56 4.15 -44.21
CA LEU IA 172 53.50 4.10 -42.75
C LEU IA 172 52.39 4.97 -42.20
N ALA IA 173 52.07 6.07 -42.86
CA ALA IA 173 50.95 6.91 -42.46
C ALA IA 173 49.59 6.23 -42.61
N TYR IA 174 49.47 5.27 -43.53
CA TYR IA 174 48.18 4.67 -43.85
C TYR IA 174 47.97 3.34 -43.14
N GLY IA 175 48.87 2.93 -42.25
CA GLY IA 175 48.65 1.78 -41.42
C GLY IA 175 49.45 0.55 -41.74
N ALA IA 176 50.50 0.65 -42.55
CA ALA IA 176 51.41 -0.46 -42.73
C ALA IA 176 52.18 -0.73 -41.44
N ASP IA 177 52.26 -1.99 -41.05
CA ASP IA 177 52.92 -2.39 -39.81
C ASP IA 177 54.39 -2.69 -40.08
N VAL IA 178 55.24 -2.38 -39.11
CA VAL IA 178 56.66 -2.46 -39.37
C VAL IA 178 57.19 -3.88 -39.12
N PHE IA 179 56.68 -4.59 -38.11
CA PHE IA 179 57.12 -5.97 -37.93
C PHE IA 179 56.12 -6.97 -38.48
N ALA IA 180 55.99 -7.00 -39.80
CA ALA IA 180 55.27 -8.06 -40.49
C ALA IA 180 56.27 -8.93 -41.21
N GLN IA 181 55.99 -10.22 -41.32
CA GLN IA 181 56.93 -11.15 -41.91
C GLN IA 181 56.40 -11.73 -43.22
N ASP IA 182 57.30 -12.27 -44.03
CA ASP IA 182 56.97 -13.06 -45.19
C ASP IA 182 57.13 -14.52 -44.84
N LYS IA 183 56.90 -15.41 -45.81
CA LYS IA 183 57.05 -16.83 -45.56
C LYS IA 183 58.43 -17.19 -45.06
N PHE IA 184 59.46 -16.51 -45.55
CA PHE IA 184 60.83 -16.83 -45.18
C PHE IA 184 61.26 -16.15 -43.88
N GLY IA 185 60.40 -15.37 -43.26
CA GLY IA 185 60.63 -14.87 -41.92
C GLY IA 185 61.19 -13.48 -41.80
N LYS IA 186 61.27 -12.72 -42.88
CA LYS IA 186 61.91 -11.40 -42.83
C LYS IA 186 60.89 -10.28 -42.71
N THR IA 187 61.29 -9.24 -42.00
CA THR IA 187 60.55 -7.99 -41.83
C THR IA 187 61.15 -6.92 -42.73
N PRO IA 188 60.39 -5.88 -43.06
CA PRO IA 188 60.93 -4.82 -43.94
C PRO IA 188 62.29 -4.30 -43.51
N PHE IA 189 62.57 -4.28 -42.21
CA PHE IA 189 63.89 -3.84 -41.76
C PHE IA 189 64.98 -4.77 -42.25
N ASP IA 190 64.69 -6.07 -42.37
CA ASP IA 190 65.69 -7.00 -42.86
C ASP IA 190 65.96 -6.78 -44.35
N LEU IA 191 64.90 -6.69 -45.15
CA LEU IA 191 65.08 -6.38 -46.57
C LEU IA 191 65.75 -5.02 -46.76
N ALA IA 192 65.64 -4.14 -45.77
CA ALA IA 192 66.30 -2.86 -45.87
C ALA IA 192 67.79 -2.94 -45.51
N ILE IA 193 68.14 -3.80 -44.55
CA ILE IA 193 69.54 -3.84 -44.12
C ILE IA 193 70.36 -4.79 -44.97
N ASP IA 194 69.73 -5.72 -45.66
CA ASP IA 194 70.49 -6.62 -46.53
C ASP IA 194 70.63 -6.10 -47.95
N ASN IA 195 70.25 -4.85 -48.21
CA ASN IA 195 70.32 -4.27 -49.55
C ASN IA 195 71.00 -2.91 -49.56
N GLY IA 196 71.60 -2.50 -48.45
CA GLY IA 196 72.28 -1.21 -48.41
C GLY IA 196 71.37 -0.01 -48.35
N ASN IA 197 70.05 -0.20 -48.46
CA ASN IA 197 69.12 0.91 -48.26
C ASN IA 197 69.21 1.37 -46.81
N GLU IA 198 69.80 2.53 -46.59
CA GLU IA 198 70.26 2.95 -45.27
C GLU IA 198 69.19 3.65 -44.44
N ASP IA 199 68.43 4.58 -45.03
CA ASP IA 199 67.57 5.42 -44.20
C ASP IA 199 66.22 4.77 -43.94
N ILE IA 200 65.76 3.92 -44.86
CA ILE IA 200 64.62 3.07 -44.57
C ILE IA 200 64.86 2.31 -43.28
N ALA IA 201 66.05 1.73 -43.14
CA ALA IA 201 66.43 1.03 -41.93
C ALA IA 201 66.38 1.94 -40.71
N GLU IA 202 66.83 3.19 -40.84
CA GLU IA 202 66.84 4.06 -39.67
C GLU IA 202 65.43 4.43 -39.23
N VAL IA 203 64.58 4.85 -40.17
CA VAL IA 203 63.23 5.24 -39.80
C VAL IA 203 62.36 4.06 -39.43
N LEU IA 204 62.76 2.84 -39.75
CA LEU IA 204 62.02 1.69 -39.23
C LEU IA 204 62.55 1.23 -37.88
N GLN IA 205 63.87 1.39 -37.66
CA GLN IA 205 64.44 1.10 -36.36
C GLN IA 205 63.89 2.02 -35.29
N ARG IA 206 63.69 3.30 -35.62
CA ARG IA 206 63.12 4.21 -34.64
C ARG IA 206 61.75 3.73 -34.17
N LEU IA 207 60.93 3.21 -35.08
CA LEU IA 207 59.59 2.77 -34.70
C LEU IA 207 59.63 1.46 -33.91
N LEU IA 208 60.46 0.51 -34.35
CA LEU IA 208 60.65 -0.70 -33.56
C LEU IA 208 61.07 -0.37 -32.13
N GLU IA 209 61.98 0.59 -31.98
CA GLU IA 209 62.46 0.96 -30.66
C GLU IA 209 61.39 1.66 -29.84
N CYS IA 210 60.59 2.55 -30.46
CA CYS IA 210 59.51 3.17 -29.72
C CYS IA 210 58.55 2.14 -29.16
N ARG IA 211 58.15 1.17 -29.98
CA ARG IA 211 57.23 0.16 -29.47
C ARG IA 211 57.85 -0.68 -28.35
N ARG IA 212 59.11 -1.09 -28.51
CA ARG IA 212 59.77 -1.87 -27.47
C ARG IA 212 59.86 -1.09 -26.16
N ASP IA 213 60.21 0.19 -26.23
CA ASP IA 213 60.39 0.98 -25.01
C ASP IA 213 59.07 1.26 -24.32
N ALA IA 214 58.00 1.50 -25.06
CA ALA IA 214 56.72 1.68 -24.40
C ALA IA 214 56.28 0.41 -23.71
N GLU IA 215 56.47 -0.75 -24.34
CA GLU IA 215 56.15 -2.00 -23.68
C GLU IA 215 56.91 -2.15 -22.37
N ALA IA 216 58.22 -1.92 -22.40
CA ALA IA 216 59.03 -2.03 -21.20
C ALA IA 216 58.59 -1.08 -20.09
N ALA IA 217 58.30 0.18 -20.42
CA ALA IA 217 57.86 1.12 -19.39
C ALA IA 217 56.53 0.76 -18.77
N ILE IA 218 55.60 0.20 -19.56
CA ILE IA 218 54.33 -0.22 -18.95
C ILE IA 218 54.56 -1.40 -18.02
N ASN IA 219 55.45 -2.33 -18.37
CA ASN IA 219 55.77 -3.41 -17.43
C ASN IA 219 56.35 -2.87 -16.13
N TYR IA 220 57.26 -1.90 -16.23
CA TYR IA 220 57.85 -1.35 -15.01
C TYR IA 220 56.83 -0.62 -14.15
N GLN IA 221 55.85 0.03 -14.77
CA GLN IA 221 54.80 0.67 -13.98
C GLN IA 221 53.91 -0.34 -13.27
N ILE IA 222 53.63 -1.47 -13.93
CA ILE IA 222 52.88 -2.53 -13.26
C ILE IA 222 53.61 -2.99 -12.01
N ASN IA 223 54.92 -3.25 -12.13
CA ASN IA 223 55.68 -3.68 -10.97
C ASN IA 223 55.71 -2.62 -9.87
N LEU IA 224 55.82 -1.34 -10.24
CA LEU IA 224 55.87 -0.30 -9.23
C LEU IA 224 54.57 -0.18 -8.44
N GLU IA 225 53.42 -0.32 -9.12
CA GLU IA 225 52.17 -0.25 -8.38
C GLU IA 225 51.96 -1.47 -7.50
N LEU IA 226 52.39 -2.66 -7.96
CA LEU IA 226 52.31 -3.82 -7.07
C LEU IA 226 53.18 -3.65 -5.83
N TYR IA 227 54.37 -3.08 -5.99
CA TYR IA 227 55.21 -2.80 -4.84
C TYR IA 227 54.58 -1.79 -3.88
N ALA IA 228 53.97 -0.73 -4.41
CA ALA IA 228 53.29 0.22 -3.53
C ALA IA 228 52.14 -0.43 -2.76
N SER IA 229 51.39 -1.31 -3.42
CA SER IA 229 50.33 -2.04 -2.72
C SER IA 229 50.88 -2.86 -1.56
N TYR IA 230 52.00 -3.54 -1.77
CA TYR IA 230 52.63 -4.32 -0.72
C TYR IA 230 53.10 -3.43 0.44
N VAL IA 231 53.67 -2.28 0.14
CA VAL IA 231 54.13 -1.37 1.18
C VAL IA 231 52.96 -0.89 2.03
N TYR IA 232 51.84 -0.57 1.40
CA TYR IA 232 50.67 -0.14 2.18
C TYR IA 232 50.12 -1.26 3.03
N LEU IA 233 50.16 -2.50 2.56
CA LEU IA 233 49.70 -3.62 3.40
C LEU IA 233 50.56 -3.75 4.65
N SER IA 234 51.88 -3.63 4.48
CA SER IA 234 52.77 -3.63 5.65
C SER IA 234 52.42 -2.51 6.62
N MET IA 235 52.31 -1.27 6.10
CA MET IA 235 51.94 -0.14 6.94
C MET IA 235 50.66 -0.40 7.71
N SER IA 236 49.64 -0.93 7.04
CA SER IA 236 48.35 -1.17 7.68
C SER IA 236 48.44 -2.17 8.81
N TYR IA 237 49.14 -3.28 8.62
CA TYR IA 237 49.22 -4.25 9.71
C TYR IA 237 50.26 -3.88 10.75
N TYR IA 238 50.99 -2.78 10.58
CA TYR IA 238 51.78 -2.26 11.70
C TYR IA 238 50.89 -1.63 12.76
N PHE IA 239 49.90 -0.84 12.36
CA PHE IA 239 49.04 -0.15 13.30
C PHE IA 239 48.01 -1.06 13.94
N ASP IA 240 48.10 -2.37 13.73
CA ASP IA 240 47.17 -3.33 14.29
C ASP IA 240 47.78 -4.08 15.47
N ARG IA 241 49.07 -3.93 15.70
CA ARG IA 241 49.72 -4.52 16.87
C ARG IA 241 49.06 -3.99 18.12
N ASP IA 242 49.26 -4.62 19.27
CA ASP IA 242 48.64 -4.13 20.49
C ASP IA 242 49.54 -3.19 21.26
N ASP IA 243 50.79 -2.99 20.84
CA ASP IA 243 51.54 -1.86 21.34
C ASP IA 243 51.45 -0.67 20.40
N VAL IA 244 50.67 -0.80 19.32
CA VAL IA 244 50.31 0.32 18.45
C VAL IA 244 48.81 0.17 18.20
N ALA IA 245 47.99 0.78 19.04
CA ALA IA 245 46.56 0.48 19.01
C ALA IA 245 45.77 1.57 18.30
N LEU IA 246 46.02 1.73 17.01
CA LEU IA 246 45.33 2.73 16.20
C LEU IA 246 44.60 2.04 15.06
N LYS IA 247 43.27 2.06 15.11
CA LYS IA 247 42.44 1.27 14.21
C LYS IA 247 42.13 1.97 12.90
N ASN IA 248 41.98 3.29 12.93
CA ASN IA 248 41.59 3.99 11.72
C ASN IA 248 42.77 4.28 10.82
N PHE IA 249 43.97 4.42 11.38
CA PHE IA 249 45.19 4.35 10.59
C PHE IA 249 45.27 3.03 9.82
N ALA IA 250 44.91 1.94 10.48
CA ALA IA 250 44.91 0.62 9.84
C ALA IA 250 43.91 0.53 8.70
N LYS IA 251 42.67 0.98 8.93
CA LYS IA 251 41.68 0.98 7.86
C LYS IA 251 42.11 1.85 6.69
N TYR IA 252 42.64 3.04 6.99
CA TYR IA 252 43.17 3.92 5.95
C TYR IA 252 44.15 3.20 5.05
N PHE IA 253 45.19 2.64 5.64
CA PHE IA 253 46.23 2.04 4.81
C PHE IA 253 45.78 0.75 4.13
N LEU IA 254 44.82 0.02 4.69
CA LEU IA 254 44.28 -1.10 3.93
C LEU IA 254 43.50 -0.66 2.70
N HIS IA 255 42.72 0.42 2.82
CA HIS IA 255 42.03 0.96 1.66
C HIS IA 255 43.01 1.36 0.57
N GLN IA 256 44.09 2.05 0.94
CA GLN IA 256 45.09 2.42 -0.05
C GLN IA 256 45.74 1.19 -0.67
N SER IA 257 46.00 0.16 0.12
CA SER IA 257 46.55 -1.08 -0.40
C SER IA 257 45.68 -1.69 -1.49
N HIS IA 258 44.37 -1.64 -1.35
CA HIS IA 258 43.52 -2.24 -2.39
C HIS IA 258 43.38 -1.35 -3.62
N GLU IA 259 43.32 -0.04 -3.42
CA GLU IA 259 43.27 0.86 -4.57
C GLU IA 259 44.50 0.72 -5.44
N GLU IA 260 45.67 0.55 -4.84
CA GLU IA 260 46.87 0.40 -5.65
C GLU IA 260 46.94 -0.89 -6.44
N ARG IA 261 46.16 -1.91 -6.09
CA ARG IA 261 46.11 -3.10 -6.93
C ARG IA 261 45.14 -2.92 -8.08
N GLU IA 262 44.02 -2.23 -7.83
CA GLU IA 262 43.19 -1.83 -8.96
C GLU IA 262 43.99 -1.03 -10.00
N HIS IA 263 44.85 -0.12 -9.53
CA HIS IA 263 45.67 0.66 -10.45
C HIS IA 263 46.52 -0.21 -11.36
N ALA IA 264 47.11 -1.27 -10.83
CA ALA IA 264 47.99 -2.11 -11.64
C ALA IA 264 47.22 -3.03 -12.58
N GLU IA 265 46.06 -3.51 -12.15
CA GLU IA 265 45.24 -4.30 -13.06
C GLU IA 265 44.76 -3.47 -14.24
N LYS IA 266 44.51 -2.18 -14.04
CA LYS IA 266 44.18 -1.33 -15.18
C LYS IA 266 45.28 -1.30 -16.22
N LEU IA 267 46.54 -1.24 -15.79
CA LEU IA 267 47.64 -1.20 -16.73
C LEU IA 267 47.85 -2.55 -17.41
N MET IA 268 47.58 -3.64 -16.70
CA MET IA 268 47.64 -4.96 -17.35
C MET IA 268 46.60 -5.06 -18.46
N LYS IA 269 45.36 -4.66 -18.16
CA LYS IA 269 44.34 -4.64 -19.20
C LYS IA 269 44.74 -3.77 -20.37
N LEU IA 270 45.28 -2.58 -20.10
CA LEU IA 270 45.77 -1.72 -21.18
C LEU IA 270 46.78 -2.44 -22.05
N GLN IA 271 47.78 -3.08 -21.45
CA GLN IA 271 48.82 -3.70 -22.26
C GLN IA 271 48.28 -4.89 -23.05
N ASN IA 272 47.22 -5.52 -22.57
CA ASN IA 272 46.59 -6.54 -23.41
C ASN IA 272 45.80 -5.95 -24.55
N GLN IA 273 45.23 -4.75 -24.37
CA GLN IA 273 44.52 -4.09 -25.45
C GLN IA 273 45.45 -3.62 -26.55
N ARG IA 274 46.71 -3.35 -26.23
CA ARG IA 274 47.65 -2.84 -27.22
C ARG IA 274 48.32 -3.95 -28.02
N GLY IA 275 48.20 -5.20 -27.59
CA GLY IA 275 48.87 -6.30 -28.25
C GLY IA 275 50.25 -6.59 -27.73
N GLY IA 276 50.63 -6.04 -26.58
CA GLY IA 276 51.95 -6.28 -26.01
C GLY IA 276 51.95 -7.49 -25.10
N GLU IA 277 53.12 -7.73 -24.50
CA GLU IA 277 53.33 -8.90 -23.67
C GLU IA 277 53.59 -8.47 -22.23
N ILE IA 278 52.72 -8.89 -21.32
CA ILE IA 278 52.95 -8.69 -19.90
C ILE IA 278 54.05 -9.63 -19.44
N SER IA 279 55.01 -9.11 -18.71
CA SER IA 279 56.08 -9.91 -18.13
C SER IA 279 56.22 -9.52 -16.68
N LEU IA 280 55.61 -10.31 -15.80
CA LEU IA 280 55.59 -10.02 -14.36
C LEU IA 280 56.93 -10.38 -13.76
N GLN IA 281 57.26 -9.73 -12.65
CA GLN IA 281 58.57 -9.87 -12.01
C GLN IA 281 58.42 -9.97 -10.50
N SER IA 282 59.56 -9.99 -9.83
CA SER IA 282 59.61 -10.18 -8.39
C SER IA 282 59.25 -8.88 -7.69
N ILE IA 283 58.55 -8.98 -6.58
CA ILE IA 283 58.14 -7.80 -5.82
C ILE IA 283 59.01 -7.68 -4.57
N SER IA 284 59.76 -6.60 -4.47
CA SER IA 284 60.62 -6.40 -3.31
C SER IA 284 59.78 -6.24 -2.04
N SER IA 285 60.41 -6.51 -0.92
CA SER IA 285 59.70 -6.31 0.34
C SER IA 285 59.91 -4.88 0.80
N PRO IA 286 58.95 -4.32 1.54
CA PRO IA 286 59.10 -2.94 2.02
C PRO IA 286 60.36 -2.78 2.85
N ASP IA 287 60.85 -1.54 2.92
CA ASP IA 287 62.14 -1.31 3.55
C ASP IA 287 62.08 -1.45 5.05
N SER IA 288 60.91 -1.21 5.64
CA SER IA 288 60.77 -1.27 7.09
C SER IA 288 59.67 -2.26 7.43
N ASP IA 289 59.78 -2.84 8.63
CA ASP IA 289 58.67 -3.50 9.28
C ASP IA 289 58.13 -2.68 10.43
N ASP IA 290 58.90 -1.72 10.93
CA ASP IA 290 58.56 -0.87 12.05
C ASP IA 290 58.51 0.57 11.55
N TRP IA 291 57.30 1.05 11.30
CA TRP IA 291 57.08 2.44 10.94
C TRP IA 291 56.81 3.25 12.20
N GLU IA 292 57.81 4.00 12.65
CA GLU IA 292 57.91 4.37 14.07
C GLU IA 292 56.62 4.97 14.63
N SER IA 293 55.89 5.74 13.84
CA SER IA 293 54.69 6.40 14.34
C SER IA 293 53.75 6.68 13.19
N GLY IA 294 52.62 7.32 13.51
CA GLY IA 294 51.67 7.70 12.47
C GLY IA 294 52.17 8.82 11.59
N LEU IA 295 52.89 9.79 12.17
CA LEU IA 295 53.50 10.85 11.39
C LEU IA 295 54.53 10.30 10.39
N ASN IA 296 55.45 9.46 10.86
CA ASN IA 296 56.47 8.91 9.99
C ASN IA 296 55.90 8.03 8.90
N ALA IA 297 54.87 7.24 9.19
CA ALA IA 297 54.18 6.48 8.16
C ALA IA 297 53.49 7.36 7.14
N MET IA 298 52.83 8.45 7.56
CA MET IA 298 52.25 9.35 6.58
C MET IA 298 53.30 10.01 5.70
N GLU IA 299 54.46 10.35 6.26
CA GLU IA 299 55.51 10.95 5.44
C GLU IA 299 56.10 9.95 4.45
N SER IA 300 56.23 8.70 4.86
CA SER IA 300 56.71 7.67 3.95
C SER IA 300 55.71 7.43 2.82
N ALA IA 301 54.42 7.41 3.13
CA ALA IA 301 53.43 7.31 2.07
C ALA IA 301 53.50 8.49 1.12
N LEU IA 302 53.79 9.68 1.64
CA LEU IA 302 53.91 10.85 0.76
C LEU IA 302 55.08 10.71 -0.21
N HIS IA 303 56.24 10.30 0.29
CA HIS IA 303 57.37 10.10 -0.62
C HIS IA 303 57.10 9.00 -1.63
N LEU IA 304 56.40 7.94 -1.23
CA LEU IA 304 56.09 6.87 -2.18
C LEU IA 304 55.16 7.36 -3.29
N GLU IA 305 54.14 8.13 -2.93
CA GLU IA 305 53.24 8.67 -3.95
C GLU IA 305 53.98 9.60 -4.90
N LYS IA 306 54.93 10.38 -4.38
CA LYS IA 306 55.70 11.25 -5.26
C LYS IA 306 56.57 10.47 -6.23
N ALA IA 307 57.18 9.38 -5.78
CA ALA IA 307 57.98 8.55 -6.68
C ALA IA 307 57.11 7.94 -7.79
N VAL IA 308 55.94 7.44 -7.42
CA VAL IA 308 55.02 6.90 -8.42
C VAL IA 308 54.65 7.95 -9.45
N ASN IA 309 54.38 9.17 -8.99
CA ASN IA 309 54.01 10.24 -9.92
C ASN IA 309 55.15 10.59 -10.85
N ALA IA 310 56.39 10.60 -10.35
CA ALA IA 310 57.53 10.83 -11.23
C ALA IA 310 57.64 9.79 -12.33
N SER IA 311 57.42 8.51 -11.98
CA SER IA 311 57.45 7.48 -13.03
C SER IA 311 56.37 7.71 -14.06
N LEU IA 312 55.17 8.09 -13.63
CA LEU IA 312 54.11 8.38 -14.59
C LEU IA 312 54.49 9.51 -15.53
N LEU IA 313 55.11 10.56 -15.01
CA LEU IA 313 55.52 11.66 -15.87
C LEU IA 313 56.58 11.24 -16.88
N ARG IA 314 57.52 10.38 -16.48
CA ARG IA 314 58.51 9.89 -17.43
C ARG IA 314 57.87 9.08 -18.54
N LEU IA 315 56.92 8.22 -18.17
CA LEU IA 315 56.24 7.42 -19.19
C LEU IA 315 55.41 8.29 -20.11
N HIS IA 316 54.82 9.38 -19.59
CA HIS IA 316 54.06 10.26 -20.46
C HIS IA 316 54.96 10.98 -21.44
N LYS IA 317 56.12 11.45 -20.99
CA LYS IA 317 57.04 12.07 -21.94
C LYS IA 317 57.51 11.09 -23.00
N LEU IA 318 57.74 9.83 -22.61
CA LEU IA 318 58.10 8.81 -23.59
C LEU IA 318 56.99 8.61 -24.62
N ALA IA 319 55.74 8.48 -24.17
CA ALA IA 319 54.64 8.30 -25.11
C ALA IA 319 54.42 9.53 -25.97
N THR IA 320 54.86 10.70 -25.51
CA THR IA 320 54.74 11.90 -26.33
C THR IA 320 55.82 11.94 -27.41
N ASP IA 321 57.03 11.48 -27.09
CA ASP IA 321 58.09 11.47 -28.09
C ASP IA 321 57.74 10.56 -29.26
N CYS IA 322 57.15 9.40 -28.97
CA CYS IA 322 56.89 8.42 -30.02
C CYS IA 322 55.51 8.54 -30.64
N ASN IA 323 54.86 9.70 -30.54
CA ASN IA 323 53.61 9.98 -31.26
C ASN IA 323 52.55 8.92 -30.99
N ASP IA 324 52.08 8.86 -29.75
CA ASP IA 324 51.15 7.83 -29.31
C ASP IA 324 49.99 8.48 -28.59
N PRO IA 325 49.06 9.14 -29.30
CA PRO IA 325 48.00 9.91 -28.61
C PRO IA 325 47.17 9.12 -27.61
N HIS IA 326 46.85 7.86 -27.88
CA HIS IA 326 45.98 7.10 -26.99
C HIS IA 326 46.65 6.80 -25.66
N LEU IA 327 47.96 6.51 -25.67
CA LEU IA 327 48.66 6.25 -24.43
C LEU IA 327 48.71 7.51 -23.57
N CYS IA 328 49.01 8.67 -24.17
CA CYS IA 328 49.02 9.92 -23.43
C CYS IA 328 47.66 10.24 -22.85
N ASP IA 329 46.60 10.08 -23.65
CA ASP IA 329 45.25 10.32 -23.15
C ASP IA 329 44.91 9.39 -21.99
N PHE IA 330 45.28 8.12 -22.11
CA PHE IA 330 45.04 7.16 -21.03
C PHE IA 330 45.75 7.58 -19.75
N ILE IA 331 47.03 7.95 -19.86
CA ILE IA 331 47.82 8.30 -18.68
C ILE IA 331 47.24 9.53 -17.99
N GLU IA 332 46.94 10.57 -18.76
CA GLU IA 332 46.44 11.76 -18.08
C GLU IA 332 44.97 11.66 -17.69
N THR IA 333 44.21 10.73 -18.25
CA THR IA 333 42.82 10.59 -17.83
C THR IA 333 42.69 9.77 -16.55
N HIS IA 334 43.48 8.71 -16.41
CA HIS IA 334 43.25 7.83 -15.27
C HIS IA 334 44.28 7.96 -14.17
N TYR IA 335 45.40 8.63 -14.41
CA TYR IA 335 46.51 8.52 -13.48
C TYR IA 335 47.06 9.86 -13.00
N LEU IA 336 46.95 10.93 -13.78
CA LEU IA 336 47.61 12.15 -13.36
C LEU IA 336 46.76 13.01 -12.43
N ASN IA 337 45.45 12.82 -12.40
CA ASN IA 337 44.65 13.62 -11.48
C ASN IA 337 44.47 12.93 -10.14
N GLU IA 338 44.65 11.61 -10.08
CA GLU IA 338 44.59 10.92 -8.79
C GLU IA 338 45.85 11.13 -7.99
N GLN IA 339 47.01 11.21 -8.64
CA GLN IA 339 48.25 11.45 -7.92
C GLN IA 339 48.26 12.83 -7.30
N VAL IA 340 47.74 13.83 -8.00
CA VAL IA 340 47.70 15.19 -7.46
C VAL IA 340 46.84 15.26 -6.22
N LYS IA 341 45.68 14.60 -6.24
CA LYS IA 341 44.80 14.58 -5.08
C LYS IA 341 45.38 13.79 -3.92
N ALA IA 342 46.02 12.66 -4.21
CA ALA IA 342 46.71 11.92 -3.16
C ALA IA 342 47.81 12.72 -2.49
N ILE IA 343 48.63 13.42 -3.26
CA ILE IA 343 49.71 14.21 -2.68
C ILE IA 343 49.16 15.36 -1.87
N LYS IA 344 48.11 16.03 -2.36
CA LYS IA 344 47.51 17.11 -1.59
C LYS IA 344 46.96 16.60 -0.26
N GLU IA 345 46.24 15.48 -0.28
CA GLU IA 345 45.64 14.96 0.93
C GLU IA 345 46.69 14.49 1.94
N LEU IA 346 47.74 13.82 1.47
CA LEU IA 346 48.75 13.33 2.40
C LEU IA 346 49.58 14.46 2.99
N GLY IA 347 49.83 15.53 2.23
CA GLY IA 347 50.46 16.70 2.82
C GLY IA 347 49.58 17.41 3.83
N ASP IA 348 48.27 17.43 3.58
CA ASP IA 348 47.35 17.94 4.59
C ASP IA 348 47.44 17.15 5.89
N HIS IA 349 47.40 15.82 5.80
CA HIS IA 349 47.52 14.99 6.99
C HIS IA 349 48.82 15.26 7.72
N VAL IA 350 49.93 15.40 7.00
CA VAL IA 350 51.20 15.63 7.68
C VAL IA 350 51.22 16.97 8.39
N THR IA 351 50.73 18.05 7.78
CA THR IA 351 50.75 19.31 8.51
C THR IA 351 49.79 19.33 9.67
N ASN IA 352 48.62 18.70 9.54
CA ASN IA 352 47.72 18.62 10.70
C ASN IA 352 48.39 17.89 11.85
N LEU IA 353 48.97 16.72 11.59
CA LEU IA 353 49.64 15.96 12.65
C LEU IA 353 50.78 16.75 13.26
N ARG IA 354 51.56 17.45 12.45
CA ARG IA 354 52.68 18.21 12.99
C ARG IA 354 52.22 19.38 13.86
N LYS IA 355 51.13 20.05 13.47
CA LYS IA 355 50.64 21.16 14.27
C LYS IA 355 50.02 20.69 15.57
N MET IA 356 49.21 19.63 15.54
CA MET IA 356 48.64 19.11 16.77
C MET IA 356 49.69 18.72 17.81
N GLY IA 357 50.92 18.45 17.41
CA GLY IA 357 51.99 18.19 18.34
C GLY IA 357 52.60 16.81 18.25
N ALA IA 358 52.24 15.98 17.28
CA ALA IA 358 52.83 14.66 17.15
C ALA IA 358 54.29 14.78 16.70
N PRO IA 359 55.11 13.73 16.89
CA PRO IA 359 54.87 12.41 17.47
C PRO IA 359 55.12 12.40 18.97
N GLU IA 360 55.73 13.46 19.48
CA GLU IA 360 56.04 13.57 20.89
C GLU IA 360 54.81 13.77 21.76
N SER IA 361 53.61 13.66 21.19
CA SER IA 361 52.39 13.82 21.94
C SER IA 361 51.44 12.67 21.63
N GLY IA 362 51.23 11.79 22.61
CA GLY IA 362 50.00 11.07 22.67
C GLY IA 362 48.86 12.02 23.00
N LEU IA 363 47.66 11.64 22.55
CA LEU IA 363 46.47 12.50 22.51
C LEU IA 363 46.51 13.40 21.28
N ALA IA 364 47.58 13.35 20.50
CA ALA IA 364 47.56 13.99 19.19
C ALA IA 364 47.20 12.98 18.12
N GLU IA 365 47.88 11.83 18.13
CA GLU IA 365 47.55 10.77 17.19
C GLU IA 365 46.26 10.06 17.58
N TYR IA 366 45.96 9.98 18.88
CA TYR IA 366 44.67 9.43 19.29
C TYR IA 366 43.53 10.25 18.73
N LEU IA 367 43.58 11.56 18.88
CA LEU IA 367 42.47 12.40 18.43
C LEU IA 367 42.47 12.59 16.93
N PHE IA 368 43.63 12.59 16.28
CA PHE IA 368 43.65 12.54 14.82
C PHE IA 368 42.97 11.27 14.31
N ASP IA 369 43.36 10.12 14.84
CA ASP IA 369 42.74 8.85 14.49
C ASP IA 369 41.24 8.86 14.71
N LYS IA 370 40.78 9.52 15.77
CA LYS IA 370 39.35 9.55 16.05
C LYS IA 370 38.59 10.49 15.12
N HIS IA 371 39.12 11.69 14.87
CA HIS IA 371 38.35 12.77 14.26
C HIS IA 371 38.54 12.88 12.75
N THR IA 372 39.75 12.61 12.26
CA THR IA 372 40.02 12.82 10.84
C THR IA 372 39.93 11.52 10.05
N LEU IA 373 40.40 10.42 10.62
CA LEU IA 373 40.44 9.15 9.91
C LEU IA 373 39.22 8.30 10.18
N GLY IA 374 38.35 8.71 11.08
CA GLY IA 374 37.16 7.94 11.39
C GLY IA 374 35.95 8.78 11.72
N SER JA 2 79.68 0.51 -70.51
CA SER JA 2 78.61 1.47 -70.78
C SER JA 2 77.39 0.79 -71.41
N LYS JA 3 77.63 -0.04 -72.43
CA LYS JA 3 76.52 -0.63 -73.16
C LYS JA 3 75.95 -1.84 -72.44
N GLY JA 4 76.79 -2.68 -71.84
CA GLY JA 4 76.32 -3.93 -71.27
C GLY JA 4 75.28 -3.75 -70.18
N GLU JA 5 75.31 -2.61 -69.51
CA GLU JA 5 74.35 -2.35 -68.43
C GLU JA 5 73.05 -1.73 -68.92
N GLU JA 6 73.05 -1.15 -70.12
CA GLU JA 6 71.88 -0.43 -70.61
C GLU JA 6 70.76 -1.39 -71.00
N LEU JA 7 71.10 -2.58 -71.49
CA LEU JA 7 70.14 -3.48 -72.12
C LEU JA 7 69.03 -3.96 -71.19
N PHE JA 8 69.04 -3.57 -69.92
CA PHE JA 8 68.01 -3.98 -68.96
C PHE JA 8 67.28 -2.79 -68.35
N THR JA 9 67.06 -1.74 -69.14
CA THR JA 9 66.45 -0.51 -68.61
C THR JA 9 65.01 -0.73 -68.18
N GLY JA 10 64.33 -1.71 -68.75
CA GLY JA 10 62.92 -1.90 -68.46
C GLY JA 10 62.51 -3.35 -68.35
N VAL JA 11 61.24 -3.63 -68.60
CA VAL JA 11 60.74 -5.00 -68.58
C VAL JA 11 61.36 -5.76 -69.75
N VAL JA 12 61.44 -7.09 -69.61
CA VAL JA 12 61.97 -7.96 -70.65
C VAL JA 12 61.07 -9.19 -70.72
N PRO JA 13 60.40 -9.44 -71.85
CA PRO JA 13 59.71 -10.71 -72.02
C PRO JA 13 60.69 -11.85 -72.23
N ILE JA 14 60.29 -13.04 -71.78
CA ILE JA 14 61.18 -14.20 -71.77
C ILE JA 14 60.50 -15.36 -72.47
N LEU JA 15 61.30 -16.20 -73.11
CA LEU JA 15 60.85 -17.43 -73.76
C LEU JA 15 61.90 -18.49 -73.50
N VAL JA 16 61.59 -19.47 -72.66
CA VAL JA 16 62.59 -20.42 -72.20
C VAL JA 16 62.24 -21.81 -72.72
N GLU JA 17 63.13 -22.38 -73.52
CA GLU JA 17 62.94 -23.72 -74.06
C GLU JA 17 64.03 -24.63 -73.51
N LEU JA 18 63.61 -25.80 -73.04
CA LEU JA 18 64.51 -26.78 -72.47
C LEU JA 18 64.17 -28.16 -73.03
N ASP JA 19 65.16 -28.82 -73.62
CA ASP JA 19 64.96 -30.16 -74.18
C ASP JA 19 65.89 -31.12 -73.47
N GLY JA 20 65.31 -32.09 -72.78
CA GLY JA 20 66.08 -32.97 -71.91
C GLY JA 20 65.83 -34.44 -72.18
N ASP JA 21 66.87 -35.23 -71.97
CA ASP JA 21 66.81 -36.69 -72.03
C ASP JA 21 67.28 -37.27 -70.70
N VAL JA 22 66.37 -37.94 -69.99
CA VAL JA 22 66.66 -38.54 -68.69
C VAL JA 22 66.15 -39.97 -68.69
N ASN JA 23 67.06 -40.93 -68.89
CA ASN JA 23 66.78 -42.36 -68.76
C ASN JA 23 65.58 -42.77 -69.61
N GLY JA 24 65.67 -42.51 -70.92
CA GLY JA 24 64.62 -42.83 -71.85
C GLY JA 24 63.48 -41.84 -71.85
N HIS JA 25 63.49 -40.88 -70.94
CA HIS JA 25 62.43 -39.88 -70.86
C HIS JA 25 62.87 -38.63 -71.63
N LYS JA 26 62.27 -38.40 -72.79
CA LYS JA 26 62.47 -37.16 -73.53
C LYS JA 26 61.42 -36.15 -73.09
N PHE JA 27 61.84 -34.89 -72.98
CA PHE JA 27 60.88 -33.86 -72.58
C PHE JA 27 61.29 -32.52 -73.17
N SER JA 28 60.28 -31.74 -73.54
CA SER JA 28 60.42 -30.34 -73.91
C SER JA 28 59.64 -29.50 -72.92
N VAL JA 29 60.22 -28.38 -72.53
CA VAL JA 29 59.61 -27.46 -71.58
C VAL JA 29 59.65 -26.07 -72.18
N ARG JA 30 58.51 -25.39 -72.17
CA ARG JA 30 58.43 -23.98 -72.55
C ARG JA 30 57.94 -23.16 -71.36
N GLY JA 31 58.62 -22.06 -71.11
CA GLY JA 31 58.26 -21.15 -70.05
C GLY JA 31 58.10 -19.73 -70.55
N GLU JA 32 57.04 -19.08 -70.07
CA GLU JA 32 56.64 -17.75 -70.53
C GLU JA 32 56.49 -16.83 -69.33
N GLY JA 33 57.03 -15.62 -69.45
CA GLY JA 33 56.91 -14.64 -68.39
C GLY JA 33 57.73 -13.40 -68.71
N GLU JA 34 57.99 -12.61 -67.67
CA GLU JA 34 58.74 -11.37 -67.83
C GLU JA 34 59.64 -11.11 -66.63
N GLY JA 35 60.65 -10.28 -66.87
CA GLY JA 35 61.60 -9.94 -65.81
C GLY JA 35 62.11 -8.51 -65.83
N ASP JA 36 62.58 -8.05 -64.68
CA ASP JA 36 63.21 -6.73 -64.56
C ASP JA 36 64.46 -6.89 -63.72
N ALA JA 37 65.56 -6.33 -64.21
CA ALA JA 37 66.83 -6.34 -63.49
C ALA JA 37 66.92 -5.24 -62.44
N THR JA 38 66.20 -4.14 -62.63
CA THR JA 38 66.28 -3.03 -61.68
C THR JA 38 65.91 -3.46 -60.26
N ASN JA 39 64.98 -4.41 -60.13
CA ASN JA 39 64.59 -4.92 -58.82
C ASN JA 39 64.90 -6.40 -58.66
N GLY JA 40 65.65 -6.98 -59.60
CA GLY JA 40 65.97 -8.40 -59.53
C GLY JA 40 64.76 -9.29 -59.49
N LYS JA 41 63.69 -8.92 -60.18
CA LYS JA 41 62.42 -9.62 -60.08
C LYS JA 41 62.15 -10.40 -61.36
N LEU JA 42 61.71 -11.65 -61.22
CA LEU JA 42 61.36 -12.48 -62.35
C LEU JA 42 60.03 -13.15 -62.07
N THR JA 43 59.18 -13.28 -63.09
CA THR JA 43 57.85 -13.82 -62.90
C THR JA 43 57.48 -14.66 -64.13
N LEU JA 44 57.42 -15.98 -63.95
CA LEU JA 44 57.33 -16.92 -65.07
C LEU JA 44 56.28 -17.98 -64.81
N LYS JA 45 55.93 -18.69 -65.88
CA LYS JA 45 55.01 -19.82 -65.83
C LYS JA 45 55.48 -20.86 -66.84
N PHE JA 46 55.79 -22.06 -66.36
CA PHE JA 46 56.34 -23.13 -67.17
C PHE JA 46 55.28 -24.18 -67.41
N ILE JA 47 55.28 -24.77 -68.61
CA ILE JA 47 54.32 -25.80 -68.99
C ILE JA 47 55.01 -26.81 -69.89
N CYS JA 48 54.69 -28.09 -69.70
CA CYS JA 48 55.27 -29.16 -70.49
C CYS JA 48 54.23 -29.71 -71.47
N THR JA 49 54.48 -29.52 -72.75
CA THR JA 49 53.60 -30.05 -73.79
C THR JA 49 53.90 -31.51 -74.10
N THR JA 50 54.62 -32.21 -73.21
CA THR JA 50 55.01 -33.60 -73.40
C THR JA 50 54.35 -34.50 -72.36
N GLY JA 51 53.11 -34.21 -72.00
CA GLY JA 51 52.37 -35.07 -71.09
C GLY JA 51 52.94 -35.08 -69.68
N LYS JA 52 52.55 -36.10 -68.91
CA LYS JA 52 53.00 -36.23 -67.53
C LYS JA 52 54.49 -36.49 -67.51
N LEU JA 53 55.20 -35.87 -66.57
CA LEU JA 53 56.64 -36.00 -66.52
C LEU JA 53 57.03 -36.81 -65.29
N PRO JA 54 58.06 -37.67 -65.37
CA PRO JA 54 58.40 -38.52 -64.22
C PRO JA 54 59.12 -37.79 -63.08
N VAL JA 55 59.88 -36.74 -63.36
CA VAL JA 55 60.64 -36.03 -62.34
C VAL JA 55 59.75 -34.95 -61.73
N PRO JA 56 59.81 -34.72 -60.42
CA PRO JA 56 58.94 -33.72 -59.82
C PRO JA 56 59.27 -32.32 -60.34
N TRP JA 57 58.28 -31.44 -60.28
CA TRP JA 57 58.50 -30.05 -60.66
C TRP JA 57 59.62 -29.38 -59.85
N PRO JA 58 59.74 -29.56 -58.54
CA PRO JA 58 60.84 -28.90 -57.81
C PRO JA 58 62.21 -29.16 -58.40
N THR JA 59 62.41 -30.29 -59.07
CA THR JA 59 63.69 -30.55 -59.72
C THR JA 59 63.96 -29.58 -60.85
N LEU JA 60 62.97 -29.36 -61.71
CA LEU JA 60 63.12 -28.51 -62.88
C LEU JA 60 63.28 -27.04 -62.54
N VAL JA 61 63.06 -26.66 -61.27
CA VAL JA 61 63.08 -25.25 -60.91
C VAL JA 61 64.49 -24.69 -60.98
N THR JA 62 65.44 -25.39 -60.36
CA THR JA 62 66.82 -24.90 -60.34
C THR JA 62 67.43 -24.79 -61.73
N THR JA 63 66.96 -25.64 -62.64
CA THR JA 63 67.55 -25.69 -63.99
C THR JA 63 66.62 -25.06 -64.98
N LEU JA 64 66.28 -23.79 -64.80
CA LEU JA 64 65.45 -23.06 -65.79
C LEU JA 64 65.74 -21.56 -65.63
N VAL JA 66 68.51 -17.34 -65.38
CA VAL JA 66 68.64 -16.09 -66.07
C VAL JA 66 69.19 -15.05 -65.10
N GLN JA 67 70.32 -15.38 -64.49
CA GLN JA 67 70.88 -14.49 -63.44
C GLN JA 67 71.13 -13.12 -64.06
N CYS JA 68 71.07 -13.04 -65.38
CA CYS JA 68 71.20 -11.72 -66.04
C CYS JA 68 70.09 -10.80 -65.50
N PHE JA 69 69.21 -11.30 -64.63
CA PHE JA 69 68.15 -10.40 -64.19
C PHE JA 69 68.28 -9.99 -62.74
N SER JA 70 69.37 -10.38 -62.07
CA SER JA 70 69.50 -10.16 -60.65
C SER JA 70 69.73 -8.69 -60.34
N ARG JA 71 69.22 -8.24 -59.20
CA ARG JA 71 69.32 -6.85 -58.81
C ARG JA 71 70.74 -6.52 -58.41
N TYR JA 72 71.35 -5.57 -59.10
CA TYR JA 72 72.74 -5.22 -58.87
C TYR JA 72 72.85 -3.77 -58.42
N PRO JA 73 73.50 -3.52 -57.29
CA PRO JA 73 73.56 -2.13 -56.78
C PRO JA 73 74.59 -1.29 -57.50
N ASP JA 74 74.60 0.01 -57.23
CA ASP JA 74 75.52 0.91 -57.91
C ASP JA 74 76.95 0.72 -57.40
N HIS JA 75 77.10 0.12 -56.22
CA HIS JA 75 78.48 -0.13 -55.81
C HIS JA 75 79.07 -1.37 -56.47
N MET JA 76 78.29 -2.36 -56.88
CA MET JA 76 78.79 -3.46 -57.70
C MET JA 76 78.54 -3.24 -59.18
N LYS JA 77 78.58 -1.99 -59.65
CA LYS JA 77 78.54 -1.74 -61.08
C LYS JA 77 79.78 -2.25 -61.80
N ARG JA 78 80.85 -2.53 -61.05
CA ARG JA 78 82.10 -2.99 -61.63
C ARG JA 78 82.29 -4.50 -61.50
N HIS JA 79 81.34 -5.21 -60.88
CA HIS JA 79 81.46 -6.64 -60.68
C HIS JA 79 80.23 -7.38 -61.22
N ASP JA 80 79.68 -6.89 -62.32
CA ASP JA 80 78.52 -7.50 -62.98
C ASP JA 80 79.01 -8.13 -64.28
N PHE JA 81 79.45 -9.40 -64.19
CA PHE JA 81 79.96 -10.09 -65.37
C PHE JA 81 78.86 -10.34 -66.40
N PHE JA 82 77.65 -10.66 -65.95
CA PHE JA 82 76.58 -10.99 -66.89
C PHE JA 82 76.14 -9.76 -67.67
N LYS JA 83 76.38 -8.57 -67.14
CA LYS JA 83 75.88 -7.36 -67.78
C LYS JA 83 76.73 -6.92 -68.96
N SER JA 84 78.04 -6.74 -68.77
CA SER JA 84 78.91 -6.17 -69.80
C SER JA 84 78.76 -6.86 -71.15
N ALA JA 85 78.23 -8.08 -71.17
CA ALA JA 85 78.11 -8.86 -72.41
C ALA JA 85 76.73 -8.77 -73.04
N MET JA 86 76.08 -7.60 -73.02
CA MET JA 86 74.79 -7.51 -73.68
C MET JA 86 74.83 -6.44 -74.77
N PRO JA 87 74.31 -6.74 -75.97
CA PRO JA 87 73.64 -7.99 -76.38
C PRO JA 87 74.61 -9.08 -76.81
N GLU JA 88 75.88 -8.95 -76.44
CA GLU JA 88 76.87 -9.98 -76.70
C GLU JA 88 76.37 -11.36 -76.30
N GLY JA 89 75.74 -11.45 -75.14
CA GLY JA 89 75.24 -12.72 -74.64
C GLY JA 89 76.36 -13.58 -74.11
N TYR JA 90 76.01 -14.83 -73.77
CA TYR JA 90 77.00 -15.76 -73.25
C TYR JA 90 76.40 -17.16 -73.22
N VAL JA 91 77.24 -18.13 -72.83
CA VAL JA 91 76.83 -19.51 -72.70
C VAL JA 91 77.27 -19.99 -71.32
N GLN JA 92 76.61 -21.02 -70.82
CA GLN JA 92 76.96 -21.64 -69.55
C GLN JA 92 76.74 -23.15 -69.59
N GLU JA 93 77.74 -23.87 -69.08
CA GLU JA 93 77.66 -25.31 -68.94
C GLU JA 93 77.54 -25.66 -67.47
N ARG JA 94 76.43 -26.32 -67.11
CA ARG JA 94 76.09 -26.60 -65.73
C ARG JA 94 76.08 -28.10 -65.49
N THR JA 95 76.60 -28.52 -64.34
CA THR JA 95 76.48 -29.89 -63.86
C THR JA 95 75.79 -29.83 -62.50
N ILE JA 96 74.70 -30.58 -62.35
CA ILE JA 96 74.02 -30.68 -61.06
C ILE JA 96 74.17 -32.12 -60.58
N SER JA 97 74.54 -32.28 -59.33
CA SER JA 97 74.89 -33.57 -58.75
C SER JA 97 73.99 -33.82 -57.55
N PHE JA 98 73.09 -34.79 -57.67
CA PHE JA 98 72.27 -35.23 -56.56
C PHE JA 98 73.08 -36.13 -55.65
N LYS JA 99 72.88 -36.00 -54.35
CA LYS JA 99 73.39 -37.01 -53.42
C LYS JA 99 72.37 -38.12 -53.29
N ASP JA 100 72.86 -39.36 -53.27
CA ASP JA 100 72.03 -40.57 -53.18
C ASP JA 100 71.24 -40.79 -54.48
N ASP JA 101 71.73 -40.24 -55.59
CA ASP JA 101 71.24 -40.52 -56.93
C ASP JA 101 72.20 -39.89 -57.94
N GLY JA 102 71.85 -39.99 -59.22
CA GLY JA 102 72.73 -39.64 -60.34
C GLY JA 102 72.91 -38.15 -60.59
N THR JA 103 73.07 -37.76 -61.86
CA THR JA 103 73.48 -36.40 -62.17
C THR JA 103 72.81 -35.89 -63.43
N TYR JA 104 72.98 -34.58 -63.67
CA TYR JA 104 72.51 -33.88 -64.86
C TYR JA 104 73.64 -33.04 -65.45
N LYS JA 105 73.81 -33.14 -66.77
CA LYS JA 105 74.71 -32.31 -67.56
C LYS JA 105 73.86 -31.43 -68.47
N THR JA 106 74.01 -30.12 -68.37
CA THR JA 106 73.06 -29.22 -69.02
C THR JA 106 73.77 -28.02 -69.62
N ARG JA 107 73.65 -27.89 -70.94
CA ARG JA 107 74.21 -26.77 -71.69
C ARG JA 107 73.13 -25.71 -71.91
N ALA JA 108 73.50 -24.44 -71.82
CA ALA JA 108 72.53 -23.38 -72.02
C ALA JA 108 73.18 -22.21 -72.73
N GLU JA 109 72.46 -21.62 -73.69
CA GLU JA 109 72.93 -20.44 -74.39
C GLU JA 109 71.94 -19.31 -74.16
N VAL JA 110 72.42 -18.20 -73.57
CA VAL JA 110 71.56 -17.08 -73.19
C VAL JA 110 71.98 -15.84 -73.97
N LYS JA 111 70.99 -15.11 -74.48
CA LYS JA 111 71.22 -13.95 -75.32
C LYS JA 111 69.94 -13.13 -75.39
N PHE JA 112 70.03 -12.02 -76.11
CA PHE JA 112 68.85 -11.29 -76.57
C PHE JA 112 68.56 -11.64 -78.02
N GLU JA 113 67.29 -11.82 -78.34
CA GLU JA 113 66.82 -12.05 -79.70
C GLU JA 113 65.84 -10.93 -79.98
N GLY JA 114 66.27 -9.95 -80.79
CA GLY JA 114 65.53 -8.72 -80.89
C GLY JA 114 65.61 -7.97 -79.58
N ASP JA 115 64.51 -7.98 -78.83
CA ASP JA 115 64.50 -7.54 -77.44
C ASP JA 115 63.87 -8.58 -76.52
N THR JA 116 63.55 -9.76 -77.04
CA THR JA 116 63.00 -10.86 -76.26
C THR JA 116 64.16 -11.72 -75.75
N LEU JA 117 64.14 -12.08 -74.47
CA LEU JA 117 65.18 -12.96 -73.95
C LEU JA 117 64.75 -14.40 -74.17
N VAL JA 118 65.37 -15.07 -75.14
CA VAL JA 118 65.10 -16.47 -75.43
C VAL JA 118 66.26 -17.31 -74.92
N ASN JA 119 65.92 -18.40 -74.24
CA ASN JA 119 66.91 -19.21 -73.54
C ASN JA 119 66.77 -20.65 -73.99
N ARG JA 120 67.74 -21.11 -74.78
CA ARG JA 120 67.77 -22.48 -75.30
C ARG JA 120 68.69 -23.33 -74.44
N ILE JA 121 68.13 -24.41 -73.88
CA ILE JA 121 68.85 -25.27 -72.95
C ILE JA 121 68.67 -26.71 -73.37
N GLU JA 122 69.75 -27.48 -73.33
CA GLU JA 122 69.76 -28.91 -73.65
C GLU JA 122 70.28 -29.67 -72.44
N LEU JA 123 69.60 -30.76 -72.09
CA LEU JA 123 69.82 -31.44 -70.84
C LEU JA 123 69.98 -32.94 -71.04
N LYS JA 124 70.93 -33.53 -70.32
CA LYS JA 124 71.17 -34.97 -70.31
C LYS JA 124 71.29 -35.42 -68.87
N GLY JA 125 70.26 -36.08 -68.35
CA GLY JA 125 70.31 -36.53 -66.98
C GLY JA 125 70.31 -38.04 -66.85
N ILE JA 126 71.31 -38.62 -66.19
CA ILE JA 126 71.44 -40.07 -66.17
C ILE JA 126 71.89 -40.51 -64.77
N ASP JA 127 72.04 -41.83 -64.62
CA ASP JA 127 72.68 -42.49 -63.47
C ASP JA 127 71.75 -42.55 -62.25
N PHE JA 128 70.45 -42.63 -62.48
CA PHE JA 128 69.47 -42.64 -61.40
C PHE JA 128 68.85 -44.03 -61.23
N LYS JA 129 68.37 -44.29 -60.02
CA LYS JA 129 67.50 -45.43 -59.79
C LYS JA 129 66.06 -44.98 -59.96
N GLU JA 130 65.31 -45.69 -60.80
CA GLU JA 130 64.01 -45.21 -61.25
C GLU JA 130 62.86 -45.60 -60.32
N ASP JA 131 63.16 -46.26 -59.20
CA ASP JA 131 62.19 -46.44 -58.13
C ASP JA 131 62.63 -45.73 -56.86
N GLY JA 132 63.30 -44.58 -57.00
CA GLY JA 132 63.82 -43.85 -55.86
C GLY JA 132 62.87 -42.79 -55.36
N ASN JA 133 63.44 -41.84 -54.61
CA ASN JA 133 62.67 -40.76 -54.01
C ASN JA 133 62.89 -39.42 -54.68
N ILE JA 134 64.15 -39.07 -54.96
CA ILE JA 134 64.46 -37.81 -55.61
C ILE JA 134 63.66 -37.65 -56.90
N LEU JA 135 63.52 -38.73 -57.66
CA LEU JA 135 62.74 -38.69 -58.89
C LEU JA 135 61.38 -39.34 -58.75
N GLY JA 136 61.21 -40.28 -57.83
CA GLY JA 136 59.99 -41.05 -57.73
C GLY JA 136 58.84 -40.35 -57.04
N HIS JA 137 58.88 -39.02 -56.99
CA HIS JA 137 57.82 -38.19 -56.42
C HIS JA 137 57.58 -38.55 -54.95
N LYS JA 138 58.64 -38.40 -54.15
CA LYS JA 138 58.55 -38.48 -52.71
C LYS JA 138 58.88 -37.15 -52.04
N LEU JA 139 59.52 -36.24 -52.75
CA LEU JA 139 59.98 -34.98 -52.21
C LEU JA 139 58.83 -33.98 -52.15
N GLU JA 140 59.00 -32.96 -51.31
CA GLU JA 140 57.90 -32.04 -51.00
C GLU JA 140 57.87 -30.87 -51.99
N TYR JA 141 56.65 -30.48 -52.36
CA TYR JA 141 56.40 -29.36 -53.27
C TYR JA 141 56.55 -28.06 -52.47
N ASN JA 142 57.79 -27.57 -52.42
CA ASN JA 142 58.12 -26.35 -51.71
C ASN JA 142 59.41 -25.77 -52.30
N PHE JA 143 59.99 -24.83 -51.56
CA PHE JA 143 61.27 -24.25 -51.93
C PHE JA 143 61.81 -23.49 -50.73
N ASN JA 144 63.08 -23.09 -50.80
CA ASN JA 144 63.75 -22.38 -49.72
C ASN JA 144 64.70 -21.33 -50.29
N SER JA 145 65.17 -20.44 -49.42
CA SER JA 145 66.07 -19.37 -49.81
C SER JA 145 67.49 -19.91 -49.99
N HIS JA 146 68.15 -19.49 -51.06
CA HIS JA 146 69.45 -20.06 -51.39
C HIS JA 146 70.43 -18.97 -51.78
N ASN JA 147 71.68 -19.39 -51.96
CA ASN JA 147 72.78 -18.50 -52.32
C ASN JA 147 73.64 -19.15 -53.39
N VAL JA 148 74.27 -18.31 -54.22
CA VAL JA 148 75.16 -18.74 -55.29
C VAL JA 148 76.49 -18.04 -55.07
N TYR JA 149 77.60 -18.78 -55.20
CA TYR JA 149 78.92 -18.19 -55.15
C TYR JA 149 79.46 -18.05 -56.56
N ILE JA 150 79.76 -16.82 -56.97
CA ILE JA 150 80.35 -16.55 -58.27
C ILE JA 150 81.82 -16.17 -58.07
N THR JA 151 82.68 -16.77 -58.88
CA THR JA 151 84.12 -16.60 -58.80
C THR JA 151 84.66 -16.23 -60.17
N ALA JA 152 85.58 -15.26 -60.20
CA ALA JA 152 86.23 -14.90 -61.44
C ALA JA 152 87.03 -16.07 -61.98
N ASP JA 153 87.14 -16.15 -63.30
CA ASP JA 153 87.85 -17.25 -63.97
C ASP JA 153 88.57 -16.66 -65.17
N LYS JA 154 89.82 -16.23 -64.97
CA LYS JA 154 90.58 -15.62 -66.05
C LYS JA 154 90.95 -16.63 -67.12
N GLN JA 155 90.98 -17.92 -66.79
CA GLN JA 155 91.27 -18.95 -67.78
C GLN JA 155 90.23 -18.94 -68.90
N LYS JA 156 88.96 -18.78 -68.56
CA LYS JA 156 87.91 -18.59 -69.54
C LYS JA 156 87.45 -17.15 -69.61
N ASN JA 157 88.24 -16.22 -69.06
CA ASN JA 157 87.96 -14.78 -68.96
C ASN JA 157 86.47 -14.52 -68.65
N GLY JA 158 85.88 -15.43 -67.88
CA GLY JA 158 84.49 -15.37 -67.49
C GLY JA 158 84.37 -15.71 -66.02
N ILE JA 159 83.42 -16.57 -65.65
CA ILE JA 159 83.27 -16.92 -64.24
C ILE JA 159 82.90 -18.39 -64.07
N LYS JA 160 83.06 -18.87 -62.85
CA LYS JA 160 82.47 -20.12 -62.40
C LYS JA 160 81.43 -19.80 -61.34
N ALA JA 161 80.36 -20.60 -61.31
CA ALA JA 161 79.32 -20.44 -60.31
C ALA JA 161 79.09 -21.77 -59.63
N ASN JA 162 79.23 -21.78 -58.30
CA ASN JA 162 79.05 -22.97 -57.50
C ASN JA 162 78.04 -22.69 -56.40
N PHE JA 163 77.19 -23.68 -56.14
CA PHE JA 163 76.21 -23.51 -55.07
C PHE JA 163 75.64 -24.86 -54.69
N LYS JA 164 74.89 -24.87 -53.59
CA LYS JA 164 74.33 -26.10 -53.05
C LYS JA 164 72.88 -25.85 -52.70
N ILE JA 165 72.00 -26.75 -53.15
CA ILE JA 165 70.57 -26.63 -52.92
C ILE JA 165 70.12 -27.77 -52.02
N ARG JA 166 69.22 -27.47 -51.09
CA ARG JA 166 68.67 -28.46 -50.18
C ARG JA 166 67.17 -28.54 -50.40
N HIS JA 167 66.71 -29.68 -50.91
CA HIS JA 167 65.29 -29.92 -51.13
C HIS JA 167 64.77 -30.85 -50.05
N ASN JA 168 63.86 -30.35 -49.21
CA ASN JA 168 63.32 -31.16 -48.14
C ASN JA 168 62.32 -32.17 -48.68
N VAL JA 169 62.33 -33.36 -48.09
CA VAL JA 169 61.44 -34.43 -48.49
C VAL JA 169 60.24 -34.41 -47.52
N GLU JA 170 59.14 -35.04 -47.95
CA GLU JA 170 57.91 -34.99 -47.17
C GLU JA 170 58.06 -35.65 -45.80
N ASP JA 171 59.22 -36.26 -45.53
CA ASP JA 171 59.48 -36.89 -44.25
C ASP JA 171 60.72 -36.31 -43.56
N GLY JA 172 60.90 -34.99 -43.66
CA GLY JA 172 61.95 -34.30 -42.94
C GLY JA 172 63.33 -34.38 -43.58
N SER JA 173 63.64 -35.47 -44.27
CA SER JA 173 64.96 -35.60 -44.86
C SER JA 173 65.14 -34.60 -46.00
N VAL JA 174 66.40 -34.36 -46.35
CA VAL JA 174 66.77 -33.35 -47.33
C VAL JA 174 67.70 -33.98 -48.36
N GLN JA 175 67.68 -33.43 -49.56
CA GLN JA 175 68.57 -33.82 -50.63
C GLN JA 175 69.44 -32.62 -50.99
N LEU JA 176 70.75 -32.80 -50.98
CA LEU JA 176 71.69 -31.71 -51.23
C LEU JA 176 72.32 -31.87 -52.62
N ALA JA 177 71.80 -31.13 -53.58
CA ALA JA 177 72.31 -31.13 -54.95
C ALA JA 177 73.37 -30.04 -55.07
N ASP JA 178 74.57 -30.44 -55.49
CA ASP JA 178 75.67 -29.50 -55.69
C ASP JA 178 75.73 -29.11 -57.17
N HIS JA 179 75.78 -27.82 -57.44
CA HIS JA 179 75.72 -27.29 -58.79
C HIS JA 179 77.00 -26.55 -59.12
N TYR JA 180 77.62 -26.92 -60.24
CA TYR JA 180 78.72 -26.20 -60.86
C TYR JA 180 78.25 -25.65 -62.19
N GLN JA 181 78.84 -24.53 -62.62
CA GLN JA 181 78.61 -24.08 -63.99
C GLN JA 181 79.71 -23.13 -64.42
N GLN JA 182 80.09 -23.22 -65.69
CA GLN JA 182 81.06 -22.35 -66.32
C GLN JA 182 80.31 -21.34 -67.19
N ASN JA 183 80.56 -20.05 -66.95
CA ASN JA 183 79.93 -18.97 -67.69
C ASN JA 183 80.98 -18.26 -68.54
N THR JA 184 80.75 -18.25 -69.86
CA THR JA 184 81.71 -17.67 -70.80
C THR JA 184 81.00 -16.85 -71.86
N PRO JA 185 81.49 -15.66 -72.18
CA PRO JA 185 80.84 -14.84 -73.20
C PRO JA 185 81.28 -15.23 -74.60
N ILE JA 186 80.38 -15.00 -75.55
CA ILE JA 186 80.64 -15.40 -76.93
C ILE JA 186 81.66 -14.46 -77.60
N GLY JA 187 81.69 -13.19 -77.23
CA GLY JA 187 82.58 -12.25 -77.88
C GLY JA 187 83.88 -12.05 -77.12
N ASP JA 188 84.89 -11.60 -77.86
CA ASP JA 188 86.22 -11.35 -77.32
C ASP JA 188 86.34 -9.99 -76.64
N GLY JA 189 85.25 -9.24 -76.54
CA GLY JA 189 85.29 -7.91 -75.96
C GLY JA 189 85.65 -7.90 -74.49
N PRO JA 190 85.81 -6.71 -73.93
CA PRO JA 190 86.13 -6.60 -72.51
C PRO JA 190 84.89 -6.74 -71.64
N VAL JA 191 84.89 -7.78 -70.81
CA VAL JA 191 83.80 -8.05 -69.89
C VAL JA 191 84.27 -7.77 -68.48
N LEU JA 192 83.42 -7.11 -67.71
CA LEU JA 192 83.74 -6.64 -66.36
C LEU JA 192 83.99 -7.85 -65.48
N LEU JA 193 85.06 -7.79 -64.68
CA LEU JA 193 85.51 -8.96 -63.95
C LEU JA 193 85.07 -8.88 -62.49
N PRO JA 194 84.15 -9.73 -62.05
CA PRO JA 194 83.74 -9.72 -60.65
C PRO JA 194 84.60 -10.64 -59.79
N ASP JA 195 85.03 -10.10 -58.65
CA ASP JA 195 85.65 -10.95 -57.65
C ASP JA 195 84.60 -11.89 -57.06
N ASN JA 196 85.08 -12.92 -56.35
CA ASN JA 196 84.19 -13.93 -55.79
C ASN JA 196 83.27 -13.28 -54.76
N HIS JA 197 81.96 -13.41 -54.97
CA HIS JA 197 81.00 -12.97 -53.96
C HIS JA 197 79.74 -13.82 -54.11
N TYR JA 198 78.67 -13.42 -53.42
CA TYR JA 198 77.51 -14.29 -53.30
C TYR JA 198 76.28 -13.61 -53.88
N LEU JA 199 75.21 -14.39 -53.97
CA LEU JA 199 73.97 -13.95 -54.57
C LEU JA 199 72.80 -14.69 -53.93
N SER JA 200 71.93 -13.94 -53.27
CA SER JA 200 70.79 -14.50 -52.56
C SER JA 200 69.60 -14.57 -53.50
N THR JA 201 68.77 -15.59 -53.30
CA THR JA 201 67.65 -15.91 -54.18
C THR JA 201 66.49 -16.46 -53.38
N GLN JA 202 65.29 -15.95 -53.67
CA GLN JA 202 64.05 -16.46 -53.09
C GLN JA 202 63.05 -16.67 -54.22
N SER JA 203 62.15 -17.62 -54.03
CA SER JA 203 61.13 -17.88 -55.03
C SER JA 203 59.92 -18.55 -54.41
N ALA JA 204 58.83 -18.59 -55.17
CA ALA JA 204 57.58 -19.15 -54.72
C ALA JA 204 56.87 -19.81 -55.91
N LEU JA 205 56.29 -20.97 -55.63
CA LEU JA 205 55.69 -21.86 -56.61
C LEU JA 205 54.19 -21.97 -56.35
N SER JA 206 53.41 -22.01 -57.43
CA SER JA 206 51.97 -22.07 -57.31
C SER JA 206 51.38 -22.61 -58.61
N LYS JA 207 50.05 -22.68 -58.64
CA LYS JA 207 49.29 -23.25 -59.74
C LYS JA 207 48.31 -22.23 -60.29
N ASP JA 208 47.99 -22.36 -61.57
CA ASP JA 208 46.81 -21.69 -62.11
C ASP JA 208 45.58 -22.54 -61.78
N PRO JA 209 44.46 -21.93 -61.39
CA PRO JA 209 43.32 -22.74 -60.95
C PRO JA 209 42.54 -23.38 -62.08
N ASN JA 210 42.66 -22.86 -63.31
CA ASN JA 210 41.81 -23.29 -64.41
C ASN JA 210 42.61 -23.71 -65.66
N GLU JA 211 43.75 -24.35 -65.47
CA GLU JA 211 44.52 -24.91 -66.59
C GLU JA 211 44.64 -26.42 -66.43
N LYS JA 212 44.26 -27.16 -67.47
CA LYS JA 212 44.16 -28.60 -67.38
C LYS JA 212 45.46 -29.32 -67.75
N ARG JA 213 46.45 -28.60 -68.26
CA ARG JA 213 47.74 -29.22 -68.53
C ARG JA 213 48.56 -29.33 -67.25
N ASP JA 214 49.82 -29.72 -67.41
CA ASP JA 214 50.77 -29.62 -66.31
C ASP JA 214 51.42 -28.24 -66.30
N HIS JA 215 51.18 -27.48 -65.24
CA HIS JA 215 51.65 -26.10 -65.18
C HIS JA 215 52.44 -25.92 -63.89
N MET JA 216 53.29 -24.90 -63.88
CA MET JA 216 54.03 -24.53 -62.69
C MET JA 216 54.33 -23.04 -62.77
N VAL JA 217 53.67 -22.26 -61.92
CA VAL JA 217 53.81 -20.81 -61.89
C VAL JA 217 54.83 -20.48 -60.81
N LEU JA 218 55.73 -19.53 -61.09
CA LEU JA 218 56.80 -19.24 -60.15
C LEU JA 218 57.23 -17.78 -60.25
N LEU JA 219 57.29 -17.11 -59.10
CA LEU JA 219 57.80 -15.75 -59.03
C LEU JA 219 58.98 -15.71 -58.08
N GLU JA 220 59.95 -14.85 -58.35
CA GLU JA 220 61.24 -14.96 -57.67
C GLU JA 220 61.98 -13.63 -57.65
N PHE JA 221 62.74 -13.44 -56.57
CA PHE JA 221 63.54 -12.25 -56.35
C PHE JA 221 64.98 -12.68 -56.14
N VAL JA 222 65.90 -12.08 -56.91
CA VAL JA 222 67.29 -12.49 -56.94
C VAL JA 222 68.16 -11.25 -56.88
N THR JA 223 69.13 -11.24 -55.97
CA THR JA 223 70.02 -10.08 -55.88
C THR JA 223 71.32 -10.49 -55.21
N ALA JA 224 72.40 -9.84 -55.62
CA ALA JA 224 73.75 -10.23 -55.25
C ALA JA 224 74.37 -9.26 -54.25
N ALA JA 225 75.47 -9.71 -53.65
CA ALA JA 225 76.26 -8.90 -52.72
C ALA JA 225 77.58 -9.62 -52.49
N GLY JA 226 78.35 -9.12 -51.52
CA GLY JA 226 79.61 -9.73 -51.13
C GLY JA 226 80.70 -8.74 -50.80
N ILE JA 227 80.57 -7.50 -51.23
CA ILE JA 227 81.55 -6.47 -50.96
C ILE JA 227 81.02 -5.60 -49.83
N THR JA 228 81.85 -5.36 -48.82
CA THR JA 228 81.49 -4.46 -47.74
C THR JA 228 81.98 -3.06 -48.09
N HIS JA 229 81.24 -2.38 -48.97
CA HIS JA 229 81.64 -1.08 -49.47
C HIS JA 229 81.16 0.04 -48.55
N HIS JA 230 81.68 1.24 -48.80
CA HIS JA 230 81.44 2.39 -47.96
C HIS JA 230 79.97 2.80 -47.95
N GLY KA 54 -2.49 -61.01 -58.04
CA GLY KA 54 -1.15 -60.80 -57.53
C GLY KA 54 -0.21 -60.18 -58.53
N LYS KA 55 -0.28 -60.66 -59.78
CA LYS KA 55 0.52 -60.15 -60.87
C LYS KA 55 -0.23 -60.07 -62.18
N GLU KA 56 -1.35 -60.78 -62.32
CA GLU KA 56 -2.08 -60.86 -63.58
C GLU KA 56 -2.83 -59.58 -63.93
N LEU KA 57 -2.79 -58.56 -63.07
CA LEU KA 57 -3.50 -57.31 -63.38
C LEU KA 57 -2.68 -56.41 -64.28
N LEU KA 58 -1.36 -56.51 -64.21
CA LEU KA 58 -0.51 -55.54 -64.88
C LEU KA 58 -0.59 -55.67 -66.40
N GLU KA 59 -0.67 -56.90 -66.92
CA GLU KA 59 -0.75 -57.07 -68.36
C GLU KA 59 -2.08 -56.57 -68.89
N ALA KA 60 -3.13 -56.67 -68.07
CA ALA KA 60 -4.42 -56.13 -68.47
C ALA KA 60 -4.43 -54.62 -68.44
N ALA KA 61 -3.69 -54.02 -67.49
CA ALA KA 61 -3.51 -52.57 -67.51
C ALA KA 61 -2.73 -52.14 -68.74
N ARG KA 62 -1.71 -52.90 -69.10
CA ARG KA 62 -0.89 -52.57 -70.25
C ARG KA 62 -1.67 -52.69 -71.56
N ALA KA 63 -2.48 -53.74 -71.70
CA ALA KA 63 -3.29 -53.91 -72.89
C ALA KA 63 -4.49 -52.96 -72.92
N GLY KA 64 -4.70 -52.17 -71.87
CA GLY KA 64 -5.86 -51.30 -71.81
C GLY KA 64 -7.15 -52.00 -71.49
N GLN KA 65 -7.10 -53.19 -70.90
CA GLN KA 65 -8.30 -53.95 -70.55
C GLN KA 65 -8.91 -53.36 -69.29
N ASP KA 66 -9.60 -52.23 -69.46
CA ASP KA 66 -10.18 -51.53 -68.32
C ASP KA 66 -11.21 -52.40 -67.60
N ASP KA 67 -12.01 -53.16 -68.35
CA ASP KA 67 -13.01 -54.01 -67.72
C ASP KA 67 -12.37 -55.19 -67.00
N GLU KA 68 -11.27 -55.71 -67.54
CA GLU KA 68 -10.61 -56.83 -66.87
C GLU KA 68 -9.99 -56.39 -65.55
N VAL KA 69 -9.24 -55.27 -65.55
CA VAL KA 69 -8.68 -54.78 -64.30
C VAL KA 69 -9.79 -54.36 -63.35
N ALA KA 70 -10.92 -53.91 -63.88
CA ALA KA 70 -12.06 -53.62 -63.03
C ALA KA 70 -12.53 -54.87 -62.28
N VAL KA 71 -12.85 -55.93 -63.03
CA VAL KA 71 -13.43 -57.12 -62.39
C VAL KA 71 -12.39 -57.83 -61.53
N LEU KA 72 -11.11 -57.67 -61.86
CA LEU KA 72 -10.07 -58.36 -61.10
C LEU KA 72 -9.63 -57.56 -59.88
N MET KA 73 -9.85 -56.25 -59.87
CA MET KA 73 -9.59 -55.45 -58.69
C MET KA 73 -10.80 -55.43 -57.74
N ALA KA 74 -12.00 -55.62 -58.28
CA ALA KA 74 -13.16 -55.87 -57.42
C ALA KA 74 -12.88 -57.03 -56.49
N ARG KA 75 -12.44 -58.15 -57.06
CA ARG KA 75 -11.86 -59.22 -56.24
C ARG KA 75 -10.52 -58.76 -55.68
N GLY KA 76 -10.26 -59.15 -54.43
CA GLY KA 76 -9.05 -58.74 -53.74
C GLY KA 76 -7.77 -58.99 -54.52
N ALA KA 77 -7.12 -57.90 -54.95
CA ALA KA 77 -5.92 -58.00 -55.77
C ALA KA 77 -4.91 -56.98 -55.29
N GLU KA 78 -3.65 -57.19 -55.70
CA GLU KA 78 -2.58 -56.27 -55.32
C GLU KA 78 -2.68 -54.98 -56.11
N VAL KA 79 -2.94 -53.87 -55.41
CA VAL KA 79 -2.99 -52.59 -56.10
C VAL KA 79 -1.61 -51.93 -56.20
N ASN KA 80 -0.82 -51.94 -55.14
CA ASN KA 80 0.51 -51.35 -55.14
C ASN KA 80 1.58 -52.37 -55.52
N ALA KA 81 1.39 -53.03 -56.64
CA ALA KA 81 2.29 -54.09 -57.08
C ALA KA 81 3.62 -53.51 -57.56
N ALA KA 82 4.69 -54.02 -56.97
CA ALA KA 82 6.04 -53.75 -57.44
C ALA KA 82 6.47 -54.92 -58.30
N ASP KA 83 6.95 -54.62 -59.51
CA ASP KA 83 7.16 -55.65 -60.51
C ASP KA 83 8.65 -55.87 -60.76
N ASP KA 84 8.92 -56.67 -61.78
CA ASP KA 84 10.27 -57.14 -62.11
C ASP KA 84 11.27 -56.01 -62.35
N VAL KA 85 10.82 -54.80 -62.64
CA VAL KA 85 11.73 -53.67 -62.76
C VAL KA 85 11.18 -52.51 -61.95
N GLY KA 86 10.07 -52.74 -61.25
CA GLY KA 86 9.53 -51.74 -60.35
C GLY KA 86 8.45 -50.89 -60.97
N VAL KA 87 7.78 -51.43 -61.98
CA VAL KA 87 6.77 -50.71 -62.75
C VAL KA 87 5.42 -51.12 -62.17
N THR KA 88 4.78 -50.18 -61.48
CA THR KA 88 3.45 -50.44 -60.93
C THR KA 88 2.41 -50.29 -62.04
N PRO KA 89 1.28 -51.00 -61.94
CA PRO KA 89 0.19 -50.80 -62.91
C PRO KA 89 -0.15 -49.34 -63.19
N LEU KA 90 0.07 -48.45 -62.23
CA LEU KA 90 -0.19 -47.03 -62.49
C LEU KA 90 0.79 -46.47 -63.50
N HIS KA 91 2.06 -46.88 -63.43
CA HIS KA 91 3.05 -46.40 -64.40
C HIS KA 91 2.66 -46.79 -65.82
N LEU KA 92 2.33 -48.07 -66.04
CA LEU KA 92 1.92 -48.55 -67.35
C LEU KA 92 0.57 -48.01 -67.78
N ALA KA 93 -0.30 -47.68 -66.83
CA ALA KA 93 -1.57 -47.05 -67.14
C ALA KA 93 -1.41 -45.59 -67.51
N ALA KA 94 -0.32 -44.97 -67.10
CA ALA KA 94 -0.01 -43.60 -67.48
C ALA KA 94 0.77 -43.50 -68.78
N GLN KA 95 1.70 -44.44 -69.03
CA GLN KA 95 2.43 -44.45 -70.30
C GLN KA 95 1.47 -44.46 -71.48
N ARG KA 96 0.63 -45.49 -71.55
CA ARG KA 96 -0.49 -45.48 -72.49
C ARG KA 96 -1.58 -44.56 -71.95
N GLY KA 97 -2.38 -44.02 -72.86
CA GLY KA 97 -3.43 -43.11 -72.42
C GLY KA 97 -4.69 -43.84 -72.03
N HIS KA 98 -4.85 -44.09 -70.74
CA HIS KA 98 -5.98 -44.86 -70.22
C HIS KA 98 -6.44 -44.20 -68.93
N LEU KA 99 -7.41 -43.29 -69.05
CA LEU KA 99 -7.91 -42.56 -67.89
C LEU KA 99 -8.74 -43.42 -66.95
N ALA KA 100 -9.56 -44.32 -67.50
CA ALA KA 100 -10.41 -45.15 -66.66
C ALA KA 100 -9.59 -46.03 -65.73
N ILE KA 101 -8.47 -46.56 -66.24
CA ILE KA 101 -7.66 -47.47 -65.44
C ILE KA 101 -6.99 -46.70 -64.29
N VAL KA 102 -6.47 -45.51 -64.56
CA VAL KA 102 -5.82 -44.76 -63.48
C VAL KA 102 -6.87 -44.28 -62.48
N SER KA 103 -8.09 -44.01 -62.93
CA SER KA 103 -9.13 -43.62 -61.98
C SER KA 103 -9.49 -44.78 -61.06
N VAL KA 104 -9.74 -45.96 -61.63
CA VAL KA 104 -10.11 -47.10 -60.80
C VAL KA 104 -8.93 -47.61 -59.99
N LEU KA 105 -7.71 -47.24 -60.37
CA LEU KA 105 -6.56 -47.60 -59.55
C LEU KA 105 -6.35 -46.63 -58.40
N LEU KA 106 -6.52 -45.32 -58.65
CA LEU KA 106 -6.47 -44.35 -57.57
C LEU KA 106 -7.54 -44.59 -56.54
N ALA KA 107 -8.77 -44.88 -56.98
CA ALA KA 107 -9.86 -45.12 -56.03
C ALA KA 107 -9.54 -46.32 -55.13
N PHE KA 108 -8.84 -47.31 -55.65
CA PHE KA 108 -8.51 -48.49 -54.87
C PHE KA 108 -7.23 -48.36 -54.07
N GLY KA 109 -6.63 -47.17 -54.01
CA GLY KA 109 -5.51 -46.96 -53.12
C GLY KA 109 -4.14 -47.15 -53.73
N ALA KA 110 -3.91 -46.55 -54.89
CA ALA KA 110 -2.59 -46.56 -55.48
C ALA KA 110 -1.78 -45.36 -54.99
N SER KA 111 -0.46 -45.47 -55.14
CA SER KA 111 0.42 -44.37 -54.74
C SER KA 111 0.82 -43.58 -55.97
N VAL KA 112 0.54 -42.27 -55.97
CA VAL KA 112 0.92 -41.42 -57.09
C VAL KA 112 2.42 -41.20 -57.16
N ASN KA 113 3.12 -41.24 -56.03
CA ASN KA 113 4.57 -41.11 -56.00
C ASN KA 113 5.16 -42.51 -55.79
N ALA KA 114 5.55 -43.16 -56.87
CA ALA KA 114 6.04 -44.53 -56.81
C ALA KA 114 7.40 -44.60 -57.46
N ALA KA 115 8.43 -44.70 -56.62
CA ALA KA 115 9.82 -44.54 -57.05
C ALA KA 115 10.22 -45.74 -57.90
N ASP KA 116 10.11 -45.58 -59.22
CA ASP KA 116 10.55 -46.59 -60.15
C ASP KA 116 12.04 -46.87 -59.99
N LEU KA 117 12.47 -48.02 -60.50
CA LEU KA 117 13.88 -48.38 -60.42
C LEU KA 117 14.76 -47.41 -61.19
N TRP KA 118 14.19 -46.67 -62.14
CA TRP KA 118 14.92 -45.65 -62.87
C TRP KA 118 14.73 -44.25 -62.31
N GLY KA 119 13.83 -44.09 -61.33
CA GLY KA 119 13.57 -42.79 -60.76
C GLY KA 119 12.34 -42.11 -61.31
N GLN KA 120 11.53 -42.80 -62.12
CA GLN KA 120 10.35 -42.18 -62.69
C GLN KA 120 9.15 -42.36 -61.78
N THR KA 121 8.09 -41.63 -62.12
CA THR KA 121 6.85 -41.51 -61.38
C THR KA 121 5.77 -41.42 -62.46
N PRO KA 122 4.53 -41.85 -62.22
CA PRO KA 122 3.50 -41.74 -63.27
C PRO KA 122 3.37 -40.35 -63.85
N LEU KA 123 3.65 -39.30 -63.06
CA LEU KA 123 3.61 -37.94 -63.60
C LEU KA 123 4.69 -37.73 -64.65
N HIS KA 124 5.88 -38.31 -64.44
CA HIS KA 124 6.94 -38.19 -65.43
C HIS KA 124 6.52 -38.77 -66.77
N LEU KA 125 6.12 -40.04 -66.78
CA LEU KA 125 5.71 -40.70 -68.00
C LEU KA 125 4.47 -40.07 -68.62
N ALA KA 126 3.52 -39.61 -67.81
CA ALA KA 126 2.32 -38.97 -68.34
C ALA KA 126 2.62 -37.62 -68.96
N ALA KA 127 3.50 -36.83 -68.36
CA ALA KA 127 3.89 -35.56 -68.96
C ALA KA 127 4.70 -35.79 -70.22
N THR KA 128 5.53 -36.84 -70.26
CA THR KA 128 6.28 -37.14 -71.47
C THR KA 128 5.37 -37.61 -72.60
N ALA KA 129 4.36 -38.43 -72.28
CA ALA KA 129 3.49 -38.97 -73.32
C ALA KA 129 2.69 -37.86 -74.01
N GLY KA 130 1.85 -37.15 -73.25
CA GLY KA 130 1.10 -36.06 -73.82
C GLY KA 130 -0.38 -36.06 -73.47
N HIS KA 131 -0.76 -36.91 -72.52
CA HIS KA 131 -2.18 -37.01 -72.15
C HIS KA 131 -2.49 -36.04 -71.02
N LEU KA 132 -3.36 -35.08 -71.30
CA LEU KA 132 -3.60 -33.99 -70.35
C LEU KA 132 -4.50 -34.43 -69.21
N GLU KA 133 -5.54 -35.21 -69.50
CA GLU KA 133 -6.49 -35.62 -68.48
C GLU KA 133 -5.82 -36.43 -67.37
N ILE KA 134 -4.89 -37.31 -67.74
CA ILE KA 134 -4.16 -38.06 -66.72
C ILE KA 134 -3.31 -37.14 -65.87
N VAL KA 135 -2.66 -36.15 -66.50
CA VAL KA 135 -1.88 -35.18 -65.75
C VAL KA 135 -2.75 -34.45 -64.75
N GLU KA 136 -3.95 -34.02 -65.15
CA GLU KA 136 -4.83 -33.31 -64.24
C GLU KA 136 -5.25 -34.21 -63.08
N VAL KA 137 -5.71 -35.42 -63.37
CA VAL KA 137 -6.22 -36.27 -62.30
C VAL KA 137 -5.10 -36.73 -61.38
N LEU KA 138 -3.86 -36.71 -61.87
CA LEU KA 138 -2.73 -37.03 -60.99
C LEU KA 138 -2.34 -35.84 -60.14
N LEU KA 139 -2.37 -34.64 -60.71
CA LEU KA 139 -2.03 -33.45 -59.95
C LEU KA 139 -3.05 -33.18 -58.85
N ARG KA 140 -4.32 -33.48 -59.12
CA ARG KA 140 -5.35 -33.31 -58.10
C ARG KA 140 -5.26 -34.37 -57.00
N SER KA 141 -4.59 -35.49 -57.26
CA SER KA 141 -4.51 -36.58 -56.30
C SER KA 141 -3.27 -36.50 -55.41
N GLY KA 142 -2.37 -35.55 -55.66
CA GLY KA 142 -1.19 -35.39 -54.84
C GLY KA 142 0.13 -35.71 -55.49
N ALA KA 143 0.23 -35.67 -56.81
CA ALA KA 143 1.51 -35.90 -57.46
C ALA KA 143 2.43 -34.69 -57.22
N SER KA 144 3.71 -34.98 -57.02
CA SER KA 144 4.70 -33.96 -56.73
C SER KA 144 5.33 -33.44 -58.01
N VAL KA 145 5.08 -32.16 -58.29
CA VAL KA 145 5.55 -31.53 -59.52
C VAL KA 145 7.06 -31.37 -59.57
N ASN KA 146 7.76 -31.54 -58.45
CA ASN KA 146 9.19 -31.32 -58.41
C ASN KA 146 9.94 -32.56 -57.95
N ALA KA 147 9.56 -33.71 -58.49
CA ALA KA 147 10.30 -34.94 -58.26
C ALA KA 147 11.34 -35.11 -59.35
N ARG KA 148 12.46 -35.74 -59.01
CA ARG KA 148 13.61 -35.81 -59.89
C ARG KA 148 13.82 -37.22 -60.40
N ASP KA 149 14.41 -37.31 -61.59
CA ASP KA 149 14.96 -38.55 -62.14
C ASP KA 149 16.36 -38.80 -61.59
N ASN KA 150 17.07 -39.73 -62.23
CA ASN KA 150 18.50 -39.83 -61.97
C ASN KA 150 19.26 -38.75 -62.72
N ILE KA 151 18.89 -38.49 -63.97
CA ILE KA 151 19.42 -37.32 -64.67
C ILE KA 151 19.07 -36.03 -63.94
N GLY KA 152 17.98 -36.01 -63.17
CA GLY KA 152 17.53 -34.83 -62.47
C GLY KA 152 16.34 -34.14 -63.10
N HIS KA 153 15.75 -34.72 -64.14
CA HIS KA 153 14.64 -34.07 -64.83
C HIS KA 153 13.41 -33.99 -63.93
N THR KA 154 12.71 -32.87 -64.02
CA THR KA 154 11.41 -32.70 -63.41
C THR KA 154 10.32 -32.79 -64.47
N PRO KA 155 9.07 -33.05 -64.08
CA PRO KA 155 8.03 -33.19 -65.11
C PRO KA 155 7.94 -32.04 -66.08
N LEU KA 156 8.40 -30.84 -65.69
CA LEU KA 156 8.37 -29.71 -66.61
C LEU KA 156 9.49 -29.82 -67.64
N HIS KA 157 10.65 -30.36 -67.25
CA HIS KA 157 11.70 -30.67 -68.22
C HIS KA 157 11.14 -31.50 -69.36
N LEU KA 158 10.42 -32.58 -69.03
CA LEU KA 158 9.87 -33.47 -70.04
C LEU KA 158 8.74 -32.82 -70.81
N ALA KA 159 7.90 -32.04 -70.12
CA ALA KA 159 6.83 -31.33 -70.81
C ALA KA 159 7.39 -30.35 -71.83
N ALA KA 160 8.53 -29.73 -71.54
CA ALA KA 160 9.16 -28.80 -72.48
C ALA KA 160 9.90 -29.52 -73.60
N TRP KA 161 10.57 -30.62 -73.30
CA TRP KA 161 11.22 -31.40 -74.34
C TRP KA 161 10.21 -31.94 -75.34
N ALA KA 162 9.14 -32.59 -74.85
CA ALA KA 162 8.19 -33.23 -75.74
C ALA KA 162 7.43 -32.22 -76.59
N GLY KA 163 7.21 -31.02 -76.06
CA GLY KA 163 6.49 -30.00 -76.78
C GLY KA 163 5.01 -29.90 -76.49
N HIS KA 164 4.59 -30.12 -75.25
CA HIS KA 164 3.18 -30.13 -74.88
C HIS KA 164 2.82 -28.84 -74.17
N LEU KA 165 2.13 -27.94 -74.87
CA LEU KA 165 1.88 -26.60 -74.34
C LEU KA 165 0.90 -26.63 -73.18
N GLU KA 166 -0.24 -27.30 -73.36
CA GLU KA 166 -1.27 -27.32 -72.32
C GLU KA 166 -0.77 -27.99 -71.06
N ILE KA 167 0.03 -29.05 -71.21
CA ILE KA 167 0.62 -29.69 -70.03
C ILE KA 167 1.61 -28.75 -69.35
N VAL KA 168 2.35 -27.98 -70.13
CA VAL KA 168 3.24 -26.99 -69.53
C VAL KA 168 2.44 -25.97 -68.72
N GLU KA 169 1.30 -25.55 -69.24
CA GLU KA 169 0.46 -24.62 -68.50
C GLU KA 169 -0.05 -25.21 -67.20
N VAL KA 170 -0.61 -26.41 -67.23
CA VAL KA 170 -1.16 -26.99 -66.02
C VAL KA 170 -0.06 -27.28 -65.01
N LEU KA 171 1.15 -27.60 -65.49
CA LEU KA 171 2.26 -27.81 -64.57
C LEU KA 171 2.76 -26.52 -63.96
N LEU KA 172 2.69 -25.41 -64.70
CA LEU KA 172 3.08 -24.12 -64.14
C LEU KA 172 2.06 -23.60 -63.15
N ALA KA 173 0.78 -23.91 -63.34
CA ALA KA 173 -0.25 -23.54 -62.38
C ALA KA 173 -0.11 -24.25 -61.04
N TYR KA 174 0.50 -25.43 -61.01
CA TYR KA 174 0.56 -26.24 -59.79
C TYR KA 174 1.88 -26.11 -59.05
N GLY KA 175 2.76 -25.21 -59.49
CA GLY KA 175 3.95 -24.90 -58.72
C GLY KA 175 5.26 -25.41 -59.28
N ALA KA 176 5.30 -25.84 -60.53
CA ALA KA 176 6.57 -26.15 -61.16
C ALA KA 176 7.37 -24.88 -61.37
N ASP KA 177 8.65 -24.93 -61.02
CA ASP KA 177 9.54 -23.78 -61.11
C ASP KA 177 10.23 -23.76 -62.46
N VAL KA 178 10.45 -22.56 -62.99
CA VAL KA 178 10.95 -22.47 -64.36
C VAL KA 178 12.46 -22.60 -64.43
N PHE KA 179 13.20 -22.05 -63.46
CA PHE KA 179 14.65 -22.23 -63.47
C PHE KA 179 15.09 -23.32 -62.51
N ALA KA 180 14.76 -24.56 -62.82
CA ALA KA 180 15.32 -25.72 -62.15
C ALA KA 180 16.24 -26.43 -63.11
N GLN KA 181 17.30 -27.02 -62.58
CA GLN KA 181 18.31 -27.64 -63.43
C GLN KA 181 18.34 -29.15 -63.24
N ASP KA 182 18.92 -29.84 -64.22
CA ASP KA 182 19.25 -31.25 -64.12
C ASP KA 182 20.73 -31.38 -63.80
N LYS KA 183 21.21 -32.62 -63.71
CA LYS KA 183 22.62 -32.83 -63.42
C LYS KA 183 23.53 -32.16 -64.44
N PHE KA 184 23.12 -32.12 -65.71
CA PHE KA 184 23.95 -31.55 -66.74
C PHE KA 184 23.80 -30.04 -66.87
N GLY KA 185 22.95 -29.42 -66.05
CA GLY KA 185 22.92 -27.97 -65.93
C GLY KA 185 21.85 -27.25 -66.73
N LYS KA 186 20.92 -27.96 -67.35
CA LYS KA 186 19.94 -27.33 -68.22
C LYS KA 186 18.62 -27.09 -67.50
N THR KA 187 17.97 -25.99 -67.87
CA THR KA 187 16.64 -25.60 -67.44
C THR KA 187 15.63 -25.91 -68.53
N PRO KA 188 14.35 -26.05 -68.20
CA PRO KA 188 13.35 -26.35 -69.23
C PRO KA 188 13.41 -25.45 -70.44
N PHE KA 189 13.81 -24.19 -70.27
CA PHE KA 189 13.95 -23.31 -71.42
C PHE KA 189 15.03 -23.79 -72.38
N ASP KA 190 16.09 -24.42 -71.85
CA ASP KA 190 17.14 -24.93 -72.71
C ASP KA 190 16.67 -26.14 -73.50
N LEU KA 191 16.04 -27.10 -72.82
CA LEU KA 191 15.46 -28.24 -73.54
C LEU KA 191 14.40 -27.79 -74.54
N ALA KA 192 13.80 -26.61 -74.30
CA ALA KA 192 12.82 -26.12 -75.25
C ALA KA 192 13.47 -25.46 -76.46
N ILE KA 193 14.60 -24.78 -76.27
CA ILE KA 193 15.20 -24.05 -77.37
C ILE KA 193 16.12 -24.94 -78.19
N ASP KA 194 16.61 -26.04 -77.63
CA ASP KA 194 17.45 -26.95 -78.40
C ASP KA 194 16.66 -28.02 -79.14
N ASN KA 195 15.34 -27.93 -79.17
CA ASN KA 195 14.50 -28.93 -79.81
C ASN KA 195 13.48 -28.31 -80.76
N GLY KA 196 13.58 -27.02 -81.04
CA GLY KA 196 12.64 -26.38 -81.93
C GLY KA 196 11.25 -26.16 -81.37
N ASN KA 197 10.97 -26.63 -80.16
CA ASN KA 197 9.71 -26.31 -79.49
C ASN KA 197 9.68 -24.83 -79.20
N GLU KA 198 8.86 -24.08 -79.94
CA GLU KA 198 8.96 -22.63 -80.00
C GLU KA 198 8.18 -21.91 -78.92
N ASP KA 199 6.94 -22.32 -78.63
CA ASP KA 199 6.10 -21.50 -77.78
C ASP KA 199 6.33 -21.82 -76.31
N ILE KA 200 6.71 -23.05 -76.00
CA ILE KA 200 7.19 -23.36 -74.66
C ILE KA 200 8.28 -22.38 -74.27
N ALA KA 201 9.23 -22.16 -75.18
CA ALA KA 201 10.30 -21.20 -74.95
C ALA KA 201 9.76 -19.80 -74.70
N GLU KA 202 8.74 -19.38 -75.44
CA GLU KA 202 8.23 -18.02 -75.27
C GLU KA 202 7.54 -17.84 -73.92
N VAL KA 203 6.66 -18.77 -73.57
CA VAL KA 203 5.94 -18.64 -72.30
C VAL KA 203 6.83 -18.91 -71.10
N LEU KA 204 8.00 -19.52 -71.29
CA LEU KA 204 8.93 -19.62 -70.17
C LEU KA 204 9.86 -18.42 -70.10
N GLN KA 205 10.19 -17.83 -71.25
CA GLN KA 205 10.97 -16.61 -71.27
C GLN KA 205 10.22 -15.46 -70.64
N ARG KA 206 8.91 -15.38 -70.86
CA ARG KA 206 8.13 -14.32 -70.22
C ARG KA 206 8.24 -14.39 -68.70
N LEU KA 207 8.22 -15.61 -68.14
CA LEU KA 207 8.28 -15.75 -66.68
C LEU KA 207 9.68 -15.45 -66.15
N LEU KA 208 10.71 -15.97 -66.83
CA LEU KA 208 12.07 -15.62 -66.45
C LEU KA 208 12.26 -14.10 -66.43
N GLU KA 209 11.72 -13.42 -67.44
CA GLU KA 209 11.88 -11.98 -67.51
C GLU KA 209 11.09 -11.25 -66.44
N CYS KA 210 9.88 -11.72 -66.13
CA CYS KA 210 9.13 -11.10 -65.03
C CYS KA 210 9.89 -11.18 -63.72
N ARG KA 211 10.46 -12.35 -63.41
CA ARG KA 211 11.20 -12.46 -62.16
C ARG KA 211 12.44 -11.57 -62.15
N ARG KA 212 13.19 -11.55 -63.25
CA ARG KA 212 14.37 -10.70 -63.33
C ARG KA 212 14.02 -9.22 -63.15
N ASP KA 213 12.96 -8.76 -63.80
CA ASP KA 213 12.59 -7.35 -63.74
C ASP KA 213 12.08 -6.94 -62.37
N ALA KA 214 11.32 -7.82 -61.70
CA ALA KA 214 10.90 -7.48 -60.35
C ALA KA 214 12.09 -7.37 -59.40
N GLU KA 215 13.05 -8.29 -59.52
CA GLU KA 215 14.26 -8.20 -58.72
C GLU KA 215 14.98 -6.87 -58.93
N ALA KA 216 15.17 -6.49 -60.20
CA ALA KA 216 15.83 -5.23 -60.51
C ALA KA 216 15.10 -4.02 -59.97
N ALA KA 217 13.79 -3.96 -60.09
CA ALA KA 217 13.03 -2.83 -59.58
C ALA KA 217 13.09 -2.72 -58.06
N ILE KA 218 13.10 -3.85 -57.35
CA ILE KA 218 13.23 -3.75 -55.90
C ILE KA 218 14.60 -3.25 -55.50
N ASN KA 219 15.65 -3.66 -56.22
CA ASN KA 219 16.97 -3.09 -55.95
C ASN KA 219 16.99 -1.58 -56.16
N TYR KA 220 16.38 -1.12 -57.25
CA TYR KA 220 16.38 0.32 -57.52
C TYR KA 220 15.60 1.09 -56.45
N GLN KA 221 14.53 0.51 -55.93
CA GLN KA 221 13.80 1.18 -54.86
C GLN KA 221 14.60 1.26 -53.57
N ILE KA 222 15.37 0.21 -53.27
CA ILE KA 222 16.26 0.28 -52.11
C ILE KA 222 17.24 1.45 -52.25
N ASN KA 223 17.86 1.57 -53.43
CA ASN KA 223 18.80 2.67 -53.63
C ASN KA 223 18.12 4.03 -53.53
N LEU KA 224 16.90 4.15 -54.05
CA LEU KA 224 16.22 5.44 -54.00
C LEU KA 224 15.88 5.86 -52.58
N GLU KA 225 15.46 4.91 -51.73
CA GLU KA 225 15.17 5.31 -50.36
C GLU KA 225 16.44 5.63 -49.59
N LEU KA 226 17.55 4.94 -49.86
CA LEU KA 226 18.81 5.33 -49.21
C LEU KA 226 19.25 6.72 -49.63
N TYR KA 227 19.06 7.08 -50.90
CA TYR KA 227 19.37 8.43 -51.34
C TYR KA 227 18.48 9.47 -50.68
N ALA KA 228 17.19 9.20 -50.55
CA ALA KA 228 16.32 10.14 -49.86
C ALA KA 228 16.73 10.34 -48.41
N SER KA 229 17.12 9.27 -47.73
CA SER KA 229 17.61 9.39 -46.35
C SER KA 229 18.83 10.29 -46.27
N TYR KA 230 19.76 10.15 -47.21
CA TYR KA 230 20.94 11.00 -47.24
C TYR KA 230 20.58 12.47 -47.49
N VAL KA 231 19.63 12.73 -48.39
CA VAL KA 231 19.21 14.10 -48.66
C VAL KA 231 18.61 14.74 -47.43
N TYR KA 232 17.79 14.00 -46.68
CA TYR KA 232 17.21 14.55 -45.46
C TYR KA 232 18.26 14.82 -44.41
N LEU KA 233 19.29 13.98 -44.31
CA LEU KA 233 20.37 14.25 -43.36
C LEU KA 233 21.08 15.55 -43.69
N SER KA 234 21.37 15.77 -44.97
CA SER KA 234 21.95 17.05 -45.40
C SER KA 234 21.05 18.23 -45.02
N MET KA 235 19.76 18.15 -45.39
CA MET KA 235 18.81 19.20 -45.02
C MET KA 235 18.83 19.49 -43.52
N SER KA 236 18.80 18.46 -42.70
CA SER KA 236 18.77 18.64 -41.26
C SER KA 236 19.99 19.34 -40.73
N TYR KA 237 21.18 18.97 -41.17
CA TYR KA 237 22.36 19.65 -40.65
C TYR KA 237 22.63 20.97 -41.33
N TYR KA 238 21.82 21.38 -42.31
CA TYR KA 238 21.88 22.76 -42.77
C TYR KA 238 21.28 23.72 -41.76
N PHE KA 239 20.14 23.38 -41.17
CA PHE KA 239 19.46 24.24 -40.23
C PHE KA 239 20.12 24.27 -38.86
N ASP KA 240 21.29 23.65 -38.72
CA ASP KA 240 22.01 23.61 -37.45
C ASP KA 240 23.17 24.58 -37.43
N ARG KA 241 23.52 25.16 -38.58
CA ARG KA 241 24.56 26.19 -38.63
C ARG KA 241 24.16 27.35 -37.73
N ASP KA 242 25.11 28.22 -37.38
CA ASP KA 242 24.75 29.34 -36.53
C ASP KA 242 24.38 30.59 -37.29
N ASP KA 243 24.50 30.57 -38.63
CA ASP KA 243 23.84 31.59 -39.41
C ASP KA 243 22.49 31.12 -39.92
N VAL KA 244 22.08 29.91 -39.55
CA VAL KA 244 20.73 29.40 -39.77
C VAL KA 244 20.31 28.75 -38.45
N ALA KA 245 19.70 29.52 -37.56
CA ALA KA 245 19.51 29.03 -36.20
C ALA KA 245 18.07 28.56 -35.97
N LEU KA 246 17.69 27.50 -36.68
CA LEU KA 246 16.35 26.93 -36.55
C LEU KA 246 16.45 25.48 -36.10
N LYS KA 247 16.02 25.21 -34.88
CA LYS KA 247 16.25 23.91 -34.24
C LYS KA 247 15.18 22.88 -34.55
N ASN KA 248 13.93 23.32 -34.73
CA ASN KA 248 12.87 22.36 -34.94
C ASN KA 248 12.76 21.94 -36.39
N PHE KA 249 13.17 22.79 -37.32
CA PHE KA 249 13.43 22.35 -38.68
C PHE KA 249 14.47 21.22 -38.71
N ALA KA 250 15.51 21.36 -37.90
CA ALA KA 250 16.56 20.35 -37.81
C ALA KA 250 16.02 19.03 -37.25
N LYS KA 251 15.26 19.09 -36.15
CA LYS KA 251 14.68 17.86 -35.61
C LYS KA 251 13.73 17.21 -36.60
N TYR KA 252 12.90 18.01 -37.26
CA TYR KA 252 12.00 17.49 -38.30
C TYR KA 252 12.76 16.68 -39.33
N PHE KA 253 13.76 17.28 -39.96
CA PHE KA 253 14.42 16.58 -41.04
C PHE KA 253 15.29 15.42 -40.55
N LEU KA 254 15.78 15.44 -39.32
CA LEU KA 254 16.45 14.24 -38.82
C LEU KA 254 15.48 13.07 -38.63
N HIS KA 255 14.28 13.35 -38.12
CA HIS KA 255 13.27 12.30 -38.02
C HIS KA 255 12.94 11.70 -39.37
N GLN KA 256 12.77 12.54 -40.39
CA GLN KA 256 12.51 12.00 -41.72
C GLN KA 256 13.68 11.19 -42.24
N SER KA 257 14.91 11.63 -41.97
CA SER KA 257 16.09 10.87 -42.35
C SER KA 257 16.09 9.46 -41.79
N HIS KA 258 15.65 9.27 -40.55
CA HIS KA 258 15.66 7.92 -39.99
C HIS KA 258 14.50 7.07 -40.48
N GLU KA 259 13.33 7.68 -40.66
CA GLU KA 259 12.21 6.93 -41.22
C GLU KA 259 12.52 6.39 -42.59
N GLU KA 260 13.21 7.17 -43.42
CA GLU KA 260 13.53 6.69 -44.76
C GLU KA 260 14.54 5.55 -44.78
N ARG KA 261 15.29 5.33 -43.71
CA ARG KA 261 16.15 4.16 -43.68
C ARG KA 261 15.39 2.93 -43.22
N GLU KA 262 14.46 3.11 -42.28
CA GLU KA 262 13.54 2.00 -41.99
C GLU KA 262 12.82 1.54 -43.25
N HIS KA 263 12.38 2.48 -44.09
CA HIS KA 263 11.71 2.11 -45.34
C HIS KA 263 12.56 1.20 -46.21
N ALA KA 264 13.85 1.47 -46.32
CA ALA KA 264 14.70 0.67 -47.21
C ALA KA 264 15.05 -0.67 -46.61
N GLU KA 265 15.23 -0.73 -45.28
CA GLU KA 265 15.45 -2.03 -44.66
C GLU KA 265 14.24 -2.95 -44.82
N LYS KA 266 13.03 -2.39 -44.83
CA LYS KA 266 11.86 -3.22 -45.10
C LYS KA 266 11.93 -3.88 -46.46
N LEU KA 267 12.40 -3.15 -47.47
CA LEU KA 267 12.48 -3.73 -48.81
C LEU KA 267 13.61 -4.74 -48.91
N MET KA 268 14.71 -4.54 -48.17
CA MET KA 268 15.75 -5.56 -48.13
C MET KA 268 15.24 -6.85 -47.54
N LYS KA 269 14.54 -6.76 -46.41
CA LYS KA 269 13.94 -7.94 -45.82
C LYS KA 269 12.98 -8.62 -46.80
N LEU KA 270 12.14 -7.83 -47.47
CA LEU KA 270 11.25 -8.40 -48.48
C LEU KA 270 12.01 -9.19 -49.52
N GLN KA 271 13.07 -8.61 -50.09
CA GLN KA 271 13.77 -9.30 -51.15
C GLN KA 271 14.49 -10.54 -50.65
N ASN KA 272 14.83 -10.60 -49.37
CA ASN KA 272 15.36 -11.85 -48.84
C ASN KA 272 14.26 -12.89 -48.65
N GLN KA 273 13.04 -12.45 -48.35
CA GLN KA 273 11.93 -13.40 -48.22
C GLN KA 273 11.53 -14.01 -49.55
N ARG KA 274 11.77 -13.31 -50.65
CA ARG KA 274 11.37 -13.80 -51.96
C ARG KA 274 12.41 -14.74 -52.58
N GLY KA 275 13.61 -14.80 -52.04
CA GLY KA 275 14.67 -15.60 -52.61
C GLY KA 275 15.51 -14.88 -53.63
N GLY KA 276 15.42 -13.56 -53.73
CA GLY KA 276 16.21 -12.80 -54.67
C GLY KA 276 17.53 -12.37 -54.08
N GLU KA 277 18.29 -11.63 -54.89
CA GLU KA 277 19.64 -11.20 -54.53
C GLU KA 277 19.69 -9.70 -54.38
N ILE KA 278 20.01 -9.23 -53.18
CA ILE KA 278 20.25 -7.81 -52.97
C ILE KA 278 21.59 -7.44 -53.59
N SER KA 279 21.60 -6.35 -54.36
CA SER KA 279 22.83 -5.84 -54.94
C SER KA 279 22.88 -4.35 -54.67
N LEU KA 280 23.62 -3.96 -53.64
CA LEU KA 280 23.71 -2.58 -53.20
C LEU KA 280 24.63 -1.81 -54.13
N GLN KA 281 24.41 -0.50 -54.22
CA GLN KA 281 25.13 0.35 -55.16
C GLN KA 281 25.54 1.65 -54.50
N SER KA 282 26.11 2.54 -55.30
CA SER KA 282 26.66 3.80 -54.82
C SER KA 282 25.52 4.78 -54.56
N ILE KA 283 25.66 5.59 -53.51
CA ILE KA 283 24.64 6.57 -53.18
C ILE KA 283 25.13 7.95 -53.57
N SER KA 284 24.41 8.61 -54.48
CA SER KA 284 24.80 9.94 -54.91
C SER KA 284 24.70 10.93 -53.76
N SER KA 285 25.44 12.02 -53.89
CA SER KA 285 25.33 13.05 -52.89
C SER KA 285 24.21 14.01 -53.25
N PRO KA 286 23.57 14.63 -52.26
CA PRO KA 286 22.47 15.56 -52.56
C PRO KA 286 22.95 16.69 -53.46
N ASP KA 287 21.99 17.29 -54.17
CA ASP KA 287 22.36 18.24 -55.20
C ASP KA 287 22.85 19.56 -54.60
N SER KA 288 22.39 19.88 -53.39
CA SER KA 288 22.76 21.14 -52.76
C SER KA 288 23.39 20.86 -51.41
N ASP KA 289 24.25 21.78 -50.98
CA ASP KA 289 24.67 21.87 -49.59
C ASP KA 289 24.02 23.05 -48.89
N ASP KA 290 23.52 24.01 -49.66
CA ASP KA 290 22.91 25.24 -49.16
C ASP KA 290 21.46 25.25 -49.62
N TRP KA 291 20.55 24.89 -48.72
CA TRP KA 291 19.13 24.98 -48.97
C TRP KA 291 18.63 26.33 -48.49
N GLU KA 292 18.38 27.25 -49.43
CA GLU KA 292 18.42 28.67 -49.12
C GLU KA 292 17.60 29.07 -47.90
N SER KA 293 16.45 28.42 -47.67
CA SER KA 293 15.59 28.81 -46.57
C SER KA 293 14.74 27.62 -46.16
N GLY KA 294 13.87 27.84 -45.17
CA GLY KA 294 12.95 26.80 -44.75
C GLY KA 294 11.87 26.50 -45.78
N LEU KA 295 11.37 27.52 -46.45
CA LEU KA 295 10.41 27.32 -47.52
C LEU KA 295 10.99 26.49 -48.67
N ASN KA 296 12.18 26.86 -49.15
CA ASN KA 296 12.81 26.14 -50.25
C ASN KA 296 13.14 24.70 -49.89
N ALA KA 297 13.60 24.45 -48.66
CA ALA KA 297 13.81 23.09 -48.20
C ALA KA 297 12.52 22.29 -48.13
N MET KA 298 11.43 22.87 -47.64
CA MET KA 298 10.16 22.15 -47.64
C MET KA 298 9.70 21.82 -49.05
N GLU KA 299 9.90 22.74 -50.01
CA GLU KA 299 9.49 22.46 -51.39
C GLU KA 299 10.35 21.37 -52.01
N SER KA 300 11.63 21.36 -51.71
CA SER KA 300 12.50 20.29 -52.21
C SER KA 300 12.11 18.94 -51.63
N ALA KA 301 11.78 18.90 -50.33
CA ALA KA 301 11.29 17.65 -49.75
C ALA KA 301 10.01 17.20 -50.43
N LEU KA 302 9.14 18.14 -50.79
CA LEU KA 302 7.89 17.78 -51.46
C LEU KA 302 8.16 17.14 -52.83
N HIS KA 303 9.04 17.74 -53.62
CA HIS KA 303 9.37 17.13 -54.91
C HIS KA 303 10.02 15.76 -54.75
N LEU KA 304 10.87 15.60 -53.73
CA LEU KA 304 11.50 14.30 -53.51
C LEU KA 304 10.48 13.24 -53.15
N GLU KA 305 9.53 13.55 -52.28
CA GLU KA 305 8.50 12.60 -51.93
C GLU KA 305 7.64 12.23 -53.15
N LYS KA 306 7.38 13.20 -54.02
CA LYS KA 306 6.60 12.88 -55.22
C LYS KA 306 7.37 11.96 -56.16
N ALA KA 307 8.68 12.15 -56.31
CA ALA KA 307 9.47 11.25 -57.14
C ALA KA 307 9.47 9.83 -56.58
N VAL KA 308 9.63 9.70 -55.27
CA VAL KA 308 9.58 8.37 -54.65
C VAL KA 308 8.24 7.71 -54.90
N ASN KA 309 7.15 8.46 -54.78
CA ASN KA 309 5.83 7.90 -55.01
C ASN KA 309 5.64 7.45 -56.45
N ALA KA 310 6.17 8.21 -57.40
CA ALA KA 310 6.10 7.78 -58.80
C ALA KA 310 6.82 6.45 -59.01
N SER KA 311 7.99 6.28 -58.41
CA SER KA 311 8.68 5.00 -58.55
C SER KA 311 7.87 3.86 -57.96
N LEU KA 312 7.24 4.08 -56.80
CA LEU KA 312 6.39 3.05 -56.23
C LEU KA 312 5.25 2.68 -57.16
N LEU KA 313 4.62 3.66 -57.80
CA LEU KA 313 3.53 3.35 -58.73
C LEU KA 313 4.02 2.54 -59.93
N ARG KA 314 5.21 2.86 -60.45
CA ARG KA 314 5.74 2.08 -61.57
C ARG KA 314 6.00 0.63 -61.15
N LEU KA 315 6.57 0.43 -59.97
CA LEU KA 315 6.82 -0.93 -59.50
C LEU KA 315 5.52 -1.67 -59.26
N HIS KA 316 4.47 -0.98 -58.80
CA HIS KA 316 3.19 -1.66 -58.60
C HIS KA 316 2.58 -2.09 -59.92
N LYS KA 317 2.65 -1.23 -60.94
CA LYS KA 317 2.14 -1.65 -62.24
C LYS KA 317 2.93 -2.83 -62.80
N LEU KA 318 4.25 -2.85 -62.59
CA LEU KA 318 5.05 -3.99 -63.00
C LEU KA 318 4.61 -5.26 -62.29
N ALA KA 319 4.44 -5.21 -60.96
CA ALA KA 319 4.01 -6.40 -60.23
C ALA KA 319 2.60 -6.82 -60.61
N THR KA 320 1.80 -5.90 -61.13
CA THR KA 320 0.46 -6.27 -61.58
C THR KA 320 0.51 -6.97 -62.94
N ASP KA 321 1.40 -6.53 -63.82
CA ASP KA 321 1.50 -7.19 -65.12
C ASP KA 321 1.93 -8.64 -64.99
N CYS KA 322 2.86 -8.92 -64.08
CA CYS KA 322 3.41 -10.26 -63.97
C CYS KA 322 2.70 -11.13 -62.94
N ASN KA 323 1.45 -10.81 -62.59
CA ASN KA 323 0.61 -11.67 -61.77
C ASN KA 323 1.31 -12.05 -60.46
N ASP KA 324 1.52 -11.06 -59.59
CA ASP KA 324 2.26 -11.24 -58.36
C ASP KA 324 1.47 -10.65 -57.20
N PRO KA 325 0.39 -11.30 -56.75
CA PRO KA 325 -0.48 -10.69 -55.73
C PRO KA 325 0.21 -10.25 -54.46
N HIS KA 326 1.20 -11.00 -53.96
CA HIS KA 326 1.81 -10.66 -52.69
C HIS KA 326 2.65 -9.39 -52.78
N LEU KA 327 3.33 -9.17 -53.91
CA LEU KA 327 4.10 -7.95 -54.08
C LEU KA 327 3.18 -6.73 -54.13
N CYS KA 328 2.08 -6.83 -54.87
CA CYS KA 328 1.13 -5.73 -54.92
C CYS KA 328 0.54 -5.43 -53.56
N ASP KA 329 0.13 -6.47 -52.83
CA ASP KA 329 -0.40 -6.26 -51.48
C ASP KA 329 0.62 -5.61 -50.57
N PHE KA 330 1.88 -6.05 -50.65
CA PHE KA 330 2.94 -5.46 -49.84
C PHE KA 330 3.11 -3.97 -50.16
N ILE KA 331 3.17 -3.64 -51.44
CA ILE KA 331 3.40 -2.25 -51.84
C ILE KA 331 2.26 -1.36 -51.37
N GLU KA 332 1.01 -1.78 -51.61
CA GLU KA 332 -0.06 -0.88 -51.20
C GLU KA 332 -0.36 -0.93 -49.71
N THR KA 333 0.11 -1.94 -48.98
CA THR KA 333 -0.11 -1.95 -47.55
C THR KA 333 0.91 -1.10 -46.81
N HIS KA 334 2.17 -1.13 -47.22
CA HIS KA 334 3.19 -0.45 -46.42
C HIS KA 334 3.67 0.86 -47.03
N TYR KA 335 3.36 1.14 -48.28
CA TYR KA 335 4.05 2.22 -48.97
C TYR KA 335 3.14 3.24 -49.61
N LEU KA 336 1.93 2.87 -50.03
CA LEU KA 336 1.13 3.82 -50.77
C LEU KA 336 0.32 4.74 -49.89
N ASN KA 337 0.05 4.39 -48.64
CA ASN KA 337 -0.70 5.29 -47.79
C ASN KA 337 0.21 6.23 -47.01
N GLU KA 338 1.48 5.89 -46.84
CA GLU KA 338 2.41 6.80 -46.20
C GLU KA 338 2.83 7.93 -47.13
N GLN KA 339 2.98 7.65 -48.41
CA GLN KA 339 3.34 8.69 -49.35
C GLN KA 339 2.24 9.73 -49.50
N VAL KA 340 0.97 9.29 -49.49
CA VAL KA 340 -0.13 10.22 -49.59
C VAL KA 340 -0.17 11.16 -48.39
N LYS KA 341 0.05 10.64 -47.19
CA LYS KA 341 0.06 11.45 -46.00
C LYS KA 341 1.26 12.39 -45.95
N ALA KA 342 2.44 11.92 -46.37
CA ALA KA 342 3.61 12.78 -46.47
C ALA KA 342 3.39 13.93 -47.44
N ILE KA 343 2.83 13.68 -48.61
CA ILE KA 343 2.60 14.73 -49.58
C ILE KA 343 1.58 15.73 -49.07
N LYS KA 344 0.50 15.24 -48.44
CA LYS KA 344 -0.49 16.16 -47.88
C LYS KA 344 0.12 17.06 -46.81
N GLU KA 345 0.91 16.48 -45.91
CA GLU KA 345 1.50 17.26 -44.83
C GLU KA 345 2.52 18.27 -45.34
N LEU KA 346 3.36 17.89 -46.29
CA LEU KA 346 4.36 18.82 -46.79
C LEU KA 346 3.74 19.94 -47.62
N GLY KA 347 2.66 19.67 -48.35
CA GLY KA 347 1.95 20.76 -48.99
C GLY KA 347 1.26 21.70 -48.03
N ASP KA 348 0.76 21.16 -46.91
CA ASP KA 348 0.24 22.01 -45.86
C ASP KA 348 1.31 22.95 -45.32
N HIS KA 349 2.49 22.40 -45.00
CA HIS KA 349 3.59 23.24 -44.52
C HIS KA 349 3.94 24.32 -45.51
N VAL KA 350 3.99 23.99 -46.80
CA VAL KA 350 4.37 24.99 -47.79
C VAL KA 350 3.33 26.10 -47.89
N THR KA 351 2.04 25.78 -47.89
CA THR KA 351 1.09 26.87 -47.96
C THR KA 351 1.03 27.70 -46.69
N ASN KA 352 1.20 27.09 -45.52
CA ASN KA 352 1.28 27.88 -44.30
C ASN KA 352 2.44 28.84 -44.35
N LEU KA 353 3.63 28.36 -44.69
CA LEU KA 353 4.79 29.23 -44.76
C LEU KA 353 4.60 30.34 -45.79
N ARG KA 354 4.02 30.02 -46.94
CA ARG KA 354 3.83 31.06 -47.95
C ARG KA 354 2.83 32.12 -47.51
N LYS KA 355 1.77 31.72 -46.81
CA LYS KA 355 0.79 32.70 -46.36
C LYS KA 355 1.34 33.58 -45.25
N MET KA 356 2.04 32.99 -44.27
CA MET KA 356 2.64 33.79 -43.21
C MET KA 356 3.59 34.86 -43.72
N GLY KA 357 4.13 34.70 -44.92
CA GLY KA 357 4.97 35.74 -45.53
C GLY KA 357 6.40 35.34 -45.79
N ALA KA 358 6.79 34.09 -45.59
CA ALA KA 358 8.15 33.68 -45.87
C ALA KA 358 8.40 33.67 -47.37
N PRO KA 359 9.67 33.69 -47.81
CA PRO KA 359 10.95 33.72 -47.09
C PRO KA 359 11.42 35.13 -46.81
N GLU KA 360 10.77 36.11 -47.44
CA GLU KA 360 11.13 37.50 -47.28
C GLU KA 360 10.75 38.06 -45.91
N SER KA 361 10.32 37.21 -44.99
CA SER KA 361 9.96 37.63 -43.65
C SER KA 361 10.62 36.73 -42.63
N GLY KA 362 11.60 37.27 -41.91
CA GLY KA 362 11.88 36.77 -40.59
C GLY KA 362 10.73 37.11 -39.66
N LEU KA 363 10.57 36.28 -38.62
CA LEU KA 363 9.39 36.23 -37.76
C LEU KA 363 8.27 35.44 -38.42
N ALA KA 364 8.47 34.97 -39.64
CA ALA KA 364 7.55 34.00 -40.21
C ALA KA 364 8.09 32.59 -40.01
N GLU KA 365 9.36 32.39 -40.36
CA GLU KA 365 9.98 31.09 -40.12
C GLU KA 365 10.32 30.89 -38.66
N TYR KA 366 10.61 31.96 -37.92
CA TYR KA 366 10.80 31.83 -36.48
C TYR KA 366 9.54 31.30 -35.81
N LEU KA 367 8.39 31.90 -36.12
CA LEU KA 367 7.15 31.50 -35.46
C LEU KA 367 6.60 30.20 -36.01
N PHE KA 368 6.82 29.90 -37.28
CA PHE KA 368 6.51 28.56 -37.78
C PHE KA 368 7.31 27.50 -37.04
N ASP KA 369 8.62 27.71 -36.93
CA ASP KA 369 9.50 26.80 -36.20
C ASP KA 369 9.06 26.63 -34.76
N LYS KA 370 8.57 27.69 -34.14
CA LYS KA 370 8.14 27.60 -32.74
C LYS KA 370 6.81 26.89 -32.58
N HIS KA 371 5.83 27.20 -33.41
CA HIS KA 371 4.45 26.81 -33.18
C HIS KA 371 4.03 25.53 -33.89
N THR KA 372 4.54 25.29 -35.09
CA THR KA 372 4.09 24.14 -35.86
C THR KA 372 5.04 22.97 -35.74
N LEU KA 373 6.34 23.24 -35.73
CA LEU KA 373 7.33 22.17 -35.71
C LEU KA 373 7.79 21.82 -34.30
N GLY KA 374 7.34 22.56 -33.30
CA GLY KA 374 7.74 22.29 -31.93
C GLY KA 374 6.66 22.56 -30.91
N SER LA 2 8.00 -44.02 -96.54
CA SER LA 2 6.71 -44.20 -95.88
C SER LA 2 6.77 -45.30 -94.82
N LYS LA 3 7.35 -46.45 -95.19
CA LYS LA 3 7.35 -47.59 -94.29
C LYS LA 3 8.44 -47.49 -93.23
N GLY LA 4 9.64 -47.02 -93.61
CA GLY LA 4 10.76 -47.03 -92.69
C GLY LA 4 10.53 -46.24 -91.42
N GLU LA 5 9.66 -45.24 -91.49
CA GLU LA 5 9.38 -44.41 -90.31
C GLU LA 5 8.27 -44.97 -89.44
N GLU LA 6 7.45 -45.86 -89.98
CA GLU LA 6 6.29 -46.36 -89.24
C GLU LA 6 6.70 -47.32 -88.12
N LEU LA 7 7.78 -48.08 -88.32
CA LEU LA 7 8.12 -49.20 -87.45
C LEU LA 7 8.43 -48.79 -86.02
N PHE LA 8 8.40 -47.50 -85.69
CA PHE LA 8 8.67 -47.02 -84.33
C PHE LA 8 7.50 -46.25 -83.73
N THR LA 9 6.27 -46.66 -84.05
CA THR LA 9 5.09 -45.93 -83.60
C THR LA 9 4.93 -45.96 -82.09
N GLY LA 10 5.45 -46.99 -81.43
CA GLY LA 10 5.24 -47.13 -80.00
C GLY LA 10 6.46 -47.62 -79.25
N VAL LA 11 6.23 -48.26 -78.11
CA VAL LA 11 7.32 -48.84 -77.33
C VAL LA 11 7.93 -49.99 -78.11
N VAL LA 12 9.20 -50.29 -77.83
CA VAL LA 12 9.91 -51.40 -78.45
C VAL LA 12 10.72 -52.10 -77.37
N PRO LA 13 10.45 -53.38 -77.08
CA PRO LA 13 11.34 -54.14 -76.21
C PRO LA 13 12.65 -54.47 -76.91
N ILE LA 14 13.71 -54.56 -76.12
CA ILE LA 14 15.06 -54.72 -76.65
C ILE LA 14 15.72 -55.92 -75.99
N LEU LA 15 16.60 -56.58 -76.74
CA LEU LA 15 17.41 -57.69 -76.26
C LEU LA 15 18.78 -57.55 -76.89
N VAL LA 16 19.78 -57.20 -76.09
CA VAL LA 16 21.09 -56.85 -76.62
C VAL LA 16 22.12 -57.88 -76.14
N GLU LA 17 22.73 -58.58 -77.10
CA GLU LA 17 23.75 -59.57 -76.79
C GLU LA 17 25.07 -59.10 -77.39
N LEU LA 18 26.13 -59.17 -76.57
CA LEU LA 18 27.45 -58.76 -76.97
C LEU LA 18 28.46 -59.82 -76.52
N ASP LA 19 29.23 -60.33 -77.47
CA ASP LA 19 30.25 -61.34 -77.17
C ASP LA 19 31.61 -60.79 -77.55
N GLY LA 20 32.48 -60.63 -76.56
CA GLY LA 20 33.75 -59.94 -76.76
C GLY LA 20 34.93 -60.75 -76.29
N ASP LA 21 36.05 -60.56 -76.97
CA ASP LA 21 37.35 -61.12 -76.60
C ASP LA 21 38.36 -60.00 -76.44
N VAL LA 22 38.85 -59.80 -75.22
CA VAL LA 22 39.82 -58.75 -74.90
C VAL LA 22 40.96 -59.36 -74.10
N ASN LA 23 42.08 -59.63 -74.78
CA ASN LA 23 43.32 -60.07 -74.13
C ASN LA 23 43.09 -61.28 -73.23
N GLY LA 24 42.56 -62.36 -73.82
CA GLY LA 24 42.28 -63.57 -73.10
C GLY LA 24 41.00 -63.52 -72.29
N HIS LA 25 40.35 -62.37 -72.22
CA HIS LA 25 39.11 -62.23 -71.47
C HIS LA 25 37.93 -62.40 -72.41
N LYS LA 26 37.24 -63.52 -72.31
CA LYS LA 26 35.99 -63.72 -73.03
C LYS LA 26 34.83 -63.24 -72.17
N PHE LA 27 33.85 -62.61 -72.80
CA PHE LA 27 32.69 -62.15 -72.04
C PHE LA 27 31.47 -62.13 -72.93
N SER LA 28 30.33 -62.45 -72.31
CA SER LA 28 29.01 -62.29 -72.90
C SER LA 28 28.23 -61.30 -72.05
N VAL LA 29 27.49 -60.42 -72.70
CA VAL LA 29 26.70 -59.40 -72.04
C VAL LA 29 25.29 -59.46 -72.61
N ARG LA 30 24.30 -59.51 -71.73
CA ARG LA 30 22.90 -59.40 -72.11
C ARG LA 30 22.28 -58.17 -71.45
N GLY LA 31 21.56 -57.40 -72.25
CA GLY LA 31 20.88 -56.22 -71.78
C GLY LA 31 19.41 -56.23 -72.13
N GLU LA 32 18.58 -55.85 -71.16
CA GLU LA 32 17.13 -55.92 -71.26
C GLU LA 32 16.54 -54.55 -70.93
N GLY LA 33 15.58 -54.13 -71.75
CA GLY LA 33 14.92 -52.86 -71.51
C GLY LA 33 13.97 -52.53 -72.66
N GLU LA 34 13.60 -51.25 -72.73
CA GLU LA 34 12.67 -50.79 -73.76
C GLU LA 34 13.02 -49.40 -74.24
N GLY LA 35 12.53 -49.08 -75.44
CA GLY LA 35 12.80 -47.77 -76.02
C GLY LA 35 11.66 -47.18 -76.82
N ASP LA 36 11.68 -45.86 -76.98
CA ASP LA 36 10.71 -45.15 -77.82
C ASP LA 36 11.47 -44.12 -78.64
N ALA LA 37 11.20 -44.10 -79.95
CA ALA LA 37 11.80 -43.14 -80.85
C ALA LA 37 11.09 -41.80 -80.84
N THR LA 38 9.80 -41.78 -80.50
CA THR LA 38 9.05 -40.52 -80.51
C THR LA 38 9.67 -39.48 -79.60
N ASN LA 39 10.27 -39.90 -78.49
CA ASN LA 39 10.93 -38.98 -77.57
C ASN LA 39 12.42 -39.26 -77.45
N GLY LA 40 12.97 -40.12 -78.32
CA GLY LA 40 14.38 -40.46 -78.26
C GLY LA 40 14.81 -41.02 -76.93
N LYS LA 41 13.95 -41.79 -76.27
CA LYS LA 41 14.20 -42.25 -74.91
C LYS LA 41 14.50 -43.74 -74.92
N LEU LA 42 15.53 -44.15 -74.18
CA LEU LA 42 15.90 -45.54 -74.04
C LEU LA 42 16.14 -45.84 -72.57
N THR LA 43 15.74 -47.02 -72.12
CA THR LA 43 15.84 -47.37 -70.71
C THR LA 43 16.18 -48.85 -70.60
N LEU LA 44 17.41 -49.16 -70.17
CA LEU LA 44 17.95 -50.51 -70.25
C LEU LA 44 18.64 -50.89 -68.94
N LYS LA 45 18.91 -52.19 -68.83
CA LYS LA 45 19.66 -52.75 -67.70
C LYS LA 45 20.50 -53.90 -68.23
N PHE LA 46 21.82 -53.79 -68.07
CA PHE LA 46 22.78 -54.75 -68.59
C PHE LA 46 23.33 -55.59 -67.46
N ILE LA 47 23.56 -56.88 -67.73
CA ILE LA 47 24.09 -57.81 -66.74
C ILE LA 47 25.02 -58.79 -67.43
N CYS LA 48 26.13 -59.13 -66.78
CA CYS LA 48 27.10 -60.07 -67.32
C CYS LA 48 27.02 -61.40 -66.58
N THR LA 49 26.60 -62.43 -67.28
CA THR LA 49 26.55 -63.77 -66.70
C THR LA 49 27.90 -64.48 -66.73
N THR LA 50 28.99 -63.72 -66.93
CA THR LA 50 30.34 -64.27 -67.03
C THR LA 50 31.20 -63.79 -65.86
N GLY LA 51 30.62 -63.67 -64.67
CA GLY LA 51 31.39 -63.32 -63.49
C GLY LA 51 31.94 -61.90 -63.54
N LYS LA 52 32.93 -61.65 -62.68
CA LYS LA 52 33.54 -60.32 -62.60
C LYS LA 52 34.27 -60.02 -63.89
N LEU LA 53 34.17 -58.78 -64.36
CA LEU LA 53 34.77 -58.42 -65.63
C LEU LA 53 35.94 -57.48 -65.38
N PRO LA 54 37.04 -57.58 -66.14
CA PRO LA 54 38.21 -56.74 -65.87
C PRO LA 54 38.07 -55.28 -66.31
N VAL LA 55 37.29 -55.00 -67.35
CA VAL LA 55 37.15 -53.63 -67.87
C VAL LA 55 36.02 -52.94 -67.10
N PRO LA 56 36.16 -51.66 -66.77
CA PRO LA 56 35.10 -51.00 -66.00
C PRO LA 56 33.81 -50.91 -66.81
N TRP LA 57 32.70 -50.81 -66.09
CA TRP LA 57 31.41 -50.63 -66.75
C TRP LA 57 31.36 -49.40 -67.65
N PRO LA 58 31.89 -48.23 -67.28
CA PRO LA 58 31.83 -47.07 -68.19
C PRO LA 58 32.37 -47.36 -69.57
N THR LA 59 33.30 -48.30 -69.72
CA THR LA 59 33.80 -48.65 -71.05
C THR LA 59 32.71 -49.29 -71.90
N LEU LA 60 31.98 -50.24 -71.33
CA LEU LA 60 30.95 -50.98 -72.07
C LEU LA 60 29.75 -50.13 -72.44
N VAL LA 61 29.65 -48.91 -71.91
CA VAL LA 61 28.46 -48.10 -72.13
C VAL LA 61 28.40 -47.62 -73.57
N THR LA 62 29.50 -47.07 -74.07
CA THR LA 62 29.51 -46.54 -75.43
C THR LA 62 29.26 -47.61 -76.48
N THR LA 63 29.65 -48.84 -76.16
CA THR LA 63 29.55 -49.94 -77.14
C THR LA 63 28.43 -50.86 -76.77
N LEU LA 64 27.21 -50.35 -76.70
CA LEU LA 64 26.03 -51.20 -76.45
C LEU LA 64 24.80 -50.49 -77.02
N VAL LA 66 21.91 -48.15 -80.44
CA VAL LA 66 20.64 -48.32 -81.09
C VAL LA 66 20.11 -46.96 -81.50
N GLN LA 67 20.93 -46.23 -82.25
CA GLN LA 67 20.57 -44.84 -82.62
C GLN LA 67 19.24 -44.87 -83.38
N CYS LA 68 18.83 -46.06 -83.78
CA CYS LA 68 17.50 -46.18 -84.44
C CYS LA 68 16.43 -45.66 -83.46
N PHE LA 69 16.82 -45.26 -82.24
CA PHE LA 69 15.76 -44.82 -81.34
C PHE LA 69 15.79 -43.33 -81.06
N SER LA 70 16.66 -42.59 -81.74
CA SER LA 70 16.86 -41.18 -81.43
C SER LA 70 15.67 -40.35 -81.89
N ARG LA 71 15.38 -39.30 -81.14
CA ARG LA 71 14.24 -38.44 -81.43
C ARG LA 71 14.50 -37.62 -82.67
N TYR LA 72 13.67 -37.77 -83.68
CA TYR LA 72 13.86 -37.10 -84.95
C TYR LA 72 12.68 -36.18 -85.24
N PRO LA 73 12.94 -34.90 -85.50
CA PRO LA 73 11.83 -33.96 -85.72
C PRO LA 73 11.22 -34.08 -87.10
N ASP LA 74 10.10 -33.38 -87.32
CA ASP LA 74 9.41 -33.47 -88.60
C ASP LA 74 10.18 -32.71 -89.68
N HIS LA 75 11.07 -31.81 -89.28
CA HIS LA 75 11.85 -31.18 -90.34
C HIS LA 75 13.00 -32.04 -90.81
N MET LA 76 13.56 -32.95 -90.00
CA MET LA 76 14.52 -33.93 -90.48
C MET LA 76 13.86 -35.27 -90.81
N LYS LA 77 12.62 -35.26 -91.30
CA LYS LA 77 12.02 -36.49 -91.80
C LYS LA 77 12.71 -37.00 -93.05
N ARG LA 78 13.51 -36.15 -93.71
CA ARG LA 78 14.19 -36.53 -94.93
C ARG LA 78 15.66 -36.87 -94.71
N HIS LA 79 16.15 -36.78 -93.47
CA HIS LA 79 17.55 -37.05 -93.17
C HIS LA 79 17.68 -38.09 -92.07
N ASP LA 80 16.78 -39.07 -92.05
CA ASP LA 80 16.80 -40.16 -91.07
C ASP LA 80 17.21 -41.43 -91.81
N PHE LA 81 18.53 -41.67 -91.88
CA PHE LA 81 19.04 -42.85 -92.58
C PHE LA 81 18.64 -44.14 -91.87
N PHE LA 82 18.66 -44.14 -90.54
CA PHE LA 82 18.38 -45.37 -89.80
C PHE LA 82 16.92 -45.77 -89.95
N LYS LA 83 16.04 -44.83 -90.27
CA LYS LA 83 14.62 -45.13 -90.31
C LYS LA 83 14.20 -45.85 -91.58
N SER LA 84 14.51 -45.28 -92.76
CA SER LA 84 14.01 -45.81 -94.03
C SER LA 84 14.26 -47.30 -94.19
N ALA LA 85 15.20 -47.87 -93.43
CA ALA LA 85 15.56 -49.28 -93.55
C ALA LA 85 14.87 -50.17 -92.53
N MET LA 86 13.60 -49.92 -92.20
CA MET LA 86 12.92 -50.81 -91.27
C MET LA 86 11.69 -51.43 -91.92
N PRO LA 87 11.50 -52.75 -91.78
CA PRO LA 87 12.32 -53.70 -91.02
C PRO LA 87 13.53 -54.23 -91.79
N GLU LA 88 13.91 -53.53 -92.85
CA GLU LA 88 15.11 -53.87 -93.61
C GLU LA 88 16.31 -54.09 -92.69
N GLY LA 89 16.47 -53.24 -91.69
CA GLY LA 89 17.59 -53.32 -90.78
C GLY LA 89 18.87 -52.85 -91.42
N TYR LA 90 19.98 -53.05 -90.70
CA TYR LA 90 21.28 -52.65 -91.20
C TYR LA 90 22.37 -53.24 -90.32
N VAL LA 91 23.62 -53.01 -90.73
CA VAL LA 91 24.79 -53.45 -89.98
C VAL LA 91 25.71 -52.25 -89.81
N GLN LA 92 26.56 -52.31 -88.80
CA GLN LA 92 27.55 -51.27 -88.54
C GLN LA 92 28.84 -51.88 -88.01
N GLU LA 93 29.95 -51.41 -88.58
CA GLU LA 93 31.28 -51.79 -88.12
C GLU LA 93 31.92 -50.60 -87.43
N ARG LA 94 32.25 -50.77 -86.15
CA ARG LA 94 32.75 -49.69 -85.30
C ARG LA 94 34.17 -49.98 -84.86
N THR LA 95 35.01 -48.95 -84.85
CA THR LA 95 36.33 -49.01 -84.26
C THR LA 95 36.40 -47.93 -83.19
N ILE LA 96 36.75 -48.31 -81.97
CA ILE LA 96 36.95 -47.34 -80.89
C ILE LA 96 38.42 -47.36 -80.52
N SER LA 97 39.00 -46.18 -80.40
CA SER LA 97 40.44 -46.00 -80.22
C SER LA 97 40.67 -45.22 -78.94
N PHE LA 98 41.23 -45.88 -77.94
CA PHE LA 98 41.64 -45.22 -76.71
C PHE LA 98 42.96 -44.50 -76.93
N LYS LA 99 43.10 -43.32 -76.33
CA LYS LA 99 44.41 -42.70 -76.25
C LYS LA 99 45.13 -43.21 -75.02
N ASP LA 100 46.42 -43.48 -75.16
CA ASP LA 100 47.27 -44.02 -74.10
C ASP LA 100 46.90 -45.46 -73.76
N ASP LA 101 46.28 -46.16 -74.71
CA ASP LA 101 46.04 -47.60 -74.65
C ASP LA 101 45.53 -48.06 -76.02
N GLY LA 102 45.19 -49.35 -76.11
CA GLY LA 102 44.87 -50.02 -77.36
C GLY LA 102 43.52 -49.71 -77.96
N THR LA 103 42.90 -50.69 -78.63
CA THR LA 103 41.71 -50.41 -79.43
C THR LA 103 40.71 -51.56 -79.36
N TYR LA 104 39.51 -51.28 -79.90
CA TYR LA 104 38.43 -52.24 -80.04
C TYR LA 104 37.88 -52.21 -81.47
N LYS LA 105 37.70 -53.42 -82.03
CA LYS LA 105 37.04 -53.62 -83.32
C LYS LA 105 35.74 -54.36 -83.06
N THR LA 106 34.61 -53.80 -83.47
CA THR LA 106 33.32 -54.31 -83.03
C THR LA 106 32.31 -54.28 -84.16
N ARG LA 107 31.82 -55.46 -84.53
CA ARG LA 107 30.80 -55.63 -85.56
C ARG LA 107 29.43 -55.74 -84.89
N ALA LA 108 28.41 -55.15 -85.49
CA ALA LA 108 27.07 -55.20 -84.93
C ALA LA 108 26.04 -55.29 -86.04
N GLU LA 109 25.03 -56.15 -85.84
CA GLU LA 109 23.94 -56.27 -86.79
C GLU LA 109 22.64 -55.93 -86.07
N VAL LA 110 21.94 -54.90 -86.56
CA VAL LA 110 20.73 -54.39 -85.92
C VAL LA 110 19.54 -54.57 -86.85
N LYS LA 111 18.43 -55.04 -86.30
CA LYS LA 111 17.23 -55.35 -87.06
C LYS LA 111 16.04 -55.46 -86.11
N PHE LA 112 14.88 -55.72 -86.69
CA PHE LA 112 13.72 -56.19 -85.94
C PHE LA 112 13.58 -57.69 -86.08
N GLU LA 113 13.25 -58.36 -84.99
CA GLU LA 113 12.97 -59.80 -84.96
C GLU LA 113 11.56 -59.91 -84.43
N GLY LA 114 10.61 -60.21 -85.32
CA GLY LA 114 9.22 -60.07 -84.98
C GLY LA 114 8.89 -58.60 -84.78
N ASP LA 115 8.72 -58.21 -83.52
CA ASP LA 115 8.66 -56.79 -83.14
C ASP LA 115 9.63 -56.47 -82.02
N THR LA 116 10.48 -57.42 -81.63
CA THR LA 116 11.50 -57.21 -80.60
C THR LA 116 12.78 -56.75 -81.28
N LEU LA 117 13.42 -55.72 -80.76
CA LEU LA 117 14.69 -55.29 -81.32
C LEU LA 117 15.82 -56.07 -80.66
N VAL LA 118 16.39 -57.02 -81.40
CA VAL LA 118 17.50 -57.83 -80.92
C VAL LA 118 18.77 -57.36 -81.61
N ASN LA 119 19.82 -57.20 -80.82
CA ASN LA 119 21.06 -56.59 -81.30
C ASN LA 119 22.22 -57.51 -80.98
N ARG LA 120 22.76 -58.14 -82.03
CA ARG LA 120 23.89 -59.07 -81.91
C ARG LA 120 25.18 -58.35 -82.26
N ILE LA 121 26.12 -58.33 -81.31
CA ILE LA 121 27.37 -57.60 -81.45
C ILE LA 121 28.52 -58.52 -81.08
N GLU LA 122 29.59 -58.47 -81.88
CA GLU LA 122 30.81 -59.24 -81.66
C GLU LA 122 31.97 -58.27 -81.54
N LEU LA 123 32.83 -58.49 -80.56
CA LEU LA 123 33.84 -57.52 -80.17
C LEU LA 123 35.21 -58.17 -80.04
N LYS LA 124 36.24 -57.48 -80.52
CA LYS LA 124 37.62 -57.90 -80.40
C LYS LA 124 38.43 -56.71 -79.91
N GLY LA 125 38.83 -56.72 -78.65
CA GLY LA 125 39.60 -55.61 -78.12
C GLY LA 125 41.00 -56.00 -77.73
N ILE LA 126 42.03 -55.35 -78.28
CA ILE LA 126 43.40 -55.79 -78.05
C ILE LA 126 44.29 -54.56 -77.89
N ASP LA 127 45.58 -54.83 -77.67
CA ASP LA 127 46.68 -53.85 -77.70
C ASP LA 127 46.74 -52.99 -76.44
N PHE LA 128 46.32 -53.56 -75.30
CA PHE LA 128 46.28 -52.81 -74.05
C PHE LA 128 47.39 -53.27 -73.10
N LYS LA 129 47.78 -52.39 -72.19
CA LYS LA 129 48.59 -52.78 -71.06
C LYS LA 129 47.66 -53.14 -69.90
N GLU LA 130 47.86 -54.33 -69.34
CA GLU LA 130 46.89 -54.91 -68.41
C GLU LA 130 47.10 -54.48 -66.97
N ASP LA 131 48.08 -53.60 -66.70
CA ASP LA 131 48.19 -52.93 -65.42
C ASP LA 131 48.00 -51.43 -65.56
N GLY LA 132 47.14 -51.01 -66.49
CA GLY LA 132 46.92 -49.60 -66.75
C GLY LA 132 45.77 -49.02 -65.96
N ASN LA 133 45.28 -47.88 -66.44
CA ASN LA 133 44.19 -47.16 -65.79
C ASN LA 133 42.87 -47.27 -66.53
N ILE LA 134 42.89 -47.09 -67.86
CA ILE LA 134 41.68 -47.17 -68.66
C ILE LA 134 40.96 -48.49 -68.40
N LEU LA 135 41.71 -49.58 -68.28
CA LEU LA 135 41.11 -50.88 -67.99
C LEU LA 135 41.29 -51.31 -66.55
N GLY LA 136 42.33 -50.83 -65.86
CA GLY LA 136 42.65 -51.30 -64.54
C GLY LA 136 41.82 -50.72 -63.43
N HIS LA 137 40.62 -50.22 -63.76
CA HIS LA 137 39.66 -49.69 -62.79
C HIS LA 137 40.28 -48.54 -61.99
N LYS LA 138 40.68 -47.50 -62.72
CA LYS LA 138 41.09 -46.24 -62.13
C LYS LA 138 40.15 -45.10 -62.52
N LEU LA 139 39.35 -45.28 -63.56
CA LEU LA 139 38.49 -44.24 -64.10
C LEU LA 139 37.22 -44.14 -63.26
N GLU LA 140 36.54 -43.00 -63.37
CA GLU LA 140 35.43 -42.68 -62.48
C GLU LA 140 34.11 -43.19 -63.05
N TYR LA 141 33.26 -43.70 -62.16
CA TYR LA 141 31.93 -44.21 -62.51
C TYR LA 141 31.00 -43.01 -62.68
N ASN LA 142 30.96 -42.49 -63.91
CA ASN LA 142 30.13 -41.35 -64.26
C ASN LA 142 29.88 -41.37 -65.76
N PHE LA 143 29.40 -40.24 -66.26
CA PHE LA 143 29.19 -40.07 -67.69
C PHE LA 143 28.97 -38.58 -67.96
N ASN LA 144 29.00 -38.20 -69.23
CA ASN LA 144 28.85 -36.81 -69.65
C ASN LA 144 28.05 -36.74 -70.95
N SER LA 145 27.62 -35.53 -71.29
CA SER LA 145 26.84 -35.30 -72.50
C SER LA 145 27.75 -35.29 -73.72
N HIS LA 146 27.31 -35.95 -74.79
CA HIS LA 146 28.17 -36.12 -75.94
C HIS LA 146 27.40 -35.87 -77.23
N ASN LA 147 28.15 -35.85 -78.34
CA ASN LA 147 27.61 -35.61 -79.66
C ASN LA 147 28.21 -36.59 -80.65
N VAL LA 148 27.45 -36.91 -81.70
CA VAL LA 148 27.86 -37.80 -82.77
C VAL LA 148 27.72 -37.03 -84.08
N TYR LA 149 28.72 -37.13 -84.96
CA TYR LA 149 28.63 -36.55 -86.28
C TYR LA 149 28.32 -37.65 -87.29
N ILE LA 150 27.20 -37.53 -87.99
CA ILE LA 150 26.83 -38.47 -89.03
C ILE LA 150 27.00 -37.80 -90.39
N THR LA 151 27.63 -38.52 -91.31
CA THR LA 151 27.96 -38.03 -92.64
C THR LA 151 27.46 -39.02 -93.68
N ALA LA 152 26.87 -38.49 -94.75
CA ALA LA 152 26.44 -39.33 -95.85
C ALA LA 152 27.64 -40.02 -96.49
N ASP LA 153 27.42 -41.22 -97.01
CA ASP LA 153 28.49 -42.02 -97.62
C ASP LA 153 27.88 -42.73 -98.82
N LYS LA 154 27.95 -42.09 -99.99
CA LYS LA 154 27.38 -42.68 -101.19
C LYS LA 154 28.15 -43.90 -101.66
N GLN LA 155 29.42 -44.03 -101.26
CA GLN LA 155 30.21 -45.20 -101.62
C GLN LA 155 29.58 -46.47 -101.06
N LYS LA 156 29.10 -46.42 -99.82
CA LYS LA 156 28.34 -47.51 -99.24
C LYS LA 156 26.87 -47.21 -99.19
N ASN LA 157 26.41 -46.20 -99.94
CA ASN LA 157 25.03 -45.69 -99.98
C ASN LA 157 24.39 -45.69 -98.58
N GLY LA 158 25.22 -45.45 -97.57
CA GLY LA 158 24.80 -45.42 -96.19
C GLY LA 158 25.43 -44.23 -95.50
N ILE LA 159 26.01 -44.42 -94.31
CA ILE LA 159 26.63 -43.30 -93.62
C ILE LA 159 27.88 -43.73 -92.88
N LYS LA 160 28.68 -42.75 -92.50
CA LYS LA 160 29.74 -42.90 -91.52
C LYS LA 160 29.37 -42.09 -90.28
N ALA LA 161 29.76 -42.60 -89.12
CA ALA LA 161 29.53 -41.89 -87.86
C ALA LA 161 30.84 -41.78 -87.12
N ASN LA 162 31.22 -40.54 -86.79
CA ASN LA 162 32.45 -40.26 -86.08
C ASN LA 162 32.13 -39.42 -84.86
N PHE LA 163 32.82 -39.73 -83.76
CA PHE LA 163 32.61 -38.94 -82.54
C PHE LA 163 33.75 -39.19 -81.58
N LYS LA 164 33.79 -38.39 -80.52
CA LYS LA 164 34.87 -38.45 -79.54
C LYS LA 164 34.25 -38.41 -78.16
N ILE LA 165 34.67 -39.34 -77.30
CA ILE LA 165 34.15 -39.44 -75.94
C ILE LA 165 35.27 -39.13 -74.96
N ARG LA 166 34.93 -38.41 -73.90
CA ARG LA 166 35.89 -38.05 -72.86
C ARG LA 166 35.41 -38.66 -71.54
N HIS LA 167 36.17 -39.61 -71.03
CA HIS LA 167 35.88 -40.24 -69.76
C HIS LA 167 36.83 -39.71 -68.70
N ASN LA 168 36.27 -39.00 -67.71
CA ASN LA 168 37.10 -38.43 -66.66
C ASN LA 168 37.56 -39.51 -65.69
N VAL LA 169 38.80 -39.38 -65.23
CA VAL LA 169 39.39 -40.32 -64.29
C VAL LA 169 39.22 -39.74 -62.88
N GLU LA 170 39.33 -40.61 -61.88
CA GLU LA 170 39.07 -40.19 -60.50
C GLU LA 170 40.06 -39.13 -60.03
N ASP LA 171 41.07 -38.81 -60.85
CA ASP LA 171 42.05 -37.79 -60.50
C ASP LA 171 42.09 -36.66 -61.54
N GLY LA 172 40.93 -36.26 -62.05
CA GLY LA 172 40.82 -35.11 -62.93
C GLY LA 172 41.18 -35.37 -64.38
N SER LA 173 42.10 -36.29 -64.64
CA SER LA 173 42.51 -36.55 -66.01
C SER LA 173 41.37 -37.20 -66.80
N VAL LA 174 41.47 -37.12 -68.12
CA VAL LA 174 40.43 -37.58 -69.02
C VAL LA 174 41.05 -38.50 -70.06
N GLN LA 175 40.24 -39.41 -70.58
CA GLN LA 175 40.63 -40.29 -71.67
C GLN LA 175 39.72 -39.99 -72.86
N LEU LA 176 40.32 -39.71 -74.01
CA LEU LA 176 39.57 -39.34 -75.21
C LEU LA 176 39.58 -40.50 -76.21
N ALA LA 177 38.49 -41.25 -76.23
CA ALA LA 177 38.32 -42.37 -77.16
C ALA LA 177 37.64 -41.85 -78.43
N ASP LA 178 38.29 -42.06 -79.57
CA ASP LA 178 37.74 -41.66 -80.85
C ASP LA 178 37.04 -42.86 -81.50
N HIS LA 179 35.81 -42.65 -81.94
CA HIS LA 179 34.98 -43.72 -82.47
C HIS LA 179 34.64 -43.44 -83.92
N TYR LA 180 34.90 -44.44 -84.77
CA TYR LA 180 34.44 -44.48 -86.15
C TYR LA 180 33.46 -45.62 -86.30
N GLN LA 181 32.52 -45.49 -87.24
CA GLN LA 181 31.70 -46.64 -87.60
C GLN LA 181 31.09 -46.43 -88.97
N GLN LA 182 30.98 -47.52 -89.73
CA GLN LA 182 30.34 -47.56 -91.03
C GLN LA 182 28.96 -48.19 -90.87
N ASN LA 183 27.92 -47.49 -91.33
CA ASN LA 183 26.54 -47.95 -91.26
C ASN LA 183 26.03 -48.22 -92.66
N THR LA 184 25.62 -49.47 -92.91
CA THR LA 184 25.17 -49.89 -94.23
C THR LA 184 23.92 -50.75 -94.13
N PRO LA 185 22.92 -50.52 -94.97
CA PRO LA 185 21.71 -51.33 -94.91
C PRO LA 185 21.86 -52.63 -95.68
N ILE LA 186 21.12 -53.64 -95.24
CA ILE LA 186 21.22 -54.96 -95.86
C ILE LA 186 20.54 -55.00 -97.23
N GLY LA 187 19.48 -54.23 -97.43
CA GLY LA 187 18.75 -54.28 -98.68
C GLY LA 187 19.18 -53.20 -99.65
N ASP LA 188 18.92 -53.46 -100.93
CA ASP LA 188 19.26 -52.56 -102.02
C ASP LA 188 18.23 -51.45 -102.22
N GLY LA 189 17.21 -51.38 -101.37
CA GLY LA 189 16.16 -50.41 -101.51
C GLY LA 189 16.63 -48.97 -101.35
N PRO LA 190 15.73 -48.02 -101.60
CA PRO LA 190 16.09 -46.61 -101.43
C PRO LA 190 16.03 -46.18 -99.98
N VAL LA 191 17.18 -45.77 -99.45
CA VAL LA 191 17.31 -45.30 -98.08
C VAL LA 191 17.55 -43.81 -98.11
N LEU LA 192 16.86 -43.11 -97.22
CA LEU LA 192 16.87 -41.64 -97.17
C LEU LA 192 18.28 -41.18 -96.82
N LEU LA 193 18.78 -40.18 -97.54
CA LEU LA 193 20.17 -39.79 -97.43
C LEU LA 193 20.31 -38.55 -96.55
N PRO LA 194 20.90 -38.66 -95.36
CA PRO LA 194 21.11 -37.49 -94.52
C PRO LA 194 22.44 -36.81 -94.80
N ASP LA 195 22.37 -35.49 -94.93
CA ASP LA 195 23.60 -34.71 -94.97
C ASP LA 195 24.26 -34.75 -93.59
N ASN LA 196 25.53 -34.33 -93.55
CA ASN LA 196 26.30 -34.38 -92.31
C ASN LA 196 25.66 -33.46 -91.28
N HIS LA 197 25.31 -34.02 -90.12
CA HIS LA 197 24.84 -33.20 -89.01
C HIS LA 197 25.17 -33.93 -87.71
N TYR LA 198 24.63 -33.44 -86.59
CA TYR LA 198 25.07 -33.91 -85.29
C TYR LA 198 23.90 -34.51 -84.53
N LEU LA 199 24.24 -35.12 -83.40
CA LEU LA 199 23.29 -35.84 -82.57
C LEU LA 199 23.74 -35.79 -81.12
N SER LA 200 22.94 -35.15 -80.28
CA SER LA 200 23.25 -34.98 -78.86
C SER LA 200 22.69 -36.16 -78.08
N THR LA 201 23.41 -36.52 -77.01
CA THR LA 201 23.11 -37.71 -76.22
C THR LA 201 23.43 -37.45 -74.77
N GLN LA 202 22.51 -37.85 -73.89
CA GLN LA 202 22.71 -37.80 -72.45
C GLN LA 202 22.30 -39.14 -71.87
N SER LA 203 22.91 -39.52 -70.75
CA SER LA 203 22.56 -40.77 -70.10
C SER LA 203 22.94 -40.73 -68.63
N ALA LA 204 22.43 -41.71 -67.89
CA ALA LA 204 22.64 -41.80 -66.46
C ALA LA 204 22.72 -43.28 -66.06
N LEU LA 205 23.66 -43.56 -65.16
CA LEU LA 205 24.03 -44.90 -64.73
C LEU LA 205 23.71 -45.07 -63.27
N SER LA 206 23.22 -46.25 -62.90
CA SER LA 206 22.83 -46.53 -61.53
C SER LA 206 22.81 -48.04 -61.30
N LYS LA 207 22.43 -48.42 -60.09
CA LYS LA 207 22.43 -49.80 -59.63
C LYS LA 207 21.04 -50.20 -59.16
N ASP LA 208 20.74 -51.48 -59.27
CA ASP LA 208 19.61 -52.04 -58.53
C ASP LA 208 20.07 -52.34 -57.10
N PRO LA 209 19.24 -52.06 -56.09
CA PRO LA 209 19.72 -52.21 -54.71
C PRO LA 209 19.77 -53.65 -54.24
N ASN LA 210 19.02 -54.56 -54.87
CA ASN LA 210 18.86 -55.92 -54.38
C ASN LA 210 19.20 -56.99 -55.42
N GLU LA 211 20.20 -56.76 -56.25
CA GLU LA 211 20.69 -57.77 -57.20
C GLU LA 211 22.14 -58.10 -56.90
N LYS LA 212 22.43 -59.39 -56.74
CA LYS LA 212 23.74 -59.82 -56.28
C LYS LA 212 24.72 -60.07 -57.41
N ARG LA 213 24.26 -60.05 -58.66
CA ARG LA 213 25.18 -60.18 -59.79
C ARG LA 213 25.87 -58.85 -60.08
N ASP LA 214 26.60 -58.82 -61.18
CA ASP LA 214 27.09 -57.54 -61.69
C ASP LA 214 26.05 -56.91 -62.62
N HIS LA 215 25.53 -55.75 -62.21
CA HIS LA 215 24.45 -55.11 -62.95
C HIS LA 215 24.86 -53.68 -63.27
N MET LA 216 24.20 -53.12 -64.28
CA MET LA 216 24.41 -51.73 -64.65
C MET LA 216 23.13 -51.22 -65.29
N VAL LA 217 22.41 -50.36 -64.59
CA VAL LA 217 21.15 -49.81 -65.05
C VAL LA 217 21.45 -48.46 -65.69
N LEU LA 218 20.80 -48.17 -66.83
CA LEU LA 218 21.12 -46.95 -67.56
C LEU LA 218 19.90 -46.44 -68.32
N LEU LA 219 19.60 -45.16 -68.15
CA LEU LA 219 18.54 -44.51 -68.91
C LEU LA 219 19.13 -43.34 -69.67
N GLU LA 220 18.59 -43.05 -70.85
CA GLU LA 220 19.28 -42.16 -71.77
C GLU LA 220 18.32 -41.50 -72.75
N PHE LA 221 18.66 -40.27 -73.13
CA PHE LA 221 17.90 -39.46 -74.07
C PHE LA 221 18.81 -39.07 -75.21
N VAL LA 222 18.36 -39.34 -76.44
CA VAL LA 222 19.18 -39.15 -77.63
C VAL LA 222 18.35 -38.46 -78.69
N THR LA 223 18.89 -37.39 -79.27
CA THR LA 223 18.14 -36.69 -80.32
C THR LA 223 19.11 -35.91 -81.18
N ALA LA 224 18.76 -35.78 -82.46
CA ALA LA 224 19.66 -35.25 -83.47
C ALA LA 224 19.22 -33.86 -83.93
N ALA LA 225 20.14 -33.19 -84.62
CA ALA LA 225 19.89 -31.88 -85.22
C ALA LA 225 21.04 -31.58 -86.18
N GLY LA 226 21.07 -30.35 -86.67
CA GLY LA 226 22.13 -29.88 -87.54
C GLY LA 226 21.67 -28.98 -88.66
N ILE LA 227 20.39 -28.99 -88.98
CA ILE LA 227 19.84 -28.14 -90.02
C ILE LA 227 19.15 -26.96 -89.37
N THR LA 228 19.46 -25.75 -89.85
CA THR LA 228 18.78 -24.56 -89.35
C THR LA 228 17.58 -24.28 -90.24
N HIS LA 229 16.50 -25.03 -90.02
CA HIS LA 229 15.32 -24.96 -90.86
C HIS LA 229 14.37 -23.86 -90.38
N HIS LA 230 13.39 -23.55 -91.22
CA HIS LA 230 12.47 -22.46 -90.98
C HIS LA 230 11.62 -22.68 -89.74
N GLY MA 54 40.39 -73.87 -2.99
CA GLY MA 54 40.77 -72.99 -4.09
C GLY MA 54 40.26 -73.46 -5.43
N LYS MA 55 40.36 -74.77 -5.67
CA LYS MA 55 39.89 -75.40 -6.90
C LYS MA 55 39.24 -76.75 -6.67
N GLU MA 56 39.49 -77.39 -5.53
CA GLU MA 56 39.01 -78.74 -5.27
C GLU MA 56 37.51 -78.82 -5.00
N LEU MA 57 36.81 -77.69 -4.98
CA LEU MA 57 35.36 -77.73 -4.73
C LEU MA 57 34.58 -78.03 -6.00
N LEU MA 58 35.13 -77.67 -7.15
CA LEU MA 58 34.34 -77.74 -8.38
C LEU MA 58 34.06 -79.19 -8.79
N GLU MA 59 35.03 -80.09 -8.61
CA GLU MA 59 34.80 -81.47 -8.98
C GLU MA 59 33.78 -82.12 -8.06
N ALA MA 60 33.73 -81.67 -6.80
CA ALA MA 60 32.71 -82.18 -5.88
C ALA MA 60 31.34 -81.64 -6.22
N ALA MA 61 31.27 -80.39 -6.71
CA ALA MA 61 30.01 -79.88 -7.23
C ALA MA 61 29.56 -80.66 -8.46
N ARG MA 62 30.50 -80.99 -9.33
CA ARG MA 62 30.18 -81.71 -10.55
C ARG MA 62 29.71 -83.13 -10.24
N ALA MA 63 30.37 -83.82 -9.31
CA ALA MA 63 29.96 -85.16 -8.93
C ALA MA 63 28.69 -85.17 -8.07
N GLY MA 64 28.17 -84.00 -7.70
CA GLY MA 64 27.02 -83.94 -6.84
C GLY MA 64 27.31 -84.21 -5.38
N GLN MA 65 28.56 -84.06 -4.96
CA GLN MA 65 28.95 -84.30 -3.56
C GLN MA 65 28.52 -83.11 -2.72
N ASP MA 66 27.23 -83.06 -2.41
CA ASP MA 66 26.68 -81.93 -1.66
C ASP MA 66 27.32 -81.82 -0.28
N ASP MA 67 27.56 -82.95 0.38
CA ASP MA 67 28.17 -82.92 1.70
C ASP MA 67 29.63 -82.50 1.63
N GLU MA 68 30.33 -82.90 0.57
CA GLU MA 68 31.73 -82.50 0.46
C GLU MA 68 31.86 -81.00 0.23
N VAL MA 69 31.09 -80.44 -0.71
CA VAL MA 69 31.14 -79.00 -0.92
C VAL MA 69 30.63 -78.26 0.32
N ALA MA 70 29.72 -78.88 1.06
CA ALA MA 70 29.29 -78.29 2.33
C ALA MA 70 30.47 -78.15 3.30
N VAL MA 71 31.14 -79.26 3.59
CA VAL MA 71 32.19 -79.23 4.61
C VAL MA 71 33.39 -78.43 4.12
N LEU MA 72 33.59 -78.36 2.80
CA LEU MA 72 34.74 -77.64 2.27
C LEU MA 72 34.46 -76.15 2.09
N MET MA 73 33.19 -75.76 1.98
CA MET MA 73 32.84 -74.35 1.97
C MET MA 73 32.67 -73.79 3.38
N ALA MA 74 32.31 -74.64 4.34
CA ALA MA 74 32.38 -74.23 5.74
C ALA MA 74 33.76 -73.71 6.07
N ARG MA 75 34.78 -74.48 5.74
CA ARG MA 75 36.15 -73.96 5.73
C ARG MA 75 36.31 -72.96 4.60
N GLY MA 76 37.05 -71.90 4.87
CA GLY MA 76 37.25 -70.83 3.91
C GLY MA 76 37.70 -71.30 2.54
N ALA MA 77 36.81 -71.17 1.54
CA ALA MA 77 37.09 -71.65 0.20
C ALA MA 77 36.61 -70.62 -0.80
N GLU MA 78 37.11 -70.74 -2.04
CA GLU MA 78 36.72 -69.82 -3.10
C GLU MA 78 35.31 -70.13 -3.58
N VAL MA 79 34.39 -69.19 -3.37
CA VAL MA 79 33.03 -69.39 -3.85
C VAL MA 79 32.86 -68.92 -5.30
N ASN MA 80 33.39 -67.76 -5.66
CA ASN MA 80 33.28 -67.23 -7.02
C ASN MA 80 34.47 -67.65 -7.87
N ALA MA 81 34.73 -68.94 -7.93
CA ALA MA 81 35.88 -69.47 -8.64
C ALA MA 81 35.66 -69.39 -10.15
N ALA MA 82 36.63 -68.75 -10.82
CA ALA MA 82 36.70 -68.75 -12.27
C ALA MA 82 37.70 -69.82 -12.68
N ASP MA 83 37.28 -70.70 -13.59
CA ASP MA 83 38.04 -71.90 -13.88
C ASP MA 83 38.66 -71.83 -15.27
N ASP MA 84 39.23 -72.96 -15.68
CA ASP MA 84 40.02 -73.08 -16.90
C ASP MA 84 39.25 -72.67 -18.17
N VAL MA 85 37.92 -72.63 -18.13
CA VAL MA 85 37.17 -72.14 -19.27
C VAL MA 85 36.13 -71.15 -18.77
N GLY MA 86 36.15 -70.87 -17.46
CA GLY MA 86 35.28 -69.84 -16.91
C GLY MA 86 34.00 -70.40 -16.33
N VAL MA 87 34.03 -71.66 -15.93
CA VAL MA 87 32.85 -72.37 -15.43
C VAL MA 87 32.93 -72.31 -13.91
N THR MA 88 32.03 -71.54 -13.31
CA THR MA 88 31.97 -71.45 -11.86
C THR MA 88 31.22 -72.67 -11.32
N PRO MA 89 31.53 -73.10 -10.08
CA PRO MA 89 30.75 -74.18 -9.47
C PRO MA 89 29.24 -74.03 -9.59
N LEU MA 90 28.73 -72.81 -9.68
CA LEU MA 90 27.29 -72.63 -9.86
C LEU MA 90 26.84 -73.11 -11.23
N HIS MA 91 27.65 -72.87 -12.27
CA HIS MA 91 27.30 -73.34 -13.61
C HIS MA 91 27.17 -74.86 -13.64
N LEU MA 92 28.17 -75.57 -13.12
CA LEU MA 92 28.15 -77.03 -13.07
C LEU MA 92 27.11 -77.57 -12.11
N ALA MA 93 26.77 -76.81 -11.07
CA ALA MA 93 25.70 -77.20 -10.17
C ALA MA 93 24.33 -77.01 -10.78
N ALA MA 94 24.22 -76.15 -11.78
CA ALA MA 94 22.98 -75.96 -12.52
C ALA MA 94 22.82 -76.91 -13.69
N GLN MA 95 23.91 -77.22 -14.40
CA GLN MA 95 23.85 -78.20 -15.49
C GLN MA 95 23.25 -79.51 -15.00
N ARG MA 96 23.89 -80.13 -14.02
CA ARG MA 96 23.29 -81.25 -13.33
C ARG MA 96 22.23 -80.73 -12.36
N GLY MA 97 21.25 -81.58 -12.07
CA GLY MA 97 20.19 -81.13 -11.18
C GLY MA 97 20.53 -81.33 -9.72
N HIS MA 98 21.03 -80.29 -9.09
CA HIS MA 98 21.50 -80.36 -7.70
C HIS MA 98 21.06 -79.08 -6.99
N LEU MA 99 19.89 -79.12 -6.36
CA LEU MA 99 19.34 -77.95 -5.70
C LEU MA 99 20.10 -77.59 -4.42
N ALA MA 100 20.51 -78.59 -3.65
CA ALA MA 100 21.20 -78.33 -2.39
C ALA MA 100 22.50 -77.57 -2.62
N ILE MA 101 23.22 -77.94 -3.68
CA ILE MA 101 24.52 -77.31 -3.94
C ILE MA 101 24.32 -75.85 -4.35
N VAL MA 102 23.34 -75.56 -5.19
CA VAL MA 102 23.14 -74.17 -5.59
C VAL MA 102 22.60 -73.35 -4.42
N SER MA 103 21.85 -73.98 -3.52
CA SER MA 103 21.39 -73.25 -2.34
C SER MA 103 22.56 -72.88 -1.43
N VAL MA 104 23.41 -73.86 -1.12
CA VAL MA 104 24.54 -73.59 -0.23
C VAL MA 104 25.59 -72.73 -0.91
N LEU MA 105 25.55 -72.64 -2.24
CA LEU MA 105 26.46 -71.73 -2.93
C LEU MA 105 25.92 -70.31 -2.96
N LEU MA 106 24.62 -70.14 -3.20
CA LEU MA 106 24.02 -68.82 -3.11
C LEU MA 106 24.15 -68.23 -1.73
N ALA MA 107 23.89 -69.04 -0.69
CA ALA MA 107 24.00 -68.53 0.68
C ALA MA 107 25.41 -68.03 0.98
N PHE MA 108 26.42 -68.66 0.39
CA PHE MA 108 27.80 -68.27 0.63
C PHE MA 108 28.29 -67.17 -0.31
N GLY MA 109 27.43 -66.57 -1.10
CA GLY MA 109 27.82 -65.42 -1.87
C GLY MA 109 28.29 -65.70 -3.28
N ALA MA 110 27.52 -66.49 -4.02
CA ALA MA 110 27.82 -66.70 -5.43
C ALA MA 110 27.11 -65.65 -6.28
N SER MA 111 27.60 -65.49 -7.51
CA SER MA 111 26.99 -64.54 -8.44
C SER MA 111 26.09 -65.30 -9.40
N VAL MA 112 24.81 -64.92 -9.45
CA VAL MA 112 23.88 -65.56 -10.37
C VAL MA 112 24.15 -65.17 -11.81
N ASN MA 113 24.69 -63.98 -12.07
CA ASN MA 113 25.06 -63.56 -13.41
C ASN MA 113 26.57 -63.68 -13.55
N ALA MA 114 27.03 -64.79 -14.11
CA ALA MA 114 28.45 -65.08 -14.22
C ALA MA 114 28.80 -65.35 -15.67
N ALA MA 115 29.43 -64.36 -16.29
CA ALA MA 115 29.63 -64.35 -17.74
C ALA MA 115 30.64 -65.44 -18.11
N ASP MA 116 30.14 -66.60 -18.50
CA ASP MA 116 30.97 -67.69 -18.97
C ASP MA 116 31.75 -67.25 -20.21
N LEU MA 117 32.82 -68.00 -20.51
CA LEU MA 117 33.63 -67.70 -21.68
C LEU MA 117 32.83 -67.85 -22.97
N TRP MA 118 31.74 -68.61 -22.94
CA TRP MA 118 30.86 -68.75 -24.09
C TRP MA 118 29.67 -67.81 -24.05
N GLY MA 119 29.47 -67.09 -22.95
CA GLY MA 119 28.34 -66.20 -22.82
C GLY MA 119 27.18 -66.78 -22.04
N GLN MA 120 27.34 -67.94 -21.42
CA GLN MA 120 26.25 -68.55 -20.68
C GLN MA 120 26.25 -68.08 -19.24
N THR MA 121 25.16 -68.41 -18.55
CA THR MA 121 24.82 -68.01 -17.20
C THR MA 121 24.12 -69.23 -16.61
N PRO MA 122 24.17 -69.46 -15.29
CA PRO MA 122 23.48 -70.63 -14.73
C PRO MA 122 22.02 -70.72 -15.13
N LEU MA 123 21.35 -69.59 -15.37
CA LEU MA 123 19.97 -69.63 -15.83
C LEU MA 123 19.86 -70.24 -17.22
N HIS MA 124 20.83 -69.95 -18.10
CA HIS MA 124 20.82 -70.54 -19.43
C HIS MA 124 20.88 -72.06 -19.36
N LEU MA 125 21.90 -72.59 -18.70
CA LEU MA 125 22.06 -74.03 -18.58
C LEU MA 125 20.94 -74.69 -17.81
N ALA MA 126 20.41 -74.03 -16.78
CA ALA MA 126 19.30 -74.60 -16.01
C ALA MA 126 18.01 -74.64 -16.81
N ALA MA 127 17.73 -73.60 -17.60
CA ALA MA 127 16.55 -73.63 -18.45
C ALA MA 127 16.71 -74.64 -19.57
N THR MA 128 17.93 -74.83 -20.08
CA THR MA 128 18.14 -75.84 -21.10
C THR MA 128 17.99 -77.25 -20.54
N ALA MA 129 18.49 -77.49 -19.33
CA ALA MA 129 18.44 -78.83 -18.76
C ALA MA 129 17.00 -79.28 -18.52
N GLY MA 130 16.27 -78.56 -17.67
CA GLY MA 130 14.88 -78.89 -17.43
C GLY MA 130 14.49 -78.95 -15.96
N HIS MA 131 15.37 -78.47 -15.09
CA HIS MA 131 15.10 -78.52 -13.66
C HIS MA 131 14.39 -77.24 -13.22
N LEU MA 132 13.16 -77.39 -12.75
CA LEU MA 132 12.33 -76.23 -12.46
C LEU MA 132 12.72 -75.56 -11.16
N GLU MA 133 13.01 -76.34 -10.12
CA GLU MA 133 13.34 -75.79 -8.82
C GLU MA 133 14.57 -74.89 -8.86
N ILE MA 134 15.59 -75.29 -9.63
CA ILE MA 134 16.76 -74.44 -9.77
C ILE MA 134 16.41 -73.14 -10.48
N VAL MA 135 15.56 -73.22 -11.51
CA VAL MA 135 15.12 -72.02 -12.20
C VAL MA 135 14.41 -71.07 -11.24
N GLU MA 136 13.54 -71.60 -10.39
CA GLU MA 136 12.83 -70.75 -9.43
C GLU MA 136 13.80 -70.11 -8.45
N VAL MA 137 14.68 -70.89 -7.85
CA VAL MA 137 15.55 -70.34 -6.82
C VAL MA 137 16.57 -69.37 -7.43
N LEU MA 138 16.83 -69.50 -8.73
CA LEU MA 138 17.71 -68.53 -9.38
C LEU MA 138 16.96 -67.26 -9.73
N LEU MA 139 15.72 -67.38 -10.18
CA LEU MA 139 14.93 -66.21 -10.51
C LEU MA 139 14.62 -65.37 -9.27
N ARG MA 140 14.42 -66.04 -8.13
CA ARG MA 140 14.18 -65.30 -6.90
C ARG MA 140 15.45 -64.64 -6.36
N SER MA 141 16.63 -65.08 -6.79
CA SER MA 141 17.88 -64.56 -6.29
C SER MA 141 18.44 -63.42 -7.14
N GLY MA 142 17.81 -63.10 -8.27
CA GLY MA 142 18.25 -62.01 -9.10
C GLY MA 142 18.81 -62.38 -10.45
N ALA MA 143 18.48 -63.54 -11.00
CA ALA MA 143 18.94 -63.88 -12.33
C ALA MA 143 18.20 -63.03 -13.37
N SER MA 144 18.93 -62.63 -14.40
CA SER MA 144 18.40 -61.77 -15.44
C SER MA 144 17.81 -62.60 -16.57
N VAL MA 145 16.49 -62.50 -16.74
CA VAL MA 145 15.76 -63.28 -17.73
C VAL MA 145 16.10 -62.90 -19.16
N ASN MA 146 16.76 -61.77 -19.39
CA ASN MA 146 17.03 -61.29 -20.73
C ASN MA 146 18.52 -61.11 -20.96
N ALA MA 147 19.31 -62.08 -20.53
CA ALA MA 147 20.74 -62.10 -20.84
C ALA MA 147 20.96 -62.89 -22.12
N ARG MA 148 21.98 -62.51 -22.87
CA ARG MA 148 22.20 -63.05 -24.21
C ARG MA 148 23.43 -63.94 -24.24
N ASP MA 149 23.41 -64.89 -25.16
CA ASP MA 149 24.59 -65.68 -25.55
C ASP MA 149 25.40 -64.91 -26.58
N ASN MA 150 26.33 -65.63 -27.23
CA ASN MA 150 26.95 -65.08 -28.42
C ASN MA 150 26.02 -65.21 -29.62
N ILE MA 151 25.35 -66.35 -29.76
CA ILE MA 151 24.29 -66.45 -30.76
C ILE MA 151 23.18 -65.44 -30.50
N GLY MA 152 23.00 -65.01 -29.24
CA GLY MA 152 21.94 -64.09 -28.88
C GLY MA 152 20.78 -64.73 -28.17
N HIS MA 153 20.85 -66.02 -27.84
CA HIS MA 153 19.73 -66.69 -27.22
C HIS MA 153 19.48 -66.16 -25.81
N THR MA 154 18.20 -66.04 -25.46
CA THR MA 154 17.77 -65.75 -24.11
C THR MA 154 17.24 -67.01 -23.46
N PRO MA 155 17.16 -67.06 -22.12
CA PRO MA 155 16.70 -68.30 -21.48
C PRO MA 155 15.38 -68.81 -22.01
N LEU MA 156 14.53 -67.94 -22.57
CA LEU MA 156 13.26 -68.41 -23.12
C LEU MA 156 13.47 -69.10 -24.46
N HIS MA 157 14.44 -68.63 -25.26
CA HIS MA 157 14.82 -69.36 -26.47
C HIS MA 157 15.12 -70.81 -26.15
N LEU MA 158 15.95 -71.05 -25.13
CA LEU MA 158 16.32 -72.40 -24.77
C LEU MA 158 15.17 -73.17 -24.14
N ALA MA 159 14.36 -72.49 -23.32
CA ALA MA 159 13.19 -73.15 -22.75
C ALA MA 159 12.23 -73.60 -23.83
N ALA MA 160 12.11 -72.85 -24.92
CA ALA MA 160 11.23 -73.23 -26.03
C ALA MA 160 11.85 -74.31 -26.91
N TRP MA 161 13.15 -74.23 -27.17
CA TRP MA 161 13.81 -75.28 -27.93
C TRP MA 161 13.72 -76.63 -27.21
N ALA MA 162 14.09 -76.66 -25.92
CA ALA MA 162 14.14 -77.93 -25.21
C ALA MA 162 12.76 -78.54 -25.04
N GLY MA 163 11.72 -77.71 -24.94
CA GLY MA 163 10.38 -78.20 -24.76
C GLY MA 163 9.88 -78.27 -23.33
N HIS MA 164 10.25 -77.33 -22.49
CA HIS MA 164 9.90 -77.35 -21.07
C HIS MA 164 8.77 -76.36 -20.81
N LEU MA 165 7.55 -76.86 -20.62
CA LEU MA 165 6.39 -76.00 -20.54
C LEU MA 165 6.38 -75.19 -19.24
N GLU MA 166 6.58 -75.86 -18.11
CA GLU MA 166 6.51 -75.19 -16.81
C GLU MA 166 7.60 -74.14 -16.68
N ILE MA 167 8.79 -74.42 -17.23
CA ILE MA 167 9.87 -73.44 -17.21
C ILE MA 167 9.50 -72.25 -18.10
N VAL MA 168 8.84 -72.52 -19.22
CA VAL MA 168 8.37 -71.41 -20.06
C VAL MA 168 7.39 -70.54 -19.30
N GLU MA 169 6.50 -71.15 -18.53
CA GLU MA 169 5.57 -70.37 -17.73
C GLU MA 169 6.26 -69.52 -16.70
N VAL MA 170 7.17 -70.10 -15.92
CA VAL MA 170 7.81 -69.32 -14.87
C VAL MA 170 8.70 -68.23 -15.47
N LEU MA 171 9.26 -68.47 -16.65
CA LEU MA 171 10.04 -67.43 -17.30
C LEU MA 171 9.18 -66.32 -17.85
N LEU MA 172 7.96 -66.64 -18.30
CA LEU MA 172 7.05 -65.60 -18.77
C LEU MA 172 6.49 -64.77 -17.63
N ALA MA 173 6.31 -65.37 -16.46
CA ALA MA 173 5.87 -64.63 -15.28
C ALA MA 173 6.90 -63.61 -14.79
N TYR MA 174 8.18 -63.83 -15.06
CA TYR MA 174 9.25 -62.99 -14.52
C TYR MA 174 9.74 -61.94 -15.50
N GLY MA 175 9.10 -61.82 -16.66
CA GLY MA 175 9.39 -60.72 -17.56
C GLY MA 175 10.14 -61.07 -18.82
N ALA MA 176 10.24 -62.35 -19.17
CA ALA MA 176 10.78 -62.71 -20.47
C ALA MA 176 9.83 -62.27 -21.57
N ASP MA 177 10.39 -61.65 -22.61
CA ASP MA 177 9.60 -61.12 -23.72
C ASP MA 177 9.47 -62.17 -24.81
N VAL MA 178 8.32 -62.19 -25.47
CA VAL MA 178 8.05 -63.28 -26.41
C VAL MA 178 8.65 -63.01 -27.78
N PHE MA 179 8.63 -61.76 -28.25
CA PHE MA 179 9.27 -61.47 -29.54
C PHE MA 179 10.65 -60.85 -29.36
N ALA MA 180 11.59 -61.64 -28.87
CA ALA MA 180 13.00 -61.28 -28.88
C ALA MA 180 13.71 -62.16 -29.89
N GLN MA 181 14.73 -61.61 -30.53
CA GLN MA 181 15.40 -62.34 -31.60
C GLN MA 181 16.84 -62.67 -31.20
N ASP MA 182 17.41 -63.64 -31.90
CA ASP MA 182 18.84 -63.95 -31.83
C ASP MA 182 19.52 -63.34 -33.05
N LYS MA 183 20.83 -63.55 -33.17
CA LYS MA 183 21.55 -63.01 -34.31
C LYS MA 183 20.98 -63.49 -35.63
N PHE MA 184 20.50 -64.72 -35.70
CA PHE MA 184 19.99 -65.26 -36.94
C PHE MA 184 18.53 -64.91 -37.19
N GLY MA 185 17.90 -64.17 -36.30
CA GLY MA 185 16.59 -63.58 -36.56
C GLY MA 185 15.39 -64.33 -36.03
N LYS MA 186 15.57 -65.36 -35.22
CA LYS MA 186 14.46 -66.18 -34.77
C LYS MA 186 13.99 -65.78 -33.38
N THR MA 187 12.69 -65.91 -33.17
CA THR MA 187 12.01 -65.71 -31.90
C THR MA 187 11.69 -67.06 -31.28
N PRO MA 188 11.48 -67.12 -29.96
CA PRO MA 188 11.17 -68.41 -29.32
C PRO MA 188 10.07 -69.19 -30.00
N PHE MA 189 9.09 -68.52 -30.60
CA PHE MA 189 8.05 -69.23 -31.33
C PHE MA 189 8.61 -69.99 -32.52
N ASP MA 190 9.65 -69.46 -33.16
CA ASP MA 190 10.25 -70.15 -34.29
C ASP MA 190 11.00 -71.39 -33.84
N LEU MA 191 11.84 -71.26 -32.80
CA LEU MA 191 12.51 -72.44 -32.27
C LEU MA 191 11.50 -73.45 -31.74
N ALA MA 192 10.30 -72.99 -31.39
CA ALA MA 192 9.28 -73.93 -30.93
C ALA MA 192 8.60 -74.64 -32.08
N ILE MA 193 8.39 -73.96 -33.21
CA ILE MA 193 7.65 -74.57 -34.29
C ILE MA 193 8.56 -75.39 -35.21
N ASP MA 194 9.86 -75.12 -35.20
CA ASP MA 194 10.77 -75.92 -36.02
C ASP MA 194 11.31 -77.15 -35.30
N ASN MA 195 10.79 -77.48 -34.12
CA ASN MA 195 11.26 -78.60 -33.34
C ASN MA 195 10.13 -79.51 -32.87
N GLY MA 196 8.92 -79.31 -33.36
CA GLY MA 196 7.81 -80.13 -32.96
C GLY MA 196 7.29 -79.89 -31.55
N ASN MA 197 7.93 -79.02 -30.77
CA ASN MA 197 7.39 -78.62 -29.48
C ASN MA 197 6.10 -77.86 -29.70
N GLU MA 198 4.97 -78.49 -29.37
CA GLU MA 198 3.67 -78.03 -29.83
C GLU MA 198 3.03 -77.00 -28.92
N ASP MA 199 3.06 -77.19 -27.60
CA ASP MA 199 2.26 -76.34 -26.73
C ASP MA 199 2.99 -75.06 -26.37
N ILE MA 200 4.31 -75.10 -26.33
CA ILE MA 200 5.08 -73.87 -26.24
C ILE MA 200 4.64 -72.92 -27.33
N ALA MA 201 4.52 -73.43 -28.56
CA ALA MA 201 4.06 -72.63 -29.68
C ALA MA 201 2.67 -72.07 -29.43
N GLU MA 202 1.76 -72.86 -28.85
CA GLU MA 202 0.40 -72.36 -28.65
C GLU MA 202 0.35 -71.25 -27.60
N VAL MA 203 1.00 -71.46 -26.46
CA VAL MA 203 0.96 -70.45 -25.42
C VAL MA 203 1.80 -69.23 -25.76
N LEU MA 204 2.69 -69.32 -26.74
CA LEU MA 204 3.36 -68.10 -27.19
C LEU MA 204 2.58 -67.40 -28.30
N GLN MA 205 1.87 -68.16 -29.13
CA GLN MA 205 1.00 -67.58 -30.14
C GLN MA 205 -0.14 -66.80 -29.50
N ARG MA 206 -0.69 -67.31 -28.40
CA ARG MA 206 -1.75 -66.56 -27.72
C ARG MA 206 -1.27 -65.18 -27.29
N LEU MA 207 -0.03 -65.08 -26.80
CA LEU MA 207 0.48 -63.79 -26.34
C LEU MA 207 0.80 -62.86 -27.50
N LEU MA 208 1.44 -63.39 -28.55
CA LEU MA 208 1.65 -62.59 -29.74
C LEU MA 208 0.34 -62.01 -30.26
N GLU MA 209 -0.71 -62.83 -30.27
CA GLU MA 209 -1.99 -62.38 -30.78
C GLU MA 209 -2.64 -61.35 -29.86
N CYS MA 210 -2.53 -61.53 -28.55
CA CYS MA 210 -3.07 -60.52 -27.64
C CYS MA 210 -2.42 -59.16 -27.87
N ARG MA 211 -1.09 -59.13 -28.01
CA ARG MA 211 -0.44 -57.85 -28.24
C ARG MA 211 -0.84 -57.24 -29.58
N ARG MA 212 -0.90 -58.04 -30.64
CA ARG MA 212 -1.31 -57.53 -31.94
C ARG MA 212 -2.72 -56.95 -31.91
N ASP MA 213 -3.65 -57.66 -31.26
CA ASP MA 213 -5.04 -57.22 -31.24
C ASP MA 213 -5.24 -55.96 -30.41
N ALA MA 214 -4.52 -55.84 -29.29
CA ALA MA 214 -4.64 -54.61 -28.53
C ALA MA 214 -4.10 -53.41 -29.32
N GLU MA 215 -2.98 -53.59 -30.02
CA GLU MA 215 -2.47 -52.53 -30.87
C GLU MA 215 -3.51 -52.09 -31.91
N ALA MA 216 -4.10 -53.07 -32.60
CA ALA MA 216 -5.11 -52.77 -33.61
C ALA MA 216 -6.32 -52.04 -33.04
N ALA MA 217 -6.83 -52.47 -31.90
CA ALA MA 217 -7.99 -51.80 -31.30
C ALA MA 217 -7.69 -50.38 -30.87
N ILE MA 218 -6.48 -50.11 -30.38
CA ILE MA 218 -6.16 -48.72 -30.02
C ILE MA 218 -6.08 -47.85 -31.26
N ASN MA 219 -5.53 -48.38 -32.36
CA ASN MA 219 -5.56 -47.62 -33.61
C ASN MA 219 -6.98 -47.30 -34.05
N TYR MA 220 -7.88 -48.28 -33.97
CA TYR MA 220 -9.25 -48.04 -34.39
C TYR MA 220 -9.94 -47.01 -33.51
N GLN MA 221 -9.63 -47.00 -32.21
CA GLN MA 221 -10.22 -45.98 -31.34
C GLN MA 221 -9.71 -44.59 -31.66
N ILE MA 222 -8.43 -44.47 -32.02
CA ILE MA 222 -7.91 -43.17 -32.46
C ILE MA 222 -8.69 -42.66 -33.67
N ASN MA 223 -8.89 -43.54 -34.66
CA ASN MA 223 -9.64 -43.11 -35.84
C ASN MA 223 -11.07 -42.74 -35.51
N LEU MA 224 -11.71 -43.47 -34.60
CA LEU MA 224 -13.10 -43.17 -34.26
C LEU MA 224 -13.24 -41.82 -33.57
N GLU MA 225 -12.30 -41.47 -32.68
CA GLU MA 225 -12.41 -40.16 -32.05
C GLU MA 225 -12.10 -39.03 -33.03
N LEU MA 226 -11.18 -39.24 -33.96
CA LEU MA 226 -10.96 -38.21 -34.99
C LEU MA 226 -12.19 -38.00 -35.85
N TYR MA 227 -12.89 -39.09 -36.20
CA TYR MA 227 -14.13 -38.96 -36.94
C TYR MA 227 -15.21 -38.22 -36.15
N ALA MA 228 -15.35 -38.52 -34.87
CA ALA MA 228 -16.32 -37.79 -34.06
C ALA MA 228 -16.01 -36.31 -34.00
N SER MA 229 -14.73 -35.95 -33.87
CA SER MA 229 -14.35 -34.54 -33.88
C SER MA 229 -14.75 -33.85 -35.18
N TYR MA 230 -14.55 -34.52 -36.31
CA TYR MA 230 -14.95 -33.97 -37.60
C TYR MA 230 -16.47 -33.80 -37.70
N VAL MA 231 -17.24 -34.77 -37.19
CA VAL MA 231 -18.70 -34.66 -37.22
C VAL MA 231 -19.16 -33.47 -36.41
N TYR MA 232 -18.57 -33.24 -35.24
CA TYR MA 232 -18.96 -32.10 -34.43
C TYR MA 232 -18.60 -30.78 -35.09
N LEU MA 233 -17.48 -30.73 -35.80
CA LEU MA 233 -17.13 -29.50 -36.53
C LEU MA 233 -18.17 -29.18 -37.60
N SER MA 234 -18.60 -30.20 -38.34
CA SER MA 234 -19.67 -30.02 -39.31
C SER MA 234 -20.95 -29.50 -38.64
N MET MA 235 -21.40 -30.18 -37.57
CA MET MA 235 -22.57 -29.73 -36.83
C MET MA 235 -22.46 -28.27 -36.40
N SER MA 236 -21.31 -27.88 -35.86
CA SER MA 236 -21.13 -26.52 -35.39
C SER MA 236 -21.24 -25.49 -36.49
N TYR MA 237 -20.63 -25.72 -37.63
CA TYR MA 237 -20.74 -24.73 -38.70
C TYR MA 237 -22.02 -24.83 -39.48
N TYR MA 238 -22.90 -25.78 -39.17
CA TYR MA 238 -24.25 -25.73 -39.70
C TYR MA 238 -25.07 -24.63 -39.04
N PHE MA 239 -24.99 -24.50 -37.72
CA PHE MA 239 -25.76 -23.51 -36.99
C PHE MA 239 -25.23 -22.10 -37.14
N ASP MA 240 -24.25 -21.89 -38.01
CA ASP MA 240 -23.67 -20.58 -38.23
C ASP MA 240 -24.17 -19.94 -39.51
N ARG MA 241 -24.87 -20.70 -40.35
CA ARG MA 241 -25.48 -20.15 -41.55
C ARG MA 241 -26.44 -19.04 -41.16
N ASP MA 242 -26.84 -18.19 -42.11
CA ASP MA 242 -27.76 -17.12 -41.76
C ASP MA 242 -29.21 -17.49 -41.97
N ASP MA 243 -29.49 -18.68 -42.53
CA ASP MA 243 -30.84 -19.21 -42.42
C ASP MA 243 -30.97 -20.17 -41.25
N VAL MA 244 -29.91 -20.34 -40.48
CA VAL MA 244 -29.94 -21.05 -39.20
C VAL MA 244 -29.16 -20.18 -38.22
N ALA MA 245 -29.83 -19.26 -37.54
CA ALA MA 245 -29.11 -18.23 -36.80
C ALA MA 245 -29.09 -18.54 -35.29
N LEU MA 246 -28.43 -19.64 -34.94
CA LEU MA 246 -28.32 -20.05 -33.54
C LEU MA 246 -26.85 -20.10 -33.14
N LYS MA 247 -26.44 -19.19 -32.28
CA LYS MA 247 -25.02 -18.99 -31.96
C LYS MA 247 -24.51 -19.89 -30.85
N ASN MA 248 -25.36 -20.21 -29.88
CA ASN MA 248 -24.88 -20.99 -28.76
C ASN MA 248 -24.89 -22.48 -29.05
N PHE MA 249 -25.77 -22.93 -29.93
CA PHE MA 249 -25.62 -24.26 -30.52
C PHE MA 249 -24.26 -24.40 -31.21
N ALA MA 250 -23.84 -23.36 -31.93
CA ALA MA 250 -22.56 -23.36 -32.61
C ALA MA 250 -21.39 -23.42 -31.62
N LYS MA 251 -21.41 -22.60 -30.58
CA LYS MA 251 -20.35 -22.67 -29.58
C LYS MA 251 -20.31 -24.03 -28.89
N TYR MA 252 -21.48 -24.57 -28.53
CA TYR MA 252 -21.55 -25.90 -27.95
C TYR MA 252 -20.83 -26.91 -28.80
N PHE MA 253 -21.21 -27.04 -30.07
CA PHE MA 253 -20.62 -28.08 -30.88
C PHE MA 253 -19.16 -27.82 -31.23
N LEU MA 254 -18.71 -26.57 -31.26
CA LEU MA 254 -17.27 -26.36 -31.42
C LEU MA 254 -16.48 -26.82 -30.20
N HIS MA 255 -17.00 -26.57 -29.00
CA HIS MA 255 -16.35 -27.07 -27.80
C HIS MA 255 -16.24 -28.58 -27.81
N GLN MA 256 -17.31 -29.27 -28.20
CA GLN MA 256 -17.24 -30.72 -28.28
C GLN MA 256 -16.24 -31.18 -29.33
N SER MA 257 -16.18 -30.48 -30.46
CA SER MA 257 -15.20 -30.79 -31.49
C SER MA 257 -13.77 -30.75 -30.98
N HIS MA 258 -13.43 -29.80 -30.11
CA HIS MA 258 -12.06 -29.74 -29.61
C HIS MA 258 -11.78 -30.76 -28.53
N GLU MA 259 -12.76 -31.01 -27.65
CA GLU MA 259 -12.59 -32.05 -26.65
C GLU MA 259 -12.33 -33.41 -27.27
N GLU MA 260 -13.02 -33.72 -28.36
CA GLU MA 260 -12.82 -35.02 -28.99
C GLU MA 260 -11.45 -35.17 -29.65
N ARG MA 261 -10.74 -34.09 -29.93
CA ARG MA 261 -9.38 -34.24 -30.42
C ARG MA 261 -8.40 -34.42 -29.29
N GLU MA 262 -8.64 -33.75 -28.17
CA GLU MA 262 -7.85 -34.08 -26.97
C GLU MA 262 -7.97 -35.56 -26.63
N HIS MA 263 -9.19 -36.12 -26.74
CA HIS MA 263 -9.38 -37.54 -26.45
C HIS MA 263 -8.49 -38.43 -27.31
N ALA MA 264 -8.34 -38.12 -28.59
CA ALA MA 264 -7.56 -38.98 -29.47
C ALA MA 264 -6.07 -38.80 -29.27
N GLU MA 265 -5.62 -37.57 -28.97
CA GLU MA 265 -4.21 -37.39 -28.66
C GLU MA 265 -3.81 -38.14 -27.40
N LYS MA 266 -4.72 -38.26 -26.43
CA LYS MA 266 -4.41 -39.08 -25.26
C LYS MA 266 -4.12 -40.52 -25.63
N LEU MA 267 -4.89 -41.08 -26.57
CA LEU MA 267 -4.66 -42.47 -26.96
C LEU MA 267 -3.40 -42.62 -27.79
N MET MA 268 -3.04 -41.61 -28.59
CA MET MA 268 -1.76 -41.65 -29.28
C MET MA 268 -0.60 -41.68 -28.31
N LYS MA 269 -0.63 -40.80 -27.32
CA LYS MA 269 0.39 -40.81 -26.29
C LYS MA 269 0.46 -42.16 -25.58
N LEU MA 270 -0.70 -42.71 -25.23
CA LEU MA 270 -0.73 -44.05 -24.63
C LEU MA 270 -0.02 -45.07 -25.49
N GLN MA 271 -0.34 -45.12 -26.78
CA GLN MA 271 0.26 -46.15 -27.62
C GLN MA 271 1.75 -45.94 -27.81
N ASN MA 272 2.22 -44.70 -27.68
CA ASN MA 272 3.67 -44.51 -27.69
C ASN MA 272 4.31 -44.97 -26.38
N GLN MA 273 3.59 -44.85 -25.26
CA GLN MA 273 4.12 -45.32 -23.99
C GLN MA 273 4.22 -46.84 -23.93
N ARG MA 274 3.38 -47.54 -24.68
CA ARG MA 274 3.38 -49.00 -24.65
C ARG MA 274 4.41 -49.61 -25.58
N GLY MA 275 5.00 -48.85 -26.48
CA GLY MA 275 5.93 -49.37 -27.45
C GLY MA 275 5.30 -49.84 -28.73
N GLY MA 276 4.04 -49.51 -29.00
CA GLY MA 276 3.36 -49.91 -30.20
C GLY MA 276 3.56 -48.91 -31.31
N GLU MA 277 2.92 -49.20 -32.46
CA GLU MA 277 3.06 -48.39 -33.66
C GLU MA 277 1.74 -47.74 -34.01
N ILE MA 278 1.72 -46.42 -34.01
CA ILE MA 278 0.56 -45.68 -34.49
C ILE MA 278 0.50 -45.79 -36.00
N SER MA 279 -0.68 -46.12 -36.53
CA SER MA 279 -0.89 -46.16 -37.97
C SER MA 279 -2.17 -45.41 -38.27
N LEU MA 280 -2.02 -44.15 -38.69
CA LEU MA 280 -3.15 -43.27 -38.94
C LEU MA 280 -3.78 -43.63 -40.28
N GLN MA 281 -5.06 -43.33 -40.41
CA GLN MA 281 -5.84 -43.70 -41.59
C GLN MA 281 -6.72 -42.57 -42.05
N SER MA 282 -7.55 -42.86 -43.04
CA SER MA 282 -8.40 -41.86 -43.68
C SER MA 282 -9.60 -41.58 -42.78
N ILE MA 283 -10.03 -40.32 -42.75
CA ILE MA 283 -11.18 -39.94 -41.93
C ILE MA 283 -12.38 -39.71 -42.84
N SER MA 284 -13.44 -40.49 -42.64
CA SER MA 284 -14.63 -40.35 -43.45
C SER MA 284 -15.28 -38.99 -43.21
N SER MA 285 -16.07 -38.56 -44.18
CA SER MA 285 -16.79 -37.32 -43.98
C SER MA 285 -18.12 -37.61 -43.30
N PRO MA 286 -18.65 -36.66 -42.53
CA PRO MA 286 -19.93 -36.89 -41.86
C PRO MA 286 -21.02 -37.21 -42.85
N ASP MA 287 -22.06 -37.89 -42.36
CA ASP MA 287 -23.07 -38.41 -43.27
C ASP MA 287 -23.96 -37.30 -43.82
N SER MA 288 -24.10 -36.21 -43.07
CA SER MA 288 -24.98 -35.12 -43.49
C SER MA 288 -24.17 -33.83 -43.54
N ASP MA 289 -24.63 -32.92 -44.40
CA ASP MA 289 -24.23 -31.53 -44.33
C ASP MA 289 -25.34 -30.65 -43.79
N ASP MA 290 -26.57 -31.15 -43.81
CA ASP MA 290 -27.77 -30.43 -43.38
C ASP MA 290 -28.37 -31.21 -42.21
N TRP MA 291 -28.11 -30.74 -41.00
CA TRP MA 291 -28.72 -31.29 -39.81
C TRP MA 291 -29.99 -30.52 -39.50
N GLU MA 292 -31.14 -31.13 -39.80
CA GLU MA 292 -32.36 -30.36 -40.07
C GLU MA 292 -32.68 -29.32 -39.00
N SER MA 293 -32.41 -29.62 -37.73
CA SER MA 293 -32.77 -28.70 -36.66
C SER MA 293 -31.86 -28.95 -35.47
N GLY MA 294 -32.10 -28.19 -34.40
CA GLY MA 294 -31.34 -28.39 -33.18
C GLY MA 294 -31.67 -29.69 -32.47
N LEU MA 295 -32.94 -30.08 -32.47
CA LEU MA 295 -33.34 -31.36 -31.91
C LEU MA 295 -32.67 -32.53 -32.63
N ASN MA 296 -32.75 -32.56 -33.96
CA ASN MA 296 -32.15 -33.64 -34.74
C ASN MA 296 -30.65 -33.71 -34.58
N ALA MA 297 -29.96 -32.57 -34.53
CA ALA MA 297 -28.54 -32.56 -34.24
C ALA MA 297 -28.21 -33.08 -32.87
N MET MA 298 -28.98 -32.71 -31.84
CA MET MA 298 -28.73 -33.27 -30.52
C MET MA 298 -28.94 -34.78 -30.48
N GLU MA 299 -29.94 -35.29 -31.21
CA GLU MA 299 -30.16 -36.73 -31.24
C GLU MA 299 -29.05 -37.46 -31.97
N SER MA 300 -28.54 -36.86 -33.04
CA SER MA 300 -27.41 -37.46 -33.75
C SER MA 300 -26.16 -37.48 -32.89
N ALA MA 301 -25.91 -36.40 -32.14
CA ALA MA 301 -24.78 -36.42 -31.20
C ALA MA 301 -24.96 -37.50 -30.16
N LEU MA 302 -26.19 -37.73 -29.71
CA LEU MA 302 -26.43 -38.78 -28.71
C LEU MA 302 -26.11 -40.16 -29.26
N HIS MA 303 -26.56 -40.47 -30.47
CA HIS MA 303 -26.22 -41.76 -31.06
C HIS MA 303 -24.72 -41.91 -31.29
N LEU MA 304 -24.04 -40.83 -31.68
CA LEU MA 304 -22.59 -40.91 -31.88
C LEU MA 304 -21.87 -41.20 -30.57
N GLU MA 305 -22.25 -40.53 -29.49
CA GLU MA 305 -21.63 -40.80 -28.20
C GLU MA 305 -21.88 -42.23 -27.75
N LYS MA 306 -23.07 -42.77 -28.03
CA LYS MA 306 -23.33 -44.16 -27.65
C LYS MA 306 -22.47 -45.13 -28.45
N ALA MA 307 -22.26 -44.88 -29.74
CA ALA MA 307 -21.39 -45.74 -30.53
C ALA MA 307 -19.95 -45.71 -30.01
N VAL MA 308 -19.45 -44.52 -29.68
CA VAL MA 308 -18.10 -44.42 -29.12
C VAL MA 308 -18.00 -45.20 -27.82
N ASN MA 309 -19.01 -45.11 -26.96
CA ASN MA 309 -18.98 -45.84 -25.70
C ASN MA 309 -18.99 -47.34 -25.92
N ALA MA 310 -19.75 -47.82 -26.89
CA ALA MA 310 -19.73 -49.25 -27.20
C ALA MA 310 -18.34 -49.72 -27.62
N SER MA 311 -17.65 -48.94 -28.45
CA SER MA 311 -16.29 -49.32 -28.82
C SER MA 311 -15.37 -49.37 -27.61
N LEU MA 312 -15.49 -48.40 -26.70
CA LEU MA 312 -14.68 -48.44 -25.49
C LEU MA 312 -14.95 -49.69 -24.68
N LEU MA 313 -16.20 -50.10 -24.55
CA LEU MA 313 -16.50 -51.32 -23.81
C LEU MA 313 -15.91 -52.56 -24.46
N ARG MA 314 -15.94 -52.63 -25.80
CA ARG MA 314 -15.34 -53.77 -26.47
C ARG MA 314 -13.83 -53.82 -26.23
N LEU MA 315 -13.17 -52.67 -26.30
CA LEU MA 315 -11.73 -52.64 -26.05
C LEU MA 315 -11.41 -52.99 -24.61
N HIS MA 316 -12.27 -52.61 -23.67
CA HIS MA 316 -12.02 -52.97 -22.27
C HIS MA 316 -12.16 -54.47 -22.06
N LYS MA 317 -13.16 -55.09 -22.67
CA LYS MA 317 -13.27 -56.53 -22.54
C LYS MA 317 -12.08 -57.25 -23.17
N LEU MA 318 -11.58 -56.73 -24.30
CA LEU MA 318 -10.38 -57.29 -24.90
C LEU MA 318 -9.18 -57.18 -23.97
N ALA MA 319 -8.96 -56.01 -23.37
CA ALA MA 319 -7.83 -55.85 -22.46
C ALA MA 319 -8.01 -56.68 -21.20
N THR MA 320 -9.24 -57.05 -20.86
CA THR MA 320 -9.45 -57.92 -19.70
C THR MA 320 -9.13 -59.37 -20.04
N ASP MA 321 -9.46 -59.80 -21.26
CA ASP MA 321 -9.15 -61.18 -21.63
C ASP MA 321 -7.66 -61.44 -21.64
N CYS MA 322 -6.87 -60.48 -22.11
CA CYS MA 322 -5.43 -60.68 -22.27
C CYS MA 322 -4.62 -60.23 -21.06
N ASN MA 323 -5.23 -60.12 -19.88
CA ASN MA 323 -4.51 -59.86 -18.64
C ASN MA 323 -3.62 -58.63 -18.74
N ASP MA 324 -4.24 -57.46 -18.88
CA ASP MA 324 -3.53 -56.21 -19.10
C ASP MA 324 -4.04 -55.16 -18.12
N PRO MA 325 -3.68 -55.24 -16.83
CA PRO MA 325 -4.27 -54.32 -15.84
C PRO MA 325 -4.13 -52.84 -16.14
N HIS MA 326 -3.00 -52.40 -16.70
CA HIS MA 326 -2.79 -50.98 -16.91
C HIS MA 326 -3.70 -50.43 -18.00
N LEU MA 327 -3.95 -51.21 -19.05
CA LEU MA 327 -4.86 -50.76 -20.10
C LEU MA 327 -6.29 -50.63 -19.57
N CYS MA 328 -6.74 -51.60 -18.79
CA CYS MA 328 -8.07 -51.52 -18.20
C CYS MA 328 -8.20 -50.33 -17.27
N ASP MA 329 -7.20 -50.12 -16.41
CA ASP MA 329 -7.22 -48.96 -15.51
C ASP MA 329 -7.25 -47.66 -16.29
N PHE MA 330 -6.46 -47.56 -17.37
CA PHE MA 330 -6.46 -46.36 -18.20
C PHE MA 330 -7.83 -46.10 -18.81
N ILE MA 331 -8.44 -47.14 -19.37
CA ILE MA 331 -9.73 -46.98 -20.04
C ILE MA 331 -10.80 -46.54 -19.06
N GLU MA 332 -10.88 -47.21 -17.90
CA GLU MA 332 -11.95 -46.80 -17.00
C GLU MA 332 -11.63 -45.54 -16.21
N THR MA 333 -10.38 -45.10 -16.15
CA THR MA 333 -10.08 -43.85 -15.47
C THR MA 333 -10.34 -42.65 -16.35
N HIS MA 334 -10.01 -42.72 -17.63
CA HIS MA 334 -10.09 -41.51 -18.45
C HIS MA 334 -11.28 -41.50 -19.40
N TYR MA 335 -11.95 -42.62 -19.61
CA TYR MA 335 -12.88 -42.70 -20.72
C TYR MA 335 -14.27 -43.17 -20.34
N LEU MA 336 -14.42 -43.98 -19.29
CA LEU MA 336 -15.75 -44.54 -19.04
C LEU MA 336 -16.63 -43.63 -18.21
N ASN MA 337 -16.08 -42.67 -17.47
CA ASN MA 337 -16.94 -41.78 -16.71
C ASN MA 337 -17.31 -40.53 -17.49
N GLU MA 338 -16.54 -40.18 -18.52
CA GLU MA 338 -16.90 -39.06 -19.36
C GLU MA 338 -18.03 -39.42 -20.32
N GLN MA 339 -18.04 -40.64 -20.83
CA GLN MA 339 -19.11 -41.05 -21.71
C GLN MA 339 -20.45 -41.11 -21.01
N VAL MA 340 -20.47 -41.56 -19.75
CA VAL MA 340 -21.69 -41.62 -18.99
C VAL MA 340 -22.27 -40.22 -18.78
N LYS MA 341 -21.42 -39.26 -18.44
CA LYS MA 341 -21.86 -37.89 -18.24
C LYS MA 341 -22.31 -37.24 -19.54
N ALA MA 342 -21.60 -37.49 -20.65
CA ALA MA 342 -22.04 -36.99 -21.95
C ALA MA 342 -23.39 -37.54 -22.34
N ILE MA 343 -23.64 -38.83 -22.17
CA ILE MA 343 -24.92 -39.41 -22.54
C ILE MA 343 -26.03 -38.87 -21.66
N LYS MA 344 -25.78 -38.72 -20.36
CA LYS MA 344 -26.80 -38.15 -19.48
C LYS MA 344 -27.16 -36.73 -19.89
N GLU MA 345 -26.15 -35.91 -20.17
CA GLU MA 345 -26.40 -34.52 -20.53
C GLU MA 345 -27.11 -34.40 -21.86
N LEU MA 346 -26.73 -35.17 -22.85
CA LEU MA 346 -27.38 -35.06 -24.15
C LEU MA 346 -28.81 -35.59 -24.14
N GLY MA 347 -29.10 -36.61 -23.33
CA GLY MA 347 -30.48 -37.01 -23.15
C GLY MA 347 -31.32 -35.99 -22.42
N ASP MA 348 -30.71 -35.29 -21.46
CA ASP MA 348 -31.40 -34.16 -20.83
C ASP MA 348 -31.77 -33.10 -21.84
N HIS MA 349 -30.81 -32.69 -22.68
CA HIS MA 349 -31.09 -31.70 -23.73
C HIS MA 349 -32.21 -32.15 -24.63
N VAL MA 350 -32.21 -33.42 -25.04
CA VAL MA 350 -33.25 -33.89 -25.95
C VAL MA 350 -34.62 -33.86 -25.30
N THR MA 351 -34.75 -34.30 -24.04
CA THR MA 351 -36.08 -34.23 -23.46
C THR MA 351 -36.54 -32.81 -23.17
N ASN MA 352 -35.63 -31.91 -22.78
CA ASN MA 352 -36.02 -30.52 -22.63
C ASN MA 352 -36.54 -29.95 -23.93
N LEU MA 353 -35.79 -30.12 -25.02
CA LEU MA 353 -36.23 -29.61 -26.31
C LEU MA 353 -37.55 -30.22 -26.74
N ARG MA 354 -37.74 -31.51 -26.52
CA ARG MA 354 -39.00 -32.13 -26.93
C ARG MA 354 -40.18 -31.62 -26.12
N LYS MA 355 -39.99 -31.38 -24.83
CA LYS MA 355 -41.09 -30.89 -24.01
C LYS MA 355 -41.44 -29.45 -24.34
N MET MA 356 -40.43 -28.58 -24.51
CA MET MA 356 -40.70 -27.20 -24.89
C MET MA 356 -41.49 -27.06 -26.18
N GLY MA 357 -41.47 -28.08 -27.04
CA GLY MA 357 -42.29 -28.07 -28.25
C GLY MA 357 -41.53 -28.08 -29.56
N ALA MA 358 -40.22 -28.23 -29.55
CA ALA MA 358 -39.46 -28.28 -30.79
C ALA MA 358 -39.74 -29.58 -31.52
N PRO MA 359 -39.45 -29.66 -32.83
CA PRO MA 359 -38.89 -28.68 -33.76
C PRO MA 359 -39.95 -27.83 -34.42
N GLU MA 360 -41.21 -28.24 -34.27
CA GLU MA 360 -42.33 -27.53 -34.87
C GLU MA 360 -42.62 -26.19 -34.20
N SER MA 361 -41.75 -25.75 -33.30
CA SER MA 361 -41.92 -24.48 -32.61
C SER MA 361 -40.63 -23.69 -32.66
N GLY MA 362 -40.62 -22.61 -33.44
CA GLY MA 362 -39.75 -21.51 -33.13
C GLY MA 362 -40.20 -20.84 -31.85
N LEU MA 363 -39.25 -20.22 -31.16
CA LEU MA 363 -39.37 -19.75 -29.78
C LEU MA 363 -39.17 -20.89 -28.79
N ALA MA 364 -38.99 -22.11 -29.29
CA ALA MA 364 -38.54 -23.18 -28.41
C ALA MA 364 -37.03 -23.34 -28.50
N GLU MA 365 -36.52 -23.40 -29.73
CA GLU MA 365 -35.08 -23.48 -29.91
C GLU MA 365 -34.41 -22.13 -29.68
N TYR MA 366 -35.11 -21.02 -29.95
CA TYR MA 366 -34.57 -19.72 -29.61
C TYR MA 366 -34.34 -19.60 -28.10
N LEU MA 367 -35.34 -19.97 -27.31
CA LEU MA 367 -35.22 -19.81 -25.86
C LEU MA 367 -34.34 -20.88 -25.24
N PHE MA 368 -34.31 -22.08 -25.79
CA PHE MA 368 -33.31 -23.06 -25.37
C PHE MA 368 -31.90 -22.54 -25.60
N ASP MA 369 -31.64 -22.06 -26.81
CA ASP MA 369 -30.34 -21.48 -27.14
C ASP MA 369 -29.97 -20.34 -26.22
N LYS MA 370 -30.95 -19.54 -25.81
CA LYS MA 370 -30.66 -18.41 -24.93
C LYS MA 370 -30.41 -18.84 -23.49
N HIS MA 371 -31.22 -19.74 -22.94
CA HIS MA 371 -31.25 -19.99 -21.52
C HIS MA 371 -30.40 -21.17 -21.08
N THR MA 372 -30.31 -22.22 -21.90
CA THR MA 372 -29.60 -23.42 -21.48
C THR MA 372 -28.19 -23.46 -22.03
N LEU MA 373 -28.01 -23.05 -23.27
CA LEU MA 373 -26.71 -23.13 -23.92
C LEU MA 373 -25.89 -21.86 -23.77
N GLY MA 374 -26.46 -20.81 -23.21
CA GLY MA 374 -25.74 -19.56 -23.04
C GLY MA 374 -26.09 -18.81 -21.78
N SER NA 2 18.74 -100.49 -29.51
CA SER NA 2 18.65 -100.28 -28.07
C SER NA 2 19.94 -99.67 -27.51
N LYS NA 3 21.09 -100.24 -27.90
CA LYS NA 3 22.35 -99.81 -27.32
C LYS NA 3 22.88 -98.54 -27.99
N GLY NA 4 22.75 -98.43 -29.31
CA GLY NA 4 23.35 -97.33 -30.03
C GLY NA 4 22.87 -95.96 -29.57
N GLU NA 5 21.66 -95.90 -29.04
CA GLU NA 5 21.11 -94.63 -28.58
C GLU NA 5 21.47 -94.30 -27.14
N GLU NA 6 21.88 -95.29 -26.36
CA GLU NA 6 22.14 -95.08 -24.94
C GLU NA 6 23.42 -94.28 -24.72
N LEU NA 7 24.42 -94.45 -25.59
CA LEU NA 7 25.77 -93.95 -25.34
C LEU NA 7 25.85 -92.43 -25.25
N PHE NA 8 24.75 -91.71 -25.40
CA PHE NA 8 24.74 -90.25 -25.31
C PHE NA 8 23.81 -89.74 -24.21
N THR NA 9 23.70 -90.47 -23.11
CA THR NA 9 22.75 -90.11 -22.05
C THR NA 9 23.11 -88.80 -21.38
N GLY NA 10 24.38 -88.40 -21.40
CA GLY NA 10 24.80 -87.21 -20.69
C GLY NA 10 25.83 -86.39 -21.44
N VAL NA 11 26.62 -85.63 -20.70
CA VAL NA 11 27.69 -84.84 -21.29
C VAL NA 11 28.75 -85.79 -21.84
N VAL NA 12 29.51 -85.31 -22.83
CA VAL NA 12 30.60 -86.08 -23.43
C VAL NA 12 31.77 -85.13 -23.64
N PRO NA 13 32.92 -85.36 -23.00
CA PRO NA 13 34.12 -84.60 -23.33
C PRO NA 13 34.67 -85.03 -24.69
N ILE NA 14 35.30 -84.07 -25.37
CA ILE NA 14 35.75 -84.27 -26.74
C ILE NA 14 37.22 -83.92 -26.84
N LEU NA 15 37.93 -84.60 -27.73
CA LEU NA 15 39.33 -84.34 -28.05
C LEU NA 15 39.49 -84.52 -29.55
N VAL NA 16 39.70 -83.42 -30.27
CA VAL NA 16 39.68 -83.47 -31.73
C VAL NA 16 41.06 -83.12 -32.26
N GLU NA 17 41.67 -84.07 -32.98
CA GLU NA 17 42.98 -83.87 -33.57
C GLU NA 17 42.83 -83.93 -35.09
N LEU NA 18 43.44 -82.95 -35.76
CA LEU NA 18 43.40 -82.84 -37.20
C LEU NA 18 44.81 -82.54 -37.72
N ASP NA 19 45.29 -83.38 -38.63
CA ASP NA 19 46.62 -83.19 -39.22
C ASP NA 19 46.47 -83.02 -40.71
N GLY NA 20 46.85 -81.85 -41.21
CA GLY NA 20 46.58 -81.48 -42.59
C GLY NA 20 47.83 -81.03 -43.33
N ASP NA 21 47.85 -81.31 -44.62
CA ASP NA 21 48.88 -80.84 -45.55
C ASP NA 21 48.22 -80.06 -46.68
N VAL NA 22 48.51 -78.76 -46.76
CA VAL NA 22 47.95 -77.89 -47.78
C VAL NA 22 49.07 -77.08 -48.41
N ASN NA 23 49.52 -77.50 -49.59
CA ASN NA 23 50.48 -76.76 -50.41
C ASN NA 23 51.74 -76.40 -49.61
N GLY NA 24 52.40 -77.43 -49.08
CA GLY NA 24 53.59 -77.26 -48.29
C GLY NA 24 53.33 -76.82 -46.86
N HIS NA 25 52.09 -76.54 -46.52
CA HIS NA 25 51.74 -76.11 -45.17
C HIS NA 25 51.27 -77.32 -44.36
N LYS NA 26 52.10 -77.78 -43.44
CA LYS NA 26 51.69 -78.81 -42.50
C LYS NA 26 51.10 -78.15 -41.26
N PHE NA 27 50.04 -78.76 -40.72
CA PHE NA 27 49.43 -78.20 -39.52
C PHE NA 27 48.79 -79.31 -38.70
N SER NA 28 48.87 -79.13 -37.39
CA SER NA 28 48.14 -79.94 -36.42
C SER NA 28 47.19 -79.03 -35.66
N VAL NA 29 45.99 -79.52 -35.41
CA VAL NA 29 44.96 -78.77 -34.70
C VAL NA 29 44.42 -79.66 -33.59
N ARG NA 30 44.36 -79.12 -32.38
CA ARG NA 30 43.71 -79.78 -31.26
C ARG NA 30 42.55 -78.92 -30.76
N GLY NA 31 41.42 -79.57 -30.56
CA GLY NA 31 40.23 -78.91 -30.05
C GLY NA 31 39.67 -79.60 -28.83
N GLU NA 32 39.30 -78.79 -27.83
CA GLU NA 32 38.86 -79.26 -26.53
C GLU NA 32 37.51 -78.66 -26.20
N GLY NA 33 36.60 -79.49 -25.70
CA GLY NA 33 35.29 -79.02 -25.31
C GLY NA 33 34.40 -80.18 -24.91
N GLU NA 34 33.09 -79.92 -24.90
CA GLU NA 34 32.11 -80.93 -24.51
C GLU NA 34 30.83 -80.80 -25.32
N GLY NA 35 30.09 -81.90 -25.35
CA GLY NA 35 28.83 -81.93 -26.10
C GLY NA 35 27.72 -82.74 -25.46
N ASP NA 36 26.49 -82.44 -25.84
CA ASP NA 36 25.31 -83.20 -25.41
C ASP NA 36 24.43 -83.41 -26.62
N ALA NA 37 23.99 -84.66 -26.82
CA ALA NA 37 23.09 -85.01 -27.90
C ALA NA 37 21.64 -84.72 -27.56
N THR NA 38 21.27 -84.73 -26.27
CA THR NA 38 19.88 -84.50 -25.89
C THR NA 38 19.36 -83.16 -26.40
N ASN NA 39 20.22 -82.15 -26.46
CA ASN NA 39 19.83 -80.84 -26.97
C ASN NA 39 20.59 -80.46 -28.23
N GLY NA 40 21.34 -81.39 -28.81
CA GLY NA 40 22.13 -81.10 -30.00
C GLY NA 40 23.11 -79.98 -29.82
N LYS NA 41 23.69 -79.85 -28.63
CA LYS NA 41 24.53 -78.71 -28.29
C LYS NA 41 25.99 -79.15 -28.22
N LEU NA 42 26.88 -78.35 -28.82
CA LEU NA 42 28.31 -78.61 -28.78
C LEU NA 42 29.02 -77.32 -28.43
N THR NA 43 30.08 -77.40 -27.63
CA THR NA 43 30.78 -76.21 -27.17
C THR NA 43 32.27 -76.52 -27.09
N LEU NA 44 33.06 -75.93 -28.00
CA LEU NA 44 34.45 -76.32 -28.20
C LEU NA 44 35.34 -75.10 -28.31
N LYS NA 45 36.65 -75.36 -28.21
CA LYS NA 45 37.68 -74.34 -28.38
C LYS NA 45 38.88 -75.00 -29.06
N PHE NA 46 39.24 -74.49 -30.23
CA PHE NA 46 40.30 -75.05 -31.06
C PHE NA 46 41.53 -74.16 -30.98
N ILE NA 47 42.72 -74.78 -30.98
CA ILE NA 47 43.99 -74.07 -30.91
C ILE NA 47 45.00 -74.80 -31.76
N CYS NA 48 45.84 -74.04 -32.47
CA CYS NA 48 46.88 -74.61 -33.32
C CYS NA 48 48.25 -74.40 -32.68
N THR NA 49 48.89 -75.49 -32.30
CA THR NA 49 50.23 -75.43 -31.74
C THR NA 49 51.31 -75.36 -32.82
N THR NA 50 50.93 -75.01 -34.06
CA THR NA 50 51.84 -74.95 -35.19
C THR NA 50 51.97 -73.51 -35.70
N GLY NA 51 51.97 -72.54 -34.79
CA GLY NA 51 52.20 -71.16 -35.18
C GLY NA 51 51.07 -70.59 -36.03
N LYS NA 52 51.37 -69.48 -36.70
CA LYS NA 52 50.39 -68.80 -37.54
C LYS NA 52 50.03 -69.69 -38.72
N LEU NA 53 48.75 -69.73 -39.07
CA LEU NA 53 48.30 -70.60 -40.13
C LEU NA 53 47.89 -69.77 -41.35
N PRO NA 54 48.15 -70.22 -42.57
CA PRO NA 54 47.83 -69.40 -43.75
C PRO NA 54 46.35 -69.35 -44.10
N VAL NA 55 45.57 -70.38 -43.81
CA VAL NA 55 44.15 -70.44 -44.18
C VAL NA 55 43.35 -69.79 -43.05
N PRO NA 56 42.30 -69.02 -43.36
CA PRO NA 56 41.55 -68.36 -42.30
C PRO NA 56 40.85 -69.39 -41.42
N TRP NA 57 40.57 -68.98 -40.18
CA TRP NA 57 39.82 -69.84 -39.27
C TRP NA 57 38.46 -70.25 -39.82
N PRO NA 58 37.66 -69.39 -40.45
CA PRO NA 58 36.35 -69.84 -40.97
C PRO NA 58 36.45 -71.06 -41.87
N THR NA 59 37.57 -71.28 -42.54
CA THR NA 59 37.73 -72.47 -43.36
C THR NA 59 37.74 -73.74 -42.50
N LEU NA 60 38.52 -73.73 -41.42
CA LEU NA 60 38.67 -74.90 -40.56
C LEU NA 60 37.41 -75.25 -39.79
N VAL NA 61 36.40 -74.38 -39.80
CA VAL NA 61 35.22 -74.60 -38.99
C VAL NA 61 34.39 -75.77 -39.53
N THR NA 62 34.13 -75.77 -40.83
CA THR NA 62 33.31 -76.82 -41.42
C THR NA 62 33.95 -78.20 -41.29
N THR NA 63 35.27 -78.22 -41.26
CA THR NA 63 36.00 -79.50 -41.24
C THR NA 63 36.57 -79.76 -39.88
N LEU NA 64 35.72 -79.82 -38.86
CA LEU NA 64 36.18 -80.18 -37.50
C LEU NA 64 34.98 -80.77 -36.73
N VAL NA 66 31.05 -83.80 -35.80
CA VAL NA 66 30.63 -84.76 -34.82
C VAL NA 66 29.12 -84.81 -34.80
N GLN NA 67 28.53 -85.04 -35.97
CA GLN NA 67 27.05 -85.00 -36.09
C GLN NA 67 26.47 -86.03 -35.13
N CYS NA 68 27.31 -86.91 -34.60
CA CYS NA 68 26.83 -87.87 -33.59
C CYS NA 68 26.25 -87.07 -32.41
N PHE NA 69 26.31 -85.73 -32.45
CA PHE NA 69 25.79 -85.03 -31.28
C PHE NA 69 24.51 -84.27 -31.56
N SER NA 70 23.95 -84.41 -32.76
CA SER NA 70 22.81 -83.61 -33.17
C SER NA 70 21.55 -84.04 -32.43
N ARG NA 71 20.68 -83.08 -32.16
CA ARG NA 71 19.46 -83.34 -31.42
C ARG NA 71 18.48 -84.11 -32.27
N TYR NA 72 18.10 -85.30 -31.81
CA TYR NA 72 17.23 -86.18 -32.57
C TYR NA 72 15.93 -86.42 -31.81
N PRO NA 73 14.79 -86.17 -32.43
CA PRO NA 73 13.51 -86.32 -31.71
C PRO NA 73 13.08 -87.77 -31.59
N ASP NA 74 12.02 -88.01 -30.81
CA ASP NA 74 11.56 -89.38 -30.60
C ASP NA 74 10.85 -89.92 -31.84
N HIS NA 75 10.42 -89.03 -32.73
CA HIS NA 75 9.83 -89.58 -33.94
C HIS NA 75 10.88 -90.01 -34.95
N MET NA 76 12.09 -89.45 -34.97
CA MET NA 76 13.18 -89.98 -35.77
C MET NA 76 14.11 -90.88 -34.98
N LYS NA 77 13.57 -91.63 -34.01
CA LYS NA 77 14.37 -92.65 -33.34
C LYS NA 77 14.75 -93.79 -34.28
N ARG NA 78 14.07 -93.90 -35.42
CA ARG NA 78 14.33 -94.97 -36.37
C ARG NA 78 15.18 -94.52 -37.56
N HIS NA 79 15.57 -93.24 -37.61
CA HIS NA 79 16.34 -92.71 -38.72
C HIS NA 79 17.61 -92.03 -38.22
N ASP NA 80 18.21 -92.56 -37.17
CA ASP NA 80 19.46 -92.04 -36.60
C ASP NA 80 20.57 -93.03 -36.92
N PHE NA 81 21.20 -92.85 -38.10
CA PHE NA 81 22.27 -93.75 -38.52
C PHE NA 81 23.49 -93.64 -37.61
N PHE NA 82 23.83 -92.43 -37.18
CA PHE NA 82 25.04 -92.24 -36.39
C PHE NA 82 24.90 -92.87 -35.01
N LYS NA 83 23.67 -93.07 -34.54
CA LYS NA 83 23.47 -93.56 -33.19
C LYS NA 83 23.67 -95.06 -33.07
N SER NA 84 22.96 -95.86 -33.88
CA SER NA 84 22.96 -97.31 -33.74
C SER NA 84 24.36 -97.91 -33.66
N ALA NA 85 25.38 -97.17 -34.12
CA ALA NA 85 26.76 -97.67 -34.16
C ALA NA 85 27.59 -97.21 -32.98
N MET NA 86 27.04 -97.15 -31.77
CA MET NA 86 27.86 -96.77 -30.63
C MET NA 86 27.85 -97.87 -29.59
N PRO NA 87 29.04 -98.24 -29.05
CA PRO NA 87 30.36 -97.67 -29.32
C PRO NA 87 31.04 -98.24 -30.56
N GLU NA 88 30.26 -98.87 -31.43
CA GLU NA 88 30.78 -99.38 -32.70
C GLU NA 88 31.60 -98.32 -33.43
N GLY NA 89 31.12 -97.09 -33.44
CA GLY NA 89 31.79 -96.01 -34.14
C GLY NA 89 31.62 -96.11 -35.63
N TYR NA 90 32.34 -95.25 -36.35
CA TYR NA 90 32.28 -95.24 -37.80
C TYR NA 90 33.40 -94.37 -38.36
N VAL NA 91 33.48 -94.35 -39.69
CA VAL NA 91 34.45 -93.54 -40.40
C VAL NA 91 33.70 -92.75 -41.46
N GLN NA 92 34.29 -91.63 -41.88
CA GLN NA 92 33.73 -90.80 -42.94
C GLN NA 92 34.84 -90.20 -43.80
N GLU NA 93 34.63 -90.28 -45.11
CA GLU NA 93 35.52 -89.66 -46.08
C GLU NA 93 34.82 -88.48 -46.72
N ARG NA 94 35.40 -87.29 -46.54
CA ARG NA 94 34.79 -86.04 -46.96
C ARG NA 94 35.63 -85.38 -48.04
N THR NA 95 34.96 -84.82 -49.04
CA THR NA 95 35.59 -83.96 -50.04
C THR NA 95 34.90 -82.61 -49.99
N ILE NA 96 35.66 -81.54 -49.82
CA ILE NA 96 35.11 -80.19 -49.86
C ILE NA 96 35.70 -79.49 -51.07
N SER NA 97 34.84 -78.85 -51.84
CA SER NA 97 35.20 -78.26 -53.13
C SER NA 97 34.88 -76.78 -53.09
N PHE NA 98 35.92 -75.95 -53.11
CA PHE NA 98 35.75 -74.51 -53.23
C PHE NA 98 35.47 -74.14 -54.67
N LYS NA 99 34.59 -73.17 -54.87
CA LYS NA 99 34.46 -72.57 -56.18
C LYS NA 99 35.47 -71.43 -56.31
N ASP NA 100 36.11 -71.33 -57.47
CA ASP NA 100 37.14 -70.33 -57.76
C ASP NA 100 38.42 -70.60 -56.98
N ASP NA 101 38.62 -71.86 -56.56
CA ASP NA 101 39.87 -72.35 -55.99
C ASP NA 101 39.79 -73.87 -55.87
N GLY NA 102 40.82 -74.47 -55.29
CA GLY NA 102 41.02 -75.92 -55.27
C GLY NA 102 40.15 -76.69 -54.30
N THR NA 103 40.67 -77.78 -53.74
CA THR NA 103 39.83 -78.71 -52.99
C THR NA 103 40.57 -79.28 -51.78
N TYR NA 104 39.79 -79.98 -50.94
CA TYR NA 104 40.28 -80.70 -49.77
C TYR NA 104 39.71 -82.13 -49.76
N LYS NA 105 40.61 -83.09 -49.50
CA LYS NA 105 40.26 -84.49 -49.29
C LYS NA 105 40.58 -84.83 -47.84
N THR NA 106 39.60 -85.29 -47.08
CA THR NA 106 39.76 -85.39 -45.63
C THR NA 106 39.11 -86.66 -45.10
N ARG NA 107 39.94 -87.51 -44.50
CA ARG NA 107 39.50 -88.75 -43.88
C ARG NA 107 39.33 -88.53 -42.38
N ALA NA 108 38.30 -89.13 -41.80
CA ALA NA 108 38.06 -88.97 -40.37
C ALA NA 108 37.53 -90.26 -39.78
N GLU NA 109 38.03 -90.62 -38.60
CA GLU NA 109 37.55 -91.79 -37.89
C GLU NA 109 36.99 -91.35 -36.54
N VAL NA 110 35.70 -91.64 -36.30
CA VAL NA 110 35.00 -91.17 -35.11
C VAL NA 110 34.55 -92.38 -34.30
N LYS NA 111 34.75 -92.31 -32.98
CA LYS NA 111 34.45 -93.40 -32.08
C LYS NA 111 34.40 -92.87 -30.65
N PHE NA 112 34.11 -93.78 -29.72
CA PHE NA 112 34.34 -93.54 -28.31
C PHE NA 112 35.64 -94.21 -27.88
N GLU NA 113 36.41 -93.53 -27.05
CA GLU NA 113 37.64 -94.05 -26.44
C GLU NA 113 37.41 -93.96 -24.95
N GLY NA 114 37.15 -95.11 -24.32
CA GLY NA 114 36.65 -95.10 -22.96
C GLY NA 114 35.26 -94.50 -22.94
N ASP NA 115 35.16 -93.27 -22.45
CA ASP NA 115 33.94 -92.47 -22.61
C ASP NA 115 34.24 -91.09 -23.19
N THR NA 116 35.48 -90.85 -23.61
CA THR NA 116 35.88 -89.59 -24.24
C THR NA 116 35.71 -89.74 -25.75
N LEU NA 117 35.11 -88.75 -26.40
CA LEU NA 117 34.99 -88.80 -27.84
C LEU NA 117 36.24 -88.19 -28.47
N VAL NA 118 37.11 -89.03 -29.01
CA VAL NA 118 38.33 -88.59 -29.67
C VAL NA 118 38.14 -88.74 -31.18
N ASN NA 119 38.53 -87.71 -31.91
CA ASN NA 119 38.26 -87.63 -33.34
C ASN NA 119 39.56 -87.37 -34.08
N ARG NA 120 40.05 -88.39 -34.77
CA ARG NA 120 41.29 -88.32 -35.54
C ARG NA 120 40.97 -88.07 -37.01
N ILE NA 121 41.50 -86.97 -37.55
CA ILE NA 121 41.21 -86.54 -38.90
C ILE NA 121 42.51 -86.23 -39.62
N GLU NA 122 42.61 -86.67 -40.87
CA GLU NA 122 43.77 -86.42 -41.73
C GLU NA 122 43.29 -85.70 -42.98
N LEU NA 123 44.02 -84.67 -43.38
CA LEU NA 123 43.56 -83.74 -44.39
C LEU NA 123 44.64 -83.50 -45.44
N LYS NA 124 44.22 -83.45 -46.71
CA LYS NA 124 45.09 -83.13 -47.83
C LYS NA 124 44.38 -82.09 -48.68
N GLY NA 125 44.83 -80.84 -48.63
CA GLY NA 125 44.21 -79.80 -49.40
C GLY NA 125 45.12 -79.23 -50.46
N ILE NA 126 44.72 -79.26 -51.73
CA ILE NA 126 45.63 -78.85 -52.80
C ILE NA 126 44.83 -78.07 -53.85
N ASP NA 127 45.56 -77.64 -54.89
CA ASP NA 127 45.02 -77.07 -56.13
C ASP NA 127 44.57 -75.61 -55.96
N PHE NA 128 45.23 -74.87 -55.07
CA PHE NA 128 44.85 -73.50 -54.78
C PHE NA 128 45.87 -72.52 -55.36
N LYS NA 129 45.41 -71.30 -55.62
CA LYS NA 129 46.31 -70.19 -55.88
C LYS NA 129 46.63 -69.50 -54.57
N GLU NA 130 47.92 -69.34 -54.28
CA GLU NA 130 48.36 -68.93 -52.95
C GLU NA 130 48.39 -67.42 -52.75
N ASP NA 131 47.99 -66.64 -53.76
CA ASP NA 131 47.73 -65.22 -53.59
C ASP NA 131 46.26 -64.90 -53.81
N GLY NA 132 45.36 -65.81 -53.43
CA GLY NA 132 43.94 -65.62 -53.65
C GLY NA 132 43.24 -65.00 -52.47
N ASN NA 133 41.92 -65.18 -52.46
CA ASN NA 133 41.06 -64.62 -51.42
C ASN NA 133 40.55 -65.65 -50.44
N ILE NA 134 40.06 -66.79 -50.95
CA ILE NA 134 39.55 -67.85 -50.09
C ILE NA 134 40.57 -68.24 -49.03
N LEU NA 135 41.84 -68.31 -49.42
CA LEU NA 135 42.91 -68.63 -48.48
C LEU NA 135 43.71 -67.42 -48.05
N GLY NA 136 43.79 -66.39 -48.87
CA GLY NA 136 44.66 -65.26 -48.62
C GLY NA 136 44.13 -64.26 -47.62
N HIS NA 137 43.20 -64.69 -46.76
CA HIS NA 137 42.64 -63.87 -45.68
C HIS NA 137 41.99 -62.60 -46.25
N LYS NA 138 40.99 -62.81 -47.10
CA LYS NA 138 40.12 -61.76 -47.57
C LYS NA 138 38.69 -61.96 -47.11
N LEU NA 139 38.33 -63.16 -46.69
CA LEU NA 139 36.97 -63.51 -46.33
C LEU NA 139 36.67 -63.04 -44.91
N GLU NA 140 35.38 -62.92 -44.60
CA GLU NA 140 34.95 -62.28 -43.36
C GLU NA 140 34.84 -63.30 -42.23
N TYR NA 141 35.25 -62.87 -41.03
CA TYR NA 141 35.19 -63.69 -39.82
C TYR NA 141 33.75 -63.68 -39.31
N ASN NA 142 32.96 -64.62 -39.82
CA ASN NA 142 31.57 -64.77 -39.44
C ASN NA 142 31.13 -66.20 -39.71
N PHE NA 143 29.81 -66.40 -39.70
CA PHE NA 143 29.23 -67.69 -40.04
C PHE NA 143 27.74 -67.48 -40.28
N ASN NA 144 27.08 -68.50 -40.83
CA ASN NA 144 25.66 -68.45 -41.15
C ASN NA 144 25.01 -69.81 -40.88
N SER NA 145 23.68 -69.83 -40.88
CA SER NA 145 22.92 -71.04 -40.63
C SER NA 145 22.91 -71.92 -41.88
N HIS NA 146 23.10 -73.22 -41.68
CA HIS NA 146 23.25 -74.12 -42.81
C HIS NA 146 22.45 -75.38 -42.61
N ASN NA 147 22.40 -76.20 -43.67
CA ASN NA 147 21.67 -77.45 -43.68
C ASN NA 147 22.52 -78.53 -44.33
N VAL NA 148 22.29 -79.78 -43.91
CA VAL NA 148 22.98 -80.96 -44.44
C VAL NA 148 21.90 -81.92 -44.93
N TYR NA 149 22.10 -82.50 -46.12
CA TYR NA 149 21.22 -83.53 -46.61
C TYR NA 149 21.87 -84.89 -46.42
N ILE NA 150 21.22 -85.76 -45.66
CA ILE NA 150 21.70 -87.12 -45.45
C ILE NA 150 20.81 -88.08 -46.22
N THR NA 151 21.44 -89.00 -46.94
CA THR NA 151 20.77 -89.96 -47.80
C THR NA 151 21.25 -91.37 -47.47
N ALA NA 152 20.31 -92.31 -47.41
CA ALA NA 152 20.66 -93.69 -47.19
C ALA NA 152 21.52 -94.21 -48.34
N ASP NA 153 22.42 -95.14 -48.04
CA ASP NA 153 23.34 -95.70 -49.03
C ASP NA 153 23.49 -97.18 -48.71
N LYS NA 154 22.64 -98.01 -49.32
CA LYS NA 154 22.69 -99.44 -49.06
C LYS NA 154 23.94 -100.09 -49.64
N GLN NA 155 24.57 -99.45 -50.63
CA GLN NA 155 25.81 -99.98 -51.20
C GLN NA 155 26.90 -100.05 -50.14
N LYS NA 156 27.01 -99.03 -49.30
CA LYS NA 156 27.90 -99.06 -48.15
C LYS NA 156 27.15 -99.27 -46.86
N ASN NA 157 25.89 -99.72 -46.94
CA ASN NA 157 24.97 -99.94 -45.81
C ASN NA 157 25.11 -98.83 -44.75
N GLY NA 158 25.42 -97.63 -45.22
CA GLY NA 158 25.59 -96.46 -44.39
C GLY NA 158 24.88 -95.28 -45.01
N ILE NA 159 25.54 -94.12 -45.09
CA ILE NA 159 24.89 -92.95 -45.69
C ILE NA 159 25.88 -92.12 -46.48
N LYS NA 160 25.34 -91.24 -47.30
CA LYS NA 160 26.07 -90.15 -47.91
C LYS NA 160 25.51 -88.84 -47.34
N ALA NA 161 26.40 -87.85 -47.19
CA ALA NA 161 25.99 -86.54 -46.72
C ALA NA 161 26.50 -85.49 -47.69
N ASN NA 162 25.57 -84.69 -48.21
CA ASN NA 162 25.90 -83.64 -49.16
C ASN NA 162 25.33 -82.33 -48.66
N PHE NA 163 26.11 -81.26 -48.84
CA PHE NA 163 25.62 -79.94 -48.43
C PHE NA 163 26.47 -78.87 -49.09
N LYS NA 164 26.01 -77.63 -48.95
CA LYS NA 164 26.66 -76.49 -49.59
C LYS NA 164 26.77 -75.37 -48.57
N ILE NA 165 27.96 -74.80 -48.44
CA ILE NA 165 28.23 -73.74 -47.49
C ILE NA 165 28.55 -72.46 -48.26
N ARG NA 166 28.05 -71.34 -47.75
CA ARG NA 166 28.29 -70.03 -48.36
C ARG NA 166 29.02 -69.16 -47.34
N HIS NA 167 30.26 -68.83 -47.63
CA HIS NA 167 31.06 -67.96 -46.79
C HIS NA 167 31.14 -66.58 -47.43
N ASN NA 168 30.57 -65.58 -46.76
CA ASN NA 168 30.58 -64.23 -47.29
C ASN NA 168 31.95 -63.60 -47.13
N VAL NA 169 32.35 -62.83 -48.13
CA VAL NA 169 33.63 -62.15 -48.13
C VAL NA 169 33.40 -60.71 -47.65
N GLU NA 170 34.48 -60.07 -47.19
CA GLU NA 170 34.35 -58.74 -46.60
C GLU NA 170 33.83 -57.71 -47.59
N ASP NA 171 33.66 -58.09 -48.86
CA ASP NA 171 33.14 -57.19 -49.88
C ASP NA 171 31.86 -57.74 -50.53
N GLY NA 172 30.99 -58.36 -49.73
CA GLY NA 172 29.69 -58.80 -50.20
C GLY NA 172 29.69 -60.11 -50.95
N SER NA 173 30.76 -60.44 -51.66
CA SER NA 173 30.79 -61.66 -52.44
C SER NA 173 30.81 -62.88 -51.51
N VAL NA 174 30.44 -64.02 -52.07
CA VAL NA 174 30.30 -65.26 -51.32
C VAL NA 174 31.08 -66.36 -52.02
N GLN NA 175 31.52 -67.34 -51.25
CA GLN NA 175 32.18 -68.53 -51.76
C GLN NA 175 31.31 -69.73 -51.40
N LEU NA 176 30.97 -70.54 -52.40
CA LEU NA 176 30.09 -71.68 -52.21
C LEU NA 176 30.90 -72.98 -52.28
N ALA NA 177 31.22 -73.53 -51.12
CA ALA NA 177 31.96 -74.79 -51.02
C ALA NA 177 30.94 -75.93 -50.94
N ASP NA 178 31.06 -76.88 -51.88
CA ASP NA 178 30.20 -78.05 -51.90
C ASP NA 178 30.91 -79.21 -51.20
N HIS NA 179 30.20 -79.85 -50.27
CA HIS NA 179 30.77 -80.89 -49.44
C HIS NA 179 30.05 -82.21 -49.68
N TYR NA 180 30.83 -83.25 -49.97
CA TYR NA 180 30.38 -84.63 -50.02
C TYR NA 180 31.06 -85.39 -48.90
N GLN NA 181 30.40 -86.44 -48.40
CA GLN NA 181 31.09 -87.36 -47.49
C GLN NA 181 30.36 -88.69 -47.45
N GLN NA 182 31.13 -89.77 -47.35
CA GLN NA 182 30.63 -91.12 -47.20
C GLN NA 182 30.80 -91.53 -45.74
N ASN NA 183 29.71 -91.97 -45.11
CA ASN NA 183 29.70 -92.40 -43.72
C ASN NA 183 29.43 -93.89 -43.66
N THR NA 184 30.37 -94.64 -43.07
CA THR NA 184 30.28 -96.10 -43.01
C THR NA 184 30.68 -96.61 -41.64
N PRO NA 185 29.94 -97.54 -41.07
CA PRO NA 185 30.29 -98.06 -39.75
C PRO NA 185 31.33 -99.17 -39.84
N ILE NA 186 32.13 -99.29 -38.78
CA ILE NA 186 33.21 -100.26 -38.77
C ILE NA 186 32.68 -101.69 -38.61
N GLY NA 187 31.58 -101.88 -37.89
CA GLY NA 187 31.08 -103.21 -37.63
C GLY NA 187 30.00 -103.63 -38.61
N ASP NA 188 29.83 -104.94 -38.73
CA ASP NA 188 28.85 -105.53 -39.63
C ASP NA 188 27.45 -105.61 -39.01
N GLY NA 189 27.26 -105.05 -37.82
CA GLY NA 189 26.00 -105.13 -37.13
C GLY NA 189 24.88 -104.38 -37.84
N PRO NA 190 23.66 -104.51 -37.33
CA PRO NA 190 22.53 -103.79 -37.93
C PRO NA 190 22.49 -102.34 -37.48
N VAL NA 191 22.62 -101.44 -38.46
CA VAL NA 191 22.57 -100.00 -38.22
C VAL NA 191 21.28 -99.47 -38.80
N LEU NA 192 20.64 -98.60 -38.03
CA LEU NA 192 19.32 -98.05 -38.37
C LEU NA 192 19.44 -97.23 -39.64
N LEU NA 193 18.51 -97.42 -40.57
CA LEU NA 193 18.64 -96.85 -41.90
C LEU NA 193 17.77 -95.59 -42.03
N PRO NA 194 18.36 -94.41 -42.13
CA PRO NA 194 17.57 -93.20 -42.31
C PRO NA 194 17.31 -92.89 -43.78
N ASP NA 195 16.05 -92.58 -44.07
CA ASP NA 195 15.73 -92.05 -45.39
C ASP NA 195 16.33 -90.64 -45.52
N ASN NA 196 16.38 -90.16 -46.75
CA ASN NA 196 16.98 -88.85 -47.03
C ASN NA 196 16.19 -87.76 -46.32
N HIS NA 197 16.87 -86.99 -45.47
CA HIS NA 197 16.24 -85.82 -44.86
C HIS NA 197 17.34 -84.81 -44.55
N TYR NA 198 17.00 -83.76 -43.80
CA TYR NA 198 17.90 -82.62 -43.65
C TYR NA 198 18.25 -82.42 -42.19
N LEU NA 199 19.20 -81.52 -41.97
CA LEU NA 199 19.75 -81.24 -40.66
C LEU NA 199 20.21 -79.80 -40.60
N SER NA 200 19.58 -79.01 -39.74
CA SER NA 200 19.88 -77.60 -39.58
C SER NA 200 20.96 -77.43 -38.53
N THR NA 201 21.79 -76.40 -38.74
CA THR NA 201 22.97 -76.16 -37.92
C THR NA 201 23.21 -74.67 -37.78
N GLN NA 202 23.49 -74.23 -36.55
CA GLN NA 202 23.86 -72.86 -36.26
C GLN NA 202 25.10 -72.89 -35.38
N SER NA 203 25.92 -71.84 -35.48
CA SER NA 203 27.11 -71.76 -34.64
C SER NA 203 27.56 -70.32 -34.51
N ALA NA 204 28.47 -70.10 -33.55
CA ALA NA 204 28.98 -68.78 -33.25
C ALA NA 204 30.45 -68.90 -32.84
N LEU NA 205 31.24 -67.95 -33.33
CA LEU NA 205 32.69 -67.91 -33.21
C LEU NA 205 33.10 -66.72 -32.38
N SER NA 206 34.12 -66.91 -31.53
CA SER NA 206 34.58 -65.86 -30.65
C SER NA 206 36.01 -66.16 -30.20
N LYS NA 207 36.53 -65.28 -29.36
CA LYS NA 207 37.91 -65.33 -28.88
C LYS NA 207 37.93 -65.38 -27.36
N ASP NA 208 38.98 -65.99 -26.82
CA ASP NA 208 39.30 -65.79 -25.41
C ASP NA 208 40.08 -64.47 -25.28
N PRO NA 209 39.80 -63.67 -24.25
CA PRO NA 209 40.44 -62.35 -24.18
C PRO NA 209 41.89 -62.39 -23.73
N ASN NA 210 42.32 -63.46 -23.05
CA ASN NA 210 43.63 -63.51 -22.42
C ASN NA 210 44.45 -64.74 -22.83
N GLU NA 211 44.36 -65.16 -24.08
CA GLU NA 211 45.21 -66.24 -24.60
C GLU NA 211 46.06 -65.72 -25.74
N LYS NA 212 47.37 -65.93 -25.66
CA LYS NA 212 48.30 -65.33 -26.59
C LYS NA 212 48.57 -66.20 -27.81
N ARG NA 213 48.09 -67.44 -27.82
CA ARG NA 213 48.23 -68.28 -29.00
C ARG NA 213 47.17 -67.92 -30.04
N ASP NA 214 47.10 -68.74 -31.09
CA ASP NA 214 45.97 -68.65 -32.01
C ASP NA 214 44.82 -69.53 -31.52
N HIS NA 215 43.70 -68.91 -31.18
CA HIS NA 215 42.58 -69.63 -30.60
C HIS NA 215 41.33 -69.34 -31.41
N MET NA 216 40.36 -70.23 -31.28
CA MET NA 216 39.06 -70.04 -31.92
C MET NA 216 38.03 -70.77 -31.09
N VAL NA 217 37.18 -70.03 -30.40
CA VAL NA 217 36.15 -70.57 -29.53
C VAL NA 217 34.86 -70.63 -30.34
N LEU NA 218 34.10 -71.73 -30.20
CA LEU NA 218 32.91 -71.90 -31.03
C LEU NA 218 31.86 -72.72 -30.29
N LEU NA 219 30.63 -72.20 -30.26
CA LEU NA 219 29.51 -72.94 -29.70
C LEU NA 219 28.44 -73.09 -30.76
N GLU NA 220 27.70 -74.20 -30.74
CA GLU NA 220 26.89 -74.56 -31.89
C GLU NA 220 25.73 -75.47 -31.50
N PHE NA 221 24.63 -75.32 -32.22
CA PHE NA 221 23.41 -76.09 -32.03
C PHE NA 221 23.06 -76.76 -33.34
N VAL NA 222 22.86 -78.08 -33.29
CA VAL NA 222 22.66 -78.90 -34.48
C VAL NA 222 21.49 -79.84 -34.23
N THR NA 223 20.55 -79.87 -35.17
CA THR NA 223 19.41 -80.77 -35.01
C THR NA 223 18.80 -81.05 -36.37
N ALA NA 224 18.25 -82.25 -36.51
CA ALA NA 224 17.80 -82.77 -37.79
C ALA NA 224 16.28 -82.83 -37.87
N ALA NA 225 15.80 -83.00 -39.11
CA ALA NA 225 14.37 -83.16 -39.39
C ALA NA 225 14.23 -83.65 -40.83
N GLY NA 226 13.00 -83.67 -41.31
CA GLY NA 226 12.70 -84.05 -42.68
C GLY NA 226 11.45 -84.87 -42.84
N ILE NA 227 10.96 -85.48 -41.79
CA ILE NA 227 9.75 -86.28 -41.83
C ILE NA 227 8.61 -85.46 -41.26
N THR NA 228 7.48 -85.41 -41.99
CA THR NA 228 6.31 -84.72 -41.49
C THR NA 228 5.44 -85.74 -40.75
N HIS NA 229 5.83 -86.06 -39.52
CA HIS NA 229 5.16 -87.10 -38.74
C HIS NA 229 3.97 -86.53 -37.97
N HIS NA 230 3.16 -87.43 -37.43
CA HIS NA 230 1.92 -87.07 -36.77
C HIS NA 230 2.16 -86.23 -35.52
N GLY OA 54 79.80 -17.52 -20.53
CA GLY OA 54 78.85 -18.14 -21.45
C GLY OA 54 78.78 -19.64 -21.32
N LYS OA 55 79.95 -20.28 -21.20
CA LYS OA 55 80.06 -21.71 -21.03
C LYS OA 55 81.14 -22.12 -20.04
N GLU OA 56 82.09 -21.24 -19.74
CA GLU OA 56 83.23 -21.58 -18.90
C GLU OA 56 82.87 -21.74 -17.42
N LEU OA 57 81.62 -21.51 -17.04
CA LEU OA 57 81.25 -21.66 -15.62
C LEU OA 57 80.96 -23.11 -15.27
N LEU OA 58 80.51 -23.90 -16.24
CA LEU OA 58 80.02 -25.24 -15.92
C LEU OA 58 81.14 -26.16 -15.46
N GLU OA 59 82.33 -26.06 -16.07
CA GLU OA 59 83.42 -26.92 -15.67
C GLU OA 59 83.91 -26.56 -14.27
N ALA OA 60 83.79 -25.28 -13.91
CA ALA OA 60 84.16 -24.86 -12.55
C ALA OA 60 83.13 -25.33 -11.54
N ALA OA 61 81.85 -25.38 -11.94
CA ALA OA 61 80.84 -25.99 -11.08
C ALA OA 61 81.10 -27.47 -10.91
N ARG OA 62 81.49 -28.15 -11.98
CA ARG OA 62 81.74 -29.58 -11.92
C ARG OA 62 82.96 -29.89 -11.06
N ALA OA 63 84.03 -29.11 -11.19
CA ALA OA 63 85.22 -29.32 -10.37
C ALA OA 63 85.02 -28.86 -8.93
N GLY OA 64 83.88 -28.26 -8.60
CA GLY OA 64 83.66 -27.74 -7.27
C GLY OA 64 84.37 -26.44 -6.99
N GLN OA 65 84.74 -25.69 -8.02
CA GLN OA 65 85.43 -24.41 -7.84
C GLN OA 65 84.42 -23.35 -7.45
N ASP OA 66 84.03 -23.37 -6.17
CA ASP OA 66 83.01 -22.45 -5.69
C ASP OA 66 83.46 -21.00 -5.83
N ASP OA 67 84.74 -20.72 -5.56
CA ASP OA 67 85.23 -19.36 -5.68
C ASP OA 67 85.31 -18.91 -7.14
N GLU OA 68 85.64 -19.84 -8.04
CA GLU OA 68 85.70 -19.46 -9.45
C GLU OA 68 84.32 -19.13 -9.99
N VAL OA 69 83.32 -19.99 -9.74
CA VAL OA 69 81.97 -19.68 -10.19
C VAL OA 69 81.45 -18.44 -9.49
N ALA OA 70 81.89 -18.19 -8.25
CA ALA OA 70 81.53 -16.95 -7.58
C ALA OA 70 82.03 -15.73 -8.36
N VAL OA 71 83.34 -15.67 -8.61
CA VAL OA 71 83.91 -14.47 -9.24
C VAL OA 71 83.45 -14.35 -10.68
N LEU OA 72 83.11 -15.48 -11.32
CA LEU OA 72 82.70 -15.43 -12.72
C LEU OA 72 81.21 -15.16 -12.87
N MET OA 73 80.41 -15.44 -11.85
CA MET OA 73 79.01 -15.07 -11.86
C MET OA 73 78.79 -13.64 -11.36
N ALA OA 74 79.69 -13.14 -10.51
CA ALA OA 74 79.69 -11.72 -10.20
C ALA OA 74 79.74 -10.90 -11.46
N ARG OA 75 80.70 -11.20 -12.33
CA ARG OA 75 80.67 -10.69 -13.70
C ARG OA 75 79.53 -11.35 -14.46
N GLY OA 76 78.87 -10.55 -15.30
CA GLY OA 76 77.72 -11.02 -16.05
C GLY OA 76 77.96 -12.32 -16.81
N ALA OA 77 77.30 -13.39 -16.37
CA ALA OA 77 77.49 -14.70 -16.97
C ALA OA 77 76.15 -15.39 -17.11
N GLU OA 78 76.11 -16.43 -17.95
CA GLU OA 78 74.88 -17.18 -18.17
C GLU OA 78 74.58 -18.07 -16.97
N VAL OA 79 73.48 -17.79 -16.28
CA VAL OA 79 73.10 -18.63 -15.16
C VAL OA 79 72.26 -19.84 -15.59
N ASN OA 80 71.28 -19.64 -16.47
CA ASN OA 80 70.43 -20.72 -16.96
C ASN OA 80 70.99 -21.35 -18.23
N ALA OA 81 72.23 -21.76 -18.18
CA ALA OA 81 72.92 -22.30 -19.35
C ALA OA 81 72.39 -23.70 -19.68
N ALA OA 82 71.96 -23.85 -20.93
CA ALA OA 82 71.62 -25.15 -21.49
C ALA OA 82 72.82 -25.63 -22.29
N ASP OA 83 73.26 -26.86 -22.01
CA ASP OA 83 74.53 -27.33 -22.52
C ASP OA 83 74.32 -28.42 -23.57
N ASP OA 84 75.44 -29.03 -23.96
CA ASP OA 84 75.50 -29.99 -25.06
C ASP OA 84 74.57 -31.19 -24.89
N VAL OA 85 74.10 -31.48 -23.67
CA VAL OA 85 73.12 -32.53 -23.48
C VAL OA 85 72.01 -32.01 -22.59
N GLY OA 86 72.08 -30.72 -22.24
CA GLY OA 86 71.00 -30.09 -21.50
C GLY OA 86 71.23 -30.06 -20.01
N VAL OA 87 72.50 -30.12 -19.60
CA VAL OA 87 72.88 -30.20 -18.20
C VAL OA 87 73.23 -28.78 -17.77
N THR OA 88 72.39 -28.20 -16.93
CA THR OA 88 72.64 -26.86 -16.41
C THR OA 88 73.64 -26.97 -15.25
N PRO OA 89 74.44 -25.92 -15.02
CA PRO OA 89 75.33 -25.92 -13.85
C PRO OA 89 74.67 -26.36 -12.54
N LEU OA 90 73.36 -26.16 -12.39
CA LEU OA 90 72.68 -26.61 -11.19
C LEU OA 90 72.64 -28.13 -11.13
N HIS OA 91 72.43 -28.79 -12.27
CA HIS OA 91 72.41 -30.25 -12.29
C HIS OA 91 73.74 -30.82 -11.83
N LEU OA 92 74.85 -30.34 -12.40
CA LEU OA 92 76.18 -30.80 -12.03
C LEU OA 92 76.57 -30.36 -10.63
N ALA OA 93 76.03 -29.25 -10.14
CA ALA OA 93 76.26 -28.82 -8.77
C ALA OA 93 75.48 -29.65 -7.77
N ALA OA 94 74.41 -30.31 -8.21
CA ALA OA 94 73.65 -31.22 -7.37
C ALA OA 94 74.18 -32.64 -7.39
N GLN OA 95 74.64 -33.12 -8.56
CA GLN OA 95 75.24 -34.45 -8.64
C GLN OA 95 76.36 -34.61 -7.62
N ARG OA 96 77.39 -33.77 -7.73
CA ARG OA 96 78.39 -33.66 -6.68
C ARG OA 96 77.80 -32.87 -5.52
N GLY OA 97 78.33 -33.13 -4.32
CA GLY OA 97 77.79 -32.44 -3.16
C GLY OA 97 78.46 -31.10 -2.94
N HIS OA 98 77.82 -30.05 -3.43
CA HIS OA 98 78.39 -28.69 -3.36
C HIS OA 98 77.25 -27.73 -3.03
N LEU OA 99 77.06 -27.46 -1.74
CA LEU OA 99 75.98 -26.60 -1.29
C LEU OA 99 76.22 -25.13 -1.63
N ALA OA 100 77.46 -24.66 -1.51
CA ALA OA 100 77.75 -23.26 -1.78
C ALA OA 100 77.43 -22.90 -3.22
N ILE OA 101 77.74 -23.80 -4.15
CA ILE OA 101 77.53 -23.51 -5.57
C ILE OA 101 76.03 -23.43 -5.87
N VAL OA 102 75.23 -24.34 -5.32
CA VAL OA 102 73.80 -24.29 -5.60
C VAL OA 102 73.17 -23.08 -4.91
N SER OA 103 73.72 -22.66 -3.77
CA SER OA 103 73.20 -21.46 -3.13
C SER OA 103 73.47 -20.22 -3.97
N VAL OA 104 74.72 -20.05 -4.41
CA VAL OA 104 75.06 -18.87 -5.21
C VAL OA 104 74.45 -18.94 -6.60
N LEU OA 105 74.02 -20.13 -7.03
CA LEU OA 105 73.32 -20.22 -8.30
C LEU OA 105 71.85 -19.91 -8.16
N LEU OA 106 71.20 -20.39 -7.09
CA LEU OA 106 69.82 -20.01 -6.82
C LEU OA 106 69.67 -18.52 -6.62
N ALA OA 107 70.58 -17.92 -5.84
CA ALA OA 107 70.49 -16.48 -5.60
C ALA OA 107 70.58 -15.69 -6.90
N PHE OA 108 71.34 -16.18 -7.87
CA PHE OA 108 71.49 -15.49 -9.14
C PHE OA 108 70.41 -15.85 -10.16
N GLY OA 109 69.39 -16.59 -9.78
CA GLY OA 109 68.27 -16.80 -10.67
C GLY OA 109 68.33 -18.06 -11.51
N ALA OA 110 68.61 -19.18 -10.87
CA ALA OA 110 68.56 -20.46 -11.57
C ALA OA 110 67.15 -21.05 -11.46
N SER OA 111 66.87 -21.99 -12.35
CA SER OA 111 65.57 -22.67 -12.33
C SER OA 111 65.72 -24.02 -11.66
N VAL OA 112 64.95 -24.26 -10.60
CA VAL OA 112 65.00 -25.54 -9.90
C VAL OA 112 64.38 -26.66 -10.73
N ASN OA 113 63.41 -26.35 -11.59
CA ASN OA 113 62.80 -27.33 -12.48
C ASN OA 113 63.38 -27.13 -13.87
N ALA OA 114 64.40 -27.90 -14.22
CA ALA OA 114 65.10 -27.74 -15.48
C ALA OA 114 65.10 -29.06 -16.23
N ALA OA 115 64.25 -29.13 -17.25
CA ALA OA 115 63.94 -30.40 -17.92
C ALA OA 115 65.17 -30.85 -18.71
N ASP OA 116 65.97 -31.72 -18.11
CA ASP OA 116 67.12 -32.30 -18.77
C ASP OA 116 66.67 -33.09 -20.01
N LEU OA 117 67.62 -33.34 -20.90
CA LEU OA 117 67.32 -34.11 -22.11
C LEU OA 117 66.88 -35.52 -21.78
N TRP OA 118 67.22 -36.03 -20.60
CA TRP OA 118 66.77 -37.34 -20.15
C TRP OA 118 65.54 -37.28 -19.27
N GLY OA 119 65.09 -36.09 -18.88
CA GLY OA 119 63.94 -35.96 -18.02
C GLY OA 119 64.28 -35.73 -16.56
N GLN OA 120 65.56 -35.52 -16.23
CA GLN OA 120 65.94 -35.32 -14.85
C GLN OA 120 65.87 -33.85 -14.47
N THR OA 121 65.98 -33.62 -13.16
CA THR OA 121 65.84 -32.34 -12.49
C THR OA 121 66.87 -32.38 -11.37
N PRO OA 122 67.43 -31.25 -10.92
CA PRO OA 122 68.41 -31.31 -9.82
C PRO OA 122 67.92 -32.07 -8.60
N LEU OA 123 66.61 -32.07 -8.34
CA LEU OA 123 66.07 -32.85 -7.23
C LEU OA 123 66.25 -34.34 -7.45
N HIS OA 124 66.09 -34.80 -8.70
CA HIS OA 124 66.29 -36.21 -9.00
C HIS OA 124 67.72 -36.64 -8.68
N LEU OA 125 68.70 -35.96 -9.27
CA LEU OA 125 70.09 -36.31 -9.03
C LEU OA 125 70.52 -36.10 -7.59
N ALA OA 126 70.00 -35.08 -6.92
CA ALA OA 126 70.35 -34.85 -5.52
C ALA OA 126 69.76 -35.91 -4.60
N ALA OA 127 68.53 -36.34 -4.84
CA ALA OA 127 67.95 -37.43 -4.06
C ALA OA 127 68.66 -38.74 -4.34
N THR OA 128 69.09 -38.97 -5.58
CA THR OA 128 69.83 -40.18 -5.88
C THR OA 128 71.21 -40.18 -5.23
N ALA OA 129 71.89 -39.04 -5.22
CA ALA OA 129 73.24 -38.99 -4.66
C ALA OA 129 73.24 -39.28 -3.16
N GLY OA 130 72.56 -38.45 -2.38
CA GLY OA 130 72.47 -38.68 -0.96
C GLY OA 130 72.76 -37.47 -0.09
N HIS OA 131 72.83 -36.30 -0.71
CA HIS OA 131 73.14 -35.07 0.02
C HIS OA 131 71.85 -34.43 0.52
N LEU OA 132 71.70 -34.36 1.84
CA LEU OA 132 70.44 -33.91 2.42
C LEU OA 132 70.29 -32.40 2.34
N GLU OA 133 71.35 -31.65 2.61
CA GLU OA 133 71.28 -30.20 2.63
C GLU OA 133 70.85 -29.64 1.28
N ILE OA 134 71.35 -30.21 0.19
CA ILE OA 134 70.92 -29.76 -1.13
C ILE OA 134 69.45 -30.06 -1.35
N VAL OA 135 68.99 -31.23 -0.91
CA VAL OA 135 67.57 -31.56 -1.02
C VAL OA 135 66.73 -30.54 -0.27
N GLU OA 136 67.13 -30.17 0.94
CA GLU OA 136 66.36 -29.19 1.71
C GLU OA 136 66.34 -27.84 1.00
N VAL OA 137 67.49 -27.34 0.58
CA VAL OA 137 67.52 -26.00 0.00
C VAL OA 137 66.82 -25.98 -1.35
N LEU OA 138 66.70 -27.13 -2.00
CA LEU OA 138 65.94 -27.18 -3.25
C LEU OA 138 64.45 -27.26 -2.99
N LEU OA 139 64.04 -28.02 -1.98
CA LEU OA 139 62.63 -28.12 -1.64
C LEU OA 139 62.08 -26.79 -1.14
N ARG OA 140 62.90 -26.03 -0.42
CA ARG OA 140 62.47 -24.72 0.04
C ARG OA 140 62.41 -23.69 -1.08
N SER OA 141 63.09 -23.94 -2.20
CA SER OA 141 63.14 -22.99 -3.30
C SER OA 141 62.08 -23.25 -4.36
N GLY OA 142 61.30 -24.32 -4.24
CA GLY OA 142 60.24 -24.60 -5.17
C GLY OA 142 60.42 -25.81 -6.06
N ALA OA 143 61.24 -26.78 -5.67
CA ALA OA 143 61.37 -27.98 -6.47
C ALA OA 143 60.10 -28.83 -6.34
N SER OA 144 59.71 -29.45 -7.44
CA SER OA 144 58.50 -30.24 -7.50
C SER OA 144 58.78 -31.69 -7.15
N VAL OA 145 58.21 -32.14 -6.03
CA VAL OA 145 58.44 -33.48 -5.52
C VAL OA 145 57.85 -34.57 -6.40
N ASN OA 146 56.98 -34.23 -7.34
CA ASN OA 146 56.30 -35.22 -8.16
C ASN OA 146 56.56 -35.00 -9.63
N ALA OA 147 57.81 -34.73 -9.98
CA ALA OA 147 58.22 -34.67 -11.38
C ALA OA 147 58.69 -36.04 -11.83
N ARG OA 148 58.49 -36.34 -13.10
CA ARG OA 148 58.72 -37.68 -13.63
C ARG OA 148 59.93 -37.70 -14.55
N ASP OA 149 60.56 -38.87 -14.62
CA ASP OA 149 61.57 -39.19 -15.64
C ASP OA 149 60.88 -39.67 -16.91
N ASN OA 150 61.67 -40.27 -17.80
CA ASN OA 150 61.08 -41.01 -18.90
C ASN OA 150 60.59 -42.37 -18.43
N ILE OA 151 61.38 -43.05 -17.60
CA ILE OA 151 60.88 -44.26 -16.94
C ILE OA 151 59.66 -43.95 -16.08
N GLY OA 152 59.52 -42.72 -15.59
CA GLY OA 152 58.43 -42.34 -14.72
C GLY OA 152 58.80 -42.20 -13.27
N HIS OA 153 60.08 -42.31 -12.93
CA HIS OA 153 60.49 -42.26 -11.53
C HIS OA 153 60.27 -40.86 -10.95
N THR OA 154 59.83 -40.82 -9.70
CA THR OA 154 59.76 -39.60 -8.92
C THR OA 154 60.90 -39.57 -7.92
N PRO OA 155 61.25 -38.39 -7.39
CA PRO OA 155 62.39 -38.34 -6.46
C PRO OA 155 62.30 -39.32 -5.31
N LEU OA 156 61.09 -39.75 -4.93
CA LEU OA 156 60.96 -40.72 -3.85
C LEU OA 156 61.33 -42.12 -4.33
N HIS OA 157 61.02 -42.45 -5.60
CA HIS OA 157 61.50 -43.70 -6.18
C HIS OA 157 63.01 -43.83 -6.00
N LEU OA 158 63.75 -42.77 -6.36
CA LEU OA 158 65.19 -42.81 -6.27
C LEU OA 158 65.67 -42.78 -4.82
N ALA OA 159 65.00 -42.01 -3.97
CA ALA OA 159 65.35 -42.00 -2.56
C ALA OA 159 65.19 -43.38 -1.93
N ALA OA 160 64.19 -44.15 -2.37
CA ALA OA 160 63.98 -45.49 -1.85
C ALA OA 160 64.94 -46.50 -2.46
N TRP OA 161 65.23 -46.39 -3.75
CA TRP OA 161 66.22 -47.27 -4.36
C TRP OA 161 67.59 -47.10 -3.72
N ALA OA 162 68.06 -45.84 -3.61
CA ALA OA 162 69.41 -45.61 -3.13
C ALA OA 162 69.56 -46.00 -1.67
N GLY OA 163 68.50 -45.89 -0.88
CA GLY OA 163 68.55 -46.23 0.52
C GLY OA 163 68.80 -45.08 1.47
N HIS OA 164 68.27 -43.90 1.20
CA HIS OA 164 68.53 -42.71 2.00
C HIS OA 164 67.32 -42.42 2.88
N LEU OA 165 67.43 -42.72 4.17
CA LEU OA 165 66.28 -42.64 5.06
C LEU OA 165 65.87 -41.20 5.32
N GLU OA 166 66.83 -40.35 5.68
CA GLU OA 166 66.51 -38.96 6.02
C GLU OA 166 65.94 -38.22 4.82
N ILE OA 167 66.46 -38.51 3.62
CA ILE OA 167 65.91 -37.90 2.41
C ILE OA 167 64.49 -38.39 2.17
N VAL OA 168 64.24 -39.67 2.45
CA VAL OA 168 62.87 -40.17 2.34
C VAL OA 168 61.94 -39.43 3.28
N GLU OA 169 62.40 -39.17 4.50
CA GLU OA 169 61.58 -38.41 5.44
C GLU OA 169 61.29 -37.01 4.96
N VAL OA 170 62.31 -36.27 4.53
CA VAL OA 170 62.07 -34.89 4.11
C VAL OA 170 61.22 -34.85 2.85
N LEU OA 171 61.32 -35.87 1.99
CA LEU OA 171 60.47 -35.91 0.81
C LEU OA 171 59.03 -36.26 1.16
N LEU OA 172 58.82 -37.07 2.19
CA LEU OA 172 57.45 -37.37 2.62
C LEU OA 172 56.80 -36.20 3.32
N ALA OA 173 57.58 -35.38 4.02
CA ALA OA 173 57.05 -34.17 4.64
C ALA OA 173 56.58 -33.13 3.63
N TYR OA 174 57.14 -33.13 2.42
CA TYR OA 174 56.85 -32.09 1.44
C TYR OA 174 55.81 -32.50 0.41
N GLY OA 175 55.20 -33.67 0.57
CA GLY OA 175 54.07 -34.05 -0.25
C GLY OA 175 54.33 -35.13 -1.28
N ALA OA 176 55.43 -35.85 -1.19
CA ALA OA 176 55.61 -37.01 -2.04
C ALA OA 176 54.63 -38.10 -1.64
N ASP OA 177 53.99 -38.70 -2.64
CA ASP OA 177 52.97 -39.72 -2.43
C ASP OA 177 53.62 -41.10 -2.43
N VAL OA 178 53.10 -42.00 -1.60
CA VAL OA 178 53.77 -43.28 -1.41
C VAL OA 178 53.38 -44.28 -2.48
N PHE OA 179 52.11 -44.30 -2.92
CA PHE OA 179 51.74 -45.22 -3.99
C PHE OA 179 51.67 -44.50 -5.34
N ALA OA 180 52.82 -44.08 -5.85
CA ALA OA 180 52.94 -43.62 -7.23
C ALA OA 180 53.73 -44.66 -8.00
N GLN OA 181 53.40 -44.80 -9.28
CA GLN OA 181 54.02 -45.85 -10.09
C GLN OA 181 54.89 -45.24 -11.19
N ASP OA 182 55.79 -46.06 -11.72
CA ASP OA 182 56.55 -45.75 -12.92
C ASP OA 182 55.91 -46.48 -14.10
N LYS OA 183 56.51 -46.33 -15.27
CA LYS OA 183 55.96 -47.00 -16.45
C LYS OA 183 55.88 -48.51 -16.26
N PHE OA 184 56.84 -49.10 -15.55
CA PHE OA 184 56.85 -50.54 -15.38
C PHE OA 184 55.99 -51.01 -14.22
N GLY OA 185 55.33 -50.11 -13.51
CA GLY OA 185 54.30 -50.48 -12.55
C GLY OA 185 54.72 -50.54 -11.10
N LYS OA 186 55.93 -50.10 -10.76
CA LYS OA 186 56.43 -50.26 -9.40
C LYS OA 186 56.25 -48.97 -8.59
N THR OA 187 56.00 -49.15 -7.30
CA THR OA 187 55.91 -48.10 -6.30
C THR OA 187 57.19 -48.07 -5.48
N PRO OA 188 57.51 -46.95 -4.83
CA PRO OA 188 58.74 -46.88 -4.04
C PRO OA 188 58.93 -48.03 -3.08
N PHE OA 189 57.84 -48.59 -2.55
CA PHE OA 189 57.97 -49.75 -1.68
C PHE OA 189 58.55 -50.95 -2.41
N ASP OA 190 58.25 -51.09 -3.70
CA ASP OA 190 58.79 -52.21 -4.46
C ASP OA 190 60.28 -52.03 -4.71
N LEU OA 191 60.69 -50.83 -5.15
CA LEU OA 191 62.12 -50.57 -5.30
C LEU OA 191 62.85 -50.69 -3.97
N ALA OA 192 62.12 -50.52 -2.86
CA ALA OA 192 62.76 -50.66 -1.56
C ALA OA 192 62.90 -52.12 -1.16
N ILE OA 193 61.93 -52.97 -1.51
CA ILE OA 193 61.97 -54.34 -1.06
C ILE OA 193 62.79 -55.22 -2.00
N ASP OA 194 62.97 -54.80 -3.25
CA ASP OA 194 63.79 -55.60 -4.16
C ASP OA 194 65.27 -55.21 -4.13
N ASN OA 195 65.69 -54.38 -3.18
CA ASN OA 195 67.07 -53.94 -3.08
C ASN OA 195 67.65 -54.09 -1.69
N GLY OA 196 66.94 -54.77 -0.79
CA GLY OA 196 67.43 -54.96 0.55
C GLY OA 196 67.39 -53.73 1.44
N ASN OA 197 67.00 -52.57 0.91
CA ASN OA 197 66.78 -51.40 1.75
C ASN OA 197 65.61 -51.66 2.67
N GLU OA 198 65.90 -51.86 3.96
CA GLU OA 198 64.94 -52.44 4.89
C GLU OA 198 64.02 -51.43 5.54
N ASP OA 199 64.53 -50.29 6.00
CA ASP OA 199 63.71 -49.42 6.82
C ASP OA 199 62.87 -48.47 5.98
N ILE OA 200 63.35 -48.12 4.79
CA ILE OA 200 62.50 -47.43 3.83
C ILE OA 200 61.22 -48.21 3.65
N ALA OA 201 61.34 -49.53 3.46
CA ALA OA 201 60.18 -50.39 3.32
C ALA OA 201 59.27 -50.33 4.54
N GLU OA 202 59.84 -50.29 5.75
CA GLU OA 202 59.00 -50.28 6.94
C GLU OA 202 58.23 -48.97 7.08
N VAL OA 203 58.92 -47.84 6.92
CA VAL OA 203 58.24 -46.56 7.07
C VAL OA 203 57.32 -46.25 5.91
N LEU OA 204 57.44 -46.95 4.78
CA LEU OA 204 56.44 -46.78 3.74
C LEU OA 204 55.27 -47.74 3.91
N GLN OA 205 55.53 -48.94 4.45
CA GLN OA 205 54.46 -49.87 4.77
C GLN OA 205 53.54 -49.31 5.84
N ARG OA 206 54.09 -48.61 6.82
CA ARG OA 206 53.24 -48.02 7.85
C ARG OA 206 52.24 -47.04 7.24
N LEU OA 207 52.68 -46.26 6.24
CA LEU OA 207 51.78 -45.27 5.63
C LEU OA 207 50.75 -45.94 4.73
N LEU OA 208 51.18 -46.91 3.92
CA LEU OA 208 50.22 -47.67 3.14
C LEU OA 208 49.14 -48.28 4.02
N GLU OA 209 49.54 -48.82 5.17
CA GLU OA 209 48.59 -49.45 6.06
C GLU OA 209 47.66 -48.43 6.72
N CYS OA 210 48.19 -47.27 7.11
CA CYS OA 210 47.32 -46.24 7.67
C CYS OA 210 46.23 -45.83 6.68
N ARG OA 211 46.60 -45.62 5.42
CA ARG OA 211 45.59 -45.23 4.45
C ARG OA 211 44.57 -46.34 4.22
N ARG OA 212 45.02 -47.58 4.10
CA ARG OA 212 44.09 -48.70 3.91
C ARG OA 212 43.12 -48.82 5.07
N ASP OA 213 43.61 -48.71 6.30
CA ASP OA 213 42.76 -48.89 7.48
C ASP OA 213 41.76 -47.75 7.64
N ALA OA 214 42.16 -46.52 7.34
CA ALA OA 214 41.19 -45.44 7.41
C ALA OA 214 40.08 -45.63 6.38
N GLU OA 215 40.43 -46.05 5.16
CA GLU OA 215 39.42 -46.33 4.16
C GLU OA 215 38.43 -47.39 4.65
N ALA OA 216 38.95 -48.49 5.19
CA ALA OA 216 38.10 -49.56 5.70
C ALA OA 216 37.18 -49.10 6.82
N ALA OA 217 37.69 -48.33 7.78
CA ALA OA 217 36.85 -47.85 8.87
C ALA OA 217 35.76 -46.90 8.41
N ILE OA 218 36.03 -46.06 7.41
CA ILE OA 218 34.96 -45.20 6.92
C ILE OA 218 33.88 -46.01 6.22
N ASN OA 219 34.27 -47.05 5.48
CA ASN OA 219 33.26 -47.93 4.90
C ASN OA 219 32.39 -48.58 5.97
N TYR OA 220 33.01 -49.06 7.05
CA TYR OA 220 32.24 -49.71 8.10
C TYR OA 220 31.29 -48.73 8.79
N GLN OA 221 31.70 -47.47 8.94
CA GLN OA 221 30.80 -46.49 9.53
C GLN OA 221 29.62 -46.18 8.63
N ILE OA 222 29.84 -46.15 7.31
CA ILE OA 222 28.72 -45.98 6.39
C ILE OA 222 27.70 -47.10 6.57
N ASN OA 223 28.19 -48.35 6.63
CA ASN OA 223 27.26 -49.46 6.81
C ASN OA 223 26.53 -49.39 8.14
N LEU OA 224 27.22 -48.97 9.21
CA LEU OA 224 26.57 -48.92 10.52
C LEU OA 224 25.47 -47.86 10.56
N GLU OA 225 25.68 -46.70 9.92
CA GLU OA 225 24.60 -45.71 9.93
C GLU OA 225 23.43 -46.15 9.05
N LEU OA 226 23.69 -46.83 7.94
CA LEU OA 226 22.57 -47.36 7.16
C LEU OA 226 21.76 -48.39 7.94
N TYR OA 227 22.44 -49.24 8.72
CA TYR OA 227 21.73 -50.18 9.57
C TYR OA 227 20.90 -49.48 10.64
N ALA OA 228 21.45 -48.45 11.28
CA ALA OA 228 20.67 -47.72 12.26
C ALA OA 228 19.43 -47.08 11.65
N SER OA 229 19.56 -46.53 10.44
CA SER OA 229 18.39 -45.97 9.76
C SER OA 229 17.31 -47.01 9.53
N TYR OA 230 17.71 -48.22 9.12
CA TYR OA 230 16.75 -49.30 8.92
C TYR OA 230 16.08 -49.71 10.23
N VAL OA 231 16.84 -49.76 11.32
CA VAL OA 231 16.25 -50.12 12.63
C VAL OA 231 15.21 -49.10 13.05
N TYR OA 232 15.49 -47.81 12.84
CA TYR OA 232 14.52 -46.79 13.21
C TYR OA 232 13.28 -46.86 12.35
N LEU OA 233 13.41 -47.21 11.07
CA LEU OA 233 12.23 -47.37 10.22
C LEU OA 233 11.33 -48.49 10.74
N SER OA 234 11.94 -49.61 11.11
CA SER OA 234 11.18 -50.70 11.73
C SER OA 234 10.45 -50.23 12.99
N MET OA 235 11.20 -49.60 13.92
CA MET OA 235 10.59 -49.07 15.13
C MET OA 235 9.40 -48.17 14.84
N SER OA 236 9.55 -47.26 13.88
CA SER OA 236 8.49 -46.32 13.56
C SER OA 236 7.24 -47.00 13.04
N TYR OA 237 7.37 -47.97 12.15
CA TYR OA 237 6.16 -48.63 11.66
C TYR OA 237 5.64 -49.70 12.59
N TYR OA 238 6.30 -49.95 13.72
CA TYR OA 238 5.67 -50.75 14.76
C TYR OA 238 4.57 -49.98 15.48
N PHE OA 239 4.81 -48.72 15.81
CA PHE OA 239 3.83 -47.92 16.53
C PHE OA 239 2.68 -47.45 15.67
N ASP OA 240 2.59 -47.92 14.44
CA ASP OA 240 1.53 -47.53 13.52
C ASP OA 240 0.47 -48.61 13.40
N ARG OA 241 0.73 -49.80 13.93
CA ARG OA 241 -0.28 -50.86 13.95
C ARG OA 241 -1.50 -50.37 14.70
N ASP OA 242 -2.64 -51.04 14.54
CA ASP OA 242 -3.83 -50.60 15.25
C ASP OA 242 -4.02 -51.28 16.59
N ASP OA 243 -3.16 -52.25 16.94
CA ASP OA 243 -3.09 -52.67 18.32
C ASP OA 243 -1.97 -51.96 19.06
N VAL OA 244 -1.27 -51.05 18.39
CA VAL OA 244 -0.32 -50.14 19.02
C VAL OA 244 -0.62 -48.76 18.44
N ALA OA 245 -1.51 -48.00 19.06
CA ALA OA 245 -2.02 -46.80 18.42
C ALA OA 245 -1.36 -45.54 18.98
N LEU OA 246 -0.06 -45.41 18.75
CA LEU OA 246 0.70 -44.26 19.22
C LEU OA 246 1.33 -43.55 18.02
N LYS OA 247 0.85 -42.35 17.72
CA LYS OA 247 1.20 -41.64 16.49
C LYS OA 247 2.47 -40.81 16.61
N ASN OA 248 2.73 -40.25 17.79
CA ASN OA 248 3.87 -39.37 17.91
C ASN OA 248 5.15 -40.14 18.17
N PHE OA 249 5.06 -41.31 18.78
CA PHE OA 249 6.18 -42.26 18.76
C PHE OA 249 6.57 -42.59 17.32
N ALA OA 250 5.58 -42.79 16.45
CA ALA OA 250 5.83 -43.09 15.05
C ALA OA 250 6.51 -41.93 14.34
N LYS OA 251 6.01 -40.70 14.52
CA LYS OA 251 6.67 -39.56 13.90
C LYS OA 251 8.10 -39.38 14.42
N TYR OA 252 8.30 -39.53 15.73
CA TYR OA 252 9.63 -39.46 16.30
C TYR OA 252 10.58 -40.40 15.59
N PHE OA 253 10.26 -41.69 15.54
CA PHE OA 253 11.20 -42.63 14.98
C PHE OA 253 11.36 -42.49 13.46
N LEU OA 254 10.35 -41.99 12.75
CA LEU OA 254 10.59 -41.70 11.34
C LEU OA 254 11.57 -40.55 11.13
N HIS OA 255 11.47 -39.51 11.95
CA HIS OA 255 12.44 -38.43 11.88
C HIS OA 255 13.85 -38.92 12.13
N GLN OA 256 14.03 -39.77 13.14
CA GLN OA 256 15.36 -40.32 13.39
C GLN OA 256 15.84 -41.17 12.23
N SER OA 257 14.94 -41.95 11.63
CA SER OA 257 15.29 -42.75 10.46
C SER OA 257 15.85 -41.91 9.32
N HIS OA 258 15.31 -40.72 9.08
CA HIS OA 258 15.82 -39.91 7.99
C HIS OA 258 17.11 -39.19 8.34
N GLU OA 259 17.24 -38.74 9.59
CA GLU OA 259 18.50 -38.12 10.01
C GLU OA 259 19.66 -39.08 9.88
N GLU OA 260 19.45 -40.35 10.22
CA GLU OA 260 20.55 -41.30 10.12
C GLU OA 260 20.96 -41.62 8.69
N ARG OA 261 20.14 -41.33 7.70
CA ARG OA 261 20.60 -41.49 6.33
C ARG OA 261 21.37 -40.28 5.85
N GLU OA 262 20.95 -39.09 6.29
CA GLU OA 262 21.81 -37.92 6.06
C GLU OA 262 23.20 -38.14 6.63
N HIS OA 263 23.29 -38.72 7.83
CA HIS OA 263 24.60 -38.99 8.44
C HIS OA 263 25.48 -39.85 7.55
N ALA OA 264 24.93 -40.87 6.90
CA ALA OA 264 25.75 -41.77 6.09
C ALA OA 264 26.12 -41.15 4.76
N GLU OA 265 25.22 -40.36 4.17
CA GLU OA 265 25.59 -39.66 2.94
C GLU OA 265 26.72 -38.67 3.18
N LYS OA 266 26.78 -38.05 4.36
CA LYS OA 266 27.92 -37.19 4.67
C LYS OA 266 29.24 -37.95 4.62
N LEU OA 267 29.26 -39.17 5.13
CA LEU OA 267 30.50 -39.94 5.12
C LEU OA 267 30.85 -40.43 3.72
N MET OA 268 29.84 -40.72 2.89
CA MET OA 268 30.12 -41.05 1.50
C MET OA 268 30.78 -39.89 0.77
N LYS OA 269 30.20 -38.70 0.93
CA LYS OA 269 30.81 -37.51 0.34
C LYS OA 269 32.24 -37.31 0.84
N LEU OA 270 32.45 -37.47 2.15
CA LEU OA 270 33.81 -37.37 2.69
C LEU OA 270 34.76 -38.33 1.99
N GLN OA 271 34.38 -39.60 1.86
CA GLN OA 271 35.30 -40.55 1.27
C GLN OA 271 35.55 -40.29 -0.20
N ASN OA 272 34.61 -39.63 -0.88
CA ASN OA 272 34.91 -39.22 -2.24
C ASN OA 272 35.85 -38.02 -2.28
N GLN OA 273 35.79 -37.14 -1.27
CA GLN OA 273 36.71 -36.01 -1.22
C GLN OA 273 38.14 -36.45 -0.93
N ARG OA 274 38.32 -37.58 -0.26
CA ARG OA 274 39.65 -38.04 0.09
C ARG OA 274 40.32 -38.83 -1.02
N GLY OA 275 39.59 -39.24 -2.03
CA GLY OA 275 40.13 -40.08 -3.08
C GLY OA 275 40.04 -41.55 -2.83
N GLY OA 276 39.26 -41.99 -1.85
CA GLY OA 276 39.11 -43.39 -1.55
C GLY OA 276 37.98 -44.02 -2.33
N GLU OA 277 37.75 -45.31 -2.07
CA GLU OA 277 36.76 -46.09 -2.79
C GLU OA 277 35.65 -46.52 -1.86
N ILE OA 278 34.43 -46.08 -2.15
CA ILE OA 278 33.27 -46.56 -1.43
C ILE OA 278 32.97 -47.98 -1.86
N SER OA 279 32.75 -48.86 -0.89
CA SER OA 279 32.37 -50.24 -1.17
C SER OA 279 31.19 -50.58 -0.28
N LEU OA 280 29.99 -50.50 -0.85
CA LEU OA 280 28.75 -50.72 -0.12
C LEU OA 280 28.54 -52.20 0.10
N GLN OA 281 27.81 -52.55 1.15
CA GLN OA 281 27.61 -53.93 1.55
C GLN OA 281 26.17 -54.19 1.94
N SER OA 282 25.92 -55.39 2.43
CA SER OA 282 24.57 -55.85 2.75
C SER OA 282 24.15 -55.24 4.08
N ILE OA 283 22.87 -54.89 4.19
CA ILE OA 283 22.35 -54.31 5.43
C ILE OA 283 21.52 -55.35 6.15
N SER OA 284 21.94 -55.69 7.37
CA SER OA 284 21.22 -56.68 8.15
C SER OA 284 19.83 -56.17 8.51
N SER OA 285 18.93 -57.10 8.80
CA SER OA 285 17.62 -56.68 9.23
C SER OA 285 17.61 -56.50 10.74
N PRO OA 286 16.77 -55.61 11.26
CA PRO OA 286 16.73 -55.39 12.71
C PRO OA 286 16.42 -56.68 13.45
N ASP OA 287 16.82 -56.71 14.71
CA ASP OA 287 16.74 -57.97 15.46
C ASP OA 287 15.30 -58.32 15.82
N SER OA 288 14.45 -57.31 15.95
CA SER OA 288 13.06 -57.53 16.34
C SER OA 288 12.14 -56.95 15.30
N ASP OA 289 10.95 -57.53 15.21
CA ASP OA 289 9.82 -56.90 14.54
C ASP OA 289 8.80 -56.39 15.53
N ASP OA 290 8.84 -56.89 16.77
CA ASP OA 290 7.91 -56.55 17.83
C ASP OA 290 8.71 -55.90 18.96
N TRP OA 291 8.66 -54.58 19.02
CA TRP OA 291 9.27 -53.83 20.11
C TRP OA 291 8.23 -53.61 21.19
N GLU OA 292 8.33 -54.38 22.28
CA GLU OA 292 7.17 -54.67 23.11
C GLU OA 292 6.38 -53.42 23.52
N SER OA 293 7.06 -52.30 23.78
CA SER OA 293 6.36 -51.12 24.25
C SER OA 293 7.18 -49.89 23.88
N GLY OA 294 6.68 -48.72 24.28
CA GLY OA 294 7.41 -47.49 24.05
C GLY OA 294 8.66 -47.36 24.90
N LEU OA 295 8.61 -47.82 26.15
CA LEU OA 295 9.78 -47.85 27.00
C LEU OA 295 10.89 -48.72 26.42
N ASN OA 296 10.56 -49.95 26.05
CA ASN OA 296 11.54 -50.88 25.49
C ASN OA 296 12.14 -50.38 24.19
N ALA OA 297 11.34 -49.78 23.32
CA ALA OA 297 11.86 -49.16 22.11
C ALA OA 297 12.79 -48.00 22.39
N MET OA 298 12.46 -47.13 23.35
CA MET OA 298 13.38 -46.07 23.71
C MET OA 298 14.70 -46.60 24.27
N GLU OA 299 14.65 -47.68 25.06
CA GLU OA 299 15.89 -48.24 25.58
C GLU OA 299 16.73 -48.87 24.50
N SER OA 300 16.09 -49.52 23.53
CA SER OA 300 16.83 -50.08 22.40
C SER OA 300 17.47 -49.00 21.55
N ALA OA 301 16.75 -47.89 21.32
CA ALA OA 301 17.37 -46.76 20.62
C ALA OA 301 18.56 -46.22 21.38
N LEU OA 302 18.48 -46.20 22.71
CA LEU OA 302 19.60 -45.71 23.52
C LEU OA 302 20.83 -46.59 23.36
N HIS OA 303 20.66 -47.91 23.44
CA HIS OA 303 21.80 -48.80 23.22
C HIS OA 303 22.37 -48.67 21.82
N LEU OA 304 21.51 -48.50 20.81
CA LEU OA 304 22.01 -48.35 19.45
C LEU OA 304 22.83 -47.08 19.30
N GLU OA 305 22.37 -45.97 19.85
CA GLU OA 305 23.13 -44.73 19.78
C GLU OA 305 24.47 -44.87 20.49
N LYS OA 306 24.50 -45.59 21.61
CA LYS OA 306 25.78 -45.78 22.30
C LYS OA 306 26.75 -46.62 21.48
N ALA OA 307 26.27 -47.65 20.79
CA ALA OA 307 27.14 -48.45 19.93
C ALA OA 307 27.72 -47.60 18.79
N VAL OA 308 26.88 -46.79 18.16
CA VAL OA 308 27.36 -45.90 17.10
C VAL OA 308 28.43 -44.97 17.63
N ASN OA 309 28.23 -44.40 18.82
CA ASN OA 309 29.22 -43.50 19.39
C ASN OA 309 30.53 -44.20 19.68
N ALA OA 310 30.48 -45.44 20.16
CA ALA OA 310 31.71 -46.20 20.37
C ALA OA 310 32.49 -46.39 19.06
N SER OA 311 31.79 -46.70 17.97
CA SER OA 311 32.50 -46.83 16.70
C SER OA 311 33.14 -45.52 16.27
N LEU OA 312 32.44 -44.40 16.47
CA LEU OA 312 33.04 -43.11 16.15
C LEU OA 312 34.30 -42.86 16.96
N LEU OA 313 34.30 -43.20 18.24
CA LEU OA 313 35.49 -43.00 19.05
C LEU OA 313 36.66 -43.87 18.58
N ARG OA 314 36.38 -45.11 18.17
CA ARG OA 314 37.45 -45.96 17.66
C ARG OA 314 38.05 -45.38 16.38
N LEU OA 315 37.19 -44.89 15.48
CA LEU OA 315 37.70 -44.30 14.25
C LEU OA 315 38.48 -43.03 14.53
N HIS OA 316 38.09 -42.26 15.54
CA HIS OA 316 38.84 -41.05 15.87
C HIS OA 316 40.22 -41.40 16.41
N LYS OA 317 40.31 -42.41 17.27
CA LYS OA 317 41.62 -42.81 17.76
C LYS OA 317 42.50 -43.32 16.62
N LEU OA 318 41.91 -44.05 15.67
CA LEU OA 318 42.66 -44.49 14.50
C LEU OA 318 43.19 -43.30 13.70
N ALA OA 319 42.34 -42.31 13.42
CA ALA OA 319 42.79 -41.15 12.66
C ALA OA 319 43.81 -40.33 13.44
N THR OA 320 43.83 -40.45 14.76
CA THR OA 320 44.83 -39.75 15.55
C THR OA 320 46.18 -40.46 15.49
N ASP OA 321 46.16 -41.79 15.48
CA ASP OA 321 47.43 -42.52 15.39
C ASP OA 321 48.15 -42.24 14.09
N CYS OA 322 47.42 -42.15 12.98
CA CYS OA 322 48.03 -42.01 11.67
C CYS OA 322 48.18 -40.56 11.23
N ASN OA 323 48.17 -39.60 12.16
CA ASN OA 323 48.48 -38.21 11.86
C ASN OA 323 47.62 -37.66 10.73
N ASP OA 324 46.32 -37.54 10.97
CA ASP OA 324 45.36 -37.15 9.96
C ASP OA 324 44.48 -36.03 10.50
N PRO OA 325 44.98 -34.80 10.63
CA PRO OA 325 44.21 -33.74 11.29
C PRO OA 325 42.83 -33.48 10.70
N HIS OA 326 42.66 -33.55 9.39
CA HIS OA 326 41.38 -33.21 8.79
C HIS OA 326 40.30 -34.25 9.12
N LEU OA 327 40.68 -35.53 9.19
CA LEU OA 327 39.71 -36.56 9.55
C LEU OA 327 39.25 -36.38 11.00
N CYS OA 328 40.19 -36.11 11.91
CA CYS OA 328 39.83 -35.88 13.30
C CYS OA 328 38.92 -34.67 13.44
N ASP OA 329 39.28 -33.57 12.77
CA ASP OA 329 38.43 -32.37 12.83
C ASP OA 329 37.04 -32.65 12.29
N PHE OA 330 36.94 -33.39 11.18
CA PHE OA 330 35.65 -33.75 10.62
C PHE OA 330 34.81 -34.56 11.61
N ILE OA 331 35.42 -35.56 12.22
CA ILE OA 331 34.69 -36.44 13.13
C ILE OA 331 34.18 -35.66 14.34
N GLU OA 332 35.05 -34.86 14.95
CA GLU OA 332 34.55 -34.16 16.13
C GLU OA 332 33.70 -32.95 15.82
N THR OA 333 33.73 -32.43 14.59
CA THR OA 333 32.85 -31.32 14.26
C THR OA 333 31.45 -31.78 13.91
N HIS OA 334 31.31 -32.89 13.19
CA HIS OA 334 29.97 -33.24 12.72
C HIS OA 334 29.34 -34.39 13.47
N TYR OA 335 30.09 -35.13 14.27
CA TYR OA 335 29.59 -36.40 14.77
C TYR OA 335 29.66 -36.56 16.27
N LEU OA 336 30.60 -35.92 16.96
CA LEU OA 336 30.74 -36.20 18.38
C LEU OA 336 29.83 -35.37 19.25
N ASN OA 337 29.32 -34.23 18.77
CA ASN OA 337 28.42 -33.46 19.60
C ASN OA 337 26.97 -33.84 19.38
N GLU OA 338 26.64 -34.46 18.25
CA GLU OA 338 25.29 -34.94 18.04
C GLU OA 338 25.01 -36.21 18.83
N GLN OA 339 26.00 -37.09 18.96
CA GLN OA 339 25.80 -38.30 19.73
C GLN OA 339 25.59 -38.01 21.20
N VAL OA 340 26.31 -37.02 21.75
CA VAL OA 340 26.15 -36.65 23.14
C VAL OA 340 24.75 -36.14 23.40
N LYS OA 341 24.23 -35.29 22.52
CA LYS OA 341 22.89 -34.77 22.67
C LYS OA 341 21.82 -35.84 22.48
N ALA OA 342 22.00 -36.75 21.52
CA ALA OA 342 21.09 -37.87 21.36
C ALA OA 342 21.04 -38.75 22.60
N ILE OA 343 22.18 -39.09 23.18
CA ILE OA 343 22.21 -39.94 24.36
C ILE OA 343 21.56 -39.24 25.54
N LYS OA 344 21.84 -37.94 25.72
CA LYS OA 344 21.21 -37.21 26.81
C LYS OA 344 19.69 -37.19 26.67
N GLU OA 345 19.20 -36.92 25.46
CA GLU OA 345 17.76 -36.84 25.24
C GLU OA 345 17.08 -38.18 25.42
N LEU OA 346 17.67 -39.25 24.91
CA LEU OA 346 17.04 -40.55 25.04
C LEU OA 346 17.06 -41.07 26.47
N GLY OA 347 18.09 -40.76 27.25
CA GLY OA 347 18.05 -41.08 28.67
C GLY OA 347 17.02 -40.28 29.43
N ASP OA 348 16.82 -39.01 29.04
CA ASP OA 348 15.73 -38.24 29.62
C ASP OA 348 14.38 -38.89 29.36
N HIS OA 349 14.12 -39.28 28.11
CA HIS OA 349 12.87 -39.96 27.78
C HIS OA 349 12.69 -41.22 28.60
N VAL OA 350 13.74 -42.01 28.77
CA VAL OA 350 13.60 -43.26 29.51
C VAL OA 350 13.29 -42.99 30.98
N THR OA 351 13.96 -42.03 31.62
CA THR OA 351 13.61 -41.81 33.02
C THR OA 351 12.24 -41.19 33.20
N ASN OA 352 11.81 -40.30 32.29
CA ASN OA 352 10.45 -39.79 32.37
C ASN OA 352 9.43 -40.91 32.27
N LEU OA 353 9.57 -41.78 31.26
CA LEU OA 353 8.64 -42.88 31.11
C LEU OA 353 8.65 -43.81 32.31
N ARG OA 354 9.83 -44.09 32.86
CA ARG OA 354 9.87 -44.98 34.01
C ARG OA 354 9.23 -44.37 35.25
N LYS OA 355 9.40 -43.07 35.45
CA LYS OA 355 8.79 -42.43 36.62
C LYS OA 355 7.28 -42.34 36.48
N MET OA 356 6.78 -41.95 35.30
CA MET OA 356 5.33 -41.89 35.10
C MET OA 356 4.63 -43.21 35.35
N GLY OA 357 5.34 -44.34 35.28
CA GLY OA 357 4.77 -45.63 35.62
C GLY OA 357 4.71 -46.63 34.49
N ALA OA 358 5.27 -46.35 33.33
CA ALA OA 358 5.25 -47.30 32.24
C ALA OA 358 6.17 -48.47 32.55
N PRO OA 359 6.01 -49.62 31.86
CA PRO OA 359 5.06 -49.99 30.81
C PRO OA 359 3.78 -50.57 31.35
N GLU OA 360 3.78 -50.89 32.65
CA GLU OA 360 2.62 -51.47 33.30
C GLU OA 360 1.48 -50.49 33.47
N SER OA 361 1.58 -49.30 32.88
CA SER OA 361 0.53 -48.29 32.97
C SER OA 361 0.23 -47.75 31.59
N GLY OA 362 -0.95 -48.09 31.07
CA GLY OA 362 -1.59 -47.22 30.12
C GLY OA 362 -2.03 -45.95 30.81
N LEU OA 363 -2.12 -44.87 30.02
CA LEU OA 363 -2.24 -43.49 30.49
C LEU OA 363 -0.89 -42.93 30.91
N ALA OA 364 0.16 -43.74 30.86
CA ALA OA 364 1.50 -43.20 31.00
C ALA OA 364 2.11 -42.96 29.63
N GLU OA 365 2.03 -43.97 28.76
CA GLU OA 365 2.53 -43.80 27.41
C GLU OA 365 1.57 -42.97 26.57
N TYR OA 366 0.27 -43.02 26.85
CA TYR OA 366 -0.66 -42.13 26.17
C TYR OA 366 -0.32 -40.67 26.44
N LEU OA 367 -0.11 -40.32 27.70
CA LEU OA 367 0.14 -38.92 28.04
C LEU OA 367 1.56 -38.50 27.70
N PHE OA 368 2.53 -39.40 27.77
CA PHE OA 368 3.85 -39.10 27.24
C PHE OA 368 3.78 -38.78 25.74
N ASP OA 369 3.13 -39.65 24.98
CA ASP OA 369 2.94 -39.43 23.55
C ASP OA 369 2.25 -38.11 23.26
N LYS OA 370 1.30 -37.72 24.10
CA LYS OA 370 0.58 -36.47 23.87
C LYS OA 370 1.42 -35.25 24.22
N HIS OA 371 2.11 -35.25 25.36
CA HIS OA 371 2.68 -34.05 25.93
C HIS OA 371 4.15 -33.84 25.58
N THR OA 372 4.92 -34.91 25.46
CA THR OA 372 6.36 -34.75 25.24
C THR OA 372 6.72 -34.92 23.78
N LEU OA 373 6.09 -35.86 23.10
CA LEU OA 373 6.43 -36.16 21.71
C LEU OA 373 5.58 -35.39 20.72
N GLY OA 374 4.57 -34.67 21.19
CA GLY OA 374 3.71 -33.91 20.29
C GLY OA 374 3.23 -32.60 20.85
N SER PA 2 90.42 -55.96 -3.48
CA SER PA 2 90.56 -54.61 -2.97
C SER PA 2 90.56 -53.57 -4.10
N LYS PA 3 91.36 -53.83 -5.14
CA LYS PA 3 91.52 -52.85 -6.20
C LYS PA 3 90.37 -52.90 -7.19
N GLY PA 4 89.90 -54.10 -7.55
CA GLY PA 4 88.91 -54.22 -8.61
C GLY PA 4 87.62 -53.47 -8.33
N GLU PA 5 87.30 -53.26 -7.06
CA GLU PA 5 86.07 -52.56 -6.70
C GLU PA 5 86.25 -51.05 -6.63
N GLU PA 6 87.49 -50.58 -6.50
CA GLU PA 6 87.73 -49.15 -6.31
C GLU PA 6 87.48 -48.36 -7.59
N LEU PA 7 87.74 -48.96 -8.75
CA LEU PA 7 87.78 -48.23 -10.02
C LEU PA 7 86.45 -47.61 -10.42
N PHE PA 8 85.39 -47.78 -9.63
CA PHE PA 8 84.08 -47.20 -9.94
C PHE PA 8 83.58 -46.28 -8.83
N THR PA 9 84.49 -45.54 -8.20
CA THR PA 9 84.12 -44.70 -7.06
C THR PA 9 83.20 -43.56 -7.47
N GLY PA 10 83.25 -43.13 -8.73
CA GLY PA 10 82.48 -41.97 -9.15
C GLY PA 10 81.88 -42.12 -10.53
N VAL PA 11 81.63 -41.00 -11.18
CA VAL PA 11 81.11 -41.00 -12.55
C VAL PA 11 82.18 -41.55 -13.47
N VAL PA 12 81.76 -42.11 -14.61
CA VAL PA 12 82.66 -42.64 -15.62
C VAL PA 12 82.12 -42.22 -16.99
N PRO PA 13 82.87 -41.43 -17.77
CA PRO PA 13 82.49 -41.18 -19.15
C PRO PA 13 82.72 -42.41 -20.01
N ILE PA 14 81.88 -42.55 -21.04
CA ILE PA 14 81.87 -43.76 -21.86
C ILE PA 14 82.00 -43.36 -23.32
N LEU PA 15 82.63 -44.22 -24.11
CA LEU PA 15 82.77 -44.08 -25.55
C LEU PA 15 82.62 -45.46 -26.17
N VAL PA 16 81.50 -45.69 -26.85
CA VAL PA 16 81.17 -47.04 -27.31
C VAL PA 16 81.18 -47.06 -28.83
N GLU PA 17 82.06 -47.88 -29.40
CA GLU PA 17 82.16 -48.03 -30.85
C GLU PA 17 81.79 -49.45 -31.21
N LEU PA 18 80.93 -49.58 -32.23
CA LEU PA 18 80.46 -50.87 -32.70
C LEU PA 18 80.52 -50.88 -34.23
N ASP PA 19 81.21 -51.87 -34.78
CA ASP PA 19 81.33 -52.01 -36.23
C ASP PA 19 80.75 -53.35 -36.63
N GLY PA 20 79.69 -53.31 -37.42
CA GLY PA 20 78.92 -54.51 -37.73
C GLY PA 20 78.72 -54.72 -39.22
N ASP PA 21 78.67 -55.98 -39.62
CA ASP PA 21 78.34 -56.41 -40.97
C ASP PA 21 77.14 -57.33 -40.94
N VAL PA 22 76.03 -56.90 -41.54
CA VAL PA 22 74.79 -57.67 -41.57
C VAL PA 22 74.27 -57.69 -43.00
N ASN PA 23 74.50 -58.80 -43.70
CA ASN PA 23 73.93 -59.05 -45.03
C ASN PA 23 74.22 -57.89 -45.99
N GLY PA 24 75.51 -57.59 -46.17
CA GLY PA 24 75.94 -56.52 -47.04
C GLY PA 24 75.81 -55.14 -46.42
N HIS PA 25 75.23 -55.04 -45.24
CA HIS PA 25 75.06 -53.76 -44.57
C HIS PA 25 76.21 -53.55 -43.58
N LYS PA 26 77.13 -52.66 -43.91
CA LYS PA 26 78.17 -52.25 -42.99
C LYS PA 26 77.68 -51.06 -42.18
N PHE PA 27 78.03 -51.04 -40.90
CA PHE PA 27 77.62 -49.91 -40.07
C PHE PA 27 78.63 -49.70 -38.94
N SER PA 28 78.82 -48.42 -38.62
CA SER PA 28 79.56 -48.00 -37.43
C SER PA 28 78.60 -47.24 -36.53
N VAL PA 29 78.72 -47.47 -35.24
CA VAL PA 29 77.88 -46.84 -34.24
C VAL PA 29 78.79 -46.26 -33.16
N ARG PA 30 78.57 -45.00 -32.82
CA ARG PA 30 79.25 -44.36 -31.70
C ARG PA 30 78.21 -43.91 -30.67
N GLY PA 31 78.48 -44.23 -29.42
CA GLY PA 31 77.62 -43.84 -28.32
C GLY PA 31 78.37 -43.10 -27.24
N GLU PA 32 77.76 -42.02 -26.75
CA GLU PA 32 78.37 -41.10 -25.81
C GLU PA 32 77.46 -40.93 -24.59
N GLY PA 33 78.05 -40.99 -23.41
CA GLY PA 33 77.29 -40.80 -22.19
C GLY PA 33 78.15 -41.06 -20.97
N GLU PA 34 77.49 -41.28 -19.84
CA GLU PA 34 78.18 -41.50 -18.58
C GLU PA 34 77.45 -42.52 -17.71
N GLY PA 35 78.21 -43.10 -16.78
CA GLY PA 35 77.63 -44.10 -15.89
C GLY PA 35 78.17 -44.08 -14.47
N ASP PA 36 77.40 -44.63 -13.54
CA ASP PA 36 77.82 -44.78 -12.15
C ASP PA 36 77.42 -46.18 -11.70
N ALA PA 37 78.37 -46.87 -11.08
CA ALA PA 37 78.12 -48.20 -10.53
C ALA PA 37 77.47 -48.16 -9.16
N THR PA 38 77.68 -47.09 -8.40
CA THR PA 38 77.11 -47.01 -7.05
C THR PA 38 75.59 -47.15 -7.06
N ASN PA 39 74.93 -46.66 -8.10
CA ASN PA 39 73.48 -46.77 -8.22
C ASN PA 39 73.07 -47.60 -9.44
N GLY PA 40 74.03 -48.26 -10.10
CA GLY PA 40 73.72 -49.04 -11.28
C GLY PA 40 73.06 -48.25 -12.38
N LYS PA 41 73.43 -46.98 -12.54
CA LYS PA 41 72.75 -46.08 -13.45
C LYS PA 41 73.64 -45.80 -14.66
N LEU PA 42 73.06 -45.85 -15.86
CA LEU PA 42 73.77 -45.55 -17.09
C LEU PA 42 72.91 -44.62 -17.93
N THR PA 43 73.53 -43.66 -18.60
CA THR PA 43 72.79 -42.67 -19.36
C THR PA 43 73.58 -42.33 -20.63
N LEU PA 44 73.07 -42.76 -21.79
CA LEU PA 44 73.83 -42.73 -23.03
C LEU PA 44 72.98 -42.19 -24.17
N LYS PA 45 73.67 -41.86 -25.26
CA LYS PA 45 73.04 -41.42 -26.50
C LYS PA 45 73.86 -41.96 -27.67
N PHE PA 46 73.22 -42.76 -28.52
CA PHE PA 46 73.87 -43.43 -29.63
C PHE PA 46 73.48 -42.76 -30.93
N ILE PA 47 74.43 -42.67 -31.87
CA ILE PA 47 74.21 -42.05 -33.17
C ILE PA 47 75.00 -42.82 -34.21
N CYS PA 48 74.40 -43.00 -35.39
CA CYS PA 48 75.05 -43.71 -36.49
C CYS PA 48 75.47 -42.71 -37.58
N THR PA 49 76.76 -42.57 -37.77
CA THR PA 49 77.29 -41.71 -38.82
C THR PA 49 77.31 -42.40 -40.18
N THR PA 50 76.56 -43.50 -40.34
CA THR PA 50 76.51 -44.28 -41.56
C THR PA 50 75.12 -44.22 -42.19
N GLY PA 51 74.46 -43.08 -42.12
CA GLY PA 51 73.17 -42.91 -42.78
C GLY PA 51 72.08 -43.76 -42.17
N LYS PA 52 71.00 -43.93 -42.93
CA LYS PA 52 69.85 -44.71 -42.47
C LYS PA 52 70.25 -46.16 -42.33
N LEU PA 53 69.78 -46.81 -41.28
CA LEU PA 53 70.17 -48.19 -41.02
C LEU PA 53 68.97 -49.11 -41.25
N PRO PA 54 69.17 -50.31 -41.80
CA PRO PA 54 68.02 -51.18 -42.09
C PRO PA 54 67.40 -51.86 -40.88
N VAL PA 55 68.16 -52.13 -39.83
CA VAL PA 55 67.66 -52.83 -38.65
C VAL PA 55 67.08 -51.79 -37.68
N PRO PA 56 65.96 -52.08 -37.01
CA PRO PA 56 65.38 -51.08 -36.12
C PRO PA 56 66.31 -50.80 -34.94
N TRP PA 57 66.15 -49.61 -34.37
CA TRP PA 57 66.92 -49.26 -33.18
C TRP PA 57 66.71 -50.23 -32.03
N PRO PA 58 65.51 -50.72 -31.71
CA PRO PA 58 65.36 -51.67 -30.59
C PRO PA 58 66.29 -52.86 -30.69
N THR PA 59 66.69 -53.27 -31.89
CA THR PA 59 67.62 -54.38 -32.04
C THR PA 59 68.99 -54.02 -31.46
N LEU PA 60 69.50 -52.85 -31.80
CA LEU PA 60 70.84 -52.42 -31.38
C LEU PA 60 70.94 -52.16 -29.89
N VAL PA 61 69.81 -52.12 -29.17
CA VAL PA 61 69.83 -51.75 -27.77
C VAL PA 61 70.49 -52.83 -26.93
N THR PA 62 70.08 -54.08 -27.12
CA THR PA 62 70.62 -55.18 -26.33
C THR PA 62 72.12 -55.37 -26.55
N THR PA 63 72.58 -55.02 -27.74
CA THR PA 63 73.99 -55.25 -28.09
C THR PA 63 74.75 -53.96 -28.09
N LEU PA 64 74.78 -53.27 -26.96
CA LEU PA 64 75.60 -52.04 -26.84
C LEU PA 64 75.94 -51.83 -25.35
N VAL PA 66 77.65 -52.99 -20.74
CA VAL PA 66 78.64 -52.53 -19.80
C VAL PA 66 78.19 -52.91 -18.40
N GLN PA 67 77.92 -54.19 -18.21
CA GLN PA 67 77.37 -54.66 -16.91
C GLN PA 67 78.36 -54.27 -15.81
N CYS PA 68 79.56 -53.88 -16.20
CA CYS PA 68 80.53 -53.40 -15.19
C CYS PA 68 79.91 -52.20 -14.45
N PHE PA 69 78.70 -51.78 -14.83
CA PHE PA 69 78.18 -50.61 -14.13
C PHE PA 69 77.00 -50.93 -13.24
N SER PA 70 76.65 -52.21 -13.09
CA SER PA 70 75.45 -52.59 -12.38
C SER PA 70 75.61 -52.38 -10.88
N ARG PA 71 74.51 -52.03 -10.22
CA ARG PA 71 74.54 -51.74 -8.80
C ARG PA 71 74.71 -53.02 -8.02
N TYR PA 72 75.78 -53.10 -7.23
CA TYR PA 72 76.12 -54.30 -6.49
C TYR PA 72 76.10 -54.02 -5.00
N PRO PA 73 75.34 -54.78 -4.22
CA PRO PA 73 75.25 -54.50 -2.78
C PRO PA 73 76.45 -54.98 -2.00
N ASP PA 74 76.53 -54.62 -0.72
CA ASP PA 74 77.67 -55.00 0.09
C ASP PA 74 77.62 -56.48 0.45
N HIS PA 75 76.45 -57.10 0.34
CA HIS PA 75 76.46 -58.53 0.59
C HIS PA 75 76.95 -59.34 -0.61
N MET PA 76 76.82 -58.86 -1.84
CA MET PA 76 77.46 -59.50 -2.99
C MET PA 76 78.79 -58.85 -3.35
N LYS PA 77 79.54 -58.36 -2.36
CA LYS PA 77 80.89 -57.89 -2.63
C LYS PA 77 81.82 -59.03 -3.03
N ARG PA 78 81.42 -60.28 -2.76
CA ARG PA 78 82.24 -61.43 -3.07
C ARG PA 78 81.81 -62.15 -4.34
N HIS PA 79 80.76 -61.67 -5.02
CA HIS PA 79 80.25 -62.30 -6.22
C HIS PA 79 80.17 -61.30 -7.37
N ASP PA 80 81.11 -60.38 -7.44
CA ASP PA 80 81.18 -59.38 -8.51
C ASP PA 80 82.37 -59.73 -9.40
N PHE PA 81 82.11 -60.58 -10.41
CA PHE PA 81 83.18 -61.00 -11.31
C PHE PA 81 83.70 -59.83 -12.15
N PHE PA 82 82.82 -58.95 -12.60
CA PHE PA 82 83.24 -57.86 -13.48
C PHE PA 82 84.11 -56.86 -12.74
N LYS PA 83 84.01 -56.81 -11.41
CA LYS PA 83 84.72 -55.79 -10.66
C LYS PA 83 86.19 -56.14 -10.45
N SER PA 84 86.49 -57.33 -9.89
CA SER PA 84 87.85 -57.68 -9.50
C SER PA 84 88.87 -57.46 -10.61
N ALA PA 85 88.41 -57.38 -11.87
CA ALA PA 85 89.30 -57.24 -13.02
C ALA PA 85 89.46 -55.81 -13.49
N MET PA 86 89.51 -54.83 -12.59
CA MET PA 86 89.72 -53.46 -13.05
C MET PA 86 90.99 -52.88 -12.43
N PRO PA 87 91.84 -52.23 -13.25
CA PRO PA 87 91.68 -51.95 -14.68
C PRO PA 87 92.12 -53.10 -15.58
N GLU PA 88 92.23 -54.30 -15.02
CA GLU PA 88 92.54 -55.49 -15.79
C GLU PA 88 91.66 -55.59 -17.04
N GLY PA 89 90.38 -55.32 -16.89
CA GLY PA 89 89.44 -55.41 -17.99
C GLY PA 89 89.11 -56.84 -18.32
N TYR PA 90 88.38 -57.02 -19.42
CA TYR PA 90 87.99 -58.36 -19.85
C TYR PA 90 87.42 -58.29 -21.26
N VAL PA 91 87.10 -59.47 -21.80
CA VAL PA 91 86.50 -59.60 -23.11
C VAL PA 91 85.27 -60.48 -22.97
N GLN PA 92 84.34 -60.35 -23.90
CA GLN PA 92 83.14 -61.17 -23.95
C GLN PA 92 82.74 -61.47 -25.39
N GLU PA 93 82.42 -62.74 -25.62
CA GLU PA 93 81.90 -63.19 -26.90
C GLU PA 93 80.43 -63.54 -26.75
N ARG PA 94 79.58 -62.84 -27.51
CA ARG PA 94 78.14 -62.95 -27.38
C ARG PA 94 77.54 -63.49 -28.67
N THR PA 95 76.57 -64.38 -28.53
CA THR PA 95 75.74 -64.84 -29.64
C THR PA 95 74.29 -64.52 -29.31
N ILE PA 96 73.61 -63.81 -30.20
CA ILE PA 96 72.19 -63.53 -30.03
C ILE PA 96 71.44 -64.25 -31.13
N SER PA 97 70.38 -64.95 -30.76
CA SER PA 97 69.64 -65.83 -31.66
C SER PA 97 68.20 -65.38 -31.71
N PHE PA 98 67.78 -64.86 -32.85
CA PHE PA 98 66.38 -64.52 -33.08
C PHE PA 98 65.59 -65.78 -33.39
N LYS PA 99 64.37 -65.85 -32.89
CA LYS PA 99 63.45 -66.87 -33.35
C LYS PA 99 62.71 -66.35 -34.58
N ASP PA 100 62.54 -67.21 -35.58
CA ASP PA 100 61.89 -66.88 -36.85
C ASP PA 100 62.75 -65.94 -37.69
N ASP PA 101 64.07 -65.94 -37.43
CA ASP PA 101 65.07 -65.27 -38.27
C ASP PA 101 66.46 -65.70 -37.80
N GLY PA 102 67.49 -65.11 -38.41
CA GLY PA 102 68.88 -65.53 -38.24
C GLY PA 102 69.54 -65.14 -36.93
N THR PA 103 70.84 -64.86 -36.96
CA THR PA 103 71.60 -64.70 -35.73
C THR PA 103 72.66 -63.62 -35.86
N TYR PA 104 73.25 -63.28 -34.70
CA TYR PA 104 74.36 -62.34 -34.59
C TYR PA 104 75.48 -62.94 -33.74
N LYS PA 105 76.71 -62.82 -34.24
CA LYS PA 105 77.94 -63.18 -33.52
C LYS PA 105 78.71 -61.90 -33.25
N THR PA 106 78.99 -61.61 -31.98
CA THR PA 106 79.49 -60.29 -31.62
C THR PA 106 80.57 -60.40 -30.56
N ARG PA 107 81.77 -59.93 -30.91
CA ARG PA 107 82.92 -59.89 -30.01
C ARG PA 107 83.03 -58.50 -29.40
N ALA PA 108 83.38 -58.42 -28.12
CA ALA PA 108 83.51 -57.14 -27.46
C ALA PA 108 84.67 -57.17 -26.47
N GLU PA 109 85.45 -56.09 -26.44
CA GLU PA 109 86.54 -55.96 -25.49
C GLU PA 109 86.29 -54.73 -24.64
N VAL PA 110 86.19 -54.93 -23.31
CA VAL PA 110 85.83 -53.87 -22.38
C VAL PA 110 86.99 -53.65 -21.41
N LYS PA 111 87.31 -52.38 -21.17
CA LYS PA 111 88.44 -52.00 -20.34
C LYS PA 111 88.29 -50.54 -19.93
N PHE PA 112 89.27 -50.07 -19.14
CA PHE PA 112 89.47 -48.65 -18.93
C PHE PA 112 90.61 -48.16 -19.81
N GLU PA 113 90.45 -46.98 -20.40
CA GLU PA 113 91.48 -46.31 -21.19
C GLU PA 113 91.69 -44.97 -20.50
N GLY PA 114 92.81 -44.85 -19.78
CA GLY PA 114 92.98 -43.74 -18.87
C GLY PA 114 91.98 -43.87 -17.74
N ASP PA 115 90.95 -43.04 -17.77
CA ASP PA 115 89.78 -43.21 -16.90
C ASP PA 115 88.48 -43.20 -17.69
N THR PA 116 88.56 -43.19 -19.02
CA THR PA 116 87.39 -43.24 -19.89
C THR PA 116 87.08 -44.70 -20.21
N LEU PA 117 85.83 -45.11 -20.11
CA LEU PA 117 85.47 -46.47 -20.48
C LEU PA 117 85.17 -46.52 -21.97
N VAL PA 118 86.09 -47.08 -22.75
CA VAL PA 118 85.92 -47.24 -24.18
C VAL PA 118 85.62 -48.69 -24.49
N ASN PA 119 84.63 -48.91 -25.33
CA ASN PA 119 84.11 -50.25 -25.59
C ASN PA 119 84.11 -50.51 -27.08
N ARG PA 120 85.03 -51.37 -27.53
CA ARG PA 120 85.18 -51.73 -28.93
C ARG PA 120 84.48 -53.05 -29.19
N ILE PA 121 83.52 -53.04 -30.12
CA ILE PA 121 82.69 -54.20 -30.41
C ILE PA 121 82.66 -54.42 -31.91
N GLU PA 122 82.78 -55.68 -32.32
CA GLU PA 122 82.72 -56.09 -33.72
C GLU PA 122 81.60 -57.10 -33.87
N LEU PA 123 80.79 -56.94 -34.92
CA LEU PA 123 79.54 -57.66 -35.06
C LEU PA 123 79.41 -58.26 -36.45
N LYS PA 124 78.92 -59.50 -36.51
CA LYS PA 124 78.63 -60.20 -37.75
C LYS PA 124 77.24 -60.80 -37.64
N GLY PA 125 76.26 -60.21 -38.33
CA GLY PA 125 74.92 -60.72 -38.26
C GLY PA 125 74.43 -61.26 -39.58
N ILE PA 126 74.01 -62.53 -39.64
CA ILE PA 126 73.67 -63.13 -40.92
C ILE PA 126 72.43 -64.02 -40.73
N ASP PA 127 72.02 -64.64 -41.85
CA ASP PA 127 71.01 -65.71 -41.90
C ASP PA 127 69.58 -65.18 -41.78
N PHE PA 128 69.34 -63.96 -42.25
CA PHE PA 128 68.04 -63.32 -42.14
C PHE PA 128 67.33 -63.27 -43.49
N LYS PA 129 66.01 -63.20 -43.44
CA LYS PA 129 65.23 -62.85 -44.62
C LYS PA 129 65.02 -61.34 -44.62
N GLU PA 130 65.37 -60.70 -45.74
CA GLU PA 130 65.47 -59.25 -45.78
C GLU PA 130 64.16 -58.55 -46.11
N ASP PA 131 63.07 -59.30 -46.25
CA ASP PA 131 61.73 -58.74 -46.30
C ASP PA 131 60.90 -59.19 -45.11
N GLY PA 132 61.53 -59.38 -43.95
CA GLY PA 132 60.84 -59.87 -42.77
C GLY PA 132 60.34 -58.77 -41.88
N ASN PA 133 60.07 -59.14 -40.63
CA ASN PA 133 59.54 -58.22 -39.63
C ASN PA 133 60.56 -57.81 -38.59
N ILE PA 134 61.32 -58.78 -38.05
CA ILE PA 134 62.32 -58.48 -37.04
C ILE PA 134 63.28 -57.40 -37.53
N LEU PA 135 63.66 -57.46 -38.80
CA LEU PA 135 64.53 -56.45 -39.38
C LEU PA 135 63.80 -55.45 -40.25
N GLY PA 136 62.68 -55.83 -40.84
CA GLY PA 136 61.99 -55.00 -41.81
C GLY PA 136 61.16 -53.88 -41.23
N HIS PA 137 61.46 -53.48 -39.99
CA HIS PA 137 60.80 -52.37 -39.31
C HIS PA 137 59.29 -52.61 -39.21
N LYS PA 138 58.94 -53.71 -38.53
CA LYS PA 138 57.58 -54.00 -38.15
C LYS PA 138 57.41 -54.01 -36.63
N LEU PA 139 58.50 -54.12 -35.89
CA LEU PA 139 58.46 -54.25 -34.45
C LEU PA 139 58.29 -52.88 -33.80
N GLU PA 140 57.83 -52.87 -32.55
CA GLU PA 140 57.42 -51.64 -31.89
C GLU PA 140 58.60 -50.99 -31.16
N TYR PA 141 58.63 -49.65 -31.24
CA TYR PA 141 59.66 -48.84 -30.59
C TYR PA 141 59.31 -48.73 -29.10
N ASN PA 142 59.79 -49.71 -28.33
CA ASN PA 142 59.56 -49.76 -26.90
C ASN PA 142 60.65 -50.60 -26.26
N PHE PA 143 60.41 -50.99 -25.01
CA PHE PA 143 61.31 -51.87 -24.29
C PHE PA 143 60.58 -52.39 -23.06
N ASN PA 144 61.16 -53.39 -22.40
CA ASN PA 144 60.57 -54.02 -21.23
C ASN PA 144 61.66 -54.40 -20.23
N SER PA 145 61.24 -54.73 -19.01
CA SER PA 145 62.16 -55.11 -17.94
C SER PA 145 62.65 -56.54 -18.15
N HIS PA 146 63.94 -56.75 -17.95
CA HIS PA 146 64.53 -58.04 -18.26
C HIS PA 146 65.47 -58.48 -17.16
N ASN PA 147 65.94 -59.72 -17.29
CA ASN PA 147 66.85 -60.34 -16.33
C ASN PA 147 67.94 -61.09 -17.07
N VAL PA 148 69.11 -61.19 -16.42
CA VAL PA 148 70.28 -61.89 -16.95
C VAL PA 148 70.68 -62.93 -15.92
N TYR PA 149 70.98 -64.15 -16.36
CA TYR PA 149 71.51 -65.18 -15.47
C TYR PA 149 73.01 -65.29 -15.69
N ILE PA 150 73.78 -65.05 -14.64
CA ILE PA 150 75.23 -65.20 -14.69
C ILE PA 150 75.62 -66.45 -13.91
N THR PA 151 76.49 -67.25 -14.51
CA THR PA 151 76.93 -68.53 -13.97
C THR PA 151 78.45 -68.57 -13.96
N ALA PA 152 79.01 -69.08 -12.87
CA ALA PA 152 80.45 -69.26 -12.79
C ALA PA 152 80.91 -70.25 -13.84
N ASP PA 153 82.13 -70.07 -14.33
CA ASP PA 153 82.70 -70.94 -15.38
C ASP PA 153 84.18 -71.11 -15.06
N LYS PA 154 84.50 -72.15 -14.30
CA LYS PA 154 85.89 -72.38 -13.92
C LYS PA 154 86.74 -72.82 -15.10
N GLN PA 155 86.12 -73.35 -16.15
CA GLN PA 155 86.87 -73.73 -17.36
C GLN PA 155 87.55 -72.52 -17.98
N LYS PA 156 86.86 -71.38 -18.03
CA LYS PA 156 87.46 -70.13 -18.45
C LYS PA 156 87.74 -69.21 -17.29
N ASN PA 157 87.72 -69.75 -16.06
CA ASN PA 157 87.89 -69.03 -14.79
C ASN PA 157 87.19 -67.66 -14.81
N GLY PA 158 86.08 -67.61 -15.54
CA GLY PA 158 85.28 -66.41 -15.69
C GLY PA 158 83.81 -66.76 -15.53
N ILE PA 159 82.95 -66.28 -16.43
CA ILE PA 159 81.53 -66.58 -16.31
C ILE PA 159 80.90 -66.78 -17.67
N LYS PA 160 79.71 -67.37 -17.66
CA LYS PA 160 78.80 -67.36 -18.79
C LYS PA 160 77.57 -66.55 -18.40
N ALA PA 161 77.00 -65.85 -19.38
CA ALA PA 161 75.78 -65.09 -19.16
C ALA PA 161 74.75 -65.49 -20.20
N ASN PA 162 73.59 -65.93 -19.72
CA ASN PA 162 72.51 -66.36 -20.58
C ASN PA 162 71.24 -65.60 -20.21
N PHE PA 163 70.48 -65.21 -21.22
CA PHE PA 163 69.22 -64.51 -20.95
C PHE PA 163 68.35 -64.54 -22.19
N LYS PA 164 67.11 -64.11 -22.02
CA LYS PA 164 66.12 -64.14 -23.10
C LYS PA 164 65.39 -62.81 -23.11
N ILE PA 165 65.29 -62.21 -24.29
CA ILE PA 165 64.65 -60.92 -24.46
C ILE PA 165 63.40 -61.11 -25.31
N ARG PA 166 62.33 -60.40 -24.95
CA ARG PA 166 61.07 -60.45 -25.68
C ARG PA 166 60.77 -59.05 -26.20
N HIS PA 167 60.80 -58.89 -27.52
CA HIS PA 167 60.47 -57.64 -28.16
C HIS PA 167 59.09 -57.73 -28.78
N ASN PA 168 58.16 -56.93 -28.26
CA ASN PA 168 56.79 -56.95 -28.77
C ASN PA 168 56.71 -56.26 -30.12
N VAL PA 169 55.88 -56.81 -31.00
CA VAL PA 169 55.68 -56.26 -32.33
C VAL PA 169 54.42 -55.39 -32.28
N GLU PA 170 54.30 -54.50 -33.26
CA GLU PA 170 53.19 -53.53 -33.26
C GLU PA 170 51.83 -54.22 -33.37
N ASP PA 171 51.81 -55.54 -33.55
CA ASP PA 171 50.56 -56.30 -33.62
C ASP PA 171 50.49 -57.39 -32.55
N GLY PA 172 50.97 -57.09 -31.34
CA GLY PA 172 50.83 -57.99 -30.21
C GLY PA 172 51.84 -59.12 -30.15
N SER PA 173 52.31 -59.60 -31.29
CA SER PA 173 53.24 -60.72 -31.29
C SER PA 173 54.58 -60.28 -30.72
N VAL PA 174 55.37 -61.26 -30.30
CA VAL PA 174 56.64 -61.03 -29.63
C VAL PA 174 57.72 -61.84 -30.32
N GLN PA 175 58.95 -61.36 -30.23
CA GLN PA 175 60.12 -62.06 -30.72
C GLN PA 175 61.02 -62.36 -29.53
N LEU PA 176 61.40 -63.62 -29.37
CA LEU PA 176 62.21 -64.05 -28.23
C LEU PA 176 63.63 -64.35 -28.69
N ALA PA 177 64.53 -63.40 -28.47
CA ALA PA 177 65.95 -63.55 -28.80
C ALA PA 177 66.68 -64.12 -27.59
N ASP PA 178 67.35 -65.25 -27.79
CA ASP PA 178 68.12 -65.89 -26.74
C ASP PA 178 69.59 -65.46 -26.87
N HIS PA 179 70.17 -65.01 -25.77
CA HIS PA 179 71.52 -64.47 -25.76
C HIS PA 179 72.43 -65.31 -24.88
N TYR PA 180 73.55 -65.73 -25.45
CA TYR PA 180 74.66 -66.35 -24.72
C TYR PA 180 75.85 -65.42 -24.79
N GLN PA 181 76.71 -65.48 -23.77
CA GLN PA 181 78.00 -64.80 -23.88
C GLN PA 181 78.99 -65.38 -22.89
N GLN PA 182 80.25 -65.47 -23.31
CA GLN PA 182 81.35 -65.91 -22.48
C GLN PA 182 82.14 -64.68 -22.05
N ASN PA 183 82.34 -64.53 -20.74
CA ASN PA 183 83.08 -63.42 -20.16
C ASN PA 183 84.37 -63.94 -19.54
N THR PA 184 85.50 -63.42 -20.03
CA THR PA 184 86.82 -63.88 -19.58
C THR PA 184 87.76 -62.70 -19.37
N PRO PA 185 88.51 -62.68 -18.28
CA PRO PA 185 89.43 -61.57 -18.04
C PRO PA 185 90.75 -61.77 -18.76
N ILE PA 186 91.38 -60.65 -19.09
CA ILE PA 186 92.63 -60.70 -19.85
C ILE PA 186 93.80 -61.16 -18.98
N GLY PA 187 93.79 -60.84 -17.68
CA GLY PA 187 94.91 -61.18 -16.83
C GLY PA 187 94.69 -62.48 -16.08
N ASP PA 188 95.80 -63.08 -15.66
CA ASP PA 188 95.80 -64.33 -14.93
C ASP PA 188 95.57 -64.15 -13.43
N GLY PA 189 95.30 -62.92 -12.99
CA GLY PA 189 95.12 -62.65 -11.57
C GLY PA 189 93.90 -63.31 -10.98
N PRO PA 190 93.75 -63.19 -9.66
CA PRO PA 190 92.58 -63.78 -9.01
C PRO PA 190 91.35 -62.89 -9.15
N VAL PA 191 90.33 -63.44 -9.81
CA VAL PA 191 89.06 -62.75 -10.02
C VAL PA 191 88.01 -63.42 -9.17
N LEU PA 192 87.19 -62.60 -8.53
CA LEU PA 192 86.18 -63.05 -7.57
C LEU PA 192 85.15 -63.89 -8.30
N LEU PA 193 84.79 -65.04 -7.72
CA LEU PA 193 83.98 -66.02 -8.42
C LEU PA 193 82.52 -65.92 -7.97
N PRO PA 194 81.61 -65.48 -8.81
CA PRO PA 194 80.20 -65.43 -8.44
C PRO PA 194 79.47 -66.72 -8.77
N ASP PA 195 78.71 -67.20 -7.79
CA ASP PA 195 77.79 -68.29 -8.07
C ASP PA 195 76.67 -67.79 -8.98
N ASN PA 196 75.94 -68.73 -9.56
CA ASN PA 196 74.87 -68.39 -10.51
C ASN PA 196 73.80 -67.58 -9.80
N HIS PA 197 73.52 -66.38 -10.32
CA HIS PA 197 72.41 -65.59 -9.82
C HIS PA 197 71.92 -64.69 -10.95
N TYR PA 198 71.04 -63.74 -10.63
CA TYR PA 198 70.33 -63.01 -11.66
C TYR PA 198 70.63 -61.52 -11.55
N LEU PA 199 70.17 -60.78 -12.55
CA LEU PA 199 70.42 -59.36 -12.67
C LEU PA 199 69.27 -58.70 -13.41
N SER PA 200 68.56 -57.81 -12.72
CA SER PA 200 67.41 -57.12 -13.27
C SER PA 200 67.87 -55.84 -13.95
N THR PA 201 67.15 -55.47 -15.02
CA THR PA 201 67.52 -54.36 -15.88
C THR PA 201 66.27 -53.67 -16.40
N GLN PA 202 66.27 -52.34 -16.34
CA GLN PA 202 65.21 -51.52 -16.91
C GLN PA 202 65.86 -50.41 -17.73
N SER PA 203 65.15 -49.95 -18.75
CA SER PA 203 65.68 -48.87 -19.58
C SER PA 203 64.54 -48.15 -20.28
N ALA PA 204 64.88 -46.98 -20.84
CA ALA PA 204 63.92 -46.13 -21.51
C ALA PA 204 64.60 -45.44 -22.69
N LEU PA 205 63.87 -45.36 -23.79
CA LEU PA 205 64.34 -44.88 -25.08
C LEU PA 205 63.60 -43.61 -25.47
N SER PA 206 64.31 -42.67 -26.06
CA SER PA 206 63.72 -41.39 -26.43
C SER PA 206 64.58 -40.73 -27.50
N LYS PA 207 64.15 -39.54 -27.91
CA LYS PA 207 64.77 -38.78 -28.99
C LYS PA 207 65.20 -37.41 -28.49
N ASP PA 208 66.23 -36.87 -29.12
CA ASP PA 208 66.50 -35.44 -28.99
C ASP PA 208 65.59 -34.68 -29.95
N PRO PA 209 65.02 -33.54 -29.55
CA PRO PA 209 64.04 -32.88 -30.42
C PRO PA 209 64.67 -32.12 -31.57
N ASN PA 210 65.95 -31.76 -31.48
CA ASN PA 210 66.58 -30.88 -32.46
C ASN PA 210 67.87 -31.45 -33.06
N GLU PA 211 67.91 -32.76 -33.30
CA GLU PA 211 69.04 -33.38 -33.99
C GLU PA 211 68.56 -34.03 -35.27
N LYS PA 212 69.20 -33.70 -36.39
CA LYS PA 212 68.73 -34.12 -37.70
C LYS PA 212 69.31 -35.45 -38.15
N ARG PA 213 70.28 -36.00 -37.42
CA ARG PA 213 70.79 -37.32 -37.75
C ARG PA 213 69.86 -38.40 -37.22
N ASP PA 214 70.33 -39.64 -37.32
CA ASP PA 214 69.65 -40.73 -36.62
C ASP PA 214 70.20 -40.87 -35.20
N HIS PA 215 69.34 -40.63 -34.21
CA HIS PA 215 69.79 -40.62 -32.83
C HIS PA 215 68.91 -41.58 -32.02
N MET PA 216 69.44 -42.01 -30.88
CA MET PA 216 68.69 -42.84 -29.96
C MET PA 216 69.22 -42.59 -28.57
N VAL PA 217 68.43 -41.93 -27.73
CA VAL PA 217 68.81 -41.57 -26.37
C VAL PA 217 68.24 -42.65 -25.46
N LEU PA 218 69.03 -43.08 -24.46
CA LEU PA 218 68.59 -44.18 -23.62
C LEU PA 218 69.18 -44.06 -22.21
N LEU PA 219 68.32 -44.16 -21.21
CA LEU PA 219 68.76 -44.18 -19.82
C LEU PA 219 68.29 -45.46 -19.17
N GLU PA 220 69.06 -45.99 -18.24
CA GLU PA 220 68.84 -47.37 -17.79
C GLU PA 220 69.39 -47.60 -16.39
N PHE PA 221 68.71 -48.49 -15.67
CA PHE PA 221 69.06 -48.87 -14.31
C PHE PA 221 69.24 -50.38 -14.27
N VAL PA 222 70.39 -50.82 -13.76
CA VAL PA 222 70.77 -52.23 -13.79
C VAL PA 222 71.31 -52.61 -12.42
N THR PA 223 70.79 -53.71 -11.87
CA THR PA 223 71.28 -54.15 -10.57
C THR PA 223 71.00 -55.64 -10.40
N ALA PA 224 71.89 -56.30 -9.67
CA ALA PA 224 71.89 -57.76 -9.57
C ALA PA 224 71.43 -58.23 -8.20
N ALA PA 225 71.12 -59.53 -8.13
CA ALA PA 225 70.74 -60.19 -6.89
C ALA PA 225 70.78 -61.69 -7.13
N GLY PA 226 70.27 -62.45 -6.17
CA GLY PA 226 70.18 -63.89 -6.26
C GLY PA 226 70.48 -64.63 -4.98
N ILE PA 227 71.14 -64.00 -4.04
CA ILE PA 227 71.46 -64.61 -2.77
C ILE PA 227 70.48 -64.10 -1.73
N THR PA 228 69.89 -65.01 -0.96
CA THR PA 228 69.00 -64.63 0.12
C THR PA 228 69.83 -64.52 1.40
N HIS PA 229 70.55 -63.41 1.54
CA HIS PA 229 71.48 -63.22 2.65
C HIS PA 229 70.76 -62.62 3.86
N HIS PA 230 71.46 -62.64 4.99
CA HIS PA 230 70.89 -62.22 6.26
C HIS PA 230 70.51 -60.75 6.27
N GLY QA 54 -55.44 17.72 -60.91
CA GLY QA 54 -55.88 16.61 -60.08
C GLY QA 54 -55.85 15.28 -60.79
N LYS QA 55 -56.31 15.27 -62.04
CA LYS QA 55 -56.32 14.08 -62.88
C LYS QA 55 -55.96 14.37 -64.32
N GLU QA 56 -56.05 15.62 -64.77
CA GLU QA 56 -55.84 15.97 -66.17
C GLU QA 56 -54.37 15.89 -66.60
N LEU QA 57 -53.45 15.58 -65.70
CA LEU QA 57 -52.04 15.50 -66.08
C LEU QA 57 -51.70 14.15 -66.70
N LEU QA 58 -52.43 13.11 -66.32
CA LEU QA 58 -52.03 11.76 -66.71
C LEU QA 58 -52.19 11.53 -68.21
N GLU QA 59 -53.26 12.07 -68.81
CA GLU QA 59 -53.45 11.87 -70.23
C GLU QA 59 -52.40 12.62 -71.03
N ALA QA 60 -51.93 13.75 -70.49
CA ALA QA 60 -50.86 14.48 -71.15
C ALA QA 60 -49.53 13.76 -71.02
N ALA QA 61 -49.31 13.08 -69.88
CA ALA QA 61 -48.14 12.22 -69.77
C ALA QA 61 -48.21 11.06 -70.75
N ARG QA 62 -49.40 10.48 -70.90
CA ARG QA 62 -49.57 9.35 -71.80
C ARG QA 62 -49.37 9.76 -73.26
N ALA QA 63 -49.91 10.91 -73.66
CA ALA QA 63 -49.72 11.40 -75.02
C ALA QA 63 -48.32 11.93 -75.27
N GLY QA 64 -47.47 11.99 -74.25
CA GLY QA 64 -46.15 12.55 -74.41
C GLY QA 64 -46.11 14.06 -74.45
N GLN QA 65 -47.14 14.73 -73.94
CA GLN QA 65 -47.20 16.19 -73.94
C GLN QA 65 -46.31 16.72 -72.83
N ASP QA 66 -45.00 16.71 -73.08
CA ASP QA 66 -44.05 17.14 -72.07
C ASP QA 66 -44.27 18.60 -71.67
N ASP QA 67 -44.58 19.46 -72.64
CA ASP QA 67 -44.80 20.86 -72.32
C ASP QA 67 -46.09 21.06 -71.55
N GLU QA 68 -47.12 20.26 -71.85
CA GLU QA 68 -48.37 20.41 -71.12
C GLU QA 68 -48.21 19.99 -69.66
N VAL QA 69 -47.60 18.82 -69.41
CA VAL QA 69 -47.37 18.41 -68.03
C VAL QA 69 -46.42 19.37 -67.34
N ALA QA 70 -45.50 19.97 -68.10
CA ALA QA 70 -44.64 21.00 -67.52
C ALA QA 70 -45.47 22.18 -67.00
N VAL QA 71 -46.28 22.78 -67.86
CA VAL QA 71 -47.00 24.00 -67.46
C VAL QA 71 -48.07 23.67 -66.43
N LEU QA 72 -48.57 22.44 -66.44
CA LEU QA 72 -49.63 22.08 -65.50
C LEU QA 72 -49.07 21.61 -64.16
N MET QA 73 -47.82 21.16 -64.11
CA MET QA 73 -47.18 20.85 -62.85
C MET QA 73 -46.53 22.08 -62.22
N ALA QA 74 -46.14 23.06 -63.04
CA ALA QA 74 -45.75 24.35 -62.50
C ALA QA 74 -46.84 24.90 -61.61
N ARG QA 75 -48.06 24.94 -62.13
CA ARG QA 75 -49.23 25.16 -61.27
C ARG QA 75 -49.44 23.95 -60.38
N GLY QA 76 -49.83 24.22 -59.14
CA GLY QA 76 -50.02 23.17 -58.15
C GLY QA 76 -50.91 22.02 -58.62
N ALA QA 77 -50.30 20.85 -58.81
CA ALA QA 77 -51.02 19.69 -59.33
C ALA QA 77 -50.59 18.46 -58.55
N GLU QA 78 -51.40 17.40 -58.66
CA GLU QA 78 -51.10 16.15 -57.98
C GLU QA 78 -49.97 15.42 -58.68
N VAL QA 79 -48.84 15.26 -58.00
CA VAL QA 79 -47.73 14.53 -58.58
C VAL QA 79 -47.84 13.02 -58.32
N ASN QA 80 -48.17 12.62 -57.10
CA ASN QA 80 -48.30 11.21 -56.75
C ASN QA 80 -49.73 10.72 -56.92
N ALA QA 81 -50.28 10.92 -58.10
CA ALA QA 81 -51.67 10.58 -58.38
C ALA QA 81 -51.83 9.06 -58.49
N ALA QA 82 -52.76 8.54 -57.70
CA ALA QA 82 -53.21 7.17 -57.81
C ALA QA 82 -54.49 7.16 -58.63
N ASP QA 83 -54.53 6.33 -59.66
CA ASP QA 83 -55.59 6.41 -60.65
C ASP QA 83 -56.52 5.20 -60.55
N ASP QA 84 -57.41 5.11 -61.54
CA ASP QA 84 -58.49 4.13 -61.57
C ASP QA 84 -58.01 2.68 -61.49
N VAL QA 85 -56.75 2.40 -61.79
CA VAL QA 85 -56.21 1.06 -61.62
C VAL QA 85 -54.88 1.16 -60.88
N GLY QA 86 -54.50 2.37 -60.48
CA GLY QA 86 -53.32 2.56 -59.67
C GLY QA 86 -52.08 2.91 -60.48
N VAL QA 87 -52.30 3.49 -61.65
CA VAL QA 87 -51.22 3.81 -62.59
C VAL QA 87 -50.89 5.28 -62.37
N THR QA 88 -49.72 5.53 -61.80
CA THR QA 88 -49.27 6.91 -61.59
C THR QA 88 -48.70 7.44 -62.91
N PRO QA 89 -48.76 8.77 -63.12
CA PRO QA 89 -48.12 9.35 -64.31
C PRO QA 89 -46.70 8.87 -64.57
N LEU QA 90 -45.97 8.48 -63.53
CA LEU QA 90 -44.62 7.95 -63.74
C LEU QA 90 -44.66 6.61 -64.46
N HIS QA 91 -45.63 5.76 -64.11
CA HIS QA 91 -45.75 4.46 -64.78
C HIS QA 91 -45.99 4.64 -66.27
N LEU QA 92 -46.96 5.47 -66.65
CA LEU QA 92 -47.26 5.74 -68.05
C LEU QA 92 -46.15 6.51 -68.75
N ALA QA 93 -45.39 7.32 -68.02
CA ALA QA 93 -44.24 8.01 -68.58
C ALA QA 93 -43.07 7.08 -68.80
N ALA QA 94 -43.03 5.95 -68.10
CA ALA QA 94 -42.01 4.94 -68.31
C ALA QA 94 -42.38 3.92 -69.38
N GLN QA 95 -43.66 3.53 -69.46
CA GLN QA 95 -44.10 2.62 -70.51
C GLN QA 95 -43.71 3.16 -71.89
N ARG QA 96 -44.20 4.34 -72.23
CA ARG QA 96 -43.71 5.05 -73.40
C ARG QA 96 -42.35 5.65 -73.07
N GLY QA 97 -41.54 5.85 -74.11
CA GLY QA 97 -40.22 6.39 -73.87
C GLY QA 97 -40.21 7.90 -73.84
N HIS QA 98 -40.28 8.46 -72.65
CA HIS QA 98 -40.37 9.92 -72.47
C HIS QA 98 -39.50 10.30 -71.28
N LEU QA 99 -38.24 10.64 -71.56
CA LEU QA 99 -37.29 10.98 -70.52
C LEU QA 99 -37.59 12.32 -69.86
N ALA QA 100 -38.00 13.32 -70.64
CA ALA QA 100 -38.27 14.64 -70.09
C ALA QA 100 -39.38 14.59 -69.05
N ILE QA 101 -40.41 13.79 -69.32
CA ILE QA 101 -41.56 13.74 -68.41
C ILE QA 101 -41.14 13.08 -67.08
N VAL QA 102 -40.37 12.00 -67.14
CA VAL QA 102 -39.97 11.35 -65.89
C VAL QA 102 -38.98 12.24 -65.13
N SER QA 103 -38.18 13.03 -65.84
CA SER QA 103 -37.28 13.95 -65.15
C SER QA 103 -38.06 15.02 -64.41
N VAL QA 104 -39.00 15.67 -65.10
CA VAL QA 104 -39.77 16.74 -64.47
C VAL QA 104 -40.74 16.19 -63.44
N LEU QA 105 -41.03 14.88 -63.49
CA LEU QA 105 -41.85 14.29 -62.44
C LEU QA 105 -41.04 13.92 -61.22
N LEU QA 106 -39.83 13.37 -61.41
CA LEU QA 106 -38.95 13.11 -60.28
C LEU QA 106 -38.58 14.38 -59.56
N ALA QA 107 -38.26 15.44 -60.30
CA ALA QA 107 -37.89 16.71 -59.65
C ALA QA 107 -39.03 17.24 -58.79
N PHE QA 108 -40.27 17.00 -59.19
CA PHE QA 108 -41.41 17.48 -58.43
C PHE QA 108 -41.87 16.53 -57.34
N GLY QA 109 -41.12 15.46 -57.06
CA GLY QA 109 -41.43 14.64 -55.92
C GLY QA 109 -42.30 13.43 -56.20
N ALA QA 110 -41.95 12.67 -57.23
CA ALA QA 110 -42.64 11.42 -57.49
C ALA QA 110 -41.96 10.27 -56.74
N SER QA 111 -42.69 9.18 -56.58
CA SER QA 111 -42.14 8.00 -55.91
C SER QA 111 -41.72 6.99 -56.96
N VAL QA 112 -40.44 6.59 -56.93
CA VAL QA 112 -39.95 5.60 -57.87
C VAL QA 112 -40.49 4.21 -57.57
N ASN QA 113 -40.79 3.90 -56.31
CA ASN QA 113 -41.39 2.63 -55.93
C ASN QA 113 -42.87 2.86 -55.67
N ALA QA 114 -43.70 2.59 -56.68
CA ALA QA 114 -45.13 2.86 -56.60
C ALA QA 114 -45.89 1.59 -56.91
N ALA QA 115 -46.42 0.97 -55.85
CA ALA QA 115 -46.98 -0.38 -55.93
C ALA QA 115 -48.27 -0.34 -56.74
N ASP QA 116 -48.16 -0.64 -58.03
CA ASP QA 116 -49.31 -0.75 -58.90
C ASP QA 116 -50.27 -1.83 -58.40
N LEU QA 117 -51.51 -1.75 -58.87
CA LEU QA 117 -52.51 -2.75 -58.48
C LEU QA 117 -52.12 -4.14 -58.95
N TRP QA 118 -51.26 -4.24 -59.96
CA TRP QA 118 -50.77 -5.53 -60.43
C TRP QA 118 -49.42 -5.91 -59.84
N GLY QA 119 -48.79 -5.00 -59.10
CA GLY QA 119 -47.49 -5.27 -58.52
C GLY QA 119 -46.33 -4.70 -59.29
N GLN QA 120 -46.59 -3.88 -60.32
CA GLN QA 120 -45.51 -3.32 -61.11
C GLN QA 120 -45.03 -2.00 -60.52
N THR QA 121 -43.90 -1.54 -61.06
CA THR QA 121 -43.15 -0.38 -60.63
C THR QA 121 -42.61 0.22 -61.93
N PRO QA 122 -42.38 1.54 -62.01
CA PRO QA 122 -41.84 2.09 -63.27
C PRO QA 122 -40.59 1.39 -63.77
N LEU QA 123 -39.77 0.84 -62.87
CA LEU QA 123 -38.60 0.09 -63.31
C LEU QA 123 -39.00 -1.18 -64.05
N HIS QA 124 -40.07 -1.85 -63.61
CA HIS QA 124 -40.54 -3.04 -64.31
C HIS QA 124 -40.92 -2.72 -65.74
N LEU QA 125 -41.83 -1.77 -65.93
CA LEU QA 125 -42.28 -1.40 -67.26
C LEU QA 125 -41.17 -0.81 -68.11
N ALA QA 126 -40.26 -0.04 -67.52
CA ALA QA 126 -39.15 0.53 -68.28
C ALA QA 126 -38.15 -0.52 -68.72
N ALA QA 127 -37.85 -1.50 -67.87
CA ALA QA 127 -36.97 -2.59 -68.28
C ALA QA 127 -37.64 -3.46 -69.32
N THR QA 128 -38.96 -3.66 -69.23
CA THR QA 128 -39.65 -4.43 -70.24
C THR QA 128 -39.69 -3.71 -71.59
N ALA QA 129 -39.90 -2.40 -71.58
CA ALA QA 129 -40.01 -1.65 -72.83
C ALA QA 129 -38.69 -1.68 -73.61
N GLY QA 130 -37.62 -1.14 -73.03
CA GLY QA 130 -36.34 -1.16 -73.68
C GLY QA 130 -35.60 0.16 -73.70
N HIS QA 131 -36.10 1.13 -72.93
CA HIS QA 131 -35.48 2.46 -72.91
C HIS QA 131 -34.42 2.52 -71.82
N LEU QA 132 -33.17 2.71 -72.24
CA LEU QA 132 -32.05 2.62 -71.30
C LEU QA 132 -31.93 3.86 -70.44
N GLU QA 133 -32.12 5.05 -71.02
CA GLU QA 133 -31.97 6.29 -70.28
C GLU QA 133 -32.93 6.38 -69.10
N ILE QA 134 -34.17 5.94 -69.29
CA ILE QA 134 -35.12 5.94 -68.19
C ILE QA 134 -34.68 4.97 -67.10
N VAL QA 135 -34.16 3.80 -67.49
CA VAL QA 135 -33.66 2.85 -66.51
C VAL QA 135 -32.53 3.47 -65.70
N GLU QA 136 -31.60 4.17 -66.35
CA GLU QA 136 -30.50 4.80 -65.63
C GLU QA 136 -31.01 5.86 -64.66
N VAL QA 137 -31.87 6.77 -65.13
CA VAL QA 137 -32.30 7.86 -64.28
C VAL QA 137 -33.18 7.36 -63.14
N LEU QA 138 -33.80 6.19 -63.32
CA LEU QA 138 -34.57 5.61 -62.22
C LEU QA 138 -33.67 4.90 -61.23
N LEU QA 139 -32.65 4.21 -61.71
CA LEU QA 139 -31.73 3.53 -60.81
C LEU QA 139 -30.93 4.52 -59.97
N ARG QA 140 -30.60 5.68 -60.56
CA ARG QA 140 -29.89 6.70 -59.79
C ARG QA 140 -30.79 7.40 -58.79
N SER QA 141 -32.11 7.32 -58.95
CA SER QA 141 -33.04 8.00 -58.07
C SER QA 141 -33.52 7.13 -56.91
N GLY QA 142 -33.15 5.86 -56.88
CA GLY QA 142 -33.53 4.99 -55.79
C GLY QA 142 -34.49 3.88 -56.13
N ALA QA 143 -34.58 3.46 -57.38
CA ALA QA 143 -35.44 2.33 -57.72
C ALA QA 143 -34.82 1.03 -57.19
N SER QA 144 -35.68 0.14 -56.71
CA SER QA 144 -35.25 -1.11 -56.12
C SER QA 144 -35.17 -2.21 -57.18
N VAL QA 145 -33.95 -2.68 -57.43
CA VAL QA 145 -33.71 -3.68 -58.47
C VAL QA 145 -34.30 -5.03 -58.15
N ASN QA 146 -34.73 -5.28 -56.91
CA ASN QA 146 -35.22 -6.58 -56.51
C ASN QA 146 -36.64 -6.49 -55.97
N ALA QA 147 -37.49 -5.75 -56.66
CA ALA QA 147 -38.91 -5.72 -56.35
C ALA QA 147 -39.63 -6.78 -57.17
N ARG QA 148 -40.70 -7.33 -56.61
CA ARG QA 148 -41.37 -8.48 -57.19
C ARG QA 148 -42.74 -8.09 -57.74
N ASP QA 149 -43.17 -8.83 -58.75
CA ASP QA 149 -44.55 -8.82 -59.24
C ASP QA 149 -45.41 -9.75 -58.39
N ASN QA 150 -46.61 -10.05 -58.90
CA ASN QA 150 -47.38 -11.14 -58.32
C ASN QA 150 -46.84 -12.49 -58.80
N ILE QA 151 -46.51 -12.60 -60.08
CA ILE QA 151 -45.79 -13.78 -60.55
C ILE QA 151 -44.45 -13.94 -59.84
N GLY QA 152 -43.86 -12.84 -59.35
CA GLY QA 152 -42.57 -12.87 -58.70
C GLY QA 152 -41.43 -12.35 -59.55
N HIS QA 153 -41.71 -11.82 -60.74
CA HIS QA 153 -40.65 -11.37 -61.62
C HIS QA 153 -39.93 -10.16 -61.04
N THR QA 154 -38.61 -10.13 -61.22
CA THR QA 154 -37.80 -8.97 -60.92
C THR QA 154 -37.41 -8.27 -62.21
N PRO QA 155 -37.01 -7.00 -62.15
CA PRO QA 155 -36.69 -6.29 -63.40
C PRO QA 155 -35.70 -7.02 -64.29
N LEU QA 156 -34.85 -7.89 -63.72
CA LEU QA 156 -33.90 -8.63 -64.55
C LEU QA 156 -34.60 -9.77 -65.29
N HIS QA 157 -35.62 -10.39 -64.66
CA HIS QA 157 -36.45 -11.35 -65.38
C HIS QA 157 -36.98 -10.75 -66.67
N LEU QA 158 -37.54 -9.55 -66.59
CA LEU QA 158 -38.11 -8.90 -67.76
C LEU QA 158 -37.04 -8.44 -68.73
N ALA QA 159 -35.92 -7.94 -68.21
CA ALA QA 159 -34.82 -7.56 -69.09
C ALA QA 159 -34.29 -8.74 -69.88
N ALA QA 160 -34.29 -9.94 -69.29
CA ALA QA 160 -33.84 -11.14 -69.99
C ALA QA 160 -34.89 -11.68 -70.94
N TRP QA 161 -36.16 -11.64 -70.56
CA TRP QA 161 -37.22 -12.06 -71.47
C TRP QA 161 -37.25 -11.19 -72.72
N ALA QA 162 -37.27 -9.86 -72.54
CA ALA QA 162 -37.42 -8.96 -73.67
C ALA QA 162 -36.22 -9.02 -74.60
N GLY QA 163 -35.04 -9.28 -74.07
CA GLY QA 163 -33.84 -9.34 -74.86
C GLY QA 163 -33.02 -8.07 -74.93
N HIS QA 164 -32.93 -7.32 -73.84
CA HIS QA 164 -32.24 -6.03 -73.82
C HIS QA 164 -30.89 -6.19 -73.13
N LEU QA 165 -29.81 -6.21 -73.92
CA LEU QA 165 -28.50 -6.53 -73.37
C LEU QA 165 -27.98 -5.41 -72.48
N GLU QA 166 -28.02 -4.17 -72.97
CA GLU QA 166 -27.47 -3.04 -72.21
C GLU QA 166 -28.23 -2.83 -70.91
N ILE QA 167 -29.55 -3.03 -70.94
CA ILE QA 167 -30.33 -2.94 -69.70
C ILE QA 167 -29.95 -4.05 -68.74
N VAL QA 168 -29.68 -5.24 -69.27
CA VAL QA 168 -29.21 -6.33 -68.41
C VAL QA 168 -27.89 -5.95 -67.75
N GLU QA 169 -26.99 -5.32 -68.49
CA GLU QA 169 -25.73 -4.89 -67.91
C GLU QA 169 -25.93 -3.86 -66.82
N VAL QA 170 -26.71 -2.82 -67.06
CA VAL QA 170 -26.87 -1.78 -66.05
C VAL QA 170 -27.60 -2.33 -64.84
N LEU QA 171 -28.50 -3.31 -65.03
CA LEU QA 171 -29.16 -3.91 -63.89
C LEU QA 171 -28.24 -4.81 -63.10
N LEU QA 172 -27.28 -5.47 -63.76
CA LEU QA 172 -26.31 -6.29 -63.04
C LEU QA 172 -25.31 -5.45 -62.28
N ALA QA 173 -24.97 -4.27 -62.79
CA ALA QA 173 -24.09 -3.35 -62.08
C ALA QA 173 -24.70 -2.80 -60.79
N TYR QA 174 -26.02 -2.74 -60.70
CA TYR QA 174 -26.69 -2.10 -59.56
C TYR QA 174 -27.17 -3.10 -58.52
N GLY QA 175 -26.84 -4.38 -58.67
CA GLY QA 175 -27.09 -5.35 -57.63
C GLY QA 175 -28.21 -6.34 -57.89
N ALA QA 176 -28.68 -6.46 -59.13
CA ALA QA 176 -29.60 -7.53 -59.45
C ALA QA 176 -28.89 -8.87 -59.38
N ASP QA 177 -29.54 -9.83 -58.74
CA ASP QA 177 -28.97 -11.16 -58.54
C ASP QA 177 -29.37 -12.08 -59.69
N VAL QA 178 -28.46 -12.97 -60.07
CA VAL QA 178 -28.70 -13.76 -61.27
C VAL QA 178 -29.55 -14.99 -60.99
N PHE QA 179 -29.37 -15.64 -59.83
CA PHE QA 179 -30.24 -16.78 -59.51
C PHE QA 179 -31.35 -16.39 -58.55
N ALA QA 180 -32.29 -15.59 -59.01
CA ALA QA 180 -33.53 -15.33 -58.30
C ALA QA 180 -34.65 -16.00 -59.06
N GLN QA 181 -35.65 -16.48 -58.34
CA GLN QA 181 -36.73 -17.24 -58.97
C GLN QA 181 -38.05 -16.48 -58.87
N ASP QA 182 -38.99 -16.87 -59.73
CA ASP QA 182 -40.38 -16.44 -59.65
C ASP QA 182 -41.19 -17.55 -59.00
N LYS QA 183 -42.50 -17.33 -58.88
CA LYS QA 183 -43.35 -18.35 -58.27
C LYS QA 183 -43.26 -19.68 -59.01
N PHE QA 184 -43.11 -19.66 -60.33
CA PHE QA 184 -43.07 -20.88 -61.10
C PHE QA 184 -41.69 -21.51 -61.15
N GLY QA 185 -40.69 -20.91 -60.52
CA GLY QA 185 -39.41 -21.55 -60.32
C GLY QA 185 -38.30 -21.19 -61.29
N LYS QA 186 -38.51 -20.21 -62.16
CA LYS QA 186 -37.53 -19.91 -63.20
C LYS QA 186 -36.64 -18.74 -62.80
N THR QA 187 -35.39 -18.81 -63.24
CA THR QA 187 -34.38 -17.78 -63.11
C THR QA 187 -34.22 -17.04 -64.43
N PRO QA 188 -33.70 -15.81 -64.42
CA PRO QA 188 -33.54 -15.07 -65.67
C PRO QA 188 -32.86 -15.85 -66.78
N PHE QA 189 -31.94 -16.75 -66.44
CA PHE QA 189 -31.31 -17.57 -67.46
C PHE QA 189 -32.31 -18.48 -68.15
N ASP QA 190 -33.34 -18.94 -67.43
CA ASP QA 190 -34.35 -19.79 -68.06
C ASP QA 190 -35.22 -18.99 -69.01
N LEU QA 191 -35.71 -17.83 -68.57
CA LEU QA 191 -36.47 -16.97 -69.48
C LEU QA 191 -35.62 -16.53 -70.67
N ALA QA 192 -34.29 -16.54 -70.50
CA ALA QA 192 -33.43 -16.18 -71.62
C ALA QA 192 -33.24 -17.34 -72.59
N ILE QA 193 -33.19 -18.57 -72.09
CA ILE QA 193 -32.91 -19.69 -72.97
C ILE QA 193 -34.18 -20.24 -73.61
N ASP QA 194 -35.34 -19.98 -73.02
CA ASP QA 194 -36.59 -20.43 -73.63
C ASP QA 194 -37.19 -19.43 -74.61
N ASN QA 195 -36.47 -18.36 -74.95
CA ASN QA 195 -36.97 -17.33 -75.83
C ASN QA 195 -35.99 -16.99 -76.95
N GLY QA 196 -34.93 -17.77 -77.11
CA GLY QA 196 -33.97 -17.51 -78.15
C GLY QA 196 -33.07 -16.31 -77.92
N ASN QA 197 -33.27 -15.55 -76.85
CA ASN QA 197 -32.34 -14.49 -76.48
C ASN QA 197 -31.02 -15.11 -76.10
N GLU QA 198 -30.01 -14.96 -76.97
CA GLU QA 198 -28.80 -15.76 -76.91
C GLU QA 198 -27.73 -15.19 -76.00
N ASP QA 199 -27.46 -13.88 -76.04
CA ASP QA 199 -26.30 -13.37 -75.36
C ASP QA 199 -26.60 -13.05 -73.90
N ILE QA 200 -27.84 -12.71 -73.59
CA ILE QA 200 -28.26 -12.63 -72.20
C ILE QA 200 -27.91 -13.93 -71.51
N ALA QA 201 -28.23 -15.06 -72.14
CA ALA QA 201 -27.90 -16.37 -71.60
C ALA QA 201 -26.41 -16.53 -71.39
N GLU QA 202 -25.58 -16.06 -72.33
CA GLU QA 202 -24.14 -16.24 -72.19
C GLU QA 202 -23.57 -15.42 -71.03
N VAL QA 203 -23.94 -14.15 -70.96
CA VAL QA 203 -23.40 -13.31 -69.90
C VAL QA 203 -24.00 -13.63 -68.54
N LEU QA 204 -25.11 -14.36 -68.49
CA LEU QA 204 -25.58 -14.83 -67.19
C LEU QA 204 -24.98 -16.18 -66.82
N GLN QA 205 -24.69 -17.03 -67.81
CA GLN QA 205 -24.01 -18.28 -67.57
C GLN QA 205 -22.60 -18.05 -67.06
N ARG QA 206 -21.91 -17.04 -67.58
CA ARG QA 206 -20.57 -16.74 -67.08
C ARG QA 206 -20.60 -16.43 -65.58
N LEU QA 207 -21.62 -15.70 -65.12
CA LEU QA 207 -21.68 -15.33 -63.70
C LEU QA 207 -22.07 -16.53 -62.84
N LEU QA 208 -23.06 -17.30 -63.28
CA LEU QA 208 -23.39 -18.53 -62.57
C LEU QA 208 -22.16 -19.42 -62.40
N GLU QA 209 -21.36 -19.53 -63.46
CA GLU QA 209 -20.19 -20.38 -63.40
C GLU QA 209 -19.11 -19.81 -62.50
N CYS QA 210 -18.91 -18.49 -62.52
CA CYS QA 210 -17.94 -17.89 -61.60
C CYS QA 210 -18.31 -18.18 -60.15
N ARG QA 211 -19.58 -18.02 -59.79
CA ARG QA 211 -19.96 -18.29 -58.41
C ARG QA 211 -19.79 -19.76 -58.05
N ARG QA 212 -20.19 -20.67 -58.93
CA ARG QA 212 -20.03 -22.10 -58.67
C ARG QA 212 -18.57 -22.47 -58.48
N ASP QA 213 -17.68 -21.95 -59.33
CA ASP QA 213 -16.27 -22.32 -59.27
C ASP QA 213 -15.58 -21.76 -58.03
N ALA QA 214 -15.94 -20.53 -57.63
CA ALA QA 214 -15.36 -20.02 -56.40
C ALA QA 214 -15.79 -20.84 -55.19
N GLU QA 215 -17.07 -21.24 -55.13
CA GLU QA 215 -17.53 -22.10 -54.06
C GLU QA 215 -16.73 -23.40 -54.01
N ALA QA 216 -16.57 -24.06 -55.17
CA ALA QA 216 -15.81 -25.30 -55.23
C ALA QA 216 -14.36 -25.14 -54.79
N ALA QA 217 -13.68 -24.09 -55.23
CA ALA QA 217 -12.30 -23.88 -54.83
C ALA QA 217 -12.14 -23.61 -53.34
N ILE QA 218 -13.09 -22.91 -52.72
CA ILE QA 218 -12.98 -22.71 -51.27
C ILE QA 218 -13.18 -24.02 -50.53
N ASN QA 219 -14.10 -24.87 -51.01
CA ASN QA 219 -14.23 -26.20 -50.39
C ASN QA 219 -12.93 -27.00 -50.49
N TYR QA 220 -12.29 -26.97 -51.66
CA TYR QA 220 -11.05 -27.72 -51.83
C TYR QA 220 -9.94 -27.18 -50.93
N GLN QA 221 -9.90 -25.87 -50.71
CA GLN QA 221 -8.89 -25.33 -49.80
C GLN QA 221 -9.14 -25.73 -48.37
N ILE QA 222 -10.41 -25.81 -47.96
CA ILE QA 222 -10.71 -26.31 -46.62
C ILE QA 222 -10.18 -27.73 -46.44
N ASN QA 223 -10.44 -28.60 -47.43
CA ASN QA 223 -9.95 -29.97 -47.32
C ASN QA 223 -8.43 -30.03 -47.30
N LEU QA 224 -7.76 -29.19 -48.09
CA LEU QA 224 -6.30 -29.22 -48.12
C LEU QA 224 -5.68 -28.80 -46.79
N GLU QA 225 -6.26 -27.79 -46.13
CA GLU QA 225 -5.69 -27.41 -44.84
C GLU QA 225 -5.98 -28.45 -43.77
N LEU QA 226 -7.14 -29.11 -43.82
CA LEU QA 226 -7.37 -30.20 -42.87
C LEU QA 226 -6.39 -31.34 -43.07
N TYR QA 227 -6.07 -31.67 -44.32
CA TYR QA 227 -5.07 -32.69 -44.59
C TYR QA 227 -3.69 -32.28 -44.08
N ALA QA 228 -3.28 -31.03 -44.28
CA ALA QA 228 -2.00 -30.59 -43.76
C ALA QA 228 -1.95 -30.69 -42.24
N SER QA 229 -3.03 -30.33 -41.57
CA SER QA 229 -3.08 -30.48 -40.11
C SER QA 229 -2.88 -31.91 -39.68
N TYR QA 230 -3.51 -32.86 -40.37
CA TYR QA 230 -3.34 -34.27 -40.07
C TYR QA 230 -1.90 -34.74 -40.30
N VAL QA 231 -1.27 -34.28 -41.38
CA VAL QA 231 0.12 -34.66 -41.65
C VAL QA 231 1.04 -34.16 -40.56
N TYR QA 232 0.83 -32.94 -40.07
CA TYR QA 232 1.67 -32.43 -39.00
C TYR QA 232 1.46 -33.19 -37.71
N LEU QA 233 0.23 -33.62 -37.43
CA LEU QA 233 0.00 -34.43 -36.23
C LEU QA 233 0.77 -35.74 -36.29
N SER QA 234 0.75 -36.40 -37.45
CA SER QA 234 1.55 -37.61 -37.64
C SER QA 234 3.04 -37.32 -37.41
N MET QA 235 3.58 -36.29 -38.08
CA MET QA 235 4.97 -35.91 -37.88
C MET QA 235 5.31 -35.71 -36.40
N SER QA 236 4.47 -34.99 -35.68
CA SER QA 236 4.73 -34.70 -34.28
C SER QA 236 4.78 -35.94 -33.42
N TYR QA 237 3.85 -36.87 -33.60
CA TYR QA 237 3.91 -38.08 -32.77
C TYR QA 237 4.89 -39.10 -33.28
N TYR QA 238 5.57 -38.85 -34.39
CA TYR QA 238 6.73 -39.68 -34.73
C TYR QA 238 7.92 -39.40 -33.82
N PHE QA 239 8.20 -38.13 -33.55
CA PHE QA 239 9.34 -37.75 -32.74
C PHE QA 239 9.13 -38.00 -31.26
N ASP QA 240 8.03 -38.65 -30.88
CA ASP QA 240 7.72 -38.93 -29.49
C ASP QA 240 8.01 -40.37 -29.13
N ARG QA 241 8.27 -41.22 -30.12
CA ARG QA 241 8.66 -42.60 -29.86
C ARG QA 241 9.92 -42.62 -29.00
N ASP QA 242 10.24 -43.75 -28.38
CA ASP QA 242 11.44 -43.79 -27.56
C ASP QA 242 12.66 -44.26 -28.31
N ASP QA 243 12.51 -44.67 -29.57
CA ASP QA 243 13.68 -44.80 -30.42
C ASP QA 243 13.89 -43.55 -31.26
N VAL QA 244 13.05 -42.54 -31.09
CA VAL QA 244 13.25 -41.21 -31.65
C VAL QA 244 12.97 -40.23 -30.52
N ALA QA 245 13.98 -39.87 -29.74
CA ALA QA 245 13.74 -39.15 -28.50
C ALA QA 245 14.03 -37.65 -28.66
N LEU QA 246 13.25 -36.99 -29.50
CA LEU QA 246 13.42 -35.56 -29.74
C LEU QA 246 12.12 -34.83 -29.38
N LYS QA 247 12.17 -34.05 -28.31
CA LYS QA 247 10.97 -33.45 -27.72
C LYS QA 247 10.57 -32.13 -28.35
N ASN QA 248 11.54 -31.34 -28.79
CA ASN QA 248 11.21 -30.03 -29.31
C ASN QA 248 10.80 -30.08 -30.77
N PHE QA 249 11.30 -31.06 -31.51
CA PHE QA 249 10.70 -31.39 -32.80
C PHE QA 249 9.22 -31.72 -32.66
N ALA QA 250 8.88 -32.48 -31.62
CA ALA QA 250 7.50 -32.84 -31.35
C ALA QA 250 6.64 -31.62 -31.02
N LYS QA 251 7.12 -30.75 -30.13
CA LYS QA 251 6.36 -29.54 -29.83
C LYS QA 251 6.19 -28.66 -31.06
N TYR QA 252 7.26 -28.50 -31.84
CA TYR QA 252 7.18 -27.74 -33.09
C TYR QA 252 6.05 -28.24 -33.97
N PHE QA 253 6.05 -29.53 -34.30
CA PHE QA 253 5.05 -30.00 -35.23
C PHE QA 253 3.65 -30.05 -34.64
N LEU QA 254 3.50 -30.17 -33.32
CA LEU QA 254 2.16 -30.04 -32.76
C LEU QA 254 1.62 -28.61 -32.89
N HIS QA 255 2.48 -27.61 -32.66
CA HIS QA 255 2.06 -26.23 -32.87
C HIS QA 255 1.61 -25.99 -34.30
N GLN QA 256 2.36 -26.50 -35.27
CA GLN QA 256 1.94 -26.33 -36.66
C GLN QA 256 0.64 -27.05 -36.93
N SER QA 257 0.44 -28.23 -36.35
CA SER QA 257 -0.82 -28.95 -36.50
C SER QA 257 -2.01 -28.14 -36.04
N HIS QA 258 -1.89 -27.38 -34.96
CA HIS QA 258 -3.04 -26.60 -34.50
C HIS QA 258 -3.25 -25.33 -35.31
N GLU QA 259 -2.16 -24.67 -35.72
CA GLU QA 259 -2.30 -23.51 -36.58
C GLU QA 259 -3.01 -23.83 -37.88
N GLU QA 260 -2.71 -24.99 -38.46
CA GLU QA 260 -3.36 -25.35 -39.72
C GLU QA 260 -4.85 -25.65 -39.57
N ARG QA 261 -5.34 -25.93 -38.37
CA ARG QA 261 -6.78 -26.07 -38.21
C ARG QA 261 -7.45 -24.73 -38.03
N GLU QA 262 -6.79 -23.81 -37.33
CA GLU QA 262 -7.29 -22.43 -37.34
C GLU QA 262 -7.43 -21.90 -38.76
N HIS QA 263 -6.44 -22.19 -39.62
CA HIS QA 263 -6.50 -21.74 -41.01
C HIS QA 263 -7.76 -22.22 -41.72
N ALA QA 264 -8.16 -23.47 -41.50
CA ALA QA 264 -9.32 -24.01 -42.21
C ALA QA 264 -10.63 -23.51 -41.63
N GLU QA 265 -10.69 -23.31 -40.31
CA GLU QA 265 -11.90 -22.72 -39.74
C GLU QA 265 -12.12 -21.30 -40.24
N LYS QA 266 -11.04 -20.55 -40.51
CA LYS QA 266 -11.22 -19.23 -41.10
C LYS QA 266 -11.91 -19.30 -42.45
N LEU QA 267 -11.56 -20.29 -43.27
CA LEU QA 267 -12.18 -20.40 -44.58
C LEU QA 267 -13.62 -20.88 -44.48
N MET QA 268 -13.93 -21.73 -43.49
CA MET QA 268 -15.32 -22.10 -43.27
C MET QA 268 -16.17 -20.90 -42.91
N LYS QA 269 -15.69 -20.09 -41.97
CA LYS QA 269 -16.39 -18.87 -41.62
C LYS QA 269 -16.57 -17.96 -42.84
N LEU QA 270 -15.51 -17.80 -43.64
CA LEU QA 270 -15.64 -17.02 -44.87
C LEU QA 270 -16.76 -17.53 -45.75
N GLN QA 271 -16.80 -18.84 -46.01
CA GLN QA 271 -17.81 -19.35 -46.92
C GLN QA 271 -19.21 -19.23 -46.35
N ASN QA 272 -19.35 -19.19 -45.03
CA ASN QA 272 -20.66 -18.90 -44.47
C ASN QA 272 -21.03 -17.42 -44.62
N GLN QA 273 -20.04 -16.53 -44.59
CA GLN QA 273 -20.32 -15.11 -44.79
C GLN QA 273 -20.73 -14.80 -46.21
N ARG QA 274 -20.31 -15.60 -47.18
CA ARG QA 274 -20.62 -15.34 -48.57
C ARG QA 274 -21.97 -15.91 -48.99
N GLY QA 275 -22.58 -16.76 -48.19
CA GLY QA 275 -23.82 -17.40 -48.54
C GLY QA 275 -23.67 -18.70 -49.28
N GLY QA 276 -22.48 -19.29 -49.31
CA GLY QA 276 -22.25 -20.55 -49.98
C GLY QA 276 -22.48 -21.73 -49.07
N GLU QA 277 -22.25 -22.92 -49.62
CA GLU QA 277 -22.51 -24.17 -48.92
C GLU QA 277 -21.21 -24.91 -48.67
N ILE QA 278 -20.89 -25.12 -47.40
CA ILE QA 278 -19.76 -25.96 -47.04
C ILE QA 278 -20.12 -27.41 -47.30
N SER QA 279 -19.22 -28.13 -47.97
CA SER QA 279 -19.40 -29.55 -48.20
C SER QA 279 -18.11 -30.26 -47.84
N LEU QA 280 -18.07 -30.82 -46.63
CA LEU QA 280 -16.88 -31.45 -46.10
C LEU QA 280 -16.71 -32.83 -46.73
N GLN QA 281 -15.47 -33.29 -46.78
CA GLN QA 281 -15.13 -34.54 -47.46
C GLN QA 281 -14.16 -35.36 -46.63
N SER QA 282 -13.70 -36.46 -47.22
CA SER QA 282 -12.85 -37.41 -46.54
C SER QA 282 -11.42 -36.87 -46.50
N ILE QA 283 -10.72 -37.13 -45.39
CA ILE QA 283 -9.35 -36.66 -45.24
C ILE QA 283 -8.40 -37.84 -45.42
N SER QA 284 -7.53 -37.77 -46.42
CA SER QA 284 -6.59 -38.84 -46.66
C SER QA 284 -5.61 -38.96 -45.50
N SER QA 285 -5.02 -40.14 -45.38
CA SER QA 285 -4.02 -40.31 -44.36
C SER QA 285 -2.65 -39.92 -44.92
N PRO QA 286 -1.74 -39.44 -44.06
CA PRO QA 286 -0.42 -39.04 -44.55
C PRO QA 286 0.28 -40.20 -45.24
N ASP QA 287 1.22 -39.86 -46.12
CA ASP QA 287 1.82 -40.88 -46.96
C ASP QA 287 2.76 -41.78 -46.18
N SER QA 288 3.34 -41.26 -45.09
CA SER QA 288 4.30 -42.03 -44.31
C SER QA 288 3.83 -42.10 -42.87
N ASP QA 289 4.24 -43.16 -42.19
CA ASP QA 289 4.19 -43.23 -40.74
C ASP QA 289 5.58 -43.09 -40.13
N ASP QA 290 6.62 -43.32 -40.93
CA ASP QA 290 8.01 -43.28 -40.51
C ASP QA 290 8.70 -42.17 -41.30
N TRP QA 291 8.88 -41.03 -40.67
CA TRP QA 291 9.64 -39.93 -41.25
C TRP QA 291 11.08 -40.04 -40.80
N GLU QA 292 11.95 -40.50 -41.71
CA GLU QA 292 13.19 -41.15 -41.31
C GLU QA 292 14.00 -40.36 -40.30
N SER QA 293 14.01 -39.03 -40.39
CA SER QA 293 14.84 -38.23 -39.50
C SER QA 293 14.23 -36.83 -39.39
N GLY QA 294 14.90 -35.98 -38.62
CA GLY QA 294 14.46 -34.60 -38.50
C GLY QA 294 14.66 -33.79 -39.77
N LEU QA 295 15.76 -34.02 -40.47
CA LEU QA 295 15.99 -33.38 -41.75
C LEU QA 295 14.91 -33.74 -42.78
N ASN QA 296 14.64 -35.03 -42.94
CA ASN QA 296 13.63 -35.47 -43.91
C ASN QA 296 12.24 -34.97 -43.57
N ALA QA 297 11.87 -34.94 -42.30
CA ALA QA 297 10.61 -34.35 -41.89
C ALA QA 297 10.54 -32.86 -42.17
N MET QA 298 11.61 -32.11 -41.92
CA MET QA 298 11.59 -30.69 -42.27
C MET QA 298 11.45 -30.48 -43.77
N GLU QA 299 12.09 -31.32 -44.59
CA GLU QA 299 11.96 -31.17 -46.04
C GLU QA 299 10.57 -31.52 -46.52
N SER QA 300 9.95 -32.52 -45.92
CA SER QA 300 8.57 -32.85 -46.27
C SER QA 300 7.61 -31.74 -45.89
N ALA QA 301 7.81 -31.13 -44.71
CA ALA QA 301 6.99 -29.97 -44.35
C ALA QA 301 7.19 -28.84 -45.34
N LEU QA 302 8.40 -28.65 -45.83
CA LEU QA 302 8.65 -27.58 -46.81
C LEU QA 302 7.89 -27.83 -48.11
N HIS QA 303 7.94 -29.05 -48.63
CA HIS QA 303 7.17 -29.33 -49.84
C HIS QA 303 5.67 -29.19 -49.62
N LEU QA 304 5.17 -29.58 -48.45
CA LEU QA 304 3.74 -29.43 -48.17
C LEU QA 304 3.34 -27.97 -48.14
N GLU QA 305 4.12 -27.11 -47.49
CA GLU QA 305 3.81 -25.69 -47.46
C GLU QA 305 3.84 -25.09 -48.87
N LYS QA 306 4.76 -25.54 -49.71
CA LYS QA 306 4.79 -25.03 -51.08
C LYS QA 306 3.55 -25.45 -51.88
N ALA QA 307 3.08 -26.68 -51.69
CA ALA QA 307 1.86 -27.11 -52.38
C ALA QA 307 0.65 -26.29 -51.93
N VAL QA 308 0.54 -26.05 -50.63
CA VAL QA 308 -0.56 -25.21 -50.12
C VAL QA 308 -0.50 -23.82 -50.73
N ASN QA 309 0.69 -23.24 -50.82
CA ASN QA 309 0.82 -21.91 -51.40
C ASN QA 309 0.44 -21.89 -52.87
N ALA QA 310 0.80 -22.92 -53.62
CA ALA QA 310 0.37 -22.99 -55.01
C ALA QA 310 -1.15 -23.01 -55.14
N SER QA 311 -1.83 -23.77 -54.29
CA SER QA 311 -3.30 -23.76 -54.35
C SER QA 311 -3.86 -22.38 -54.04
N LEU QA 312 -3.29 -21.68 -53.05
CA LEU QA 312 -3.75 -20.33 -52.77
C LEU QA 312 -3.57 -19.41 -53.96
N LEU QA 313 -2.45 -19.51 -54.67
CA LEU QA 313 -2.25 -18.67 -55.85
C LEU QA 313 -3.26 -18.98 -56.95
N ARG QA 314 -3.59 -20.26 -57.15
CA ARG QA 314 -4.59 -20.60 -58.16
C ARG QA 314 -5.96 -20.01 -57.79
N LEU QA 315 -6.34 -20.11 -56.52
CA LEU QA 315 -7.62 -19.55 -56.10
C LEU QA 315 -7.62 -18.04 -56.22
N HIS QA 316 -6.49 -17.38 -55.99
CA HIS QA 316 -6.44 -15.93 -56.14
C HIS QA 316 -6.60 -15.52 -57.59
N LYS QA 317 -5.95 -16.24 -58.51
CA LYS QA 317 -6.14 -15.92 -59.91
C LYS QA 317 -7.59 -16.15 -60.35
N LEU QA 318 -8.23 -17.20 -59.83
CA LEU QA 318 -9.64 -17.42 -60.12
C LEU QA 318 -10.50 -16.26 -59.62
N ALA QA 319 -10.29 -15.82 -58.37
CA ALA QA 319 -11.08 -14.71 -57.84
C ALA QA 319 -10.78 -13.42 -58.57
N THR QA 320 -9.62 -13.31 -59.21
CA THR QA 320 -9.32 -12.11 -59.99
C THR QA 320 -10.03 -12.14 -61.34
N ASP QA 321 -10.13 -13.31 -61.95
CA ASP QA 321 -10.83 -13.39 -63.23
C ASP QA 321 -12.30 -13.02 -63.10
N CYS QA 322 -12.94 -13.45 -62.02
CA CYS QA 322 -14.38 -13.23 -61.86
C CYS QA 322 -14.73 -11.97 -61.10
N ASN QA 323 -13.82 -10.99 -61.03
CA ASN QA 323 -14.12 -9.67 -60.49
C ASN QA 323 -14.70 -9.76 -59.08
N ASP QA 324 -13.89 -10.21 -58.13
CA ASP QA 324 -14.34 -10.45 -56.77
C ASP QA 324 -13.37 -9.79 -55.79
N PRO QA 325 -13.39 -8.46 -55.65
CA PRO QA 325 -12.37 -7.78 -54.84
C PRO QA 325 -12.25 -8.26 -53.41
N HIS QA 326 -13.35 -8.62 -52.74
CA HIS QA 326 -13.29 -8.99 -51.34
C HIS QA 326 -12.58 -10.33 -51.15
N LEU QA 327 -12.79 -11.28 -52.06
CA LEU QA 327 -12.11 -12.56 -51.97
C LEU QA 327 -10.60 -12.40 -52.15
N CYS QA 328 -10.19 -11.59 -53.13
CA CYS QA 328 -8.78 -11.34 -53.34
C CYS QA 328 -8.15 -10.67 -52.14
N ASP QA 329 -8.82 -9.64 -51.60
CA ASP QA 329 -8.30 -8.97 -50.40
C ASP QA 329 -8.18 -9.92 -49.24
N PHE QA 330 -9.18 -10.80 -49.04
CA PHE QA 330 -9.12 -11.78 -47.97
C PHE QA 330 -7.93 -12.72 -48.13
N ILE QA 331 -7.74 -13.23 -49.34
CA ILE QA 331 -6.66 -14.19 -49.58
C ILE QA 331 -5.30 -13.56 -49.34
N GLU QA 332 -5.08 -12.36 -49.89
CA GLU QA 332 -3.76 -11.79 -49.69
C GLU QA 332 -3.56 -11.16 -48.32
N THR QA 333 -4.63 -10.89 -47.57
CA THR QA 333 -4.45 -10.36 -46.23
C THR QA 333 -4.16 -11.45 -45.22
N HIS QA 334 -4.82 -12.60 -45.32
CA HIS QA 334 -4.67 -13.59 -44.26
C HIS QA 334 -3.80 -14.78 -44.64
N TYR QA 335 -3.48 -14.95 -45.91
CA TYR QA 335 -2.91 -16.22 -46.34
C TYR QA 335 -1.61 -16.10 -47.11
N LEU QA 336 -1.38 -15.00 -47.83
CA LEU QA 336 -0.20 -14.97 -48.68
C LEU QA 336 1.05 -14.52 -47.95
N ASN QA 337 0.94 -13.83 -46.83
CA ASN QA 337 2.14 -13.43 -46.12
C ASN QA 337 2.57 -14.46 -45.09
N GLU QA 338 1.66 -15.32 -44.65
CA GLU QA 338 2.04 -16.39 -43.74
C GLU QA 338 2.77 -17.51 -44.47
N GLN QA 339 2.37 -17.81 -45.70
CA GLN QA 339 3.06 -18.84 -46.45
C GLN QA 339 4.48 -18.46 -46.78
N VAL QA 340 4.72 -17.18 -47.10
CA VAL QA 340 6.06 -16.72 -47.40
C VAL QA 340 6.97 -16.86 -46.19
N LYS QA 341 6.48 -16.50 -45.01
CA LYS QA 341 7.25 -16.62 -43.79
C LYS QA 341 7.49 -18.07 -43.40
N ALA QA 342 6.48 -18.94 -43.56
CA ALA QA 342 6.67 -20.36 -43.32
C ALA QA 342 7.72 -20.96 -44.23
N ILE QA 343 7.70 -20.65 -45.52
CA ILE QA 343 8.67 -21.20 -46.45
C ILE QA 343 10.07 -20.70 -46.13
N LYS QA 344 10.20 -19.41 -45.80
CA LYS QA 344 11.51 -18.88 -45.43
C LYS QA 344 12.06 -19.58 -44.20
N GLU QA 345 11.23 -19.75 -43.17
CA GLU QA 345 11.69 -20.37 -41.94
C GLU QA 345 12.05 -21.83 -42.12
N LEU QA 346 11.25 -22.58 -42.86
CA LEU QA 346 11.55 -23.99 -43.05
C LEU QA 346 12.78 -24.21 -43.93
N GLY QA 347 13.03 -23.35 -44.90
CA GLY QA 347 14.28 -23.43 -45.63
C GLY QA 347 15.49 -23.07 -44.79
N ASP QA 348 15.33 -22.12 -43.87
CA ASP QA 348 16.39 -21.84 -42.91
C ASP QA 348 16.72 -23.07 -42.07
N HIS QA 349 15.69 -23.72 -41.52
CA HIS QA 349 15.91 -24.94 -40.74
C HIS QA 349 16.63 -26.00 -41.54
N VAL QA 350 16.24 -26.19 -42.80
CA VAL QA 350 16.87 -27.23 -43.60
C VAL QA 350 18.33 -26.92 -43.87
N THR QA 351 18.68 -25.67 -44.21
CA THR QA 351 20.10 -25.42 -44.43
C THR QA 351 20.92 -25.47 -43.15
N ASN QA 352 20.37 -25.03 -42.02
CA ASN QA 352 21.10 -25.18 -40.77
C ASN QA 352 21.37 -26.64 -40.47
N LEU QA 353 20.35 -27.49 -40.55
CA LEU QA 353 20.54 -28.91 -40.29
C LEU QA 353 21.54 -29.53 -41.26
N ARG QA 354 21.48 -29.16 -42.53
CA ARG QA 354 22.42 -29.75 -43.48
C ARG QA 354 23.85 -29.31 -43.23
N LYS QA 355 24.06 -28.06 -42.82
CA LYS QA 355 25.42 -27.60 -42.55
C LYS QA 355 25.98 -28.22 -41.29
N MET QA 356 25.19 -28.29 -40.21
CA MET QA 356 25.66 -28.93 -38.99
C MET QA 356 26.10 -30.37 -39.18
N GLY QA 357 25.63 -31.04 -40.23
CA GLY QA 357 26.09 -32.39 -40.55
C GLY QA 357 25.04 -33.47 -40.49
N ALA QA 358 23.77 -33.14 -40.29
CA ALA QA 358 22.73 -34.16 -40.26
C ALA QA 358 22.51 -34.72 -41.66
N PRO QA 359 21.89 -35.90 -41.78
CA PRO QA 359 21.34 -36.82 -40.78
C PRO QA 359 22.36 -37.83 -40.30
N GLU QA 360 23.49 -37.91 -41.00
CA GLU QA 360 24.54 -38.85 -40.67
C GLU QA 360 25.29 -38.47 -39.40
N SER QA 361 24.81 -37.48 -38.66
CA SER QA 361 25.43 -37.06 -37.42
C SER QA 361 24.38 -36.93 -36.33
N GLY QA 362 24.42 -37.85 -35.37
CA GLY QA 362 23.93 -37.52 -34.05
C GLY QA 362 24.84 -36.50 -33.41
N LEU QA 363 24.26 -35.71 -32.49
CA LEU QA 363 24.83 -34.49 -31.94
C LEU QA 363 24.65 -33.32 -32.90
N ALA QA 364 24.07 -33.56 -34.07
CA ALA QA 364 23.63 -32.45 -34.90
C ALA QA 364 22.15 -32.17 -34.67
N GLU QA 365 21.34 -33.22 -34.73
CA GLU QA 365 19.93 -33.06 -34.44
C GLU QA 365 19.67 -32.90 -32.95
N TYR QA 366 20.50 -33.49 -32.09
CA TYR QA 366 20.38 -33.24 -30.66
C TYR QA 366 20.58 -31.76 -30.34
N LEU QA 367 21.64 -31.16 -30.88
CA LEU QA 367 21.93 -29.77 -30.56
C LEU QA 367 21.03 -28.80 -31.31
N PHE QA 368 20.58 -29.15 -32.51
CA PHE QA 368 19.53 -28.36 -33.15
C PHE QA 368 18.26 -28.34 -32.32
N ASP QA 369 17.81 -29.52 -31.89
CA ASP QA 369 16.64 -29.64 -31.03
C ASP QA 369 16.79 -28.84 -29.75
N LYS QA 370 18.00 -28.80 -29.20
CA LYS QA 370 18.21 -28.06 -27.95
C LYS QA 370 18.24 -26.56 -28.16
N HIS QA 371 18.94 -26.08 -29.18
CA HIS QA 371 19.28 -24.67 -29.30
C HIS QA 371 18.33 -23.87 -30.18
N THR QA 372 17.79 -24.47 -31.24
CA THR QA 372 16.96 -23.72 -32.17
C THR QA 372 15.49 -23.92 -31.90
N LEU QA 373 15.09 -25.15 -31.57
CA LEU QA 373 13.69 -25.46 -31.38
C LEU QA 373 13.24 -25.34 -29.93
N GLY QA 374 14.16 -25.08 -29.02
CA GLY QA 374 13.81 -24.95 -27.61
C GLY QA 374 14.63 -23.93 -26.87
N SER RA 2 -47.96 -8.56 -94.59
CA SER RA 2 -47.46 -7.23 -94.27
C SER RA 2 -48.39 -6.49 -93.31
N LYS RA 3 -49.69 -6.52 -93.60
CA LYS RA 3 -50.64 -5.75 -92.80
C LYS RA 3 -51.02 -6.46 -91.51
N GLY RA 4 -51.21 -7.79 -91.56
CA GLY RA 4 -51.71 -8.51 -90.41
C GLY RA 4 -50.83 -8.39 -89.18
N GLU RA 5 -49.54 -8.16 -89.38
CA GLU RA 5 -48.62 -8.05 -88.26
C GLU RA 5 -48.51 -6.63 -87.71
N GLU RA 6 -48.92 -5.63 -88.49
CA GLU RA 6 -48.75 -4.24 -88.08
C GLU RA 6 -49.72 -3.86 -86.97
N LEU RA 7 -50.91 -4.44 -86.95
CA LEU RA 7 -52.01 -3.98 -86.10
C LEU RA 7 -51.72 -4.10 -84.61
N PHE RA 8 -50.56 -4.61 -84.21
CA PHE RA 8 -50.19 -4.75 -82.80
C PHE RA 8 -48.92 -3.99 -82.45
N THR RA 9 -48.70 -2.84 -83.07
CA THR RA 9 -47.46 -2.09 -82.87
C THR RA 9 -47.33 -1.57 -81.45
N GLY RA 10 -48.43 -1.36 -80.75
CA GLY RA 10 -48.37 -0.77 -79.43
C GLY RA 10 -49.35 -1.38 -78.45
N VAL RA 11 -49.73 -0.61 -77.44
CA VAL RA 11 -50.71 -1.06 -76.46
C VAL RA 11 -52.06 -1.20 -77.15
N VAL RA 12 -52.93 -2.05 -76.59
CA VAL RA 12 -54.27 -2.26 -77.11
C VAL RA 12 -55.21 -2.35 -75.91
N PRO RA 13 -56.18 -1.43 -75.78
CA PRO RA 13 -57.22 -1.60 -74.77
C PRO RA 13 -58.19 -2.71 -75.16
N ILE RA 14 -58.74 -3.38 -74.15
CA ILE RA 14 -59.56 -4.56 -74.36
C ILE RA 14 -60.88 -4.38 -73.64
N LEU RA 15 -61.93 -4.97 -74.20
CA LEU RA 15 -63.27 -5.00 -73.62
C LEU RA 15 -63.85 -6.38 -73.90
N VAL RA 16 -63.98 -7.20 -72.85
CA VAL RA 16 -64.35 -8.60 -73.04
C VAL RA 16 -65.71 -8.85 -72.40
N GLU RA 17 -66.67 -9.25 -73.22
CA GLU RA 17 -68.01 -9.56 -72.75
C GLU RA 17 -68.28 -11.04 -72.99
N LEU RA 18 -68.81 -11.70 -71.95
CA LEU RA 18 -69.11 -13.11 -71.99
C LEU RA 18 -70.50 -13.34 -71.39
N ASP RA 19 -71.38 -13.97 -72.16
CA ASP RA 19 -72.73 -14.27 -71.69
C ASP RA 19 -72.93 -15.77 -71.70
N GLY RA 20 -73.16 -16.33 -70.53
CA GLY RA 20 -73.18 -17.79 -70.38
C GLY RA 20 -74.44 -18.28 -69.69
N ASP RA 21 -74.86 -19.48 -70.07
CA ASP RA 21 -75.95 -20.21 -69.44
C ASP RA 21 -75.45 -21.56 -68.97
N VAL RA 22 -75.45 -21.78 -67.65
CA VAL RA 22 -74.98 -23.02 -67.05
C VAL RA 22 -76.02 -23.50 -66.05
N ASN RA 23 -76.84 -24.47 -66.45
CA ASN RA 23 -77.79 -25.15 -65.56
C ASN RA 23 -78.68 -24.16 -64.82
N GLY RA 24 -79.40 -23.33 -65.59
CA GLY RA 24 -80.28 -22.33 -65.04
C GLY RA 24 -79.57 -21.09 -64.56
N HIS RA 25 -78.24 -21.08 -64.57
CA HIS RA 25 -77.47 -19.93 -64.12
C HIS RA 25 -77.10 -19.07 -65.33
N LYS RA 26 -77.74 -17.92 -65.47
CA LYS RA 26 -77.35 -16.95 -66.48
C LYS RA 26 -76.32 -16.00 -65.88
N PHE RA 27 -75.33 -15.63 -66.69
CA PHE RA 27 -74.32 -14.70 -66.20
C PHE RA 27 -73.76 -13.89 -67.35
N SER RA 28 -73.46 -12.63 -67.04
CA SER RA 28 -72.71 -11.73 -67.91
C SER RA 28 -71.42 -11.36 -67.21
N VAL RA 29 -70.33 -11.31 -67.96
CA VAL RA 29 -69.01 -10.99 -67.44
C VAL RA 29 -68.42 -9.90 -68.33
N ARG RA 30 -67.93 -8.84 -67.71
CA ARG RA 30 -67.18 -7.80 -68.41
C ARG RA 30 -65.77 -7.72 -67.83
N GLY RA 31 -64.80 -7.68 -68.73
CA GLY RA 31 -63.40 -7.56 -68.36
C GLY RA 31 -62.72 -6.40 -69.05
N GLU RA 32 -61.93 -5.66 -68.27
CA GLU RA 32 -61.29 -4.43 -68.72
C GLU RA 32 -59.79 -4.51 -68.46
N GLY RA 33 -59.01 -4.11 -69.44
CA GLY RA 33 -57.57 -4.11 -69.29
C GLY RA 33 -56.89 -3.75 -70.60
N GLU RA 34 -55.59 -4.07 -70.68
CA GLU RA 34 -54.80 -3.76 -71.86
C GLU RA 34 -53.78 -4.85 -72.15
N GLY RA 35 -53.34 -4.87 -73.40
CA GLY RA 35 -52.36 -5.87 -73.82
C GLY RA 35 -51.34 -5.39 -74.83
N ASP RA 36 -50.21 -6.08 -74.89
CA ASP RA 36 -49.16 -5.81 -75.89
C ASP RA 36 -48.69 -7.15 -76.43
N ALA RA 37 -48.62 -7.24 -77.76
CA ALA RA 37 -48.12 -8.43 -78.43
C ALA RA 37 -46.61 -8.47 -78.50
N THR RA 38 -45.94 -7.32 -78.47
CA THR RA 38 -44.48 -7.30 -78.58
C THR RA 38 -43.82 -8.11 -77.47
N ASN RA 39 -44.41 -8.14 -76.29
CA ASN RA 39 -43.88 -8.92 -75.17
C ASN RA 39 -44.84 -10.02 -74.73
N GLY RA 40 -45.90 -10.26 -75.49
CA GLY RA 40 -46.88 -11.28 -75.12
C GLY RA 40 -47.50 -11.05 -73.77
N LYS RA 41 -47.71 -9.79 -73.39
CA LYS RA 41 -48.15 -9.45 -72.04
C LYS RA 41 -49.61 -8.99 -72.08
N LEU RA 42 -50.42 -9.48 -71.14
CA LEU RA 42 -51.81 -9.08 -71.01
C LEU RA 42 -52.10 -8.79 -69.56
N THR RA 43 -52.90 -7.77 -69.29
CA THR RA 43 -53.17 -7.35 -67.92
C THR RA 43 -54.63 -6.89 -67.83
N LEU RA 44 -55.46 -7.67 -67.15
CA LEU RA 44 -56.91 -7.50 -67.18
C LEU RA 44 -57.50 -7.58 -65.78
N LYS RA 45 -58.76 -7.15 -65.69
CA LYS RA 45 -59.54 -7.24 -64.46
C LYS RA 45 -60.99 -7.52 -64.85
N PHE RA 46 -61.52 -8.64 -64.37
CA PHE RA 46 -62.85 -9.11 -64.72
C PHE RA 46 -63.79 -8.89 -63.54
N ILE RA 47 -65.04 -8.53 -63.83
CA ILE RA 47 -66.05 -8.29 -62.81
C ILE RA 47 -67.40 -8.76 -63.33
N CYS RA 48 -68.19 -9.38 -62.45
CA CYS RA 48 -69.52 -9.87 -62.81
C CYS RA 48 -70.59 -8.98 -62.20
N THR RA 49 -71.34 -8.29 -63.05
CA THR RA 49 -72.44 -7.46 -62.59
C THR RA 49 -73.72 -8.26 -62.35
N THR RA 50 -73.60 -9.60 -62.23
CA THR RA 50 -74.73 -10.49 -62.04
C THR RA 50 -74.66 -11.17 -60.67
N GLY RA 51 -74.21 -10.45 -59.65
CA GLY RA 51 -74.21 -10.99 -58.30
C GLY RA 51 -73.24 -12.15 -58.12
N LYS RA 52 -73.45 -12.90 -57.04
CA LYS RA 52 -72.58 -14.04 -56.72
C LYS RA 52 -72.75 -15.11 -57.78
N LEU RA 53 -71.65 -15.73 -58.18
CA LEU RA 53 -71.70 -16.72 -59.24
C LEU RA 53 -71.43 -18.10 -58.66
N PRO RA 54 -72.10 -19.16 -59.14
CA PRO RA 54 -71.92 -20.48 -58.54
C PRO RA 54 -70.60 -21.17 -58.91
N VAL RA 55 -70.04 -20.91 -60.08
CA VAL RA 55 -68.81 -21.57 -60.53
C VAL RA 55 -67.62 -20.77 -60.00
N PRO RA 56 -66.54 -21.43 -59.56
CA PRO RA 56 -65.41 -20.68 -59.03
C PRO RA 56 -64.75 -19.83 -60.11
N TRP RA 57 -64.09 -18.77 -59.67
CA TRP RA 57 -63.34 -17.93 -60.60
C TRP RA 57 -62.29 -18.70 -61.40
N PRO RA 58 -61.51 -19.62 -60.84
CA PRO RA 58 -60.52 -20.35 -61.66
C PRO RA 58 -61.12 -21.00 -62.89
N THR RA 59 -62.40 -21.35 -62.88
CA THR RA 59 -63.02 -21.92 -64.07
C THR RA 59 -63.10 -20.90 -65.19
N LEU RA 60 -63.55 -19.69 -64.88
CA LEU RA 60 -63.74 -18.65 -65.89
C LEU RA 60 -62.44 -18.13 -66.48
N VAL RA 61 -61.29 -18.51 -65.91
CA VAL RA 61 -60.02 -17.96 -66.35
C VAL RA 61 -59.65 -18.48 -67.73
N THR RA 62 -59.73 -19.80 -67.91
CA THR RA 62 -59.36 -20.39 -69.20
C THR RA 62 -60.23 -19.91 -70.35
N THR RA 63 -61.47 -19.57 -70.02
CA THR RA 63 -62.45 -19.19 -71.07
C THR RA 63 -62.68 -17.71 -71.04
N LEU RA 64 -61.64 -16.91 -71.22
CA LEU RA 64 -61.80 -15.44 -71.32
C LEU RA 64 -60.61 -14.89 -72.12
N VAL RA 66 -57.37 -14.41 -75.96
CA VAL RA 66 -56.94 -13.41 -76.90
C VAL RA 66 -55.52 -13.73 -77.34
N GLN RA 67 -55.33 -14.96 -77.82
CA GLN RA 67 -53.96 -15.41 -78.18
C GLN RA 67 -53.39 -14.46 -79.22
N CYS RA 68 -54.25 -13.63 -79.80
CA CYS RA 68 -53.75 -12.61 -80.75
C CYS RA 68 -52.72 -11.73 -80.02
N PHE RA 69 -52.48 -11.96 -78.72
CA PHE RA 69 -51.54 -11.06 -78.07
C PHE RA 69 -50.24 -11.74 -77.70
N SER RA 70 -50.05 -13.00 -78.10
CA SER RA 70 -48.90 -13.77 -77.66
C SER RA 70 -47.62 -13.28 -78.32
N ARG RA 71 -46.52 -13.37 -77.60
CA ARG RA 71 -45.24 -12.89 -78.09
C ARG RA 71 -44.72 -13.81 -79.17
N TYR RA 72 -44.51 -13.27 -80.37
CA TYR RA 72 -44.09 -14.06 -81.51
C TYR RA 72 -42.73 -13.59 -82.01
N PRO RA 73 -41.76 -14.49 -82.12
CA PRO RA 73 -40.41 -14.06 -82.52
C PRO RA 73 -40.30 -13.82 -84.01
N ASP RA 74 -39.16 -13.27 -84.45
CA ASP RA 74 -38.98 -12.95 -85.86
C ASP RA 74 -38.76 -14.23 -86.68
N HIS RA 75 -38.38 -15.32 -86.02
CA HIS RA 75 -38.26 -16.53 -86.81
C HIS RA 75 -39.61 -17.20 -87.06
N MET RA 76 -40.62 -17.03 -86.20
CA MET RA 76 -41.97 -17.48 -86.50
C MET RA 76 -42.84 -16.36 -87.06
N LYS RA 77 -42.26 -15.43 -87.83
CA LYS RA 77 -43.07 -14.45 -88.54
C LYS RA 77 -43.93 -15.09 -89.62
N ARG RA 78 -43.61 -16.33 -90.02
CA ARG RA 78 -44.34 -17.01 -91.07
C ARG RA 78 -45.33 -18.04 -90.53
N HIS RA 79 -45.42 -18.19 -89.20
CA HIS RA 79 -46.32 -19.17 -88.59
C HIS RA 79 -47.23 -18.51 -87.56
N ASP RA 80 -47.64 -17.27 -87.82
CA ASP RA 80 -48.55 -16.53 -86.95
C ASP RA 80 -49.90 -16.43 -87.65
N PHE RA 81 -50.75 -17.45 -87.42
CA PHE RA 81 -52.07 -17.47 -88.05
C PHE RA 81 -52.96 -16.34 -87.54
N PHE RA 82 -52.89 -16.04 -86.25
CA PHE RA 82 -53.78 -15.03 -85.68
C PHE RA 82 -53.44 -13.64 -86.20
N LYS RA 83 -52.21 -13.44 -86.66
CA LYS RA 83 -51.78 -12.10 -87.05
C LYS RA 83 -52.28 -11.71 -88.44
N SER RA 84 -52.00 -12.53 -89.47
CA SER RA 84 -52.30 -12.16 -90.85
C SER RA 84 -53.73 -11.68 -91.05
N ALA RA 85 -54.63 -12.01 -90.12
CA ALA RA 85 -56.05 -11.66 -90.25
C ALA RA 85 -56.43 -10.41 -89.49
N MET RA 86 -55.58 -9.38 -89.45
CA MET RA 86 -55.97 -8.16 -88.77
C MET RA 86 -55.95 -6.98 -89.73
N PRO RA 87 -57.01 -6.14 -89.73
CA PRO RA 87 -58.19 -6.19 -88.87
C PRO RA 87 -59.28 -7.13 -89.36
N GLU RA 88 -58.91 -8.05 -90.25
CA GLU RA 88 -59.84 -9.08 -90.72
C GLU RA 88 -60.56 -9.76 -89.56
N GLY RA 89 -59.83 -10.07 -88.50
CA GLY RA 89 -60.40 -10.75 -87.36
C GLY RA 89 -60.65 -12.21 -87.64
N TYR RA 90 -61.32 -12.87 -86.69
CA TYR RA 90 -61.62 -14.29 -86.84
C TYR RA 90 -62.62 -14.71 -85.77
N VAL RA 91 -63.04 -15.97 -85.85
CA VAL RA 91 -63.95 -16.56 -84.88
C VAL RA 91 -63.34 -17.87 -84.42
N GLN RA 92 -63.75 -18.31 -83.23
CA GLN RA 92 -63.31 -19.59 -82.68
C GLN RA 92 -64.43 -20.26 -81.90
N GLU RA 93 -64.59 -21.55 -82.16
CA GLU RA 93 -65.54 -22.38 -81.42
C GLU RA 93 -64.77 -23.33 -80.52
N ARG RA 94 -65.01 -23.22 -79.21
CA ARG RA 94 -64.26 -23.95 -78.21
C ARG RA 94 -65.18 -24.90 -77.45
N THR RA 95 -64.68 -26.10 -77.18
CA THR RA 95 -65.34 -27.05 -76.29
C THR RA 95 -64.36 -27.37 -75.17
N ILE RA 96 -64.80 -27.20 -73.93
CA ILE RA 96 -63.98 -27.57 -72.77
C ILE RA 96 -64.69 -28.71 -72.06
N SER RA 97 -63.94 -29.75 -71.74
CA SER RA 97 -64.47 -30.99 -71.20
C SER RA 97 -63.83 -31.26 -69.86
N PHE RA 98 -64.62 -31.17 -68.79
CA PHE RA 98 -64.17 -31.54 -67.46
C PHE RA 98 -64.19 -33.05 -67.32
N LYS RA 99 -63.20 -33.60 -66.63
CA LYS RA 99 -63.28 -34.98 -66.20
C LYS RA 99 -64.00 -35.05 -64.86
N ASP RA 100 -64.88 -36.04 -64.71
CA ASP RA 100 -65.70 -36.24 -63.51
C ASP RA 100 -66.76 -35.14 -63.37
N ASP RA 101 -67.12 -34.51 -64.49
CA ASP RA 101 -68.26 -33.60 -64.59
C ASP RA 101 -68.50 -33.28 -66.06
N GLY RA 102 -69.46 -32.38 -66.31
CA GLY RA 102 -69.96 -32.09 -67.65
C GLY RA 102 -69.07 -31.25 -68.53
N THR RA 103 -69.66 -30.41 -69.39
CA THR RA 103 -68.89 -29.74 -70.43
C THR RA 103 -69.40 -28.33 -70.67
N TYR RA 104 -68.61 -27.58 -71.47
CA TYR RA 104 -68.93 -26.24 -71.92
C TYR RA 104 -68.72 -26.14 -73.44
N LYS RA 105 -69.72 -25.53 -74.11
CA LYS RA 105 -69.65 -25.19 -75.53
C LYS RA 105 -69.66 -23.67 -75.63
N THR RA 106 -68.64 -23.09 -76.26
CA THR RA 106 -68.44 -21.65 -76.18
C THR RA 106 -67.98 -21.09 -77.51
N ARG RA 107 -68.80 -20.19 -78.06
CA ARG RA 107 -68.51 -19.50 -79.31
C ARG RA 107 -67.91 -18.13 -79.00
N ALA RA 108 -66.93 -17.71 -79.78
CA ALA RA 108 -66.30 -16.42 -79.56
C ALA RA 108 -65.94 -15.78 -80.88
N GLU RA 109 -66.18 -14.46 -80.98
CA GLU RA 109 -65.82 -13.71 -82.17
C GLU RA 109 -64.84 -12.61 -81.76
N VAL RA 110 -63.64 -12.63 -82.34
CA VAL RA 110 -62.57 -11.71 -81.97
C VAL RA 110 -62.21 -10.85 -83.17
N LYS RA 111 -62.04 -9.55 -82.92
CA LYS RA 111 -61.78 -8.57 -83.97
C LYS RA 111 -61.24 -7.30 -83.33
N PHE RA 112 -60.94 -6.33 -84.19
CA PHE RA 112 -60.73 -4.95 -83.78
C PHE RA 112 -61.99 -4.14 -84.05
N GLU RA 113 -62.35 -3.27 -83.11
CA GLU RA 113 -63.47 -2.33 -83.24
C GLU RA 113 -62.85 -0.96 -83.07
N GLY RA 114 -62.70 -0.24 -84.19
CA GLY RA 114 -61.88 0.95 -84.17
C GLY RA 114 -60.43 0.57 -83.96
N ASP RA 115 -59.93 0.82 -82.75
CA ASP RA 115 -58.65 0.27 -82.31
C ASP RA 115 -58.77 -0.43 -80.96
N THR RA 116 -59.98 -0.59 -80.45
CA THR RA 116 -60.24 -1.30 -79.20
C THR RA 116 -60.50 -2.77 -79.52
N LEU RA 117 -59.88 -3.68 -78.79
CA LEU RA 117 -60.15 -5.09 -79.01
C LEU RA 117 -61.34 -5.50 -78.15
N VAL RA 118 -62.49 -5.70 -78.79
CA VAL RA 118 -63.71 -6.13 -78.12
C VAL RA 118 -63.95 -7.60 -78.46
N ASN RA 119 -64.27 -8.37 -77.43
CA ASN RA 119 -64.37 -9.82 -77.56
C ASN RA 119 -65.73 -10.28 -77.04
N ARG RA 120 -66.60 -10.67 -77.97
CA ARG RA 120 -67.94 -11.14 -77.65
C ARG RA 120 -67.96 -12.66 -77.63
N ILE RA 121 -68.35 -13.23 -76.49
CA ILE RA 121 -68.33 -14.67 -76.27
C ILE RA 121 -69.67 -15.11 -75.71
N GLU RA 122 -70.18 -16.23 -76.22
CA GLU RA 122 -71.44 -16.83 -75.77
C GLU RA 122 -71.14 -18.25 -75.32
N LEU RA 123 -71.70 -18.63 -74.17
CA LEU RA 123 -71.32 -19.85 -73.49
C LEU RA 123 -72.54 -20.65 -73.08
N LYS RA 124 -72.47 -21.97 -73.26
CA LYS RA 124 -73.50 -22.91 -72.84
C LYS RA 124 -72.82 -24.05 -72.10
N GLY RA 125 -72.95 -24.08 -70.78
CA GLY RA 125 -72.33 -25.13 -70.01
C GLY RA 125 -73.33 -26.03 -69.32
N ILE RA 126 -73.29 -27.34 -69.57
CA ILE RA 126 -74.32 -28.23 -69.05
C ILE RA 126 -73.67 -29.53 -68.60
N ASP RA 127 -74.52 -30.44 -68.10
CA ASP RA 127 -74.20 -31.84 -67.80
C ASP RA 127 -73.40 -32.01 -66.51
N PHE RA 128 -73.63 -31.11 -65.54
CA PHE RA 128 -72.89 -31.13 -64.29
C PHE RA 128 -73.77 -31.62 -63.14
N LYS RA 129 -73.13 -32.16 -62.11
CA LYS RA 129 -73.80 -32.38 -60.84
C LYS RA 129 -73.60 -31.15 -59.96
N GLU RA 130 -74.70 -30.60 -59.45
CA GLU RA 130 -74.68 -29.28 -58.82
C GLU RA 130 -74.32 -29.32 -57.34
N ASP RA 131 -74.02 -30.50 -56.80
CA ASP RA 131 -73.41 -30.62 -55.48
C ASP RA 131 -72.01 -31.21 -55.57
N GLY RA 132 -71.28 -30.92 -56.64
CA GLY RA 132 -69.96 -31.48 -56.85
C GLY RA 132 -68.85 -30.60 -56.32
N ASN RA 133 -67.65 -30.85 -56.83
CA ASN RA 133 -66.45 -30.13 -56.41
C ASN RA 133 -65.95 -29.15 -57.45
N ILE RA 134 -65.88 -29.57 -58.72
CA ILE RA 134 -65.42 -28.70 -59.78
C ILE RA 134 -66.20 -27.39 -59.79
N LEU RA 135 -67.50 -27.47 -59.57
CA LEU RA 135 -68.34 -26.27 -59.52
C LEU RA 135 -68.71 -25.86 -58.11
N GLY RA 136 -68.76 -26.80 -57.16
CA GLY RA 136 -69.25 -26.53 -55.84
C GLY RA 136 -68.27 -25.84 -54.92
N HIS RA 137 -67.28 -25.16 -55.49
CA HIS RA 137 -66.29 -24.38 -54.74
C HIS RA 137 -65.54 -25.26 -53.74
N LYS RA 138 -64.87 -26.28 -54.29
CA LYS RA 138 -63.93 -27.09 -53.54
C LYS RA 138 -62.51 -26.94 -54.06
N LEU RA 139 -62.34 -26.43 -55.27
CA LEU RA 139 -61.05 -26.34 -55.92
C LEU RA 139 -60.29 -25.12 -55.41
N GLU RA 140 -58.97 -25.13 -55.60
CA GLU RA 140 -58.11 -24.14 -54.98
C GLU RA 140 -57.94 -22.91 -55.88
N TYR RA 141 -57.92 -21.74 -55.25
CA TYR RA 141 -57.74 -20.46 -55.94
C TYR RA 141 -56.25 -20.29 -56.25
N ASN RA 142 -55.85 -20.81 -57.41
CA ASN RA 142 -54.48 -20.74 -57.87
C ASN RA 142 -54.46 -20.88 -59.39
N PHE RA 143 -53.27 -21.14 -59.92
CA PHE RA 143 -53.10 -21.40 -61.34
C PHE RA 143 -51.72 -22.00 -61.55
N ASN RA 144 -51.47 -22.51 -62.75
CA ASN RA 144 -50.21 -23.15 -63.10
C ASN RA 144 -49.84 -22.83 -64.54
N SER RA 145 -48.59 -23.13 -64.90
CA SER RA 145 -48.08 -22.88 -66.24
C SER RA 145 -48.59 -23.94 -67.21
N HIS RA 146 -49.02 -23.51 -68.39
CA HIS RA 146 -49.65 -24.43 -69.32
C HIS RA 146 -49.13 -24.21 -70.73
N ASN RA 147 -49.54 -25.12 -71.62
CA ASN RA 147 -49.15 -25.09 -73.02
C ASN RA 147 -50.36 -25.36 -73.90
N VAL RA 148 -50.32 -24.81 -75.12
CA VAL RA 148 -51.36 -24.99 -76.12
C VAL RA 148 -50.70 -25.55 -77.37
N TYR RA 149 -51.32 -26.56 -77.99
CA TYR RA 149 -50.85 -27.08 -79.26
C TYR RA 149 -51.72 -26.53 -80.38
N ILE RA 150 -51.11 -25.81 -81.31
CA ILE RA 150 -51.82 -25.29 -82.47
C ILE RA 150 -51.40 -26.09 -83.70
N THR RA 151 -52.38 -26.49 -84.49
CA THR RA 151 -52.20 -27.33 -85.67
C THR RA 151 -52.88 -26.68 -86.86
N ALA RA 152 -52.20 -26.69 -88.00
CA ALA RA 152 -52.79 -26.19 -89.23
C ALA RA 152 -54.00 -27.02 -89.61
N ASP RA 153 -54.98 -26.38 -90.25
CA ASP RA 153 -56.23 -27.04 -90.64
C ASP RA 153 -56.62 -26.47 -92.00
N LYS RA 154 -56.17 -27.12 -93.07
CA LYS RA 154 -56.47 -26.63 -94.41
C LYS RA 154 -57.94 -26.81 -94.76
N GLN RA 155 -58.64 -27.72 -94.08
CA GLN RA 155 -60.07 -27.90 -94.32
C GLN RA 155 -60.84 -26.62 -94.01
N LYS RA 156 -60.49 -25.95 -92.92
CA LYS RA 156 -61.04 -24.64 -92.61
C LYS RA 156 -60.06 -23.53 -92.89
N ASN RA 157 -59.00 -23.82 -93.66
CA ASN RA 157 -57.89 -22.91 -93.99
C ASN RA 157 -57.49 -22.03 -92.79
N GLY RA 158 -57.63 -22.61 -91.60
CA GLY RA 158 -57.32 -21.94 -90.35
C GLY RA 158 -56.54 -22.89 -89.46
N ILE RA 159 -56.92 -23.00 -88.18
CA ILE RA 159 -56.20 -23.89 -87.29
C ILE RA 159 -57.14 -24.56 -86.30
N LYS RA 160 -56.65 -25.61 -85.68
CA LYS RA 160 -57.24 -26.20 -84.49
C LYS RA 160 -56.28 -25.98 -83.33
N ALA RA 161 -56.85 -25.79 -82.13
CA ALA RA 161 -56.04 -25.63 -80.93
C ALA RA 161 -56.54 -26.61 -79.89
N ASN RA 162 -55.62 -27.45 -79.40
CA ASN RA 162 -55.93 -28.45 -78.40
C ASN RA 162 -54.98 -28.30 -77.23
N PHE RA 163 -55.51 -28.47 -76.02
CA PHE RA 163 -54.65 -28.38 -74.85
C PHE RA 163 -55.37 -28.99 -73.65
N LYS RA 164 -54.62 -29.15 -72.57
CA LYS RA 164 -55.14 -29.80 -71.36
C LYS RA 164 -54.72 -28.96 -70.17
N ILE RA 165 -55.69 -28.66 -69.30
CA ILE RA 165 -55.45 -27.85 -68.12
C ILE RA 165 -55.66 -28.71 -66.88
N ARG RA 166 -54.81 -28.51 -65.88
CA ARG RA 166 -54.89 -29.25 -64.62
C ARG RA 166 -55.12 -28.24 -63.50
N HIS RA 167 -56.29 -28.29 -62.89
CA HIS RA 167 -56.62 -27.43 -61.76
C HIS RA 167 -56.55 -28.24 -60.48
N ASN RA 168 -55.61 -27.88 -59.60
CA ASN RA 168 -55.45 -28.60 -58.35
C ASN RA 168 -56.56 -28.23 -57.38
N VAL RA 169 -57.02 -29.22 -56.63
CA VAL RA 169 -58.07 -29.04 -55.64
C VAL RA 169 -57.40 -28.85 -54.28
N GLU RA 170 -58.15 -28.27 -53.33
CA GLU RA 170 -57.58 -27.93 -52.03
C GLU RA 170 -57.11 -29.16 -51.27
N ASP RA 171 -57.36 -30.36 -51.80
CA ASP RA 171 -56.93 -31.60 -51.17
C ASP RA 171 -56.02 -32.43 -52.09
N GLY RA 172 -55.14 -31.76 -52.83
CA GLY RA 172 -54.14 -32.44 -53.63
C GLY RA 172 -54.63 -32.96 -54.97
N SER RA 173 -55.89 -33.35 -55.06
CA SER RA 173 -56.39 -33.91 -56.31
C SER RA 173 -56.45 -32.82 -57.39
N VAL RA 174 -56.51 -33.26 -58.64
CA VAL RA 174 -56.46 -32.38 -59.79
C VAL RA 174 -57.62 -32.71 -60.72
N GLN RA 175 -58.06 -31.71 -61.47
CA GLN RA 175 -59.08 -31.87 -62.49
C GLN RA 175 -58.45 -31.54 -63.84
N LEU RA 176 -58.56 -32.45 -64.80
CA LEU RA 176 -57.94 -32.28 -66.11
C LEU RA 176 -59.02 -31.97 -67.15
N ALA RA 177 -59.15 -30.70 -67.49
CA ALA RA 177 -60.10 -30.23 -68.50
C ALA RA 177 -59.39 -30.21 -69.85
N ASP RA 178 -59.95 -30.94 -70.82
CA ASP RA 178 -59.41 -30.98 -72.17
C ASP RA 178 -60.16 -29.96 -73.04
N HIS RA 179 -59.40 -29.13 -73.74
CA HIS RA 179 -59.96 -28.04 -74.53
C HIS RA 179 -59.64 -28.24 -76.00
N TYR RA 180 -60.69 -28.18 -76.82
CA TYR RA 180 -60.59 -28.11 -78.28
C TYR RA 180 -61.11 -26.76 -78.73
N GLN RA 181 -60.60 -26.26 -79.86
CA GLN RA 181 -61.22 -25.10 -80.48
C GLN RA 181 -60.83 -25.01 -81.94
N GLN RA 182 -61.77 -24.57 -82.77
CA GLN RA 182 -61.56 -24.33 -84.18
C GLN RA 182 -61.44 -22.82 -84.40
N ASN RA 183 -60.35 -22.40 -85.04
CA ASN RA 183 -60.08 -21.00 -85.33
C ASN RA 183 -60.15 -20.78 -86.83
N THR RA 184 -61.05 -19.88 -87.25
CA THR RA 184 -61.28 -19.62 -88.67
C THR RA 184 -61.43 -18.13 -88.92
N PRO RA 185 -60.79 -17.60 -89.96
CA PRO RA 185 -60.90 -16.17 -90.24
C PRO RA 185 -62.15 -15.85 -91.05
N ILE RA 186 -62.65 -14.64 -90.86
CA ILE RA 186 -63.89 -14.23 -91.52
C ILE RA 186 -63.67 -13.97 -93.02
N GLY RA 187 -62.49 -13.50 -93.41
CA GLY RA 187 -62.26 -13.16 -94.79
C GLY RA 187 -61.59 -14.28 -95.57
N ASP RA 188 -61.76 -14.23 -96.89
CA ASP RA 188 -61.20 -15.22 -97.80
C ASP RA 188 -59.75 -14.94 -98.16
N GLY RA 189 -59.14 -13.91 -97.57
CA GLY RA 189 -57.79 -13.53 -97.90
C GLY RA 189 -56.76 -14.58 -97.53
N PRO RA 190 -55.51 -14.34 -97.92
CA PRO RA 190 -54.44 -15.29 -97.58
C PRO RA 190 -53.95 -15.09 -96.16
N VAL RA 191 -54.12 -16.14 -95.35
CA VAL RA 191 -53.69 -16.14 -93.96
C VAL RA 191 -52.51 -17.08 -93.83
N LEU RA 192 -51.51 -16.63 -93.08
CA LEU RA 192 -50.24 -17.33 -92.94
C LEU RA 192 -50.49 -18.65 -92.23
N LEU RA 193 -49.90 -19.73 -92.74
CA LEU RA 193 -50.23 -21.07 -92.28
C LEU RA 193 -49.17 -21.58 -91.31
N PRO RA 194 -49.48 -21.73 -90.03
CA PRO RA 194 -48.51 -22.27 -89.09
C PRO RA 194 -48.58 -23.79 -89.00
N ASP RA 195 -47.40 -24.40 -89.05
CA ASP RA 195 -47.32 -25.82 -88.74
C ASP RA 195 -47.59 -26.03 -87.25
N ASN RA 196 -47.84 -27.29 -86.88
CA ASN RA 196 -48.19 -27.61 -85.50
C ASN RA 196 -47.01 -27.28 -84.59
N HIS RA 197 -47.26 -26.43 -83.59
CA HIS RA 197 -46.25 -26.17 -82.57
C HIS RA 197 -46.97 -25.78 -81.28
N TYR RA 198 -46.22 -25.29 -80.30
CA TYR RA 198 -46.77 -25.12 -78.96
C TYR RA 198 -46.68 -23.67 -78.54
N LEU RA 199 -47.31 -23.38 -77.41
CA LEU RA 199 -47.42 -22.04 -76.88
C LEU RA 199 -47.51 -22.10 -75.36
N SER RA 200 -46.52 -21.53 -74.69
CA SER RA 200 -46.44 -21.53 -73.24
C SER RA 200 -47.15 -20.31 -72.69
N THR RA 201 -47.75 -20.48 -71.51
CA THR RA 201 -48.60 -19.46 -70.90
C THR RA 201 -48.44 -19.51 -69.39
N GLN RA 202 -48.29 -18.33 -68.78
CA GLN RA 202 -48.26 -18.18 -67.34
C GLN RA 202 -49.20 -17.04 -66.96
N SER RA 203 -49.76 -17.11 -65.76
CA SER RA 203 -50.64 -16.06 -65.29
C SER RA 203 -50.70 -16.05 -63.78
N ALA RA 204 -51.26 -14.96 -63.24
CA ALA RA 204 -51.37 -14.75 -61.81
C ALA RA 204 -52.67 -14.01 -61.51
N LEU RA 205 -53.32 -14.45 -60.44
CA LEU RA 205 -54.64 -14.01 -60.02
C LEU RA 205 -54.54 -13.30 -58.69
N SER RA 206 -55.32 -12.23 -58.53
CA SER RA 206 -55.29 -11.43 -57.31
C SER RA 206 -56.59 -10.63 -57.20
N LYS RA 207 -56.66 -9.84 -56.13
CA LYS RA 207 -57.84 -9.06 -55.79
C LYS RA 207 -57.49 -7.59 -55.68
N ASP RA 208 -58.47 -6.74 -55.95
CA ASP RA 208 -58.37 -5.34 -55.54
C ASP RA 208 -58.76 -5.24 -54.06
N PRO RA 209 -58.06 -4.44 -53.26
CA PRO RA 209 -58.34 -4.43 -51.82
C PRO RA 209 -59.59 -3.66 -51.45
N ASN RA 210 -60.06 -2.75 -52.30
CA ASN RA 210 -61.14 -1.84 -51.95
C ASN RA 210 -62.30 -1.85 -52.96
N GLU RA 211 -62.63 -3.01 -53.50
CA GLU RA 211 -63.80 -3.16 -54.37
C GLU RA 211 -64.78 -4.14 -53.76
N LYS RA 212 -66.03 -3.73 -53.62
CA LYS RA 212 -67.02 -4.51 -52.89
C LYS RA 212 -67.79 -5.49 -53.77
N ARG RA 213 -67.62 -5.42 -55.09
CA ARG RA 213 -68.24 -6.39 -55.97
C ARG RA 213 -67.43 -7.68 -56.00
N ASP RA 214 -67.82 -8.58 -56.90
CA ASP RA 214 -66.98 -9.74 -57.19
C ASP RA 214 -65.97 -9.38 -58.29
N HIS RA 215 -64.69 -9.41 -57.95
CA HIS RA 215 -63.65 -8.99 -58.88
C HIS RA 215 -62.62 -10.10 -58.99
N MET RA 216 -61.87 -10.06 -60.09
CA MET RA 216 -60.78 -11.00 -60.31
C MET RA 216 -59.76 -10.32 -61.20
N VAL RA 217 -58.61 -9.97 -60.63
CA VAL RA 217 -57.54 -9.28 -61.34
C VAL RA 217 -56.55 -10.34 -61.80
N LEU RA 218 -56.05 -10.21 -63.04
CA LEU RA 218 -55.19 -11.24 -63.59
C LEU RA 218 -54.20 -10.65 -64.58
N LEU RA 219 -52.92 -10.97 -64.40
CA LEU RA 219 -51.88 -10.58 -65.34
C LEU RA 219 -51.19 -11.82 -65.87
N GLU RA 220 -50.75 -11.79 -67.12
CA GLU RA 220 -50.36 -13.02 -67.78
C GLU RA 220 -49.38 -12.77 -68.92
N PHE RA 221 -48.49 -13.74 -69.12
CA PHE RA 221 -47.47 -13.71 -70.16
C PHE RA 221 -47.63 -14.94 -71.02
N VAL RA 222 -47.73 -14.73 -72.34
CA VAL RA 222 -48.03 -15.80 -73.28
C VAL RA 222 -47.09 -15.69 -74.46
N THR RA 223 -46.45 -16.79 -74.83
CA THR RA 223 -45.54 -16.76 -75.97
C THR RA 223 -45.38 -18.16 -76.53
N ALA RA 224 -45.18 -18.23 -77.84
CA ALA RA 224 -45.20 -19.49 -78.57
C ALA RA 224 -43.81 -19.90 -79.03
N ALA RA 225 -43.71 -21.17 -79.44
CA ALA RA 225 -42.48 -21.73 -79.99
C ALA RA 225 -42.83 -23.07 -80.63
N GLY RA 226 -41.80 -23.82 -81.01
CA GLY RA 226 -41.96 -25.15 -81.57
C GLY RA 226 -41.01 -25.46 -82.71
N ILE RA 227 -40.42 -24.46 -83.32
CA ILE RA 227 -39.47 -24.65 -84.40
C ILE RA 227 -38.07 -24.49 -83.85
N THR RA 228 -37.19 -25.45 -84.16
CA THR RA 228 -35.80 -25.33 -83.77
C THR RA 228 -35.03 -24.67 -84.89
N HIS RA 229 -35.14 -23.34 -84.99
CA HIS RA 229 -34.55 -22.59 -86.08
C HIS RA 229 -33.11 -22.20 -85.77
N HIS RA 230 -32.41 -21.73 -86.80
CA HIS RA 230 -31.00 -21.43 -86.71
C HIS RA 230 -30.71 -20.30 -85.72
N GLY SA 54 -27.99 -19.01 77.15
CA GLY SA 54 -27.14 -20.06 76.60
C GLY SA 54 -27.89 -21.32 76.26
N LYS SA 55 -28.80 -21.73 77.14
CA LYS SA 55 -29.63 -22.90 76.95
C LYS SA 55 -31.06 -22.71 77.42
N GLU SA 56 -31.32 -21.73 78.28
CA GLU SA 56 -32.63 -21.54 78.88
C GLU SA 56 -33.68 -21.01 77.90
N LEU SA 57 -33.31 -20.72 76.66
CA LEU SA 57 -34.30 -20.20 75.70
C LEU SA 57 -35.09 -21.33 75.06
N LEU SA 58 -34.51 -22.52 74.97
CA LEU SA 58 -35.14 -23.58 74.18
C LEU SA 58 -36.42 -24.09 74.84
N GLU SA 59 -36.44 -24.20 76.17
CA GLU SA 59 -37.63 -24.68 76.84
C GLU SA 59 -38.76 -23.66 76.73
N ALA SA 60 -38.40 -22.38 76.67
CA ALA SA 60 -39.42 -21.34 76.48
C ALA SA 60 -39.95 -21.36 75.06
N ALA SA 61 -39.09 -21.68 74.08
CA ALA SA 61 -39.57 -21.88 72.72
C ALA SA 61 -40.50 -23.09 72.65
N ARG SA 62 -40.15 -24.16 73.35
CA ARG SA 62 -40.96 -25.36 73.33
C ARG SA 62 -42.32 -25.14 74.00
N ALA SA 63 -42.35 -24.43 75.13
CA ALA SA 63 -43.60 -24.13 75.80
C ALA SA 63 -44.42 -23.07 75.08
N GLY SA 64 -43.88 -22.47 74.02
CA GLY SA 64 -44.57 -21.40 73.33
C GLY SA 64 -44.51 -20.07 74.04
N GLN SA 65 -43.55 -19.87 74.93
CA GLN SA 65 -43.41 -18.62 75.67
C GLN SA 65 -42.78 -17.57 74.75
N ASP SA 66 -43.60 -17.02 73.86
CA ASP SA 66 -43.09 -16.06 72.89
C ASP SA 66 -42.53 -14.82 73.58
N ASP SA 67 -43.18 -14.35 74.64
CA ASP SA 67 -42.69 -13.18 75.34
C ASP SA 67 -41.40 -13.47 76.10
N GLU SA 68 -41.28 -14.69 76.63
CA GLU SA 68 -40.05 -15.01 77.35
C GLU SA 68 -38.86 -15.08 76.41
N VAL SA 69 -39.00 -15.79 75.28
CA VAL SA 69 -37.90 -15.84 74.32
C VAL SA 69 -37.65 -14.46 73.74
N ALA SA 70 -38.68 -13.63 73.65
CA ALA SA 70 -38.48 -12.24 73.23
C ALA SA 70 -37.55 -11.50 74.19
N VAL SA 71 -37.91 -11.47 75.47
CA VAL SA 71 -37.14 -10.67 76.43
C VAL SA 71 -35.77 -11.29 76.66
N LEU SA 72 -35.64 -12.60 76.47
CA LEU SA 72 -34.35 -13.25 76.71
C LEU SA 72 -33.45 -13.20 75.48
N MET SA 73 -34.00 -13.02 74.29
CA MET SA 73 -33.19 -12.81 73.10
C MET SA 73 -32.83 -11.35 72.92
N ALA SA 74 -33.66 -10.43 73.43
CA ALA SA 74 -33.26 -9.03 73.51
C ALA SA 74 -31.93 -8.91 74.23
N ARG SA 75 -31.84 -9.51 75.41
CA ARG SA 75 -30.54 -9.72 76.05
C ARG SA 75 -29.74 -10.74 75.26
N GLY SA 76 -28.44 -10.49 75.15
CA GLY SA 76 -27.55 -11.34 74.38
C GLY SA 76 -27.66 -12.82 74.72
N ALA SA 77 -28.19 -13.61 73.77
CA ALA SA 77 -28.42 -15.03 74.00
C ALA SA 77 -28.02 -15.80 72.76
N GLU SA 78 -27.83 -17.11 72.93
CA GLU SA 78 -27.45 -17.96 71.81
C GLU SA 78 -28.64 -18.20 70.89
N VAL SA 79 -28.55 -17.72 69.66
CA VAL SA 79 -29.62 -17.95 68.71
C VAL SA 79 -29.46 -19.28 67.96
N ASN SA 80 -28.25 -19.60 67.50
CA ASN SA 80 -27.99 -20.84 66.78
C ASN SA 80 -27.54 -21.95 67.73
N ALA SA 81 -28.33 -22.20 68.75
CA ALA SA 81 -27.98 -23.17 69.78
C ALA SA 81 -28.13 -24.59 69.24
N ALA SA 82 -27.04 -25.35 69.36
CA ALA SA 82 -27.04 -26.78 69.10
C ALA SA 82 -27.19 -27.49 70.44
N ASP SA 83 -28.16 -28.40 70.52
CA ASP SA 83 -28.55 -28.97 71.80
C ASP SA 83 -28.15 -30.43 71.89
N ASP SA 84 -28.63 -31.07 72.96
CA ASP SA 84 -28.24 -32.43 73.34
C ASP SA 84 -28.50 -33.46 72.25
N VAL SA 85 -29.36 -33.18 71.28
CA VAL SA 85 -29.54 -34.09 70.16
C VAL SA 85 -29.48 -33.28 68.86
N GLY SA 86 -29.20 -31.99 68.98
CA GLY SA 86 -29.00 -31.16 67.80
C GLY SA 86 -30.25 -30.42 67.37
N VAL SA 87 -31.15 -30.18 68.31
CA VAL SA 87 -32.44 -29.56 68.03
C VAL SA 87 -32.28 -28.08 68.38
N THR SA 88 -32.29 -27.24 67.36
CA THR SA 88 -32.19 -25.80 67.57
C THR SA 88 -33.58 -25.27 67.95
N PRO SA 89 -33.64 -24.17 68.72
CA PRO SA 89 -34.94 -23.56 69.01
C PRO SA 89 -35.85 -23.37 67.80
N LEU SA 90 -35.28 -23.22 66.60
CA LEU SA 90 -36.11 -23.11 65.41
C LEU SA 90 -36.83 -24.41 65.11
N HIS SA 91 -36.16 -25.55 65.31
CA HIS SA 91 -36.80 -26.84 65.08
C HIS SA 91 -38.01 -27.02 65.98
N LEU SA 92 -37.84 -26.79 67.28
CA LEU SA 92 -38.94 -26.91 68.24
C LEU SA 92 -40.00 -25.84 68.05
N ALA SA 93 -39.62 -24.67 67.53
CA ALA SA 93 -40.59 -23.63 67.22
C ALA SA 93 -41.38 -23.94 65.97
N ALA SA 94 -40.86 -24.80 65.10
CA ALA SA 94 -41.58 -25.27 63.93
C ALA SA 94 -42.45 -26.48 64.19
N GLN SA 95 -41.97 -27.42 65.03
CA GLN SA 95 -42.79 -28.58 65.39
C GLN SA 95 -44.14 -28.15 65.93
N ARG SA 96 -44.14 -27.39 67.02
CA ARG SA 96 -45.34 -26.72 67.47
C ARG SA 96 -45.62 -25.52 66.57
N GLY SA 97 -46.89 -25.15 66.49
CA GLY SA 97 -47.23 -24.03 65.62
C GLY SA 97 -47.09 -22.70 66.32
N HIS SA 98 -45.95 -22.04 66.12
CA HIS SA 98 -45.64 -20.79 66.81
C HIS SA 98 -44.95 -19.88 65.81
N LEU SA 99 -45.74 -19.05 65.13
CA LEU SA 99 -45.21 -18.16 64.11
C LEU SA 99 -44.38 -17.01 64.69
N ALA SA 100 -44.82 -16.45 65.82
CA ALA SA 100 -44.11 -15.33 66.41
C ALA SA 100 -42.69 -15.72 66.80
N ILE SA 101 -42.52 -16.92 67.33
CA ILE SA 101 -41.20 -17.34 67.78
C ILE SA 101 -40.26 -17.54 66.60
N VAL SA 102 -40.74 -18.14 65.51
CA VAL SA 102 -39.86 -18.33 64.36
C VAL SA 102 -39.56 -16.99 63.70
N SER SA 103 -40.49 -16.05 63.76
CA SER SA 103 -40.21 -14.73 63.20
C SER SA 103 -39.12 -14.02 64.00
N VAL SA 104 -39.26 -13.99 65.33
CA VAL SA 104 -38.27 -13.30 66.15
C VAL SA 104 -36.96 -14.07 66.19
N LEU SA 105 -36.97 -15.35 65.82
CA LEU SA 105 -35.72 -16.09 65.72
C LEU SA 105 -35.02 -15.85 64.40
N LEU SA 106 -35.78 -15.82 63.29
CA LEU SA 106 -35.19 -15.47 62.01
C LEU SA 106 -34.61 -14.07 62.01
N ALA SA 107 -35.34 -13.11 62.59
CA ALA SA 107 -34.83 -11.73 62.62
C ALA SA 107 -33.51 -11.65 63.38
N PHE SA 108 -33.32 -12.48 64.39
CA PHE SA 108 -32.10 -12.46 65.18
C PHE SA 108 -30.99 -13.35 64.61
N GLY SA 109 -31.17 -13.89 63.41
CA GLY SA 109 -30.07 -14.58 62.77
C GLY SA 109 -30.03 -16.08 62.98
N ALA SA 110 -31.16 -16.75 62.79
CA ALA SA 110 -31.17 -18.20 62.85
C ALA SA 110 -30.90 -18.78 61.46
N SER SA 111 -30.51 -20.05 61.44
CA SER SA 111 -30.25 -20.73 60.17
C SER SA 111 -31.45 -21.59 59.81
N VAL SA 112 -32.03 -21.35 58.63
CA VAL SA 112 -33.17 -22.14 58.18
C VAL SA 112 -32.76 -23.56 57.81
N ASN SA 113 -31.52 -23.77 57.36
CA ASN SA 113 -31.02 -25.10 57.05
C ASN SA 113 -30.11 -25.54 58.20
N ALA SA 114 -30.65 -26.30 59.13
CA ALA SA 114 -29.92 -26.70 60.32
C ALA SA 114 -29.94 -28.22 60.44
N ALA SA 115 -28.81 -28.83 60.11
CA ALA SA 115 -28.73 -30.28 59.93
C ALA SA 115 -28.88 -30.96 61.29
N ASP SA 116 -30.10 -31.37 61.61
CA ASP SA 116 -30.37 -32.11 62.82
C ASP SA 116 -29.57 -33.43 62.83
N LEU SA 117 -29.43 -34.00 64.03
CA LEU SA 117 -28.71 -35.26 64.16
C LEU SA 117 -29.41 -36.38 63.41
N TRP SA 118 -30.70 -36.24 63.12
CA TRP SA 118 -31.44 -37.21 62.34
C TRP SA 118 -31.54 -36.84 60.87
N GLY SA 119 -31.10 -35.65 60.49
CA GLY SA 119 -31.18 -35.20 59.12
C GLY SA 119 -32.35 -34.29 58.83
N GLN SA 120 -33.08 -33.85 59.85
CA GLN SA 120 -34.23 -32.99 59.63
C GLN SA 120 -33.82 -31.53 59.63
N THR SA 121 -34.77 -30.70 59.21
CA THR SA 121 -34.64 -29.27 59.00
C THR SA 121 -35.99 -28.70 59.42
N PRO SA 122 -36.07 -27.45 59.90
CA PRO SA 122 -37.39 -26.91 60.29
C PRO SA 122 -38.45 -27.03 59.22
N LEU SA 123 -38.06 -27.01 57.94
CA LEU SA 123 -39.03 -27.20 56.87
C LEU SA 123 -39.61 -28.61 56.89
N HIS SA 124 -38.79 -29.62 57.21
CA HIS SA 124 -39.29 -30.98 57.31
C HIS SA 124 -40.38 -31.09 58.37
N LEU SA 125 -40.06 -30.70 59.59
CA LEU SA 125 -41.02 -30.79 60.69
C LEU SA 125 -42.22 -29.89 60.48
N ALA SA 126 -42.05 -28.72 59.89
CA ALA SA 126 -43.17 -27.82 59.63
C ALA SA 126 -44.10 -28.37 58.56
N ALA SA 127 -43.55 -28.96 57.50
CA ALA SA 127 -44.39 -29.58 56.48
C ALA SA 127 -45.09 -30.81 57.03
N THR SA 128 -44.43 -31.56 57.91
CA THR SA 128 -45.08 -32.71 58.51
C THR SA 128 -46.21 -32.30 59.45
N ALA SA 129 -46.00 -31.24 60.23
CA ALA SA 129 -47.01 -30.83 61.21
C ALA SA 129 -48.30 -30.38 60.52
N GLY SA 130 -48.22 -29.33 59.70
CA GLY SA 130 -49.38 -28.87 58.98
C GLY SA 130 -49.62 -27.37 59.05
N HIS SA 131 -48.64 -26.63 59.56
CA HIS SA 131 -48.80 -25.19 59.71
C HIS SA 131 -48.30 -24.48 58.45
N LEU SA 132 -49.22 -23.81 57.76
CA LEU SA 132 -48.90 -23.23 56.46
C LEU SA 132 -48.09 -21.96 56.58
N GLU SA 133 -48.43 -21.10 57.54
CA GLU SA 133 -47.75 -19.82 57.69
C GLU SA 133 -46.26 -20.00 57.97
N ILE SA 134 -45.90 -20.97 58.80
CA ILE SA 134 -44.50 -21.24 59.05
C ILE SA 134 -43.80 -21.72 57.79
N VAL SA 135 -44.47 -22.57 57.00
CA VAL SA 135 -43.89 -23.02 55.74
C VAL SA 135 -43.63 -21.84 54.82
N GLU SA 136 -44.57 -20.91 54.72
CA GLU SA 136 -44.37 -19.75 53.86
C GLU SA 136 -43.20 -18.89 54.34
N VAL SA 137 -43.17 -18.56 55.63
CA VAL SA 137 -42.13 -17.66 56.12
C VAL SA 137 -40.76 -18.34 56.07
N LEU SA 138 -40.73 -19.67 56.07
CA LEU SA 138 -39.45 -20.36 55.92
C LEU SA 138 -39.02 -20.42 54.47
N LEU SA 139 -39.96 -20.64 53.55
CA LEU SA 139 -39.63 -20.67 52.14
C LEU SA 139 -39.17 -19.31 51.64
N ARG SA 140 -39.75 -18.24 52.18
CA ARG SA 140 -39.31 -16.90 51.79
C ARG SA 140 -37.95 -16.54 52.39
N SER SA 141 -37.51 -17.24 53.43
CA SER SA 141 -36.26 -16.92 54.09
C SER SA 141 -35.08 -17.73 53.56
N GLY SA 142 -35.31 -18.67 52.65
CA GLY SA 142 -34.24 -19.44 52.06
C GLY SA 142 -34.19 -20.90 52.42
N ALA SA 143 -35.30 -21.51 52.83
CA ALA SA 143 -35.30 -22.94 53.10
C ALA SA 143 -35.21 -23.71 51.78
N SER SA 144 -34.47 -24.82 51.82
CA SER SA 144 -34.23 -25.63 50.64
C SER SA 144 -35.29 -26.71 50.52
N VAL SA 145 -36.10 -26.61 49.46
CA VAL SA 145 -37.21 -27.54 49.24
C VAL SA 145 -36.76 -28.95 48.93
N ASN SA 146 -35.48 -29.16 48.60
CA ASN SA 146 -35.00 -30.47 48.20
C ASN SA 146 -33.88 -30.96 49.10
N ALA SA 147 -34.05 -30.79 50.40
CA ALA SA 147 -33.14 -31.37 51.38
C ALA SA 147 -33.63 -32.75 51.78
N ARG SA 148 -32.69 -33.63 52.10
CA ARG SA 148 -33.00 -35.04 52.32
C ARG SA 148 -32.84 -35.40 53.79
N ASP SA 149 -33.60 -36.42 54.21
CA ASP SA 149 -33.42 -37.10 55.48
C ASP SA 149 -32.34 -38.17 55.34
N ASN SA 150 -32.28 -39.06 56.34
CA ASN SA 150 -31.51 -40.28 56.17
C ASN SA 150 -32.27 -41.29 55.32
N ILE SA 151 -33.57 -41.43 55.56
CA ILE SA 151 -34.41 -42.21 54.65
C ILE SA 151 -34.38 -41.63 53.24
N GLY SA 152 -34.13 -40.33 53.10
CA GLY SA 152 -34.14 -39.66 51.81
C GLY SA 152 -35.36 -38.83 51.54
N HIS SA 153 -36.26 -38.67 52.52
CA HIS SA 153 -37.48 -37.92 52.29
C HIS SA 153 -37.20 -36.45 52.06
N THR SA 154 -37.95 -35.85 51.14
CA THR SA 154 -37.96 -34.42 50.94
C THR SA 154 -39.23 -33.82 51.53
N PRO SA 155 -39.26 -32.52 51.79
CA PRO SA 155 -40.46 -31.94 52.41
C PRO SA 155 -41.75 -32.27 51.69
N LEU SA 156 -41.69 -32.56 50.38
CA LEU SA 156 -42.91 -32.91 49.66
C LEU SA 156 -43.34 -34.33 49.97
N HIS SA 157 -42.38 -35.24 50.19
CA HIS SA 157 -42.71 -36.58 50.68
C HIS SA 157 -43.58 -36.49 51.92
N LEU SA 158 -43.16 -35.68 52.90
CA LEU SA 158 -43.90 -35.56 54.14
C LEU SA 158 -45.21 -34.81 53.95
N ALA SA 159 -45.22 -33.78 53.10
CA ALA SA 159 -46.46 -33.08 52.82
C ALA SA 159 -47.49 -34.00 52.19
N ALA SA 160 -47.06 -34.96 51.37
CA ALA SA 160 -47.97 -35.92 50.75
C ALA SA 160 -48.39 -37.02 51.71
N TRP SA 161 -47.48 -37.50 52.55
CA TRP SA 161 -47.85 -38.49 53.55
C TRP SA 161 -48.88 -37.93 54.52
N ALA SA 162 -48.61 -36.75 55.09
CA ALA SA 162 -49.48 -36.20 56.12
C ALA SA 162 -50.85 -35.85 55.57
N GLY SA 163 -50.93 -35.46 54.30
CA GLY SA 163 -52.18 -35.09 53.69
C GLY SA 163 -52.51 -33.61 53.69
N HIS SA 164 -51.52 -32.75 53.51
CA HIS SA 164 -51.72 -31.30 53.58
C HIS SA 164 -51.72 -30.72 52.17
N LEU SA 165 -52.90 -30.37 51.67
CA LEU SA 165 -53.03 -29.96 50.28
C LEU SA 165 -52.39 -28.61 50.02
N GLU SA 166 -52.71 -27.62 50.85
CA GLU SA 166 -52.19 -26.26 50.64
C GLU SA 166 -50.68 -26.22 50.76
N ILE SA 167 -50.12 -27.01 51.69
CA ILE SA 167 -48.67 -27.08 51.81
C ILE SA 167 -48.07 -27.74 50.58
N VAL SA 168 -48.75 -28.75 50.03
CA VAL SA 168 -48.28 -29.35 48.79
C VAL SA 168 -48.25 -28.32 47.67
N GLU SA 169 -49.27 -27.48 47.60
CA GLU SA 169 -49.29 -26.43 46.59
C GLU SA 169 -48.15 -25.45 46.75
N VAL SA 170 -47.94 -24.93 47.95
CA VAL SA 170 -46.88 -23.94 48.13
C VAL SA 170 -45.51 -24.56 47.92
N LEU SA 171 -45.36 -25.85 48.22
CA LEU SA 171 -44.09 -26.51 47.96
C LEU SA 171 -43.87 -26.76 46.48
N LEU SA 172 -44.94 -27.00 45.72
CA LEU SA 172 -44.79 -27.17 44.28
C LEU SA 172 -44.51 -25.86 43.58
N ALA SA 173 -45.02 -24.75 44.10
CA ALA SA 173 -44.71 -23.44 43.55
C ALA SA 173 -43.25 -23.03 43.72
N TYR SA 174 -42.57 -23.57 44.73
CA TYR SA 174 -41.21 -23.14 45.06
C TYR SA 174 -40.14 -24.07 44.51
N GLY SA 175 -40.53 -25.06 43.72
CA GLY SA 175 -39.56 -25.87 43.01
C GLY SA 175 -39.37 -27.28 43.51
N ALA SA 176 -40.26 -27.79 44.34
CA ALA SA 176 -40.22 -29.20 44.69
C ALA SA 176 -40.57 -30.04 43.48
N ASP SA 177 -39.79 -31.09 43.24
CA ASP SA 177 -39.97 -31.97 42.09
C ASP SA 177 -40.88 -33.13 42.45
N VAL SA 178 -41.70 -33.56 41.49
CA VAL SA 178 -42.72 -34.54 41.82
C VAL SA 178 -42.18 -35.96 41.77
N PHE SA 179 -41.28 -36.28 40.83
CA PHE SA 179 -40.69 -37.62 40.82
C PHE SA 179 -39.30 -37.63 41.44
N ALA SA 180 -39.24 -37.42 42.75
CA ALA SA 180 -38.03 -37.66 43.52
C ALA SA 180 -38.25 -38.87 44.39
N GLN SA 181 -37.19 -39.64 44.63
CA GLN SA 181 -37.33 -40.88 45.36
C GLN SA 181 -36.59 -40.81 46.70
N ASP SA 182 -36.96 -41.71 47.60
CA ASP SA 182 -36.24 -41.95 48.84
C ASP SA 182 -35.37 -43.19 48.66
N LYS SA 183 -34.67 -43.58 49.72
CA LYS SA 183 -33.82 -44.76 49.64
C LYS SA 183 -34.62 -46.00 49.25
N PHE SA 184 -35.86 -46.11 49.71
CA PHE SA 184 -36.66 -47.29 49.43
C PHE SA 184 -37.37 -47.22 48.09
N GLY SA 185 -37.21 -46.15 47.34
CA GLY SA 185 -37.66 -46.09 45.96
C GLY SA 185 -39.00 -45.43 45.70
N LYS SA 186 -39.60 -44.80 46.69
CA LYS SA 186 -40.94 -44.24 46.53
C LYS SA 186 -40.90 -42.75 46.23
N THR SA 187 -41.85 -42.31 45.42
CA THR SA 187 -42.11 -40.93 45.07
C THR SA 187 -43.30 -40.41 45.87
N PRO SA 188 -43.43 -39.10 46.04
CA PRO SA 188 -44.57 -38.57 46.81
C PRO SA 188 -45.91 -39.11 46.39
N PHE SA 189 -46.09 -39.43 45.11
CA PHE SA 189 -47.34 -40.03 44.67
C PHE SA 189 -47.59 -41.38 45.31
N ASP SA 190 -46.52 -42.13 45.58
CA ASP SA 190 -46.69 -43.44 46.22
C ASP SA 190 -47.08 -43.29 47.68
N LEU SA 191 -46.38 -42.41 48.42
CA LEU SA 191 -46.79 -42.15 49.79
C LEU SA 191 -48.19 -41.56 49.86
N ALA SA 192 -48.64 -40.94 48.76
CA ALA SA 192 -50.00 -40.40 48.74
C ALA SA 192 -51.03 -41.49 48.47
N ILE SA 193 -50.71 -42.47 47.63
CA ILE SA 193 -51.70 -43.47 47.27
C ILE SA 193 -51.74 -44.61 48.26
N ASP SA 194 -50.67 -44.82 49.02
CA ASP SA 194 -50.69 -45.88 50.03
C ASP SA 194 -51.21 -45.42 51.38
N ASN SA 195 -51.76 -44.21 51.48
CA ASN SA 195 -52.24 -43.67 52.73
C ASN SA 195 -53.65 -43.10 52.62
N GLY SA 196 -54.33 -43.33 51.50
CA GLY SA 196 -55.67 -42.82 51.34
C GLY SA 196 -55.78 -41.33 51.11
N ASN SA 197 -54.67 -40.59 51.17
CA ASN SA 197 -54.68 -39.18 50.80
C ASN SA 197 -54.99 -39.06 49.32
N GLU SA 198 -56.20 -38.60 48.99
CA GLU SA 198 -56.75 -38.75 47.65
C GLU SA 198 -56.37 -37.62 46.71
N ASP SA 199 -56.43 -36.36 47.14
CA ASP SA 199 -56.31 -35.27 46.19
C ASP SA 199 -54.85 -34.91 45.95
N ILE SA 200 -54.00 -35.12 46.94
CA ILE SA 200 -52.56 -35.04 46.70
C ILE SA 200 -52.20 -35.91 45.52
N ALA SA 201 -52.71 -37.14 45.50
CA ALA SA 201 -52.47 -38.05 44.40
C ALA SA 201 -52.97 -37.49 43.08
N GLU SA 202 -54.14 -36.84 43.07
CA GLU SA 202 -54.67 -36.33 41.81
C GLU SA 202 -53.84 -35.17 41.27
N VAL SA 203 -53.51 -34.21 42.12
CA VAL SA 203 -52.74 -33.06 41.65
C VAL SA 203 -51.29 -33.41 41.38
N LEU SA 204 -50.80 -34.55 41.86
CA LEU SA 204 -49.47 -34.98 41.45
C LEU SA 204 -49.51 -35.83 40.18
N GLN SA 205 -50.59 -36.59 39.99
CA GLN SA 205 -50.78 -37.34 38.77
C GLN SA 205 -50.93 -36.42 37.57
N ARG SA 206 -51.63 -35.30 37.75
CA ARG SA 206 -51.76 -34.36 36.64
C ARG SA 206 -50.40 -33.87 36.17
N LEU SA 207 -49.47 -33.61 37.10
CA LEU SA 207 -48.15 -33.11 36.72
C LEU SA 207 -47.30 -34.20 36.08
N LEU SA 208 -47.31 -35.40 36.67
CA LEU SA 208 -46.62 -36.51 36.03
C LEU SA 208 -47.09 -36.71 34.59
N GLU SA 209 -48.40 -36.61 34.38
CA GLU SA 209 -48.94 -36.81 33.05
C GLU SA 209 -48.58 -35.68 32.10
N CYS SA 210 -48.58 -34.44 32.58
CA CYS SA 210 -48.15 -33.33 31.72
C CYS SA 210 -46.72 -33.53 31.24
N ARG SA 211 -45.82 -33.91 32.15
CA ARG SA 211 -44.44 -34.10 31.72
C ARG SA 211 -44.31 -35.26 30.74
N ARG SA 212 -44.98 -36.38 31.00
CA ARG SA 212 -44.93 -37.52 30.09
C ARG SA 212 -45.44 -37.15 28.70
N ASP SA 213 -46.56 -36.43 28.63
CA ASP SA 213 -47.17 -36.10 27.35
C ASP SA 213 -46.33 -35.10 26.55
N ALA SA 214 -45.72 -34.12 27.23
CA ALA SA 214 -44.84 -33.22 26.50
C ALA SA 214 -43.64 -33.96 25.93
N GLU SA 215 -43.05 -34.87 26.70
CA GLU SA 215 -41.95 -35.68 26.18
C GLU SA 215 -42.36 -36.44 24.93
N ALA SA 216 -43.51 -37.12 24.99
CA ALA SA 216 -44.01 -37.88 23.85
C ALA SA 216 -44.25 -37.01 22.62
N ALA SA 217 -44.87 -35.85 22.78
CA ALA SA 217 -45.12 -34.97 21.64
C ALA SA 217 -43.84 -34.44 21.01
N ILE SA 218 -42.81 -34.16 21.81
CA ILE SA 218 -41.56 -33.72 21.20
C ILE SA 218 -40.90 -34.84 20.42
N ASN SA 219 -40.98 -36.08 20.92
CA ASN SA 219 -40.48 -37.20 20.12
C ASN SA 219 -41.21 -37.33 18.80
N TYR SA 220 -42.54 -37.20 18.82
CA TYR SA 220 -43.30 -37.32 17.58
C TYR SA 220 -42.95 -36.21 16.59
N GLN SA 221 -42.68 -35.00 17.09
CA GLN SA 221 -42.28 -33.93 16.18
C GLN SA 221 -40.92 -34.17 15.57
N ILE SA 222 -39.99 -34.75 16.33
CA ILE SA 222 -38.70 -35.12 15.75
C ILE SA 222 -38.90 -36.10 14.59
N ASN SA 223 -39.72 -37.13 14.81
CA ASN SA 223 -39.96 -38.10 13.74
C ASN SA 223 -40.62 -37.46 12.53
N LEU SA 224 -41.56 -36.53 12.75
CA LEU SA 224 -42.24 -35.91 11.63
C LEU SA 224 -41.31 -35.05 10.78
N GLU SA 225 -40.38 -34.32 11.42
CA GLU SA 225 -39.46 -33.53 10.61
C GLU SA 225 -38.45 -34.42 9.88
N LEU SA 226 -38.03 -35.53 10.48
CA LEU SA 226 -37.16 -36.44 9.73
C LEU SA 226 -37.87 -37.03 8.53
N TYR SA 227 -39.15 -37.37 8.66
CA TYR SA 227 -39.92 -37.84 7.52
C TYR SA 227 -40.06 -36.79 6.43
N ALA SA 228 -40.32 -35.54 6.81
CA ALA SA 228 -40.40 -34.49 5.80
C ALA SA 228 -39.08 -34.31 5.06
N SER SA 229 -37.96 -34.39 5.77
CA SER SA 229 -36.66 -34.31 5.12
C SER SA 229 -36.47 -35.42 4.09
N TYR SA 230 -36.88 -36.64 4.43
CA TYR SA 230 -36.79 -37.75 3.50
C TYR SA 230 -37.68 -37.54 2.28
N VAL SA 231 -38.89 -37.02 2.47
CA VAL SA 231 -39.79 -36.76 1.35
C VAL SA 231 -39.18 -35.74 0.40
N TYR SA 232 -38.57 -34.69 0.93
CA TYR SA 232 -37.95 -33.69 0.06
C TYR SA 232 -36.76 -34.26 -0.69
N LEU SA 233 -35.99 -35.15 -0.07
CA LEU SA 233 -34.88 -35.79 -0.78
C LEU SA 233 -35.39 -36.60 -1.97
N SER SA 234 -36.46 -37.36 -1.77
CA SER SA 234 -37.08 -38.08 -2.88
C SER SA 234 -37.52 -37.12 -3.99
N MET SA 235 -38.28 -36.08 -3.63
CA MET SA 235 -38.70 -35.08 -4.61
C MET SA 235 -37.53 -34.52 -5.40
N SER SA 236 -36.44 -34.16 -4.72
CA SER SA 236 -35.29 -33.58 -5.38
C SER SA 236 -34.65 -34.51 -6.38
N TYR SA 237 -34.45 -35.77 -6.03
CA TYR SA 237 -33.84 -36.68 -7.00
C TYR SA 237 -34.80 -37.21 -8.02
N TYR SA 238 -36.08 -36.85 -7.96
CA TYR SA 238 -36.97 -37.10 -9.09
C TYR SA 238 -36.68 -36.18 -10.26
N PHE SA 239 -36.47 -34.89 -9.99
CA PHE SA 239 -36.22 -33.92 -11.05
C PHE SA 239 -34.83 -34.00 -11.63
N ASP SA 240 -34.05 -35.01 -11.25
CA ASP SA 240 -32.69 -35.18 -11.74
C ASP SA 240 -32.61 -36.28 -12.79
N ARG SA 241 -33.67 -37.04 -12.99
CA ARG SA 241 -33.72 -38.04 -14.05
C ARG SA 241 -33.52 -37.35 -15.39
N ASP SA 242 -33.20 -38.10 -16.44
CA ASP SA 242 -33.01 -37.46 -17.73
C ASP SA 242 -34.26 -37.44 -18.58
N ASP SA 243 -35.36 -38.06 -18.12
CA ASP SA 243 -36.64 -37.77 -18.71
C ASP SA 243 -37.40 -36.72 -17.92
N VAL SA 244 -36.78 -36.18 -16.88
CA VAL SA 244 -37.28 -35.01 -16.15
C VAL SA 244 -36.07 -34.10 -15.96
N ALA SA 245 -35.80 -33.21 -16.90
CA ALA SA 245 -34.53 -32.49 -16.90
C ALA SA 245 -34.69 -31.07 -16.35
N LEU SA 246 -35.04 -30.97 -15.07
CA LEU SA 246 -35.21 -29.68 -14.42
C LEU SA 246 -34.25 -29.57 -13.24
N LYS SA 247 -33.26 -28.70 -13.36
CA LYS SA 247 -32.16 -28.64 -12.41
C LYS SA 247 -32.44 -27.75 -11.20
N ASN SA 248 -33.20 -26.68 -11.39
CA ASN SA 248 -33.41 -25.77 -10.29
C ASN SA 248 -34.54 -26.22 -9.38
N PHE SA 249 -35.50 -26.97 -9.90
CA PHE SA 249 -36.41 -27.72 -9.04
C PHE SA 249 -35.63 -28.67 -8.13
N ALA SA 250 -34.61 -29.33 -8.67
CA ALA SA 250 -33.78 -30.24 -7.89
C ALA SA 250 -33.01 -29.50 -6.80
N LYS SA 251 -32.37 -28.38 -7.13
CA LYS SA 251 -31.67 -27.62 -6.10
C LYS SA 251 -32.63 -27.11 -5.03
N TYR SA 252 -33.79 -26.60 -5.44
CA TYR SA 252 -34.80 -26.17 -4.49
C TYR SA 252 -35.11 -27.26 -3.48
N PHE SA 253 -35.51 -28.44 -3.94
CA PHE SA 253 -35.92 -29.46 -3.01
C PHE SA 253 -34.77 -30.04 -2.20
N LEU SA 254 -33.54 -30.01 -2.71
CA LEU SA 254 -32.43 -30.42 -1.85
C LEU SA 254 -32.19 -29.43 -0.71
N HIS SA 255 -32.30 -28.13 -0.99
CA HIS SA 255 -32.19 -27.14 0.07
C HIS SA 255 -33.24 -27.35 1.14
N GLN SA 256 -34.48 -27.60 0.74
CA GLN SA 256 -35.51 -27.87 1.73
C GLN SA 256 -35.23 -29.12 2.52
N SER SA 257 -34.72 -30.16 1.86
CA SER SA 257 -34.34 -31.39 2.55
C SER SA 257 -33.33 -31.15 3.66
N HIS SA 258 -32.36 -30.25 3.46
CA HIS SA 258 -31.39 -30.03 4.52
C HIS SA 258 -31.91 -29.13 5.63
N GLU SA 259 -32.72 -28.14 5.29
CA GLU SA 259 -33.33 -27.29 6.30
C GLU SA 259 -34.19 -28.11 7.26
N GLU SA 260 -34.93 -29.08 6.72
CA GLU SA 260 -35.79 -29.88 7.59
C GLU SA 260 -35.01 -30.80 8.53
N ARG SA 261 -33.75 -31.08 8.27
CA ARG SA 261 -32.97 -31.84 9.24
C ARG SA 261 -32.40 -30.94 10.31
N GLU SA 262 -32.01 -29.72 9.94
CA GLU SA 262 -31.69 -28.74 10.99
C GLU SA 262 -32.85 -28.55 11.94
N HIS SA 263 -34.08 -28.49 11.42
CA HIS SA 263 -35.26 -28.34 12.28
C HIS SA 263 -35.35 -29.45 13.32
N ALA SA 264 -35.08 -30.69 12.94
CA ALA SA 264 -35.23 -31.80 13.89
C ALA SA 264 -34.09 -31.86 14.88
N GLU SA 265 -32.87 -31.52 14.46
CA GLU SA 265 -31.78 -31.46 15.42
C GLU SA 265 -32.02 -30.39 16.48
N LYS SA 266 -32.67 -29.28 16.12
CA LYS SA 266 -33.02 -28.29 17.13
C LYS SA 266 -33.92 -28.88 18.21
N LEU SA 267 -34.88 -29.71 17.82
CA LEU SA 267 -35.78 -30.30 18.81
C LEU SA 267 -35.08 -31.36 19.65
N MET SA 268 -34.13 -32.09 19.06
CA MET SA 268 -33.33 -33.01 19.86
C MET SA 268 -32.54 -32.29 20.93
N LYS SA 269 -31.86 -31.21 20.54
CA LYS SA 269 -31.14 -30.40 21.51
C LYS SA 269 -32.08 -29.88 22.60
N LEU SA 270 -33.25 -29.38 22.20
CA LEU SA 270 -34.23 -28.94 23.19
C LEU SA 270 -34.55 -30.03 24.19
N GLN SA 271 -34.86 -31.24 23.72
CA GLN SA 271 -35.26 -32.29 24.64
C GLN SA 271 -34.11 -32.73 25.53
N ASN SA 272 -32.87 -32.55 25.09
CA ASN SA 272 -31.76 -32.81 26.00
C ASN SA 272 -31.62 -31.71 27.05
N GLN SA 273 -31.97 -30.46 26.70
CA GLN SA 273 -31.91 -29.38 27.67
C GLN SA 273 -32.97 -29.52 28.75
N ARG SA 274 -34.08 -30.17 28.45
CA ARG SA 274 -35.16 -30.30 29.41
C ARG SA 274 -34.97 -31.48 30.36
N GLY SA 275 -34.05 -32.38 30.08
CA GLY SA 275 -33.85 -33.56 30.88
C GLY SA 275 -34.68 -34.75 30.47
N GLY SA 276 -35.28 -34.73 29.28
CA GLY SA 276 -36.08 -35.83 28.80
C GLY SA 276 -35.25 -36.83 28.04
N GLU SA 277 -35.94 -37.86 27.52
CA GLU SA 277 -35.30 -38.96 26.83
C GLU SA 277 -35.71 -38.98 25.38
N ILE SA 278 -34.74 -38.83 24.49
CA ILE SA 278 -34.99 -38.99 23.06
C ILE SA 278 -35.17 -40.47 22.77
N SER SA 279 -36.23 -40.80 22.02
CA SER SA 279 -36.46 -42.16 21.58
C SER SA 279 -36.77 -42.14 20.10
N LEU SA 280 -35.76 -42.43 19.29
CA LEU SA 280 -35.86 -42.36 17.84
C LEU SA 280 -36.61 -43.58 17.33
N GLN SA 281 -37.25 -43.44 16.18
CA GLN SA 281 -38.09 -44.49 15.61
C GLN SA 281 -37.86 -44.63 14.13
N SER SA 282 -38.67 -45.48 13.51
CA SER SA 282 -38.52 -45.83 12.10
C SER SA 282 -39.08 -44.69 11.25
N ILE SA 283 -38.43 -44.43 10.11
CA ILE SA 283 -38.89 -43.37 9.21
C ILE SA 283 -39.55 -44.01 8.00
N SER SA 284 -40.83 -43.71 7.81
CA SER SA 284 -41.55 -44.25 6.67
C SER SA 284 -40.97 -43.74 5.36
N SER SA 285 -41.21 -44.49 4.30
CA SER SA 285 -40.77 -44.01 3.00
C SER SA 285 -41.84 -43.14 2.38
N PRO SA 286 -41.46 -42.18 1.54
CA PRO SA 286 -42.46 -41.30 0.92
C PRO SA 286 -43.47 -42.11 0.13
N ASP SA 287 -44.65 -41.51 -0.06
CA ASP SA 287 -45.74 -42.27 -0.64
C ASP SA 287 -45.54 -42.51 -2.13
N SER SA 288 -44.80 -41.63 -2.79
CA SER SA 288 -44.59 -41.74 -4.23
C SER SA 288 -43.10 -41.80 -4.52
N ASP SA 289 -42.76 -42.44 -5.63
CA ASP SA 289 -41.45 -42.29 -6.25
C ASP SA 289 -41.53 -41.45 -7.51
N ASP SA 290 -42.72 -41.30 -8.07
CA ASP SA 290 -42.97 -40.57 -9.31
C ASP SA 290 -43.90 -39.41 -8.97
N TRP SA 291 -43.33 -38.22 -8.84
CA TRP SA 291 -44.10 -37.01 -8.65
C TRP SA 291 -44.36 -36.38 -10.01
N GLU SA 292 -45.59 -36.53 -10.50
CA GLU SA 292 -45.85 -36.48 -11.94
C GLU SA 292 -45.24 -35.25 -12.63
N SER SA 293 -45.23 -34.09 -11.96
CA SER SA 293 -44.75 -32.88 -12.60
C SER SA 293 -44.27 -31.92 -11.52
N GLY SA 294 -43.82 -30.74 -11.96
CA GLY SA 294 -43.41 -29.71 -11.02
C GLY SA 294 -44.57 -29.11 -10.25
N LEU SA 295 -45.71 -28.92 -10.90
CA LEU SA 295 -46.90 -28.45 -10.22
C LEU SA 295 -47.36 -29.41 -9.12
N ASN SA 296 -47.49 -30.69 -9.45
CA ASN SA 296 -47.92 -31.68 -8.49
C ASN SA 296 -46.96 -31.83 -7.31
N ALA SA 297 -45.65 -31.77 -7.56
CA ALA SA 297 -44.68 -31.76 -6.48
C ALA SA 297 -44.79 -30.54 -5.60
N MET SA 298 -44.99 -29.35 -6.18
CA MET SA 298 -45.18 -28.17 -5.34
C MET SA 298 -46.45 -28.27 -4.49
N GLU SA 299 -47.52 -28.85 -5.04
CA GLU SA 299 -48.74 -29.00 -4.24
C GLU SA 299 -48.57 -30.01 -3.12
N SER SA 300 -47.83 -31.08 -3.38
CA SER SA 300 -47.55 -32.05 -2.33
C SER SA 300 -46.69 -31.45 -1.22
N ALA SA 301 -45.69 -30.65 -1.59
CA ALA SA 301 -44.91 -29.94 -0.57
C ALA SA 301 -45.80 -29.02 0.24
N LEU SA 302 -46.77 -28.37 -0.39
CA LEU SA 302 -47.67 -27.47 0.34
C LEU SA 302 -48.50 -28.23 1.36
N HIS SA 303 -49.08 -29.37 0.97
CA HIS SA 303 -49.83 -30.15 1.95
C HIS SA 303 -48.95 -30.67 3.08
N LEU SA 304 -47.71 -31.06 2.77
CA LEU SA 304 -46.82 -31.53 3.82
C LEU SA 304 -46.49 -30.43 4.81
N GLU SA 305 -46.21 -29.23 4.33
CA GLU SA 305 -45.93 -28.12 5.23
C GLU SA 305 -47.14 -27.80 6.10
N LYS SA 306 -48.35 -27.90 5.54
CA LYS SA 306 -49.54 -27.65 6.35
C LYS SA 306 -49.72 -28.70 7.44
N ALA SA 307 -49.44 -29.96 7.14
CA ALA SA 307 -49.54 -31.00 8.17
C ALA SA 307 -48.53 -30.76 9.30
N VAL SA 308 -47.30 -30.40 8.94
CA VAL SA 308 -46.30 -30.09 9.96
C VAL SA 308 -46.76 -28.94 10.84
N ASN SA 309 -47.33 -27.90 10.24
CA ASN SA 309 -47.80 -26.76 11.01
C ASN SA 309 -48.94 -27.14 11.95
N ALA SA 310 -49.84 -28.00 11.50
CA ALA SA 310 -50.90 -28.47 12.39
C ALA SA 310 -50.33 -29.19 13.61
N SER SA 311 -49.33 -30.04 13.41
CA SER SA 311 -48.72 -30.71 14.57
C SER SA 311 -48.09 -29.71 15.52
N LEU SA 312 -47.41 -28.69 14.99
CA LEU SA 312 -46.85 -27.66 15.86
C LEU SA 312 -47.92 -26.96 16.67
N LEU SA 313 -49.06 -26.65 16.07
CA LEU SA 313 -50.14 -26.00 16.81
C LEU SA 313 -50.69 -26.90 17.92
N ARG SA 314 -50.82 -28.20 17.65
CA ARG SA 314 -51.29 -29.11 18.70
C ARG SA 314 -50.31 -29.16 19.87
N LEU SA 315 -49.01 -29.22 19.57
CA LEU SA 315 -48.02 -29.24 20.63
C LEU SA 315 -48.01 -27.94 21.41
N HIS SA 316 -48.26 -26.81 20.75
CA HIS SA 316 -48.30 -25.54 21.46
C HIS SA 316 -49.50 -25.48 22.40
N LYS SA 317 -50.66 -25.96 21.96
CA LYS SA 317 -51.80 -25.98 22.86
C LYS SA 317 -51.56 -26.90 24.05
N LEU SA 318 -50.89 -28.03 23.82
CA LEU SA 318 -50.53 -28.91 24.92
C LEU SA 318 -49.61 -28.21 25.92
N ALA SA 319 -48.56 -27.55 25.44
CA ALA SA 319 -47.65 -26.84 26.34
C ALA SA 319 -48.33 -25.68 27.03
N THR SA 320 -49.41 -25.16 26.47
CA THR SA 320 -50.15 -24.09 27.14
C THR SA 320 -51.04 -24.65 28.25
N ASP SA 321 -51.62 -25.82 28.04
CA ASP SA 321 -52.46 -26.40 29.08
C ASP SA 321 -51.66 -26.72 30.33
N CYS SA 322 -50.43 -27.22 30.16
CA CYS SA 322 -49.63 -27.66 31.29
C CYS SA 322 -48.70 -26.59 31.83
N ASN SA 323 -48.97 -25.31 31.58
CA ASN SA 323 -48.26 -24.21 32.20
C ASN SA 323 -46.75 -24.33 32.00
N ASP SA 324 -46.30 -24.21 30.76
CA ASP SA 324 -44.91 -24.42 30.40
C ASP SA 324 -44.42 -23.25 29.56
N PRO SA 325 -44.19 -22.07 30.14
CA PRO SA 325 -43.86 -20.89 29.33
C PRO SA 325 -42.68 -21.04 28.39
N HIS SA 326 -41.62 -21.74 28.79
CA HIS SA 326 -40.43 -21.83 27.96
C HIS SA 326 -40.68 -22.65 26.70
N LEU SA 327 -41.47 -23.72 26.81
CA LEU SA 327 -41.79 -24.51 25.62
C LEU SA 327 -42.62 -23.72 24.63
N CYS SA 328 -43.62 -22.98 25.12
CA CYS SA 328 -44.42 -22.14 24.24
C CYS SA 328 -43.58 -21.08 23.56
N ASP SA 329 -42.72 -20.41 24.33
CA ASP SA 329 -41.83 -19.40 23.74
C ASP SA 329 -40.92 -20.00 22.69
N PHE SA 330 -40.37 -21.19 22.96
CA PHE SA 330 -39.51 -21.86 21.99
C PHE SA 330 -40.26 -22.17 20.70
N ILE SA 331 -41.46 -22.72 20.82
CA ILE SA 331 -42.23 -23.11 19.65
C ILE SA 331 -42.58 -21.90 18.80
N GLU SA 332 -43.08 -20.83 19.43
CA GLU SA 332 -43.45 -19.70 18.59
C GLU SA 332 -42.27 -18.85 18.16
N THR SA 333 -41.11 -18.98 18.78
CA THR SA 333 -39.96 -18.23 18.32
C THR SA 333 -39.27 -18.89 17.15
N HIS SA 334 -39.15 -20.22 17.16
CA HIS SA 334 -38.35 -20.86 16.12
C HIS SA 334 -39.17 -21.56 15.05
N TYR SA 335 -40.46 -21.78 15.28
CA TYR SA 335 -41.19 -22.68 14.41
C TYR SA 335 -42.45 -22.11 13.80
N LEU SA 336 -43.11 -21.15 14.45
CA LEU SA 336 -44.39 -20.71 13.92
C LEU SA 336 -44.27 -19.64 12.86
N ASN SA 337 -43.17 -18.91 12.79
CA ASN SA 337 -43.05 -17.91 11.75
C ASN SA 337 -42.40 -18.46 10.49
N GLU SA 338 -41.67 -19.56 10.59
CA GLU SA 338 -41.11 -20.19 9.41
C GLU SA 338 -42.17 -20.95 8.62
N GLN SA 339 -43.11 -21.58 9.32
CA GLN SA 339 -44.17 -22.30 8.63
C GLN SA 339 -45.07 -21.36 7.85
N VAL SA 340 -45.37 -20.18 8.41
CA VAL SA 340 -46.20 -19.21 7.73
C VAL SA 340 -45.54 -18.74 6.44
N LYS SA 341 -44.24 -18.45 6.49
CA LYS SA 341 -43.52 -18.02 5.31
C LYS SA 341 -43.38 -19.13 4.27
N ALA SA 342 -43.14 -20.38 4.71
CA ALA SA 342 -43.12 -21.50 3.79
C ALA SA 342 -44.45 -21.69 3.09
N ILE SA 343 -45.56 -21.63 3.80
CA ILE SA 343 -46.86 -21.81 3.18
C ILE SA 343 -47.17 -20.69 2.21
N LYS SA 344 -46.84 -19.44 2.58
CA LYS SA 344 -47.06 -18.33 1.66
C LYS SA 344 -46.26 -18.50 0.38
N GLU SA 345 -44.99 -18.87 0.50
CA GLU SA 345 -44.14 -19.01 -0.67
C GLU SA 345 -44.58 -20.16 -1.56
N LEU SA 346 -44.94 -21.29 -0.99
CA LEU SA 346 -45.35 -22.43 -1.81
C LEU SA 346 -46.69 -22.20 -2.48
N GLY SA 347 -47.61 -21.48 -1.85
CA GLY SA 347 -48.82 -21.10 -2.53
C GLY SA 347 -48.59 -20.11 -3.65
N ASP SA 348 -47.63 -19.20 -3.48
CA ASP SA 348 -47.23 -18.32 -4.58
C ASP SA 348 -46.73 -19.12 -5.76
N HIS SA 349 -45.82 -20.07 -5.52
CA HIS SA 349 -45.32 -20.92 -6.60
C HIS SA 349 -46.44 -21.65 -7.31
N VAL SA 350 -47.40 -22.19 -6.56
CA VAL SA 350 -48.47 -22.94 -7.19
C VAL SA 350 -49.35 -22.04 -8.06
N THR SA 351 -49.70 -20.84 -7.59
CA THR SA 351 -50.52 -20.01 -8.47
C THR SA 351 -49.75 -19.48 -9.67
N ASN SA 352 -48.46 -19.17 -9.53
CA ASN SA 352 -47.69 -18.79 -10.69
C ASN SA 352 -47.66 -19.90 -11.73
N LEU SA 353 -47.34 -21.12 -11.31
CA LEU SA 353 -47.30 -22.23 -12.24
C LEU SA 353 -48.65 -22.48 -12.88
N ARG SA 354 -49.73 -22.37 -12.12
CA ARG SA 354 -51.05 -22.61 -12.71
C ARG SA 354 -51.43 -21.54 -13.72
N LYS SA 355 -51.07 -20.28 -13.46
CA LYS SA 355 -51.40 -19.22 -14.40
C LYS SA 355 -50.58 -19.31 -15.67
N MET SA 356 -49.27 -19.57 -15.55
CA MET SA 356 -48.44 -19.73 -16.75
C MET SA 356 -48.92 -20.82 -17.68
N GLY SA 357 -49.70 -21.78 -17.19
CA GLY SA 357 -50.29 -22.81 -18.04
C GLY SA 357 -49.84 -24.23 -17.77
N ALA SA 358 -49.07 -24.48 -16.72
CA ALA SA 358 -48.66 -25.84 -16.42
C ALA SA 358 -49.85 -26.65 -15.92
N PRO SA 359 -49.76 -27.99 -15.94
CA PRO SA 359 -48.70 -28.89 -16.39
C PRO SA 359 -48.81 -29.24 -17.85
N GLU SA 360 -49.94 -28.91 -18.46
CA GLU SA 360 -50.19 -29.20 -19.86
C GLU SA 360 -49.36 -28.33 -20.80
N SER SA 361 -48.41 -27.57 -20.27
CA SER SA 361 -47.56 -26.72 -21.09
C SER SA 361 -46.11 -26.92 -20.69
N GLY SA 362 -45.34 -27.56 -21.56
CA GLY SA 362 -43.92 -27.29 -21.59
C GLY SA 362 -43.68 -25.88 -22.08
N LEU SA 363 -42.54 -25.31 -21.66
CA LEU SA 363 -42.22 -23.89 -21.76
C LEU SA 363 -42.90 -23.10 -20.65
N ALA SA 364 -43.70 -23.76 -19.82
CA ALA SA 364 -44.16 -23.11 -18.60
C ALA SA 364 -43.27 -23.50 -17.43
N GLU SA 365 -43.03 -24.80 -17.29
CA GLU SA 365 -42.13 -25.26 -16.24
C GLU SA 365 -40.67 -24.99 -16.61
N TYR SA 366 -40.33 -25.01 -17.89
CA TYR SA 366 -38.98 -24.63 -18.29
C TYR SA 366 -38.68 -23.19 -17.88
N LEU SA 367 -39.59 -22.26 -18.18
CA LEU SA 367 -39.32 -20.86 -17.88
C LEU SA 367 -39.51 -20.54 -16.41
N PHE SA 368 -40.40 -21.23 -15.71
CA PHE SA 368 -40.45 -21.11 -14.26
C PHE SA 368 -39.13 -21.55 -13.64
N ASP SA 369 -38.64 -22.72 -14.03
CA ASP SA 369 -37.36 -23.22 -13.55
C ASP SA 369 -36.23 -22.26 -13.83
N LYS SA 370 -36.27 -21.58 -14.98
CA LYS SA 370 -35.20 -20.65 -15.32
C LYS SA 370 -35.29 -19.35 -14.55
N HIS SA 371 -36.48 -18.76 -14.42
CA HIS SA 371 -36.63 -17.39 -13.97
C HIS SA 371 -36.92 -17.26 -12.48
N THR SA 372 -37.67 -18.20 -11.90
CA THR SA 372 -38.07 -18.06 -10.50
C THR SA 372 -37.18 -18.87 -9.58
N LEU SA 373 -36.81 -20.06 -10.00
CA LEU SA 373 -36.03 -20.95 -9.15
C LEU SA 373 -34.53 -20.82 -9.36
N GLY SA 374 -34.11 -20.04 -10.35
CA GLY SA 374 -32.70 -19.86 -10.61
C GLY SA 374 -32.32 -18.49 -11.08
N SER TA 2 -63.34 -43.86 73.38
CA SER TA 2 -63.18 -42.41 73.49
C SER TA 2 -61.85 -42.04 74.14
N LYS TA 3 -61.52 -42.70 75.26
CA LYS TA 3 -60.33 -42.33 76.01
C LYS TA 3 -59.07 -42.93 75.41
N GLY TA 4 -59.13 -44.19 74.95
CA GLY TA 4 -57.93 -44.87 74.50
C GLY TA 4 -57.22 -44.18 73.35
N GLU TA 5 -57.96 -43.42 72.56
CA GLU TA 5 -57.37 -42.73 71.41
C GLU TA 5 -56.82 -41.35 71.77
N GLU TA 6 -57.25 -40.79 72.89
CA GLU TA 6 -56.86 -39.42 73.25
C GLU TA 6 -55.40 -39.35 73.69
N LEU TA 7 -54.90 -40.41 74.33
CA LEU TA 7 -53.61 -40.37 75.03
C LEU TA 7 -52.42 -40.12 74.10
N PHE TA 8 -52.63 -39.97 72.80
CA PHE TA 8 -51.55 -39.71 71.85
C PHE TA 8 -51.75 -38.41 71.08
N THR TA 9 -52.32 -37.40 71.73
CA THR TA 9 -52.64 -36.15 71.04
C THR TA 9 -51.40 -35.41 70.57
N GLY TA 10 -50.26 -35.63 71.22
CA GLY TA 10 -49.06 -34.87 70.89
C GLY TA 10 -47.80 -35.70 70.93
N VAL TA 11 -46.67 -35.04 71.16
CA VAL TA 11 -45.39 -35.73 71.28
C VAL TA 11 -45.41 -36.57 72.55
N VAL TA 12 -44.59 -37.63 72.57
CA VAL TA 12 -44.46 -38.51 73.73
C VAL TA 12 -42.98 -38.82 73.90
N PRO TA 13 -42.36 -38.44 75.01
CA PRO TA 13 -41.01 -38.91 75.31
C PRO TA 13 -41.01 -40.38 75.69
N ILE TA 14 -39.91 -41.06 75.37
CA ILE TA 14 -39.81 -42.49 75.52
C ILE TA 14 -38.57 -42.83 76.33
N LEU TA 15 -38.64 -43.92 77.09
CA LEU TA 15 -37.53 -44.46 77.86
C LEU TA 15 -37.62 -45.98 77.77
N VAL TA 16 -36.69 -46.59 77.04
CA VAL TA 16 -36.80 -48.02 76.73
C VAL TA 16 -35.64 -48.76 77.39
N GLU TA 17 -35.97 -49.68 78.29
CA GLU TA 17 -34.97 -50.48 78.98
C GLU TA 17 -35.17 -51.94 78.58
N LEU TA 18 -34.06 -52.59 78.23
CA LEU TA 18 -34.07 -53.98 77.82
C LEU TA 18 -32.93 -54.72 78.52
N ASP TA 19 -33.27 -55.79 79.23
CA ASP TA 19 -32.27 -56.59 79.93
C ASP TA 19 -32.30 -58.00 79.38
N GLY TA 20 -31.20 -58.42 78.78
CA GLY TA 20 -31.16 -59.68 78.04
C GLY TA 20 -30.02 -60.58 78.48
N ASP TA 21 -30.27 -61.88 78.40
CA ASP TA 21 -29.27 -62.92 78.63
C ASP TA 21 -29.18 -63.81 77.40
N VAL TA 22 -28.03 -63.80 76.73
CA VAL TA 22 -27.79 -64.58 75.52
C VAL TA 22 -26.47 -65.32 75.67
N ASN TA 23 -26.54 -66.61 76.01
CA ASN TA 23 -25.37 -67.50 76.03
C ASN TA 23 -24.24 -66.92 76.89
N GLY TA 24 -24.54 -66.63 78.15
CA GLY TA 24 -23.58 -66.08 79.06
C GLY TA 24 -23.37 -64.59 78.90
N HIS TA 25 -23.97 -63.98 77.89
CA HIS TA 25 -23.83 -62.55 77.65
C HIS TA 25 -25.01 -61.82 78.29
N LYS TA 26 -24.76 -61.12 79.38
CA LYS TA 26 -25.76 -60.24 79.98
C LYS TA 26 -25.62 -58.85 79.38
N PHE TA 27 -26.75 -58.20 79.14
CA PHE TA 27 -26.69 -56.85 78.59
C PHE TA 27 -27.92 -56.05 79.04
N SER TA 28 -27.67 -54.77 79.27
CA SER TA 28 -28.72 -53.78 79.48
C SER TA 28 -28.64 -52.75 78.37
N VAL TA 29 -29.80 -52.34 77.88
CA VAL TA 29 -29.90 -51.37 76.80
C VAL TA 29 -30.88 -50.29 77.23
N ARG TA 30 -30.46 -49.03 77.10
CA ARG TA 30 -31.34 -47.89 77.31
C ARG TA 30 -31.46 -47.09 76.01
N GLY TA 31 -32.69 -46.75 75.67
CA GLY TA 31 -32.98 -45.96 74.50
C GLY TA 31 -33.81 -44.74 74.81
N GLU TA 32 -33.42 -43.61 74.22
CA GLU TA 32 -34.00 -42.31 74.50
C GLU TA 32 -34.45 -41.66 73.20
N GLY TA 33 -35.65 -41.10 73.21
CA GLY TA 33 -36.16 -40.42 72.04
C GLY TA 33 -37.60 -39.99 72.25
N GLU TA 34 -38.28 -39.70 71.13
CA GLU TA 34 -39.67 -39.25 71.18
C GLU TA 34 -40.46 -39.79 70.00
N GLY TA 35 -41.78 -39.80 70.19
CA GLY TA 35 -42.67 -40.30 69.14
C GLY TA 35 -43.99 -39.56 69.01
N ASP TA 36 -44.60 -39.67 67.84
CA ASP TA 36 -45.94 -39.11 67.59
C ASP TA 36 -46.74 -40.15 66.83
N ALA TA 37 -47.96 -40.40 67.30
CA ALA TA 37 -48.87 -41.33 66.64
C ALA TA 37 -49.61 -40.69 65.48
N THR TA 38 -49.81 -39.37 65.51
CA THR TA 38 -50.55 -38.71 64.44
C THR TA 38 -49.93 -38.95 63.07
N ASN TA 39 -48.61 -39.06 63.00
CA ASN TA 39 -47.91 -39.33 61.75
C ASN TA 39 -47.17 -40.66 61.78
N GLY TA 40 -47.39 -41.48 62.81
CA GLY TA 40 -46.70 -42.75 62.92
C GLY TA 40 -45.20 -42.63 62.93
N LYS TA 41 -44.67 -41.56 63.52
CA LYS TA 41 -43.25 -41.27 63.45
C LYS TA 41 -42.59 -41.52 64.80
N LEU TA 42 -41.43 -42.17 64.78
CA LEU TA 42 -40.66 -42.43 65.99
C LEU TA 42 -39.21 -42.09 65.72
N THR TA 43 -38.53 -41.51 66.72
CA THR TA 43 -37.17 -41.06 66.54
C THR TA 43 -36.40 -41.30 67.83
N LEU TA 44 -35.47 -42.26 67.81
CA LEU TA 44 -34.84 -42.77 69.02
C LEU TA 44 -33.34 -42.90 68.84
N LYS TA 45 -32.65 -43.08 69.97
CA LYS TA 45 -31.22 -43.33 70.01
C LYS TA 45 -30.94 -44.28 71.16
N PHE TA 46 -30.36 -45.43 70.83
CA PHE TA 46 -30.10 -46.51 71.78
C PHE TA 46 -28.62 -46.56 72.09
N ILE TA 47 -28.29 -46.86 73.36
CA ILE TA 47 -26.90 -46.95 73.81
C ILE TA 47 -26.80 -48.05 74.84
N CYS TA 48 -25.71 -48.82 74.79
CA CYS TA 48 -25.47 -49.91 75.73
C CYS TA 48 -24.37 -49.52 76.72
N THR TA 49 -24.74 -49.39 77.98
CA THR TA 49 -23.78 -49.09 79.03
C THR TA 49 -23.05 -50.33 79.52
N THR TA 50 -23.10 -51.43 78.75
CA THR TA 50 -22.49 -52.70 79.12
C THR TA 50 -21.35 -53.06 78.16
N GLY TA 51 -20.59 -52.06 77.71
CA GLY TA 51 -19.43 -52.33 76.87
C GLY TA 51 -19.80 -52.87 75.51
N LYS TA 52 -18.80 -53.46 74.85
CA LYS TA 52 -18.99 -54.02 73.51
C LYS TA 52 -19.94 -55.20 73.58
N LEU TA 53 -20.84 -55.30 72.61
CA LEU TA 53 -21.83 -56.36 72.64
C LEU TA 53 -21.54 -57.37 71.52
N PRO TA 54 -21.75 -58.66 71.75
CA PRO TA 54 -21.40 -59.65 70.72
C PRO TA 54 -22.37 -59.72 69.54
N VAL TA 55 -23.64 -59.41 69.73
CA VAL TA 55 -24.65 -59.50 68.66
C VAL TA 55 -24.66 -58.18 67.91
N PRO TA 56 -24.80 -58.20 66.58
CA PRO TA 56 -24.77 -56.94 65.83
C PRO TA 56 -25.96 -56.06 66.19
N TRP TA 57 -25.79 -54.76 65.99
CA TRP TA 57 -26.89 -53.83 66.21
C TRP TA 57 -28.13 -54.16 65.39
N PRO TA 58 -28.06 -54.52 64.11
CA PRO TA 58 -29.28 -54.85 63.36
C PRO TA 58 -30.16 -55.87 64.03
N THR TA 59 -29.60 -56.77 64.85
CA THR TA 59 -30.42 -57.73 65.56
C THR TA 59 -31.31 -57.04 66.59
N LEU TA 60 -30.74 -56.13 67.37
CA LEU TA 60 -31.47 -55.46 68.44
C LEU TA 60 -32.55 -54.51 67.94
N VAL TA 61 -32.58 -54.23 66.63
CA VAL TA 61 -33.50 -53.23 66.11
C VAL TA 61 -34.94 -53.74 66.16
N THR TA 62 -35.17 -54.95 65.69
CA THR TA 62 -36.52 -55.50 65.67
C THR TA 62 -37.11 -55.65 67.06
N THR TA 63 -36.24 -55.88 68.04
CA THR TA 63 -36.71 -56.14 69.41
C THR TA 63 -36.46 -54.95 70.28
N LEU TA 64 -37.03 -53.80 69.94
CA LEU TA 64 -36.93 -52.60 70.80
C LEU TA 64 -38.14 -51.69 70.49
N VAL TA 66 -42.98 -50.40 69.87
CA VAL TA 66 -43.93 -49.47 70.41
C VAL TA 66 -44.98 -49.17 69.35
N GLN TA 67 -45.59 -50.23 68.83
CA GLN TA 67 -46.56 -50.07 67.72
C GLN TA 67 -47.67 -49.13 68.18
N CYS TA 68 -47.74 -48.88 69.49
CA CYS TA 68 -48.73 -47.91 69.99
C CYS TA 68 -48.47 -46.56 69.30
N PHE TA 69 -47.44 -46.45 68.45
CA PHE TA 69 -47.22 -45.13 67.87
C PHE TA 69 -47.52 -45.08 66.39
N SER TA 70 -48.06 -46.16 65.82
CA SER TA 70 -48.24 -46.26 64.39
C SER TA 70 -49.37 -45.34 63.92
N ARG TA 71 -49.22 -44.81 62.71
CA ARG TA 71 -50.20 -43.88 62.17
C ARG TA 71 -51.47 -44.62 61.79
N TYR TA 72 -52.59 -44.23 62.40
CA TYR TA 72 -53.85 -44.91 62.19
C TYR TA 72 -54.87 -43.96 61.58
N PRO TA 73 -55.47 -44.32 60.46
CA PRO TA 73 -56.41 -43.39 59.80
C PRO TA 73 -57.76 -43.36 60.46
N ASP TA 74 -58.62 -42.43 60.03
CA ASP TA 74 -59.93 -42.29 60.65
C ASP TA 74 -60.86 -43.43 60.22
N HIS TA 75 -60.53 -44.11 59.13
CA HIS TA 75 -61.38 -45.25 58.81
C HIS TA 75 -61.04 -46.48 59.63
N MET TA 76 -59.81 -46.66 60.12
CA MET TA 76 -59.51 -47.71 61.09
C MET TA 76 -59.53 -47.21 62.52
N LYS TA 77 -60.40 -46.26 62.84
CA LYS TA 77 -60.60 -45.88 64.23
C LYS TA 77 -61.23 -46.99 65.06
N ARG TA 78 -61.82 -47.99 64.39
CA ARG TA 78 -62.47 -49.09 65.08
C ARG TA 78 -61.62 -50.35 65.13
N HIS TA 79 -60.41 -50.33 64.56
CA HIS TA 79 -59.55 -51.49 64.53
C HIS TA 79 -58.17 -51.17 65.10
N ASP TA 80 -58.12 -50.32 66.11
CA ASP TA 80 -56.88 -49.94 66.79
C ASP TA 80 -56.89 -50.58 68.17
N PHE TA 81 -56.38 -51.82 68.24
CA PHE TA 81 -56.36 -52.53 69.52
C PHE TA 81 -55.42 -51.87 70.52
N PHE TA 82 -54.27 -51.37 70.06
CA PHE TA 82 -53.29 -50.81 70.98
C PHE TA 82 -53.80 -49.51 71.59
N LYS TA 83 -54.75 -48.84 70.94
CA LYS TA 83 -55.19 -47.54 71.41
C LYS TA 83 -56.17 -47.64 72.58
N SER TA 84 -57.27 -48.39 72.41
CA SER TA 84 -58.33 -48.41 73.41
C SER TA 84 -57.84 -48.67 74.82
N ALA TA 85 -56.63 -49.23 74.97
CA ALA TA 85 -56.08 -49.58 76.28
C ALA TA 85 -55.13 -48.54 76.84
N MET TA 86 -55.41 -47.25 76.65
CA MET TA 86 -54.53 -46.24 77.24
C MET TA 86 -55.31 -45.35 78.20
N PRO TA 87 -54.77 -45.10 79.40
CA PRO TA 87 -53.47 -45.54 79.92
C PRO TA 87 -53.49 -46.94 80.52
N GLU TA 88 -54.52 -47.72 80.19
CA GLU TA 88 -54.60 -49.11 80.62
C GLU TA 88 -53.30 -49.86 80.35
N GLY TA 89 -52.70 -49.64 79.19
CA GLY TA 89 -51.49 -50.32 78.81
C GLY TA 89 -51.74 -51.76 78.43
N TYR TA 90 -50.64 -52.49 78.23
CA TYR TA 90 -50.75 -53.90 77.86
C TYR TA 90 -49.37 -54.55 77.97
N VAL TA 91 -49.36 -55.86 77.73
CA VAL TA 91 -48.13 -56.64 77.74
C VAL TA 91 -48.09 -57.45 76.45
N GLN TA 92 -46.89 -57.84 76.04
CA GLN TA 92 -46.69 -58.67 74.87
C GLN TA 92 -45.54 -59.65 75.08
N GLU TA 93 -45.79 -60.90 74.70
CA GLU TA 93 -44.78 -61.94 74.72
C GLU TA 93 -44.39 -62.29 73.30
N ARG TA 94 -43.11 -62.09 72.97
CA ARG TA 94 -42.61 -62.24 71.61
C ARG TA 94 -41.60 -63.38 71.55
N THR TA 95 -41.68 -64.16 70.49
CA THR TA 95 -40.66 -65.15 70.15
C THR TA 95 -40.12 -64.82 68.77
N ILE TA 96 -38.81 -64.68 68.66
CA ILE TA 96 -38.17 -64.46 67.36
C ILE TA 96 -37.31 -65.67 67.06
N SER TA 97 -37.44 -66.19 65.85
CA SER TA 97 -36.82 -67.44 65.44
C SER TA 97 -35.93 -67.17 64.23
N PHE TA 98 -34.62 -67.29 64.44
CA PHE TA 98 -33.67 -67.21 63.35
C PHE TA 98 -33.64 -68.52 62.58
N LYS TA 99 -33.51 -68.44 61.27
CA LYS TA 99 -33.20 -69.63 60.49
C LYS TA 99 -31.69 -69.81 60.44
N ASP TA 100 -31.24 -71.05 60.58
CA ASP TA 100 -29.82 -71.42 60.60
C ASP TA 100 -29.13 -70.92 61.87
N ASP TA 101 -29.92 -70.69 62.93
CA ASP TA 101 -29.42 -70.43 64.28
C ASP TA 101 -30.61 -70.48 65.25
N GLY TA 102 -30.33 -70.17 66.52
CA GLY TA 102 -31.27 -70.36 67.62
C GLY TA 102 -32.39 -69.34 67.71
N THR TA 103 -32.83 -69.01 68.93
CA THR TA 103 -34.05 -68.23 69.10
C THR TA 103 -33.93 -67.26 70.27
N TYR TA 104 -34.93 -66.37 70.35
CA TYR TA 104 -35.09 -65.40 71.43
C TYR TA 104 -36.53 -65.45 71.97
N LYS TA 105 -36.63 -65.48 73.31
CA LYS TA 105 -37.90 -65.37 74.03
C LYS TA 105 -37.87 -64.06 74.79
N THR TA 106 -38.84 -63.18 74.55
CA THR TA 106 -38.75 -61.81 75.05
C THR TA 106 -40.10 -61.32 75.53
N ARG TA 107 -40.15 -60.99 76.82
CA ARG TA 107 -41.34 -60.44 77.46
C ARG TA 107 -41.23 -58.92 77.51
N ALA TA 108 -42.34 -58.22 77.30
CA ALA TA 108 -42.32 -56.77 77.32
C ALA TA 108 -43.62 -56.24 77.92
N GLU TA 109 -43.50 -55.22 78.77
CA GLU TA 109 -44.66 -54.58 79.36
C GLU TA 109 -44.65 -53.11 78.96
N VAL TA 110 -45.72 -52.66 78.27
CA VAL TA 110 -45.79 -51.32 77.72
C VAL TA 110 -46.95 -50.58 78.36
N LYS TA 111 -46.71 -49.32 78.75
CA LYS TA 111 -47.68 -48.51 79.45
C LYS TA 111 -47.26 -47.05 79.37
N PHE TA 112 -48.09 -46.19 79.97
CA PHE TA 112 -47.70 -44.83 80.28
C PHE TA 112 -47.32 -44.73 81.75
N GLU TA 113 -46.26 -43.99 82.04
CA GLU TA 113 -45.80 -43.69 83.40
C GLU TA 113 -45.82 -42.18 83.50
N GLY TA 114 -46.83 -41.65 84.21
CA GLY TA 114 -47.09 -40.22 84.14
C GLY TA 114 -47.58 -39.88 82.74
N ASP TA 115 -46.72 -39.24 81.96
CA ASP TA 115 -46.93 -39.07 80.52
C ASP TA 115 -45.74 -39.54 79.70
N THR TA 116 -44.75 -40.15 80.34
CA THR TA 116 -43.57 -40.70 79.67
C THR TA 116 -43.85 -42.15 79.31
N LEU TA 117 -43.55 -42.56 78.09
CA LEU TA 117 -43.73 -43.95 77.72
C LEU TA 117 -42.47 -44.73 78.08
N VAL TA 118 -42.54 -45.51 79.15
CA VAL TA 118 -41.42 -46.34 79.59
C VAL TA 118 -41.72 -47.79 79.23
N ASN TA 119 -40.73 -48.45 78.66
CA ASN TA 119 -40.90 -49.80 78.11
C ASN TA 119 -39.87 -50.73 78.72
N ARG TA 120 -40.33 -51.62 79.60
CA ARG TA 120 -39.48 -52.59 80.27
C ARG TA 120 -39.57 -53.93 79.56
N ILE TA 121 -38.43 -54.43 79.10
CA ILE TA 121 -38.35 -55.65 78.31
C ILE TA 121 -37.28 -56.56 78.89
N GLU TA 122 -37.59 -57.85 78.98
CA GLU TA 122 -36.67 -58.88 79.47
C GLU TA 122 -36.51 -59.92 78.37
N LEU TA 123 -35.27 -60.33 78.13
CA LEU TA 123 -34.93 -61.13 76.97
C LEU TA 123 -34.08 -62.33 77.35
N LYS TA 124 -34.37 -63.48 76.75
CA LYS TA 124 -33.60 -64.70 76.92
C LYS TA 124 -33.34 -65.28 75.54
N GLY TA 125 -32.10 -65.17 75.05
CA GLY TA 125 -31.78 -65.68 73.75
C GLY TA 125 -30.79 -66.82 73.80
N ILE TA 126 -31.13 -67.99 73.25
CA ILE TA 126 -30.27 -69.16 73.40
C ILE TA 126 -30.26 -69.94 72.09
N ASP TA 127 -29.50 -71.04 72.10
CA ASP TA 127 -29.49 -72.08 71.07
C ASP TA 127 -28.70 -71.67 69.82
N PHE TA 128 -27.67 -70.83 70.00
CA PHE TA 128 -26.89 -70.33 68.89
C PHE TA 128 -25.51 -70.97 68.84
N LYS TA 129 -24.92 -71.00 67.65
CA LYS TA 129 -23.51 -71.30 67.52
C LYS TA 129 -22.72 -69.99 67.57
N GLU TA 130 -21.73 -69.94 68.46
CA GLU TA 130 -21.08 -68.68 68.79
C GLU TA 130 -19.93 -68.31 67.87
N ASP TA 131 -19.67 -69.13 66.84
CA ASP TA 131 -18.78 -68.75 65.76
C ASP TA 131 -19.52 -68.65 64.44
N GLY TA 132 -20.79 -68.23 64.47
CA GLY TA 132 -21.61 -68.16 63.29
C GLY TA 132 -21.57 -66.80 62.62
N ASN TA 133 -22.58 -66.55 61.79
CA ASN TA 133 -22.69 -65.31 61.03
C ASN TA 133 -23.77 -64.38 61.56
N ILE TA 134 -24.96 -64.91 61.85
CA ILE TA 134 -26.05 -64.10 62.35
C ILE TA 134 -25.61 -63.31 63.59
N LEU TA 135 -24.83 -63.94 64.46
CA LEU TA 135 -24.32 -63.26 65.64
C LEU TA 135 -22.86 -62.85 65.52
N GLY TA 136 -22.08 -63.55 64.71
CA GLY TA 136 -20.65 -63.33 64.64
C GLY TA 136 -20.22 -62.14 63.82
N HIS TA 137 -21.12 -61.18 63.63
CA HIS TA 137 -20.84 -59.93 62.92
C HIS TA 137 -20.35 -60.21 61.49
N LYS TA 138 -21.22 -60.88 60.72
CA LYS TA 138 -21.03 -61.05 59.30
C LYS TA 138 -22.13 -60.36 58.50
N LEU TA 139 -23.24 -60.02 59.13
CA LEU TA 139 -24.40 -59.45 58.46
C LEU TA 139 -24.18 -57.96 58.24
N GLU TA 140 -24.94 -57.40 57.29
CA GLU TA 140 -24.71 -56.04 56.84
C GLU TA 140 -25.49 -55.03 57.68
N TYR TA 141 -24.85 -53.88 57.94
CA TYR TA 141 -25.44 -52.79 58.71
C TYR TA 141 -26.37 -52.02 57.78
N ASN TA 142 -27.63 -52.47 57.72
CA ASN TA 142 -28.65 -51.86 56.89
C ASN TA 142 -30.02 -52.20 57.46
N PHE TA 143 -31.05 -51.97 56.65
CA PHE TA 143 -32.41 -52.34 57.01
C PHE TA 143 -33.26 -52.27 55.75
N ASN TA 144 -34.48 -52.79 55.83
CA ASN TA 144 -35.40 -52.83 54.71
C ASN TA 144 -36.84 -52.61 55.19
N SER TA 145 -37.74 -52.36 54.24
CA SER TA 145 -39.14 -52.11 54.55
C SER TA 145 -39.85 -53.42 54.84
N HIS TA 146 -40.68 -53.42 55.89
CA HIS TA 146 -41.29 -54.65 56.34
C HIS TA 146 -42.76 -54.45 56.64
N ASN TA 147 -43.44 -55.57 56.92
CA ASN TA 147 -44.86 -55.58 57.22
C ASN TA 147 -45.13 -56.50 58.40
N VAL TA 148 -46.18 -56.19 59.15
CA VAL TA 148 -46.63 -56.97 60.31
C VAL TA 148 -48.07 -57.36 60.06
N TYR TA 149 -48.42 -58.63 60.33
CA TYR TA 149 -49.80 -59.06 60.27
C TYR TA 149 -50.37 -59.15 61.68
N ILE TA 150 -51.42 -58.38 61.95
CA ILE TA 150 -52.10 -58.43 63.24
C ILE TA 150 -53.44 -59.13 63.06
N THR TA 151 -53.73 -60.05 63.96
CA THR TA 151 -54.93 -60.88 63.93
C THR TA 151 -55.64 -60.80 65.27
N ALA TA 152 -56.96 -60.68 65.23
CA ALA TA 152 -57.75 -60.69 66.45
C ALA TA 152 -57.60 -62.04 67.16
N ASP TA 153 -57.68 -62.01 68.48
CA ASP TA 153 -57.52 -63.22 69.30
C ASP TA 153 -58.51 -63.11 70.45
N LYS TA 154 -59.72 -63.63 70.26
CA LYS TA 154 -60.74 -63.56 71.30
C LYS TA 154 -60.41 -64.43 72.49
N GLN TA 155 -59.55 -65.44 72.31
CA GLN TA 155 -59.14 -66.29 73.43
C GLN TA 155 -58.42 -65.47 74.49
N LYS TA 156 -57.55 -64.55 74.08
CA LYS TA 156 -56.93 -63.60 74.98
C LYS TA 156 -57.54 -62.23 74.87
N ASN TA 157 -58.72 -62.12 74.24
CA ASN TA 157 -59.44 -60.87 73.97
C ASN TA 157 -58.49 -59.73 73.56
N GLY TA 158 -57.41 -60.11 72.89
CA GLY TA 158 -56.39 -59.20 72.43
C GLY TA 158 -56.01 -59.54 71.00
N ILE TA 159 -54.71 -59.61 70.69
CA ILE TA 159 -54.31 -59.93 69.33
C ILE TA 159 -53.06 -60.79 69.32
N LYS TA 160 -52.81 -61.39 68.17
CA LYS TA 160 -51.53 -61.99 67.84
C LYS TA 160 -50.91 -61.19 66.70
N ALA TA 161 -49.58 -61.09 66.72
CA ALA TA 161 -48.85 -60.40 65.66
C ALA TA 161 -47.78 -61.33 65.13
N ASN TA 162 -47.82 -61.57 63.82
CA ASN TA 162 -46.86 -62.44 63.16
C ASN TA 162 -46.24 -61.69 61.99
N PHE TA 163 -44.94 -61.89 61.80
CA PHE TA 163 -44.27 -61.25 60.68
C PHE TA 163 -42.93 -61.93 60.43
N LYS TA 164 -42.31 -61.56 59.32
CA LYS TA 164 -41.06 -62.18 58.89
C LYS TA 164 -40.12 -61.07 58.46
N ILE TA 165 -38.89 -61.11 58.97
CA ILE TA 165 -37.88 -60.11 58.66
C ILE TA 165 -36.75 -60.77 57.89
N ARG TA 166 -36.23 -60.06 56.90
CA ARG TA 166 -35.13 -60.54 56.07
C ARG TA 166 -33.94 -59.59 56.24
N HIS TA 167 -32.88 -60.07 56.86
CA HIS TA 167 -31.67 -59.30 57.04
C HIS TA 167 -30.61 -59.78 56.06
N ASN TA 168 -30.23 -58.90 55.13
CA ASN TA 168 -29.24 -59.26 54.12
C ASN TA 168 -27.85 -59.30 54.73
N VAL TA 169 -27.05 -60.26 54.29
CA VAL TA 169 -25.69 -60.43 54.77
C VAL TA 169 -24.76 -59.74 53.76
N GLU TA 170 -23.54 -59.43 54.21
CA GLU TA 170 -22.61 -58.67 53.37
C GLU TA 170 -22.23 -59.42 52.10
N ASP TA 171 -22.68 -60.67 51.95
CA ASP TA 171 -22.41 -61.46 50.76
C ASP TA 171 -23.70 -61.92 50.07
N GLY TA 172 -24.70 -61.05 50.02
CA GLY TA 172 -25.92 -61.31 49.27
C GLY TA 172 -26.93 -62.20 49.97
N SER TA 173 -26.48 -63.12 50.81
CA SER TA 173 -27.41 -64.03 51.46
C SER TA 173 -28.26 -63.27 52.48
N VAL TA 174 -29.38 -63.88 52.85
CA VAL TA 174 -30.36 -63.26 53.73
C VAL TA 174 -30.69 -64.22 54.86
N GLN TA 175 -31.09 -63.66 55.99
CA GLN TA 175 -31.55 -64.42 57.14
C GLN TA 175 -33.00 -64.05 57.39
N LEU TA 176 -33.88 -65.05 57.46
CA LEU TA 176 -35.31 -64.83 57.62
C LEU TA 176 -35.73 -65.20 59.05
N ALA TA 177 -35.87 -64.19 59.89
CA ALA TA 177 -36.32 -64.37 61.28
C ALA TA 177 -37.84 -64.24 61.32
N ASP TA 178 -38.50 -65.27 61.82
CA ASP TA 178 -39.95 -65.28 61.97
C ASP TA 178 -40.31 -64.86 63.40
N HIS TA 179 -41.21 -63.90 63.51
CA HIS TA 179 -41.57 -63.31 64.79
C HIS TA 179 -43.05 -63.56 65.09
N TYR TA 180 -43.31 -64.12 66.27
CA TYR TA 180 -44.64 -64.23 66.85
C TYR TA 180 -44.70 -63.36 68.08
N GLN TA 181 -45.90 -62.86 68.41
CA GLN TA 181 -46.08 -62.23 69.71
C GLN TA 181 -47.55 -62.19 70.07
N GLN TA 182 -47.84 -62.36 71.36
CA GLN TA 182 -49.17 -62.27 71.92
C GLN TA 182 -49.30 -60.93 72.63
N ASN TA 183 -50.33 -60.16 72.27
CA ASN TA 183 -50.60 -58.85 72.85
C ASN TA 183 -51.89 -58.92 73.65
N THR TA 184 -51.79 -58.61 74.95
CA THR TA 184 -52.93 -58.70 75.86
C THR TA 184 -52.98 -57.50 76.78
N PRO TA 185 -54.15 -56.90 76.98
CA PRO TA 185 -54.24 -55.74 77.87
C PRO TA 185 -54.37 -56.16 79.33
N ILE TA 186 -53.89 -55.29 80.21
CA ILE TA 186 -53.89 -55.59 81.64
C ILE TA 186 -55.30 -55.50 82.23
N GLY TA 187 -56.14 -54.61 81.72
CA GLY TA 187 -57.45 -54.42 82.29
C GLY TA 187 -58.53 -55.21 81.58
N ASP TA 188 -59.62 -55.46 82.30
CA ASP TA 188 -60.75 -56.21 81.79
C ASP TA 188 -61.72 -55.36 80.96
N GLY TA 189 -61.38 -54.10 80.72
CA GLY TA 189 -62.25 -53.19 80.01
C GLY TA 189 -62.47 -53.59 78.56
N PRO TA 190 -63.36 -52.87 77.88
CA PRO TA 190 -63.61 -53.17 76.46
C PRO TA 190 -62.55 -52.55 75.57
N VAL TA 191 -61.83 -53.43 74.86
CA VAL TA 191 -60.78 -53.02 73.93
C VAL TA 191 -61.27 -53.28 72.52
N LEU TA 192 -61.02 -52.31 71.65
CA LEU TA 192 -61.51 -52.33 70.27
C LEU TA 192 -60.87 -53.50 69.54
N LEU TA 193 -61.68 -54.26 68.79
CA LEU TA 193 -61.22 -55.51 68.22
C LEU TA 193 -60.87 -55.32 66.74
N PRO TA 194 -59.61 -55.40 66.36
CA PRO TA 194 -59.24 -55.29 64.95
C PRO TA 194 -59.25 -56.64 64.25
N ASP TA 195 -59.87 -56.65 63.07
CA ASP TA 195 -59.74 -57.81 62.21
C ASP TA 195 -58.31 -57.88 61.67
N ASN TA 196 -57.96 -59.04 61.12
CA ASN TA 196 -56.60 -59.28 60.64
C ASN TA 196 -56.29 -58.31 59.50
N HIS TA 197 -55.23 -57.53 59.66
CA HIS TA 197 -54.75 -56.68 58.58
C HIS TA 197 -53.25 -56.46 58.77
N TYR TA 198 -52.68 -55.55 57.99
CA TYR TA 198 -51.22 -55.44 57.92
C TYR TA 198 -50.77 -54.06 58.36
N LEU TA 199 -49.47 -53.92 58.50
CA LEU TA 199 -48.84 -52.72 58.99
C LEU TA 199 -47.45 -52.58 58.39
N SER TA 200 -47.26 -51.52 57.60
CA SER TA 200 -46.00 -51.26 56.92
C SER TA 200 -45.10 -50.43 57.81
N THR TA 201 -43.80 -50.67 57.68
CA THR TA 201 -42.79 -50.06 58.55
C THR TA 201 -41.52 -49.80 57.77
N GLN TA 202 -40.96 -48.60 57.95
CA GLN TA 202 -39.68 -48.23 57.38
C GLN TA 202 -38.84 -47.61 58.47
N SER TA 203 -37.51 -47.74 58.35
CA SER TA 203 -36.62 -47.15 59.35
C SER TA 203 -35.25 -46.94 58.75
N ALA TA 204 -34.44 -46.14 59.46
CA ALA TA 204 -33.10 -45.79 59.03
C ALA TA 204 -32.19 -45.68 60.25
N LEU TA 205 -30.98 -46.20 60.08
CA LEU TA 205 -29.98 -46.35 61.13
C LEU TA 205 -28.78 -45.48 60.81
N SER TA 206 -28.21 -44.87 61.85
CA SER TA 206 -27.08 -43.97 61.69
C SER TA 206 -26.33 -43.84 63.01
N LYS TA 207 -25.29 -43.02 62.99
CA LYS TA 207 -24.39 -42.81 64.12
C LYS TA 207 -24.35 -41.34 64.50
N ASP TA 208 -24.08 -41.09 65.77
CA ASP TA 208 -23.66 -39.75 66.18
C ASP TA 208 -22.16 -39.61 65.89
N PRO TA 209 -21.70 -38.47 65.39
CA PRO TA 209 -20.29 -38.37 64.99
C PRO TA 209 -19.33 -38.20 66.16
N ASN TA 210 -19.81 -37.75 67.32
CA ASN TA 210 -18.95 -37.39 68.43
C ASN TA 210 -19.33 -38.08 69.75
N GLU TA 211 -19.75 -39.33 69.69
CA GLU TA 211 -20.01 -40.12 70.89
C GLU TA 211 -19.10 -41.34 70.92
N LYS TA 212 -18.38 -41.52 72.02
CA LYS TA 212 -17.35 -42.55 72.09
C LYS TA 212 -17.87 -43.89 72.60
N ARG TA 213 -19.11 -43.95 73.07
CA ARG TA 213 -19.69 -45.22 73.46
C ARG TA 213 -20.18 -45.99 72.24
N ASP TA 214 -20.87 -47.09 72.50
CA ASP TA 214 -21.60 -47.76 71.42
C ASP TA 214 -23.00 -47.17 71.29
N HIS TA 215 -23.27 -46.57 70.14
CA HIS TA 215 -24.54 -45.87 69.94
C HIS TA 215 -25.19 -46.39 68.67
N MET TA 216 -26.50 -46.19 68.59
CA MET TA 216 -27.25 -46.54 67.40
C MET TA 216 -28.45 -45.62 67.31
N VAL TA 217 -28.43 -44.70 66.36
CA VAL TA 217 -29.49 -43.72 66.16
C VAL TA 217 -30.43 -44.27 65.10
N LEU TA 218 -31.75 -44.12 65.31
CA LEU TA 218 -32.70 -44.72 64.39
C LEU TA 218 -33.98 -43.90 64.33
N LEU TA 219 -34.42 -43.58 63.12
CA LEU TA 219 -35.69 -42.91 62.91
C LEU TA 219 -36.56 -43.76 62.02
N GLU TA 220 -37.88 -43.73 62.22
CA GLU TA 220 -38.74 -44.74 61.62
C GLU TA 220 -40.17 -44.24 61.48
N PHE TA 221 -40.82 -44.72 60.42
CA PHE TA 221 -42.20 -44.40 60.10
C PHE TA 221 -42.99 -45.68 60.01
N VAL TA 222 -44.11 -45.74 60.74
CA VAL TA 222 -44.89 -46.96 60.88
C VAL TA 222 -46.36 -46.61 60.72
N THR TA 223 -47.05 -47.35 59.85
CA THR TA 223 -48.48 -47.08 59.66
C THR TA 223 -49.15 -48.33 59.11
N ALA TA 224 -50.41 -48.50 59.48
CA ALA TA 224 -51.15 -49.73 59.22
C ALA TA 224 -52.21 -49.52 58.15
N ALA TA 225 -52.72 -50.66 57.64
CA ALA TA 225 -53.81 -50.68 56.67
C ALA TA 225 -54.32 -52.11 56.57
N GLY TA 226 -55.18 -52.36 55.59
CA GLY TA 226 -55.72 -53.67 55.33
C GLY TA 226 -57.17 -53.70 54.94
N ILE TA 227 -57.90 -52.64 55.22
CA ILE TA 227 -59.31 -52.55 54.86
C ILE TA 227 -59.44 -51.68 53.63
N THR TA 228 -60.18 -52.17 52.63
CA THR TA 228 -60.44 -51.39 51.43
C THR TA 228 -61.74 -50.62 51.64
N HIS TA 229 -61.67 -49.53 52.40
CA HIS TA 229 -62.85 -48.77 52.77
C HIS TA 229 -63.19 -47.72 51.71
N HIS TA 230 -64.39 -47.16 51.84
CA HIS TA 230 -64.92 -46.23 50.86
C HIS TA 230 -64.08 -44.96 50.74
N GLY UA 54 -26.43 -46.92 -64.78
CA GLY UA 54 -27.51 -46.16 -64.19
C GLY UA 54 -28.51 -47.01 -63.44
N LYS UA 55 -28.87 -48.14 -64.04
CA LYS UA 55 -29.80 -49.10 -63.45
C LYS UA 55 -29.40 -50.54 -63.69
N GLU UA 56 -28.56 -50.81 -64.68
CA GLU UA 56 -28.21 -52.18 -65.06
C GLU UA 56 -27.31 -52.88 -64.05
N LEU UA 57 -26.89 -52.21 -62.98
CA LEU UA 57 -26.02 -52.86 -62.00
C LEU UA 57 -26.82 -53.68 -61.00
N LEU UA 58 -28.06 -53.29 -60.75
CA LEU UA 58 -28.81 -53.90 -59.66
C LEU UA 58 -29.16 -55.36 -59.95
N GLU UA 59 -29.50 -55.69 -61.20
CA GLU UA 59 -29.83 -57.06 -61.52
C GLU UA 59 -28.61 -57.95 -61.43
N ALA UA 60 -27.43 -57.39 -61.72
CA ALA UA 60 -26.20 -58.15 -61.57
C ALA UA 60 -25.84 -58.35 -60.12
N ALA UA 61 -26.15 -57.36 -59.26
CA ALA UA 61 -26.00 -57.57 -57.82
C ALA UA 61 -26.95 -58.64 -57.32
N ARG UA 62 -28.18 -58.64 -57.83
CA ARG UA 62 -29.17 -59.61 -57.40
C ARG UA 62 -28.80 -61.02 -57.85
N ALA UA 63 -28.32 -61.18 -59.08
CA ALA UA 63 -27.89 -62.48 -59.56
C ALA UA 63 -26.57 -62.94 -58.96
N GLY UA 64 -25.91 -62.09 -58.16
CA GLY UA 64 -24.62 -62.43 -57.61
C GLY UA 64 -23.47 -62.31 -58.59
N GLN UA 65 -23.65 -61.54 -59.67
CA GLN UA 65 -22.60 -61.36 -60.67
C GLN UA 65 -21.57 -60.38 -60.14
N ASP UA 66 -20.71 -60.88 -59.25
CA ASP UA 66 -19.71 -60.02 -58.62
C ASP UA 66 -18.76 -59.42 -59.66
N ASP UA 67 -18.36 -60.21 -60.66
CA ASP UA 67 -17.46 -59.70 -61.67
C ASP UA 67 -18.14 -58.67 -62.57
N GLU UA 68 -19.43 -58.87 -62.84
CA GLU UA 68 -20.13 -57.90 -63.69
C GLU UA 68 -20.28 -56.56 -62.98
N VAL UA 69 -20.73 -56.56 -61.72
CA VAL UA 69 -20.82 -55.31 -60.98
C VAL UA 69 -19.44 -54.71 -60.77
N ALA UA 70 -18.41 -55.55 -60.68
CA ALA UA 70 -17.05 -55.03 -60.61
C ALA UA 70 -16.70 -54.22 -61.87
N VAL UA 71 -16.83 -54.85 -63.04
CA VAL UA 71 -16.39 -54.18 -64.27
C VAL UA 71 -17.31 -53.01 -64.61
N LEU UA 72 -18.56 -53.06 -64.16
CA LEU UA 72 -19.50 -51.99 -64.48
C LEU UA 72 -19.42 -50.84 -63.48
N MET UA 73 -18.91 -51.09 -62.27
CA MET UA 73 -18.66 -50.01 -61.32
C MET UA 73 -17.29 -49.38 -61.53
N ALA UA 74 -16.33 -50.14 -62.08
CA ALA UA 74 -15.09 -49.54 -62.53
C ALA UA 74 -15.37 -48.40 -63.49
N ARG UA 75 -16.19 -48.67 -64.50
CA ARG UA 75 -16.76 -47.59 -65.30
C ARG UA 75 -17.77 -46.82 -64.47
N GLY UA 76 -17.78 -45.50 -64.66
CA GLY UA 76 -18.64 -44.63 -63.88
C GLY UA 76 -20.11 -45.05 -63.87
N ALA UA 77 -20.58 -45.48 -62.69
CA ALA UA 77 -21.94 -45.98 -62.56
C ALA UA 77 -22.54 -45.45 -61.28
N GLU UA 78 -23.87 -45.52 -61.19
CA GLU UA 78 -24.57 -45.06 -60.00
C GLU UA 78 -24.39 -46.04 -58.85
N VAL UA 79 -23.72 -45.60 -57.79
CA VAL UA 79 -23.55 -46.47 -56.63
C VAL UA 79 -24.72 -46.36 -55.66
N ASN UA 80 -25.20 -45.16 -55.36
CA ASN UA 80 -26.32 -44.95 -54.45
C ASN UA 80 -27.65 -44.91 -55.19
N ALA UA 81 -27.91 -45.94 -55.98
CA ALA UA 81 -29.10 -45.99 -56.81
C ALA UA 81 -30.34 -46.24 -55.95
N ALA UA 82 -31.32 -45.35 -56.11
CA ALA UA 82 -32.64 -45.53 -55.55
C ALA UA 82 -33.54 -46.09 -56.65
N ASP UA 83 -34.23 -47.18 -56.35
CA ASP UA 83 -34.92 -47.94 -57.38
C ASP UA 83 -36.43 -47.81 -57.22
N ASP UA 84 -37.13 -48.61 -58.03
CA ASP UA 84 -38.59 -48.55 -58.16
C ASP UA 84 -39.34 -48.73 -56.84
N VAL UA 85 -38.71 -49.29 -55.81
CA VAL UA 85 -39.35 -49.38 -54.51
C VAL UA 85 -38.36 -48.91 -53.45
N GLY UA 86 -37.18 -48.45 -53.90
CA GLY UA 86 -36.22 -47.86 -52.98
C GLY UA 86 -35.17 -48.84 -52.51
N VAL UA 87 -34.92 -49.87 -53.30
CA VAL UA 87 -34.01 -50.95 -52.94
C VAL UA 87 -32.69 -50.63 -53.63
N THR UA 88 -31.69 -50.26 -52.83
CA THR UA 88 -30.36 -49.99 -53.36
C THR UA 88 -29.63 -51.32 -53.59
N PRO UA 89 -28.71 -51.37 -54.56
CA PRO UA 89 -27.90 -52.58 -54.74
C PRO UA 89 -27.31 -53.15 -53.45
N LEU UA 90 -27.07 -52.33 -52.43
CA LEU UA 90 -26.57 -52.84 -51.17
C LEU UA 90 -27.63 -53.69 -50.47
N HIS UA 91 -28.89 -53.27 -50.53
CA HIS UA 91 -29.96 -54.05 -49.91
C HIS UA 91 -30.05 -55.44 -50.52
N LEU UA 92 -30.09 -55.52 -51.85
CA LEU UA 92 -30.16 -56.81 -52.54
C LEU UA 92 -28.87 -57.61 -52.41
N ALA UA 93 -27.73 -56.94 -52.23
CA ALA UA 93 -26.48 -57.62 -51.98
C ALA UA 93 -26.39 -58.17 -50.58
N ALA UA 94 -27.17 -57.62 -49.65
CA ALA UA 94 -27.25 -58.13 -48.29
C ALA UA 94 -28.29 -59.23 -48.12
N GLN UA 95 -29.45 -59.11 -48.80
CA GLN UA 95 -30.46 -60.16 -48.75
C GLN UA 95 -29.86 -61.51 -49.12
N ARG UA 96 -29.32 -61.62 -50.33
CA ARG UA 96 -28.52 -62.77 -50.69
C ARG UA 96 -27.14 -62.64 -50.04
N GLY UA 97 -26.50 -63.78 -49.82
CA GLY UA 97 -25.20 -63.73 -49.17
C GLY UA 97 -24.08 -63.53 -50.16
N HIS UA 98 -23.66 -62.29 -50.32
CA HIS UA 98 -22.63 -61.93 -51.30
C HIS UA 98 -21.72 -60.89 -50.66
N LEU UA 99 -20.63 -61.36 -50.05
CA LEU UA 99 -19.70 -60.48 -49.36
C LEU UA 99 -18.88 -59.63 -50.32
N ALA UA 100 -18.45 -60.20 -51.44
CA ALA UA 100 -17.62 -59.46 -52.39
C ALA UA 100 -18.35 -58.24 -52.93
N ILE UA 101 -19.65 -58.40 -53.20
CA ILE UA 101 -20.42 -57.31 -53.79
C ILE UA 101 -20.57 -56.17 -52.78
N VAL UA 102 -20.86 -56.49 -51.52
CA VAL UA 102 -21.02 -55.43 -50.53
C VAL UA 102 -19.67 -54.77 -50.24
N SER UA 103 -18.58 -55.52 -50.34
CA SER UA 103 -17.27 -54.91 -50.15
C SER UA 103 -16.96 -53.92 -51.26
N VAL UA 104 -17.14 -54.34 -52.51
CA VAL UA 104 -16.83 -53.45 -53.64
C VAL UA 104 -17.85 -52.33 -53.74
N LEU UA 105 -19.01 -52.48 -53.10
CA LEU UA 105 -19.96 -51.37 -53.08
C LEU UA 105 -19.64 -50.37 -51.98
N LEU UA 106 -19.25 -50.85 -50.79
CA LEU UA 106 -18.80 -49.95 -49.74
C LEU UA 106 -17.58 -49.15 -50.16
N ALA UA 107 -16.61 -49.83 -50.79
CA ALA UA 107 -15.40 -49.12 -51.22
C ALA UA 107 -15.73 -48.00 -52.20
N PHE UA 108 -16.75 -48.18 -53.02
CA PHE UA 108 -17.12 -47.18 -54.00
C PHE UA 108 -18.09 -46.14 -53.46
N GLY UA 109 -18.37 -46.12 -52.16
CA GLY UA 109 -19.15 -45.05 -51.59
C GLY UA 109 -20.64 -45.30 -51.48
N ALA UA 110 -21.01 -46.45 -50.95
CA ALA UA 110 -22.41 -46.72 -50.68
C ALA UA 110 -22.77 -46.25 -49.27
N SER UA 111 -24.07 -46.08 -49.04
CA SER UA 111 -24.55 -45.67 -47.72
C SER UA 111 -25.06 -46.89 -46.97
N VAL UA 112 -24.50 -47.14 -45.79
CA VAL UA 112 -24.95 -48.27 -44.98
C VAL UA 112 -26.33 -48.03 -44.39
N ASN UA 113 -26.71 -46.78 -44.14
CA ASN UA 113 -28.04 -46.45 -43.64
C ASN UA 113 -28.85 -45.89 -44.81
N ALA UA 114 -29.64 -46.75 -45.44
CA ALA UA 114 -30.39 -46.37 -46.63
C ALA UA 114 -31.86 -46.67 -46.40
N ALA UA 115 -32.63 -45.61 -46.15
CA ALA UA 115 -34.01 -45.74 -45.68
C ALA UA 115 -34.87 -46.28 -46.81
N ASP UA 116 -35.08 -47.59 -46.81
CA ASP UA 116 -35.96 -48.24 -47.75
C ASP UA 116 -37.38 -47.70 -47.63
N LEU UA 117 -38.18 -47.91 -48.67
CA LEU UA 117 -39.56 -47.46 -48.65
C LEU UA 117 -40.36 -48.15 -47.56
N TRP UA 118 -39.91 -49.31 -47.09
CA TRP UA 118 -40.55 -50.01 -45.99
C TRP UA 118 -39.91 -49.72 -44.64
N GLY UA 119 -38.78 -49.02 -44.62
CA GLY UA 119 -38.09 -48.73 -43.38
C GLY UA 119 -36.92 -49.64 -43.09
N GLN UA 120 -36.53 -50.49 -44.04
CA GLN UA 120 -35.43 -51.40 -43.81
C GLN UA 120 -34.10 -50.77 -44.20
N THR UA 121 -33.03 -51.45 -43.81
CA THR UA 121 -31.65 -51.04 -43.94
C THR UA 121 -30.89 -52.34 -44.23
N PRO UA 122 -29.76 -52.32 -44.95
CA PRO UA 122 -29.04 -53.58 -45.20
C PRO UA 122 -28.75 -54.38 -43.95
N LEU UA 123 -28.58 -53.73 -42.80
CA LEU UA 123 -28.37 -54.46 -41.56
C LEU UA 123 -29.61 -55.26 -41.17
N HIS UA 124 -30.80 -54.70 -41.40
CA HIS UA 124 -32.03 -55.43 -41.10
C HIS UA 124 -32.10 -56.72 -41.90
N LEU UA 125 -32.02 -56.62 -43.23
CA LEU UA 125 -32.10 -57.79 -44.08
C LEU UA 125 -30.95 -58.76 -43.86
N ALA UA 126 -29.75 -58.27 -43.58
CA ALA UA 126 -28.61 -59.15 -43.32
C ALA UA 126 -28.75 -59.89 -42.01
N ALA UA 127 -29.24 -59.24 -40.96
CA ALA UA 127 -29.48 -59.92 -39.70
C ALA UA 127 -30.62 -60.92 -39.83
N THR UA 128 -31.64 -60.60 -40.63
CA THR UA 128 -32.72 -61.55 -40.83
C THR UA 128 -32.26 -62.77 -41.63
N ALA UA 129 -31.42 -62.56 -42.64
CA ALA UA 129 -31.00 -63.68 -43.49
C ALA UA 129 -30.17 -64.69 -42.69
N GLY UA 130 -29.03 -64.26 -42.15
CA GLY UA 130 -28.22 -65.15 -41.35
C GLY UA 130 -26.74 -65.15 -41.70
N HIS UA 131 -26.33 -64.19 -42.53
CA HIS UA 131 -24.93 -64.13 -42.97
C HIS UA 131 -24.12 -63.27 -42.00
N LEU UA 132 -23.16 -63.89 -41.32
CA LEU UA 132 -22.44 -63.20 -40.25
C LEU UA 132 -21.41 -62.23 -40.80
N GLU UA 133 -20.68 -62.63 -41.84
CA GLU UA 133 -19.62 -61.80 -42.39
C GLU UA 133 -20.15 -60.46 -42.89
N ILE UA 134 -21.31 -60.46 -43.53
CA ILE UA 134 -21.90 -59.21 -43.97
C ILE UA 134 -22.28 -58.34 -42.77
N VAL UA 135 -22.82 -58.95 -41.72
CA VAL UA 135 -23.14 -58.20 -40.52
C VAL UA 135 -21.90 -57.54 -39.94
N GLU UA 136 -20.79 -58.27 -39.88
CA GLU UA 136 -19.56 -57.70 -39.34
C GLU UA 136 -19.07 -56.55 -40.20
N VAL UA 137 -18.98 -56.74 -41.51
CA VAL UA 137 -18.42 -55.70 -42.36
C VAL UA 137 -19.34 -54.48 -42.42
N LEU UA 138 -20.63 -54.68 -42.13
CA LEU UA 138 -21.53 -53.53 -42.06
C LEU UA 138 -21.41 -52.80 -40.74
N LEU UA 139 -21.26 -53.55 -39.64
CA LEU UA 139 -21.11 -52.93 -38.34
C LEU UA 139 -19.81 -52.14 -38.24
N ARG UA 140 -18.75 -52.64 -38.89
CA ARG UA 140 -17.49 -51.91 -38.89
C ARG UA 140 -17.53 -50.68 -39.78
N SER UA 141 -18.48 -50.60 -40.71
CA SER UA 141 -18.56 -49.49 -41.64
C SER UA 141 -19.47 -48.37 -41.16
N GLY UA 142 -20.17 -48.55 -40.05
CA GLY UA 142 -21.03 -47.52 -39.51
C GLY UA 142 -22.51 -47.79 -39.54
N ALA UA 143 -22.93 -49.05 -39.60
CA ALA UA 143 -24.36 -49.34 -39.56
C ALA UA 143 -24.89 -49.10 -38.13
N SER UA 144 -26.10 -48.57 -38.06
CA SER UA 144 -26.72 -48.22 -36.80
C SER UA 144 -27.53 -49.39 -36.25
N VAL UA 145 -27.07 -49.92 -35.11
CA VAL UA 145 -27.69 -51.09 -34.50
C VAL UA 145 -29.08 -50.83 -33.97
N ASN UA 146 -29.50 -49.57 -33.84
CA ASN UA 146 -30.78 -49.23 -33.25
C ASN UA 146 -31.64 -48.43 -34.21
N ALA UA 147 -31.68 -48.85 -35.47
CA ALA UA 147 -32.60 -48.28 -36.44
C ALA UA 147 -33.90 -49.06 -36.44
N ARG UA 148 -35.00 -48.39 -36.72
CA ARG UA 148 -36.33 -48.96 -36.57
C ARG UA 148 -36.98 -49.19 -37.93
N ASP UA 149 -37.86 -50.18 -37.98
CA ASP UA 149 -38.79 -50.40 -39.08
C ASP UA 149 -40.02 -49.51 -38.90
N ASN UA 150 -41.07 -49.82 -39.68
CA ASN UA 150 -42.37 -49.23 -39.38
C ASN UA 150 -43.03 -49.95 -38.22
N ILE UA 151 -42.94 -51.28 -38.18
CA ILE UA 151 -43.36 -52.01 -36.98
C ILE UA 151 -42.55 -51.58 -35.77
N GLY UA 152 -41.32 -51.10 -35.96
CA GLY UA 152 -40.45 -50.71 -34.87
C GLY UA 152 -39.34 -51.69 -34.57
N HIS UA 153 -39.18 -52.73 -35.38
CA HIS UA 153 -38.18 -53.74 -35.11
C HIS UA 153 -36.77 -53.17 -35.26
N THR UA 154 -35.88 -53.60 -34.37
CA THR UA 154 -34.46 -53.32 -34.49
C THR UA 154 -33.73 -54.57 -34.95
N PRO UA 155 -32.52 -54.45 -35.49
CA PRO UA 155 -31.83 -55.64 -35.99
C PRO UA 155 -31.74 -56.78 -35.00
N LEU UA 156 -31.80 -56.49 -33.69
CA LEU UA 156 -31.75 -57.55 -32.70
C LEU UA 156 -33.10 -58.27 -32.61
N HIS UA 157 -34.21 -57.55 -32.79
CA HIS UA 157 -35.51 -58.20 -32.91
C HIS UA 157 -35.47 -59.29 -33.97
N LEU UA 158 -34.95 -58.97 -35.15
CA LEU UA 158 -34.90 -59.93 -36.24
C LEU UA 158 -33.89 -61.02 -35.98
N ALA UA 159 -32.74 -60.67 -35.39
CA ALA UA 159 -31.76 -61.69 -35.05
C ALA UA 159 -32.32 -62.70 -34.06
N ALA UA 160 -33.18 -62.26 -33.14
CA ALA UA 160 -33.80 -63.16 -32.17
C ALA UA 160 -34.95 -63.96 -32.78
N TRP UA 161 -35.75 -63.34 -33.64
CA TRP UA 161 -36.81 -64.08 -34.32
C TRP UA 161 -36.23 -65.19 -35.19
N ALA UA 162 -35.25 -64.86 -36.04
CA ALA UA 162 -34.73 -65.83 -36.99
C ALA UA 162 -34.01 -66.97 -36.29
N GLY UA 163 -33.39 -66.70 -35.14
CA GLY UA 163 -32.67 -67.71 -34.42
C GLY UA 163 -31.18 -67.78 -34.67
N HIS UA 164 -30.52 -66.65 -34.88
CA HIS UA 164 -29.10 -66.62 -35.22
C HIS UA 164 -28.29 -66.22 -34.00
N LEU UA 165 -27.62 -67.19 -33.38
CA LEU UA 165 -26.95 -66.94 -32.11
C LEU UA 165 -25.73 -66.04 -32.28
N GLU UA 166 -24.86 -66.36 -33.23
CA GLU UA 166 -23.63 -65.60 -33.42
C GLU UA 166 -23.92 -64.16 -33.82
N ILE UA 167 -24.96 -63.96 -34.64
CA ILE UA 167 -25.35 -62.60 -35.00
C ILE UA 167 -25.89 -61.87 -33.78
N VAL UA 168 -26.62 -62.57 -32.91
CA VAL UA 168 -27.07 -61.94 -31.67
C VAL UA 168 -25.88 -61.50 -30.84
N GLU UA 169 -24.85 -62.33 -30.76
CA GLU UA 169 -23.65 -61.95 -30.02
C GLU UA 169 -22.98 -60.72 -30.59
N VAL UA 170 -22.74 -60.70 -31.90
CA VAL UA 170 -22.03 -59.56 -32.48
C VAL UA 170 -22.88 -58.30 -32.38
N LEU UA 171 -24.21 -58.43 -32.42
CA LEU UA 171 -25.06 -57.26 -32.25
C LEU UA 171 -25.07 -56.77 -30.82
N LEU UA 172 -24.95 -57.67 -29.85
CA LEU UA 172 -24.88 -57.24 -28.45
C LEU UA 172 -23.55 -56.60 -28.12
N ALA UA 173 -22.47 -57.02 -28.76
CA ALA UA 173 -21.17 -56.39 -28.58
C ALA UA 173 -21.12 -54.96 -29.10
N TYR UA 174 -21.95 -54.61 -30.08
CA TYR UA 174 -21.88 -53.30 -30.73
C TYR UA 174 -22.89 -52.31 -30.19
N GLY UA 175 -23.63 -52.67 -29.14
CA GLY UA 175 -24.48 -51.71 -28.46
C GLY UA 175 -25.97 -51.87 -28.67
N ALA UA 176 -26.42 -53.00 -29.19
CA ALA UA 176 -27.85 -53.27 -29.23
C ALA UA 176 -28.37 -53.49 -27.81
N ASP UA 177 -29.49 -52.85 -27.51
CA ASP UA 177 -30.09 -52.91 -26.17
C ASP UA 177 -31.08 -54.06 -26.10
N VAL UA 178 -31.16 -54.71 -24.94
CA VAL UA 178 -31.95 -55.93 -24.85
C VAL UA 178 -33.42 -55.63 -24.60
N PHE UA 179 -33.74 -54.62 -23.79
CA PHE UA 179 -35.15 -54.28 -23.58
C PHE UA 179 -35.56 -53.08 -24.44
N ALA UA 180 -35.61 -53.26 -25.74
CA ALA UA 180 -36.22 -52.31 -26.65
C ALA UA 180 -37.50 -52.91 -27.18
N GLN UA 181 -38.49 -52.07 -27.43
CA GLN UA 181 -39.80 -52.57 -27.84
C GLN UA 181 -40.12 -52.14 -29.27
N ASP UA 182 -41.08 -52.84 -29.87
CA ASP UA 182 -41.68 -52.46 -31.14
C ASP UA 182 -43.02 -51.79 -30.85
N LYS UA 183 -43.73 -51.41 -31.91
CA LYS UA 183 -45.03 -50.77 -31.73
C LYS UA 183 -45.99 -51.66 -30.94
N PHE UA 184 -45.92 -52.97 -31.13
CA PHE UA 184 -46.84 -53.87 -30.46
C PHE UA 184 -46.38 -54.26 -29.06
N GLY UA 185 -45.24 -53.76 -28.61
CA GLY UA 185 -44.85 -53.88 -27.21
C GLY UA 185 -43.89 -55.00 -26.87
N LYS UA 186 -43.33 -55.69 -27.86
CA LYS UA 186 -42.50 -56.85 -27.57
C LYS UA 186 -41.02 -56.50 -27.62
N THR UA 187 -40.26 -57.17 -26.77
CA THR UA 187 -38.81 -57.11 -26.69
C THR UA 187 -38.21 -58.35 -27.35
N PRO UA 188 -36.95 -58.29 -27.78
CA PRO UA 188 -36.34 -59.46 -28.43
C PRO UA 188 -36.51 -60.76 -27.67
N PHE UA 189 -36.56 -60.70 -26.34
CA PHE UA 189 -36.79 -61.91 -25.56
C PHE UA 189 -38.16 -62.51 -25.83
N ASP UA 190 -39.16 -61.66 -26.11
CA ASP UA 190 -40.48 -62.18 -26.42
C ASP UA 190 -40.52 -62.85 -27.78
N LEU UA 191 -39.96 -62.19 -28.80
CA LEU UA 191 -39.87 -62.84 -30.11
C LEU UA 191 -39.02 -64.11 -30.04
N ALA UA 192 -38.14 -64.20 -29.04
CA ALA UA 192 -37.34 -65.41 -28.91
C ALA UA 192 -38.12 -66.52 -28.22
N ILE UA 193 -38.98 -66.19 -27.26
CA ILE UA 193 -39.66 -67.23 -26.51
C ILE UA 193 -40.94 -67.68 -27.20
N ASP UA 194 -41.50 -66.85 -28.08
CA ASP UA 194 -42.70 -67.27 -28.81
C ASP UA 194 -42.39 -67.99 -30.12
N ASN UA 195 -41.13 -68.33 -30.38
CA ASN UA 195 -40.74 -68.98 -31.61
C ASN UA 195 -39.88 -70.21 -31.38
N GLY UA 196 -39.75 -70.67 -30.13
CA GLY UA 196 -38.96 -71.83 -29.84
C GLY UA 196 -37.46 -71.64 -29.93
N ASN UA 197 -36.99 -70.46 -30.35
CA ASN UA 197 -35.56 -70.16 -30.30
C ASN UA 197 -35.12 -70.12 -28.85
N GLU UA 198 -34.37 -71.14 -28.41
CA GLU UA 198 -34.15 -71.39 -27.00
C GLU UA 198 -32.98 -70.64 -26.41
N ASP UA 199 -31.83 -70.58 -27.09
CA ASP UA 199 -30.64 -70.08 -26.44
C ASP UA 199 -30.54 -68.56 -26.55
N ILE UA 200 -31.11 -67.99 -27.61
CA ILE UA 200 -31.28 -66.54 -27.65
C ILE UA 200 -31.98 -66.08 -26.39
N ALA UA 201 -33.05 -66.77 -26.02
CA ALA UA 201 -33.78 -66.45 -24.80
C ALA UA 201 -32.90 -66.55 -23.57
N GLU UA 202 -32.03 -67.57 -23.50
CA GLU UA 202 -31.21 -67.72 -22.30
C GLU UA 202 -30.17 -66.61 -22.19
N VAL UA 203 -29.46 -66.32 -23.27
CA VAL UA 203 -28.43 -65.29 -23.21
C VAL UA 203 -29.02 -63.89 -23.13
N LEU UA 204 -30.30 -63.72 -23.44
CA LEU UA 204 -30.91 -62.41 -23.19
C LEU UA 204 -31.49 -62.32 -21.78
N GLN UA 205 -31.97 -63.44 -21.24
CA GLN UA 205 -32.43 -63.48 -19.86
C GLN UA 205 -31.30 -63.21 -18.89
N ARG UA 206 -30.11 -63.73 -19.18
CA ARG UA 206 -28.98 -63.47 -18.30
C ARG UA 206 -28.70 -61.97 -18.20
N LEU UA 207 -28.82 -61.24 -19.32
CA LEU UA 207 -28.53 -59.81 -19.30
C LEU UA 207 -29.64 -59.03 -18.60
N LEU UA 208 -30.90 -59.36 -18.90
CA LEU UA 208 -32.00 -58.74 -18.17
C LEU UA 208 -31.83 -58.91 -16.67
N GLU UA 209 -31.43 -60.11 -16.24
CA GLU UA 209 -31.27 -60.37 -14.83
C GLU UA 209 -30.08 -59.63 -14.23
N CYS UA 210 -28.97 -59.53 -14.96
CA CYS UA 210 -27.85 -58.75 -14.46
C CYS UA 210 -28.24 -57.30 -14.22
N ARG UA 211 -28.96 -56.69 -15.16
CA ARG UA 211 -29.36 -55.31 -14.96
C ARG UA 211 -30.32 -55.16 -13.79
N ARG UA 212 -31.30 -56.05 -13.67
CA ARG UA 212 -32.24 -55.99 -12.56
C ARG UA 212 -31.53 -56.12 -11.21
N ASP UA 213 -30.59 -57.06 -11.10
CA ASP UA 213 -29.92 -57.30 -9.83
C ASP UA 213 -28.99 -56.15 -9.45
N ALA UA 214 -28.30 -55.56 -10.42
CA ALA UA 214 -27.48 -54.41 -10.07
C ALA UA 214 -28.34 -53.24 -9.58
N GLU UA 215 -29.48 -53.00 -10.22
CA GLU UA 215 -30.38 -51.97 -9.75
C GLU UA 215 -30.81 -52.21 -8.30
N ALA UA 216 -31.24 -53.44 -8.01
CA ALA UA 216 -31.65 -53.79 -6.66
C ALA UA 216 -30.55 -53.62 -5.63
N ALA UA 217 -29.33 -54.05 -5.93
CA ALA UA 217 -28.24 -53.90 -4.98
C ALA UA 217 -27.87 -52.44 -4.72
N ILE UA 218 -27.96 -51.58 -5.73
CA ILE UA 218 -27.68 -50.17 -5.47
C ILE UA 218 -28.75 -49.56 -4.59
N ASN UA 219 -30.02 -49.95 -4.79
CA ASN UA 219 -31.06 -49.48 -3.88
C ASN UA 219 -30.80 -49.91 -2.44
N TYR UA 220 -30.39 -51.17 -2.25
CA TYR UA 220 -30.13 -51.65 -0.90
C TYR UA 220 -28.95 -50.92 -0.26
N GLN UA 221 -27.94 -50.57 -1.05
CA GLN UA 221 -26.83 -49.81 -0.49
C GLN UA 221 -27.24 -48.41 -0.08
N ILE UA 222 -28.12 -47.78 -0.86
CA ILE UA 222 -28.64 -46.47 -0.46
C ILE UA 222 -29.33 -46.56 0.91
N ASN UA 223 -30.19 -47.57 1.07
CA ASN UA 223 -30.88 -47.72 2.35
C ASN UA 223 -29.91 -47.99 3.49
N LEU UA 224 -28.86 -48.79 3.25
CA LEU UA 224 -27.92 -49.11 4.32
C LEU UA 224 -27.14 -47.87 4.77
N GLU UA 225 -26.74 -47.01 3.83
CA GLU UA 225 -26.03 -45.81 4.26
C GLU UA 225 -26.95 -44.83 4.98
N LEU UA 226 -28.21 -44.73 4.57
CA LEU UA 226 -29.14 -43.89 5.33
C LEU UA 226 -29.35 -44.40 6.74
N TYR UA 227 -29.42 -45.72 6.92
CA TYR UA 227 -29.52 -46.29 8.25
C TYR UA 227 -28.28 -46.01 9.09
N ALA UA 228 -27.09 -46.14 8.51
CA ALA UA 228 -25.88 -45.82 9.25
C ALA UA 228 -25.85 -44.36 9.69
N SER UA 229 -26.29 -43.45 8.82
CA SER UA 229 -26.36 -42.04 9.19
C SER UA 229 -27.28 -41.82 10.38
N TYR UA 230 -28.43 -42.49 10.40
CA TYR UA 230 -29.36 -42.39 11.52
C TYR UA 230 -28.75 -42.94 12.81
N VAL UA 231 -28.03 -44.05 12.72
CA VAL UA 231 -27.39 -44.63 13.92
C VAL UA 231 -26.37 -43.67 14.49
N TYR UA 232 -25.58 -43.02 13.64
CA TYR UA 232 -24.59 -42.07 14.14
C TYR UA 232 -25.24 -40.86 14.77
N LEU UA 233 -26.38 -40.41 14.23
CA LEU UA 233 -27.09 -39.29 14.86
C LEU UA 233 -27.54 -39.65 16.27
N SER UA 234 -28.09 -40.85 16.43
CA SER UA 234 -28.46 -41.32 17.77
C SER UA 234 -27.25 -41.34 18.70
N MET UA 235 -26.15 -41.98 18.27
CA MET UA 235 -24.93 -42.00 19.06
C MET UA 235 -24.49 -40.61 19.49
N SER UA 236 -24.49 -39.66 18.56
CA SER UA 236 -24.04 -38.32 18.86
C SER UA 236 -24.90 -37.63 19.90
N TYR UA 237 -26.21 -37.73 19.81
CA TYR UA 237 -27.04 -37.07 20.83
C TYR UA 237 -27.16 -37.87 22.10
N TYR UA 238 -26.56 -39.05 22.19
CA TYR UA 238 -26.42 -39.70 23.49
C TYR UA 238 -25.38 -39.01 24.36
N PHE UA 239 -24.24 -38.65 23.78
CA PHE UA 239 -23.16 -38.03 24.53
C PHE UA 239 -23.43 -36.57 24.86
N ASP UA 240 -24.62 -36.07 24.58
CA ASP UA 240 -24.98 -34.69 24.84
C ASP UA 240 -25.85 -34.56 26.08
N ARG UA 241 -26.34 -35.67 26.62
CA ARG UA 241 -27.10 -35.64 27.86
C ARG UA 241 -26.23 -35.05 28.96
N ASP UA 242 -26.83 -34.63 30.08
CA ASP UA 242 -26.03 -34.06 31.14
C ASP UA 242 -25.59 -35.08 32.18
N ASP UA 243 -26.05 -36.33 32.07
CA ASP UA 243 -25.40 -37.39 32.81
C ASP UA 243 -24.37 -38.11 31.95
N VAL UA 244 -24.17 -37.66 30.71
CA VAL UA 244 -23.07 -38.10 29.86
C VAL UA 244 -22.48 -36.83 29.26
N ALA UA 245 -21.51 -36.22 29.92
CA ALA UA 245 -21.08 -34.89 29.53
C ALA UA 245 -19.78 -34.92 28.73
N LEU UA 246 -19.85 -35.52 27.54
CA LEU UA 246 -18.68 -35.62 26.66
C LEU UA 246 -18.99 -34.94 25.33
N LYS UA 247 -18.33 -33.81 25.08
CA LYS UA 247 -18.67 -32.95 23.95
C LYS UA 247 -17.98 -33.33 22.66
N ASN UA 248 -16.76 -33.85 22.74
CA ASN UA 248 -16.04 -34.14 21.52
C ASN UA 248 -16.41 -35.50 20.95
N PHE UA 249 -16.83 -36.43 21.79
CA PHE UA 249 -17.53 -37.61 21.30
C PHE UA 249 -18.76 -37.23 20.48
N ALA UA 250 -19.51 -36.24 20.96
CA ALA UA 250 -20.69 -35.76 20.27
C ALA UA 250 -20.34 -35.14 18.92
N LYS UA 251 -19.34 -34.26 18.87
CA LYS UA 251 -18.93 -33.69 17.60
C LYS UA 251 -18.44 -34.75 16.63
N TYR UA 252 -17.64 -35.70 17.12
CA TYR UA 252 -17.18 -36.82 16.29
C TYR UA 252 -18.35 -37.51 15.62
N PHE UA 253 -19.32 -37.98 16.40
CA PHE UA 253 -20.37 -38.76 15.79
C PHE UA 253 -21.33 -37.92 14.94
N LEU UA 254 -21.46 -36.62 15.20
CA LEU UA 254 -22.23 -35.81 14.26
C LEU UA 254 -21.53 -35.67 12.91
N HIS UA 255 -20.22 -35.49 12.92
CA HIS UA 255 -19.48 -35.46 11.66
C HIS UA 255 -19.66 -36.74 10.87
N GLN UA 256 -19.57 -37.89 11.54
CA GLN UA 256 -19.78 -39.15 10.83
C GLN UA 256 -21.20 -39.25 10.30
N SER UA 257 -22.19 -38.78 11.06
CA SER UA 257 -23.57 -38.77 10.60
C SER UA 257 -23.74 -38.00 9.30
N HIS UA 258 -23.05 -36.88 9.12
CA HIS UA 258 -23.22 -36.14 7.88
C HIS UA 258 -22.46 -36.73 6.72
N GLU UA 259 -21.26 -37.27 6.99
CA GLU UA 259 -20.52 -37.94 5.92
C GLU UA 259 -21.29 -39.11 5.35
N GLU UA 260 -21.98 -39.87 6.20
CA GLU UA 260 -22.73 -41.01 5.69
C GLU UA 260 -23.94 -40.63 4.86
N ARG UA 261 -24.43 -39.40 4.94
CA ARG UA 261 -25.49 -38.99 4.04
C ARG UA 261 -24.94 -38.53 2.71
N GLU UA 262 -23.78 -37.87 2.73
CA GLU UA 262 -23.09 -37.62 1.46
C GLU UA 262 -22.84 -38.92 0.70
N HIS UA 263 -22.44 -39.98 1.42
CA HIS UA 263 -22.20 -41.27 0.77
C HIS UA 263 -23.43 -41.78 0.03
N ALA UA 264 -24.62 -41.63 0.62
CA ALA UA 264 -25.82 -42.17 -0.02
C ALA UA 264 -26.30 -41.30 -1.16
N GLU UA 265 -26.14 -39.98 -1.05
CA GLU UA 265 -26.48 -39.13 -2.19
C GLU UA 265 -25.59 -39.41 -3.39
N LYS UA 266 -24.33 -39.78 -3.17
CA LYS UA 266 -23.49 -40.18 -4.29
C LYS UA 266 -24.06 -41.37 -5.04
N LEU UA 267 -24.60 -42.35 -4.31
CA LEU UA 267 -25.15 -43.53 -4.97
C LEU UA 267 -26.46 -43.22 -5.67
N MET UA 268 -27.26 -42.29 -5.12
CA MET UA 268 -28.46 -41.85 -5.82
C MET UA 268 -28.12 -41.20 -7.15
N LYS UA 269 -27.15 -40.28 -7.13
CA LYS UA 269 -26.70 -39.67 -8.37
C LYS UA 269 -26.20 -40.73 -9.36
N LEU UA 270 -25.41 -41.68 -8.88
CA LEU UA 270 -24.96 -42.77 -9.75
C LEU UA 270 -26.12 -43.48 -10.41
N GLN UA 271 -27.14 -43.87 -9.64
CA GLN UA 271 -28.22 -44.63 -10.22
C GLN UA 271 -29.05 -43.79 -11.19
N ASN UA 272 -29.05 -42.47 -11.03
CA ASN UA 272 -29.69 -41.65 -12.04
C ASN UA 272 -28.85 -41.56 -13.31
N GLN UA 273 -27.53 -41.61 -13.18
CA GLN UA 273 -26.66 -41.59 -14.36
C GLN UA 273 -26.77 -42.86 -15.18
N ARG UA 274 -27.12 -43.98 -14.55
CA ARG UA 274 -27.20 -45.25 -15.25
C ARG UA 274 -28.54 -45.47 -15.93
N GLY UA 275 -29.54 -44.67 -15.64
CA GLY UA 275 -30.87 -44.86 -16.18
C GLY UA 275 -31.76 -45.75 -15.37
N GLY UA 276 -31.41 -46.07 -14.13
CA GLY UA 276 -32.21 -46.92 -13.29
C GLY UA 276 -33.21 -46.12 -12.48
N GLU UA 277 -33.96 -46.84 -11.64
CA GLU UA 277 -35.03 -46.25 -10.86
C GLU UA 277 -34.70 -46.33 -9.38
N ILE UA 278 -34.59 -45.18 -8.74
CA ILE UA 278 -34.44 -45.13 -7.29
C ILE UA 278 -35.78 -45.49 -6.65
N SER UA 279 -35.74 -46.39 -5.67
CA SER UA 279 -36.93 -46.75 -4.91
C SER UA 279 -36.57 -46.72 -3.44
N LEU UA 280 -36.91 -45.61 -2.78
CA LEU UA 280 -36.56 -45.39 -1.39
C LEU UA 280 -37.49 -46.20 -0.50
N GLN UA 281 -37.01 -46.54 0.69
CA GLN UA 281 -37.74 -47.40 1.61
C GLN UA 281 -37.66 -46.88 3.03
N SER UA 282 -38.20 -47.66 3.96
CA SER UA 282 -38.31 -47.27 5.35
C SER UA 282 -36.95 -47.43 6.02
N ILE UA 283 -36.63 -46.51 6.94
CA ILE UA 283 -35.36 -46.58 7.65
C ILE UA 283 -35.61 -47.06 9.07
N SER UA 284 -35.02 -48.19 9.43
CA SER UA 284 -35.20 -48.73 10.77
C SER UA 284 -34.59 -47.80 11.80
N SER UA 285 -35.06 -47.93 13.03
CA SER UA 285 -34.47 -47.14 14.08
C SER UA 285 -33.29 -47.89 14.69
N PRO UA 286 -32.30 -47.18 15.21
CA PRO UA 286 -31.13 -47.86 15.80
C PRO UA 286 -31.56 -48.79 16.92
N ASP UA 287 -30.71 -49.78 17.17
CA ASP UA 287 -31.10 -50.85 18.10
C ASP UA 287 -31.11 -50.36 19.54
N SER UA 288 -30.29 -49.35 19.85
CA SER UA 288 -30.19 -48.85 21.21
C SER UA 288 -30.50 -47.37 21.23
N ASP UA 289 -30.99 -46.91 22.38
CA ASP UA 289 -31.00 -45.49 22.70
C ASP UA 289 -29.95 -45.15 23.74
N ASP UA 290 -29.46 -46.15 24.47
CA ASP UA 290 -28.48 -45.99 25.54
C ASP UA 290 -27.23 -46.77 25.13
N TRP UA 291 -26.23 -46.05 24.64
CA TRP UA 291 -24.94 -46.63 24.34
C TRP UA 291 -24.03 -46.48 25.54
N GLU UA 292 -23.83 -47.59 26.27
CA GLU UA 292 -23.47 -47.51 27.69
C GLU UA 292 -22.29 -46.58 27.97
N SER UA 293 -21.31 -46.52 27.07
CA SER UA 293 -20.12 -45.72 27.33
C SER UA 293 -19.49 -45.33 26.00
N GLY UA 294 -18.37 -44.61 26.09
CA GLY UA 294 -17.64 -44.25 24.89
C GLY UA 294 -16.95 -45.43 24.22
N LEU UA 295 -16.42 -46.36 25.02
CA LEU UA 295 -15.84 -47.58 24.48
C LEU UA 295 -16.87 -48.41 23.71
N ASN UA 296 -18.02 -48.67 24.33
CA ASN UA 296 -19.07 -49.47 23.69
C ASN UA 296 -19.61 -48.82 22.43
N ALA UA 297 -19.78 -47.50 22.42
CA ALA UA 297 -20.17 -46.80 21.22
C ALA UA 297 -19.12 -46.89 20.12
N MET UA 298 -17.83 -46.76 20.44
CA MET UA 298 -16.81 -46.94 19.42
C MET UA 298 -16.81 -48.35 18.86
N GLU UA 299 -17.04 -49.37 19.70
CA GLU UA 299 -17.07 -50.74 19.19
C GLU UA 299 -18.28 -50.98 18.31
N SER UA 300 -19.42 -50.40 18.66
CA SER UA 300 -20.60 -50.52 17.81
C SER UA 300 -20.40 -49.83 16.46
N ALA UA 301 -19.76 -48.66 16.46
CA ALA UA 301 -19.43 -48.02 15.19
C ALA UA 301 -18.50 -48.88 14.36
N LEU UA 302 -17.57 -49.58 15.01
CA LEU UA 302 -16.65 -50.45 14.27
C LEU UA 302 -17.40 -51.60 13.60
N HIS UA 303 -18.30 -52.26 14.33
CA HIS UA 303 -19.07 -53.33 13.70
C HIS UA 303 -19.96 -52.82 12.58
N LEU UA 304 -20.53 -51.62 12.73
CA LEU UA 304 -21.36 -51.07 11.67
C LEU UA 304 -20.55 -50.79 10.42
N GLU UA 305 -19.36 -50.21 10.56
CA GLU UA 305 -18.51 -49.96 9.40
C GLU UA 305 -18.10 -51.27 8.72
N LYS UA 306 -17.86 -52.32 9.50
CA LYS UA 306 -17.52 -53.60 8.88
C LYS UA 306 -18.68 -54.19 8.10
N ALA UA 307 -19.91 -54.06 8.61
CA ALA UA 307 -21.07 -54.55 7.87
C ALA UA 307 -21.25 -53.79 6.55
N VAL UA 308 -21.10 -52.47 6.59
CA VAL UA 308 -21.19 -51.68 5.37
C VAL UA 308 -20.14 -52.12 4.36
N ASN UA 309 -18.91 -52.36 4.81
CA ASN UA 309 -17.86 -52.80 3.90
C ASN UA 309 -18.16 -54.16 3.29
N ALA UA 310 -18.73 -55.08 4.07
CA ALA UA 310 -19.12 -56.37 3.51
C ALA UA 310 -20.15 -56.20 2.40
N SER UA 311 -21.14 -55.33 2.59
CA SER UA 311 -22.11 -55.11 1.52
C SER UA 311 -21.45 -54.55 0.27
N LEU UA 312 -20.51 -53.61 0.44
CA LEU UA 312 -19.80 -53.10 -0.72
C LEU UA 312 -19.05 -54.19 -1.46
N LEU UA 313 -18.41 -55.10 -0.74
CA LEU UA 313 -17.70 -56.19 -1.41
C LEU UA 313 -18.64 -57.11 -2.17
N ARG UA 314 -19.83 -57.39 -1.61
CA ARG UA 314 -20.79 -58.22 -2.32
C ARG UA 314 -21.25 -57.54 -3.61
N LEU UA 315 -21.52 -56.24 -3.55
CA LEU UA 315 -21.95 -55.53 -4.74
C LEU UA 315 -20.83 -55.47 -5.77
N HIS UA 316 -19.58 -55.38 -5.34
CA HIS UA 316 -18.47 -55.37 -6.30
C HIS UA 316 -18.34 -56.71 -6.99
N LYS UA 317 -18.48 -57.81 -6.25
CA LYS UA 317 -18.43 -59.10 -6.90
C LYS UA 317 -19.58 -59.28 -7.89
N LEU UA 318 -20.76 -58.78 -7.55
CA LEU UA 318 -21.88 -58.82 -8.47
C LEU UA 318 -21.58 -58.04 -9.75
N ALA UA 319 -21.06 -56.81 -9.62
CA ALA UA 319 -20.74 -56.02 -10.80
C ALA UA 319 -19.61 -56.64 -11.60
N THR UA 320 -18.78 -57.46 -10.98
CA THR UA 320 -17.72 -58.14 -11.72
C THR UA 320 -18.27 -59.33 -12.51
N ASP UA 321 -19.24 -60.04 -11.94
CA ASP UA 321 -19.82 -61.17 -12.67
C ASP UA 321 -20.51 -60.72 -13.94
N CYS UA 322 -21.22 -59.59 -13.89
CA CYS UA 322 -22.01 -59.15 -15.02
C CYS UA 322 -21.28 -58.19 -15.95
N ASN UA 323 -19.94 -58.18 -15.93
CA ASN UA 323 -19.14 -57.45 -16.89
C ASN UA 323 -19.53 -55.97 -16.95
N ASP UA 324 -19.29 -55.25 -15.86
CA ASP UA 324 -19.71 -53.87 -15.73
C ASP UA 324 -18.53 -53.02 -15.26
N PRO UA 325 -17.55 -52.73 -16.12
CA PRO UA 325 -16.33 -52.04 -15.66
C PRO UA 325 -16.55 -50.73 -14.94
N HIS UA 326 -17.52 -49.91 -15.36
CA HIS UA 326 -17.70 -48.60 -14.76
C HIS UA 326 -18.21 -48.70 -13.32
N LEU UA 327 -19.10 -49.66 -13.05
CA LEU UA 327 -19.59 -49.84 -11.69
C LEU UA 327 -18.47 -50.29 -10.76
N CYS UA 328 -17.64 -51.23 -11.20
CA CYS UA 328 -16.51 -51.67 -10.40
C CYS UA 328 -15.54 -50.54 -10.13
N ASP UA 329 -15.21 -49.77 -11.17
CA ASP UA 329 -14.31 -48.62 -10.98
C ASP UA 329 -14.89 -47.62 -10.01
N PHE UA 330 -16.19 -47.34 -10.11
CA PHE UA 330 -16.84 -46.42 -9.19
C PHE UA 330 -16.75 -46.91 -7.75
N ILE UA 331 -17.05 -48.18 -7.53
CA ILE UA 331 -17.06 -48.73 -6.18
C ILE UA 331 -15.67 -48.68 -5.57
N GLU UA 332 -14.65 -49.12 -6.32
CA GLU UA 332 -13.34 -49.10 -5.69
C GLU UA 332 -12.68 -47.74 -5.67
N THR UA 333 -13.16 -46.77 -6.46
CA THR UA 333 -12.60 -45.44 -6.38
C THR UA 333 -13.17 -44.63 -5.24
N HIS UA 334 -14.47 -44.74 -4.98
CA HIS UA 334 -15.06 -43.85 -3.99
C HIS UA 334 -15.37 -44.52 -2.67
N TYR UA 335 -15.35 -45.84 -2.59
CA TYR UA 335 -15.92 -46.51 -1.44
C TYR UA 335 -15.00 -47.49 -0.75
N LEU UA 336 -14.06 -48.11 -1.47
CA LEU UA 336 -13.28 -49.16 -0.82
C LEU UA 336 -12.08 -48.64 -0.06
N ASN UA 337 -11.59 -47.43 -0.36
CA ASN UA 337 -10.46 -46.93 0.40
C ASN UA 337 -10.90 -46.12 1.61
N GLU UA 338 -12.13 -45.62 1.63
CA GLU UA 338 -12.63 -44.93 2.80
C GLU UA 338 -13.01 -45.90 3.91
N GLN UA 339 -13.55 -47.06 3.55
CA GLN UA 339 -13.88 -48.05 4.57
C GLN UA 339 -12.66 -48.59 5.26
N VAL UA 340 -11.56 -48.80 4.52
CA VAL UA 340 -10.34 -49.29 5.11
C VAL UA 340 -9.79 -48.30 6.13
N LYS UA 341 -9.80 -47.01 5.79
CA LYS UA 341 -9.32 -45.99 6.69
C LYS UA 341 -10.23 -45.82 7.90
N ALA UA 342 -11.55 -45.88 7.72
CA ALA UA 342 -12.47 -45.85 8.84
C ALA UA 342 -12.26 -47.00 9.79
N ILE UA 343 -12.09 -48.22 9.30
CA ILE UA 343 -11.89 -49.37 10.16
C ILE UA 343 -10.57 -49.26 10.90
N LYS UA 344 -9.50 -48.82 10.22
CA LYS UA 344 -8.22 -48.65 10.90
C LYS UA 344 -8.32 -47.63 12.02
N GLU UA 345 -8.96 -46.49 11.75
CA GLU UA 345 -9.06 -45.44 12.76
C GLU UA 345 -9.91 -45.86 13.94
N LEU UA 346 -11.03 -46.52 13.70
CA LEU UA 346 -11.89 -46.92 14.81
C LEU UA 346 -11.27 -48.03 15.65
N GLY UA 347 -10.51 -48.93 15.05
CA GLY UA 347 -9.76 -49.89 15.85
C GLY UA 347 -8.65 -49.25 16.66
N ASP UA 348 -8.01 -48.22 16.11
CA ASP UA 348 -7.06 -47.45 16.91
C ASP UA 348 -7.71 -46.84 18.13
N HIS UA 349 -8.86 -46.17 17.94
CA HIS UA 349 -9.59 -45.59 19.07
C HIS UA 349 -9.93 -46.64 20.11
N VAL UA 350 -10.38 -47.81 19.68
CA VAL UA 350 -10.77 -48.83 20.65
C VAL UA 350 -9.57 -49.34 21.44
N THR UA 351 -8.42 -49.58 20.80
CA THR UA 351 -7.30 -50.04 21.60
C THR UA 351 -6.73 -48.95 22.50
N ASN UA 352 -6.72 -47.69 22.06
CA ASN UA 352 -6.31 -46.63 22.96
C ASN UA 352 -7.19 -46.56 24.18
N LEU UA 353 -8.51 -46.54 23.99
CA LEU UA 353 -9.42 -46.49 25.12
C LEU UA 353 -9.26 -47.69 26.04
N ARG UA 354 -9.07 -48.87 25.48
CA ARG UA 354 -8.93 -50.05 26.33
C ARG UA 354 -7.63 -50.02 27.13
N LYS UA 355 -6.55 -49.53 26.55
CA LYS UA 355 -5.29 -49.46 27.28
C LYS UA 355 -5.32 -48.41 28.36
N MET UA 356 -5.86 -47.22 28.07
CA MET UA 356 -5.96 -46.18 29.10
C MET UA 356 -6.75 -46.62 30.32
N GLY UA 357 -7.60 -47.64 30.20
CA GLY UA 357 -8.31 -48.19 31.35
C GLY UA 357 -9.82 -48.06 31.32
N ALA UA 358 -10.41 -47.59 30.23
CA ALA UA 358 -11.86 -47.48 30.16
C ALA UA 358 -12.48 -48.86 30.07
N PRO UA 359 -13.78 -49.00 30.38
CA PRO UA 359 -14.78 -48.02 30.81
C PRO UA 359 -14.83 -47.87 32.31
N GLU UA 360 -14.17 -48.77 33.02
CA GLU UA 360 -14.15 -48.75 34.47
C GLU UA 360 -13.32 -47.61 35.04
N SER UA 361 -12.87 -46.68 34.20
CA SER UA 361 -12.09 -45.54 34.63
C SER UA 361 -12.65 -44.27 34.03
N GLY UA 362 -13.26 -43.44 34.87
CA GLY UA 362 -13.29 -42.03 34.59
C GLY UA 362 -11.90 -41.46 34.71
N LEU UA 363 -11.67 -40.36 33.97
CA LEU UA 363 -10.35 -39.79 33.70
C LEU UA 363 -9.65 -40.56 32.59
N ALA UA 364 -10.26 -41.62 32.08
CA ALA UA 364 -9.76 -42.22 30.85
C ALA UA 364 -10.54 -41.69 29.65
N GLU UA 365 -11.86 -41.71 29.75
CA GLU UA 365 -12.68 -41.14 28.69
C GLU UA 365 -12.66 -39.62 28.71
N TYR UA 366 -12.51 -39.01 29.90
CA TYR UA 366 -12.35 -37.56 29.95
C TYR UA 366 -11.10 -37.12 29.18
N LEU UA 367 -9.97 -37.78 29.43
CA LEU UA 367 -8.73 -37.36 28.79
C LEU UA 367 -8.64 -37.81 27.34
N PHE UA 368 -9.25 -38.93 26.99
CA PHE UA 368 -9.39 -39.28 25.58
C PHE UA 368 -10.19 -38.22 24.84
N ASP UA 369 -11.35 -37.85 25.38
CA ASP UA 369 -12.19 -36.81 24.80
C ASP UA 369 -11.44 -35.50 24.66
N LYS UA 370 -10.58 -35.18 25.62
CA LYS UA 370 -9.84 -33.92 25.55
C LYS UA 370 -8.71 -33.95 24.54
N HIS UA 371 -7.93 -35.02 24.51
CA HIS UA 371 -6.66 -35.05 23.80
C HIS UA 371 -6.74 -35.63 22.39
N THR UA 372 -7.59 -36.63 22.18
CA THR UA 372 -7.62 -37.30 20.88
C THR UA 372 -8.75 -36.78 20.01
N LEU UA 373 -9.91 -36.52 20.61
CA LEU UA 373 -11.07 -36.11 19.84
C LEU UA 373 -11.22 -34.60 19.75
N GLY UA 374 -10.37 -33.85 20.45
CA GLY UA 374 -10.45 -32.40 20.42
C GLY UA 374 -9.12 -31.71 20.49
N SER VA 2 -42.35 -84.20 -49.37
CA SER VA 2 -41.01 -83.83 -49.82
C SER VA 2 -41.05 -82.63 -50.76
N LYS VA 3 -41.95 -82.67 -51.75
CA LYS VA 3 -41.97 -81.63 -52.76
C LYS VA 3 -42.71 -80.39 -52.28
N GLY VA 4 -43.82 -80.55 -51.56
CA GLY VA 4 -44.64 -79.41 -51.20
C GLY VA 4 -43.92 -78.36 -50.38
N GLU VA 5 -42.89 -78.78 -49.64
CA GLU VA 5 -42.14 -77.84 -48.81
C GLU VA 5 -41.00 -77.16 -49.55
N GLU VA 6 -40.56 -77.73 -50.67
CA GLU VA 6 -39.40 -77.20 -51.38
C GLU VA 6 -39.71 -75.89 -52.09
N LEU VA 7 -40.95 -75.72 -52.56
CA LEU VA 7 -41.30 -74.63 -53.46
C LEU VA 7 -41.13 -73.24 -52.86
N PHE VA 8 -40.72 -73.13 -51.60
CA PHE VA 8 -40.52 -71.84 -50.93
C PHE VA 8 -39.09 -71.66 -50.44
N THR VA 9 -38.11 -72.17 -51.18
CA THR VA 9 -36.72 -72.12 -50.74
C THR VA 9 -36.19 -70.70 -50.67
N GLY VA 10 -36.74 -69.79 -51.46
CA GLY VA 10 -36.20 -68.44 -51.52
C GLY VA 10 -37.27 -67.37 -51.61
N VAL VA 11 -36.91 -66.22 -52.17
CA VAL VA 11 -37.86 -65.14 -52.37
C VAL VA 11 -38.89 -65.57 -53.40
N VAL VA 12 -40.08 -64.96 -53.33
CA VAL VA 12 -41.16 -65.23 -54.28
C VAL VA 12 -41.80 -63.90 -54.64
N PRO VA 13 -41.76 -63.49 -55.91
CA PRO VA 13 -42.54 -62.33 -56.32
C PRO VA 13 -44.03 -62.65 -56.37
N ILE VA 14 -44.85 -61.63 -56.11
CA ILE VA 14 -46.29 -61.82 -55.97
C ILE VA 14 -47.01 -60.85 -56.89
N LEU VA 15 -48.17 -61.27 -57.37
CA LEU VA 15 -49.06 -60.45 -58.18
C LEU VA 15 -50.49 -60.76 -57.76
N VAL VA 16 -51.14 -59.82 -57.08
CA VAL VA 16 -52.43 -60.09 -56.46
C VAL VA 16 -53.50 -59.25 -57.14
N GLU VA 17 -54.48 -59.91 -57.75
CA GLU VA 17 -55.58 -59.24 -58.41
C GLU VA 17 -56.87 -59.58 -57.67
N LEU VA 18 -57.67 -58.55 -57.39
CA LEU VA 18 -58.92 -58.70 -56.69
C LEU VA 18 -59.99 -57.87 -57.41
N ASP VA 19 -61.08 -58.53 -57.79
CA ASP VA 19 -62.19 -57.86 -58.47
C ASP VA 19 -63.44 -58.00 -57.63
N GLY VA 20 -63.96 -56.88 -57.16
CA GLY VA 20 -65.05 -56.89 -56.19
C GLY VA 20 -66.23 -56.04 -56.61
N ASP VA 21 -67.41 -56.47 -56.21
CA ASP VA 21 -68.66 -55.74 -56.38
C ASP VA 21 -69.31 -55.53 -55.02
N VAL VA 22 -69.42 -54.27 -54.60
CA VAL VA 22 -70.00 -53.91 -53.31
C VAL VA 22 -71.01 -52.79 -53.52
N ASN VA 23 -72.30 -53.14 -53.56
CA ASN VA 23 -73.40 -52.17 -53.60
C ASN VA 23 -73.22 -51.17 -54.74
N GLY VA 24 -73.12 -51.69 -55.96
CA GLY VA 24 -72.95 -50.88 -57.14
C GLY VA 24 -71.53 -50.39 -57.34
N HIS VA 25 -70.64 -50.65 -56.40
CA HIS VA 25 -69.25 -50.23 -56.50
C HIS VA 25 -68.41 -51.38 -57.06
N LYS VA 26 -67.99 -51.27 -58.31
CA LYS VA 26 -67.05 -52.21 -58.89
C LYS VA 26 -65.63 -51.71 -58.65
N PHE VA 27 -64.73 -52.64 -58.36
CA PHE VA 27 -63.34 -52.24 -58.14
C PHE VA 27 -62.41 -53.38 -58.52
N SER VA 28 -61.26 -52.99 -59.06
CA SER VA 28 -60.13 -53.88 -59.30
C SER VA 28 -58.96 -53.39 -58.47
N VAL VA 29 -58.23 -54.33 -57.88
CA VAL VA 29 -57.09 -54.03 -57.04
C VAL VA 29 -55.93 -54.89 -57.51
N ARG VA 30 -54.78 -54.25 -57.73
CA ARG VA 30 -53.54 -54.95 -58.03
C ARG VA 30 -52.51 -54.65 -56.94
N GLY VA 31 -51.87 -55.70 -56.46
CA GLY VA 31 -50.84 -55.59 -55.46
C GLY VA 31 -49.55 -56.26 -55.88
N GLU VA 32 -48.43 -55.57 -55.63
CA GLU VA 32 -47.11 -55.98 -56.08
C GLU VA 32 -46.16 -56.01 -54.89
N GLY VA 33 -45.38 -57.08 -54.80
CA GLY VA 33 -44.41 -57.20 -53.74
C GLY VA 33 -43.74 -58.56 -53.77
N GLU VA 34 -43.12 -58.92 -52.64
CA GLU VA 34 -42.41 -60.19 -52.54
C GLU VA 34 -42.55 -60.79 -51.15
N GLY VA 35 -42.32 -62.10 -51.08
CA GLY VA 35 -42.43 -62.80 -49.81
C GLY VA 35 -41.42 -63.93 -49.61
N ASP VA 36 -41.19 -64.28 -48.35
CA ASP VA 36 -40.33 -65.41 -47.99
C ASP VA 36 -41.03 -66.19 -46.89
N ALA VA 37 -41.10 -67.51 -47.07
CA ALA VA 37 -41.69 -68.39 -46.07
C ALA VA 37 -40.71 -68.75 -44.97
N THR VA 38 -39.40 -68.72 -45.24
CA THR VA 38 -38.42 -69.09 -44.23
C THR VA 38 -38.54 -68.23 -42.97
N ASN VA 39 -38.90 -66.97 -43.12
CA ASN VA 39 -39.08 -66.07 -41.98
C ASN VA 39 -40.52 -65.58 -41.86
N GLY VA 40 -41.44 -66.16 -42.62
CA GLY VA 40 -42.83 -65.73 -42.58
C GLY VA 40 -43.02 -64.26 -42.88
N LYS VA 41 -42.22 -63.71 -43.78
CA LYS VA 41 -42.20 -62.28 -44.03
C LYS VA 41 -42.83 -61.98 -45.39
N LEU VA 42 -43.70 -60.97 -45.45
CA LEU VA 42 -44.32 -60.54 -46.68
C LEU VA 42 -44.24 -59.03 -46.77
N THR VA 43 -44.01 -58.50 -47.96
CA THR VA 43 -43.82 -57.07 -48.14
C THR VA 43 -44.45 -56.65 -49.47
N LEU VA 44 -45.56 -55.92 -49.40
CA LEU VA 44 -46.40 -55.66 -50.57
C LEU VA 44 -46.80 -54.19 -50.64
N LYS VA 45 -47.32 -53.82 -51.80
CA LYS VA 45 -47.85 -52.48 -52.04
C LYS VA 45 -49.04 -52.62 -52.99
N PHE VA 46 -50.21 -52.18 -52.53
CA PHE VA 46 -51.47 -52.32 -53.25
C PHE VA 46 -51.88 -50.97 -53.81
N ILE VA 47 -52.46 -50.98 -55.01
CA ILE VA 47 -52.92 -49.76 -55.68
C ILE VA 47 -54.19 -50.07 -56.45
N CYS VA 48 -55.14 -49.14 -56.42
CA CYS VA 48 -56.41 -49.30 -57.13
C CYS VA 48 -56.44 -48.39 -58.36
N THR VA 49 -56.46 -49.00 -59.53
CA THR VA 49 -56.56 -48.25 -60.78
C THR VA 49 -58.00 -47.87 -61.11
N THR VA 50 -58.91 -47.92 -60.12
CA THR VA 50 -60.32 -47.63 -60.31
C THR VA 50 -60.72 -46.39 -59.51
N GLY VA 51 -59.84 -45.39 -59.44
CA GLY VA 51 -60.18 -44.14 -58.79
C GLY VA 51 -60.39 -44.28 -57.29
N LYS VA 52 -61.04 -43.27 -56.71
CA LYS VA 52 -61.29 -43.25 -55.27
C LYS VA 52 -62.24 -44.38 -54.91
N LEU VA 53 -61.99 -45.05 -53.80
CA LEU VA 53 -62.80 -46.18 -53.41
C LEU VA 53 -63.62 -45.83 -52.18
N PRO VA 54 -64.88 -46.29 -52.07
CA PRO VA 54 -65.71 -45.90 -50.93
C PRO VA 54 -65.36 -46.58 -49.61
N VAL VA 55 -64.84 -47.80 -49.63
CA VAL VA 55 -64.52 -48.54 -48.41
C VAL VA 55 -63.11 -48.17 -47.96
N PRO VA 56 -62.86 -48.02 -46.66
CA PRO VA 56 -61.53 -47.62 -46.22
C PRO VA 56 -60.50 -48.70 -46.55
N TRP VA 57 -59.25 -48.27 -46.67
CA TRP VA 57 -58.17 -49.23 -46.89
C TRP VA 57 -58.08 -50.30 -45.80
N PRO VA 58 -58.21 -50.00 -44.51
CA PRO VA 58 -58.13 -51.07 -43.49
C PRO VA 58 -59.06 -52.23 -43.76
N THR VA 59 -60.18 -52.02 -44.44
CA THR VA 59 -61.07 -53.13 -44.78
C THR VA 59 -60.41 -54.09 -45.75
N LEU VA 60 -59.79 -53.58 -46.80
CA LEU VA 60 -59.19 -54.39 -47.85
C LEU VA 60 -57.96 -55.16 -47.38
N VAL VA 61 -57.45 -54.85 -46.18
CA VAL VA 61 -56.21 -55.46 -45.73
C VAL VA 61 -56.41 -56.93 -45.42
N THR VA 62 -57.45 -57.25 -44.64
CA THR VA 62 -57.69 -58.64 -44.27
C THR VA 62 -57.97 -59.55 -45.46
N THR VA 63 -58.54 -58.96 -46.50
CA THR VA 63 -58.95 -59.75 -47.68
C THR VA 63 -58.00 -59.51 -48.82
N LEU VA 64 -56.72 -59.79 -48.64
CA LEU VA 64 -55.74 -59.69 -49.74
C LEU VA 64 -54.57 -60.62 -49.43
N VAL VA 66 -52.21 -64.93 -48.24
CA VAL VA 66 -51.22 -65.82 -48.80
C VAL VA 66 -50.53 -66.55 -47.66
N GLN VA 67 -51.32 -67.19 -46.82
CA GLN VA 67 -50.76 -67.85 -45.61
C GLN VA 67 -49.72 -68.87 -46.06
N CYS VA 68 -49.70 -69.17 -47.35
CA CYS VA 68 -48.65 -70.08 -47.86
C CYS VA 68 -47.28 -69.46 -47.55
N PHE VA 69 -47.24 -68.26 -46.94
CA PHE VA 69 -45.91 -67.70 -46.71
C PHE VA 69 -45.53 -67.66 -45.25
N SER VA 70 -46.35 -68.23 -44.37
CA SER VA 70 -46.14 -68.11 -42.94
C SER VA 70 -44.95 -68.94 -42.49
N ARG VA 71 -44.25 -68.45 -41.48
CA ARG VA 71 -43.06 -69.12 -40.98
C ARG VA 71 -43.44 -70.38 -40.23
N TYR VA 72 -42.95 -71.52 -40.69
CA TYR VA 72 -43.31 -72.80 -40.12
C TYR VA 72 -42.07 -73.49 -39.56
N PRO VA 73 -42.09 -73.88 -38.29
CA PRO VA 73 -40.88 -74.49 -37.69
C PRO VA 73 -40.69 -75.93 -38.09
N ASP VA 74 -39.55 -76.51 -37.73
CA ASP VA 74 -39.25 -77.88 -38.12
C ASP VA 74 -40.08 -78.87 -37.29
N HIS VA 75 -40.61 -78.42 -36.16
CA HIS VA 75 -41.47 -79.36 -35.45
C HIS VA 75 -42.87 -79.42 -36.03
N MET VA 76 -43.38 -78.37 -36.68
CA MET VA 76 -44.63 -78.46 -37.42
C MET VA 76 -44.41 -78.72 -38.91
N LYS VA 77 -43.36 -79.47 -39.27
CA LYS VA 77 -43.21 -79.90 -40.65
C LYS VA 77 -44.30 -80.87 -41.08
N ARG VA 78 -45.02 -81.45 -40.12
CA ARG VA 78 -46.06 -82.42 -40.42
C ARG VA 78 -47.46 -81.82 -40.35
N HIS VA 79 -47.58 -80.53 -40.02
CA HIS VA 79 -48.88 -79.88 -39.89
C HIS VA 79 -48.96 -78.63 -40.76
N ASP VA 80 -48.33 -78.66 -41.93
CA ASP VA 80 -48.34 -77.55 -42.88
C ASP VA 80 -49.20 -77.97 -44.07
N PHE VA 81 -50.52 -77.70 -43.96
CA PHE VA 81 -51.44 -78.07 -45.03
C PHE VA 81 -51.18 -77.28 -46.30
N PHE VA 82 -50.85 -76.00 -46.18
CA PHE VA 82 -50.67 -75.16 -47.36
C PHE VA 82 -49.43 -75.57 -48.14
N LYS VA 83 -48.48 -76.23 -47.49
CA LYS VA 83 -47.22 -76.54 -48.15
C LYS VA 83 -47.32 -77.75 -49.07
N SER VA 84 -47.78 -78.90 -48.55
CA SER VA 84 -47.76 -80.15 -49.31
C SER VA 84 -48.37 -80.02 -50.69
N ALA VA 85 -49.18 -78.98 -50.93
CA ALA VA 85 -49.88 -78.80 -52.20
C ALA VA 85 -49.17 -77.84 -53.14
N MET VA 86 -47.83 -77.85 -53.20
CA MET VA 86 -47.16 -76.97 -54.14
C MET VA 86 -46.31 -77.78 -55.11
N PRO VA 87 -46.40 -77.48 -56.42
CA PRO VA 87 -47.19 -76.42 -57.05
C PRO VA 87 -48.63 -76.80 -57.32
N GLU VA 88 -49.11 -77.84 -56.65
CA GLU VA 88 -50.51 -78.25 -56.74
C GLU VA 88 -51.45 -77.06 -56.56
N GLY VA 89 -51.15 -76.20 -55.59
CA GLY VA 89 -51.99 -75.05 -55.30
C GLY VA 89 -53.25 -75.45 -54.58
N TYR VA 90 -54.15 -74.48 -54.42
CA TYR VA 90 -55.41 -74.73 -53.75
C TYR VA 90 -56.34 -73.54 -53.96
N VAL VA 91 -57.57 -73.69 -53.44
CA VAL VA 91 -58.57 -72.64 -53.50
C VAL VA 91 -59.12 -72.45 -52.09
N GLN VA 92 -59.67 -71.27 -51.83
CA GLN VA 92 -60.30 -70.96 -50.56
C GLN VA 92 -61.52 -70.06 -50.76
N GLU VA 93 -62.60 -70.43 -50.07
CA GLU VA 93 -63.81 -69.63 -50.05
C GLU VA 93 -63.97 -69.01 -48.68
N ARG VA 94 -63.99 -67.67 -48.63
CA ARG VA 94 -63.99 -66.92 -47.39
C ARG VA 94 -65.27 -66.12 -47.27
N THR VA 95 -65.83 -66.08 -46.06
CA THR VA 95 -66.93 -65.20 -45.71
C THR VA 95 -66.47 -64.33 -44.56
N ILE VA 96 -66.58 -63.02 -44.72
CA ILE VA 96 -66.27 -62.08 -43.63
C ILE VA 96 -67.56 -61.39 -43.23
N SER VA 97 -67.81 -61.33 -41.94
CA SER VA 97 -69.07 -60.86 -41.38
C SER VA 97 -68.79 -59.69 -40.45
N PHE VA 98 -69.20 -58.50 -40.85
CA PHE VA 98 -69.12 -57.33 -39.99
C PHE VA 98 -70.25 -57.36 -38.98
N LYS VA 99 -69.96 -56.93 -37.76
CA LYS VA 99 -71.03 -56.66 -36.81
C LYS VA 99 -71.50 -55.23 -37.00
N ASP VA 100 -72.82 -55.03 -36.94
CA ASP VA 100 -73.47 -53.73 -37.14
C ASP VA 100 -73.35 -53.27 -38.59
N ASP VA 101 -73.17 -54.21 -39.51
CA ASP VA 101 -73.27 -53.99 -40.95
C ASP VA 101 -73.24 -55.34 -41.66
N GLY VA 102 -73.23 -55.31 -42.99
CA GLY VA 102 -73.41 -56.48 -43.84
C GLY VA 102 -72.22 -57.41 -43.94
N THR VA 103 -72.03 -58.05 -45.10
CA THR VA 103 -71.06 -59.13 -45.22
C THR VA 103 -70.36 -59.11 -46.57
N TYR VA 104 -69.31 -59.94 -46.67
CA TYR VA 104 -68.55 -60.17 -47.89
C TYR VA 104 -68.40 -61.67 -48.14
N LYS VA 105 -68.64 -62.08 -49.38
CA LYS VA 105 -68.40 -63.43 -49.88
C LYS VA 105 -67.28 -63.36 -50.90
N THR VA 106 -66.20 -64.09 -50.69
CA THR VA 106 -64.99 -63.88 -51.48
C THR VA 106 -64.32 -65.21 -51.81
N ARG VA 107 -64.23 -65.49 -53.11
CA ARG VA 107 -63.57 -66.68 -53.63
C ARG VA 107 -62.14 -66.33 -54.03
N ALA VA 108 -61.20 -67.24 -53.77
CA ALA VA 108 -59.81 -66.98 -54.12
C ALA VA 108 -59.15 -68.27 -54.58
N GLU VA 109 -58.35 -68.17 -55.64
CA GLU VA 109 -57.59 -69.32 -56.13
C GLU VA 109 -56.11 -68.97 -56.07
N VAL VA 110 -55.34 -69.77 -55.31
CA VAL VA 110 -53.93 -69.50 -55.06
C VAL VA 110 -53.09 -70.64 -55.64
N LYS VA 111 -52.01 -70.28 -56.32
CA LYS VA 111 -51.15 -71.24 -57.00
C LYS VA 111 -49.81 -70.57 -57.32
N PHE VA 112 -48.93 -71.36 -57.92
CA PHE VA 112 -47.75 -70.83 -58.60
C PHE VA 112 -48.00 -70.77 -60.10
N GLU VA 113 -47.56 -69.68 -60.72
CA GLU VA 113 -47.62 -69.50 -62.17
C GLU VA 113 -46.17 -69.29 -62.60
N GLY VA 114 -45.58 -70.32 -63.21
CA GLY VA 114 -44.15 -70.32 -63.40
C GLY VA 114 -43.46 -70.43 -62.06
N ASP VA 115 -42.89 -69.32 -61.60
CA ASP VA 115 -42.42 -69.19 -60.22
C ASP VA 115 -42.97 -67.94 -59.55
N THR VA 116 -43.88 -67.23 -60.21
CA THR VA 116 -44.52 -66.04 -59.66
C THR VA 116 -45.80 -66.48 -58.95
N LEU VA 117 -46.03 -65.98 -57.74
CA LEU VA 117 -47.27 -66.31 -57.05
C LEU VA 117 -48.34 -65.30 -57.45
N VAL VA 118 -49.28 -65.73 -58.29
CA VAL VA 118 -50.38 -64.89 -58.73
C VAL VA 118 -51.65 -65.34 -58.02
N ASN VA 119 -52.40 -64.37 -57.52
CA ASN VA 119 -53.54 -64.64 -56.65
C ASN VA 119 -54.76 -63.93 -57.22
N ARG VA 120 -55.68 -64.72 -57.78
CA ARG VA 120 -56.92 -64.21 -58.37
C ARG VA 120 -58.06 -64.36 -57.38
N ILE VA 121 -58.69 -63.23 -57.04
CA ILE VA 121 -59.74 -63.20 -56.02
C ILE VA 121 -60.93 -62.44 -56.58
N GLU VA 122 -62.13 -62.98 -56.32
CA GLU VA 122 -63.40 -62.37 -56.73
C GLU VA 122 -64.23 -62.15 -55.49
N LEU VA 123 -64.84 -60.97 -55.38
CA LEU VA 123 -65.47 -60.52 -54.16
C LEU VA 123 -66.87 -59.98 -54.42
N LYS VA 124 -67.80 -60.32 -53.54
CA LYS VA 124 -69.17 -59.82 -53.57
C LYS VA 124 -69.53 -59.36 -52.17
N GLY VA 125 -69.58 -58.05 -51.95
CA GLY VA 125 -69.92 -57.54 -50.64
C GLY VA 125 -71.22 -56.78 -50.62
N ILE VA 126 -72.18 -57.19 -49.78
CA ILE VA 126 -73.51 -56.58 -49.83
C ILE VA 126 -74.02 -56.42 -48.40
N ASP VA 127 -75.24 -55.87 -48.30
CA ASP VA 127 -76.06 -55.81 -47.08
C ASP VA 127 -75.60 -54.71 -46.13
N PHE VA 128 -75.04 -53.63 -46.66
CA PHE VA 128 -74.51 -52.54 -45.85
C PHE VA 128 -75.41 -51.31 -45.92
N LYS VA 129 -75.34 -50.49 -44.88
CA LYS VA 129 -75.90 -49.15 -44.94
C LYS VA 129 -74.82 -48.19 -45.41
N GLU VA 130 -75.13 -47.42 -46.45
CA GLU VA 130 -74.11 -46.67 -47.17
C GLU VA 130 -73.83 -45.29 -46.57
N ASP VA 131 -74.49 -44.95 -45.45
CA ASP VA 131 -74.11 -43.79 -44.65
C ASP VA 131 -73.62 -44.21 -43.28
N GLY VA 132 -72.96 -45.36 -43.18
CA GLY VA 132 -72.50 -45.87 -41.90
C GLY VA 132 -71.09 -45.47 -41.57
N ASN VA 133 -70.49 -46.22 -40.65
CA ASN VA 133 -69.14 -45.95 -40.17
C ASN VA 133 -68.12 -46.95 -40.68
N ILE VA 134 -68.44 -48.25 -40.63
CA ILE VA 134 -67.53 -49.28 -41.10
C ILE VA 134 -67.08 -48.99 -42.53
N LEU VA 135 -68.00 -48.54 -43.37
CA LEU VA 135 -67.66 -48.19 -44.75
C LEU VA 135 -67.55 -46.69 -44.98
N GLY VA 136 -68.24 -45.87 -44.19
CA GLY VA 136 -68.31 -44.45 -44.44
C GLY VA 136 -67.11 -43.66 -43.99
N HIS VA 137 -65.96 -44.33 -43.85
CA HIS VA 137 -64.69 -43.70 -43.49
C HIS VA 137 -64.80 -42.97 -42.14
N LYS VA 138 -65.13 -43.74 -41.11
CA LYS VA 138 -65.08 -43.28 -39.74
C LYS VA 138 -64.04 -44.04 -38.92
N LEU VA 139 -63.59 -45.19 -39.40
CA LEU VA 139 -62.69 -46.06 -38.68
C LEU VA 139 -61.26 -45.57 -38.83
N GLU VA 140 -60.39 -46.00 -37.91
CA GLU VA 140 -59.05 -45.45 -37.81
C GLU VA 140 -58.07 -46.22 -38.69
N TYR VA 141 -57.15 -45.47 -39.32
CA TYR VA 141 -56.11 -46.03 -40.18
C TYR VA 141 -55.01 -46.59 -39.29
N ASN VA 142 -55.17 -47.86 -38.91
CA ASN VA 142 -54.22 -48.56 -38.07
C ASN VA 142 -54.38 -50.06 -38.29
N PHE VA 143 -53.80 -50.83 -37.38
CA PHE VA 143 -53.94 -52.27 -37.39
C PHE VA 143 -53.46 -52.81 -36.05
N ASN VA 144 -53.73 -54.09 -35.79
CA ASN VA 144 -53.38 -54.74 -34.54
C ASN VA 144 -52.95 -56.18 -34.79
N SER VA 145 -52.36 -56.80 -33.78
CA SER VA 145 -51.88 -58.17 -33.87
C SER VA 145 -53.06 -59.14 -33.74
N HIS VA 146 -53.07 -60.16 -34.59
CA HIS VA 146 -54.21 -61.05 -34.64
C HIS VA 146 -53.76 -62.50 -34.72
N ASN VA 147 -54.75 -63.40 -34.62
CA ASN VA 147 -54.52 -64.84 -34.65
C ASN VA 147 -55.57 -65.50 -35.53
N VAL VA 148 -55.19 -66.64 -36.12
CA VAL VA 148 -56.06 -67.43 -36.97
C VAL VA 148 -56.08 -68.84 -36.40
N TYR VA 149 -57.28 -69.44 -36.31
CA TYR VA 149 -57.40 -70.83 -35.91
C TYR VA 149 -57.62 -71.70 -37.14
N ILE VA 150 -56.72 -72.64 -37.38
CA ILE VA 150 -56.85 -73.58 -38.48
C ILE VA 150 -57.21 -74.95 -37.92
N THR VA 151 -58.20 -75.58 -38.53
CA THR VA 151 -58.75 -76.86 -38.11
C THR VA 151 -58.77 -77.82 -39.28
N ALA VA 152 -58.37 -79.06 -39.03
CA ALA VA 152 -58.44 -80.09 -40.05
C ALA VA 152 -59.88 -80.32 -40.47
N ASP VA 153 -60.09 -80.69 -41.72
CA ASP VA 153 -61.43 -80.92 -42.27
C ASP VA 153 -61.33 -82.10 -43.23
N LYS VA 154 -61.55 -83.31 -42.70
CA LYS VA 154 -61.45 -84.50 -43.54
C LYS VA 154 -62.58 -84.59 -44.55
N GLN VA 155 -63.70 -83.90 -44.30
CA GLN VA 155 -64.80 -83.88 -45.27
C GLN VA 155 -64.35 -83.28 -46.60
N LYS VA 156 -63.57 -82.21 -46.56
CA LYS VA 156 -62.95 -81.65 -47.75
C LYS VA 156 -61.48 -81.98 -47.83
N ASN VA 157 -61.02 -82.97 -47.05
CA ASN VA 157 -59.62 -83.39 -46.92
C ASN VA 157 -58.65 -82.20 -46.95
N GLY VA 158 -59.12 -81.07 -46.41
CA GLY VA 158 -58.37 -79.84 -46.36
C GLY VA 158 -58.51 -79.22 -44.98
N ILE VA 159 -58.79 -77.92 -44.90
CA ILE VA 159 -58.94 -77.28 -43.60
C ILE VA 159 -60.02 -76.23 -43.63
N LYS VA 160 -60.45 -75.83 -42.44
CA LYS VA 160 -61.23 -74.63 -42.22
C LYS VA 160 -60.38 -73.65 -41.42
N ALA VA 161 -60.56 -72.36 -41.70
CA ALA VA 161 -59.86 -71.32 -40.96
C ALA VA 161 -60.87 -70.32 -40.45
N ASN VA 162 -60.87 -70.11 -39.13
CA ASN VA 162 -61.78 -69.19 -38.48
C ASN VA 162 -60.97 -68.21 -37.63
N PHE VA 163 -61.40 -66.95 -37.65
CA PHE VA 163 -60.72 -65.96 -36.83
C PHE VA 163 -61.60 -64.73 -36.69
N LYS VA 164 -61.18 -63.83 -35.81
CA LYS VA 164 -61.95 -62.63 -35.49
C LYS VA 164 -61.00 -61.45 -35.48
N ILE VA 165 -61.39 -60.39 -36.19
CA ILE VA 165 -60.58 -59.19 -36.29
C ILE VA 165 -61.31 -58.04 -35.61
N ARG VA 166 -60.55 -57.21 -34.90
CA ARG VA 166 -61.10 -56.04 -34.21
C ARG VA 166 -60.45 -54.79 -34.79
N HIS VA 167 -61.25 -53.98 -35.47
CA HIS VA 167 -60.79 -52.72 -36.04
C HIS VA 167 -61.29 -51.57 -35.18
N ASN VA 168 -60.35 -50.85 -34.55
CA ASN VA 168 -60.73 -49.74 -33.69
C ASN VA 168 -61.16 -48.54 -34.52
N VAL VA 169 -62.17 -47.84 -34.03
CA VAL VA 169 -62.70 -46.66 -34.69
C VAL VA 169 -62.05 -45.43 -34.04
N GLU VA 170 -62.08 -44.30 -34.75
CA GLU VA 170 -61.39 -43.10 -34.29
C GLU VA 170 -61.96 -42.59 -32.97
N ASP VA 171 -63.04 -43.20 -32.48
CA ASP VA 171 -63.65 -42.80 -31.21
C ASP VA 171 -63.69 -43.97 -30.22
N GLY VA 172 -62.64 -44.78 -30.18
CA GLY VA 172 -62.51 -45.83 -29.18
C GLY VA 172 -63.28 -47.10 -29.48
N SER VA 173 -64.42 -47.00 -30.15
CA SER VA 173 -65.22 -48.19 -30.42
C SER VA 173 -64.49 -49.10 -31.41
N VAL VA 174 -64.91 -50.36 -31.43
CA VAL VA 174 -64.27 -51.40 -32.23
C VAL VA 174 -65.33 -52.12 -33.05
N GLN VA 175 -64.91 -52.66 -34.19
CA GLN VA 175 -65.75 -53.47 -35.04
C GLN VA 175 -65.14 -54.87 -35.09
N LEU VA 176 -65.93 -55.89 -34.78
CA LEU VA 176 -65.46 -57.26 -34.73
C LEU VA 176 -65.99 -58.04 -35.94
N ALA VA 177 -65.14 -58.20 -36.95
CA ALA VA 177 -65.47 -58.96 -38.15
C ALA VA 177 -65.04 -60.41 -37.94
N ASP VA 178 -65.99 -61.32 -38.09
CA ASP VA 178 -65.72 -62.75 -37.96
C ASP VA 178 -65.50 -63.34 -39.36
N HIS VA 179 -64.41 -64.08 -39.52
CA HIS VA 179 -64.00 -64.61 -40.81
C HIS VA 179 -64.00 -66.12 -40.77
N TYR VA 180 -64.68 -66.73 -41.74
CA TYR VA 180 -64.63 -68.16 -42.03
C TYR VA 180 -63.99 -68.34 -43.39
N GLN VA 181 -63.33 -69.48 -43.59
CA GLN VA 181 -62.90 -69.84 -44.94
C GLN VA 181 -62.64 -71.32 -45.03
N GLN VA 182 -62.98 -71.91 -46.18
CA GLN VA 182 -62.72 -73.30 -46.50
C GLN VA 182 -61.53 -73.36 -47.45
N ASN VA 183 -60.51 -74.14 -47.08
CA ASN VA 183 -59.30 -74.31 -47.88
C ASN VA 183 -59.25 -75.74 -48.40
N THR VA 184 -59.20 -75.87 -49.73
CA THR VA 184 -59.22 -77.19 -50.38
C THR VA 184 -58.22 -77.23 -51.52
N PRO VA 185 -57.44 -78.30 -51.63
CA PRO VA 185 -56.47 -78.40 -52.72
C PRO VA 185 -57.10 -78.91 -54.00
N ILE VA 186 -56.52 -78.49 -55.12
CA ILE VA 186 -57.08 -78.86 -56.43
C ILE VA 186 -56.80 -80.33 -56.77
N GLY VA 187 -55.68 -80.88 -56.31
CA GLY VA 187 -55.33 -82.23 -56.67
C GLY VA 187 -55.74 -83.24 -55.62
N ASP VA 188 -55.88 -84.49 -56.06
CA ASP VA 188 -56.27 -85.60 -55.20
C ASP VA 188 -55.11 -86.20 -54.42
N GLY VA 189 -53.92 -85.62 -54.53
CA GLY VA 189 -52.75 -86.16 -53.88
C GLY VA 189 -52.82 -86.11 -52.36
N PRO VA 190 -51.83 -86.69 -51.71
CA PRO VA 190 -51.80 -86.67 -50.24
C PRO VA 190 -51.27 -85.35 -49.71
N VAL VA 191 -52.13 -84.65 -48.97
CA VAL VA 191 -51.79 -83.38 -48.36
C VAL VA 191 -51.68 -83.58 -46.86
N LEU VA 192 -50.65 -82.99 -46.28
CA LEU VA 192 -50.32 -83.17 -44.86
C LEU VA 192 -51.44 -82.58 -44.02
N LEU VA 193 -51.87 -83.32 -43.00
CA LEU VA 193 -53.06 -82.96 -42.26
C LEU VA 193 -52.69 -82.27 -40.94
N PRO VA 194 -52.95 -80.98 -40.79
CA PRO VA 194 -52.67 -80.31 -39.53
C PRO VA 194 -53.84 -80.38 -38.55
N ASP VA 195 -53.51 -80.73 -37.31
CA ASP VA 195 -54.49 -80.60 -36.25
C ASP VA 195 -54.77 -79.12 -35.99
N ASN VA 196 -55.86 -78.86 -35.26
CA ASN VA 196 -56.27 -77.48 -34.99
C ASN VA 196 -55.20 -76.78 -34.17
N HIS VA 197 -54.69 -75.66 -34.69
CA HIS VA 197 -53.78 -74.83 -33.92
C HIS VA 197 -53.92 -73.38 -34.42
N TYR VA 198 -53.02 -72.51 -33.98
CA TYR VA 198 -53.20 -71.09 -34.19
C TYR VA 198 -52.05 -70.52 -35.00
N LEU VA 199 -52.21 -69.27 -35.40
CA LEU VA 199 -51.27 -68.57 -36.25
C LEU VA 199 -51.31 -67.09 -35.95
N SER VA 200 -50.19 -66.56 -35.46
CA SER VA 200 -50.08 -65.16 -35.08
C SER VA 200 -49.62 -64.35 -36.29
N THR VA 201 -50.10 -63.10 -36.35
CA THR VA 201 -49.88 -62.22 -37.50
C THR VA 201 -49.75 -60.79 -37.03
N GLN VA 202 -48.75 -60.09 -37.57
CA GLN VA 202 -48.55 -58.67 -37.33
C GLN VA 202 -48.32 -57.99 -38.68
N SER VA 203 -48.70 -56.72 -38.77
CA SER VA 203 -48.49 -55.98 -40.01
C SER VA 203 -48.46 -54.49 -39.73
N ALA VA 204 -48.00 -53.74 -40.73
CA ALA VA 204 -47.86 -52.30 -40.63
C ALA VA 204 -48.16 -51.67 -41.99
N LEU VA 205 -48.88 -50.56 -41.94
CA LEU VA 205 -49.42 -49.85 -43.09
C LEU VA 205 -48.77 -48.48 -43.20
N SER VA 206 -48.49 -48.06 -44.43
CA SER VA 206 -47.83 -46.79 -44.67
C SER VA 206 -48.10 -46.34 -46.10
N LYS VA 207 -47.52 -45.20 -46.45
CA LYS VA 207 -47.71 -44.55 -47.74
C LYS VA 207 -46.37 -44.35 -48.43
N ASP VA 208 -46.41 -44.32 -49.76
CA ASP VA 208 -45.29 -43.78 -50.51
C ASP VA 208 -45.41 -42.26 -50.54
N PRO VA 209 -44.31 -41.51 -50.39
CA PRO VA 209 -44.44 -40.05 -50.29
C PRO VA 209 -44.69 -39.37 -51.62
N ASN VA 210 -44.36 -40.01 -52.74
CA ASN VA 210 -44.39 -39.35 -54.04
C ASN VA 210 -45.22 -40.12 -55.09
N GLU VA 211 -46.32 -40.72 -54.68
CA GLU VA 211 -47.25 -41.37 -55.62
C GLU VA 211 -48.61 -40.70 -55.54
N LYS VA 212 -49.13 -40.28 -56.68
CA LYS VA 212 -50.34 -39.47 -56.71
C LYS VA 212 -51.62 -40.30 -56.81
N ARG VA 213 -51.50 -41.61 -57.03
CA ARG VA 213 -52.68 -42.46 -57.02
C ARG VA 213 -53.10 -42.79 -55.59
N ASP VA 214 -54.07 -43.70 -55.48
CA ASP VA 214 -54.37 -44.28 -54.17
C ASP VA 214 -53.49 -45.50 -53.92
N HIS VA 215 -52.64 -45.41 -52.90
CA HIS VA 215 -51.67 -46.45 -52.64
C HIS VA 215 -51.81 -46.90 -51.18
N MET VA 216 -51.33 -48.11 -50.91
CA MET VA 216 -51.30 -48.63 -49.56
C MET VA 216 -50.15 -49.61 -49.46
N VAL VA 217 -49.10 -49.23 -48.75
CA VAL VA 217 -47.90 -50.04 -48.58
C VAL VA 217 -48.05 -50.81 -47.28
N LEU VA 218 -47.67 -52.09 -47.27
CA LEU VA 218 -47.88 -52.91 -46.08
C LEU VA 218 -46.82 -54.00 -45.98
N LEU VA 219 -46.20 -54.09 -44.80
CA LEU VA 219 -45.25 -55.17 -44.52
C LEU VA 219 -45.73 -55.95 -43.32
N GLU VA 220 -45.47 -57.25 -43.29
CA GLU VA 220 -46.15 -58.12 -42.34
C GLU VA 220 -45.35 -59.38 -42.05
N PHE VA 221 -45.49 -59.86 -40.81
CA PHE VA 221 -44.83 -61.05 -40.33
C PHE VA 221 -45.89 -62.01 -39.81
N VAL VA 222 -45.85 -63.25 -40.31
CA VAL VA 222 -46.89 -64.24 -40.03
C VAL VA 222 -46.22 -65.55 -39.68
N THR VA 223 -46.63 -66.16 -38.57
CA THR VA 223 -46.04 -67.44 -38.19
C THR VA 223 -47.00 -68.18 -37.26
N ALA VA 224 -46.97 -69.50 -37.35
CA ALA VA 224 -47.95 -70.36 -36.70
C ALA VA 224 -47.35 -71.11 -35.53
N ALA VA 225 -48.24 -71.67 -34.71
CA ALA VA 225 -47.86 -72.50 -33.57
C ALA VA 225 -49.12 -73.22 -33.07
N GLY VA 226 -49.00 -73.87 -31.93
CA GLY VA 226 -50.11 -74.54 -31.28
C GLY VA 226 -49.76 -75.86 -30.65
N ILE VA 227 -48.64 -76.45 -31.01
CA ILE VA 227 -48.20 -77.71 -30.44
C ILE VA 227 -47.12 -77.42 -29.42
N THR VA 228 -47.26 -77.99 -28.23
CA THR VA 228 -46.23 -77.86 -27.20
C THR VA 228 -45.27 -79.03 -27.33
N HIS VA 229 -44.36 -78.95 -28.31
CA HIS VA 229 -43.45 -80.04 -28.62
C HIS VA 229 -42.19 -79.96 -27.77
N HIS VA 230 -41.41 -81.04 -27.80
CA HIS VA 230 -40.24 -81.19 -26.97
C HIS VA 230 -39.17 -80.15 -27.28
#